data_8XA3
#
_entry.id   8XA3
#
_cell.length_a   1.00
_cell.length_b   1.00
_cell.length_c   1.00
_cell.angle_alpha   90.00
_cell.angle_beta   90.00
_cell.angle_gamma   90.00
#
_symmetry.space_group_name_H-M   'P 1'
#
loop_
_entity.id
_entity.type
_entity.pdbx_description
1 polymer 'Major capsid protein'
2 polymer 'Small capsomere-interacting protein'
3 polymer Tri2A
4 polymer Tri2B
5 polymer Tri1
#
loop_
_entity_poly.entity_id
_entity_poly.type
_entity_poly.pdbx_seq_one_letter_code
_entity_poly.pdbx_strand_id
1 'polypeptide(L)'
;TESDRIAGIFNIPAGIIPTGNVLSTIEVCAHRCIFDFFKQIRSDDNSLYSAQFDILLGTYCNTLNFVRFLELGLSVACIC
TKFPELAYVRDGVIQFEVQQPMIARDGPHPVDQPVHNYMVKRIHKRSLSAAFAIASEALSLLSNTYVDGTEIDSSLRIRA
IQQMARNLRTVLDSFERGTADQLLGVLLEKAPPLSLLSPINKFQPEGHLNRVARAALLSDLKRRVCADMFFMTRHAREPR
LISAYLSDMVSCTQPSVMVSRITHTNTRGRQVDGVLVTTATLKRQLLQGILQIDDTAADVPVTYGEMVLQGTNLVTALVM
GKAVRGMDDVARHLLDITDPNTLNIPSIPPQSNSDSTTAGLPVNARVPADLVIVGDKLVFLEALERRVYQATRVAYPLIG
NIDITFIMPMGVFQANSMDRYTRHAGDFSTVSEQDPRQFPPQGIFFYNKDGILTQLTLRDAMGTICHSSLLDVEATLVAL
RQQHLDRQCYFGVYVAEGTEDTLDVQMGRFMETWADMMPHHPHWVNEHLTILQFIAPSNPRLRFELNPAFDFFVAPGDVD
LPGPQRPPEAMPTVNATLRIINGNIPVPLCPISFRDCRGTQLGLGRHTMTPATIKAVKDTFEDRAYPTIFYMLEAVIHGN
ERNFCALLRLLTQCIRGYWEQSHRVAFVNNFHMLMYITTYLGNGELPEVCINIYRDLLQHVRALRQTITDFTIQGEGHNG
ETSEALNNILTDDTFIAPILWDCDALIYRDEAARDRLPAIRVSGRNGYQALHFVDMAGHNFQRRDNVLIHGRPVRGDTGQ
AIPITPHHDREWGILSKIYYYIVIPAFSRGSCCTMGVRYDRLYPALQAVIVPEIPADEEAPTTPEDPRHPLHAHQLVPNS
LNVYFHNAHLTVDGDALLTLQELMGDMAERTTAILVSSAPDAGAATATTRNMRIYDGALYHGLIMMAYQAYDETIATGTF
FYPVPVNPLFACPEHLASLRGMTNARRVLAKMVPPIPPFLGANHHATIRQPVAYHVTHSKSDFNTLTYSLLGGYFKFTPI
SLTHQLRTGFHPGIAFTVVRQDRFATEQLLYAERASESYFVGQIQVHHHDAIGGVNFTLTQPRAHVDLGVGYTAVCATAA
LRCPLTDMGNTAQNLFFSRGGVPMLHDNVTESLRRITASGGRLNPTEPLPIFGGLRPATSAGIARGQASVCEFVAMPVST
DLQYFRTACNPRGRASGMLYMGDRDADIEAIMFDHTQSDVAYTDRATLNPWASQKHSYGDRLYNGTYNLTGASPIYSPCF
KFFTPAEVNTNCNTLDRLLMEAKAVASQSSTDTEYQFKRPPGSTEMTQDPCGLFQEAYPPLCSSDAAMLRTAHAGETGAD
EVHLAQYLIRDASPLRGCLPL
;
A,C,D,E,F,H
2 'polypeptide(L)'
;SNPTTFSVEAIAAYTPVALIRLLNASGPLQPGHRVDIADARSIYTVGAAASAARARANHNANTIRRTAMFAETDPMTWLR
PTVGLRRTFNPRII
;
L,G,B,g,V,Q
3 'polypeptide(L)'
;AMPFEIEVLLPGELSPAETSALQKCEGKIITFSTLRHRASLVDIALSSYYINGAPPDTLSLLEAYRMRFAAVITRVIPGK
LLAHAIGVGTPTPGLFIQNTSPVDLCNGDYICLLPPVYGSADSIRLDSVGLEIVFPLTIPQTLMREIIAKVVARAVEDLN
LMFSINEGCLLILALIPRLLALLIPRLLALVTREAAQLIHPEAPMLMLPIYETISSWISTSSRLGDTLGTRAILRVCVFD
GPSTVHPGDRTAVIQV
;
I,K
4 'polypeptide(L)'
;AMPFEIEVLLPGEISPAETSALQKCEGKIITFSTLRHRASLVDIALSSYYINGAPPDTLSLLEAYRMRFAAVITRVIPGK
LLAHAIGVGTPTPGLFIQNTSPVDLCNGDYICLLPPVFGSADEIRLDSVGLEIVFPLTIPQTLMREIIAKVVARAVERTA
ADVICYNGRRYELETNLQHRDGSDAAIRTLVLNLMFSINEGTTLILTLITRLLRFPIYEAISSWISTSSRLGDTLGTRAI
LRVCVFDGPSTVHPGDRTAVIQV
;
N,P
5 'polypeptide(L)'
;SIQVTPRSIVINRMNNIQINPTSIGNPNNGLHMTYNNAAAAAAAAAAAAAAAAAAAAAAAAAAAAAAAASIQVTPRSIVI
NRMNNIQINPTSIGNPQVTIRLPLNNFKSTTQLIQQVSLTDFFRPDIEHAGSTVLILRHPTDLPALARHRAPPGRQTERL
AEAWGQLLEASRAYVTSLSFIAACRAEEYTDKQAAEANRTAIVSAYGCSRMGARLIRFSECLRAMVQCHVFPHRFISFFG
SLLEYTIQDNLCNITAVAKGPQEAARTDKTSTRRVTANIPACVFWDVDKDLHLSADGLKHVFLVFVYTQRRQREGVRLHL
ALSQLNEQCFGRGIGFLLGARICMYAAYTLIGTIPSESVRYTRRMERFGGYNVPTIWLEGVVWGGTNTWNEC
;
S,U
#
# COMPACT_ATOMS: atom_id res chain seq x y z
N THR A 1 -47.48 -66.14 31.73
CA THR A 1 -46.16 -65.53 31.85
C THR A 1 -45.31 -66.25 32.89
N GLU A 2 -45.87 -66.42 34.10
CA GLU A 2 -45.18 -67.16 35.14
C GLU A 2 -45.10 -68.64 34.80
N SER A 3 -46.13 -69.17 34.13
CA SER A 3 -46.09 -70.55 33.65
C SER A 3 -45.02 -70.72 32.59
N ASP A 4 -44.85 -69.72 31.72
CA ASP A 4 -43.79 -69.77 30.71
C ASP A 4 -42.42 -69.67 31.35
N ARG A 5 -42.31 -68.91 32.46
CA ARG A 5 -41.04 -68.84 33.18
C ARG A 5 -40.73 -70.17 33.87
N ILE A 6 -41.76 -70.85 34.37
CA ILE A 6 -41.57 -72.16 34.99
C ILE A 6 -41.16 -73.19 33.95
N ALA A 7 -41.81 -73.21 32.79
CA ALA A 7 -41.50 -74.17 31.74
C ALA A 7 -40.20 -73.84 31.01
N GLY A 8 -39.76 -72.57 31.06
CA GLY A 8 -38.56 -72.14 30.37
C GLY A 8 -37.27 -72.74 30.88
N ILE A 9 -37.10 -72.77 32.19
CA ILE A 9 -35.93 -73.38 32.82
C ILE A 9 -36.18 -74.87 32.99
N PHE A 10 -35.18 -75.68 32.63
CA PHE A 10 -35.20 -77.14 32.73
C PHE A 10 -36.37 -77.73 31.94
N ASN A 11 -36.26 -77.60 30.61
CA ASN A 11 -37.31 -77.94 29.66
C ASN A 11 -37.78 -79.39 29.77
N ILE A 12 -38.97 -79.65 29.24
CA ILE A 12 -39.70 -80.91 29.46
C ILE A 12 -39.06 -82.01 28.61
N PRO A 13 -39.53 -83.29 28.63
CA PRO A 13 -38.67 -84.40 29.10
C PRO A 13 -37.18 -84.29 28.81
N ALA A 14 -36.82 -84.04 27.54
CA ALA A 14 -35.44 -83.85 27.08
C ALA A 14 -34.52 -85.03 27.40
N GLY A 15 -35.06 -86.24 27.50
CA GLY A 15 -34.27 -87.44 27.67
C GLY A 15 -33.48 -87.59 28.95
N ILE A 16 -34.12 -87.38 30.10
CA ILE A 16 -33.50 -87.59 31.40
C ILE A 16 -34.02 -88.90 31.98
N ILE A 17 -33.17 -89.59 32.72
CA ILE A 17 -33.54 -90.86 33.35
C ILE A 17 -34.62 -90.61 34.42
N PRO A 18 -35.66 -91.44 34.50
CA PRO A 18 -36.66 -91.26 35.57
C PRO A 18 -36.08 -91.56 36.94
N THR A 19 -36.61 -90.84 37.94
CA THR A 19 -36.21 -91.02 39.33
C THR A 19 -37.16 -91.94 40.10
N GLY A 20 -38.47 -91.68 40.03
CA GLY A 20 -39.44 -92.50 40.72
C GLY A 20 -40.54 -92.93 39.79
N ASN A 21 -41.09 -94.11 40.07
CA ASN A 21 -42.18 -94.65 39.27
C ASN A 21 -43.52 -94.10 39.77
N VAL A 22 -44.30 -93.54 38.85
CA VAL A 22 -45.61 -92.98 39.18
C VAL A 22 -46.65 -94.08 39.09
N LEU A 23 -47.35 -94.33 40.19
CA LEU A 23 -48.41 -95.33 40.24
C LEU A 23 -49.75 -94.65 39.96
N SER A 24 -50.81 -95.47 39.94
CA SER A 24 -52.21 -95.05 39.78
C SER A 24 -52.42 -94.29 38.47
N THR A 25 -52.23 -95.01 37.36
CA THR A 25 -52.40 -94.44 36.03
C THR A 25 -53.87 -94.14 35.79
N ILE A 26 -54.25 -92.87 35.90
CA ILE A 26 -55.62 -92.42 35.73
C ILE A 26 -55.62 -91.22 34.78
N GLU A 27 -56.82 -90.69 34.54
CA GLU A 27 -56.98 -89.54 33.66
C GLU A 27 -56.47 -88.28 34.34
N VAL A 28 -55.30 -87.79 33.89
CA VAL A 28 -54.70 -86.60 34.50
C VAL A 28 -55.24 -85.32 33.91
N CYS A 29 -56.04 -85.40 32.84
CA CYS A 29 -56.58 -84.20 32.21
C CYS A 29 -57.70 -83.57 33.04
N ALA A 30 -58.39 -84.37 33.86
CA ALA A 30 -59.53 -83.87 34.62
C ALA A 30 -59.10 -82.90 35.71
N HIS A 31 -58.12 -83.28 36.51
CA HIS A 31 -57.58 -82.38 37.54
C HIS A 31 -56.31 -81.72 37.03
N ARG A 32 -56.51 -80.85 36.03
CA ARG A 32 -55.46 -80.06 35.42
C ARG A 32 -55.17 -78.78 36.22
N CYS A 33 -56.03 -78.44 37.19
CA CYS A 33 -55.89 -77.24 38.01
C CYS A 33 -54.82 -77.39 39.11
N ILE A 34 -53.95 -78.38 39.01
CA ILE A 34 -52.78 -78.53 39.87
C ILE A 34 -51.59 -78.29 38.94
N PHE A 35 -50.36 -78.41 39.47
CA PHE A 35 -49.09 -78.15 38.79
C PHE A 35 -48.99 -76.70 38.32
N ASP A 36 -48.01 -76.41 37.48
CA ASP A 36 -47.84 -75.07 36.91
C ASP A 36 -47.91 -75.01 35.40
N PHE A 37 -47.54 -76.08 34.69
CA PHE A 37 -47.60 -76.09 33.23
C PHE A 37 -48.07 -77.46 32.78
N PHE A 38 -49.27 -77.52 32.21
CA PHE A 38 -49.85 -78.78 31.71
C PHE A 38 -49.96 -78.68 30.21
N LYS A 39 -49.38 -79.64 29.50
CA LYS A 39 -49.44 -79.73 28.05
C LYS A 39 -49.77 -81.15 27.65
N GLN A 40 -50.83 -81.34 26.87
CA GLN A 40 -51.28 -82.64 26.42
C GLN A 40 -51.13 -82.75 24.91
N ILE A 41 -50.52 -83.84 24.46
CA ILE A 41 -50.29 -84.10 23.04
C ILE A 41 -51.00 -85.40 22.67
N ARG A 42 -51.62 -85.42 21.49
CA ARG A 42 -52.39 -86.57 21.04
C ARG A 42 -51.51 -87.79 20.80
N SER A 43 -50.65 -87.73 19.79
CA SER A 43 -49.68 -88.80 19.53
C SER A 43 -48.25 -88.31 19.57
N ASP A 44 -47.92 -87.27 18.82
CA ASP A 44 -46.59 -86.67 18.83
C ASP A 44 -46.73 -85.23 18.36
N ASP A 45 -45.71 -84.42 18.67
CA ASP A 45 -45.75 -83.01 18.31
C ASP A 45 -44.33 -82.55 18.04
N ASN A 46 -44.20 -81.52 17.20
CA ASN A 46 -42.90 -81.03 16.77
C ASN A 46 -42.26 -80.05 17.74
N SER A 47 -42.93 -79.71 18.85
CA SER A 47 -42.35 -78.83 19.86
C SER A 47 -41.56 -79.59 20.91
N LEU A 48 -41.50 -80.91 20.83
CA LEU A 48 -40.67 -81.71 21.73
C LEU A 48 -39.20 -81.72 21.32
N TYR A 49 -38.88 -81.19 20.14
CA TYR A 49 -37.53 -81.24 19.58
C TYR A 49 -37.03 -79.80 19.46
N SER A 50 -36.46 -79.29 20.54
CA SER A 50 -35.89 -77.94 20.57
C SER A 50 -34.53 -78.00 21.24
N ALA A 51 -33.56 -77.27 20.67
CA ALA A 51 -32.20 -77.31 21.20
C ALA A 51 -31.53 -75.95 21.25
N GLN A 52 -32.28 -74.85 21.38
CA GLN A 52 -31.67 -73.54 21.47
C GLN A 52 -31.00 -73.35 22.82
N PHE A 53 -29.86 -72.67 22.83
CA PHE A 53 -29.05 -72.54 24.02
C PHE A 53 -28.21 -71.28 23.95
N ASP A 54 -27.67 -70.88 25.10
CA ASP A 54 -26.72 -69.78 25.21
C ASP A 54 -25.32 -70.33 25.46
N ILE A 55 -24.32 -69.57 25.03
CA ILE A 55 -22.93 -70.00 25.14
C ILE A 55 -22.08 -68.80 25.59
N LEU A 56 -21.09 -69.08 26.44
CA LEU A 56 -20.11 -68.09 26.87
C LEU A 56 -18.79 -68.42 26.18
N LEU A 57 -18.27 -67.49 25.40
CA LEU A 57 -17.15 -67.74 24.51
C LEU A 57 -15.80 -67.38 25.14
N GLY A 58 -15.71 -67.35 26.45
CA GLY A 58 -14.43 -67.13 27.10
C GLY A 58 -14.40 -65.80 27.85
N THR A 59 -13.64 -65.80 28.95
CA THR A 59 -13.45 -64.61 29.77
C THR A 59 -12.01 -64.14 29.65
N TYR A 60 -11.81 -62.83 29.62
CA TYR A 60 -10.50 -62.23 29.44
C TYR A 60 -10.18 -61.33 30.64
N CYS A 61 -9.03 -61.57 31.26
CA CYS A 61 -8.58 -60.79 32.40
C CYS A 61 -7.11 -60.44 32.23
N ASN A 62 -6.75 -59.22 32.58
CA ASN A 62 -5.38 -58.75 32.47
C ASN A 62 -4.69 -58.77 33.82
N THR A 63 -3.36 -58.86 33.78
CA THR A 63 -2.53 -58.80 34.98
C THR A 63 -1.71 -57.53 34.96
N LEU A 64 -1.59 -56.89 36.12
CA LEU A 64 -0.86 -55.63 36.22
C LEU A 64 0.64 -55.87 36.11
N ASN A 65 1.33 -54.86 35.56
CA ASN A 65 2.79 -54.85 35.53
C ASN A 65 3.30 -53.93 36.62
N PHE A 66 3.87 -54.52 37.67
CA PHE A 66 4.32 -53.77 38.83
C PHE A 66 5.62 -53.03 38.53
N VAL A 67 5.71 -51.79 39.00
CA VAL A 67 6.87 -50.95 38.78
C VAL A 67 7.75 -51.01 40.03
N ARG A 68 9.06 -50.84 39.84
CA ARG A 68 9.99 -50.70 40.94
C ARG A 68 10.67 -49.34 40.83
N PHE A 69 10.89 -48.69 41.98
CA PHE A 69 11.38 -47.32 41.96
C PHE A 69 12.85 -47.25 41.53
N LEU A 70 13.63 -48.29 41.83
CA LEU A 70 15.03 -48.30 41.48
C LEU A 70 15.23 -48.37 39.97
N GLU A 71 14.38 -49.11 39.27
CA GLU A 71 14.53 -49.32 37.83
C GLU A 71 14.25 -48.07 37.02
N LEU A 72 13.61 -47.07 37.61
CA LEU A 72 13.33 -45.84 36.88
C LEU A 72 14.60 -45.00 36.74
N GLY A 73 14.56 -44.04 35.82
CA GLY A 73 15.63 -43.07 35.70
C GLY A 73 15.57 -41.96 36.71
N LEU A 74 14.48 -41.88 37.49
CA LEU A 74 14.32 -40.87 38.52
C LEU A 74 15.07 -41.24 39.80
N SER A 75 15.50 -42.49 39.95
CA SER A 75 16.21 -42.91 41.14
C SER A 75 17.63 -42.36 41.22
N VAL A 76 18.15 -41.81 40.12
CA VAL A 76 19.49 -41.24 40.10
C VAL A 76 19.54 -39.85 40.70
N ALA A 77 18.38 -39.24 40.99
CA ALA A 77 18.32 -37.88 41.53
C ALA A 77 18.17 -37.86 43.05
N CYS A 78 18.32 -39.00 43.71
CA CYS A 78 18.14 -39.06 45.16
C CYS A 78 18.97 -40.19 45.73
N ILE A 79 19.29 -40.08 47.02
CA ILE A 79 19.95 -41.14 47.77
C ILE A 79 18.94 -41.62 48.80
N CYS A 80 18.22 -42.67 48.48
CA CYS A 80 17.25 -43.24 49.41
C CYS A 80 17.94 -44.02 50.51
N THR A 81 17.54 -43.78 51.75
CA THR A 81 18.02 -44.55 52.88
C THR A 81 16.87 -44.78 53.85
N LYS A 82 16.87 -45.93 54.49
CA LYS A 82 15.81 -46.27 55.43
C LYS A 82 16.10 -45.70 56.81
N PHE A 83 15.04 -45.38 57.54
CA PHE A 83 15.13 -44.87 58.90
C PHE A 83 13.82 -45.21 59.61
N PRO A 84 13.76 -46.36 60.29
CA PRO A 84 12.50 -46.78 60.93
C PRO A 84 12.01 -45.86 62.03
N GLU A 85 12.93 -45.24 62.78
CA GLU A 85 12.56 -44.32 63.85
C GLU A 85 12.53 -42.87 63.36
N LEU A 86 11.80 -42.62 62.28
CA LEU A 86 11.67 -41.28 61.74
C LEU A 86 10.60 -40.46 62.45
N ALA A 87 9.61 -41.12 63.06
CA ALA A 87 8.53 -40.40 63.74
C ALA A 87 8.96 -39.74 65.04
N TYR A 88 10.14 -40.10 65.57
CA TYR A 88 10.65 -39.50 66.80
C TYR A 88 11.72 -38.44 66.54
N VAL A 89 11.89 -38.02 65.28
CA VAL A 89 12.89 -37.00 64.95
C VAL A 89 12.22 -35.64 65.04
N ARG A 90 12.77 -34.76 65.86
CA ARG A 90 12.20 -33.43 66.03
C ARG A 90 12.64 -32.50 64.90
N ASP A 91 13.96 -32.29 64.78
CA ASP A 91 14.50 -31.48 63.69
C ASP A 91 15.91 -31.98 63.38
N GLY A 92 16.02 -32.85 62.38
CA GLY A 92 17.32 -33.29 61.94
C GLY A 92 18.06 -32.20 61.17
N VAL A 93 19.39 -32.25 61.23
CA VAL A 93 20.22 -31.22 60.62
C VAL A 93 21.31 -31.86 59.77
N ILE A 94 21.77 -31.09 58.79
CA ILE A 94 22.96 -31.42 58.00
C ILE A 94 23.88 -30.21 58.08
N GLN A 95 25.18 -30.43 57.88
CA GLN A 95 26.17 -29.39 58.08
C GLN A 95 27.11 -29.29 56.89
N PHE A 96 27.63 -28.08 56.67
CA PHE A 96 28.55 -27.80 55.59
C PHE A 96 29.71 -26.96 56.11
N GLU A 97 30.91 -27.27 55.63
CA GLU A 97 32.11 -26.48 55.97
C GLU A 97 32.83 -26.20 54.66
N VAL A 98 32.60 -25.02 54.09
CA VAL A 98 33.12 -24.66 52.78
C VAL A 98 34.15 -23.55 52.94
N GLN A 99 35.35 -23.78 52.44
CA GLN A 99 36.42 -22.79 52.42
C GLN A 99 36.65 -22.32 50.99
N GLN A 100 37.19 -21.11 50.86
CA GLN A 100 37.36 -20.47 49.56
C GLN A 100 38.80 -20.05 49.36
N PRO A 101 39.29 -20.06 48.11
CA PRO A 101 40.66 -19.60 47.85
C PRO A 101 40.81 -18.09 47.89
N MET A 102 41.99 -17.60 47.53
CA MET A 102 42.38 -16.21 47.76
C MET A 102 43.49 -15.81 46.80
N ILE A 103 43.57 -14.50 46.54
CA ILE A 103 44.51 -13.93 45.58
C ILE A 103 45.32 -12.85 46.28
N ALA A 104 46.64 -12.92 46.16
CA ALA A 104 47.53 -11.91 46.72
C ALA A 104 47.85 -10.85 45.69
N ARG A 105 47.87 -9.59 46.12
CA ARG A 105 48.16 -8.46 45.24
C ARG A 105 48.95 -7.42 46.01
N ASP A 106 49.26 -6.32 45.33
CA ASP A 106 49.95 -5.18 45.90
C ASP A 106 49.13 -3.92 45.64
N GLY A 107 49.71 -2.77 45.98
CA GLY A 107 49.07 -1.49 45.78
C GLY A 107 48.50 -0.94 47.07
N PRO A 108 47.72 0.16 46.98
CA PRO A 108 47.09 0.77 48.15
C PRO A 108 45.76 0.13 48.53
N HIS A 109 45.73 -1.20 48.55
CA HIS A 109 44.55 -1.97 48.93
C HIS A 109 44.75 -2.53 50.32
N PRO A 110 43.70 -2.70 51.12
CA PRO A 110 43.84 -3.44 52.37
C PRO A 110 44.12 -4.91 52.07
N VAL A 111 44.89 -5.55 52.97
CA VAL A 111 45.27 -6.93 52.73
C VAL A 111 44.07 -7.83 52.97
N ASP A 112 43.78 -8.70 52.01
CA ASP A 112 42.66 -9.61 52.12
C ASP A 112 43.04 -10.86 52.89
N GLN A 113 42.02 -11.50 53.48
CA GLN A 113 42.17 -12.69 54.29
C GLN A 113 41.19 -13.75 53.80
N PRO A 114 41.54 -15.03 53.90
CA PRO A 114 40.62 -16.08 53.44
C PRO A 114 39.46 -16.25 54.41
N VAL A 115 38.34 -16.70 53.86
CA VAL A 115 37.10 -16.85 54.61
C VAL A 115 36.73 -18.32 54.67
N HIS A 116 36.01 -18.70 55.72
CA HIS A 116 35.45 -20.03 55.89
C HIS A 116 33.96 -19.90 56.13
N ASN A 117 33.18 -20.70 55.42
CA ASN A 117 31.72 -20.63 55.50
C ASN A 117 31.17 -21.87 56.19
N TYR A 118 30.12 -21.68 56.99
CA TYR A 118 29.45 -22.77 57.69
C TYR A 118 27.96 -22.67 57.42
N MET A 119 27.35 -23.77 57.00
CA MET A 119 25.94 -23.79 56.62
C MET A 119 25.24 -24.97 57.28
N VAL A 120 23.97 -24.76 57.60
CA VAL A 120 23.13 -25.77 58.24
C VAL A 120 21.78 -25.79 57.53
N LYS A 121 21.36 -26.97 57.08
CA LYS A 121 20.02 -27.18 56.55
C LYS A 121 19.29 -28.18 57.45
N ARG A 122 17.96 -28.20 57.32
CA ARG A 122 17.12 -29.06 58.14
C ARG A 122 16.20 -29.88 57.24
N ILE A 123 15.72 -30.99 57.78
CA ILE A 123 14.87 -31.90 57.02
C ILE A 123 13.45 -31.36 56.97
N HIS A 124 12.70 -31.79 55.96
CA HIS A 124 11.30 -31.42 55.80
C HIS A 124 10.47 -32.69 55.64
N LYS A 125 9.49 -32.87 56.52
CA LYS A 125 8.76 -34.12 56.61
C LYS A 125 7.54 -34.12 55.69
N ARG A 126 7.26 -35.30 55.12
CA ARG A 126 6.10 -35.50 54.27
C ARG A 126 5.51 -36.87 54.62
N SER A 127 4.60 -37.34 53.77
CA SER A 127 3.92 -38.61 54.02
C SER A 127 3.44 -39.21 52.70
N LEU A 128 2.96 -40.45 52.80
CA LEU A 128 2.30 -41.15 51.70
C LEU A 128 1.21 -42.03 52.29
N SER A 129 0.09 -42.13 51.58
CA SER A 129 -1.07 -42.86 52.11
C SER A 129 -1.90 -43.43 50.98
N ALA A 130 -2.40 -44.65 51.19
CA ALA A 130 -3.26 -45.32 50.23
C ALA A 130 -4.21 -46.25 50.98
N ALA A 131 -5.47 -46.25 50.57
CA ALA A 131 -6.52 -46.98 51.26
C ALA A 131 -6.69 -48.38 50.68
N PHE A 132 -7.45 -49.21 51.41
CA PHE A 132 -7.65 -50.61 51.07
C PHE A 132 -8.90 -51.12 51.79
N ALA A 133 -9.91 -51.55 51.04
CA ALA A 133 -11.22 -51.86 51.58
C ALA A 133 -11.51 -53.35 51.52
N ILE A 134 -12.31 -53.82 52.47
CA ILE A 134 -12.78 -55.20 52.54
C ILE A 134 -14.28 -55.18 52.75
N ALA A 135 -15.02 -55.92 51.92
CA ALA A 135 -16.47 -55.95 51.99
C ALA A 135 -16.94 -56.69 53.24
N SER A 136 -18.21 -56.46 53.61
CA SER A 136 -18.77 -57.05 54.82
C SER A 136 -19.01 -58.54 54.65
N GLU A 137 -19.41 -58.97 53.45
CA GLU A 137 -19.62 -60.39 53.20
C GLU A 137 -18.30 -61.16 53.24
N ALA A 138 -17.21 -60.54 52.82
CA ALA A 138 -15.90 -61.15 52.96
C ALA A 138 -15.52 -61.30 54.43
N LEU A 139 -15.86 -60.31 55.26
CA LEU A 139 -15.61 -60.42 56.69
C LEU A 139 -16.46 -61.50 57.34
N SER A 140 -17.70 -61.68 56.84
CA SER A 140 -18.54 -62.75 57.36
C SER A 140 -18.01 -64.12 56.96
N LEU A 141 -17.52 -64.26 55.72
CA LEU A 141 -17.01 -65.55 55.27
C LEU A 141 -15.64 -65.87 55.86
N LEU A 142 -14.87 -64.84 56.24
CA LEU A 142 -13.53 -65.07 56.77
C LEU A 142 -13.47 -65.19 58.28
N SER A 143 -14.58 -64.97 58.99
CA SER A 143 -14.62 -65.07 60.44
C SER A 143 -15.24 -66.39 60.90
N ASN A 144 -14.98 -67.48 60.18
CA ASN A 144 -15.57 -68.76 60.56
C ASN A 144 -14.86 -69.36 61.77
N THR A 145 -13.57 -69.66 61.63
CA THR A 145 -12.72 -70.29 62.66
C THR A 145 -13.31 -71.63 63.13
N TYR A 146 -13.30 -72.58 62.19
CA TYR A 146 -13.70 -73.99 62.41
C TYR A 146 -15.19 -74.11 62.75
N VAL A 147 -16.03 -73.42 61.97
CA VAL A 147 -17.47 -73.62 62.01
C VAL A 147 -18.03 -74.14 60.68
N ASP A 148 -17.43 -73.81 59.55
CA ASP A 148 -17.94 -74.11 58.22
C ASP A 148 -17.01 -75.09 57.53
N GLY A 149 -17.21 -75.25 56.22
CA GLY A 149 -16.52 -76.29 55.47
C GLY A 149 -17.40 -77.00 54.47
N THR A 150 -18.58 -76.45 54.21
CA THR A 150 -19.43 -76.98 53.15
C THR A 150 -18.83 -76.68 51.78
N GLU A 151 -19.37 -77.35 50.76
CA GLU A 151 -18.77 -77.35 49.43
C GLU A 151 -19.15 -76.13 48.59
N ILE A 152 -20.00 -75.24 49.11
CA ILE A 152 -20.41 -74.05 48.37
C ILE A 152 -19.80 -72.78 48.96
N ASP A 153 -19.64 -72.72 50.28
CA ASP A 153 -19.02 -71.55 50.90
C ASP A 153 -17.51 -71.55 50.76
N SER A 154 -16.90 -72.71 50.46
CA SER A 154 -15.46 -72.78 50.26
C SER A 154 -15.03 -71.99 49.03
N SER A 155 -15.82 -72.06 47.95
CA SER A 155 -15.51 -71.30 46.74
C SER A 155 -15.64 -69.81 46.97
N LEU A 156 -16.64 -69.40 47.77
CA LEU A 156 -16.80 -67.99 48.09
C LEU A 156 -15.66 -67.49 48.99
N ARG A 157 -15.21 -68.33 49.93
CA ARG A 157 -14.06 -67.98 50.76
C ARG A 157 -12.79 -67.85 49.93
N ILE A 158 -12.61 -68.75 48.95
CA ILE A 158 -11.45 -68.70 48.07
C ILE A 158 -11.48 -67.45 47.21
N ARG A 159 -12.68 -67.09 46.71
CA ARG A 159 -12.83 -65.85 45.95
C ARG A 159 -12.56 -64.62 46.82
N ALA A 160 -12.96 -64.66 48.09
CA ALA A 160 -12.71 -63.56 49.00
C ALA A 160 -11.22 -63.37 49.26
N ILE A 161 -10.49 -64.46 49.56
CA ILE A 161 -9.06 -64.33 49.81
C ILE A 161 -8.30 -63.99 48.53
N GLN A 162 -8.79 -64.43 47.37
CA GLN A 162 -8.15 -64.08 46.11
C GLN A 162 -8.33 -62.60 45.80
N GLN A 163 -9.53 -62.06 46.05
CA GLN A 163 -9.76 -60.62 45.88
C GLN A 163 -8.94 -59.81 46.87
N MET A 164 -8.80 -60.31 48.10
CA MET A 164 -8.00 -59.61 49.11
C MET A 164 -6.53 -59.56 48.72
N ALA A 165 -5.98 -60.68 48.23
CA ALA A 165 -4.58 -60.70 47.79
C ALA A 165 -4.36 -59.83 46.57
N ARG A 166 -5.29 -59.88 45.61
CA ARG A 166 -5.19 -59.04 44.41
C ARG A 166 -5.28 -57.56 44.75
N ASN A 167 -6.09 -57.21 45.74
CA ASN A 167 -6.16 -55.82 46.21
C ASN A 167 -4.88 -55.41 46.92
N LEU A 168 -4.36 -56.26 47.82
CA LEU A 168 -3.20 -55.91 48.62
C LEU A 168 -1.94 -55.78 47.78
N ARG A 169 -1.84 -56.55 46.69
CA ARG A 169 -0.69 -56.43 45.79
C ARG A 169 -0.62 -55.05 45.15
N THR A 170 -1.77 -54.53 44.68
CA THR A 170 -1.78 -53.19 44.10
C THR A 170 -1.61 -52.11 45.16
N VAL A 171 -2.12 -52.35 46.37
CA VAL A 171 -1.89 -51.39 47.46
C VAL A 171 -0.40 -51.27 47.79
N LEU A 172 0.31 -52.39 47.82
CA LEU A 172 1.75 -52.34 48.07
C LEU A 172 2.52 -51.81 46.87
N ASP A 173 1.99 -52.00 45.65
CA ASP A 173 2.63 -51.44 44.46
C ASP A 173 2.46 -49.92 44.39
N SER A 174 1.40 -49.40 45.02
CA SER A 174 1.10 -47.97 44.95
C SER A 174 2.17 -47.10 45.60
N PHE A 175 2.87 -47.62 46.62
CA PHE A 175 3.91 -46.82 47.26
C PHE A 175 5.13 -46.67 46.37
N GLU A 176 5.54 -47.77 45.70
CA GLU A 176 6.62 -47.69 44.73
C GLU A 176 6.22 -46.83 43.54
N ARG A 177 4.93 -46.81 43.20
CA ARG A 177 4.48 -45.93 42.12
C ARG A 177 4.44 -44.47 42.56
N GLY A 178 4.20 -44.20 43.83
CA GLY A 178 4.04 -42.83 44.30
C GLY A 178 5.30 -42.15 44.81
N THR A 179 6.36 -42.94 45.07
CA THR A 179 7.64 -42.35 45.46
C THR A 179 8.20 -41.47 44.34
N ALA A 180 8.11 -41.94 43.09
CA ALA A 180 8.57 -41.13 41.95
C ALA A 180 7.71 -39.89 41.77
N ASP A 181 6.40 -40.01 42.04
CA ASP A 181 5.52 -38.84 41.96
C ASP A 181 5.89 -37.79 43.00
N GLN A 182 6.19 -38.21 44.23
CA GLN A 182 6.63 -37.27 45.26
C GLN A 182 7.96 -36.64 44.90
N LEU A 183 8.88 -37.42 44.32
CA LEU A 183 10.17 -36.87 43.90
C LEU A 183 10.00 -35.83 42.79
N LEU A 184 9.12 -36.11 41.82
CA LEU A 184 8.84 -35.13 40.77
C LEU A 184 8.22 -33.86 41.35
N GLY A 185 7.33 -34.00 42.34
CA GLY A 185 6.75 -32.83 42.97
C GLY A 185 7.77 -31.97 43.71
N VAL A 186 8.65 -32.60 44.49
CA VAL A 186 9.56 -31.80 45.31
C VAL A 186 10.70 -31.26 44.45
N LEU A 187 11.02 -31.94 43.34
CA LEU A 187 12.00 -31.41 42.42
C LEU A 187 11.42 -30.28 41.57
N LEU A 188 10.11 -30.31 41.32
CA LEU A 188 9.47 -29.20 40.61
C LEU A 188 9.36 -27.98 41.50
N GLU A 189 9.13 -28.18 42.80
CA GLU A 189 9.05 -27.05 43.72
C GLU A 189 10.42 -26.40 43.94
N LYS A 190 11.49 -27.17 43.82
CA LYS A 190 12.85 -26.73 44.15
C LYS A 190 13.58 -26.04 43.01
N ALA A 191 13.03 -26.05 41.79
CA ALA A 191 13.79 -25.67 40.62
C ALA A 191 13.48 -24.24 40.21
N PRO A 192 14.45 -23.33 40.21
CA PRO A 192 14.27 -22.02 39.59
C PRO A 192 14.27 -22.14 38.08
N PRO A 193 13.65 -21.19 37.36
CA PRO A 193 13.64 -21.27 35.90
C PRO A 193 15.02 -21.02 35.29
N LEU A 194 15.22 -21.59 34.11
CA LEU A 194 16.48 -21.40 33.38
C LEU A 194 16.64 -19.96 32.91
N SER A 195 15.53 -19.30 32.54
CA SER A 195 15.60 -17.98 31.93
C SER A 195 16.07 -16.92 32.91
N LEU A 196 15.95 -17.16 34.21
CA LEU A 196 16.50 -16.25 35.21
C LEU A 196 17.78 -16.78 35.84
N LEU A 197 17.99 -18.09 35.86
CA LEU A 197 19.20 -18.63 36.45
C LEU A 197 20.42 -18.47 35.55
N SER A 198 20.23 -18.60 34.23
CA SER A 198 21.37 -18.52 33.32
C SER A 198 22.03 -17.14 33.24
N PRO A 199 21.31 -16.01 33.11
CA PRO A 199 22.03 -14.72 33.18
C PRO A 199 22.53 -14.38 34.57
N ILE A 200 21.91 -14.90 35.63
CA ILE A 200 22.46 -14.75 36.98
C ILE A 200 23.79 -15.50 37.09
N ASN A 201 23.85 -16.72 36.55
CA ASN A 201 25.08 -17.50 36.58
C ASN A 201 26.17 -16.91 35.69
N LYS A 202 25.82 -16.32 34.55
CA LYS A 202 26.81 -15.85 33.58
C LYS A 202 27.26 -14.41 33.83
N PHE A 203 26.32 -13.48 33.98
CA PHE A 203 26.66 -12.07 34.04
C PHE A 203 27.03 -11.59 35.44
N GLN A 204 26.94 -12.46 36.45
CA GLN A 204 27.38 -12.14 37.81
C GLN A 204 28.54 -13.07 38.15
N PRO A 205 29.78 -12.60 38.03
CA PRO A 205 30.94 -13.48 38.25
C PRO A 205 31.11 -13.96 39.68
N GLU A 206 31.11 -13.03 40.65
CA GLU A 206 31.31 -13.36 42.04
C GLU A 206 30.08 -13.06 42.90
N GLY A 207 29.60 -11.83 42.89
CA GLY A 207 28.45 -11.45 43.66
C GLY A 207 28.66 -10.09 44.28
N HIS A 208 27.65 -9.67 45.07
CA HIS A 208 27.57 -8.37 45.73
C HIS A 208 27.74 -7.22 44.74
N LEU A 209 26.88 -7.25 43.71
CA LEU A 209 26.87 -6.21 42.70
C LEU A 209 26.29 -4.93 43.26
N ASN A 210 26.71 -3.80 42.69
CA ASN A 210 26.18 -2.50 43.06
C ASN A 210 24.84 -2.26 42.35
N ARG A 211 24.35 -1.03 42.43
CA ARG A 211 23.05 -0.69 41.84
C ARG A 211 23.11 -0.75 40.31
N VAL A 212 24.22 -0.31 39.73
CA VAL A 212 24.33 -0.19 38.27
C VAL A 212 24.36 -1.57 37.61
N ALA A 213 25.21 -2.46 38.14
CA ALA A 213 25.33 -3.80 37.57
C ALA A 213 24.07 -4.61 37.78
N ARG A 214 23.42 -4.45 38.95
CA ARG A 214 22.17 -5.15 39.21
C ARG A 214 21.06 -4.64 38.31
N ALA A 215 21.04 -3.33 38.03
CA ALA A 215 20.01 -2.78 37.14
C ALA A 215 20.20 -3.26 35.71
N ALA A 216 21.44 -3.27 35.21
CA ALA A 216 21.70 -3.79 33.87
C ALA A 216 21.40 -5.28 33.77
N LEU A 217 21.75 -6.04 34.81
CA LEU A 217 21.41 -7.46 34.86
C LEU A 217 19.91 -7.68 34.91
N LEU A 218 19.19 -6.79 35.59
CA LEU A 218 17.74 -6.89 35.68
C LEU A 218 17.07 -6.65 34.32
N SER A 219 17.58 -5.67 33.57
CA SER A 219 17.07 -5.44 32.22
C SER A 219 17.39 -6.62 31.31
N ASP A 220 18.57 -7.21 31.47
CA ASP A 220 18.92 -8.42 30.72
C ASP A 220 18.00 -9.58 31.08
N LEU A 221 17.65 -9.72 32.36
CA LEU A 221 16.72 -10.76 32.80
C LEU A 221 15.34 -10.56 32.19
N LYS A 222 14.88 -9.30 32.13
CA LYS A 222 13.59 -9.01 31.52
C LYS A 222 13.56 -9.37 30.04
N ARG A 223 14.62 -8.99 29.30
CA ARG A 223 14.69 -9.32 27.88
C ARG A 223 14.79 -10.83 27.65
N ARG A 224 15.57 -11.53 28.49
CA ARG A 224 15.75 -12.96 28.34
C ARG A 224 14.48 -13.74 28.66
N VAL A 225 13.75 -13.31 29.71
CA VAL A 225 12.53 -14.04 30.07
C VAL A 225 11.39 -13.67 29.13
N CYS A 226 11.48 -12.53 28.43
CA CYS A 226 10.50 -12.25 27.39
C CYS A 226 10.80 -13.06 26.13
N ALA A 227 12.07 -13.23 25.79
CA ALA A 227 12.43 -13.91 24.54
C ALA A 227 12.31 -15.43 24.67
N ASP A 228 12.93 -16.01 25.69
CA ASP A 228 13.09 -17.46 25.78
C ASP A 228 12.03 -18.03 26.73
N MET A 229 10.85 -18.31 26.18
CA MET A 229 9.74 -18.85 26.93
C MET A 229 9.20 -20.16 26.35
N PHE A 230 9.10 -20.25 25.04
CA PHE A 230 8.54 -21.39 24.31
C PHE A 230 9.54 -21.90 23.28
N PHE A 231 10.76 -22.20 23.76
CA PHE A 231 11.90 -22.48 22.88
C PHE A 231 11.70 -23.73 22.03
N MET A 232 10.85 -24.66 22.46
CA MET A 232 10.67 -25.91 21.75
C MET A 232 9.46 -25.93 20.82
N THR A 233 8.71 -24.83 20.72
CA THR A 233 7.65 -24.73 19.74
C THR A 233 7.84 -23.56 18.78
N ARG A 234 8.79 -22.68 19.04
CA ARG A 234 9.14 -21.59 18.13
C ARG A 234 10.36 -21.95 17.28
N HIS A 235 11.48 -22.29 17.94
CA HIS A 235 12.67 -22.76 17.24
C HIS A 235 12.69 -24.28 17.15
N ALA A 236 11.59 -24.86 16.65
CA ALA A 236 11.50 -26.30 16.49
C ALA A 236 12.02 -26.78 15.14
N ARG A 237 12.05 -25.90 14.15
CA ARG A 237 12.58 -26.27 12.84
C ARG A 237 14.10 -26.26 12.83
N GLU A 238 14.74 -25.70 13.84
CA GLU A 238 16.20 -25.66 13.93
C GLU A 238 16.65 -26.62 15.02
N PRO A 239 17.24 -27.77 14.66
CA PRO A 239 17.72 -28.71 15.68
C PRO A 239 19.07 -28.35 16.29
N ARG A 240 19.60 -27.16 16.04
CA ARG A 240 20.87 -26.73 16.61
C ARG A 240 20.71 -25.84 17.83
N LEU A 241 19.72 -24.95 17.83
CA LEU A 241 19.51 -24.07 18.98
C LEU A 241 18.99 -24.84 20.19
N ILE A 242 18.19 -25.88 19.96
CA ILE A 242 17.71 -26.71 21.06
C ILE A 242 18.87 -27.49 21.68
N SER A 243 19.74 -28.07 20.86
CA SER A 243 20.92 -28.74 21.35
C SER A 243 21.93 -27.79 21.98
N ALA A 244 21.91 -26.51 21.59
CA ALA A 244 22.78 -25.52 22.21
C ALA A 244 22.24 -25.00 23.54
N TYR A 245 20.91 -24.99 23.74
CA TYR A 245 20.38 -24.50 25.00
C TYR A 245 20.14 -25.62 26.02
N LEU A 246 20.00 -26.87 25.58
CA LEU A 246 20.02 -27.98 26.53
C LEU A 246 21.38 -28.12 27.19
N SER A 247 22.45 -27.91 26.42
CA SER A 247 23.79 -27.89 26.99
C SER A 247 23.97 -26.74 27.98
N ASP A 248 23.35 -25.58 27.71
CA ASP A 248 23.37 -24.48 28.67
C ASP A 248 22.63 -24.85 29.95
N MET A 249 21.47 -25.49 29.82
CA MET A 249 20.70 -25.92 30.98
C MET A 249 21.47 -26.92 31.83
N VAL A 250 22.12 -27.90 31.18
CA VAL A 250 22.87 -28.91 31.92
C VAL A 250 24.12 -28.33 32.54
N SER A 251 24.89 -27.54 31.78
CA SER A 251 26.04 -26.83 32.35
C SER A 251 25.64 -25.43 32.80
N CYS A 252 24.51 -25.37 33.52
CA CYS A 252 24.12 -24.19 34.27
C CYS A 252 23.91 -24.47 35.76
N THR A 253 23.91 -25.72 36.18
CA THR A 253 23.67 -26.09 37.56
C THR A 253 24.95 -26.62 38.21
N GLN A 254 25.11 -26.36 39.50
CA GLN A 254 26.28 -26.80 40.23
C GLN A 254 26.11 -28.25 40.67
N PRO A 255 27.20 -29.03 40.71
CA PRO A 255 27.10 -30.41 41.20
C PRO A 255 26.96 -30.49 42.71
N SER A 256 26.91 -31.70 43.24
CA SER A 256 26.58 -31.96 44.64
C SER A 256 27.66 -32.83 45.28
N VAL A 257 27.33 -33.37 46.46
CA VAL A 257 28.29 -34.19 47.20
C VAL A 257 28.60 -35.49 46.46
N MET A 258 29.70 -36.12 46.85
CA MET A 258 30.26 -37.26 46.12
C MET A 258 30.29 -38.53 46.97
N VAL A 259 29.75 -38.49 48.19
CA VAL A 259 29.79 -39.64 49.09
C VAL A 259 28.79 -40.70 48.62
N SER A 260 29.33 -41.86 48.24
CA SER A 260 28.54 -42.99 47.75
C SER A 260 29.43 -44.22 47.79
N ARG A 261 28.81 -45.38 47.55
CA ARG A 261 29.53 -46.63 47.35
C ARG A 261 29.33 -47.19 45.97
N ILE A 262 28.08 -47.36 45.53
CA ILE A 262 27.75 -47.80 44.18
C ILE A 262 26.71 -46.85 43.62
N THR A 263 27.01 -46.27 42.45
CA THR A 263 26.13 -45.31 41.78
C THR A 263 25.63 -45.90 40.47
N HIS A 264 24.89 -45.09 39.72
CA HIS A 264 24.35 -45.54 38.44
C HIS A 264 25.39 -45.40 37.35
N THR A 265 25.55 -46.46 36.55
CA THR A 265 26.51 -46.48 35.45
C THR A 265 25.88 -47.17 34.24
N ASN A 266 26.53 -47.01 33.10
CA ASN A 266 26.08 -47.62 31.85
C ASN A 266 26.78 -48.97 31.64
N THR A 267 26.76 -49.45 30.38
CA THR A 267 27.49 -50.66 29.99
C THR A 267 28.98 -50.53 30.23
N ARG A 268 29.59 -49.43 29.77
CA ARG A 268 31.04 -49.36 29.73
C ARG A 268 31.63 -49.12 31.12
N GLY A 269 30.99 -48.28 31.92
CA GLY A 269 31.50 -47.99 33.24
C GLY A 269 31.53 -46.51 33.55
N ARG A 270 31.19 -45.69 32.57
CA ARG A 270 31.17 -44.25 32.76
C ARG A 270 30.00 -43.84 33.66
N GLN A 271 30.30 -43.01 34.65
CA GLN A 271 29.29 -42.58 35.60
C GLN A 271 28.35 -41.57 34.97
N VAL A 272 27.07 -41.68 35.28
CA VAL A 272 26.07 -40.74 34.80
C VAL A 272 26.10 -39.48 35.65
N ASP A 273 25.49 -38.42 35.16
CA ASP A 273 25.62 -37.11 35.78
C ASP A 273 24.30 -36.42 36.08
N GLY A 274 23.17 -37.08 35.87
CA GLY A 274 21.91 -36.46 36.24
C GLY A 274 20.74 -37.14 35.55
N VAL A 275 19.59 -36.46 35.58
CA VAL A 275 18.38 -36.91 34.93
C VAL A 275 17.71 -35.71 34.28
N LEU A 276 17.22 -35.90 33.06
CA LEU A 276 16.53 -34.85 32.30
C LEU A 276 15.14 -35.38 32.00
N VAL A 277 14.17 -35.06 32.85
CA VAL A 277 12.84 -35.64 32.79
C VAL A 277 11.92 -34.75 31.96
N THR A 278 11.24 -35.35 30.98
CA THR A 278 10.45 -34.63 29.99
C THR A 278 9.07 -35.25 29.87
N THR A 279 8.27 -34.69 28.99
CA THR A 279 7.07 -35.34 28.49
C THR A 279 7.48 -36.30 27.37
N ALA A 280 6.56 -37.19 26.99
CA ALA A 280 6.88 -38.21 25.98
C ALA A 280 7.07 -37.59 24.60
N THR A 281 6.29 -36.55 24.28
CA THR A 281 6.44 -35.85 23.01
C THR A 281 7.79 -35.16 22.90
N LEU A 282 8.23 -34.52 23.99
CA LEU A 282 9.54 -33.91 24.01
C LEU A 282 10.65 -34.95 23.96
N LYS A 283 10.41 -36.13 24.56
CA LYS A 283 11.38 -37.23 24.46
C LYS A 283 11.55 -37.69 23.02
N ARG A 284 10.43 -37.84 22.29
CA ARG A 284 10.51 -38.24 20.88
C ARG A 284 11.17 -37.16 20.04
N GLN A 285 10.89 -35.89 20.33
CA GLN A 285 11.48 -34.79 19.58
C GLN A 285 12.98 -34.68 19.83
N LEU A 286 13.43 -34.99 21.05
CA LEU A 286 14.87 -35.06 21.30
C LEU A 286 15.51 -36.28 20.62
N LEU A 287 14.85 -37.44 20.69
CA LEU A 287 15.50 -38.65 20.23
C LEU A 287 15.46 -38.83 18.72
N GLN A 288 14.63 -38.07 18.00
CA GLN A 288 14.60 -38.23 16.55
C GLN A 288 15.86 -37.68 15.88
N GLY A 289 16.27 -36.45 16.21
CA GLY A 289 17.41 -35.87 15.53
C GLY A 289 18.31 -34.94 16.31
N ILE A 290 18.03 -34.71 17.59
CA ILE A 290 18.74 -33.68 18.33
C ILE A 290 19.85 -34.29 19.17
N LEU A 291 19.48 -35.16 20.09
CA LEU A 291 20.45 -35.78 20.99
C LEU A 291 20.86 -37.15 20.46
N GLN A 292 22.10 -37.52 20.72
CA GLN A 292 22.66 -38.77 20.26
C GLN A 292 22.59 -39.81 21.36
N ILE A 293 22.23 -41.04 21.01
CA ILE A 293 22.14 -42.11 22.00
C ILE A 293 23.54 -42.61 22.33
N ASP A 294 23.88 -42.57 23.62
CA ASP A 294 25.09 -43.22 24.10
C ASP A 294 24.89 -44.69 24.39
N ASP A 295 23.76 -45.04 25.00
CA ASP A 295 23.55 -46.41 25.45
C ASP A 295 22.07 -46.70 25.56
N THR A 296 21.74 -47.99 25.65
CA THR A 296 20.38 -48.45 25.83
C THR A 296 20.18 -49.28 27.09
N ALA A 297 21.23 -49.52 27.87
CA ALA A 297 21.11 -50.25 29.13
C ALA A 297 22.00 -49.58 30.17
N ALA A 298 21.67 -49.78 31.44
CA ALA A 298 22.38 -49.13 32.52
C ALA A 298 22.52 -50.08 33.70
N ASP A 299 23.45 -49.76 34.59
CA ASP A 299 23.66 -50.50 35.82
C ASP A 299 23.05 -49.71 36.97
N VAL A 300 22.18 -50.36 37.74
CA VAL A 300 21.37 -49.68 38.76
C VAL A 300 21.49 -50.44 40.07
N PRO A 301 21.80 -49.77 41.19
CA PRO A 301 21.80 -50.45 42.49
C PRO A 301 20.40 -50.87 42.91
N VAL A 302 20.32 -51.98 43.65
CA VAL A 302 19.05 -52.57 44.02
C VAL A 302 18.72 -52.43 45.50
N THR A 303 19.67 -51.97 46.32
CA THR A 303 19.43 -51.84 47.75
C THR A 303 19.35 -50.36 48.12
N TYR A 304 18.73 -50.10 49.27
CA TYR A 304 18.63 -48.73 49.78
C TYR A 304 19.83 -48.38 50.65
N GLY A 305 20.06 -49.18 51.69
CA GLY A 305 21.09 -48.87 52.67
C GLY A 305 20.44 -48.25 53.89
N GLU A 306 20.24 -49.04 54.94
CA GLU A 306 19.47 -48.59 56.10
C GLU A 306 20.40 -48.08 57.19
N MET A 307 19.84 -47.21 58.04
CA MET A 307 20.55 -46.74 59.22
C MET A 307 19.61 -46.82 60.42
N VAL A 308 20.12 -47.38 61.52
CA VAL A 308 19.37 -47.49 62.76
C VAL A 308 20.26 -46.99 63.89
N LEU A 309 19.63 -46.62 65.00
CA LEU A 309 20.34 -46.14 66.17
C LEU A 309 20.36 -47.21 67.23
N GLN A 310 21.55 -47.50 67.76
CA GLN A 310 21.74 -48.53 68.77
C GLN A 310 23.02 -48.25 69.52
N GLY A 311 23.14 -48.82 70.71
CA GLY A 311 24.33 -48.64 71.52
C GLY A 311 24.41 -47.28 72.18
N THR A 312 25.46 -46.52 71.85
CA THR A 312 25.64 -45.21 72.46
C THR A 312 24.65 -44.19 71.90
N ASN A 313 24.22 -44.37 70.65
CA ASN A 313 23.27 -43.45 70.02
C ASN A 313 21.91 -43.52 70.70
N LEU A 314 21.46 -44.72 71.06
CA LEU A 314 20.15 -44.88 71.68
C LEU A 314 20.10 -44.24 73.08
N VAL A 315 21.11 -44.52 73.90
CA VAL A 315 21.13 -43.97 75.25
C VAL A 315 21.38 -42.46 75.21
N THR A 316 22.17 -42.00 74.24
CA THR A 316 22.44 -40.56 74.12
C THR A 316 21.20 -39.81 73.66
N ALA A 317 20.41 -40.43 72.77
CA ALA A 317 19.14 -39.84 72.37
C ALA A 317 18.08 -39.93 73.45
N LEU A 318 18.14 -40.94 74.32
CA LEU A 318 17.15 -41.07 75.38
C LEU A 318 17.41 -40.15 76.56
N VAL A 319 18.67 -39.99 76.98
CA VAL A 319 18.93 -39.25 78.20
C VAL A 319 19.28 -37.78 77.94
N MET A 320 19.69 -37.44 76.72
CA MET A 320 20.01 -36.05 76.39
C MET A 320 19.11 -35.46 75.31
N GLY A 321 18.56 -36.28 74.42
CA GLY A 321 17.69 -35.80 73.37
C GLY A 321 18.38 -35.42 72.08
N LYS A 322 19.64 -35.82 71.88
CA LYS A 322 20.37 -35.54 70.66
C LYS A 322 21.10 -36.81 70.22
N ALA A 323 21.49 -36.84 68.95
CA ALA A 323 22.26 -37.94 68.40
C ALA A 323 22.98 -37.46 67.14
N VAL A 324 23.91 -38.27 66.65
CA VAL A 324 24.54 -38.06 65.36
C VAL A 324 24.49 -39.37 64.60
N ARG A 325 24.73 -39.29 63.29
CA ARG A 325 24.77 -40.48 62.46
C ARG A 325 26.13 -41.14 62.57
N GLY A 326 26.15 -42.37 63.09
CA GLY A 326 27.38 -43.10 63.26
C GLY A 326 28.27 -42.53 64.35
N MET A 327 27.84 -42.66 65.60
CA MET A 327 28.62 -42.19 66.73
C MET A 327 29.92 -42.98 66.89
N ASP A 328 29.93 -44.25 66.49
CA ASP A 328 31.08 -45.12 66.69
C ASP A 328 32.28 -44.65 65.88
N ASP A 329 32.06 -44.32 64.60
CA ASP A 329 33.17 -43.93 63.74
C ASP A 329 33.72 -42.55 64.11
N VAL A 330 32.85 -41.59 64.42
CA VAL A 330 33.33 -40.26 64.81
C VAL A 330 34.00 -40.31 66.18
N ALA A 331 33.54 -41.21 67.06
CA ALA A 331 34.20 -41.38 68.35
C ALA A 331 35.58 -42.01 68.18
N ARG A 332 35.68 -43.00 67.29
CA ARG A 332 36.96 -43.63 67.01
C ARG A 332 37.94 -42.64 66.38
N HIS A 333 37.47 -41.81 65.46
CA HIS A 333 38.35 -40.84 64.81
C HIS A 333 38.78 -39.73 65.78
N LEU A 334 37.87 -39.28 66.65
CA LEU A 334 38.24 -38.30 67.66
C LEU A 334 39.25 -38.88 68.66
N LEU A 335 39.05 -40.14 69.06
CA LEU A 335 39.97 -40.77 69.99
C LEU A 335 41.34 -41.00 69.35
N ASP A 336 41.38 -41.39 68.08
CA ASP A 336 42.66 -41.58 67.41
C ASP A 336 43.33 -40.27 67.02
N ILE A 337 42.58 -39.17 66.95
CA ILE A 337 43.19 -37.87 66.69
C ILE A 337 43.57 -37.13 67.97
N THR A 338 43.07 -37.56 69.12
CA THR A 338 43.38 -36.89 70.38
C THR A 338 44.32 -37.68 71.29
N ASP A 339 44.04 -38.96 71.51
CA ASP A 339 44.75 -39.75 72.52
C ASP A 339 46.16 -40.24 72.16
N PRO A 340 46.41 -40.98 71.02
CA PRO A 340 47.68 -41.71 70.91
C PRO A 340 48.91 -40.85 70.62
N ASN A 341 50.03 -41.52 70.35
CA ASN A 341 51.34 -40.90 70.31
C ASN A 341 51.56 -40.14 69.01
N THR A 342 52.82 -39.80 68.73
CA THR A 342 53.17 -38.91 67.63
C THR A 342 52.91 -39.50 66.25
N LEU A 343 52.73 -40.82 66.14
CA LEU A 343 52.57 -41.45 64.84
C LEU A 343 51.17 -41.24 64.28
N ASN A 344 50.14 -41.24 65.13
CA ASN A 344 48.77 -41.38 64.66
C ASN A 344 47.98 -40.07 64.61
N ILE A 345 48.18 -39.18 65.57
CA ILE A 345 47.36 -37.96 65.64
C ILE A 345 47.56 -36.92 64.54
N PRO A 346 48.78 -36.65 63.93
CA PRO A 346 48.81 -35.56 62.94
C PRO A 346 48.50 -36.05 61.52
N SER A 347 47.32 -36.66 61.36
CA SER A 347 46.86 -37.10 60.04
C SER A 347 45.34 -36.97 60.03
N ILE A 348 44.86 -35.81 59.58
CA ILE A 348 43.43 -35.53 59.51
C ILE A 348 43.11 -35.06 58.08
N PRO A 349 42.93 -35.98 57.13
CA PRO A 349 42.62 -35.56 55.77
C PRO A 349 41.12 -35.39 55.58
N PRO A 350 40.69 -34.31 54.91
CA PRO A 350 39.27 -34.20 54.55
C PRO A 350 38.91 -35.16 53.45
N GLN A 351 38.19 -36.22 53.80
CA GLN A 351 37.92 -37.32 52.87
C GLN A 351 36.65 -38.02 53.36
N SER A 352 36.12 -38.90 52.52
CA SER A 352 34.95 -39.70 52.90
C SER A 352 35.29 -40.63 54.06
N ASN A 353 36.48 -41.25 54.02
CA ASN A 353 37.03 -42.13 55.04
C ASN A 353 36.10 -43.30 55.37
N SER A 354 35.31 -43.14 56.45
CA SER A 354 34.31 -44.11 56.92
C SER A 354 34.95 -45.47 57.21
N ASP A 355 35.81 -45.48 58.22
CA ASP A 355 36.49 -46.70 58.61
C ASP A 355 35.51 -47.69 59.25
N SER A 356 35.92 -48.97 59.23
CA SER A 356 35.12 -50.13 59.66
C SER A 356 33.85 -50.17 58.81
N THR A 357 32.67 -49.88 59.37
CA THR A 357 31.38 -49.81 58.67
C THR A 357 31.06 -51.15 57.98
N THR A 358 30.85 -52.16 58.84
CA THR A 358 30.62 -53.52 58.38
C THR A 358 29.25 -53.64 57.69
N ALA A 359 29.09 -54.76 56.97
CA ALA A 359 27.91 -55.17 56.21
C ALA A 359 27.57 -54.24 55.05
N GLY A 360 26.71 -54.72 54.15
CA GLY A 360 26.34 -53.96 52.98
C GLY A 360 25.89 -54.89 51.87
N LEU A 361 25.67 -54.29 50.70
CA LEU A 361 25.23 -55.06 49.54
C LEU A 361 25.72 -54.42 48.24
N PRO A 362 26.96 -54.67 47.82
CA PRO A 362 27.47 -54.09 46.56
C PRO A 362 27.15 -54.94 45.33
N VAL A 363 25.90 -54.85 44.88
CA VAL A 363 25.42 -55.60 43.72
C VAL A 363 24.74 -54.63 42.76
N ASN A 364 25.04 -54.79 41.47
CA ASN A 364 24.44 -53.98 40.42
C ASN A 364 23.58 -54.86 39.53
N ALA A 365 22.49 -54.29 39.01
CA ALA A 365 21.56 -55.01 38.17
C ALA A 365 21.38 -54.27 36.85
N ARG A 366 21.10 -55.01 35.79
CA ARG A 366 21.05 -54.44 34.46
C ARG A 366 19.62 -54.02 34.16
N VAL A 367 19.43 -52.74 33.84
CA VAL A 367 18.11 -52.13 33.73
C VAL A 367 18.01 -51.48 32.36
N PRO A 368 16.99 -51.81 31.54
CA PRO A 368 16.83 -51.15 30.24
C PRO A 368 16.36 -49.71 30.35
N ALA A 369 17.26 -48.77 30.08
CA ALA A 369 16.92 -47.35 30.09
C ALA A 369 17.80 -46.64 29.08
N ASP A 370 17.28 -45.57 28.50
CA ASP A 370 17.99 -44.86 27.44
C ASP A 370 18.81 -43.71 28.00
N LEU A 371 20.06 -43.62 27.56
CA LEU A 371 21.02 -42.64 28.03
C LEU A 371 21.50 -41.81 26.85
N VAL A 372 21.59 -40.49 27.03
CA VAL A 372 22.02 -39.57 25.99
C VAL A 372 23.20 -38.77 26.50
N ILE A 373 23.94 -38.16 25.56
CA ILE A 373 25.04 -37.27 25.87
C ILE A 373 24.62 -35.85 25.49
N VAL A 374 24.63 -34.96 26.48
CA VAL A 374 24.47 -33.53 26.26
C VAL A 374 25.70 -32.81 26.81
N GLY A 375 26.28 -31.94 25.98
CA GLY A 375 27.51 -31.24 26.33
C GLY A 375 28.68 -32.18 26.57
N ASP A 376 29.05 -32.32 27.85
CA ASP A 376 30.07 -33.28 28.28
C ASP A 376 29.46 -34.33 29.20
N LYS A 377 28.35 -34.02 29.85
CA LYS A 377 27.75 -34.86 30.88
C LYS A 377 26.88 -35.93 30.25
N LEU A 378 26.76 -37.07 30.93
CA LEU A 378 25.92 -38.18 30.51
C LEU A 378 24.70 -38.22 31.41
N VAL A 379 23.53 -37.89 30.86
CA VAL A 379 22.31 -37.73 31.63
C VAL A 379 21.33 -38.83 31.26
N PHE A 380 20.45 -39.17 32.20
CA PHE A 380 19.32 -40.03 31.90
C PHE A 380 18.23 -39.24 31.20
N LEU A 381 17.54 -39.89 30.26
CA LEU A 381 16.43 -39.28 29.54
C LEU A 381 15.19 -40.13 29.80
N GLU A 382 14.42 -39.73 30.81
CA GLU A 382 13.22 -40.45 31.23
C GLU A 382 11.99 -39.59 30.99
N ALA A 383 10.99 -40.16 30.35
CA ALA A 383 9.71 -39.50 30.10
C ALA A 383 8.58 -40.37 30.60
N LEU A 384 8.69 -40.77 31.87
CA LEU A 384 7.85 -41.79 32.48
C LEU A 384 6.38 -41.35 32.56
N GLU A 385 5.58 -41.89 31.64
CA GLU A 385 4.15 -41.58 31.52
C GLU A 385 3.40 -42.90 31.33
N ARG A 386 4.07 -43.90 30.78
CA ARG A 386 3.48 -45.23 30.64
C ARG A 386 3.67 -46.07 31.89
N ARG A 387 4.83 -45.99 32.53
CA ARG A 387 5.08 -46.77 33.74
C ARG A 387 4.28 -46.24 34.92
N VAL A 388 4.30 -44.93 35.13
CA VAL A 388 3.56 -44.26 36.19
C VAL A 388 2.68 -43.23 35.50
N TYR A 389 1.51 -42.94 36.12
CA TYR A 389 0.45 -42.02 35.68
C TYR A 389 -0.34 -42.56 34.49
N GLN A 390 -0.31 -43.86 34.24
CA GLN A 390 -1.10 -44.46 33.17
C GLN A 390 -2.24 -45.27 33.78
N ALA A 391 -3.47 -45.02 33.29
CA ALA A 391 -4.70 -45.67 33.74
C ALA A 391 -4.94 -45.45 35.24
N THR A 392 -4.61 -44.26 35.73
CA THR A 392 -4.94 -43.85 37.08
C THR A 392 -5.43 -42.42 37.05
N ARG A 393 -6.19 -42.04 38.08
CA ARG A 393 -6.96 -40.80 38.08
C ARG A 393 -6.16 -39.60 38.58
N VAL A 394 -4.84 -39.63 38.48
CA VAL A 394 -4.00 -38.53 38.95
C VAL A 394 -3.45 -37.79 37.73
N ALA A 395 -3.26 -36.48 37.87
CA ALA A 395 -2.73 -35.67 36.79
C ALA A 395 -1.20 -35.75 36.75
N TYR A 396 -0.67 -35.81 35.54
CA TYR A 396 0.77 -35.84 35.33
C TYR A 396 1.37 -34.46 35.55
N PRO A 397 2.43 -34.33 36.38
CA PRO A 397 3.18 -33.07 36.40
C PRO A 397 3.99 -32.84 35.13
N LEU A 398 4.71 -31.72 35.09
CA LEU A 398 5.36 -31.15 33.90
C LEU A 398 4.36 -30.81 32.79
N ILE A 399 3.08 -30.67 33.14
CA ILE A 399 2.05 -30.16 32.24
C ILE A 399 1.48 -28.92 32.93
N GLY A 400 2.36 -28.19 33.62
CA GLY A 400 1.93 -27.04 34.41
C GLY A 400 1.46 -25.88 33.56
N ASN A 401 0.82 -24.93 34.23
CA ASN A 401 0.18 -23.79 33.60
C ASN A 401 0.98 -22.52 33.83
N ILE A 402 0.70 -21.52 32.98
CA ILE A 402 1.27 -20.18 33.14
C ILE A 402 0.15 -19.16 33.01
N ASP A 403 0.41 -17.96 33.52
CA ASP A 403 -0.55 -16.87 33.48
C ASP A 403 0.12 -15.65 32.85
N ILE A 404 -0.42 -15.20 31.72
CA ILE A 404 0.09 -14.04 31.00
C ILE A 404 -1.01 -12.99 30.94
N THR A 405 -0.69 -11.77 31.37
CA THR A 405 -1.66 -10.68 31.42
C THR A 405 -1.45 -9.75 30.24
N PHE A 406 -2.54 -9.35 29.59
CA PHE A 406 -2.52 -8.51 28.41
C PHE A 406 -3.12 -7.14 28.70
N ILE A 407 -2.54 -6.11 28.10
CA ILE A 407 -2.96 -4.72 28.32
C ILE A 407 -3.12 -4.03 26.97
N MET A 408 -4.28 -3.39 26.78
CA MET A 408 -4.55 -2.58 25.59
C MET A 408 -5.27 -1.30 26.00
N PRO A 409 -4.83 -0.14 25.50
CA PRO A 409 -5.60 1.09 25.70
C PRO A 409 -6.78 1.14 24.75
N MET A 410 -7.80 1.91 25.15
CA MET A 410 -9.07 1.92 24.44
C MET A 410 -9.39 3.27 23.81
N GLY A 411 -9.43 4.34 24.60
CA GLY A 411 -9.88 5.62 24.10
C GLY A 411 -8.78 6.65 23.90
N VAL A 412 -7.59 6.20 23.51
CA VAL A 412 -6.46 7.11 23.35
C VAL A 412 -6.64 7.93 22.08
N PHE A 413 -6.64 9.25 22.23
CA PHE A 413 -6.60 10.18 21.11
C PHE A 413 -5.23 10.81 21.09
N GLN A 414 -4.53 10.71 19.96
CA GLN A 414 -3.19 11.27 19.80
C GLN A 414 -3.33 12.79 19.74
N ALA A 415 -3.02 13.45 20.87
CA ALA A 415 -3.36 14.85 21.03
C ALA A 415 -2.47 15.77 20.19
N ASN A 416 -1.23 15.36 19.94
CA ASN A 416 -0.32 16.19 19.15
C ASN A 416 -0.74 16.15 17.68
N SER A 417 -0.84 17.35 17.09
CA SER A 417 -1.28 17.46 15.70
C SER A 417 -0.23 16.94 14.71
N MET A 418 1.03 16.90 15.10
CA MET A 418 2.10 16.38 14.25
C MET A 418 2.12 14.85 14.24
N ASP A 419 1.47 14.20 15.20
CA ASP A 419 1.43 12.75 15.28
C ASP A 419 0.32 12.14 14.46
N ARG A 420 -0.69 12.93 14.05
CA ARG A 420 -1.81 12.40 13.28
C ARG A 420 -1.47 12.51 11.79
N TYR A 421 -0.61 11.60 11.35
CA TYR A 421 -0.11 11.55 9.99
C TYR A 421 -0.65 10.33 9.28
N THR A 422 -0.81 10.43 7.96
CA THR A 422 -1.06 9.28 7.11
C THR A 422 0.15 9.06 6.19
N ARG A 423 0.49 7.78 5.98
CA ARG A 423 1.70 7.46 5.23
C ARG A 423 1.50 7.54 3.72
N HIS A 424 0.27 7.70 3.25
CA HIS A 424 0.00 7.88 1.83
C HIS A 424 -1.24 8.75 1.70
N ALA A 425 -1.49 9.21 0.47
CA ALA A 425 -2.65 10.06 0.23
C ALA A 425 -3.95 9.26 0.30
N GLY A 426 -4.12 8.29 -0.59
CA GLY A 426 -5.30 7.45 -0.59
C GLY A 426 -5.12 6.14 0.16
N ASP A 427 -4.89 6.22 1.48
CA ASP A 427 -4.66 5.01 2.26
C ASP A 427 -5.96 4.26 2.50
N PHE A 428 -6.97 4.93 3.07
CA PHE A 428 -8.31 4.34 3.23
C PHE A 428 -9.31 5.43 2.82
N SER A 429 -9.63 5.49 1.53
CA SER A 429 -10.53 6.50 1.04
C SER A 429 -11.98 6.08 1.26
N THR A 430 -12.86 7.07 1.26
CA THR A 430 -14.29 6.83 1.46
C THR A 430 -15.12 7.64 0.46
N VAL A 431 -16.43 7.68 0.68
CA VAL A 431 -17.33 8.51 -0.12
C VAL A 431 -17.80 9.73 0.64
N SER A 432 -17.73 9.73 1.97
CA SER A 432 -18.21 10.84 2.78
C SER A 432 -17.32 12.07 2.61
N GLU A 433 -17.93 13.25 2.72
CA GLU A 433 -17.18 14.49 2.58
C GLU A 433 -16.28 14.75 3.79
N GLN A 434 -16.57 14.12 4.92
CA GLN A 434 -15.71 14.12 6.09
C GLN A 434 -15.24 12.70 6.33
N ASP A 435 -13.93 12.51 6.45
CA ASP A 435 -13.35 11.20 6.66
C ASP A 435 -13.70 10.70 8.06
N PRO A 436 -14.37 9.54 8.22
CA PRO A 436 -14.73 9.01 9.54
C PRO A 436 -13.60 8.24 10.21
N ARG A 437 -12.38 8.79 10.16
CA ARG A 437 -11.24 8.26 10.87
C ARG A 437 -10.47 9.34 11.61
N GLN A 438 -10.73 10.61 11.33
CA GLN A 438 -10.14 11.71 12.11
C GLN A 438 -10.82 11.87 13.46
N PHE A 439 -12.00 11.30 13.62
CA PHE A 439 -12.73 11.38 14.88
C PHE A 439 -12.02 10.55 15.96
N PRO A 440 -12.17 10.91 17.23
CA PRO A 440 -11.49 10.16 18.30
C PRO A 440 -12.02 8.74 18.42
N PRO A 441 -11.13 7.76 18.57
CA PRO A 441 -11.58 6.36 18.63
C PRO A 441 -12.27 6.03 19.94
N GLN A 442 -13.16 5.04 19.88
CA GLN A 442 -13.96 4.64 21.02
C GLN A 442 -13.92 3.14 21.30
N GLY A 443 -13.05 2.39 20.63
CA GLY A 443 -13.00 0.96 20.84
C GLY A 443 -11.66 0.39 20.46
N ILE A 444 -11.47 -0.88 20.82
CA ILE A 444 -10.26 -1.63 20.50
C ILE A 444 -10.68 -2.97 19.91
N PHE A 445 -9.90 -3.46 18.94
CA PHE A 445 -10.19 -4.70 18.24
C PHE A 445 -9.03 -5.65 18.45
N PHE A 446 -9.30 -6.81 19.06
CA PHE A 446 -8.27 -7.83 19.27
C PHE A 446 -8.78 -9.16 18.74
N TYR A 447 -7.97 -10.20 18.93
CA TYR A 447 -8.27 -11.53 18.40
C TYR A 447 -8.58 -12.50 19.53
N ASN A 448 -9.50 -13.42 19.26
CA ASN A 448 -9.98 -14.38 20.25
C ASN A 448 -8.98 -15.53 20.39
N LYS A 449 -9.35 -16.55 21.15
CA LYS A 449 -8.54 -17.76 21.26
C LYS A 449 -8.53 -18.54 19.96
N ASP A 450 -9.64 -18.56 19.24
CA ASP A 450 -9.76 -19.26 17.96
C ASP A 450 -9.47 -18.37 16.77
N GLY A 451 -9.03 -17.14 16.98
CA GLY A 451 -8.81 -16.20 15.91
C GLY A 451 -10.01 -15.39 15.51
N ILE A 452 -11.11 -15.47 16.26
CA ILE A 452 -12.31 -14.70 15.95
C ILE A 452 -12.08 -13.24 16.28
N LEU A 453 -12.64 -12.34 15.47
CA LEU A 453 -12.55 -10.91 15.73
C LEU A 453 -13.52 -10.53 16.84
N THR A 454 -13.01 -9.85 17.87
CA THR A 454 -13.82 -9.38 18.98
C THR A 454 -13.52 -7.91 19.23
N GLN A 455 -14.52 -7.21 19.77
CA GLN A 455 -14.45 -5.77 19.95
C GLN A 455 -14.80 -5.41 21.40
N LEU A 456 -14.02 -4.50 21.98
CA LEU A 456 -14.28 -3.93 23.31
C LEU A 456 -14.61 -2.45 23.12
N THR A 457 -15.89 -2.12 23.06
CA THR A 457 -16.32 -0.75 22.92
C THR A 457 -16.40 -0.07 24.29
N LEU A 458 -16.66 1.25 24.26
CA LEU A 458 -16.70 2.03 25.50
C LEU A 458 -17.91 1.71 26.36
N ARG A 459 -18.94 1.07 25.80
CA ARG A 459 -20.11 0.66 26.57
C ARG A 459 -19.77 -0.42 27.59
N ASP A 460 -18.69 -1.18 27.37
CA ASP A 460 -18.28 -2.22 28.31
C ASP A 460 -17.69 -1.65 29.59
N ALA A 461 -17.32 -0.37 29.63
CA ALA A 461 -16.81 0.25 30.83
C ALA A 461 -17.91 0.75 31.76
N MET A 462 -19.18 0.48 31.42
CA MET A 462 -20.30 0.92 32.24
C MET A 462 -20.39 0.16 33.55
N GLY A 463 -19.77 -1.01 33.65
CA GLY A 463 -19.77 -1.75 34.89
C GLY A 463 -18.77 -1.28 35.91
N THR A 464 -17.86 -0.38 35.53
CA THR A 464 -16.80 0.08 36.41
C THR A 464 -16.90 1.55 36.77
N ILE A 465 -17.06 2.44 35.78
CA ILE A 465 -17.10 3.87 36.04
C ILE A 465 -18.48 4.36 36.47
N CYS A 466 -19.52 3.55 36.28
CA CYS A 466 -20.88 3.93 36.67
C CYS A 466 -21.30 3.27 37.97
N HIS A 467 -20.36 3.11 38.90
CA HIS A 467 -20.62 2.59 40.23
C HIS A 467 -20.71 3.76 41.20
N SER A 468 -21.00 3.45 42.46
CA SER A 468 -20.93 4.44 43.53
C SER A 468 -19.53 4.60 44.10
N SER A 469 -18.56 3.83 43.58
CA SER A 469 -17.17 3.97 44.00
C SER A 469 -16.45 5.11 43.30
N LEU A 470 -17.10 5.77 42.33
CA LEU A 470 -16.55 6.98 41.73
C LEU A 470 -16.61 8.16 42.68
N LEU A 471 -17.46 8.09 43.71
CA LEU A 471 -17.72 9.18 44.64
C LEU A 471 -17.46 8.72 46.07
N ASP A 472 -16.30 8.09 46.27
CA ASP A 472 -15.92 7.54 47.57
C ASP A 472 -14.75 8.35 48.12
N VAL A 473 -14.88 9.68 48.04
CA VAL A 473 -13.77 10.60 48.27
C VAL A 473 -13.45 10.85 49.73
N GLU A 474 -14.22 10.28 50.66
CA GLU A 474 -14.07 10.61 52.08
C GLU A 474 -12.74 10.10 52.65
N ALA A 475 -12.36 8.87 52.32
CA ALA A 475 -11.09 8.34 52.79
C ALA A 475 -9.91 9.09 52.17
N THR A 476 -10.05 9.49 50.91
CA THR A 476 -9.03 10.28 50.24
C THR A 476 -8.86 11.65 50.92
N LEU A 477 -9.97 12.28 51.28
CA LEU A 477 -9.90 13.58 51.96
C LEU A 477 -9.33 13.44 53.37
N VAL A 478 -9.67 12.35 54.07
CA VAL A 478 -9.12 12.11 55.40
C VAL A 478 -7.61 11.89 55.33
N ALA A 479 -7.15 11.15 54.31
CA ALA A 479 -5.71 10.96 54.14
C ALA A 479 -5.02 12.25 53.70
N LEU A 480 -5.69 13.07 52.90
CA LEU A 480 -5.05 14.30 52.41
C LEU A 480 -4.96 15.37 53.49
N ARG A 481 -5.93 15.39 54.41
CA ARG A 481 -5.94 16.41 55.45
C ARG A 481 -4.88 16.19 56.53
N GLN A 482 -4.23 15.03 56.55
CA GLN A 482 -3.22 14.70 57.56
C GLN A 482 -1.80 14.87 57.04
N GLN A 483 -1.58 15.82 56.14
CA GLN A 483 -0.25 16.08 55.61
C GLN A 483 0.20 17.50 55.91
N HIS A 484 1.34 17.90 55.37
CA HIS A 484 1.88 19.24 55.60
C HIS A 484 1.12 20.23 54.71
N LEU A 485 0.35 21.10 55.33
CA LEU A 485 -0.43 22.12 54.62
C LEU A 485 0.04 23.49 55.05
N ASP A 486 0.38 24.34 54.07
CA ASP A 486 0.82 25.70 54.32
C ASP A 486 -0.34 26.67 54.12
N ARG A 487 -0.20 27.86 54.71
CA ARG A 487 -1.21 28.89 54.57
C ARG A 487 -1.19 29.46 53.16
N GLN A 488 -2.38 29.65 52.59
CA GLN A 488 -2.56 29.87 51.16
C GLN A 488 -3.53 31.02 50.94
N CYS A 489 -3.37 31.69 49.79
CA CYS A 489 -4.38 32.63 49.34
C CYS A 489 -5.68 31.88 49.01
N TYR A 490 -6.80 32.50 49.35
CA TYR A 490 -8.12 31.91 49.18
C TYR A 490 -8.97 32.73 48.21
N PHE A 491 -8.38 33.13 47.08
CA PHE A 491 -9.14 33.94 46.13
C PHE A 491 -10.13 33.10 45.34
N GLY A 492 -9.74 31.92 44.89
CA GLY A 492 -10.58 31.08 44.06
C GLY A 492 -11.33 29.98 44.77
N VAL A 493 -11.26 29.91 46.09
CA VAL A 493 -11.91 28.83 46.85
C VAL A 493 -12.93 29.39 47.84
N TYR A 494 -13.09 30.72 47.87
CA TYR A 494 -13.91 31.37 48.87
C TYR A 494 -15.07 32.13 48.23
N VAL A 495 -16.24 32.01 48.85
CA VAL A 495 -17.46 32.68 48.42
C VAL A 495 -17.90 33.62 49.56
N ALA A 496 -18.37 34.81 49.20
CA ALA A 496 -18.79 35.80 50.17
C ALA A 496 -20.28 36.13 50.00
N GLU A 497 -20.80 36.93 50.91
CA GLU A 497 -22.18 37.40 50.88
C GLU A 497 -22.23 38.89 50.54
N GLY A 498 -23.35 39.31 49.96
CA GLY A 498 -23.53 40.72 49.68
C GLY A 498 -23.80 41.52 50.94
N THR A 499 -23.45 42.81 50.87
CA THR A 499 -23.59 43.73 51.99
C THR A 499 -24.55 44.86 51.66
N GLU A 500 -25.60 44.52 50.91
CA GLU A 500 -26.78 45.36 50.59
C GLU A 500 -26.41 46.73 50.00
N ASP A 501 -25.29 46.75 49.29
CA ASP A 501 -24.82 47.96 48.63
C ASP A 501 -25.34 48.00 47.19
N THR A 502 -24.85 48.97 46.42
CA THR A 502 -25.36 49.23 45.07
C THR A 502 -24.45 48.70 43.98
N LEU A 503 -23.63 47.68 44.29
CA LEU A 503 -22.74 46.95 43.38
C LEU A 503 -21.59 47.79 42.82
N ASP A 504 -21.51 49.06 43.21
CA ASP A 504 -20.37 49.90 42.89
C ASP A 504 -19.43 50.01 44.10
N VAL A 505 -20.02 50.06 45.30
CA VAL A 505 -19.22 50.07 46.52
C VAL A 505 -18.57 48.71 46.75
N GLN A 506 -19.33 47.62 46.53
CA GLN A 506 -18.80 46.28 46.73
C GLN A 506 -17.71 45.95 45.73
N MET A 507 -17.88 46.37 44.48
CA MET A 507 -16.90 46.11 43.43
C MET A 507 -15.59 46.82 43.74
N GLY A 508 -15.68 48.08 44.16
CA GLY A 508 -14.49 48.82 44.54
C GLY A 508 -13.83 48.29 45.80
N ARG A 509 -14.63 47.83 46.76
CA ARG A 509 -14.08 47.21 47.97
C ARG A 509 -13.33 45.93 47.63
N PHE A 510 -13.86 45.13 46.71
CA PHE A 510 -13.14 43.93 46.30
C PHE A 510 -11.87 44.28 45.52
N MET A 511 -11.90 45.36 44.73
CA MET A 511 -10.69 45.78 44.04
C MET A 511 -9.60 46.27 45.01
N GLU A 512 -9.99 46.95 46.08
CA GLU A 512 -9.00 47.38 47.06
C GLU A 512 -8.51 46.22 47.92
N THR A 513 -9.38 45.23 48.18
CA THR A 513 -8.95 44.05 48.91
C THR A 513 -8.01 43.20 48.06
N TRP A 514 -8.31 43.07 46.77
CA TRP A 514 -7.60 42.17 45.86
C TRP A 514 -6.20 42.64 45.50
N ALA A 515 -5.83 43.87 45.87
CA ALA A 515 -4.48 44.36 45.58
C ALA A 515 -3.42 43.60 46.36
N ASP A 516 -3.75 43.17 47.58
CA ASP A 516 -2.82 42.42 48.41
C ASP A 516 -3.40 41.08 48.86
N MET A 517 -4.45 40.58 48.18
CA MET A 517 -5.07 39.33 48.59
C MET A 517 -4.21 38.13 48.18
N MET A 518 -3.58 38.19 47.01
CA MET A 518 -2.83 37.06 46.49
C MET A 518 -1.34 37.38 46.51
N PRO A 519 -0.53 36.65 47.28
CA PRO A 519 0.92 36.84 47.25
C PRO A 519 1.67 36.01 46.22
N HIS A 520 0.96 35.24 45.39
CA HIS A 520 1.61 34.40 44.38
C HIS A 520 0.65 34.21 43.21
N HIS A 521 1.03 33.33 42.28
CA HIS A 521 0.24 33.06 41.09
C HIS A 521 -0.66 31.87 41.37
N PRO A 522 -1.98 31.99 41.22
CA PRO A 522 -2.87 30.86 41.53
C PRO A 522 -2.69 29.69 40.57
N HIS A 523 -2.89 28.48 41.09
CA HIS A 523 -2.64 27.25 40.34
C HIS A 523 -3.87 26.74 39.62
N TRP A 524 -5.00 27.43 39.67
CA TRP A 524 -6.13 27.11 38.81
C TRP A 524 -6.13 27.94 37.54
N VAL A 525 -5.10 28.76 37.33
CA VAL A 525 -4.97 29.55 36.12
C VAL A 525 -4.02 28.93 35.11
N ASN A 526 -2.91 28.32 35.56
CA ASN A 526 -1.85 27.82 34.68
C ASN A 526 -2.24 26.54 33.91
N GLU A 527 -3.24 26.70 33.05
CA GLU A 527 -3.66 25.63 32.14
C GLU A 527 -2.84 25.60 30.87
N HIS A 528 -1.85 26.48 30.73
CA HIS A 528 -0.98 26.51 29.55
C HIS A 528 0.05 25.38 29.54
N LEU A 529 0.15 24.61 30.62
CA LEU A 529 1.07 23.48 30.66
C LEU A 529 0.61 22.39 29.70
N THR A 530 1.57 21.75 29.04
CA THR A 530 1.29 20.58 28.23
C THR A 530 1.20 19.35 29.13
N ILE A 531 1.07 18.18 28.51
CA ILE A 531 0.99 16.93 29.27
C ILE A 531 2.34 16.62 29.92
N LEU A 532 3.44 16.91 29.21
CA LEU A 532 4.78 16.62 29.73
C LEU A 532 5.12 17.50 30.92
N GLN A 533 4.69 18.77 30.89
CA GLN A 533 4.97 19.67 32.01
C GLN A 533 4.05 19.39 33.19
N PHE A 534 2.79 19.03 32.93
CA PHE A 534 1.87 18.69 34.01
C PHE A 534 2.24 17.39 34.69
N ILE A 535 2.81 16.45 33.95
CA ILE A 535 3.11 15.13 34.48
C ILE A 535 4.42 15.13 35.27
N ALA A 536 5.32 16.06 34.96
CA ALA A 536 6.65 16.13 35.57
C ALA A 536 6.55 16.37 37.08
N PRO A 537 7.48 15.81 37.87
CA PRO A 537 7.31 15.82 39.34
C PRO A 537 7.49 17.17 40.00
N SER A 538 7.93 18.20 39.27
CA SER A 538 8.03 19.54 39.84
C SER A 538 6.68 20.23 39.97
N ASN A 539 5.63 19.65 39.41
CA ASN A 539 4.29 20.24 39.47
C ASN A 539 3.71 20.10 40.88
N PRO A 540 3.35 21.20 41.55
CA PRO A 540 2.70 21.07 42.86
C PRO A 540 1.26 20.63 42.80
N ARG A 541 0.59 20.78 41.65
CA ARG A 541 -0.81 20.42 41.50
C ARG A 541 -1.01 18.94 41.20
N LEU A 542 0.07 18.19 40.95
CA LEU A 542 -0.06 16.80 40.55
C LEU A 542 -0.56 15.92 41.70
N ARG A 543 -0.16 16.24 42.93
CA ARG A 543 -0.59 15.45 44.08
C ARG A 543 -2.04 15.73 44.48
N PHE A 544 -2.65 16.78 43.93
CA PHE A 544 -4.04 17.10 44.20
C PHE A 544 -4.96 16.70 43.05
N GLU A 545 -4.45 15.97 42.07
CA GLU A 545 -5.23 15.47 40.94
C GLU A 545 -5.32 13.96 41.09
N LEU A 546 -6.38 13.49 41.75
CA LEU A 546 -6.53 12.07 42.03
C LEU A 546 -7.76 11.46 41.35
N ASN A 547 -8.95 11.99 41.59
CA ASN A 547 -10.16 11.47 40.97
C ASN A 547 -10.40 12.15 39.63
N PRO A 548 -11.02 11.45 38.67
CA PRO A 548 -11.38 12.11 37.41
C PRO A 548 -12.58 13.03 37.52
N ALA A 549 -13.37 12.93 38.59
CA ALA A 549 -14.59 13.71 38.74
C ALA A 549 -14.54 14.68 39.91
N PHE A 550 -13.37 14.89 40.53
CA PHE A 550 -13.27 15.73 41.71
C PHE A 550 -12.12 16.71 41.57
N ASP A 551 -12.35 17.94 42.05
CA ASP A 551 -11.32 18.96 42.16
C ASP A 551 -10.89 19.09 43.61
N PHE A 552 -9.60 18.91 43.87
CA PHE A 552 -9.05 19.07 45.21
C PHE A 552 -8.28 20.39 45.28
N PHE A 553 -8.53 21.15 46.34
CA PHE A 553 -7.86 22.43 46.52
C PHE A 553 -7.54 22.60 48.00
N VAL A 554 -7.16 23.82 48.38
CA VAL A 554 -6.90 24.18 49.76
C VAL A 554 -7.90 25.26 50.16
N ALA A 555 -8.61 25.03 51.25
CA ALA A 555 -9.70 25.88 51.70
C ALA A 555 -9.52 26.21 53.16
N PRO A 556 -10.06 27.34 53.63
CA PRO A 556 -10.04 27.63 55.07
C PRO A 556 -10.87 26.64 55.86
N GLY A 557 -10.43 26.38 57.10
CA GLY A 557 -11.09 25.42 57.95
C GLY A 557 -12.14 26.05 58.85
N ASP A 558 -13.23 25.31 59.07
CA ASP A 558 -14.35 25.68 59.93
C ASP A 558 -14.97 27.01 59.51
N VAL A 559 -15.19 27.12 58.20
CA VAL A 559 -15.91 28.26 57.64
C VAL A 559 -17.06 27.73 56.79
N ASP A 560 -18.28 28.09 57.15
CA ASP A 560 -19.43 27.80 56.29
C ASP A 560 -19.32 28.66 55.05
N LEU A 561 -19.48 28.05 53.87
CA LEU A 561 -19.02 28.57 52.58
C LEU A 561 -19.58 29.95 52.19
N PRO A 562 -20.89 30.29 52.39
CA PRO A 562 -21.22 31.73 52.33
C PRO A 562 -20.84 32.40 53.63
N GLY A 563 -19.78 33.19 53.62
CA GLY A 563 -19.23 33.76 54.83
C GLY A 563 -19.11 35.26 54.80
N PRO A 564 -18.39 35.83 55.76
CA PRO A 564 -18.24 37.28 55.82
C PRO A 564 -17.31 37.80 54.72
N GLN A 565 -17.32 39.13 54.57
CA GLN A 565 -16.53 39.83 53.56
C GLN A 565 -15.04 39.62 53.78
N ARG A 566 -14.59 39.76 55.04
CA ARG A 566 -13.21 39.49 55.37
C ARG A 566 -13.05 38.01 55.70
N PRO A 567 -12.16 37.29 55.03
CA PRO A 567 -11.96 35.87 55.35
C PRO A 567 -11.27 35.71 56.69
N PRO A 568 -11.88 34.98 57.63
CA PRO A 568 -11.28 34.83 58.95
C PRO A 568 -10.03 33.96 58.92
N GLU A 569 -9.12 34.23 59.85
CA GLU A 569 -7.87 33.49 59.93
C GLU A 569 -8.12 32.14 60.60
N ALA A 570 -7.80 31.06 59.88
CA ALA A 570 -8.01 29.71 60.38
C ALA A 570 -7.01 28.78 59.71
N MET A 571 -6.96 27.55 60.21
CA MET A 571 -6.02 26.57 59.68
C MET A 571 -6.47 26.10 58.29
N PRO A 572 -5.54 25.92 57.37
CA PRO A 572 -5.91 25.44 56.03
C PRO A 572 -6.14 23.93 56.01
N THR A 573 -7.22 23.53 55.35
CA THR A 573 -7.56 22.13 55.21
C THR A 573 -7.89 21.84 53.75
N VAL A 574 -7.70 20.59 53.36
CA VAL A 574 -7.94 20.16 51.98
C VAL A 574 -9.40 19.78 51.83
N ASN A 575 -10.13 20.54 51.02
CA ASN A 575 -11.51 20.22 50.69
C ASN A 575 -11.57 19.58 49.31
N ALA A 576 -12.80 19.30 48.88
CA ALA A 576 -13.02 18.75 47.55
C ALA A 576 -14.38 19.22 47.05
N THR A 577 -14.54 19.17 45.73
CA THR A 577 -15.80 19.50 45.09
C THR A 577 -15.99 18.59 43.88
N LEU A 578 -17.21 18.55 43.39
CA LEU A 578 -17.56 17.70 42.26
C LEU A 578 -17.27 18.44 40.96
N ARG A 579 -16.56 17.77 40.05
CA ARG A 579 -16.41 18.28 38.69
C ARG A 579 -17.67 17.90 37.93
N ILE A 580 -18.58 18.87 37.78
CA ILE A 580 -19.85 18.58 37.11
C ILE A 580 -19.62 18.38 35.62
N ILE A 581 -18.80 19.25 35.03
CA ILE A 581 -18.59 19.28 33.59
C ILE A 581 -17.41 18.37 33.24
N ASN A 582 -17.58 17.54 32.21
CA ASN A 582 -16.48 16.68 31.77
C ASN A 582 -15.40 17.43 31.00
N GLY A 583 -15.69 18.63 30.54
CA GLY A 583 -14.71 19.58 30.04
C GLY A 583 -14.04 20.43 31.09
N ASN A 584 -14.48 20.34 32.34
CA ASN A 584 -13.77 20.99 33.45
C ASN A 584 -12.52 20.24 33.87
N ILE A 585 -12.30 19.05 33.31
CA ILE A 585 -11.01 18.35 33.41
C ILE A 585 -9.92 19.26 32.84
N PRO A 586 -8.76 19.39 33.50
CA PRO A 586 -7.75 20.36 33.05
C PRO A 586 -7.23 20.08 31.64
N VAL A 587 -6.80 21.17 30.98
CA VAL A 587 -6.47 21.09 29.55
C VAL A 587 -5.27 20.20 29.25
N PRO A 588 -4.21 20.13 30.08
CA PRO A 588 -3.21 19.07 29.85
C PRO A 588 -3.75 17.64 29.98
N LEU A 589 -4.89 17.42 30.63
CA LEU A 589 -5.47 16.09 30.69
C LEU A 589 -6.54 15.87 29.63
N CYS A 590 -7.25 16.92 29.23
CA CYS A 590 -8.25 16.85 28.16
C CYS A 590 -7.99 18.03 27.22
N PRO A 591 -7.28 17.80 26.10
CA PRO A 591 -6.74 18.93 25.33
C PRO A 591 -7.76 19.68 24.49
N ILE A 592 -7.28 20.69 23.76
CA ILE A 592 -8.14 21.48 22.90
C ILE A 592 -8.36 20.79 21.55
N SER A 593 -7.34 20.11 21.04
CA SER A 593 -7.46 19.41 19.77
C SER A 593 -8.45 18.25 19.86
N PHE A 594 -8.45 17.54 20.98
CA PHE A 594 -9.42 16.46 21.20
C PHE A 594 -10.84 17.01 21.28
N ARG A 595 -11.03 18.13 21.96
CA ARG A 595 -12.35 18.75 22.05
C ARG A 595 -12.82 19.24 20.69
N ASP A 596 -11.91 19.79 19.88
CA ASP A 596 -12.28 20.25 18.54
C ASP A 596 -12.62 19.08 17.62
N CYS A 597 -11.89 17.96 17.73
CA CYS A 597 -12.21 16.79 16.93
C CYS A 597 -13.53 16.16 17.36
N ARG A 598 -13.82 16.16 18.67
CA ARG A 598 -15.11 15.66 19.15
C ARG A 598 -16.25 16.57 18.69
N GLY A 599 -16.02 17.88 18.67
CA GLY A 599 -17.03 18.80 18.16
C GLY A 599 -17.25 18.66 16.68
N THR A 600 -16.19 18.34 15.93
CA THR A 600 -16.34 18.03 14.51
C THR A 600 -17.14 16.73 14.33
N GLN A 601 -16.93 15.76 15.23
CA GLN A 601 -17.70 14.52 15.20
C GLN A 601 -19.18 14.77 15.50
N LEU A 602 -19.47 15.69 16.41
CA LEU A 602 -20.87 15.94 16.80
C LEU A 602 -21.64 16.65 15.69
N GLY A 603 -21.05 17.68 15.10
CA GLY A 603 -21.73 18.43 14.06
C GLY A 603 -21.42 17.95 12.66
N LEU A 604 -21.77 16.70 12.35
CA LEU A 604 -21.47 16.14 11.05
C LEU A 604 -22.50 16.58 10.01
N GLY A 605 -23.75 16.20 10.19
CA GLY A 605 -24.82 16.59 9.30
C GLY A 605 -25.75 17.65 9.85
N ARG A 606 -25.40 18.31 10.95
CA ARG A 606 -26.28 19.27 11.59
C ARG A 606 -26.23 20.62 10.88
N HIS A 607 -27.10 21.52 11.33
CA HIS A 607 -27.20 22.83 10.72
C HIS A 607 -25.98 23.68 11.05
N THR A 608 -25.47 24.37 10.03
CA THR A 608 -24.32 25.25 10.18
C THR A 608 -24.72 26.67 9.79
N MET A 609 -23.93 27.63 10.23
CA MET A 609 -24.15 29.03 9.90
C MET A 609 -23.51 29.33 8.55
N THR A 610 -24.28 29.91 7.64
CA THR A 610 -23.74 30.35 6.37
C THR A 610 -22.73 31.49 6.60
N PRO A 611 -21.65 31.55 5.80
CA PRO A 611 -20.53 32.45 6.13
C PRO A 611 -20.85 33.95 6.09
N ALA A 612 -21.96 34.35 5.47
CA ALA A 612 -22.36 35.75 5.52
C ALA A 612 -22.72 36.17 6.95
N THR A 613 -23.50 35.34 7.64
CA THR A 613 -23.87 35.63 9.02
C THR A 613 -22.66 35.54 9.94
N ILE A 614 -21.77 34.58 9.67
CA ILE A 614 -20.55 34.43 10.46
C ILE A 614 -19.67 35.67 10.32
N LYS A 615 -19.50 36.16 9.09
CA LYS A 615 -18.69 37.34 8.84
C LYS A 615 -19.31 38.59 9.46
N ALA A 616 -20.63 38.76 9.34
CA ALA A 616 -21.29 39.95 9.89
C ALA A 616 -21.27 39.95 11.41
N VAL A 617 -21.54 38.80 12.04
CA VAL A 617 -21.56 38.73 13.50
C VAL A 617 -20.15 38.86 14.06
N LYS A 618 -19.15 38.26 13.39
CA LYS A 618 -17.77 38.40 13.83
C LYS A 618 -17.27 39.83 13.66
N ASP A 619 -17.77 40.54 12.62
CA ASP A 619 -17.38 41.93 12.44
C ASP A 619 -18.04 42.83 13.48
N THR A 620 -19.27 42.51 13.88
CA THR A 620 -19.91 43.36 14.89
C THR A 620 -19.42 43.02 16.30
N PHE A 621 -18.83 41.83 16.49
CA PHE A 621 -18.27 41.50 17.80
C PHE A 621 -16.86 42.05 17.97
N GLU A 622 -16.17 42.32 16.86
CA GLU A 622 -14.85 42.92 16.88
C GLU A 622 -14.90 44.44 16.71
N ASP A 623 -16.09 45.02 16.70
CA ASP A 623 -16.25 46.44 16.45
C ASP A 623 -16.08 47.22 17.75
N ARG A 624 -15.15 48.19 17.73
CA ARG A 624 -14.91 49.05 18.88
C ARG A 624 -15.66 50.37 18.81
N ALA A 625 -16.08 50.80 17.62
CA ALA A 625 -16.87 52.00 17.44
C ALA A 625 -18.37 51.73 17.51
N TYR A 626 -18.76 50.65 18.19
CA TYR A 626 -20.16 50.28 18.36
C TYR A 626 -20.87 51.36 19.18
N PRO A 627 -22.00 51.88 18.70
CA PRO A 627 -22.64 53.01 19.39
C PRO A 627 -23.22 52.60 20.75
N THR A 628 -23.12 53.54 21.70
CA THR A 628 -23.67 53.32 23.03
C THR A 628 -25.17 53.54 23.09
N ILE A 629 -25.77 54.07 22.01
CA ILE A 629 -27.22 54.23 21.95
C ILE A 629 -27.91 52.87 21.96
N PHE A 630 -27.30 51.86 21.33
CA PHE A 630 -27.81 50.51 21.38
C PHE A 630 -27.77 49.94 22.79
N TYR A 631 -26.69 50.20 23.52
CA TYR A 631 -26.56 49.74 24.90
C TYR A 631 -27.59 50.41 25.80
N MET A 632 -27.77 51.73 25.62
CA MET A 632 -28.75 52.45 26.43
C MET A 632 -30.18 52.01 26.13
N LEU A 633 -30.48 51.76 24.85
CA LEU A 633 -31.82 51.29 24.47
C LEU A 633 -32.08 49.89 25.01
N GLU A 634 -31.08 49.00 24.96
CA GLU A 634 -31.25 47.66 25.51
C GLU A 634 -31.34 47.70 27.03
N ALA A 635 -30.73 48.71 27.66
CA ALA A 635 -30.84 48.85 29.11
C ALA A 635 -32.22 49.35 29.53
N VAL A 636 -32.77 50.34 28.81
CA VAL A 636 -34.07 50.90 29.18
C VAL A 636 -35.19 49.92 28.84
N ILE A 637 -35.13 49.31 27.66
CA ILE A 637 -36.15 48.32 27.27
C ILE A 637 -36.10 47.11 28.19
N HIS A 638 -34.88 46.67 28.55
CA HIS A 638 -34.57 45.64 29.55
C HIS A 638 -35.34 44.34 29.33
N GLY A 639 -35.50 43.96 28.07
CA GLY A 639 -36.08 42.68 27.70
C GLY A 639 -37.55 42.52 28.04
N ASN A 640 -38.35 43.54 27.75
CA ASN A 640 -39.79 43.50 27.95
C ASN A 640 -40.48 43.57 26.59
N GLU A 641 -41.47 42.71 26.36
CA GLU A 641 -42.16 42.68 25.08
C GLU A 641 -43.02 43.92 24.89
N ARG A 642 -43.60 44.43 25.98
CA ARG A 642 -44.46 45.61 25.90
C ARG A 642 -43.69 46.88 25.61
N ASN A 643 -42.36 46.87 25.75
CA ASN A 643 -41.54 48.01 25.38
C ASN A 643 -41.00 47.88 23.96
N PHE A 644 -40.61 46.67 23.56
CA PHE A 644 -40.12 46.44 22.20
C PHE A 644 -41.25 46.65 21.18
N CYS A 645 -42.45 46.13 21.48
CA CYS A 645 -43.57 46.30 20.57
C CYS A 645 -44.08 47.72 20.55
N ALA A 646 -43.71 48.54 21.51
CA ALA A 646 -44.00 49.97 21.46
C ALA A 646 -42.93 50.75 20.72
N LEU A 647 -41.67 50.29 20.78
CA LEU A 647 -40.54 50.96 20.15
C LEU A 647 -40.15 50.33 18.82
N LEU A 648 -41.06 49.54 18.24
CA LEU A 648 -40.82 48.85 16.96
C LEU A 648 -40.31 49.79 15.86
N ARG A 649 -40.91 50.97 15.72
CA ARG A 649 -40.54 51.87 14.63
C ARG A 649 -39.14 52.46 14.82
N LEU A 650 -38.85 52.92 16.04
CA LEU A 650 -37.54 53.49 16.34
C LEU A 650 -36.45 52.43 16.24
N LEU A 651 -36.73 51.21 16.69
CA LEU A 651 -35.73 50.15 16.60
C LEU A 651 -35.53 49.69 15.15
N THR A 652 -36.60 49.72 14.34
CA THR A 652 -36.47 49.42 12.92
C THR A 652 -35.58 50.44 12.22
N GLN A 653 -35.79 51.73 12.51
CA GLN A 653 -34.96 52.78 11.93
C GLN A 653 -33.52 52.68 12.41
N CYS A 654 -33.32 52.33 13.69
CA CYS A 654 -31.97 52.23 14.24
C CYS A 654 -31.20 51.06 13.63
N ILE A 655 -31.85 49.89 13.50
CA ILE A 655 -31.18 48.73 12.95
C ILE A 655 -30.92 48.91 11.45
N ARG A 656 -31.87 49.53 10.73
CA ARG A 656 -31.65 49.82 9.31
C ARG A 656 -30.50 50.82 9.11
N GLY A 657 -30.46 51.88 9.93
CA GLY A 657 -29.39 52.86 9.81
C GLY A 657 -28.03 52.30 10.17
N TYR A 658 -27.98 51.39 11.14
CA TYR A 658 -26.71 50.74 11.45
C TYR A 658 -26.32 49.69 10.40
N TRP A 659 -27.29 49.09 9.73
CA TRP A 659 -26.95 48.05 8.76
C TRP A 659 -26.50 48.63 7.43
N GLU A 660 -27.33 49.47 6.79
CA GLU A 660 -26.92 49.92 5.46
C GLU A 660 -26.04 51.17 5.51
N GLN A 661 -25.06 51.17 6.42
CA GLN A 661 -23.91 52.07 6.36
C GLN A 661 -22.60 51.38 6.68
N SER A 662 -22.61 50.24 7.38
CA SER A 662 -21.38 49.51 7.69
C SER A 662 -21.53 48.00 7.59
N HIS A 663 -22.71 47.49 7.20
CA HIS A 663 -22.99 46.07 6.99
C HIS A 663 -22.68 45.22 8.23
N ARG A 664 -23.12 45.72 9.39
CA ARG A 664 -22.92 45.04 10.66
C ARG A 664 -24.26 44.84 11.35
N VAL A 665 -24.46 43.67 11.92
CA VAL A 665 -25.72 43.35 12.58
C VAL A 665 -25.74 43.99 13.97
N ALA A 666 -26.91 44.48 14.38
CA ALA A 666 -27.08 45.19 15.63
C ALA A 666 -27.94 44.40 16.59
N PHE A 667 -27.86 44.78 17.87
CA PHE A 667 -28.63 44.21 18.99
C PHE A 667 -28.41 42.71 19.16
N VAL A 668 -27.24 42.20 18.79
CA VAL A 668 -26.97 40.78 18.92
C VAL A 668 -26.49 40.39 20.31
N ASN A 669 -26.23 41.38 21.17
CA ASN A 669 -25.68 41.10 22.49
C ASN A 669 -26.73 40.50 23.43
N ASN A 670 -27.97 40.93 23.31
CA ASN A 670 -29.05 40.51 24.20
C ASN A 670 -29.84 39.37 23.58
N PHE A 671 -30.16 38.36 24.41
CA PHE A 671 -31.00 37.28 23.90
C PHE A 671 -32.45 37.69 23.81
N HIS A 672 -32.93 38.53 24.73
CA HIS A 672 -34.26 39.12 24.58
C HIS A 672 -34.25 40.35 23.69
N MET A 673 -33.57 40.29 22.56
CA MET A 673 -33.68 41.25 21.48
C MET A 673 -33.83 40.56 20.13
N LEU A 674 -33.10 39.47 19.89
CA LEU A 674 -33.20 38.80 18.60
C LEU A 674 -34.42 37.90 18.52
N MET A 675 -34.91 37.41 19.67
CA MET A 675 -36.23 36.78 19.71
C MET A 675 -37.32 37.74 19.25
N TYR A 676 -37.28 38.97 19.77
CA TYR A 676 -38.30 39.95 19.42
C TYR A 676 -38.10 40.49 18.01
N ILE A 677 -36.85 40.48 17.52
CA ILE A 677 -36.60 40.89 16.15
C ILE A 677 -37.12 39.84 15.17
N THR A 678 -36.84 38.56 15.44
CA THR A 678 -37.31 37.50 14.55
C THR A 678 -38.82 37.34 14.60
N THR A 679 -39.43 37.49 15.77
CA THR A 679 -40.87 37.26 15.87
C THR A 679 -41.67 38.44 15.33
N TYR A 680 -41.21 39.66 15.57
CA TYR A 680 -41.99 40.85 15.20
C TYR A 680 -41.46 41.56 13.96
N LEU A 681 -40.17 41.91 13.95
CA LEU A 681 -39.56 42.60 12.81
C LEU A 681 -38.99 41.60 11.79
N GLY A 682 -39.81 40.65 11.37
CA GLY A 682 -39.31 39.60 10.49
C GLY A 682 -40.18 39.40 9.26
N ASN A 683 -41.13 40.31 9.04
CA ASN A 683 -42.03 40.22 7.91
C ASN A 683 -41.75 41.28 6.84
N GLY A 684 -40.56 41.86 6.84
CA GLY A 684 -40.16 42.81 5.80
C GLY A 684 -39.89 44.22 6.27
N GLU A 685 -40.01 44.53 7.56
CA GLU A 685 -39.64 45.86 8.05
C GLU A 685 -38.13 46.09 7.94
N LEU A 686 -37.35 45.08 8.28
CA LEU A 686 -35.91 45.04 8.06
C LEU A 686 -35.63 44.56 6.64
N PRO A 687 -34.43 44.84 6.10
CA PRO A 687 -34.10 44.31 4.77
C PRO A 687 -33.95 42.80 4.78
N GLU A 688 -33.83 42.25 3.56
CA GLU A 688 -33.87 40.81 3.35
C GLU A 688 -32.66 40.09 3.94
N VAL A 689 -31.55 40.79 4.15
CA VAL A 689 -30.34 40.14 4.62
C VAL A 689 -30.23 40.14 6.14
N CYS A 690 -30.78 41.15 6.82
CA CYS A 690 -30.67 41.24 8.28
C CYS A 690 -31.47 40.13 8.95
N ILE A 691 -32.73 39.96 8.55
CA ILE A 691 -33.60 38.95 9.15
C ILE A 691 -33.10 37.55 8.84
N ASN A 692 -32.41 37.38 7.71
CA ASN A 692 -31.76 36.10 7.42
C ASN A 692 -30.64 35.82 8.42
N ILE A 693 -29.89 36.85 8.82
CA ILE A 693 -28.83 36.69 9.80
C ILE A 693 -29.40 36.31 11.17
N TYR A 694 -30.44 37.04 11.59
CA TYR A 694 -31.06 36.76 12.89
C TYR A 694 -31.71 35.37 12.91
N ARG A 695 -32.41 35.01 11.84
CA ARG A 695 -33.05 33.69 11.76
C ARG A 695 -32.02 32.58 11.64
N ASP A 696 -30.88 32.83 11.01
CA ASP A 696 -29.83 31.81 10.93
C ASP A 696 -29.18 31.59 12.29
N LEU A 697 -28.99 32.66 13.06
CA LEU A 697 -28.49 32.51 14.43
C LEU A 697 -29.46 31.74 15.30
N LEU A 698 -30.76 32.05 15.19
CA LEU A 698 -31.77 31.33 15.97
C LEU A 698 -31.87 29.87 15.53
N GLN A 699 -31.73 29.61 14.23
CA GLN A 699 -31.75 28.25 13.73
C GLN A 699 -30.55 27.46 14.21
N HIS A 700 -29.38 28.10 14.32
CA HIS A 700 -28.21 27.44 14.87
C HIS A 700 -28.38 27.13 16.35
N VAL A 701 -29.02 28.04 17.10
CA VAL A 701 -29.31 27.80 18.51
C VAL A 701 -30.23 26.60 18.69
N ARG A 702 -31.28 26.54 17.87
CA ARG A 702 -32.20 25.40 17.94
C ARG A 702 -31.56 24.11 17.44
N ALA A 703 -30.61 24.20 16.51
CA ALA A 703 -29.86 23.02 16.08
C ALA A 703 -28.97 22.49 17.20
N LEU A 704 -28.36 23.39 17.97
CA LEU A 704 -27.61 22.98 19.16
C LEU A 704 -28.53 22.32 20.19
N ARG A 705 -29.74 22.86 20.35
CA ARG A 705 -30.71 22.27 21.27
C ARG A 705 -31.12 20.86 20.83
N GLN A 706 -31.36 20.67 19.53
CA GLN A 706 -31.70 19.34 19.02
C GLN A 706 -30.52 18.38 19.12
N THR A 707 -29.30 18.90 19.01
CA THR A 707 -28.11 18.05 19.18
C THR A 707 -28.00 17.59 20.63
N ILE A 708 -28.33 18.47 21.58
CA ILE A 708 -28.41 18.07 22.99
C ILE A 708 -29.47 17.00 23.18
N THR A 709 -30.65 17.19 22.58
CA THR A 709 -31.77 16.27 22.74
C THR A 709 -31.45 14.89 22.16
N ASP A 710 -30.68 14.87 21.06
CA ASP A 710 -30.41 13.62 20.34
C ASP A 710 -29.53 12.70 21.19
N PHE A 711 -28.50 13.24 21.83
CA PHE A 711 -27.48 12.41 22.48
C PHE A 711 -27.87 11.96 23.89
N THR A 712 -29.12 12.11 24.29
CA THR A 712 -29.61 11.56 25.55
C THR A 712 -30.58 10.42 25.26
N ILE A 713 -31.05 9.80 26.34
CA ILE A 713 -32.08 8.77 26.26
C ILE A 713 -33.24 9.21 27.13
N GLN A 714 -34.40 9.40 26.50
CA GLN A 714 -35.57 9.90 27.20
C GLN A 714 -36.27 8.77 27.96
N GLY A 715 -37.19 9.15 28.84
CA GLY A 715 -37.95 8.19 29.61
C GLY A 715 -37.28 7.71 30.87
N GLU A 716 -36.14 8.26 31.24
CA GLU A 716 -35.42 7.88 32.46
C GLU A 716 -35.20 9.15 33.27
N GLY A 717 -36.02 9.33 34.31
CA GLY A 717 -35.92 10.51 35.15
C GLY A 717 -36.09 10.19 36.62
N HIS A 718 -35.20 10.73 37.45
CA HIS A 718 -35.18 10.42 38.88
C HIS A 718 -35.47 11.68 39.68
N ASN A 719 -36.55 11.63 40.48
CA ASN A 719 -36.90 12.64 41.48
C ASN A 719 -37.13 14.02 40.86
N GLY A 720 -38.07 14.07 39.94
CA GLY A 720 -38.50 15.33 39.35
C GLY A 720 -37.48 15.99 38.45
N GLU A 721 -36.54 15.21 37.92
CA GLU A 721 -35.51 15.71 37.01
C GLU A 721 -35.65 14.96 35.69
N THR A 722 -35.82 15.71 34.61
CA THR A 722 -35.88 15.09 33.29
C THR A 722 -34.49 14.61 32.88
N SER A 723 -34.45 13.74 31.85
CA SER A 723 -33.20 13.13 31.43
C SER A 723 -32.24 14.16 30.82
N GLU A 724 -32.78 15.20 30.18
CA GLU A 724 -31.94 16.26 29.64
C GLU A 724 -31.24 17.02 30.76
N ALA A 725 -31.95 17.33 31.83
CA ALA A 725 -31.34 18.02 32.96
C ALA A 725 -30.41 17.08 33.74
N LEU A 726 -30.64 15.77 33.67
CA LEU A 726 -29.78 14.82 34.35
C LEU A 726 -28.53 14.49 33.55
N ASN A 727 -28.52 14.77 32.25
CA ASN A 727 -27.35 14.57 31.41
C ASN A 727 -26.63 15.88 31.08
N ASN A 728 -27.37 16.95 30.84
CA ASN A 728 -26.79 18.19 30.36
C ASN A 728 -27.02 19.31 31.37
N ILE A 729 -26.39 20.46 31.11
CA ILE A 729 -26.46 21.62 31.97
C ILE A 729 -27.24 22.76 31.32
N LEU A 730 -27.09 22.93 30.00
CA LEU A 730 -27.88 23.91 29.28
C LEU A 730 -29.36 23.57 29.25
N THR A 731 -29.71 22.31 29.53
CA THR A 731 -31.09 21.90 29.74
C THR A 731 -31.41 21.67 31.21
N ASP A 732 -30.56 22.14 32.12
CA ASP A 732 -30.78 22.03 33.56
C ASP A 732 -31.34 23.34 34.08
N ASP A 733 -32.50 23.28 34.72
CA ASP A 733 -33.18 24.50 35.16
C ASP A 733 -32.60 25.06 36.46
N THR A 734 -31.79 24.29 37.18
CA THR A 734 -31.13 24.82 38.36
C THR A 734 -30.06 25.84 37.99
N PHE A 735 -29.29 25.54 36.95
CA PHE A 735 -28.30 26.49 36.45
C PHE A 735 -29.00 27.64 35.75
N ILE A 736 -28.55 28.86 36.02
CA ILE A 736 -29.23 30.06 35.55
C ILE A 736 -28.33 30.83 34.59
N ALA A 737 -28.97 31.71 33.83
CA ALA A 737 -28.28 32.53 32.84
C ALA A 737 -27.35 33.53 33.53
N PRO A 738 -26.25 33.95 32.86
CA PRO A 738 -25.38 34.96 33.47
C PRO A 738 -26.04 36.32 33.63
N ILE A 739 -27.00 36.65 32.76
CA ILE A 739 -27.70 37.93 32.82
C ILE A 739 -29.19 37.62 32.86
N LEU A 740 -29.87 38.17 33.88
CA LEU A 740 -31.31 37.98 34.04
C LEU A 740 -32.02 39.28 33.75
N TRP A 741 -33.04 39.22 32.89
CA TRP A 741 -33.93 40.34 32.66
C TRP A 741 -35.29 40.17 33.30
N ASP A 742 -35.77 38.93 33.43
CA ASP A 742 -37.05 38.63 34.03
C ASP A 742 -36.87 37.60 35.13
N CYS A 743 -37.79 37.58 36.09
CA CYS A 743 -37.69 36.73 37.26
C CYS A 743 -38.25 35.33 37.03
N ASP A 744 -38.58 34.96 35.79
CA ASP A 744 -39.15 33.64 35.52
C ASP A 744 -38.11 32.54 35.64
N ALA A 745 -36.83 32.86 35.40
CA ALA A 745 -35.77 31.86 35.53
C ALA A 745 -35.62 31.38 36.98
N LEU A 746 -35.74 32.30 37.94
CA LEU A 746 -35.66 31.92 39.34
C LEU A 746 -36.89 31.10 39.76
N ILE A 747 -38.06 31.41 39.18
CA ILE A 747 -39.27 30.64 39.46
C ILE A 747 -39.13 29.21 38.96
N TYR A 748 -38.64 29.05 37.72
CA TYR A 748 -38.42 27.71 37.18
C TYR A 748 -37.30 26.99 37.92
N ARG A 749 -36.31 27.72 38.45
CA ARG A 749 -35.23 27.10 39.18
C ARG A 749 -35.69 26.57 40.53
N ASP A 750 -36.42 27.38 41.31
CA ASP A 750 -36.82 26.88 42.62
C ASP A 750 -38.09 26.04 42.57
N GLU A 751 -38.75 25.96 41.40
CA GLU A 751 -39.80 24.97 41.20
C GLU A 751 -39.25 23.63 40.73
N ALA A 752 -38.25 23.65 39.84
CA ALA A 752 -37.78 22.42 39.20
C ALA A 752 -36.94 21.56 40.16
N ALA A 753 -36.08 22.17 40.96
CA ALA A 753 -35.15 21.39 41.76
C ALA A 753 -35.83 20.78 42.98
N ARG A 754 -36.24 21.62 43.94
CA ARG A 754 -37.13 21.34 45.07
C ARG A 754 -36.69 20.23 46.02
N ASP A 755 -35.56 19.60 45.77
CA ASP A 755 -35.01 18.54 46.62
C ASP A 755 -33.56 18.80 46.99
N ARG A 756 -32.77 19.32 46.07
CA ARG A 756 -31.42 19.78 46.36
C ARG A 756 -31.53 21.14 47.02
N LEU A 757 -30.99 21.26 48.24
CA LEU A 757 -31.18 22.38 49.16
C LEU A 757 -30.78 23.72 48.55
N PRO A 758 -31.74 24.57 48.22
CA PRO A 758 -31.42 25.83 47.54
C PRO A 758 -31.24 26.99 48.51
N ALA A 759 -30.57 28.03 48.01
CA ALA A 759 -30.37 29.27 48.77
C ALA A 759 -30.07 30.39 47.78
N ILE A 760 -30.88 31.44 47.83
CA ILE A 760 -30.71 32.61 46.98
C ILE A 760 -30.39 33.80 47.88
N ARG A 761 -29.33 34.52 47.55
CA ARG A 761 -28.88 35.67 48.34
C ARG A 761 -28.85 36.89 47.43
N VAL A 762 -29.94 37.66 47.43
CA VAL A 762 -30.08 38.81 46.54
C VAL A 762 -29.70 40.05 47.33
N SER A 763 -28.40 40.37 47.32
CA SER A 763 -27.83 41.62 47.83
C SER A 763 -28.20 41.87 49.30
N GLY A 764 -27.74 40.96 50.17
CA GLY A 764 -28.10 41.06 51.56
C GLY A 764 -29.00 39.93 52.03
N ARG A 765 -30.28 40.23 52.19
CA ARG A 765 -31.24 39.26 52.71
C ARG A 765 -31.46 38.12 51.71
N ASN A 766 -31.99 37.03 52.23
CA ASN A 766 -32.17 35.80 51.46
C ASN A 766 -33.54 35.79 50.79
N GLY A 767 -33.58 35.38 49.53
CA GLY A 767 -34.81 35.30 48.78
C GLY A 767 -35.13 36.58 48.03
N TYR A 768 -36.04 36.47 47.08
CA TYR A 768 -36.50 37.59 46.28
C TYR A 768 -37.95 37.92 46.62
N GLN A 769 -38.44 39.01 46.05
CA GLN A 769 -39.82 39.43 46.27
C GLN A 769 -40.60 39.59 44.97
N ALA A 770 -39.95 40.09 43.91
CA ALA A 770 -40.49 40.20 42.56
C ALA A 770 -41.77 41.05 42.51
N LEU A 771 -41.58 42.33 42.82
CA LEU A 771 -42.66 43.32 42.71
C LEU A 771 -42.50 44.01 41.37
N HIS A 772 -43.54 43.95 40.54
CA HIS A 772 -43.46 44.44 39.18
C HIS A 772 -44.20 45.77 39.03
N PHE A 773 -44.04 46.36 37.84
CA PHE A 773 -44.71 47.60 37.41
C PHE A 773 -44.36 48.77 38.35
N VAL A 774 -43.10 49.17 38.28
CA VAL A 774 -42.63 50.36 38.98
C VAL A 774 -42.63 51.51 37.98
N ASP A 775 -43.44 52.52 38.26
CA ASP A 775 -43.61 53.68 37.39
C ASP A 775 -42.87 54.88 37.96
N MET A 776 -43.09 56.06 37.37
CA MET A 776 -42.37 57.26 37.76
C MET A 776 -42.81 57.81 39.12
N ALA A 777 -43.95 57.37 39.65
CA ALA A 777 -44.39 57.86 40.95
C ALA A 777 -43.52 57.31 42.07
N GLY A 778 -43.26 56.01 42.04
CA GLY A 778 -42.53 55.34 43.10
C GLY A 778 -41.25 54.65 42.68
N HIS A 779 -40.40 55.34 41.90
CA HIS A 779 -39.25 54.67 41.29
C HIS A 779 -38.22 54.24 42.34
N ASN A 780 -37.70 55.18 43.14
CA ASN A 780 -36.79 54.93 44.27
C ASN A 780 -35.53 54.20 43.80
N PHE A 781 -34.70 54.93 43.05
CA PHE A 781 -33.46 54.40 42.46
C PHE A 781 -32.52 53.82 43.51
N GLN A 782 -32.45 54.42 44.69
CA GLN A 782 -31.59 53.92 45.76
C GLN A 782 -32.39 53.02 46.70
N ARG A 783 -32.74 51.84 46.19
CA ARG A 783 -33.44 50.84 46.98
C ARG A 783 -32.43 49.83 47.52
N ARG A 784 -32.49 49.57 48.82
CA ARG A 784 -31.57 48.64 49.46
C ARG A 784 -32.20 47.29 49.76
N ASP A 785 -33.44 47.08 49.35
CA ASP A 785 -34.14 45.83 49.64
C ASP A 785 -33.77 44.76 48.61
N ASN A 786 -34.42 43.60 48.73
CA ASN A 786 -34.23 42.49 47.79
C ASN A 786 -35.42 42.37 46.84
N VAL A 787 -35.97 43.51 46.44
CA VAL A 787 -37.12 43.54 45.55
C VAL A 787 -36.62 43.63 44.11
N LEU A 788 -37.06 42.68 43.28
CA LEU A 788 -36.70 42.62 41.88
C LEU A 788 -37.85 43.10 41.01
N ILE A 789 -37.52 43.66 39.85
CA ILE A 789 -38.52 44.16 38.91
C ILE A 789 -38.83 43.04 37.93
N HIS A 790 -39.97 42.38 38.11
CA HIS A 790 -40.34 41.27 37.24
C HIS A 790 -40.76 41.76 35.86
N GLY A 791 -41.41 42.92 35.80
CA GLY A 791 -41.83 43.47 34.52
C GLY A 791 -43.33 43.40 34.32
N ARG A 792 -43.85 44.22 33.40
CA ARG A 792 -45.28 44.26 33.15
C ARG A 792 -45.70 43.01 32.39
N PRO A 793 -46.70 42.27 32.87
CA PRO A 793 -47.19 41.10 32.13
C PRO A 793 -47.85 41.51 30.83
N VAL A 794 -47.78 40.61 29.85
CA VAL A 794 -48.28 40.87 28.51
C VAL A 794 -49.80 40.75 28.49
N ARG A 795 -50.31 39.56 28.80
CA ARG A 795 -51.74 39.29 28.79
C ARG A 795 -52.25 39.11 30.22
N GLY A 796 -52.58 40.23 30.86
CA GLY A 796 -53.13 40.15 32.20
C GLY A 796 -53.13 41.50 32.88
N ASP A 797 -53.63 41.49 34.11
CA ASP A 797 -53.67 42.66 34.97
C ASP A 797 -52.61 42.52 36.06
N THR A 798 -51.85 43.58 36.30
CA THR A 798 -50.79 43.57 37.30
C THR A 798 -51.33 43.39 38.72
N GLY A 799 -52.08 44.39 39.19
CA GLY A 799 -52.63 44.39 40.54
C GLY A 799 -51.54 44.41 41.60
N GLN A 800 -51.93 44.00 42.80
CA GLN A 800 -50.99 43.77 43.88
C GLN A 800 -51.15 42.39 44.52
N ALA A 801 -52.38 41.90 44.64
CA ALA A 801 -52.62 40.57 45.19
C ALA A 801 -52.39 39.47 44.18
N ILE A 802 -52.26 39.81 42.90
CA ILE A 802 -52.03 38.78 41.88
C ILE A 802 -50.58 38.33 41.96
N PRO A 803 -50.31 37.02 42.04
CA PRO A 803 -48.93 36.56 42.15
C PRO A 803 -48.18 36.65 40.82
N ILE A 804 -46.87 36.50 40.92
CA ILE A 804 -46.02 36.60 39.74
C ILE A 804 -46.16 35.34 38.88
N THR A 805 -46.37 35.54 37.58
CA THR A 805 -46.41 34.46 36.62
C THR A 805 -45.21 34.56 35.69
N PRO A 806 -44.65 33.44 35.27
CA PRO A 806 -43.56 33.49 34.28
C PRO A 806 -44.03 34.06 32.95
N HIS A 807 -43.16 34.85 32.32
CA HIS A 807 -43.51 35.48 31.06
C HIS A 807 -43.51 34.47 29.90
N HIS A 808 -42.51 33.61 29.86
CA HIS A 808 -42.26 32.78 28.69
C HIS A 808 -42.24 31.30 29.07
N ASP A 809 -42.07 30.46 28.05
CA ASP A 809 -42.04 29.03 28.19
C ASP A 809 -40.72 28.59 28.83
N ARG A 810 -40.67 27.34 29.30
CA ARG A 810 -39.45 26.77 29.85
C ARG A 810 -38.36 26.63 28.78
N GLU A 811 -38.76 26.52 27.50
CA GLU A 811 -37.79 26.41 26.42
C GLU A 811 -37.00 27.71 26.22
N TRP A 812 -37.57 28.85 26.63
CA TRP A 812 -36.85 30.11 26.56
C TRP A 812 -35.63 30.11 27.47
N GLY A 813 -35.75 29.51 28.66
CA GLY A 813 -34.60 29.40 29.55
C GLY A 813 -33.50 28.53 28.96
N ILE A 814 -33.90 27.44 28.31
CA ILE A 814 -32.95 26.53 27.67
C ILE A 814 -32.22 27.24 26.53
N LEU A 815 -32.97 27.97 25.70
CA LEU A 815 -32.35 28.66 24.57
C LEU A 815 -31.48 29.81 25.02
N SER A 816 -31.86 30.50 26.11
CA SER A 816 -31.03 31.57 26.65
C SER A 816 -29.73 31.02 27.21
N LYS A 817 -29.79 29.88 27.91
CA LYS A 817 -28.58 29.25 28.42
C LYS A 817 -27.67 28.79 27.30
N ILE A 818 -28.25 28.19 26.25
CA ILE A 818 -27.48 27.72 25.10
C ILE A 818 -26.80 28.89 24.39
N TYR A 819 -27.56 29.98 24.16
CA TYR A 819 -27.01 31.15 23.49
C TYR A 819 -25.89 31.79 24.32
N TYR A 820 -26.16 32.07 25.59
CA TYR A 820 -25.22 32.81 26.43
C TYR A 820 -23.98 31.99 26.77
N TYR A 821 -24.07 30.66 26.73
CA TYR A 821 -22.90 29.87 27.08
C TYR A 821 -22.22 29.23 25.87
N ILE A 822 -22.78 29.35 24.67
CA ILE A 822 -22.11 28.80 23.50
C ILE A 822 -21.83 29.90 22.48
N VAL A 823 -22.87 30.61 22.03
CA VAL A 823 -22.72 31.46 20.86
C VAL A 823 -21.99 32.76 21.23
N ILE A 824 -22.27 33.31 22.40
CA ILE A 824 -21.55 34.51 22.86
C ILE A 824 -20.06 34.27 23.10
N PRO A 825 -19.62 33.21 23.81
CA PRO A 825 -18.16 33.01 23.91
C PRO A 825 -17.49 32.45 22.67
N ALA A 826 -18.24 31.92 21.71
CA ALA A 826 -17.61 31.45 20.47
C ALA A 826 -17.26 32.62 19.56
N PHE A 827 -18.05 33.68 19.57
CA PHE A 827 -17.82 34.83 18.70
C PHE A 827 -16.92 35.87 19.35
N SER A 828 -17.18 36.20 20.62
CA SER A 828 -16.40 37.22 21.30
C SER A 828 -15.02 36.69 21.71
N ARG A 829 -14.96 35.41 22.08
CA ARG A 829 -13.74 34.70 22.49
C ARG A 829 -13.07 35.38 23.69
N GLY A 830 -13.85 35.52 24.77
CA GLY A 830 -13.32 36.01 26.02
C GLY A 830 -13.05 37.50 26.08
N SER A 831 -13.56 38.28 25.13
CA SER A 831 -13.39 39.71 25.15
C SER A 831 -14.59 40.47 25.69
N CYS A 832 -15.76 39.85 25.70
CA CYS A 832 -16.95 40.49 26.24
C CYS A 832 -17.01 40.33 27.75
N CYS A 833 -17.55 41.36 28.41
CA CYS A 833 -17.61 41.41 29.87
C CYS A 833 -19.02 41.75 30.31
N THR A 834 -19.55 40.95 31.24
CA THR A 834 -20.86 41.19 31.82
C THR A 834 -20.74 42.24 32.92
N MET A 835 -21.68 43.18 32.93
CA MET A 835 -21.60 44.31 33.85
C MET A 835 -22.98 44.88 34.13
N GLY A 836 -23.04 45.69 35.18
CA GLY A 836 -24.27 46.38 35.53
C GLY A 836 -24.37 47.73 34.85
N VAL A 837 -25.41 48.46 35.24
CA VAL A 837 -25.73 49.76 34.65
C VAL A 837 -26.05 50.73 35.78
N ARG A 838 -26.08 52.02 35.43
CA ARG A 838 -26.33 53.12 36.36
C ARG A 838 -27.59 53.84 35.90
N TYR A 839 -28.75 53.44 36.42
CA TYR A 839 -30.00 54.00 35.95
C TYR A 839 -30.20 55.44 36.43
N ASP A 840 -29.63 55.78 37.59
CA ASP A 840 -29.73 57.16 38.07
C ASP A 840 -28.88 58.12 37.25
N ARG A 841 -27.90 57.61 36.52
CA ARG A 841 -27.14 58.39 35.56
C ARG A 841 -27.61 58.18 34.13
N LEU A 842 -28.66 57.38 33.91
CA LEU A 842 -29.13 57.05 32.57
C LEU A 842 -30.50 57.63 32.28
N TYR A 843 -31.47 57.43 33.18
CA TYR A 843 -32.82 57.92 32.96
C TYR A 843 -32.95 59.44 32.86
N PRO A 844 -32.29 60.28 33.68
CA PRO A 844 -32.33 61.73 33.40
C PRO A 844 -31.64 62.14 32.10
N ALA A 845 -30.78 61.29 31.53
CA ALA A 845 -30.15 61.58 30.26
C ALA A 845 -31.03 61.20 29.06
N LEU A 846 -32.22 60.65 29.31
CA LEU A 846 -33.11 60.19 28.26
C LEU A 846 -34.37 61.04 28.13
N GLN A 847 -34.53 62.08 28.95
CA GLN A 847 -35.71 62.92 28.92
C GLN A 847 -35.52 64.18 28.10
N ALA A 848 -34.37 64.33 27.44
CA ALA A 848 -34.04 65.52 26.67
C ALA A 848 -34.18 65.18 25.19
N VAL A 849 -35.39 65.34 24.67
CA VAL A 849 -35.66 65.20 23.24
C VAL A 849 -36.08 66.57 22.70
N ILE A 850 -35.64 66.88 21.49
CA ILE A 850 -35.82 68.21 20.90
C ILE A 850 -36.67 68.04 19.65
N VAL A 851 -37.66 67.15 19.74
CA VAL A 851 -38.62 66.95 18.64
C VAL A 851 -39.35 68.25 18.35
N PRO A 852 -39.35 68.74 17.11
CA PRO A 852 -39.84 70.09 16.84
C PRO A 852 -41.35 70.20 16.83
N GLU A 853 -41.87 71.38 16.48
CA GLU A 853 -43.29 71.63 16.35
C GLU A 853 -43.59 71.76 14.85
N ILE A 854 -44.07 70.67 14.26
CA ILE A 854 -44.50 70.71 12.86
C ILE A 854 -45.95 71.21 12.81
N PRO A 855 -46.24 72.27 12.07
CA PRO A 855 -47.62 72.75 11.96
C PRO A 855 -48.50 71.77 11.20
N ALA A 856 -49.80 71.85 11.46
CA ALA A 856 -50.77 70.96 10.85
C ALA A 856 -50.92 71.26 9.35
N ASP A 857 -51.55 70.30 8.65
CA ASP A 857 -51.70 70.30 7.20
C ASP A 857 -50.36 70.40 6.48
N GLU A 858 -49.34 69.74 7.02
CA GLU A 858 -48.01 69.70 6.44
C GLU A 858 -47.47 68.28 6.52
N GLU A 859 -46.53 67.97 5.64
CA GLU A 859 -45.92 66.65 5.61
C GLU A 859 -44.71 66.60 6.54
N ALA A 860 -44.54 65.48 7.22
CA ALA A 860 -43.42 65.32 8.13
C ALA A 860 -42.13 65.13 7.34
N PRO A 861 -41.07 65.87 7.63
CA PRO A 861 -39.83 65.72 6.87
C PRO A 861 -39.08 64.45 7.23
N THR A 862 -38.47 63.84 6.22
CA THR A 862 -37.72 62.59 6.39
C THR A 862 -36.22 62.80 6.33
N THR A 863 -35.72 63.47 5.30
CA THR A 863 -34.30 63.75 5.18
C THR A 863 -33.86 64.78 6.24
N PRO A 864 -32.66 64.65 6.78
CA PRO A 864 -32.20 65.59 7.81
C PRO A 864 -31.60 66.89 7.29
N GLU A 865 -31.74 67.21 6.00
CA GLU A 865 -31.21 68.46 5.47
C GLU A 865 -32.07 69.67 5.83
N ASP A 866 -33.38 69.51 5.92
CA ASP A 866 -34.28 70.60 6.27
C ASP A 866 -34.15 70.97 7.74
N PRO A 867 -34.44 72.24 8.10
CA PRO A 867 -34.36 72.63 9.52
C PRO A 867 -35.40 71.98 10.42
N ARG A 868 -36.47 71.41 9.87
CA ARG A 868 -37.54 70.82 10.66
C ARG A 868 -37.22 69.42 11.15
N HIS A 869 -36.10 68.83 10.76
CA HIS A 869 -35.72 67.51 11.24
C HIS A 869 -35.14 67.60 12.64
N PRO A 870 -35.42 66.62 13.51
CA PRO A 870 -34.81 66.65 14.85
C PRO A 870 -33.30 66.44 14.86
N LEU A 871 -32.73 65.87 13.80
CA LEU A 871 -31.29 65.67 13.71
C LEU A 871 -30.59 66.78 12.93
N HIS A 872 -31.31 67.81 12.51
CA HIS A 872 -30.68 68.95 11.85
C HIS A 872 -29.87 69.76 12.87
N ALA A 873 -28.81 70.39 12.38
CA ALA A 873 -27.84 71.05 13.27
C ALA A 873 -28.42 72.31 13.90
N HIS A 874 -29.48 72.88 13.33
CA HIS A 874 -30.10 74.07 13.90
C HIS A 874 -30.74 73.76 15.25
N GLN A 875 -31.43 72.62 15.35
CA GLN A 875 -32.08 72.22 16.59
C GLN A 875 -31.39 71.01 17.21
N LEU A 876 -30.06 70.99 17.17
CA LEU A 876 -29.26 69.92 17.75
C LEU A 876 -28.47 70.57 18.89
N VAL A 877 -29.11 70.66 20.05
CA VAL A 877 -28.53 71.32 21.22
C VAL A 877 -27.63 70.31 21.92
N PRO A 878 -26.54 70.73 22.55
CA PRO A 878 -25.73 69.78 23.33
C PRO A 878 -26.47 69.24 24.54
N ASN A 879 -26.01 68.07 25.00
CA ASN A 879 -26.49 67.37 26.19
C ASN A 879 -27.97 67.00 26.07
N SER A 880 -28.28 66.35 24.95
CA SER A 880 -29.63 65.83 24.70
C SER A 880 -29.47 64.48 24.01
N LEU A 881 -30.61 63.83 23.72
CA LEU A 881 -30.58 62.57 22.99
C LEU A 881 -30.25 62.74 21.52
N ASN A 882 -30.50 63.93 20.97
CA ASN A 882 -30.18 64.20 19.57
C ASN A 882 -28.67 64.17 19.34
N VAL A 883 -27.89 64.64 20.33
CA VAL A 883 -26.43 64.55 20.26
C VAL A 883 -26.00 63.09 20.27
N TYR A 884 -26.64 62.27 21.12
CA TYR A 884 -26.32 60.84 21.21
C TYR A 884 -26.62 60.12 19.90
N PHE A 885 -27.73 60.49 19.24
CA PHE A 885 -28.06 59.85 17.97
C PHE A 885 -27.20 60.37 16.82
N HIS A 886 -26.81 61.64 16.86
CA HIS A 886 -25.97 62.20 15.80
C HIS A 886 -24.53 61.73 15.90
N ASN A 887 -24.05 61.40 17.11
CA ASN A 887 -22.70 60.87 17.25
C ASN A 887 -22.58 59.49 16.62
N ALA A 888 -23.67 58.72 16.61
CA ALA A 888 -23.71 57.42 15.99
C ALA A 888 -24.02 57.47 14.50
N HIS A 889 -24.29 58.66 13.97
CA HIS A 889 -24.65 58.90 12.57
C HIS A 889 -25.88 58.08 12.16
N LEU A 890 -26.95 58.28 12.89
CA LEU A 890 -28.23 57.62 12.64
C LEU A 890 -29.32 58.67 12.45
N THR A 891 -30.29 58.35 11.61
CA THR A 891 -31.41 59.24 11.31
C THR A 891 -32.68 58.63 11.86
N VAL A 892 -33.38 59.38 12.73
CA VAL A 892 -34.67 58.97 13.27
C VAL A 892 -35.63 60.14 13.16
N ASP A 893 -36.92 59.83 13.13
CA ASP A 893 -37.95 60.84 12.93
C ASP A 893 -38.43 61.37 14.28
N GLY A 894 -39.53 62.11 14.24
CA GLY A 894 -40.04 62.75 15.46
C GLY A 894 -40.71 61.77 16.41
N ASP A 895 -41.65 60.97 15.88
CA ASP A 895 -42.41 60.05 16.72
C ASP A 895 -41.55 58.88 17.20
N ALA A 896 -40.50 58.54 16.45
CA ALA A 896 -39.55 57.53 16.90
C ALA A 896 -38.82 57.97 18.16
N LEU A 897 -38.52 59.26 18.26
CA LEU A 897 -37.96 59.80 19.50
C LEU A 897 -39.04 60.09 20.53
N LEU A 898 -40.29 60.26 20.09
CA LEU A 898 -41.37 60.55 21.03
C LEU A 898 -41.92 59.31 21.70
N THR A 899 -41.61 58.12 21.19
CA THR A 899 -42.03 56.88 21.85
C THR A 899 -41.27 56.63 23.16
N LEU A 900 -40.16 57.35 23.39
CA LEU A 900 -39.41 57.21 24.63
C LEU A 900 -40.22 57.65 25.85
N GLN A 901 -41.09 58.65 25.67
CA GLN A 901 -41.92 59.13 26.78
C GLN A 901 -42.91 58.06 27.23
N GLU A 902 -43.48 57.31 26.28
CA GLU A 902 -44.35 56.21 26.63
C GLU A 902 -43.56 55.01 27.16
N LEU A 903 -42.31 54.85 26.70
CA LEU A 903 -41.43 53.83 27.27
C LEU A 903 -41.08 54.12 28.72
N MET A 904 -41.10 55.40 29.12
CA MET A 904 -40.75 55.82 30.48
C MET A 904 -41.71 55.30 31.55
N GLY A 905 -42.88 54.76 31.16
CA GLY A 905 -43.82 54.27 32.16
C GLY A 905 -43.33 53.07 32.94
N ASP A 906 -42.58 52.18 32.28
CA ASP A 906 -42.00 51.01 32.94
C ASP A 906 -40.50 51.24 33.12
N MET A 907 -40.04 51.15 34.36
CA MET A 907 -38.67 51.52 34.71
C MET A 907 -38.00 50.37 35.46
N ALA A 908 -36.67 50.35 35.38
CA ALA A 908 -35.84 49.45 36.18
C ALA A 908 -35.01 50.29 37.14
N GLU A 909 -34.92 49.82 38.39
CA GLU A 909 -34.29 50.63 39.42
C GLU A 909 -32.76 50.53 39.39
N ARG A 910 -32.24 49.34 39.64
CA ARG A 910 -30.80 49.15 39.71
C ARG A 910 -30.47 47.70 39.44
N THR A 911 -29.21 47.45 39.13
CA THR A 911 -28.71 46.10 38.98
C THR A 911 -28.31 45.53 40.34
N THR A 912 -28.57 44.24 40.52
CA THR A 912 -28.22 43.55 41.76
C THR A 912 -27.58 42.21 41.44
N ALA A 913 -26.72 41.77 42.36
CA ALA A 913 -26.00 40.52 42.20
C ALA A 913 -26.76 39.39 42.88
N ILE A 914 -27.00 38.32 42.15
CA ILE A 914 -27.72 37.16 42.66
C ILE A 914 -26.75 35.99 42.73
N LEU A 915 -26.61 35.40 43.92
CA LEU A 915 -25.76 34.24 44.14
C LEU A 915 -26.64 33.09 44.60
N VAL A 916 -26.87 32.13 43.72
CA VAL A 916 -27.71 30.99 44.03
C VAL A 916 -26.82 29.80 44.37
N SER A 917 -27.43 28.77 44.96
CA SER A 917 -26.70 27.58 45.34
C SER A 917 -27.63 26.39 45.36
N SER A 918 -27.05 25.20 45.22
CA SER A 918 -27.79 23.95 45.24
C SER A 918 -26.81 22.81 45.50
N ALA A 919 -27.36 21.68 45.89
CA ALA A 919 -26.65 20.40 45.96
C ALA A 919 -26.56 19.80 44.57
N PRO A 920 -25.62 18.87 44.33
CA PRO A 920 -25.60 18.18 43.04
C PRO A 920 -26.83 17.30 42.85
N ASP A 921 -27.10 16.99 41.59
CA ASP A 921 -28.34 16.33 41.20
C ASP A 921 -28.41 14.90 41.72
N ALA A 922 -29.60 14.31 41.61
CA ALA A 922 -29.89 13.01 42.21
C ALA A 922 -29.09 11.88 41.59
N GLY A 923 -28.56 12.07 40.38
CA GLY A 923 -27.68 11.08 39.80
C GLY A 923 -26.35 10.97 40.52
N ALA A 924 -25.81 12.10 40.97
CA ALA A 924 -24.49 12.15 41.60
C ALA A 924 -24.54 12.48 43.08
N ALA A 925 -25.71 12.47 43.70
CA ALA A 925 -25.84 12.82 45.11
C ALA A 925 -25.72 11.56 45.95
N THR A 926 -24.52 11.31 46.47
CA THR A 926 -24.31 10.26 47.45
C THR A 926 -24.38 10.86 48.85
N ALA A 927 -23.99 10.08 49.86
CA ALA A 927 -24.13 10.52 51.24
C ALA A 927 -23.11 11.60 51.63
N THR A 928 -22.06 11.79 50.84
CA THR A 928 -21.01 12.74 51.18
C THR A 928 -20.89 13.91 50.20
N THR A 929 -21.57 13.87 49.06
CA THR A 929 -21.52 14.98 48.13
C THR A 929 -22.63 16.00 48.34
N ARG A 930 -23.51 15.78 49.32
CA ARG A 930 -24.51 16.79 49.63
C ARG A 930 -23.90 17.98 50.34
N ASN A 931 -22.77 17.79 51.02
CA ASN A 931 -22.10 18.91 51.68
C ASN A 931 -21.41 19.81 50.66
N MET A 932 -20.99 19.23 49.53
CA MET A 932 -20.35 20.01 48.48
C MET A 932 -21.42 20.76 47.69
N ARG A 933 -21.46 22.08 47.86
CA ARG A 933 -22.48 22.92 47.22
C ARG A 933 -21.85 23.74 46.11
N ILE A 934 -22.61 23.96 45.05
CA ILE A 934 -22.14 24.72 43.89
C ILE A 934 -22.63 26.14 44.01
N TYR A 935 -21.74 27.11 43.75
CA TYR A 935 -22.01 28.52 43.91
C TYR A 935 -21.75 29.22 42.59
N ASP A 936 -22.81 29.57 41.87
CA ASP A 936 -22.69 30.32 40.62
C ASP A 936 -23.53 31.59 40.72
N GLY A 937 -22.95 32.69 40.24
CA GLY A 937 -23.58 33.99 40.35
C GLY A 937 -24.13 34.49 39.03
N ALA A 938 -24.97 35.52 39.13
CA ALA A 938 -25.58 36.14 37.97
C ALA A 938 -25.89 37.60 38.29
N LEU A 939 -26.08 38.39 37.24
CA LEU A 939 -26.42 39.79 37.37
C LEU A 939 -27.86 40.01 36.90
N TYR A 940 -28.68 40.55 37.79
CA TYR A 940 -30.03 40.96 37.43
C TYR A 940 -29.99 42.35 36.82
N HIS A 941 -30.65 42.51 35.66
CA HIS A 941 -30.68 43.77 34.91
C HIS A 941 -29.28 44.27 34.55
N GLY A 942 -28.41 43.36 34.12
CA GLY A 942 -27.07 43.69 33.75
C GLY A 942 -26.87 43.72 32.23
N LEU A 943 -25.70 44.21 31.81
CA LEU A 943 -25.42 44.43 30.40
C LEU A 943 -24.04 43.89 30.04
N ILE A 944 -23.78 43.85 28.74
CA ILE A 944 -22.50 43.44 28.16
C ILE A 944 -22.18 44.42 27.03
N MET A 945 -20.95 44.95 26.99
CA MET A 945 -20.44 45.44 25.73
C MET A 945 -19.45 44.42 25.18
N MET A 946 -19.64 44.06 23.92
CA MET A 946 -18.88 43.00 23.28
C MET A 946 -17.45 43.42 22.95
N ALA A 947 -17.15 44.71 22.95
CA ALA A 947 -15.80 45.20 22.78
C ALA A 947 -15.67 46.54 23.49
N TYR A 948 -14.53 46.77 24.11
CA TYR A 948 -14.29 47.96 24.90
C TYR A 948 -13.55 48.98 24.06
N GLN A 949 -14.06 50.21 24.03
CA GLN A 949 -13.35 51.36 23.47
C GLN A 949 -12.90 52.23 24.64
N ALA A 950 -11.59 52.46 24.73
CA ALA A 950 -11.02 53.24 25.82
C ALA A 950 -10.50 54.59 25.39
N TYR A 951 -10.43 54.86 24.08
CA TYR A 951 -9.95 56.12 23.56
C TYR A 951 -11.06 56.96 22.96
N ASP A 952 -12.31 56.65 23.30
CA ASP A 952 -13.46 57.44 22.86
C ASP A 952 -13.74 58.50 23.92
N GLU A 953 -13.29 59.72 23.65
CA GLU A 953 -13.41 60.81 24.62
C GLU A 953 -14.71 61.60 24.46
N THR A 954 -15.60 61.18 23.56
CA THR A 954 -16.89 61.83 23.42
C THR A 954 -17.77 61.58 24.63
N ILE A 955 -17.64 60.41 25.26
CA ILE A 955 -18.33 60.08 26.49
C ILE A 955 -17.27 59.82 27.55
N ALA A 956 -17.47 60.40 28.74
CA ALA A 956 -16.56 60.15 29.85
C ALA A 956 -16.66 58.68 30.29
N THR A 957 -15.53 58.13 30.72
CA THR A 957 -15.50 56.71 31.06
C THR A 957 -16.20 56.47 32.41
N GLY A 958 -16.94 55.37 32.48
CA GLY A 958 -17.68 55.03 33.68
C GLY A 958 -18.88 55.91 33.94
N THR A 959 -19.41 56.57 32.92
CA THR A 959 -20.58 57.41 33.12
C THR A 959 -21.85 56.58 33.28
N PHE A 960 -21.99 55.53 32.48
CA PHE A 960 -23.19 54.69 32.50
C PHE A 960 -22.92 53.28 32.98
N PHE A 961 -21.73 52.74 32.73
CA PHE A 961 -21.46 51.32 32.91
C PHE A 961 -20.25 51.14 33.82
N TYR A 962 -20.32 50.11 34.67
CA TYR A 962 -19.19 49.73 35.51
C TYR A 962 -19.05 48.22 35.54
N PRO A 963 -17.84 47.69 35.38
CA PRO A 963 -17.67 46.24 35.17
C PRO A 963 -17.87 45.44 36.45
N VAL A 964 -18.83 44.52 36.40
CA VAL A 964 -19.04 43.53 37.46
C VAL A 964 -18.99 42.16 36.79
N PRO A 965 -17.80 41.62 36.51
CA PRO A 965 -17.70 40.39 35.71
C PRO A 965 -17.94 39.15 36.57
N VAL A 966 -18.97 38.38 36.22
CA VAL A 966 -19.16 37.08 36.85
C VAL A 966 -19.32 36.01 35.76
N ASN A 967 -18.17 35.47 35.32
CA ASN A 967 -17.90 34.21 34.64
C ASN A 967 -16.40 34.15 34.37
N PRO A 968 -15.81 32.95 34.27
CA PRO A 968 -14.49 32.87 33.63
C PRO A 968 -14.56 33.17 32.14
N LEU A 969 -15.69 32.87 31.49
CA LEU A 969 -15.87 33.20 30.08
C LEU A 969 -16.00 34.70 29.88
N PHE A 970 -16.72 35.37 30.77
CA PHE A 970 -17.03 36.79 30.64
C PHE A 970 -16.12 37.67 31.47
N ALA A 971 -14.98 37.13 31.91
CA ALA A 971 -13.97 37.96 32.56
C ALA A 971 -13.38 38.93 31.56
N CYS A 972 -12.98 40.10 32.06
CA CYS A 972 -12.60 41.22 31.21
C CYS A 972 -11.33 41.87 31.73
N PRO A 973 -10.19 41.68 31.07
CA PRO A 973 -8.96 42.32 31.54
C PRO A 973 -8.86 43.79 31.17
N GLU A 974 -9.54 44.22 30.10
CA GLU A 974 -9.45 45.61 29.66
C GLU A 974 -10.61 46.47 30.15
N HIS A 975 -11.78 45.87 30.41
CA HIS A 975 -12.97 46.65 30.74
C HIS A 975 -12.91 47.28 32.12
N LEU A 976 -11.93 46.90 32.95
CA LEU A 976 -11.76 47.47 34.27
C LEU A 976 -11.19 48.88 34.25
N ALA A 977 -10.80 49.39 33.08
CA ALA A 977 -10.39 50.79 32.96
C ALA A 977 -11.56 51.74 33.18
N SER A 978 -12.80 51.28 33.01
CA SER A 978 -13.97 52.08 33.28
C SER A 978 -14.35 52.09 34.76
N LEU A 979 -13.68 51.32 35.60
CA LEU A 979 -13.92 51.36 37.02
C LEU A 979 -13.34 52.64 37.61
N ARG A 980 -13.93 53.08 38.73
CA ARG A 980 -13.51 54.31 39.37
C ARG A 980 -12.19 54.10 40.10
N GLY A 981 -11.15 54.80 39.65
CA GLY A 981 -9.85 54.74 40.30
C GLY A 981 -9.11 53.43 40.09
N MET A 982 -8.71 53.16 38.85
CA MET A 982 -7.95 51.96 38.51
C MET A 982 -6.52 52.35 38.18
N THR A 983 -5.56 51.66 38.81
CA THR A 983 -4.14 51.94 38.61
C THR A 983 -3.53 50.88 37.69
N ASN A 984 -2.23 51.02 37.44
CA ASN A 984 -1.53 50.07 36.58
C ASN A 984 -1.28 48.75 37.29
N ALA A 985 -1.12 48.77 38.61
CA ALA A 985 -0.87 47.55 39.37
C ALA A 985 -2.06 46.61 39.34
N ARG A 986 -3.27 47.17 39.51
CA ARG A 986 -4.48 46.34 39.45
C ARG A 986 -4.71 45.81 38.04
N ARG A 987 -4.40 46.61 37.01
CA ARG A 987 -4.53 46.15 35.64
C ARG A 987 -3.56 45.02 35.32
N VAL A 988 -2.32 45.14 35.77
CA VAL A 988 -1.34 44.09 35.50
C VAL A 988 -1.59 42.87 36.39
N LEU A 989 -2.31 43.05 37.50
CA LEU A 989 -2.71 41.89 38.30
C LEU A 989 -3.89 41.17 37.67
N ALA A 990 -4.81 41.90 37.05
CA ALA A 990 -5.97 41.30 36.42
C ALA A 990 -5.69 40.84 34.99
N LYS A 991 -4.53 41.17 34.43
CA LYS A 991 -4.16 40.62 33.13
C LYS A 991 -4.00 39.11 33.19
N MET A 992 -3.41 38.59 34.27
CA MET A 992 -3.09 37.18 34.36
C MET A 992 -4.09 36.37 35.19
N VAL A 993 -4.91 37.01 36.01
CA VAL A 993 -5.92 36.35 36.82
C VAL A 993 -7.28 36.94 36.45
N PRO A 994 -8.29 36.11 36.15
CA PRO A 994 -9.62 36.65 35.87
C PRO A 994 -10.28 37.21 37.12
N PRO A 995 -10.62 38.49 37.13
CA PRO A 995 -11.21 39.08 38.34
C PRO A 995 -12.68 38.72 38.54
N ILE A 996 -12.95 37.82 39.48
CA ILE A 996 -14.30 37.42 39.83
C ILE A 996 -14.46 37.65 41.32
N PRO A 997 -15.40 38.49 41.76
CA PRO A 997 -15.53 38.80 43.19
C PRO A 997 -16.11 37.63 43.96
N PRO A 998 -15.76 37.49 45.24
CA PRO A 998 -16.28 36.36 46.02
C PRO A 998 -17.76 36.46 46.39
N PHE A 999 -18.39 37.61 46.23
CA PHE A 999 -19.84 37.67 46.44
C PHE A 999 -20.63 37.27 45.19
N LEU A 1000 -19.94 36.78 44.16
CA LEU A 1000 -20.58 36.26 42.96
C LEU A 1000 -20.03 34.88 42.59
N GLY A 1001 -19.48 34.16 43.55
CA GLY A 1001 -18.98 32.82 43.31
C GLY A 1001 -17.49 32.81 43.04
N ALA A 1002 -16.86 31.67 43.34
CA ALA A 1002 -15.45 31.44 43.08
C ALA A 1002 -15.28 30.38 42.01
N ASN A 1003 -14.06 30.26 41.50
CA ASN A 1003 -13.79 29.33 40.39
C ASN A 1003 -13.92 27.88 40.83
N HIS A 1004 -13.39 27.56 42.00
CA HIS A 1004 -13.35 26.16 42.44
C HIS A 1004 -14.68 25.69 43.03
N HIS A 1005 -15.69 26.55 43.11
CA HIS A 1005 -17.01 26.15 43.56
C HIS A 1005 -18.10 26.37 42.52
N ALA A 1006 -17.81 27.03 41.41
CA ALA A 1006 -18.82 27.29 40.39
C ALA A 1006 -19.01 26.07 39.50
N THR A 1007 -19.91 26.22 38.52
CA THR A 1007 -20.18 25.18 37.54
C THR A 1007 -19.35 25.38 36.27
N ILE A 1008 -19.31 26.60 35.76
CA ILE A 1008 -18.44 26.96 34.65
C ILE A 1008 -17.11 27.43 35.25
N ARG A 1009 -16.02 26.78 34.86
CA ARG A 1009 -14.73 26.98 35.49
C ARG A 1009 -13.71 27.52 34.49
N GLN A 1010 -12.46 27.56 34.92
CA GLN A 1010 -11.37 28.09 34.09
C GLN A 1010 -11.07 27.31 32.81
N PRO A 1011 -10.98 25.95 32.78
CA PRO A 1011 -10.57 25.29 31.52
C PRO A 1011 -11.48 25.51 30.32
N VAL A 1012 -12.80 25.63 30.52
CA VAL A 1012 -13.67 25.89 29.38
C VAL A 1012 -13.46 27.32 28.86
N ALA A 1013 -13.16 28.27 29.76
CA ALA A 1013 -12.83 29.62 29.32
C ALA A 1013 -11.50 29.66 28.58
N TYR A 1014 -10.53 28.87 29.03
CA TYR A 1014 -9.27 28.75 28.31
C TYR A 1014 -9.48 28.12 26.93
N HIS A 1015 -10.45 27.19 26.85
CA HIS A 1015 -10.79 26.59 25.57
C HIS A 1015 -11.45 27.60 24.62
N VAL A 1016 -12.28 28.50 25.14
CA VAL A 1016 -12.88 29.47 24.23
C VAL A 1016 -11.90 30.58 23.88
N THR A 1017 -10.87 30.80 24.70
CA THR A 1017 -9.97 31.91 24.40
C THR A 1017 -8.70 31.48 23.69
N HIS A 1018 -8.36 30.19 23.64
CA HIS A 1018 -7.13 29.75 23.00
C HIS A 1018 -7.35 28.65 21.97
N SER A 1019 -8.53 28.57 21.36
CA SER A 1019 -8.78 27.67 20.26
C SER A 1019 -8.94 28.45 18.98
N LYS A 1020 -8.25 28.01 17.92
CA LYS A 1020 -8.38 28.61 16.59
C LYS A 1020 -8.67 27.46 15.61
N SER A 1021 -9.95 27.08 15.52
CA SER A 1021 -10.38 26.08 14.55
C SER A 1021 -11.37 26.63 13.54
N ASP A 1022 -12.51 27.12 13.99
CA ASP A 1022 -13.60 27.60 13.16
C ASP A 1022 -14.62 28.27 14.08
N PHE A 1023 -15.75 28.69 13.51
CA PHE A 1023 -16.87 29.20 14.29
C PHE A 1023 -18.06 28.25 14.32
N ASN A 1024 -18.04 27.18 13.52
CA ASN A 1024 -19.07 26.16 13.57
C ASN A 1024 -18.62 24.95 14.40
N THR A 1025 -17.35 24.56 14.26
CA THR A 1025 -16.84 23.46 15.06
C THR A 1025 -16.63 23.87 16.51
N LEU A 1026 -16.38 25.17 16.75
CA LEU A 1026 -16.20 25.65 18.11
C LEU A 1026 -17.50 25.57 18.92
N THR A 1027 -18.63 25.86 18.29
CA THR A 1027 -19.91 25.82 18.99
C THR A 1027 -20.29 24.38 19.37
N TYR A 1028 -20.09 23.44 18.45
CA TYR A 1028 -20.41 22.05 18.76
C TYR A 1028 -19.38 21.45 19.73
N SER A 1029 -18.12 21.90 19.67
CA SER A 1029 -17.14 21.50 20.66
C SER A 1029 -17.50 22.01 22.05
N LEU A 1030 -18.01 23.24 22.12
CA LEU A 1030 -18.45 23.80 23.40
C LEU A 1030 -19.69 23.08 23.93
N LEU A 1031 -20.56 22.64 23.01
CA LEU A 1031 -21.71 21.83 23.43
C LEU A 1031 -21.25 20.47 23.96
N GLY A 1032 -20.28 19.86 23.29
CA GLY A 1032 -19.74 18.60 23.78
C GLY A 1032 -18.98 18.74 25.08
N GLY A 1033 -18.47 19.94 25.35
CA GLY A 1033 -17.92 20.22 26.67
C GLY A 1033 -18.99 20.21 27.75
N TYR A 1034 -20.17 20.73 27.43
CA TYR A 1034 -21.25 20.89 28.42
C TYR A 1034 -22.09 19.62 28.56
N PHE A 1035 -21.42 18.55 28.97
CA PHE A 1035 -22.07 17.30 29.34
C PHE A 1035 -21.59 16.90 30.72
N LYS A 1036 -22.50 16.33 31.52
CA LYS A 1036 -22.17 16.04 32.91
C LYS A 1036 -21.32 14.78 33.02
N PHE A 1037 -20.47 14.75 34.06
CA PHE A 1037 -19.70 13.58 34.41
C PHE A 1037 -20.35 12.78 35.54
N THR A 1038 -21.64 13.01 35.76
CA THR A 1038 -22.45 12.19 36.66
C THR A 1038 -22.52 10.76 36.12
N PRO A 1039 -22.46 9.75 37.00
CA PRO A 1039 -22.56 8.35 36.53
C PRO A 1039 -23.85 8.02 35.78
N ILE A 1040 -24.97 8.66 36.11
CA ILE A 1040 -26.17 8.50 35.30
C ILE A 1040 -25.98 9.17 33.94
N SER A 1041 -25.38 10.36 33.92
CA SER A 1041 -25.06 11.01 32.66
C SER A 1041 -24.00 10.24 31.90
N LEU A 1042 -23.06 9.62 32.61
CA LEU A 1042 -22.08 8.74 31.96
C LEU A 1042 -22.76 7.53 31.34
N THR A 1043 -23.79 6.99 32.00
CA THR A 1043 -24.59 5.91 31.44
C THR A 1043 -25.27 6.34 30.15
N HIS A 1044 -25.83 7.56 30.15
CA HIS A 1044 -26.47 8.12 28.96
C HIS A 1044 -25.48 8.28 27.82
N GLN A 1045 -24.30 8.83 28.10
CA GLN A 1045 -23.31 9.09 27.06
C GLN A 1045 -22.70 7.80 26.53
N LEU A 1046 -22.48 6.81 27.39
CA LEU A 1046 -21.91 5.55 26.93
C LEU A 1046 -22.94 4.72 26.18
N ARG A 1047 -24.23 4.86 26.51
CA ARG A 1047 -25.24 4.15 25.76
C ARG A 1047 -25.50 4.78 24.39
N THR A 1048 -25.53 6.12 24.32
CA THR A 1048 -25.94 6.77 23.09
C THR A 1048 -24.86 6.70 22.01
N GLY A 1049 -23.62 6.93 22.39
CA GLY A 1049 -22.53 6.92 21.42
C GLY A 1049 -21.57 8.08 21.60
N PHE A 1050 -21.81 8.88 22.63
CA PHE A 1050 -20.92 9.98 22.97
C PHE A 1050 -19.60 9.45 23.51
N HIS A 1051 -18.54 10.24 23.33
CA HIS A 1051 -17.21 9.90 23.84
C HIS A 1051 -16.88 10.87 24.97
N PRO A 1052 -16.97 10.46 26.23
CA PRO A 1052 -16.61 11.35 27.33
C PRO A 1052 -15.10 11.56 27.38
N GLY A 1053 -14.70 12.63 28.07
CA GLY A 1053 -13.31 13.00 28.14
C GLY A 1053 -12.48 12.12 29.06
N ILE A 1054 -12.39 10.83 28.75
CA ILE A 1054 -11.64 9.87 29.55
C ILE A 1054 -11.25 8.72 28.65
N ALA A 1055 -10.22 7.98 29.05
CA ALA A 1055 -9.74 6.83 28.32
C ALA A 1055 -9.47 5.70 29.30
N PHE A 1056 -9.52 4.47 28.82
CA PHE A 1056 -9.37 3.29 29.66
C PHE A 1056 -8.25 2.41 29.17
N THR A 1057 -7.48 1.87 30.11
CA THR A 1057 -6.51 0.82 29.85
C THR A 1057 -6.98 -0.44 30.55
N VAL A 1058 -7.12 -1.52 29.80
CA VAL A 1058 -7.72 -2.75 30.32
C VAL A 1058 -6.64 -3.76 30.63
N VAL A 1059 -6.95 -4.65 31.58
CA VAL A 1059 -6.06 -5.74 31.97
C VAL A 1059 -6.86 -7.04 31.91
N ARG A 1060 -6.28 -8.06 31.29
CA ARG A 1060 -6.93 -9.37 31.20
C ARG A 1060 -5.87 -10.46 31.36
N GLN A 1061 -6.12 -11.38 32.28
CA GLN A 1061 -5.19 -12.46 32.60
C GLN A 1061 -5.64 -13.75 31.94
N ASP A 1062 -4.71 -14.43 31.26
CA ASP A 1062 -5.02 -15.61 30.47
C ASP A 1062 -4.10 -16.77 30.86
N ARG A 1063 -4.66 -17.98 30.82
CA ARG A 1063 -3.97 -19.19 31.18
C ARG A 1063 -3.54 -19.97 29.95
N PHE A 1064 -2.45 -20.73 30.08
CA PHE A 1064 -1.93 -21.56 29.00
C PHE A 1064 -1.38 -22.84 29.60
N ALA A 1065 -1.75 -23.98 29.01
CA ALA A 1065 -1.16 -25.25 29.40
C ALA A 1065 0.15 -25.44 28.65
N THR A 1066 1.24 -25.67 29.39
CA THR A 1066 2.56 -25.81 28.81
C THR A 1066 3.20 -27.12 29.25
N GLU A 1067 4.03 -27.68 28.37
CA GLU A 1067 4.86 -28.84 28.73
C GLU A 1067 6.22 -28.35 29.19
N GLN A 1068 6.63 -28.79 30.37
CA GLN A 1068 7.85 -28.29 31.00
C GLN A 1068 9.01 -29.23 30.70
N LEU A 1069 10.17 -28.91 31.27
CA LEU A 1069 11.39 -29.68 31.03
C LEU A 1069 12.30 -29.48 32.23
N LEU A 1070 12.43 -30.51 33.06
CA LEU A 1070 13.14 -30.40 34.33
C LEU A 1070 14.42 -31.22 34.30
N TYR A 1071 15.51 -30.63 34.78
CA TYR A 1071 16.78 -31.30 34.94
C TYR A 1071 17.12 -31.36 36.42
N ALA A 1072 17.80 -32.44 36.84
CA ALA A 1072 18.19 -32.61 38.23
C ALA A 1072 19.54 -33.30 38.28
N GLU A 1073 20.35 -32.92 39.27
CA GLU A 1073 21.69 -33.48 39.40
C GLU A 1073 21.63 -34.86 40.06
N ARG A 1074 22.81 -35.42 40.33
CA ARG A 1074 22.87 -36.77 40.89
C ARG A 1074 22.50 -36.79 42.36
N ALA A 1075 23.29 -36.12 43.20
CA ALA A 1075 22.99 -36.07 44.63
C ALA A 1075 22.15 -34.83 44.95
N SER A 1076 21.04 -34.70 44.22
CA SER A 1076 20.20 -33.51 44.35
C SER A 1076 19.41 -33.53 45.65
N GLU A 1077 19.10 -34.71 46.19
CA GLU A 1077 18.32 -34.78 47.41
C GLU A 1077 18.67 -36.04 48.20
N SER A 1078 18.62 -35.90 49.52
CA SER A 1078 18.78 -37.02 50.43
C SER A 1078 17.41 -37.45 50.92
N TYR A 1079 17.00 -38.65 50.56
CA TYR A 1079 15.65 -39.13 50.81
C TYR A 1079 15.67 -40.14 51.95
N PHE A 1080 14.80 -39.93 52.93
CA PHE A 1080 14.65 -40.82 54.07
C PHE A 1080 13.30 -41.52 53.99
N VAL A 1081 13.25 -42.77 54.43
CA VAL A 1081 12.04 -43.58 54.40
C VAL A 1081 11.77 -44.10 55.80
N GLY A 1082 10.57 -43.87 56.29
CA GLY A 1082 10.15 -44.35 57.61
C GLY A 1082 9.64 -45.77 57.56
N GLN A 1083 8.82 -46.11 58.55
CA GLN A 1083 8.23 -47.44 58.67
C GLN A 1083 6.72 -47.32 58.51
N ILE A 1084 6.13 -48.24 57.73
CA ILE A 1084 4.71 -48.18 57.42
C ILE A 1084 3.88 -48.52 58.65
N GLN A 1085 2.64 -48.02 58.68
CA GLN A 1085 1.70 -48.31 59.75
C GLN A 1085 0.29 -48.34 59.17
N VAL A 1086 -0.55 -49.20 59.72
CA VAL A 1086 -1.89 -49.46 59.19
C VAL A 1086 -2.92 -48.94 60.19
N HIS A 1087 -3.99 -48.34 59.67
CA HIS A 1087 -5.05 -47.75 60.48
C HIS A 1087 -6.34 -48.50 60.20
N HIS A 1088 -6.70 -49.41 61.10
CA HIS A 1088 -7.97 -50.13 61.01
C HIS A 1088 -9.13 -49.16 61.28
N HIS A 1089 -9.92 -48.88 60.25
CA HIS A 1089 -10.96 -47.86 60.34
C HIS A 1089 -12.23 -48.37 59.70
N ASP A 1090 -13.36 -48.16 60.36
CA ASP A 1090 -14.64 -48.65 59.86
C ASP A 1090 -15.10 -47.83 58.66
N ALA A 1091 -15.91 -48.46 57.80
CA ALA A 1091 -16.29 -47.87 56.53
C ALA A 1091 -17.79 -48.03 56.34
N ILE A 1092 -18.25 -47.76 55.11
CA ILE A 1092 -19.68 -47.78 54.82
C ILE A 1092 -20.22 -49.21 54.85
N GLY A 1093 -19.53 -50.15 54.20
CA GLY A 1093 -19.98 -51.53 54.22
C GLY A 1093 -19.13 -52.40 55.13
N GLY A 1094 -17.81 -52.27 55.03
CA GLY A 1094 -16.91 -53.09 55.80
C GLY A 1094 -15.89 -52.30 56.59
N VAL A 1095 -14.61 -52.60 56.36
CA VAL A 1095 -13.51 -51.96 57.07
C VAL A 1095 -12.55 -51.36 56.06
N ASN A 1096 -12.06 -50.16 56.34
CA ASN A 1096 -11.12 -49.46 55.49
C ASN A 1096 -9.75 -49.46 56.17
N PHE A 1097 -8.76 -50.02 55.48
CA PHE A 1097 -7.39 -50.04 55.97
C PHE A 1097 -6.60 -48.95 55.27
N THR A 1098 -6.13 -47.96 56.02
CA THR A 1098 -5.34 -46.86 55.49
C THR A 1098 -3.89 -47.09 55.86
N LEU A 1099 -3.04 -47.26 54.84
CA LEU A 1099 -1.62 -47.53 55.04
C LEU A 1099 -0.85 -46.23 54.91
N THR A 1100 -0.25 -45.77 56.01
CA THR A 1100 0.43 -44.49 56.07
C THR A 1100 1.92 -44.70 56.32
N GLN A 1101 2.76 -44.06 55.52
CA GLN A 1101 4.20 -44.17 55.65
C GLN A 1101 4.83 -42.78 55.64
N PRO A 1102 5.61 -42.42 56.67
CA PRO A 1102 6.25 -41.11 56.70
C PRO A 1102 7.61 -41.10 56.03
N ARG A 1103 7.96 -39.93 55.49
CA ARG A 1103 9.23 -39.76 54.80
C ARG A 1103 9.62 -38.29 54.78
N ALA A 1104 10.91 -38.04 54.56
CA ALA A 1104 11.47 -36.69 54.61
C ALA A 1104 12.57 -36.53 53.58
N HIS A 1105 12.90 -35.29 53.26
CA HIS A 1105 13.85 -34.97 52.21
C HIS A 1105 14.74 -33.81 52.60
N VAL A 1106 16.03 -33.93 52.27
CA VAL A 1106 17.02 -32.87 52.46
C VAL A 1106 17.73 -32.63 51.14
N ASP A 1107 17.86 -31.35 50.77
CA ASP A 1107 18.61 -30.97 49.57
C ASP A 1107 20.06 -30.73 49.98
N LEU A 1108 20.92 -31.71 49.68
CA LEU A 1108 22.33 -31.65 50.08
C LEU A 1108 23.22 -31.06 48.97
N GLY A 1109 22.81 -29.91 48.46
CA GLY A 1109 23.60 -29.21 47.46
C GLY A 1109 23.90 -27.79 47.90
N VAL A 1110 25.13 -27.35 47.61
CA VAL A 1110 25.55 -26.01 48.01
C VAL A 1110 24.85 -24.96 47.15
N GLY A 1111 24.87 -25.13 45.84
CA GLY A 1111 24.23 -24.19 44.95
C GLY A 1111 22.82 -24.59 44.58
N TYR A 1112 22.46 -24.44 43.32
CA TYR A 1112 21.16 -24.85 42.81
C TYR A 1112 21.34 -26.13 41.98
N THR A 1113 20.57 -27.16 42.33
CA THR A 1113 20.77 -28.49 41.76
C THR A 1113 19.62 -28.95 40.88
N ALA A 1114 18.70 -28.05 40.52
CA ALA A 1114 17.59 -28.43 39.67
C ALA A 1114 17.17 -27.22 38.84
N VAL A 1115 17.15 -27.39 37.51
CA VAL A 1115 16.82 -26.31 36.58
C VAL A 1115 15.65 -26.76 35.72
N CYS A 1116 14.56 -26.03 35.77
CA CYS A 1116 13.38 -26.30 34.95
C CYS A 1116 13.18 -25.17 33.94
N ALA A 1117 12.46 -25.50 32.87
CA ALA A 1117 12.17 -24.51 31.82
C ALA A 1117 10.95 -24.96 31.04
N THR A 1118 10.04 -24.02 30.77
CA THR A 1118 8.90 -24.32 29.91
C THR A 1118 9.37 -24.46 28.47
N ALA A 1119 8.88 -25.50 27.80
CA ALA A 1119 9.37 -25.88 26.48
C ALA A 1119 8.34 -25.71 25.39
N ALA A 1120 7.18 -26.36 25.52
CA ALA A 1120 6.17 -26.36 24.48
C ALA A 1120 4.89 -25.70 24.99
N LEU A 1121 4.01 -25.36 24.07
CA LEU A 1121 2.73 -24.72 24.40
C LEU A 1121 1.60 -25.57 23.88
N ARG A 1122 0.71 -26.00 24.78
CA ARG A 1122 -0.48 -26.73 24.42
C ARG A 1122 -1.63 -25.74 24.20
N CYS A 1123 -2.86 -26.22 24.20
CA CYS A 1123 -4.01 -25.36 23.96
C CYS A 1123 -4.18 -24.35 25.09
N PRO A 1124 -4.58 -23.12 24.79
CA PRO A 1124 -4.92 -22.17 25.85
C PRO A 1124 -6.19 -22.60 26.56
N LEU A 1125 -6.14 -22.60 27.89
CA LEU A 1125 -7.25 -23.11 28.70
C LEU A 1125 -8.36 -22.09 28.90
N THR A 1126 -8.16 -20.83 28.49
CA THR A 1126 -9.12 -19.78 28.77
C THR A 1126 -9.60 -19.13 27.48
N ASP A 1127 -10.64 -18.32 27.62
CA ASP A 1127 -11.20 -17.55 26.50
C ASP A 1127 -10.57 -16.17 26.51
N MET A 1128 -10.12 -15.71 25.34
CA MET A 1128 -9.63 -14.35 25.20
C MET A 1128 -10.75 -13.42 24.76
N GLY A 1129 -11.87 -13.46 25.47
CA GLY A 1129 -13.06 -12.74 25.06
C GLY A 1129 -13.14 -11.36 25.69
N ASN A 1130 -14.27 -10.70 25.43
CA ASN A 1130 -14.58 -9.38 25.97
C ASN A 1130 -15.64 -9.58 27.06
N THR A 1131 -15.18 -9.89 28.26
CA THR A 1131 -16.06 -10.11 29.41
C THR A 1131 -15.79 -8.99 30.41
N ALA A 1132 -16.65 -7.98 30.40
CA ALA A 1132 -16.45 -6.82 31.25
C ALA A 1132 -16.73 -7.16 32.71
N GLN A 1133 -15.84 -6.68 33.59
CA GLN A 1133 -15.97 -6.92 35.01
C GLN A 1133 -17.10 -6.06 35.59
N ASN A 1134 -18.02 -6.70 36.30
CA ASN A 1134 -19.13 -6.01 36.94
C ASN A 1134 -18.70 -5.68 38.37
N LEU A 1135 -18.72 -4.39 38.73
CA LEU A 1135 -18.34 -3.94 40.06
C LEU A 1135 -19.54 -3.80 40.99
N PHE A 1136 -20.68 -4.37 40.63
CA PHE A 1136 -21.85 -4.39 41.49
C PHE A 1136 -21.92 -5.64 42.36
N PHE A 1137 -20.88 -6.47 42.33
CA PHE A 1137 -20.79 -7.66 43.16
C PHE A 1137 -20.32 -7.37 44.59
N SER A 1138 -19.89 -6.14 44.87
CA SER A 1138 -19.28 -5.81 46.14
C SER A 1138 -20.19 -4.90 46.95
N ARG A 1139 -20.26 -5.14 48.26
CA ARG A 1139 -21.00 -4.31 49.19
C ARG A 1139 -20.04 -3.78 50.24
N GLY A 1140 -20.31 -2.56 50.71
CA GLY A 1140 -19.49 -1.98 51.75
C GLY A 1140 -19.18 -0.51 51.58
N GLY A 1141 -19.15 -0.05 50.33
CA GLY A 1141 -18.90 1.36 50.06
C GLY A 1141 -20.09 2.22 50.39
N VAL A 1142 -19.90 3.53 50.27
CA VAL A 1142 -20.98 4.48 50.55
C VAL A 1142 -22.01 4.37 49.43
N PRO A 1143 -23.30 4.36 49.77
CA PRO A 1143 -24.33 4.29 48.73
C PRO A 1143 -24.83 5.67 48.35
N MET A 1144 -25.57 5.71 47.24
CA MET A 1144 -26.26 6.91 46.86
C MET A 1144 -27.49 7.11 47.74
N LEU A 1145 -27.96 8.36 47.79
CA LEU A 1145 -29.06 8.69 48.70
C LEU A 1145 -30.37 8.08 48.25
N HIS A 1146 -30.60 8.01 46.94
CA HIS A 1146 -31.84 7.50 46.39
C HIS A 1146 -31.65 6.03 45.99
N ASP A 1147 -32.53 5.16 46.49
CA ASP A 1147 -32.39 3.73 46.23
C ASP A 1147 -32.79 3.38 44.81
N ASN A 1148 -33.75 4.11 44.25
CA ASN A 1148 -34.17 3.85 42.88
C ASN A 1148 -33.08 4.20 41.87
N VAL A 1149 -32.23 5.18 42.21
CA VAL A 1149 -31.09 5.53 41.36
C VAL A 1149 -30.11 4.36 41.29
N THR A 1150 -29.79 3.77 42.43
CA THR A 1150 -28.89 2.62 42.48
C THR A 1150 -29.50 1.40 41.78
N GLU A 1151 -30.79 1.16 42.00
CA GLU A 1151 -31.46 0.02 41.37
C GLU A 1151 -31.51 0.18 39.84
N SER A 1152 -31.83 1.38 39.37
CA SER A 1152 -31.87 1.61 37.93
C SER A 1152 -30.48 1.56 37.32
N LEU A 1153 -29.47 2.07 38.03
CA LEU A 1153 -28.10 2.04 37.56
C LEU A 1153 -27.60 0.60 37.41
N ARG A 1154 -27.93 -0.26 38.38
CA ARG A 1154 -27.62 -1.68 38.27
C ARG A 1154 -28.40 -2.32 37.12
N ARG A 1155 -29.63 -1.86 36.88
CA ARG A 1155 -30.45 -2.42 35.81
C ARG A 1155 -29.88 -2.10 34.42
N ILE A 1156 -29.45 -0.86 34.20
CA ILE A 1156 -28.82 -0.54 32.91
C ILE A 1156 -27.45 -1.21 32.80
N THR A 1157 -26.69 -1.27 33.91
CA THR A 1157 -25.37 -1.90 33.90
C THR A 1157 -25.48 -3.39 33.55
N ALA A 1158 -26.51 -4.06 34.07
CA ALA A 1158 -26.71 -5.48 33.78
C ALA A 1158 -27.08 -5.71 32.31
N SER A 1159 -27.75 -4.75 31.69
CA SER A 1159 -28.09 -4.88 30.28
C SER A 1159 -26.84 -4.71 29.43
N GLY A 1160 -26.64 -5.65 28.50
CA GLY A 1160 -25.45 -5.64 27.67
C GLY A 1160 -24.22 -6.26 28.29
N GLY A 1161 -24.39 -7.23 29.19
CA GLY A 1161 -23.27 -7.89 29.80
C GLY A 1161 -23.57 -9.36 30.05
N ARG A 1162 -22.51 -10.12 30.32
CA ARG A 1162 -22.63 -11.56 30.57
C ARG A 1162 -22.90 -11.88 32.03
N LEU A 1163 -21.99 -11.51 32.92
CA LEU A 1163 -22.09 -11.86 34.34
C LEU A 1163 -22.70 -10.69 35.10
N ASN A 1164 -23.70 -10.99 35.93
CA ASN A 1164 -24.47 -9.99 36.64
C ASN A 1164 -24.96 -10.62 37.93
N PRO A 1165 -25.22 -9.81 38.97
CA PRO A 1165 -25.93 -10.35 40.14
C PRO A 1165 -27.35 -10.75 39.77
N THR A 1166 -27.86 -11.75 40.49
CA THR A 1166 -29.19 -12.26 40.21
C THR A 1166 -30.25 -11.22 40.56
N GLU A 1167 -31.40 -11.32 39.87
CA GLU A 1167 -32.44 -10.31 40.00
C GLU A 1167 -33.09 -10.14 41.39
N PRO A 1168 -33.26 -11.16 42.25
CA PRO A 1168 -33.89 -10.85 43.56
C PRO A 1168 -32.96 -10.16 44.56
N LEU A 1169 -31.65 -10.04 44.26
CA LEU A 1169 -30.62 -9.51 45.15
C LEU A 1169 -30.63 -10.22 46.50
N PRO A 1170 -30.10 -11.45 46.58
CA PRO A 1170 -30.24 -12.25 47.81
C PRO A 1170 -29.45 -11.66 48.96
N ILE A 1171 -30.16 -11.10 49.93
CA ILE A 1171 -29.54 -10.67 51.17
C ILE A 1171 -29.09 -11.89 51.95
N PHE A 1172 -28.01 -11.73 52.73
CA PHE A 1172 -27.28 -12.82 53.39
C PHE A 1172 -26.86 -13.87 52.37
N GLY A 1173 -25.99 -13.44 51.46
CA GLY A 1173 -25.52 -14.29 50.39
C GLY A 1173 -24.26 -13.74 49.77
N GLY A 1174 -23.70 -14.51 48.84
CA GLY A 1174 -22.45 -14.17 48.20
C GLY A 1174 -22.53 -13.43 46.89
N LEU A 1175 -23.75 -13.15 46.40
CA LEU A 1175 -24.00 -12.49 45.12
C LEU A 1175 -23.33 -13.20 43.95
N ARG A 1176 -23.58 -14.51 43.85
CA ARG A 1176 -23.03 -15.27 42.74
C ARG A 1176 -23.79 -14.94 41.45
N PRO A 1177 -23.10 -14.90 40.31
CA PRO A 1177 -23.80 -14.72 39.04
C PRO A 1177 -24.62 -15.95 38.68
N ALA A 1178 -25.69 -15.72 37.92
CA ALA A 1178 -26.57 -16.81 37.50
C ALA A 1178 -25.84 -17.73 36.54
N THR A 1179 -25.96 -19.04 36.78
CA THR A 1179 -25.31 -20.02 35.93
C THR A 1179 -26.00 -20.07 34.57
N SER A 1180 -25.25 -20.54 33.57
CA SER A 1180 -25.70 -20.52 32.19
C SER A 1180 -25.74 -21.93 31.63
N ALA A 1181 -25.94 -22.00 30.32
CA ALA A 1181 -25.89 -23.25 29.58
C ALA A 1181 -24.44 -23.62 29.27
N GLY A 1182 -24.24 -24.58 28.36
CA GLY A 1182 -22.93 -25.10 28.04
C GLY A 1182 -21.88 -24.10 27.56
N ILE A 1183 -20.61 -24.50 27.60
CA ILE A 1183 -19.48 -23.62 27.36
C ILE A 1183 -18.85 -24.00 26.02
N ALA A 1184 -18.53 -22.99 25.20
CA ALA A 1184 -18.07 -23.23 23.84
C ALA A 1184 -16.56 -23.32 23.73
N ARG A 1185 -15.85 -22.24 24.10
CA ARG A 1185 -14.42 -22.15 23.82
C ARG A 1185 -13.59 -21.86 25.06
N GLY A 1186 -14.03 -22.31 26.22
CA GLY A 1186 -13.22 -22.29 27.43
C GLY A 1186 -13.73 -21.30 28.45
N GLN A 1187 -12.97 -21.19 29.54
CA GLN A 1187 -13.33 -20.33 30.66
C GLN A 1187 -13.15 -18.87 30.28
N ALA A 1188 -14.18 -18.05 30.54
CA ALA A 1188 -14.15 -16.64 30.18
C ALA A 1188 -13.23 -15.88 31.12
N SER A 1189 -12.37 -15.04 30.55
CA SER A 1189 -11.43 -14.24 31.31
C SER A 1189 -11.95 -12.81 31.38
N VAL A 1190 -12.08 -12.29 32.60
CA VAL A 1190 -12.66 -10.96 32.80
C VAL A 1190 -11.62 -9.89 32.52
N CYS A 1191 -12.08 -8.72 32.08
CA CYS A 1191 -11.23 -7.59 31.77
C CYS A 1191 -11.53 -6.47 32.75
N GLU A 1192 -10.50 -5.99 33.44
CA GLU A 1192 -10.64 -4.92 34.43
C GLU A 1192 -10.22 -3.59 33.82
N PHE A 1193 -11.03 -2.56 34.04
CA PHE A 1193 -10.85 -1.26 33.40
C PHE A 1193 -10.20 -0.28 34.35
N VAL A 1194 -9.20 0.45 33.85
CA VAL A 1194 -8.47 1.45 34.62
C VAL A 1194 -8.56 2.79 33.89
N ALA A 1195 -9.09 3.80 34.57
CA ALA A 1195 -9.26 5.11 33.96
C ALA A 1195 -7.93 5.86 33.90
N MET A 1196 -7.80 6.68 32.87
CA MET A 1196 -6.55 7.40 32.57
C MET A 1196 -6.88 8.52 31.58
N PRO A 1197 -6.06 9.59 31.54
CA PRO A 1197 -6.38 10.72 30.66
C PRO A 1197 -6.30 10.37 29.18
N VAL A 1198 -7.00 11.17 28.37
CA VAL A 1198 -7.08 10.93 26.93
C VAL A 1198 -5.73 11.18 26.27
N SER A 1199 -5.07 12.28 26.64
CA SER A 1199 -3.76 12.64 26.07
C SER A 1199 -2.67 11.82 26.76
N THR A 1200 -2.66 10.53 26.45
CA THR A 1200 -1.72 9.58 27.01
C THR A 1200 -0.76 9.13 25.90
N ASP A 1201 0.53 9.15 26.20
CA ASP A 1201 1.57 8.73 25.26
C ASP A 1201 1.36 7.29 24.82
N LEU A 1202 1.02 7.10 23.55
CA LEU A 1202 0.64 5.79 23.05
C LEU A 1202 1.83 4.86 22.87
N GLN A 1203 3.05 5.41 22.81
CA GLN A 1203 4.24 4.58 22.70
C GLN A 1203 4.57 3.84 23.99
N TYR A 1204 3.94 4.22 25.11
CA TYR A 1204 4.12 3.47 26.36
C TYR A 1204 3.50 2.09 26.28
N PHE A 1205 2.41 1.93 25.52
CA PHE A 1205 1.70 0.66 25.43
C PHE A 1205 2.20 -0.23 24.31
N ARG A 1206 3.22 0.20 23.55
CA ARG A 1206 3.75 -0.64 22.49
C ARG A 1206 4.78 -1.64 22.97
N THR A 1207 5.26 -1.50 24.22
CA THR A 1207 6.20 -2.46 24.78
C THR A 1207 5.63 -3.06 26.06
N ALA A 1208 6.42 -3.87 26.75
CA ALA A 1208 5.98 -4.49 28.01
C ALA A 1208 5.90 -3.40 29.08
N CYS A 1209 4.68 -2.95 29.37
CA CYS A 1209 4.45 -1.82 30.24
C CYS A 1209 3.81 -2.27 31.55
N ASN A 1210 3.48 -1.30 32.40
CA ASN A 1210 2.84 -1.55 33.69
C ASN A 1210 1.51 -0.82 33.69
N PRO A 1211 0.40 -1.47 34.07
CA PRO A 1211 -0.92 -0.82 33.96
C PRO A 1211 -1.17 0.25 35.00
N ARG A 1212 -0.36 0.32 36.06
CA ARG A 1212 -0.55 1.35 37.08
C ARG A 1212 -0.16 2.72 36.56
N GLY A 1213 0.70 2.78 35.54
CA GLY A 1213 1.19 4.02 35.00
C GLY A 1213 2.56 4.43 35.50
N ARG A 1214 3.00 3.87 36.62
CA ARG A 1214 4.32 4.13 37.17
C ARG A 1214 4.96 2.80 37.52
N ALA A 1215 6.18 2.58 37.05
CA ALA A 1215 6.87 1.32 37.29
C ALA A 1215 7.24 1.17 38.76
N SER A 1216 7.00 -0.01 39.31
CA SER A 1216 7.24 -0.26 40.73
C SER A 1216 7.82 -1.64 40.95
N GLY A 1217 7.85 -2.08 42.21
CA GLY A 1217 8.33 -3.40 42.56
C GLY A 1217 9.41 -3.35 43.61
N MET A 1218 9.68 -4.52 44.19
CA MET A 1218 10.73 -4.70 45.18
C MET A 1218 12.11 -4.70 44.55
N LEU A 1219 12.20 -4.91 43.24
CA LEU A 1219 13.43 -5.23 42.52
C LEU A 1219 14.47 -4.12 42.53
N TYR A 1220 14.09 -2.90 42.91
CA TYR A 1220 14.98 -1.75 42.90
C TYR A 1220 15.24 -1.32 44.35
N MET A 1221 16.42 -1.67 44.86
CA MET A 1221 16.83 -1.30 46.21
C MET A 1221 18.29 -0.89 46.16
N GLY A 1222 18.94 -0.81 47.32
CA GLY A 1222 20.37 -0.58 47.36
C GLY A 1222 20.94 0.25 48.50
N ASP A 1223 20.10 1.04 49.19
CA ASP A 1223 20.65 1.86 50.27
C ASP A 1223 19.85 1.75 51.56
N ARG A 1224 18.57 1.40 51.48
CA ARG A 1224 17.75 1.35 52.67
C ARG A 1224 16.73 0.21 52.62
N ASP A 1225 15.81 0.18 53.58
CA ASP A 1225 14.78 -0.84 53.67
C ASP A 1225 13.44 -0.37 53.15
N ALA A 1226 13.00 0.83 53.53
CA ALA A 1226 11.68 1.35 53.12
C ALA A 1226 11.81 2.20 51.86
N ASP A 1227 12.35 1.59 50.81
CA ASP A 1227 12.44 2.20 49.49
C ASP A 1227 11.37 1.69 48.55
N ILE A 1228 10.48 0.81 49.03
CA ILE A 1228 9.41 0.27 48.19
C ILE A 1228 8.17 1.16 48.18
N GLU A 1229 7.88 1.85 49.28
CA GLU A 1229 6.82 2.84 49.28
C GLU A 1229 7.26 4.17 48.66
N ALA A 1230 8.56 4.40 48.51
CA ALA A 1230 9.04 5.60 47.84
C ALA A 1230 8.99 5.44 46.33
N ILE A 1231 9.28 4.24 45.82
CA ILE A 1231 9.16 3.98 44.39
C ILE A 1231 7.70 3.95 43.97
N MET A 1232 6.86 3.28 44.77
CA MET A 1232 5.49 3.00 44.35
C MET A 1232 4.57 4.21 44.47
N PHE A 1233 4.77 5.05 45.49
CA PHE A 1233 3.79 6.08 45.82
C PHE A 1233 4.34 7.50 45.95
N ASP A 1234 5.63 7.69 46.24
CA ASP A 1234 6.16 9.03 46.42
C ASP A 1234 6.37 9.69 45.07
N HIS A 1235 5.70 10.82 44.85
CA HIS A 1235 5.71 11.49 43.56
C HIS A 1235 6.52 12.78 43.54
N THR A 1236 7.33 13.04 44.58
CA THR A 1236 8.26 14.16 44.53
C THR A 1236 9.50 13.84 43.71
N GLN A 1237 9.70 12.57 43.36
CA GLN A 1237 10.80 12.15 42.50
C GLN A 1237 10.23 11.37 41.32
N SER A 1238 11.04 11.26 40.27
CA SER A 1238 10.57 10.82 38.97
C SER A 1238 10.26 9.32 38.96
N ASP A 1239 9.73 8.88 37.82
CA ASP A 1239 9.49 7.45 37.61
C ASP A 1239 10.82 6.71 37.56
N VAL A 1240 10.79 5.45 38.02
CA VAL A 1240 12.01 4.66 38.08
C VAL A 1240 12.46 4.25 36.69
N ALA A 1241 11.52 3.84 35.83
CA ALA A 1241 11.88 3.33 34.51
C ALA A 1241 11.91 4.45 33.47
N TYR A 1242 10.77 5.12 33.25
CA TYR A 1242 10.71 6.27 32.34
C TYR A 1242 11.12 7.50 33.13
N THR A 1243 12.43 7.66 33.30
CA THR A 1243 12.98 8.56 34.30
C THR A 1243 13.09 10.02 33.85
N ASP A 1244 11.99 10.57 33.32
CA ASP A 1244 11.92 12.01 33.11
C ASP A 1244 10.56 12.55 33.51
N ARG A 1245 9.76 11.76 34.22
CA ARG A 1245 8.39 12.12 34.56
C ARG A 1245 7.99 11.36 35.82
N ALA A 1246 6.86 11.76 36.40
CA ALA A 1246 6.42 11.12 37.65
C ALA A 1246 5.62 9.85 37.37
N THR A 1247 4.51 9.98 36.64
CA THR A 1247 3.67 8.85 36.32
C THR A 1247 2.95 9.11 35.01
N LEU A 1248 2.65 8.03 34.29
CA LEU A 1248 1.96 8.17 33.01
C LEU A 1248 0.54 8.71 33.20
N ASN A 1249 -0.21 8.12 34.12
CA ASN A 1249 -1.51 8.64 34.47
C ASN A 1249 -1.57 9.06 35.93
N PRO A 1250 -2.16 10.21 36.24
CA PRO A 1250 -2.28 10.64 37.64
C PRO A 1250 -3.58 10.23 38.32
N TRP A 1251 -4.35 9.32 37.74
CA TRP A 1251 -5.62 8.93 38.33
C TRP A 1251 -5.58 7.53 38.95
N ALA A 1252 -4.49 6.78 38.74
CA ALA A 1252 -4.40 5.43 39.29
C ALA A 1252 -3.00 5.11 39.80
N SER A 1253 -2.27 6.11 40.30
CA SER A 1253 -0.88 5.88 40.69
C SER A 1253 -0.46 6.48 42.02
N GLN A 1254 -1.24 7.38 42.63
CA GLN A 1254 -0.84 8.01 43.88
C GLN A 1254 -1.13 7.10 45.06
N LYS A 1255 -1.02 7.66 46.27
CA LYS A 1255 -1.28 6.90 47.49
C LYS A 1255 -2.76 6.57 47.64
N HIS A 1256 -3.63 7.50 47.25
CA HIS A 1256 -5.07 7.33 47.38
C HIS A 1256 -5.78 7.82 46.13
N SER A 1257 -5.27 7.45 44.95
CA SER A 1257 -5.90 7.82 43.70
C SER A 1257 -7.11 6.92 43.44
N TYR A 1258 -7.79 7.19 42.32
CA TYR A 1258 -9.04 6.50 42.00
C TYR A 1258 -8.82 5.02 41.74
N GLY A 1259 -7.84 4.70 40.88
CA GLY A 1259 -7.47 3.31 40.66
C GLY A 1259 -6.90 2.65 41.90
N ASP A 1260 -6.19 3.42 42.73
CA ASP A 1260 -5.64 2.86 43.96
C ASP A 1260 -6.73 2.68 45.01
N ARG A 1261 -7.75 3.55 45.01
CA ARG A 1261 -8.88 3.32 45.92
C ARG A 1261 -9.76 2.19 45.43
N LEU A 1262 -9.74 1.88 44.13
CA LEU A 1262 -10.63 0.87 43.57
C LEU A 1262 -10.03 -0.54 43.54
N TYR A 1263 -8.74 -0.68 43.22
CA TYR A 1263 -8.17 -2.00 42.95
C TYR A 1263 -7.11 -2.46 43.95
N ASN A 1264 -6.87 -1.73 45.03
CA ASN A 1264 -5.89 -2.16 46.01
C ASN A 1264 -6.45 -3.28 46.87
N GLY A 1265 -5.58 -4.20 47.29
CA GLY A 1265 -5.98 -5.25 48.20
C GLY A 1265 -5.88 -4.88 49.66
N THR A 1266 -5.21 -3.78 49.98
CA THR A 1266 -5.07 -3.36 51.37
C THR A 1266 -6.39 -2.82 51.92
N TYR A 1267 -7.07 -1.96 51.16
CA TYR A 1267 -8.32 -1.36 51.62
C TYR A 1267 -9.49 -2.34 51.58
N ASN A 1268 -9.40 -3.38 50.73
CA ASN A 1268 -10.38 -4.46 50.63
C ASN A 1268 -11.78 -3.93 50.29
N LEU A 1269 -11.86 -3.15 49.21
CA LEU A 1269 -13.14 -2.59 48.79
C LEU A 1269 -14.03 -3.65 48.15
N THR A 1270 -13.45 -4.52 47.33
CA THR A 1270 -14.18 -5.52 46.57
C THR A 1270 -13.97 -6.93 47.14
N GLY A 1271 -13.90 -7.03 48.46
CA GLY A 1271 -13.70 -8.34 49.07
C GLY A 1271 -14.92 -9.23 48.97
N ALA A 1272 -16.11 -8.63 48.89
CA ALA A 1272 -17.33 -9.41 48.77
C ALA A 1272 -17.56 -9.91 47.35
N SER A 1273 -16.86 -9.36 46.36
CA SER A 1273 -17.03 -9.78 44.98
C SER A 1273 -16.36 -11.13 44.76
N PRO A 1274 -17.09 -12.14 44.29
CA PRO A 1274 -16.47 -13.46 44.08
C PRO A 1274 -15.58 -13.54 42.86
N ILE A 1275 -15.62 -12.53 41.97
CA ILE A 1275 -14.85 -12.59 40.75
C ILE A 1275 -13.40 -12.18 41.02
N TYR A 1276 -12.54 -12.47 40.06
CA TYR A 1276 -11.11 -12.24 40.16
C TYR A 1276 -10.73 -10.97 39.44
N SER A 1277 -9.89 -10.15 40.08
CA SER A 1277 -9.43 -8.90 39.49
C SER A 1277 -8.02 -9.11 38.95
N PRO A 1278 -7.82 -9.04 37.63
CA PRO A 1278 -6.48 -9.32 37.08
C PRO A 1278 -5.46 -8.23 37.32
N CYS A 1279 -5.89 -7.03 37.72
CA CYS A 1279 -4.98 -5.94 38.04
C CYS A 1279 -4.77 -5.79 39.54
N PHE A 1280 -5.18 -6.78 40.34
CA PHE A 1280 -4.92 -6.74 41.78
C PHE A 1280 -3.44 -6.94 42.07
N LYS A 1281 -2.77 -7.81 41.32
CA LYS A 1281 -1.35 -8.08 41.56
C LYS A 1281 -0.46 -6.90 41.19
N PHE A 1282 -0.92 -6.00 40.33
CA PHE A 1282 -0.14 -4.84 39.95
C PHE A 1282 -0.29 -3.68 40.92
N PHE A 1283 -1.35 -3.68 41.74
CA PHE A 1283 -1.66 -2.53 42.59
C PHE A 1283 -1.33 -2.76 44.06
N THR A 1284 -1.40 -4.00 44.56
CA THR A 1284 -1.17 -4.21 45.98
C THR A 1284 0.33 -4.21 46.28
N PRO A 1285 0.74 -3.71 47.44
CA PRO A 1285 2.15 -3.85 47.84
C PRO A 1285 2.38 -5.18 48.54
N ALA A 1286 3.33 -5.95 48.02
CA ALA A 1286 3.62 -7.26 48.59
C ALA A 1286 4.39 -7.13 49.90
N GLU A 1287 4.14 -8.07 50.80
CA GLU A 1287 4.90 -8.15 52.05
C GLU A 1287 6.32 -8.59 51.75
N VAL A 1288 7.29 -7.97 52.44
CA VAL A 1288 8.69 -8.05 52.05
C VAL A 1288 9.55 -8.26 53.30
N ASN A 1289 10.60 -9.07 53.16
CA ASN A 1289 11.71 -9.10 54.09
C ASN A 1289 12.97 -8.78 53.28
N THR A 1290 13.72 -7.76 53.73
CA THR A 1290 14.84 -7.23 52.98
C THR A 1290 16.19 -7.67 53.52
N ASN A 1291 16.22 -8.72 54.35
CA ASN A 1291 17.48 -9.23 54.86
C ASN A 1291 18.32 -9.86 53.75
N CYS A 1292 17.69 -10.62 52.86
CA CYS A 1292 18.40 -11.26 51.77
C CYS A 1292 18.68 -10.25 50.64
N ASN A 1293 19.56 -10.65 49.74
CA ASN A 1293 19.86 -9.83 48.57
C ASN A 1293 18.72 -9.93 47.55
N THR A 1294 18.76 -9.03 46.56
CA THR A 1294 17.67 -8.92 45.61
C THR A 1294 17.61 -10.11 44.67
N LEU A 1295 18.76 -10.67 44.31
CA LEU A 1295 18.79 -11.76 43.33
C LEU A 1295 18.26 -13.07 43.92
N ASP A 1296 18.59 -13.36 45.18
CA ASP A 1296 18.06 -14.56 45.82
C ASP A 1296 16.57 -14.40 46.11
N ARG A 1297 16.13 -13.17 46.42
CA ARG A 1297 14.69 -12.90 46.54
C ARG A 1297 13.97 -13.12 45.22
N LEU A 1298 14.60 -12.70 44.12
CA LEU A 1298 14.03 -12.90 42.79
C LEU A 1298 13.94 -14.38 42.44
N LEU A 1299 14.98 -15.15 42.79
CA LEU A 1299 14.97 -16.57 42.51
C LEU A 1299 14.00 -17.32 43.43
N MET A 1300 13.75 -16.80 44.63
CA MET A 1300 12.77 -17.43 45.51
C MET A 1300 11.34 -17.11 45.07
N GLU A 1301 11.13 -15.94 44.47
CA GLU A 1301 9.81 -15.62 43.94
C GLU A 1301 9.58 -16.19 42.54
N ALA A 1302 10.59 -16.81 41.93
CA ALA A 1302 10.47 -17.31 40.57
C ALA A 1302 10.03 -18.77 40.49
N LYS A 1303 9.78 -19.41 41.62
CA LYS A 1303 9.34 -20.80 41.61
C LYS A 1303 7.85 -20.89 41.25
N ALA A 1304 7.32 -22.11 41.28
CA ALA A 1304 5.93 -22.38 40.92
C ALA A 1304 5.03 -21.87 42.03
N VAL A 1305 4.52 -20.65 41.85
CA VAL A 1305 3.64 -20.05 42.84
C VAL A 1305 2.26 -20.70 42.75
N ALA A 1306 1.48 -20.57 43.83
CA ALA A 1306 0.13 -21.12 43.85
C ALA A 1306 -0.79 -20.31 42.94
N SER A 1307 -1.86 -20.95 42.49
CA SER A 1307 -2.80 -20.30 41.59
C SER A 1307 -3.64 -19.27 42.33
N GLN A 1308 -4.11 -18.27 41.59
CA GLN A 1308 -4.91 -17.19 42.13
C GLN A 1308 -6.17 -17.00 41.28
N SER A 1309 -6.72 -18.11 40.80
CA SER A 1309 -7.91 -18.10 39.99
C SER A 1309 -8.62 -19.43 40.16
N SER A 1310 -9.58 -19.71 39.28
CA SER A 1310 -10.32 -20.96 39.33
C SER A 1310 -10.29 -21.62 37.95
N THR A 1311 -10.30 -22.94 37.94
CA THR A 1311 -10.18 -23.72 36.71
C THR A 1311 -11.47 -24.43 36.30
N ASP A 1312 -12.24 -24.94 37.26
CA ASP A 1312 -13.43 -25.70 36.95
C ASP A 1312 -14.65 -24.82 36.64
N THR A 1313 -14.70 -23.60 37.16
CA THR A 1313 -15.87 -22.75 36.98
C THR A 1313 -15.79 -22.03 35.63
N GLU A 1314 -16.73 -21.10 35.41
CA GLU A 1314 -16.92 -20.47 34.12
C GLU A 1314 -16.39 -19.05 34.03
N TYR A 1315 -16.55 -18.24 35.07
CA TYR A 1315 -16.33 -16.81 34.98
C TYR A 1315 -15.00 -16.34 35.58
N GLN A 1316 -14.07 -17.27 35.84
CA GLN A 1316 -12.78 -17.00 36.48
C GLN A 1316 -12.97 -16.33 37.84
N PHE A 1317 -13.54 -17.10 38.76
CA PHE A 1317 -13.82 -16.63 40.10
C PHE A 1317 -12.54 -16.51 40.92
N LYS A 1318 -12.69 -16.17 42.20
CA LYS A 1318 -11.56 -16.14 43.11
C LYS A 1318 -11.11 -17.56 43.44
N ARG A 1319 -9.91 -17.64 44.02
CA ARG A 1319 -9.31 -18.94 44.31
C ARG A 1319 -10.08 -19.64 45.43
N PRO A 1320 -10.62 -20.83 45.20
CA PRO A 1320 -11.34 -21.54 46.26
C PRO A 1320 -10.38 -22.05 47.32
N PRO A 1321 -10.76 -21.99 48.59
CA PRO A 1321 -9.91 -22.55 49.65
C PRO A 1321 -9.77 -24.05 49.53
N GLY A 1322 -8.57 -24.55 49.80
CA GLY A 1322 -8.28 -25.96 49.64
C GLY A 1322 -7.87 -26.38 48.24
N SER A 1323 -7.78 -25.44 47.31
CA SER A 1323 -7.37 -25.75 45.94
C SER A 1323 -5.88 -25.45 45.78
N THR A 1324 -5.08 -26.49 45.56
CA THR A 1324 -3.63 -26.38 45.44
C THR A 1324 -3.23 -26.74 44.01
N GLU A 1325 -2.95 -25.72 43.20
CA GLU A 1325 -2.43 -25.91 41.86
C GLU A 1325 -1.30 -24.92 41.63
N MET A 1326 -0.13 -25.41 41.30
CA MET A 1326 1.05 -24.58 41.13
C MET A 1326 1.19 -24.16 39.67
N THR A 1327 1.13 -22.85 39.42
CA THR A 1327 1.32 -22.28 38.10
C THR A 1327 2.53 -21.37 38.12
N GLN A 1328 3.46 -21.59 37.20
CA GLN A 1328 4.58 -20.67 37.02
C GLN A 1328 4.06 -19.33 36.50
N ASP A 1329 4.49 -18.24 37.13
CA ASP A 1329 3.90 -16.93 36.87
C ASP A 1329 4.96 -15.94 36.42
N PRO A 1330 5.23 -15.84 35.12
CA PRO A 1330 5.97 -14.69 34.60
C PRO A 1330 5.11 -13.44 34.65
N CYS A 1331 5.80 -12.29 34.63
CA CYS A 1331 5.20 -10.94 34.62
C CYS A 1331 4.34 -10.67 35.85
N GLY A 1332 4.54 -11.44 36.92
CA GLY A 1332 3.89 -11.20 38.19
C GLY A 1332 4.92 -10.83 39.23
N LEU A 1333 6.18 -11.13 38.94
CA LEU A 1333 7.30 -10.69 39.75
C LEU A 1333 8.05 -9.52 39.14
N PHE A 1334 7.95 -9.32 37.82
CA PHE A 1334 8.54 -8.17 37.16
C PHE A 1334 7.60 -6.97 37.11
N GLN A 1335 6.33 -7.14 37.49
CA GLN A 1335 5.28 -6.12 37.45
C GLN A 1335 5.14 -5.52 36.05
N GLU A 1336 4.84 -6.39 35.09
CA GLU A 1336 4.71 -5.99 33.70
C GLU A 1336 3.51 -6.71 33.09
N ALA A 1337 3.03 -6.18 31.97
CA ALA A 1337 1.95 -6.77 31.22
C ALA A 1337 2.21 -6.58 29.73
N TYR A 1338 2.08 -7.65 28.96
CA TYR A 1338 2.49 -7.69 27.56
C TYR A 1338 1.32 -7.28 26.66
N PRO A 1339 1.50 -6.32 25.76
CA PRO A 1339 0.42 -5.94 24.85
C PRO A 1339 0.30 -6.92 23.69
N PRO A 1340 -0.91 -7.38 23.41
CA PRO A 1340 -1.11 -8.30 22.28
C PRO A 1340 -1.34 -7.56 20.97
N LEU A 1341 -1.61 -8.29 19.89
CA LEU A 1341 -1.96 -7.68 18.61
C LEU A 1341 -3.35 -7.09 18.73
N CYS A 1342 -3.43 -5.78 18.89
CA CYS A 1342 -4.69 -5.08 19.02
C CYS A 1342 -4.68 -3.85 18.11
N SER A 1343 -5.87 -3.41 17.73
CA SER A 1343 -6.00 -2.25 16.87
C SER A 1343 -7.28 -1.50 17.24
N SER A 1344 -7.31 -0.22 16.91
CA SER A 1344 -8.51 0.58 17.05
C SER A 1344 -9.44 0.45 15.85
N ASP A 1345 -9.04 -0.30 14.83
CA ASP A 1345 -9.83 -0.47 13.63
C ASP A 1345 -9.66 -1.90 13.13
N ALA A 1346 -10.76 -2.52 12.72
CA ALA A 1346 -10.70 -3.82 12.06
C ALA A 1346 -10.27 -3.72 10.61
N ALA A 1347 -10.28 -2.51 10.04
CA ALA A 1347 -9.88 -2.32 8.64
C ALA A 1347 -8.39 -2.51 8.45
N MET A 1348 -7.57 -1.97 9.36
CA MET A 1348 -6.12 -2.06 9.24
C MET A 1348 -5.54 -3.25 9.97
N LEU A 1349 -6.37 -4.07 10.62
CA LEU A 1349 -5.90 -5.27 11.29
C LEU A 1349 -5.57 -6.39 10.31
N ARG A 1350 -6.08 -6.32 9.09
CA ARG A 1350 -5.81 -7.33 8.07
C ARG A 1350 -5.52 -6.64 6.74
N THR A 1351 -4.55 -7.17 6.00
CA THR A 1351 -4.16 -6.64 4.71
C THR A 1351 -4.68 -7.54 3.59
N ALA A 1352 -4.59 -7.04 2.36
CA ALA A 1352 -5.11 -7.73 1.19
C ALA A 1352 -3.95 -8.41 0.46
N HIS A 1353 -3.50 -9.54 1.03
CA HIS A 1353 -2.43 -10.30 0.41
C HIS A 1353 -2.61 -11.81 0.51
N ALA A 1354 -3.71 -12.30 1.09
CA ALA A 1354 -3.98 -13.73 1.35
C ALA A 1354 -2.82 -14.36 2.12
N GLY A 1355 -2.61 -13.87 3.34
CA GLY A 1355 -1.40 -14.18 4.08
C GLY A 1355 -1.32 -13.48 5.41
N GLU A 1356 -0.19 -12.79 5.64
CA GLU A 1356 0.11 -12.15 6.91
C GLU A 1356 -0.88 -11.02 7.21
N THR A 1357 -0.85 -10.56 8.46
CA THR A 1357 -1.75 -9.52 8.94
C THR A 1357 -1.13 -8.13 8.72
N GLY A 1358 -1.91 -7.11 9.06
CA GLY A 1358 -1.46 -5.74 8.87
C GLY A 1358 -0.39 -5.35 9.87
N ALA A 1359 0.40 -4.34 9.49
CA ALA A 1359 1.52 -3.91 10.33
C ALA A 1359 1.68 -2.38 10.38
N ASP A 1360 0.77 -1.62 9.79
CA ASP A 1360 0.85 -0.16 9.88
C ASP A 1360 0.51 0.29 11.29
N GLU A 1361 1.20 1.32 11.76
CA GLU A 1361 1.13 1.72 13.15
C GLU A 1361 -0.06 2.65 13.43
N VAL A 1362 -0.14 3.76 12.71
CA VAL A 1362 -1.19 4.76 12.91
C VAL A 1362 -1.64 5.28 11.55
N HIS A 1363 -2.95 5.27 11.30
CA HIS A 1363 -3.42 5.69 9.98
C HIS A 1363 -3.81 7.15 9.90
N LEU A 1364 -4.85 7.57 10.60
CA LEU A 1364 -5.12 9.01 10.68
C LEU A 1364 -5.25 9.45 12.12
N ALA A 1365 -6.12 8.78 12.86
CA ALA A 1365 -6.21 8.92 14.31
C ALA A 1365 -6.44 7.58 14.99
N GLN A 1366 -6.56 6.49 14.23
CA GLN A 1366 -6.64 5.14 14.77
C GLN A 1366 -5.22 4.64 15.02
N TYR A 1367 -5.08 3.43 15.56
CA TYR A 1367 -3.76 2.90 15.85
C TYR A 1367 -3.82 1.38 15.82
N LEU A 1368 -2.65 0.78 15.62
CA LEU A 1368 -2.49 -0.67 15.68
C LEU A 1368 -1.24 -0.96 16.49
N ILE A 1369 -1.40 -1.71 17.57
CA ILE A 1369 -0.28 -2.06 18.43
C ILE A 1369 0.23 -3.44 18.00
N ARG A 1370 1.49 -3.50 17.60
CA ARG A 1370 2.07 -4.76 17.19
C ARG A 1370 2.26 -5.69 18.38
N ASP A 1371 2.34 -6.99 18.09
CA ASP A 1371 2.39 -7.99 19.14
C ASP A 1371 3.77 -7.99 19.81
N ALA A 1372 3.79 -7.74 21.12
CA ALA A 1372 5.01 -7.77 21.90
C ALA A 1372 4.97 -8.84 22.99
N SER A 1373 3.95 -9.68 23.01
CA SER A 1373 3.83 -10.77 23.97
C SER A 1373 4.80 -11.88 23.61
N PRO A 1374 5.06 -12.81 24.54
CA PRO A 1374 5.81 -14.04 24.18
C PRO A 1374 5.10 -14.92 23.15
N LEU A 1375 3.80 -14.72 22.94
CA LEU A 1375 3.03 -15.48 21.95
C LEU A 1375 3.13 -14.79 20.59
N ARG A 1376 4.33 -14.82 20.01
CA ARG A 1376 4.56 -14.24 18.71
C ARG A 1376 4.38 -15.24 17.57
N GLY A 1377 4.96 -16.43 17.70
CA GLY A 1377 4.85 -17.43 16.65
C GLY A 1377 3.80 -18.48 16.93
N CYS A 1378 2.91 -18.21 17.87
CA CYS A 1378 1.84 -19.12 18.26
C CYS A 1378 0.49 -18.40 18.10
N LEU A 1379 -0.58 -19.07 18.54
CA LEU A 1379 -1.97 -18.58 18.55
C LEU A 1379 -2.41 -18.12 17.17
N PRO A 1380 -2.73 -19.04 16.26
CA PRO A 1380 -2.94 -18.68 14.85
C PRO A 1380 -4.15 -17.77 14.64
N LEU A 1381 -4.05 -16.95 13.61
CA LEU A 1381 -5.06 -15.92 13.33
C LEU A 1381 -6.00 -16.37 12.21
N THR B 1 11.41 -19.51 84.07
CA THR B 1 12.18 -19.38 82.84
C THR B 1 13.48 -20.17 82.92
N GLU B 2 14.24 -19.95 83.99
CA GLU B 2 15.49 -20.67 84.18
C GLU B 2 15.23 -22.13 84.54
N SER B 3 14.13 -22.40 85.26
CA SER B 3 13.74 -23.77 85.54
C SER B 3 13.39 -24.53 84.28
N ASP B 4 12.82 -23.83 83.28
CA ASP B 4 12.60 -24.44 81.98
C ASP B 4 13.91 -24.75 81.27
N ARG B 5 14.92 -23.90 81.45
CA ARG B 5 16.24 -24.17 80.88
C ARG B 5 16.89 -25.39 81.53
N ILE B 6 16.74 -25.52 82.85
CA ILE B 6 17.30 -26.66 83.57
C ILE B 6 16.58 -27.94 83.18
N ALA B 7 15.24 -27.88 83.07
CA ALA B 7 14.47 -29.07 82.70
C ALA B 7 14.61 -29.41 81.22
N GLY B 8 15.06 -28.45 80.40
CA GLY B 8 15.24 -28.74 78.98
C GLY B 8 16.37 -29.71 78.71
N ILE B 9 17.49 -29.55 79.39
CA ILE B 9 18.61 -30.46 79.28
C ILE B 9 18.45 -31.57 80.30
N PHE B 10 18.84 -32.80 79.93
CA PHE B 10 18.90 -33.95 80.81
C PHE B 10 17.53 -34.27 81.42
N ASN B 11 16.66 -34.77 80.54
CA ASN B 11 15.24 -35.10 80.80
C ASN B 11 15.03 -35.77 82.16
N ILE B 12 14.07 -35.25 82.91
CA ILE B 12 14.00 -35.51 84.35
C ILE B 12 13.71 -36.98 84.67
N PRO B 13 12.71 -37.66 84.03
CA PRO B 13 12.80 -39.13 84.18
C PRO B 13 13.86 -39.71 83.26
N ALA B 14 15.11 -39.67 83.75
CA ALA B 14 16.27 -39.99 82.92
C ALA B 14 16.33 -41.48 82.59
N GLY B 15 15.99 -42.34 83.56
CA GLY B 15 16.00 -43.76 83.34
C GLY B 15 17.34 -44.43 83.55
N ILE B 16 18.39 -43.67 83.85
CA ILE B 16 19.68 -44.28 84.16
C ILE B 16 19.63 -44.90 85.55
N ILE B 17 20.60 -45.76 85.84
CA ILE B 17 20.63 -46.42 87.15
C ILE B 17 20.98 -45.39 88.23
N PRO B 18 20.44 -45.50 89.45
CA PRO B 18 20.75 -44.50 90.48
C PRO B 18 22.17 -44.67 90.99
N THR B 19 22.86 -43.53 91.16
CA THR B 19 24.21 -43.54 91.71
C THR B 19 24.20 -43.96 93.17
N GLY B 20 23.25 -43.47 93.95
CA GLY B 20 23.16 -43.83 95.35
C GLY B 20 21.74 -43.75 95.85
N ASN B 21 21.49 -44.46 96.95
CA ASN B 21 20.18 -44.50 97.56
C ASN B 21 19.90 -43.19 98.30
N VAL B 22 18.61 -42.89 98.47
CA VAL B 22 18.16 -41.69 99.17
C VAL B 22 17.38 -42.12 100.40
N LEU B 23 17.79 -41.64 101.57
CA LEU B 23 17.12 -41.92 102.81
C LEU B 23 16.19 -40.76 103.16
N SER B 24 15.61 -40.82 104.37
CA SER B 24 14.76 -39.77 104.96
C SER B 24 13.55 -39.47 104.08
N THR B 25 12.68 -40.47 103.97
CA THR B 25 11.44 -40.34 103.20
C THR B 25 10.49 -39.41 103.97
N ILE B 26 10.44 -38.16 103.55
CA ILE B 26 9.64 -37.13 104.20
C ILE B 26 8.79 -36.43 103.15
N GLU B 27 8.05 -35.42 103.58
CA GLU B 27 7.23 -34.61 102.69
C GLU B 27 8.14 -33.66 101.92
N VAL B 28 8.45 -34.01 100.67
CA VAL B 28 9.35 -33.21 99.86
C VAL B 28 8.67 -31.90 99.45
N CYS B 29 7.35 -31.93 99.28
CA CYS B 29 6.61 -30.75 98.85
C CYS B 29 6.51 -29.67 99.93
N ALA B 30 6.82 -30.03 101.18
CA ALA B 30 6.75 -29.06 102.28
C ALA B 30 7.78 -27.96 102.12
N HIS B 31 9.00 -28.30 101.70
CA HIS B 31 10.06 -27.33 101.45
C HIS B 31 10.51 -27.48 100.00
N ARG B 32 9.82 -26.74 99.10
CA ARG B 32 10.22 -26.64 97.72
C ARG B 32 11.00 -25.36 97.44
N CYS B 33 11.46 -24.66 98.48
CA CYS B 33 12.30 -23.47 98.42
C CYS B 33 13.77 -23.82 98.29
N ILE B 34 14.03 -25.11 98.20
CA ILE B 34 15.34 -25.67 97.92
C ILE B 34 15.21 -26.23 96.50
N PHE B 35 16.30 -26.82 95.98
CA PHE B 35 16.43 -27.30 94.60
C PHE B 35 16.28 -26.15 93.59
N ASP B 36 16.19 -26.49 92.31
CA ASP B 36 15.96 -25.49 91.28
C ASP B 36 14.83 -25.85 90.33
N PHE B 37 14.26 -27.04 90.43
CA PHE B 37 13.15 -27.44 89.57
C PHE B 37 12.37 -28.52 90.32
N PHE B 38 11.12 -28.23 90.67
CA PHE B 38 10.27 -29.15 91.40
C PHE B 38 9.05 -29.49 90.56
N LYS B 39 8.82 -30.77 90.34
CA LYS B 39 7.67 -31.26 89.58
C LYS B 39 7.05 -32.43 90.32
N GLN B 40 5.72 -32.42 90.43
CA GLN B 40 4.98 -33.46 91.14
C GLN B 40 3.92 -34.03 90.22
N ILE B 41 3.86 -35.36 90.16
CA ILE B 41 2.84 -36.07 89.39
C ILE B 41 2.11 -37.01 90.34
N ARG B 42 0.78 -37.03 90.25
CA ARG B 42 -0.05 -37.81 91.17
C ARG B 42 0.16 -39.31 91.03
N SER B 43 -0.20 -39.87 89.88
CA SER B 43 -0.02 -41.30 89.63
C SER B 43 0.86 -41.56 88.42
N ASP B 44 0.52 -41.01 87.27
CA ASP B 44 1.31 -41.13 86.04
C ASP B 44 0.90 -40.01 85.11
N ASP B 45 1.86 -39.50 84.35
CA ASP B 45 1.62 -38.40 83.43
C ASP B 45 1.93 -38.83 82.01
N ASN B 46 1.23 -38.23 81.06
CA ASN B 46 1.40 -38.56 79.65
C ASN B 46 2.70 -38.02 79.06
N SER B 47 3.39 -37.11 79.76
CA SER B 47 4.63 -36.53 79.26
C SER B 47 5.86 -37.37 79.59
N LEU B 48 5.72 -38.42 80.40
CA LEU B 48 6.85 -39.28 80.72
C LEU B 48 7.26 -40.17 79.56
N TYR B 49 6.37 -40.38 78.59
CA TYR B 49 6.63 -41.25 77.45
C TYR B 49 6.70 -40.37 76.20
N SER B 50 7.89 -39.82 75.96
CA SER B 50 8.16 -39.01 74.78
C SER B 50 9.65 -39.07 74.51
N ALA B 51 10.03 -39.67 73.38
CA ALA B 51 11.43 -39.89 73.05
C ALA B 51 11.85 -39.10 71.82
N GLN B 52 11.46 -37.84 71.75
CA GLN B 52 11.87 -36.98 70.64
C GLN B 52 13.36 -36.67 70.73
N PHE B 53 14.03 -36.66 69.58
CA PHE B 53 15.46 -36.37 69.55
C PHE B 53 15.81 -35.65 68.25
N ASP B 54 16.98 -35.03 68.26
CA ASP B 54 17.56 -34.37 67.09
C ASP B 54 18.78 -35.15 66.64
N ILE B 55 18.99 -35.21 65.32
CA ILE B 55 20.05 -36.01 64.75
C ILE B 55 20.87 -35.20 63.75
N LEU B 56 22.18 -35.39 63.80
CA LEU B 56 23.11 -34.84 62.83
C LEU B 56 23.40 -35.92 61.78
N LEU B 57 23.13 -35.61 60.52
CA LEU B 57 23.19 -36.58 59.44
C LEU B 57 24.49 -36.50 58.66
N GLY B 58 25.51 -35.87 59.20
CA GLY B 58 26.81 -35.84 58.56
C GLY B 58 27.20 -34.43 58.15
N THR B 59 28.51 -34.20 58.09
CA THR B 59 29.08 -32.93 57.67
C THR B 59 29.77 -33.10 56.32
N TYR B 60 29.71 -32.06 55.50
CA TYR B 60 30.32 -32.08 54.17
C TYR B 60 31.33 -30.95 54.06
N CYS B 61 32.56 -31.29 53.70
CA CYS B 61 33.65 -30.32 53.61
C CYS B 61 34.36 -30.51 52.29
N ASN B 62 34.55 -29.41 51.56
CA ASN B 62 35.24 -29.45 50.28
C ASN B 62 36.75 -29.31 50.47
N THR B 63 37.49 -29.90 49.55
CA THR B 63 38.95 -29.84 49.55
C THR B 63 39.39 -28.91 48.43
N LEU B 64 40.22 -27.93 48.77
CA LEU B 64 40.71 -26.99 47.78
C LEU B 64 41.71 -27.66 46.84
N ASN B 65 41.71 -27.21 45.59
CA ASN B 65 42.70 -27.61 44.61
C ASN B 65 43.76 -26.52 44.47
N PHE B 66 45.01 -26.88 44.72
CA PHE B 66 46.11 -25.93 44.69
C PHE B 66 46.70 -25.87 43.30
N VAL B 67 46.69 -24.69 42.71
CA VAL B 67 47.22 -24.47 41.37
C VAL B 67 48.72 -24.19 41.47
N ARG B 68 49.46 -24.59 40.45
CA ARG B 68 50.88 -24.27 40.34
C ARG B 68 51.07 -23.36 39.14
N PHE B 69 51.96 -22.38 39.27
CA PHE B 69 52.09 -21.35 38.26
C PHE B 69 52.73 -21.90 36.98
N LEU B 70 53.64 -22.86 37.12
CA LEU B 70 54.33 -23.41 35.95
C LEU B 70 53.39 -24.22 35.07
N GLU B 71 52.43 -24.94 35.68
CA GLU B 71 51.50 -25.77 34.92
C GLU B 71 50.49 -24.95 34.14
N LEU B 72 50.34 -23.66 34.42
CA LEU B 72 49.45 -22.82 33.64
C LEU B 72 50.05 -22.52 32.27
N GLY B 73 49.17 -22.19 31.32
CA GLY B 73 49.63 -21.79 30.01
C GLY B 73 50.17 -20.38 29.92
N LEU B 74 50.02 -19.60 30.99
CA LEU B 74 50.55 -18.24 31.05
C LEU B 74 52.02 -18.21 31.40
N SER B 75 52.60 -19.34 31.80
CA SER B 75 54.03 -19.40 32.15
C SER B 75 54.93 -19.30 30.93
N VAL B 76 54.40 -19.42 29.73
CA VAL B 76 55.17 -19.30 28.50
C VAL B 76 55.16 -17.86 27.97
N ALA B 77 54.67 -16.92 28.77
CA ALA B 77 54.77 -15.50 28.43
C ALA B 77 55.87 -14.81 29.22
N CYS B 78 56.69 -15.55 29.95
CA CYS B 78 57.69 -14.94 30.81
C CYS B 78 58.86 -15.88 31.01
N ILE B 79 59.99 -15.32 31.45
CA ILE B 79 61.15 -16.07 31.90
C ILE B 79 61.33 -15.74 33.36
N CYS B 80 61.18 -16.73 34.24
CA CYS B 80 61.25 -16.51 35.68
C CYS B 80 62.55 -17.04 36.25
N THR B 81 63.24 -16.20 37.03
CA THR B 81 64.49 -16.57 37.68
C THR B 81 64.44 -16.10 39.13
N LYS B 82 64.92 -16.95 40.03
CA LYS B 82 65.01 -16.57 41.44
C LYS B 82 66.15 -15.58 41.64
N PHE B 83 66.00 -14.75 42.66
CA PHE B 83 66.97 -13.70 42.99
C PHE B 83 66.83 -13.32 44.45
N PRO B 84 67.66 -13.90 45.34
CA PRO B 84 67.46 -13.68 46.78
C PRO B 84 67.78 -12.27 47.25
N GLU B 85 68.81 -11.63 46.69
CA GLU B 85 69.20 -10.29 47.13
C GLU B 85 68.51 -9.21 46.31
N LEU B 86 67.19 -9.29 46.21
CA LEU B 86 66.41 -8.29 45.50
C LEU B 86 66.09 -7.07 46.36
N ALA B 87 66.22 -7.19 47.69
CA ALA B 87 65.99 -6.06 48.58
C ALA B 87 67.17 -5.10 48.64
N TYR B 88 68.32 -5.47 48.06
CA TYR B 88 69.49 -4.60 48.04
C TYR B 88 69.69 -3.88 46.72
N VAL B 89 69.00 -4.29 45.67
CA VAL B 89 69.23 -3.75 44.33
C VAL B 89 68.60 -2.37 44.24
N ARG B 90 69.40 -1.36 43.90
CA ARG B 90 68.87 0.00 43.76
C ARG B 90 68.21 0.18 42.41
N ASP B 91 68.90 -0.18 41.33
CA ASP B 91 68.37 0.01 39.98
C ASP B 91 69.07 -0.96 39.05
N GLY B 92 68.32 -1.92 38.49
CA GLY B 92 68.87 -2.83 37.50
C GLY B 92 68.82 -2.25 36.10
N VAL B 93 69.55 -2.90 35.19
CA VAL B 93 69.71 -2.39 33.84
C VAL B 93 70.10 -3.53 32.88
N ILE B 94 69.46 -3.57 31.72
CA ILE B 94 69.84 -4.48 30.63
C ILE B 94 70.18 -3.63 29.41
N GLN B 95 70.92 -4.23 28.48
CA GLN B 95 71.45 -3.51 27.33
C GLN B 95 71.16 -4.27 26.04
N PHE B 96 70.94 -3.51 24.97
CA PHE B 96 70.69 -4.05 23.64
C PHE B 96 71.64 -3.42 22.64
N GLU B 97 72.25 -4.25 21.79
CA GLU B 97 73.15 -3.79 20.72
C GLU B 97 72.70 -4.48 19.43
N VAL B 98 71.90 -3.79 18.62
CA VAL B 98 71.38 -4.35 17.37
C VAL B 98 71.99 -3.61 16.19
N GLN B 99 72.12 -4.32 15.07
CA GLN B 99 72.64 -3.78 13.83
C GLN B 99 71.65 -4.05 12.69
N GLN B 100 71.76 -3.25 11.63
CA GLN B 100 70.79 -3.32 10.54
C GLN B 100 71.50 -3.54 9.21
N PRO B 101 70.84 -4.25 8.26
CA PRO B 101 71.50 -4.54 6.97
C PRO B 101 71.56 -3.34 6.02
N MET B 102 72.03 -3.57 4.80
CA MET B 102 72.23 -2.50 3.84
C MET B 102 71.87 -3.00 2.44
N ILE B 103 71.42 -2.07 1.59
CA ILE B 103 71.17 -2.31 0.19
C ILE B 103 72.03 -1.33 -0.61
N ALA B 104 72.82 -1.85 -1.55
CA ALA B 104 73.65 -1.03 -2.42
C ALA B 104 72.87 -0.62 -3.66
N ARG B 105 72.88 0.66 -3.99
CA ARG B 105 72.13 1.19 -5.12
C ARG B 105 72.98 2.21 -5.87
N ASP B 106 72.52 2.57 -7.06
CA ASP B 106 73.19 3.52 -7.93
C ASP B 106 72.23 4.66 -8.29
N GLY B 107 72.65 5.50 -9.23
CA GLY B 107 71.82 6.58 -9.71
C GLY B 107 72.05 7.87 -8.94
N PRO B 108 71.01 8.71 -8.86
CA PRO B 108 71.12 9.93 -8.05
C PRO B 108 70.80 9.71 -6.59
N HIS B 109 71.36 8.65 -6.00
CA HIS B 109 71.13 8.30 -4.61
C HIS B 109 72.44 8.48 -3.85
N PRO B 110 72.43 9.13 -2.68
CA PRO B 110 73.64 9.18 -1.86
C PRO B 110 74.00 7.79 -1.35
N VAL B 111 75.30 7.53 -1.27
CA VAL B 111 75.78 6.23 -0.80
C VAL B 111 75.51 6.09 0.68
N ASP B 112 75.24 4.87 1.12
CA ASP B 112 74.73 4.62 2.46
C ASP B 112 75.71 3.79 3.29
N GLN B 113 75.66 4.00 4.59
CA GLN B 113 76.50 3.35 5.58
C GLN B 113 75.62 2.75 6.67
N PRO B 114 75.98 1.59 7.22
CA PRO B 114 75.08 0.90 8.13
C PRO B 114 75.01 1.59 9.49
N VAL B 115 73.92 1.31 10.20
CA VAL B 115 73.64 1.94 11.48
C VAL B 115 73.76 0.89 12.58
N HIS B 116 74.13 1.34 13.78
CA HIS B 116 74.12 0.52 14.97
C HIS B 116 73.26 1.22 16.02
N ASN B 117 72.42 0.46 16.71
CA ASN B 117 71.51 1.02 17.70
C ASN B 117 71.82 0.43 19.07
N TYR B 118 71.84 1.30 20.08
CA TYR B 118 72.07 0.90 21.46
C TYR B 118 70.89 1.36 22.30
N MET B 119 70.26 0.43 23.01
CA MET B 119 69.09 0.72 23.84
C MET B 119 69.33 0.19 25.24
N VAL B 120 68.73 0.87 26.22
CA VAL B 120 68.91 0.55 27.63
C VAL B 120 67.52 0.53 28.29
N LYS B 121 67.20 -0.56 28.97
CA LYS B 121 65.98 -0.67 29.75
C LYS B 121 66.33 -0.96 31.20
N ARG B 122 65.45 -0.54 32.11
CA ARG B 122 65.66 -0.72 33.53
C ARG B 122 64.49 -1.46 34.16
N ILE B 123 64.74 -2.08 35.31
CA ILE B 123 63.73 -2.91 35.95
C ILE B 123 62.69 -2.04 36.65
N HIS B 124 61.55 -2.66 36.94
CA HIS B 124 60.45 -2.01 37.66
C HIS B 124 60.02 -2.93 38.80
N LYS B 125 59.96 -2.39 40.01
CA LYS B 125 59.77 -3.19 41.21
C LYS B 125 58.30 -3.25 41.60
N ARG B 126 57.80 -4.46 41.83
CA ARG B 126 56.44 -4.69 42.31
C ARG B 126 56.48 -5.54 43.58
N SER B 127 55.32 -6.00 44.04
CA SER B 127 55.26 -6.80 45.26
C SER B 127 54.03 -7.70 45.22
N LEU B 128 53.96 -8.60 46.20
CA LEU B 128 52.77 -9.41 46.44
C LEU B 128 52.59 -9.54 47.94
N SER B 129 51.36 -9.37 48.42
CA SER B 129 51.06 -9.39 49.84
C SER B 129 49.77 -10.15 50.12
N ALA B 130 49.79 -10.98 51.16
CA ALA B 130 48.62 -11.72 51.60
C ALA B 130 48.63 -11.82 53.11
N ALA B 131 47.45 -11.71 53.71
CA ALA B 131 47.30 -11.66 55.15
C ALA B 131 46.94 -13.04 55.70
N PHE B 132 47.10 -13.18 57.01
CA PHE B 132 46.91 -14.46 57.71
C PHE B 132 46.70 -14.16 59.18
N ALA B 133 45.52 -14.52 59.70
CA ALA B 133 45.12 -14.14 61.04
C ALA B 133 45.08 -15.35 61.96
N ILE B 134 45.50 -15.16 63.21
CA ILE B 134 45.45 -16.17 64.26
C ILE B 134 44.72 -15.56 65.45
N ALA B 135 43.71 -16.27 65.95
CA ALA B 135 42.93 -15.78 67.08
C ALA B 135 43.76 -15.82 68.36
N SER B 136 43.33 -15.02 69.34
CA SER B 136 44.08 -14.88 70.59
C SER B 136 43.99 -16.15 71.44
N GLU B 137 42.85 -16.83 71.40
CA GLU B 137 42.69 -18.07 72.14
C GLU B 137 43.60 -19.17 71.58
N ALA B 138 43.80 -19.18 70.26
CA ALA B 138 44.74 -20.12 69.65
C ALA B 138 46.16 -19.83 70.09
N LEU B 139 46.53 -18.55 70.21
CA LEU B 139 47.85 -18.19 70.69
C LEU B 139 48.03 -18.57 72.15
N SER B 140 46.96 -18.46 72.95
CA SER B 140 47.03 -18.89 74.34
C SER B 140 47.16 -20.40 74.44
N LEU B 141 46.53 -21.13 73.53
CA LEU B 141 46.61 -22.59 73.56
C LEU B 141 47.97 -23.08 73.10
N LEU B 142 48.55 -22.44 72.08
CA LEU B 142 49.82 -22.91 71.52
C LEU B 142 51.01 -22.57 72.40
N SER B 143 50.87 -21.63 73.33
CA SER B 143 51.98 -21.15 74.15
C SER B 143 51.74 -21.39 75.64
N ASN B 144 51.31 -22.61 75.99
CA ASN B 144 51.09 -22.94 77.39
C ASN B 144 52.42 -23.04 78.15
N THR B 145 53.48 -23.46 77.45
CA THR B 145 54.83 -23.69 78.01
C THR B 145 54.79 -24.69 79.16
N TYR B 146 54.40 -25.92 78.82
CA TYR B 146 54.49 -27.11 79.69
C TYR B 146 53.64 -26.97 80.95
N VAL B 147 52.40 -26.49 80.78
CA VAL B 147 51.46 -26.36 81.88
C VAL B 147 50.25 -27.24 81.65
N ASP B 148 49.70 -27.21 80.45
CA ASP B 148 48.48 -27.92 80.10
C ASP B 148 48.80 -29.35 79.68
N GLY B 149 47.80 -30.03 79.12
CA GLY B 149 47.96 -31.41 78.73
C GLY B 149 46.81 -32.31 79.14
N THR B 150 45.70 -31.72 79.58
CA THR B 150 44.54 -32.51 79.96
C THR B 150 43.78 -32.98 78.72
N GLU B 151 42.69 -33.71 78.95
CA GLU B 151 41.98 -34.38 77.87
C GLU B 151 41.15 -33.43 77.01
N ILE B 152 40.70 -32.32 77.57
CA ILE B 152 39.85 -31.38 76.81
C ILE B 152 40.66 -30.23 76.20
N ASP B 153 41.87 -29.95 76.72
CA ASP B 153 42.70 -28.92 76.12
C ASP B 153 43.48 -29.45 74.92
N SER B 154 43.73 -30.76 74.88
CA SER B 154 44.42 -31.35 73.73
C SER B 154 43.57 -31.26 72.47
N SER B 155 42.25 -31.46 72.60
CA SER B 155 41.37 -31.34 71.45
C SER B 155 41.31 -29.90 70.95
N LEU B 156 41.31 -28.92 71.87
CA LEU B 156 41.31 -27.52 71.47
C LEU B 156 42.62 -27.14 70.80
N ARG B 157 43.74 -27.66 71.30
CA ARG B 157 45.04 -27.43 70.67
C ARG B 157 45.09 -28.04 69.27
N ILE B 158 44.53 -29.24 69.11
CA ILE B 158 44.46 -29.89 67.81
C ILE B 158 43.58 -29.09 66.85
N ARG B 159 42.45 -28.58 67.32
CA ARG B 159 41.57 -27.76 66.49
C ARG B 159 42.25 -26.47 66.05
N ALA B 160 42.97 -25.82 66.98
CA ALA B 160 43.69 -24.59 66.64
C ALA B 160 44.80 -24.85 65.63
N ILE B 161 45.54 -25.95 65.80
CA ILE B 161 46.65 -26.23 64.88
C ILE B 161 46.10 -26.67 63.52
N GLN B 162 44.92 -27.31 63.48
CA GLN B 162 44.30 -27.66 62.22
C GLN B 162 43.85 -26.43 61.46
N GLN B 163 43.17 -25.50 62.15
CA GLN B 163 42.72 -24.26 61.51
C GLN B 163 43.90 -23.41 61.05
N MET B 164 44.98 -23.39 61.84
CA MET B 164 46.14 -22.58 61.50
C MET B 164 46.90 -23.16 60.31
N ALA B 165 47.04 -24.49 60.25
CA ALA B 165 47.69 -25.12 59.09
C ALA B 165 46.84 -24.98 57.82
N ARG B 166 45.51 -25.18 57.95
CA ARG B 166 44.61 -25.04 56.81
C ARG B 166 44.54 -23.61 56.30
N ASN B 167 44.73 -22.63 57.19
CA ASN B 167 44.84 -21.24 56.80
C ASN B 167 46.15 -20.96 56.07
N LEU B 168 47.25 -21.50 56.61
CA LEU B 168 48.57 -21.24 56.04
C LEU B 168 48.73 -21.86 54.67
N ARG B 169 48.04 -22.99 54.40
CA ARG B 169 48.12 -23.60 53.08
C ARG B 169 47.50 -22.73 52.00
N THR B 170 46.33 -22.15 52.26
CA THR B 170 45.73 -21.24 51.28
C THR B 170 46.53 -19.96 51.16
N VAL B 171 47.12 -19.49 52.27
CA VAL B 171 47.97 -18.29 52.23
C VAL B 171 49.20 -18.53 51.35
N LEU B 172 49.81 -19.71 51.46
CA LEU B 172 50.98 -20.00 50.64
C LEU B 172 50.61 -20.28 49.19
N ASP B 173 49.41 -20.83 48.94
CA ASP B 173 48.95 -21.07 47.58
C ASP B 173 48.58 -19.76 46.88
N SER B 174 48.28 -18.71 47.65
CA SER B 174 47.86 -17.43 47.07
C SER B 174 48.92 -16.79 46.19
N PHE B 175 50.20 -16.97 46.51
CA PHE B 175 51.26 -16.35 45.72
C PHE B 175 51.37 -16.99 44.34
N GLU B 176 51.29 -18.32 44.29
CA GLU B 176 51.27 -19.02 43.00
C GLU B 176 50.00 -18.72 42.23
N ARG B 177 48.89 -18.46 42.94
CA ARG B 177 47.67 -18.09 42.24
C ARG B 177 47.70 -16.66 41.73
N GLY B 178 48.45 -15.77 42.38
CA GLY B 178 48.47 -14.37 42.01
C GLY B 178 49.63 -13.93 41.13
N THR B 179 50.62 -14.80 40.95
CA THR B 179 51.69 -14.50 40.00
C THR B 179 51.15 -14.40 38.58
N ALA B 180 50.22 -15.29 38.21
CA ALA B 180 49.56 -15.20 36.92
C ALA B 180 48.70 -13.96 36.81
N ASP B 181 48.12 -13.51 37.93
CA ASP B 181 47.34 -12.26 37.94
C ASP B 181 48.23 -11.06 37.67
N GLN B 182 49.41 -11.02 38.30
CA GLN B 182 50.35 -9.94 38.04
C GLN B 182 50.86 -9.97 36.60
N LEU B 183 51.09 -11.18 36.05
CA LEU B 183 51.49 -11.28 34.65
C LEU B 183 50.40 -10.78 33.71
N LEU B 184 49.14 -11.12 33.98
CA LEU B 184 48.05 -10.62 33.16
C LEU B 184 47.92 -9.11 33.25
N GLY B 185 48.09 -8.55 34.46
CA GLY B 185 48.03 -7.10 34.59
C GLY B 185 49.14 -6.39 33.85
N VAL B 186 50.37 -6.91 33.95
CA VAL B 186 51.50 -6.23 33.32
C VAL B 186 51.50 -6.50 31.81
N LEU B 187 50.77 -7.52 31.35
CA LEU B 187 50.66 -7.71 29.90
C LEU B 187 49.53 -6.88 29.30
N LEU B 188 48.42 -6.68 30.01
CA LEU B 188 47.39 -5.78 29.49
C LEU B 188 47.81 -4.32 29.62
N GLU B 189 48.71 -3.99 30.54
CA GLU B 189 49.22 -2.63 30.56
C GLU B 189 50.39 -2.41 29.60
N LYS B 190 50.78 -3.43 28.83
CA LYS B 190 51.87 -3.34 27.88
C LYS B 190 51.42 -3.45 26.42
N ALA B 191 50.20 -3.90 26.16
CA ALA B 191 49.78 -4.27 24.83
C ALA B 191 49.06 -3.12 24.13
N PRO B 192 49.59 -2.61 23.01
CA PRO B 192 48.81 -1.69 22.20
C PRO B 192 47.67 -2.41 21.49
N PRO B 193 46.61 -1.70 21.10
CA PRO B 193 45.49 -2.36 20.41
C PRO B 193 45.89 -2.87 19.03
N LEU B 194 45.21 -3.93 18.61
CA LEU B 194 45.44 -4.51 17.29
C LEU B 194 44.98 -3.59 16.18
N SER B 195 43.89 -2.85 16.40
CA SER B 195 43.27 -2.03 15.36
C SER B 195 44.18 -0.89 14.92
N LEU B 196 45.11 -0.47 15.78
CA LEU B 196 46.10 0.52 15.37
C LEU B 196 47.42 -0.13 14.95
N LEU B 197 47.83 -1.18 15.66
CA LEU B 197 49.15 -1.77 15.40
C LEU B 197 49.20 -2.53 14.08
N SER B 198 48.11 -3.17 13.68
CA SER B 198 48.11 -3.95 12.44
C SER B 198 48.33 -3.14 11.17
N PRO B 199 47.68 -1.97 10.94
CA PRO B 199 48.06 -1.19 9.75
C PRO B 199 49.38 -0.44 9.90
N ILE B 200 49.87 -0.22 11.12
CA ILE B 200 51.15 0.46 11.31
C ILE B 200 52.30 -0.42 10.80
N ASN B 201 52.27 -1.71 11.12
CA ASN B 201 53.35 -2.61 10.71
C ASN B 201 53.32 -2.94 9.21
N LYS B 202 52.23 -2.61 8.51
CA LYS B 202 52.11 -2.92 7.09
C LYS B 202 52.24 -1.70 6.20
N PHE B 203 51.47 -0.64 6.46
CA PHE B 203 51.48 0.55 5.62
C PHE B 203 52.62 1.49 5.96
N GLN B 204 53.36 1.22 7.03
CA GLN B 204 54.61 1.91 7.34
C GLN B 204 55.68 0.82 7.39
N PRO B 205 56.38 0.60 6.29
CA PRO B 205 57.34 -0.53 6.26
C PRO B 205 58.58 -0.28 7.09
N GLU B 206 59.17 0.92 7.02
CA GLU B 206 60.39 1.23 7.75
C GLU B 206 60.22 2.34 8.76
N GLY B 207 59.69 3.49 8.33
CA GLY B 207 59.48 4.63 9.20
C GLY B 207 59.95 5.90 8.56
N HIS B 208 59.95 6.97 9.37
CA HIS B 208 60.30 8.34 8.96
C HIS B 208 59.46 8.79 7.78
N LEU B 209 58.15 8.58 7.89
CA LEU B 209 57.23 8.93 6.82
C LEU B 209 57.07 10.43 6.70
N ASN B 210 56.70 10.88 5.50
CA ASN B 210 56.39 12.27 5.24
C ASN B 210 54.95 12.57 5.68
N ARG B 211 54.47 13.77 5.33
CA ARG B 211 53.13 14.18 5.73
C ARG B 211 52.05 13.38 4.99
N VAL B 212 52.30 13.07 3.72
CA VAL B 212 51.28 12.43 2.88
C VAL B 212 51.02 11.00 3.33
N ALA B 213 52.11 10.24 3.55
CA ALA B 213 51.98 8.86 3.99
C ALA B 213 51.40 8.78 5.40
N ARG B 214 51.80 9.71 6.28
CA ARG B 214 51.25 9.73 7.64
C ARG B 214 49.75 10.08 7.62
N ALA B 215 49.35 11.00 6.74
CA ALA B 215 47.94 11.38 6.68
C ALA B 215 47.08 10.27 6.11
N ALA B 216 47.54 9.60 5.06
CA ALA B 216 46.79 8.46 4.50
C ALA B 216 46.73 7.30 5.49
N LEU B 217 47.84 7.05 6.20
CA LEU B 217 47.87 6.03 7.24
C LEU B 217 46.93 6.39 8.38
N LEU B 218 46.80 7.69 8.70
CA LEU B 218 45.92 8.10 9.78
C LEU B 218 44.45 7.92 9.41
N SER B 219 44.10 8.23 8.15
CA SER B 219 42.73 7.97 7.70
C SER B 219 42.42 6.48 7.69
N ASP B 220 43.40 5.66 7.27
CA ASP B 220 43.23 4.21 7.33
C ASP B 220 43.08 3.72 8.77
N LEU B 221 43.84 4.32 9.70
CA LEU B 221 43.71 3.98 11.12
C LEU B 221 42.33 4.31 11.66
N LYS B 222 41.79 5.48 11.27
CA LYS B 222 40.46 5.87 11.72
C LYS B 222 39.40 4.90 11.21
N ARG B 223 39.46 4.56 9.92
CA ARG B 223 38.48 3.63 9.35
C ARG B 223 38.62 2.22 9.95
N ARG B 224 39.86 1.80 10.21
CA ARG B 224 40.09 0.46 10.74
C ARG B 224 39.64 0.36 12.21
N VAL B 225 39.86 1.40 13.00
CA VAL B 225 39.43 1.36 14.39
C VAL B 225 37.92 1.57 14.49
N CYS B 226 37.30 2.18 13.47
CA CYS B 226 35.84 2.24 13.46
C CYS B 226 35.23 0.90 13.06
N ALA B 227 35.86 0.19 12.12
CA ALA B 227 35.29 -1.05 11.62
C ALA B 227 35.60 -2.24 12.53
N ASP B 228 36.88 -2.47 12.81
CA ASP B 228 37.32 -3.71 13.45
C ASP B 228 37.34 -3.54 14.96
N MET B 229 36.16 -3.34 15.52
CA MET B 229 36.00 -3.04 16.95
C MET B 229 35.39 -4.18 17.75
N PHE B 230 34.33 -4.81 17.23
CA PHE B 230 33.58 -5.86 17.91
C PHE B 230 33.53 -7.10 17.03
N PHE B 231 34.71 -7.53 16.57
CA PHE B 231 34.84 -8.53 15.52
C PHE B 231 34.24 -9.88 15.89
N MET B 232 34.42 -10.32 17.13
CA MET B 232 34.02 -11.67 17.52
C MET B 232 32.55 -11.77 17.90
N THR B 233 31.82 -10.66 17.89
CA THR B 233 30.38 -10.68 18.08
C THR B 233 29.60 -10.11 16.89
N ARG B 234 30.30 -9.50 15.92
CA ARG B 234 29.65 -9.00 14.71
C ARG B 234 29.74 -10.03 13.59
N HIS B 235 30.96 -10.42 13.23
CA HIS B 235 31.18 -11.48 12.24
C HIS B 235 31.35 -12.82 12.96
N ALA B 236 30.30 -13.20 13.68
CA ALA B 236 30.29 -14.47 14.39
C ALA B 236 29.73 -15.61 13.56
N ARG B 237 28.95 -15.31 12.52
CA ARG B 237 28.41 -16.35 11.64
C ARG B 237 29.38 -16.75 10.54
N GLU B 238 30.51 -16.07 10.41
CA GLU B 238 31.53 -16.36 9.39
C GLU B 238 32.80 -16.81 10.10
N PRO B 239 33.04 -18.12 10.20
CA PRO B 239 34.25 -18.60 10.89
C PRO B 239 35.55 -18.37 10.10
N ARG B 240 35.49 -17.85 8.88
CA ARG B 240 36.70 -17.63 8.10
C ARG B 240 37.35 -16.29 8.40
N LEU B 241 36.56 -15.24 8.65
CA LEU B 241 37.10 -13.92 8.97
C LEU B 241 37.82 -13.92 10.33
N ILE B 242 37.29 -14.66 11.29
CA ILE B 242 37.91 -14.74 12.62
C ILE B 242 39.26 -15.44 12.52
N SER B 243 39.31 -16.55 11.78
CA SER B 243 40.58 -17.25 11.58
C SER B 243 41.53 -16.47 10.67
N ALA B 244 41.01 -15.56 9.84
CA ALA B 244 41.87 -14.70 9.03
C ALA B 244 42.47 -13.55 9.82
N TYR B 245 41.77 -13.03 10.83
CA TYR B 245 42.32 -11.93 11.62
C TYR B 245 43.09 -12.40 12.85
N LEU B 246 42.82 -13.61 13.35
CA LEU B 246 43.65 -14.18 14.41
C LEU B 246 45.07 -14.44 13.91
N SER B 247 45.20 -14.88 12.65
CA SER B 247 46.51 -15.06 12.04
C SER B 247 47.25 -13.73 11.89
N ASP B 248 46.51 -12.66 11.55
CA ASP B 248 47.12 -11.33 11.48
C ASP B 248 47.60 -10.87 12.85
N MET B 249 46.78 -11.10 13.89
CA MET B 249 47.17 -10.72 15.25
C MET B 249 48.40 -11.49 15.72
N VAL B 250 48.46 -12.78 15.39
CA VAL B 250 49.60 -13.60 15.82
C VAL B 250 50.85 -13.23 15.04
N SER B 251 50.76 -13.15 13.72
CA SER B 251 51.89 -12.70 12.91
C SER B 251 51.84 -11.20 12.64
N CYS B 252 51.59 -10.42 13.69
CA CYS B 252 51.81 -8.98 13.65
C CYS B 252 52.64 -8.47 14.81
N THR B 253 53.17 -9.35 15.66
CA THR B 253 54.01 -8.97 16.79
C THR B 253 55.41 -9.54 16.62
N GLN B 254 56.42 -8.74 16.93
CA GLN B 254 57.80 -9.16 16.82
C GLN B 254 58.17 -10.14 17.93
N PRO B 255 59.06 -11.10 17.64
CA PRO B 255 59.50 -12.03 18.69
C PRO B 255 60.46 -11.40 19.69
N SER B 256 60.97 -12.21 20.60
CA SER B 256 61.81 -11.76 21.70
C SER B 256 63.20 -12.37 21.57
N VAL B 257 64.01 -12.24 22.63
CA VAL B 257 65.37 -12.76 22.61
C VAL B 257 65.34 -14.29 22.62
N MET B 258 66.46 -14.88 22.21
CA MET B 258 66.57 -16.31 21.95
C MET B 258 67.55 -17.00 22.90
N VAL B 259 67.56 -16.61 24.18
CA VAL B 259 68.29 -17.35 25.19
C VAL B 259 67.31 -18.29 25.88
N SER B 260 67.71 -19.56 26.02
CA SER B 260 66.85 -20.60 26.56
C SER B 260 67.70 -21.80 26.94
N ARG B 261 67.21 -22.58 27.89
CA ARG B 261 67.74 -23.90 28.20
C ARG B 261 66.70 -24.98 27.96
N ILE B 262 65.51 -24.84 28.55
CA ILE B 262 64.38 -25.72 28.30
C ILE B 262 63.15 -24.85 28.12
N THR B 263 62.32 -25.19 27.13
CA THR B 263 61.16 -24.38 26.79
C THR B 263 59.92 -25.27 26.71
N HIS B 264 58.78 -24.64 26.46
CA HIS B 264 57.50 -25.35 26.41
C HIS B 264 57.31 -25.92 25.02
N THR B 265 57.24 -27.25 24.92
CA THR B 265 57.00 -27.94 23.66
C THR B 265 55.74 -28.78 23.79
N ASN B 266 55.31 -29.38 22.68
CA ASN B 266 54.21 -30.31 22.70
C ASN B 266 54.74 -31.72 22.99
N THR B 267 53.91 -32.73 22.78
CA THR B 267 54.33 -34.10 23.00
C THR B 267 55.33 -34.55 21.93
N ARG B 268 55.19 -34.04 20.71
CA ARG B 268 56.08 -34.46 19.63
C ARG B 268 57.47 -33.85 19.79
N GLY B 269 57.55 -32.57 20.13
CA GLY B 269 58.84 -31.93 20.30
C GLY B 269 58.91 -30.51 19.74
N ARG B 270 57.86 -30.09 19.04
CA ARG B 270 57.85 -28.75 18.47
C ARG B 270 57.59 -27.70 19.55
N GLN B 271 58.48 -26.72 19.63
CA GLN B 271 58.36 -25.68 20.64
C GLN B 271 57.25 -24.71 20.28
N VAL B 272 56.61 -24.15 21.32
CA VAL B 272 55.48 -23.27 21.10
C VAL B 272 55.97 -21.84 20.89
N ASP B 273 55.07 -20.99 20.39
CA ASP B 273 55.42 -19.65 19.98
C ASP B 273 54.57 -18.57 20.63
N GLY B 274 53.98 -18.82 21.79
CA GLY B 274 53.30 -17.77 22.50
C GLY B 274 52.13 -18.32 23.31
N VAL B 275 51.24 -17.40 23.66
CA VAL B 275 50.03 -17.72 24.42
C VAL B 275 48.96 -16.72 24.03
N LEU B 276 47.74 -17.23 23.84
CA LEU B 276 46.60 -16.43 23.38
C LEU B 276 45.50 -16.57 24.44
N VAL B 277 45.58 -15.72 25.46
CA VAL B 277 44.70 -15.83 26.62
C VAL B 277 43.38 -15.10 26.34
N THR B 278 42.27 -15.81 26.51
CA THR B 278 40.93 -15.32 26.18
C THR B 278 40.04 -15.48 27.40
N THR B 279 38.74 -15.27 27.19
CA THR B 279 37.70 -15.65 28.12
C THR B 279 37.27 -17.08 27.80
N ALA B 280 36.46 -17.67 28.69
CA ALA B 280 36.01 -19.04 28.48
C ALA B 280 35.03 -19.14 27.31
N THR B 281 34.17 -18.14 27.14
CA THR B 281 33.23 -18.11 26.03
C THR B 281 33.95 -18.02 24.69
N LEU B 282 34.97 -17.16 24.62
CA LEU B 282 35.76 -17.01 23.40
C LEU B 282 36.58 -18.26 23.12
N LYS B 283 37.08 -18.91 24.17
CA LYS B 283 37.81 -20.17 23.98
C LYS B 283 36.90 -21.26 23.43
N ARG B 284 35.67 -21.35 23.96
CA ARG B 284 34.71 -22.33 23.45
C ARG B 284 34.33 -22.05 22.01
N GLN B 285 34.11 -20.78 21.67
CA GLN B 285 33.67 -20.43 20.32
C GLN B 285 34.82 -20.62 19.32
N LEU B 286 36.05 -20.37 19.75
CA LEU B 286 37.21 -20.67 18.91
C LEU B 286 37.37 -22.17 18.70
N LEU B 287 37.33 -22.96 19.78
CA LEU B 287 37.61 -24.38 19.68
C LEU B 287 36.48 -25.19 19.06
N GLN B 288 35.26 -24.64 18.98
CA GLN B 288 34.17 -25.43 18.43
C GLN B 288 34.27 -25.55 16.91
N GLY B 289 34.64 -24.46 16.21
CA GLY B 289 34.72 -24.56 14.77
C GLY B 289 35.78 -23.72 14.06
N ILE B 290 36.57 -22.95 14.79
CA ILE B 290 37.42 -21.96 14.13
C ILE B 290 38.85 -22.47 14.02
N LEU B 291 39.44 -22.82 15.16
CA LEU B 291 40.82 -23.30 15.19
C LEU B 291 40.84 -24.81 15.35
N GLN B 292 42.00 -25.41 15.06
CA GLN B 292 42.17 -26.85 15.12
C GLN B 292 43.09 -27.21 16.29
N ILE B 293 42.76 -28.31 16.97
CA ILE B 293 43.54 -28.76 18.11
C ILE B 293 44.81 -29.43 17.60
N ASP B 294 45.97 -28.93 18.07
CA ASP B 294 47.24 -29.52 17.70
C ASP B 294 47.66 -30.63 18.65
N ASP B 295 47.44 -30.45 19.95
CA ASP B 295 47.85 -31.43 20.93
C ASP B 295 46.97 -31.25 22.16
N THR B 296 46.94 -32.29 23.00
CA THR B 296 46.22 -32.25 24.27
C THR B 296 47.10 -31.85 25.45
N ALA B 297 48.30 -32.41 25.56
CA ALA B 297 49.23 -32.12 26.64
C ALA B 297 50.41 -31.30 26.12
N ALA B 298 51.37 -31.03 26.99
CA ALA B 298 52.56 -30.27 26.63
C ALA B 298 53.69 -30.65 27.56
N ASP B 299 54.91 -30.32 27.15
CA ASP B 299 56.10 -30.51 27.96
C ASP B 299 56.45 -29.18 28.62
N VAL B 300 56.23 -29.08 29.92
CA VAL B 300 56.35 -27.83 30.66
C VAL B 300 57.55 -27.94 31.58
N PRO B 301 58.49 -26.98 31.54
CA PRO B 301 59.59 -27.00 32.51
C PRO B 301 59.09 -26.67 33.91
N VAL B 302 59.71 -27.30 34.90
CA VAL B 302 59.30 -27.16 36.29
C VAL B 302 60.27 -26.29 37.08
N THR B 303 61.57 -26.39 36.79
CA THR B 303 62.57 -25.67 37.55
C THR B 303 62.57 -24.18 37.21
N TYR B 304 63.01 -23.37 38.16
CA TYR B 304 63.03 -21.92 38.01
C TYR B 304 64.37 -21.43 37.45
N GLY B 305 65.46 -21.77 38.12
CA GLY B 305 66.78 -21.35 37.69
C GLY B 305 67.19 -20.09 38.41
N GLU B 306 68.08 -20.21 39.38
CA GLU B 306 68.44 -19.10 40.25
C GLU B 306 69.82 -18.58 39.91
N MET B 307 70.06 -17.32 40.29
CA MET B 307 71.38 -16.74 40.25
C MET B 307 71.69 -16.11 41.60
N VAL B 308 72.93 -16.29 42.07
CA VAL B 308 73.41 -15.68 43.29
C VAL B 308 74.67 -14.90 42.96
N LEU B 309 75.11 -14.08 43.91
CA LEU B 309 76.34 -13.32 43.78
C LEU B 309 77.38 -13.88 44.74
N GLN B 310 78.56 -14.18 44.20
CA GLN B 310 79.63 -14.77 44.99
C GLN B 310 80.95 -14.50 44.28
N GLY B 311 82.05 -14.63 45.03
CA GLY B 311 83.36 -14.44 44.44
C GLY B 311 83.62 -12.97 44.18
N THR B 312 83.92 -12.63 42.93
CA THR B 312 84.22 -11.25 42.58
C THR B 312 82.96 -10.38 42.55
N ASN B 313 81.80 -11.00 42.34
CA ASN B 313 80.55 -10.25 42.34
C ASN B 313 80.23 -9.69 43.72
N LEU B 314 80.46 -10.48 44.77
CA LEU B 314 80.22 -10.02 46.14
C LEU B 314 81.20 -8.91 46.51
N VAL B 315 82.47 -9.04 46.10
CA VAL B 315 83.47 -8.01 46.38
C VAL B 315 83.13 -6.72 45.66
N THR B 316 82.72 -6.82 44.39
CA THR B 316 82.37 -5.64 43.61
C THR B 316 81.10 -4.98 44.14
N ALA B 317 80.16 -5.77 44.65
CA ALA B 317 78.94 -5.21 45.21
C ALA B 317 79.19 -4.54 46.55
N LEU B 318 80.05 -5.14 47.39
CA LEU B 318 80.30 -4.58 48.71
C LEU B 318 81.20 -3.34 48.64
N VAL B 319 82.24 -3.37 47.82
CA VAL B 319 83.22 -2.29 47.81
C VAL B 319 82.81 -1.21 46.82
N MET B 320 82.73 -1.57 45.53
CA MET B 320 82.46 -0.57 44.51
C MET B 320 81.01 -0.11 44.52
N GLY B 321 80.07 -1.04 44.67
CA GLY B 321 78.67 -0.73 44.63
C GLY B 321 77.95 -1.12 43.36
N LYS B 322 78.57 -1.93 42.50
CA LYS B 322 77.97 -2.38 41.25
C LYS B 322 78.23 -3.87 41.08
N ALA B 323 77.45 -4.49 40.20
CA ALA B 323 77.62 -5.90 39.88
C ALA B 323 77.09 -6.15 38.47
N VAL B 324 77.51 -7.27 37.88
CA VAL B 324 77.01 -7.73 36.60
C VAL B 324 76.66 -9.21 36.70
N ARG B 325 75.90 -9.69 35.73
CA ARG B 325 75.58 -11.10 35.64
C ARG B 325 76.71 -11.85 34.95
N GLY B 326 77.25 -12.87 35.63
CA GLY B 326 78.32 -13.66 35.08
C GLY B 326 79.62 -12.88 34.93
N MET B 327 80.10 -12.30 36.03
CA MET B 327 81.35 -11.54 36.01
C MET B 327 82.54 -12.44 35.70
N ASP B 328 82.51 -13.69 36.17
CA ASP B 328 83.58 -14.63 35.89
C ASP B 328 83.67 -14.95 34.41
N ASP B 329 82.52 -15.17 33.76
CA ASP B 329 82.51 -15.50 32.33
C ASP B 329 82.91 -14.30 31.48
N VAL B 330 82.44 -13.11 31.85
CA VAL B 330 82.78 -11.88 31.10
C VAL B 330 84.26 -11.57 31.24
N ALA B 331 84.80 -11.71 32.46
CA ALA B 331 86.23 -11.48 32.68
C ALA B 331 87.07 -12.52 31.96
N ARG B 332 86.62 -13.79 31.95
CA ARG B 332 87.34 -14.84 31.24
C ARG B 332 87.34 -14.59 29.73
N HIS B 333 86.21 -14.13 29.19
CA HIS B 333 86.15 -13.84 27.76
C HIS B 333 87.02 -12.64 27.39
N LEU B 334 87.04 -11.61 28.24
CA LEU B 334 87.90 -10.45 27.97
C LEU B 334 89.37 -10.83 28.06
N LEU B 335 89.74 -11.66 29.05
CA LEU B 335 91.12 -12.09 29.20
C LEU B 335 91.57 -13.00 28.06
N ASP B 336 90.69 -13.90 27.62
CA ASP B 336 91.03 -14.79 26.52
C ASP B 336 90.96 -14.09 25.16
N ILE B 337 90.30 -12.94 25.07
CA ILE B 337 90.29 -12.18 23.83
C ILE B 337 91.37 -11.10 23.80
N THR B 338 91.99 -10.78 24.95
CA THR B 338 93.03 -9.77 25.00
C THR B 338 94.43 -10.32 25.22
N ASP B 339 94.61 -11.21 26.19
CA ASP B 339 95.94 -11.68 26.59
C ASP B 339 96.63 -12.66 25.63
N PRO B 340 96.07 -13.87 25.31
CA PRO B 340 96.93 -14.94 24.77
C PRO B 340 97.34 -14.75 23.32
N ASN B 341 97.99 -15.78 22.76
CA ASN B 341 98.55 -15.73 21.42
C ASN B 341 97.45 -15.77 20.36
N THR B 342 97.87 -15.77 19.09
CA THR B 342 96.99 -15.62 17.94
C THR B 342 96.06 -16.80 17.72
N LEU B 343 96.30 -17.90 18.42
CA LEU B 343 95.45 -19.09 18.30
C LEU B 343 94.06 -18.86 18.90
N ASN B 344 93.93 -17.98 19.90
CA ASN B 344 92.69 -17.87 20.65
C ASN B 344 92.09 -16.48 20.72
N ILE B 345 92.85 -15.41 20.41
CA ILE B 345 92.27 -14.06 20.46
C ILE B 345 91.17 -13.79 19.43
N PRO B 346 91.34 -14.07 18.08
CA PRO B 346 90.37 -13.46 17.16
C PRO B 346 89.06 -14.24 17.08
N SER B 347 88.25 -14.15 18.13
CA SER B 347 86.99 -14.88 18.17
C SER B 347 85.96 -14.01 18.90
N ILE B 348 85.18 -13.25 18.14
CA ILE B 348 84.04 -12.52 18.70
C ILE B 348 82.78 -12.92 17.94
N PRO B 349 82.14 -14.04 18.27
CA PRO B 349 80.86 -14.37 17.66
C PRO B 349 79.71 -13.82 18.50
N PRO B 350 78.73 -13.17 17.86
CA PRO B 350 77.51 -12.82 18.60
C PRO B 350 76.68 -14.06 18.89
N GLN B 351 76.70 -14.52 20.14
CA GLN B 351 76.13 -15.81 20.49
C GLN B 351 75.86 -15.79 21.98
N SER B 352 74.98 -16.71 22.42
CA SER B 352 74.68 -16.84 23.84
C SER B 352 75.91 -17.28 24.63
N ASN B 353 76.72 -18.18 24.05
CA ASN B 353 77.96 -18.72 24.61
C ASN B 353 77.74 -19.36 25.98
N SER B 354 78.16 -18.66 27.03
CA SER B 354 78.03 -19.08 28.43
C SER B 354 78.70 -20.43 28.68
N ASP B 355 80.02 -20.44 28.50
CA ASP B 355 80.81 -21.65 28.69
C ASP B 355 80.89 -21.99 30.19
N SER B 356 81.22 -23.27 30.45
CA SER B 356 81.26 -23.88 31.78
C SER B 356 79.87 -23.75 32.40
N THR B 357 79.73 -23.14 33.58
CA THR B 357 78.46 -22.89 34.27
C THR B 357 77.67 -24.19 34.50
N THR B 358 78.25 -25.04 35.34
CA THR B 358 77.70 -26.37 35.59
C THR B 358 76.49 -26.29 36.51
N ALA B 359 75.99 -27.47 36.92
CA ALA B 359 74.86 -27.71 37.81
C ALA B 359 73.52 -27.22 37.26
N GLY B 360 72.42 -27.69 37.85
CA GLY B 360 71.09 -27.37 37.41
C GLY B 360 70.22 -28.59 37.44
N LEU B 361 69.13 -28.55 36.67
CA LEU B 361 68.20 -29.68 36.59
C LEU B 361 67.47 -29.66 35.26
N PRO B 362 67.92 -30.46 34.28
CA PRO B 362 67.23 -30.53 32.97
C PRO B 362 66.10 -31.56 32.93
N VAL B 363 64.98 -31.21 33.56
CA VAL B 363 63.83 -32.10 33.63
C VAL B 363 62.59 -31.38 33.10
N ASN B 364 61.62 -32.17 32.68
CA ASN B 364 60.36 -31.67 32.14
C ASN B 364 59.20 -32.42 32.78
N ALA B 365 57.99 -31.94 32.53
CA ALA B 365 56.78 -32.57 33.03
C ALA B 365 55.71 -32.52 31.96
N ARG B 366 54.77 -33.46 32.03
CA ARG B 366 53.66 -33.54 31.10
C ARG B 366 52.44 -32.89 31.73
N VAL B 367 51.98 -31.78 31.14
CA VAL B 367 50.91 -30.98 31.73
C VAL B 367 49.74 -30.91 30.76
N PRO B 368 48.53 -31.34 31.17
CA PRO B 368 47.35 -31.17 30.31
C PRO B 368 46.99 -29.71 30.08
N ALA B 369 47.18 -29.25 28.85
CA ALA B 369 46.82 -27.89 28.43
C ALA B 369 46.70 -27.86 26.91
N ASP B 370 45.59 -27.36 26.40
CA ASP B 370 45.31 -27.45 24.97
C ASP B 370 46.21 -26.54 24.16
N LEU B 371 46.69 -27.05 23.03
CA LEU B 371 47.56 -26.32 22.12
C LEU B 371 46.87 -26.21 20.77
N VAL B 372 46.76 -24.99 20.26
CA VAL B 372 46.20 -24.74 18.94
C VAL B 372 47.30 -24.21 18.03
N ILE B 373 47.05 -24.28 16.73
CA ILE B 373 47.98 -23.79 15.72
C ILE B 373 47.26 -22.79 14.84
N VAL B 374 47.81 -21.57 14.77
CA VAL B 374 47.26 -20.49 13.97
C VAL B 374 48.35 -19.96 13.04
N GLY B 375 48.00 -19.75 11.77
CA GLY B 375 48.97 -19.35 10.77
C GLY B 375 50.04 -20.40 10.56
N ASP B 376 51.25 -20.11 11.04
CA ASP B 376 52.34 -21.07 11.07
C ASP B 376 52.93 -21.19 12.47
N LYS B 377 52.24 -20.68 13.48
CA LYS B 377 52.73 -20.65 14.85
C LYS B 377 51.88 -21.53 15.75
N LEU B 378 52.52 -22.10 16.76
CA LEU B 378 51.87 -22.98 17.74
C LEU B 378 51.77 -22.23 19.06
N VAL B 379 50.54 -21.92 19.47
CA VAL B 379 50.29 -21.10 20.64
C VAL B 379 49.41 -21.85 21.63
N PHE B 380 49.54 -21.50 22.91
CA PHE B 380 48.57 -21.94 23.90
C PHE B 380 47.27 -21.17 23.73
N LEU B 381 46.16 -21.80 24.10
CA LEU B 381 44.85 -21.14 24.16
C LEU B 381 44.33 -21.34 25.58
N GLU B 382 44.70 -20.44 26.47
CA GLU B 382 44.38 -20.58 27.89
C GLU B 382 43.20 -19.67 28.23
N ALA B 383 42.26 -20.21 29.00
CA ALA B 383 41.04 -19.53 29.41
C ALA B 383 40.92 -19.58 30.92
N LEU B 384 41.96 -19.12 31.59
CA LEU B 384 42.15 -19.27 33.03
C LEU B 384 41.11 -18.41 33.77
N GLU B 385 40.02 -19.07 34.14
CA GLU B 385 38.86 -18.47 34.78
C GLU B 385 38.33 -19.38 35.88
N ARG B 386 38.63 -20.68 35.78
CA ARG B 386 38.18 -21.67 36.76
C ARG B 386 39.27 -22.09 37.73
N ARG B 387 40.50 -22.26 37.24
CA ARG B 387 41.62 -22.55 38.14
C ARG B 387 41.93 -21.36 39.03
N VAL B 388 41.85 -20.16 38.47
CA VAL B 388 42.14 -18.91 39.16
C VAL B 388 40.97 -17.96 38.88
N TYR B 389 40.75 -17.00 39.79
CA TYR B 389 39.62 -16.07 39.81
C TYR B 389 38.28 -16.77 40.01
N GLN B 390 38.25 -17.95 40.61
CA GLN B 390 37.01 -18.64 40.91
C GLN B 390 36.84 -18.72 42.42
N ALA B 391 35.66 -18.34 42.90
CA ALA B 391 35.29 -18.27 44.32
C ALA B 391 36.19 -17.35 45.13
N THR B 392 36.77 -16.34 44.47
CA THR B 392 37.52 -15.28 45.14
C THR B 392 37.08 -13.94 44.57
N ARG B 393 37.16 -12.91 45.39
CA ARG B 393 36.47 -11.64 45.14
C ARG B 393 37.25 -10.70 44.22
N VAL B 394 38.17 -11.21 43.40
CA VAL B 394 38.96 -10.39 42.49
C VAL B 394 38.28 -10.36 41.13
N ALA B 395 38.18 -9.17 40.54
CA ALA B 395 37.59 -9.04 39.21
C ALA B 395 38.55 -9.60 38.16
N TYR B 396 38.01 -10.41 37.27
CA TYR B 396 38.82 -10.98 36.20
C TYR B 396 39.17 -9.90 35.18
N PRO B 397 40.45 -9.74 34.80
CA PRO B 397 40.77 -8.92 33.63
C PRO B 397 40.31 -9.57 32.33
N LEU B 398 40.49 -8.85 31.21
CA LEU B 398 39.84 -9.10 29.91
C LEU B 398 38.31 -9.01 30.01
N ILE B 399 37.79 -8.29 31.00
CA ILE B 399 36.37 -7.97 31.08
C ILE B 399 36.42 -6.43 31.17
N GLY B 400 37.35 -5.85 30.43
CA GLY B 400 37.56 -4.42 30.45
C GLY B 400 36.44 -3.64 29.77
N ASN B 401 36.39 -2.35 30.10
CA ASN B 401 35.34 -1.45 29.63
C ASN B 401 35.86 -0.54 28.54
N ILE B 402 34.93 -0.02 27.72
CA ILE B 402 35.23 0.97 26.70
C ILE B 402 34.29 2.15 26.87
N ASP B 403 34.64 3.26 26.24
CA ASP B 403 33.84 4.48 26.28
C ASP B 403 33.61 4.99 24.87
N ILE B 404 32.34 5.20 24.51
CA ILE B 404 31.95 5.71 23.19
C ILE B 404 31.09 6.94 23.40
N THR B 405 31.41 8.02 22.70
CA THR B 405 30.66 9.26 22.77
C THR B 405 29.75 9.42 21.57
N PHE B 406 28.54 9.93 21.80
CA PHE B 406 27.54 10.11 20.76
C PHE B 406 27.19 11.59 20.63
N ILE B 407 27.02 12.05 19.39
CA ILE B 407 26.76 13.46 19.10
C ILE B 407 25.51 13.57 18.23
N MET B 408 24.61 14.48 18.59
CA MET B 408 23.36 14.71 17.88
C MET B 408 23.04 16.19 17.86
N PRO B 409 22.66 16.76 16.71
CA PRO B 409 22.14 18.12 16.68
C PRO B 409 20.64 18.14 16.97
N MET B 410 20.17 19.29 17.46
CA MET B 410 18.78 19.42 17.88
C MET B 410 17.99 20.42 17.04
N GLY B 411 18.43 21.67 16.98
CA GLY B 411 17.64 22.72 16.36
C GLY B 411 18.11 23.14 14.99
N VAL B 412 18.78 22.23 14.27
CA VAL B 412 19.33 22.57 12.96
C VAL B 412 18.21 22.71 11.96
N PHE B 413 18.12 23.88 11.33
CA PHE B 413 17.16 24.13 10.26
C PHE B 413 17.91 24.19 8.94
N GLN B 414 17.45 23.41 7.97
CA GLN B 414 18.06 23.39 6.65
C GLN B 414 17.72 24.67 5.90
N ALA B 415 18.66 25.63 5.90
CA ALA B 415 18.37 26.97 5.39
C ALA B 415 18.27 26.99 3.87
N ASN B 416 18.86 26.03 3.19
CA ASN B 416 18.81 25.99 1.74
C ASN B 416 17.43 25.55 1.29
N SER B 417 16.77 26.39 0.46
CA SER B 417 15.44 26.07 -0.02
C SER B 417 15.43 24.90 -0.99
N MET B 418 16.56 24.64 -1.65
CA MET B 418 16.72 23.46 -2.49
C MET B 418 16.89 22.19 -1.67
N ASP B 419 17.42 22.30 -0.45
CA ASP B 419 17.65 21.16 0.43
C ASP B 419 16.40 20.70 1.16
N ARG B 420 15.31 21.46 1.09
CA ARG B 420 14.05 21.08 1.74
C ARG B 420 13.15 20.43 0.68
N TYR B 421 13.38 19.14 0.47
CA TYR B 421 12.74 18.38 -0.59
C TYR B 421 12.16 17.09 -0.02
N THR B 422 11.07 16.63 -0.63
CA THR B 422 10.44 15.36 -0.25
C THR B 422 10.59 14.35 -1.39
N ARG B 423 10.77 13.08 -1.01
CA ARG B 423 11.05 12.03 -1.99
C ARG B 423 9.81 11.65 -2.79
N HIS B 424 8.61 11.93 -2.28
CA HIS B 424 7.38 11.68 -3.01
C HIS B 424 6.40 12.81 -2.71
N ALA B 425 5.24 12.76 -3.37
CA ALA B 425 4.25 13.81 -3.20
C ALA B 425 3.50 13.65 -1.88
N GLY B 426 2.71 12.59 -1.76
CA GLY B 426 1.97 12.33 -0.55
C GLY B 426 2.71 11.44 0.44
N ASP B 427 3.85 11.91 0.95
CA ASP B 427 4.63 11.10 1.89
C ASP B 427 3.98 11.06 3.27
N PHE B 428 3.87 12.22 3.92
CA PHE B 428 3.30 12.30 5.27
C PHE B 428 2.24 13.41 5.25
N SER B 429 1.02 13.06 4.86
CA SER B 429 -0.06 14.03 4.78
C SER B 429 -0.79 14.12 6.11
N THR B 430 -1.54 15.21 6.28
CA THR B 430 -2.29 15.48 7.50
C THR B 430 -3.65 16.03 7.11
N VAL B 431 -4.36 16.56 8.10
CA VAL B 431 -5.63 17.25 7.85
C VAL B 431 -5.47 18.76 7.89
N SER B 432 -4.35 19.26 8.39
CA SER B 432 -4.12 20.70 8.47
C SER B 432 -3.85 21.29 7.10
N GLU B 433 -4.28 22.55 6.92
CA GLU B 433 -4.02 23.24 5.65
C GLU B 433 -2.55 23.62 5.52
N GLN B 434 -1.83 23.74 6.63
CA GLN B 434 -0.39 23.93 6.64
C GLN B 434 0.22 22.71 7.32
N ASP B 435 1.11 22.02 6.60
CA ASP B 435 1.71 20.79 7.12
C ASP B 435 2.64 21.11 8.28
N PRO B 436 2.47 20.49 9.45
CA PRO B 436 3.35 20.81 10.59
C PRO B 436 4.72 20.14 10.51
N ARG B 437 5.35 20.18 9.34
CA ARG B 437 6.72 19.72 9.15
C ARG B 437 7.60 20.73 8.45
N GLN B 438 7.03 21.77 7.82
CA GLN B 438 7.81 22.87 7.27
C GLN B 438 8.32 23.79 8.37
N PHE B 439 7.72 23.74 9.55
CA PHE B 439 8.19 24.52 10.69
C PHE B 439 9.55 24.00 11.14
N PRO B 440 10.41 24.89 11.67
CA PRO B 440 11.75 24.46 12.10
C PRO B 440 11.68 23.49 13.26
N PRO B 441 12.56 22.48 13.28
CA PRO B 441 12.50 21.48 14.35
C PRO B 441 12.99 22.05 15.67
N GLN B 442 12.46 21.45 16.75
CA GLN B 442 12.80 21.89 18.10
C GLN B 442 13.30 20.76 18.99
N GLY B 443 13.40 19.53 18.48
CA GLY B 443 13.81 18.41 19.31
C GLY B 443 14.36 17.27 18.48
N ILE B 444 15.02 16.35 19.16
CA ILE B 444 15.61 15.17 18.54
C ILE B 444 15.07 13.94 19.24
N PHE B 445 14.92 12.84 18.49
CA PHE B 445 14.37 11.59 18.99
C PHE B 445 15.40 10.49 18.76
N PHE B 446 15.69 9.73 19.82
CA PHE B 446 16.69 8.67 19.75
C PHE B 446 16.20 7.48 20.56
N TYR B 447 17.02 6.45 20.64
CA TYR B 447 16.63 5.19 21.27
C TYR B 447 17.43 4.98 22.56
N ASN B 448 16.80 4.33 23.52
CA ASN B 448 17.37 4.10 24.84
C ASN B 448 18.29 2.88 24.78
N LYS B 449 18.72 2.41 25.95
CA LYS B 449 19.53 1.19 26.04
C LYS B 449 18.71 -0.04 25.64
N ASP B 450 17.46 -0.10 26.06
CA ASP B 450 16.59 -1.23 25.77
C ASP B 450 15.81 -1.08 24.47
N GLY B 451 15.91 0.05 23.80
CA GLY B 451 15.13 0.32 22.61
C GLY B 451 13.93 1.21 22.82
N ILE B 452 13.78 1.81 24.01
CA ILE B 452 12.67 2.71 24.27
C ILE B 452 12.91 4.03 23.55
N LEU B 453 11.87 4.57 22.95
CA LEU B 453 11.98 5.88 22.30
C LEU B 453 12.07 6.98 23.35
N THR B 454 13.07 7.85 23.21
CA THR B 454 13.27 8.96 24.12
C THR B 454 13.35 10.26 23.32
N GLN B 455 13.16 11.38 24.02
CA GLN B 455 13.10 12.68 23.38
C GLN B 455 13.97 13.67 24.13
N LEU B 456 14.79 14.41 23.38
CA LEU B 456 15.53 15.56 23.88
C LEU B 456 14.99 16.80 23.20
N THR B 457 14.52 17.76 23.98
CA THR B 457 13.91 18.98 23.46
C THR B 457 14.71 20.19 23.92
N LEU B 458 14.28 21.36 23.42
CA LEU B 458 14.98 22.61 23.71
C LEU B 458 14.88 23.03 25.18
N ARG B 459 13.90 22.51 25.90
CA ARG B 459 13.77 22.81 27.33
C ARG B 459 14.92 22.21 28.14
N ASP B 460 15.59 21.19 27.62
CA ASP B 460 16.71 20.58 28.32
C ASP B 460 18.01 21.38 28.17
N ALA B 461 18.06 22.36 27.27
CA ALA B 461 19.22 23.24 27.17
C ALA B 461 19.13 24.43 28.10
N MET B 462 18.06 24.50 28.89
CA MET B 462 17.87 25.57 29.87
C MET B 462 18.82 25.45 31.05
N GLY B 463 19.36 24.26 31.30
CA GLY B 463 20.38 24.13 32.33
C GLY B 463 21.73 24.71 31.93
N THR B 464 21.98 24.84 30.63
CA THR B 464 23.25 25.33 30.11
C THR B 464 23.19 26.77 29.63
N ILE B 465 22.20 27.12 28.80
CA ILE B 465 22.19 28.45 28.20
C ILE B 465 21.53 29.50 29.09
N CYS B 466 20.76 29.10 30.09
CA CYS B 466 20.11 30.03 31.01
C CYS B 466 20.89 30.18 32.31
N HIS B 467 22.22 30.09 32.24
CA HIS B 467 23.10 30.28 33.38
C HIS B 467 23.68 31.69 33.32
N SER B 468 24.37 32.08 34.40
CA SER B 468 25.09 33.34 34.42
C SER B 468 26.42 33.27 33.68
N SER B 469 26.82 32.10 33.18
CA SER B 469 28.03 31.96 32.40
C SER B 469 27.87 32.43 30.96
N LEU B 470 26.65 32.76 30.54
CA LEU B 470 26.44 33.39 29.24
C LEU B 470 26.97 34.81 29.20
N LEU B 471 27.15 35.45 30.35
CA LEU B 471 27.57 36.85 30.44
C LEU B 471 28.90 36.96 31.17
N ASP B 472 29.87 36.14 30.78
CA ASP B 472 31.17 36.10 31.44
C ASP B 472 32.15 36.66 30.42
N VAL B 473 31.79 37.81 29.85
CA VAL B 473 32.50 38.41 28.72
C VAL B 473 33.76 39.16 29.12
N GLU B 474 34.03 39.33 30.42
CA GLU B 474 35.11 40.21 30.86
C GLU B 474 36.48 39.61 30.58
N ALA B 475 36.66 38.31 30.85
CA ALA B 475 37.93 37.67 30.55
C ALA B 475 38.16 37.56 29.05
N THR B 476 37.08 37.38 28.29
CA THR B 476 37.16 37.39 26.83
C THR B 476 37.62 38.74 26.30
N LEU B 477 37.07 39.82 26.87
CA LEU B 477 37.48 41.17 26.46
C LEU B 477 38.93 41.45 26.86
N VAL B 478 39.34 41.01 28.05
CA VAL B 478 40.71 41.21 28.51
C VAL B 478 41.70 40.48 27.61
N ALA B 479 41.37 39.25 27.21
CA ALA B 479 42.24 38.50 26.32
C ALA B 479 42.21 39.06 24.90
N LEU B 480 41.08 39.65 24.48
CA LEU B 480 40.99 40.20 23.13
C LEU B 480 41.72 41.52 23.00
N ARG B 481 41.79 42.32 24.07
CA ARG B 481 42.41 43.64 23.99
C ARG B 481 43.94 43.58 23.90
N GLN B 482 44.56 42.42 24.10
CA GLN B 482 46.01 42.29 24.10
C GLN B 482 46.56 41.81 22.76
N GLN B 483 45.92 42.20 21.66
CA GLN B 483 46.33 41.80 20.33
C GLN B 483 46.73 43.03 19.51
N HIS B 484 47.00 42.82 18.23
CA HIS B 484 47.39 43.89 17.33
C HIS B 484 46.13 44.44 16.64
N LEU B 485 45.89 45.74 16.78
CA LEU B 485 44.73 46.39 16.21
C LEU B 485 45.17 47.56 15.35
N ASP B 486 44.54 47.69 14.19
CA ASP B 486 44.78 48.80 13.28
C ASP B 486 43.75 49.90 13.53
N ARG B 487 44.10 51.12 13.10
CA ARG B 487 43.21 52.26 13.30
C ARG B 487 41.99 52.16 12.40
N GLN B 488 40.82 52.19 13.02
CA GLN B 488 39.54 51.93 12.38
C GLN B 488 38.70 53.20 12.36
N CYS B 489 37.87 53.34 11.33
CA CYS B 489 36.87 54.41 11.34
C CYS B 489 35.81 54.13 12.41
N TYR B 490 35.26 55.19 12.97
CA TYR B 490 34.37 55.06 14.13
C TYR B 490 32.98 55.59 13.83
N PHE B 491 32.41 55.22 12.69
CA PHE B 491 31.09 55.71 12.34
C PHE B 491 29.97 54.99 13.07
N GLY B 492 30.05 53.66 13.17
CA GLY B 492 29.00 52.88 13.77
C GLY B 492 29.22 52.43 15.20
N VAL B 493 30.28 52.90 15.85
CA VAL B 493 30.59 52.47 17.21
C VAL B 493 30.63 53.66 18.15
N TYR B 494 30.40 54.86 17.62
CA TYR B 494 30.57 56.10 18.38
C TYR B 494 29.25 56.84 18.49
N VAL B 495 28.96 57.35 19.69
CA VAL B 495 27.78 58.16 19.96
C VAL B 495 28.25 59.58 20.25
N ALA B 496 27.41 60.57 19.95
CA ALA B 496 27.74 61.96 20.21
C ALA B 496 26.65 62.63 21.03
N GLU B 497 26.82 63.92 21.29
CA GLU B 497 25.85 64.74 21.99
C GLU B 497 25.40 65.88 21.09
N GLY B 498 24.18 66.37 21.34
CA GLY B 498 23.68 67.50 20.59
C GLY B 498 24.41 68.79 20.94
N THR B 499 24.45 69.70 19.97
CA THR B 499 25.18 70.95 20.10
C THR B 499 24.24 72.15 20.24
N GLU B 500 23.00 71.92 20.67
CA GLU B 500 21.98 72.95 20.91
C GLU B 500 21.71 73.77 19.65
N ASP B 501 21.38 73.06 18.57
CA ASP B 501 21.08 73.69 17.29
C ASP B 501 19.67 73.30 16.86
N THR B 502 19.30 73.69 15.63
CA THR B 502 17.94 73.55 15.14
C THR B 502 17.75 72.33 14.25
N LEU B 503 18.64 71.33 14.35
CA LEU B 503 18.58 70.02 13.69
C LEU B 503 18.78 70.10 12.17
N ASP B 504 18.91 71.30 11.63
CA ASP B 504 19.27 71.49 10.23
C ASP B 504 20.77 71.75 10.09
N VAL B 505 21.32 72.54 11.01
CA VAL B 505 22.75 72.80 11.01
C VAL B 505 23.52 71.56 11.42
N GLN B 506 22.99 70.79 12.37
CA GLN B 506 23.65 69.57 12.82
C GLN B 506 23.65 68.49 11.74
N MET B 507 22.55 68.39 10.99
CA MET B 507 22.47 67.44 9.89
C MET B 507 23.48 67.78 8.79
N GLY B 508 23.60 69.06 8.45
CA GLY B 508 24.58 69.48 7.47
C GLY B 508 26.01 69.30 7.95
N ARG B 509 26.25 69.55 9.24
CA ARG B 509 27.57 69.31 9.82
C ARG B 509 27.92 67.83 9.79
N PHE B 510 26.96 66.96 10.06
CA PHE B 510 27.21 65.53 9.99
C PHE B 510 27.48 65.09 8.56
N MET B 511 26.77 65.66 7.57
CA MET B 511 27.06 65.33 6.18
C MET B 511 28.43 65.81 5.75
N GLU B 512 28.82 67.02 6.15
CA GLU B 512 30.13 67.55 5.80
C GLU B 512 31.25 66.77 6.49
N THR B 513 31.00 66.26 7.69
CA THR B 513 31.98 65.41 8.36
C THR B 513 32.04 64.04 7.70
N TRP B 514 30.88 63.45 7.39
CA TRP B 514 30.79 62.09 6.88
C TRP B 514 31.24 61.98 5.43
N ALA B 515 31.32 63.10 4.70
CA ALA B 515 31.87 63.07 3.35
C ALA B 515 33.36 62.69 3.34
N ASP B 516 34.08 62.93 4.44
CA ASP B 516 35.47 62.54 4.56
C ASP B 516 35.76 61.65 5.76
N MET B 517 34.74 61.32 6.56
CA MET B 517 34.95 60.57 7.79
C MET B 517 35.25 59.10 7.50
N MET B 518 34.57 58.52 6.51
CA MET B 518 34.73 57.11 6.20
C MET B 518 35.66 56.94 5.01
N PRO B 519 36.87 56.40 5.20
CA PRO B 519 37.75 56.15 4.06
C PRO B 519 37.69 54.73 3.51
N HIS B 520 36.81 53.89 4.04
CA HIS B 520 36.74 52.50 3.63
C HIS B 520 35.32 51.98 3.84
N HIS B 521 35.16 50.66 3.74
CA HIS B 521 33.86 50.01 3.83
C HIS B 521 33.63 49.49 5.24
N PRO B 522 32.49 49.77 5.87
CA PRO B 522 32.23 49.25 7.22
C PRO B 522 31.96 47.76 7.20
N HIS B 523 32.30 47.10 8.32
CA HIS B 523 32.18 45.65 8.43
C HIS B 523 30.92 45.20 9.17
N TRP B 524 29.98 46.11 9.44
CA TRP B 524 28.69 45.72 9.98
C TRP B 524 27.56 45.88 8.97
N VAL B 525 27.89 46.24 7.73
CA VAL B 525 26.88 46.43 6.69
C VAL B 525 26.91 45.33 5.64
N ASN B 526 27.98 44.52 5.58
CA ASN B 526 28.07 43.44 4.61
C ASN B 526 27.47 42.16 5.22
N GLU B 527 26.15 42.21 5.41
CA GLU B 527 25.38 41.06 5.85
C GLU B 527 24.87 40.24 4.67
N HIS B 528 25.25 40.59 3.45
CA HIS B 528 24.87 39.86 2.25
C HIS B 528 25.64 38.56 2.08
N LEU B 529 26.63 38.29 2.94
CA LEU B 529 27.40 37.06 2.87
C LEU B 529 26.52 35.85 3.18
N THR B 530 26.79 34.73 2.50
CA THR B 530 26.18 33.48 2.87
C THR B 530 26.97 32.87 4.03
N ILE B 531 26.58 31.65 4.43
CA ILE B 531 27.26 31.00 5.55
C ILE B 531 28.66 30.55 5.12
N LEU B 532 28.83 30.14 3.86
CA LEU B 532 30.12 29.64 3.40
C LEU B 532 31.15 30.76 3.27
N GLN B 533 30.70 31.95 2.87
CA GLN B 533 31.63 33.07 2.79
C GLN B 533 31.94 33.64 4.17
N PHE B 534 30.97 33.64 5.07
CA PHE B 534 31.18 34.14 6.43
C PHE B 534 32.11 33.22 7.21
N ILE B 535 31.99 31.91 6.99
CA ILE B 535 32.73 30.94 7.78
C ILE B 535 34.15 30.75 7.25
N ALA B 536 34.40 31.17 6.00
CA ALA B 536 35.72 31.05 5.37
C ALA B 536 36.75 31.90 6.12
N PRO B 537 38.02 31.45 6.16
CA PRO B 537 39.01 32.12 7.03
C PRO B 537 39.44 33.50 6.55
N SER B 538 39.08 33.91 5.34
CA SER B 538 39.44 35.24 4.88
C SER B 538 38.54 36.34 5.45
N ASN B 539 37.48 35.97 6.17
CA ASN B 539 36.61 36.94 6.80
C ASN B 539 37.29 37.58 8.00
N PRO B 540 37.44 38.90 8.05
CA PRO B 540 38.05 39.52 9.23
C PRO B 540 37.11 39.66 10.42
N ARG B 541 35.80 39.56 10.21
CA ARG B 541 34.82 39.66 11.27
C ARG B 541 34.63 38.33 12.01
N LEU B 542 35.19 37.24 11.47
CA LEU B 542 35.04 35.92 12.07
C LEU B 542 35.70 35.83 13.44
N ARG B 543 36.83 36.50 13.62
CA ARG B 543 37.52 36.48 14.90
C ARG B 543 36.83 37.32 15.97
N PHE B 544 35.84 38.14 15.60
CA PHE B 544 35.13 38.98 16.56
C PHE B 544 33.72 38.47 16.87
N GLU B 545 33.35 37.30 16.36
CA GLU B 545 32.07 36.67 16.70
C GLU B 545 32.38 35.49 17.60
N LEU B 546 32.21 35.69 18.90
CA LEU B 546 32.54 34.66 19.89
C LEU B 546 31.33 34.24 20.71
N ASN B 547 30.60 35.19 21.29
CA ASN B 547 29.45 34.91 22.14
C ASN B 547 28.18 35.16 21.37
N PRO B 548 27.17 34.28 21.44
CA PRO B 548 25.93 34.51 20.69
C PRO B 548 25.10 35.70 21.16
N ALA B 549 25.35 36.22 22.37
CA ALA B 549 24.60 37.36 22.88
C ALA B 549 25.42 38.64 22.95
N PHE B 550 26.58 38.68 22.28
CA PHE B 550 27.45 39.84 22.35
C PHE B 550 28.02 40.18 20.98
N ASP B 551 28.21 41.48 20.74
CA ASP B 551 28.91 42.00 19.57
C ASP B 551 30.24 42.60 20.02
N PHE B 552 31.33 42.07 19.48
CA PHE B 552 32.66 42.61 19.72
C PHE B 552 33.05 43.49 18.54
N PHE B 553 33.36 44.75 18.82
CA PHE B 553 33.74 45.69 17.78
C PHE B 553 35.03 46.40 18.19
N VAL B 554 35.53 47.25 17.31
CA VAL B 554 36.71 48.07 17.55
C VAL B 554 36.22 49.49 17.83
N ALA B 555 36.50 49.98 19.02
CA ALA B 555 35.99 51.25 19.51
C ALA B 555 37.16 52.13 19.96
N PRO B 556 36.99 53.46 19.93
CA PRO B 556 38.04 54.33 20.47
C PRO B 556 38.19 54.15 21.98
N GLY B 557 39.43 54.18 22.45
CA GLY B 557 39.73 53.92 23.84
C GLY B 557 39.79 55.17 24.68
N ASP B 558 39.44 55.00 25.97
CA ASP B 558 39.49 56.05 26.99
C ASP B 558 38.64 57.26 26.61
N VAL B 559 37.39 57.00 26.21
CA VAL B 559 36.43 58.04 25.89
C VAL B 559 35.06 57.58 26.36
N ASP B 560 34.38 58.42 27.16
CA ASP B 560 33.01 58.15 27.54
C ASP B 560 32.11 58.29 26.33
N LEU B 561 31.18 57.34 26.17
CA LEU B 561 30.41 57.15 24.93
C LEU B 561 29.56 58.36 24.52
N PRO B 562 28.84 59.07 25.43
CA PRO B 562 28.35 60.40 25.02
C PRO B 562 29.48 61.42 25.12
N GLY B 563 30.03 61.81 23.98
CA GLY B 563 31.21 62.64 23.98
C GLY B 563 31.13 63.82 23.03
N PRO B 564 32.27 64.43 22.73
CA PRO B 564 32.27 65.61 21.86
C PRO B 564 31.95 65.25 20.42
N GLN B 565 31.55 66.27 19.65
CA GLN B 565 31.22 66.09 18.24
C GLN B 565 32.45 65.67 17.45
N ARG B 566 33.59 66.31 17.69
CA ARG B 566 34.84 65.87 17.09
C ARG B 566 35.33 64.62 17.82
N PRO B 567 35.58 63.52 17.12
CA PRO B 567 36.04 62.29 17.79
C PRO B 567 37.45 62.45 18.34
N PRO B 568 37.68 62.06 19.59
CA PRO B 568 39.03 62.12 20.14
C PRO B 568 39.94 61.08 19.49
N GLU B 569 41.23 61.42 19.42
CA GLU B 569 42.22 60.55 18.82
C GLU B 569 42.93 59.77 19.93
N ALA B 570 42.81 58.44 19.90
CA ALA B 570 43.39 57.58 20.92
C ALA B 570 43.60 56.19 20.33
N MET B 571 44.32 55.37 21.08
CA MET B 571 44.57 53.99 20.65
C MET B 571 43.28 53.18 20.73
N PRO B 572 42.92 52.44 19.68
CA PRO B 572 41.66 51.69 19.72
C PRO B 572 41.74 50.46 20.61
N THR B 573 40.60 50.13 21.22
CA THR B 573 40.45 48.94 22.05
C THR B 573 39.19 48.21 21.64
N VAL B 574 39.08 46.96 22.08
CA VAL B 574 37.94 46.12 21.77
C VAL B 574 36.91 46.27 22.89
N ASN B 575 35.77 46.87 22.56
CA ASN B 575 34.63 46.91 23.45
C ASN B 575 33.60 45.87 23.03
N ALA B 576 32.64 45.60 23.91
CA ALA B 576 31.56 44.68 23.62
C ALA B 576 30.25 45.27 24.09
N THR B 577 29.16 44.83 23.45
CA THR B 577 27.81 45.27 23.79
C THR B 577 26.88 44.08 23.76
N LEU B 578 25.67 44.29 24.27
CA LEU B 578 24.70 43.22 24.41
C LEU B 578 23.82 43.11 23.16
N ARG B 579 23.62 41.87 22.71
CA ARG B 579 22.59 41.58 21.72
C ARG B 579 21.27 41.49 22.46
N ILE B 580 20.53 42.60 22.47
CA ILE B 580 19.24 42.65 23.14
C ILE B 580 18.24 41.80 22.38
N ILE B 581 18.28 41.88 21.06
CA ILE B 581 17.34 41.19 20.19
C ILE B 581 17.95 39.84 19.80
N ASN B 582 17.11 38.81 19.67
CA ASN B 582 17.62 37.56 19.12
C ASN B 582 17.56 37.52 17.60
N GLY B 583 17.05 38.56 16.97
CA GLY B 583 17.14 38.78 15.55
C GLY B 583 18.31 39.63 15.13
N ASN B 584 19.07 40.18 16.08
CA ASN B 584 20.28 40.94 15.77
C ASN B 584 21.48 40.03 15.54
N ILE B 585 21.32 38.72 15.70
CA ILE B 585 22.32 37.76 15.24
C ILE B 585 22.48 37.92 13.73
N PRO B 586 23.71 37.97 13.20
CA PRO B 586 23.90 38.30 11.78
C PRO B 586 23.26 37.30 10.83
N VAL B 587 22.79 37.81 9.71
CA VAL B 587 22.02 37.10 8.68
C VAL B 587 22.74 35.86 8.14
N PRO B 588 24.07 35.85 7.91
CA PRO B 588 24.72 34.56 7.61
C PRO B 588 24.62 33.51 8.71
N LEU B 589 24.51 33.92 9.99
CA LEU B 589 24.39 32.94 11.06
C LEU B 589 22.94 32.56 11.31
N CYS B 590 22.04 33.54 11.32
CA CYS B 590 20.60 33.29 11.43
C CYS B 590 19.93 33.76 10.15
N PRO B 591 19.52 32.84 9.28
CA PRO B 591 19.12 33.24 7.91
C PRO B 591 17.75 33.91 7.84
N ILE B 592 17.33 34.23 6.62
CA ILE B 592 16.03 34.84 6.39
C ILE B 592 14.95 33.79 6.20
N SER B 593 15.30 32.67 5.57
CA SER B 593 14.34 31.58 5.37
C SER B 593 13.92 30.96 6.69
N PHE B 594 14.86 30.84 7.63
CA PHE B 594 14.52 30.35 8.98
C PHE B 594 13.60 31.31 9.70
N ARG B 595 13.85 32.61 9.56
CA ARG B 595 12.99 33.62 10.20
C ARG B 595 11.59 33.59 9.60
N ASP B 596 11.48 33.40 8.28
CA ASP B 596 10.17 33.36 7.65
C ASP B 596 9.43 32.07 8.00
N CYS B 597 10.14 30.95 8.13
CA CYS B 597 9.49 29.70 8.57
C CYS B 597 9.03 29.81 10.02
N ARG B 598 9.82 30.47 10.86
CA ARG B 598 9.40 30.70 12.25
C ARG B 598 8.20 31.64 12.31
N GLY B 599 8.16 32.64 11.44
CA GLY B 599 6.99 33.51 11.38
C GLY B 599 5.75 32.80 10.86
N THR B 600 5.94 31.84 9.96
CA THR B 600 4.82 30.99 9.53
C THR B 600 4.35 30.11 10.68
N GLN B 601 5.28 29.66 11.53
CA GLN B 601 4.91 28.87 12.70
C GLN B 601 4.15 29.70 13.73
N LEU B 602 4.53 30.98 13.90
CA LEU B 602 3.84 31.82 14.87
C LEU B 602 2.45 32.21 14.38
N GLY B 603 2.33 32.60 13.12
CA GLY B 603 1.06 33.04 12.59
C GLY B 603 0.26 31.93 11.95
N LEU B 604 0.02 30.85 12.70
CA LEU B 604 -0.70 29.70 12.15
C LEU B 604 -2.20 29.95 12.10
N GLY B 605 -2.82 30.14 13.27
CA GLY B 605 -4.23 30.42 13.36
C GLY B 605 -4.59 31.84 13.75
N ARG B 606 -3.64 32.76 13.73
CA ARG B 606 -3.89 34.12 14.19
C ARG B 606 -4.57 34.94 13.09
N HIS B 607 -4.89 36.19 13.42
CA HIS B 607 -5.57 37.07 12.49
C HIS B 607 -4.65 37.50 11.36
N THR B 608 -5.19 37.49 10.14
CA THR B 608 -4.47 37.88 8.95
C THR B 608 -5.27 38.94 8.21
N MET B 609 -4.57 39.76 7.42
CA MET B 609 -5.21 40.83 6.68
C MET B 609 -5.89 40.26 5.43
N THR B 610 -7.11 40.74 5.17
CA THR B 610 -7.75 40.46 3.90
C THR B 610 -6.99 41.15 2.77
N PRO B 611 -6.95 40.55 1.57
CA PRO B 611 -6.10 41.09 0.49
C PRO B 611 -6.50 42.47 -0.02
N ALA B 612 -7.72 42.93 0.25
CA ALA B 612 -8.11 44.29 -0.15
C ALA B 612 -7.31 45.34 0.62
N THR B 613 -7.19 45.16 1.94
CA THR B 613 -6.40 46.08 2.74
C THR B 613 -4.92 46.01 2.41
N ILE B 614 -4.44 44.79 2.10
CA ILE B 614 -3.04 44.60 1.72
C ILE B 614 -2.75 45.34 0.42
N LYS B 615 -3.64 45.21 -0.57
CA LYS B 615 -3.47 45.89 -1.84
C LYS B 615 -3.56 47.40 -1.70
N ALA B 616 -4.51 47.90 -0.88
CA ALA B 616 -4.66 49.34 -0.72
C ALA B 616 -3.48 49.97 0.02
N VAL B 617 -3.00 49.32 1.08
CA VAL B 617 -1.87 49.86 1.84
C VAL B 617 -0.57 49.75 1.03
N LYS B 618 -0.40 48.66 0.27
CA LYS B 618 0.76 48.54 -0.61
C LYS B 618 0.71 49.57 -1.73
N ASP B 619 -0.50 49.91 -2.21
CA ASP B 619 -0.63 50.95 -3.22
C ASP B 619 -0.31 52.32 -2.66
N THR B 620 -0.75 52.61 -1.43
CA THR B 620 -0.50 53.93 -0.87
C THR B 620 0.92 54.08 -0.33
N PHE B 621 1.65 52.99 -0.08
CA PHE B 621 3.05 53.10 0.31
C PHE B 621 3.99 53.18 -0.88
N GLU B 622 3.54 52.75 -2.05
CA GLU B 622 4.32 52.84 -3.27
C GLU B 622 3.85 53.98 -4.17
N ASP B 623 3.02 54.87 -3.64
CA ASP B 623 2.47 56.00 -4.40
C ASP B 623 3.48 57.14 -4.24
N ARG B 624 4.21 57.45 -5.31
CA ARG B 624 5.14 58.57 -5.29
C ARG B 624 4.46 59.92 -5.45
N ALA B 625 3.25 59.95 -5.99
CA ALA B 625 2.49 61.20 -6.14
C ALA B 625 1.58 61.47 -4.95
N TYR B 626 1.96 61.01 -3.76
CA TYR B 626 1.23 61.28 -2.53
C TYR B 626 1.24 62.77 -2.25
N PRO B 627 0.08 63.40 -2.06
CA PRO B 627 0.04 64.85 -1.87
C PRO B 627 0.67 65.26 -0.55
N THR B 628 1.29 66.44 -0.56
CA THR B 628 1.94 66.98 0.63
C THR B 628 0.95 67.61 1.60
N ILE B 629 -0.33 67.71 1.21
CA ILE B 629 -1.34 68.29 2.08
C ILE B 629 -1.54 67.41 3.30
N PHE B 630 -1.50 66.09 3.11
CA PHE B 630 -1.60 65.15 4.21
C PHE B 630 -0.41 65.29 5.16
N TYR B 631 0.79 65.49 4.60
CA TYR B 631 1.98 65.69 5.42
C TYR B 631 1.90 66.97 6.24
N MET B 632 1.47 68.07 5.61
CA MET B 632 1.35 69.34 6.33
C MET B 632 0.26 69.27 7.40
N LEU B 633 -0.86 68.61 7.10
CA LEU B 633 -1.94 68.49 8.07
C LEU B 633 -1.53 67.59 9.24
N GLU B 634 -0.77 66.53 8.96
CA GLU B 634 -0.26 65.69 10.04
C GLU B 634 0.80 66.41 10.86
N ALA B 635 1.53 67.33 10.23
CA ALA B 635 2.53 68.10 10.97
C ALA B 635 1.89 69.14 11.87
N VAL B 636 0.81 69.78 11.41
CA VAL B 636 0.20 70.84 12.20
C VAL B 636 -0.71 70.26 13.29
N ILE B 637 -1.50 69.22 12.93
CA ILE B 637 -2.36 68.56 13.90
C ILE B 637 -1.53 67.88 14.99
N HIS B 638 -0.44 67.23 14.59
CA HIS B 638 0.63 66.69 15.46
C HIS B 638 0.10 65.77 16.57
N GLY B 639 -0.96 65.02 16.26
CA GLY B 639 -1.47 64.01 17.17
C GLY B 639 -2.11 64.53 18.43
N ASN B 640 -2.86 65.62 18.32
CA ASN B 640 -3.63 66.15 19.44
C ASN B 640 -5.09 65.80 19.22
N GLU B 641 -5.76 65.33 20.28
CA GLU B 641 -7.15 64.90 20.18
C GLU B 641 -8.08 66.08 19.89
N ARG B 642 -7.83 67.22 20.54
CA ARG B 642 -8.64 68.41 20.28
C ARG B 642 -8.40 68.97 18.90
N ASN B 643 -7.15 68.92 18.42
CA ASN B 643 -6.83 69.41 17.08
C ASN B 643 -7.45 68.52 16.01
N PHE B 644 -7.47 67.21 16.25
CA PHE B 644 -8.11 66.30 15.31
C PHE B 644 -9.63 66.50 15.30
N CYS B 645 -10.24 66.53 16.49
CA CYS B 645 -11.69 66.61 16.58
C CYS B 645 -12.23 68.01 16.28
N ALA B 646 -11.36 69.01 16.18
CA ALA B 646 -11.77 70.30 15.63
C ALA B 646 -11.77 70.30 14.11
N LEU B 647 -11.25 69.24 13.48
CA LEU B 647 -11.10 69.14 12.03
C LEU B 647 -11.73 67.87 11.47
N LEU B 648 -12.86 67.42 12.03
CA LEU B 648 -13.45 66.18 11.57
C LEU B 648 -14.03 66.32 10.17
N ARG B 649 -14.63 67.47 9.87
CA ARG B 649 -15.26 67.67 8.56
C ARG B 649 -14.22 67.79 7.46
N LEU B 650 -13.17 68.60 7.68
CA LEU B 650 -12.14 68.80 6.66
C LEU B 650 -11.37 67.53 6.38
N LEU B 651 -11.02 66.77 7.43
CA LEU B 651 -10.34 65.50 7.23
C LEU B 651 -11.26 64.46 6.60
N THR B 652 -12.56 64.53 6.89
CA THR B 652 -13.52 63.63 6.24
C THR B 652 -13.57 63.88 4.73
N GLN B 653 -13.66 65.15 4.33
CA GLN B 653 -13.65 65.48 2.90
C GLN B 653 -12.31 65.13 2.26
N CYS B 654 -11.21 65.32 2.98
CA CYS B 654 -9.89 65.02 2.44
C CYS B 654 -9.71 63.52 2.19
N ILE B 655 -10.09 62.69 3.17
CA ILE B 655 -9.94 61.24 3.03
C ILE B 655 -10.91 60.70 1.99
N ARG B 656 -12.15 61.23 1.94
CA ARG B 656 -13.11 60.80 0.92
C ARG B 656 -12.64 61.17 -0.48
N GLY B 657 -12.10 62.38 -0.65
CA GLY B 657 -11.60 62.79 -1.96
C GLY B 657 -10.39 62.00 -2.39
N TYR B 658 -9.50 61.66 -1.45
CA TYR B 658 -8.36 60.83 -1.83
C TYR B 658 -8.75 59.38 -2.07
N TRP B 659 -9.83 58.91 -1.44
CA TRP B 659 -10.24 57.52 -1.62
C TRP B 659 -10.98 57.33 -2.93
N GLU B 660 -12.05 58.08 -3.15
CA GLU B 660 -12.83 57.83 -4.36
C GLU B 660 -12.33 58.61 -5.59
N GLN B 661 -11.01 58.64 -5.74
CA GLN B 661 -10.38 59.04 -7.00
C GLN B 661 -9.18 58.17 -7.38
N SER B 662 -8.55 57.46 -6.44
CA SER B 662 -7.46 56.54 -6.77
C SER B 662 -7.49 55.26 -5.95
N HIS B 663 -8.48 55.07 -5.07
CA HIS B 663 -8.68 53.87 -4.25
C HIS B 663 -7.46 53.56 -3.38
N ARG B 664 -7.02 54.57 -2.63
CA ARG B 664 -5.89 54.44 -1.73
C ARG B 664 -6.28 54.96 -0.35
N VAL B 665 -5.37 54.77 0.61
CA VAL B 665 -5.64 55.07 2.01
C VAL B 665 -4.65 56.13 2.48
N ALA B 666 -5.16 57.23 3.00
CA ALA B 666 -4.34 58.33 3.51
C ALA B 666 -4.23 58.28 5.02
N PHE B 667 -3.26 59.06 5.53
CA PHE B 667 -3.03 59.26 6.97
C PHE B 667 -2.75 57.95 7.71
N VAL B 668 -1.95 57.08 7.11
CA VAL B 668 -1.62 55.80 7.72
C VAL B 668 -0.15 55.67 8.08
N ASN B 669 0.69 56.62 7.65
CA ASN B 669 2.08 56.65 8.14
C ASN B 669 2.13 57.03 9.61
N ASN B 670 1.21 57.90 10.05
CA ASN B 670 1.17 58.36 11.43
C ASN B 670 0.27 57.47 12.26
N PHE B 671 0.77 57.04 13.42
CA PHE B 671 -0.04 56.18 14.27
C PHE B 671 -1.15 56.96 14.99
N HIS B 672 -0.87 58.21 15.38
CA HIS B 672 -1.91 59.04 15.99
C HIS B 672 -2.80 59.71 14.95
N MET B 673 -3.21 58.98 13.92
CA MET B 673 -4.28 59.37 13.02
C MET B 673 -5.26 58.23 12.78
N LEU B 674 -4.77 57.00 12.65
CA LEU B 674 -5.66 55.86 12.41
C LEU B 674 -6.38 55.43 13.68
N MET B 675 -5.76 55.64 14.85
CA MET B 675 -6.48 55.53 16.12
C MET B 675 -7.69 56.47 16.16
N TYR B 676 -7.47 57.74 15.82
CA TYR B 676 -8.55 58.71 15.88
C TYR B 676 -9.57 58.49 14.78
N ILE B 677 -9.15 57.96 13.63
CA ILE B 677 -10.08 57.66 12.55
C ILE B 677 -10.96 56.46 12.93
N THR B 678 -10.35 55.41 13.48
CA THR B 678 -11.14 54.25 13.93
C THR B 678 -12.02 54.57 15.13
N THR B 679 -11.66 55.57 15.93
CA THR B 679 -12.49 55.91 17.08
C THR B 679 -13.62 56.86 16.72
N TYR B 680 -13.30 57.98 16.07
CA TYR B 680 -14.28 59.02 15.78
C TYR B 680 -14.93 58.87 14.41
N LEU B 681 -14.13 58.79 13.34
CA LEU B 681 -14.65 58.70 11.98
C LEU B 681 -14.91 57.26 11.56
N GLY B 682 -15.64 56.51 12.37
CA GLY B 682 -15.83 55.10 12.11
C GLY B 682 -17.29 54.67 12.15
N ASN B 683 -18.19 55.60 12.42
CA ASN B 683 -19.61 55.30 12.51
C ASN B 683 -20.35 55.45 11.20
N GLY B 684 -19.67 55.83 10.12
CA GLY B 684 -20.31 55.91 8.83
C GLY B 684 -20.03 57.18 8.05
N GLU B 685 -19.20 58.06 8.60
CA GLU B 685 -18.82 59.27 7.87
C GLU B 685 -17.95 58.93 6.67
N LEU B 686 -16.97 58.06 6.86
CA LEU B 686 -16.19 57.52 5.77
C LEU B 686 -16.99 56.44 5.04
N PRO B 687 -16.61 56.11 3.79
CA PRO B 687 -17.27 54.99 3.11
C PRO B 687 -17.01 53.66 3.80
N GLU B 688 -17.79 52.65 3.39
CA GLU B 688 -17.82 51.36 4.07
C GLU B 688 -16.52 50.59 3.93
N VAL B 689 -15.71 50.88 2.92
CA VAL B 689 -14.46 50.15 2.72
C VAL B 689 -13.31 50.77 3.49
N CYS B 690 -13.28 52.10 3.63
CA CYS B 690 -12.17 52.78 4.28
C CYS B 690 -12.08 52.43 5.75
N ILE B 691 -13.21 52.50 6.46
CA ILE B 691 -13.24 52.16 7.87
C ILE B 691 -12.94 50.68 8.08
N ASN B 692 -13.32 49.82 7.14
CA ASN B 692 -12.96 48.42 7.21
C ASN B 692 -11.46 48.22 7.07
N ILE B 693 -10.81 49.00 6.19
CA ILE B 693 -9.36 48.91 6.03
C ILE B 693 -8.64 49.36 7.30
N TYR B 694 -9.07 50.48 7.86
CA TYR B 694 -8.45 51.00 9.08
C TYR B 694 -8.68 50.06 10.27
N ARG B 695 -9.89 49.50 10.38
CA ARG B 695 -10.19 48.56 11.45
C ARG B 695 -9.43 47.25 11.27
N ASP B 696 -9.19 46.82 10.02
CA ASP B 696 -8.39 45.62 9.80
C ASP B 696 -6.94 45.84 10.19
N LEU B 697 -6.39 47.02 9.89
CA LEU B 697 -5.03 47.34 10.33
C LEU B 697 -4.92 47.37 11.85
N LEU B 698 -5.90 47.97 12.52
CA LEU B 698 -5.90 48.00 13.98
C LEU B 698 -6.08 46.61 14.57
N GLN B 699 -6.90 45.78 13.92
CA GLN B 699 -7.10 44.40 14.36
C GLN B 699 -5.82 43.59 14.22
N HIS B 700 -5.06 43.82 13.14
CA HIS B 700 -3.78 43.13 12.99
C HIS B 700 -2.77 43.57 14.04
N VAL B 701 -2.77 44.87 14.38
CA VAL B 701 -1.87 45.36 15.43
C VAL B 701 -2.20 44.73 16.78
N ARG B 702 -3.49 44.66 17.11
CA ARG B 702 -3.90 44.03 18.36
C ARG B 702 -3.66 42.52 18.35
N ALA B 703 -3.75 41.89 17.18
CA ALA B 703 -3.42 40.47 17.08
C ALA B 703 -1.94 40.21 17.31
N LEU B 704 -1.09 41.12 16.81
CA LEU B 704 0.35 41.01 17.09
C LEU B 704 0.63 41.19 18.59
N ARG B 705 -0.08 42.12 19.23
CA ARG B 705 0.08 42.30 20.68
C ARG B 705 -0.36 41.07 21.45
N GLN B 706 -1.48 40.45 21.04
CA GLN B 706 -1.95 39.24 21.69
C GLN B 706 -1.00 38.07 21.43
N THR B 707 -0.33 38.06 20.28
CA THR B 707 0.66 37.03 19.98
C THR B 707 1.88 37.19 20.89
N ILE B 708 2.29 38.44 21.14
CA ILE B 708 3.35 38.70 22.12
C ILE B 708 2.94 38.21 23.51
N THR B 709 1.71 38.50 23.91
CA THR B 709 1.21 38.08 25.22
C THR B 709 1.13 36.56 25.33
N ASP B 710 0.83 35.87 24.22
CA ASP B 710 0.60 34.43 24.24
C ASP B 710 1.90 33.66 24.52
N PHE B 711 3.02 34.08 23.92
CA PHE B 711 4.25 33.30 23.99
C PHE B 711 5.10 33.60 25.20
N THR B 712 4.64 34.43 26.12
CA THR B 712 5.32 34.65 27.39
C THR B 712 4.50 34.05 28.53
N ILE B 713 5.13 33.92 29.69
CA ILE B 713 4.51 33.34 30.86
C ILE B 713 4.39 34.43 31.92
N GLN B 714 3.16 34.71 32.34
CA GLN B 714 2.88 35.78 33.28
C GLN B 714 3.17 35.34 34.71
N GLY B 715 3.21 36.32 35.60
CA GLY B 715 3.39 36.08 37.01
C GLY B 715 4.82 36.10 37.51
N GLU B 716 5.79 36.27 36.62
CA GLU B 716 7.20 36.29 36.98
C GLU B 716 7.77 37.67 36.63
N GLY B 717 7.63 38.61 37.56
CA GLY B 717 8.14 39.96 37.37
C GLY B 717 9.27 40.24 38.33
N HIS B 718 10.31 40.88 37.82
CA HIS B 718 11.51 41.18 38.60
C HIS B 718 11.81 42.68 38.53
N ASN B 719 11.96 43.29 39.72
CA ASN B 719 12.40 44.68 39.88
C ASN B 719 11.46 45.67 39.19
N GLY B 720 10.16 45.45 39.36
CA GLY B 720 9.17 46.36 38.81
C GLY B 720 9.01 46.28 37.31
N GLU B 721 9.46 45.19 36.70
CA GLU B 721 9.32 44.96 35.26
C GLU B 721 8.44 43.74 35.06
N THR B 722 7.40 43.89 34.25
CA THR B 722 6.51 42.77 33.97
C THR B 722 7.21 41.77 33.05
N SER B 723 6.59 40.58 32.94
CA SER B 723 7.16 39.52 32.12
C SER B 723 7.13 39.86 30.64
N GLU B 724 6.18 40.69 30.23
CA GLU B 724 6.14 41.17 28.85
C GLU B 724 7.38 42.00 28.52
N ALA B 725 7.75 42.91 29.42
CA ALA B 725 8.93 43.73 29.20
C ALA B 725 10.22 42.97 29.45
N LEU B 726 10.16 41.85 30.15
CA LEU B 726 11.33 41.04 30.39
C LEU B 726 11.56 40.00 29.29
N ASN B 727 10.52 39.69 28.51
CA ASN B 727 10.65 38.78 27.37
C ASN B 727 10.71 39.51 26.05
N ASN B 728 9.88 40.52 25.85
CA ASN B 728 9.78 41.22 24.57
C ASN B 728 10.33 42.64 24.70
N ILE B 729 10.38 43.34 23.56
CA ILE B 729 10.90 44.69 23.49
C ILE B 729 9.79 45.69 23.13
N LEU B 730 8.88 45.29 22.25
CA LEU B 730 7.73 46.14 21.91
C LEU B 730 6.76 46.31 23.08
N THR B 731 6.88 45.51 24.13
CA THR B 731 6.15 45.71 25.37
C THR B 731 7.02 46.28 26.48
N ASP B 732 8.23 46.73 26.16
CA ASP B 732 9.14 47.32 27.13
C ASP B 732 8.97 48.84 27.08
N ASP B 733 8.68 49.45 28.24
CA ASP B 733 8.44 50.88 28.29
C ASP B 733 9.73 51.69 28.19
N THR B 734 10.87 51.05 28.45
CA THR B 734 12.15 51.74 28.31
C THR B 734 12.46 52.05 26.85
N PHE B 735 12.15 51.12 25.96
CA PHE B 735 12.28 51.38 24.53
C PHE B 735 11.14 52.28 24.07
N ILE B 736 11.49 53.35 23.35
CA ILE B 736 10.52 54.37 22.96
C ILE B 736 10.31 54.30 21.46
N ALA B 737 9.24 54.97 21.03
CA ALA B 737 8.87 55.01 19.61
C ALA B 737 9.90 55.79 18.81
N PRO B 738 10.06 55.47 17.51
CA PRO B 738 10.98 56.27 16.68
C PRO B 738 10.55 57.70 16.49
N ILE B 739 9.24 57.98 16.53
CA ILE B 739 8.70 59.32 16.41
C ILE B 739 7.77 59.57 17.59
N LEU B 740 8.04 60.63 18.34
CA LEU B 740 7.23 61.00 19.50
C LEU B 740 6.40 62.22 19.15
N TRP B 741 5.09 62.11 19.32
CA TRP B 741 4.19 63.26 19.19
C TRP B 741 3.85 63.88 20.54
N ASP B 742 3.73 63.07 21.58
CA ASP B 742 3.47 63.52 22.94
C ASP B 742 4.62 63.12 23.84
N CYS B 743 4.60 63.66 25.05
CA CYS B 743 5.66 63.40 26.03
C CYS B 743 5.32 62.26 26.98
N ASP B 744 4.21 61.55 26.75
CA ASP B 744 3.78 60.51 27.67
C ASP B 744 4.68 59.29 27.63
N ALA B 745 5.28 59.00 26.47
CA ALA B 745 6.23 57.89 26.37
C ALA B 745 7.46 58.13 27.22
N LEU B 746 7.94 59.38 27.26
CA LEU B 746 9.07 59.72 28.12
C LEU B 746 8.70 59.63 29.60
N ILE B 747 7.45 59.98 29.93
CA ILE B 747 6.99 59.86 31.32
C ILE B 747 6.96 58.40 31.75
N TYR B 748 6.41 57.53 30.90
CA TYR B 748 6.34 56.11 31.23
C TYR B 748 7.72 55.47 31.25
N ARG B 749 8.64 55.95 30.39
CA ARG B 749 10.01 55.45 30.43
C ARG B 749 10.72 55.87 31.70
N ASP B 750 10.50 57.12 32.15
CA ASP B 750 11.16 57.62 33.35
C ASP B 750 10.62 56.94 34.60
N GLU B 751 9.31 56.68 34.65
CA GLU B 751 8.71 56.07 35.83
C GLU B 751 8.66 54.54 35.76
N ALA B 752 9.08 53.95 34.65
CA ALA B 752 8.96 52.50 34.47
C ALA B 752 10.25 51.75 34.75
N ALA B 753 11.39 52.23 34.23
CA ALA B 753 12.64 51.49 34.42
C ALA B 753 13.15 51.64 35.85
N ARG B 754 13.56 52.86 36.22
CA ARG B 754 13.78 53.30 37.60
C ARG B 754 14.88 52.55 38.37
N ASP B 755 15.50 51.56 37.75
CA ASP B 755 16.61 50.80 38.33
C ASP B 755 17.79 50.71 37.38
N ARG B 756 17.53 50.55 36.08
CA ARG B 756 18.54 50.68 35.05
C ARG B 756 18.81 52.17 34.85
N LEU B 757 20.06 52.59 35.07
CA LEU B 757 20.47 53.99 35.15
C LEU B 757 20.18 54.75 33.86
N PRO B 758 19.22 55.67 33.88
CA PRO B 758 18.81 56.34 32.65
C PRO B 758 19.55 57.66 32.41
N ALA B 759 19.47 58.13 31.17
CA ALA B 759 20.03 59.42 30.78
C ALA B 759 19.33 59.89 29.52
N ILE B 760 18.75 61.09 29.58
CA ILE B 760 18.05 61.69 28.45
C ILE B 760 18.83 62.92 28.02
N ARG B 761 18.98 63.10 26.71
CA ARG B 761 19.73 64.23 26.15
C ARG B 761 18.86 64.89 25.08
N VAL B 762 18.21 65.99 25.44
CA VAL B 762 17.30 66.67 24.52
C VAL B 762 17.89 67.99 24.07
N SER B 763 18.63 67.95 22.95
CA SER B 763 19.19 69.12 22.26
C SER B 763 20.08 69.95 23.18
N GLY B 764 21.19 69.34 23.60
CA GLY B 764 22.07 70.01 24.54
C GLY B 764 21.87 69.55 25.97
N ARG B 765 21.07 70.31 26.72
CA ARG B 765 20.85 70.03 28.13
C ARG B 765 20.10 68.71 28.33
N ASN B 766 20.26 68.14 29.53
CA ASN B 766 19.71 66.85 29.86
C ASN B 766 18.31 67.01 30.47
N GLY B 767 17.40 66.12 30.08
CA GLY B 767 16.06 66.15 30.63
C GLY B 767 15.13 67.06 29.86
N TYR B 768 13.85 66.72 29.90
CA TYR B 768 12.82 67.51 29.23
C TYR B 768 12.19 68.49 30.21
N GLN B 769 11.28 69.32 29.68
CA GLN B 769 10.60 70.32 30.49
C GLN B 769 9.08 70.24 30.41
N ALA B 770 8.53 69.89 29.23
CA ALA B 770 7.10 69.61 29.02
C ALA B 770 6.21 70.80 29.39
N LEU B 771 6.39 71.88 28.64
CA LEU B 771 5.55 73.07 28.75
C LEU B 771 4.51 73.01 27.63
N HIS B 772 3.26 72.81 28.01
CA HIS B 772 2.19 72.67 27.03
C HIS B 772 1.46 74.00 26.81
N PHE B 773 0.55 73.97 25.83
CA PHE B 773 -0.35 75.08 25.48
C PHE B 773 0.44 76.34 25.08
N VAL B 774 1.10 76.23 23.94
CA VAL B 774 1.78 77.37 23.32
C VAL B 774 0.91 77.91 22.19
N ASP B 775 0.75 79.22 22.12
CA ASP B 775 -0.09 79.89 21.13
C ASP B 775 0.74 80.87 20.31
N MET B 776 0.03 81.66 19.49
CA MET B 776 0.69 82.62 18.60
C MET B 776 1.29 83.80 19.34
N ALA B 777 0.84 84.06 20.57
CA ALA B 777 1.36 85.20 21.32
C ALA B 777 2.81 84.98 21.74
N GLY B 778 3.13 83.78 22.19
CA GLY B 778 4.48 83.48 22.67
C GLY B 778 5.11 82.26 22.04
N HIS B 779 4.99 82.10 20.72
CA HIS B 779 5.38 80.84 20.08
C HIS B 779 6.88 80.58 20.17
N ASN B 780 7.70 81.55 19.76
CA ASN B 780 9.16 81.50 19.80
C ASN B 780 9.69 80.29 19.02
N PHE B 781 9.53 80.37 17.69
CA PHE B 781 9.95 79.29 16.79
C PHE B 781 11.44 78.99 16.89
N GLN B 782 12.27 80.00 17.13
CA GLN B 782 13.71 79.80 17.30
C GLN B 782 14.04 79.62 18.79
N ARG B 783 13.50 78.53 19.34
CA ARG B 783 13.72 78.17 20.73
C ARG B 783 14.95 77.28 20.83
N ARG B 784 15.81 77.58 21.81
CA ARG B 784 17.05 76.84 22.00
C ARG B 784 17.09 76.04 23.30
N ASP B 785 16.07 76.14 24.14
CA ASP B 785 16.05 75.39 25.39
C ASP B 785 15.62 73.95 25.14
N ASN B 786 15.55 73.16 26.21
CA ASN B 786 15.08 71.78 26.15
C ASN B 786 13.60 71.69 26.51
N VAL B 787 12.84 72.72 26.19
CA VAL B 787 11.40 72.76 26.46
C VAL B 787 10.68 72.07 25.32
N LEU B 788 9.85 71.07 25.65
CA LEU B 788 9.08 70.32 24.69
C LEU B 788 7.60 70.62 24.87
N ILE B 789 6.83 70.47 23.80
CA ILE B 789 5.41 70.80 23.80
C ILE B 789 4.62 69.51 23.99
N HIS B 790 3.73 69.51 24.99
CA HIS B 790 2.93 68.34 25.31
C HIS B 790 1.53 68.39 24.71
N GLY B 791 0.97 69.58 24.52
CA GLY B 791 -0.35 69.71 23.93
C GLY B 791 -1.43 69.98 24.95
N ARG B 792 -2.53 70.58 24.51
CA ARG B 792 -3.65 70.87 25.41
C ARG B 792 -4.36 69.59 25.78
N PRO B 793 -4.55 69.29 27.06
CA PRO B 793 -5.18 68.03 27.45
C PRO B 793 -6.68 68.05 27.18
N VAL B 794 -7.29 66.87 27.32
CA VAL B 794 -8.71 66.71 27.08
C VAL B 794 -9.52 66.95 28.35
N ARG B 795 -9.25 66.15 29.39
CA ARG B 795 -10.00 66.20 30.63
C ARG B 795 -9.22 66.95 31.70
N GLY B 796 -9.26 68.27 31.63
CA GLY B 796 -8.65 69.06 32.68
C GLY B 796 -8.38 70.48 32.23
N ASP B 797 -7.72 71.22 33.11
CA ASP B 797 -7.29 72.59 32.86
C ASP B 797 -5.76 72.62 32.78
N THR B 798 -5.25 73.34 31.78
CA THR B 798 -3.81 73.43 31.53
C THR B 798 -3.07 74.10 32.69
N GLY B 799 -3.35 75.38 32.90
CA GLY B 799 -2.68 76.12 33.96
C GLY B 799 -1.20 76.34 33.68
N GLN B 800 -0.49 76.68 34.74
CA GLN B 800 0.96 76.81 34.69
C GLN B 800 1.66 75.98 35.75
N ALA B 801 1.10 75.89 36.96
CA ALA B 801 1.66 75.08 38.03
C ALA B 801 1.11 73.66 38.05
N ILE B 802 0.15 73.34 37.19
CA ILE B 802 -0.41 71.99 37.15
C ILE B 802 0.59 71.05 36.48
N PRO B 803 0.92 69.92 37.10
CA PRO B 803 1.89 69.00 36.49
C PRO B 803 1.31 68.29 35.28
N ILE B 804 2.21 67.82 34.42
CA ILE B 804 1.82 67.12 33.20
C ILE B 804 1.23 65.77 33.53
N THR B 805 0.33 65.30 32.68
CA THR B 805 -0.25 63.98 32.76
C THR B 805 -0.16 63.31 31.40
N PRO B 806 -0.03 61.98 31.37
CA PRO B 806 -0.10 61.26 30.09
C PRO B 806 -1.49 61.37 29.47
N HIS B 807 -1.52 61.52 28.15
CA HIS B 807 -2.79 61.64 27.44
C HIS B 807 -3.54 60.32 27.42
N HIS B 808 -2.84 59.22 27.11
CA HIS B 808 -3.47 57.94 26.84
C HIS B 808 -2.88 56.87 27.73
N ASP B 809 -3.42 55.66 27.58
CA ASP B 809 -3.08 54.53 28.42
C ASP B 809 -1.69 54.00 28.07
N ARG B 810 -1.19 53.08 28.91
CA ARG B 810 0.09 52.44 28.65
C ARG B 810 0.03 51.52 27.44
N GLU B 811 -1.16 50.99 27.13
CA GLU B 811 -1.33 50.12 25.97
C GLU B 811 -1.14 50.88 24.66
N TRP B 812 -1.39 52.20 24.68
CA TRP B 812 -1.17 53.03 23.50
C TRP B 812 0.28 53.04 23.08
N GLY B 813 1.21 53.10 24.04
CA GLY B 813 2.62 53.05 23.71
C GLY B 813 3.03 51.72 23.12
N ILE B 814 2.47 50.63 23.66
CA ILE B 814 2.75 49.29 23.14
C ILE B 814 2.27 49.16 21.70
N LEU B 815 1.05 49.64 21.42
CA LEU B 815 0.52 49.54 20.07
C LEU B 815 1.28 50.46 19.10
N SER B 816 1.73 51.62 19.57
CA SER B 816 2.53 52.51 18.73
C SER B 816 3.87 51.88 18.37
N LYS B 817 4.54 51.27 19.35
CA LYS B 817 5.81 50.61 19.07
C LYS B 817 5.63 49.41 18.14
N ILE B 818 4.56 48.63 18.36
CA ILE B 818 4.29 47.47 17.51
C ILE B 818 4.01 47.91 16.08
N TYR B 819 3.21 48.97 15.91
CA TYR B 819 2.93 49.51 14.58
C TYR B 819 4.18 50.01 13.89
N TYR B 820 4.93 50.91 14.55
CA TYR B 820 6.07 51.56 13.92
C TYR B 820 7.22 50.59 13.66
N TYR B 821 7.32 49.50 14.41
CA TYR B 821 8.42 48.58 14.23
C TYR B 821 8.04 47.31 13.46
N ILE B 822 6.75 47.07 13.21
CA ILE B 822 6.39 45.89 12.46
C ILE B 822 5.66 46.26 11.17
N VAL B 823 4.55 47.01 11.29
CA VAL B 823 3.65 47.18 10.16
C VAL B 823 4.23 48.14 9.13
N ILE B 824 4.87 49.22 9.60
CA ILE B 824 5.50 50.17 8.67
C ILE B 824 6.67 49.56 7.88
N PRO B 825 7.66 48.88 8.49
CA PRO B 825 8.74 48.31 7.66
C PRO B 825 8.32 47.08 6.86
N ALA B 826 7.20 46.43 7.20
CA ALA B 826 6.75 45.32 6.37
C ALA B 826 6.09 45.79 5.09
N PHE B 827 5.40 46.93 5.13
CA PHE B 827 4.74 47.47 3.95
C PHE B 827 5.66 48.36 3.12
N SER B 828 6.42 49.24 3.77
CA SER B 828 7.28 50.16 3.03
C SER B 828 8.54 49.46 2.52
N ARG B 829 9.07 48.50 3.30
CA ARG B 829 10.27 47.72 2.98
C ARG B 829 11.49 48.63 2.75
N GLY B 830 11.81 49.41 3.77
CA GLY B 830 13.01 50.22 3.74
C GLY B 830 12.97 51.43 2.83
N SER B 831 11.78 51.88 2.43
CA SER B 831 11.66 53.06 1.59
C SER B 831 11.27 54.31 2.37
N CYS B 832 10.61 54.15 3.51
CA CYS B 832 10.21 55.29 4.32
C CYS B 832 11.41 55.85 5.10
N CYS B 833 11.35 57.14 5.38
CA CYS B 833 12.42 57.84 6.07
C CYS B 833 11.85 58.85 7.05
N THR B 834 12.36 58.82 8.28
CA THR B 834 11.94 59.78 9.29
C THR B 834 12.59 61.13 9.05
N MET B 835 11.77 62.18 8.98
CA MET B 835 12.27 63.54 8.86
C MET B 835 11.55 64.46 9.83
N GLY B 836 12.24 65.55 10.19
CA GLY B 836 11.65 66.63 10.94
C GLY B 836 10.92 67.60 10.04
N VAL B 837 10.52 68.72 10.65
CA VAL B 837 9.70 69.71 9.97
C VAL B 837 10.27 71.10 10.19
N ARG B 838 9.89 72.01 9.32
CA ARG B 838 10.25 73.43 9.41
C ARG B 838 8.94 74.19 9.62
N TYR B 839 8.59 74.41 10.89
CA TYR B 839 7.31 75.06 11.20
C TYR B 839 7.34 76.55 10.87
N ASP B 840 8.54 77.16 10.92
CA ASP B 840 8.66 78.58 10.58
C ASP B 840 8.44 78.83 9.09
N ARG B 841 8.62 77.81 8.25
CA ARG B 841 8.31 77.91 6.83
C ARG B 841 6.95 77.30 6.49
N LEU B 842 6.29 76.64 7.46
CA LEU B 842 5.02 75.97 7.23
C LEU B 842 3.83 76.79 7.72
N TYR B 843 3.92 77.35 8.92
CA TYR B 843 2.81 78.12 9.48
C TYR B 843 2.45 79.40 8.71
N PRO B 844 3.38 80.23 8.22
CA PRO B 844 2.95 81.35 7.36
C PRO B 844 2.34 80.92 6.03
N ALA B 845 2.57 79.69 5.58
CA ALA B 845 1.94 79.17 4.38
C ALA B 845 0.61 78.49 4.67
N LEU B 846 0.17 78.48 5.92
CA LEU B 846 -1.09 77.86 6.31
C LEU B 846 -2.18 78.87 6.64
N GLN B 847 -1.84 80.15 6.72
CA GLN B 847 -2.80 81.20 7.05
C GLN B 847 -3.39 81.88 5.83
N ALA B 848 -3.03 81.44 4.62
CA ALA B 848 -3.53 82.06 3.39
C ALA B 848 -4.72 81.23 2.89
N VAL B 849 -5.87 81.45 3.52
CA VAL B 849 -7.14 80.83 3.13
C VAL B 849 -8.03 81.90 2.54
N ILE B 850 -8.56 81.64 1.35
CA ILE B 850 -9.16 82.67 0.51
C ILE B 850 -10.63 82.28 0.37
N VAL B 851 -11.21 81.79 1.46
CA VAL B 851 -12.64 81.46 1.45
C VAL B 851 -13.45 82.75 1.29
N PRO B 852 -14.38 82.81 0.34
CA PRO B 852 -15.03 84.08 0.01
C PRO B 852 -16.16 84.40 0.97
N GLU B 853 -16.78 85.56 0.76
CA GLU B 853 -17.85 86.07 1.61
C GLU B 853 -19.18 85.77 0.94
N ILE B 854 -19.83 84.70 1.35
CA ILE B 854 -21.15 84.34 0.84
C ILE B 854 -22.22 85.06 1.66
N PRO B 855 -23.18 85.71 1.01
CA PRO B 855 -24.25 86.37 1.76
C PRO B 855 -25.19 85.37 2.43
N ALA B 856 -25.87 85.85 3.46
CA ALA B 856 -26.81 85.00 4.20
C ALA B 856 -28.06 84.74 3.36
N ASP B 857 -28.85 83.77 3.84
CA ASP B 857 -30.04 83.24 3.16
C ASP B 857 -29.73 82.75 1.75
N GLU B 858 -28.56 82.13 1.58
CA GLU B 858 -28.14 81.54 0.33
C GLU B 858 -27.57 80.16 0.61
N GLU B 859 -27.78 79.23 -0.32
CA GLU B 859 -27.29 77.87 -0.13
C GLU B 859 -25.78 77.82 -0.31
N ALA B 860 -25.14 76.98 0.49
CA ALA B 860 -23.69 76.83 0.42
C ALA B 860 -23.30 76.02 -0.81
N PRO B 861 -22.46 76.55 -1.70
CA PRO B 861 -22.08 75.77 -2.88
C PRO B 861 -21.13 74.64 -2.55
N THR B 862 -21.30 73.52 -3.26
CA THR B 862 -20.50 72.32 -3.05
C THR B 862 -19.60 71.99 -4.23
N THR B 863 -20.15 71.97 -5.44
CA THR B 863 -19.35 71.70 -6.62
C THR B 863 -18.48 72.91 -6.97
N PRO B 864 -17.26 72.69 -7.46
CA PRO B 864 -16.36 73.81 -7.76
C PRO B 864 -16.59 74.49 -9.11
N GLU B 865 -17.72 74.24 -9.78
CA GLU B 865 -17.97 74.94 -11.05
C GLU B 865 -18.44 76.37 -10.81
N ASP B 866 -19.17 76.61 -9.72
CA ASP B 866 -19.64 77.95 -9.42
C ASP B 866 -18.50 78.84 -8.95
N PRO B 867 -18.57 80.15 -9.20
CA PRO B 867 -17.49 81.04 -8.74
C PRO B 867 -17.41 81.22 -7.24
N ARG B 868 -18.45 80.86 -6.49
CA ARG B 868 -18.44 81.04 -5.04
C ARG B 868 -17.68 79.95 -4.31
N HIS B 869 -17.24 78.90 -5.00
CA HIS B 869 -16.47 77.86 -4.35
C HIS B 869 -15.05 78.34 -4.07
N PRO B 870 -14.45 77.94 -2.94
CA PRO B 870 -13.04 78.29 -2.70
C PRO B 870 -12.06 77.70 -3.69
N LEU B 871 -12.37 76.54 -4.27
CA LEU B 871 -11.48 75.89 -5.21
C LEU B 871 -11.74 76.29 -6.66
N HIS B 872 -12.64 77.23 -6.89
CA HIS B 872 -12.89 77.73 -8.23
C HIS B 872 -11.71 78.56 -8.71
N ALA B 873 -11.55 78.64 -10.04
CA ALA B 873 -10.39 79.31 -10.62
C ALA B 873 -10.43 80.82 -10.37
N HIS B 874 -11.62 81.40 -10.27
CA HIS B 874 -11.72 82.84 -10.00
C HIS B 874 -11.34 83.17 -8.56
N GLN B 875 -11.50 82.22 -7.64
CA GLN B 875 -11.18 82.44 -6.22
C GLN B 875 -9.85 81.79 -5.86
N LEU B 876 -8.87 81.86 -6.75
CA LEU B 876 -7.63 81.11 -6.58
C LEU B 876 -6.48 81.89 -7.20
N VAL B 877 -5.59 82.37 -6.34
CA VAL B 877 -4.38 83.10 -6.72
C VAL B 877 -3.23 82.36 -6.04
N PRO B 878 -2.07 82.20 -6.69
CA PRO B 878 -1.02 81.32 -6.15
C PRO B 878 -0.42 81.79 -4.83
N ASN B 879 0.40 80.89 -4.26
CA ASN B 879 1.05 81.03 -2.95
C ASN B 879 0.02 81.19 -1.85
N SER B 880 -0.93 80.25 -1.82
CA SER B 880 -1.96 80.19 -0.80
C SER B 880 -2.26 78.72 -0.53
N LEU B 881 -3.34 78.46 0.20
CA LEU B 881 -3.76 77.09 0.48
C LEU B 881 -4.77 76.56 -0.53
N ASN B 882 -5.45 77.45 -1.25
CA ASN B 882 -6.37 77.02 -2.29
C ASN B 882 -5.61 76.36 -3.45
N VAL B 883 -4.46 76.94 -3.82
CA VAL B 883 -3.60 76.33 -4.83
C VAL B 883 -3.01 75.02 -4.31
N TYR B 884 -2.85 74.90 -2.98
CA TYR B 884 -2.36 73.66 -2.39
C TYR B 884 -3.40 72.55 -2.51
N PHE B 885 -4.65 72.87 -2.18
CA PHE B 885 -5.70 71.87 -2.28
C PHE B 885 -6.07 71.57 -3.73
N HIS B 886 -5.87 72.52 -4.64
CA HIS B 886 -6.12 72.26 -6.04
C HIS B 886 -5.00 71.46 -6.69
N ASN B 887 -3.78 71.54 -6.16
CA ASN B 887 -2.70 70.70 -6.68
C ASN B 887 -2.94 69.23 -6.40
N ALA B 888 -3.63 68.92 -5.31
CA ALA B 888 -3.96 67.55 -4.97
C ALA B 888 -5.29 67.10 -5.58
N HIS B 889 -5.95 67.97 -6.36
CA HIS B 889 -7.25 67.71 -6.99
C HIS B 889 -8.32 67.31 -5.98
N LEU B 890 -8.32 67.99 -4.84
CA LEU B 890 -9.31 67.75 -3.78
C LEU B 890 -10.34 68.87 -3.76
N THR B 891 -11.51 68.55 -3.21
CA THR B 891 -12.60 69.51 -3.07
C THR B 891 -12.95 69.63 -1.59
N VAL B 892 -12.81 70.84 -1.05
CA VAL B 892 -13.19 71.13 0.33
C VAL B 892 -14.05 72.39 0.33
N ASP B 893 -14.87 72.51 1.37
CA ASP B 893 -15.85 73.59 1.45
C ASP B 893 -15.22 74.84 2.09
N GLY B 894 -16.05 75.81 2.46
CA GLY B 894 -15.59 77.01 3.09
C GLY B 894 -15.23 76.83 4.56
N ASP B 895 -16.14 76.24 5.33
CA ASP B 895 -15.89 76.02 6.76
C ASP B 895 -14.84 74.94 6.98
N ALA B 896 -14.68 74.02 6.03
CA ALA B 896 -13.61 73.03 6.10
C ALA B 896 -12.25 73.71 6.04
N LEU B 897 -12.12 74.77 5.25
CA LEU B 897 -10.89 75.56 5.25
C LEU B 897 -10.87 76.54 6.41
N LEU B 898 -12.03 76.87 6.98
CA LEU B 898 -12.07 77.82 8.09
C LEU B 898 -11.79 77.16 9.44
N THR B 899 -11.78 75.82 9.50
CA THR B 899 -11.41 75.14 10.73
C THR B 899 -9.92 75.23 11.04
N LEU B 900 -9.11 75.69 10.07
CA LEU B 900 -7.68 75.90 10.30
C LEU B 900 -7.42 76.96 11.37
N GLN B 901 -8.32 77.94 11.50
CA GLN B 901 -8.17 78.96 12.52
C GLN B 901 -8.29 78.36 13.93
N GLU B 902 -9.22 77.43 14.12
CA GLU B 902 -9.33 76.75 15.41
C GLU B 902 -8.20 75.74 15.60
N LEU B 903 -7.68 75.19 14.51
CA LEU B 903 -6.48 74.37 14.60
C LEU B 903 -5.27 75.18 15.05
N MET B 904 -5.24 76.47 14.69
CA MET B 904 -4.10 77.35 14.94
C MET B 904 -3.92 77.71 16.41
N GLY B 905 -4.88 77.37 17.27
CA GLY B 905 -4.78 77.72 18.68
C GLY B 905 -3.67 76.99 19.41
N ASP B 906 -3.42 75.74 19.05
CA ASP B 906 -2.32 74.96 19.59
C ASP B 906 -1.28 74.73 18.50
N MET B 907 -0.03 75.08 18.80
CA MET B 907 1.05 75.03 17.82
C MET B 907 2.20 74.19 18.35
N ALA B 908 3.22 74.04 17.51
CA ALA B 908 4.48 73.41 17.86
C ALA B 908 5.62 74.22 17.26
N GLU B 909 6.73 74.32 17.98
CA GLU B 909 7.83 75.17 17.53
C GLU B 909 8.72 74.47 16.52
N ARG B 910 9.37 73.39 16.92
CA ARG B 910 10.41 72.79 16.09
C ARG B 910 10.59 71.34 16.49
N THR B 911 11.25 70.59 15.62
CA THR B 911 11.64 69.22 15.92
C THR B 911 12.99 69.21 16.64
N THR B 912 13.20 68.17 17.45
CA THR B 912 14.44 68.02 18.20
C THR B 912 14.80 66.54 18.28
N ALA B 913 16.09 66.29 18.49
CA ALA B 913 16.63 64.94 18.53
C ALA B 913 16.84 64.52 19.98
N ILE B 914 16.11 63.51 20.42
CA ILE B 914 16.21 62.99 21.78
C ILE B 914 17.07 61.73 21.75
N LEU B 915 18.08 61.68 22.60
CA LEU B 915 18.97 60.53 22.72
C LEU B 915 18.79 59.97 24.13
N VAL B 916 17.92 58.97 24.26
CA VAL B 916 17.70 58.31 25.54
C VAL B 916 18.68 57.16 25.68
N SER B 917 18.89 56.72 26.92
CA SER B 917 19.82 55.64 27.20
C SER B 917 19.45 54.99 28.51
N SER B 918 19.83 53.72 28.65
CA SER B 918 19.56 52.96 29.86
C SER B 918 20.53 51.79 29.95
N ALA B 919 20.64 51.24 31.14
CA ALA B 919 21.35 49.99 31.35
C ALA B 919 20.48 48.83 30.84
N PRO B 920 21.08 47.67 30.57
CA PRO B 920 20.25 46.49 30.22
C PRO B 920 19.39 46.05 31.40
N ASP B 921 18.35 45.29 31.07
CA ASP B 921 17.26 44.98 32.01
C ASP B 921 17.74 44.07 33.14
N ALA B 922 16.83 43.81 34.08
CA ALA B 922 17.18 43.11 35.31
C ALA B 922 17.51 41.64 35.07
N GLY B 923 17.07 41.09 33.95
CA GLY B 923 17.39 39.70 33.65
C GLY B 923 18.83 39.51 33.21
N ALA B 924 19.39 40.49 32.50
CA ALA B 924 20.73 40.39 31.93
C ALA B 924 21.72 41.36 32.56
N ALA B 925 21.40 41.91 33.72
CA ALA B 925 22.29 42.85 34.40
C ALA B 925 23.16 42.09 35.39
N THR B 926 24.39 41.80 34.99
CA THR B 926 25.39 41.25 35.90
C THR B 926 26.35 42.38 36.30
N ALA B 927 27.43 42.02 36.98
CA ALA B 927 28.36 43.02 37.50
C ALA B 927 29.18 43.71 36.41
N THR B 928 29.26 43.13 35.21
CA THR B 928 30.06 43.71 34.14
C THR B 928 29.25 44.22 32.96
N THR B 929 27.98 43.83 32.82
CA THR B 929 27.17 44.32 31.72
C THR B 929 26.44 45.61 32.06
N ARG B 930 26.56 46.12 33.29
CA ARG B 930 25.95 47.38 33.63
C ARG B 930 26.63 48.56 32.95
N ASN B 931 27.90 48.41 32.56
CA ASN B 931 28.60 49.47 31.84
C ASN B 931 28.19 49.51 30.37
N MET B 932 27.67 48.41 29.83
CA MET B 932 27.30 48.34 28.42
C MET B 932 25.91 48.92 28.24
N ARG B 933 25.83 50.25 28.27
CA ARG B 933 24.58 50.96 28.10
C ARG B 933 24.17 50.97 26.63
N ILE B 934 22.89 51.20 26.39
CA ILE B 934 22.34 51.17 25.03
C ILE B 934 21.77 52.55 24.71
N TYR B 935 22.18 53.09 23.56
CA TYR B 935 21.79 54.42 23.13
C TYR B 935 20.92 54.29 21.88
N ASP B 936 19.65 54.70 22.00
CA ASP B 936 18.76 54.74 20.85
C ASP B 936 18.13 56.12 20.76
N GLY B 937 18.02 56.63 19.54
CA GLY B 937 17.51 57.98 19.34
C GLY B 937 16.10 58.03 18.80
N ALA B 938 15.45 59.17 18.95
CA ALA B 938 14.09 59.34 18.46
C ALA B 938 13.88 60.81 18.09
N LEU B 939 12.89 61.03 17.23
CA LEU B 939 12.53 62.38 16.80
C LEU B 939 11.27 62.84 17.52
N TYR B 940 11.25 64.10 17.91
CA TYR B 940 10.07 64.72 18.50
C TYR B 940 9.42 65.62 17.46
N HIS B 941 8.10 65.45 17.28
CA HIS B 941 7.30 66.18 16.28
C HIS B 941 7.83 65.98 14.85
N GLY B 942 8.34 64.77 14.58
CA GLY B 942 8.84 64.45 13.26
C GLY B 942 7.82 63.73 12.41
N LEU B 943 8.14 63.60 11.12
CA LEU B 943 7.24 62.97 10.16
C LEU B 943 7.95 61.81 9.45
N ILE B 944 7.15 61.05 8.72
CA ILE B 944 7.63 59.97 7.85
C ILE B 944 6.89 60.11 6.52
N MET B 945 7.63 60.21 5.42
CA MET B 945 6.99 60.06 4.12
C MET B 945 7.11 58.63 3.63
N MET B 946 6.09 58.21 2.88
CA MET B 946 5.98 56.83 2.46
C MET B 946 6.99 56.53 1.35
N ALA B 947 7.13 57.45 0.41
CA ALA B 947 8.10 57.35 -0.67
C ALA B 947 8.49 58.77 -1.08
N TYR B 948 9.64 58.88 -1.74
CA TYR B 948 10.22 60.17 -2.07
C TYR B 948 9.96 60.49 -3.53
N GLN B 949 9.40 61.67 -3.79
CA GLN B 949 9.26 62.20 -5.14
C GLN B 949 10.29 63.30 -5.36
N ALA B 950 11.04 63.17 -6.45
CA ALA B 950 12.12 64.11 -6.75
C ALA B 950 11.90 64.90 -8.02
N TYR B 951 10.90 64.55 -8.83
CA TYR B 951 10.67 65.20 -10.11
C TYR B 951 9.39 66.03 -10.11
N ASP B 952 8.82 66.28 -8.93
CA ASP B 952 7.68 67.18 -8.79
C ASP B 952 8.21 68.57 -8.45
N GLU B 953 8.21 69.47 -9.43
CA GLU B 953 8.79 70.79 -9.26
C GLU B 953 7.78 71.86 -8.90
N THR B 954 6.54 71.47 -8.58
CA THR B 954 5.56 72.46 -8.13
C THR B 954 5.90 72.97 -6.73
N ILE B 955 6.59 72.17 -5.93
CA ILE B 955 7.14 72.59 -4.64
C ILE B 955 8.65 72.40 -4.71
N ALA B 956 9.40 73.40 -4.26
CA ALA B 956 10.84 73.35 -4.30
C ALA B 956 11.37 72.25 -3.37
N THR B 957 12.53 71.70 -3.71
CA THR B 957 13.07 70.55 -3.00
C THR B 957 13.54 70.95 -1.61
N GLY B 958 13.04 70.26 -0.60
CA GLY B 958 13.37 70.55 0.78
C GLY B 958 12.84 71.87 1.30
N THR B 959 11.61 72.24 0.92
CA THR B 959 11.01 73.47 1.42
C THR B 959 10.52 73.31 2.85
N PHE B 960 9.94 72.16 3.18
CA PHE B 960 9.30 71.94 4.47
C PHE B 960 10.00 70.89 5.31
N PHE B 961 10.30 69.73 4.75
CA PHE B 961 10.83 68.60 5.49
C PHE B 961 12.24 68.28 5.04
N TYR B 962 13.16 68.19 6.00
CA TYR B 962 14.54 67.87 5.74
C TYR B 962 14.91 66.54 6.39
N PRO B 963 15.60 65.66 5.68
CA PRO B 963 15.78 64.27 6.16
C PRO B 963 16.76 64.17 7.32
N VAL B 964 16.29 63.64 8.44
CA VAL B 964 17.13 63.27 9.57
C VAL B 964 16.77 61.85 10.01
N PRO B 965 17.37 60.83 9.40
CA PRO B 965 16.93 59.45 9.65
C PRO B 965 17.59 58.87 10.89
N VAL B 966 16.77 58.38 11.82
CA VAL B 966 17.31 57.62 12.94
C VAL B 966 16.53 56.29 13.07
N ASN B 967 17.04 55.27 12.35
CA ASN B 967 16.88 53.82 12.51
C ASN B 967 17.64 53.15 11.38
N PRO B 968 18.13 51.92 11.57
CA PRO B 968 18.52 51.11 10.41
C PRO B 968 17.34 50.78 9.51
N LEU B 969 16.14 50.64 10.07
CA LEU B 969 14.95 50.38 9.26
C LEU B 969 14.56 51.61 8.46
N PHE B 970 14.59 52.78 9.09
CA PHE B 970 14.08 54.01 8.51
C PHE B 970 15.17 54.84 7.83
N ALA B 971 16.33 54.24 7.55
CA ALA B 971 17.35 54.94 6.79
C ALA B 971 16.89 55.14 5.36
N CYS B 972 17.40 56.20 4.74
CA CYS B 972 16.85 56.60 3.45
C CYS B 972 17.97 57.03 2.50
N PRO B 973 18.24 56.26 1.45
CA PRO B 973 19.31 56.63 0.51
C PRO B 973 18.88 57.63 -0.54
N GLU B 974 17.59 57.61 -0.91
CA GLU B 974 17.09 58.51 -1.94
C GLU B 974 16.54 59.81 -1.37
N HIS B 975 16.07 59.79 -0.12
CA HIS B 975 15.44 60.97 0.48
C HIS B 975 16.42 62.07 0.83
N LEU B 976 17.73 61.81 0.76
CA LEU B 976 18.71 62.82 1.13
C LEU B 976 18.89 63.89 0.05
N ALA B 977 18.26 63.74 -1.11
CA ALA B 977 18.23 64.84 -2.08
C ALA B 977 17.41 66.02 -1.58
N SER B 978 16.51 65.81 -0.62
CA SER B 978 15.78 66.91 0.00
C SER B 978 16.67 67.77 0.89
N LEU B 979 17.81 67.24 1.34
CA LEU B 979 18.72 68.01 2.16
C LEU B 979 19.42 69.08 1.33
N ARG B 980 19.80 70.16 1.99
CA ARG B 980 20.43 71.29 1.31
C ARG B 980 21.86 70.95 0.91
N GLY B 981 22.15 71.06 -0.38
CA GLY B 981 23.49 70.81 -0.88
C GLY B 981 23.92 69.36 -0.86
N MET B 982 23.28 68.54 -1.69
CA MET B 982 23.62 67.13 -1.81
C MET B 982 24.40 66.92 -3.10
N THR B 983 25.54 66.24 -3.00
CA THR B 983 26.44 66.00 -4.11
C THR B 983 26.38 64.53 -4.53
N ASN B 984 27.20 64.19 -5.52
CA ASN B 984 27.28 62.80 -5.98
C ASN B 984 28.05 61.94 -4.99
N ALA B 985 29.01 62.52 -4.27
CA ALA B 985 29.81 61.75 -3.32
C ALA B 985 28.99 61.31 -2.12
N ARG B 986 28.18 62.23 -1.57
CA ARG B 986 27.31 61.87 -0.44
C ARG B 986 26.21 60.91 -0.88
N ARG B 987 25.72 61.07 -2.12
CA ARG B 987 24.70 60.17 -2.63
C ARG B 987 25.23 58.76 -2.83
N VAL B 988 26.47 58.63 -3.33
CA VAL B 988 27.03 57.30 -3.54
C VAL B 988 27.55 56.73 -2.23
N LEU B 989 27.81 57.57 -1.23
CA LEU B 989 28.14 57.07 0.10
C LEU B 989 26.90 56.57 0.82
N ALA B 990 25.76 57.21 0.58
CA ALA B 990 24.52 56.80 1.22
C ALA B 990 23.88 55.58 0.57
N LYS B 991 24.30 55.22 -0.65
CA LYS B 991 23.77 54.03 -1.30
C LYS B 991 24.29 52.75 -0.65
N MET B 992 25.39 52.82 0.08
CA MET B 992 26.03 51.64 0.65
C MET B 992 26.00 51.61 2.17
N VAL B 993 26.29 52.73 2.84
CA VAL B 993 26.22 52.81 4.29
C VAL B 993 24.98 53.61 4.69
N PRO B 994 24.15 53.11 5.60
CA PRO B 994 23.00 53.90 6.06
C PRO B 994 23.45 55.07 6.92
N PRO B 995 23.06 56.29 6.56
CA PRO B 995 23.51 57.46 7.33
C PRO B 995 22.75 57.65 8.63
N ILE B 996 23.39 57.29 9.73
CA ILE B 996 22.82 57.51 11.06
C ILE B 996 23.75 58.47 11.80
N PRO B 997 23.27 59.66 12.18
CA PRO B 997 24.13 60.64 12.85
C PRO B 997 24.53 60.19 14.24
N PRO B 998 25.73 60.51 14.70
CA PRO B 998 26.20 60.00 15.98
C PRO B 998 25.54 60.62 17.20
N PHE B 999 24.83 61.75 17.06
CA PHE B 999 24.09 62.30 18.17
C PHE B 999 22.71 61.68 18.32
N LEU B 1000 22.37 60.73 17.45
CA LEU B 1000 21.12 59.99 17.55
C LEU B 1000 21.37 58.49 17.71
N GLY B 1001 22.56 58.11 18.16
CA GLY B 1001 22.90 56.71 18.36
C GLY B 1001 23.60 56.11 17.15
N ALA B 1002 24.29 55.00 17.40
CA ALA B 1002 25.00 54.27 16.37
C ALA B 1002 24.45 52.87 16.24
N ASN B 1003 25.00 52.11 15.29
CA ASN B 1003 24.53 50.75 15.05
C ASN B 1003 24.91 49.81 16.19
N HIS B 1004 26.17 49.87 16.62
CA HIS B 1004 26.68 48.92 17.61
C HIS B 1004 26.35 49.32 19.04
N HIS B 1005 25.44 50.27 19.25
CA HIS B 1005 24.97 50.63 20.58
C HIS B 1005 23.45 50.67 20.70
N ALA B 1006 22.72 50.65 19.59
CA ALA B 1006 21.27 50.73 19.64
C ALA B 1006 20.67 49.34 19.85
N THR B 1007 19.35 49.30 19.98
CA THR B 1007 18.61 48.05 20.10
C THR B 1007 18.28 47.46 18.74
N ILE B 1008 17.65 48.25 17.88
CA ILE B 1008 17.37 47.84 16.51
C ILE B 1008 18.64 48.05 15.69
N ARG B 1009 19.16 46.98 15.10
CA ARG B 1009 20.46 47.01 14.44
C ARG B 1009 20.31 46.66 12.96
N GLN B 1010 21.46 46.48 12.31
CA GLN B 1010 21.50 46.22 10.87
C GLN B 1010 20.85 44.92 10.41
N PRO B 1011 21.04 43.73 11.04
CA PRO B 1011 20.46 42.51 10.45
C PRO B 1011 18.94 42.48 10.36
N VAL B 1012 18.22 43.10 11.30
CA VAL B 1012 16.77 43.14 11.15
C VAL B 1012 16.36 44.09 10.02
N ALA B 1013 17.15 45.14 9.76
CA ALA B 1013 16.89 45.99 8.61
C ALA B 1013 17.15 45.26 7.30
N TYR B 1014 18.20 44.43 7.27
CA TYR B 1014 18.46 43.59 6.11
C TYR B 1014 17.36 42.56 5.94
N HIS B 1015 16.76 42.10 7.04
CA HIS B 1015 15.65 41.16 6.96
C HIS B 1015 14.40 41.83 6.41
N VAL B 1016 14.18 43.12 6.69
CA VAL B 1016 12.99 43.75 6.14
C VAL B 1016 13.21 44.22 4.71
N THR B 1017 14.46 44.47 4.29
CA THR B 1017 14.63 45.02 2.95
C THR B 1017 14.96 43.97 1.89
N HIS B 1018 15.37 42.77 2.29
CA HIS B 1018 15.80 41.75 1.34
C HIS B 1018 15.04 40.44 1.48
N SER B 1019 13.83 40.48 2.02
CA SER B 1019 12.96 39.32 2.09
C SER B 1019 11.73 39.56 1.23
N LYS B 1020 11.43 38.61 0.35
CA LYS B 1020 10.24 38.67 -0.50
C LYS B 1020 9.45 37.39 -0.26
N SER B 1021 8.62 37.40 0.79
CA SER B 1021 7.75 36.26 1.08
C SER B 1021 6.28 36.65 1.00
N ASP B 1022 5.82 37.60 1.81
CA ASP B 1022 4.41 37.97 1.93
C ASP B 1022 4.35 39.25 2.76
N PHE B 1023 3.12 39.69 3.08
CA PHE B 1023 2.91 40.78 4.00
C PHE B 1023 2.26 40.37 5.30
N ASN B 1024 1.84 39.09 5.43
CA ASN B 1024 1.34 38.55 6.67
C ASN B 1024 2.37 37.68 7.39
N THR B 1025 3.13 36.89 6.63
CA THR B 1025 4.20 36.10 7.24
C THR B 1025 5.38 36.97 7.62
N LEU B 1026 5.55 38.10 6.93
CA LEU B 1026 6.65 39.02 7.25
C LEU B 1026 6.42 39.71 8.59
N THR B 1027 5.17 40.06 8.90
CA THR B 1027 4.88 40.73 10.16
C THR B 1027 5.09 39.80 11.35
N TYR B 1028 4.64 38.55 11.23
CA TYR B 1028 4.85 37.60 12.32
C TYR B 1028 6.30 37.15 12.39
N SER B 1029 7.01 37.13 11.26
CA SER B 1029 8.45 36.88 11.28
C SER B 1029 9.19 38.02 11.98
N LEU B 1030 8.75 39.26 11.77
CA LEU B 1030 9.35 40.40 12.45
C LEU B 1030 9.06 40.38 13.93
N LEU B 1031 7.86 39.93 14.31
CA LEU B 1031 7.55 39.79 15.73
C LEU B 1031 8.37 38.69 16.37
N GLY B 1032 8.57 37.57 15.66
CA GLY B 1032 9.44 36.53 16.16
C GLY B 1032 10.89 36.97 16.21
N GLY B 1033 11.26 37.95 15.39
CA GLY B 1033 12.55 38.58 15.55
C GLY B 1033 12.65 39.37 16.84
N TYR B 1034 11.59 40.11 17.19
CA TYR B 1034 11.62 41.02 18.33
C TYR B 1034 11.32 40.29 19.65
N PHE B 1035 12.21 39.35 19.98
CA PHE B 1035 12.18 38.65 21.26
C PHE B 1035 13.58 38.69 21.85
N LYS B 1036 13.67 38.90 23.16
CA LYS B 1036 14.96 39.13 23.78
C LYS B 1036 15.77 37.83 23.88
N PHE B 1037 17.09 37.98 23.88
CA PHE B 1037 18.03 36.90 24.13
C PHE B 1037 18.55 36.90 25.55
N THR B 1038 17.91 37.65 26.44
CA THR B 1038 18.19 37.62 27.87
C THR B 1038 17.91 36.22 28.41
N PRO B 1039 18.75 35.72 29.33
CA PRO B 1039 18.52 34.38 29.91
C PRO B 1039 17.17 34.20 30.60
N ILE B 1040 16.60 35.25 31.20
CA ILE B 1040 15.23 35.13 31.69
C ILE B 1040 14.24 35.06 30.53
N SER B 1041 14.46 35.85 29.49
CA SER B 1041 13.63 35.77 28.30
C SER B 1041 13.84 34.45 27.56
N LEU B 1042 15.08 33.95 27.55
CA LEU B 1042 15.35 32.63 26.99
C LEU B 1042 14.65 31.54 27.79
N THR B 1043 14.59 31.71 29.12
CA THR B 1043 13.84 30.79 29.97
C THR B 1043 12.35 30.81 29.63
N HIS B 1044 11.79 32.00 29.42
CA HIS B 1044 10.38 32.13 29.03
C HIS B 1044 10.11 31.47 27.68
N GLN B 1045 10.98 31.70 26.70
CA GLN B 1045 10.77 31.16 25.36
C GLN B 1045 10.95 29.64 25.33
N LEU B 1046 11.93 29.12 26.08
CA LEU B 1046 12.16 27.69 26.08
C LEU B 1046 11.07 26.96 26.86
N ARG B 1047 10.52 27.59 27.91
CA ARG B 1047 9.46 26.95 28.66
C ARG B 1047 8.10 27.06 27.99
N THR B 1048 7.89 28.08 27.14
CA THR B 1048 6.59 28.23 26.50
C THR B 1048 6.44 27.32 25.29
N GLY B 1049 7.43 27.32 24.39
CA GLY B 1049 7.33 26.56 23.16
C GLY B 1049 7.93 27.29 21.98
N PHE B 1050 8.45 28.49 22.23
CA PHE B 1050 9.13 29.26 21.21
C PHE B 1050 10.46 28.60 20.83
N HIS B 1051 10.89 28.86 19.60
CA HIS B 1051 12.17 28.38 19.10
C HIS B 1051 13.09 29.57 18.86
N PRO B 1052 14.02 29.85 19.76
CA PRO B 1052 14.93 30.98 19.56
C PRO B 1052 15.95 30.69 18.47
N GLY B 1053 16.62 31.76 18.02
CA GLY B 1053 17.58 31.64 16.94
C GLY B 1053 18.91 31.04 17.35
N ILE B 1054 18.89 29.77 17.77
CA ILE B 1054 20.11 29.06 18.16
C ILE B 1054 19.84 27.58 18.00
N ALA B 1055 20.91 26.80 17.89
CA ALA B 1055 20.83 25.35 17.78
C ALA B 1055 21.88 24.72 18.69
N PHE B 1056 21.59 23.50 19.14
CA PHE B 1056 22.45 22.81 20.09
C PHE B 1056 22.91 21.47 19.52
N THR B 1057 24.15 21.12 19.84
CA THR B 1057 24.70 19.80 19.54
C THR B 1057 25.07 19.12 20.86
N VAL B 1058 24.48 17.97 21.11
CA VAL B 1058 24.66 17.28 22.39
C VAL B 1058 25.89 16.38 22.31
N VAL B 1059 26.49 16.13 23.47
CA VAL B 1059 27.55 15.16 23.64
C VAL B 1059 27.17 14.26 24.79
N ARG B 1060 27.21 12.94 24.57
CA ARG B 1060 26.87 11.98 25.61
C ARG B 1060 27.84 10.82 25.53
N GLN B 1061 28.49 10.51 26.65
CA GLN B 1061 29.51 9.48 26.71
C GLN B 1061 28.93 8.24 27.39
N ASP B 1062 29.10 7.09 26.76
CA ASP B 1062 28.49 5.85 27.21
C ASP B 1062 29.55 4.76 27.42
N ARG B 1063 29.29 3.91 28.41
CA ARG B 1063 30.21 2.85 28.80
C ARG B 1063 29.66 1.49 28.39
N PHE B 1064 30.55 0.59 27.99
CA PHE B 1064 30.17 -0.74 27.53
C PHE B 1064 31.12 -1.76 28.12
N ALA B 1065 30.58 -2.92 28.50
CA ALA B 1065 31.39 -4.02 28.99
C ALA B 1065 31.81 -4.89 27.82
N THR B 1066 33.12 -5.12 27.69
CA THR B 1066 33.67 -5.88 26.58
C THR B 1066 34.48 -7.05 27.11
N GLU B 1067 34.59 -8.10 26.27
CA GLU B 1067 35.48 -9.21 26.53
C GLU B 1067 36.68 -9.07 25.60
N GLN B 1068 37.87 -8.92 26.17
CA GLN B 1068 39.07 -8.66 25.40
C GLN B 1068 39.74 -9.97 24.99
N LEU B 1069 40.89 -9.84 24.34
CA LEU B 1069 41.59 -11.00 23.80
C LEU B 1069 43.05 -10.61 23.65
N LEU B 1070 43.92 -11.19 24.47
CA LEU B 1070 45.31 -10.77 24.59
C LEU B 1070 46.24 -11.86 24.07
N TYR B 1071 47.24 -11.44 23.30
CA TYR B 1071 48.30 -12.33 22.81
C TYR B 1071 49.62 -11.89 23.42
N ALA B 1072 50.50 -12.86 23.68
CA ALA B 1072 51.82 -12.60 24.22
C ALA B 1072 52.83 -13.51 23.54
N GLU B 1073 54.06 -13.05 23.44
CA GLU B 1073 55.13 -13.83 22.81
C GLU B 1073 55.75 -14.78 23.83
N ARG B 1074 56.84 -15.43 23.45
CA ARG B 1074 57.46 -16.45 24.28
C ARG B 1074 58.27 -15.86 25.43
N ALA B 1075 59.32 -15.12 25.09
CA ALA B 1075 60.13 -14.47 26.13
C ALA B 1075 59.72 -13.01 26.28
N SER B 1076 58.42 -12.81 26.52
CA SER B 1076 57.86 -11.46 26.52
C SER B 1076 58.35 -10.62 27.69
N GLU B 1077 58.68 -11.25 28.82
CA GLU B 1077 59.13 -10.50 29.98
C GLU B 1077 60.12 -11.32 30.79
N SER B 1078 61.09 -10.63 31.38
CA SER B 1078 61.90 -11.22 32.44
C SER B 1078 61.22 -10.97 33.77
N TYR B 1079 61.31 -11.94 34.67
CA TYR B 1079 60.60 -11.87 35.95
C TYR B 1079 61.53 -12.39 37.04
N PHE B 1080 61.96 -11.49 37.92
CA PHE B 1080 62.81 -11.84 39.05
C PHE B 1080 61.98 -11.90 40.32
N VAL B 1081 62.10 -13.00 41.05
CA VAL B 1081 61.38 -13.18 42.31
C VAL B 1081 62.37 -13.11 43.45
N GLY B 1082 61.93 -12.50 44.54
CA GLY B 1082 62.77 -12.27 45.70
C GLY B 1082 62.52 -13.28 46.80
N GLN B 1083 62.73 -12.84 48.04
CA GLN B 1083 62.55 -13.68 49.22
C GLN B 1083 61.50 -13.05 50.13
N ILE B 1084 60.62 -13.88 50.68
CA ILE B 1084 59.48 -13.40 51.44
C ILE B 1084 59.91 -13.09 52.87
N GLN B 1085 59.05 -12.33 53.57
CA GLN B 1085 59.24 -12.05 54.98
C GLN B 1085 57.88 -11.78 55.60
N VAL B 1086 57.82 -11.90 56.93
CA VAL B 1086 56.58 -11.83 57.66
C VAL B 1086 56.62 -10.67 58.66
N HIS B 1087 55.49 -9.96 58.77
CA HIS B 1087 55.32 -8.91 59.75
C HIS B 1087 54.12 -9.25 60.62
N HIS B 1088 54.25 -9.08 61.93
CA HIS B 1088 53.17 -9.36 62.87
C HIS B 1088 52.65 -8.06 63.45
N HIS B 1089 51.33 -7.94 63.54
CA HIS B 1089 50.71 -6.78 64.16
C HIS B 1089 49.39 -7.21 64.79
N ASP B 1090 49.04 -6.55 65.90
CA ASP B 1090 47.83 -6.90 66.62
C ASP B 1090 46.59 -6.43 65.87
N ALA B 1091 45.47 -7.11 66.13
CA ALA B 1091 44.22 -6.83 65.44
C ALA B 1091 43.09 -6.94 66.46
N ILE B 1092 41.86 -7.01 65.96
CA ILE B 1092 40.68 -7.06 66.83
C ILE B 1092 40.62 -8.39 67.58
N GLY B 1093 40.73 -9.49 66.85
CA GLY B 1093 40.65 -10.80 67.47
C GLY B 1093 41.97 -11.26 68.04
N GLY B 1094 42.98 -11.31 67.20
CA GLY B 1094 44.32 -11.72 67.61
C GLY B 1094 45.36 -10.90 66.91
N VAL B 1095 46.37 -11.57 66.35
CA VAL B 1095 47.43 -10.91 65.60
C VAL B 1095 47.29 -11.25 64.13
N ASN B 1096 47.91 -10.44 63.29
CA ASN B 1096 47.83 -10.57 61.84
C ASN B 1096 49.23 -10.73 61.26
N PHE B 1097 49.40 -11.74 60.41
CA PHE B 1097 50.66 -11.98 59.72
C PHE B 1097 50.52 -11.56 58.27
N THR B 1098 51.45 -10.73 57.79
CA THR B 1098 51.47 -10.27 56.41
C THR B 1098 52.70 -10.83 55.71
N LEU B 1099 52.48 -11.60 54.65
CA LEU B 1099 53.57 -12.19 53.88
C LEU B 1099 53.83 -11.34 52.65
N THR B 1100 54.97 -10.67 52.62
CA THR B 1100 55.32 -9.76 51.53
C THR B 1100 56.49 -10.34 50.74
N GLN B 1101 56.31 -10.43 49.42
CA GLN B 1101 57.37 -10.93 48.52
C GLN B 1101 57.66 -9.85 47.49
N PRO B 1102 58.89 -9.36 47.41
CA PRO B 1102 59.23 -8.38 46.36
C PRO B 1102 59.63 -9.05 45.06
N ARG B 1103 59.27 -8.41 43.94
CA ARG B 1103 59.58 -8.95 42.63
C ARG B 1103 59.72 -7.81 41.64
N ALA B 1104 60.40 -8.10 40.52
CA ALA B 1104 60.67 -7.11 39.50
C ALA B 1104 60.43 -7.71 38.13
N HIS B 1105 60.14 -6.83 37.15
CA HIS B 1105 59.86 -7.26 35.79
C HIS B 1105 60.55 -6.35 34.79
N VAL B 1106 61.13 -6.97 33.76
CA VAL B 1106 61.74 -6.26 32.64
C VAL B 1106 61.11 -6.77 31.35
N ASP B 1107 60.78 -5.86 30.44
CA ASP B 1107 60.25 -6.22 29.13
C ASP B 1107 61.44 -6.25 28.16
N LEU B 1108 62.00 -7.42 27.93
CA LEU B 1108 63.16 -7.55 27.06
C LEU B 1108 62.79 -7.88 25.61
N GLY B 1109 61.89 -7.08 25.05
CA GLY B 1109 61.55 -7.16 23.64
C GLY B 1109 61.96 -5.89 22.92
N VAL B 1110 62.55 -6.06 21.74
CA VAL B 1110 63.00 -4.91 20.96
C VAL B 1110 61.80 -4.14 20.41
N GLY B 1111 60.83 -4.84 19.85
CA GLY B 1111 59.61 -4.23 19.33
C GLY B 1111 58.47 -4.34 20.31
N TYR B 1112 57.28 -4.65 19.77
CA TYR B 1112 56.09 -4.87 20.58
C TYR B 1112 55.82 -6.36 20.63
N THR B 1113 55.74 -6.92 21.84
CA THR B 1113 55.64 -8.36 22.04
C THR B 1113 54.29 -8.78 22.60
N ALA B 1114 53.32 -7.87 22.67
CA ALA B 1114 52.00 -8.21 23.17
C ALA B 1114 50.95 -7.39 22.43
N VAL B 1115 49.96 -8.06 21.86
CA VAL B 1115 48.89 -7.42 21.11
C VAL B 1115 47.56 -7.83 21.72
N CYS B 1116 46.71 -6.86 22.02
CA CYS B 1116 45.39 -7.12 22.57
C CYS B 1116 44.34 -6.45 21.69
N ALA B 1117 43.12 -6.96 21.74
CA ALA B 1117 42.02 -6.43 20.94
C ALA B 1117 40.69 -6.77 21.59
N THR B 1118 39.74 -5.85 21.51
CA THR B 1118 38.39 -6.12 21.97
C THR B 1118 37.70 -7.09 21.02
N ALA B 1119 37.05 -8.10 21.59
CA ALA B 1119 36.46 -9.16 20.78
C ALA B 1119 34.94 -9.22 20.88
N ALA B 1120 34.40 -9.33 22.08
CA ALA B 1120 32.97 -9.51 22.27
C ALA B 1120 32.36 -8.31 22.97
N LEU B 1121 31.04 -8.27 23.01
CA LEU B 1121 30.29 -7.19 23.63
C LEU B 1121 29.33 -7.77 24.66
N ARG B 1122 29.38 -7.24 25.88
CA ARG B 1122 28.47 -7.61 26.93
C ARG B 1122 27.40 -6.52 27.07
N CYS B 1123 26.62 -6.57 28.14
CA CYS B 1123 25.54 -5.62 28.35
C CYS B 1123 26.09 -4.21 28.54
N PRO B 1124 25.47 -3.19 27.92
CA PRO B 1124 25.90 -1.81 28.15
C PRO B 1124 25.62 -1.38 29.59
N LEU B 1125 26.68 -0.92 30.28
CA LEU B 1125 26.59 -0.64 31.69
C LEU B 1125 25.93 0.69 32.00
N THR B 1126 25.60 1.51 31.01
CA THR B 1126 25.03 2.81 31.27
C THR B 1126 23.69 2.95 30.54
N ASP B 1127 22.98 4.02 30.88
CA ASP B 1127 21.66 4.30 30.34
C ASP B 1127 21.77 5.45 29.33
N MET B 1128 21.33 5.21 28.10
CA MET B 1128 21.39 6.22 27.05
C MET B 1128 20.15 7.11 27.09
N GLY B 1129 19.96 7.77 28.22
CA GLY B 1129 18.78 8.58 28.46
C GLY B 1129 18.97 10.03 28.06
N ASN B 1130 18.11 10.88 28.62
CA ASN B 1130 18.13 12.32 28.37
C ASN B 1130 18.21 13.02 29.72
N THR B 1131 19.43 13.15 30.25
CA THR B 1131 19.68 13.84 31.51
C THR B 1131 20.60 15.02 31.21
N ALA B 1132 20.05 16.23 31.29
CA ALA B 1132 20.80 17.42 30.94
C ALA B 1132 21.83 17.75 32.01
N GLN B 1133 22.98 18.25 31.56
CA GLN B 1133 24.03 18.67 32.49
C GLN B 1133 23.64 19.99 33.12
N ASN B 1134 23.37 19.98 34.42
CA ASN B 1134 22.99 21.18 35.15
C ASN B 1134 24.23 21.98 35.47
N LEU B 1135 24.29 23.22 35.01
CA LEU B 1135 25.47 24.06 35.19
C LEU B 1135 25.41 24.88 36.47
N PHE B 1136 24.38 24.70 37.29
CA PHE B 1136 24.24 25.44 38.54
C PHE B 1136 25.01 24.81 39.68
N PHE B 1137 25.72 23.70 39.44
CA PHE B 1137 26.53 23.05 40.45
C PHE B 1137 27.86 23.76 40.70
N SER B 1138 28.26 24.68 39.83
CA SER B 1138 29.58 25.29 39.89
C SER B 1138 29.51 26.70 40.46
N ARG B 1139 30.56 27.07 41.18
CA ARG B 1139 30.73 28.41 41.73
C ARG B 1139 32.04 29.00 41.22
N GLY B 1140 32.05 30.32 41.04
CA GLY B 1140 33.27 30.98 40.61
C GLY B 1140 33.06 32.08 39.58
N GLY B 1141 32.03 31.95 38.75
CA GLY B 1141 31.74 32.98 37.78
C GLY B 1141 31.09 34.20 38.43
N VAL B 1142 30.95 35.25 37.62
CA VAL B 1142 30.35 36.48 38.12
C VAL B 1142 28.84 36.28 38.25
N PRO B 1143 28.26 36.59 39.41
CA PRO B 1143 26.82 36.44 39.58
C PRO B 1143 26.06 37.65 39.05
N MET B 1144 24.76 37.47 38.88
CA MET B 1144 23.89 38.58 38.52
C MET B 1144 23.74 39.52 39.72
N LEU B 1145 23.37 40.77 39.40
CA LEU B 1145 23.31 41.82 40.43
C LEU B 1145 22.20 41.54 41.43
N HIS B 1146 21.05 41.07 40.96
CA HIS B 1146 19.90 40.83 41.83
C HIS B 1146 19.84 39.35 42.20
N ASP B 1147 19.73 39.07 43.49
CA ASP B 1147 19.78 37.69 43.96
C ASP B 1147 18.48 36.93 43.66
N ASN B 1148 17.36 37.65 43.60
CA ASN B 1148 16.09 36.99 43.28
C ASN B 1148 16.06 36.50 41.84
N VAL B 1149 16.78 37.19 40.95
CA VAL B 1149 16.91 36.73 39.56
C VAL B 1149 17.60 35.38 39.50
N THR B 1150 18.72 35.24 40.22
CA THR B 1150 19.46 33.98 40.25
C THR B 1150 18.67 32.89 40.94
N GLU B 1151 17.96 33.23 42.02
CA GLU B 1151 17.18 32.25 42.76
C GLU B 1151 16.01 31.73 41.93
N SER B 1152 15.29 32.63 41.26
CA SER B 1152 14.18 32.21 40.40
C SER B 1152 14.68 31.47 39.17
N LEU B 1153 15.84 31.85 38.64
CA LEU B 1153 16.42 31.15 37.51
C LEU B 1153 16.80 29.73 37.87
N ARG B 1154 17.40 29.53 39.05
CA ARG B 1154 17.73 28.19 39.51
C ARG B 1154 16.47 27.38 39.81
N ARG B 1155 15.44 28.03 40.36
CA ARG B 1155 14.19 27.34 40.64
C ARG B 1155 13.50 26.86 39.36
N ILE B 1156 13.47 27.70 38.32
CA ILE B 1156 12.83 27.31 37.07
C ILE B 1156 13.67 26.25 36.34
N THR B 1157 15.01 26.40 36.37
CA THR B 1157 15.90 25.43 35.74
C THR B 1157 15.79 24.07 36.44
N ALA B 1158 15.61 24.06 37.76
CA ALA B 1158 15.44 22.81 38.50
C ALA B 1158 14.17 22.09 38.10
N SER B 1159 13.11 22.83 37.78
CA SER B 1159 11.92 22.22 37.23
C SER B 1159 12.18 21.74 35.81
N GLY B 1160 11.64 20.57 35.47
CA GLY B 1160 11.93 19.97 34.19
C GLY B 1160 13.29 19.30 34.11
N GLY B 1161 13.85 18.93 35.26
CA GLY B 1161 15.13 18.24 35.28
C GLY B 1161 15.12 17.21 36.40
N ARG B 1162 16.16 16.36 36.40
CA ARG B 1162 16.25 15.29 37.38
C ARG B 1162 17.28 15.57 38.47
N LEU B 1163 18.53 15.82 38.09
CA LEU B 1163 19.58 16.08 39.06
C LEU B 1163 19.63 17.57 39.36
N ASN B 1164 19.75 17.92 40.64
CA ASN B 1164 19.59 19.29 41.10
C ASN B 1164 20.33 19.45 42.41
N PRO B 1165 20.84 20.64 42.71
CA PRO B 1165 21.38 20.89 44.05
C PRO B 1165 20.26 20.92 45.08
N THR B 1166 20.62 20.60 46.32
CA THR B 1166 19.65 20.57 47.40
C THR B 1166 19.16 21.97 47.73
N GLU B 1167 17.86 22.08 48.00
CA GLU B 1167 17.16 23.34 48.24
C GLU B 1167 17.65 24.22 49.41
N PRO B 1168 18.36 23.72 50.43
CA PRO B 1168 19.09 24.69 51.30
C PRO B 1168 20.12 25.52 50.57
N LEU B 1169 20.78 24.97 49.52
CA LEU B 1169 21.94 25.53 48.84
C LEU B 1169 23.01 25.89 49.85
N PRO B 1170 23.72 24.92 50.43
CA PRO B 1170 24.63 25.22 51.53
C PRO B 1170 25.91 25.90 51.04
N ILE B 1171 26.23 27.03 51.66
CA ILE B 1171 27.55 27.63 51.47
C ILE B 1171 28.58 26.75 52.16
N PHE B 1172 29.82 26.81 51.65
CA PHE B 1172 30.95 26.00 52.11
C PHE B 1172 30.62 24.51 52.01
N GLY B 1173 30.46 24.06 50.77
CA GLY B 1173 30.10 22.68 50.49
C GLY B 1173 30.42 22.32 49.06
N GLY B 1174 30.09 21.07 48.70
CA GLY B 1174 30.38 20.56 47.39
C GLY B 1174 29.17 20.48 46.48
N LEU B 1175 27.98 20.73 47.04
CA LEU B 1175 26.70 20.74 46.33
C LEU B 1175 26.42 19.40 45.64
N ARG B 1176 26.35 18.35 46.46
CA ARG B 1176 25.98 17.05 45.94
C ARG B 1176 24.47 16.99 45.67
N PRO B 1177 24.05 16.32 44.61
CA PRO B 1177 22.61 16.18 44.36
C PRO B 1177 21.98 15.21 45.33
N ALA B 1178 20.66 15.37 45.52
CA ALA B 1178 19.92 14.51 46.44
C ALA B 1178 19.83 13.10 45.88
N THR B 1179 20.17 12.12 46.71
CA THR B 1179 20.11 10.73 46.29
C THR B 1179 18.66 10.28 46.16
N SER B 1180 18.42 9.39 45.21
CA SER B 1180 17.08 8.95 44.86
C SER B 1180 16.87 7.50 45.27
N ALA B 1181 15.72 6.96 44.88
CA ALA B 1181 15.37 5.56 45.10
C ALA B 1181 16.02 4.66 44.06
N GLY B 1182 15.54 3.43 43.95
CA GLY B 1182 16.11 2.40 43.10
C GLY B 1182 16.27 2.72 41.62
N ILE B 1183 17.11 1.94 40.94
CA ILE B 1183 17.60 2.24 39.60
C ILE B 1183 17.11 1.15 38.65
N ALA B 1184 16.51 1.56 37.53
CA ALA B 1184 15.87 0.59 36.64
C ALA B 1184 16.86 -0.06 35.67
N ARG B 1185 17.47 0.72 34.79
CA ARG B 1185 18.17 0.17 33.64
C ARG B 1185 19.60 0.68 33.53
N GLY B 1186 20.23 0.98 34.65
CA GLY B 1186 21.65 1.29 34.67
C GLY B 1186 21.93 2.73 35.04
N GLN B 1187 23.22 3.05 35.05
CA GLN B 1187 23.69 4.37 35.43
C GLN B 1187 23.33 5.39 34.35
N ALA B 1188 22.75 6.51 34.77
CA ALA B 1188 22.38 7.56 33.83
C ALA B 1188 23.62 8.29 33.32
N SER B 1189 23.61 8.62 32.04
CA SER B 1189 24.70 9.32 31.39
C SER B 1189 24.25 10.74 31.05
N VAL B 1190 25.04 11.72 31.47
CA VAL B 1190 24.68 13.12 31.31
C VAL B 1190 24.95 13.57 29.89
N CYS B 1191 24.18 14.55 29.42
CA CYS B 1191 24.32 15.12 28.09
C CYS B 1191 24.70 16.58 28.21
N GLU B 1192 25.78 16.98 27.56
CA GLU B 1192 26.25 18.36 27.57
C GLU B 1192 25.90 19.04 26.26
N PHE B 1193 25.39 20.26 26.35
CA PHE B 1193 24.87 20.99 25.20
C PHE B 1193 25.87 22.05 24.76
N VAL B 1194 26.14 22.12 23.47
CA VAL B 1194 27.08 23.08 22.88
C VAL B 1194 26.31 23.96 21.91
N ALA B 1195 26.44 25.28 22.08
CA ALA B 1195 25.73 26.22 21.24
C ALA B 1195 26.38 26.33 19.86
N MET B 1196 25.56 26.61 18.87
CA MET B 1196 25.98 26.65 17.46
C MET B 1196 24.88 27.35 16.66
N PRO B 1197 25.21 27.91 15.49
CA PRO B 1197 24.20 28.60 14.68
C PRO B 1197 23.15 27.65 14.13
N VAL B 1198 22.02 28.25 13.72
CA VAL B 1198 20.88 27.47 13.24
C VAL B 1198 21.19 26.87 11.87
N SER B 1199 21.83 27.65 10.99
CA SER B 1199 22.12 27.22 9.62
C SER B 1199 23.44 26.43 9.58
N THR B 1200 23.47 25.36 10.37
CA THR B 1200 24.61 24.46 10.42
C THR B 1200 24.47 23.42 9.32
N ASP B 1201 25.55 23.19 8.58
CA ASP B 1201 25.60 22.13 7.57
C ASP B 1201 25.36 20.77 8.22
N LEU B 1202 24.25 20.13 7.84
CA LEU B 1202 23.80 18.93 8.53
C LEU B 1202 24.62 17.70 8.12
N GLN B 1203 25.34 17.79 7.01
CA GLN B 1203 26.12 16.65 6.52
C GLN B 1203 27.33 16.39 7.41
N TYR B 1204 27.75 17.37 8.21
CA TYR B 1204 28.82 17.18 9.19
C TYR B 1204 28.48 16.11 10.22
N PHE B 1205 27.24 16.08 10.69
CA PHE B 1205 26.85 15.15 11.74
C PHE B 1205 26.42 13.78 11.20
N ARG B 1206 26.50 13.56 9.89
CA ARG B 1206 26.19 12.25 9.33
C ARG B 1206 27.39 11.33 9.29
N THR B 1207 28.58 11.82 9.65
CA THR B 1207 29.76 10.98 9.79
C THR B 1207 30.39 11.20 11.15
N ALA B 1208 31.54 10.58 11.39
CA ALA B 1208 32.24 10.74 12.67
C ALA B 1208 32.86 12.13 12.72
N CYS B 1209 32.21 13.04 13.42
CA CYS B 1209 32.61 14.44 13.45
C CYS B 1209 33.22 14.81 14.79
N ASN B 1210 33.55 16.08 14.95
CA ASN B 1210 34.11 16.64 16.17
C ASN B 1210 33.11 17.62 16.78
N PRO B 1211 32.84 17.54 18.08
CA PRO B 1211 31.85 18.46 18.68
C PRO B 1211 32.34 19.89 18.81
N ARG B 1212 33.65 20.11 18.73
CA ARG B 1212 34.18 21.47 18.81
C ARG B 1212 33.85 22.27 17.56
N GLY B 1213 33.69 21.60 16.42
CA GLY B 1213 33.42 22.24 15.16
C GLY B 1213 34.62 22.37 14.25
N ARG B 1214 35.83 22.17 14.77
CA ARG B 1214 37.04 22.21 13.97
C ARG B 1214 37.94 21.07 14.43
N ALA B 1215 38.50 20.33 13.48
CA ALA B 1215 39.32 19.17 13.80
C ALA B 1215 40.61 19.61 14.50
N SER B 1216 41.08 18.76 15.41
CA SER B 1216 42.13 19.15 16.34
C SER B 1216 43.03 17.95 16.61
N GLY B 1217 44.00 18.15 17.49
CA GLY B 1217 44.84 17.07 17.97
C GLY B 1217 46.29 17.26 17.58
N MET B 1218 47.14 16.43 18.19
CA MET B 1218 48.57 16.36 17.88
C MET B 1218 48.86 15.44 16.70
N LEU B 1219 47.82 14.87 16.08
CA LEU B 1219 47.96 13.82 15.10
C LEU B 1219 48.43 14.35 13.74
N TYR B 1220 48.43 15.67 13.57
CA TYR B 1220 48.81 16.30 12.31
C TYR B 1220 50.05 17.16 12.53
N MET B 1221 51.20 16.67 12.08
CA MET B 1221 52.49 17.31 12.33
C MET B 1221 53.24 17.41 11.00
N GLY B 1222 54.54 17.69 11.08
CA GLY B 1222 55.38 17.66 9.90
C GLY B 1222 56.48 18.71 9.78
N ASP B 1223 56.34 19.86 10.42
CA ASP B 1223 57.38 20.86 10.21
C ASP B 1223 58.00 21.42 11.48
N ARG B 1224 57.21 21.62 12.54
CA ARG B 1224 57.70 22.33 13.72
C ARG B 1224 57.07 21.73 14.97
N ASP B 1225 57.34 22.37 16.11
CA ASP B 1225 56.85 21.91 17.40
C ASP B 1225 55.73 22.78 17.96
N ALA B 1226 55.66 24.05 17.58
CA ALA B 1226 54.61 24.95 18.06
C ALA B 1226 53.45 25.00 17.07
N ASP B 1227 52.88 23.81 16.82
CA ASP B 1227 51.75 23.67 15.91
C ASP B 1227 50.59 22.92 16.55
N ILE B 1228 50.47 22.97 17.87
CA ILE B 1228 49.32 22.40 18.57
C ILE B 1228 48.26 23.46 18.83
N GLU B 1229 48.66 24.65 19.27
CA GLU B 1229 47.74 25.77 19.38
C GLU B 1229 47.46 26.43 18.05
N ALA B 1230 48.28 26.17 17.02
CA ALA B 1230 47.99 26.69 15.69
C ALA B 1230 46.89 25.90 15.01
N ILE B 1231 46.85 24.58 15.24
CA ILE B 1231 45.77 23.76 14.70
C ILE B 1231 44.46 24.06 15.44
N MET B 1232 44.54 24.14 16.77
CA MET B 1232 43.33 24.12 17.58
C MET B 1232 42.61 25.47 17.58
N PHE B 1233 43.35 26.57 17.58
CA PHE B 1233 42.75 27.87 17.83
C PHE B 1233 42.97 28.91 16.74
N ASP B 1234 44.05 28.82 15.97
CA ASP B 1234 44.36 29.84 14.98
C ASP B 1234 43.41 29.71 13.79
N HIS B 1235 42.55 30.71 13.61
CA HIS B 1235 41.54 30.68 12.57
C HIS B 1235 41.88 31.55 11.36
N THR B 1236 43.13 32.01 11.27
CA THR B 1236 43.59 32.68 10.06
C THR B 1236 43.65 31.70 8.89
N GLN B 1237 44.08 30.47 9.15
CA GLN B 1237 44.13 29.42 8.15
C GLN B 1237 42.92 28.50 8.28
N SER B 1238 42.76 27.63 7.28
CA SER B 1238 41.57 26.80 7.18
C SER B 1238 41.64 25.62 8.14
N ASP B 1239 40.57 24.84 8.16
CA ASP B 1239 40.51 23.62 8.96
C ASP B 1239 41.45 22.57 8.39
N VAL B 1240 41.98 21.73 9.29
CA VAL B 1240 42.91 20.69 8.87
C VAL B 1240 42.18 19.59 8.09
N ALA B 1241 41.00 19.17 8.56
CA ALA B 1241 40.27 18.10 7.91
C ALA B 1241 39.45 18.62 6.73
N TYR B 1242 38.54 19.55 6.99
CA TYR B 1242 37.65 20.11 5.97
C TYR B 1242 38.29 21.40 5.48
N THR B 1243 39.21 21.29 4.52
CA THR B 1243 40.02 22.41 4.07
C THR B 1243 39.25 23.29 3.08
N ASP B 1244 38.13 23.84 3.55
CA ASP B 1244 37.36 24.81 2.80
C ASP B 1244 36.85 25.91 3.73
N ARG B 1245 37.06 25.77 5.04
CA ARG B 1245 36.46 26.65 6.03
C ARG B 1245 37.33 26.66 7.28
N ALA B 1246 37.07 27.60 8.17
CA ALA B 1246 37.83 27.68 9.42
C ALA B 1246 37.24 26.77 10.48
N THR B 1247 35.99 27.02 10.87
CA THR B 1247 35.26 26.16 11.79
C THR B 1247 33.78 26.33 11.49
N LEU B 1248 32.99 25.28 11.76
CA LEU B 1248 31.58 25.34 11.37
C LEU B 1248 30.80 26.25 12.31
N ASN B 1249 31.04 26.16 13.62
CA ASN B 1249 30.41 27.08 14.56
C ASN B 1249 31.46 28.01 15.13
N PRO B 1250 31.36 29.32 14.89
CA PRO B 1250 32.30 30.27 15.50
C PRO B 1250 31.98 30.66 16.94
N TRP B 1251 31.01 29.99 17.57
CA TRP B 1251 30.65 30.29 18.95
C TRP B 1251 31.29 29.35 19.95
N ALA B 1252 31.92 28.25 19.49
CA ALA B 1252 32.48 27.28 20.41
C ALA B 1252 33.80 26.69 19.90
N SER B 1253 34.56 27.46 19.12
CA SER B 1253 35.80 26.96 18.55
C SER B 1253 36.98 27.92 18.63
N GLN B 1254 36.76 29.19 18.96
CA GLN B 1254 37.85 30.15 19.00
C GLN B 1254 38.65 30.01 20.30
N LYS B 1255 39.59 30.93 20.50
CA LYS B 1255 40.44 30.90 21.68
C LYS B 1255 39.65 31.25 22.93
N HIS B 1256 38.73 32.21 22.83
CA HIS B 1256 37.93 32.66 23.97
C HIS B 1256 36.48 32.82 23.57
N SER B 1257 35.94 31.79 22.89
CA SER B 1257 34.54 31.79 22.48
C SER B 1257 33.66 31.36 23.65
N TYR B 1258 32.38 31.12 23.38
CA TYR B 1258 31.44 30.77 24.45
C TYR B 1258 31.70 29.36 24.97
N GLY B 1259 31.72 28.38 24.07
CA GLY B 1259 31.95 27.01 24.48
C GLY B 1259 33.35 26.78 25.00
N ASP B 1260 34.31 27.57 24.54
CA ASP B 1260 35.67 27.45 25.03
C ASP B 1260 35.82 28.07 26.42
N ARG B 1261 35.09 29.15 26.69
CA ARG B 1261 35.06 29.67 28.06
C ARG B 1261 34.25 28.79 28.98
N LEU B 1262 33.34 27.97 28.45
CA LEU B 1262 32.46 27.17 29.27
C LEU B 1262 32.96 25.75 29.51
N TYR B 1263 33.80 25.19 28.64
CA TYR B 1263 34.14 23.78 28.71
C TYR B 1263 35.64 23.46 28.73
N ASN B 1264 36.50 24.47 28.70
CA ASN B 1264 37.94 24.20 28.73
C ASN B 1264 38.39 23.79 30.13
N GLY B 1265 39.36 22.89 30.18
CA GLY B 1265 39.90 22.45 31.46
C GLY B 1265 40.98 23.33 32.04
N THR B 1266 41.61 24.17 31.22
CA THR B 1266 42.62 25.10 31.72
C THR B 1266 41.98 26.21 32.53
N TYR B 1267 40.83 26.71 32.07
CA TYR B 1267 40.19 27.86 32.70
C TYR B 1267 39.50 27.50 34.01
N ASN B 1268 39.04 26.25 34.15
CA ASN B 1268 38.48 25.67 35.38
C ASN B 1268 37.25 26.45 35.87
N LEU B 1269 36.20 26.42 35.06
CA LEU B 1269 34.95 27.04 35.45
C LEU B 1269 34.08 26.08 36.26
N THR B 1270 34.08 24.80 35.89
CA THR B 1270 33.28 23.78 36.55
C THR B 1270 34.13 22.87 37.44
N GLY B 1271 35.11 23.45 38.13
CA GLY B 1271 35.96 22.65 39.00
C GLY B 1271 35.22 22.12 40.23
N ALA B 1272 34.32 22.93 40.78
CA ALA B 1272 33.58 22.52 41.97
C ALA B 1272 32.39 21.62 41.65
N SER B 1273 32.07 21.42 40.38
CA SER B 1273 30.93 20.58 40.02
C SER B 1273 31.29 19.11 40.19
N PRO B 1274 30.51 18.34 40.94
CA PRO B 1274 30.81 16.90 41.07
C PRO B 1274 30.51 16.11 39.80
N ILE B 1275 29.70 16.65 38.89
CA ILE B 1275 29.30 15.89 37.71
C ILE B 1275 30.40 15.95 36.64
N TYR B 1276 30.31 15.01 35.70
CA TYR B 1276 31.32 14.82 34.67
C TYR B 1276 30.85 15.43 33.36
N SER B 1277 31.76 16.10 32.67
CA SER B 1277 31.45 16.73 31.39
C SER B 1277 32.01 15.89 30.25
N PRO B 1278 31.18 15.33 29.38
CA PRO B 1278 31.69 14.45 28.31
C PRO B 1278 32.41 15.18 27.19
N CYS B 1279 32.34 16.51 27.13
CA CYS B 1279 33.06 17.28 26.14
C CYS B 1279 34.30 17.94 26.72
N PHE B 1280 34.74 17.51 27.91
CA PHE B 1280 35.97 18.04 28.49
C PHE B 1280 37.19 17.55 27.72
N LYS B 1281 37.17 16.32 27.23
CA LYS B 1281 38.30 15.76 26.52
C LYS B 1281 38.45 16.29 25.09
N PHE B 1282 37.43 16.97 24.56
CA PHE B 1282 37.50 17.52 23.22
C PHE B 1282 38.00 18.96 23.20
N PHE B 1283 37.72 19.73 24.26
CA PHE B 1283 38.06 21.15 24.30
C PHE B 1283 39.38 21.43 25.00
N THR B 1284 39.89 20.50 25.80
CA THR B 1284 41.09 20.76 26.59
C THR B 1284 42.33 20.39 25.80
N PRO B 1285 43.30 21.32 25.63
CA PRO B 1285 44.56 20.96 24.98
C PRO B 1285 45.40 20.05 25.86
N ALA B 1286 45.54 18.79 25.47
CA ALA B 1286 46.32 17.85 26.27
C ALA B 1286 47.81 18.18 26.17
N GLU B 1287 48.47 18.23 27.32
CA GLU B 1287 49.90 18.51 27.37
C GLU B 1287 50.67 17.30 26.86
N VAL B 1288 51.59 17.53 25.93
CA VAL B 1288 52.26 16.46 25.22
C VAL B 1288 53.73 16.84 25.03
N ASN B 1289 54.61 15.84 25.09
CA ASN B 1289 56.02 16.03 24.77
C ASN B 1289 56.25 15.70 23.30
N THR B 1290 57.06 16.52 22.64
CA THR B 1290 57.25 16.43 21.20
C THR B 1290 58.56 15.74 20.82
N ASN B 1291 59.27 15.13 21.77
CA ASN B 1291 60.50 14.43 21.44
C ASN B 1291 60.24 13.17 20.64
N CYS B 1292 59.23 12.39 21.04
CA CYS B 1292 58.85 11.21 20.29
C CYS B 1292 58.08 11.60 19.04
N ASN B 1293 58.10 10.72 18.04
CA ASN B 1293 57.37 10.97 16.81
C ASN B 1293 55.88 10.68 17.00
N THR B 1294 55.12 10.87 15.92
CA THR B 1294 53.66 10.86 16.03
C THR B 1294 53.10 9.46 16.25
N LEU B 1295 53.67 8.45 15.57
CA LEU B 1295 53.10 7.11 15.64
C LEU B 1295 53.40 6.44 16.98
N ASP B 1296 54.60 6.66 17.52
CA ASP B 1296 54.90 6.14 18.85
C ASP B 1296 54.07 6.82 19.92
N ARG B 1297 53.83 8.13 19.77
CA ARG B 1297 52.96 8.84 20.69
C ARG B 1297 51.53 8.31 20.62
N LEU B 1298 51.06 8.00 19.41
CA LEU B 1298 49.75 7.42 19.24
C LEU B 1298 49.66 6.04 19.88
N LEU B 1299 50.72 5.24 19.75
CA LEU B 1299 50.69 3.89 20.33
C LEU B 1299 50.82 3.92 21.86
N MET B 1300 51.53 4.91 22.41
CA MET B 1300 51.56 5.04 23.86
C MET B 1300 50.27 5.63 24.42
N GLU B 1301 49.57 6.45 23.65
CA GLU B 1301 48.30 7.00 24.10
C GLU B 1301 47.13 6.03 23.90
N ALA B 1302 47.31 4.99 23.08
CA ALA B 1302 46.22 4.08 22.77
C ALA B 1302 46.05 2.98 23.80
N LYS B 1303 46.85 2.95 24.87
CA LYS B 1303 46.75 1.90 25.86
C LYS B 1303 45.55 2.14 26.78
N ALA B 1304 45.43 1.28 27.79
CA ALA B 1304 44.30 1.33 28.71
C ALA B 1304 44.41 2.54 29.65
N VAL B 1305 43.77 3.64 29.28
CA VAL B 1305 43.80 4.84 30.11
C VAL B 1305 42.89 4.65 31.32
N ALA B 1306 43.11 5.47 32.34
CA ALA B 1306 42.29 5.40 33.55
C ALA B 1306 40.89 5.93 33.29
N SER B 1307 39.95 5.52 34.14
CA SER B 1307 38.56 5.95 33.99
C SER B 1307 38.43 7.43 34.29
N GLN B 1308 37.65 8.13 33.46
CA GLN B 1308 37.38 9.55 33.64
C GLN B 1308 35.99 9.79 34.24
N SER B 1309 35.28 8.72 34.60
CA SER B 1309 33.97 8.83 35.23
C SER B 1309 33.95 7.84 36.39
N SER B 1310 32.76 7.62 36.94
CA SER B 1310 32.59 6.73 38.09
C SER B 1310 31.55 5.66 37.78
N THR B 1311 31.71 4.51 38.42
CA THR B 1311 30.89 3.34 38.13
C THR B 1311 29.90 2.97 39.23
N ASP B 1312 30.26 3.15 40.49
CA ASP B 1312 29.40 2.73 41.60
C ASP B 1312 28.26 3.71 41.88
N THR B 1313 28.38 4.97 41.47
CA THR B 1313 27.33 5.95 41.73
C THR B 1313 26.28 5.92 40.63
N GLU B 1314 25.41 6.93 40.59
CA GLU B 1314 24.27 6.92 39.67
C GLU B 1314 24.33 7.98 38.59
N TYR B 1315 24.78 9.21 38.90
CA TYR B 1315 24.64 10.33 37.98
C TYR B 1315 25.89 10.58 37.14
N GLN B 1316 26.81 9.60 37.08
CA GLN B 1316 28.08 9.68 36.34
C GLN B 1316 28.92 10.88 36.80
N PHE B 1317 29.35 10.80 38.06
CA PHE B 1317 30.13 11.87 38.67
C PHE B 1317 31.56 11.85 38.17
N LYS B 1318 32.38 12.75 38.73
CA LYS B 1318 33.81 12.73 38.47
C LYS B 1318 34.45 11.49 39.09
N ARG B 1319 35.62 11.14 38.58
CA ARG B 1319 36.34 9.98 39.07
C ARG B 1319 36.83 10.22 40.50
N PRO B 1320 36.53 9.32 41.44
CA PRO B 1320 37.00 9.50 42.82
C PRO B 1320 38.50 9.37 42.91
N PRO B 1321 39.13 10.05 43.86
CA PRO B 1321 40.60 9.94 43.99
C PRO B 1321 41.00 8.57 44.50
N GLY B 1322 42.00 7.98 43.83
CA GLY B 1322 42.47 6.67 44.17
C GLY B 1322 41.72 5.51 43.54
N SER B 1323 40.71 5.79 42.72
CA SER B 1323 39.97 4.73 42.05
C SER B 1323 40.72 4.29 40.81
N THR B 1324 41.08 3.01 40.76
CA THR B 1324 41.88 2.44 39.67
C THR B 1324 40.99 1.52 38.84
N GLU B 1325 40.51 2.02 37.71
CA GLU B 1325 39.74 1.22 36.76
C GLU B 1325 40.18 1.63 35.36
N MET B 1326 40.82 0.71 34.64
CA MET B 1326 41.38 0.99 33.33
C MET B 1326 40.36 0.69 32.25
N THR B 1327 39.94 1.74 31.53
CA THR B 1327 39.01 1.62 30.41
C THR B 1327 39.74 1.99 29.14
N GLN B 1328 39.68 1.13 28.13
CA GLN B 1328 40.18 1.47 26.81
C GLN B 1328 39.32 2.57 26.22
N ASP B 1329 39.95 3.55 25.59
CA ASP B 1329 39.26 4.76 25.14
C ASP B 1329 39.43 4.97 23.65
N PRO B 1330 38.57 4.37 22.82
CA PRO B 1330 38.44 4.82 21.44
C PRO B 1330 37.76 6.17 21.39
N CYS B 1331 38.01 6.90 20.29
CA CYS B 1331 37.49 8.24 19.99
C CYS B 1331 37.88 9.28 21.05
N GLY B 1332 38.91 8.99 21.84
CA GLY B 1332 39.44 9.94 22.81
C GLY B 1332 40.85 10.33 22.46
N LEU B 1333 41.45 9.59 21.53
CA LEU B 1333 42.74 9.94 20.95
C LEU B 1333 42.64 10.44 19.52
N PHE B 1334 41.56 10.11 18.82
CA PHE B 1334 41.29 10.66 17.50
C PHE B 1334 40.47 11.94 17.54
N GLN B 1335 39.92 12.30 18.71
CA GLN B 1335 39.08 13.48 18.93
C GLN B 1335 37.88 13.49 17.97
N GLU B 1336 37.04 12.47 18.11
CA GLU B 1336 35.88 12.30 17.26
C GLU B 1336 34.73 11.76 18.08
N ALA B 1337 33.52 11.89 17.55
CA ALA B 1337 32.31 11.43 18.22
C ALA B 1337 31.38 10.81 17.18
N TYR B 1338 30.98 9.57 17.41
CA TYR B 1338 30.17 8.82 16.45
C TYR B 1338 28.70 9.19 16.61
N PRO B 1339 28.01 9.57 15.54
CA PRO B 1339 26.58 9.90 15.65
C PRO B 1339 25.75 8.64 15.70
N PRO B 1340 24.78 8.56 16.61
CA PRO B 1340 23.90 7.39 16.66
C PRO B 1340 22.67 7.57 15.77
N LEU B 1341 21.78 6.58 15.78
CA LEU B 1341 20.53 6.67 15.03
C LEU B 1341 19.62 7.66 15.74
N CYS B 1342 19.48 8.87 15.17
CA CYS B 1342 18.66 9.91 15.74
C CYS B 1342 17.82 10.54 14.64
N SER B 1343 16.69 11.11 15.05
CA SER B 1343 15.78 11.74 14.11
C SER B 1343 15.07 12.90 14.80
N SER B 1344 14.63 13.87 14.00
CA SER B 1344 13.82 14.96 14.49
C SER B 1344 12.34 14.66 14.44
N ASP B 1345 11.95 13.48 13.98
CA ASP B 1345 10.56 13.08 13.89
C ASP B 1345 10.43 11.63 14.35
N ALA B 1346 9.43 11.38 15.19
CA ALA B 1346 9.18 10.01 15.63
C ALA B 1346 8.49 9.18 14.56
N ALA B 1347 7.86 9.83 13.57
CA ALA B 1347 7.18 9.10 12.51
C ALA B 1347 8.15 8.44 11.56
N MET B 1348 9.20 9.15 11.15
CA MET B 1348 10.14 8.65 10.17
C MET B 1348 11.17 7.69 10.75
N LEU B 1349 11.30 7.63 12.08
CA LEU B 1349 12.26 6.75 12.72
C LEU B 1349 11.90 5.28 12.62
N ARG B 1350 10.65 4.96 12.27
CA ARG B 1350 10.22 3.58 12.14
C ARG B 1350 9.27 3.47 10.95
N THR B 1351 9.49 2.46 10.11
CA THR B 1351 8.63 2.21 8.96
C THR B 1351 7.64 1.09 9.27
N ALA B 1352 6.59 1.03 8.46
CA ALA B 1352 5.46 0.14 8.71
C ALA B 1352 5.59 -1.12 7.85
N HIS B 1353 6.50 -2.02 8.26
CA HIS B 1353 6.64 -3.29 7.58
C HIS B 1353 6.91 -4.46 8.53
N ALA B 1354 6.79 -4.25 9.84
CA ALA B 1354 7.03 -5.26 10.89
C ALA B 1354 8.43 -5.85 10.77
N GLY B 1355 9.41 -5.00 11.03
CA GLY B 1355 10.79 -5.34 10.76
C GLY B 1355 11.75 -4.18 10.94
N GLU B 1356 12.53 -3.89 9.89
CA GLU B 1356 13.56 -2.86 9.90
C GLU B 1356 12.96 -1.47 10.14
N THR B 1357 13.85 -0.52 10.41
CA THR B 1357 13.46 0.86 10.70
C THR B 1357 13.46 1.70 9.42
N GLY B 1358 13.19 2.99 9.57
CA GLY B 1358 13.10 3.87 8.43
C GLY B 1358 14.46 4.20 7.83
N ALA B 1359 14.41 4.72 6.60
CA ALA B 1359 15.64 5.04 5.88
C ALA B 1359 15.59 6.39 5.16
N ASP B 1360 14.47 7.11 5.19
CA ASP B 1360 14.41 8.41 4.53
C ASP B 1360 15.19 9.43 5.34
N GLU B 1361 16.09 10.16 4.67
CA GLU B 1361 17.06 11.00 5.35
C GLU B 1361 16.53 12.39 5.68
N VAL B 1362 15.67 12.96 4.83
CA VAL B 1362 15.08 14.27 5.07
C VAL B 1362 13.73 14.34 4.37
N HIS B 1363 12.67 14.66 5.11
CA HIS B 1363 11.35 14.68 4.50
C HIS B 1363 10.90 16.06 4.05
N LEU B 1364 10.70 17.01 4.97
CA LEU B 1364 10.42 18.38 4.58
C LEU B 1364 11.39 19.36 5.22
N ALA B 1365 11.50 19.35 6.54
CA ALA B 1365 12.53 20.08 7.26
C ALA B 1365 13.10 19.25 8.40
N GLN B 1366 12.56 18.05 8.63
CA GLN B 1366 13.06 17.12 9.62
C GLN B 1366 14.23 16.35 9.03
N TYR B 1367 14.85 15.47 9.82
CA TYR B 1367 15.99 14.73 9.34
C TYR B 1367 16.10 13.42 10.11
N LEU B 1368 16.77 12.45 9.49
CA LEU B 1368 17.10 11.17 10.13
C LEU B 1368 18.58 10.93 9.87
N ILE B 1369 19.39 11.03 10.92
CA ILE B 1369 20.81 10.77 10.82
C ILE B 1369 21.03 9.28 11.06
N ARG B 1370 21.49 8.57 10.04
CA ARG B 1370 21.68 7.13 10.15
C ARG B 1370 22.87 6.81 11.05
N ASP B 1371 22.89 5.57 11.54
CA ASP B 1371 23.88 5.17 12.52
C ASP B 1371 25.26 5.04 11.89
N ALA B 1372 26.25 5.68 12.51
CA ALA B 1372 27.65 5.55 12.09
C ALA B 1372 28.54 5.07 13.22
N SER B 1373 27.97 4.68 14.36
CA SER B 1373 28.74 4.18 15.48
C SER B 1373 29.22 2.75 15.19
N PRO B 1374 30.17 2.25 15.98
CA PRO B 1374 30.50 0.81 15.90
C PRO B 1374 29.36 -0.12 16.27
N LEU B 1375 28.30 0.37 16.91
CA LEU B 1375 27.13 -0.44 17.24
C LEU B 1375 26.11 -0.39 16.09
N ARG B 1376 26.53 -0.86 14.92
CA ARG B 1376 25.61 -0.90 13.79
C ARG B 1376 24.65 -2.08 13.90
N GLY B 1377 25.18 -3.30 14.04
CA GLY B 1377 24.35 -4.49 14.12
C GLY B 1377 24.07 -4.95 15.53
N CYS B 1378 24.44 -4.14 16.52
CA CYS B 1378 24.23 -4.45 17.93
C CYS B 1378 23.24 -3.45 18.51
N LEU B 1379 23.04 -3.53 19.85
CA LEU B 1379 22.12 -2.70 20.63
C LEU B 1379 20.71 -2.76 20.06
N PRO B 1380 19.98 -3.85 20.32
CA PRO B 1380 18.73 -4.13 19.57
C PRO B 1380 17.64 -3.08 19.80
N LEU B 1381 16.87 -2.84 18.75
CA LEU B 1381 15.89 -1.76 18.72
C LEU B 1381 14.50 -2.25 19.11
N THR C 1 -37.46 -69.08 -51.08
CA THR C 1 -37.07 -68.96 -49.68
C THR C 1 -36.79 -70.33 -49.07
N GLU C 2 -37.83 -71.15 -48.96
CA GLU C 2 -37.65 -72.51 -48.44
C GLU C 2 -36.90 -73.38 -49.44
N SER C 3 -37.15 -73.20 -50.73
CA SER C 3 -36.45 -73.96 -51.76
C SER C 3 -34.97 -73.64 -51.83
N ASP C 4 -34.56 -72.48 -51.31
CA ASP C 4 -33.13 -72.18 -51.19
C ASP C 4 -32.50 -72.78 -49.94
N ARG C 5 -33.30 -73.22 -48.97
CA ARG C 5 -32.74 -73.82 -47.76
C ARG C 5 -32.16 -75.21 -48.05
N ILE C 6 -32.85 -75.98 -48.89
CA ILE C 6 -32.34 -77.30 -49.29
C ILE C 6 -31.08 -77.14 -50.14
N ALA C 7 -31.05 -76.10 -50.98
CA ALA C 7 -29.87 -75.87 -51.81
C ALA C 7 -28.70 -75.31 -50.99
N GLY C 8 -29.00 -74.61 -49.89
CA GLY C 8 -27.94 -73.99 -49.10
C GLY C 8 -27.07 -74.99 -48.38
N ILE C 9 -27.67 -76.02 -47.80
CA ILE C 9 -26.92 -77.07 -47.11
C ILE C 9 -26.73 -78.24 -48.06
N PHE C 10 -25.53 -78.85 -48.00
CA PHE C 10 -25.16 -80.05 -48.75
C PHE C 10 -25.33 -79.84 -50.25
N ASN C 11 -24.44 -78.98 -50.79
CA ASN C 11 -24.55 -78.44 -52.15
C ASN C 11 -24.69 -79.54 -53.21
N ILE C 12 -25.49 -79.22 -54.24
CA ILE C 12 -26.05 -80.26 -55.11
C ILE C 12 -24.98 -81.00 -55.92
N PRO C 13 -23.99 -80.32 -56.55
CA PRO C 13 -22.86 -81.17 -56.98
C PRO C 13 -21.90 -81.45 -55.82
N ALA C 14 -22.27 -82.44 -55.02
CA ALA C 14 -21.55 -82.71 -53.78
C ALA C 14 -20.16 -83.30 -54.04
N GLY C 15 -20.05 -84.19 -55.02
CA GLY C 15 -18.79 -84.80 -55.36
C GLY C 15 -18.47 -86.06 -54.58
N ILE C 16 -19.32 -86.46 -53.64
CA ILE C 16 -19.10 -87.72 -52.93
C ILE C 16 -19.47 -88.88 -53.85
N ILE C 17 -19.10 -90.08 -53.41
CA ILE C 17 -19.42 -91.29 -54.19
C ILE C 17 -20.92 -91.53 -54.12
N PRO C 18 -21.55 -92.08 -55.17
CA PRO C 18 -22.99 -92.31 -55.11
C PRO C 18 -23.32 -93.54 -54.27
N THR C 19 -24.36 -93.42 -53.46
CA THR C 19 -24.80 -94.55 -52.64
C THR C 19 -25.46 -95.64 -53.48
N GLY C 20 -26.29 -95.25 -54.45
CA GLY C 20 -26.98 -96.21 -55.28
C GLY C 20 -27.18 -95.69 -56.69
N ASN C 21 -27.52 -96.61 -57.59
CA ASN C 21 -27.74 -96.29 -58.99
C ASN C 21 -29.25 -96.18 -59.22
N VAL C 22 -29.64 -95.27 -60.10
CA VAL C 22 -31.04 -95.04 -60.43
C VAL C 22 -31.33 -95.69 -61.79
N LEU C 23 -32.36 -96.55 -61.82
CA LEU C 23 -32.64 -97.35 -63.01
C LEU C 23 -33.50 -96.64 -64.03
N SER C 24 -34.31 -95.67 -63.61
CA SER C 24 -35.24 -95.01 -64.52
C SER C 24 -34.52 -93.92 -65.31
N THR C 25 -34.62 -93.99 -66.64
CA THR C 25 -34.05 -92.99 -67.54
C THR C 25 -35.22 -92.38 -68.30
N ILE C 26 -35.83 -91.34 -67.72
CA ILE C 26 -36.99 -90.68 -68.27
C ILE C 26 -36.80 -89.17 -68.14
N GLU C 27 -37.71 -88.42 -68.77
CA GLU C 27 -37.67 -86.97 -68.75
C GLU C 27 -38.07 -86.49 -67.36
N VAL C 28 -37.08 -86.05 -66.57
CA VAL C 28 -37.33 -85.65 -65.19
C VAL C 28 -38.07 -84.32 -65.13
N CYS C 29 -37.97 -83.50 -66.19
CA CYS C 29 -38.59 -82.18 -66.19
C CYS C 29 -40.11 -82.25 -66.34
N ALA C 30 -40.65 -83.40 -66.73
CA ALA C 30 -42.09 -83.53 -66.92
C ALA C 30 -42.84 -83.43 -65.60
N HIS C 31 -42.43 -84.21 -64.60
CA HIS C 31 -43.01 -84.15 -63.26
C HIS C 31 -42.01 -83.45 -62.35
N ARG C 32 -42.07 -82.12 -62.35
CA ARG C 32 -41.25 -81.29 -61.49
C ARG C 32 -41.95 -81.02 -60.15
N CYS C 33 -43.20 -81.42 -60.00
CA CYS C 33 -43.96 -81.23 -58.77
C CYS C 33 -43.65 -82.29 -57.71
N ILE C 34 -42.59 -83.05 -57.89
CA ILE C 34 -42.03 -83.92 -56.85
C ILE C 34 -40.71 -83.28 -56.48
N PHE C 35 -39.97 -83.89 -55.54
CA PHE C 35 -38.72 -83.38 -54.96
C PHE C 35 -38.94 -82.04 -54.26
N ASP C 36 -37.86 -81.35 -53.92
CA ASP C 36 -37.96 -80.06 -53.25
C ASP C 36 -37.13 -78.96 -53.88
N PHE C 37 -36.04 -79.28 -54.58
CA PHE C 37 -35.22 -78.28 -55.25
C PHE C 37 -34.77 -78.88 -56.58
N PHE C 38 -35.46 -78.53 -57.65
CA PHE C 38 -35.14 -79.02 -58.99
C PHE C 38 -34.37 -77.93 -59.72
N LYS C 39 -33.07 -78.14 -59.89
CA LYS C 39 -32.22 -77.23 -60.65
C LYS C 39 -31.75 -77.95 -61.90
N GLN C 40 -31.92 -77.29 -63.05
CA GLN C 40 -31.55 -77.87 -64.34
C GLN C 40 -30.53 -76.96 -65.01
N ILE C 41 -29.45 -77.55 -65.50
CA ILE C 41 -28.41 -76.81 -66.20
C ILE C 41 -28.14 -77.49 -67.53
N ARG C 42 -27.52 -76.75 -68.44
CA ARG C 42 -27.06 -77.27 -69.72
C ARG C 42 -25.72 -77.99 -69.55
N SER C 43 -25.00 -78.19 -70.66
CA SER C 43 -23.79 -79.01 -70.72
C SER C 43 -22.70 -78.59 -69.72
N ASP C 44 -22.64 -77.31 -69.37
CA ASP C 44 -21.76 -76.86 -68.30
C ASP C 44 -22.36 -75.58 -67.70
N ASP C 45 -21.90 -75.24 -66.51
CA ASP C 45 -22.33 -74.04 -65.82
C ASP C 45 -21.20 -73.52 -64.96
N ASN C 46 -21.09 -72.18 -64.89
CA ASN C 46 -20.03 -71.54 -64.12
C ASN C 46 -20.22 -71.67 -62.61
N SER C 47 -21.46 -71.92 -62.16
CA SER C 47 -21.75 -71.97 -60.73
C SER C 47 -21.31 -73.27 -60.08
N LEU C 48 -20.94 -74.28 -60.87
CA LEU C 48 -20.55 -75.58 -60.30
C LEU C 48 -19.15 -75.57 -59.70
N TYR C 49 -18.34 -74.55 -59.99
CA TYR C 49 -16.95 -74.50 -59.55
C TYR C 49 -16.81 -73.34 -58.57
N SER C 50 -17.08 -73.63 -57.30
CA SER C 50 -16.95 -72.64 -56.23
C SER C 50 -16.66 -73.39 -54.94
N ALA C 51 -15.64 -72.95 -54.21
CA ALA C 51 -15.21 -73.63 -52.98
C ALA C 51 -15.10 -72.66 -51.82
N GLN C 52 -16.02 -71.72 -51.68
CA GLN C 52 -16.02 -70.82 -50.54
C GLN C 52 -16.42 -71.56 -49.27
N PHE C 53 -15.73 -71.28 -48.18
CA PHE C 53 -16.00 -71.95 -46.91
C PHE C 53 -15.73 -71.01 -45.75
N ASP C 54 -16.26 -71.38 -44.59
CA ASP C 54 -16.01 -70.68 -43.34
C ASP C 54 -15.10 -71.55 -42.48
N ILE C 55 -14.10 -70.93 -41.85
CA ILE C 55 -13.13 -71.65 -41.05
C ILE C 55 -13.12 -71.09 -39.64
N LEU C 56 -13.15 -71.98 -38.65
CA LEU C 56 -13.04 -71.61 -37.25
C LEU C 56 -11.57 -71.72 -36.85
N LEU C 57 -10.98 -70.61 -36.42
CA LEU C 57 -9.55 -70.51 -36.18
C LEU C 57 -9.18 -70.78 -34.72
N GLY C 58 -10.06 -71.41 -33.95
CA GLY C 58 -9.77 -71.77 -32.59
C GLY C 58 -10.59 -70.96 -31.60
N THR C 59 -10.77 -71.54 -30.42
CA THR C 59 -11.51 -70.91 -29.32
C THR C 59 -10.56 -70.69 -28.15
N TYR C 60 -10.81 -69.62 -27.40
CA TYR C 60 -10.01 -69.26 -26.24
C TYR C 60 -10.89 -69.20 -25.01
N CYS C 61 -10.43 -69.82 -23.92
CA CYS C 61 -11.16 -69.82 -22.65
C CYS C 61 -10.17 -69.57 -21.52
N ASN C 62 -10.62 -68.86 -20.51
CA ASN C 62 -9.79 -68.50 -19.37
C ASN C 62 -10.22 -69.26 -18.12
N THR C 63 -9.27 -69.52 -17.25
CA THR C 63 -9.51 -70.19 -15.97
C THR C 63 -9.30 -69.20 -14.84
N LEU C 64 -10.15 -69.28 -13.82
CA LEU C 64 -10.10 -68.32 -12.72
C LEU C 64 -8.91 -68.59 -11.82
N ASN C 65 -8.56 -67.58 -11.03
CA ASN C 65 -7.58 -67.69 -9.96
C ASN C 65 -8.33 -67.62 -8.63
N PHE C 66 -8.49 -68.78 -7.99
CA PHE C 66 -9.27 -68.86 -6.76
C PHE C 66 -8.51 -68.21 -5.60
N VAL C 67 -9.20 -67.37 -4.85
CA VAL C 67 -8.62 -66.64 -3.74
C VAL C 67 -8.88 -67.39 -2.45
N ARG C 68 -7.83 -67.56 -1.64
CA ARG C 68 -7.93 -68.18 -0.33
C ARG C 68 -7.84 -67.09 0.73
N PHE C 69 -8.74 -67.14 1.71
CA PHE C 69 -8.87 -66.06 2.68
C PHE C 69 -7.67 -66.02 3.64
N LEU C 70 -7.12 -67.19 3.97
CA LEU C 70 -5.96 -67.22 4.86
C LEU C 70 -4.70 -66.70 4.18
N GLU C 71 -4.67 -66.74 2.85
CA GLU C 71 -3.54 -66.21 2.11
C GLU C 71 -3.50 -64.68 2.16
N LEU C 72 -4.65 -64.04 2.27
CA LEU C 72 -4.75 -62.59 2.26
C LEU C 72 -4.13 -61.99 3.52
N GLY C 73 -3.70 -60.73 3.39
CA GLY C 73 -3.22 -59.97 4.53
C GLY C 73 -4.29 -59.44 5.44
N LEU C 74 -5.56 -59.52 5.02
CA LEU C 74 -6.68 -59.12 5.84
C LEU C 74 -7.05 -60.15 6.90
N SER C 75 -6.48 -61.36 6.82
CA SER C 75 -6.78 -62.40 7.79
C SER C 75 -6.14 -62.14 9.15
N VAL C 76 -5.22 -61.17 9.25
CA VAL C 76 -4.61 -60.81 10.52
C VAL C 76 -5.43 -59.76 11.28
N ALA C 77 -6.58 -59.37 10.75
CA ALA C 77 -7.48 -58.47 11.46
C ALA C 77 -8.51 -59.22 12.30
N CYS C 78 -8.45 -60.55 12.35
CA CYS C 78 -9.44 -61.33 13.07
C CYS C 78 -8.88 -62.70 13.41
N ILE C 79 -9.53 -63.36 14.36
CA ILE C 79 -9.28 -64.76 14.69
C ILE C 79 -10.52 -65.54 14.29
N CYS C 80 -10.37 -66.48 13.35
CA CYS C 80 -11.49 -67.27 12.89
C CYS C 80 -11.52 -68.63 13.58
N THR C 81 -12.73 -69.13 13.81
CA THR C 81 -12.92 -70.44 14.43
C THR C 81 -14.22 -71.05 13.94
N LYS C 82 -14.16 -72.31 13.56
CA LYS C 82 -15.35 -73.02 13.09
C LYS C 82 -16.26 -73.37 14.27
N PHE C 83 -17.56 -73.41 14.00
CA PHE C 83 -18.56 -73.76 15.00
C PHE C 83 -19.77 -74.33 14.26
N PRO C 84 -19.92 -75.65 14.19
CA PRO C 84 -21.04 -76.24 13.44
C PRO C 84 -22.41 -75.94 14.03
N GLU C 85 -22.51 -75.83 15.35
CA GLU C 85 -23.80 -75.54 15.99
C GLU C 85 -24.01 -74.06 16.21
N LEU C 86 -23.88 -73.27 15.14
CA LEU C 86 -24.18 -71.84 15.22
C LEU C 86 -25.64 -71.53 14.93
N ALA C 87 -26.39 -72.48 14.34
CA ALA C 87 -27.81 -72.28 14.11
C ALA C 87 -28.63 -72.47 15.37
N TYR C 88 -28.07 -73.06 16.42
CA TYR C 88 -28.78 -73.31 17.66
C TYR C 88 -28.49 -72.29 18.75
N VAL C 89 -27.69 -71.25 18.46
CA VAL C 89 -27.30 -70.29 19.47
C VAL C 89 -28.33 -69.16 19.51
N ARG C 90 -28.89 -68.91 20.70
CA ARG C 90 -29.77 -67.76 20.87
C ARG C 90 -28.95 -66.48 20.94
N ASP C 91 -28.07 -66.37 21.93
CA ASP C 91 -27.08 -65.29 21.98
C ASP C 91 -25.81 -65.79 22.66
N GLY C 92 -24.68 -65.17 22.34
CA GLY C 92 -23.42 -65.50 22.96
C GLY C 92 -22.81 -64.28 23.63
N VAL C 93 -22.02 -64.52 24.67
CA VAL C 93 -21.39 -63.44 25.44
C VAL C 93 -19.93 -63.76 25.70
N ILE C 94 -19.14 -62.71 25.87
CA ILE C 94 -17.77 -62.79 26.38
C ILE C 94 -17.67 -61.81 27.55
N GLN C 95 -16.72 -62.07 28.43
CA GLN C 95 -16.59 -61.33 29.68
C GLN C 95 -15.20 -60.75 29.81
N PHE C 96 -15.13 -59.55 30.41
CA PHE C 96 -13.88 -58.87 30.67
C PHE C 96 -13.79 -58.52 32.15
N GLU C 97 -12.61 -58.73 32.73
CA GLU C 97 -12.33 -58.36 34.13
C GLU C 97 -11.02 -57.57 34.11
N VAL C 98 -11.13 -56.25 33.99
CA VAL C 98 -9.98 -55.36 33.83
C VAL C 98 -9.80 -54.56 35.11
N GLN C 99 -8.60 -54.58 35.67
CA GLN C 99 -8.25 -53.82 36.86
C GLN C 99 -7.30 -52.69 36.51
N GLN C 100 -7.24 -51.70 37.40
CA GLN C 100 -6.46 -50.49 37.18
C GLN C 100 -5.46 -50.30 38.32
N PRO C 101 -4.30 -49.71 38.03
CA PRO C 101 -3.30 -49.50 39.07
C PRO C 101 -3.66 -48.33 39.99
N MET C 102 -2.82 -48.13 41.00
CA MET C 102 -3.06 -47.13 42.03
C MET C 102 -1.78 -46.35 42.32
N ILE C 103 -1.95 -45.13 42.83
CA ILE C 103 -0.84 -44.27 43.21
C ILE C 103 -1.19 -43.62 44.56
N ALA C 104 -0.19 -43.53 45.44
CA ALA C 104 -0.37 -42.94 46.76
C ALA C 104 0.17 -41.53 46.78
N ARG C 105 -0.58 -40.60 47.36
CA ARG C 105 -0.16 -39.21 47.47
C ARG C 105 -0.70 -38.63 48.77
N ASP C 106 -0.12 -37.51 49.18
CA ASP C 106 -0.43 -36.86 50.44
C ASP C 106 -0.99 -35.46 50.17
N GLY C 107 -1.16 -34.69 51.24
CA GLY C 107 -1.70 -33.35 51.14
C GLY C 107 -3.21 -33.36 51.20
N PRO C 108 -3.84 -32.31 50.64
CA PRO C 108 -5.31 -32.24 50.58
C PRO C 108 -5.92 -32.99 49.40
N HIS C 109 -5.46 -34.23 49.20
CA HIS C 109 -5.98 -35.09 48.15
C HIS C 109 -6.61 -36.32 48.82
N PRO C 110 -7.79 -36.76 48.39
CA PRO C 110 -8.40 -37.94 49.00
C PRO C 110 -7.60 -39.20 48.72
N VAL C 111 -7.61 -40.12 49.68
CA VAL C 111 -6.92 -41.39 49.51
C VAL C 111 -7.70 -42.27 48.54
N ASP C 112 -7.02 -42.73 47.49
CA ASP C 112 -7.66 -43.54 46.47
C ASP C 112 -7.50 -45.02 46.78
N GLN C 113 -8.45 -45.80 46.30
CA GLN C 113 -8.49 -47.25 46.43
C GLN C 113 -8.72 -47.84 45.05
N PRO C 114 -8.16 -49.01 44.75
CA PRO C 114 -8.18 -49.51 43.37
C PRO C 114 -9.57 -49.92 42.91
N VAL C 115 -9.78 -49.78 41.61
CA VAL C 115 -11.10 -49.97 41.00
C VAL C 115 -11.00 -51.13 40.00
N HIS C 116 -11.93 -52.07 40.12
CA HIS C 116 -12.02 -53.21 39.20
C HIS C 116 -13.22 -53.02 38.30
N ASN C 117 -13.05 -53.33 37.02
CA ASN C 117 -14.09 -53.15 36.01
C ASN C 117 -14.54 -54.50 35.48
N TYR C 118 -15.83 -54.61 35.16
CA TYR C 118 -16.40 -55.80 34.53
C TYR C 118 -17.24 -55.37 33.34
N MET C 119 -16.99 -56.00 32.20
CA MET C 119 -17.67 -55.66 30.95
C MET C 119 -18.13 -56.94 30.27
N VAL C 120 -19.29 -56.85 29.60
CA VAL C 120 -19.86 -57.97 28.87
C VAL C 120 -20.22 -57.49 27.47
N LYS C 121 -19.69 -58.17 26.45
CA LYS C 121 -20.05 -57.92 25.06
C LYS C 121 -20.84 -59.11 24.54
N ARG C 122 -21.53 -58.91 23.42
CA ARG C 122 -22.40 -59.93 22.85
C ARG C 122 -22.10 -60.10 21.37
N ILE C 123 -22.49 -61.26 20.83
CA ILE C 123 -22.22 -61.57 19.43
C ILE C 123 -23.32 -60.97 18.55
N HIS C 124 -23.00 -60.84 17.26
CA HIS C 124 -23.92 -60.32 16.26
C HIS C 124 -23.89 -61.24 15.05
N LYS C 125 -25.06 -61.77 14.69
CA LYS C 125 -25.15 -62.80 13.67
C LYS C 125 -25.36 -62.19 12.29
N ARG C 126 -24.56 -62.63 11.32
CA ARG C 126 -24.67 -62.25 9.92
C ARG C 126 -24.79 -63.53 9.09
N SER C 127 -24.68 -63.38 7.78
CA SER C 127 -24.81 -64.51 6.89
C SER C 127 -23.94 -64.31 5.66
N LEU C 128 -23.96 -65.29 4.76
CA LEU C 128 -23.40 -65.20 3.42
C LEU C 128 -24.23 -66.07 2.49
N SER C 129 -24.60 -65.54 1.34
CA SER C 129 -25.46 -66.27 0.41
C SER C 129 -24.91 -66.19 -1.00
N ALA C 130 -25.11 -67.26 -1.77
CA ALA C 130 -24.70 -67.31 -3.16
C ALA C 130 -25.61 -68.26 -3.91
N ALA C 131 -25.95 -67.91 -5.14
CA ALA C 131 -26.90 -68.65 -5.94
C ALA C 131 -26.18 -69.50 -6.99
N PHE C 132 -26.90 -70.51 -7.47
CA PHE C 132 -26.32 -71.48 -8.42
C PHE C 132 -27.48 -72.15 -9.12
N ALA C 133 -27.57 -71.99 -10.44
CA ALA C 133 -28.73 -72.42 -11.20
C ALA C 133 -28.38 -73.58 -12.13
N ILE C 134 -29.31 -74.53 -12.23
CA ILE C 134 -29.22 -75.66 -13.15
C ILE C 134 -30.40 -75.58 -14.10
N ALA C 135 -30.13 -75.64 -15.40
CA ALA C 135 -31.19 -75.58 -16.40
C ALA C 135 -32.04 -76.85 -16.37
N SER C 136 -33.28 -76.73 -16.82
CA SER C 136 -34.21 -77.85 -16.77
C SER C 136 -33.82 -78.95 -17.75
N GLU C 137 -33.18 -78.58 -18.87
CA GLU C 137 -32.68 -79.57 -19.82
C GLU C 137 -31.58 -80.42 -19.18
N ALA C 138 -30.71 -79.79 -18.40
CA ALA C 138 -29.67 -80.54 -17.69
C ALA C 138 -30.26 -81.46 -16.63
N LEU C 139 -31.34 -81.02 -15.98
CA LEU C 139 -32.02 -81.87 -15.00
C LEU C 139 -32.68 -83.07 -15.69
N SER C 140 -33.26 -82.85 -16.87
CA SER C 140 -33.84 -83.96 -17.63
C SER C 140 -32.75 -84.91 -18.11
N LEU C 141 -31.57 -84.38 -18.44
CA LEU C 141 -30.46 -85.23 -18.86
C LEU C 141 -29.87 -86.03 -17.71
N LEU C 142 -29.83 -85.46 -16.50
CA LEU C 142 -29.24 -86.13 -15.36
C LEU C 142 -30.24 -86.99 -14.59
N SER C 143 -31.51 -87.00 -14.99
CA SER C 143 -32.52 -87.87 -14.40
C SER C 143 -33.08 -88.84 -15.43
N ASN C 144 -32.18 -89.42 -16.24
CA ASN C 144 -32.61 -90.40 -17.24
C ASN C 144 -33.11 -91.67 -16.59
N THR C 145 -32.45 -92.11 -15.52
CA THR C 145 -32.73 -93.35 -14.78
C THR C 145 -32.71 -94.57 -15.70
N TYR C 146 -31.54 -94.76 -16.33
CA TYR C 146 -31.22 -95.94 -17.16
C TYR C 146 -32.19 -96.12 -18.33
N VAL C 147 -32.45 -95.02 -19.03
CA VAL C 147 -33.30 -95.07 -20.22
C VAL C 147 -32.48 -94.69 -21.45
N ASP C 148 -31.72 -93.60 -21.35
CA ASP C 148 -30.90 -93.11 -22.43
C ASP C 148 -29.56 -93.86 -22.46
N GLY C 149 -28.60 -93.33 -23.22
CA GLY C 149 -27.32 -94.00 -23.34
C GLY C 149 -26.78 -94.07 -24.75
N THR C 150 -27.39 -93.34 -25.68
CA THR C 150 -26.88 -93.28 -27.05
C THR C 150 -25.65 -92.36 -27.11
N GLU C 151 -25.05 -92.28 -28.29
CA GLU C 151 -23.81 -91.53 -28.46
C GLU C 151 -24.02 -90.02 -28.38
N ILE C 152 -25.10 -89.49 -28.95
CA ILE C 152 -25.32 -88.05 -28.95
C ILE C 152 -25.80 -87.54 -27.59
N ASP C 153 -26.32 -88.42 -26.72
CA ASP C 153 -26.79 -87.97 -25.42
C ASP C 153 -25.67 -87.95 -24.38
N SER C 154 -24.66 -88.79 -24.54
CA SER C 154 -23.55 -88.84 -23.60
C SER C 154 -22.75 -87.54 -23.61
N SER C 155 -22.52 -86.98 -24.81
CA SER C 155 -21.78 -85.73 -24.92
C SER C 155 -22.56 -84.57 -24.31
N LEU C 156 -23.89 -84.55 -24.50
CA LEU C 156 -24.70 -83.49 -23.91
C LEU C 156 -24.77 -83.61 -22.39
N ARG C 157 -24.86 -84.84 -21.87
CA ARG C 157 -24.85 -85.06 -20.43
C ARG C 157 -23.51 -84.66 -19.83
N ILE C 158 -22.41 -84.95 -20.52
CA ILE C 158 -21.08 -84.58 -20.04
C ILE C 158 -20.89 -83.06 -20.10
N ARG C 159 -21.47 -82.41 -21.11
CA ARG C 159 -21.49 -80.95 -21.16
C ARG C 159 -22.24 -80.35 -19.98
N ALA C 160 -23.39 -80.93 -19.63
CA ALA C 160 -24.16 -80.44 -18.48
C ALA C 160 -23.39 -80.66 -17.18
N ILE C 161 -22.72 -81.81 -17.04
CA ILE C 161 -21.93 -82.11 -15.84
C ILE C 161 -20.78 -81.13 -15.70
N GLN C 162 -20.07 -80.86 -16.81
CA GLN C 162 -18.95 -79.93 -16.80
C GLN C 162 -19.42 -78.51 -16.51
N GLN C 163 -20.56 -78.11 -17.05
CA GLN C 163 -21.09 -76.77 -16.79
C GLN C 163 -21.49 -76.62 -15.32
N MET C 164 -22.11 -77.64 -14.73
CA MET C 164 -22.48 -77.56 -13.32
C MET C 164 -21.24 -77.51 -12.43
N ALA C 165 -20.22 -78.31 -12.75
CA ALA C 165 -18.98 -78.29 -11.97
C ALA C 165 -18.26 -76.96 -12.08
N ARG C 166 -18.20 -76.39 -13.28
CA ARG C 166 -17.57 -75.08 -13.47
C ARG C 166 -18.35 -73.97 -12.78
N ASN C 167 -19.67 -74.12 -12.68
CA ASN C 167 -20.47 -73.19 -11.89
C ASN C 167 -20.17 -73.33 -10.40
N LEU C 168 -20.06 -74.57 -9.92
CA LEU C 168 -19.87 -74.81 -8.50
C LEU C 168 -18.48 -74.40 -8.03
N ARG C 169 -17.50 -74.38 -8.95
CA ARG C 169 -16.21 -73.74 -8.74
C ARG C 169 -16.35 -72.33 -8.17
N THR C 170 -16.98 -71.45 -8.94
CA THR C 170 -17.13 -70.05 -8.53
C THR C 170 -18.09 -69.91 -7.36
N VAL C 171 -19.09 -70.79 -7.26
CA VAL C 171 -20.03 -70.71 -6.14
C VAL C 171 -19.33 -71.03 -4.82
N LEU C 172 -18.47 -72.06 -4.80
CA LEU C 172 -17.74 -72.37 -3.58
C LEU C 172 -16.61 -71.38 -3.32
N ASP C 173 -16.06 -70.78 -4.38
CA ASP C 173 -15.03 -69.76 -4.21
C ASP C 173 -15.61 -68.44 -3.69
N SER C 174 -16.91 -68.22 -3.91
CA SER C 174 -17.56 -66.97 -3.56
C SER C 174 -17.55 -66.70 -2.05
N PHE C 175 -17.58 -67.74 -1.22
CA PHE C 175 -17.59 -67.53 0.22
C PHE C 175 -16.23 -67.06 0.72
N GLU C 176 -15.15 -67.66 0.21
CA GLU C 176 -13.81 -67.17 0.52
C GLU C 176 -13.57 -65.79 -0.06
N ARG C 177 -14.21 -65.47 -1.18
CA ARG C 177 -14.11 -64.12 -1.74
C ARG C 177 -14.93 -63.10 -0.95
N GLY C 178 -15.97 -63.53 -0.24
CA GLY C 178 -16.83 -62.61 0.47
C GLY C 178 -16.57 -62.47 1.96
N THR C 179 -15.77 -63.39 2.53
CA THR C 179 -15.38 -63.27 3.93
C THR C 179 -14.56 -62.00 4.18
N ALA C 180 -13.62 -61.71 3.28
CA ALA C 180 -12.84 -60.47 3.38
C ALA C 180 -13.71 -59.24 3.16
N ASP C 181 -14.75 -59.36 2.33
CA ASP C 181 -15.69 -58.26 2.14
C ASP C 181 -16.48 -57.97 3.41
N GLN C 182 -16.92 -59.03 4.10
CA GLN C 182 -17.61 -58.85 5.38
C GLN C 182 -16.69 -58.26 6.43
N LEU C 183 -15.42 -58.69 6.46
CA LEU C 183 -14.45 -58.11 7.38
C LEU C 183 -14.22 -56.62 7.09
N LEU C 184 -14.11 -56.25 5.81
CA LEU C 184 -13.93 -54.85 5.46
C LEU C 184 -15.14 -54.01 5.86
N GLY C 185 -16.35 -54.56 5.66
CA GLY C 185 -17.55 -53.85 6.04
C GLY C 185 -17.67 -53.64 7.55
N VAL C 186 -17.38 -54.69 8.33
CA VAL C 186 -17.52 -54.56 9.78
C VAL C 186 -16.40 -53.70 10.36
N LEU C 187 -15.20 -53.74 9.76
CA LEU C 187 -14.13 -52.88 10.24
C LEU C 187 -14.32 -51.43 9.82
N LEU C 188 -15.04 -51.19 8.73
CA LEU C 188 -15.40 -49.82 8.39
C LEU C 188 -16.50 -49.30 9.31
N GLU C 189 -17.46 -50.15 9.66
CA GLU C 189 -18.49 -49.75 10.62
C GLU C 189 -17.95 -49.56 12.03
N LYS C 190 -16.87 -50.26 12.40
CA LYS C 190 -16.34 -50.23 13.75
C LYS C 190 -15.34 -49.10 14.00
N ALA C 191 -14.81 -48.47 12.95
CA ALA C 191 -13.67 -47.57 13.10
C ALA C 191 -14.12 -46.12 13.22
N PRO C 192 -13.79 -45.43 14.31
CA PRO C 192 -14.01 -43.98 14.38
C PRO C 192 -12.96 -43.24 13.56
N PRO C 193 -13.21 -41.97 13.21
CA PRO C 193 -12.19 -41.20 12.48
C PRO C 193 -10.97 -40.92 13.33
N LEU C 194 -9.82 -40.78 12.63
CA LEU C 194 -8.57 -40.45 13.32
C LEU C 194 -8.58 -39.03 13.86
N SER C 195 -9.21 -38.10 13.11
CA SER C 195 -9.20 -36.69 13.46
C SER C 195 -9.98 -36.38 14.74
N LEU C 196 -10.86 -37.28 15.17
CA LEU C 196 -11.52 -37.16 16.47
C LEU C 196 -10.96 -38.10 17.52
N LEU C 197 -10.40 -39.23 17.12
CA LEU C 197 -9.84 -40.16 18.10
C LEU C 197 -8.50 -39.70 18.64
N SER C 198 -7.67 -39.06 17.82
CA SER C 198 -6.32 -38.71 18.25
C SER C 198 -6.24 -37.53 19.23
N PRO C 199 -6.88 -36.37 19.00
CA PRO C 199 -6.78 -35.33 20.04
C PRO C 199 -7.60 -35.61 21.29
N ILE C 200 -8.64 -36.45 21.19
CA ILE C 200 -9.32 -36.92 22.38
C ILE C 200 -8.39 -37.79 23.23
N ASN C 201 -7.65 -38.69 22.57
CA ASN C 201 -6.71 -39.54 23.28
C ASN C 201 -5.51 -38.78 23.82
N LYS C 202 -5.06 -37.73 23.14
CA LYS C 202 -3.87 -36.98 23.57
C LYS C 202 -4.19 -35.89 24.58
N PHE C 203 -5.15 -35.01 24.28
CA PHE C 203 -5.40 -33.85 25.12
C PHE C 203 -6.21 -34.18 26.37
N GLN C 204 -6.79 -35.36 26.45
CA GLN C 204 -7.39 -35.85 27.68
C GLN C 204 -6.46 -36.92 28.25
N PRO C 205 -5.81 -36.66 29.39
CA PRO C 205 -4.91 -37.68 29.97
C PRO C 205 -5.63 -38.92 30.45
N GLU C 206 -6.59 -38.76 31.37
CA GLU C 206 -7.29 -39.88 31.98
C GLU C 206 -8.79 -39.85 31.73
N GLY C 207 -9.45 -38.75 32.02
CA GLY C 207 -10.88 -38.62 31.87
C GLY C 207 -11.45 -37.72 32.93
N HIS C 208 -12.79 -37.77 33.06
CA HIS C 208 -13.57 -36.94 33.99
C HIS C 208 -13.29 -35.45 33.79
N LEU C 209 -13.34 -35.02 32.54
CA LEU C 209 -13.08 -33.63 32.21
C LEU C 209 -14.26 -32.75 32.60
N ASN C 210 -13.96 -31.54 33.07
CA ASN C 210 -14.97 -30.56 33.44
C ASN C 210 -15.43 -29.80 32.19
N ARG C 211 -16.15 -28.69 32.41
CA ARG C 211 -16.69 -27.90 31.31
C ARG C 211 -15.60 -27.24 30.49
N VAL C 212 -14.59 -26.68 31.16
CA VAL C 212 -13.58 -25.87 30.50
C VAL C 212 -12.67 -26.74 29.64
N ALA C 213 -12.22 -27.86 30.19
CA ALA C 213 -11.34 -28.77 29.45
C ALA C 213 -12.07 -29.39 28.26
N ARG C 214 -13.35 -29.71 28.43
CA ARG C 214 -14.13 -30.26 27.32
C ARG C 214 -14.37 -29.22 26.24
N ALA C 215 -14.56 -27.95 26.63
CA ALA C 215 -14.73 -26.89 25.63
C ALA C 215 -13.45 -26.66 24.84
N ALA C 216 -12.30 -26.65 25.52
CA ALA C 216 -11.02 -26.50 24.83
C ALA C 216 -10.74 -27.70 23.94
N LEU C 217 -11.07 -28.90 24.41
CA LEU C 217 -10.91 -30.11 23.60
C LEU C 217 -11.82 -30.07 22.38
N LEU C 218 -13.03 -29.52 22.53
CA LEU C 218 -13.96 -29.41 21.41
C LEU C 218 -13.45 -28.43 20.35
N SER C 219 -12.87 -27.31 20.80
CA SER C 219 -12.27 -26.37 19.84
C SER C 219 -11.07 -27.00 19.11
N ASP C 220 -10.26 -27.76 19.84
CA ASP C 220 -9.15 -28.49 19.21
C ASP C 220 -9.66 -29.53 18.22
N LEU C 221 -10.76 -30.21 18.57
CA LEU C 221 -11.38 -31.18 17.67
C LEU C 221 -11.86 -30.53 16.38
N LYS C 222 -12.48 -29.34 16.50
CA LYS C 222 -12.96 -28.63 15.32
C LYS C 222 -11.80 -28.20 14.43
N ARG C 223 -10.72 -27.66 15.03
CA ARG C 223 -9.56 -27.26 14.25
C ARG C 223 -8.88 -28.46 13.58
N ARG C 224 -8.77 -29.58 14.29
CA ARG C 224 -8.12 -30.76 13.74
C ARG C 224 -8.96 -31.39 12.63
N VAL C 225 -10.28 -31.41 12.78
CA VAL C 225 -11.11 -32.03 11.74
C VAL C 225 -11.26 -31.08 10.55
N CYS C 226 -11.00 -29.79 10.73
CA CYS C 226 -10.93 -28.90 9.56
C CYS C 226 -9.57 -29.04 8.87
N ALA C 227 -8.50 -29.27 9.62
CA ALA C 227 -7.16 -29.31 9.04
C ALA C 227 -6.88 -30.65 8.36
N ASP C 228 -6.90 -31.74 9.13
CA ASP C 228 -6.49 -33.06 8.64
C ASP C 228 -7.69 -33.77 8.02
N MET C 229 -8.13 -33.25 6.88
CA MET C 229 -9.24 -33.84 6.13
C MET C 229 -8.79 -34.62 4.91
N PHE C 230 -7.86 -34.08 4.14
CA PHE C 230 -7.32 -34.70 2.93
C PHE C 230 -5.80 -34.75 3.00
N PHE C 231 -5.28 -35.27 4.12
CA PHE C 231 -3.89 -35.10 4.54
C PHE C 231 -2.87 -35.74 3.59
N MET C 232 -3.30 -36.61 2.67
CA MET C 232 -2.37 -37.28 1.78
C MET C 232 -2.40 -36.75 0.35
N THR C 233 -3.57 -36.37 -0.17
CA THR C 233 -3.63 -35.73 -1.47
C THR C 233 -3.34 -34.23 -1.41
N ARG C 234 -3.22 -33.66 -0.22
CA ARG C 234 -2.84 -32.26 -0.07
C ARG C 234 -1.34 -32.11 0.14
N HIS C 235 -0.79 -32.83 1.12
CA HIS C 235 0.64 -32.82 1.40
C HIS C 235 1.37 -33.93 0.65
N ALA C 236 1.16 -33.99 -0.66
CA ALA C 236 1.76 -35.05 -1.46
C ALA C 236 3.25 -34.82 -1.70
N ARG C 237 3.69 -33.56 -1.68
CA ARG C 237 5.09 -33.24 -1.93
C ARG C 237 5.97 -33.39 -0.70
N GLU C 238 5.37 -33.60 0.48
CA GLU C 238 6.12 -33.77 1.73
C GLU C 238 5.89 -35.17 2.26
N PRO C 239 6.78 -36.13 1.98
CA PRO C 239 6.63 -37.47 2.55
C PRO C 239 6.84 -37.53 4.06
N ARG C 240 7.54 -36.54 4.63
CA ARG C 240 7.80 -36.55 6.07
C ARG C 240 6.53 -36.39 6.89
N LEU C 241 5.61 -35.52 6.45
CA LEU C 241 4.35 -35.32 7.16
C LEU C 241 3.45 -36.56 7.06
N ILE C 242 3.45 -37.21 5.89
CA ILE C 242 2.64 -38.42 5.72
C ILE C 242 3.19 -39.55 6.58
N SER C 243 4.52 -39.72 6.60
CA SER C 243 5.13 -40.72 7.47
C SER C 243 5.01 -40.38 8.94
N ALA C 244 4.87 -39.10 9.29
CA ALA C 244 4.64 -38.71 10.67
C ALA C 244 3.21 -38.96 11.12
N TYR C 245 2.22 -38.77 10.24
CA TYR C 245 0.83 -38.97 10.65
C TYR C 245 0.38 -40.42 10.51
N LEU C 246 1.00 -41.21 9.63
CA LEU C 246 0.74 -42.65 9.60
C LEU C 246 1.21 -43.32 10.89
N SER C 247 2.35 -42.85 11.43
CA SER C 247 2.83 -43.37 12.70
C SER C 247 1.89 -43.02 13.85
N ASP C 248 1.31 -41.81 13.83
CA ASP C 248 0.31 -41.43 14.83
C ASP C 248 -0.95 -42.28 14.69
N MET C 249 -1.37 -42.54 13.46
CA MET C 249 -2.55 -43.38 13.22
C MET C 249 -2.34 -44.80 13.72
N VAL C 250 -1.14 -45.35 13.52
CA VAL C 250 -0.86 -46.71 13.97
C VAL C 250 -0.70 -46.75 15.49
N SER C 251 0.10 -45.85 16.05
CA SER C 251 0.24 -45.78 17.51
C SER C 251 -0.73 -44.77 18.11
N CYS C 252 -1.99 -44.85 17.70
CA CYS C 252 -3.07 -44.18 18.41
C CYS C 252 -4.24 -45.11 18.73
N THR C 253 -4.10 -46.41 18.50
CA THR C 253 -5.14 -47.38 18.81
C THR C 253 -4.61 -48.40 19.82
N GLN C 254 -5.47 -48.78 20.77
CA GLN C 254 -5.08 -49.71 21.82
C GLN C 254 -5.01 -51.13 21.27
N PRO C 255 -4.11 -51.97 21.79
CA PRO C 255 -4.08 -53.38 21.37
C PRO C 255 -5.22 -54.19 21.96
N SER C 256 -5.20 -55.50 21.72
CA SER C 256 -6.29 -56.39 22.09
C SER C 256 -5.74 -57.55 22.92
N VAL C 257 -6.57 -58.58 23.09
CA VAL C 257 -6.16 -59.75 23.87
C VAL C 257 -5.04 -60.49 23.13
N MET C 258 -4.25 -61.24 23.90
CA MET C 258 -3.00 -61.83 23.42
C MET C 258 -2.99 -63.34 23.57
N VAL C 259 -4.07 -64.01 23.19
CA VAL C 259 -4.12 -65.47 23.15
C VAL C 259 -3.97 -65.92 21.71
N SER C 260 -2.98 -66.78 21.47
CA SER C 260 -2.68 -67.29 20.14
C SER C 260 -1.84 -68.56 20.28
N ARG C 261 -1.90 -69.40 19.24
CA ARG C 261 -1.04 -70.57 19.14
C ARG C 261 -0.07 -70.43 17.97
N ILE C 262 -0.59 -70.20 16.77
CA ILE C 262 0.22 -69.85 15.60
C ILE C 262 -0.30 -68.53 15.06
N THR C 263 0.60 -67.58 14.86
CA THR C 263 0.22 -66.23 14.47
C THR C 263 1.00 -65.82 13.23
N HIS C 264 0.54 -64.74 12.60
CA HIS C 264 1.19 -64.23 11.40
C HIS C 264 2.55 -63.61 11.76
N THR C 265 3.55 -63.91 10.95
CA THR C 265 4.89 -63.39 11.17
C THR C 265 5.64 -63.36 9.85
N ASN C 266 6.73 -62.60 9.82
CA ASN C 266 7.57 -62.52 8.63
C ASN C 266 8.54 -63.70 8.61
N THR C 267 9.53 -63.63 7.72
CA THR C 267 10.48 -64.73 7.55
C THR C 267 11.44 -64.82 8.73
N ARG C 268 11.79 -63.68 9.32
CA ARG C 268 12.77 -63.68 10.42
C ARG C 268 12.17 -64.25 11.69
N GLY C 269 10.95 -63.85 12.04
CA GLY C 269 10.31 -64.34 13.24
C GLY C 269 9.55 -63.28 14.01
N ARG C 270 9.68 -62.03 13.59
CA ARG C 270 8.97 -60.94 14.23
C ARG C 270 7.49 -60.98 13.85
N GLN C 271 6.63 -61.06 14.86
CA GLN C 271 5.19 -61.10 14.62
C GLN C 271 4.69 -59.74 14.15
N VAL C 272 3.59 -59.76 13.41
CA VAL C 272 3.07 -58.53 12.82
C VAL C 272 2.06 -57.89 13.77
N ASP C 273 1.88 -56.59 13.62
CA ASP C 273 1.07 -55.80 14.55
C ASP C 273 -0.26 -55.32 13.97
N GLY C 274 -0.64 -55.77 12.77
CA GLY C 274 -1.93 -55.39 12.24
C GLY C 274 -1.93 -55.39 10.72
N VAL C 275 -2.93 -54.74 10.15
CA VAL C 275 -3.08 -54.60 8.71
C VAL C 275 -3.52 -53.18 8.40
N LEU C 276 -2.93 -52.59 7.36
CA LEU C 276 -3.24 -51.22 6.93
C LEU C 276 -3.79 -51.31 5.52
N VAL C 277 -5.10 -51.52 5.42
CA VAL C 277 -5.75 -51.80 4.13
C VAL C 277 -6.03 -50.49 3.41
N THR C 278 -5.63 -50.43 2.13
CA THR C 278 -5.60 -49.19 1.37
C THR C 278 -6.30 -49.30 0.02
N THR C 279 -6.20 -48.25 -0.77
CA THR C 279 -6.45 -48.27 -2.20
C THR C 279 -5.11 -48.46 -2.91
N ALA C 280 -5.14 -49.07 -4.11
CA ALA C 280 -3.92 -49.42 -4.81
C ALA C 280 -3.09 -48.20 -5.20
N THR C 281 -3.77 -47.08 -5.50
CA THR C 281 -3.06 -45.82 -5.74
C THR C 281 -2.35 -45.33 -4.49
N LEU C 282 -3.03 -45.41 -3.35
CA LEU C 282 -2.42 -45.02 -2.09
C LEU C 282 -1.33 -45.99 -1.66
N LYS C 283 -1.47 -47.27 -1.99
CA LYS C 283 -0.42 -48.25 -1.74
C LYS C 283 0.83 -47.93 -2.56
N ARG C 284 0.64 -47.59 -3.83
CA ARG C 284 1.77 -47.23 -4.69
C ARG C 284 2.46 -45.97 -4.20
N GLN C 285 1.68 -44.97 -3.78
CA GLN C 285 2.25 -43.72 -3.27
C GLN C 285 2.99 -43.95 -1.95
N LEU C 286 2.47 -44.83 -1.09
CA LEU C 286 3.16 -45.17 0.15
C LEU C 286 4.44 -45.93 -0.11
N LEU C 287 4.42 -46.87 -1.06
CA LEU C 287 5.57 -47.74 -1.27
C LEU C 287 6.67 -47.09 -2.10
N GLN C 288 6.35 -46.04 -2.88
CA GLN C 288 7.39 -45.48 -3.75
C GLN C 288 8.40 -44.64 -2.97
N GLY C 289 7.95 -43.84 -2.01
CA GLY C 289 8.88 -42.92 -1.36
C GLY C 289 8.69 -42.62 0.12
N ILE C 290 7.70 -43.23 0.76
CA ILE C 290 7.33 -42.88 2.13
C ILE C 290 7.69 -43.99 3.12
N LEU C 291 7.09 -45.16 2.96
CA LEU C 291 7.37 -46.27 3.85
C LEU C 291 8.42 -47.20 3.23
N GLN C 292 9.06 -47.97 4.09
CA GLN C 292 10.14 -48.87 3.68
C GLN C 292 9.68 -50.31 3.80
N ILE C 293 10.09 -51.14 2.84
CA ILE C 293 9.69 -52.54 2.82
C ILE C 293 10.52 -53.32 3.83
N ASP C 294 9.83 -54.03 4.73
CA ASP C 294 10.50 -54.89 5.70
C ASP C 294 10.68 -56.31 5.19
N ASP C 295 9.74 -56.84 4.42
CA ASP C 295 9.83 -58.20 3.90
C ASP C 295 8.96 -58.30 2.65
N THR C 296 9.14 -59.40 1.92
CA THR C 296 8.35 -59.71 0.74
C THR C 296 7.46 -60.93 0.91
N ALA C 297 7.78 -61.81 1.86
CA ALA C 297 6.99 -62.99 2.15
C ALA C 297 6.70 -63.07 3.64
N ALA C 298 5.58 -63.69 3.98
CA ALA C 298 5.14 -63.81 5.35
C ALA C 298 4.68 -65.23 5.64
N ASP C 299 4.72 -65.60 6.91
CA ASP C 299 4.24 -66.90 7.37
C ASP C 299 2.85 -66.73 7.97
N VAL C 300 1.86 -67.33 7.32
CA VAL C 300 0.48 -67.22 7.77
C VAL C 300 0.02 -68.59 8.27
N PRO C 301 -0.91 -68.67 9.21
CA PRO C 301 -1.49 -69.97 9.56
C PRO C 301 -2.43 -70.46 8.49
N VAL C 302 -2.58 -71.78 8.42
CA VAL C 302 -3.47 -72.43 7.46
C VAL C 302 -4.72 -72.97 8.14
N THR C 303 -4.57 -73.63 9.28
CA THR C 303 -5.71 -74.24 9.94
C THR C 303 -6.55 -73.20 10.65
N TYR C 304 -7.82 -73.55 10.85
CA TYR C 304 -8.81 -72.64 11.41
C TYR C 304 -8.86 -72.77 12.94
N GLY C 305 -9.11 -73.97 13.43
CA GLY C 305 -9.26 -74.21 14.84
C GLY C 305 -10.73 -74.29 15.18
N GLU C 306 -11.27 -75.50 15.27
CA GLU C 306 -12.71 -75.68 15.42
C GLU C 306 -13.06 -75.83 16.90
N MET C 307 -14.36 -75.73 17.16
CA MET C 307 -14.92 -75.93 18.48
C MET C 307 -16.14 -76.84 18.34
N VAL C 308 -16.47 -77.55 19.42
CA VAL C 308 -17.59 -78.48 19.42
C VAL C 308 -18.05 -78.66 20.86
N LEU C 309 -19.30 -79.09 21.03
CA LEU C 309 -19.84 -79.41 22.34
C LEU C 309 -20.12 -80.91 22.42
N GLN C 310 -19.58 -81.54 23.46
CA GLN C 310 -19.75 -82.96 23.69
C GLN C 310 -19.51 -83.24 25.17
N GLY C 311 -20.05 -84.37 25.63
CA GLY C 311 -19.91 -84.74 27.01
C GLY C 311 -20.74 -83.88 27.94
N THR C 312 -20.08 -83.08 28.78
CA THR C 312 -20.80 -82.25 29.73
C THR C 312 -21.42 -81.03 29.07
N ASN C 313 -20.80 -80.50 28.01
CA ASN C 313 -21.37 -79.35 27.32
C ASN C 313 -22.64 -79.74 26.56
N LEU C 314 -22.69 -80.95 26.01
CA LEU C 314 -23.86 -81.40 25.27
C LEU C 314 -25.06 -81.58 26.20
N VAL C 315 -24.86 -82.22 27.35
CA VAL C 315 -25.96 -82.42 28.28
C VAL C 315 -26.34 -81.11 28.95
N THR C 316 -25.39 -80.19 29.14
CA THR C 316 -25.71 -78.89 29.69
C THR C 316 -26.51 -78.04 28.70
N ALA C 317 -26.22 -78.19 27.41
CA ALA C 317 -27.00 -77.46 26.41
C ALA C 317 -28.37 -78.07 26.21
N LEU C 318 -28.48 -79.40 26.30
CA LEU C 318 -29.76 -80.06 26.06
C LEU C 318 -30.70 -79.93 27.25
N VAL C 319 -30.18 -79.98 28.47
CA VAL C 319 -31.03 -80.07 29.65
C VAL C 319 -31.39 -78.70 30.21
N MET C 320 -30.39 -77.87 30.54
CA MET C 320 -30.66 -76.57 31.13
C MET C 320 -30.60 -75.43 30.12
N GLY C 321 -29.98 -75.62 28.97
CA GLY C 321 -30.01 -74.62 27.93
C GLY C 321 -28.87 -73.61 27.97
N LYS C 322 -27.73 -73.96 28.57
CA LYS C 322 -26.57 -73.08 28.59
C LYS C 322 -25.33 -73.89 28.23
N ALA C 323 -24.27 -73.18 27.86
CA ALA C 323 -23.01 -73.81 27.48
C ALA C 323 -21.88 -72.83 27.74
N VAL C 324 -20.65 -73.35 27.73
CA VAL C 324 -19.47 -72.54 27.97
C VAL C 324 -18.29 -73.20 27.28
N ARG C 325 -17.33 -72.40 26.82
CA ARG C 325 -16.14 -72.91 26.18
C ARG C 325 -15.25 -73.64 27.19
N GLY C 326 -14.96 -74.90 26.91
CA GLY C 326 -14.06 -75.68 27.76
C GLY C 326 -14.58 -75.92 29.15
N MET C 327 -15.79 -76.48 29.28
CA MET C 327 -16.39 -76.73 30.59
C MET C 327 -15.59 -77.75 31.37
N ASP C 328 -14.98 -78.72 30.68
CA ASP C 328 -14.11 -79.69 31.35
C ASP C 328 -12.88 -79.01 31.97
N ASP C 329 -12.26 -78.10 31.23
CA ASP C 329 -11.08 -77.41 31.73
C ASP C 329 -11.41 -76.44 32.86
N VAL C 330 -12.52 -75.71 32.72
CA VAL C 330 -12.96 -74.78 33.77
C VAL C 330 -13.32 -75.53 35.04
N ALA C 331 -14.05 -76.64 34.90
CA ALA C 331 -14.41 -77.46 36.05
C ALA C 331 -13.20 -78.09 36.69
N ARG C 332 -12.22 -78.53 35.88
CA ARG C 332 -11.00 -79.11 36.42
C ARG C 332 -10.19 -78.07 37.21
N HIS C 333 -10.07 -76.86 36.66
CA HIS C 333 -9.33 -75.80 37.36
C HIS C 333 -10.04 -75.38 38.64
N LEU C 334 -11.37 -75.25 38.61
CA LEU C 334 -12.13 -74.86 39.79
C LEU C 334 -12.05 -75.94 40.87
N LEU C 335 -12.15 -77.20 40.48
CA LEU C 335 -12.12 -78.28 41.46
C LEU C 335 -10.71 -78.48 42.03
N ASP C 336 -9.68 -78.34 41.20
CA ASP C 336 -8.32 -78.48 41.68
C ASP C 336 -7.81 -77.24 42.40
N ILE C 337 -8.54 -76.12 42.31
CA ILE C 337 -8.24 -74.96 43.15
C ILE C 337 -9.18 -74.85 44.35
N THR C 338 -10.19 -75.71 44.44
CA THR C 338 -11.14 -75.69 45.56
C THR C 338 -11.05 -76.92 46.45
N ASP C 339 -11.14 -78.12 45.86
CA ASP C 339 -11.16 -79.35 46.67
C ASP C 339 -9.88 -79.65 47.45
N PRO C 340 -8.64 -79.65 46.86
CA PRO C 340 -7.50 -80.16 47.65
C PRO C 340 -7.00 -79.21 48.73
N ASN C 341 -5.89 -79.59 49.37
CA ASN C 341 -5.36 -78.89 50.52
C ASN C 341 -4.58 -77.64 50.08
N THR C 342 -3.78 -77.09 51.00
CA THR C 342 -3.05 -75.85 50.77
C THR C 342 -1.91 -75.97 49.77
N LEU C 343 -1.64 -77.17 49.23
CA LEU C 343 -0.61 -77.33 48.21
C LEU C 343 -0.99 -76.64 46.91
N ASN C 344 -2.27 -76.69 46.53
CA ASN C 344 -2.70 -76.21 45.22
C ASN C 344 -3.61 -74.99 45.26
N ILE C 345 -4.31 -74.75 46.38
CA ILE C 345 -5.29 -73.64 46.42
C ILE C 345 -4.70 -72.24 46.25
N PRO C 346 -3.56 -71.83 46.91
CA PRO C 346 -3.27 -70.38 46.85
C PRO C 346 -2.44 -70.00 45.62
N SER C 347 -2.95 -70.37 44.44
CA SER C 347 -2.28 -70.03 43.18
C SER C 347 -3.36 -69.87 42.11
N ILE C 348 -3.79 -68.63 41.89
CA ILE C 348 -4.71 -68.31 40.81
C ILE C 348 -4.07 -67.21 39.97
N PRO C 349 -3.22 -67.56 39.00
CA PRO C 349 -2.61 -66.53 38.16
C PRO C 349 -3.47 -66.23 36.94
N PRO C 350 -3.76 -64.96 36.66
CA PRO C 350 -4.46 -64.63 35.41
C PRO C 350 -3.54 -64.78 34.21
N GLN C 351 -3.75 -65.85 33.43
CA GLN C 351 -2.87 -66.17 32.33
C GLN C 351 -3.68 -66.96 31.30
N SER C 352 -3.01 -67.34 30.20
CA SER C 352 -3.69 -68.08 29.13
C SER C 352 -4.05 -69.50 29.58
N ASN C 353 -3.26 -70.07 30.49
CA ASN C 353 -3.44 -71.41 31.05
C ASN C 353 -3.47 -72.48 29.97
N SER C 354 -4.68 -72.85 29.54
CA SER C 354 -4.94 -73.81 28.46
C SER C 354 -4.36 -75.19 28.77
N ASP C 355 -4.85 -75.76 29.88
CA ASP C 355 -4.48 -77.11 30.25
C ASP C 355 -5.16 -78.12 29.32
N SER C 356 -4.55 -79.31 29.23
CA SER C 356 -4.96 -80.42 28.36
C SER C 356 -5.02 -79.97 26.90
N THR C 357 -6.25 -79.75 26.40
CA THR C 357 -6.53 -79.21 25.06
C THR C 357 -5.91 -80.08 23.96
N THR C 358 -6.45 -81.29 23.86
CA THR C 358 -5.96 -82.26 22.89
C THR C 358 -6.27 -81.81 21.46
N ALA C 359 -5.51 -82.38 20.51
CA ALA C 359 -5.54 -82.14 19.06
C ALA C 359 -5.14 -80.73 18.66
N GLY C 360 -4.70 -80.59 17.42
CA GLY C 360 -4.24 -79.30 16.92
C GLY C 360 -3.36 -79.47 15.72
N LEU C 361 -2.91 -78.34 15.19
CA LEU C 361 -2.05 -78.34 14.01
C LEU C 361 -1.23 -77.05 13.93
N PRO C 362 -0.06 -77.01 14.57
CA PRO C 362 0.79 -75.80 14.52
C PRO C 362 1.75 -75.77 13.32
N VAL C 363 1.22 -75.41 12.16
CA VAL C 363 1.99 -75.34 10.93
C VAL C 363 1.78 -73.97 10.30
N ASN C 364 2.76 -73.57 9.48
CA ASN C 364 2.74 -72.28 8.82
C ASN C 364 3.14 -72.45 7.35
N ALA C 365 2.67 -71.53 6.52
CA ALA C 365 2.96 -71.55 5.09
C ALA C 365 3.48 -70.17 4.67
N ARG C 366 4.47 -70.17 3.78
CA ARG C 366 5.05 -68.93 3.29
C ARG C 366 4.19 -68.36 2.17
N VAL C 367 3.79 -67.10 2.32
CA VAL C 367 2.86 -66.47 1.39
C VAL C 367 3.44 -65.13 0.94
N PRO C 368 3.47 -64.85 -0.37
CA PRO C 368 4.00 -63.56 -0.85
C PRO C 368 3.09 -62.38 -0.55
N ALA C 369 3.50 -61.54 0.39
CA ALA C 369 2.76 -60.33 0.73
C ALA C 369 3.75 -59.30 1.24
N ASP C 370 3.53 -58.03 0.88
CA ASP C 370 4.47 -56.98 1.22
C ASP C 370 4.20 -56.45 2.64
N LEU C 371 5.24 -56.42 3.46
CA LEU C 371 5.17 -55.92 4.83
C LEU C 371 5.96 -54.63 4.92
N VAL C 372 5.37 -53.62 5.55
CA VAL C 372 6.05 -52.37 5.81
C VAL C 372 6.21 -52.19 7.31
N ILE C 373 7.05 -51.24 7.70
CA ILE C 373 7.24 -50.90 9.09
C ILE C 373 6.90 -49.41 9.26
N VAL C 374 6.17 -49.11 10.34
CA VAL C 374 5.81 -47.75 10.73
C VAL C 374 6.06 -47.61 12.22
N GLY C 375 6.75 -46.52 12.60
CA GLY C 375 7.09 -46.29 13.99
C GLY C 375 8.00 -47.38 14.55
N ASP C 376 7.43 -48.23 15.41
CA ASP C 376 8.09 -49.42 15.89
C ASP C 376 7.27 -50.68 15.63
N LYS C 377 6.19 -50.58 14.86
CA LYS C 377 5.29 -51.70 14.62
C LYS C 377 5.42 -52.20 13.19
N LEU C 378 5.37 -53.51 13.04
CA LEU C 378 5.42 -54.16 11.73
C LEU C 378 3.98 -54.53 11.32
N VAL C 379 3.51 -53.95 10.22
CA VAL C 379 2.13 -54.13 9.78
C VAL C 379 2.10 -54.62 8.35
N PHE C 380 1.01 -55.28 7.97
CA PHE C 380 0.75 -55.58 6.58
C PHE C 380 0.33 -54.31 5.84
N LEU C 381 0.48 -54.34 4.52
CA LEU C 381 -0.02 -53.26 3.65
C LEU C 381 -0.64 -53.93 2.44
N GLU C 382 -1.95 -54.17 2.50
CA GLU C 382 -2.68 -54.84 1.45
C GLU C 382 -3.67 -53.85 0.84
N ALA C 383 -3.70 -53.79 -0.49
CA ALA C 383 -4.60 -52.91 -1.23
C ALA C 383 -5.43 -53.73 -2.19
N LEU C 384 -6.06 -54.76 -1.63
CA LEU C 384 -6.65 -55.88 -2.36
C LEU C 384 -7.82 -55.43 -3.23
N GLU C 385 -7.51 -55.27 -4.53
CA GLU C 385 -8.48 -54.88 -5.55
C GLU C 385 -8.48 -55.79 -6.77
N ARG C 386 -7.44 -56.60 -6.97
CA ARG C 386 -7.41 -57.53 -8.09
C ARG C 386 -7.69 -58.96 -7.65
N ARG C 387 -7.30 -59.30 -6.42
CA ARG C 387 -7.64 -60.62 -5.87
C ARG C 387 -9.14 -60.72 -5.60
N VAL C 388 -9.75 -59.62 -5.15
CA VAL C 388 -11.16 -59.54 -4.83
C VAL C 388 -11.67 -58.21 -5.40
N TYR C 389 -12.97 -58.12 -5.65
CA TYR C 389 -13.67 -56.98 -6.26
C TYR C 389 -13.20 -56.69 -7.69
N GLN C 390 -12.67 -57.69 -8.39
CA GLN C 390 -12.24 -57.51 -9.77
C GLN C 390 -13.12 -58.36 -10.67
N ALA C 391 -13.65 -57.73 -11.73
CA ALA C 391 -14.56 -58.31 -12.72
C ALA C 391 -15.84 -58.84 -12.08
N THR C 392 -16.26 -58.25 -10.96
CA THR C 392 -17.52 -58.59 -10.32
C THR C 392 -18.26 -57.30 -9.98
N ARG C 393 -19.58 -57.40 -9.86
CA ARG C 393 -20.46 -56.24 -9.85
C ARG C 393 -20.43 -55.44 -8.55
N VAL C 394 -19.75 -55.93 -7.52
CA VAL C 394 -19.72 -55.26 -6.23
C VAL C 394 -18.71 -54.11 -6.28
N ALA C 395 -19.12 -52.95 -5.77
CA ALA C 395 -18.22 -51.80 -5.69
C ALA C 395 -17.24 -51.99 -4.55
N TYR C 396 -16.03 -51.46 -4.73
CA TYR C 396 -15.01 -51.52 -3.70
C TYR C 396 -15.36 -50.60 -2.55
N PRO C 397 -15.29 -51.05 -1.29
CA PRO C 397 -15.30 -50.11 -0.16
C PRO C 397 -14.01 -49.31 -0.06
N LEU C 398 -13.91 -48.47 0.98
CA LEU C 398 -12.87 -47.43 1.13
C LEU C 398 -12.89 -46.40 0.00
N ILE C 399 -14.00 -46.31 -0.73
CA ILE C 399 -14.18 -45.29 -1.77
C ILE C 399 -15.45 -44.56 -1.33
N GLY C 400 -15.60 -44.41 -0.01
CA GLY C 400 -16.80 -43.80 0.54
C GLY C 400 -16.88 -42.32 0.25
N ASN C 401 -18.10 -41.80 0.41
CA ASN C 401 -18.40 -40.42 0.08
C ASN C 401 -18.44 -39.54 1.34
N ILE C 402 -18.27 -38.24 1.12
CA ILE C 402 -18.40 -37.25 2.19
C ILE C 402 -19.37 -36.16 1.74
N ASP C 403 -19.92 -35.44 2.72
CA ASP C 403 -20.87 -34.38 2.48
C ASP C 403 -20.39 -33.10 3.17
N ILE C 404 -20.24 -32.02 2.39
CA ILE C 404 -19.83 -30.71 2.89
C ILE C 404 -20.87 -29.69 2.45
N THR C 405 -21.34 -28.88 3.39
CA THR C 405 -22.35 -27.86 3.13
C THR C 405 -21.69 -26.48 3.12
N PHE C 406 -22.08 -25.65 2.17
CA PHE C 406 -21.49 -24.33 1.97
C PHE C 406 -22.53 -23.25 2.23
N ILE C 407 -22.09 -22.14 2.84
CA ILE C 407 -22.97 -21.04 3.20
C ILE C 407 -22.40 -19.74 2.62
N MET C 408 -23.26 -18.94 2.00
CA MET C 408 -22.85 -17.66 1.44
C MET C 408 -23.94 -16.62 1.69
N PRO C 409 -23.59 -15.44 2.20
CA PRO C 409 -24.56 -14.34 2.28
C PRO C 409 -24.69 -13.62 0.95
N MET C 410 -25.88 -13.09 0.70
CA MET C 410 -26.19 -12.51 -0.61
C MET C 410 -26.43 -11.01 -0.56
N GLY C 411 -27.41 -10.54 0.21
CA GLY C 411 -27.80 -9.16 0.15
C GLY C 411 -27.29 -8.30 1.29
N VAL C 412 -26.07 -8.61 1.77
CA VAL C 412 -25.54 -7.90 2.92
C VAL C 412 -25.07 -6.51 2.51
N PHE C 413 -25.60 -5.49 3.18
CA PHE C 413 -25.07 -4.14 3.09
C PHE C 413 -24.44 -3.80 4.43
N GLN C 414 -23.15 -3.48 4.40
CA GLN C 414 -22.43 -3.12 5.62
C GLN C 414 -22.86 -1.74 6.05
N ALA C 415 -23.70 -1.68 7.09
CA ALA C 415 -24.39 -0.44 7.45
C ALA C 415 -23.45 0.55 8.13
N ASN C 416 -22.34 0.08 8.67
CA ASN C 416 -21.40 0.97 9.34
C ASN C 416 -20.68 1.83 8.31
N SER C 417 -20.68 3.15 8.55
CA SER C 417 -20.05 4.08 7.61
C SER C 417 -18.53 3.98 7.62
N MET C 418 -17.96 3.42 8.69
CA MET C 418 -16.52 3.27 8.79
C MET C 418 -16.04 1.93 8.24
N ASP C 419 -16.95 1.06 7.81
CA ASP C 419 -16.60 -0.21 7.17
C ASP C 419 -16.60 -0.12 5.64
N ARG C 420 -17.01 1.00 5.08
CA ARG C 420 -17.08 1.17 3.62
C ARG C 420 -15.86 1.98 3.18
N TYR C 421 -14.76 1.27 2.97
CA TYR C 421 -13.45 1.87 2.71
C TYR C 421 -12.77 1.19 1.53
N THR C 422 -12.12 1.99 0.70
CA THR C 422 -11.27 1.47 -0.37
C THR C 422 -9.80 1.70 -0.03
N ARG C 423 -8.97 0.69 -0.32
CA ARG C 423 -7.56 0.73 0.06
C ARG C 423 -6.74 1.67 -0.81
N HIS C 424 -7.26 2.10 -1.96
CA HIS C 424 -6.58 3.06 -2.81
C HIS C 424 -7.60 4.08 -3.28
N ALA C 425 -7.14 5.07 -4.05
CA ALA C 425 -8.06 6.06 -4.60
C ALA C 425 -8.76 5.53 -5.84
N GLY C 426 -8.00 5.32 -6.91
CA GLY C 426 -8.55 4.76 -8.14
C GLY C 426 -8.45 3.25 -8.22
N ASP C 427 -9.20 2.53 -7.39
CA ASP C 427 -9.16 1.07 -7.45
C ASP C 427 -9.91 0.56 -8.68
N PHE C 428 -11.22 0.79 -8.73
CA PHE C 428 -12.04 0.42 -9.89
C PHE C 428 -12.79 1.67 -10.34
N SER C 429 -12.12 2.48 -11.15
CA SER C 429 -12.74 3.70 -11.64
C SER C 429 -13.68 3.40 -12.81
N THR C 430 -14.60 4.33 -13.05
CA THR C 430 -15.56 4.17 -14.14
C THR C 430 -15.59 5.42 -15.01
N VAL C 431 -16.56 5.49 -15.92
CA VAL C 431 -16.74 6.66 -16.77
C VAL C 431 -17.94 7.45 -16.23
N SER C 432 -18.79 6.77 -15.46
CA SER C 432 -19.99 7.41 -14.92
C SER C 432 -19.62 8.38 -13.79
N GLU C 433 -20.44 9.42 -13.64
CA GLU C 433 -20.22 10.40 -12.58
C GLU C 433 -20.52 9.85 -11.19
N GLN C 434 -21.27 8.75 -11.11
CA GLN C 434 -21.53 8.06 -9.85
C GLN C 434 -20.94 6.66 -9.93
N ASP C 435 -20.20 6.29 -8.89
CA ASP C 435 -19.57 4.97 -8.85
C ASP C 435 -20.63 3.90 -8.65
N PRO C 436 -20.75 2.92 -9.56
CA PRO C 436 -21.76 1.86 -9.37
C PRO C 436 -21.28 0.72 -8.49
N ARG C 437 -20.66 1.06 -7.36
CA ARG C 437 -20.28 0.10 -6.35
C ARG C 437 -20.65 0.53 -4.94
N GLN C 438 -21.08 1.78 -4.75
CA GLN C 438 -21.57 2.23 -3.46
C GLN C 438 -22.98 1.73 -3.18
N PHE C 439 -23.70 1.30 -4.21
CA PHE C 439 -25.06 0.82 -4.06
C PHE C 439 -25.07 -0.53 -3.35
N PRO C 440 -26.16 -0.87 -2.65
CA PRO C 440 -26.22 -2.16 -1.95
C PRO C 440 -26.26 -3.32 -2.93
N PRO C 441 -25.42 -4.33 -2.70
CA PRO C 441 -25.35 -5.46 -3.62
C PRO C 441 -26.59 -6.34 -3.56
N GLN C 442 -26.85 -7.04 -4.67
CA GLN C 442 -28.01 -7.91 -4.79
C GLN C 442 -27.67 -9.34 -5.18
N GLY C 443 -26.38 -9.70 -5.29
CA GLY C 443 -26.03 -11.02 -5.76
C GLY C 443 -24.70 -11.48 -5.20
N ILE C 444 -24.40 -12.75 -5.45
CA ILE C 444 -23.16 -13.38 -5.02
C ILE C 444 -22.59 -14.17 -6.20
N PHE C 445 -21.27 -14.12 -6.36
CA PHE C 445 -20.57 -14.78 -7.44
C PHE C 445 -19.65 -15.85 -6.85
N PHE C 446 -19.69 -17.05 -7.42
CA PHE C 446 -18.87 -18.14 -6.93
C PHE C 446 -18.46 -19.01 -8.12
N TYR C 447 -17.76 -20.09 -7.86
CA TYR C 447 -17.19 -20.94 -8.89
C TYR C 447 -17.90 -22.29 -8.93
N ASN C 448 -17.95 -22.87 -10.12
CA ASN C 448 -18.65 -24.13 -10.36
C ASN C 448 -17.77 -25.29 -9.94
N LYS C 449 -18.21 -26.51 -10.27
CA LYS C 449 -17.38 -27.70 -10.07
C LYS C 449 -16.15 -27.67 -10.99
N ASP C 450 -16.33 -27.21 -12.22
CA ASP C 450 -15.25 -27.14 -13.20
C ASP C 450 -14.48 -25.82 -13.15
N GLY C 451 -14.88 -24.88 -12.29
CA GLY C 451 -14.26 -23.58 -12.25
C GLY C 451 -14.97 -22.49 -13.03
N ILE C 452 -16.19 -22.74 -13.48
CA ILE C 452 -16.95 -21.77 -14.27
C ILE C 452 -17.60 -20.77 -13.33
N LEU C 453 -17.62 -19.50 -13.74
CA LEU C 453 -18.27 -18.47 -12.93
C LEU C 453 -19.79 -18.63 -12.98
N THR C 454 -20.41 -18.63 -11.80
CA THR C 454 -21.86 -18.68 -11.68
C THR C 454 -22.32 -17.54 -10.78
N GLN C 455 -23.62 -17.25 -10.84
CA GLN C 455 -24.19 -16.14 -10.10
C GLN C 455 -25.51 -16.55 -9.47
N LEU C 456 -25.67 -16.24 -8.19
CA LEU C 456 -26.95 -16.34 -7.50
C LEU C 456 -27.41 -14.92 -7.16
N THR C 457 -28.59 -14.55 -7.65
CA THR C 457 -29.16 -13.24 -7.42
C THR C 457 -30.38 -13.36 -6.52
N LEU C 458 -31.04 -12.22 -6.28
CA LEU C 458 -32.20 -12.23 -5.40
C LEU C 458 -33.42 -12.83 -6.07
N ARG C 459 -33.41 -12.92 -7.40
CA ARG C 459 -34.51 -13.56 -8.13
C ARG C 459 -34.57 -15.06 -7.87
N ASP C 460 -33.46 -15.66 -7.39
CA ASP C 460 -33.49 -17.07 -7.06
C ASP C 460 -34.24 -17.34 -5.75
N ALA C 461 -34.24 -16.39 -4.81
CA ALA C 461 -34.93 -16.56 -3.53
C ALA C 461 -36.43 -16.33 -3.62
N MET C 462 -36.96 -16.27 -4.84
CA MET C 462 -38.36 -16.04 -5.13
C MET C 462 -39.19 -17.31 -5.04
N GLY C 463 -38.55 -18.48 -5.05
CA GLY C 463 -39.25 -19.72 -4.79
C GLY C 463 -39.43 -20.05 -3.33
N THR C 464 -38.87 -19.24 -2.45
CA THR C 464 -38.92 -19.43 -1.01
C THR C 464 -39.68 -18.33 -0.29
N ILE C 465 -39.38 -17.06 -0.59
CA ILE C 465 -40.01 -15.94 0.11
C ILE C 465 -41.35 -15.54 -0.51
N CYS C 466 -41.65 -15.99 -1.72
CA CYS C 466 -42.93 -15.69 -2.37
C CYS C 466 -43.87 -16.89 -2.31
N HIS C 467 -43.84 -17.62 -1.21
CA HIS C 467 -44.76 -18.72 -0.95
C HIS C 467 -45.89 -18.24 -0.03
N SER C 468 -46.88 -19.10 0.16
CA SER C 468 -47.95 -18.83 1.11
C SER C 468 -47.52 -19.04 2.56
N SER C 469 -46.32 -19.59 2.79
CA SER C 469 -45.83 -19.82 4.14
C SER C 469 -45.25 -18.57 4.78
N LEU C 470 -45.13 -17.47 4.03
CA LEU C 470 -44.77 -16.19 4.62
C LEU C 470 -45.89 -15.61 5.49
N LEU C 471 -47.11 -16.09 5.32
CA LEU C 471 -48.29 -15.59 6.02
C LEU C 471 -48.98 -16.74 6.76
N ASP C 472 -48.19 -17.50 7.51
CA ASP C 472 -48.67 -18.68 8.22
C ASP C 472 -48.48 -18.41 9.72
N VAL C 473 -48.95 -17.24 10.16
CA VAL C 473 -48.65 -16.72 11.50
C VAL C 473 -49.48 -17.34 12.60
N GLU C 474 -50.45 -18.20 12.28
CA GLU C 474 -51.41 -18.66 13.28
C GLU C 474 -50.79 -19.58 14.32
N ALA C 475 -49.90 -20.49 13.89
CA ALA C 475 -49.23 -21.37 14.84
C ALA C 475 -48.28 -20.59 15.74
N THR C 476 -47.62 -19.58 15.18
CA THR C 476 -46.77 -18.69 15.97
C THR C 476 -47.57 -17.94 17.01
N LEU C 477 -48.75 -17.43 16.63
CA LEU C 477 -49.60 -16.72 17.57
C LEU C 477 -50.14 -17.64 18.66
N VAL C 478 -50.50 -18.88 18.29
CA VAL C 478 -50.99 -19.85 19.27
C VAL C 478 -49.88 -20.20 20.26
N ALA C 479 -48.64 -20.37 19.78
CA ALA C 479 -47.53 -20.65 20.68
C ALA C 479 -47.17 -19.46 21.54
N LEU C 480 -47.35 -18.24 21.02
CA LEU C 480 -47.02 -17.04 21.79
C LEU C 480 -48.06 -16.73 22.85
N ARG C 481 -49.33 -17.06 22.60
CA ARG C 481 -50.39 -16.75 23.55
C ARG C 481 -50.37 -17.64 24.80
N GLN C 482 -49.60 -18.73 24.79
CA GLN C 482 -49.55 -19.66 25.91
C GLN C 482 -48.35 -19.42 26.82
N GLN C 483 -47.93 -18.17 26.97
CA GLN C 483 -46.82 -17.80 27.84
C GLN C 483 -47.33 -16.84 28.92
N HIS C 484 -46.39 -16.33 29.71
CA HIS C 484 -46.71 -15.40 30.79
C HIS C 484 -46.61 -13.97 30.26
N LEU C 485 -47.73 -13.25 30.28
CA LEU C 485 -47.81 -11.89 29.77
C LEU C 485 -48.23 -10.95 30.89
N ASP C 486 -47.57 -9.79 30.94
CA ASP C 486 -47.88 -8.76 31.93
C ASP C 486 -48.79 -7.70 31.33
N ARG C 487 -49.42 -6.92 32.20
CA ARG C 487 -50.35 -5.88 31.77
C ARG C 487 -49.56 -4.71 31.21
N GLN C 488 -49.37 -4.72 29.90
CA GLN C 488 -48.62 -3.68 29.20
C GLN C 488 -49.56 -2.56 28.75
N CYS C 489 -48.99 -1.39 28.49
CA CYS C 489 -49.79 -0.23 28.12
C CYS C 489 -50.38 -0.39 26.73
N TYR C 490 -51.55 0.22 26.53
CA TYR C 490 -52.33 0.04 25.30
C TYR C 490 -52.47 1.32 24.50
N PHE C 491 -51.43 2.16 24.49
CA PHE C 491 -51.52 3.40 23.71
C PHE C 491 -51.37 3.14 22.21
N GLY C 492 -50.41 2.31 21.83
CA GLY C 492 -50.11 2.07 20.43
C GLY C 492 -50.78 0.86 19.81
N VAL C 493 -51.65 0.16 20.54
CA VAL C 493 -52.32 -1.02 20.02
C VAL C 493 -53.84 -0.88 20.01
N TYR C 494 -54.39 0.20 20.58
CA TYR C 494 -55.83 0.34 20.74
C TYR C 494 -56.33 1.47 19.83
N VAL C 495 -57.43 1.20 19.12
CA VAL C 495 -58.05 2.17 18.23
C VAL C 495 -59.49 2.40 18.70
N ALA C 496 -59.76 3.62 19.17
CA ALA C 496 -61.07 3.95 19.72
C ALA C 496 -62.04 4.32 18.59
N GLU C 497 -63.20 4.83 18.97
CA GLU C 497 -64.23 5.23 18.02
C GLU C 497 -64.60 6.69 18.26
N GLY C 498 -65.15 7.32 17.22
CA GLY C 498 -65.63 8.68 17.35
C GLY C 498 -66.92 8.75 18.16
N THR C 499 -67.12 9.90 18.80
CA THR C 499 -68.27 10.12 19.66
C THR C 499 -68.91 11.47 19.38
N GLU C 500 -69.08 11.76 18.09
CA GLU C 500 -69.80 12.90 17.48
C GLU C 500 -69.55 14.26 18.12
N ASP C 501 -68.35 14.49 18.64
CA ASP C 501 -68.00 15.76 19.24
C ASP C 501 -67.34 16.66 18.20
N THR C 502 -66.88 17.82 18.67
CA THR C 502 -66.37 18.87 17.78
C THR C 502 -64.86 18.86 17.63
N LEU C 503 -64.19 17.76 18.04
CA LEU C 503 -62.78 17.46 17.84
C LEU C 503 -61.85 18.30 18.73
N ASP C 504 -62.40 19.30 19.41
CA ASP C 504 -61.70 20.04 20.45
C ASP C 504 -61.96 19.42 21.81
N VAL C 505 -63.20 18.97 22.05
CA VAL C 505 -63.52 18.27 23.28
C VAL C 505 -62.89 16.88 23.29
N GLN C 506 -62.90 16.20 22.14
CA GLN C 506 -62.36 14.84 22.07
C GLN C 506 -60.85 14.82 22.27
N MET C 507 -60.14 15.79 21.67
CA MET C 507 -58.70 15.87 21.87
C MET C 507 -58.35 16.22 23.32
N GLY C 508 -59.15 17.07 23.95
CA GLY C 508 -58.95 17.37 25.36
C GLY C 508 -59.19 16.17 26.26
N ARG C 509 -60.24 15.40 25.97
CA ARG C 509 -60.50 14.17 26.71
C ARG C 509 -59.38 13.16 26.52
N PHE C 510 -58.83 13.08 25.30
CA PHE C 510 -57.66 12.23 25.06
C PHE C 510 -56.46 12.72 25.85
N MET C 511 -56.30 14.04 26.01
CA MET C 511 -55.19 14.56 26.80
C MET C 511 -55.32 14.20 28.27
N GLU C 512 -56.53 14.35 28.84
CA GLU C 512 -56.73 13.96 30.24
C GLU C 512 -56.61 12.45 30.43
N THR C 513 -56.99 11.67 29.42
CA THR C 513 -56.79 10.22 29.50
C THR C 513 -55.31 9.86 29.41
N TRP C 514 -54.58 10.48 28.49
CA TRP C 514 -53.19 10.17 28.21
C TRP C 514 -52.24 10.72 29.26
N ALA C 515 -52.71 11.64 30.11
CA ALA C 515 -51.88 12.11 31.23
C ALA C 515 -51.55 11.00 32.21
N ASP C 516 -52.42 9.99 32.34
CA ASP C 516 -52.18 8.86 33.22
C ASP C 516 -52.44 7.52 32.55
N MET C 517 -52.64 7.49 31.23
CA MET C 517 -52.84 6.23 30.53
C MET C 517 -51.54 5.45 30.41
N MET C 518 -50.43 6.14 30.21
CA MET C 518 -49.13 5.49 30.07
C MET C 518 -48.40 5.51 31.40
N PRO C 519 -48.16 4.37 32.05
CA PRO C 519 -47.36 4.36 33.27
C PRO C 519 -45.87 4.19 33.03
N HIS C 520 -45.45 3.87 31.81
CA HIS C 520 -44.05 3.64 31.51
C HIS C 520 -43.80 3.91 30.03
N HIS C 521 -42.54 3.84 29.64
CA HIS C 521 -42.14 4.12 28.26
C HIS C 521 -42.52 2.95 27.36
N PRO C 522 -43.27 3.17 26.27
CA PRO C 522 -43.64 2.06 25.39
C PRO C 522 -42.45 1.54 24.60
N HIS C 523 -42.58 0.28 24.16
CA HIS C 523 -41.48 -0.45 23.54
C HIS C 523 -41.35 -0.23 22.05
N TRP C 524 -42.32 0.43 21.41
CA TRP C 524 -42.26 0.65 19.97
C TRP C 524 -41.65 1.99 19.59
N VAL C 525 -41.19 2.76 20.57
CA VAL C 525 -40.53 4.03 20.30
C VAL C 525 -39.01 3.88 20.18
N ASN C 526 -38.42 2.92 20.91
CA ASN C 526 -36.97 2.80 21.03
C ASN C 526 -36.33 2.31 19.74
N GLU C 527 -36.27 3.18 18.73
CA GLU C 527 -35.54 2.92 17.51
C GLU C 527 -34.14 3.52 17.52
N HIS C 528 -33.75 4.16 18.63
CA HIS C 528 -32.40 4.69 18.76
C HIS C 528 -31.37 3.61 19.03
N LEU C 529 -31.79 2.38 19.31
CA LEU C 529 -30.86 1.28 19.48
C LEU C 529 -30.19 0.93 18.15
N THR C 530 -28.93 0.54 18.24
CA THR C 530 -28.23 0.04 17.07
C THR C 530 -28.54 -1.45 16.89
N ILE C 531 -27.82 -2.09 15.96
CA ILE C 531 -28.03 -3.51 15.72
C ILE C 531 -27.54 -4.34 16.90
N LEU C 532 -26.43 -3.92 17.52
CA LEU C 532 -25.85 -4.68 18.62
C LEU C 532 -26.72 -4.61 19.88
N GLN C 533 -27.34 -3.46 20.12
CA GLN C 533 -28.20 -3.31 21.30
C GLN C 533 -29.53 -4.02 21.12
N PHE C 534 -30.07 -4.00 19.89
CA PHE C 534 -31.31 -4.72 19.58
C PHE C 534 -31.09 -6.23 19.66
N ILE C 535 -29.95 -6.69 19.19
CA ILE C 535 -29.66 -8.12 19.12
C ILE C 535 -29.34 -8.70 20.51
N ALA C 536 -28.85 -7.85 21.42
CA ALA C 536 -28.42 -8.26 22.75
C ALA C 536 -29.59 -8.85 23.55
N PRO C 537 -29.33 -9.87 24.39
CA PRO C 537 -30.44 -10.64 24.98
C PRO C 537 -31.24 -9.90 26.03
N SER C 538 -30.78 -8.73 26.48
CA SER C 538 -31.55 -7.96 27.46
C SER C 538 -32.72 -7.22 26.83
N ASN C 539 -32.84 -7.23 25.51
CA ASN C 539 -33.93 -6.52 24.83
C ASN C 539 -35.24 -7.27 25.01
N PRO C 540 -36.28 -6.63 25.56
CA PRO C 540 -37.57 -7.33 25.70
C PRO C 540 -38.34 -7.45 24.40
N ARG C 541 -37.97 -6.70 23.36
CA ARG C 541 -38.64 -6.74 22.07
C ARG C 541 -38.11 -7.85 21.16
N LEU C 542 -36.98 -8.47 21.53
CA LEU C 542 -36.34 -9.45 20.66
C LEU C 542 -37.19 -10.72 20.52
N ARG C 543 -37.91 -11.10 21.57
CA ARG C 543 -38.76 -12.29 21.49
C ARG C 543 -40.05 -12.05 20.72
N PHE C 544 -40.36 -10.80 20.37
CA PHE C 544 -41.57 -10.47 19.62
C PHE C 544 -41.27 -10.11 18.17
N GLU C 545 -40.04 -10.30 17.71
CA GLU C 545 -39.65 -10.08 16.32
C GLU C 545 -39.30 -11.45 15.75
N LEU C 546 -40.28 -12.07 15.08
CA LEU C 546 -40.10 -13.40 14.51
C LEU C 546 -40.23 -13.39 12.99
N ASN C 547 -41.36 -12.93 12.45
CA ASN C 547 -41.55 -12.87 11.02
C ASN C 547 -41.04 -11.54 10.46
N PRO C 548 -40.54 -11.53 9.22
CA PRO C 548 -40.11 -10.27 8.61
C PRO C 548 -41.26 -9.41 8.09
N ALA C 549 -42.48 -9.93 8.05
CA ALA C 549 -43.64 -9.20 7.54
C ALA C 549 -44.77 -9.15 8.56
N PHE C 550 -44.45 -9.26 9.86
CA PHE C 550 -45.45 -9.21 10.91
C PHE C 550 -44.90 -8.47 12.11
N ASP C 551 -45.73 -7.61 12.70
CA ASP C 551 -45.42 -6.94 13.96
C ASP C 551 -46.23 -7.60 15.07
N PHE C 552 -45.52 -8.23 16.01
CA PHE C 552 -46.14 -8.86 17.17
C PHE C 552 -46.13 -7.88 18.33
N PHE C 553 -47.28 -7.70 18.97
CA PHE C 553 -47.39 -6.81 20.11
C PHE C 553 -48.27 -7.48 21.16
N VAL C 554 -48.64 -6.70 22.18
CA VAL C 554 -49.54 -7.16 23.24
C VAL C 554 -50.80 -6.31 23.16
N ALA C 555 -51.95 -6.97 23.06
CA ALA C 555 -53.23 -6.31 22.88
C ALA C 555 -54.24 -6.83 23.90
N PRO C 556 -55.22 -6.01 24.27
CA PRO C 556 -56.28 -6.51 25.17
C PRO C 556 -57.11 -7.61 24.50
N GLY C 557 -57.47 -8.61 25.30
CA GLY C 557 -58.20 -9.75 24.79
C GLY C 557 -59.70 -9.55 24.81
N ASP C 558 -60.38 -10.32 23.96
CA ASP C 558 -61.85 -10.34 23.83
C ASP C 558 -62.41 -8.96 23.50
N VAL C 559 -61.66 -8.19 22.72
CA VAL C 559 -62.05 -6.85 22.32
C VAL C 559 -61.96 -6.79 20.80
N ASP C 560 -63.11 -6.62 20.14
CA ASP C 560 -63.11 -6.20 18.74
C ASP C 560 -62.53 -4.80 18.69
N LEU C 561 -61.53 -4.58 17.82
CA LEU C 561 -60.59 -3.47 17.91
C LEU C 561 -61.22 -2.07 17.89
N PRO C 562 -62.20 -1.72 17.00
CA PRO C 562 -62.89 -0.44 17.22
C PRO C 562 -63.85 -0.51 18.39
N GLY C 563 -63.46 0.09 19.52
CA GLY C 563 -64.22 0.00 20.73
C GLY C 563 -64.48 1.36 21.36
N PRO C 564 -64.86 1.37 22.63
CA PRO C 564 -65.22 2.61 23.31
C PRO C 564 -64.00 3.46 23.67
N GLN C 565 -64.28 4.61 24.28
CA GLN C 565 -63.23 5.55 24.66
C GLN C 565 -62.35 4.98 25.77
N ARG C 566 -62.97 4.45 26.82
CA ARG C 566 -62.24 3.80 27.89
C ARG C 566 -62.02 2.33 27.51
N PRO C 567 -60.78 1.85 27.47
CA PRO C 567 -60.53 0.46 27.10
C PRO C 567 -60.99 -0.48 28.20
N PRO C 568 -61.79 -1.50 27.87
CA PRO C 568 -62.25 -2.44 28.90
C PRO C 568 -61.13 -3.31 29.43
N GLU C 569 -61.22 -3.63 30.72
CA GLU C 569 -60.18 -4.40 31.39
C GLU C 569 -60.32 -5.87 31.05
N ALA C 570 -59.23 -6.47 30.57
CA ALA C 570 -59.22 -7.88 30.19
C ALA C 570 -57.78 -8.38 30.24
N MET C 571 -57.65 -9.70 30.18
CA MET C 571 -56.33 -10.32 30.20
C MET C 571 -55.60 -10.05 28.88
N PRO C 572 -54.32 -9.70 28.92
CA PRO C 572 -53.61 -9.38 27.67
C PRO C 572 -53.28 -10.62 26.87
N THR C 573 -53.36 -10.48 25.55
CA THR C 573 -53.00 -11.52 24.61
C THR C 573 -52.07 -10.95 23.55
N VAL C 574 -51.37 -11.83 22.85
CA VAL C 574 -50.41 -11.44 21.82
C VAL C 574 -51.12 -11.46 20.48
N ASN C 575 -51.16 -10.31 19.81
CA ASN C 575 -51.73 -10.18 18.48
C ASN C 575 -50.63 -9.83 17.49
N ALA C 576 -50.97 -9.93 16.20
CA ALA C 576 -50.06 -9.60 15.13
C ALA C 576 -50.76 -8.75 14.09
N THR C 577 -49.98 -7.94 13.39
CA THR C 577 -50.47 -7.09 12.32
C THR C 577 -49.45 -7.10 11.19
N LEU C 578 -49.94 -7.22 9.96
CA LEU C 578 -49.09 -7.32 8.79
C LEU C 578 -48.26 -6.06 8.59
N ARG C 579 -46.97 -6.24 8.34
CA ARG C 579 -46.07 -5.15 7.97
C ARG C 579 -46.20 -4.95 6.47
N ILE C 580 -46.93 -3.91 6.06
CA ILE C 580 -47.16 -3.72 4.63
C ILE C 580 -45.95 -3.05 4.00
N ILE C 581 -45.61 -1.85 4.45
CA ILE C 581 -44.48 -1.06 3.97
C ILE C 581 -43.18 -1.77 4.33
N ASN C 582 -42.25 -1.86 3.36
CA ASN C 582 -40.99 -2.55 3.59
C ASN C 582 -39.98 -1.71 4.38
N GLY C 583 -40.25 -0.43 4.58
CA GLY C 583 -39.51 0.38 5.52
C GLY C 583 -40.05 0.36 6.93
N ASN C 584 -41.15 -0.35 7.18
CA ASN C 584 -41.70 -0.48 8.52
C ASN C 584 -40.94 -1.49 9.36
N ILE C 585 -40.00 -2.23 8.77
CA ILE C 585 -39.03 -3.02 9.54
C ILE C 585 -38.22 -2.06 10.41
N PRO C 586 -37.95 -2.39 11.68
CA PRO C 586 -37.29 -1.43 12.57
C PRO C 586 -35.87 -1.07 12.13
N VAL C 587 -35.49 0.16 12.45
CA VAL C 587 -34.23 0.80 12.06
C VAL C 587 -32.98 0.00 12.48
N PRO C 588 -32.92 -0.68 13.65
CA PRO C 588 -31.79 -1.60 13.86
C PRO C 588 -31.74 -2.78 12.87
N LEU C 589 -32.86 -3.16 12.25
CA LEU C 589 -32.85 -4.25 11.29
C LEU C 589 -32.81 -3.79 9.85
N CYS C 590 -33.22 -2.55 9.57
CA CYS C 590 -33.13 -1.95 8.24
C CYS C 590 -32.73 -0.50 8.43
N PRO C 591 -31.45 -0.17 8.27
CA PRO C 591 -30.93 1.09 8.79
C PRO C 591 -31.25 2.31 7.96
N ILE C 592 -30.71 3.45 8.40
CA ILE C 592 -30.89 4.71 7.68
C ILE C 592 -29.90 4.82 6.52
N SER C 593 -28.66 4.37 6.75
CA SER C 593 -27.63 4.45 5.72
C SER C 593 -27.96 3.55 4.53
N PHE C 594 -28.50 2.37 4.80
CA PHE C 594 -28.93 1.48 3.73
C PHE C 594 -30.07 2.07 2.92
N ARG C 595 -31.03 2.71 3.60
CA ARG C 595 -32.15 3.35 2.91
C ARG C 595 -31.67 4.53 2.06
N ASP C 596 -30.69 5.29 2.57
CA ASP C 596 -30.16 6.42 1.81
C ASP C 596 -29.36 5.95 0.60
N CYS C 597 -28.61 4.85 0.74
CA CYS C 597 -27.88 4.32 -0.40
C CYS C 597 -28.83 3.72 -1.44
N ARG C 598 -29.93 3.11 -0.99
CA ARG C 598 -30.95 2.62 -1.91
C ARG C 598 -31.63 3.79 -2.63
N GLY C 599 -31.83 4.90 -1.93
CA GLY C 599 -32.39 6.08 -2.57
C GLY C 599 -31.43 6.71 -3.57
N THR C 600 -30.14 6.66 -3.28
CA THR C 600 -29.15 7.14 -4.25
C THR C 600 -29.11 6.22 -5.47
N GLN C 601 -29.30 4.91 -5.25
CA GLN C 601 -29.37 3.98 -6.37
C GLN C 601 -30.62 4.21 -7.22
N LEU C 602 -31.73 4.56 -6.57
CA LEU C 602 -33.00 4.71 -7.28
C LEU C 602 -33.00 5.94 -8.19
N GLY C 603 -32.58 7.08 -7.65
CA GLY C 603 -32.59 8.31 -8.42
C GLY C 603 -31.29 8.60 -9.12
N LEU C 604 -30.89 7.72 -10.03
CA LEU C 604 -29.62 7.89 -10.74
C LEU C 604 -29.76 8.88 -11.89
N GLY C 605 -30.60 8.54 -12.87
CA GLY C 605 -30.84 9.41 -14.01
C GLY C 605 -32.13 10.19 -13.96
N ARG C 606 -32.86 10.14 -12.84
CA ARG C 606 -34.16 10.78 -12.75
C ARG C 606 -34.01 12.28 -12.49
N HIS C 607 -35.14 12.96 -12.43
CA HIS C 607 -35.16 14.40 -12.25
C HIS C 607 -34.75 14.78 -10.83
N THR C 608 -33.88 15.78 -10.73
CA THR C 608 -33.46 16.33 -9.45
C THR C 608 -33.77 17.82 -9.42
N MET C 609 -33.90 18.36 -8.21
CA MET C 609 -34.34 19.72 -8.02
C MET C 609 -33.15 20.67 -8.02
N THR C 610 -33.30 21.82 -8.67
CA THR C 610 -32.26 22.83 -8.68
C THR C 610 -32.08 23.41 -7.27
N PRO C 611 -30.86 23.78 -6.88
CA PRO C 611 -30.63 24.23 -5.50
C PRO C 611 -31.32 25.54 -5.12
N ALA C 612 -31.73 26.35 -6.09
CA ALA C 612 -32.44 27.58 -5.76
C ALA C 612 -33.82 27.30 -5.18
N THR C 613 -34.56 26.37 -5.81
CA THR C 613 -35.86 25.97 -5.31
C THR C 613 -35.73 25.23 -3.99
N ILE C 614 -34.66 24.43 -3.85
CA ILE C 614 -34.41 23.72 -2.59
C ILE C 614 -34.16 24.70 -1.47
N LYS C 615 -33.35 25.74 -1.73
CA LYS C 615 -33.04 26.75 -0.72
C LYS C 615 -34.28 27.54 -0.34
N ALA C 616 -35.10 27.94 -1.33
CA ALA C 616 -36.29 28.73 -1.02
C ALA C 616 -37.34 27.92 -0.27
N VAL C 617 -37.54 26.66 -0.67
CA VAL C 617 -38.53 25.82 0.00
C VAL C 617 -38.06 25.45 1.40
N LYS C 618 -36.76 25.19 1.58
CA LYS C 618 -36.22 24.92 2.91
C LYS C 618 -36.32 26.15 3.80
N ASP C 619 -36.15 27.35 3.22
CA ASP C 619 -36.29 28.57 4.01
C ASP C 619 -37.74 28.80 4.44
N THR C 620 -38.69 28.56 3.54
CA THR C 620 -40.08 28.80 3.91
C THR C 620 -40.69 27.66 4.71
N PHE C 621 -40.03 26.50 4.79
CA PHE C 621 -40.49 25.42 5.65
C PHE C 621 -39.99 25.57 7.08
N GLU C 622 -38.83 26.21 7.25
CA GLU C 622 -38.25 26.44 8.56
C GLU C 622 -38.49 27.87 9.06
N ASP C 623 -39.44 28.58 8.46
CA ASP C 623 -39.75 29.95 8.84
C ASP C 623 -40.80 29.94 9.95
N ARG C 624 -40.46 30.56 11.08
CA ARG C 624 -41.40 30.68 12.18
C ARG C 624 -42.26 31.93 12.10
N ALA C 625 -41.81 32.95 11.37
CA ALA C 625 -42.60 34.16 11.13
C ALA C 625 -43.41 34.07 9.85
N TYR C 626 -43.78 32.86 9.43
CA TYR C 626 -44.69 32.66 8.32
C TYR C 626 -46.05 33.24 8.68
N PRO C 627 -46.61 34.14 7.87
CA PRO C 627 -47.84 34.84 8.27
C PRO C 627 -49.05 33.92 8.31
N THR C 628 -49.92 34.18 9.28
CA THR C 628 -51.13 33.38 9.45
C THR C 628 -52.19 33.68 8.39
N ILE C 629 -52.02 34.76 7.62
CA ILE C 629 -53.01 35.14 6.62
C ILE C 629 -53.08 34.09 5.52
N PHE C 630 -51.93 33.50 5.19
CA PHE C 630 -51.90 32.38 4.25
C PHE C 630 -52.67 31.18 4.81
N TYR C 631 -52.59 30.95 6.12
CA TYR C 631 -53.32 29.85 6.74
C TYR C 631 -54.82 30.08 6.70
N MET C 632 -55.26 31.31 7.00
CA MET C 632 -56.70 31.60 6.95
C MET C 632 -57.22 31.58 5.51
N LEU C 633 -56.42 32.05 4.55
CA LEU C 633 -56.84 32.00 3.15
C LEU C 633 -56.94 30.57 2.65
N GLU C 634 -56.00 29.71 3.04
CA GLU C 634 -56.07 28.30 2.66
C GLU C 634 -57.22 27.60 3.37
N ALA C 635 -57.59 28.07 4.57
CA ALA C 635 -58.72 27.48 5.28
C ALA C 635 -60.05 27.86 4.66
N VAL C 636 -60.19 29.12 4.21
CA VAL C 636 -61.47 29.56 3.66
C VAL C 636 -61.65 29.08 2.22
N ILE C 637 -60.59 29.17 1.40
CA ILE C 637 -60.66 28.69 0.02
C ILE C 637 -60.90 27.19 -0.01
N HIS C 638 -60.21 26.46 0.88
CA HIS C 638 -60.42 25.04 1.19
C HIS C 638 -60.38 24.13 -0.04
N GLY C 639 -59.51 24.47 -0.99
CA GLY C 639 -59.27 23.62 -2.14
C GLY C 639 -60.42 23.51 -3.11
N ASN C 640 -61.10 24.62 -3.39
CA ASN C 640 -62.13 24.68 -4.41
C ASN C 640 -61.63 25.51 -5.57
N GLU C 641 -61.85 25.03 -6.79
CA GLU C 641 -61.31 25.69 -7.97
C GLU C 641 -61.98 27.03 -8.22
N ARG C 642 -63.30 27.10 -8.05
CA ARG C 642 -64.02 28.37 -8.20
C ARG C 642 -63.63 29.36 -7.12
N ASN C 643 -63.44 28.88 -5.89
CA ASN C 643 -63.03 29.76 -4.79
C ASN C 643 -61.62 30.29 -4.99
N PHE C 644 -60.74 29.48 -5.58
CA PHE C 644 -59.40 29.96 -5.92
C PHE C 644 -59.46 31.00 -7.03
N CYS C 645 -60.17 30.67 -8.11
CA CYS C 645 -60.13 31.52 -9.30
C CYS C 645 -61.03 32.75 -9.18
N ALA C 646 -61.84 32.85 -8.12
CA ALA C 646 -62.48 34.12 -7.81
C ALA C 646 -61.55 35.09 -7.10
N LEU C 647 -60.38 34.62 -6.65
CA LEU C 647 -59.45 35.39 -5.85
C LEU C 647 -58.08 35.53 -6.50
N LEU C 648 -58.03 35.56 -7.83
CA LEU C 648 -56.75 35.54 -8.53
C LEU C 648 -55.96 36.82 -8.31
N ARG C 649 -56.65 37.97 -8.25
CA ARG C 649 -56.00 39.25 -8.00
C ARG C 649 -55.37 39.29 -6.60
N LEU C 650 -56.15 38.93 -5.58
CA LEU C 650 -55.66 38.98 -4.20
C LEU C 650 -54.55 37.96 -3.99
N LEU C 651 -54.67 36.77 -4.57
CA LEU C 651 -53.65 35.75 -4.39
C LEU C 651 -52.36 36.12 -5.13
N THR C 652 -52.47 36.71 -6.33
CA THR C 652 -51.29 37.17 -7.04
C THR C 652 -50.56 38.27 -6.26
N GLN C 653 -51.33 39.24 -5.73
CA GLN C 653 -50.72 40.31 -4.94
C GLN C 653 -50.09 39.78 -3.66
N CYS C 654 -50.74 38.80 -3.01
CA CYS C 654 -50.23 38.26 -1.76
C CYS C 654 -48.96 37.46 -1.97
N ILE C 655 -48.94 36.60 -2.99
CA ILE C 655 -47.75 35.79 -3.27
C ILE C 655 -46.59 36.66 -3.74
N ARG C 656 -46.88 37.67 -4.58
CA ARG C 656 -45.83 38.59 -5.01
C ARG C 656 -45.28 39.41 -3.84
N GLY C 657 -46.15 39.88 -2.95
CA GLY C 657 -45.69 40.64 -1.80
C GLY C 657 -44.88 39.80 -0.83
N TYR C 658 -45.23 38.52 -0.68
CA TYR C 658 -44.43 37.66 0.17
C TYR C 658 -43.13 37.26 -0.50
N TRP C 659 -43.09 37.21 -1.83
CA TRP C 659 -41.85 36.79 -2.48
C TRP C 659 -40.84 37.93 -2.56
N GLU C 660 -41.20 39.06 -3.18
CA GLU C 660 -40.18 40.12 -3.30
C GLU C 660 -40.13 41.03 -2.07
N GLN C 661 -40.14 40.43 -0.89
CA GLN C 661 -39.69 41.07 0.35
C GLN C 661 -38.84 40.15 1.21
N SER C 662 -38.91 38.83 1.04
CA SER C 662 -38.10 37.90 1.83
C SER C 662 -37.52 36.76 0.99
N HIS C 663 -37.83 36.69 -0.31
CA HIS C 663 -37.35 35.65 -1.23
C HIS C 663 -37.71 34.24 -0.76
N ARG C 664 -38.92 34.10 -0.22
CA ARG C 664 -39.45 32.81 0.20
C ARG C 664 -40.78 32.57 -0.50
N VAL C 665 -41.06 31.32 -0.82
CA VAL C 665 -42.26 30.99 -1.58
C VAL C 665 -43.43 30.82 -0.61
N ALA C 666 -44.64 31.04 -1.13
CA ALA C 666 -45.86 30.97 -0.33
C ALA C 666 -46.79 29.89 -0.86
N PHE C 667 -47.76 29.51 -0.03
CA PHE C 667 -48.83 28.56 -0.31
C PHE C 667 -48.32 27.19 -0.74
N VAL C 668 -47.15 26.78 -0.25
CA VAL C 668 -46.56 25.48 -0.59
C VAL C 668 -47.08 24.46 0.42
N ASN C 669 -47.88 24.95 1.37
CA ASN C 669 -48.47 24.12 2.41
C ASN C 669 -49.43 23.08 1.83
N ASN C 670 -50.38 23.53 1.02
CA ASN C 670 -51.47 22.68 0.56
C ASN C 670 -51.20 22.18 -0.85
N PHE C 671 -51.64 20.95 -1.11
CA PHE C 671 -51.43 20.42 -2.45
C PHE C 671 -52.41 21.02 -3.45
N HIS C 672 -53.62 21.35 -3.01
CA HIS C 672 -54.54 22.06 -3.89
C HIS C 672 -54.30 23.57 -3.85
N MET C 673 -53.04 23.98 -3.90
CA MET C 673 -52.62 25.35 -4.15
C MET C 673 -51.55 25.42 -5.22
N LEU C 674 -50.59 24.49 -5.24
CA LEU C 674 -49.55 24.53 -6.26
C LEU C 674 -50.04 24.00 -7.60
N MET C 675 -51.03 23.08 -7.61
CA MET C 675 -51.78 22.76 -8.82
C MET C 675 -52.40 24.02 -9.43
N TYR C 676 -53.11 24.80 -8.62
CA TYR C 676 -53.83 25.94 -9.14
C TYR C 676 -52.88 27.08 -9.52
N ILE C 677 -51.75 27.18 -8.82
CA ILE C 677 -50.76 28.21 -9.16
C ILE C 677 -50.03 27.83 -10.46
N THR C 678 -49.62 26.56 -10.59
CA THR C 678 -48.99 26.12 -11.82
C THR C 678 -49.94 26.12 -13.02
N THR C 679 -51.25 26.02 -12.77
CA THR C 679 -52.21 26.01 -13.86
C THR C 679 -52.64 27.42 -14.27
N TYR C 680 -53.14 28.21 -13.33
CA TYR C 680 -53.73 29.50 -13.62
C TYR C 680 -52.74 30.66 -13.48
N LEU C 681 -51.99 30.71 -12.38
CA LEU C 681 -51.03 31.78 -12.14
C LEU C 681 -49.64 31.43 -12.65
N GLY C 682 -49.56 30.99 -13.91
CA GLY C 682 -48.29 30.50 -14.44
C GLY C 682 -47.99 31.01 -15.83
N ASN C 683 -48.87 31.84 -16.37
CA ASN C 683 -48.67 32.40 -17.71
C ASN C 683 -47.95 33.73 -17.70
N GLY C 684 -47.61 34.27 -16.53
CA GLY C 684 -46.89 35.52 -16.47
C GLY C 684 -47.39 36.47 -15.38
N GLU C 685 -48.39 36.04 -14.61
CA GLU C 685 -48.88 36.87 -13.50
C GLU C 685 -47.84 36.95 -12.39
N LEU C 686 -47.31 35.82 -11.99
CA LEU C 686 -46.21 35.71 -11.04
C LEU C 686 -44.89 36.03 -11.74
N PRO C 687 -43.84 36.36 -10.98
CA PRO C 687 -42.52 36.54 -11.60
C PRO C 687 -41.96 35.25 -12.16
N GLU C 688 -40.84 35.38 -12.87
CA GLU C 688 -40.23 34.26 -13.57
C GLU C 688 -39.65 33.21 -12.62
N VAL C 689 -39.29 33.60 -11.40
CA VAL C 689 -38.59 32.69 -10.50
C VAL C 689 -39.58 31.93 -9.62
N CYS C 690 -40.75 32.53 -9.35
CA CYS C 690 -41.75 31.86 -8.52
C CYS C 690 -42.33 30.64 -9.23
N ILE C 691 -42.79 30.82 -10.47
CA ILE C 691 -43.40 29.73 -11.22
C ILE C 691 -42.37 28.67 -11.56
N ASN C 692 -41.09 29.04 -11.65
CA ASN C 692 -40.04 28.05 -11.81
C ASN C 692 -39.95 27.14 -10.58
N ILE C 693 -40.08 27.72 -9.38
CA ILE C 693 -40.05 26.94 -8.14
C ILE C 693 -41.25 25.99 -8.08
N TYR C 694 -42.45 26.52 -8.38
CA TYR C 694 -43.66 25.71 -8.34
C TYR C 694 -43.62 24.59 -9.39
N ARG C 695 -43.17 24.90 -10.60
CA ARG C 695 -43.06 23.89 -11.65
C ARG C 695 -41.98 22.87 -11.36
N ASP C 696 -40.91 23.27 -10.66
CA ASP C 696 -39.87 22.32 -10.28
C ASP C 696 -40.37 21.34 -9.22
N LEU C 697 -41.15 21.84 -8.25
CA LEU C 697 -41.78 20.96 -7.27
C LEU C 697 -42.74 19.98 -7.93
N LEU C 698 -43.55 20.49 -8.88
CA LEU C 698 -44.51 19.62 -9.57
C LEU C 698 -43.80 18.59 -10.46
N GLN C 699 -42.70 19.00 -11.11
CA GLN C 699 -41.92 18.08 -11.93
C GLN C 699 -41.27 17.01 -11.08
N HIS C 700 -40.83 17.36 -9.87
CA HIS C 700 -40.28 16.34 -8.97
C HIS C 700 -41.34 15.35 -8.52
N VAL C 701 -42.56 15.84 -8.25
CA VAL C 701 -43.66 14.96 -7.87
C VAL C 701 -43.98 13.98 -9.00
N ARG C 702 -44.05 14.49 -10.24
CA ARG C 702 -44.34 13.62 -11.37
C ARG C 702 -43.17 12.69 -11.70
N ALA C 703 -41.94 13.09 -11.40
CA ALA C 703 -40.80 12.20 -11.57
C ALA C 703 -40.84 11.05 -10.56
N LEU C 704 -41.27 11.34 -9.32
CA LEU C 704 -41.47 10.27 -8.34
C LEU C 704 -42.56 9.30 -8.78
N ARG C 705 -43.65 9.84 -9.36
CA ARG C 705 -44.71 8.98 -9.90
C ARG C 705 -44.20 8.12 -11.05
N GLN C 706 -43.38 8.70 -11.93
CA GLN C 706 -42.79 7.93 -13.03
C GLN C 706 -41.82 6.86 -12.54
N THR C 707 -41.12 7.13 -11.44
CA THR C 707 -40.23 6.11 -10.88
C THR C 707 -41.03 4.95 -10.30
N ILE C 708 -42.16 5.25 -9.64
CA ILE C 708 -43.07 4.21 -9.16
C ILE C 708 -43.58 3.37 -10.31
N THR C 709 -43.99 4.02 -11.40
CA THR C 709 -44.44 3.29 -12.59
C THR C 709 -43.31 2.46 -13.20
N ASP C 710 -42.08 2.97 -13.17
CA ASP C 710 -40.92 2.27 -13.74
C ASP C 710 -40.62 0.99 -12.98
N PHE C 711 -40.67 1.02 -11.65
CA PHE C 711 -40.26 -0.15 -10.89
C PHE C 711 -41.34 -1.22 -10.74
N THR C 712 -42.53 -1.01 -11.31
CA THR C 712 -43.53 -2.07 -11.41
C THR C 712 -43.50 -2.69 -12.80
N ILE C 713 -44.23 -3.79 -12.94
CA ILE C 713 -44.42 -4.45 -14.23
C ILE C 713 -45.92 -4.58 -14.44
N GLN C 714 -46.45 -3.93 -15.47
CA GLN C 714 -47.87 -3.85 -15.70
C GLN C 714 -48.41 -5.13 -16.33
N GLY C 715 -49.73 -5.29 -16.27
CA GLY C 715 -50.40 -6.43 -16.84
C GLY C 715 -50.80 -7.51 -15.86
N GLU C 716 -50.46 -7.36 -14.58
CA GLU C 716 -50.80 -8.33 -13.54
C GLU C 716 -51.79 -7.68 -12.58
N GLY C 717 -53.08 -7.79 -12.91
CA GLY C 717 -54.12 -7.26 -12.06
C GLY C 717 -54.94 -8.35 -11.42
N HIS C 718 -55.02 -8.36 -10.09
CA HIS C 718 -55.70 -9.40 -9.33
C HIS C 718 -56.87 -8.81 -8.56
N ASN C 719 -58.09 -9.15 -9.00
CA ASN C 719 -59.35 -8.83 -8.31
C ASN C 719 -59.56 -7.32 -8.17
N GLY C 720 -59.54 -6.63 -9.31
CA GLY C 720 -59.84 -5.21 -9.33
C GLY C 720 -58.76 -4.33 -8.72
N GLU C 721 -57.52 -4.79 -8.72
CA GLU C 721 -56.39 -4.02 -8.21
C GLU C 721 -55.34 -3.96 -9.32
N THR C 722 -54.94 -2.75 -9.70
CA THR C 722 -53.89 -2.60 -10.70
C THR C 722 -52.54 -2.94 -10.08
N SER C 723 -51.54 -3.14 -10.96
CA SER C 723 -50.22 -3.55 -10.50
C SER C 723 -49.53 -2.46 -9.69
N GLU C 724 -49.80 -1.19 -10.00
CA GLU C 724 -49.28 -0.10 -9.20
C GLU C 724 -49.84 -0.12 -7.79
N ALA C 725 -51.14 -0.36 -7.66
CA ALA C 725 -51.76 -0.46 -6.34
C ALA C 725 -51.44 -1.77 -5.63
N LEU C 726 -50.88 -2.75 -6.33
CA LEU C 726 -50.51 -4.01 -5.74
C LEU C 726 -49.03 -4.10 -5.41
N ASN C 727 -48.21 -3.17 -5.94
CA ASN C 727 -46.81 -3.07 -5.54
C ASN C 727 -46.57 -1.89 -4.61
N ASN C 728 -47.00 -0.70 -4.99
CA ASN C 728 -46.76 0.51 -4.22
C ASN C 728 -47.99 0.86 -3.38
N ILE C 729 -47.83 1.88 -2.52
CA ILE C 729 -48.88 2.35 -1.65
C ILE C 729 -49.35 3.76 -2.02
N LEU C 730 -48.42 4.60 -2.50
CA LEU C 730 -48.79 5.93 -2.97
C LEU C 730 -49.62 5.88 -4.26
N THR C 731 -49.70 4.72 -4.90
CA THR C 731 -50.63 4.48 -6.00
C THR C 731 -51.79 3.59 -5.60
N ASP C 732 -51.98 3.32 -4.31
CA ASP C 732 -53.10 2.53 -3.82
C ASP C 732 -54.23 3.46 -3.41
N ASP C 733 -55.42 3.25 -3.99
CA ASP C 733 -56.54 4.14 -3.75
C ASP C 733 -57.20 3.92 -2.40
N THR C 734 -56.96 2.75 -1.78
CA THR C 734 -57.51 2.51 -0.45
C THR C 734 -56.80 3.37 0.59
N PHE C 735 -55.51 3.58 0.42
CA PHE C 735 -54.75 4.46 1.30
C PHE C 735 -54.99 5.90 0.89
N ILE C 736 -55.40 6.73 1.84
CA ILE C 736 -55.86 8.09 1.54
C ILE C 736 -54.88 9.12 2.09
N ALA C 737 -55.06 10.35 1.65
CA ALA C 737 -54.24 11.47 2.09
C ALA C 737 -54.52 11.80 3.55
N PRO C 738 -53.56 12.39 4.26
CA PRO C 738 -53.83 12.80 5.66
C PRO C 738 -54.82 13.95 5.77
N ILE C 739 -54.78 14.91 4.87
CA ILE C 739 -55.72 16.03 4.85
C ILE C 739 -56.61 15.84 3.62
N LEU C 740 -57.92 15.80 3.84
CA LEU C 740 -58.89 15.73 2.76
C LEU C 740 -59.58 17.07 2.61
N TRP C 741 -59.65 17.57 1.38
CA TRP C 741 -60.38 18.79 1.07
C TRP C 741 -61.67 18.54 0.30
N ASP C 742 -61.68 17.52 -0.55
CA ASP C 742 -62.86 17.13 -1.30
C ASP C 742 -63.17 15.67 -0.99
N CYS C 743 -64.42 15.28 -1.25
CA CYS C 743 -64.88 13.94 -0.92
C CYS C 743 -64.61 12.93 -2.03
N ASP C 744 -63.81 13.29 -3.04
CA ASP C 744 -63.55 12.36 -4.13
C ASP C 744 -62.59 11.25 -3.72
N ALA C 745 -61.73 11.52 -2.73
CA ALA C 745 -60.81 10.48 -2.25
C ALA C 745 -61.55 9.33 -1.60
N LEU C 746 -62.60 9.63 -0.82
CA LEU C 746 -63.42 8.58 -0.24
C LEU C 746 -64.21 7.83 -1.31
N ILE C 747 -64.61 8.54 -2.38
CA ILE C 747 -65.31 7.91 -3.50
C ILE C 747 -64.41 6.88 -4.19
N TYR C 748 -63.17 7.30 -4.49
CA TYR C 748 -62.24 6.40 -5.17
C TYR C 748 -61.79 5.26 -4.26
N ARG C 749 -61.69 5.52 -2.95
CA ARG C 749 -61.36 4.46 -2.01
C ARG C 749 -62.48 3.43 -1.89
N ASP C 750 -63.73 3.89 -1.85
CA ASP C 750 -64.85 2.97 -1.76
C ASP C 750 -65.11 2.23 -3.06
N GLU C 751 -64.78 2.83 -4.20
CA GLU C 751 -64.99 2.19 -5.49
C GLU C 751 -63.87 1.21 -5.85
N ALA C 752 -62.62 1.58 -5.56
CA ALA C 752 -61.48 0.81 -6.06
C ALA C 752 -61.28 -0.48 -5.28
N ALA C 753 -61.53 -0.47 -3.97
CA ALA C 753 -61.21 -1.65 -3.16
C ALA C 753 -62.25 -2.75 -3.35
N ARG C 754 -63.47 -2.51 -2.85
CA ARG C 754 -64.70 -3.22 -3.22
C ARG C 754 -64.75 -4.71 -2.81
N ASP C 755 -63.65 -5.27 -2.35
CA ASP C 755 -63.61 -6.66 -1.90
C ASP C 755 -62.97 -6.81 -0.53
N ARG C 756 -61.94 -6.02 -0.23
CA ARG C 756 -61.44 -5.89 1.13
C ARG C 756 -62.43 -5.04 1.91
N LEU C 757 -63.07 -5.64 2.93
CA LEU C 757 -64.25 -5.12 3.63
C LEU C 757 -63.98 -3.75 4.26
N PRO C 758 -64.57 -2.69 3.71
CA PRO C 758 -64.26 -1.34 4.17
C PRO C 758 -65.21 -0.86 5.25
N ALA C 759 -64.78 0.18 5.96
CA ALA C 759 -65.58 0.82 6.99
C ALA C 759 -65.11 2.25 7.21
N ILE C 760 -66.03 3.22 7.08
CA ILE C 760 -65.73 4.63 7.29
C ILE C 760 -66.54 5.11 8.48
N ARG C 761 -65.86 5.70 9.46
CA ARG C 761 -66.49 6.25 10.65
C ARG C 761 -66.22 7.74 10.69
N VAL C 762 -67.24 8.53 10.34
CA VAL C 762 -67.09 9.99 10.31
C VAL C 762 -67.80 10.61 11.50
N SER C 763 -67.07 10.78 12.60
CA SER C 763 -67.52 11.46 13.83
C SER C 763 -68.81 10.85 14.38
N GLY C 764 -68.69 9.59 14.81
CA GLY C 764 -69.86 8.90 15.32
C GLY C 764 -70.39 7.84 14.37
N ARG C 765 -71.45 8.18 13.64
CA ARG C 765 -72.12 7.24 12.76
C ARG C 765 -71.22 6.82 11.59
N ASN C 766 -71.58 5.72 10.96
CA ASN C 766 -70.79 5.12 9.89
C ASN C 766 -71.22 5.69 8.54
N GLY C 767 -70.25 6.03 7.72
CA GLY C 767 -70.54 6.49 6.37
C GLY C 767 -70.65 8.00 6.28
N TYR C 768 -70.29 8.52 5.11
CA TYR C 768 -70.37 9.94 4.81
C TYR C 768 -71.67 10.25 4.08
N GLN C 769 -71.95 11.55 3.92
CA GLN C 769 -73.14 12.00 3.22
C GLN C 769 -72.84 12.92 2.05
N ALA C 770 -71.86 13.82 2.20
CA ALA C 770 -71.30 14.68 1.15
C ALA C 770 -72.38 15.55 0.50
N LEU C 771 -72.93 16.45 1.31
CA LEU C 771 -73.87 17.47 0.86
C LEU C 771 -73.08 18.72 0.52
N HIS C 772 -73.25 19.23 -0.68
CA HIS C 772 -72.50 20.40 -1.14
C HIS C 772 -73.38 21.65 -1.08
N PHE C 773 -72.78 22.79 -1.46
CA PHE C 773 -73.42 24.10 -1.57
C PHE C 773 -74.00 24.55 -0.23
N VAL C 774 -73.11 24.82 0.70
CA VAL C 774 -73.46 25.40 2.00
C VAL C 774 -73.24 26.91 1.94
N ASP C 775 -74.25 27.67 2.35
CA ASP C 775 -74.25 29.13 2.26
C ASP C 775 -74.60 29.75 3.61
N MET C 776 -74.87 31.06 3.60
CA MET C 776 -75.12 31.80 4.84
C MET C 776 -76.41 31.36 5.53
N ALA C 777 -77.44 31.04 4.75
CA ALA C 777 -78.74 30.71 5.35
C ALA C 777 -78.69 29.38 6.09
N GLY C 778 -77.96 28.41 5.56
CA GLY C 778 -77.88 27.09 6.17
C GLY C 778 -76.46 26.68 6.54
N HIS C 779 -75.69 27.59 7.15
CA HIS C 779 -74.29 27.29 7.44
C HIS C 779 -74.14 26.21 8.51
N ASN C 780 -74.81 26.39 9.66
CA ASN C 780 -74.91 25.42 10.74
C ASN C 780 -73.52 25.00 11.26
N PHE C 781 -72.85 25.97 11.89
CA PHE C 781 -71.48 25.77 12.36
C PHE C 781 -71.37 24.65 13.39
N GLN C 782 -72.40 24.45 14.20
CA GLN C 782 -72.43 23.36 15.17
C GLN C 782 -73.30 22.23 14.61
N ARG C 783 -72.67 21.36 13.84
CA ARG C 783 -73.33 20.19 13.25
C ARG C 783 -72.82 18.93 13.94
N ARG C 784 -73.75 18.07 14.34
CA ARG C 784 -73.43 16.81 14.99
C ARG C 784 -73.61 15.60 14.09
N ASP C 785 -73.94 15.82 12.82
CA ASP C 785 -74.20 14.72 11.89
C ASP C 785 -72.88 14.28 11.26
N ASN C 786 -72.96 13.41 10.24
CA ASN C 786 -71.81 12.96 9.47
C ASN C 786 -71.85 13.51 8.06
N VAL C 787 -72.31 14.75 7.91
CA VAL C 787 -72.45 15.39 6.61
C VAL C 787 -71.16 16.15 6.30
N LEU C 788 -70.56 15.83 5.15
CA LEU C 788 -69.35 16.49 4.70
C LEU C 788 -69.68 17.48 3.58
N ILE C 789 -68.75 18.40 3.33
CA ILE C 789 -68.93 19.41 2.30
C ILE C 789 -68.06 19.00 1.10
N HIS C 790 -68.71 18.67 -0.02
CA HIS C 790 -67.99 18.26 -1.21
C HIS C 790 -67.51 19.45 -2.03
N GLY C 791 -68.15 20.60 -1.89
CA GLY C 791 -67.85 21.76 -2.70
C GLY C 791 -68.66 21.77 -3.98
N ARG C 792 -68.68 22.93 -4.62
CA ARG C 792 -69.48 23.13 -5.83
C ARG C 792 -68.78 22.54 -7.05
N PRO C 793 -69.40 21.60 -7.77
CA PRO C 793 -68.92 21.30 -9.12
C PRO C 793 -69.30 22.44 -10.04
N VAL C 794 -68.33 22.89 -10.84
CA VAL C 794 -68.53 24.12 -11.60
C VAL C 794 -69.12 23.86 -12.98
N ARG C 795 -68.76 22.76 -13.64
CA ARG C 795 -69.35 22.42 -14.93
C ARG C 795 -70.50 21.46 -14.71
N GLY C 796 -71.57 21.99 -14.14
CA GLY C 796 -72.74 21.20 -13.84
C GLY C 796 -73.69 21.99 -12.95
N ASP C 797 -74.63 21.27 -12.36
CA ASP C 797 -75.60 21.85 -11.44
C ASP C 797 -75.50 21.16 -10.09
N THR C 798 -75.60 21.95 -9.03
CA THR C 798 -75.48 21.41 -7.67
C THR C 798 -76.75 20.66 -7.27
N GLY C 799 -77.87 21.37 -7.17
CA GLY C 799 -79.18 20.81 -6.93
C GLY C 799 -79.33 20.11 -5.59
N GLN C 800 -80.35 19.26 -5.53
CA GLN C 800 -80.62 18.41 -4.36
C GLN C 800 -80.57 16.94 -4.69
N ALA C 801 -81.25 16.49 -5.75
CA ALA C 801 -81.26 15.09 -6.14
C ALA C 801 -80.13 14.72 -7.08
N ILE C 802 -79.32 15.69 -7.50
CA ILE C 802 -78.18 15.43 -8.37
C ILE C 802 -77.10 14.73 -7.55
N PRO C 803 -76.66 13.54 -7.95
CA PRO C 803 -75.67 12.81 -7.15
C PRO C 803 -74.27 13.42 -7.27
N ILE C 804 -73.47 13.16 -6.25
CA ILE C 804 -72.12 13.70 -6.19
C ILE C 804 -71.21 13.02 -7.20
N THR C 805 -70.14 13.71 -7.56
CA THR C 805 -69.17 13.21 -8.53
C THR C 805 -67.77 13.63 -8.08
N PRO C 806 -66.74 12.88 -8.49
CA PRO C 806 -65.36 13.34 -8.25
C PRO C 806 -65.04 14.61 -9.00
N HIS C 807 -64.32 15.51 -8.34
CA HIS C 807 -63.93 16.77 -8.96
C HIS C 807 -62.88 16.57 -10.04
N HIS C 808 -61.88 15.74 -9.76
CA HIS C 808 -60.68 15.66 -10.58
C HIS C 808 -60.39 14.20 -10.93
N ASP C 809 -59.27 13.99 -11.61
CA ASP C 809 -58.92 12.67 -12.08
C ASP C 809 -58.42 11.79 -10.94
N ARG C 810 -58.17 10.52 -11.26
CA ARG C 810 -57.60 9.60 -10.28
C ARG C 810 -56.13 9.89 -10.04
N GLU C 811 -55.46 10.53 -11.02
CA GLU C 811 -54.06 10.88 -10.88
C GLU C 811 -53.84 11.96 -9.83
N TRP C 812 -54.87 12.79 -9.58
CA TRP C 812 -54.77 13.83 -8.56
C TRP C 812 -54.58 13.24 -7.17
N GLY C 813 -55.29 12.16 -6.86
CA GLY C 813 -55.11 11.50 -5.57
C GLY C 813 -53.73 10.90 -5.41
N ILE C 814 -53.19 10.33 -6.49
CA ILE C 814 -51.86 9.75 -6.47
C ILE C 814 -50.80 10.83 -6.23
N LEU C 815 -50.93 11.95 -6.93
CA LEU C 815 -49.97 13.04 -6.76
C LEU C 815 -50.10 13.69 -5.39
N SER C 816 -51.32 13.77 -4.85
CA SER C 816 -51.51 14.31 -3.51
C SER C 816 -50.88 13.40 -2.45
N LYS C 817 -51.05 12.09 -2.59
CA LYS C 817 -50.43 11.16 -1.65
C LYS C 817 -48.91 11.21 -1.75
N ILE C 818 -48.38 11.30 -2.98
CA ILE C 818 -46.93 11.38 -3.19
C ILE C 818 -46.37 12.65 -2.56
N TYR C 819 -47.05 13.78 -2.76
CA TYR C 819 -46.62 15.05 -2.19
C TYR C 819 -46.65 15.01 -0.66
N TYR C 820 -47.80 14.64 -0.08
CA TYR C 820 -47.98 14.70 1.36
C TYR C 820 -47.13 13.67 2.10
N TYR C 821 -46.74 12.59 1.44
CA TYR C 821 -45.99 11.54 2.11
C TYR C 821 -44.53 11.51 1.73
N ILE C 822 -44.09 12.32 0.77
CA ILE C 822 -42.67 12.37 0.46
C ILE C 822 -42.12 13.77 0.60
N VAL C 823 -42.73 14.75 -0.10
CA VAL C 823 -42.10 16.05 -0.23
C VAL C 823 -42.23 16.86 1.06
N ILE C 824 -43.40 16.78 1.71
CA ILE C 824 -43.60 17.47 2.99
C ILE C 824 -42.70 16.93 4.11
N PRO C 825 -42.60 15.61 4.37
CA PRO C 825 -41.71 15.18 5.45
C PRO C 825 -40.23 15.22 5.08
N ALA C 826 -39.87 15.35 3.81
CA ALA C 826 -38.47 15.52 3.47
C ALA C 826 -37.99 16.94 3.76
N PHE C 827 -38.87 17.93 3.60
CA PHE C 827 -38.50 19.32 3.81
C PHE C 827 -38.73 19.76 5.25
N SER C 828 -39.87 19.41 5.84
CA SER C 828 -40.13 19.80 7.22
C SER C 828 -39.35 18.95 8.21
N ARG C 829 -39.07 17.70 7.86
CA ARG C 829 -38.30 16.74 8.67
C ARG C 829 -38.94 16.51 10.04
N GLY C 830 -40.21 16.15 10.01
CA GLY C 830 -40.92 15.80 11.22
C GLY C 830 -41.32 16.95 12.10
N SER C 831 -41.20 18.19 11.63
CA SER C 831 -41.56 19.36 12.43
C SER C 831 -42.96 19.87 12.16
N CYS C 832 -43.54 19.55 11.01
CA CYS C 832 -44.89 20.00 10.69
C CYS C 832 -45.91 19.16 11.45
N CYS C 833 -47.05 19.78 11.76
CA CYS C 833 -48.09 19.14 12.53
C CYS C 833 -49.45 19.46 11.92
N THR C 834 -50.31 18.45 11.81
CA THR C 834 -51.63 18.65 11.25
C THR C 834 -52.61 19.15 12.31
N MET C 835 -53.33 20.23 12.00
CA MET C 835 -54.40 20.71 12.86
C MET C 835 -55.65 21.03 12.06
N GLY C 836 -56.78 21.04 12.75
CA GLY C 836 -58.02 21.53 12.20
C GLY C 836 -58.17 23.02 12.39
N VAL C 837 -59.39 23.51 12.20
CA VAL C 837 -59.69 24.93 12.24
C VAL C 837 -60.95 25.17 13.06
N ARG C 838 -61.10 26.42 13.52
CA ARG C 838 -62.28 26.89 14.23
C ARG C 838 -62.98 27.90 13.32
N TYR C 839 -63.94 27.42 12.53
CA TYR C 839 -64.59 28.28 11.55
C TYR C 839 -65.55 29.27 12.21
N ASP C 840 -66.09 28.93 13.39
CA ASP C 840 -66.95 29.87 14.10
C ASP C 840 -66.17 31.02 14.73
N ARG C 841 -64.85 30.89 14.86
CA ARG C 841 -63.99 31.98 15.28
C ARG C 841 -63.21 32.60 14.12
N LEU C 842 -63.33 32.05 12.90
CA LEU C 842 -62.55 32.52 11.77
C LEU C 842 -63.38 33.33 10.79
N TYR C 843 -64.60 32.86 10.50
CA TYR C 843 -65.49 33.59 9.58
C TYR C 843 -65.93 34.96 10.10
N PRO C 844 -66.32 35.16 11.38
CA PRO C 844 -66.57 36.55 11.82
C PRO C 844 -65.33 37.43 11.84
N ALA C 845 -64.13 36.85 11.90
CA ALA C 845 -62.91 37.63 11.76
C ALA C 845 -62.57 37.95 10.31
N LEU C 846 -63.32 37.38 9.36
CA LEU C 846 -63.13 37.64 7.94
C LEU C 846 -64.18 38.61 7.39
N GLN C 847 -65.18 38.97 8.18
CA GLN C 847 -66.27 39.84 7.76
C GLN C 847 -65.88 41.30 7.70
N ALA C 848 -64.79 41.69 8.37
CA ALA C 848 -64.47 43.11 8.59
C ALA C 848 -63.43 43.56 7.58
N VAL C 849 -63.91 44.18 6.49
CA VAL C 849 -63.06 44.81 5.49
C VAL C 849 -63.37 46.30 5.49
N ILE C 850 -62.33 47.12 5.43
CA ILE C 850 -62.45 48.55 5.69
C ILE C 850 -62.08 49.22 4.36
N VAL C 851 -62.52 48.60 3.26
CA VAL C 851 -62.31 49.21 1.94
C VAL C 851 -63.11 50.50 1.86
N PRO C 852 -62.48 51.64 1.58
CA PRO C 852 -63.17 52.93 1.63
C PRO C 852 -63.98 53.17 0.37
N GLU C 853 -64.58 54.37 0.32
CA GLU C 853 -65.47 54.76 -0.77
C GLU C 853 -64.71 55.73 -1.67
N ILE C 854 -64.09 55.19 -2.71
CA ILE C 854 -63.40 56.04 -3.70
C ILE C 854 -64.43 56.73 -4.57
N PRO C 855 -64.31 58.05 -4.81
CA PRO C 855 -65.33 58.75 -5.60
C PRO C 855 -65.28 58.37 -7.07
N ALA C 856 -66.36 58.69 -7.77
CA ALA C 856 -66.46 58.40 -9.20
C ALA C 856 -65.51 59.29 -10.00
N ASP C 857 -65.10 58.76 -11.16
CA ASP C 857 -64.12 59.38 -12.06
C ASP C 857 -62.81 59.70 -11.34
N GLU C 858 -62.36 58.77 -10.50
CA GLU C 858 -61.11 58.89 -9.76
C GLU C 858 -60.30 57.61 -9.93
N GLU C 859 -58.98 57.77 -9.93
CA GLU C 859 -58.07 56.66 -10.13
C GLU C 859 -57.87 55.88 -8.84
N ALA C 860 -57.73 54.56 -8.96
CA ALA C 860 -57.54 53.71 -7.79
C ALA C 860 -56.14 53.92 -7.22
N PRO C 861 -56.00 54.13 -5.91
CA PRO C 861 -54.68 54.34 -5.33
C PRO C 861 -53.87 53.06 -5.27
N THR C 862 -52.56 53.20 -5.50
CA THR C 862 -51.64 52.07 -5.46
C THR C 862 -50.75 52.09 -4.22
N THR C 863 -50.03 53.19 -4.00
CA THR C 863 -49.15 53.28 -2.85
C THR C 863 -49.95 53.49 -1.57
N PRO C 864 -49.51 52.94 -0.44
CA PRO C 864 -50.27 53.07 0.80
C PRO C 864 -50.04 54.37 1.58
N GLU C 865 -49.45 55.40 0.98
CA GLU C 865 -49.22 56.64 1.69
C GLU C 865 -50.39 57.62 1.60
N ASP C 866 -51.33 57.40 0.67
CA ASP C 866 -52.49 58.28 0.57
C ASP C 866 -53.60 57.79 1.49
N PRO C 867 -54.47 58.69 1.98
CA PRO C 867 -55.59 58.25 2.85
C PRO C 867 -56.61 57.37 2.14
N ARG C 868 -56.67 57.37 0.81
CA ARG C 868 -57.63 56.56 0.08
C ARG C 868 -57.23 55.08 0.01
N HIS C 869 -56.00 54.75 0.36
CA HIS C 869 -55.58 53.35 0.38
C HIS C 869 -56.22 52.63 1.57
N PRO C 870 -56.67 51.39 1.39
CA PRO C 870 -57.30 50.67 2.51
C PRO C 870 -56.33 50.27 3.61
N LEU C 871 -55.04 50.18 3.32
CA LEU C 871 -54.03 49.83 4.33
C LEU C 871 -53.29 51.05 4.85
N HIS C 872 -53.77 52.25 4.54
CA HIS C 872 -53.24 53.46 5.15
C HIS C 872 -53.60 53.49 6.64
N ALA C 873 -52.75 54.17 7.43
CA ALA C 873 -52.88 54.18 8.88
C ALA C 873 -54.18 54.81 9.37
N HIS C 874 -54.83 55.62 8.55
CA HIS C 874 -56.15 56.15 8.90
C HIS C 874 -57.21 55.06 8.96
N GLN C 875 -57.09 54.02 8.12
CA GLN C 875 -58.07 52.95 8.06
C GLN C 875 -57.58 51.66 8.72
N LEU C 876 -56.61 51.77 9.62
CA LEU C 876 -56.14 50.62 10.41
C LEU C 876 -56.87 50.57 11.76
N VAL C 877 -58.19 50.51 11.67
CA VAL C 877 -59.04 50.29 12.85
C VAL C 877 -58.80 48.88 13.38
N PRO C 878 -58.70 48.68 14.69
CA PRO C 878 -58.41 47.34 15.22
C PRO C 878 -59.53 46.35 14.98
N ASN C 879 -59.15 45.06 14.99
CA ASN C 879 -60.05 43.91 14.86
C ASN C 879 -60.80 43.92 13.53
N SER C 880 -60.04 44.21 12.47
CA SER C 880 -60.52 44.11 11.10
C SER C 880 -59.56 43.22 10.33
N LEU C 881 -59.73 43.14 9.01
CA LEU C 881 -58.77 42.43 8.18
C LEU C 881 -57.60 43.30 7.77
N ASN C 882 -57.73 44.62 7.91
CA ASN C 882 -56.66 45.52 7.50
C ASN C 882 -55.46 45.42 8.43
N VAL C 883 -55.71 45.29 9.74
CA VAL C 883 -54.64 45.03 10.69
C VAL C 883 -54.02 43.65 10.44
N TYR C 884 -54.85 42.68 10.03
CA TYR C 884 -54.35 41.34 9.69
C TYR C 884 -53.38 41.38 8.52
N PHE C 885 -53.71 42.13 7.48
CA PHE C 885 -52.80 42.24 6.34
C PHE C 885 -51.62 43.17 6.62
N HIS C 886 -51.79 44.13 7.53
CA HIS C 886 -50.70 45.04 7.85
C HIS C 886 -49.66 44.39 8.75
N ASN C 887 -50.07 43.39 9.54
CA ASN C 887 -49.12 42.66 10.38
C ASN C 887 -48.14 41.86 9.52
N ALA C 888 -48.60 41.32 8.40
CA ALA C 888 -47.75 40.56 7.50
C ALA C 888 -46.99 41.45 6.51
N HIS C 889 -47.23 42.77 6.55
CA HIS C 889 -46.57 43.76 5.68
C HIS C 889 -46.78 43.46 4.20
N LEU C 890 -47.97 43.01 3.85
CA LEU C 890 -48.36 42.74 2.47
C LEU C 890 -49.42 43.73 2.02
N THR C 891 -49.16 44.39 0.89
CA THR C 891 -50.02 45.46 0.39
C THR C 891 -51.03 44.90 -0.58
N VAL C 892 -52.30 45.29 -0.42
CA VAL C 892 -53.39 44.85 -1.28
C VAL C 892 -54.23 46.06 -1.67
N ASP C 893 -55.05 45.88 -2.69
CA ASP C 893 -55.93 46.92 -3.20
C ASP C 893 -57.33 46.77 -2.58
N GLY C 894 -58.28 47.54 -3.13
CA GLY C 894 -59.63 47.50 -2.60
C GLY C 894 -60.44 46.32 -3.11
N ASP C 895 -60.42 46.10 -4.43
CA ASP C 895 -61.20 45.03 -5.03
C ASP C 895 -60.64 43.66 -4.69
N ALA C 896 -59.32 43.57 -4.45
CA ALA C 896 -58.73 42.32 -3.99
C ALA C 896 -59.25 41.94 -2.61
N LEU C 897 -59.51 42.93 -1.75
CA LEU C 897 -60.18 42.66 -0.49
C LEU C 897 -61.67 42.45 -0.67
N LEU C 898 -62.29 43.05 -1.68
CA LEU C 898 -63.72 42.91 -1.89
C LEU C 898 -64.10 41.59 -2.55
N THR C 899 -63.13 40.86 -3.09
CA THR C 899 -63.39 39.52 -3.63
C THR C 899 -63.69 38.49 -2.55
N LEU C 900 -63.48 38.83 -1.27
CA LEU C 900 -63.83 37.94 -0.16
C LEU C 900 -65.32 37.67 -0.12
N GLN C 901 -66.15 38.65 -0.50
CA GLN C 901 -67.59 38.45 -0.54
C GLN C 901 -68.00 37.44 -1.61
N GLU C 902 -67.30 37.45 -2.75
CA GLU C 902 -67.56 36.44 -3.78
C GLU C 902 -67.04 35.07 -3.36
N LEU C 903 -65.96 35.04 -2.59
CA LEU C 903 -65.46 33.79 -2.02
C LEU C 903 -66.44 33.23 -0.99
N MET C 904 -67.17 34.11 -0.31
CA MET C 904 -68.01 33.77 0.84
C MET C 904 -69.27 32.99 0.46
N GLY C 905 -69.56 32.84 -0.84
CA GLY C 905 -70.75 32.07 -1.25
C GLY C 905 -70.67 30.59 -0.91
N ASP C 906 -69.48 30.02 -0.97
CA ASP C 906 -69.24 28.65 -0.53
C ASP C 906 -68.40 28.69 0.73
N MET C 907 -68.74 27.84 1.70
CA MET C 907 -68.07 27.82 2.98
C MET C 907 -67.72 26.39 3.37
N ALA C 908 -67.15 26.25 4.56
CA ALA C 908 -66.91 24.97 5.20
C ALA C 908 -67.36 25.08 6.65
N GLU C 909 -68.07 24.06 7.13
CA GLU C 909 -68.67 24.15 8.46
C GLU C 909 -67.65 23.93 9.56
N ARG C 910 -67.06 22.74 9.61
CA ARG C 910 -66.11 22.40 10.66
C ARG C 910 -65.23 21.25 10.17
N THR C 911 -64.12 21.05 10.88
CA THR C 911 -63.26 19.91 10.61
C THR C 911 -63.70 18.69 11.41
N THR C 912 -63.58 17.52 10.79
CA THR C 912 -63.98 16.28 11.42
C THR C 912 -62.94 15.20 11.15
N ALA C 913 -62.92 14.19 12.01
CA ALA C 913 -61.96 13.10 11.92
C ALA C 913 -62.60 11.93 11.19
N ILE C 914 -61.97 11.50 10.10
CA ILE C 914 -62.42 10.35 9.32
C ILE C 914 -61.45 9.20 9.58
N LEU C 915 -61.95 8.12 10.17
CA LEU C 915 -61.15 6.94 10.44
C LEU C 915 -61.61 5.84 9.48
N VAL C 916 -60.77 5.51 8.51
CA VAL C 916 -61.09 4.48 7.53
C VAL C 916 -60.46 3.17 7.99
N SER C 917 -60.96 2.06 7.43
CA SER C 917 -60.50 0.74 7.79
C SER C 917 -60.71 -0.19 6.61
N SER C 918 -59.80 -1.14 6.44
CA SER C 918 -59.89 -2.09 5.34
C SER C 918 -59.08 -3.32 5.67
N ALA C 919 -59.39 -4.41 4.98
CA ALA C 919 -58.61 -5.63 4.99
C ALA C 919 -57.37 -5.45 4.12
N PRO C 920 -56.34 -6.28 4.29
CA PRO C 920 -55.19 -6.21 3.37
C PRO C 920 -55.56 -6.65 1.96
N ASP C 921 -54.72 -6.28 1.01
CA ASP C 921 -55.01 -6.43 -0.41
C ASP C 921 -55.02 -7.91 -0.81
N ALA C 922 -55.42 -8.15 -2.07
CA ALA C 922 -55.63 -9.50 -2.55
C ALA C 922 -54.33 -10.29 -2.69
N GLY C 923 -53.18 -9.62 -2.74
CA GLY C 923 -51.92 -10.33 -2.77
C GLY C 923 -51.61 -11.04 -1.46
N ALA C 924 -51.95 -10.42 -0.34
CA ALA C 924 -51.62 -10.96 0.99
C ALA C 924 -52.86 -11.34 1.78
N ALA C 925 -53.99 -11.58 1.12
CA ALA C 925 -55.23 -11.95 1.81
C ALA C 925 -55.35 -13.47 1.85
N THR C 926 -54.69 -14.06 2.84
CA THR C 926 -54.84 -15.48 3.11
C THR C 926 -56.02 -15.66 4.08
N ALA C 927 -56.21 -16.90 4.57
CA ALA C 927 -57.37 -17.20 5.39
C ALA C 927 -57.28 -16.65 6.81
N THR C 928 -56.11 -16.19 7.24
CA THR C 928 -55.95 -15.67 8.59
C THR C 928 -55.62 -14.19 8.67
N THR C 929 -55.20 -13.57 7.56
CA THR C 929 -54.91 -12.15 7.56
C THR C 929 -56.13 -11.28 7.25
N ARG C 930 -57.27 -11.90 6.92
CA ARG C 930 -58.49 -11.11 6.71
C ARG C 930 -59.06 -10.61 8.02
N ASN C 931 -58.75 -11.28 9.14
CA ASN C 931 -59.17 -10.79 10.45
C ASN C 931 -58.39 -9.55 10.84
N MET C 932 -57.11 -9.49 10.48
CA MET C 932 -56.31 -8.31 10.74
C MET C 932 -56.73 -7.17 9.81
N ARG C 933 -56.87 -5.97 10.38
CA ARG C 933 -57.31 -4.81 9.63
C ARG C 933 -56.31 -3.68 9.84
N ILE C 934 -56.38 -2.67 8.97
CA ILE C 934 -55.52 -1.50 9.05
C ILE C 934 -56.39 -0.27 9.26
N TYR C 935 -56.13 0.45 10.34
CA TYR C 935 -56.86 1.67 10.68
C TYR C 935 -55.92 2.86 10.58
N ASP C 936 -56.25 3.80 9.71
CA ASP C 936 -55.49 5.04 9.57
C ASP C 936 -56.45 6.20 9.38
N GLY C 937 -56.32 7.20 10.24
CA GLY C 937 -57.25 8.31 10.24
C GLY C 937 -56.81 9.49 9.40
N ALA C 938 -57.76 10.34 9.04
CA ALA C 938 -57.47 11.54 8.27
C ALA C 938 -58.39 12.66 8.72
N LEU C 939 -57.94 13.89 8.53
CA LEU C 939 -58.69 15.07 8.95
C LEU C 939 -59.35 15.69 7.73
N TYR C 940 -60.68 15.70 7.71
CA TYR C 940 -61.42 16.43 6.70
C TYR C 940 -61.36 17.92 7.02
N HIS C 941 -61.00 18.73 6.01
CA HIS C 941 -60.82 20.18 6.14
C HIS C 941 -59.81 20.54 7.23
N GLY C 942 -58.73 19.77 7.30
CA GLY C 942 -57.66 20.06 8.24
C GLY C 942 -56.69 21.10 7.70
N LEU C 943 -55.51 21.16 8.31
CA LEU C 943 -54.46 22.06 7.88
C LEU C 943 -53.13 21.48 8.31
N ILE C 944 -52.05 22.15 7.91
CA ILE C 944 -50.68 21.85 8.33
C ILE C 944 -49.98 23.19 8.50
N MET C 945 -49.26 23.38 9.60
CA MET C 945 -48.32 24.50 9.67
C MET C 945 -46.90 23.98 9.55
N MET C 946 -46.06 24.73 8.84
CA MET C 946 -44.69 24.32 8.60
C MET C 946 -43.86 24.38 9.88
N ALA C 947 -43.99 25.47 10.63
CA ALA C 947 -43.28 25.64 11.89
C ALA C 947 -44.19 26.38 12.86
N TYR C 948 -43.90 26.22 14.15
CA TYR C 948 -44.73 26.78 15.21
C TYR C 948 -44.02 27.97 15.84
N GLN C 949 -44.74 29.09 15.96
CA GLN C 949 -44.28 30.25 16.70
C GLN C 949 -45.05 30.32 18.02
N ALA C 950 -44.32 30.47 19.12
CA ALA C 950 -44.91 30.52 20.45
C ALA C 950 -44.72 31.86 21.13
N TYR C 951 -43.86 32.73 20.60
CA TYR C 951 -43.57 34.02 21.21
C TYR C 951 -44.10 35.18 20.38
N ASP C 952 -45.11 34.92 19.54
CA ASP C 952 -45.77 35.96 18.76
C ASP C 952 -47.12 36.23 19.43
N GLU C 953 -47.23 37.41 20.06
CA GLU C 953 -48.38 37.74 20.88
C GLU C 953 -49.39 38.64 20.19
N THR C 954 -49.23 38.88 18.89
CA THR C 954 -50.22 39.68 18.17
C THR C 954 -51.52 38.89 17.96
N ILE C 955 -51.43 37.57 17.95
CA ILE C 955 -52.59 36.68 17.89
C ILE C 955 -52.51 35.75 19.09
N ALA C 956 -53.61 35.66 19.86
CA ALA C 956 -53.64 34.78 21.02
C ALA C 956 -53.59 33.32 20.58
N THR C 957 -52.98 32.50 21.43
CA THR C 957 -52.79 31.09 21.10
C THR C 957 -54.10 30.33 21.12
N GLY C 958 -54.26 29.41 20.17
CA GLY C 958 -55.46 28.61 20.07
C GLY C 958 -56.69 29.35 19.62
N THR C 959 -56.52 30.50 18.96
CA THR C 959 -57.69 31.26 18.52
C THR C 959 -58.34 30.63 17.30
N PHE C 960 -57.53 30.09 16.39
CA PHE C 960 -58.04 29.55 15.13
C PHE C 960 -57.77 28.07 14.96
N PHE C 961 -56.57 27.60 15.28
CA PHE C 961 -56.16 26.23 15.02
C PHE C 961 -55.84 25.52 16.33
N TYR C 962 -56.24 24.25 16.42
CA TYR C 962 -55.99 23.41 17.58
C TYR C 962 -55.41 22.08 17.13
N PRO C 963 -54.34 21.61 17.78
CA PRO C 963 -53.55 20.50 17.21
C PRO C 963 -54.24 19.15 17.33
N VAL C 964 -54.50 18.54 16.19
CA VAL C 964 -55.01 17.17 16.10
C VAL C 964 -54.07 16.41 15.18
N PRO C 965 -52.92 15.93 15.67
CA PRO C 965 -51.94 15.31 14.77
C PRO C 965 -52.26 13.85 14.50
N VAL C 966 -52.39 13.49 13.22
CA VAL C 966 -52.51 12.08 12.86
C VAL C 966 -51.51 11.70 11.78
N ASN C 967 -50.30 11.32 12.23
CA ASN C 967 -49.26 10.50 11.61
C ASN C 967 -48.09 10.41 12.59
N PRO C 968 -47.29 9.35 12.53
CA PRO C 968 -45.95 9.44 13.13
C PRO C 968 -45.07 10.50 12.46
N LEU C 969 -45.26 10.72 11.15
CA LEU C 969 -44.51 11.76 10.46
C LEU C 969 -44.92 13.15 10.91
N PHE C 970 -46.22 13.37 11.07
CA PHE C 970 -46.77 14.69 11.36
C PHE C 970 -46.99 14.91 12.85
N ALA C 971 -46.30 14.17 13.70
CA ALA C 971 -46.37 14.40 15.13
C ALA C 971 -45.69 15.71 15.48
N CYS C 972 -46.05 16.27 16.63
CA CYS C 972 -45.66 17.63 16.98
C CYS C 972 -45.51 17.75 18.49
N PRO C 973 -44.28 17.67 19.00
CA PRO C 973 -44.07 17.92 20.44
C PRO C 973 -44.13 19.39 20.80
N GLU C 974 -44.00 20.30 19.83
CA GLU C 974 -43.99 21.73 20.09
C GLU C 974 -45.32 22.41 19.79
N HIS C 975 -46.10 21.88 18.84
CA HIS C 975 -47.34 22.52 18.44
C HIS C 975 -48.47 22.29 19.45
N LEU C 976 -48.26 21.42 20.45
CA LEU C 976 -49.26 21.15 21.46
C LEU C 976 -49.44 22.30 22.45
N ALA C 977 -48.56 23.30 22.43
CA ALA C 977 -48.78 24.50 23.24
C ALA C 977 -49.96 25.30 22.71
N SER C 978 -50.30 25.15 21.43
CA SER C 978 -51.48 25.79 20.86
C SER C 978 -52.78 25.20 21.41
N LEU C 979 -52.74 23.98 21.93
CA LEU C 979 -53.92 23.39 22.55
C LEU C 979 -54.23 24.09 23.87
N ARG C 980 -55.52 24.24 24.14
CA ARG C 980 -55.96 24.91 25.36
C ARG C 980 -55.73 24.02 26.57
N GLY C 981 -55.17 24.60 27.63
CA GLY C 981 -54.91 23.87 28.85
C GLY C 981 -53.80 22.84 28.74
N MET C 982 -52.57 23.32 28.54
CA MET C 982 -51.40 22.46 28.41
C MET C 982 -50.44 22.69 29.57
N THR C 983 -49.96 21.61 30.16
CA THR C 983 -48.99 21.66 31.24
C THR C 983 -47.64 21.17 30.74
N ASN C 984 -46.60 21.45 31.55
CA ASN C 984 -45.24 21.06 31.17
C ASN C 984 -45.03 19.56 31.33
N ALA C 985 -45.78 18.92 32.23
CA ALA C 985 -45.69 17.47 32.39
C ALA C 985 -46.14 16.74 31.13
N ARG C 986 -47.23 17.20 30.51
CA ARG C 986 -47.65 16.65 29.24
C ARG C 986 -46.67 16.98 28.12
N ARG C 987 -45.97 18.12 28.26
CA ARG C 987 -44.98 18.51 27.26
C ARG C 987 -43.77 17.59 27.28
N VAL C 988 -43.32 17.20 28.48
CA VAL C 988 -42.22 16.24 28.54
C VAL C 988 -42.71 14.81 28.37
N LEU C 989 -44.02 14.59 28.50
CA LEU C 989 -44.57 13.27 28.18
C LEU C 989 -44.66 13.07 26.67
N ALA C 990 -44.94 14.14 25.93
CA ALA C 990 -45.05 14.03 24.47
C ALA C 990 -43.71 14.20 23.77
N LYS C 991 -42.65 14.56 24.50
CA LYS C 991 -41.33 14.69 23.89
C LYS C 991 -40.75 13.35 23.49
N MET C 992 -41.09 12.27 24.20
CA MET C 992 -40.58 10.94 23.92
C MET C 992 -41.54 10.07 23.14
N VAL C 993 -42.85 10.34 23.18
CA VAL C 993 -43.86 9.53 22.54
C VAL C 993 -44.69 10.43 21.64
N PRO C 994 -44.88 10.08 20.37
CA PRO C 994 -45.73 10.88 19.49
C PRO C 994 -47.21 10.71 19.85
N PRO C 995 -47.90 11.81 20.19
CA PRO C 995 -49.31 11.70 20.59
C PRO C 995 -50.24 11.59 19.38
N ILE C 996 -50.74 10.37 19.15
CA ILE C 996 -51.76 10.12 18.14
C ILE C 996 -52.98 9.59 18.88
N PRO C 997 -54.14 10.25 18.79
CA PRO C 997 -55.29 9.80 19.56
C PRO C 997 -55.86 8.51 19.01
N PRO C 998 -56.49 7.69 19.86
CA PRO C 998 -56.97 6.38 19.39
C PRO C 998 -58.23 6.44 18.54
N PHE C 999 -58.89 7.58 18.40
CA PHE C 999 -59.97 7.67 17.43
C PHE C 999 -59.46 8.04 16.04
N LEU C 1000 -58.14 8.06 15.86
CA LEU C 1000 -57.50 8.30 14.57
C LEU C 1000 -56.47 7.23 14.24
N GLY C 1001 -56.61 6.04 14.80
CA GLY C 1001 -55.69 4.94 14.53
C GLY C 1001 -54.55 4.88 15.54
N ALA C 1002 -53.99 3.69 15.66
CA ALA C 1002 -52.85 3.43 16.53
C ALA C 1002 -51.61 3.16 15.69
N ASN C 1003 -50.46 3.09 16.37
CA ASN C 1003 -49.19 2.90 15.66
C ASN C 1003 -49.07 1.49 15.09
N HIS C 1004 -49.45 0.48 15.86
CA HIS C 1004 -49.28 -0.90 15.44
C HIS C 1004 -50.41 -1.38 14.54
N HIS C 1005 -51.43 -0.55 14.28
CA HIS C 1005 -52.50 -0.91 13.38
C HIS C 1005 -52.53 -0.08 12.10
N ALA C 1006 -51.75 0.99 12.02
CA ALA C 1006 -51.78 1.85 10.85
C ALA C 1006 -50.85 1.32 9.75
N THR C 1007 -50.78 2.08 8.66
CA THR C 1007 -49.91 1.76 7.53
C THR C 1007 -48.57 2.49 7.62
N ILE C 1008 -48.59 3.78 7.95
CA ILE C 1008 -47.38 4.55 8.19
C ILE C 1008 -47.07 4.45 9.68
N ARG C 1009 -45.89 3.94 10.02
CA ARG C 1009 -45.55 3.64 11.40
C ARG C 1009 -44.34 4.44 11.85
N GLN C 1010 -43.84 4.11 13.04
CA GLN C 1010 -42.74 4.83 13.66
C GLN C 1010 -41.41 4.79 12.90
N PRO C 1011 -40.92 3.65 12.34
CA PRO C 1011 -39.58 3.67 11.71
C PRO C 1011 -39.44 4.61 10.52
N VAL C 1012 -40.49 4.82 9.72
CA VAL C 1012 -40.35 5.76 8.61
C VAL C 1012 -40.29 7.20 9.13
N ALA C 1013 -40.95 7.50 10.26
CA ALA C 1013 -40.82 8.82 10.86
C ALA C 1013 -39.44 9.02 11.47
N TYR C 1014 -38.87 7.95 12.05
CA TYR C 1014 -37.50 8.01 12.55
C TYR C 1014 -36.52 8.19 11.39
N HIS C 1015 -36.86 7.64 10.21
CA HIS C 1015 -36.01 7.85 9.05
C HIS C 1015 -36.11 9.27 8.53
N VAL C 1016 -37.30 9.87 8.56
CA VAL C 1016 -37.39 11.26 8.07
C VAL C 1016 -36.86 12.27 9.08
N THR C 1017 -36.75 11.92 10.36
CA THR C 1017 -36.33 12.93 11.32
C THR C 1017 -34.89 12.77 11.82
N HIS C 1018 -34.26 11.60 11.63
CA HIS C 1018 -32.86 11.39 11.98
C HIS C 1018 -32.01 10.97 10.78
N SER C 1019 -32.21 11.61 9.63
CA SER C 1019 -31.35 11.41 8.47
C SER C 1019 -30.87 12.76 7.97
N LYS C 1020 -29.56 12.87 7.74
CA LYS C 1020 -28.96 14.06 7.16
C LYS C 1020 -28.14 13.61 5.95
N SER C 1021 -28.80 13.45 4.81
CA SER C 1021 -28.12 13.09 3.57
C SER C 1021 -28.22 14.18 2.51
N ASP C 1022 -29.44 14.55 2.11
CA ASP C 1022 -29.70 15.51 1.04
C ASP C 1022 -31.19 15.82 1.07
N PHE C 1023 -31.64 16.61 0.09
CA PHE C 1023 -33.06 16.87 -0.10
C PHE C 1023 -33.63 16.23 -1.37
N ASN C 1024 -32.78 15.63 -2.20
CA ASN C 1024 -33.22 14.83 -3.33
C ASN C 1024 -33.07 13.34 -3.09
N THR C 1025 -31.99 12.92 -2.44
CA THR C 1025 -31.82 11.50 -2.13
C THR C 1025 -32.76 11.06 -1.02
N LEU C 1026 -33.16 11.97 -0.14
CA LEU C 1026 -34.14 11.64 0.89
C LEU C 1026 -35.49 11.32 0.30
N THR C 1027 -35.90 12.05 -0.74
CA THR C 1027 -37.19 11.81 -1.38
C THR C 1027 -37.22 10.45 -2.08
N TYR C 1028 -36.15 10.10 -2.79
CA TYR C 1028 -36.12 8.80 -3.46
C TYR C 1028 -35.94 7.66 -2.47
N SER C 1029 -35.25 7.91 -1.36
CA SER C 1029 -35.17 6.91 -0.29
C SER C 1029 -36.53 6.68 0.35
N LEU C 1030 -37.30 7.75 0.53
CA LEU C 1030 -38.66 7.63 1.06
C LEU C 1030 -39.58 6.91 0.09
N LEU C 1031 -39.37 7.13 -1.20
CA LEU C 1031 -40.16 6.40 -2.20
C LEU C 1031 -39.79 4.92 -2.20
N GLY C 1032 -38.50 4.60 -2.06
CA GLY C 1032 -38.10 3.22 -1.96
C GLY C 1032 -38.55 2.55 -0.68
N GLY C 1033 -38.79 3.34 0.36
CA GLY C 1033 -39.36 2.78 1.58
C GLY C 1033 -40.83 2.45 1.43
N TYR C 1034 -41.52 3.11 0.50
CA TYR C 1034 -42.96 2.91 0.31
C TYR C 1034 -43.27 1.85 -0.75
N PHE C 1035 -42.67 0.67 -0.58
CA PHE C 1035 -42.94 -0.48 -1.42
C PHE C 1035 -43.42 -1.61 -0.52
N LYS C 1036 -44.42 -2.37 -0.99
CA LYS C 1036 -45.03 -3.36 -0.12
C LYS C 1036 -44.14 -4.59 0.05
N PHE C 1037 -44.33 -5.28 1.17
CA PHE C 1037 -43.72 -6.57 1.43
C PHE C 1037 -44.68 -7.72 1.17
N THR C 1038 -45.79 -7.44 0.49
CA THR C 1038 -46.68 -8.48 -0.01
C THR C 1038 -45.93 -9.36 -1.01
N PRO C 1039 -46.14 -10.69 -0.98
CA PRO C 1039 -45.43 -11.58 -1.91
C PRO C 1039 -45.67 -11.29 -3.39
N ILE C 1040 -46.82 -10.72 -3.76
CA ILE C 1040 -46.99 -10.26 -5.14
C ILE C 1040 -46.10 -9.04 -5.40
N SER C 1041 -46.05 -8.12 -4.43
CA SER C 1041 -45.15 -6.98 -4.57
C SER C 1041 -43.69 -7.41 -4.47
N LEU C 1042 -43.41 -8.44 -3.68
CA LEU C 1042 -42.06 -9.00 -3.64
C LEU C 1042 -41.69 -9.63 -4.97
N THR C 1043 -42.65 -10.27 -5.63
CA THR C 1043 -42.45 -10.78 -6.98
C THR C 1043 -42.14 -9.66 -7.96
N HIS C 1044 -42.87 -8.55 -7.86
CA HIS C 1044 -42.63 -7.38 -8.71
C HIS C 1044 -41.24 -6.80 -8.48
N GLN C 1045 -40.84 -6.67 -7.23
CA GLN C 1045 -39.55 -6.06 -6.91
C GLN C 1045 -38.38 -6.97 -7.25
N LEU C 1046 -38.55 -8.28 -7.09
CA LEU C 1046 -37.46 -9.19 -7.43
C LEU C 1046 -37.34 -9.39 -8.94
N ARG C 1047 -38.46 -9.27 -9.67
CA ARG C 1047 -38.38 -9.37 -11.12
C ARG C 1047 -37.82 -8.10 -11.73
N THR C 1048 -38.19 -6.93 -11.19
CA THR C 1048 -37.79 -5.67 -11.81
C THR C 1048 -36.30 -5.39 -11.63
N GLY C 1049 -35.79 -5.54 -10.41
CA GLY C 1049 -34.41 -5.21 -10.13
C GLY C 1049 -34.27 -4.47 -8.83
N PHE C 1050 -35.41 -4.27 -8.15
CA PHE C 1050 -35.42 -3.62 -6.86
C PHE C 1050 -34.78 -4.51 -5.80
N HIS C 1051 -34.25 -3.87 -4.76
CA HIS C 1051 -33.65 -4.57 -3.63
C HIS C 1051 -34.52 -4.36 -2.40
N PRO C 1052 -35.35 -5.32 -2.01
CA PRO C 1052 -36.14 -5.17 -0.79
C PRO C 1052 -35.27 -5.24 0.44
N GLY C 1053 -35.79 -4.73 1.55
CA GLY C 1053 -35.03 -4.67 2.79
C GLY C 1053 -34.89 -6.01 3.48
N ILE C 1054 -34.18 -6.94 2.86
CA ILE C 1054 -33.96 -8.27 3.42
C ILE C 1054 -32.73 -8.85 2.77
N ALA C 1055 -32.13 -9.86 3.42
CA ALA C 1055 -30.95 -10.52 2.91
C ALA C 1055 -31.06 -12.02 3.19
N PHE C 1056 -30.32 -12.82 2.42
CA PHE C 1056 -30.43 -14.27 2.47
C PHE C 1056 -29.07 -14.92 2.67
N THR C 1057 -29.10 -16.11 3.27
CA THR C 1057 -27.98 -17.05 3.22
C THR C 1057 -28.39 -18.20 2.33
N VAL C 1058 -27.50 -18.61 1.44
CA VAL C 1058 -27.70 -19.85 0.71
C VAL C 1058 -27.08 -20.97 1.53
N VAL C 1059 -27.67 -22.15 1.42
CA VAL C 1059 -27.10 -23.37 2.00
C VAL C 1059 -27.09 -24.41 0.89
N ARG C 1060 -25.93 -24.99 0.61
CA ARG C 1060 -25.79 -25.91 -0.50
C ARG C 1060 -24.91 -27.08 -0.08
N GLN C 1061 -25.46 -28.28 -0.13
CA GLN C 1061 -24.76 -29.49 0.30
C GLN C 1061 -24.17 -30.19 -0.90
N ASP C 1062 -22.88 -30.54 -0.81
CA ASP C 1062 -22.16 -31.14 -1.91
C ASP C 1062 -21.55 -32.47 -1.49
N ARG C 1063 -21.47 -33.39 -2.43
CA ARG C 1063 -20.88 -34.71 -2.24
C ARG C 1063 -19.53 -34.79 -2.92
N PHE C 1064 -18.65 -35.62 -2.36
CA PHE C 1064 -17.32 -35.83 -2.91
C PHE C 1064 -16.98 -37.31 -2.80
N ALA C 1065 -16.18 -37.80 -3.73
CA ALA C 1065 -15.69 -39.18 -3.68
C ALA C 1065 -14.31 -39.19 -3.04
N THR C 1066 -14.18 -39.93 -1.93
CA THR C 1066 -12.96 -39.92 -1.14
C THR C 1066 -12.42 -41.34 -1.01
N GLU C 1067 -11.10 -41.47 -1.07
CA GLU C 1067 -10.45 -42.75 -0.85
C GLU C 1067 -9.96 -42.81 0.59
N GLN C 1068 -10.43 -43.80 1.34
CA GLN C 1068 -10.20 -43.87 2.77
C GLN C 1068 -8.92 -44.65 3.07
N LEU C 1069 -8.64 -44.80 4.38
CA LEU C 1069 -7.37 -45.37 4.83
C LEU C 1069 -7.66 -46.07 6.16
N LEU C 1070 -7.90 -47.38 6.11
CA LEU C 1070 -8.32 -48.13 7.28
C LEU C 1070 -7.18 -48.96 7.85
N TYR C 1071 -7.04 -48.92 9.17
CA TYR C 1071 -6.06 -49.71 9.90
C TYR C 1071 -6.80 -50.57 10.92
N ALA C 1072 -6.36 -51.82 11.07
CA ALA C 1072 -6.97 -52.74 12.02
C ALA C 1072 -5.88 -53.46 12.80
N GLU C 1073 -6.14 -53.71 14.08
CA GLU C 1073 -5.15 -54.35 14.94
C GLU C 1073 -5.15 -55.86 14.72
N ARG C 1074 -4.32 -56.56 15.50
CA ARG C 1074 -4.12 -58.00 15.32
C ARG C 1074 -5.31 -58.81 15.79
N ALA C 1075 -5.65 -58.73 17.07
CA ALA C 1075 -6.78 -59.49 17.61
C ALA C 1075 -8.03 -58.62 17.63
N SER C 1076 -8.33 -58.00 16.49
CA SER C 1076 -9.41 -57.03 16.44
C SER C 1076 -10.78 -57.67 16.50
N GLU C 1077 -10.96 -58.87 15.96
CA GLU C 1077 -12.27 -59.51 15.97
C GLU C 1077 -12.14 -61.00 16.22
N SER C 1078 -13.21 -61.58 16.75
CA SER C 1078 -13.40 -63.02 16.79
C SER C 1078 -14.52 -63.37 15.83
N TYR C 1079 -14.24 -64.26 14.87
CA TYR C 1079 -15.14 -64.51 13.75
C TYR C 1079 -15.52 -65.99 13.76
N PHE C 1080 -16.79 -66.27 14.01
CA PHE C 1080 -17.29 -67.63 14.10
C PHE C 1080 -17.97 -68.02 12.80
N VAL C 1081 -17.63 -69.20 12.28
CA VAL C 1081 -18.12 -69.68 10.99
C VAL C 1081 -19.01 -70.89 11.25
N GLY C 1082 -20.23 -70.85 10.72
CA GLY C 1082 -21.18 -71.91 10.92
C GLY C 1082 -21.07 -73.05 9.93
N GLN C 1083 -22.22 -73.60 9.52
CA GLN C 1083 -22.28 -74.68 8.55
C GLN C 1083 -23.26 -74.31 7.45
N ILE C 1084 -22.97 -74.77 6.25
CA ILE C 1084 -23.68 -74.32 5.06
C ILE C 1084 -24.82 -75.29 4.72
N GLN C 1085 -26.00 -74.73 4.51
CA GLN C 1085 -27.16 -75.49 4.05
C GLN C 1085 -27.67 -74.86 2.76
N VAL C 1086 -28.40 -75.67 1.98
CA VAL C 1086 -28.88 -75.25 0.66
C VAL C 1086 -30.39 -75.03 0.72
N HIS C 1087 -30.87 -74.19 -0.20
CA HIS C 1087 -32.28 -73.96 -0.42
C HIS C 1087 -32.61 -74.23 -1.89
N HIS C 1088 -33.81 -74.72 -2.14
CA HIS C 1088 -34.21 -75.14 -3.48
C HIS C 1088 -35.54 -74.49 -3.86
N HIS C 1089 -35.57 -73.88 -5.04
CA HIS C 1089 -36.81 -73.34 -5.60
C HIS C 1089 -36.67 -73.29 -7.11
N ASP C 1090 -37.82 -73.21 -7.79
CA ASP C 1090 -37.84 -73.18 -9.24
C ASP C 1090 -37.54 -71.77 -9.77
N ALA C 1091 -37.16 -71.70 -11.03
CA ALA C 1091 -36.85 -70.45 -11.69
C ALA C 1091 -37.51 -70.47 -13.07
N ILE C 1092 -37.18 -69.47 -13.91
CA ILE C 1092 -37.82 -69.37 -15.21
C ILE C 1092 -37.18 -70.33 -16.21
N GLY C 1093 -35.92 -70.72 -15.98
CA GLY C 1093 -35.29 -71.70 -16.82
C GLY C 1093 -35.33 -73.09 -16.21
N GLY C 1094 -34.85 -73.20 -14.99
CA GLY C 1094 -34.79 -74.45 -14.26
C GLY C 1094 -35.06 -74.24 -12.79
N VAL C 1095 -34.20 -74.79 -11.93
CA VAL C 1095 -34.30 -74.59 -10.50
C VAL C 1095 -33.13 -73.75 -10.04
N ASN C 1096 -33.29 -73.15 -8.85
CA ASN C 1096 -32.27 -72.29 -8.25
C ASN C 1096 -31.83 -72.88 -6.93
N PHE C 1097 -30.52 -73.00 -6.75
CA PHE C 1097 -29.94 -73.46 -5.49
C PHE C 1097 -29.36 -72.26 -4.76
N THR C 1098 -29.82 -72.03 -3.54
CA THR C 1098 -29.37 -70.92 -2.72
C THR C 1098 -28.55 -71.50 -1.56
N LEU C 1099 -27.23 -71.28 -1.61
CA LEU C 1099 -26.32 -71.77 -0.59
C LEU C 1099 -26.08 -70.67 0.44
N THR C 1100 -26.53 -70.91 1.67
CA THR C 1100 -26.42 -69.92 2.73
C THR C 1100 -25.55 -70.46 3.86
N GLN C 1101 -24.99 -69.54 4.65
CA GLN C 1101 -24.09 -69.89 5.73
C GLN C 1101 -24.13 -68.84 6.83
N PRO C 1102 -24.53 -69.19 8.04
CA PRO C 1102 -24.58 -68.21 9.13
C PRO C 1102 -23.22 -68.02 9.78
N ARG C 1103 -22.93 -66.79 10.17
CA ARG C 1103 -21.66 -66.47 10.81
C ARG C 1103 -21.85 -65.30 11.77
N ALA C 1104 -21.01 -65.25 12.79
CA ALA C 1104 -21.14 -64.25 13.85
C ALA C 1104 -19.76 -63.65 14.15
N HIS C 1105 -19.75 -62.38 14.52
CA HIS C 1105 -18.53 -61.64 14.79
C HIS C 1105 -18.60 -60.96 16.16
N VAL C 1106 -17.49 -61.02 16.90
CA VAL C 1106 -17.36 -60.35 18.19
C VAL C 1106 -16.12 -59.47 18.14
N ASP C 1107 -16.25 -58.22 18.62
CA ASP C 1107 -15.11 -57.32 18.75
C ASP C 1107 -14.59 -57.46 20.18
N LEU C 1108 -13.54 -58.27 20.36
CA LEU C 1108 -12.95 -58.48 21.68
C LEU C 1108 -11.78 -57.54 21.95
N GLY C 1109 -12.00 -56.25 21.74
CA GLY C 1109 -11.03 -55.24 22.11
C GLY C 1109 -11.56 -54.34 23.21
N VAL C 1110 -10.71 -54.01 24.19
CA VAL C 1110 -11.15 -53.17 25.31
C VAL C 1110 -11.38 -51.74 24.83
N GLY C 1111 -10.42 -51.18 24.12
CA GLY C 1111 -10.55 -49.84 23.59
C GLY C 1111 -11.03 -49.82 22.16
N TYR C 1112 -10.41 -48.99 21.32
CA TYR C 1112 -10.73 -48.92 19.90
C TYR C 1112 -9.61 -49.58 19.12
N THR C 1113 -9.93 -50.62 18.36
CA THR C 1113 -8.94 -51.43 17.67
C THR C 1113 -8.98 -51.25 16.16
N ALA C 1114 -9.60 -50.19 15.68
CA ALA C 1114 -9.64 -49.91 14.25
C ALA C 1114 -9.77 -48.40 14.05
N VAL C 1115 -8.86 -47.82 13.27
CA VAL C 1115 -8.84 -46.39 13.02
C VAL C 1115 -8.86 -46.16 11.52
N CYS C 1116 -9.81 -45.35 11.05
CA CYS C 1116 -9.92 -44.97 9.65
C CYS C 1116 -9.80 -43.46 9.51
N ALA C 1117 -9.39 -43.02 8.32
CA ALA C 1117 -9.28 -41.60 8.02
C ALA C 1117 -9.34 -41.42 6.52
N THR C 1118 -10.01 -40.35 6.07
CA THR C 1118 -10.04 -40.04 4.65
C THR C 1118 -8.68 -39.51 4.21
N ALA C 1119 -8.13 -40.09 3.15
CA ALA C 1119 -6.78 -39.79 2.71
C ALA C 1119 -6.77 -38.92 1.46
N ALA C 1120 -7.41 -39.35 0.38
CA ALA C 1120 -7.35 -38.66 -0.89
C ALA C 1120 -8.74 -38.19 -1.30
N LEU C 1121 -8.76 -37.38 -2.36
CA LEU C 1121 -9.99 -36.82 -2.90
C LEU C 1121 -10.06 -37.08 -4.40
N ARG C 1122 -11.18 -37.62 -4.85
CA ARG C 1122 -11.46 -37.83 -6.26
C ARG C 1122 -12.38 -36.71 -6.76
N CYS C 1123 -12.87 -36.88 -7.97
CA CYS C 1123 -13.71 -35.85 -8.57
C CYS C 1123 -15.05 -35.77 -7.85
N PRO C 1124 -15.60 -34.57 -7.64
CA PRO C 1124 -16.89 -34.45 -6.96
C PRO C 1124 -18.02 -35.02 -7.80
N LEU C 1125 -18.91 -35.77 -7.15
CA LEU C 1125 -20.02 -36.39 -7.85
C LEU C 1125 -21.06 -35.34 -8.26
N THR C 1126 -21.31 -34.37 -7.40
CA THR C 1126 -22.41 -33.44 -7.59
C THR C 1126 -21.95 -32.17 -8.29
N ASP C 1127 -22.93 -31.33 -8.65
CA ASP C 1127 -22.70 -30.03 -9.25
C ASP C 1127 -22.77 -28.97 -8.17
N MET C 1128 -21.86 -28.00 -8.24
CA MET C 1128 -21.93 -26.81 -7.38
C MET C 1128 -22.65 -25.68 -8.09
N GLY C 1129 -23.82 -25.97 -8.64
CA GLY C 1129 -24.55 -25.02 -9.44
C GLY C 1129 -25.45 -24.12 -8.62
N ASN C 1130 -26.37 -23.46 -9.32
CA ASN C 1130 -27.34 -22.56 -8.71
C ASN C 1130 -28.74 -23.03 -9.11
N THR C 1131 -29.27 -23.98 -8.34
CA THR C 1131 -30.62 -24.50 -8.53
C THR C 1131 -31.42 -24.11 -7.29
N ALA C 1132 -32.24 -23.08 -7.42
CA ALA C 1132 -33.00 -22.57 -6.29
C ALA C 1132 -34.12 -23.53 -5.91
N GLN C 1133 -34.26 -23.80 -4.61
CA GLN C 1133 -35.28 -24.72 -4.14
C GLN C 1133 -36.66 -24.08 -4.25
N ASN C 1134 -37.59 -24.85 -4.82
CA ASN C 1134 -38.97 -24.41 -5.01
C ASN C 1134 -39.81 -24.99 -3.87
N LEU C 1135 -40.50 -24.12 -3.15
CA LEU C 1135 -41.34 -24.54 -2.04
C LEU C 1135 -42.78 -24.83 -2.45
N PHE C 1136 -43.11 -24.72 -3.74
CA PHE C 1136 -44.46 -24.99 -4.20
C PHE C 1136 -44.75 -26.48 -4.34
N PHE C 1137 -43.75 -27.34 -4.15
CA PHE C 1137 -43.96 -28.77 -4.11
C PHE C 1137 -44.71 -29.21 -2.86
N SER C 1138 -44.57 -28.48 -1.76
CA SER C 1138 -45.18 -28.85 -0.50
C SER C 1138 -46.64 -28.42 -0.46
N ARG C 1139 -47.47 -29.24 0.19
CA ARG C 1139 -48.88 -28.94 0.38
C ARG C 1139 -49.24 -29.15 1.85
N GLY C 1140 -50.20 -28.37 2.33
CA GLY C 1140 -50.65 -28.52 3.70
C GLY C 1140 -50.77 -27.21 4.45
N GLY C 1141 -50.11 -26.17 3.97
CA GLY C 1141 -50.22 -24.86 4.59
C GLY C 1141 -51.55 -24.20 4.31
N VAL C 1142 -51.78 -23.07 4.96
CA VAL C 1142 -53.01 -22.32 4.75
C VAL C 1142 -52.94 -21.66 3.38
N PRO C 1143 -54.01 -21.69 2.60
CA PRO C 1143 -53.97 -21.11 1.25
C PRO C 1143 -54.45 -19.67 1.24
N MET C 1144 -54.08 -18.98 0.17
CA MET C 1144 -54.63 -17.64 -0.08
C MET C 1144 -56.10 -17.75 -0.47
N LEU C 1145 -56.85 -16.67 -0.22
CA LEU C 1145 -58.29 -16.70 -0.46
C LEU C 1145 -58.62 -16.74 -1.94
N HIS C 1146 -57.86 -16.01 -2.75
CA HIS C 1146 -58.08 -15.99 -4.20
C HIS C 1146 -57.18 -17.03 -4.84
N ASP C 1147 -57.78 -17.94 -5.62
CA ASP C 1147 -57.03 -19.01 -6.24
C ASP C 1147 -56.12 -18.48 -7.35
N ASN C 1148 -56.60 -17.49 -8.11
CA ASN C 1148 -55.85 -16.97 -9.25
C ASN C 1148 -54.55 -16.31 -8.83
N VAL C 1149 -54.52 -15.73 -7.62
CA VAL C 1149 -53.28 -15.22 -7.06
C VAL C 1149 -52.26 -16.35 -6.88
N THR C 1150 -52.72 -17.50 -6.38
CA THR C 1150 -51.83 -18.64 -6.18
C THR C 1150 -51.34 -19.22 -7.50
N GLU C 1151 -52.24 -19.35 -8.48
CA GLU C 1151 -51.82 -19.87 -9.79
C GLU C 1151 -50.85 -18.92 -10.51
N SER C 1152 -51.11 -17.61 -10.43
CA SER C 1152 -50.20 -16.65 -11.07
C SER C 1152 -48.85 -16.61 -10.34
N LEU C 1153 -48.87 -16.74 -9.02
CA LEU C 1153 -47.64 -16.77 -8.24
C LEU C 1153 -46.80 -17.99 -8.58
N ARG C 1154 -47.46 -19.16 -8.70
CA ARG C 1154 -46.74 -20.38 -9.07
C ARG C 1154 -46.22 -20.31 -10.50
N ARG C 1155 -47.01 -19.74 -11.42
CA ARG C 1155 -46.59 -19.60 -12.81
C ARG C 1155 -45.38 -18.67 -12.93
N ILE C 1156 -45.40 -17.56 -12.20
CA ILE C 1156 -44.28 -16.62 -12.25
C ILE C 1156 -43.04 -17.22 -11.58
N THR C 1157 -43.23 -17.95 -10.47
CA THR C 1157 -42.12 -18.60 -9.79
C THR C 1157 -41.49 -19.68 -10.67
N ALA C 1158 -42.32 -20.39 -11.45
CA ALA C 1158 -41.80 -21.41 -12.36
C ALA C 1158 -40.95 -20.81 -13.47
N SER C 1159 -41.28 -19.60 -13.91
CA SER C 1159 -40.41 -18.89 -14.85
C SER C 1159 -39.13 -18.45 -14.15
N GLY C 1160 -38.02 -18.52 -14.88
CA GLY C 1160 -36.74 -18.26 -14.28
C GLY C 1160 -36.30 -19.31 -13.26
N GLY C 1161 -36.55 -20.59 -13.54
CA GLY C 1161 -36.15 -21.65 -12.64
C GLY C 1161 -35.99 -22.95 -13.41
N ARG C 1162 -35.31 -23.90 -12.77
CA ARG C 1162 -35.02 -25.17 -13.41
C ARG C 1162 -36.01 -26.26 -13.04
N LEU C 1163 -36.23 -26.47 -11.74
CA LEU C 1163 -37.07 -27.55 -11.26
C LEU C 1163 -38.39 -26.99 -10.75
N ASN C 1164 -39.50 -27.54 -11.24
CA ASN C 1164 -40.84 -27.02 -10.99
C ASN C 1164 -41.81 -28.19 -11.02
N PRO C 1165 -42.95 -28.09 -10.32
CA PRO C 1165 -44.00 -29.09 -10.53
C PRO C 1165 -44.58 -29.00 -11.93
N THR C 1166 -45.08 -30.13 -12.41
CA THR C 1166 -45.60 -30.21 -13.77
C THR C 1166 -46.86 -29.38 -13.91
N GLU C 1167 -46.97 -28.67 -15.05
CA GLU C 1167 -48.03 -27.71 -15.32
C GLU C 1167 -49.49 -28.22 -15.34
N PRO C 1168 -49.81 -29.51 -15.56
CA PRO C 1168 -51.18 -29.94 -15.22
C PRO C 1168 -51.50 -29.89 -13.73
N LEU C 1169 -50.48 -29.91 -12.85
CA LEU C 1169 -50.58 -29.93 -11.39
C LEU C 1169 -51.49 -31.05 -10.91
N PRO C 1170 -51.02 -32.30 -10.96
CA PRO C 1170 -51.91 -33.43 -10.65
C PRO C 1170 -52.17 -33.52 -9.15
N ILE C 1171 -53.45 -33.39 -8.78
CA ILE C 1171 -53.86 -33.75 -7.43
C ILE C 1171 -53.76 -35.27 -7.27
N PHE C 1172 -53.74 -35.71 -6.00
CA PHE C 1172 -53.51 -37.11 -5.63
C PHE C 1172 -52.19 -37.62 -6.20
N GLY C 1173 -51.10 -37.00 -5.75
CA GLY C 1173 -49.78 -37.32 -6.26
C GLY C 1173 -48.70 -36.64 -5.45
N GLY C 1174 -47.45 -36.90 -5.85
CA GLY C 1174 -46.31 -36.38 -5.12
C GLY C 1174 -45.64 -35.19 -5.78
N LEU C 1175 -46.16 -34.77 -6.94
CA LEU C 1175 -45.67 -33.62 -7.71
C LEU C 1175 -44.20 -33.78 -8.09
N ARG C 1176 -43.92 -34.82 -8.88
CA ARG C 1176 -42.55 -35.00 -9.33
C ARG C 1176 -42.24 -34.01 -10.45
N PRO C 1177 -41.03 -33.45 -10.50
CA PRO C 1177 -40.66 -32.58 -11.61
C PRO C 1177 -40.46 -33.35 -12.89
N ALA C 1178 -40.58 -32.65 -14.01
CA ALA C 1178 -40.46 -33.27 -15.32
C ALA C 1178 -39.03 -33.70 -15.59
N THR C 1179 -38.87 -34.93 -16.07
CA THR C 1179 -37.54 -35.45 -16.37
C THR C 1179 -36.99 -34.80 -17.64
N SER C 1180 -35.88 -34.09 -17.49
CA SER C 1180 -35.24 -33.41 -18.59
C SER C 1180 -34.32 -34.37 -19.35
N ALA C 1181 -33.66 -33.83 -20.38
CA ALA C 1181 -32.69 -34.59 -21.16
C ALA C 1181 -31.34 -34.64 -20.45
N GLY C 1182 -30.31 -35.08 -21.17
CA GLY C 1182 -28.98 -35.38 -20.64
C GLY C 1182 -28.30 -34.39 -19.71
N ILE C 1183 -27.53 -34.92 -18.76
CA ILE C 1183 -26.89 -34.12 -17.71
C ILE C 1183 -25.43 -33.92 -18.08
N ALA C 1184 -24.91 -32.73 -17.80
CA ALA C 1184 -23.59 -32.35 -18.28
C ALA C 1184 -22.47 -32.69 -17.30
N ARG C 1185 -22.53 -32.16 -16.08
CA ARG C 1185 -21.39 -32.20 -15.18
C ARG C 1185 -21.74 -32.70 -13.78
N GLY C 1186 -22.88 -33.36 -13.61
CA GLY C 1186 -23.18 -34.03 -12.37
C GLY C 1186 -24.55 -33.67 -11.82
N GLN C 1187 -24.85 -34.25 -10.66
CA GLN C 1187 -26.14 -34.05 -10.00
C GLN C 1187 -26.24 -32.63 -9.46
N ALA C 1188 -27.33 -31.94 -9.79
CA ALA C 1188 -27.52 -30.56 -9.38
C ALA C 1188 -27.87 -30.49 -7.91
N SER C 1189 -27.17 -29.63 -7.18
CA SER C 1189 -27.38 -29.47 -5.74
C SER C 1189 -28.29 -28.27 -5.50
N VAL C 1190 -29.35 -28.49 -4.73
CA VAL C 1190 -30.33 -27.45 -4.46
C VAL C 1190 -29.79 -26.48 -3.41
N CYS C 1191 -30.28 -25.25 -3.44
CA CYS C 1191 -29.89 -24.22 -2.49
C CYS C 1191 -31.12 -23.71 -1.75
N GLU C 1192 -31.02 -23.66 -0.42
CA GLU C 1192 -32.10 -23.16 0.42
C GLU C 1192 -31.74 -21.77 0.92
N PHE C 1193 -32.73 -20.87 0.91
CA PHE C 1193 -32.52 -19.46 1.24
C PHE C 1193 -33.15 -19.15 2.58
N VAL C 1194 -32.37 -18.55 3.48
CA VAL C 1194 -32.81 -18.24 4.83
C VAL C 1194 -32.78 -16.72 5.00
N ALA C 1195 -33.93 -16.14 5.32
CA ALA C 1195 -34.05 -14.69 5.42
C ALA C 1195 -33.37 -14.18 6.69
N MET C 1196 -32.91 -12.93 6.63
CA MET C 1196 -32.17 -12.30 7.72
C MET C 1196 -32.14 -10.79 7.47
N PRO C 1197 -31.91 -9.99 8.51
CA PRO C 1197 -31.80 -8.54 8.32
C PRO C 1197 -30.60 -8.14 7.48
N VAL C 1198 -30.70 -6.97 6.85
CA VAL C 1198 -29.67 -6.50 5.92
C VAL C 1198 -28.37 -6.17 6.67
N SER C 1199 -28.50 -5.45 7.79
CA SER C 1199 -27.32 -5.02 8.55
C SER C 1199 -26.80 -6.15 9.44
N THR C 1200 -26.31 -7.20 8.79
CA THR C 1200 -25.76 -8.36 9.45
C THR C 1200 -24.24 -8.24 9.45
N ASP C 1201 -23.62 -8.51 10.61
CA ASP C 1201 -22.17 -8.53 10.76
C ASP C 1201 -21.53 -9.51 9.79
N LEU C 1202 -20.76 -8.98 8.83
CA LEU C 1202 -20.26 -9.79 7.73
C LEU C 1202 -19.08 -10.66 8.13
N GLN C 1203 -18.43 -10.34 9.26
CA GLN C 1203 -17.29 -11.11 9.74
C GLN C 1203 -17.70 -12.50 10.23
N TYR C 1204 -18.99 -12.69 10.58
CA TYR C 1204 -19.49 -13.99 10.99
C TYR C 1204 -19.40 -15.02 9.87
N PHE C 1205 -19.52 -14.59 8.62
CA PHE C 1205 -19.47 -15.50 7.48
C PHE C 1205 -18.07 -15.73 6.94
N ARG C 1206 -17.05 -15.11 7.52
CA ARG C 1206 -15.68 -15.29 7.04
C ARG C 1206 -14.98 -16.47 7.69
N THR C 1207 -15.62 -17.13 8.66
CA THR C 1207 -15.10 -18.37 9.21
C THR C 1207 -16.17 -19.45 9.13
N ALA C 1208 -15.92 -20.61 9.75
CA ALA C 1208 -16.90 -21.68 9.75
C ALA C 1208 -18.04 -21.31 10.71
N CYS C 1209 -19.23 -21.10 10.15
CA CYS C 1209 -20.34 -20.53 10.91
C CYS C 1209 -21.55 -21.47 10.89
N ASN C 1210 -22.65 -21.00 11.48
CA ASN C 1210 -23.89 -21.75 11.55
C ASN C 1210 -24.97 -20.97 10.81
N PRO C 1211 -25.77 -21.62 9.95
CA PRO C 1211 -26.77 -20.86 9.18
C PRO C 1211 -27.97 -20.40 9.99
N ARG C 1212 -28.18 -20.97 11.18
CA ARG C 1212 -29.31 -20.56 12.00
C ARG C 1212 -29.10 -19.18 12.62
N GLY C 1213 -27.85 -18.74 12.73
CA GLY C 1213 -27.53 -17.49 13.37
C GLY C 1213 -27.24 -17.61 14.86
N ARG C 1214 -27.49 -18.77 15.45
CA ARG C 1214 -27.17 -19.01 16.85
C ARG C 1214 -26.58 -20.40 16.96
N ALA C 1215 -25.40 -20.51 17.57
CA ALA C 1215 -24.75 -21.80 17.71
C ALA C 1215 -25.54 -22.71 18.63
N SER C 1216 -25.77 -23.93 18.18
CA SER C 1216 -26.58 -24.87 18.92
C SER C 1216 -25.85 -26.19 19.10
N GLY C 1217 -26.51 -27.18 19.69
CA GLY C 1217 -25.94 -28.50 19.72
C GLY C 1217 -25.99 -29.24 21.04
N MET C 1218 -25.85 -30.56 20.94
CA MET C 1218 -25.77 -31.49 22.05
C MET C 1218 -24.38 -31.50 22.68
N LEU C 1219 -23.40 -30.89 22.01
CA LEU C 1219 -22.00 -30.97 22.41
C LEU C 1219 -21.67 -30.13 23.64
N TYR C 1220 -22.58 -29.31 24.14
CA TYR C 1220 -22.31 -28.43 25.29
C TYR C 1220 -23.28 -28.78 26.42
N MET C 1221 -22.94 -29.80 27.21
CA MET C 1221 -23.67 -30.09 28.45
C MET C 1221 -22.65 -30.50 29.51
N GLY C 1222 -23.13 -31.09 30.60
CA GLY C 1222 -22.28 -31.56 31.67
C GLY C 1222 -22.77 -31.15 33.04
N ASP C 1223 -23.94 -30.52 33.09
CA ASP C 1223 -24.54 -30.08 34.34
C ASP C 1223 -25.95 -30.62 34.55
N ARG C 1224 -26.77 -30.67 33.51
CA ARG C 1224 -28.15 -31.12 33.64
C ARG C 1224 -28.55 -31.84 32.36
N ASP C 1225 -29.85 -32.12 32.22
CA ASP C 1225 -30.37 -32.85 31.07
C ASP C 1225 -31.07 -31.95 30.06
N ALA C 1226 -31.85 -30.97 30.51
CA ALA C 1226 -32.59 -30.09 29.62
C ALA C 1226 -31.81 -28.81 29.34
N ASP C 1227 -30.59 -28.99 28.80
CA ASP C 1227 -29.74 -27.88 28.41
C ASP C 1227 -29.56 -27.75 26.91
N ILE C 1228 -29.87 -28.80 26.14
CA ILE C 1228 -29.81 -28.69 24.69
C ILE C 1228 -30.94 -27.84 24.14
N GLU C 1229 -32.10 -27.82 24.79
CA GLU C 1229 -33.18 -26.94 24.38
C GLU C 1229 -32.94 -25.50 24.82
N ALA C 1230 -32.19 -25.28 25.89
CA ALA C 1230 -31.87 -23.93 26.34
C ALA C 1230 -30.80 -23.29 25.48
N ILE C 1231 -29.91 -24.08 24.90
CA ILE C 1231 -28.91 -23.53 23.98
C ILE C 1231 -29.57 -23.10 22.67
N MET C 1232 -30.44 -23.96 22.13
CA MET C 1232 -30.93 -23.78 20.77
C MET C 1232 -32.03 -22.71 20.67
N PHE C 1233 -32.86 -22.57 21.71
CA PHE C 1233 -34.04 -21.71 21.59
C PHE C 1233 -34.20 -20.66 22.68
N ASP C 1234 -33.59 -20.82 23.85
CA ASP C 1234 -33.76 -19.83 24.91
C ASP C 1234 -32.88 -18.62 24.62
N HIS C 1235 -33.52 -17.47 24.41
CA HIS C 1235 -32.82 -16.24 24.06
C HIS C 1235 -32.68 -15.26 25.22
N THR C 1236 -33.10 -15.66 26.42
CA THR C 1236 -32.78 -14.87 27.61
C THR C 1236 -31.27 -14.85 27.86
N GLN C 1237 -30.62 -16.00 27.73
CA GLN C 1237 -29.17 -16.11 27.84
C GLN C 1237 -28.51 -15.73 26.52
N SER C 1238 -27.19 -15.55 26.57
CA SER C 1238 -26.44 -15.19 25.38
C SER C 1238 -26.13 -16.42 24.54
N ASP C 1239 -25.55 -16.19 23.37
CA ASP C 1239 -25.08 -17.27 22.52
C ASP C 1239 -23.90 -17.98 23.17
N VAL C 1240 -23.73 -19.25 22.85
CA VAL C 1240 -22.64 -20.02 23.44
C VAL C 1240 -21.30 -19.63 22.83
N ALA C 1241 -21.24 -19.54 21.50
CA ALA C 1241 -19.97 -19.28 20.81
C ALA C 1241 -19.64 -17.79 20.80
N TYR C 1242 -20.48 -16.99 20.14
CA TYR C 1242 -20.28 -15.54 20.04
C TYR C 1242 -20.99 -14.91 21.23
N THR C 1243 -20.37 -15.04 22.39
CA THR C 1243 -21.04 -14.79 23.66
C THR C 1243 -21.09 -13.32 24.07
N ASP C 1244 -21.59 -12.46 23.18
CA ASP C 1244 -21.93 -11.10 23.58
C ASP C 1244 -23.26 -10.70 22.97
N ARG C 1245 -24.01 -11.65 22.42
CA ARG C 1245 -25.25 -11.38 21.71
C ARG C 1245 -26.11 -12.63 21.76
N ALA C 1246 -27.40 -12.46 21.51
CA ALA C 1246 -28.32 -13.59 21.59
C ALA C 1246 -28.27 -14.44 20.33
N THR C 1247 -28.45 -13.81 19.17
CA THR C 1247 -28.46 -14.51 17.90
C THR C 1247 -28.07 -13.54 16.79
N LEU C 1248 -27.47 -14.06 15.73
CA LEU C 1248 -27.11 -13.21 14.59
C LEU C 1248 -28.34 -12.62 13.92
N ASN C 1249 -29.29 -13.48 13.56
CA ASN C 1249 -30.56 -13.03 13.03
C ASN C 1249 -31.72 -13.41 13.93
N PRO C 1250 -32.67 -12.50 14.17
CA PRO C 1250 -33.86 -12.83 14.95
C PRO C 1250 -35.03 -13.33 14.13
N TRP C 1251 -34.83 -13.68 12.86
CA TRP C 1251 -35.93 -14.12 12.02
C TRP C 1251 -35.93 -15.61 11.75
N ALA C 1252 -34.87 -16.34 12.13
CA ALA C 1252 -34.80 -17.77 11.88
C ALA C 1252 -34.11 -18.52 13.02
N SER C 1253 -34.24 -18.03 14.25
CA SER C 1253 -33.53 -18.63 15.37
C SER C 1253 -34.36 -18.85 16.63
N GLN C 1254 -35.56 -18.28 16.74
CA GLN C 1254 -36.38 -18.45 17.93
C GLN C 1254 -37.10 -19.79 17.89
N LYS C 1255 -38.05 -19.96 18.80
CA LYS C 1255 -38.81 -21.21 18.88
C LYS C 1255 -39.77 -21.35 17.70
N HIS C 1256 -40.40 -20.26 17.29
CA HIS C 1256 -41.40 -20.27 16.23
C HIS C 1256 -41.18 -19.10 15.27
N SER C 1257 -39.94 -18.91 14.84
CA SER C 1257 -39.61 -17.86 13.88
C SER C 1257 -39.99 -18.30 12.47
N TYR C 1258 -39.69 -17.44 11.49
CA TYR C 1258 -40.03 -17.75 10.09
C TYR C 1258 -39.20 -18.92 9.56
N GLY C 1259 -37.88 -18.85 9.74
CA GLY C 1259 -37.03 -19.95 9.30
C GLY C 1259 -37.25 -21.22 10.09
N ASP C 1260 -37.62 -21.09 11.36
CA ASP C 1260 -37.89 -22.27 12.17
C ASP C 1260 -39.23 -22.90 11.80
N ARG C 1261 -40.23 -22.09 11.45
CA ARG C 1261 -41.48 -22.66 10.98
C ARG C 1261 -41.36 -23.16 9.54
N LEU C 1262 -40.32 -22.76 8.82
CA LEU C 1262 -40.13 -23.16 7.44
C LEU C 1262 -39.23 -24.39 7.27
N TYR C 1263 -38.25 -24.59 8.16
CA TYR C 1263 -37.23 -25.60 7.94
C TYR C 1263 -37.09 -26.65 9.04
N ASN C 1264 -37.91 -26.61 10.08
CA ASN C 1264 -37.83 -27.63 11.12
C ASN C 1264 -38.49 -28.92 10.66
N GLY C 1265 -37.88 -30.05 11.02
CA GLY C 1265 -38.45 -31.34 10.68
C GLY C 1265 -39.55 -31.80 11.62
N THR C 1266 -39.70 -31.14 12.77
CA THR C 1266 -40.77 -31.51 13.70
C THR C 1266 -42.13 -31.09 13.17
N TYR C 1267 -42.24 -29.87 12.65
CA TYR C 1267 -43.53 -29.33 12.24
C TYR C 1267 -44.01 -29.94 10.93
N ASN C 1268 -43.08 -30.40 10.09
CA ASN C 1268 -43.35 -31.12 8.83
C ASN C 1268 -44.20 -30.29 7.87
N LEU C 1269 -43.66 -29.11 7.54
CA LEU C 1269 -44.30 -28.26 6.54
C LEU C 1269 -43.98 -28.74 5.12
N THR C 1270 -42.75 -29.22 4.91
CA THR C 1270 -42.29 -29.67 3.60
C THR C 1270 -42.31 -31.19 3.47
N GLY C 1271 -43.28 -31.84 4.09
CA GLY C 1271 -43.32 -33.30 4.08
C GLY C 1271 -43.62 -33.90 2.71
N ALA C 1272 -44.53 -33.26 1.96
CA ALA C 1272 -44.91 -33.78 0.65
C ALA C 1272 -43.89 -33.46 -0.43
N SER C 1273 -42.93 -32.59 -0.16
CA SER C 1273 -41.88 -32.28 -1.13
C SER C 1273 -40.92 -33.45 -1.26
N PRO C 1274 -40.66 -33.95 -2.46
CA PRO C 1274 -39.67 -35.03 -2.64
C PRO C 1274 -38.23 -34.56 -2.76
N ILE C 1275 -37.94 -33.31 -2.42
CA ILE C 1275 -36.64 -32.70 -2.67
C ILE C 1275 -35.92 -32.47 -1.35
N TYR C 1276 -34.65 -32.86 -1.30
CA TYR C 1276 -33.83 -32.71 -0.12
C TYR C 1276 -33.62 -31.26 0.26
N SER C 1277 -33.70 -30.98 1.56
CA SER C 1277 -33.45 -29.64 2.10
C SER C 1277 -32.10 -29.66 2.81
N PRO C 1278 -31.10 -28.91 2.33
CA PRO C 1278 -29.77 -29.00 2.94
C PRO C 1278 -29.65 -28.38 4.31
N CYS C 1279 -30.60 -27.52 4.71
CA CYS C 1279 -30.61 -26.94 6.04
C CYS C 1279 -31.60 -27.63 6.97
N PHE C 1280 -31.95 -28.88 6.66
CA PHE C 1280 -32.81 -29.65 7.56
C PHE C 1280 -32.03 -30.09 8.79
N LYS C 1281 -30.75 -30.45 8.62
CA LYS C 1281 -29.95 -30.93 9.74
C LYS C 1281 -29.50 -29.82 10.68
N PHE C 1282 -29.55 -28.57 10.23
CA PHE C 1282 -29.13 -27.45 11.07
C PHE C 1282 -30.26 -26.91 11.94
N PHE C 1283 -31.50 -27.25 11.63
CA PHE C 1283 -32.65 -26.72 12.36
C PHE C 1283 -33.37 -27.76 13.20
N THR C 1284 -33.21 -29.04 12.90
CA THR C 1284 -33.95 -30.09 13.59
C THR C 1284 -33.23 -30.50 14.87
N PRO C 1285 -33.87 -30.45 16.03
CA PRO C 1285 -33.26 -30.98 17.26
C PRO C 1285 -33.20 -32.50 17.20
N ALA C 1286 -32.00 -33.05 17.30
CA ALA C 1286 -31.82 -34.49 17.16
C ALA C 1286 -32.27 -35.22 18.42
N GLU C 1287 -32.62 -36.49 18.25
CA GLU C 1287 -32.98 -37.33 19.38
C GLU C 1287 -31.75 -37.64 20.22
N VAL C 1288 -31.86 -37.48 21.53
CA VAL C 1288 -30.71 -37.56 22.42
C VAL C 1288 -31.09 -38.32 23.68
N ASN C 1289 -30.22 -39.25 24.09
CA ASN C 1289 -30.28 -39.89 25.40
C ASN C 1289 -29.13 -39.36 26.23
N THR C 1290 -29.40 -39.06 27.51
CA THR C 1290 -28.44 -38.39 28.37
C THR C 1290 -27.60 -39.35 29.20
N ASN C 1291 -27.68 -40.65 28.96
CA ASN C 1291 -26.97 -41.62 29.79
C ASN C 1291 -25.47 -41.61 29.53
N CYS C 1292 -25.08 -41.58 28.26
CA CYS C 1292 -23.66 -41.68 27.91
C CYS C 1292 -22.95 -40.35 28.11
N ASN C 1293 -21.63 -40.40 28.13
CA ASN C 1293 -20.83 -39.19 28.15
C ASN C 1293 -20.76 -38.59 26.74
N THR C 1294 -20.26 -37.35 26.67
CA THR C 1294 -20.27 -36.62 25.41
C THR C 1294 -19.27 -37.18 24.42
N LEU C 1295 -18.11 -37.66 24.90
CA LEU C 1295 -17.03 -38.05 24.02
C LEU C 1295 -17.32 -39.38 23.32
N ASP C 1296 -17.81 -40.37 24.06
CA ASP C 1296 -18.13 -41.65 23.45
C ASP C 1296 -19.35 -41.56 22.55
N ARG C 1297 -20.33 -40.72 22.92
CA ARG C 1297 -21.48 -40.48 22.06
C ARG C 1297 -21.06 -39.76 20.79
N LEU C 1298 -20.08 -38.86 20.90
CA LEU C 1298 -19.55 -38.15 19.74
C LEU C 1298 -18.82 -39.10 18.81
N LEU C 1299 -18.03 -40.03 19.37
CA LEU C 1299 -17.36 -41.03 18.56
C LEU C 1299 -18.35 -42.01 17.94
N MET C 1300 -19.48 -42.24 18.62
CA MET C 1300 -20.54 -43.05 18.03
C MET C 1300 -21.21 -42.33 16.85
N GLU C 1301 -21.38 -41.01 16.96
CA GLU C 1301 -21.97 -40.24 15.87
C GLU C 1301 -20.97 -39.82 14.81
N ALA C 1302 -19.68 -40.07 15.03
CA ALA C 1302 -18.66 -39.70 14.04
C ALA C 1302 -18.44 -40.78 12.99
N LYS C 1303 -19.11 -41.92 13.11
CA LYS C 1303 -18.90 -43.02 12.18
C LYS C 1303 -19.60 -42.73 10.85
N ALA C 1304 -19.51 -43.70 9.94
CA ALA C 1304 -20.10 -43.55 8.61
C ALA C 1304 -21.62 -43.63 8.71
N VAL C 1305 -22.27 -42.48 8.84
CA VAL C 1305 -23.73 -42.45 8.99
C VAL C 1305 -24.38 -42.74 7.64
N ALA C 1306 -25.64 -43.16 7.69
CA ALA C 1306 -26.40 -43.41 6.47
C ALA C 1306 -26.69 -42.10 5.73
N SER C 1307 -26.96 -42.23 4.43
CA SER C 1307 -27.11 -41.08 3.57
C SER C 1307 -28.42 -40.33 3.86
N GLN C 1308 -28.50 -39.11 3.34
CA GLN C 1308 -29.72 -38.32 3.42
C GLN C 1308 -30.14 -37.74 2.06
N SER C 1309 -29.48 -38.14 0.98
CA SER C 1309 -29.83 -37.68 -0.36
C SER C 1309 -29.88 -38.89 -1.29
N SER C 1310 -30.05 -38.64 -2.58
CA SER C 1310 -30.10 -39.69 -3.59
C SER C 1310 -28.99 -39.49 -4.61
N THR C 1311 -28.52 -40.59 -5.18
CA THR C 1311 -27.39 -40.57 -6.10
C THR C 1311 -27.77 -40.77 -7.56
N ASP C 1312 -28.71 -41.68 -7.85
CA ASP C 1312 -29.04 -42.01 -9.23
C ASP C 1312 -29.93 -40.98 -9.90
N THR C 1313 -30.55 -40.07 -9.15
CA THR C 1313 -31.44 -39.08 -9.72
C THR C 1313 -30.62 -37.87 -10.19
N GLU C 1314 -31.32 -36.79 -10.59
CA GLU C 1314 -30.66 -35.64 -11.18
C GLU C 1314 -31.03 -34.33 -10.50
N TYR C 1315 -31.68 -34.38 -9.34
CA TYR C 1315 -32.14 -33.17 -8.69
C TYR C 1315 -31.85 -33.12 -7.19
N GLN C 1316 -31.07 -34.08 -6.67
CA GLN C 1316 -30.80 -34.24 -5.23
C GLN C 1316 -32.10 -34.35 -4.44
N PHE C 1317 -32.83 -35.43 -4.71
CA PHE C 1317 -34.10 -35.68 -4.05
C PHE C 1317 -33.89 -36.15 -2.61
N LYS C 1318 -35.00 -36.46 -1.94
CA LYS C 1318 -34.93 -37.03 -0.61
C LYS C 1318 -34.41 -38.47 -0.68
N ARG C 1319 -34.11 -39.02 0.49
CA ARG C 1319 -33.56 -40.37 0.56
C ARG C 1319 -34.62 -41.38 0.13
N PRO C 1320 -34.34 -42.22 -0.87
CA PRO C 1320 -35.31 -43.23 -1.30
C PRO C 1320 -35.53 -44.26 -0.22
N PRO C 1321 -36.71 -44.88 -0.17
CA PRO C 1321 -37.01 -45.82 0.91
C PRO C 1321 -36.21 -47.11 0.75
N GLY C 1322 -35.34 -47.37 1.73
CA GLY C 1322 -34.54 -48.57 1.74
C GLY C 1322 -33.18 -48.48 1.09
N SER C 1323 -32.78 -47.30 0.62
CA SER C 1323 -31.47 -47.14 0.01
C SER C 1323 -30.37 -47.23 1.08
N THR C 1324 -29.38 -48.09 0.83
CA THR C 1324 -28.32 -48.37 1.80
C THR C 1324 -26.99 -47.92 1.23
N GLU C 1325 -26.51 -46.76 1.70
CA GLU C 1325 -25.20 -46.24 1.35
C GLU C 1325 -24.73 -45.31 2.47
N MET C 1326 -23.48 -45.48 2.89
CA MET C 1326 -22.95 -44.83 4.08
C MET C 1326 -21.94 -43.77 3.69
N THR C 1327 -22.16 -42.54 4.18
CA THR C 1327 -21.26 -41.42 3.93
C THR C 1327 -20.70 -40.91 5.24
N GLN C 1328 -19.37 -40.76 5.30
CA GLN C 1328 -18.73 -40.06 6.40
C GLN C 1328 -19.08 -38.58 6.31
N ASP C 1329 -19.79 -38.05 7.31
CA ASP C 1329 -20.38 -36.72 7.23
C ASP C 1329 -19.74 -35.80 8.26
N PRO C 1330 -18.78 -34.97 7.87
CA PRO C 1330 -18.36 -33.87 8.74
C PRO C 1330 -19.35 -32.73 8.67
N CYS C 1331 -19.21 -31.80 9.63
CA CYS C 1331 -19.99 -30.56 9.72
C CYS C 1331 -21.50 -30.80 9.86
N GLY C 1332 -21.87 -32.01 10.26
CA GLY C 1332 -23.26 -32.34 10.54
C GLY C 1332 -23.40 -32.71 12.00
N LEU C 1333 -22.28 -33.11 12.61
CA LEU C 1333 -22.21 -33.33 14.04
C LEU C 1333 -21.68 -32.14 14.81
N PHE C 1334 -20.97 -31.23 14.14
CA PHE C 1334 -20.56 -29.97 14.73
C PHE C 1334 -21.53 -28.84 14.43
N GLN C 1335 -22.51 -29.06 13.54
CA GLN C 1335 -23.54 -28.10 13.15
C GLN C 1335 -22.92 -26.80 12.62
N GLU C 1336 -21.96 -26.96 11.71
CA GLU C 1336 -21.27 -25.83 11.11
C GLU C 1336 -21.32 -25.96 9.59
N ALA C 1337 -21.06 -24.85 8.91
CA ALA C 1337 -21.04 -24.82 7.46
C ALA C 1337 -19.90 -23.92 6.99
N TYR C 1338 -19.09 -24.43 6.06
CA TYR C 1338 -17.86 -23.77 5.63
C TYR C 1338 -18.14 -22.84 4.45
N PRO C 1339 -17.70 -21.59 4.49
CA PRO C 1339 -17.91 -20.69 3.36
C PRO C 1339 -16.89 -20.93 2.26
N PRO C 1340 -17.32 -21.01 1.01
CA PRO C 1340 -16.36 -21.17 -0.10
C PRO C 1340 -15.85 -19.84 -0.62
N LEU C 1341 -15.06 -19.88 -1.69
CA LEU C 1341 -14.55 -18.65 -2.31
C LEU C 1341 -15.70 -17.98 -3.05
N CYS C 1342 -16.31 -17.00 -2.41
CA CYS C 1342 -17.44 -16.27 -2.97
C CYS C 1342 -17.17 -14.78 -2.91
N SER C 1343 -17.83 -14.04 -3.79
CA SER C 1343 -17.70 -12.59 -3.80
C SER C 1343 -18.97 -11.99 -4.37
N SER C 1344 -19.19 -10.71 -4.06
CA SER C 1344 -20.33 -9.99 -4.58
C SER C 1344 -20.04 -9.29 -5.90
N ASP C 1345 -18.82 -9.36 -6.39
CA ASP C 1345 -18.43 -8.70 -7.62
C ASP C 1345 -17.48 -9.60 -8.39
N ALA C 1346 -17.74 -9.77 -9.69
CA ALA C 1346 -16.87 -10.58 -10.53
C ALA C 1346 -15.55 -9.89 -10.83
N ALA C 1347 -15.48 -8.58 -10.63
CA ALA C 1347 -14.24 -7.84 -10.91
C ALA C 1347 -13.15 -8.18 -9.90
N MET C 1348 -13.51 -8.27 -8.62
CA MET C 1348 -12.54 -8.51 -7.56
C MET C 1348 -12.28 -9.99 -7.31
N LEU C 1349 -12.99 -10.88 -7.99
CA LEU C 1349 -12.77 -12.32 -7.84
C LEU C 1349 -11.53 -12.81 -8.56
N ARG C 1350 -10.97 -12.01 -9.46
CA ARG C 1350 -9.78 -12.41 -10.21
C ARG C 1350 -8.91 -11.19 -10.46
N THR C 1351 -7.61 -11.33 -10.21
CA THR C 1351 -6.65 -10.26 -10.43
C THR C 1351 -5.94 -10.47 -11.76
N ALA C 1352 -5.27 -9.40 -12.22
CA ALA C 1352 -4.68 -9.36 -13.55
C ALA C 1352 -3.18 -9.67 -13.45
N HIS C 1353 -2.86 -10.96 -13.27
CA HIS C 1353 -1.48 -11.38 -13.24
C HIS C 1353 -1.24 -12.73 -13.94
N ALA C 1354 -2.29 -13.31 -14.54
CA ALA C 1354 -2.26 -14.64 -15.18
C ALA C 1354 -1.76 -15.71 -14.20
N GLY C 1355 -2.55 -15.94 -13.17
CA GLY C 1355 -2.10 -16.72 -12.03
C GLY C 1355 -3.14 -16.81 -10.93
N GLU C 1356 -2.74 -16.48 -9.70
CA GLU C 1356 -3.58 -16.53 -8.52
C GLU C 1356 -4.81 -15.64 -8.63
N THR C 1357 -5.80 -15.87 -7.75
CA THR C 1357 -7.04 -15.13 -7.78
C THR C 1357 -6.94 -13.88 -6.89
N GLY C 1358 -8.05 -13.18 -6.72
CA GLY C 1358 -8.04 -11.98 -5.92
C GLY C 1358 -8.07 -12.27 -4.42
N ALA C 1359 -7.66 -11.26 -3.65
CA ALA C 1359 -7.63 -11.39 -2.20
C ALA C 1359 -8.08 -10.14 -1.46
N ASP C 1360 -8.52 -9.09 -2.15
CA ASP C 1360 -8.98 -7.89 -1.46
C ASP C 1360 -10.37 -8.11 -0.90
N GLU C 1361 -10.54 -7.82 0.38
CA GLU C 1361 -11.73 -8.24 1.12
C GLU C 1361 -12.95 -7.37 0.79
N VAL C 1362 -12.85 -6.06 0.96
CA VAL C 1362 -13.96 -5.14 0.74
C VAL C 1362 -13.46 -3.95 -0.08
N HIS C 1363 -14.19 -3.62 -1.16
CA HIS C 1363 -13.78 -2.49 -1.97
C HIS C 1363 -14.53 -1.20 -1.63
N LEU C 1364 -15.84 -1.15 -1.91
CA LEU C 1364 -16.59 0.02 -1.47
C LEU C 1364 -17.82 -0.38 -0.66
N ALA C 1365 -18.63 -1.26 -1.23
CA ALA C 1365 -19.75 -1.87 -0.52
C ALA C 1365 -19.87 -3.36 -0.84
N GLN C 1366 -19.02 -3.88 -1.71
CA GLN C 1366 -19.02 -5.29 -2.08
C GLN C 1366 -18.14 -6.05 -1.08
N TYR C 1367 -17.98 -7.35 -1.28
CA TYR C 1367 -17.19 -8.15 -0.36
C TYR C 1367 -16.63 -9.35 -1.10
N LEU C 1368 -15.52 -9.87 -0.59
CA LEU C 1368 -14.92 -11.11 -1.10
C LEU C 1368 -14.59 -11.96 0.11
N ILE C 1369 -15.31 -13.06 0.27
CA ILE C 1369 -15.11 -13.97 1.39
C ILE C 1369 -14.13 -15.05 0.93
N ARG C 1370 -12.97 -15.11 1.59
CA ARG C 1370 -11.96 -16.08 1.21
C ARG C 1370 -12.39 -17.49 1.63
N ASP C 1371 -11.72 -18.48 1.04
CA ASP C 1371 -12.13 -19.86 1.24
C ASP C 1371 -11.72 -20.36 2.63
N ALA C 1372 -12.69 -20.86 3.37
CA ALA C 1372 -12.44 -21.48 4.67
C ALA C 1372 -12.83 -22.95 4.69
N SER C 1373 -13.21 -23.52 3.55
CA SER C 1373 -13.57 -24.93 3.45
C SER C 1373 -12.30 -25.79 3.52
N PRO C 1374 -12.46 -27.10 3.75
CA PRO C 1374 -11.28 -28.00 3.61
C PRO C 1374 -10.72 -28.05 2.19
N LEU C 1375 -11.47 -27.64 1.18
CA LEU C 1375 -10.96 -27.59 -0.20
C LEU C 1375 -10.23 -26.26 -0.44
N ARG C 1376 -9.07 -26.14 0.20
CA ARG C 1376 -8.25 -24.95 -0.02
C ARG C 1376 -7.39 -25.09 -1.27
N GLY C 1377 -6.72 -26.23 -1.42
CA GLY C 1377 -5.86 -26.49 -2.56
C GLY C 1377 -6.47 -27.34 -3.65
N CYS C 1378 -7.77 -27.61 -3.60
CA CYS C 1378 -8.47 -28.41 -4.60
C CYS C 1378 -9.52 -27.53 -5.29
N LEU C 1379 -10.35 -28.18 -6.13
CA LEU C 1379 -11.42 -27.56 -6.91
C LEU C 1379 -10.89 -26.42 -7.77
N PRO C 1380 -10.20 -26.72 -8.87
CA PRO C 1380 -9.43 -25.71 -9.60
C PRO C 1380 -10.29 -24.61 -10.20
N LEU C 1381 -9.69 -23.42 -10.30
CA LEU C 1381 -10.39 -22.23 -10.78
C LEU C 1381 -10.07 -21.96 -12.25
N THR D 1 31.70 -26.00 -87.52
CA THR D 1 31.24 -26.68 -86.32
C THR D 1 31.06 -28.18 -86.55
N GLU D 2 30.47 -28.52 -87.70
CA GLU D 2 30.28 -29.93 -88.04
C GLU D 2 31.61 -30.58 -88.42
N SER D 3 32.47 -29.85 -89.12
CA SER D 3 33.77 -30.40 -89.51
C SER D 3 34.73 -30.51 -88.32
N ASP D 4 34.50 -29.76 -87.25
CA ASP D 4 35.37 -29.86 -86.08
C ASP D 4 35.09 -31.12 -85.28
N ARG D 5 33.86 -31.63 -85.34
CA ARG D 5 33.50 -32.84 -84.59
C ARG D 5 34.23 -34.06 -85.15
N ILE D 6 34.41 -34.12 -86.47
CA ILE D 6 35.10 -35.24 -87.10
C ILE D 6 36.57 -35.25 -86.71
N ALA D 7 37.21 -34.08 -86.68
CA ALA D 7 38.59 -34.01 -86.21
C ALA D 7 38.69 -34.13 -84.70
N GLY D 8 37.59 -33.95 -83.97
CA GLY D 8 37.62 -34.10 -82.52
C GLY D 8 37.87 -35.55 -82.09
N ILE D 9 37.27 -36.50 -82.78
CA ILE D 9 37.53 -37.92 -82.53
C ILE D 9 38.66 -38.37 -83.47
N PHE D 10 39.52 -39.25 -82.93
CA PHE D 10 40.62 -39.88 -83.68
C PHE D 10 41.56 -38.83 -84.28
N ASN D 11 42.28 -38.14 -83.39
CA ASN D 11 43.15 -37.03 -83.76
C ASN D 11 44.19 -37.46 -84.78
N ILE D 12 44.36 -36.63 -85.82
CA ILE D 12 45.00 -37.07 -87.05
C ILE D 12 46.49 -37.40 -86.90
N PRO D 13 47.34 -36.58 -86.21
CA PRO D 13 48.66 -37.11 -85.87
C PRO D 13 48.58 -38.05 -84.68
N ALA D 14 48.67 -39.35 -84.94
CA ALA D 14 48.48 -40.36 -83.90
C ALA D 14 49.53 -41.47 -83.90
N GLY D 15 50.38 -41.55 -84.93
CA GLY D 15 51.41 -42.56 -84.97
C GLY D 15 50.90 -43.98 -85.15
N ILE D 16 49.87 -44.16 -85.98
CA ILE D 16 49.38 -45.48 -86.34
C ILE D 16 50.11 -45.92 -87.60
N ILE D 17 50.43 -47.21 -87.69
CA ILE D 17 51.00 -47.76 -88.92
C ILE D 17 49.99 -47.64 -90.05
N PRO D 18 50.37 -47.12 -91.22
CA PRO D 18 49.39 -46.90 -92.29
C PRO D 18 48.88 -48.20 -92.88
N THR D 19 47.56 -48.27 -93.08
CA THR D 19 46.93 -49.46 -93.63
C THR D 19 47.25 -49.60 -95.13
N GLY D 20 47.12 -48.52 -95.89
CA GLY D 20 47.36 -48.57 -97.31
C GLY D 20 48.11 -47.37 -97.85
N ASN D 21 48.97 -47.62 -98.84
CA ASN D 21 49.75 -46.55 -99.46
C ASN D 21 48.86 -45.78 -100.43
N VAL D 22 48.97 -44.46 -100.42
CA VAL D 22 48.18 -43.60 -101.30
C VAL D 22 49.01 -43.31 -102.54
N LEU D 23 48.49 -43.70 -103.70
CA LEU D 23 49.16 -43.43 -104.96
C LEU D 23 48.77 -42.05 -105.48
N SER D 24 49.29 -41.69 -106.66
CA SER D 24 48.96 -40.48 -107.41
C SER D 24 49.27 -39.22 -106.59
N THR D 25 50.57 -39.02 -106.36
CA THR D 25 51.05 -37.87 -105.61
C THR D 25 50.83 -36.61 -106.43
N ILE D 26 49.72 -35.92 -106.17
CA ILE D 26 49.31 -34.72 -106.89
C ILE D 26 49.05 -33.62 -105.87
N GLU D 27 48.66 -32.45 -106.37
CA GLU D 27 48.25 -31.35 -105.51
C GLU D 27 46.96 -31.71 -104.78
N VAL D 28 46.99 -31.67 -103.45
CA VAL D 28 45.83 -32.05 -102.65
C VAL D 28 45.04 -30.83 -102.19
N CYS D 29 45.63 -29.63 -102.22
CA CYS D 29 44.91 -28.43 -101.83
C CYS D 29 44.00 -27.90 -102.93
N ALA D 30 44.11 -28.44 -104.14
CA ALA D 30 43.30 -27.97 -105.26
C ALA D 30 41.84 -28.38 -105.10
N HIS D 31 41.59 -29.69 -105.06
CA HIS D 31 40.23 -30.20 -104.87
C HIS D 31 40.03 -30.56 -103.40
N ARG D 32 39.81 -29.52 -102.60
CA ARG D 32 39.48 -29.69 -101.19
C ARG D 32 37.98 -29.59 -100.93
N CYS D 33 37.16 -29.56 -101.98
CA CYS D 33 35.72 -29.63 -101.80
C CYS D 33 35.30 -31.01 -101.32
N ILE D 34 36.02 -32.04 -101.75
CA ILE D 34 35.92 -33.38 -101.18
C ILE D 34 36.64 -33.39 -99.83
N PHE D 35 36.51 -34.51 -99.10
CA PHE D 35 36.89 -34.72 -97.70
C PHE D 35 36.03 -33.90 -96.75
N ASP D 36 36.04 -34.28 -95.47
CA ASP D 36 35.26 -33.57 -94.46
C ASP D 36 36.11 -32.74 -93.52
N PHE D 37 37.43 -32.94 -93.50
CA PHE D 37 38.34 -32.11 -92.74
C PHE D 37 39.66 -32.01 -93.49
N PHE D 38 40.11 -30.79 -93.74
CA PHE D 38 41.37 -30.55 -94.44
C PHE D 38 42.23 -29.61 -93.61
N LYS D 39 43.45 -30.05 -93.32
CA LYS D 39 44.41 -29.25 -92.57
C LYS D 39 45.75 -29.32 -93.28
N GLN D 40 46.38 -28.17 -93.51
CA GLN D 40 47.64 -28.09 -94.22
C GLN D 40 48.64 -27.31 -93.38
N ILE D 41 49.62 -28.01 -92.83
CA ILE D 41 50.71 -27.38 -92.10
C ILE D 41 51.87 -27.14 -93.05
N ARG D 42 52.51 -25.98 -92.93
CA ARG D 42 53.59 -25.59 -93.84
C ARG D 42 54.81 -26.50 -93.72
N SER D 43 55.50 -26.46 -92.59
CA SER D 43 56.60 -27.37 -92.31
C SER D 43 56.36 -28.19 -91.05
N ASP D 44 56.08 -27.54 -89.93
CA ASP D 44 55.77 -28.21 -88.68
C ASP D 44 54.96 -27.24 -87.83
N ASP D 45 54.21 -27.80 -86.88
CA ASP D 45 53.34 -26.99 -86.03
C ASP D 45 53.35 -27.58 -84.63
N ASN D 46 53.13 -26.71 -83.63
CA ASN D 46 53.07 -27.17 -82.25
C ASN D 46 51.72 -27.78 -81.88
N SER D 47 50.74 -27.73 -82.80
CA SER D 47 49.45 -28.38 -82.52
C SER D 47 49.56 -29.89 -82.65
N LEU D 48 50.60 -30.39 -83.33
CA LEU D 48 50.79 -31.83 -83.46
C LEU D 48 51.19 -32.47 -82.14
N TYR D 49 52.04 -31.78 -81.36
CA TYR D 49 52.59 -32.34 -80.13
C TYR D 49 51.73 -31.97 -78.92
N SER D 50 50.46 -32.35 -78.99
CA SER D 50 49.52 -32.21 -77.90
C SER D 50 48.90 -33.57 -77.60
N ALA D 51 48.87 -33.94 -76.32
CA ALA D 51 48.39 -35.24 -75.89
C ALA D 51 47.32 -35.10 -74.82
N GLN D 52 46.35 -34.22 -75.07
CA GLN D 52 45.23 -34.07 -74.14
C GLN D 52 44.33 -35.30 -74.19
N PHE D 53 43.89 -35.75 -73.02
CA PHE D 53 43.09 -36.96 -72.92
C PHE D 53 42.10 -36.84 -71.77
N ASP D 54 41.04 -37.65 -71.84
CA ASP D 54 39.97 -37.65 -70.87
C ASP D 54 40.03 -38.95 -70.08
N ILE D 55 40.01 -38.86 -68.76
CA ILE D 55 40.25 -40.02 -67.90
C ILE D 55 39.03 -40.27 -67.03
N LEU D 56 38.70 -41.54 -66.81
CA LEU D 56 37.63 -41.96 -65.92
C LEU D 56 38.26 -42.48 -64.63
N LEU D 57 37.86 -41.90 -63.51
CA LEU D 57 38.50 -42.16 -62.22
C LEU D 57 37.76 -43.19 -61.38
N GLY D 58 37.12 -44.16 -62.02
CA GLY D 58 36.51 -45.24 -61.28
C GLY D 58 35.01 -45.05 -61.11
N THR D 59 34.32 -46.17 -60.87
CA THR D 59 32.87 -46.19 -60.67
C THR D 59 32.55 -46.67 -59.27
N TYR D 60 31.44 -46.18 -58.71
CA TYR D 60 31.01 -46.56 -57.38
C TYR D 60 29.54 -46.94 -57.40
N CYS D 61 29.22 -48.12 -56.89
CA CYS D 61 27.85 -48.60 -56.80
C CYS D 61 27.59 -49.14 -55.41
N ASN D 62 26.50 -48.69 -54.80
CA ASN D 62 26.15 -49.12 -53.45
C ASN D 62 25.37 -50.42 -53.49
N THR D 63 25.32 -51.08 -52.33
CA THR D 63 24.58 -52.32 -52.16
C THR D 63 23.43 -52.09 -51.19
N LEU D 64 22.23 -52.53 -51.56
CA LEU D 64 21.08 -52.42 -50.69
C LEU D 64 21.19 -53.41 -49.53
N ASN D 65 20.73 -52.98 -48.36
CA ASN D 65 20.64 -53.84 -47.19
C ASN D 65 19.21 -54.32 -47.02
N PHE D 66 19.01 -55.62 -47.12
CA PHE D 66 17.67 -56.20 -47.02
C PHE D 66 17.34 -56.47 -45.56
N VAL D 67 16.14 -56.08 -45.16
CA VAL D 67 15.66 -56.28 -43.79
C VAL D 67 14.73 -57.47 -43.76
N ARG D 68 14.72 -58.17 -42.64
CA ARG D 68 13.79 -59.27 -42.41
C ARG D 68 12.81 -58.85 -41.32
N PHE D 69 11.56 -59.31 -41.46
CA PHE D 69 10.50 -58.86 -40.55
C PHE D 69 10.69 -59.44 -39.15
N LEU D 70 11.27 -60.63 -39.05
CA LEU D 70 11.43 -61.27 -37.75
C LEU D 70 12.53 -60.59 -36.92
N GLU D 71 13.53 -60.02 -37.60
CA GLU D 71 14.59 -59.32 -36.89
C GLU D 71 14.11 -57.99 -36.30
N LEU D 72 13.02 -57.44 -36.82
CA LEU D 72 12.47 -56.21 -36.26
C LEU D 72 11.79 -56.48 -34.93
N GLY D 73 11.68 -55.42 -34.12
CA GLY D 73 10.96 -55.51 -32.88
C GLY D 73 9.45 -55.40 -33.01
N LEU D 74 8.95 -55.18 -34.22
CA LEU D 74 7.52 -55.13 -34.49
C LEU D 74 6.92 -56.51 -34.74
N SER D 75 7.75 -57.55 -34.87
CA SER D 75 7.23 -58.90 -35.02
C SER D 75 6.68 -59.45 -33.71
N VAL D 76 6.99 -58.81 -32.58
CA VAL D 76 6.50 -59.25 -31.28
C VAL D 76 5.05 -58.87 -31.05
N ALA D 77 4.45 -58.05 -31.91
CA ALA D 77 3.07 -57.61 -31.75
C ALA D 77 2.10 -58.39 -32.63
N CYS D 78 2.53 -59.50 -33.20
CA CYS D 78 1.67 -60.28 -34.08
C CYS D 78 2.12 -61.74 -34.07
N ILE D 79 1.21 -62.60 -34.49
CA ILE D 79 1.50 -64.02 -34.70
C ILE D 79 1.26 -64.30 -36.17
N CYS D 80 2.33 -64.34 -36.96
CA CYS D 80 2.19 -64.62 -38.39
C CYS D 80 2.03 -66.12 -38.61
N THR D 81 1.02 -66.49 -39.40
CA THR D 81 0.80 -67.86 -39.82
C THR D 81 0.54 -67.87 -41.32
N LYS D 82 1.15 -68.82 -42.03
CA LYS D 82 0.90 -68.97 -43.45
C LYS D 82 -0.43 -69.67 -43.67
N PHE D 83 -1.08 -69.34 -44.79
CA PHE D 83 -2.37 -69.91 -45.14
C PHE D 83 -2.55 -69.83 -46.64
N PRO D 84 -2.21 -70.88 -47.39
CA PRO D 84 -2.35 -70.82 -48.86
C PRO D 84 -3.78 -70.67 -49.35
N GLU D 85 -4.74 -71.28 -48.66
CA GLU D 85 -6.15 -71.18 -49.09
C GLU D 85 -6.87 -70.03 -48.40
N LEU D 86 -6.31 -68.82 -48.50
CA LEU D 86 -6.93 -67.64 -47.92
C LEU D 86 -7.92 -66.99 -48.86
N ALA D 87 -7.71 -67.11 -50.17
CA ALA D 87 -8.63 -66.51 -51.14
C ALA D 87 -9.95 -67.25 -51.23
N TYR D 88 -10.02 -68.48 -50.71
CA TYR D 88 -11.25 -69.26 -50.72
C TYR D 88 -12.06 -69.12 -49.45
N VAL D 89 -11.59 -68.34 -48.48
CA VAL D 89 -12.27 -68.21 -47.19
C VAL D 89 -13.32 -67.11 -47.32
N ARG D 90 -14.57 -67.46 -47.02
CA ARG D 90 -15.62 -66.44 -46.97
C ARG D 90 -15.44 -65.56 -45.74
N ASP D 91 -15.55 -66.14 -44.55
CA ASP D 91 -15.20 -65.44 -43.32
C ASP D 91 -14.64 -66.42 -42.28
N GLY D 92 -13.45 -66.11 -41.79
CA GLY D 92 -12.92 -66.85 -40.65
C GLY D 92 -13.42 -66.27 -39.35
N VAL D 93 -13.65 -67.14 -38.37
CA VAL D 93 -14.22 -66.72 -37.08
C VAL D 93 -13.34 -67.23 -35.96
N ILE D 94 -13.16 -66.39 -34.93
CA ILE D 94 -12.51 -66.78 -33.69
C ILE D 94 -13.56 -66.71 -32.59
N GLN D 95 -13.33 -67.44 -31.50
CA GLN D 95 -14.32 -67.54 -30.44
C GLN D 95 -13.66 -67.33 -29.09
N PHE D 96 -14.44 -66.77 -28.16
CA PHE D 96 -13.99 -66.54 -26.79
C PHE D 96 -15.06 -67.03 -25.82
N GLU D 97 -14.60 -67.62 -24.71
CA GLU D 97 -15.48 -68.04 -23.63
C GLU D 97 -14.88 -67.49 -22.34
N VAL D 98 -15.39 -66.33 -21.90
CA VAL D 98 -14.87 -65.64 -20.73
C VAL D 98 -15.90 -65.77 -19.62
N GLN D 99 -15.46 -66.25 -18.46
CA GLN D 99 -16.30 -66.38 -17.28
C GLN D 99 -15.79 -65.47 -16.18
N GLN D 100 -16.70 -64.97 -15.36
CA GLN D 100 -16.36 -63.96 -14.38
C GLN D 100 -16.51 -64.50 -12.96
N PRO D 101 -15.71 -64.00 -11.99
CA PRO D 101 -15.90 -64.41 -10.60
C PRO D 101 -17.14 -63.79 -9.96
N MET D 102 -17.37 -64.14 -8.70
CA MET D 102 -18.58 -63.71 -7.99
C MET D 102 -18.29 -63.66 -6.50
N ILE D 103 -18.96 -62.74 -5.82
CA ILE D 103 -18.76 -62.53 -4.39
C ILE D 103 -20.04 -62.86 -3.65
N ALA D 104 -19.92 -63.13 -2.35
CA ALA D 104 -21.06 -63.45 -1.50
C ALA D 104 -21.37 -62.29 -0.57
N ARG D 105 -22.65 -61.93 -0.52
CA ARG D 105 -23.11 -60.85 0.37
C ARG D 105 -24.42 -61.29 1.00
N ASP D 106 -24.71 -60.72 2.16
CA ASP D 106 -25.92 -61.02 2.91
C ASP D 106 -26.87 -59.83 2.87
N GLY D 107 -27.99 -59.97 3.56
CA GLY D 107 -28.97 -58.91 3.63
C GLY D 107 -30.01 -59.04 2.54
N PRO D 108 -30.80 -57.99 2.37
CA PRO D 108 -31.92 -58.05 1.42
C PRO D 108 -31.53 -57.67 0.00
N HIS D 109 -30.39 -58.16 -0.47
CA HIS D 109 -30.02 -58.01 -1.86
C HIS D 109 -30.37 -59.31 -2.57
N PRO D 110 -30.82 -59.27 -3.82
CA PRO D 110 -31.04 -60.52 -4.56
C PRO D 110 -29.74 -61.29 -4.74
N VAL D 111 -29.83 -62.61 -4.61
CA VAL D 111 -28.64 -63.44 -4.66
C VAL D 111 -28.12 -63.50 -6.08
N ASP D 112 -26.83 -63.25 -6.25
CA ASP D 112 -26.22 -63.17 -7.56
C ASP D 112 -25.78 -64.54 -8.03
N GLN D 113 -25.80 -64.72 -9.35
CA GLN D 113 -25.34 -65.91 -10.04
C GLN D 113 -24.19 -65.55 -10.97
N PRO D 114 -23.23 -66.44 -11.19
CA PRO D 114 -22.13 -66.13 -12.10
C PRO D 114 -22.59 -66.04 -13.55
N VAL D 115 -21.87 -65.24 -14.32
CA VAL D 115 -22.23 -64.93 -15.70
C VAL D 115 -21.10 -65.41 -16.62
N HIS D 116 -21.46 -66.16 -17.66
CA HIS D 116 -20.53 -66.59 -18.68
C HIS D 116 -20.75 -65.75 -19.92
N ASN D 117 -19.66 -65.26 -20.50
CA ASN D 117 -19.71 -64.40 -21.69
C ASN D 117 -19.14 -65.13 -22.87
N TYR D 118 -19.81 -65.03 -24.03
CA TYR D 118 -19.37 -65.63 -25.27
C TYR D 118 -19.22 -64.55 -26.32
N MET D 119 -18.06 -64.51 -26.99
CA MET D 119 -17.76 -63.48 -27.96
C MET D 119 -17.22 -64.11 -29.23
N VAL D 120 -17.64 -63.57 -30.38
CA VAL D 120 -17.21 -64.03 -31.68
C VAL D 120 -16.67 -62.85 -32.47
N LYS D 121 -15.43 -62.96 -32.95
CA LYS D 121 -14.85 -61.98 -33.86
C LYS D 121 -14.60 -62.63 -35.21
N ARG D 122 -14.26 -61.81 -36.20
CA ARG D 122 -14.07 -62.29 -37.56
C ARG D 122 -12.86 -61.61 -38.18
N ILE D 123 -12.37 -62.21 -39.28
CA ILE D 123 -11.19 -61.70 -39.96
C ILE D 123 -11.54 -60.52 -40.84
N HIS D 124 -10.51 -59.76 -41.21
CA HIS D 124 -10.64 -58.63 -42.12
C HIS D 124 -9.52 -58.72 -43.15
N LYS D 125 -9.89 -58.80 -44.42
CA LYS D 125 -8.94 -59.12 -45.48
C LYS D 125 -8.31 -57.85 -46.06
N ARG D 126 -6.98 -57.87 -46.16
CA ARG D 126 -6.23 -56.81 -46.83
C ARG D 126 -5.34 -57.43 -47.89
N SER D 127 -4.43 -56.64 -48.48
CA SER D 127 -3.55 -57.16 -49.52
C SER D 127 -2.28 -56.33 -49.56
N LEU D 128 -1.34 -56.77 -50.40
CA LEU D 128 -0.11 -56.06 -50.67
C LEU D 128 0.17 -56.12 -52.16
N SER D 129 0.67 -55.02 -52.73
CA SER D 129 0.91 -54.96 -54.16
C SER D 129 2.22 -54.22 -54.43
N ALA D 130 3.00 -54.77 -55.36
CA ALA D 130 4.23 -54.15 -55.83
C ALA D 130 4.43 -54.51 -57.30
N ALA D 131 5.18 -53.68 -57.99
CA ALA D 131 5.34 -53.81 -59.43
C ALA D 131 6.79 -54.03 -59.81
N PHE D 132 7.00 -54.43 -61.06
CA PHE D 132 8.31 -54.80 -61.58
C PHE D 132 8.24 -54.73 -63.09
N ALA D 133 9.11 -53.94 -63.71
CA ALA D 133 9.02 -53.63 -65.13
C ALA D 133 10.23 -54.16 -65.89
N ILE D 134 9.99 -54.54 -67.14
CA ILE D 134 11.02 -55.02 -68.05
C ILE D 134 10.94 -54.20 -69.32
N ALA D 135 12.08 -53.66 -69.77
CA ALA D 135 12.11 -52.85 -70.98
C ALA D 135 11.92 -53.72 -72.23
N SER D 136 11.64 -53.04 -73.35
CA SER D 136 11.38 -53.75 -74.60
C SER D 136 12.65 -54.36 -75.18
N GLU D 137 13.79 -53.67 -75.04
CA GLU D 137 15.05 -54.18 -75.57
C GLU D 137 15.50 -55.42 -74.81
N ALA D 138 15.24 -55.46 -73.49
CA ALA D 138 15.55 -56.65 -72.71
C ALA D 138 14.67 -57.83 -73.13
N LEU D 139 13.40 -57.57 -73.44
CA LEU D 139 12.51 -58.62 -73.93
C LEU D 139 12.94 -59.12 -75.30
N SER D 140 13.42 -58.22 -76.16
CA SER D 140 13.92 -58.63 -77.47
C SER D 140 15.21 -59.42 -77.34
N LEU D 141 16.04 -59.08 -76.35
CA LEU D 141 17.30 -59.79 -76.16
C LEU D 141 17.08 -61.17 -75.55
N LEU D 142 16.13 -61.29 -74.61
CA LEU D 142 15.94 -62.55 -73.90
C LEU D 142 15.06 -63.54 -74.66
N SER D 143 14.47 -63.14 -75.78
CA SER D 143 13.64 -64.03 -76.58
C SER D 143 14.41 -64.63 -77.76
N ASN D 144 15.70 -64.85 -77.60
CA ASN D 144 16.51 -65.42 -78.68
C ASN D 144 16.32 -66.94 -78.77
N THR D 145 16.64 -67.65 -77.69
CA THR D 145 16.58 -69.12 -77.59
C THR D 145 17.43 -69.79 -78.67
N TYR D 146 18.74 -69.61 -78.53
CA TYR D 146 19.80 -70.29 -79.30
C TYR D 146 19.77 -69.91 -80.78
N VAL D 147 19.74 -68.61 -81.05
CA VAL D 147 19.95 -68.10 -82.40
C VAL D 147 21.15 -67.15 -82.33
N ASP D 148 21.60 -66.82 -81.12
CA ASP D 148 22.64 -65.84 -80.93
C ASP D 148 23.83 -66.42 -80.15
N GLY D 149 24.73 -65.55 -79.70
CA GLY D 149 25.96 -65.99 -79.08
C GLY D 149 27.17 -65.21 -79.57
N THR D 150 26.92 -64.12 -80.28
CA THR D 150 27.99 -63.23 -80.70
C THR D 150 28.57 -62.48 -79.50
N GLU D 151 29.76 -61.92 -79.69
CA GLU D 151 30.51 -61.31 -78.60
C GLU D 151 30.12 -59.85 -78.32
N ILE D 152 29.13 -59.32 -79.05
CA ILE D 152 28.65 -57.97 -78.81
C ILE D 152 27.30 -57.97 -78.12
N ASP D 153 26.39 -58.87 -78.51
CA ASP D 153 25.09 -58.95 -77.86
C ASP D 153 25.13 -59.70 -76.54
N SER D 154 26.19 -60.48 -76.29
CA SER D 154 26.28 -61.24 -75.05
C SER D 154 26.44 -60.34 -73.84
N SER D 155 27.22 -59.26 -73.98
CA SER D 155 27.38 -58.30 -72.89
C SER D 155 26.08 -57.58 -72.57
N LEU D 156 25.31 -57.23 -73.61
CA LEU D 156 24.03 -56.58 -73.39
C LEU D 156 23.02 -57.54 -72.76
N ARG D 157 23.05 -58.82 -73.14
CA ARG D 157 22.18 -59.80 -72.51
C ARG D 157 22.55 -60.05 -71.05
N ILE D 158 23.86 -60.04 -70.74
CA ILE D 158 24.32 -60.17 -69.37
C ILE D 158 23.90 -58.96 -68.55
N ARG D 159 23.97 -57.76 -69.14
CA ARG D 159 23.48 -56.56 -68.47
C ARG D 159 21.97 -56.63 -68.24
N ALA D 160 21.23 -57.19 -69.19
CA ALA D 160 19.79 -57.32 -69.05
C ALA D 160 19.40 -58.28 -67.92
N ILE D 161 20.07 -59.43 -67.85
CA ILE D 161 19.74 -60.39 -66.78
C ILE D 161 20.22 -59.87 -65.42
N GLN D 162 21.31 -59.09 -65.40
CA GLN D 162 21.78 -58.50 -64.16
C GLN D 162 20.80 -57.44 -63.65
N GLN D 163 20.28 -56.61 -64.56
CA GLN D 163 19.29 -55.61 -64.17
C GLN D 163 17.98 -56.26 -63.74
N MET D 164 17.58 -57.36 -64.40
CA MET D 164 16.37 -58.08 -64.01
C MET D 164 16.51 -58.68 -62.61
N ALA D 165 17.67 -59.28 -62.31
CA ALA D 165 17.89 -59.84 -60.98
C ALA D 165 17.95 -58.75 -59.91
N ARG D 166 18.61 -57.63 -60.23
CA ARG D 166 18.70 -56.52 -59.27
C ARG D 166 17.33 -55.89 -59.01
N ASN D 167 16.47 -55.88 -60.03
CA ASN D 167 15.11 -55.36 -59.84
C ASN D 167 14.27 -56.33 -59.02
N LEU D 168 14.36 -57.63 -59.33
CA LEU D 168 13.54 -58.63 -58.65
C LEU D 168 13.92 -58.78 -57.18
N ARG D 169 15.20 -58.55 -56.84
CA ARG D 169 15.61 -58.65 -55.45
C ARG D 169 14.97 -57.56 -54.58
N THR D 170 14.92 -56.32 -55.10
CA THR D 170 14.26 -55.26 -54.35
C THR D 170 12.75 -55.44 -54.34
N VAL D 171 12.19 -56.02 -55.41
CA VAL D 171 10.76 -56.34 -55.42
C VAL D 171 10.43 -57.36 -54.33
N LEU D 172 11.28 -58.38 -54.17
CA LEU D 172 11.05 -59.37 -53.12
C LEU D 172 11.31 -58.80 -51.73
N ASP D 173 12.22 -57.82 -51.63
CA ASP D 173 12.48 -57.15 -50.35
C ASP D 173 11.30 -56.26 -49.95
N SER D 174 10.54 -55.78 -50.95
CA SER D 174 9.46 -54.83 -50.71
C SER D 174 8.34 -55.41 -49.85
N PHE D 175 8.07 -56.70 -49.96
CA PHE D 175 7.00 -57.30 -49.15
C PHE D 175 7.38 -57.38 -47.69
N GLU D 176 8.64 -57.73 -47.40
CA GLU D 176 9.13 -57.71 -46.03
C GLU D 176 9.19 -56.28 -45.49
N ARG D 177 9.46 -55.32 -46.35
CA ARG D 177 9.45 -53.92 -45.91
C ARG D 177 8.03 -53.38 -45.70
N GLY D 178 7.04 -53.92 -46.40
CA GLY D 178 5.68 -53.44 -46.29
C GLY D 178 4.83 -54.16 -45.26
N THR D 179 5.29 -55.32 -44.80
CA THR D 179 4.60 -56.03 -43.72
C THR D 179 4.58 -55.21 -42.43
N ALA D 180 5.71 -54.60 -42.09
CA ALA D 180 5.77 -53.75 -40.90
C ALA D 180 4.94 -52.48 -41.07
N ASP D 181 4.87 -51.97 -42.31
CA ASP D 181 4.03 -50.80 -42.58
C ASP D 181 2.55 -51.13 -42.39
N GLN D 182 2.11 -52.29 -42.88
CA GLN D 182 0.72 -52.68 -42.70
C GLN D 182 0.41 -52.98 -41.24
N LEU D 183 1.38 -53.54 -40.50
CA LEU D 183 1.19 -53.75 -39.07
C LEU D 183 1.09 -52.44 -38.31
N LEU D 184 1.91 -51.45 -38.68
CA LEU D 184 1.82 -50.13 -38.05
C LEU D 184 0.48 -49.47 -38.35
N GLY D 185 -0.01 -49.62 -39.58
CA GLY D 185 -1.31 -49.06 -39.92
C GLY D 185 -2.45 -49.71 -39.17
N VAL D 186 -2.45 -51.04 -39.07
CA VAL D 186 -3.55 -51.73 -38.43
C VAL D 186 -3.46 -51.58 -36.90
N LEU D 187 -2.26 -51.31 -36.37
CA LEU D 187 -2.17 -51.00 -34.95
C LEU D 187 -2.54 -49.56 -34.65
N LEU D 188 -2.32 -48.65 -35.61
CA LEU D 188 -2.70 -47.26 -35.41
C LEU D 188 -4.21 -47.09 -35.49
N GLU D 189 -4.87 -47.83 -36.39
CA GLU D 189 -6.33 -47.73 -36.47
C GLU D 189 -7.03 -48.43 -35.30
N LYS D 190 -6.32 -49.28 -34.56
CA LYS D 190 -6.89 -50.05 -33.46
C LYS D 190 -6.68 -49.42 -32.10
N ALA D 191 -5.99 -48.29 -32.02
CA ALA D 191 -5.53 -47.76 -30.75
C ALA D 191 -6.37 -46.57 -30.31
N PRO D 192 -7.13 -46.68 -29.22
CA PRO D 192 -7.76 -45.50 -28.62
C PRO D 192 -6.72 -44.62 -27.94
N PRO D 193 -7.02 -43.33 -27.75
CA PRO D 193 -6.05 -42.45 -27.07
C PRO D 193 -5.87 -42.82 -25.60
N LEU D 194 -4.68 -42.51 -25.08
CA LEU D 194 -4.38 -42.76 -23.68
C LEU D 194 -5.18 -41.84 -22.77
N SER D 195 -5.34 -40.58 -23.17
CA SER D 195 -6.00 -39.57 -22.35
C SER D 195 -7.48 -39.84 -22.14
N LEU D 196 -8.09 -40.69 -22.98
CA LEU D 196 -9.44 -41.15 -22.76
C LEU D 196 -9.50 -42.54 -22.14
N LEU D 197 -8.53 -43.41 -22.45
CA LEU D 197 -8.59 -44.78 -21.96
C LEU D 197 -8.23 -44.86 -20.48
N SER D 198 -7.29 -44.04 -20.02
CA SER D 198 -6.87 -44.10 -18.62
C SER D 198 -7.95 -43.68 -17.62
N PRO D 199 -8.68 -42.54 -17.78
CA PRO D 199 -9.76 -42.26 -16.82
C PRO D 199 -10.97 -43.18 -16.97
N ILE D 200 -11.19 -43.79 -18.13
CA ILE D 200 -12.29 -44.74 -18.29
C ILE D 200 -12.05 -45.98 -17.44
N ASN D 201 -10.84 -46.55 -17.51
CA ASN D 201 -10.54 -47.71 -16.70
C ASN D 201 -10.11 -47.38 -15.27
N LYS D 202 -9.89 -46.11 -14.95
CA LYS D 202 -9.53 -45.70 -13.60
C LYS D 202 -10.74 -45.31 -12.76
N PHE D 203 -11.65 -44.50 -13.32
CA PHE D 203 -12.77 -44.00 -12.52
C PHE D 203 -13.83 -45.06 -12.30
N GLN D 204 -14.37 -45.65 -13.38
CA GLN D 204 -15.41 -46.64 -13.14
C GLN D 204 -14.77 -47.97 -12.74
N PRO D 205 -15.35 -48.70 -11.77
CA PRO D 205 -14.85 -50.04 -11.47
C PRO D 205 -15.16 -51.05 -12.56
N GLU D 206 -16.43 -51.16 -12.95
CA GLU D 206 -16.86 -52.17 -13.91
C GLU D 206 -17.49 -51.56 -15.15
N GLY D 207 -18.49 -50.70 -14.99
CA GLY D 207 -19.25 -50.16 -16.10
C GLY D 207 -20.70 -50.04 -15.72
N HIS D 208 -21.50 -49.61 -16.72
CA HIS D 208 -22.93 -49.32 -16.57
C HIS D 208 -23.19 -48.33 -15.43
N LEU D 209 -22.56 -47.15 -15.54
CA LEU D 209 -22.79 -46.09 -14.58
C LEU D 209 -24.13 -45.42 -14.85
N ASN D 210 -24.61 -44.69 -13.85
CA ASN D 210 -25.81 -43.89 -14.02
C ASN D 210 -25.46 -42.56 -14.69
N ARG D 211 -26.43 -41.63 -14.68
CA ARG D 211 -26.24 -40.35 -15.36
C ARG D 211 -25.18 -39.50 -14.67
N VAL D 212 -25.18 -39.49 -13.34
CA VAL D 212 -24.31 -38.57 -12.59
C VAL D 212 -22.85 -39.00 -12.70
N ALA D 213 -22.59 -40.30 -12.54
CA ALA D 213 -21.22 -40.79 -12.64
C ALA D 213 -20.68 -40.64 -14.06
N ARG D 214 -21.53 -40.85 -15.06
CA ARG D 214 -21.12 -40.65 -16.45
C ARG D 214 -20.82 -39.19 -16.74
N ALA D 215 -21.62 -38.27 -16.17
CA ALA D 215 -21.37 -36.85 -16.37
C ALA D 215 -20.07 -36.40 -15.71
N ALA D 216 -19.82 -36.86 -14.48
CA ALA D 216 -18.57 -36.52 -13.80
C ALA D 216 -17.36 -37.13 -14.52
N LEU D 217 -17.50 -38.37 -15.00
CA LEU D 217 -16.45 -39.00 -15.78
C LEU D 217 -16.21 -38.27 -17.08
N LEU D 218 -17.26 -37.71 -17.68
CA LEU D 218 -17.12 -36.98 -18.93
C LEU D 218 -16.41 -35.65 -18.73
N SER D 219 -16.71 -34.96 -17.63
CA SER D 219 -15.98 -33.74 -17.30
C SER D 219 -14.51 -34.03 -17.02
N ASP D 220 -14.24 -35.13 -16.32
CA ASP D 220 -12.86 -35.55 -16.09
C ASP D 220 -12.15 -35.89 -17.40
N LEU D 221 -12.87 -36.53 -18.34
CA LEU D 221 -12.31 -36.83 -19.66
C LEU D 221 -11.96 -35.56 -20.42
N LYS D 222 -12.84 -34.56 -20.36
CA LYS D 222 -12.59 -33.28 -21.03
C LYS D 222 -11.35 -32.60 -20.48
N ARG D 223 -11.24 -32.54 -19.15
CA ARG D 223 -10.08 -31.91 -18.52
C ARG D 223 -8.79 -32.68 -18.81
N ARG D 224 -8.85 -34.01 -18.76
CA ARG D 224 -7.66 -34.83 -19.00
C ARG D 224 -7.20 -34.75 -20.45
N VAL D 225 -8.13 -34.74 -21.40
CA VAL D 225 -7.73 -34.67 -22.81
C VAL D 225 -7.33 -33.26 -23.19
N CYS D 226 -7.73 -32.26 -22.39
CA CYS D 226 -7.20 -30.92 -22.61
C CYS D 226 -5.79 -30.78 -22.04
N ALA D 227 -5.50 -31.47 -20.94
CA ALA D 227 -4.23 -31.27 -20.26
C ALA D 227 -3.07 -31.97 -20.97
N ASP D 228 -3.04 -33.31 -20.94
CA ASP D 228 -1.85 -34.08 -21.31
C ASP D 228 -1.87 -34.60 -22.75
N MET D 229 -1.97 -33.66 -23.70
CA MET D 229 -1.89 -34.00 -25.11
C MET D 229 -0.51 -33.78 -25.72
N PHE D 230 0.25 -32.80 -25.26
CA PHE D 230 1.59 -32.53 -25.77
C PHE D 230 2.61 -32.73 -24.67
N PHE D 231 2.52 -33.89 -24.00
CA PHE D 231 3.19 -34.13 -22.73
C PHE D 231 4.71 -34.07 -22.83
N MET D 232 5.26 -34.40 -24.01
CA MET D 232 6.71 -34.50 -24.14
C MET D 232 7.37 -33.22 -24.64
N THR D 233 6.61 -32.27 -25.16
CA THR D 233 7.16 -30.95 -25.48
C THR D 233 6.81 -29.92 -24.41
N ARG D 234 5.98 -30.27 -23.44
CA ARG D 234 5.62 -29.39 -22.33
C ARG D 234 6.43 -29.73 -21.08
N HIS D 235 6.36 -30.99 -20.64
CA HIS D 235 7.15 -31.46 -19.51
C HIS D 235 8.46 -32.08 -19.98
N ALA D 236 9.21 -31.35 -20.80
CA ALA D 236 10.49 -31.83 -21.28
C ALA D 236 11.59 -31.69 -20.23
N ARG D 237 11.47 -30.70 -19.35
CA ARG D 237 12.50 -30.48 -18.34
C ARG D 237 12.45 -31.51 -17.23
N GLU D 238 11.25 -32.02 -16.92
CA GLU D 238 11.09 -32.99 -15.84
C GLU D 238 11.38 -34.39 -16.36
N PRO D 239 12.38 -35.10 -15.83
CA PRO D 239 12.63 -36.47 -16.29
C PRO D 239 11.80 -37.51 -15.56
N ARG D 240 10.97 -37.12 -14.61
CA ARG D 240 10.20 -38.08 -13.82
C ARG D 240 8.74 -38.19 -14.27
N LEU D 241 8.15 -37.12 -14.80
CA LEU D 241 6.75 -37.18 -15.23
C LEU D 241 6.59 -38.06 -16.46
N ILE D 242 7.58 -38.04 -17.36
CA ILE D 242 7.52 -38.86 -18.57
C ILE D 242 7.64 -40.34 -18.20
N SER D 243 8.55 -40.68 -17.29
CA SER D 243 8.66 -42.05 -16.81
C SER D 243 7.47 -42.46 -15.95
N ALA D 244 6.77 -41.50 -15.35
CA ALA D 244 5.55 -41.80 -14.61
C ALA D 244 4.35 -42.05 -15.51
N TYR D 245 4.26 -41.37 -16.66
CA TYR D 245 3.12 -41.59 -17.54
C TYR D 245 3.35 -42.71 -18.54
N LEU D 246 4.61 -43.03 -18.87
CA LEU D 246 4.89 -44.20 -19.68
C LEU D 246 4.52 -45.48 -18.95
N SER D 247 4.77 -45.52 -17.64
CA SER D 247 4.36 -46.66 -16.82
C SER D 247 2.84 -46.80 -16.77
N ASP D 248 2.12 -45.67 -16.71
CA ASP D 248 0.65 -45.70 -16.73
C ASP D 248 0.16 -46.22 -18.08
N MET D 249 0.79 -45.76 -19.17
CA MET D 249 0.40 -46.20 -20.51
C MET D 249 0.64 -47.70 -20.70
N VAL D 250 1.76 -48.21 -20.21
CA VAL D 250 2.05 -49.63 -20.34
C VAL D 250 1.13 -50.46 -19.43
N SER D 251 0.98 -50.05 -18.17
CA SER D 251 0.05 -50.72 -17.27
C SER D 251 -1.33 -50.06 -17.28
N CYS D 252 -1.82 -49.77 -18.49
CA CYS D 252 -3.21 -49.39 -18.67
C CYS D 252 -3.91 -50.19 -19.75
N THR D 253 -3.26 -51.20 -20.32
CA THR D 253 -3.84 -52.03 -21.37
C THR D 253 -3.81 -53.50 -20.96
N GLN D 254 -4.87 -54.21 -21.30
CA GLN D 254 -5.02 -55.61 -20.91
C GLN D 254 -4.15 -56.52 -21.77
N PRO D 255 -3.65 -57.62 -21.20
CA PRO D 255 -2.89 -58.58 -22.01
C PRO D 255 -3.76 -59.46 -22.89
N SER D 256 -3.14 -60.43 -23.56
CA SER D 256 -3.81 -61.28 -24.54
C SER D 256 -3.59 -62.74 -24.20
N VAL D 257 -3.90 -63.62 -25.16
CA VAL D 257 -3.89 -65.06 -24.91
C VAL D 257 -2.46 -65.56 -24.73
N MET D 258 -2.35 -66.80 -24.23
CA MET D 258 -1.10 -67.37 -23.78
C MET D 258 -0.45 -68.26 -24.83
N VAL D 259 -1.26 -68.90 -25.70
CA VAL D 259 -0.79 -70.04 -26.49
C VAL D 259 0.24 -69.60 -27.54
N SER D 260 1.33 -70.36 -27.60
CA SER D 260 2.48 -70.14 -28.47
C SER D 260 3.37 -71.38 -28.36
N ARG D 261 4.40 -71.43 -29.20
CA ARG D 261 5.43 -72.44 -29.11
C ARG D 261 6.78 -71.84 -28.73
N ILE D 262 7.25 -70.85 -29.49
CA ILE D 262 8.45 -70.10 -29.18
C ILE D 262 8.13 -68.62 -29.28
N THR D 263 8.62 -67.83 -28.34
CA THR D 263 8.30 -66.42 -28.24
C THR D 263 9.59 -65.60 -28.17
N HIS D 264 9.43 -64.29 -28.05
CA HIS D 264 10.55 -63.36 -28.02
C HIS D 264 11.05 -63.22 -26.58
N THR D 265 12.25 -63.72 -26.31
CA THR D 265 12.87 -63.57 -25.01
C THR D 265 14.15 -62.76 -25.16
N ASN D 266 14.68 -62.30 -24.03
CA ASN D 266 15.96 -61.61 -24.00
C ASN D 266 17.06 -62.64 -23.80
N THR D 267 18.27 -62.18 -23.47
CA THR D 267 19.42 -63.06 -23.31
C THR D 267 19.26 -64.00 -22.11
N ARG D 268 18.70 -63.51 -21.00
CA ARG D 268 18.52 -64.35 -19.83
C ARG D 268 17.43 -65.40 -20.06
N GLY D 269 16.36 -65.03 -20.75
CA GLY D 269 15.27 -65.95 -20.99
C GLY D 269 13.94 -65.41 -20.53
N ARG D 270 13.94 -64.18 -20.04
CA ARG D 270 12.71 -63.54 -19.58
C ARG D 270 11.84 -63.15 -20.78
N GLN D 271 10.56 -63.48 -20.70
CA GLN D 271 9.63 -63.16 -21.78
C GLN D 271 9.36 -61.66 -21.83
N VAL D 272 9.32 -61.11 -23.03
CA VAL D 272 9.03 -59.69 -23.22
C VAL D 272 7.52 -59.53 -23.34
N ASP D 273 7.06 -58.28 -23.17
CA ASP D 273 5.63 -58.01 -23.05
C ASP D 273 5.10 -56.96 -24.01
N GLY D 274 5.82 -56.60 -25.06
CA GLY D 274 5.26 -55.71 -26.04
C GLY D 274 6.34 -54.92 -26.76
N VAL D 275 5.87 -53.99 -27.58
CA VAL D 275 6.73 -53.10 -28.36
C VAL D 275 6.20 -51.68 -28.21
N LEU D 276 7.10 -50.73 -27.93
CA LEU D 276 6.75 -49.32 -27.77
C LEU D 276 7.43 -48.56 -28.91
N VAL D 277 6.75 -48.45 -30.04
CA VAL D 277 7.34 -47.91 -31.26
C VAL D 277 7.25 -46.39 -31.25
N THR D 278 8.39 -45.72 -31.44
CA THR D 278 8.50 -44.27 -31.34
C THR D 278 9.18 -43.71 -32.58
N THR D 279 9.35 -42.40 -32.58
CA THR D 279 10.22 -41.68 -33.49
C THR D 279 11.63 -41.73 -32.89
N ALA D 280 12.66 -41.65 -33.75
CA ALA D 280 14.04 -41.75 -33.29
C ALA D 280 14.42 -40.59 -32.36
N THR D 281 13.80 -39.43 -32.53
CA THR D 281 13.98 -38.33 -31.58
C THR D 281 13.43 -38.71 -30.21
N LEU D 282 12.24 -39.31 -30.18
CA LEU D 282 11.66 -39.75 -28.91
C LEU D 282 12.42 -40.94 -28.33
N LYS D 283 13.00 -41.79 -29.19
CA LYS D 283 13.83 -42.88 -28.70
C LYS D 283 15.10 -42.34 -28.03
N ARG D 284 15.71 -41.31 -28.64
CA ARG D 284 16.87 -40.67 -28.01
C ARG D 284 16.50 -39.99 -26.70
N GLN D 285 15.32 -39.34 -26.67
CA GLN D 285 14.86 -38.70 -25.44
C GLN D 285 14.59 -39.72 -24.34
N LEU D 286 14.10 -40.90 -24.72
CA LEU D 286 13.94 -41.99 -23.75
C LEU D 286 15.27 -42.49 -23.24
N LEU D 287 16.22 -42.73 -24.15
CA LEU D 287 17.43 -43.45 -23.77
C LEU D 287 18.52 -42.54 -23.22
N GLN D 288 18.36 -41.21 -23.27
CA GLN D 288 19.41 -40.36 -22.71
C GLN D 288 19.37 -40.34 -21.18
N GLY D 289 18.19 -40.15 -20.59
CA GLY D 289 18.13 -40.05 -19.15
C GLY D 289 16.89 -40.58 -18.46
N ILE D 290 15.94 -41.15 -19.21
CA ILE D 290 14.64 -41.46 -18.63
C ILE D 290 14.53 -42.96 -18.33
N LEU D 291 14.63 -43.79 -19.34
CA LEU D 291 14.49 -45.23 -19.18
C LEU D 291 15.86 -45.89 -19.11
N GLN D 292 15.89 -47.07 -18.49
CA GLN D 292 17.12 -47.83 -18.30
C GLN D 292 17.15 -49.02 -19.25
N ILE D 293 18.34 -49.34 -19.75
CA ILE D 293 18.50 -50.45 -20.68
C ILE D 293 18.57 -51.76 -19.89
N ASP D 294 17.69 -52.70 -20.24
CA ASP D 294 17.74 -54.03 -19.65
C ASP D 294 18.68 -54.94 -20.43
N ASP D 295 18.63 -54.88 -21.76
CA ASP D 295 19.47 -55.73 -22.59
C ASP D 295 19.66 -55.06 -23.94
N THR D 296 20.65 -55.55 -24.69
CA THR D 296 20.93 -55.06 -26.03
C THR D 296 20.82 -56.14 -27.09
N ALA D 297 20.32 -57.32 -26.73
CA ALA D 297 20.11 -58.41 -27.69
C ALA D 297 18.85 -59.16 -27.32
N ALA D 298 18.26 -59.84 -28.30
CA ALA D 298 17.02 -60.57 -28.09
C ALA D 298 17.03 -61.84 -28.91
N ASP D 299 16.23 -62.81 -28.48
CA ASP D 299 16.04 -64.07 -29.17
C ASP D 299 14.67 -64.07 -29.82
N VAL D 300 14.62 -64.11 -31.14
CA VAL D 300 13.36 -64.06 -31.87
C VAL D 300 13.14 -65.40 -32.57
N PRO D 301 11.89 -65.77 -32.89
CA PRO D 301 11.67 -66.91 -33.77
C PRO D 301 12.07 -66.58 -35.20
N VAL D 302 12.33 -67.62 -35.98
CA VAL D 302 12.74 -67.48 -37.37
C VAL D 302 11.77 -68.15 -38.34
N THR D 303 10.72 -68.79 -37.84
CA THR D 303 9.74 -69.44 -38.69
C THR D 303 8.38 -68.79 -38.49
N TYR D 304 7.50 -69.02 -39.47
CA TYR D 304 6.15 -68.49 -39.38
C TYR D 304 5.23 -69.46 -38.65
N GLY D 305 5.15 -70.70 -39.16
CA GLY D 305 4.21 -71.68 -38.66
C GLY D 305 3.03 -71.76 -39.61
N GLU D 306 3.05 -72.74 -40.51
CA GLU D 306 2.08 -72.80 -41.59
C GLU D 306 0.89 -73.67 -41.20
N MET D 307 -0.13 -73.64 -42.06
CA MET D 307 -1.31 -74.48 -41.88
C MET D 307 -1.92 -74.75 -43.24
N VAL D 308 -2.47 -75.96 -43.41
CA VAL D 308 -3.20 -76.34 -44.61
C VAL D 308 -4.41 -77.15 -44.18
N LEU D 309 -5.30 -77.42 -45.12
CA LEU D 309 -6.44 -78.29 -44.90
C LEU D 309 -6.29 -79.56 -45.74
N GLN D 310 -6.17 -80.70 -45.06
CA GLN D 310 -6.02 -81.99 -45.70
C GLN D 310 -6.92 -83.00 -45.01
N GLY D 311 -7.26 -84.05 -45.75
CA GLY D 311 -7.98 -85.16 -45.15
C GLY D 311 -9.45 -84.85 -44.93
N THR D 312 -9.89 -84.99 -43.67
CA THR D 312 -11.30 -84.79 -43.36
C THR D 312 -11.68 -83.31 -43.40
N ASN D 313 -10.72 -82.42 -43.18
CA ASN D 313 -10.99 -80.98 -43.24
C ASN D 313 -11.31 -80.55 -44.67
N LEU D 314 -10.60 -81.13 -45.66
CA LEU D 314 -10.84 -80.79 -47.05
C LEU D 314 -12.22 -81.26 -47.51
N VAL D 315 -12.59 -82.50 -47.17
CA VAL D 315 -13.89 -83.01 -47.59
C VAL D 315 -15.02 -82.30 -46.82
N THR D 316 -14.76 -81.89 -45.57
CA THR D 316 -15.75 -81.12 -44.82
C THR D 316 -15.95 -79.75 -45.42
N ALA D 317 -14.87 -79.12 -45.90
CA ALA D 317 -15.00 -77.85 -46.59
C ALA D 317 -15.61 -78.01 -47.97
N LEU D 318 -15.52 -79.20 -48.56
CA LEU D 318 -16.01 -79.40 -49.92
C LEU D 318 -17.50 -79.75 -49.99
N VAL D 319 -18.00 -80.64 -49.14
CA VAL D 319 -19.41 -81.00 -49.23
C VAL D 319 -20.29 -80.12 -48.32
N MET D 320 -19.80 -79.71 -47.16
CA MET D 320 -20.59 -78.93 -46.21
C MET D 320 -20.34 -77.43 -46.31
N GLY D 321 -19.11 -77.01 -46.60
CA GLY D 321 -18.77 -75.61 -46.67
C GLY D 321 -18.24 -75.01 -45.38
N LYS D 322 -17.83 -75.82 -44.42
CA LYS D 322 -17.28 -75.34 -43.17
C LYS D 322 -16.00 -76.11 -42.85
N ALA D 323 -15.14 -75.48 -42.04
CA ALA D 323 -13.90 -76.10 -41.62
C ALA D 323 -13.56 -75.63 -40.21
N VAL D 324 -12.82 -76.46 -39.48
CA VAL D 324 -12.34 -76.15 -38.14
C VAL D 324 -10.84 -76.32 -38.12
N ARG D 325 -10.17 -75.52 -37.29
CA ARG D 325 -8.72 -75.64 -37.13
C ARG D 325 -8.38 -76.90 -36.36
N GLY D 326 -7.63 -77.80 -37.01
CA GLY D 326 -7.22 -79.04 -36.38
C GLY D 326 -8.37 -79.98 -36.09
N MET D 327 -8.96 -80.54 -37.15
CA MET D 327 -10.08 -81.46 -36.98
C MET D 327 -9.65 -82.75 -36.27
N ASP D 328 -8.40 -83.19 -36.49
CA ASP D 328 -7.93 -84.44 -35.91
C ASP D 328 -7.81 -84.34 -34.39
N ASP D 329 -7.23 -83.25 -33.90
CA ASP D 329 -7.01 -83.09 -32.46
C ASP D 329 -8.33 -82.91 -31.70
N VAL D 330 -9.23 -82.08 -32.22
CA VAL D 330 -10.51 -81.87 -31.55
C VAL D 330 -11.40 -83.10 -31.69
N ALA D 331 -11.22 -83.88 -32.78
CA ALA D 331 -11.96 -85.13 -32.92
C ALA D 331 -11.48 -86.16 -31.92
N ARG D 332 -10.16 -86.26 -31.73
CA ARG D 332 -9.61 -87.19 -30.74
C ARG D 332 -9.99 -86.78 -29.33
N HIS D 333 -10.00 -85.47 -29.06
CA HIS D 333 -10.41 -84.99 -27.73
C HIS D 333 -11.88 -85.26 -27.47
N LEU D 334 -12.75 -85.04 -28.45
CA LEU D 334 -14.16 -85.34 -28.30
C LEU D 334 -14.41 -86.84 -28.12
N LEU D 335 -13.67 -87.66 -28.87
CA LEU D 335 -13.83 -89.12 -28.76
C LEU D 335 -13.34 -89.63 -27.42
N ASP D 336 -12.17 -89.16 -26.96
CA ASP D 336 -11.66 -89.59 -25.67
C ASP D 336 -12.40 -88.96 -24.50
N ILE D 337 -13.18 -87.89 -24.73
CA ILE D 337 -14.01 -87.34 -23.68
C ILE D 337 -15.41 -87.95 -23.66
N THR D 338 -15.85 -88.58 -24.75
CA THR D 338 -17.20 -89.14 -24.83
C THR D 338 -17.23 -90.66 -24.82
N ASP D 339 -16.41 -91.32 -25.64
CA ASP D 339 -16.52 -92.77 -25.86
C ASP D 339 -16.03 -93.67 -24.73
N PRO D 340 -14.74 -93.60 -24.26
CA PRO D 340 -14.21 -94.72 -23.47
C PRO D 340 -14.72 -94.82 -22.04
N ASN D 341 -14.11 -95.72 -21.27
CA ASN D 341 -14.60 -96.11 -19.95
C ASN D 341 -14.30 -95.05 -18.89
N THR D 342 -14.41 -95.45 -17.62
CA THR D 342 -14.47 -94.51 -16.51
C THR D 342 -13.15 -93.79 -16.25
N LEU D 343 -12.04 -94.29 -16.77
CA LEU D 343 -10.74 -93.67 -16.48
C LEU D 343 -10.53 -92.37 -17.24
N ASN D 344 -10.94 -92.32 -18.51
CA ASN D 344 -10.52 -91.25 -19.40
C ASN D 344 -11.49 -90.07 -19.47
N ILE D 345 -12.80 -90.32 -19.53
CA ILE D 345 -13.78 -89.28 -19.78
C ILE D 345 -13.90 -88.16 -18.73
N PRO D 346 -13.86 -88.38 -17.37
CA PRO D 346 -14.22 -87.24 -16.50
C PRO D 346 -13.04 -86.31 -16.23
N SER D 347 -12.48 -85.75 -17.30
CA SER D 347 -11.38 -84.80 -17.17
C SER D 347 -11.38 -83.90 -18.42
N ILE D 348 -11.93 -82.71 -18.29
CA ILE D 348 -11.88 -81.71 -19.36
C ILE D 348 -11.25 -80.43 -18.81
N PRO D 349 -9.93 -80.32 -18.82
CA PRO D 349 -9.29 -79.09 -18.33
C PRO D 349 -9.17 -78.06 -19.44
N PRO D 350 -9.70 -76.85 -19.24
CA PRO D 350 -9.47 -75.78 -20.21
C PRO D 350 -8.04 -75.28 -20.15
N GLN D 351 -7.23 -75.65 -21.15
CA GLN D 351 -5.81 -75.33 -21.15
C GLN D 351 -5.34 -75.31 -22.59
N SER D 352 -4.04 -75.07 -22.78
CA SER D 352 -3.45 -75.03 -24.12
C SER D 352 -3.51 -76.41 -24.78
N ASN D 353 -3.23 -77.46 -24.01
CA ASN D 353 -3.29 -78.88 -24.42
C ASN D 353 -2.39 -79.16 -25.62
N SER D 354 -2.99 -79.11 -26.82
CA SER D 354 -2.32 -79.32 -28.11
C SER D 354 -1.66 -80.71 -28.17
N ASP D 355 -2.51 -81.73 -28.15
CA ASP D 355 -2.06 -83.10 -28.28
C ASP D 355 -1.49 -83.36 -29.68
N SER D 356 -0.62 -84.37 -29.76
CA SER D 356 0.14 -84.75 -30.95
C SER D 356 0.96 -83.58 -31.48
N THR D 357 0.47 -82.95 -32.56
CA THR D 357 1.08 -81.79 -33.22
C THR D 357 2.52 -82.07 -33.64
N THR D 358 2.66 -83.01 -34.58
CA THR D 358 3.96 -83.43 -35.05
C THR D 358 4.65 -82.33 -35.85
N ALA D 359 5.98 -82.39 -35.87
CA ALA D 359 6.91 -81.52 -36.59
C ALA D 359 6.87 -80.06 -36.14
N GLY D 360 7.85 -79.29 -36.59
CA GLY D 360 7.93 -77.90 -36.22
C GLY D 360 9.38 -77.43 -36.20
N LEU D 361 9.54 -76.14 -35.96
CA LEU D 361 10.87 -75.51 -35.91
C LEU D 361 10.98 -74.63 -34.67
N PRO D 362 11.24 -75.22 -33.50
CA PRO D 362 11.42 -74.42 -32.27
C PRO D 362 12.87 -74.00 -32.05
N VAL D 363 13.33 -73.06 -32.87
CA VAL D 363 14.70 -72.55 -32.79
C VAL D 363 14.65 -71.02 -32.74
N ASN D 364 15.66 -70.45 -32.11
CA ASN D 364 15.79 -69.01 -31.94
C ASN D 364 16.95 -68.48 -32.78
N ALA D 365 17.16 -67.17 -32.71
CA ALA D 365 18.29 -66.51 -33.35
C ALA D 365 18.55 -65.20 -32.64
N ARG D 366 19.83 -64.89 -32.42
CA ARG D 366 20.18 -63.64 -31.75
C ARG D 366 19.96 -62.45 -32.68
N VAL D 367 19.46 -61.37 -32.12
CA VAL D 367 19.12 -60.18 -32.91
C VAL D 367 19.62 -58.94 -32.18
N PRO D 368 20.36 -58.06 -32.84
CA PRO D 368 20.75 -56.80 -32.18
C PRO D 368 19.58 -55.82 -32.11
N ALA D 369 19.01 -55.68 -30.92
CA ALA D 369 17.90 -54.77 -30.68
C ALA D 369 17.86 -54.46 -29.19
N ASP D 370 17.59 -53.19 -28.87
CA ASP D 370 17.59 -52.76 -27.48
C ASP D 370 16.27 -53.07 -26.78
N LEU D 371 16.35 -53.26 -25.47
CA LEU D 371 15.19 -53.58 -24.64
C LEU D 371 15.24 -52.72 -23.39
N VAL D 372 14.15 -52.03 -23.10
CA VAL D 372 14.02 -51.25 -21.89
C VAL D 372 13.00 -51.92 -20.97
N ILE D 373 13.04 -51.56 -19.70
CA ILE D 373 12.13 -52.09 -18.70
C ILE D 373 11.40 -50.93 -18.04
N VAL D 374 10.08 -50.89 -18.19
CA VAL D 374 9.23 -49.89 -17.55
C VAL D 374 8.27 -50.63 -16.61
N GLY D 375 7.99 -50.00 -15.47
CA GLY D 375 7.13 -50.58 -14.44
C GLY D 375 7.65 -51.91 -13.94
N ASP D 376 6.97 -52.98 -14.35
CA ASP D 376 7.47 -54.35 -14.15
C ASP D 376 7.47 -55.12 -15.46
N LYS D 377 7.27 -54.47 -16.60
CA LYS D 377 7.14 -55.12 -17.89
C LYS D 377 8.36 -54.85 -18.76
N LEU D 378 8.81 -55.87 -19.47
CA LEU D 378 9.93 -55.75 -20.39
C LEU D 378 9.39 -55.56 -21.81
N VAL D 379 9.68 -54.42 -22.41
CA VAL D 379 9.13 -54.06 -23.71
C VAL D 379 10.27 -53.77 -24.68
N PHE D 380 10.00 -53.96 -25.97
CA PHE D 380 10.91 -53.51 -27.01
C PHE D 380 10.80 -51.99 -27.16
N LEU D 381 11.86 -51.38 -27.68
CA LEU D 381 11.86 -49.96 -28.01
C LEU D 381 12.23 -49.83 -29.48
N GLU D 382 11.24 -49.53 -30.31
CA GLU D 382 11.42 -49.48 -31.75
C GLU D 382 11.34 -48.04 -32.24
N ALA D 383 12.28 -47.69 -33.12
CA ALA D 383 12.28 -46.39 -33.80
C ALA D 383 12.60 -46.59 -35.28
N LEU D 384 11.86 -47.50 -35.91
CA LEU D 384 12.19 -48.00 -37.24
C LEU D 384 11.97 -46.91 -38.29
N GLU D 385 13.03 -46.15 -38.55
CA GLU D 385 13.08 -45.14 -39.60
C GLU D 385 14.26 -45.30 -40.54
N ARG D 386 15.28 -46.06 -40.16
CA ARG D 386 16.45 -46.28 -41.00
C ARG D 386 16.41 -47.64 -41.69
N ARG D 387 15.95 -48.68 -40.98
CA ARG D 387 15.81 -49.99 -41.60
C ARG D 387 14.70 -49.99 -42.64
N VAL D 388 13.60 -49.30 -42.34
CA VAL D 388 12.47 -49.18 -43.26
C VAL D 388 12.02 -47.71 -43.23
N TYR D 389 11.35 -47.30 -44.31
CA TYR D 389 10.95 -45.93 -44.67
C TYR D 389 12.12 -45.01 -45.00
N GLN D 390 13.33 -45.55 -45.17
CA GLN D 390 14.50 -44.74 -45.49
C GLN D 390 14.83 -44.90 -46.97
N ALA D 391 15.02 -43.77 -47.65
CA ALA D 391 15.31 -43.68 -49.09
C ALA D 391 14.21 -44.29 -49.95
N THR D 392 12.98 -44.30 -49.45
CA THR D 392 11.81 -44.68 -50.21
C THR D 392 10.71 -43.66 -49.96
N ARG D 393 9.92 -43.41 -51.00
CA ARG D 393 9.02 -42.25 -51.09
C ARG D 393 7.79 -42.33 -50.17
N VAL D 394 7.68 -43.25 -49.22
CA VAL D 394 6.49 -43.38 -48.39
C VAL D 394 6.71 -42.57 -47.11
N ALA D 395 5.74 -41.72 -46.77
CA ALA D 395 5.78 -40.97 -45.53
C ALA D 395 5.61 -41.89 -44.33
N TYR D 396 6.41 -41.65 -43.31
CA TYR D 396 6.40 -42.45 -42.08
C TYR D 396 5.12 -42.16 -41.29
N PRO D 397 4.41 -43.20 -40.81
CA PRO D 397 3.35 -42.95 -39.81
C PRO D 397 3.92 -42.56 -38.45
N LEU D 398 3.02 -42.37 -37.47
CA LEU D 398 3.28 -41.75 -36.17
C LEU D 398 3.82 -40.33 -36.31
N ILE D 399 3.55 -39.67 -37.44
CA ILE D 399 3.79 -38.24 -37.61
C ILE D 399 2.43 -37.65 -37.98
N GLY D 400 1.38 -38.21 -37.37
CA GLY D 400 0.03 -37.82 -37.73
C GLY D 400 -0.32 -36.41 -37.27
N ASN D 401 -1.34 -35.85 -37.91
CA ASN D 401 -1.76 -34.48 -37.70
C ASN D 401 -2.99 -34.43 -36.80
N ILE D 402 -3.20 -33.27 -36.18
CA ILE D 402 -4.37 -33.03 -35.35
C ILE D 402 -5.04 -31.74 -35.81
N ASP D 403 -6.34 -31.64 -35.53
CA ASP D 403 -7.13 -30.47 -35.89
C ASP D 403 -7.64 -29.80 -34.62
N ILE D 404 -7.35 -28.51 -34.48
CA ILE D 404 -7.78 -27.70 -33.33
C ILE D 404 -8.52 -26.48 -33.85
N THR D 405 -9.71 -26.22 -33.31
CA THR D 405 -10.53 -25.09 -33.72
C THR D 405 -10.46 -23.98 -32.68
N PHE D 406 -10.24 -22.76 -33.13
CA PHE D 406 -10.09 -21.60 -32.27
C PHE D 406 -11.28 -20.65 -32.45
N ILE D 407 -11.73 -20.06 -31.33
CA ILE D 407 -12.90 -19.19 -31.34
C ILE D 407 -12.55 -17.87 -30.64
N MET D 408 -12.90 -16.75 -31.28
CA MET D 408 -12.75 -15.43 -30.67
C MET D 408 -14.00 -14.59 -30.94
N PRO D 409 -14.58 -13.97 -29.92
CA PRO D 409 -15.62 -12.98 -30.14
C PRO D 409 -15.04 -11.66 -30.62
N MET D 410 -15.84 -10.96 -31.41
CA MET D 410 -15.33 -9.87 -32.25
C MET D 410 -15.88 -8.50 -31.86
N GLY D 411 -17.20 -8.35 -31.81
CA GLY D 411 -17.78 -7.05 -31.53
C GLY D 411 -18.56 -6.99 -30.24
N VAL D 412 -18.08 -7.67 -29.21
CA VAL D 412 -18.79 -7.74 -27.93
C VAL D 412 -18.63 -6.42 -27.19
N PHE D 413 -19.75 -5.80 -26.85
CA PHE D 413 -19.78 -4.65 -25.96
C PHE D 413 -20.38 -5.08 -24.63
N GLN D 414 -19.61 -4.90 -23.56
CA GLN D 414 -20.05 -5.29 -22.21
C GLN D 414 -21.14 -4.33 -21.76
N ALA D 415 -22.38 -4.84 -21.71
CA ALA D 415 -23.54 -3.97 -21.56
C ALA D 415 -23.70 -3.47 -20.12
N ASN D 416 -23.22 -4.24 -19.15
CA ASN D 416 -23.38 -3.86 -17.76
C ASN D 416 -22.45 -2.71 -17.42
N SER D 417 -22.99 -1.70 -16.72
CA SER D 417 -22.19 -0.54 -16.36
C SER D 417 -21.18 -0.88 -15.27
N MET D 418 -21.48 -1.89 -14.46
CA MET D 418 -20.52 -2.36 -13.47
C MET D 418 -19.36 -3.11 -14.12
N ASP D 419 -19.60 -3.72 -15.28
CA ASP D 419 -18.60 -4.55 -15.92
C ASP D 419 -17.51 -3.75 -16.62
N ARG D 420 -17.72 -2.45 -16.83
CA ARG D 420 -16.76 -1.59 -17.50
C ARG D 420 -15.96 -0.83 -16.45
N TYR D 421 -14.87 -1.47 -16.01
CA TYR D 421 -14.04 -0.95 -14.93
C TYR D 421 -12.57 -0.97 -15.34
N THR D 422 -11.82 0.01 -14.84
CA THR D 422 -10.37 0.04 -15.00
C THR D 422 -9.69 -0.27 -13.68
N ARG D 423 -8.63 -1.09 -13.73
CA ARG D 423 -7.95 -1.54 -12.53
C ARG D 423 -7.13 -0.44 -11.86
N HIS D 424 -6.86 0.66 -12.56
CA HIS D 424 -6.19 1.81 -11.97
C HIS D 424 -6.75 3.06 -12.63
N ALA D 425 -6.39 4.22 -12.07
CA ALA D 425 -6.91 5.49 -12.56
C ALA D 425 -6.29 5.87 -13.90
N GLY D 426 -4.97 6.05 -13.92
CA GLY D 426 -4.26 6.36 -15.15
C GLY D 426 -3.65 5.14 -15.80
N ASP D 427 -4.48 4.19 -16.23
CA ASP D 427 -3.95 2.96 -16.81
C ASP D 427 -3.45 3.20 -18.24
N PHE D 428 -4.35 3.65 -19.11
CA PHE D 428 -3.98 4.00 -20.50
C PHE D 428 -4.55 5.39 -20.77
N SER D 429 -3.78 6.41 -20.41
CA SER D 429 -4.20 7.78 -20.60
C SER D 429 -3.91 8.23 -22.03
N THR D 430 -4.56 9.32 -22.43
CA THR D 430 -4.38 9.86 -23.77
C THR D 430 -4.11 11.37 -23.73
N VAL D 431 -4.13 12.01 -24.89
CA VAL D 431 -3.92 13.44 -24.99
C VAL D 431 -5.26 14.11 -25.29
N SER D 432 -6.16 13.36 -25.92
CA SER D 432 -7.47 13.89 -26.28
C SER D 432 -8.34 14.08 -25.04
N GLU D 433 -9.29 15.02 -25.13
CA GLU D 433 -10.20 15.28 -24.03
C GLU D 433 -11.24 14.17 -23.86
N GLN D 434 -11.43 13.35 -24.89
CA GLN D 434 -12.30 12.18 -24.81
C GLN D 434 -11.46 10.92 -24.96
N ASP D 435 -11.60 10.00 -24.02
CA ASP D 435 -10.86 8.75 -24.06
C ASP D 435 -11.39 7.87 -25.19
N PRO D 436 -10.57 7.51 -26.19
CA PRO D 436 -11.04 6.66 -27.30
C PRO D 436 -10.98 5.17 -27.00
N ARG D 437 -11.44 4.78 -25.82
CA ARG D 437 -11.60 3.39 -25.44
C ARG D 437 -12.98 3.06 -24.89
N GLN D 438 -13.78 4.07 -24.54
CA GLN D 438 -15.16 3.84 -24.12
C GLN D 438 -16.05 3.47 -25.29
N PHE D 439 -15.63 3.76 -26.52
CA PHE D 439 -16.41 3.43 -27.70
C PHE D 439 -16.46 1.91 -27.89
N PRO D 440 -17.56 1.39 -28.44
CA PRO D 440 -17.70 -0.07 -28.61
C PRO D 440 -16.68 -0.62 -29.59
N PRO D 441 -16.08 -1.77 -29.27
CA PRO D 441 -15.01 -2.30 -30.12
C PRO D 441 -15.54 -2.90 -31.40
N GLN D 442 -14.68 -2.90 -32.42
CA GLN D 442 -15.04 -3.40 -33.74
C GLN D 442 -14.10 -4.48 -34.28
N GLY D 443 -12.92 -4.67 -33.68
CA GLY D 443 -11.96 -5.62 -34.20
C GLY D 443 -11.30 -6.40 -33.08
N ILE D 444 -10.74 -7.55 -33.47
CA ILE D 444 -10.04 -8.43 -32.55
C ILE D 444 -8.61 -8.61 -33.04
N PHE D 445 -7.65 -8.58 -32.12
CA PHE D 445 -6.24 -8.69 -32.42
C PHE D 445 -5.72 -10.00 -31.87
N PHE D 446 -5.12 -10.83 -32.73
CA PHE D 446 -4.55 -12.10 -32.32
C PHE D 446 -3.17 -12.25 -32.96
N TYR D 447 -2.58 -13.42 -32.78
CA TYR D 447 -1.22 -13.69 -33.21
C TYR D 447 -1.18 -14.75 -34.29
N ASN D 448 -0.23 -14.59 -35.21
CA ASN D 448 -0.09 -15.48 -36.36
C ASN D 448 0.66 -16.74 -35.96
N LYS D 449 0.96 -17.59 -36.95
CA LYS D 449 1.78 -18.77 -36.72
C LYS D 449 3.22 -18.40 -36.36
N ASP D 450 3.77 -17.36 -36.99
CA ASP D 450 5.13 -16.94 -36.74
C ASP D 450 5.24 -15.92 -35.61
N GLY D 451 4.12 -15.48 -35.04
CA GLY D 451 4.15 -14.47 -34.01
C GLY D 451 3.89 -13.05 -34.48
N ILE D 452 3.42 -12.87 -35.70
CA ILE D 452 3.15 -11.55 -36.25
C ILE D 452 1.75 -11.12 -35.81
N LEU D 453 1.60 -9.85 -35.49
CA LEU D 453 0.29 -9.33 -35.08
C LEU D 453 -0.63 -9.20 -36.29
N THR D 454 -1.85 -9.70 -36.15
CA THR D 454 -2.87 -9.64 -37.20
C THR D 454 -4.17 -9.12 -36.61
N GLN D 455 -5.01 -8.55 -37.47
CA GLN D 455 -6.24 -7.91 -37.06
C GLN D 455 -7.40 -8.44 -37.90
N LEU D 456 -8.54 -8.68 -37.23
CA LEU D 456 -9.78 -9.06 -37.89
C LEU D 456 -10.82 -7.98 -37.61
N THR D 457 -11.06 -7.11 -38.57
CA THR D 457 -12.03 -6.03 -38.44
C THR D 457 -13.35 -6.43 -39.09
N LEU D 458 -14.39 -5.63 -38.81
CA LEU D 458 -15.75 -5.97 -39.23
C LEU D 458 -15.93 -5.93 -40.75
N ARG D 459 -15.01 -5.30 -41.49
CA ARG D 459 -15.03 -5.35 -42.94
C ARG D 459 -14.80 -6.76 -43.47
N ASP D 460 -14.12 -7.62 -42.71
CA ASP D 460 -13.93 -9.00 -43.10
C ASP D 460 -15.20 -9.83 -42.99
N ALA D 461 -16.19 -9.38 -42.21
CA ALA D 461 -17.46 -10.07 -42.09
C ALA D 461 -18.40 -9.75 -43.24
N MET D 462 -17.99 -8.89 -44.18
CA MET D 462 -18.83 -8.54 -45.32
C MET D 462 -18.96 -9.68 -46.32
N GLY D 463 -18.11 -10.70 -46.25
CA GLY D 463 -18.25 -11.85 -47.12
C GLY D 463 -19.36 -12.80 -46.71
N THR D 464 -19.79 -12.76 -45.46
CA THR D 464 -20.79 -13.67 -44.94
C THR D 464 -22.15 -13.01 -44.74
N ILE D 465 -22.21 -11.86 -44.07
CA ILE D 465 -23.50 -11.24 -43.76
C ILE D 465 -24.08 -10.51 -44.96
N CYS D 466 -23.27 -10.07 -45.91
CA CYS D 466 -23.75 -9.31 -47.06
C CYS D 466 -24.01 -10.22 -48.27
N HIS D 467 -24.37 -11.47 -48.03
CA HIS D 467 -24.80 -12.38 -49.07
C HIS D 467 -26.31 -12.19 -49.28
N SER D 468 -26.88 -12.95 -50.20
CA SER D 468 -28.33 -13.03 -50.34
C SER D 468 -28.96 -14.05 -49.40
N SER D 469 -28.16 -14.68 -48.53
CA SER D 469 -28.66 -15.68 -47.60
C SER D 469 -29.19 -15.08 -46.31
N LEU D 470 -29.06 -13.77 -46.11
CA LEU D 470 -29.71 -13.12 -44.98
C LEU D 470 -31.23 -13.08 -45.16
N LEU D 471 -31.70 -13.08 -46.41
CA LEU D 471 -33.11 -12.85 -46.73
C LEU D 471 -33.71 -14.08 -47.38
N ASP D 472 -33.47 -15.25 -46.79
CA ASP D 472 -33.89 -16.53 -47.34
C ASP D 472 -34.94 -17.15 -46.42
N VAL D 473 -35.95 -16.36 -46.06
CA VAL D 473 -36.87 -16.67 -44.97
C VAL D 473 -37.95 -17.68 -45.34
N GLU D 474 -38.00 -18.16 -46.59
CA GLU D 474 -39.14 -18.95 -47.03
C GLU D 474 -39.16 -20.34 -46.39
N ALA D 475 -37.98 -20.95 -46.19
CA ALA D 475 -37.93 -22.28 -45.57
C ALA D 475 -38.19 -22.20 -44.07
N THR D 476 -37.71 -21.12 -43.44
CA THR D 476 -37.97 -20.89 -42.02
C THR D 476 -39.46 -20.69 -41.77
N LEU D 477 -40.12 -19.91 -42.63
CA LEU D 477 -41.56 -19.69 -42.48
C LEU D 477 -42.35 -20.96 -42.78
N VAL D 478 -41.92 -21.74 -43.78
CA VAL D 478 -42.59 -22.99 -44.10
C VAL D 478 -42.49 -23.98 -42.95
N ALA D 479 -41.33 -24.06 -42.31
CA ALA D 479 -41.17 -24.96 -41.16
C ALA D 479 -41.89 -24.41 -39.92
N LEU D 480 -41.97 -23.09 -39.77
CA LEU D 480 -42.62 -22.52 -38.59
C LEU D 480 -44.13 -22.60 -38.68
N ARG D 481 -44.69 -22.60 -39.89
CA ARG D 481 -46.14 -22.65 -40.04
C ARG D 481 -46.74 -24.02 -39.73
N GLN D 482 -45.91 -25.05 -39.55
CA GLN D 482 -46.38 -26.41 -39.29
C GLN D 482 -46.24 -26.80 -37.83
N GLN D 483 -46.47 -25.86 -36.92
CA GLN D 483 -46.36 -26.10 -35.48
C GLN D 483 -47.71 -25.85 -34.81
N HIS D 484 -47.71 -25.89 -33.47
CA HIS D 484 -48.91 -25.64 -32.70
C HIS D 484 -49.05 -24.15 -32.46
N LEU D 485 -50.15 -23.57 -32.94
CA LEU D 485 -50.38 -22.14 -32.87
C LEU D 485 -51.66 -21.85 -32.10
N ASP D 486 -51.57 -20.99 -31.10
CA ASP D 486 -52.72 -20.54 -30.33
C ASP D 486 -53.17 -19.16 -30.83
N ARG D 487 -54.46 -18.89 -30.66
CA ARG D 487 -55.06 -17.68 -31.24
C ARG D 487 -54.63 -16.46 -30.43
N GLN D 488 -53.54 -15.84 -30.86
CA GLN D 488 -53.02 -14.61 -30.28
C GLN D 488 -53.84 -13.42 -30.80
N CYS D 489 -53.94 -12.38 -29.96
CA CYS D 489 -54.65 -11.16 -30.34
C CYS D 489 -53.99 -10.50 -31.55
N TYR D 490 -54.80 -9.78 -32.32
CA TYR D 490 -54.36 -9.21 -33.59
C TYR D 490 -54.36 -7.70 -33.57
N PHE D 491 -53.81 -7.09 -32.51
CA PHE D 491 -53.75 -5.64 -32.46
C PHE D 491 -52.52 -5.10 -33.18
N GLY D 492 -51.33 -5.57 -32.80
CA GLY D 492 -50.10 -5.03 -33.35
C GLY D 492 -49.63 -5.64 -34.65
N VAL D 493 -50.37 -6.59 -35.24
CA VAL D 493 -49.93 -7.26 -36.44
C VAL D 493 -50.94 -7.06 -37.56
N TYR D 494 -51.95 -6.23 -37.32
CA TYR D 494 -53.03 -6.03 -38.27
C TYR D 494 -53.17 -4.55 -38.61
N VAL D 495 -53.26 -4.25 -39.91
CA VAL D 495 -53.50 -2.90 -40.39
C VAL D 495 -54.85 -2.90 -41.10
N ALA D 496 -55.53 -1.76 -41.09
CA ALA D 496 -56.85 -1.62 -41.68
C ALA D 496 -56.87 -0.46 -42.65
N GLU D 497 -58.03 -0.27 -43.29
CA GLU D 497 -58.23 0.81 -44.24
C GLU D 497 -59.23 1.81 -43.67
N GLY D 498 -59.15 3.05 -44.15
CA GLY D 498 -60.03 4.08 -43.65
C GLY D 498 -61.47 3.87 -44.08
N THR D 499 -62.39 4.22 -43.17
CA THR D 499 -63.81 4.00 -43.38
C THR D 499 -64.56 5.26 -43.77
N GLU D 500 -63.84 6.28 -44.26
CA GLU D 500 -64.40 7.53 -44.80
C GLU D 500 -65.23 8.28 -43.75
N ASP D 501 -64.54 8.70 -42.68
CA ASP D 501 -65.18 9.49 -41.64
C ASP D 501 -64.31 10.70 -41.28
N THR D 502 -64.68 11.42 -40.22
CA THR D 502 -64.03 12.67 -39.86
C THR D 502 -63.06 12.52 -38.69
N LEU D 503 -62.49 11.33 -38.51
CA LEU D 503 -61.44 11.01 -37.53
C LEU D 503 -61.86 11.15 -36.07
N ASP D 504 -63.12 11.49 -35.81
CA ASP D 504 -63.66 11.46 -34.46
C ASP D 504 -64.58 10.26 -34.27
N VAL D 505 -65.32 9.90 -35.32
CA VAL D 505 -66.09 8.67 -35.29
C VAL D 505 -65.17 7.46 -35.35
N GLN D 506 -64.11 7.54 -36.17
CA GLN D 506 -63.19 6.42 -36.32
C GLN D 506 -62.38 6.17 -35.05
N MET D 507 -61.92 7.25 -34.41
CA MET D 507 -61.19 7.11 -33.14
C MET D 507 -62.09 6.56 -32.04
N GLY D 508 -63.35 7.00 -32.01
CA GLY D 508 -64.29 6.45 -31.04
C GLY D 508 -64.61 5.00 -31.27
N ARG D 509 -64.75 4.60 -32.54
CA ARG D 509 -64.97 3.19 -32.87
C ARG D 509 -63.77 2.34 -32.48
N PHE D 510 -62.55 2.85 -32.72
CA PHE D 510 -61.36 2.13 -32.33
C PHE D 510 -61.24 2.01 -30.81
N MET D 511 -61.61 3.07 -30.08
CA MET D 511 -61.52 3.01 -28.63
C MET D 511 -62.60 2.12 -28.04
N GLU D 512 -63.76 2.01 -28.70
CA GLU D 512 -64.79 1.08 -28.24
C GLU D 512 -64.41 -0.36 -28.54
N THR D 513 -63.78 -0.61 -29.69
CA THR D 513 -63.36 -1.96 -30.04
C THR D 513 -62.19 -2.41 -29.16
N TRP D 514 -61.23 -1.50 -28.91
CA TRP D 514 -60.00 -1.81 -28.19
C TRP D 514 -60.20 -2.09 -26.71
N ALA D 515 -61.40 -1.81 -26.17
CA ALA D 515 -61.66 -2.11 -24.76
C ALA D 515 -61.72 -3.61 -24.49
N ASP D 516 -61.99 -4.42 -25.51
CA ASP D 516 -61.97 -5.87 -25.36
C ASP D 516 -61.29 -6.57 -26.53
N MET D 517 -60.57 -5.83 -27.38
CA MET D 517 -59.85 -6.45 -28.50
C MET D 517 -58.69 -7.30 -27.99
N MET D 518 -58.00 -6.83 -26.95
CA MET D 518 -56.86 -7.54 -26.40
C MET D 518 -57.27 -8.30 -25.15
N PRO D 519 -57.23 -9.63 -25.14
CA PRO D 519 -57.52 -10.36 -23.91
C PRO D 519 -56.33 -10.50 -22.98
N HIS D 520 -55.14 -10.07 -23.38
CA HIS D 520 -53.95 -10.26 -22.57
C HIS D 520 -52.92 -9.19 -22.92
N HIS D 521 -51.73 -9.30 -22.31
CA HIS D 521 -50.64 -8.37 -22.55
C HIS D 521 -49.96 -8.69 -23.86
N PRO D 522 -49.82 -7.73 -24.79
CA PRO D 522 -49.12 -8.01 -26.05
C PRO D 522 -47.65 -8.34 -25.82
N HIS D 523 -47.12 -9.20 -26.69
CA HIS D 523 -45.77 -9.73 -26.50
C HIS D 523 -44.69 -8.85 -27.11
N TRP D 524 -45.05 -7.76 -27.76
CA TRP D 524 -44.07 -6.83 -28.30
C TRP D 524 -43.88 -5.58 -27.45
N VAL D 525 -44.57 -5.50 -26.32
CA VAL D 525 -44.43 -4.35 -25.42
C VAL D 525 -43.26 -4.54 -24.46
N ASN D 526 -43.14 -5.74 -23.89
CA ASN D 526 -42.18 -6.00 -22.81
C ASN D 526 -40.76 -6.06 -23.36
N GLU D 527 -40.22 -4.86 -23.61
CA GLU D 527 -38.80 -4.68 -23.92
C GLU D 527 -37.98 -4.41 -22.67
N HIS D 528 -38.61 -4.42 -21.49
CA HIS D 528 -37.92 -4.14 -20.24
C HIS D 528 -37.10 -5.31 -19.73
N LEU D 529 -37.21 -6.48 -20.37
CA LEU D 529 -36.45 -7.65 -19.95
C LEU D 529 -34.96 -7.44 -20.20
N THR D 530 -34.14 -7.90 -19.27
CA THR D 530 -32.71 -7.93 -19.51
C THR D 530 -32.36 -9.11 -20.40
N ILE D 531 -31.06 -9.26 -20.69
CA ILE D 531 -30.61 -10.33 -21.56
C ILE D 531 -30.80 -11.68 -20.89
N LEU D 532 -30.62 -11.75 -19.57
CA LEU D 532 -30.74 -13.01 -18.85
C LEU D 532 -32.20 -13.46 -18.74
N GLN D 533 -33.14 -12.52 -18.87
CA GLN D 533 -34.55 -12.89 -18.80
C GLN D 533 -35.12 -13.20 -20.18
N PHE D 534 -34.67 -12.48 -21.20
CA PHE D 534 -35.06 -12.79 -22.57
C PHE D 534 -34.48 -14.13 -23.01
N ILE D 535 -33.27 -14.44 -22.56
CA ILE D 535 -32.57 -15.64 -23.02
C ILE D 535 -33.08 -16.87 -22.29
N ALA D 536 -33.70 -16.69 -21.13
CA ALA D 536 -34.20 -17.79 -20.31
C ALA D 536 -35.29 -18.57 -21.04
N PRO D 537 -35.39 -19.90 -20.84
CA PRO D 537 -36.28 -20.70 -21.70
C PRO D 537 -37.77 -20.50 -21.43
N SER D 538 -38.14 -19.82 -20.35
CA SER D 538 -39.56 -19.56 -20.10
C SER D 538 -40.13 -18.44 -20.97
N ASN D 539 -39.28 -17.75 -21.72
CA ASN D 539 -39.73 -16.70 -22.62
C ASN D 539 -40.46 -17.29 -23.82
N PRO D 540 -41.72 -16.92 -24.07
CA PRO D 540 -42.41 -17.44 -25.27
C PRO D 540 -41.99 -16.78 -26.56
N ARG D 541 -41.36 -15.61 -26.51
CA ARG D 541 -40.93 -14.90 -27.70
C ARG D 541 -39.63 -15.46 -28.27
N LEU D 542 -38.90 -16.26 -27.49
CA LEU D 542 -37.56 -16.71 -27.88
C LEU D 542 -37.58 -17.61 -29.10
N ARG D 543 -38.61 -18.46 -29.23
CA ARG D 543 -38.70 -19.33 -30.39
C ARG D 543 -39.16 -18.60 -31.64
N PHE D 544 -39.62 -17.36 -31.53
CA PHE D 544 -40.07 -16.57 -32.66
C PHE D 544 -39.06 -15.49 -33.04
N GLU D 545 -37.81 -15.64 -32.63
CA GLU D 545 -36.76 -14.65 -32.89
C GLU D 545 -35.55 -15.39 -33.42
N LEU D 546 -35.47 -15.53 -34.76
CA LEU D 546 -34.43 -16.32 -35.39
C LEU D 546 -33.49 -15.49 -36.24
N ASN D 547 -34.01 -14.74 -37.23
CA ASN D 547 -33.12 -13.94 -38.06
C ASN D 547 -32.84 -12.59 -37.40
N PRO D 548 -31.65 -12.03 -37.63
CA PRO D 548 -31.35 -10.70 -37.06
C PRO D 548 -32.09 -9.55 -37.74
N ALA D 549 -32.61 -9.76 -38.94
CA ALA D 549 -33.30 -8.69 -39.67
C ALA D 549 -34.75 -9.04 -39.98
N PHE D 550 -35.33 -10.00 -39.27
CA PHE D 550 -36.71 -10.40 -39.51
C PHE D 550 -37.46 -10.47 -38.19
N ASP D 551 -38.69 -9.94 -38.19
CA ASP D 551 -39.59 -10.04 -37.05
C ASP D 551 -40.64 -11.08 -37.38
N PHE D 552 -40.71 -12.14 -36.57
CA PHE D 552 -41.69 -13.21 -36.74
C PHE D 552 -42.79 -13.02 -35.71
N PHE D 553 -44.04 -13.11 -36.15
CA PHE D 553 -45.18 -12.95 -35.25
C PHE D 553 -46.25 -13.95 -35.66
N VAL D 554 -47.43 -13.82 -35.05
CA VAL D 554 -48.60 -14.61 -35.38
C VAL D 554 -49.62 -13.67 -36.02
N ALA D 555 -50.07 -14.01 -37.22
CA ALA D 555 -50.94 -13.16 -38.02
C ALA D 555 -52.15 -13.95 -38.48
N PRO D 556 -53.28 -13.28 -38.72
CA PRO D 556 -54.44 -13.99 -39.29
C PRO D 556 -54.14 -14.50 -40.70
N GLY D 557 -54.64 -15.70 -40.99
CA GLY D 557 -54.34 -16.34 -42.25
C GLY D 557 -55.35 -16.03 -43.34
N ASP D 558 -54.85 -16.04 -44.58
CA ASP D 558 -55.64 -15.83 -45.81
C ASP D 558 -56.39 -14.52 -45.79
N VAL D 559 -55.74 -13.47 -45.29
CA VAL D 559 -56.33 -12.14 -45.18
C VAL D 559 -55.35 -11.16 -45.82
N ASP D 560 -55.84 -10.41 -46.82
CA ASP D 560 -55.02 -9.36 -47.42
C ASP D 560 -54.83 -8.23 -46.42
N LEU D 561 -53.65 -7.61 -46.47
CA LEU D 561 -53.19 -6.70 -45.42
C LEU D 561 -54.05 -5.43 -45.28
N PRO D 562 -54.45 -4.71 -46.36
CA PRO D 562 -55.51 -3.71 -46.15
C PRO D 562 -56.86 -4.39 -46.06
N GLY D 563 -57.39 -4.53 -44.84
CA GLY D 563 -58.58 -5.30 -44.62
C GLY D 563 -59.73 -4.49 -44.06
N PRO D 564 -60.79 -5.16 -43.65
CA PRO D 564 -61.97 -4.46 -43.11
C PRO D 564 -61.71 -3.94 -41.70
N GLN D 565 -62.72 -3.22 -41.19
CA GLN D 565 -62.63 -2.63 -39.86
C GLN D 565 -62.57 -3.70 -38.77
N ARG D 566 -63.44 -4.71 -38.87
CA ARG D 566 -63.40 -5.84 -37.95
C ARG D 566 -62.58 -6.94 -38.60
N PRO D 567 -61.55 -7.46 -37.94
CA PRO D 567 -60.72 -8.53 -38.54
C PRO D 567 -61.50 -9.82 -38.68
N PRO D 568 -61.54 -10.40 -39.88
CA PRO D 568 -62.30 -11.63 -40.08
C PRO D 568 -61.67 -12.82 -39.37
N GLU D 569 -62.53 -13.74 -38.93
CA GLU D 569 -62.06 -14.89 -38.18
C GLU D 569 -61.43 -15.92 -39.12
N ALA D 570 -60.23 -16.36 -38.75
CA ALA D 570 -59.50 -17.34 -39.54
C ALA D 570 -58.49 -18.04 -38.63
N MET D 571 -57.93 -19.13 -39.13
CA MET D 571 -56.89 -19.84 -38.41
C MET D 571 -55.63 -18.98 -38.33
N PRO D 572 -54.98 -18.89 -37.18
CA PRO D 572 -53.74 -18.11 -37.09
C PRO D 572 -52.60 -18.77 -37.86
N THR D 573 -51.70 -17.94 -38.36
CA THR D 573 -50.54 -18.40 -39.09
C THR D 573 -49.34 -17.54 -38.72
N VAL D 574 -48.16 -18.04 -39.04
CA VAL D 574 -46.91 -17.33 -38.74
C VAL D 574 -46.48 -16.58 -39.99
N ASN D 575 -46.43 -15.27 -39.89
CA ASN D 575 -45.90 -14.41 -40.94
C ASN D 575 -44.53 -13.87 -40.53
N ALA D 576 -43.97 -13.02 -41.38
CA ALA D 576 -42.70 -12.39 -41.08
C ALA D 576 -42.64 -11.05 -41.79
N THR D 577 -41.75 -10.19 -41.32
CA THR D 577 -41.58 -8.87 -41.91
C THR D 577 -40.12 -8.46 -41.77
N LEU D 578 -39.74 -7.45 -42.55
CA LEU D 578 -38.37 -6.99 -42.57
C LEU D 578 -38.13 -5.99 -41.45
N ARG D 579 -37.07 -6.21 -40.68
CA ARG D 579 -36.58 -5.22 -39.72
C ARG D 579 -35.75 -4.24 -40.54
N ILE D 580 -36.39 -3.13 -40.92
CA ILE D 580 -35.74 -2.17 -41.82
C ILE D 580 -34.61 -1.47 -41.09
N ILE D 581 -34.88 -1.00 -39.88
CA ILE D 581 -33.92 -0.23 -39.11
C ILE D 581 -33.04 -1.20 -38.33
N ASN D 582 -31.83 -0.77 -37.98
CA ASN D 582 -31.01 -1.57 -37.08
C ASN D 582 -31.18 -1.16 -35.63
N GLY D 583 -32.05 -0.20 -35.35
CA GLY D 583 -32.50 0.10 -34.01
C GLY D 583 -33.75 -0.62 -33.59
N ASN D 584 -34.37 -1.35 -34.50
CA ASN D 584 -35.57 -2.13 -34.21
C ASN D 584 -35.24 -3.50 -33.62
N ILE D 585 -33.97 -3.84 -33.51
CA ILE D 585 -33.56 -5.05 -32.77
C ILE D 585 -33.96 -4.87 -31.30
N PRO D 586 -34.54 -5.88 -30.65
CA PRO D 586 -35.09 -5.69 -29.30
C PRO D 586 -34.05 -5.32 -28.27
N VAL D 587 -34.51 -4.59 -27.25
CA VAL D 587 -33.60 -3.97 -26.28
C VAL D 587 -32.76 -4.97 -25.49
N PRO D 588 -33.28 -6.14 -25.05
CA PRO D 588 -32.37 -7.14 -24.47
C PRO D 588 -31.27 -7.64 -25.41
N LEU D 589 -31.50 -7.62 -26.72
CA LEU D 589 -30.45 -8.04 -27.65
C LEU D 589 -29.50 -6.90 -28.01
N CYS D 590 -30.01 -5.69 -28.20
CA CYS D 590 -29.20 -4.50 -28.43
C CYS D 590 -29.54 -3.47 -27.37
N PRO D 591 -28.68 -3.27 -26.36
CA PRO D 591 -29.10 -2.49 -25.18
C PRO D 591 -29.15 -0.99 -25.41
N ILE D 592 -29.51 -0.28 -24.35
CA ILE D 592 -29.52 1.19 -24.38
C ILE D 592 -28.12 1.75 -24.12
N SER D 593 -27.33 1.09 -23.27
CA SER D 593 -25.98 1.55 -22.99
C SER D 593 -25.09 1.46 -24.23
N PHE D 594 -25.25 0.38 -25.01
CA PHE D 594 -24.49 0.25 -26.25
C PHE D 594 -24.89 1.33 -27.25
N ARG D 595 -26.18 1.62 -27.36
CA ARG D 595 -26.65 2.66 -28.27
C ARG D 595 -26.14 4.03 -27.85
N ASP D 596 -26.11 4.30 -26.54
CA ASP D 596 -25.62 5.60 -26.07
C ASP D 596 -24.12 5.72 -26.25
N CYS D 597 -23.37 4.63 -26.06
CA CYS D 597 -21.93 4.67 -26.31
C CYS D 597 -21.62 4.83 -27.80
N ARG D 598 -22.42 4.20 -28.67
CA ARG D 598 -22.26 4.38 -30.10
C ARG D 598 -22.60 5.80 -30.53
N GLY D 599 -23.61 6.41 -29.90
CA GLY D 599 -23.93 7.80 -30.19
C GLY D 599 -22.88 8.76 -29.66
N THR D 600 -22.22 8.40 -28.56
CA THR D 600 -21.06 9.16 -28.10
C THR D 600 -19.93 9.06 -29.10
N GLN D 601 -19.73 7.87 -29.68
CA GLN D 601 -18.70 7.68 -30.71
C GLN D 601 -19.00 8.47 -31.97
N LEU D 602 -20.29 8.57 -32.34
CA LEU D 602 -20.66 9.30 -33.55
C LEU D 602 -20.46 10.80 -33.39
N GLY D 603 -20.95 11.37 -32.29
CA GLY D 603 -20.88 12.80 -32.08
C GLY D 603 -19.63 13.21 -31.33
N LEU D 604 -18.46 12.98 -31.94
CA LEU D 604 -17.19 13.26 -31.29
C LEU D 604 -16.72 14.69 -31.56
N GLY D 605 -16.63 15.09 -32.82
CA GLY D 605 -16.19 16.43 -33.16
C GLY D 605 -17.27 17.27 -33.81
N ARG D 606 -18.49 16.74 -33.86
CA ARG D 606 -19.57 17.43 -34.53
C ARG D 606 -20.15 18.53 -33.65
N HIS D 607 -21.14 19.24 -34.18
CA HIS D 607 -21.74 20.36 -33.49
C HIS D 607 -22.61 19.89 -32.32
N THR D 608 -22.44 20.55 -31.18
CA THR D 608 -23.23 20.27 -29.99
C THR D 608 -23.99 21.52 -29.59
N MET D 609 -25.18 21.32 -29.03
CA MET D 609 -26.01 22.44 -28.60
C MET D 609 -25.46 23.04 -27.32
N THR D 610 -25.34 24.35 -27.29
CA THR D 610 -24.96 25.05 -26.07
C THR D 610 -26.06 24.91 -25.03
N PRO D 611 -25.72 24.83 -23.73
CA PRO D 611 -26.71 24.49 -22.71
C PRO D 611 -27.82 25.52 -22.51
N ALA D 612 -27.66 26.75 -23.01
CA ALA D 612 -28.74 27.74 -22.88
C ALA D 612 -29.96 27.34 -23.72
N THR D 613 -29.73 26.96 -24.97
CA THR D 613 -30.83 26.53 -25.83
C THR D 613 -31.40 25.19 -25.37
N ILE D 614 -30.55 24.31 -24.84
CA ILE D 614 -31.01 23.04 -24.29
C ILE D 614 -31.94 23.28 -23.11
N LYS D 615 -31.54 24.20 -22.21
CA LYS D 615 -32.36 24.52 -21.04
C LYS D 615 -33.67 25.19 -21.44
N ALA D 616 -33.63 26.10 -22.43
CA ALA D 616 -34.85 26.79 -22.84
C ALA D 616 -35.83 25.85 -23.54
N VAL D 617 -35.33 25.00 -24.44
CA VAL D 617 -36.17 24.06 -25.15
C VAL D 617 -36.71 22.99 -24.20
N LYS D 618 -35.89 22.54 -23.24
CA LYS D 618 -36.35 21.57 -22.26
C LYS D 618 -37.38 22.17 -21.32
N ASP D 619 -37.25 23.47 -21.01
CA ASP D 619 -38.24 24.12 -20.17
C ASP D 619 -39.56 24.32 -20.90
N THR D 620 -39.50 24.62 -22.20
CA THR D 620 -40.76 24.84 -22.91
C THR D 620 -41.44 23.52 -23.29
N PHE D 621 -40.68 22.43 -23.44
CA PHE D 621 -41.30 21.14 -23.77
C PHE D 621 -41.97 20.50 -22.56
N GLU D 622 -41.52 20.84 -21.36
CA GLU D 622 -42.12 20.33 -20.13
C GLU D 622 -43.02 21.36 -19.46
N ASP D 623 -43.39 22.42 -20.19
CA ASP D 623 -44.27 23.46 -19.67
C ASP D 623 -45.72 23.02 -19.93
N ARG D 624 -46.43 22.64 -18.86
CA ARG D 624 -47.81 22.23 -18.98
C ARG D 624 -48.76 23.41 -19.18
N ALA D 625 -48.35 24.63 -18.82
CA ALA D 625 -49.17 25.81 -18.99
C ALA D 625 -48.85 26.54 -20.30
N TYR D 626 -48.49 25.79 -21.33
CA TYR D 626 -48.25 26.37 -22.65
C TYR D 626 -49.55 26.95 -23.20
N PRO D 627 -49.56 28.21 -23.62
CA PRO D 627 -50.81 28.84 -24.05
C PRO D 627 -51.34 28.24 -25.34
N THR D 628 -52.65 28.07 -25.40
CA THR D 628 -53.30 27.46 -26.56
C THR D 628 -53.32 28.36 -27.78
N ILE D 629 -53.09 29.67 -27.61
CA ILE D 629 -53.15 30.60 -28.74
C ILE D 629 -52.03 30.30 -29.73
N PHE D 630 -50.89 29.80 -29.25
CA PHE D 630 -49.84 29.32 -30.16
C PHE D 630 -50.32 28.12 -30.96
N TYR D 631 -51.07 27.22 -30.32
CA TYR D 631 -51.58 26.04 -31.01
C TYR D 631 -52.59 26.42 -32.09
N MET D 632 -53.51 27.33 -31.78
CA MET D 632 -54.48 27.77 -32.78
C MET D 632 -53.82 28.55 -33.91
N LEU D 633 -52.82 29.38 -33.59
CA LEU D 633 -52.13 30.13 -34.64
C LEU D 633 -51.34 29.20 -35.55
N GLU D 634 -50.69 28.18 -34.97
CA GLU D 634 -49.97 27.20 -35.79
C GLU D 634 -50.93 26.32 -36.59
N ALA D 635 -52.15 26.12 -36.08
CA ALA D 635 -53.13 25.34 -36.83
C ALA D 635 -53.69 26.12 -38.01
N VAL D 636 -54.01 27.41 -37.81
CA VAL D 636 -54.60 28.20 -38.89
C VAL D 636 -53.56 28.57 -39.93
N ILE D 637 -52.34 28.90 -39.50
CA ILE D 637 -51.26 29.21 -40.44
C ILE D 637 -50.91 27.97 -41.27
N HIS D 638 -50.87 26.80 -40.62
CA HIS D 638 -50.67 25.47 -41.21
C HIS D 638 -49.46 25.40 -42.15
N GLY D 639 -48.39 26.08 -41.76
CA GLY D 639 -47.13 26.01 -42.47
C GLY D 639 -47.14 26.59 -43.87
N ASN D 640 -47.78 27.75 -44.04
CA ASN D 640 -47.82 28.44 -45.31
C ASN D 640 -46.96 29.70 -45.23
N GLU D 641 -46.20 29.96 -46.30
CA GLU D 641 -45.29 31.10 -46.29
C GLU D 641 -46.04 32.42 -46.39
N ARG D 642 -47.12 32.45 -47.16
CA ARG D 642 -47.89 33.69 -47.33
C ARG D 642 -48.59 34.09 -46.04
N ASN D 643 -49.19 33.13 -45.34
CA ASN D 643 -49.84 33.41 -44.06
C ASN D 643 -48.83 33.85 -43.01
N PHE D 644 -47.66 33.20 -42.97
CA PHE D 644 -46.62 33.56 -42.01
C PHE D 644 -46.10 34.98 -42.28
N CYS D 645 -45.87 35.31 -43.55
CA CYS D 645 -45.36 36.63 -43.88
C CYS D 645 -46.44 37.70 -43.76
N ALA D 646 -47.71 37.33 -43.80
CA ALA D 646 -48.78 38.26 -43.45
C ALA D 646 -48.91 38.48 -41.96
N LEU D 647 -48.60 37.49 -41.13
CA LEU D 647 -48.76 37.59 -39.68
C LEU D 647 -47.46 37.95 -38.96
N LEU D 648 -46.58 38.72 -39.61
CA LEU D 648 -45.26 38.95 -39.05
C LEU D 648 -45.30 39.82 -37.80
N ARG D 649 -46.15 40.86 -37.81
CA ARG D 649 -46.25 41.75 -36.65
C ARG D 649 -46.81 41.02 -35.43
N LEU D 650 -47.93 40.31 -35.62
CA LEU D 650 -48.56 39.57 -34.54
C LEU D 650 -47.64 38.47 -34.03
N LEU D 651 -46.88 37.83 -34.93
CA LEU D 651 -46.03 36.74 -34.50
C LEU D 651 -44.81 37.24 -33.75
N THR D 652 -44.28 38.40 -34.18
CA THR D 652 -43.18 39.03 -33.46
C THR D 652 -43.59 39.43 -32.06
N GLN D 653 -44.78 40.06 -31.93
CA GLN D 653 -45.26 40.46 -30.62
C GLN D 653 -45.56 39.26 -29.73
N CYS D 654 -46.09 38.19 -30.32
CA CYS D 654 -46.41 36.98 -29.56
C CYS D 654 -45.16 36.30 -29.02
N ILE D 655 -44.14 36.13 -29.88
CA ILE D 655 -42.92 35.46 -29.44
C ILE D 655 -42.14 36.33 -28.45
N ARG D 656 -42.11 37.65 -28.68
CA ARG D 656 -41.43 38.55 -27.75
C ARG D 656 -42.13 38.58 -26.38
N GLY D 657 -43.47 38.59 -26.38
CA GLY D 657 -44.20 38.56 -25.14
C GLY D 657 -44.07 37.24 -24.39
N TYR D 658 -43.99 36.13 -25.13
CA TYR D 658 -43.78 34.86 -24.46
C TYR D 658 -42.35 34.69 -23.97
N TRP D 659 -41.37 35.32 -24.62
CA TRP D 659 -40.00 35.17 -24.15
C TRP D 659 -39.68 36.11 -22.99
N GLU D 660 -40.07 37.37 -23.07
CA GLU D 660 -39.76 38.28 -21.97
C GLU D 660 -40.85 38.28 -20.90
N GLN D 661 -41.33 37.10 -20.52
CA GLN D 661 -42.09 36.92 -19.28
C GLN D 661 -41.74 35.65 -18.53
N SER D 662 -41.21 34.62 -19.20
CA SER D 662 -40.84 33.37 -18.53
C SER D 662 -39.57 32.75 -19.07
N HIS D 663 -38.90 33.39 -20.04
CA HIS D 663 -37.64 32.93 -20.65
C HIS D 663 -37.77 31.53 -21.26
N ARG D 664 -38.81 31.36 -22.07
CA ARG D 664 -39.07 30.10 -22.76
C ARG D 664 -39.28 30.37 -24.24
N VAL D 665 -39.14 29.32 -25.04
CA VAL D 665 -39.17 29.42 -26.50
C VAL D 665 -40.52 28.96 -27.02
N ALA D 666 -41.17 29.82 -27.80
CA ALA D 666 -42.44 29.51 -28.42
C ALA D 666 -42.24 29.06 -29.86
N PHE D 667 -43.26 28.37 -30.39
CA PHE D 667 -43.34 27.92 -31.78
C PHE D 667 -42.21 26.97 -32.17
N VAL D 668 -41.65 26.25 -31.21
CA VAL D 668 -40.71 25.17 -31.49
C VAL D 668 -41.43 23.88 -31.82
N ASN D 669 -42.76 23.90 -31.79
CA ASN D 669 -43.57 22.70 -31.95
C ASN D 669 -43.48 22.11 -33.35
N ASN D 670 -43.69 22.93 -34.37
CA ASN D 670 -43.70 22.49 -35.76
C ASN D 670 -42.35 22.75 -36.41
N PHE D 671 -42.16 22.16 -37.58
CA PHE D 671 -40.97 22.41 -38.36
C PHE D 671 -41.16 23.54 -39.36
N HIS D 672 -42.37 23.70 -39.92
CA HIS D 672 -42.65 24.87 -40.75
C HIS D 672 -43.03 26.09 -39.92
N MET D 673 -42.32 26.36 -38.85
CA MET D 673 -42.40 27.60 -38.11
C MET D 673 -41.02 28.16 -37.79
N LEU D 674 -40.04 27.29 -37.47
CA LEU D 674 -38.70 27.74 -37.16
C LEU D 674 -37.83 27.95 -38.40
N MET D 675 -38.17 27.30 -39.53
CA MET D 675 -37.67 27.75 -40.83
C MET D 675 -38.02 29.20 -41.08
N TYR D 676 -39.29 29.55 -40.92
CA TYR D 676 -39.73 30.91 -41.22
C TYR D 676 -39.26 31.90 -40.17
N ILE D 677 -39.09 31.44 -38.93
CA ILE D 677 -38.56 32.30 -37.87
C ILE D 677 -37.09 32.60 -38.11
N THR D 678 -36.30 31.56 -38.45
CA THR D 678 -34.89 31.78 -38.73
C THR D 678 -34.66 32.51 -40.04
N THR D 679 -35.64 32.45 -40.95
CA THR D 679 -35.46 33.10 -42.25
C THR D 679 -35.90 34.56 -42.21
N TYR D 680 -37.10 34.84 -41.72
CA TYR D 680 -37.68 36.18 -41.78
C TYR D 680 -37.42 36.99 -40.52
N LEU D 681 -37.72 36.44 -39.34
CA LEU D 681 -37.44 37.12 -38.08
C LEU D 681 -36.05 36.77 -37.55
N GLY D 682 -35.03 36.88 -38.38
CA GLY D 682 -33.69 36.54 -37.97
C GLY D 682 -32.70 37.66 -38.20
N ASN D 683 -33.21 38.80 -38.67
CA ASN D 683 -32.38 39.95 -38.96
C ASN D 683 -32.43 41.02 -37.87
N GLY D 684 -33.09 40.76 -36.75
CA GLY D 684 -33.10 41.70 -35.65
C GLY D 684 -34.48 42.07 -35.13
N GLU D 685 -35.53 41.47 -35.70
CA GLU D 685 -36.87 41.72 -35.19
C GLU D 685 -37.06 41.12 -33.80
N LEU D 686 -36.55 39.91 -33.60
CA LEU D 686 -36.52 39.23 -32.32
C LEU D 686 -35.29 39.66 -31.54
N PRO D 687 -35.27 39.47 -30.21
CA PRO D 687 -34.05 39.77 -29.45
C PRO D 687 -32.91 38.83 -29.79
N GLU D 688 -31.72 39.19 -29.29
CA GLU D 688 -30.48 38.50 -29.64
C GLU D 688 -30.43 37.06 -29.14
N VAL D 689 -31.17 36.73 -28.08
CA VAL D 689 -31.07 35.44 -27.44
C VAL D 689 -32.02 34.42 -28.06
N CYS D 690 -33.19 34.86 -28.56
CA CYS D 690 -34.16 33.93 -29.12
C CYS D 690 -33.66 33.34 -30.44
N ILE D 691 -33.19 34.20 -31.34
CA ILE D 691 -32.75 33.77 -32.66
C ILE D 691 -31.51 32.90 -32.56
N ASN D 692 -30.69 33.10 -31.52
CA ASN D 692 -29.57 32.20 -31.27
C ASN D 692 -30.05 30.80 -30.93
N ILE D 693 -31.14 30.70 -30.16
CA ILE D 693 -31.70 29.38 -29.81
C ILE D 693 -32.26 28.69 -31.05
N TYR D 694 -33.03 29.43 -31.87
CA TYR D 694 -33.59 28.85 -33.08
C TYR D 694 -32.50 28.45 -34.08
N ARG D 695 -31.49 29.29 -34.25
CA ARG D 695 -30.38 28.98 -35.15
C ARG D 695 -29.53 27.83 -34.61
N ASP D 696 -29.44 27.68 -33.28
CA ASP D 696 -28.72 26.55 -32.72
C ASP D 696 -29.46 25.24 -32.96
N LEU D 697 -30.78 25.26 -32.85
CA LEU D 697 -31.59 24.09 -33.20
C LEU D 697 -31.41 23.72 -34.67
N LEU D 698 -31.45 24.72 -35.55
CA LEU D 698 -31.29 24.45 -36.98
C LEU D 698 -29.87 23.98 -37.31
N GLN D 699 -28.87 24.53 -36.63
CA GLN D 699 -27.49 24.09 -36.85
C GLN D 699 -27.27 22.68 -36.38
N HIS D 700 -27.92 22.29 -35.27
CA HIS D 700 -27.83 20.89 -34.82
C HIS D 700 -28.51 19.95 -35.81
N VAL D 701 -29.64 20.37 -36.39
CA VAL D 701 -30.33 19.56 -37.39
C VAL D 701 -29.44 19.36 -38.62
N ARG D 702 -28.80 20.44 -39.09
CA ARG D 702 -27.93 20.32 -40.26
C ARG D 702 -26.65 19.57 -39.94
N ALA D 703 -26.18 19.61 -38.70
CA ALA D 703 -25.04 18.78 -38.29
C ALA D 703 -25.41 17.31 -38.30
N LEU D 704 -26.65 16.98 -37.89
CA LEU D 704 -27.14 15.61 -38.00
C LEU D 704 -27.22 15.16 -39.45
N ARG D 705 -27.67 16.04 -40.34
CA ARG D 705 -27.71 15.71 -41.77
C ARG D 705 -26.30 15.48 -42.33
N GLN D 706 -25.34 16.32 -41.95
CA GLN D 706 -23.96 16.12 -42.40
C GLN D 706 -23.35 14.87 -41.80
N THR D 707 -23.79 14.46 -40.60
CA THR D 707 -23.29 13.22 -40.02
C THR D 707 -23.85 12.01 -40.78
N ILE D 708 -25.11 12.09 -41.23
CA ILE D 708 -25.66 11.05 -42.11
C ILE D 708 -24.88 10.98 -43.42
N THR D 709 -24.58 12.14 -44.01
CA THR D 709 -23.83 12.18 -45.26
C THR D 709 -22.41 11.63 -45.10
N ASP D 710 -21.75 11.93 -43.96
CA ASP D 710 -20.36 11.56 -43.77
C ASP D 710 -20.16 10.05 -43.62
N PHE D 711 -21.16 9.33 -43.14
CA PHE D 711 -21.01 7.91 -42.84
C PHE D 711 -21.52 7.00 -43.95
N THR D 712 -21.88 7.55 -45.11
CA THR D 712 -22.24 6.75 -46.27
C THR D 712 -21.20 6.93 -47.37
N ILE D 713 -21.27 6.07 -48.37
CA ILE D 713 -20.36 6.11 -49.51
C ILE D 713 -21.19 6.43 -50.75
N GLN D 714 -20.83 7.51 -51.43
CA GLN D 714 -21.60 8.05 -52.53
C GLN D 714 -21.23 7.35 -53.84
N GLY D 715 -22.06 7.58 -54.86
CA GLY D 715 -21.81 7.08 -56.19
C GLY D 715 -22.38 5.71 -56.48
N GLU D 716 -22.98 5.05 -55.49
CA GLU D 716 -23.54 3.71 -55.66
C GLU D 716 -25.06 3.82 -55.55
N GLY D 717 -25.70 4.10 -56.67
CA GLY D 717 -27.15 4.23 -56.74
C GLY D 717 -27.74 3.12 -57.58
N HIS D 718 -28.86 2.58 -57.12
CA HIS D 718 -29.53 1.47 -57.80
C HIS D 718 -30.99 1.81 -58.05
N ASN D 719 -31.39 1.76 -59.33
CA ASN D 719 -32.77 1.93 -59.78
C ASN D 719 -33.38 3.25 -59.34
N GLY D 720 -32.63 4.34 -59.55
CA GLY D 720 -33.10 5.67 -59.18
C GLY D 720 -33.24 5.91 -57.69
N GLU D 721 -32.32 5.36 -56.90
CA GLU D 721 -32.30 5.58 -55.45
C GLU D 721 -30.88 5.95 -55.05
N THR D 722 -30.74 7.11 -54.40
CA THR D 722 -29.42 7.57 -54.00
C THR D 722 -28.86 6.74 -52.86
N SER D 723 -27.55 6.86 -52.64
CA SER D 723 -26.89 6.09 -51.60
C SER D 723 -27.32 6.52 -50.20
N GLU D 724 -27.71 7.79 -50.06
CA GLU D 724 -28.28 8.26 -48.80
C GLU D 724 -29.58 7.55 -48.48
N ALA D 725 -30.43 7.37 -49.49
CA ALA D 725 -31.69 6.65 -49.27
C ALA D 725 -31.46 5.16 -49.12
N LEU D 726 -30.37 4.63 -49.70
CA LEU D 726 -30.07 3.22 -49.59
C LEU D 726 -29.40 2.85 -48.28
N ASN D 727 -28.76 3.82 -47.61
CA ASN D 727 -28.12 3.58 -46.32
C ASN D 727 -29.00 4.02 -45.16
N ASN D 728 -29.45 5.27 -45.15
CA ASN D 728 -30.20 5.82 -44.05
C ASN D 728 -31.70 5.78 -44.37
N ILE D 729 -32.52 6.17 -43.39
CA ILE D 729 -33.97 6.20 -43.53
C ILE D 729 -34.50 7.63 -43.54
N LEU D 730 -33.90 8.51 -42.74
CA LEU D 730 -34.28 9.92 -42.74
C LEU D 730 -33.98 10.62 -44.06
N THR D 731 -33.07 10.07 -44.86
CA THR D 731 -32.78 10.56 -46.19
C THR D 731 -33.47 9.74 -47.28
N ASP D 732 -34.39 8.86 -46.92
CA ASP D 732 -35.17 8.08 -47.87
C ASP D 732 -36.48 8.82 -48.13
N ASP D 733 -36.78 9.06 -49.41
CA ASP D 733 -37.94 9.88 -49.76
C ASP D 733 -39.25 9.14 -49.60
N THR D 734 -39.23 7.81 -49.50
CA THR D 734 -40.45 7.05 -49.29
C THR D 734 -41.01 7.29 -47.90
N PHE D 735 -40.15 7.32 -46.89
CA PHE D 735 -40.58 7.57 -45.52
C PHE D 735 -41.03 9.02 -45.38
N ILE D 736 -42.19 9.22 -44.76
CA ILE D 736 -42.80 10.55 -44.67
C ILE D 736 -42.86 10.99 -43.22
N ALA D 737 -43.07 12.29 -43.03
CA ALA D 737 -43.14 12.90 -41.71
C ALA D 737 -44.40 12.43 -40.98
N PRO D 738 -44.38 12.43 -39.64
CA PRO D 738 -45.59 12.07 -38.89
C PRO D 738 -46.77 13.00 -39.13
N ILE D 739 -46.53 14.29 -39.34
CA ILE D 739 -47.56 15.23 -39.73
C ILE D 739 -47.13 15.92 -41.02
N LEU D 740 -48.12 16.30 -41.82
CA LEU D 740 -47.88 16.96 -43.08
C LEU D 740 -48.70 18.24 -43.15
N TRP D 741 -48.07 19.32 -43.62
CA TRP D 741 -48.74 20.59 -43.81
C TRP D 741 -48.98 20.91 -45.28
N ASP D 742 -48.06 20.49 -46.14
CA ASP D 742 -48.17 20.64 -47.58
C ASP D 742 -47.85 19.34 -48.29
N CYS D 743 -48.32 19.22 -49.53
CA CYS D 743 -48.39 17.95 -50.23
C CYS D 743 -47.13 17.61 -51.01
N ASP D 744 -46.04 18.35 -50.83
CA ASP D 744 -44.85 18.12 -51.64
C ASP D 744 -44.13 16.84 -51.26
N ALA D 745 -44.23 16.43 -49.98
CA ALA D 745 -43.63 15.19 -49.53
C ALA D 745 -44.27 13.98 -50.20
N LEU D 746 -45.59 14.02 -50.39
CA LEU D 746 -46.27 12.95 -51.12
C LEU D 746 -45.87 12.94 -52.59
N ILE D 747 -45.66 14.12 -53.18
CA ILE D 747 -45.19 14.23 -54.57
C ILE D 747 -43.82 13.57 -54.72
N TYR D 748 -42.89 13.91 -53.82
CA TYR D 748 -41.56 13.32 -53.87
C TYR D 748 -41.58 11.84 -53.52
N ARG D 749 -42.54 11.39 -52.71
CA ARG D 749 -42.65 9.97 -52.40
C ARG D 749 -43.12 9.17 -53.61
N ASP D 750 -44.18 9.63 -54.28
CA ASP D 750 -44.66 8.90 -55.45
C ASP D 750 -43.78 9.10 -56.68
N GLU D 751 -42.91 10.10 -56.68
CA GLU D 751 -41.96 10.26 -57.78
C GLU D 751 -40.67 9.49 -57.56
N ALA D 752 -40.18 9.43 -56.32
CA ALA D 752 -38.85 8.90 -56.07
C ALA D 752 -38.83 7.38 -55.96
N ALA D 753 -39.94 6.76 -55.52
CA ALA D 753 -39.90 5.32 -55.34
C ALA D 753 -40.01 4.59 -56.68
N ARG D 754 -41.18 4.65 -57.32
CA ARG D 754 -41.40 4.40 -58.75
C ARG D 754 -41.13 2.95 -59.19
N ASP D 755 -40.56 2.13 -58.33
CA ASP D 755 -40.23 0.75 -58.64
C ASP D 755 -40.77 -0.21 -57.57
N ARG D 756 -40.69 0.18 -56.30
CA ARG D 756 -41.38 -0.52 -55.23
C ARG D 756 -42.85 -0.11 -55.27
N LEU D 757 -43.74 -1.10 -55.40
CA LEU D 757 -45.16 -0.92 -55.70
C LEU D 757 -45.87 -0.08 -54.65
N PRO D 758 -46.26 1.15 -54.97
CA PRO D 758 -46.83 2.04 -53.96
C PRO D 758 -48.36 1.98 -53.93
N ALA D 759 -48.89 2.33 -52.76
CA ALA D 759 -50.32 2.45 -52.59
C ALA D 759 -50.59 3.45 -51.48
N ILE D 760 -51.49 4.40 -51.74
CA ILE D 760 -51.83 5.45 -50.79
C ILE D 760 -53.34 5.41 -50.55
N ARG D 761 -53.74 5.51 -49.29
CA ARG D 761 -55.14 5.49 -48.88
C ARG D 761 -55.42 6.72 -48.05
N VAL D 762 -56.20 7.65 -48.59
CA VAL D 762 -56.50 8.91 -47.93
C VAL D 762 -58.00 8.95 -47.66
N SER D 763 -58.40 8.44 -46.49
CA SER D 763 -59.75 8.53 -45.94
C SER D 763 -60.80 7.93 -46.90
N GLY D 764 -60.68 6.63 -47.14
CA GLY D 764 -61.57 5.99 -48.09
C GLY D 764 -60.91 5.62 -49.39
N ARG D 765 -61.12 6.42 -50.43
CA ARG D 765 -60.61 6.12 -51.75
C ARG D 765 -59.08 6.23 -51.81
N ASN D 766 -58.51 5.64 -52.84
CA ASN D 766 -57.07 5.65 -53.05
C ASN D 766 -56.66 6.92 -53.79
N GLY D 767 -55.47 7.40 -53.51
CA GLY D 767 -54.94 8.57 -54.17
C GLY D 767 -55.44 9.87 -53.55
N TYR D 768 -54.71 10.94 -53.84
CA TYR D 768 -55.07 12.29 -53.42
C TYR D 768 -55.53 13.10 -54.62
N GLN D 769 -56.04 14.29 -54.36
CA GLN D 769 -56.50 15.16 -55.42
C GLN D 769 -55.77 16.49 -55.46
N ALA D 770 -55.37 17.01 -54.29
CA ALA D 770 -54.53 18.20 -54.14
C ALA D 770 -55.16 19.44 -54.78
N LEU D 771 -56.31 19.82 -54.24
CA LEU D 771 -57.00 21.06 -54.63
C LEU D 771 -56.61 22.14 -53.62
N HIS D 772 -56.03 23.22 -54.12
CA HIS D 772 -55.53 24.30 -53.28
C HIS D 772 -56.43 25.53 -53.39
N PHE D 773 -56.15 26.51 -52.51
CA PHE D 773 -56.80 27.83 -52.47
C PHE D 773 -58.30 27.68 -52.25
N VAL D 774 -58.63 27.27 -51.03
CA VAL D 774 -60.01 27.16 -50.57
C VAL D 774 -60.31 28.34 -49.65
N ASP D 775 -61.49 28.96 -49.84
CA ASP D 775 -61.83 30.17 -49.10
C ASP D 775 -63.31 30.19 -48.69
N MET D 776 -63.81 31.37 -48.34
CA MET D 776 -65.19 31.53 -47.84
C MET D 776 -66.26 31.10 -48.82
N ALA D 777 -65.98 31.09 -50.12
CA ALA D 777 -66.99 30.68 -51.10
C ALA D 777 -67.27 29.19 -51.00
N GLY D 778 -66.21 28.39 -50.85
CA GLY D 778 -66.33 26.94 -50.87
C GLY D 778 -65.62 26.21 -49.76
N HIS D 779 -65.71 26.70 -48.52
CA HIS D 779 -64.83 26.21 -47.45
C HIS D 779 -65.11 24.74 -47.12
N ASN D 780 -66.39 24.37 -46.92
CA ASN D 780 -66.87 22.98 -46.88
C ASN D 780 -66.14 22.14 -45.83
N PHE D 781 -66.40 22.49 -44.56
CA PHE D 781 -65.69 21.88 -43.44
C PHE D 781 -65.96 20.38 -43.34
N GLN D 782 -67.17 19.95 -43.70
CA GLN D 782 -67.50 18.52 -43.70
C GLN D 782 -67.41 17.96 -45.13
N ARG D 783 -66.17 17.73 -45.56
CA ARG D 783 -65.90 17.13 -46.86
C ARG D 783 -65.56 15.65 -46.69
N ARG D 784 -66.19 14.81 -47.51
CA ARG D 784 -66.04 13.37 -47.44
C ARG D 784 -65.06 12.80 -48.45
N ASP D 785 -64.58 13.61 -49.40
CA ASP D 785 -63.73 13.12 -50.48
C ASP D 785 -62.29 12.95 -49.99
N ASN D 786 -61.40 12.61 -50.91
CA ASN D 786 -59.98 12.45 -50.64
C ASN D 786 -59.18 13.66 -51.09
N VAL D 787 -59.78 14.84 -50.99
CA VAL D 787 -59.18 16.08 -51.48
C VAL D 787 -58.33 16.68 -50.39
N LEU D 788 -57.06 16.96 -50.71
CA LEU D 788 -56.12 17.59 -49.78
C LEU D 788 -55.92 19.05 -50.18
N ILE D 789 -55.68 19.89 -49.18
CA ILE D 789 -55.48 21.32 -49.41
C ILE D 789 -53.98 21.59 -49.52
N HIS D 790 -53.51 21.88 -50.73
CA HIS D 790 -52.08 22.10 -50.94
C HIS D 790 -51.63 23.47 -50.45
N GLY D 791 -52.47 24.49 -50.64
CA GLY D 791 -52.11 25.84 -50.21
C GLY D 791 -51.77 26.75 -51.36
N ARG D 792 -51.88 28.06 -51.14
CA ARG D 792 -51.59 29.04 -52.19
C ARG D 792 -50.08 29.12 -52.42
N PRO D 793 -49.61 29.00 -53.66
CA PRO D 793 -48.16 29.00 -53.91
C PRO D 793 -47.58 30.40 -53.83
N VAL D 794 -46.25 30.45 -53.95
CA VAL D 794 -45.51 31.71 -53.89
C VAL D 794 -45.34 32.29 -55.29
N ARG D 795 -44.74 31.52 -56.19
CA ARG D 795 -44.51 31.96 -57.56
C ARG D 795 -45.55 31.32 -58.48
N GLY D 796 -46.52 32.13 -58.89
CA GLY D 796 -47.46 31.69 -59.90
C GLY D 796 -48.88 32.05 -59.54
N ASP D 797 -49.79 31.55 -60.36
CA ASP D 797 -51.21 31.71 -60.18
C ASP D 797 -51.82 30.36 -59.84
N THR D 798 -52.91 30.38 -59.05
CA THR D 798 -53.53 29.13 -58.62
C THR D 798 -54.22 28.43 -59.77
N GLY D 799 -55.25 29.06 -60.34
CA GLY D 799 -55.96 28.50 -61.47
C GLY D 799 -56.77 27.26 -61.11
N GLN D 800 -57.14 26.52 -62.14
CA GLN D 800 -57.84 25.24 -61.98
C GLN D 800 -57.15 24.10 -62.70
N ALA D 801 -56.63 24.34 -63.91
CA ALA D 801 -55.96 23.30 -64.68
C ALA D 801 -54.45 23.27 -64.48
N ILE D 802 -53.91 24.19 -63.68
CA ILE D 802 -52.48 24.25 -63.42
C ILE D 802 -52.09 23.09 -62.50
N PRO D 803 -51.12 22.27 -62.88
CA PRO D 803 -50.76 21.11 -62.06
C PRO D 803 -50.05 21.51 -60.78
N ILE D 804 -50.05 20.59 -59.81
CA ILE D 804 -49.49 20.87 -58.50
C ILE D 804 -47.96 20.80 -58.56
N THR D 805 -47.32 21.86 -58.09
CA THR D 805 -45.87 21.91 -57.97
C THR D 805 -45.48 21.85 -56.49
N PRO D 806 -44.34 21.25 -56.18
CA PRO D 806 -43.87 21.25 -54.78
C PRO D 806 -43.52 22.65 -54.31
N HIS D 807 -43.79 22.91 -53.02
CA HIS D 807 -43.54 24.24 -52.46
C HIS D 807 -42.04 24.50 -52.30
N HIS D 808 -41.31 23.55 -51.76
CA HIS D 808 -39.92 23.77 -51.38
C HIS D 808 -39.02 22.71 -52.00
N ASP D 809 -37.75 22.75 -51.58
CA ASP D 809 -36.72 21.86 -52.07
C ASP D 809 -36.90 20.47 -51.46
N ARG D 810 -36.25 19.47 -52.06
CA ARG D 810 -36.25 18.11 -51.52
C ARG D 810 -35.58 18.03 -50.15
N GLU D 811 -34.61 18.92 -49.89
CA GLU D 811 -33.88 18.90 -48.62
C GLU D 811 -34.78 19.32 -47.45
N TRP D 812 -35.86 20.04 -47.73
CA TRP D 812 -36.82 20.40 -46.68
C TRP D 812 -37.47 19.16 -46.09
N GLY D 813 -37.80 18.17 -46.93
CA GLY D 813 -38.36 16.92 -46.41
C GLY D 813 -37.38 16.16 -45.54
N ILE D 814 -36.11 16.16 -45.93
CA ILE D 814 -35.07 15.48 -45.15
C ILE D 814 -34.88 16.15 -43.81
N LEU D 815 -34.87 17.48 -43.79
CA LEU D 815 -34.70 18.21 -42.54
C LEU D 815 -35.92 18.06 -41.63
N SER D 816 -37.13 18.00 -42.23
CA SER D 816 -38.34 17.77 -41.44
C SER D 816 -38.33 16.38 -40.82
N LYS D 817 -37.90 15.37 -41.58
CA LYS D 817 -37.80 14.01 -41.05
C LYS D 817 -36.78 13.94 -39.92
N ILE D 818 -35.62 14.59 -40.10
CA ILE D 818 -34.57 14.59 -39.08
C ILE D 818 -35.07 15.27 -37.81
N TYR D 819 -35.74 16.42 -37.96
CA TYR D 819 -36.28 17.14 -36.81
C TYR D 819 -37.32 16.31 -36.08
N TYR D 820 -38.40 15.91 -36.77
CA TYR D 820 -39.51 15.20 -36.14
C TYR D 820 -39.13 13.83 -35.61
N TYR D 821 -38.07 13.21 -36.12
CA TYR D 821 -37.72 11.87 -35.67
C TYR D 821 -36.51 11.83 -34.74
N ILE D 822 -35.78 12.94 -34.56
CA ILE D 822 -34.65 12.97 -33.65
C ILE D 822 -34.84 14.02 -32.56
N VAL D 823 -35.06 15.28 -32.94
CA VAL D 823 -34.99 16.37 -31.98
C VAL D 823 -36.24 16.41 -31.10
N ILE D 824 -37.41 16.13 -31.69
CA ILE D 824 -38.65 16.09 -30.91
C ILE D 824 -38.67 14.97 -29.85
N PRO D 825 -38.35 13.69 -30.16
CA PRO D 825 -38.38 12.70 -29.09
C PRO D 825 -37.19 12.76 -28.14
N ALA D 826 -36.11 13.43 -28.50
CA ALA D 826 -35.00 13.57 -27.57
C ALA D 826 -35.32 14.58 -26.48
N PHE D 827 -36.13 15.60 -26.79
CA PHE D 827 -36.50 16.63 -25.83
C PHE D 827 -37.79 16.31 -25.10
N SER D 828 -38.83 15.88 -25.81
CA SER D 828 -40.10 15.60 -25.15
C SER D 828 -40.07 14.27 -24.40
N ARG D 829 -39.25 13.31 -24.88
CA ARG D 829 -39.06 11.99 -24.28
C ARG D 829 -40.37 11.22 -24.14
N GLY D 830 -41.12 11.17 -25.23
CA GLY D 830 -42.36 10.41 -25.27
C GLY D 830 -43.57 11.08 -24.68
N SER D 831 -43.42 12.31 -24.16
CA SER D 831 -44.55 13.04 -23.61
C SER D 831 -45.40 13.71 -24.69
N CYS D 832 -44.82 14.00 -25.85
CA CYS D 832 -45.56 14.65 -26.92
C CYS D 832 -46.49 13.67 -27.61
N CYS D 833 -47.58 14.20 -28.16
CA CYS D 833 -48.59 13.39 -28.84
C CYS D 833 -49.09 14.15 -30.06
N THR D 834 -49.32 13.43 -31.15
CA THR D 834 -49.81 14.02 -32.39
C THR D 834 -51.33 13.93 -32.46
N MET D 835 -51.98 15.05 -32.75
CA MET D 835 -53.43 15.09 -32.88
C MET D 835 -53.87 15.88 -34.11
N GLY D 836 -55.07 15.56 -34.57
CA GLY D 836 -55.75 16.39 -35.53
C GLY D 836 -56.46 17.55 -34.87
N VAL D 837 -57.08 18.39 -35.69
CA VAL D 837 -57.74 19.60 -35.21
C VAL D 837 -59.18 19.63 -35.71
N ARG D 838 -60.00 20.39 -35.00
CA ARG D 838 -61.40 20.58 -35.34
C ARG D 838 -61.57 22.01 -35.85
N TYR D 839 -61.53 22.17 -37.18
CA TYR D 839 -61.61 23.49 -37.77
C TYR D 839 -63.01 24.08 -37.71
N ASP D 840 -64.04 23.23 -37.66
CA ASP D 840 -65.41 23.73 -37.58
C ASP D 840 -65.71 24.37 -36.24
N ARG D 841 -64.95 24.02 -35.20
CA ARG D 841 -65.07 24.65 -33.89
C ARG D 841 -63.89 25.57 -33.59
N LEU D 842 -63.11 25.96 -34.59
CA LEU D 842 -61.96 26.84 -34.38
C LEU D 842 -62.09 28.14 -35.16
N TYR D 843 -62.46 28.05 -36.44
CA TYR D 843 -62.64 29.27 -37.24
C TYR D 843 -63.76 30.19 -36.76
N PRO D 844 -64.95 29.72 -36.33
CA PRO D 844 -65.88 30.66 -35.67
C PRO D 844 -65.36 31.21 -34.34
N ALA D 845 -64.41 30.55 -33.69
CA ALA D 845 -63.77 31.11 -32.51
C ALA D 845 -62.70 32.13 -32.85
N LEU D 846 -62.32 32.24 -34.13
CA LEU D 846 -61.33 33.19 -34.58
C LEU D 846 -61.96 34.43 -35.23
N GLN D 847 -63.28 34.47 -35.33
CA GLN D 847 -63.98 35.58 -35.97
C GLN D 847 -64.01 36.84 -35.12
N ALA D 848 -64.15 36.71 -33.79
CA ALA D 848 -64.44 37.84 -32.92
C ALA D 848 -63.15 38.51 -32.50
N VAL D 849 -62.82 39.62 -33.16
CA VAL D 849 -61.74 40.52 -32.76
C VAL D 849 -62.37 41.86 -32.36
N ILE D 850 -61.90 42.42 -31.26
CA ILE D 850 -62.65 43.47 -30.58
C ILE D 850 -61.72 44.70 -30.63
N VAL D 851 -61.00 44.81 -31.75
CA VAL D 851 -60.17 46.01 -31.99
C VAL D 851 -61.07 47.23 -32.12
N PRO D 852 -60.89 48.26 -31.31
CA PRO D 852 -61.82 49.40 -31.30
C PRO D 852 -61.54 50.36 -32.44
N GLU D 853 -62.34 51.41 -32.50
CA GLU D 853 -62.25 52.43 -33.56
C GLU D 853 -61.50 53.64 -33.02
N ILE D 854 -60.24 53.77 -33.42
CA ILE D 854 -59.39 54.87 -32.98
C ILE D 854 -59.58 56.05 -33.94
N PRO D 855 -59.84 57.26 -33.45
CA PRO D 855 -60.00 58.41 -34.34
C PRO D 855 -58.68 58.82 -34.98
N ALA D 856 -58.80 59.58 -36.07
CA ALA D 856 -57.64 60.07 -36.78
C ALA D 856 -56.92 61.15 -35.97
N ASP D 857 -55.64 61.37 -36.33
CA ASP D 857 -54.72 62.25 -35.61
C ASP D 857 -54.61 61.89 -34.14
N GLU D 858 -54.59 60.59 -33.86
CA GLU D 858 -54.42 60.07 -32.51
C GLU D 858 -53.40 58.94 -32.54
N GLU D 859 -52.57 58.87 -31.50
CA GLU D 859 -51.55 57.84 -31.43
C GLU D 859 -52.16 56.48 -31.11
N ALA D 860 -51.61 55.44 -31.71
CA ALA D 860 -52.06 54.09 -31.43
C ALA D 860 -51.56 53.67 -30.04
N PRO D 861 -52.42 53.12 -29.18
CA PRO D 861 -51.98 52.74 -27.84
C PRO D 861 -51.06 51.52 -27.87
N THR D 862 -50.07 51.53 -26.97
CA THR D 862 -49.13 50.43 -26.81
C THR D 862 -49.30 49.71 -25.47
N THR D 863 -49.28 50.45 -24.37
CA THR D 863 -49.58 49.89 -23.07
C THR D 863 -51.06 49.53 -22.98
N PRO D 864 -51.42 48.51 -22.21
CA PRO D 864 -52.84 48.15 -22.07
C PRO D 864 -53.60 48.87 -20.97
N GLU D 865 -53.04 49.92 -20.36
CA GLU D 865 -53.74 50.60 -19.28
C GLU D 865 -54.82 51.56 -19.78
N ASP D 866 -54.60 52.21 -20.93
CA ASP D 866 -55.59 53.13 -21.46
C ASP D 866 -56.74 52.37 -22.10
N PRO D 867 -57.95 52.94 -22.10
CA PRO D 867 -59.11 52.18 -22.64
C PRO D 867 -59.10 52.00 -24.16
N ARG D 868 -58.19 52.64 -24.89
CA ARG D 868 -58.13 52.45 -26.33
C ARG D 868 -57.43 51.16 -26.74
N HIS D 869 -56.78 50.46 -25.81
CA HIS D 869 -56.06 49.24 -26.14
C HIS D 869 -57.04 48.07 -26.31
N PRO D 870 -56.77 47.16 -27.24
CA PRO D 870 -57.64 45.97 -27.38
C PRO D 870 -57.67 45.06 -26.16
N LEU D 871 -56.56 44.98 -25.42
CA LEU D 871 -56.46 44.09 -24.27
C LEU D 871 -56.88 44.75 -22.97
N HIS D 872 -57.48 45.95 -23.03
CA HIS D 872 -57.98 46.60 -21.85
C HIS D 872 -59.21 45.87 -21.32
N ALA D 873 -59.49 46.06 -20.02
CA ALA D 873 -60.59 45.34 -19.38
C ALA D 873 -61.95 45.86 -19.83
N HIS D 874 -62.01 47.04 -20.43
CA HIS D 874 -63.28 47.56 -20.93
C HIS D 874 -63.78 46.77 -22.13
N GLN D 875 -62.87 46.45 -23.06
CA GLN D 875 -63.22 45.65 -24.22
C GLN D 875 -62.82 44.20 -24.09
N LEU D 876 -62.83 43.66 -22.86
CA LEU D 876 -62.55 42.25 -22.64
C LEU D 876 -63.87 41.49 -22.52
N VAL D 877 -64.66 41.60 -23.58
CA VAL D 877 -65.96 40.91 -23.67
C VAL D 877 -65.73 39.40 -23.74
N PRO D 878 -66.53 38.58 -23.07
CA PRO D 878 -66.32 37.13 -23.13
C PRO D 878 -66.57 36.56 -24.52
N ASN D 879 -65.91 35.43 -24.78
CA ASN D 879 -66.03 34.64 -26.01
C ASN D 879 -65.62 35.45 -27.24
N SER D 880 -64.38 35.93 -27.20
CA SER D 880 -63.75 36.61 -28.33
C SER D 880 -62.26 36.28 -28.28
N LEU D 881 -61.52 36.72 -29.30
CA LEU D 881 -60.09 36.43 -29.35
C LEU D 881 -59.32 37.19 -28.28
N ASN D 882 -59.90 38.29 -27.77
CA ASN D 882 -59.23 39.10 -26.77
C ASN D 882 -59.09 38.36 -25.45
N VAL D 883 -60.09 37.56 -25.06
CA VAL D 883 -59.94 36.79 -23.83
C VAL D 883 -58.99 35.61 -24.05
N TYR D 884 -58.89 35.09 -25.28
CA TYR D 884 -57.87 34.09 -25.59
C TYR D 884 -56.47 34.66 -25.43
N PHE D 885 -56.26 35.90 -25.87
CA PHE D 885 -54.94 36.51 -25.70
C PHE D 885 -54.71 36.96 -24.27
N HIS D 886 -55.77 37.30 -23.54
CA HIS D 886 -55.61 37.75 -22.16
C HIS D 886 -55.36 36.60 -21.20
N ASN D 887 -55.89 35.41 -21.50
CA ASN D 887 -55.58 34.25 -20.67
C ASN D 887 -54.12 33.84 -20.81
N ALA D 888 -53.52 34.12 -21.97
CA ALA D 888 -52.11 33.86 -22.19
C ALA D 888 -51.22 34.96 -21.66
N HIS D 889 -51.80 36.08 -21.22
CA HIS D 889 -51.10 37.27 -20.71
C HIS D 889 -50.10 37.80 -21.73
N LEU D 890 -50.63 38.23 -22.87
CA LEU D 890 -49.85 38.80 -23.95
C LEU D 890 -50.45 40.14 -24.36
N THR D 891 -49.59 41.01 -24.89
CA THR D 891 -49.99 42.33 -25.35
C THR D 891 -49.78 42.43 -26.86
N VAL D 892 -50.86 42.73 -27.58
CA VAL D 892 -50.79 42.94 -29.03
C VAL D 892 -51.52 44.23 -29.36
N ASP D 893 -51.22 44.77 -30.55
CA ASP D 893 -51.82 46.00 -31.00
C ASP D 893 -53.08 45.71 -31.82
N GLY D 894 -53.60 46.75 -32.48
CA GLY D 894 -54.83 46.59 -33.25
C GLY D 894 -54.61 45.88 -34.57
N ASP D 895 -53.61 46.32 -35.35
CA ASP D 895 -53.37 45.75 -36.66
C ASP D 895 -52.84 44.32 -36.58
N ALA D 896 -52.15 43.99 -35.48
CA ALA D 896 -51.70 42.62 -35.27
C ALA D 896 -52.88 41.66 -35.14
N LEU D 897 -53.95 42.10 -34.48
CA LEU D 897 -55.17 41.31 -34.45
C LEU D 897 -55.98 41.46 -35.72
N LEU D 898 -55.76 42.53 -36.48
CA LEU D 898 -56.51 42.73 -37.72
C LEU D 898 -55.95 41.90 -38.87
N THR D 899 -54.70 41.44 -38.76
CA THR D 899 -54.10 40.59 -39.79
C THR D 899 -54.71 39.19 -39.86
N LEU D 900 -55.51 38.79 -38.87
CA LEU D 900 -56.21 37.51 -38.91
C LEU D 900 -57.20 37.45 -40.08
N GLN D 901 -57.79 38.60 -40.45
CA GLN D 901 -58.69 38.64 -41.59
C GLN D 901 -57.95 38.43 -42.91
N GLU D 902 -56.70 38.90 -43.00
CA GLU D 902 -55.89 38.61 -44.17
C GLU D 902 -55.45 37.15 -44.17
N LEU D 903 -55.24 36.58 -42.99
CA LEU D 903 -54.95 35.15 -42.90
C LEU D 903 -56.14 34.30 -43.31
N MET D 904 -57.36 34.82 -43.12
CA MET D 904 -58.60 34.07 -43.32
C MET D 904 -58.81 33.64 -44.77
N GLY D 905 -58.16 34.30 -45.73
CA GLY D 905 -58.38 33.99 -47.14
C GLY D 905 -57.87 32.62 -47.57
N ASP D 906 -56.87 32.10 -46.86
CA ASP D 906 -56.36 30.75 -47.10
C ASP D 906 -56.60 29.93 -45.84
N MET D 907 -57.20 28.75 -46.01
CA MET D 907 -57.55 27.91 -44.87
C MET D 907 -57.36 26.44 -45.20
N ALA D 908 -57.64 25.61 -44.20
CA ALA D 908 -57.65 24.16 -44.33
C ALA D 908 -59.00 23.66 -43.86
N GLU D 909 -59.54 22.64 -44.54
CA GLU D 909 -60.88 22.16 -44.23
C GLU D 909 -60.86 21.30 -42.98
N ARG D 910 -60.16 20.18 -43.02
CA ARG D 910 -60.14 19.24 -41.91
C ARG D 910 -58.88 18.40 -42.01
N THR D 911 -58.54 17.74 -40.90
CA THR D 911 -57.44 16.79 -40.88
C THR D 911 -57.91 15.44 -41.38
N THR D 912 -56.98 14.70 -42.00
CA THR D 912 -57.27 13.37 -42.52
C THR D 912 -56.10 12.45 -42.23
N ALA D 913 -56.38 11.16 -42.17
CA ALA D 913 -55.40 10.14 -41.85
C ALA D 913 -54.94 9.47 -43.13
N ILE D 914 -53.64 9.52 -43.38
CA ILE D 914 -53.05 8.97 -44.60
C ILE D 914 -52.25 7.72 -44.24
N LEU D 915 -52.58 6.60 -44.86
CA LEU D 915 -51.84 5.35 -44.70
C LEU D 915 -51.18 5.02 -46.02
N VAL D 916 -49.85 4.97 -46.03
CA VAL D 916 -49.09 4.68 -47.23
C VAL D 916 -48.50 3.29 -47.12
N SER D 917 -48.05 2.76 -48.25
CA SER D 917 -47.43 1.45 -48.28
C SER D 917 -46.47 1.36 -49.46
N SER D 918 -45.40 0.58 -49.28
CA SER D 918 -44.40 0.39 -50.32
C SER D 918 -43.66 -0.91 -50.05
N ALA D 919 -43.12 -1.49 -51.12
CA ALA D 919 -42.23 -2.63 -51.01
C ALA D 919 -40.88 -2.16 -50.43
N PRO D 920 -40.09 -3.07 -49.84
CA PRO D 920 -38.77 -2.68 -49.36
C PRO D 920 -37.83 -2.30 -50.51
N ASP D 921 -36.78 -1.56 -50.16
CA ASP D 921 -35.93 -0.89 -51.14
C ASP D 921 -35.13 -1.90 -51.96
N ALA D 922 -34.49 -1.38 -53.01
CA ALA D 922 -33.84 -2.23 -54.01
C ALA D 922 -32.59 -2.93 -53.49
N GLY D 923 -32.05 -2.48 -52.35
CA GLY D 923 -30.92 -3.17 -51.78
C GLY D 923 -31.29 -4.49 -51.12
N ALA D 924 -32.49 -4.56 -50.55
CA ALA D 924 -32.94 -5.75 -49.84
C ALA D 924 -34.20 -6.36 -50.47
N ALA D 925 -34.45 -6.07 -51.74
CA ALA D 925 -35.63 -6.61 -52.43
C ALA D 925 -35.25 -7.92 -53.10
N THR D 926 -35.56 -9.03 -52.46
CA THR D 926 -35.40 -10.35 -53.02
C THR D 926 -36.77 -10.90 -53.44
N ALA D 927 -36.78 -12.12 -53.98
CA ALA D 927 -37.99 -12.68 -54.56
C ALA D 927 -39.08 -12.98 -53.54
N THR D 928 -38.73 -13.10 -52.26
CA THR D 928 -39.73 -13.40 -51.23
C THR D 928 -40.02 -12.23 -50.29
N THR D 929 -39.21 -11.17 -50.30
CA THR D 929 -39.49 -10.01 -49.47
C THR D 929 -40.31 -8.94 -50.18
N ARG D 930 -40.63 -9.14 -51.45
CA ARG D 930 -41.51 -8.19 -52.14
C ARG D 930 -42.95 -8.33 -51.68
N ASN D 931 -43.34 -9.52 -51.22
CA ASN D 931 -44.68 -9.70 -50.67
C ASN D 931 -44.84 -8.98 -49.34
N MET D 932 -43.76 -8.90 -48.56
CA MET D 932 -43.79 -8.16 -47.31
C MET D 932 -43.82 -6.67 -47.60
N ARG D 933 -44.77 -5.97 -47.00
CA ARG D 933 -44.94 -4.54 -47.23
C ARG D 933 -44.91 -3.81 -45.90
N ILE D 934 -44.63 -2.50 -45.96
CA ILE D 934 -44.51 -1.68 -44.76
C ILE D 934 -45.58 -0.60 -44.80
N TYR D 935 -46.28 -0.44 -43.68
CA TYR D 935 -47.41 0.47 -43.58
C TYR D 935 -47.15 1.45 -42.45
N ASP D 936 -46.77 2.68 -42.79
CA ASP D 936 -46.60 3.73 -41.79
C ASP D 936 -47.56 4.86 -42.12
N GLY D 937 -48.18 5.41 -41.08
CA GLY D 937 -49.22 6.40 -41.23
C GLY D 937 -48.73 7.82 -40.98
N ALA D 938 -49.59 8.78 -41.32
CA ALA D 938 -49.32 10.19 -41.12
C ALA D 938 -50.63 10.93 -40.96
N LEU D 939 -50.55 12.13 -40.40
CA LEU D 939 -51.72 12.98 -40.18
C LEU D 939 -51.56 14.25 -41.02
N TYR D 940 -52.33 14.33 -42.11
CA TYR D 940 -52.36 15.55 -42.90
C TYR D 940 -53.13 16.63 -42.15
N HIS D 941 -52.54 17.83 -42.08
CA HIS D 941 -53.09 18.98 -41.36
C HIS D 941 -53.36 18.67 -39.89
N GLY D 942 -52.44 17.92 -39.27
CA GLY D 942 -52.56 17.59 -37.87
C GLY D 942 -51.46 18.20 -37.03
N LEU D 943 -51.75 18.46 -35.76
CA LEU D 943 -50.82 19.12 -34.86
C LEU D 943 -50.12 18.12 -33.96
N ILE D 944 -49.17 18.64 -33.18
CA ILE D 944 -48.53 17.95 -32.07
C ILE D 944 -48.58 18.95 -30.91
N MET D 945 -48.86 18.47 -29.71
CA MET D 945 -48.64 19.30 -28.52
C MET D 945 -47.56 18.67 -27.65
N MET D 946 -46.83 19.53 -26.94
CA MET D 946 -45.60 19.11 -26.29
C MET D 946 -45.85 18.65 -24.85
N ALA D 947 -46.88 19.20 -24.21
CA ALA D 947 -47.29 18.75 -22.89
C ALA D 947 -48.79 18.93 -22.74
N TYR D 948 -49.41 18.09 -21.91
CA TYR D 948 -50.85 18.09 -21.72
C TYR D 948 -51.18 18.60 -20.33
N GLN D 949 -52.16 19.51 -20.25
CA GLN D 949 -52.68 20.00 -18.98
C GLN D 949 -54.14 19.56 -18.87
N ALA D 950 -54.41 18.61 -17.98
CA ALA D 950 -55.77 18.10 -17.79
C ALA D 950 -56.56 18.87 -16.75
N TYR D 951 -55.93 19.81 -16.05
CA TYR D 951 -56.58 20.54 -14.97
C TYR D 951 -56.78 22.01 -15.29
N ASP D 952 -56.73 22.39 -16.55
CA ASP D 952 -56.99 23.78 -16.97
C ASP D 952 -58.43 23.88 -17.40
N GLU D 953 -59.26 24.50 -16.56
CA GLU D 953 -60.70 24.54 -16.77
C GLU D 953 -61.17 25.78 -17.52
N THR D 954 -60.25 26.65 -17.95
CA THR D 954 -60.66 27.83 -18.73
C THR D 954 -61.13 27.44 -20.12
N ILE D 955 -60.61 26.33 -20.66
CA ILE D 955 -61.06 25.76 -21.91
C ILE D 955 -61.57 24.35 -21.63
N ALA D 956 -62.75 24.03 -22.14
CA ALA D 956 -63.31 22.69 -21.94
C ALA D 956 -62.45 21.65 -22.64
N THR D 957 -62.44 20.44 -22.08
CA THR D 957 -61.53 19.40 -22.54
C THR D 957 -61.97 18.89 -23.91
N GLY D 958 -61.04 18.93 -24.86
CA GLY D 958 -61.33 18.56 -26.23
C GLY D 958 -62.26 19.50 -26.97
N THR D 959 -62.11 20.81 -26.74
CA THR D 959 -62.88 21.78 -27.52
C THR D 959 -62.34 21.93 -28.92
N PHE D 960 -61.02 21.91 -29.08
CA PHE D 960 -60.37 22.08 -30.37
C PHE D 960 -59.66 20.81 -30.86
N PHE D 961 -59.02 20.07 -29.97
CA PHE D 961 -58.06 19.04 -30.33
C PHE D 961 -58.53 17.69 -29.83
N TYR D 962 -58.37 16.65 -30.65
CA TYR D 962 -58.73 15.29 -30.27
C TYR D 962 -57.60 14.33 -30.63
N PRO D 963 -57.23 13.43 -29.72
CA PRO D 963 -55.98 12.66 -29.90
C PRO D 963 -56.11 11.54 -30.93
N VAL D 964 -55.28 11.62 -31.97
CA VAL D 964 -55.10 10.56 -32.95
C VAL D 964 -53.61 10.26 -33.03
N PRO D 965 -53.05 9.43 -32.14
CA PRO D 965 -51.60 9.24 -32.11
C PRO D 965 -51.16 8.17 -33.10
N VAL D 966 -50.26 8.54 -34.01
CA VAL D 966 -49.66 7.55 -34.89
C VAL D 966 -48.13 7.66 -34.89
N ASN D 967 -47.51 6.94 -33.93
CA ASN D 967 -46.14 6.44 -33.84
C ASN D 967 -46.00 5.71 -32.50
N PRO D 968 -45.05 4.78 -32.37
CA PRO D 968 -44.61 4.39 -31.03
C PRO D 968 -43.97 5.54 -30.27
N LEU D 969 -43.31 6.47 -30.98
CA LEU D 969 -42.68 7.61 -30.31
C LEU D 969 -43.72 8.62 -29.83
N PHE D 970 -44.71 8.92 -30.66
CA PHE D 970 -45.69 9.96 -30.39
C PHE D 970 -46.96 9.41 -29.74
N ALA D 971 -46.90 8.23 -29.15
CA ALA D 971 -48.02 7.72 -28.38
C ALA D 971 -48.16 8.53 -27.10
N CYS D 972 -49.36 8.54 -26.54
CA CYS D 972 -49.71 9.47 -25.47
C CYS D 972 -50.74 8.84 -24.54
N PRO D 973 -50.32 8.44 -23.34
CA PRO D 973 -51.30 7.91 -22.37
C PRO D 973 -52.17 9.00 -21.75
N GLU D 974 -51.57 10.12 -21.36
CA GLU D 974 -52.33 11.17 -20.66
C GLU D 974 -53.20 11.97 -21.60
N HIS D 975 -52.80 12.10 -22.88
CA HIS D 975 -53.51 12.95 -23.82
C HIS D 975 -54.84 12.36 -24.28
N LEU D 976 -55.13 11.10 -23.94
CA LEU D 976 -56.39 10.48 -24.31
C LEU D 976 -57.57 10.99 -23.48
N ALA D 977 -57.31 11.80 -22.43
CA ALA D 977 -58.40 12.46 -21.73
C ALA D 977 -59.09 13.50 -22.60
N SER D 978 -58.40 14.02 -23.62
CA SER D 978 -58.99 14.92 -24.59
C SER D 978 -60.03 14.25 -25.48
N LEU D 979 -59.99 12.92 -25.60
CA LEU D 979 -60.98 12.20 -26.38
C LEU D 979 -62.31 12.16 -25.64
N ARG D 980 -63.39 12.19 -26.42
CA ARG D 980 -64.74 12.19 -25.87
C ARG D 980 -65.12 10.79 -25.40
N GLY D 981 -65.61 10.69 -24.17
CA GLY D 981 -66.05 9.42 -23.63
C GLY D 981 -64.93 8.47 -23.26
N MET D 982 -64.10 8.86 -22.30
CA MET D 982 -62.99 8.04 -21.84
C MET D 982 -63.23 7.65 -20.38
N THR D 983 -63.06 6.37 -20.08
CA THR D 983 -63.26 5.84 -18.75
C THR D 983 -61.91 5.48 -18.12
N ASN D 984 -61.95 5.01 -16.88
CA ASN D 984 -60.72 4.62 -16.19
C ASN D 984 -60.20 3.28 -16.71
N ALA D 985 -61.08 2.42 -17.22
CA ALA D 985 -60.65 1.12 -17.72
C ALA D 985 -59.80 1.27 -18.99
N ARG D 986 -60.26 2.10 -19.92
CA ARG D 986 -59.48 2.35 -21.13
C ARG D 986 -58.19 3.09 -20.81
N ARG D 987 -58.23 3.99 -19.83
CA ARG D 987 -57.04 4.73 -19.43
C ARG D 987 -55.99 3.81 -18.81
N VAL D 988 -56.43 2.86 -17.98
CA VAL D 988 -55.47 1.94 -17.36
C VAL D 988 -55.06 0.85 -18.34
N LEU D 989 -55.85 0.62 -19.39
CA LEU D 989 -55.44 -0.29 -20.44
C LEU D 989 -54.43 0.37 -21.37
N ALA D 990 -54.47 1.70 -21.48
CA ALA D 990 -53.57 2.43 -22.37
C ALA D 990 -52.24 2.80 -21.70
N LYS D 991 -52.09 2.57 -20.40
CA LYS D 991 -50.82 2.87 -19.73
C LYS D 991 -49.71 1.90 -20.12
N MET D 992 -50.07 0.71 -20.59
CA MET D 992 -49.11 -0.35 -20.87
C MET D 992 -48.90 -0.62 -22.36
N VAL D 993 -49.87 -0.30 -23.21
CA VAL D 993 -49.76 -0.46 -24.65
C VAL D 993 -49.88 0.91 -25.30
N PRO D 994 -49.02 1.25 -26.27
CA PRO D 994 -49.23 2.47 -27.04
C PRO D 994 -50.43 2.35 -27.95
N PRO D 995 -51.47 3.18 -27.75
CA PRO D 995 -52.69 3.03 -28.56
C PRO D 995 -52.55 3.65 -29.94
N ILE D 996 -52.38 2.80 -30.95
CA ILE D 996 -52.26 3.23 -32.33
C ILE D 996 -53.39 2.56 -33.11
N PRO D 997 -54.24 3.32 -33.80
CA PRO D 997 -55.38 2.71 -34.50
C PRO D 997 -54.93 1.90 -35.70
N PRO D 998 -55.65 0.84 -36.06
CA PRO D 998 -55.20 -0.02 -37.16
C PRO D 998 -55.35 0.60 -38.55
N PHE D 999 -56.06 1.71 -38.69
CA PHE D 999 -56.12 2.36 -40.00
C PHE D 999 -54.97 3.32 -40.23
N LEU D 1000 -54.03 3.41 -39.28
CA LEU D 1000 -52.84 4.24 -39.42
C LEU D 1000 -51.56 3.42 -39.26
N GLY D 1001 -51.65 2.11 -39.36
CA GLY D 1001 -50.47 1.27 -39.25
C GLY D 1001 -50.34 0.63 -37.89
N ALA D 1002 -49.76 -0.56 -37.85
CA ALA D 1002 -49.51 -1.30 -36.62
C ALA D 1002 -48.01 -1.36 -36.35
N ASN D 1003 -47.66 -1.96 -35.20
CA ASN D 1003 -46.26 -2.01 -34.80
C ASN D 1003 -45.46 -2.96 -35.69
N HIS D 1004 -45.98 -4.15 -35.91
CA HIS D 1004 -45.21 -5.19 -36.59
C HIS D 1004 -45.21 -5.05 -38.11
N HIS D 1005 -45.71 -3.94 -38.66
CA HIS D 1005 -45.62 -3.67 -40.07
C HIS D 1005 -45.01 -2.32 -40.40
N ALA D 1006 -45.05 -1.35 -39.50
CA ALA D 1006 -44.51 -0.02 -39.78
C ALA D 1006 -42.99 -0.03 -39.69
N THR D 1007 -42.39 1.11 -40.00
CA THR D 1007 -40.95 1.27 -39.93
C THR D 1007 -40.47 1.53 -38.51
N ILE D 1008 -40.96 2.60 -37.89
CA ILE D 1008 -40.59 2.93 -36.51
C ILE D 1008 -41.37 2.01 -35.58
N ARG D 1009 -40.65 1.28 -34.72
CA ARG D 1009 -41.26 0.25 -33.90
C ARG D 1009 -41.09 0.55 -32.42
N GLN D 1010 -41.47 -0.43 -31.59
CA GLN D 1010 -41.42 -0.28 -30.13
C GLN D 1010 -40.02 -0.09 -29.53
N PRO D 1011 -38.95 -0.84 -29.92
CA PRO D 1011 -37.66 -0.66 -29.21
C PRO D 1011 -37.05 0.73 -29.31
N VAL D 1012 -37.24 1.45 -30.41
CA VAL D 1012 -36.68 2.80 -30.47
C VAL D 1012 -37.49 3.76 -29.58
N ALA D 1013 -38.80 3.51 -29.43
CA ALA D 1013 -39.59 4.30 -28.49
C ALA D 1013 -39.19 4.01 -27.05
N TYR D 1014 -38.91 2.74 -26.74
CA TYR D 1014 -38.40 2.41 -25.42
C TYR D 1014 -37.03 3.03 -25.17
N HIS D 1015 -36.22 3.13 -26.23
CA HIS D 1015 -34.93 3.79 -26.12
C HIS D 1015 -35.07 5.28 -25.83
N VAL D 1016 -36.04 5.94 -26.45
CA VAL D 1016 -36.18 7.38 -26.16
C VAL D 1016 -36.90 7.61 -24.84
N THR D 1017 -37.65 6.64 -24.33
CA THR D 1017 -38.40 6.88 -23.11
C THR D 1017 -37.77 6.29 -21.86
N HIS D 1018 -36.72 5.46 -21.98
CA HIS D 1018 -36.07 4.89 -20.81
C HIS D 1018 -34.57 5.09 -20.81
N SER D 1019 -34.07 6.13 -21.46
CA SER D 1019 -32.65 6.48 -21.42
C SER D 1019 -32.47 7.81 -20.70
N LYS D 1020 -31.50 7.86 -19.80
CA LYS D 1020 -31.10 9.10 -19.14
C LYS D 1020 -29.58 9.21 -19.23
N SER D 1021 -29.10 9.72 -20.36
CA SER D 1021 -27.67 9.94 -20.56
C SER D 1021 -27.34 11.41 -20.74
N ASP D 1022 -27.91 12.05 -21.76
CA ASP D 1022 -27.66 13.44 -22.13
C ASP D 1022 -28.71 13.82 -23.18
N PHE D 1023 -28.57 15.01 -23.76
CA PHE D 1023 -29.43 15.42 -24.86
C PHE D 1023 -28.73 15.39 -26.21
N ASN D 1024 -27.44 15.77 -26.27
CA ASN D 1024 -26.71 15.70 -27.54
C ASN D 1024 -26.41 14.25 -27.91
N THR D 1025 -25.94 13.46 -26.93
CA THR D 1025 -25.63 12.06 -27.19
C THR D 1025 -26.89 11.26 -27.47
N LEU D 1026 -28.03 11.68 -26.92
CA LEU D 1026 -29.30 11.05 -27.26
C LEU D 1026 -29.66 11.30 -28.72
N THR D 1027 -29.43 12.52 -29.22
CA THR D 1027 -29.70 12.82 -30.62
C THR D 1027 -28.79 12.03 -31.55
N TYR D 1028 -27.50 11.93 -31.20
CA TYR D 1028 -26.58 11.20 -32.06
C TYR D 1028 -26.82 9.69 -31.98
N SER D 1029 -27.25 9.20 -30.82
CA SER D 1029 -27.60 7.78 -30.69
C SER D 1029 -28.89 7.47 -31.44
N LEU D 1030 -29.82 8.43 -31.48
CA LEU D 1030 -31.04 8.25 -32.26
C LEU D 1030 -30.73 8.28 -33.76
N LEU D 1031 -29.76 9.08 -34.16
CA LEU D 1031 -29.33 9.06 -35.56
C LEU D 1031 -28.65 7.75 -35.92
N GLY D 1032 -27.78 7.26 -35.03
CA GLY D 1032 -27.16 5.96 -35.26
C GLY D 1032 -28.14 4.81 -35.17
N GLY D 1033 -29.27 5.03 -34.50
CA GLY D 1033 -30.34 4.06 -34.56
C GLY D 1033 -30.94 3.96 -35.95
N TYR D 1034 -31.13 5.09 -36.62
CA TYR D 1034 -31.82 5.12 -37.91
C TYR D 1034 -30.91 4.80 -39.09
N PHE D 1035 -30.22 3.67 -39.05
CA PHE D 1035 -29.47 3.16 -40.18
C PHE D 1035 -30.02 1.82 -40.56
N LYS D 1036 -30.13 1.56 -41.87
CA LYS D 1036 -30.79 0.35 -42.34
C LYS D 1036 -29.93 -0.89 -42.09
N PHE D 1037 -30.59 -2.03 -41.97
CA PHE D 1037 -29.93 -3.33 -41.90
C PHE D 1037 -29.97 -4.06 -43.24
N THR D 1038 -30.28 -3.34 -44.31
CA THR D 1038 -30.17 -3.86 -45.66
C THR D 1038 -28.70 -4.21 -45.95
N PRO D 1039 -28.44 -5.33 -46.66
CA PRO D 1039 -27.05 -5.71 -46.96
C PRO D 1039 -26.26 -4.68 -47.76
N ILE D 1040 -26.91 -3.86 -48.59
CA ILE D 1040 -26.21 -2.74 -49.21
C ILE D 1040 -25.89 -1.66 -48.17
N SER D 1041 -26.85 -1.38 -47.29
CA SER D 1041 -26.57 -0.47 -46.19
C SER D 1041 -25.56 -1.05 -45.21
N LEU D 1042 -25.60 -2.38 -45.02
CA LEU D 1042 -24.58 -3.05 -44.21
C LEU D 1042 -23.21 -2.92 -44.86
N THR D 1043 -23.15 -2.97 -46.20
CA THR D 1043 -21.91 -2.75 -46.93
C THR D 1043 -21.38 -1.34 -46.69
N HIS D 1044 -22.27 -0.34 -46.74
CA HIS D 1044 -21.88 1.05 -46.49
C HIS D 1044 -21.35 1.23 -45.06
N GLN D 1045 -22.06 0.66 -44.08
CA GLN D 1045 -21.66 0.83 -42.68
C GLN D 1045 -20.38 0.09 -42.36
N LEU D 1046 -20.18 -1.10 -42.94
CA LEU D 1046 -18.97 -1.86 -42.66
C LEU D 1046 -17.76 -1.26 -43.38
N ARG D 1047 -17.97 -0.67 -44.56
CA ARG D 1047 -16.84 -0.07 -45.27
C ARG D 1047 -16.45 1.27 -44.66
N THR D 1048 -17.43 2.07 -44.22
CA THR D 1048 -17.13 3.40 -43.72
C THR D 1048 -16.42 3.36 -42.38
N GLY D 1049 -16.96 2.60 -41.43
CA GLY D 1049 -16.41 2.56 -40.09
C GLY D 1049 -17.49 2.51 -39.03
N PHE D 1050 -18.75 2.55 -39.47
CA PHE D 1050 -19.87 2.40 -38.56
C PHE D 1050 -19.92 1.00 -37.98
N HIS D 1051 -20.38 0.91 -36.73
CA HIS D 1051 -20.54 -0.37 -36.05
C HIS D 1051 -22.02 -0.70 -35.99
N PRO D 1052 -22.51 -1.67 -36.77
CA PRO D 1052 -23.92 -2.03 -36.71
C PRO D 1052 -24.24 -2.78 -35.42
N GLY D 1053 -25.52 -2.87 -35.12
CA GLY D 1053 -25.98 -3.53 -33.90
C GLY D 1053 -25.93 -5.04 -33.97
N ILE D 1054 -24.73 -5.59 -34.18
CA ILE D 1054 -24.54 -7.04 -34.28
C ILE D 1054 -23.08 -7.33 -33.98
N ALA D 1055 -22.81 -8.55 -33.54
CA ALA D 1055 -21.46 -9.00 -33.26
C ALA D 1055 -21.28 -10.40 -33.83
N PHE D 1056 -20.03 -10.77 -34.08
CA PHE D 1056 -19.72 -12.05 -34.67
C PHE D 1056 -18.80 -12.86 -33.77
N THR D 1057 -18.92 -14.18 -33.87
CA THR D 1057 -17.98 -15.11 -33.26
C THR D 1057 -17.35 -15.94 -34.37
N VAL D 1058 -16.03 -15.89 -34.48
CA VAL D 1058 -15.32 -16.49 -35.60
C VAL D 1058 -14.80 -17.85 -35.20
N VAL D 1059 -14.80 -18.79 -36.16
CA VAL D 1059 -14.32 -20.14 -35.96
C VAL D 1059 -13.25 -20.41 -37.01
N ARG D 1060 -12.13 -21.00 -36.59
CA ARG D 1060 -11.04 -21.27 -37.50
C ARG D 1060 -10.35 -22.56 -37.08
N GLN D 1061 -10.21 -23.50 -38.03
CA GLN D 1061 -9.65 -24.80 -37.77
C GLN D 1061 -8.21 -24.85 -38.25
N ASP D 1062 -7.31 -25.34 -37.39
CA ASP D 1062 -5.88 -25.34 -37.68
C ASP D 1062 -5.31 -26.75 -37.57
N ARG D 1063 -4.26 -27.00 -38.34
CA ARG D 1063 -3.58 -28.29 -38.37
C ARG D 1063 -2.20 -28.19 -37.74
N PHE D 1064 -1.79 -29.26 -37.05
CA PHE D 1064 -0.50 -29.32 -36.39
C PHE D 1064 0.08 -30.71 -36.58
N ALA D 1065 1.36 -30.78 -36.95
CA ALA D 1065 2.04 -32.05 -37.13
C ALA D 1065 2.63 -32.50 -35.79
N THR D 1066 2.15 -33.64 -35.30
CA THR D 1066 2.57 -34.17 -34.01
C THR D 1066 3.27 -35.51 -34.19
N GLU D 1067 4.23 -35.79 -33.31
CA GLU D 1067 4.91 -37.08 -33.28
C GLU D 1067 4.22 -37.96 -32.24
N GLN D 1068 3.63 -39.06 -32.69
CA GLN D 1068 2.85 -39.92 -31.82
C GLN D 1068 3.74 -40.94 -31.13
N LEU D 1069 3.11 -41.83 -30.36
CA LEU D 1069 3.82 -42.85 -29.59
C LEU D 1069 2.86 -44.00 -29.36
N LEU D 1070 3.12 -45.14 -30.00
CA LEU D 1070 2.21 -46.27 -29.98
C LEU D 1070 2.81 -47.41 -29.16
N TYR D 1071 1.97 -48.03 -28.34
CA TYR D 1071 2.33 -49.22 -27.58
C TYR D 1071 1.38 -50.34 -27.96
N ALA D 1072 1.92 -51.55 -28.10
CA ALA D 1072 1.12 -52.71 -28.45
C ALA D 1072 1.53 -53.88 -27.58
N GLU D 1073 0.58 -54.76 -27.28
CA GLU D 1073 0.84 -55.93 -26.45
C GLU D 1073 1.45 -57.04 -27.31
N ARG D 1074 1.75 -58.17 -26.68
CA ARG D 1074 2.44 -59.27 -27.35
C ARG D 1074 1.55 -59.97 -28.35
N ALA D 1075 0.50 -60.63 -27.89
CA ALA D 1075 -0.42 -61.29 -28.83
C ALA D 1075 -1.54 -60.34 -29.25
N SER D 1076 -1.16 -59.16 -29.75
CA SER D 1076 -2.14 -58.14 -30.07
C SER D 1076 -2.96 -58.52 -31.29
N GLU D 1077 -2.33 -59.13 -32.29
CA GLU D 1077 -3.03 -59.46 -33.53
C GLU D 1077 -2.59 -60.83 -34.02
N SER D 1078 -3.50 -61.51 -34.72
CA SER D 1078 -3.17 -62.70 -35.49
C SER D 1078 -3.05 -62.31 -36.95
N TYR D 1079 -1.91 -62.61 -37.55
CA TYR D 1079 -1.62 -62.19 -38.91
C TYR D 1079 -1.58 -63.40 -39.83
N PHE D 1080 -2.26 -63.30 -40.97
CA PHE D 1080 -2.37 -64.38 -41.94
C PHE D 1080 -1.72 -63.94 -43.24
N VAL D 1081 -0.99 -64.85 -43.87
CA VAL D 1081 -0.31 -64.58 -45.13
C VAL D 1081 -0.82 -65.57 -46.16
N GLY D 1082 -1.27 -65.07 -47.29
CA GLY D 1082 -1.79 -65.89 -48.36
C GLY D 1082 -0.71 -66.37 -49.31
N GLN D 1083 -1.09 -66.57 -50.57
CA GLN D 1083 -0.18 -67.02 -51.61
C GLN D 1083 0.00 -65.92 -52.64
N ILE D 1084 1.25 -65.71 -53.04
CA ILE D 1084 1.60 -64.61 -53.94
C ILE D 1084 1.30 -65.03 -55.39
N GLN D 1085 0.75 -64.10 -56.16
CA GLN D 1085 0.41 -64.35 -57.55
C GLN D 1085 0.84 -63.17 -58.40
N VAL D 1086 1.10 -63.43 -59.68
CA VAL D 1086 1.70 -62.46 -60.59
C VAL D 1086 0.72 -62.15 -61.70
N HIS D 1087 0.47 -60.86 -61.92
CA HIS D 1087 -0.40 -60.37 -62.99
C HIS D 1087 0.47 -59.78 -64.09
N HIS D 1088 0.65 -60.53 -65.17
CA HIS D 1088 1.43 -60.05 -66.33
C HIS D 1088 0.56 -59.05 -67.08
N HIS D 1089 0.98 -57.79 -67.09
CA HIS D 1089 0.17 -56.70 -67.61
C HIS D 1089 1.04 -55.82 -68.51
N ASP D 1090 0.49 -55.43 -69.65
CA ASP D 1090 1.24 -54.64 -70.63
C ASP D 1090 1.44 -53.22 -70.13
N ALA D 1091 2.50 -52.57 -70.62
CA ALA D 1091 2.91 -51.27 -70.12
C ALA D 1091 3.20 -50.35 -71.31
N ILE D 1092 3.80 -49.19 -71.01
CA ILE D 1092 4.06 -48.20 -72.04
C ILE D 1092 5.16 -48.65 -72.99
N GLY D 1093 6.21 -49.27 -72.45
CA GLY D 1093 7.31 -49.72 -73.29
C GLY D 1093 7.50 -51.22 -73.29
N GLY D 1094 7.23 -51.86 -72.16
CA GLY D 1094 7.40 -53.29 -72.04
C GLY D 1094 6.28 -53.96 -71.28
N VAL D 1095 6.64 -54.89 -70.40
CA VAL D 1095 5.66 -55.63 -69.60
C VAL D 1095 5.81 -55.23 -68.14
N ASN D 1096 4.68 -55.17 -67.43
CA ASN D 1096 4.65 -54.87 -66.01
C ASN D 1096 4.16 -56.08 -65.24
N PHE D 1097 4.93 -56.52 -64.27
CA PHE D 1097 4.57 -57.66 -63.43
C PHE D 1097 4.08 -57.14 -62.09
N THR D 1098 2.80 -57.33 -61.82
CA THR D 1098 2.17 -56.87 -60.58
C THR D 1098 1.97 -58.09 -59.68
N LEU D 1099 2.56 -58.04 -58.48
CA LEU D 1099 2.52 -59.14 -57.54
C LEU D 1099 1.58 -58.81 -56.40
N THR D 1100 0.62 -59.71 -56.14
CA THR D 1100 -0.44 -59.48 -55.17
C THR D 1100 -0.45 -60.61 -54.16
N GLN D 1101 -0.47 -60.24 -52.87
CA GLN D 1101 -0.50 -61.20 -51.78
C GLN D 1101 -1.64 -60.87 -50.83
N PRO D 1102 -2.65 -61.73 -50.69
CA PRO D 1102 -3.76 -61.42 -49.78
C PRO D 1102 -3.42 -61.75 -48.33
N ARG D 1103 -3.89 -60.90 -47.42
CA ARG D 1103 -3.58 -61.02 -46.00
C ARG D 1103 -4.82 -60.70 -45.18
N ALA D 1104 -4.86 -61.21 -43.95
CA ALA D 1104 -5.97 -60.99 -43.04
C ALA D 1104 -5.45 -60.81 -41.62
N HIS D 1105 -6.25 -60.15 -40.78
CA HIS D 1105 -5.83 -59.86 -39.41
C HIS D 1105 -7.01 -59.99 -38.45
N VAL D 1106 -6.71 -60.47 -37.24
CA VAL D 1106 -7.68 -60.63 -36.16
C VAL D 1106 -7.07 -60.10 -34.87
N ASP D 1107 -7.79 -59.19 -34.23
CA ASP D 1107 -7.43 -58.66 -32.91
C ASP D 1107 -7.98 -59.63 -31.87
N LEU D 1108 -7.11 -60.50 -31.36
CA LEU D 1108 -7.51 -61.46 -30.33
C LEU D 1108 -7.25 -60.93 -28.92
N GLY D 1109 -7.70 -59.72 -28.66
CA GLY D 1109 -7.67 -59.19 -27.31
C GLY D 1109 -9.08 -58.98 -26.77
N VAL D 1110 -9.32 -59.42 -25.54
CA VAL D 1110 -10.63 -59.22 -24.92
C VAL D 1110 -10.85 -57.74 -24.62
N GLY D 1111 -9.85 -57.10 -24.01
CA GLY D 1111 -9.93 -55.67 -23.75
C GLY D 1111 -9.33 -54.86 -24.87
N TYR D 1112 -8.56 -53.83 -24.52
CA TYR D 1112 -7.88 -52.99 -25.49
C TYR D 1112 -6.39 -53.27 -25.39
N THR D 1113 -5.77 -53.70 -26.50
CA THR D 1113 -4.40 -54.18 -26.50
C THR D 1113 -3.45 -53.24 -27.23
N ALA D 1114 -3.86 -52.02 -27.50
CA ALA D 1114 -3.00 -51.06 -28.17
C ALA D 1114 -3.38 -49.65 -27.73
N VAL D 1115 -2.42 -48.91 -27.18
CA VAL D 1115 -2.65 -47.57 -26.66
C VAL D 1115 -1.67 -46.61 -27.33
N CYS D 1116 -2.21 -45.55 -27.94
CA CYS D 1116 -1.39 -44.52 -28.56
C CYS D 1116 -1.69 -43.17 -27.92
N ALA D 1117 -0.72 -42.27 -27.98
CA ALA D 1117 -0.87 -40.92 -27.42
C ALA D 1117 0.09 -39.98 -28.13
N THR D 1118 -0.37 -38.75 -28.39
CA THR D 1118 0.50 -37.74 -28.98
C THR D 1118 1.55 -37.30 -27.97
N ALA D 1119 2.78 -37.09 -28.45
CA ALA D 1119 3.91 -36.78 -27.58
C ALA D 1119 4.47 -35.40 -27.80
N ALA D 1120 4.91 -35.07 -29.01
CA ALA D 1120 5.61 -33.83 -29.28
C ALA D 1120 4.90 -33.05 -30.38
N LEU D 1121 5.38 -31.84 -30.62
CA LEU D 1121 4.80 -30.93 -31.59
C LEU D 1121 5.86 -30.44 -32.55
N ARG D 1122 5.63 -30.66 -33.85
CA ARG D 1122 6.45 -30.11 -34.91
C ARG D 1122 5.89 -28.75 -35.33
N CYS D 1123 6.33 -28.26 -36.49
CA CYS D 1123 5.86 -26.97 -36.96
C CYS D 1123 4.38 -27.05 -37.35
N PRO D 1124 3.60 -26.00 -37.07
CA PRO D 1124 2.21 -25.97 -37.53
C PRO D 1124 2.14 -25.87 -39.05
N LEU D 1125 1.40 -26.81 -39.65
CA LEU D 1125 1.35 -26.89 -41.10
C LEU D 1125 0.48 -25.81 -41.74
N THR D 1126 -0.31 -25.09 -40.95
CA THR D 1126 -1.23 -24.11 -41.49
C THR D 1126 -0.87 -22.71 -40.99
N ASP D 1127 -1.51 -21.71 -41.59
CA ASP D 1127 -1.28 -20.31 -41.26
C ASP D 1127 -2.47 -19.79 -40.46
N MET D 1128 -2.20 -19.14 -39.33
CA MET D 1128 -3.26 -18.62 -38.48
C MET D 1128 -3.59 -17.19 -38.85
N GLY D 1129 -3.86 -16.93 -40.13
CA GLY D 1129 -4.10 -15.59 -40.62
C GLY D 1129 -5.57 -15.21 -40.60
N ASN D 1130 -5.87 -14.14 -41.33
CA ASN D 1130 -7.23 -13.61 -41.44
C ASN D 1130 -7.64 -13.69 -42.92
N THR D 1131 -8.14 -14.85 -43.32
CA THR D 1131 -8.71 -15.04 -44.66
C THR D 1131 -10.18 -15.37 -44.46
N ALA D 1132 -11.04 -14.40 -44.73
CA ALA D 1132 -12.46 -14.56 -44.47
C ALA D 1132 -13.09 -15.51 -45.48
N GLN D 1133 -14.04 -16.31 -45.01
CA GLN D 1133 -14.78 -17.21 -45.89
C GLN D 1133 -15.73 -16.41 -46.75
N ASN D 1134 -15.68 -16.65 -48.07
CA ASN D 1134 -16.51 -15.95 -49.03
C ASN D 1134 -17.73 -16.82 -49.34
N LEU D 1135 -18.91 -16.29 -49.10
CA LEU D 1135 -20.15 -17.04 -49.30
C LEU D 1135 -20.72 -16.88 -50.70
N PHE D 1136 -20.03 -16.16 -51.59
CA PHE D 1136 -20.50 -15.98 -52.95
C PHE D 1136 -20.09 -17.12 -53.87
N PHE D 1137 -19.38 -18.13 -53.37
CA PHE D 1137 -19.05 -19.30 -54.16
C PHE D 1137 -20.29 -20.15 -54.45
N SER D 1138 -21.22 -20.21 -53.51
CA SER D 1138 -22.34 -21.14 -53.58
C SER D 1138 -23.47 -20.60 -54.44
N ARG D 1139 -24.25 -21.52 -54.99
CA ARG D 1139 -25.50 -21.22 -55.67
C ARG D 1139 -26.60 -22.10 -55.09
N GLY D 1140 -27.83 -21.64 -55.20
CA GLY D 1140 -28.95 -22.44 -54.74
C GLY D 1140 -30.03 -21.68 -53.99
N GLY D 1141 -29.64 -20.60 -53.33
CA GLY D 1141 -30.61 -19.78 -52.63
C GLY D 1141 -31.43 -18.93 -53.58
N VAL D 1142 -32.35 -18.17 -53.01
CA VAL D 1142 -33.19 -17.28 -53.83
C VAL D 1142 -32.33 -16.13 -54.33
N PRO D 1143 -32.47 -15.75 -55.60
CA PRO D 1143 -31.72 -14.60 -56.10
C PRO D 1143 -32.45 -13.31 -55.84
N MET D 1144 -31.69 -12.26 -55.58
CA MET D 1144 -32.26 -10.94 -55.43
C MET D 1144 -32.71 -10.42 -56.80
N LEU D 1145 -33.70 -9.52 -56.78
CA LEU D 1145 -34.47 -9.23 -58.00
C LEU D 1145 -33.65 -8.49 -59.04
N HIS D 1146 -32.79 -7.57 -58.61
CA HIS D 1146 -32.00 -6.77 -59.54
C HIS D 1146 -30.59 -7.33 -59.62
N ASP D 1147 -30.16 -7.69 -60.83
CA ASP D 1147 -28.89 -8.37 -61.01
C ASP D 1147 -27.71 -7.41 -60.85
N ASN D 1148 -27.91 -6.13 -61.14
CA ASN D 1148 -26.83 -5.15 -60.96
C ASN D 1148 -26.50 -4.96 -59.48
N VAL D 1149 -27.50 -5.07 -58.60
CA VAL D 1149 -27.26 -4.96 -57.17
C VAL D 1149 -26.42 -6.14 -56.68
N THR D 1150 -26.74 -7.34 -57.14
CA THR D 1150 -25.96 -8.53 -56.79
C THR D 1150 -24.54 -8.45 -57.35
N GLU D 1151 -24.40 -7.95 -58.58
CA GLU D 1151 -23.09 -7.81 -59.20
C GLU D 1151 -22.23 -6.80 -58.43
N SER D 1152 -22.83 -5.67 -58.02
CA SER D 1152 -22.09 -4.68 -57.24
C SER D 1152 -21.77 -5.20 -55.84
N LEU D 1153 -22.65 -6.01 -55.26
CA LEU D 1153 -22.40 -6.63 -53.97
C LEU D 1153 -21.21 -7.58 -54.03
N ARG D 1154 -21.16 -8.41 -55.08
CA ARG D 1154 -20.03 -9.33 -55.25
C ARG D 1154 -18.74 -8.59 -55.55
N ARG D 1155 -18.82 -7.52 -56.35
CA ARG D 1155 -17.64 -6.71 -56.66
C ARG D 1155 -17.09 -6.02 -55.43
N ILE D 1156 -17.98 -5.52 -54.56
CA ILE D 1156 -17.56 -4.84 -53.34
C ILE D 1156 -16.97 -5.84 -52.35
N THR D 1157 -17.60 -7.01 -52.23
CA THR D 1157 -17.11 -8.07 -51.35
C THR D 1157 -15.74 -8.58 -51.81
N ALA D 1158 -15.52 -8.65 -53.13
CA ALA D 1158 -14.23 -9.07 -53.66
C ALA D 1158 -13.13 -8.07 -53.31
N SER D 1159 -13.47 -6.78 -53.26
CA SER D 1159 -12.52 -5.78 -52.79
C SER D 1159 -12.31 -5.95 -51.28
N GLY D 1160 -11.06 -5.86 -50.84
CA GLY D 1160 -10.74 -6.08 -49.45
C GLY D 1160 -10.73 -7.54 -49.04
N GLY D 1161 -10.56 -8.45 -50.00
CA GLY D 1161 -10.49 -9.86 -49.70
C GLY D 1161 -9.43 -10.53 -50.54
N ARG D 1162 -9.13 -11.78 -50.19
CA ARG D 1162 -8.09 -12.54 -50.87
C ARG D 1162 -8.64 -13.69 -51.71
N LEU D 1163 -9.53 -14.51 -51.17
CA LEU D 1163 -10.13 -15.60 -51.92
C LEU D 1163 -11.47 -15.12 -52.48
N ASN D 1164 -11.61 -15.19 -53.80
CA ASN D 1164 -12.76 -14.64 -54.49
C ASN D 1164 -13.06 -15.52 -55.71
N PRO D 1165 -14.30 -15.56 -56.17
CA PRO D 1165 -14.58 -16.23 -57.44
C PRO D 1165 -13.99 -15.45 -58.61
N THR D 1166 -13.77 -16.18 -59.71
CA THR D 1166 -13.13 -15.59 -60.87
C THR D 1166 -14.03 -14.54 -61.53
N GLU D 1167 -13.39 -13.58 -62.19
CA GLU D 1167 -14.12 -12.42 -62.71
C GLU D 1167 -15.13 -12.66 -63.84
N PRO D 1168 -15.01 -13.66 -64.75
CA PRO D 1168 -16.11 -13.83 -65.72
C PRO D 1168 -17.35 -14.49 -65.15
N LEU D 1169 -17.30 -15.03 -63.92
CA LEU D 1169 -18.33 -15.83 -63.28
C LEU D 1169 -18.77 -16.98 -64.18
N PRO D 1170 -17.94 -18.03 -64.32
CA PRO D 1170 -18.19 -19.05 -65.34
C PRO D 1170 -19.43 -19.91 -65.08
N ILE D 1171 -20.41 -19.81 -65.98
CA ILE D 1171 -21.53 -20.73 -65.97
C ILE D 1171 -21.04 -22.11 -66.40
N PHE D 1172 -21.77 -23.15 -65.98
CA PHE D 1172 -21.42 -24.56 -66.21
C PHE D 1172 -20.02 -24.87 -65.68
N GLY D 1173 -19.79 -24.49 -64.43
CA GLY D 1173 -18.48 -24.63 -63.82
C GLY D 1173 -18.59 -24.73 -62.32
N GLY D 1174 -17.42 -24.77 -61.67
CA GLY D 1174 -17.37 -25.01 -60.23
C GLY D 1174 -16.98 -23.83 -59.38
N LEU D 1175 -16.67 -22.69 -60.03
CA LEU D 1175 -16.28 -21.43 -59.38
C LEU D 1175 -15.05 -21.61 -58.48
N ARG D 1176 -13.95 -21.98 -59.10
CA ARG D 1176 -12.74 -22.06 -58.30
C ARG D 1176 -12.13 -20.67 -58.12
N PRO D 1177 -11.50 -20.40 -56.97
CA PRO D 1177 -10.77 -19.15 -56.82
C PRO D 1177 -9.54 -19.12 -57.69
N ALA D 1178 -9.16 -17.90 -58.10
CA ALA D 1178 -8.00 -17.73 -58.97
C ALA D 1178 -6.71 -18.06 -58.20
N THR D 1179 -5.88 -18.90 -58.80
CA THR D 1179 -4.63 -19.28 -58.16
C THR D 1179 -3.65 -18.10 -58.18
N SER D 1180 -2.68 -18.17 -57.29
CA SER D 1180 -1.75 -17.05 -57.06
C SER D 1180 -0.32 -17.55 -57.17
N ALA D 1181 0.60 -16.69 -56.77
CA ALA D 1181 2.02 -17.02 -56.74
C ALA D 1181 2.34 -17.81 -55.48
N GLY D 1182 3.63 -17.91 -55.15
CA GLY D 1182 4.07 -18.75 -54.05
C GLY D 1182 3.61 -18.34 -52.67
N ILE D 1183 3.76 -19.25 -51.70
CA ILE D 1183 3.25 -19.04 -50.35
C ILE D 1183 4.43 -18.86 -49.42
N ALA D 1184 4.25 -18.06 -48.37
CA ALA D 1184 5.34 -17.71 -47.47
C ALA D 1184 5.33 -18.54 -46.18
N ARG D 1185 4.20 -18.54 -45.46
CA ARG D 1185 4.15 -19.13 -44.13
C ARG D 1185 3.08 -20.21 -44.00
N GLY D 1186 2.76 -20.88 -45.08
CA GLY D 1186 1.92 -22.07 -45.03
C GLY D 1186 0.52 -21.82 -45.56
N GLN D 1187 -0.26 -22.89 -45.56
CA GLN D 1187 -1.63 -22.85 -46.06
C GLN D 1187 -2.52 -22.00 -45.16
N ALA D 1188 -3.26 -21.08 -45.76
CA ALA D 1188 -4.11 -20.16 -45.04
C ALA D 1188 -5.43 -20.83 -44.66
N SER D 1189 -5.79 -20.73 -43.38
CA SER D 1189 -7.00 -21.33 -42.86
C SER D 1189 -8.11 -20.29 -42.83
N VAL D 1190 -9.29 -20.67 -43.33
CA VAL D 1190 -10.41 -19.75 -43.46
C VAL D 1190 -11.10 -19.56 -42.12
N CYS D 1191 -11.75 -18.40 -41.96
CA CYS D 1191 -12.49 -18.06 -40.76
C CYS D 1191 -13.97 -17.91 -41.11
N GLU D 1192 -14.83 -18.60 -40.36
CA GLU D 1192 -16.26 -18.55 -40.58
C GLU D 1192 -16.92 -17.68 -39.52
N PHE D 1193 -17.80 -16.79 -39.95
CA PHE D 1193 -18.40 -15.78 -39.09
C PHE D 1193 -19.83 -16.19 -38.71
N VAL D 1194 -20.13 -16.17 -37.42
CA VAL D 1194 -21.44 -16.56 -36.89
C VAL D 1194 -22.06 -15.36 -36.21
N ALA D 1195 -23.23 -14.95 -36.66
CA ALA D 1195 -23.90 -13.77 -36.12
C ALA D 1195 -24.51 -14.06 -34.75
N MET D 1196 -24.49 -13.06 -33.89
CA MET D 1196 -24.90 -13.19 -32.50
C MET D 1196 -25.09 -11.79 -31.92
N PRO D 1197 -25.89 -11.65 -30.84
CA PRO D 1197 -26.15 -10.31 -30.28
C PRO D 1197 -24.91 -9.65 -29.69
N VAL D 1198 -24.98 -8.32 -29.58
CA VAL D 1198 -23.85 -7.54 -29.08
C VAL D 1198 -23.63 -7.79 -27.61
N SER D 1199 -24.70 -7.80 -26.82
CA SER D 1199 -24.61 -7.99 -25.37
C SER D 1199 -24.59 -9.48 -25.05
N THR D 1200 -23.50 -10.12 -25.48
CA THR D 1200 -23.26 -11.53 -25.22
C THR D 1200 -22.32 -11.65 -24.04
N ASP D 1201 -22.67 -12.55 -23.09
CA ASP D 1201 -21.88 -12.80 -21.89
C ASP D 1201 -20.47 -13.23 -22.25
N LEU D 1202 -19.49 -12.38 -21.92
CA LEU D 1202 -18.12 -12.58 -22.39
C LEU D 1202 -17.40 -13.67 -21.62
N GLN D 1203 -17.91 -14.09 -20.47
CA GLN D 1203 -17.28 -15.16 -19.71
C GLN D 1203 -17.51 -16.53 -20.33
N TYR D 1204 -18.40 -16.64 -21.32
CA TYR D 1204 -18.53 -17.87 -22.09
C TYR D 1204 -17.28 -18.15 -22.91
N PHE D 1205 -16.70 -17.12 -23.51
CA PHE D 1205 -15.59 -17.28 -24.45
C PHE D 1205 -14.24 -17.38 -23.76
N ARG D 1206 -14.18 -17.30 -22.43
CA ARG D 1206 -12.91 -17.43 -21.73
C ARG D 1206 -12.55 -18.87 -21.41
N THR D 1207 -13.45 -19.82 -21.67
CA THR D 1207 -13.15 -21.24 -21.48
C THR D 1207 -13.38 -21.99 -22.79
N ALA D 1208 -13.26 -23.31 -22.76
CA ALA D 1208 -13.51 -24.12 -23.95
C ALA D 1208 -15.00 -24.15 -24.26
N CYS D 1209 -15.44 -23.25 -25.13
CA CYS D 1209 -16.85 -23.03 -25.36
C CYS D 1209 -17.29 -23.64 -26.69
N ASN D 1210 -18.56 -23.45 -27.03
CA ASN D 1210 -19.15 -23.97 -28.26
C ASN D 1210 -19.61 -22.81 -29.13
N PRO D 1211 -19.33 -22.84 -30.45
CA PRO D 1211 -19.73 -21.71 -31.29
C PRO D 1211 -21.22 -21.65 -31.58
N ARG D 1212 -21.96 -22.75 -31.37
CA ARG D 1212 -23.40 -22.75 -31.59
C ARG D 1212 -24.14 -21.96 -30.53
N GLY D 1213 -23.55 -21.77 -29.36
CA GLY D 1213 -24.19 -21.07 -28.26
C GLY D 1213 -24.96 -21.95 -27.31
N ARG D 1214 -25.09 -23.24 -27.62
CA ARG D 1214 -25.78 -24.19 -26.75
C ARG D 1214 -25.06 -25.53 -26.84
N ALA D 1215 -24.75 -26.10 -25.68
CA ALA D 1215 -24.03 -27.37 -25.65
C ALA D 1215 -24.91 -28.51 -26.16
N SER D 1216 -24.34 -29.35 -27.03
CA SER D 1216 -25.08 -30.44 -27.64
C SER D 1216 -24.13 -31.63 -27.78
N GLY D 1217 -24.57 -32.63 -28.54
CA GLY D 1217 -23.73 -33.76 -28.87
C GLY D 1217 -24.37 -35.09 -28.50
N MET D 1218 -23.71 -36.16 -28.93
CA MET D 1218 -24.08 -37.53 -28.59
C MET D 1218 -23.86 -37.84 -27.12
N LEU D 1219 -23.01 -37.08 -26.45
CA LEU D 1219 -22.35 -37.46 -25.22
C LEU D 1219 -23.26 -37.42 -23.99
N TYR D 1220 -24.48 -36.91 -24.12
CA TYR D 1220 -25.45 -36.89 -23.03
C TYR D 1220 -26.66 -37.71 -23.45
N MET D 1221 -26.90 -38.82 -22.75
CA MET D 1221 -27.98 -39.75 -23.08
C MET D 1221 -28.47 -40.37 -21.78
N GLY D 1222 -29.22 -41.46 -21.89
CA GLY D 1222 -29.54 -42.24 -20.71
C GLY D 1222 -30.94 -42.83 -20.59
N ASP D 1223 -31.96 -42.20 -21.17
CA ASP D 1223 -33.32 -42.66 -20.96
C ASP D 1223 -34.07 -43.02 -22.24
N ARG D 1224 -33.78 -42.36 -23.36
CA ARG D 1224 -34.52 -42.60 -24.59
C ARG D 1224 -33.59 -42.46 -25.78
N ASP D 1225 -34.12 -42.67 -26.97
CA ASP D 1225 -33.35 -42.56 -28.21
C ASP D 1225 -33.54 -41.23 -28.92
N ALA D 1226 -34.70 -40.59 -28.74
CA ALA D 1226 -34.97 -39.29 -29.37
C ALA D 1226 -34.64 -38.15 -28.41
N ASP D 1227 -33.38 -38.12 -27.99
CA ASP D 1227 -32.89 -37.09 -27.08
C ASP D 1227 -31.78 -36.23 -27.67
N ILE D 1228 -31.18 -36.62 -28.78
CA ILE D 1228 -30.16 -35.78 -29.42
C ILE D 1228 -30.81 -34.55 -30.03
N GLU D 1229 -31.95 -34.72 -30.70
CA GLU D 1229 -32.69 -33.58 -31.24
C GLU D 1229 -33.35 -32.76 -30.14
N ALA D 1230 -33.63 -33.37 -29.00
CA ALA D 1230 -34.17 -32.62 -27.86
C ALA D 1230 -33.08 -31.82 -27.17
N ILE D 1231 -31.86 -32.36 -27.10
CA ILE D 1231 -30.75 -31.61 -26.52
C ILE D 1231 -30.33 -30.46 -27.44
N MET D 1232 -30.19 -30.76 -28.72
CA MET D 1232 -29.56 -29.80 -29.64
C MET D 1232 -30.50 -28.67 -30.04
N PHE D 1233 -31.79 -28.95 -30.22
CA PHE D 1233 -32.69 -28.00 -30.85
C PHE D 1233 -33.89 -27.59 -30.01
N ASP D 1234 -34.37 -28.42 -29.09
CA ASP D 1234 -35.56 -28.10 -28.32
C ASP D 1234 -35.22 -27.07 -27.25
N HIS D 1235 -35.80 -25.87 -27.37
CA HIS D 1235 -35.48 -24.75 -26.51
C HIS D 1235 -36.52 -24.50 -25.43
N THR D 1236 -37.46 -25.43 -25.25
CA THR D 1236 -38.37 -25.34 -24.10
C THR D 1236 -37.61 -25.54 -22.79
N GLN D 1237 -36.70 -26.50 -22.76
CA GLN D 1237 -35.86 -26.75 -21.60
C GLN D 1237 -34.54 -26.01 -21.73
N SER D 1238 -33.80 -25.94 -20.63
CA SER D 1238 -32.62 -25.09 -20.53
C SER D 1238 -31.43 -25.73 -21.23
N ASP D 1239 -30.29 -25.02 -21.16
CA ASP D 1239 -29.04 -25.52 -21.71
C ASP D 1239 -28.55 -26.71 -20.89
N VAL D 1240 -27.75 -27.57 -21.52
CA VAL D 1240 -27.23 -28.74 -20.84
C VAL D 1240 -26.09 -28.36 -19.92
N ALA D 1241 -25.09 -27.64 -20.46
CA ALA D 1241 -23.92 -27.30 -19.67
C ALA D 1241 -24.17 -26.09 -18.78
N TYR D 1242 -24.46 -24.93 -19.39
CA TYR D 1242 -24.72 -23.70 -18.65
C TYR D 1242 -26.19 -23.67 -18.29
N THR D 1243 -26.53 -24.42 -17.25
CA THR D 1243 -27.91 -24.79 -16.95
C THR D 1243 -28.71 -23.73 -16.21
N ASP D 1244 -28.64 -22.47 -16.69
CA ASP D 1244 -29.49 -21.42 -16.18
C ASP D 1244 -30.10 -20.59 -17.30
N ARG D 1245 -30.01 -21.06 -18.54
CA ARG D 1245 -30.51 -20.33 -19.71
C ARG D 1245 -30.76 -21.34 -20.82
N ALA D 1246 -31.41 -20.87 -21.88
CA ALA D 1246 -31.70 -21.76 -23.01
C ALA D 1246 -30.53 -21.84 -23.96
N THR D 1247 -30.14 -20.71 -24.56
CA THR D 1247 -29.01 -20.65 -25.48
C THR D 1247 -28.40 -19.26 -25.36
N LEU D 1248 -27.11 -19.14 -25.70
CA LEU D 1248 -26.46 -17.84 -25.57
C LEU D 1248 -26.92 -16.88 -26.66
N ASN D 1249 -26.97 -17.35 -27.91
CA ASN D 1249 -27.45 -16.52 -29.01
C ASN D 1249 -28.66 -17.19 -29.66
N PRO D 1250 -29.79 -16.49 -29.77
CA PRO D 1250 -30.96 -17.09 -30.41
C PRO D 1250 -30.99 -16.85 -31.92
N TRP D 1251 -29.86 -16.43 -32.49
CA TRP D 1251 -29.76 -16.23 -33.93
C TRP D 1251 -29.06 -17.36 -34.65
N ALA D 1252 -28.44 -18.29 -33.92
CA ALA D 1252 -27.69 -19.37 -34.55
C ALA D 1252 -27.84 -20.70 -33.80
N SER D 1253 -28.96 -20.90 -33.10
CA SER D 1253 -29.09 -22.07 -32.25
C SER D 1253 -30.41 -22.83 -32.38
N GLN D 1254 -31.46 -22.23 -32.94
CA GLN D 1254 -32.74 -22.93 -33.06
C GLN D 1254 -32.71 -23.90 -34.24
N LYS D 1255 -33.88 -24.47 -34.53
CA LYS D 1255 -33.99 -25.45 -35.60
C LYS D 1255 -33.83 -24.81 -36.96
N HIS D 1256 -34.33 -23.60 -37.14
CA HIS D 1256 -34.30 -22.91 -38.43
C HIS D 1256 -33.85 -21.47 -38.27
N SER D 1257 -32.82 -21.24 -37.46
CA SER D 1257 -32.30 -19.90 -37.26
C SER D 1257 -31.35 -19.53 -38.40
N TYR D 1258 -30.72 -18.35 -38.27
CA TYR D 1258 -29.84 -17.85 -39.33
C TYR D 1258 -28.59 -18.70 -39.45
N GLY D 1259 -27.90 -18.94 -38.33
CA GLY D 1259 -26.71 -19.76 -38.36
C GLY D 1259 -26.99 -21.20 -38.72
N ASP D 1260 -28.15 -21.71 -38.31
CA ASP D 1260 -28.50 -23.10 -38.62
C ASP D 1260 -28.91 -23.24 -40.09
N ARG D 1261 -29.56 -22.22 -40.65
CA ARG D 1261 -29.83 -22.28 -42.09
C ARG D 1261 -28.59 -22.01 -42.92
N LEU D 1262 -27.57 -21.40 -42.32
CA LEU D 1262 -26.36 -21.08 -43.08
C LEU D 1262 -25.28 -22.16 -43.02
N TYR D 1263 -25.14 -22.86 -41.90
CA TYR D 1263 -24.01 -23.75 -41.72
C TYR D 1263 -24.34 -25.21 -41.45
N ASN D 1264 -25.61 -25.62 -41.51
CA ASN D 1264 -25.92 -27.03 -41.32
C ASN D 1264 -25.61 -27.81 -42.59
N GLY D 1265 -25.35 -29.10 -42.42
CA GLY D 1265 -25.03 -29.96 -43.54
C GLY D 1265 -26.23 -30.67 -44.14
N THR D 1266 -27.36 -30.63 -43.42
CA THR D 1266 -28.57 -31.27 -43.92
C THR D 1266 -29.20 -30.45 -45.05
N TYR D 1267 -29.25 -29.13 -44.87
CA TYR D 1267 -29.91 -28.28 -45.87
C TYR D 1267 -29.04 -28.08 -47.11
N ASN D 1268 -27.70 -28.16 -46.94
CA ASN D 1268 -26.72 -28.06 -48.02
C ASN D 1268 -26.84 -26.74 -48.79
N LEU D 1269 -26.71 -25.62 -48.06
CA LEU D 1269 -26.78 -24.32 -48.71
C LEU D 1269 -25.49 -23.99 -49.43
N THR D 1270 -24.35 -24.44 -48.89
CA THR D 1270 -23.03 -24.16 -49.46
C THR D 1270 -22.42 -25.41 -50.07
N GLY D 1271 -23.24 -26.21 -50.76
CA GLY D 1271 -22.74 -27.42 -51.39
C GLY D 1271 -21.81 -27.14 -52.56
N ALA D 1272 -22.09 -26.09 -53.33
CA ALA D 1272 -21.27 -25.75 -54.48
C ALA D 1272 -20.00 -25.00 -54.10
N SER D 1273 -19.83 -24.65 -52.84
CA SER D 1273 -18.63 -23.95 -52.39
C SER D 1273 -17.45 -24.92 -52.35
N PRO D 1274 -16.37 -24.66 -53.09
CA PRO D 1274 -15.21 -25.56 -53.02
C PRO D 1274 -14.41 -25.41 -51.74
N ILE D 1275 -14.56 -24.30 -51.02
CA ILE D 1275 -13.84 -24.07 -49.77
C ILE D 1275 -14.50 -24.84 -48.63
N TYR D 1276 -13.81 -24.93 -47.50
CA TYR D 1276 -14.21 -25.77 -46.38
C TYR D 1276 -14.74 -24.89 -45.25
N SER D 1277 -15.87 -25.29 -44.66
CA SER D 1277 -16.46 -24.54 -43.56
C SER D 1277 -15.99 -25.13 -42.24
N PRO D 1278 -15.27 -24.37 -41.41
CA PRO D 1278 -14.71 -24.96 -40.17
C PRO D 1278 -15.74 -25.23 -39.08
N CYS D 1279 -16.95 -24.68 -39.18
CA CYS D 1279 -17.99 -24.93 -38.20
C CYS D 1279 -19.10 -25.81 -38.77
N PHE D 1280 -18.80 -26.61 -39.78
CA PHE D 1280 -19.75 -27.59 -40.28
C PHE D 1280 -19.96 -28.73 -39.28
N LYS D 1281 -18.90 -29.11 -38.56
CA LYS D 1281 -18.97 -30.19 -37.60
C LYS D 1281 -19.65 -29.80 -36.29
N PHE D 1282 -19.86 -28.51 -36.05
CA PHE D 1282 -20.52 -28.06 -34.83
C PHE D 1282 -22.02 -27.94 -34.97
N PHE D 1283 -22.52 -27.70 -36.18
CA PHE D 1283 -23.94 -27.45 -36.41
C PHE D 1283 -24.69 -28.66 -36.97
N THR D 1284 -23.98 -29.66 -37.47
CA THR D 1284 -24.62 -30.79 -38.13
C THR D 1284 -24.90 -31.91 -37.14
N PRO D 1285 -26.14 -32.39 -37.03
CA PRO D 1285 -26.42 -33.53 -36.15
C PRO D 1285 -25.83 -34.82 -36.72
N ALA D 1286 -25.07 -35.52 -35.89
CA ALA D 1286 -24.36 -36.71 -36.34
C ALA D 1286 -25.27 -37.93 -36.33
N GLU D 1287 -24.90 -38.92 -37.13
CA GLU D 1287 -25.64 -40.18 -37.19
C GLU D 1287 -25.39 -41.00 -35.92
N VAL D 1288 -26.41 -41.76 -35.53
CA VAL D 1288 -26.44 -42.41 -34.22
C VAL D 1288 -26.81 -43.88 -34.38
N ASN D 1289 -26.04 -44.75 -33.73
CA ASN D 1289 -26.45 -46.12 -33.45
C ASN D 1289 -26.55 -46.27 -31.94
N THR D 1290 -27.71 -46.73 -31.46
CA THR D 1290 -28.00 -46.75 -30.04
C THR D 1290 -27.76 -48.11 -29.39
N ASN D 1291 -27.19 -49.07 -30.12
CA ASN D 1291 -26.97 -50.39 -29.55
C ASN D 1291 -25.84 -50.38 -28.52
N CYS D 1292 -24.76 -49.66 -28.82
CA CYS D 1292 -23.63 -49.60 -27.91
C CYS D 1292 -23.89 -48.58 -26.80
N ASN D 1293 -23.16 -48.73 -25.69
CA ASN D 1293 -23.21 -47.75 -24.62
C ASN D 1293 -22.42 -46.50 -25.00
N THR D 1294 -22.50 -45.48 -24.14
CA THR D 1294 -21.92 -44.19 -24.46
C THR D 1294 -20.39 -44.22 -24.42
N LEU D 1295 -19.82 -45.03 -23.52
CA LEU D 1295 -18.37 -45.04 -23.34
C LEU D 1295 -17.66 -45.73 -24.51
N ASP D 1296 -18.19 -46.89 -24.93
CA ASP D 1296 -17.57 -47.58 -26.05
C ASP D 1296 -17.82 -46.86 -27.37
N ARG D 1297 -18.96 -46.20 -27.51
CA ARG D 1297 -19.19 -45.34 -28.67
C ARG D 1297 -18.22 -44.15 -28.67
N LEU D 1298 -17.94 -43.61 -27.48
CA LEU D 1298 -16.99 -42.51 -27.34
C LEU D 1298 -15.59 -42.95 -27.72
N LEU D 1299 -15.21 -44.16 -27.32
CA LEU D 1299 -13.89 -44.69 -27.69
C LEU D 1299 -13.83 -45.08 -29.16
N MET D 1300 -14.96 -45.46 -29.76
CA MET D 1300 -14.98 -45.76 -31.19
C MET D 1300 -14.86 -44.49 -32.02
N GLU D 1301 -15.48 -43.39 -31.56
CA GLU D 1301 -15.35 -42.13 -32.28
C GLU D 1301 -14.05 -41.41 -31.98
N ALA D 1302 -13.25 -41.90 -31.04
CA ALA D 1302 -11.99 -41.28 -30.68
C ALA D 1302 -10.81 -41.80 -31.49
N LYS D 1303 -11.03 -42.71 -32.44
CA LYS D 1303 -9.95 -43.24 -33.23
C LYS D 1303 -9.52 -42.24 -34.30
N ALA D 1304 -8.54 -42.64 -35.11
CA ALA D 1304 -8.00 -41.77 -36.14
C ALA D 1304 -8.98 -41.62 -37.30
N VAL D 1305 -9.84 -40.60 -37.22
CA VAL D 1305 -10.85 -40.39 -38.25
C VAL D 1305 -10.19 -39.75 -39.47
N ALA D 1306 -10.87 -39.86 -40.62
CA ALA D 1306 -10.36 -39.27 -41.85
C ALA D 1306 -10.45 -37.75 -41.80
N SER D 1307 -9.60 -37.10 -42.60
CA SER D 1307 -9.57 -35.65 -42.64
C SER D 1307 -10.81 -35.09 -43.35
N GLN D 1308 -11.14 -33.84 -43.01
CA GLN D 1308 -12.25 -33.14 -43.65
C GLN D 1308 -11.77 -31.87 -44.35
N SER D 1309 -10.47 -31.75 -44.60
CA SER D 1309 -9.90 -30.60 -45.28
C SER D 1309 -8.92 -31.11 -46.32
N SER D 1310 -8.14 -30.19 -46.89
CA SER D 1310 -7.17 -30.53 -47.92
C SER D 1310 -5.78 -30.06 -47.49
N THR D 1311 -4.77 -30.84 -47.85
CA THR D 1311 -3.40 -30.60 -47.41
C THR D 1311 -2.50 -29.98 -48.46
N ASP D 1312 -2.63 -30.39 -49.72
CA ASP D 1312 -1.73 -29.92 -50.77
C ASP D 1312 -2.11 -28.55 -51.32
N THR D 1313 -3.36 -28.15 -51.19
CA THR D 1313 -3.82 -26.91 -51.82
C THR D 1313 -3.44 -25.71 -50.96
N GLU D 1314 -3.99 -24.54 -51.30
CA GLU D 1314 -3.57 -23.28 -50.70
C GLU D 1314 -4.67 -22.64 -49.85
N TYR D 1315 -5.94 -22.83 -50.20
CA TYR D 1315 -7.02 -22.11 -49.54
C TYR D 1315 -7.87 -22.97 -48.61
N GLN D 1316 -7.40 -24.17 -48.24
CA GLN D 1316 -8.10 -25.12 -47.37
C GLN D 1316 -9.48 -25.48 -47.95
N PHE D 1317 -9.43 -26.18 -49.08
CA PHE D 1317 -10.64 -26.57 -49.81
C PHE D 1317 -11.32 -27.75 -49.12
N LYS D 1318 -12.39 -28.25 -49.73
CA LYS D 1318 -13.00 -29.49 -49.29
C LYS D 1318 -12.08 -30.66 -49.58
N ARG D 1319 -12.31 -31.77 -48.88
CA ARG D 1319 -11.47 -32.95 -49.08
C ARG D 1319 -11.83 -33.61 -50.41
N PRO D 1320 -10.88 -33.77 -51.33
CA PRO D 1320 -11.20 -34.41 -52.61
C PRO D 1320 -11.47 -35.88 -52.42
N PRO D 1321 -12.29 -36.48 -53.29
CA PRO D 1321 -12.50 -37.94 -53.22
C PRO D 1321 -11.24 -38.70 -53.60
N GLY D 1322 -11.07 -39.87 -53.00
CA GLY D 1322 -9.92 -40.70 -53.25
C GLY D 1322 -8.68 -40.35 -52.47
N SER D 1323 -8.75 -39.35 -51.58
CA SER D 1323 -7.62 -38.95 -50.76
C SER D 1323 -7.90 -39.38 -49.32
N THR D 1324 -7.01 -40.22 -48.78
CA THR D 1324 -7.17 -40.78 -47.43
C THR D 1324 -6.04 -40.26 -46.55
N GLU D 1325 -6.39 -39.44 -45.56
CA GLU D 1325 -5.46 -38.99 -44.54
C GLU D 1325 -6.12 -39.14 -43.18
N MET D 1326 -5.43 -39.78 -42.25
CA MET D 1326 -5.96 -40.06 -40.92
C MET D 1326 -5.42 -39.03 -39.94
N THR D 1327 -6.32 -38.21 -39.38
CA THR D 1327 -5.96 -37.19 -38.40
C THR D 1327 -6.71 -37.48 -37.11
N GLN D 1328 -5.99 -37.53 -36.00
CA GLN D 1328 -6.63 -37.59 -34.68
C GLN D 1328 -7.30 -36.26 -34.39
N ASP D 1329 -8.56 -36.30 -33.99
CA ASP D 1329 -9.39 -35.11 -33.89
C ASP D 1329 -9.94 -34.90 -32.49
N PRO D 1330 -9.23 -34.19 -31.62
CA PRO D 1330 -9.85 -33.65 -30.42
C PRO D 1330 -10.70 -32.44 -30.79
N CYS D 1331 -11.61 -32.10 -29.86
CA CYS D 1331 -12.56 -30.96 -29.96
C CYS D 1331 -13.46 -31.05 -31.20
N GLY D 1332 -13.63 -32.26 -31.74
CA GLY D 1332 -14.58 -32.52 -32.80
C GLY D 1332 -15.50 -33.64 -32.35
N LEU D 1333 -15.06 -34.35 -31.31
CA LEU D 1333 -15.85 -35.35 -30.62
C LEU D 1333 -16.44 -34.82 -29.31
N PHE D 1334 -15.94 -33.70 -28.81
CA PHE D 1334 -16.46 -33.07 -27.61
C PHE D 1334 -17.32 -31.84 -27.90
N GLN D 1335 -17.35 -31.38 -29.15
CA GLN D 1335 -18.08 -30.20 -29.60
C GLN D 1335 -17.67 -28.96 -28.78
N GLU D 1336 -16.39 -28.62 -28.89
CA GLU D 1336 -15.84 -27.47 -28.18
C GLU D 1336 -14.80 -26.80 -29.06
N ALA D 1337 -14.50 -25.55 -28.73
CA ALA D 1337 -13.49 -24.77 -29.44
C ALA D 1337 -12.71 -23.95 -28.44
N TYR D 1338 -11.38 -23.99 -28.54
CA TYR D 1338 -10.50 -23.41 -27.53
C TYR D 1338 -10.17 -21.96 -27.89
N PRO D 1339 -10.35 -21.01 -26.97
CA PRO D 1339 -10.04 -19.62 -27.29
C PRO D 1339 -8.53 -19.36 -27.24
N PRO D 1340 -7.97 -18.72 -28.28
CA PRO D 1340 -6.55 -18.39 -28.24
C PRO D 1340 -6.29 -17.05 -27.57
N LEU D 1341 -5.04 -16.60 -27.56
CA LEU D 1341 -4.69 -15.30 -26.99
C LEU D 1341 -5.16 -14.21 -27.94
N CYS D 1342 -6.32 -13.63 -27.64
CA CYS D 1342 -6.90 -12.59 -28.47
C CYS D 1342 -7.24 -11.39 -27.59
N SER D 1343 -7.17 -10.21 -28.20
CA SER D 1343 -7.48 -8.97 -27.51
C SER D 1343 -8.21 -8.03 -28.45
N SER D 1344 -9.04 -7.18 -27.89
CA SER D 1344 -9.72 -6.16 -28.69
C SER D 1344 -8.85 -4.95 -28.98
N ASP D 1345 -7.73 -4.81 -28.27
CA ASP D 1345 -6.80 -3.72 -28.49
C ASP D 1345 -5.39 -4.30 -28.45
N ALA D 1346 -4.52 -3.82 -29.32
CA ALA D 1346 -3.14 -4.27 -29.34
C ALA D 1346 -2.28 -3.60 -28.28
N ALA D 1347 -2.81 -2.60 -27.57
CA ALA D 1347 -2.06 -1.93 -26.53
C ALA D 1347 -1.86 -2.83 -25.31
N MET D 1348 -2.88 -3.61 -24.96
CA MET D 1348 -2.83 -4.47 -23.79
C MET D 1348 -2.28 -5.86 -24.10
N LEU D 1349 -2.01 -6.17 -25.36
CA LEU D 1349 -1.46 -7.47 -25.72
C LEU D 1349 0.01 -7.62 -25.36
N ARG D 1350 0.70 -6.51 -25.08
CA ARG D 1350 2.10 -6.54 -24.69
C ARG D 1350 2.32 -5.55 -23.55
N THR D 1351 3.33 -5.82 -22.73
CA THR D 1351 3.65 -4.99 -21.57
C THR D 1351 5.09 -4.49 -21.66
N ALA D 1352 5.44 -3.60 -20.73
CA ALA D 1352 6.75 -2.98 -20.70
C ALA D 1352 7.66 -3.72 -19.71
N HIS D 1353 8.07 -4.92 -20.11
CA HIS D 1353 8.98 -5.70 -19.29
C HIS D 1353 10.07 -6.41 -20.07
N ALA D 1354 9.98 -6.43 -21.41
CA ALA D 1354 10.88 -7.18 -22.31
C ALA D 1354 10.91 -8.66 -21.93
N GLY D 1355 9.75 -9.30 -22.09
CA GLY D 1355 9.53 -10.62 -21.53
C GLY D 1355 8.12 -11.11 -21.79
N GLU D 1356 7.44 -11.55 -20.72
CA GLU D 1356 6.08 -12.07 -20.78
C GLU D 1356 5.08 -11.04 -21.32
N THR D 1357 3.94 -11.52 -21.78
CA THR D 1357 2.94 -10.65 -22.40
C THR D 1357 1.97 -10.11 -21.35
N GLY D 1358 1.04 -9.28 -21.82
CA GLY D 1358 0.08 -8.66 -20.92
C GLY D 1358 -0.95 -9.66 -20.42
N ALA D 1359 -1.52 -9.34 -19.25
CA ALA D 1359 -2.51 -10.22 -18.63
C ALA D 1359 -3.72 -9.47 -18.08
N ASP D 1360 -3.82 -8.16 -18.29
CA ASP D 1360 -5.00 -7.43 -17.87
C ASP D 1360 -6.19 -7.82 -18.73
N GLU D 1361 -7.34 -8.02 -18.08
CA GLU D 1361 -8.50 -8.61 -18.73
C GLU D 1361 -9.37 -7.59 -19.46
N VAL D 1362 -9.89 -6.59 -18.75
CA VAL D 1362 -10.75 -5.57 -19.33
C VAL D 1362 -10.32 -4.20 -18.83
N HIS D 1363 -10.05 -3.28 -19.75
CA HIS D 1363 -9.59 -1.95 -19.34
C HIS D 1363 -10.71 -0.92 -19.25
N LEU D 1364 -11.34 -0.57 -20.36
CA LEU D 1364 -12.49 0.33 -20.30
C LEU D 1364 -13.72 -0.26 -20.96
N ALA D 1365 -13.60 -0.65 -22.23
CA ALA D 1365 -14.62 -1.43 -22.91
C ALA D 1365 -14.00 -2.53 -23.75
N GLN D 1366 -12.68 -2.65 -23.75
CA GLN D 1366 -11.95 -3.65 -24.50
C GLN D 1366 -11.87 -4.93 -23.67
N TYR D 1367 -11.29 -5.97 -24.24
CA TYR D 1367 -11.15 -7.23 -23.52
C TYR D 1367 -9.92 -7.96 -24.01
N LEU D 1368 -9.38 -8.81 -23.15
CA LEU D 1368 -8.23 -9.66 -23.47
C LEU D 1368 -8.52 -11.05 -22.94
N ILE D 1369 -8.79 -11.98 -23.84
CA ILE D 1369 -9.10 -13.37 -23.47
C ILE D 1369 -7.79 -14.13 -23.41
N ARG D 1370 -7.47 -14.65 -22.23
CA ARG D 1370 -6.24 -15.40 -22.04
C ARG D 1370 -6.33 -16.76 -22.73
N ASP D 1371 -5.16 -17.37 -22.93
CA ASP D 1371 -5.08 -18.58 -23.73
C ASP D 1371 -5.56 -19.79 -22.94
N ALA D 1372 -6.69 -20.36 -23.35
CA ALA D 1372 -7.18 -21.61 -22.81
C ALA D 1372 -6.94 -22.79 -23.73
N SER D 1373 -6.24 -22.59 -24.84
CA SER D 1373 -5.94 -23.65 -25.78
C SER D 1373 -4.88 -24.58 -25.19
N PRO D 1374 -4.77 -25.81 -25.71
CA PRO D 1374 -3.69 -26.71 -25.25
C PRO D 1374 -2.29 -26.22 -25.59
N LEU D 1375 -2.13 -25.29 -26.54
CA LEU D 1375 -0.83 -24.73 -26.86
C LEU D 1375 -0.57 -23.49 -26.00
N ARG D 1376 -0.38 -23.75 -24.70
CA ARG D 1376 -0.03 -22.68 -23.78
C ARG D 1376 1.46 -22.39 -23.76
N GLY D 1377 2.29 -23.43 -23.83
CA GLY D 1377 3.73 -23.30 -23.85
C GLY D 1377 4.38 -23.35 -25.21
N CYS D 1378 3.59 -23.34 -26.29
CA CYS D 1378 4.09 -23.39 -27.65
C CYS D 1378 3.66 -22.11 -28.38
N LEU D 1379 3.90 -22.08 -29.70
CA LEU D 1379 3.59 -20.98 -30.61
C LEU D 1379 4.22 -19.67 -30.11
N PRO D 1380 5.53 -19.49 -30.30
CA PRO D 1380 6.24 -18.39 -29.65
C PRO D 1380 5.77 -17.01 -30.08
N LEU D 1381 5.90 -16.05 -29.16
CA LEU D 1381 5.30 -14.73 -29.33
C LEU D 1381 6.37 -13.67 -29.63
N THR E 1 86.85 16.48 -38.57
CA THR E 1 85.93 15.40 -38.23
C THR E 1 86.33 14.10 -38.92
N GLU E 2 86.70 14.21 -40.19
CA GLU E 2 87.13 13.03 -40.94
C GLU E 2 88.51 12.57 -40.49
N SER E 3 89.38 13.51 -40.07
CA SER E 3 90.72 13.15 -39.64
C SER E 3 90.72 12.38 -38.33
N ASP E 4 89.66 12.53 -37.53
CA ASP E 4 89.54 11.74 -36.30
C ASP E 4 89.16 10.30 -36.61
N ARG E 5 88.55 10.05 -37.76
CA ARG E 5 88.14 8.69 -38.12
C ARG E 5 89.34 7.82 -38.46
N ILE E 6 90.39 8.41 -39.04
CA ILE E 6 91.62 7.67 -39.32
C ILE E 6 92.28 7.27 -38.01
N ALA E 7 92.34 8.19 -37.03
CA ALA E 7 92.93 7.87 -35.74
C ALA E 7 92.04 6.97 -34.90
N GLY E 8 90.74 6.89 -35.21
CA GLY E 8 89.86 6.00 -34.47
C GLY E 8 90.19 4.53 -34.67
N ILE E 9 90.43 4.13 -35.91
CA ILE E 9 90.83 2.77 -36.23
C ILE E 9 92.35 2.66 -36.13
N PHE E 10 92.82 1.55 -35.57
CA PHE E 10 94.25 1.22 -35.44
C PHE E 10 95.01 2.30 -34.66
N ASN E 11 94.68 2.38 -33.37
CA ASN E 11 95.24 3.38 -32.47
C ASN E 11 96.77 3.28 -32.42
N ILE E 12 97.42 4.43 -32.53
CA ILE E 12 98.85 4.54 -32.83
C ILE E 12 99.73 3.94 -31.72
N PRO E 13 99.62 4.30 -30.40
CA PRO E 13 100.44 3.57 -29.43
C PRO E 13 99.79 2.25 -29.03
N ALA E 14 100.27 1.14 -29.59
CA ALA E 14 99.75 -0.16 -29.22
C ALA E 14 100.82 -1.25 -29.12
N GLY E 15 102.10 -0.89 -29.12
CA GLY E 15 103.18 -1.84 -28.93
C GLY E 15 103.42 -2.84 -30.03
N ILE E 16 103.37 -2.40 -31.29
CA ILE E 16 103.75 -3.24 -32.43
C ILE E 16 105.23 -3.03 -32.66
N ILE E 17 105.94 -4.11 -32.98
CA ILE E 17 107.33 -4.05 -33.43
C ILE E 17 107.36 -3.25 -34.72
N PRO E 18 108.18 -2.19 -34.81
CA PRO E 18 108.16 -1.34 -36.00
C PRO E 18 108.71 -2.04 -37.23
N THR E 19 108.07 -1.79 -38.37
CA THR E 19 108.45 -2.46 -39.62
C THR E 19 109.74 -1.90 -40.20
N GLY E 20 109.94 -0.60 -40.09
CA GLY E 20 111.12 0.03 -40.66
C GLY E 20 111.54 1.25 -39.88
N ASN E 21 112.82 1.58 -39.98
CA ASN E 21 113.37 2.75 -39.29
C ASN E 21 113.03 4.03 -40.05
N VAL E 22 113.06 5.14 -39.32
CA VAL E 22 112.82 6.47 -39.89
C VAL E 22 114.08 7.30 -39.71
N LEU E 23 114.62 7.79 -40.81
CA LEU E 23 115.84 8.59 -40.80
C LEU E 23 115.50 10.06 -40.91
N SER E 24 116.56 10.89 -40.86
CA SER E 24 116.50 12.34 -41.03
C SER E 24 115.58 12.99 -40.00
N THR E 25 116.01 12.90 -38.74
CA THR E 25 115.26 13.49 -37.63
C THR E 25 115.28 15.02 -37.73
N ILE E 26 114.11 15.59 -38.00
CA ILE E 26 113.94 17.02 -38.19
C ILE E 26 112.72 17.48 -37.40
N GLU E 27 112.39 18.76 -37.53
CA GLU E 27 111.19 19.30 -36.91
C GLU E 27 109.96 18.85 -37.68
N VAL E 28 109.28 17.82 -37.17
CA VAL E 28 108.12 17.25 -37.85
C VAL E 28 106.93 18.20 -37.78
N CYS E 29 106.85 19.03 -36.73
CA CYS E 29 105.72 19.91 -36.53
C CYS E 29 105.67 21.04 -37.54
N ALA E 30 106.77 21.34 -38.24
CA ALA E 30 106.78 22.41 -39.23
C ALA E 30 105.91 22.07 -40.43
N HIS E 31 106.10 20.88 -41.01
CA HIS E 31 105.28 20.44 -42.14
C HIS E 31 104.26 19.43 -41.64
N ARG E 32 103.22 19.94 -40.99
CA ARG E 32 102.05 19.14 -40.62
C ARG E 32 100.90 19.29 -41.60
N CYS E 33 101.14 19.97 -42.73
CA CYS E 33 100.13 20.04 -43.78
C CYS E 33 99.93 18.67 -44.44
N ILE E 34 101.01 17.92 -44.61
CA ILE E 34 100.94 16.51 -44.96
C ILE E 34 100.57 15.72 -43.72
N PHE E 35 100.28 14.42 -43.91
CA PHE E 35 99.77 13.44 -42.93
C PHE E 35 98.30 13.70 -42.65
N ASP E 36 97.54 12.64 -42.36
CA ASP E 36 96.11 12.78 -42.13
C ASP E 36 95.74 12.92 -40.67
N PHE E 37 96.71 12.77 -39.76
CA PHE E 37 96.46 12.95 -38.33
C PHE E 37 97.78 13.24 -37.66
N PHE E 38 97.87 14.37 -36.96
CA PHE E 38 99.10 14.80 -36.29
C PHE E 38 98.76 15.14 -34.84
N LYS E 39 99.25 14.33 -33.91
CA LYS E 39 99.05 14.56 -32.48
C LYS E 39 100.42 14.67 -31.81
N GLN E 40 100.63 15.76 -31.09
CA GLN E 40 101.90 16.02 -30.42
C GLN E 40 101.67 16.03 -28.91
N ILE E 41 102.44 15.21 -28.20
CA ILE E 41 102.40 15.15 -26.74
C ILE E 41 103.74 15.65 -26.21
N ARG E 42 103.68 16.49 -25.17
CA ARG E 42 104.88 17.11 -24.61
C ARG E 42 105.82 16.08 -23.99
N SER E 43 105.40 15.44 -22.90
CA SER E 43 106.14 14.33 -22.32
C SER E 43 105.32 13.05 -22.26
N ASP E 44 104.13 13.10 -21.66
CA ASP E 44 103.25 11.95 -21.56
C ASP E 44 101.83 12.46 -21.34
N ASP E 45 100.86 11.59 -21.59
CA ASP E 45 99.46 11.96 -21.46
C ASP E 45 98.66 10.72 -21.12
N ASN E 46 97.46 10.93 -20.57
CA ASN E 46 96.56 9.83 -20.26
C ASN E 46 95.90 9.23 -21.50
N SER E 47 96.03 9.88 -22.66
CA SER E 47 95.41 9.35 -23.87
C SER E 47 96.16 8.13 -24.40
N LEU E 48 97.43 7.95 -24.00
CA LEU E 48 98.17 6.78 -24.43
C LEU E 48 97.69 5.53 -23.70
N TYR E 49 97.38 5.65 -22.42
CA TYR E 49 97.00 4.50 -21.59
C TYR E 49 95.49 4.32 -21.56
N SER E 50 94.93 4.16 -22.76
CA SER E 50 93.52 3.84 -22.93
C SER E 50 93.40 2.54 -23.71
N ALA E 51 92.62 1.61 -23.18
CA ALA E 51 92.45 0.29 -23.78
C ALA E 51 90.98 -0.01 -24.01
N GLN E 52 90.26 0.95 -24.59
CA GLN E 52 88.85 0.74 -24.91
C GLN E 52 88.72 -0.26 -26.06
N PHE E 53 87.75 -1.16 -25.94
CA PHE E 53 87.54 -2.19 -26.95
C PHE E 53 86.08 -2.60 -26.97
N ASP E 54 85.62 -3.00 -28.16
CA ASP E 54 84.28 -3.54 -28.34
C ASP E 54 84.33 -5.06 -28.30
N ILE E 55 83.25 -5.66 -27.80
CA ILE E 55 83.19 -7.11 -27.64
C ILE E 55 81.89 -7.62 -28.24
N LEU E 56 81.96 -8.79 -28.89
CA LEU E 56 80.80 -9.50 -29.40
C LEU E 56 80.53 -10.69 -28.48
N LEU E 57 79.30 -10.79 -27.97
CA LEU E 57 78.96 -11.75 -26.93
C LEU E 57 78.20 -12.96 -27.46
N GLY E 58 78.17 -13.16 -28.78
CA GLY E 58 77.54 -14.34 -29.33
C GLY E 58 76.44 -14.07 -30.34
N THR E 59 76.23 -15.03 -31.24
CA THR E 59 75.17 -14.94 -32.25
C THR E 59 74.18 -16.08 -32.04
N TYR E 60 72.89 -15.76 -32.12
CA TYR E 60 71.83 -16.74 -31.95
C TYR E 60 71.04 -16.88 -33.23
N CYS E 61 70.86 -18.13 -33.68
CA CYS E 61 70.10 -18.42 -34.89
C CYS E 61 69.15 -19.58 -34.59
N ASN E 62 67.88 -19.40 -34.95
CA ASN E 62 66.89 -20.43 -34.70
C ASN E 62 66.82 -21.41 -35.87
N THR E 63 66.34 -22.61 -35.57
CA THR E 63 66.19 -23.68 -36.56
C THR E 63 64.72 -23.89 -36.83
N LEU E 64 64.34 -23.87 -38.11
CA LEU E 64 62.95 -24.07 -38.49
C LEU E 64 62.55 -25.53 -38.31
N ASN E 65 61.28 -25.74 -37.97
CA ASN E 65 60.72 -27.08 -37.84
C ASN E 65 59.84 -27.38 -39.04
N PHE E 66 60.11 -28.51 -39.70
CA PHE E 66 59.42 -28.88 -40.92
C PHE E 66 58.15 -29.65 -40.59
N VAL E 67 57.09 -29.37 -41.33
CA VAL E 67 55.79 -29.99 -41.12
C VAL E 67 55.52 -30.98 -42.25
N ARG E 68 55.17 -32.21 -41.88
CA ARG E 68 54.71 -33.21 -42.83
C ARG E 68 53.19 -33.21 -42.84
N PHE E 69 52.60 -33.35 -44.02
CA PHE E 69 51.15 -33.21 -44.16
C PHE E 69 50.41 -34.40 -43.55
N LEU E 70 51.01 -35.59 -43.62
CA LEU E 70 50.32 -36.78 -43.14
C LEU E 70 50.15 -36.78 -41.63
N GLU E 71 51.14 -36.24 -40.90
CA GLU E 71 51.07 -36.18 -39.45
C GLU E 71 50.00 -35.20 -38.96
N LEU E 72 49.55 -34.29 -39.81
CA LEU E 72 48.43 -33.44 -39.44
C LEU E 72 47.13 -34.24 -39.39
N GLY E 73 46.20 -33.79 -38.56
CA GLY E 73 44.89 -34.41 -38.48
C GLY E 73 43.99 -34.12 -39.66
N LEU E 74 44.36 -33.14 -40.49
CA LEU E 74 43.61 -32.83 -41.70
C LEU E 74 43.81 -33.86 -42.81
N SER E 75 44.78 -34.75 -42.68
CA SER E 75 45.06 -35.75 -43.70
C SER E 75 43.98 -36.82 -43.78
N VAL E 76 43.12 -36.93 -42.76
CA VAL E 76 42.05 -37.91 -42.77
C VAL E 76 40.81 -37.41 -43.52
N ALA E 77 40.85 -36.19 -44.03
CA ALA E 77 39.75 -35.64 -44.80
C ALA E 77 39.97 -35.75 -46.31
N CYS E 78 41.00 -36.48 -46.74
CA CYS E 78 41.30 -36.59 -48.16
C CYS E 78 42.00 -37.91 -48.45
N ILE E 79 41.98 -38.30 -49.71
CA ILE E 79 42.66 -39.50 -50.20
C ILE E 79 43.66 -39.02 -51.24
N CYS E 80 44.91 -38.82 -50.82
CA CYS E 80 45.93 -38.34 -51.74
C CYS E 80 46.44 -39.49 -52.62
N THR E 81 46.71 -39.16 -53.89
CA THR E 81 47.28 -40.13 -54.82
C THR E 81 48.08 -39.37 -55.87
N LYS E 82 49.28 -39.87 -56.17
CA LYS E 82 50.15 -39.25 -57.15
C LYS E 82 49.69 -39.54 -58.57
N PHE E 83 49.90 -38.58 -59.46
CA PHE E 83 49.56 -38.71 -60.87
C PHE E 83 50.45 -37.77 -61.68
N PRO E 84 51.56 -38.28 -62.25
CA PRO E 84 52.49 -37.39 -62.95
C PRO E 84 51.94 -36.77 -64.23
N GLU E 85 51.07 -37.48 -64.95
CA GLU E 85 50.50 -36.96 -66.18
C GLU E 85 49.18 -36.22 -65.93
N LEU E 86 49.21 -35.26 -65.00
CA LEU E 86 48.02 -34.48 -64.68
C LEU E 86 47.91 -33.23 -65.55
N ALA E 87 49.02 -32.73 -66.09
CA ALA E 87 48.99 -31.55 -66.94
C ALA E 87 48.35 -31.83 -68.29
N TYR E 88 48.28 -33.10 -68.71
CA TYR E 88 47.67 -33.47 -69.98
C TYR E 88 46.20 -33.82 -69.85
N VAL E 89 45.64 -33.77 -68.65
CA VAL E 89 44.26 -34.19 -68.43
C VAL E 89 43.32 -33.05 -68.85
N ARG E 90 42.44 -33.34 -69.81
CA ARG E 90 41.42 -32.38 -70.20
C ARG E 90 40.29 -32.34 -69.18
N ASP E 91 39.60 -33.47 -69.01
CA ASP E 91 38.57 -33.63 -68.01
C ASP E 91 38.81 -34.94 -67.26
N GLY E 92 38.16 -35.09 -66.11
CA GLY E 92 38.20 -36.31 -65.33
C GLY E 92 36.81 -36.66 -64.84
N VAL E 93 36.36 -37.86 -65.17
CA VAL E 93 34.98 -38.29 -64.93
C VAL E 93 34.98 -39.30 -63.79
N ILE E 94 34.06 -39.12 -62.85
CA ILE E 94 33.82 -40.08 -61.77
C ILE E 94 32.33 -40.33 -61.70
N GLN E 95 31.96 -41.61 -61.56
CA GLN E 95 30.59 -42.03 -61.77
C GLN E 95 30.01 -42.69 -60.51
N PHE E 96 28.69 -42.57 -60.36
CA PHE E 96 27.96 -43.20 -59.27
C PHE E 96 26.72 -43.90 -59.83
N GLU E 97 26.44 -45.08 -59.29
CA GLU E 97 25.23 -45.84 -59.65
C GLU E 97 24.55 -46.24 -58.34
N VAL E 98 23.58 -45.44 -57.91
CA VAL E 98 22.91 -45.62 -56.62
C VAL E 98 21.47 -46.06 -56.88
N GLN E 99 21.08 -47.19 -56.29
CA GLN E 99 19.72 -47.69 -56.35
C GLN E 99 19.04 -47.47 -55.00
N GLN E 100 17.71 -47.43 -55.03
CA GLN E 100 16.92 -47.13 -53.85
C GLN E 100 15.94 -48.25 -53.58
N PRO E 101 15.58 -48.49 -52.30
CA PRO E 101 14.61 -49.55 -51.99
C PRO E 101 13.17 -49.12 -52.22
N MET E 102 12.24 -50.00 -51.85
CA MET E 102 10.82 -49.79 -52.09
C MET E 102 10.02 -50.62 -51.09
N ILE E 103 8.82 -50.14 -50.75
CA ILE E 103 7.89 -50.86 -49.90
C ILE E 103 6.56 -51.02 -50.64
N ALA E 104 5.77 -52.00 -50.22
CA ALA E 104 4.52 -52.33 -50.89
C ALA E 104 3.34 -51.94 -50.01
N ARG E 105 2.32 -51.33 -50.63
CA ARG E 105 1.09 -50.97 -49.95
C ARG E 105 -0.10 -51.36 -50.80
N ASP E 106 -1.29 -51.09 -50.27
CA ASP E 106 -2.56 -51.37 -50.92
C ASP E 106 -3.44 -50.13 -50.90
N GLY E 107 -4.71 -50.31 -51.25
CA GLY E 107 -5.68 -49.24 -51.22
C GLY E 107 -5.52 -48.27 -52.38
N PRO E 108 -5.98 -47.04 -52.20
CA PRO E 108 -5.89 -46.05 -53.27
C PRO E 108 -4.52 -45.41 -53.39
N HIS E 109 -3.48 -46.23 -53.57
CA HIS E 109 -2.13 -45.76 -53.82
C HIS E 109 -1.63 -46.46 -55.08
N PRO E 110 -0.91 -45.77 -55.95
CA PRO E 110 -0.43 -46.43 -57.18
C PRO E 110 0.66 -47.44 -56.88
N VAL E 111 0.71 -48.49 -57.71
CA VAL E 111 1.76 -49.49 -57.60
C VAL E 111 3.08 -48.88 -58.05
N ASP E 112 4.06 -48.90 -57.16
CA ASP E 112 5.33 -48.22 -57.38
C ASP E 112 6.43 -49.20 -57.78
N GLN E 113 7.42 -48.68 -58.47
CA GLN E 113 8.55 -49.42 -58.98
C GLN E 113 9.85 -48.85 -58.42
N PRO E 114 10.87 -49.68 -58.18
CA PRO E 114 12.12 -49.15 -57.62
C PRO E 114 12.88 -48.34 -58.65
N VAL E 115 13.57 -47.31 -58.15
CA VAL E 115 14.25 -46.33 -58.99
C VAL E 115 15.75 -46.52 -58.84
N HIS E 116 16.47 -46.36 -59.95
CA HIS E 116 17.92 -46.33 -59.97
C HIS E 116 18.39 -44.95 -60.39
N ASN E 117 19.48 -44.49 -59.78
CA ASN E 117 20.04 -43.17 -60.05
C ASN E 117 21.43 -43.30 -60.64
N TYR E 118 21.78 -42.35 -61.51
CA TYR E 118 23.09 -42.30 -62.15
C TYR E 118 23.62 -40.89 -62.05
N MET E 119 24.75 -40.72 -61.38
CA MET E 119 25.33 -39.41 -61.13
C MET E 119 26.76 -39.36 -61.64
N VAL E 120 27.14 -38.22 -62.21
CA VAL E 120 28.46 -37.99 -62.77
C VAL E 120 29.03 -36.70 -62.20
N LYS E 121 30.22 -36.77 -61.62
CA LYS E 121 30.94 -35.60 -61.13
C LYS E 121 32.24 -35.44 -61.91
N ARG E 122 32.87 -34.28 -61.75
CA ARG E 122 34.08 -33.96 -62.50
C ARG E 122 35.12 -33.33 -61.59
N ILE E 123 36.38 -33.38 -62.03
CA ILE E 123 37.51 -32.83 -61.28
C ILE E 123 37.54 -31.32 -61.44
N HIS E 124 38.32 -30.66 -60.58
CA HIS E 124 38.60 -29.24 -60.69
C HIS E 124 40.09 -29.02 -60.44
N LYS E 125 40.78 -28.40 -61.40
CA LYS E 125 42.23 -28.33 -61.40
C LYS E 125 42.71 -27.05 -60.75
N ARG E 126 43.65 -27.18 -59.80
CA ARG E 126 44.25 -26.03 -59.12
C ARG E 126 45.76 -26.11 -59.22
N SER E 127 46.47 -25.25 -58.49
CA SER E 127 47.93 -25.23 -58.51
C SER E 127 48.44 -24.68 -57.18
N LEU E 128 49.74 -24.82 -56.97
CA LEU E 128 50.47 -24.18 -55.89
C LEU E 128 51.76 -23.59 -56.43
N SER E 129 52.08 -22.37 -56.00
CA SER E 129 53.25 -21.65 -56.50
C SER E 129 54.07 -21.11 -55.34
N ALA E 130 55.39 -21.29 -55.41
CA ALA E 130 56.31 -20.76 -54.42
C ALA E 130 57.55 -20.24 -55.14
N ALA E 131 58.02 -19.07 -54.71
CA ALA E 131 59.13 -18.40 -55.37
C ALA E 131 60.44 -18.70 -54.65
N PHE E 132 61.53 -18.33 -55.32
CA PHE E 132 62.88 -18.65 -54.86
C PHE E 132 63.84 -17.70 -55.56
N ALA E 133 64.61 -16.94 -54.79
CA ALA E 133 65.45 -15.89 -55.33
C ALA E 133 66.92 -16.17 -55.10
N ILE E 134 67.74 -15.82 -56.09
CA ILE E 134 69.19 -15.92 -56.02
C ILE E 134 69.79 -14.58 -56.44
N ALA E 135 70.68 -14.04 -55.61
CA ALA E 135 71.30 -12.76 -55.91
C ALA E 135 72.32 -12.88 -57.04
N SER E 136 72.71 -11.73 -57.58
CA SER E 136 73.64 -11.70 -58.72
C SER E 136 75.04 -12.10 -58.29
N GLU E 137 75.48 -11.66 -57.10
CA GLU E 137 76.81 -11.99 -56.62
C GLU E 137 76.95 -13.47 -56.32
N ALA E 138 75.86 -14.10 -55.85
CA ALA E 138 75.86 -15.54 -55.67
C ALA E 138 75.99 -16.28 -57.00
N LEU E 139 75.34 -15.75 -58.04
CA LEU E 139 75.48 -16.33 -59.38
C LEU E 139 76.90 -16.17 -59.90
N SER E 140 77.52 -15.02 -59.63
CA SER E 140 78.89 -14.79 -60.08
C SER E 140 79.87 -15.69 -59.34
N LEU E 141 79.67 -15.90 -58.04
CA LEU E 141 80.55 -16.77 -57.28
C LEU E 141 80.27 -18.25 -57.51
N LEU E 142 79.08 -18.60 -58.03
CA LEU E 142 78.77 -19.99 -58.35
C LEU E 142 79.11 -20.37 -59.78
N SER E 143 79.52 -19.43 -60.62
CA SER E 143 79.83 -19.70 -62.03
C SER E 143 81.33 -19.82 -62.25
N ASN E 144 82.06 -20.41 -61.30
CA ASN E 144 83.51 -20.52 -61.45
C ASN E 144 83.88 -21.65 -62.40
N THR E 145 83.52 -22.89 -62.05
CA THR E 145 83.82 -24.11 -62.80
C THR E 145 85.33 -24.29 -63.01
N TYR E 146 86.00 -24.50 -61.88
CA TYR E 146 87.44 -24.84 -61.80
C TYR E 146 88.32 -23.70 -62.31
N VAL E 147 88.02 -22.48 -61.86
CA VAL E 147 88.88 -21.33 -62.10
C VAL E 147 89.45 -20.75 -60.80
N ASP E 148 88.72 -20.83 -59.69
CA ASP E 148 89.04 -20.15 -58.44
C ASP E 148 89.39 -21.17 -57.36
N GLY E 149 89.46 -20.69 -56.12
CA GLY E 149 89.98 -21.48 -55.02
C GLY E 149 90.89 -20.68 -54.11
N THR E 150 90.86 -19.36 -54.26
CA THR E 150 91.60 -18.48 -53.37
C THR E 150 90.97 -18.49 -51.97
N GLU E 151 91.73 -17.98 -51.00
CA GLU E 151 91.37 -18.07 -49.60
C GLU E 151 90.55 -16.87 -49.12
N ILE E 152 90.14 -15.98 -50.03
CA ILE E 152 89.26 -14.87 -49.66
C ILE E 152 87.86 -15.03 -50.23
N ASP E 153 87.71 -15.56 -51.45
CA ASP E 153 86.39 -15.74 -52.05
C ASP E 153 85.75 -17.07 -51.69
N SER E 154 86.52 -17.99 -51.07
CA SER E 154 85.98 -19.29 -50.70
C SER E 154 84.92 -19.17 -49.62
N SER E 155 85.14 -18.29 -48.65
CA SER E 155 84.15 -18.06 -47.59
C SER E 155 82.88 -17.44 -48.16
N LEU E 156 83.02 -16.54 -49.13
CA LEU E 156 81.85 -15.96 -49.79
C LEU E 156 81.07 -17.00 -50.58
N ARG E 157 81.78 -17.92 -51.26
CA ARG E 157 81.10 -18.98 -51.99
C ARG E 157 80.40 -19.95 -51.04
N ILE E 158 81.02 -20.25 -49.89
CA ILE E 158 80.40 -21.11 -48.90
C ILE E 158 79.15 -20.45 -48.31
N ARG E 159 79.21 -19.14 -48.05
CA ARG E 159 78.04 -18.42 -47.58
C ARG E 159 76.93 -18.40 -48.63
N ALA E 160 77.29 -18.28 -49.90
CA ALA E 160 76.30 -18.28 -50.98
C ALA E 160 75.60 -19.62 -51.11
N ILE E 161 76.36 -20.73 -51.06
CA ILE E 161 75.73 -22.04 -51.19
C ILE E 161 74.93 -22.38 -49.93
N GLN E 162 75.37 -21.88 -48.77
CA GLN E 162 74.61 -22.09 -47.54
C GLN E 162 73.28 -21.34 -47.58
N GLN E 163 73.28 -20.10 -48.09
CA GLN E 163 72.05 -19.33 -48.22
C GLN E 163 71.12 -19.96 -49.25
N MET E 164 71.68 -20.49 -50.35
CA MET E 164 70.86 -21.15 -51.36
C MET E 164 70.18 -22.41 -50.81
N ALA E 165 70.94 -23.22 -50.06
CA ALA E 165 70.37 -24.41 -49.44
C ALA E 165 69.32 -24.05 -48.38
N ARG E 166 69.58 -23.00 -47.60
CA ARG E 166 68.64 -22.58 -46.56
C ARG E 166 67.34 -22.04 -47.15
N ASN E 167 67.40 -21.38 -48.30
CA ASN E 167 66.17 -20.94 -48.95
C ASN E 167 65.45 -22.13 -49.59
N LEU E 168 66.20 -23.05 -50.21
CA LEU E 168 65.59 -24.17 -50.92
C LEU E 168 64.88 -25.12 -49.97
N ARG E 169 65.39 -25.26 -48.75
CA ARG E 169 64.74 -26.14 -47.77
C ARG E 169 63.36 -25.62 -47.39
N THR E 170 63.23 -24.31 -47.15
CA THR E 170 61.91 -23.76 -46.83
C THR E 170 60.99 -23.75 -48.05
N VAL E 171 61.55 -23.58 -49.26
CA VAL E 171 60.74 -23.65 -50.48
C VAL E 171 60.15 -25.04 -50.65
N LEU E 172 60.96 -26.08 -50.40
CA LEU E 172 60.46 -27.45 -50.50
C LEU E 172 59.49 -27.78 -49.36
N ASP E 173 59.69 -27.18 -48.19
CA ASP E 173 58.78 -27.41 -47.06
C ASP E 173 57.43 -26.73 -47.28
N SER E 174 57.42 -25.67 -48.10
CA SER E 174 56.22 -24.85 -48.30
C SER E 174 55.06 -25.62 -48.90
N PHE E 175 55.33 -26.60 -49.78
CA PHE E 175 54.24 -27.33 -50.42
C PHE E 175 53.55 -28.26 -49.43
N GLU E 176 54.34 -28.94 -48.60
CA GLU E 176 53.77 -29.77 -47.54
C GLU E 176 53.04 -28.91 -46.51
N ARG E 177 53.51 -27.68 -46.30
CA ARG E 177 52.81 -26.79 -45.38
C ARG E 177 51.50 -26.25 -45.98
N GLY E 178 51.46 -25.99 -47.29
CA GLY E 178 50.31 -25.37 -47.92
C GLY E 178 49.27 -26.30 -48.51
N THR E 179 49.57 -27.61 -48.56
CA THR E 179 48.55 -28.57 -48.96
C THR E 179 47.37 -28.57 -47.99
N ALA E 180 47.65 -28.48 -46.70
CA ALA E 180 46.58 -28.36 -45.70
C ALA E 180 45.83 -27.04 -45.84
N ASP E 181 46.52 -25.98 -46.26
CA ASP E 181 45.86 -24.71 -46.51
C ASP E 181 44.87 -24.80 -47.67
N GLN E 182 45.27 -25.47 -48.75
CA GLN E 182 44.35 -25.65 -49.87
C GLN E 182 43.17 -26.56 -49.49
N LEU E 183 43.44 -27.59 -48.66
CA LEU E 183 42.35 -28.45 -48.20
C LEU E 183 41.36 -27.68 -47.33
N LEU E 184 41.85 -26.81 -46.44
CA LEU E 184 40.96 -25.97 -45.65
C LEU E 184 40.17 -25.02 -46.55
N GLY E 185 40.80 -24.51 -47.61
CA GLY E 185 40.10 -23.64 -48.54
C GLY E 185 38.95 -24.33 -49.26
N VAL E 186 39.21 -25.54 -49.77
CA VAL E 186 38.15 -26.22 -50.52
C VAL E 186 37.06 -26.73 -49.58
N LEU E 187 37.44 -27.18 -48.37
CA LEU E 187 36.43 -27.65 -47.43
C LEU E 187 35.61 -26.50 -46.85
N LEU E 188 36.18 -25.29 -46.83
CA LEU E 188 35.38 -24.12 -46.46
C LEU E 188 34.46 -23.69 -47.59
N GLU E 189 34.94 -23.79 -48.83
CA GLU E 189 34.10 -23.43 -49.97
C GLU E 189 33.02 -24.47 -50.26
N LYS E 190 33.13 -25.67 -49.69
CA LYS E 190 32.19 -26.75 -49.97
C LYS E 190 31.07 -26.87 -48.95
N ALA E 191 31.33 -26.54 -47.69
CA ALA E 191 30.41 -26.90 -46.60
C ALA E 191 29.21 -25.96 -46.54
N PRO E 192 27.98 -26.47 -46.60
CA PRO E 192 26.81 -25.63 -46.31
C PRO E 192 26.68 -25.38 -44.82
N PRO E 193 25.94 -24.35 -44.41
CA PRO E 193 25.76 -24.10 -42.97
C PRO E 193 24.95 -25.19 -42.28
N LEU E 194 25.19 -25.35 -40.98
CA LEU E 194 24.44 -26.32 -40.18
C LEU E 194 22.99 -25.89 -40.02
N SER E 195 22.76 -24.57 -39.84
CA SER E 195 21.43 -24.06 -39.56
C SER E 195 20.48 -24.22 -40.73
N LEU E 196 20.99 -24.43 -41.94
CA LEU E 196 20.16 -24.85 -43.06
C LEU E 196 20.14 -26.36 -43.25
N LEU E 197 21.29 -27.02 -43.09
CA LEU E 197 21.39 -28.44 -43.45
C LEU E 197 20.62 -29.33 -42.47
N SER E 198 20.53 -28.93 -41.20
CA SER E 198 19.82 -29.76 -40.23
C SER E 198 18.31 -29.76 -40.41
N PRO E 199 17.58 -28.63 -40.50
CA PRO E 199 16.13 -28.75 -40.69
C PRO E 199 15.71 -29.19 -42.10
N ILE E 200 16.55 -28.97 -43.12
CA ILE E 200 16.25 -29.49 -44.45
C ILE E 200 16.28 -31.01 -44.45
N ASN E 201 17.30 -31.60 -43.86
CA ASN E 201 17.40 -33.05 -43.80
C ASN E 201 16.55 -33.68 -42.70
N LYS E 202 16.04 -32.88 -41.77
CA LYS E 202 15.24 -33.40 -40.67
C LYS E 202 13.73 -33.27 -40.86
N PHE E 203 13.25 -32.12 -41.31
CA PHE E 203 11.82 -31.85 -41.37
C PHE E 203 11.17 -32.28 -42.68
N GLN E 204 11.92 -32.88 -43.60
CA GLN E 204 11.32 -33.54 -44.75
C GLN E 204 11.74 -35.01 -44.75
N PRO E 205 10.82 -35.93 -45.05
CA PRO E 205 11.21 -37.35 -45.08
C PRO E 205 12.13 -37.70 -46.23
N GLU E 206 11.69 -37.41 -47.47
CA GLU E 206 12.48 -37.69 -48.65
C GLU E 206 12.71 -36.46 -49.52
N GLY E 207 11.66 -35.70 -49.81
CA GLY E 207 11.71 -34.60 -50.72
C GLY E 207 10.43 -34.56 -51.55
N HIS E 208 10.51 -33.83 -52.67
CA HIS E 208 9.37 -33.56 -53.55
C HIS E 208 8.19 -32.95 -52.79
N LEU E 209 8.50 -32.00 -51.93
CA LEU E 209 7.47 -31.35 -51.12
C LEU E 209 6.61 -30.44 -51.97
N ASN E 210 5.37 -30.24 -51.52
CA ASN E 210 4.45 -29.31 -52.18
C ASN E 210 4.72 -27.89 -51.66
N ARG E 211 3.80 -26.97 -51.97
CA ARG E 211 3.99 -25.57 -51.61
C ARG E 211 3.91 -25.36 -50.10
N VAL E 212 2.98 -26.05 -49.43
CA VAL E 212 2.71 -25.80 -48.01
C VAL E 212 3.85 -26.30 -47.14
N ALA E 213 4.33 -27.52 -47.41
CA ALA E 213 5.44 -28.08 -46.66
C ALA E 213 6.72 -27.26 -46.87
N ARG E 214 6.94 -26.79 -48.11
CA ARG E 214 8.08 -25.95 -48.39
C ARG E 214 7.98 -24.61 -47.67
N ALA E 215 6.77 -24.04 -47.57
CA ALA E 215 6.60 -22.77 -46.87
C ALA E 215 6.84 -22.92 -45.38
N ALA E 216 6.31 -23.99 -44.78
CA ALA E 216 6.54 -24.23 -43.35
C ALA E 216 8.01 -24.52 -43.06
N LEU E 217 8.65 -25.29 -43.94
CA LEU E 217 10.08 -25.56 -43.80
C LEU E 217 10.90 -24.28 -43.97
N LEU E 218 10.46 -23.38 -44.85
CA LEU E 218 11.18 -22.12 -45.05
C LEU E 218 11.05 -21.21 -43.83
N SER E 219 9.87 -21.19 -43.20
CA SER E 219 9.71 -20.44 -41.95
C SER E 219 10.58 -21.02 -40.84
N ASP E 220 10.66 -22.35 -40.77
CA ASP E 220 11.56 -23.00 -39.81
C ASP E 220 13.02 -22.65 -40.09
N LEU E 221 13.40 -22.61 -41.37
CA LEU E 221 14.75 -22.25 -41.76
C LEU E 221 15.10 -20.82 -41.35
N LYS E 222 14.16 -19.89 -41.54
CA LYS E 222 14.36 -18.50 -41.14
C LYS E 222 14.53 -18.39 -39.63
N ARG E 223 13.68 -19.08 -38.87
CA ARG E 223 13.77 -19.05 -37.42
C ARG E 223 15.07 -19.68 -36.91
N ARG E 224 15.52 -20.77 -37.55
CA ARG E 224 16.73 -21.43 -37.11
C ARG E 224 17.97 -20.63 -37.47
N VAL E 225 17.94 -19.89 -38.59
CA VAL E 225 19.04 -19.00 -38.92
C VAL E 225 19.12 -17.85 -37.93
N CYS E 226 17.96 -17.25 -37.61
CA CYS E 226 17.94 -16.11 -36.70
C CYS E 226 18.29 -16.51 -35.27
N ALA E 227 17.96 -17.73 -34.85
CA ALA E 227 18.12 -18.12 -33.46
C ALA E 227 19.52 -18.66 -33.16
N ASP E 228 19.91 -19.76 -33.81
CA ASP E 228 21.16 -20.45 -33.49
C ASP E 228 22.24 -20.02 -34.49
N MET E 229 22.90 -18.93 -34.16
CA MET E 229 23.98 -18.39 -34.99
C MET E 229 25.31 -18.28 -34.26
N PHE E 230 25.29 -18.00 -32.95
CA PHE E 230 26.47 -17.81 -32.14
C PHE E 230 26.41 -18.73 -30.92
N PHE E 231 26.18 -20.02 -31.19
CA PHE E 231 25.84 -21.00 -30.16
C PHE E 231 26.97 -21.25 -29.16
N MET E 232 28.19 -20.83 -29.46
CA MET E 232 29.30 -21.03 -28.53
C MET E 232 29.57 -19.82 -27.65
N THR E 233 29.45 -18.61 -28.19
CA THR E 233 29.68 -17.41 -27.39
C THR E 233 28.43 -16.97 -26.62
N ARG E 234 27.28 -17.56 -26.91
CA ARG E 234 26.06 -17.27 -26.17
C ARG E 234 25.82 -18.33 -25.09
N HIS E 235 25.76 -19.59 -25.49
CA HIS E 235 25.49 -20.69 -24.57
C HIS E 235 26.79 -21.29 -24.03
N ALA E 236 27.68 -20.44 -23.53
CA ALA E 236 28.94 -20.91 -22.96
C ALA E 236 28.79 -21.39 -21.52
N ARG E 237 27.70 -21.05 -20.86
CA ARG E 237 27.42 -21.51 -19.51
C ARG E 237 26.68 -22.83 -19.48
N GLU E 238 26.33 -23.39 -20.64
CA GLU E 238 25.65 -24.68 -20.74
C GLU E 238 26.48 -25.59 -21.63
N PRO E 239 27.42 -26.35 -21.06
CA PRO E 239 28.18 -27.32 -21.88
C PRO E 239 27.32 -28.45 -22.44
N ARG E 240 26.17 -28.74 -21.83
CA ARG E 240 25.30 -29.80 -22.32
C ARG E 240 24.72 -29.45 -23.69
N LEU E 241 24.33 -28.18 -23.89
CA LEU E 241 23.81 -27.77 -25.18
C LEU E 241 24.90 -27.76 -26.25
N ILE E 242 26.13 -27.42 -25.87
CA ILE E 242 27.25 -27.45 -26.81
C ILE E 242 27.54 -28.88 -27.23
N SER E 243 27.58 -29.81 -26.27
CA SER E 243 27.79 -31.21 -26.59
C SER E 243 26.60 -31.84 -27.28
N ALA E 244 25.41 -31.24 -27.18
CA ALA E 244 24.24 -31.73 -27.90
C ALA E 244 24.17 -31.22 -29.32
N TYR E 245 24.69 -30.02 -29.60
CA TYR E 245 24.68 -29.54 -30.98
C TYR E 245 25.92 -29.93 -31.76
N LEU E 246 27.04 -30.22 -31.08
CA LEU E 246 28.18 -30.83 -31.78
C LEU E 246 27.83 -32.23 -32.27
N SER E 247 27.05 -32.98 -31.47
CA SER E 247 26.58 -34.28 -31.92
C SER E 247 25.63 -34.17 -33.10
N ASP E 248 24.80 -33.11 -33.15
CA ASP E 248 23.96 -32.85 -34.31
C ASP E 248 24.82 -32.53 -35.54
N MET E 249 25.87 -31.73 -35.35
CA MET E 249 26.81 -31.41 -36.43
C MET E 249 27.45 -32.67 -37.00
N VAL E 250 27.87 -33.58 -36.11
CA VAL E 250 28.59 -34.76 -36.58
C VAL E 250 27.63 -35.78 -37.18
N SER E 251 26.54 -36.10 -36.49
CA SER E 251 25.51 -36.97 -37.07
C SER E 251 24.43 -36.16 -37.78
N CYS E 252 24.87 -35.22 -38.61
CA CYS E 252 24.00 -34.59 -39.60
C CYS E 252 24.50 -34.72 -41.02
N THR E 253 25.70 -35.25 -41.24
CA THR E 253 26.30 -35.36 -42.57
C THR E 253 26.47 -36.83 -42.94
N GLN E 254 26.20 -37.13 -44.21
CA GLN E 254 26.26 -38.49 -44.73
C GLN E 254 27.71 -38.96 -44.87
N PRO E 255 27.95 -40.27 -44.67
CA PRO E 255 29.31 -40.80 -44.90
C PRO E 255 29.65 -40.93 -46.38
N SER E 256 30.86 -41.38 -46.67
CA SER E 256 31.38 -41.43 -48.02
C SER E 256 31.70 -42.88 -48.41
N VAL E 257 32.37 -43.04 -49.55
CA VAL E 257 32.72 -44.37 -50.04
C VAL E 257 33.79 -44.99 -49.14
N MET E 258 33.88 -46.32 -49.18
CA MET E 258 34.70 -47.09 -48.26
C MET E 258 35.87 -47.79 -48.94
N VAL E 259 36.28 -47.32 -50.12
CA VAL E 259 37.43 -47.89 -50.82
C VAL E 259 38.71 -47.28 -50.25
N SER E 260 39.57 -48.14 -49.70
CA SER E 260 40.82 -47.74 -49.07
C SER E 260 41.70 -48.97 -48.92
N ARG E 261 42.98 -48.73 -48.63
CA ARG E 261 43.92 -49.79 -48.32
C ARG E 261 44.39 -49.72 -46.88
N ILE E 262 44.92 -48.58 -46.45
CA ILE E 262 45.31 -48.35 -45.07
C ILE E 262 44.68 -47.04 -44.61
N THR E 263 44.00 -47.07 -43.47
CA THR E 263 43.26 -45.93 -42.97
C THR E 263 43.90 -45.42 -41.67
N HIS E 264 43.32 -44.35 -41.13
CA HIS E 264 43.77 -43.78 -39.87
C HIS E 264 43.03 -44.48 -38.74
N THR E 265 43.76 -44.92 -37.72
CA THR E 265 43.19 -45.55 -36.54
C THR E 265 43.85 -44.99 -35.29
N ASN E 266 43.26 -45.32 -34.14
CA ASN E 266 43.85 -44.97 -32.86
C ASN E 266 44.81 -46.08 -32.42
N THR E 267 45.24 -46.04 -31.15
CA THR E 267 46.16 -47.06 -30.64
C THR E 267 45.48 -48.42 -30.54
N ARG E 268 44.23 -48.44 -30.06
CA ARG E 268 43.52 -49.70 -29.88
C ARG E 268 43.16 -50.35 -31.22
N GLY E 269 42.74 -49.55 -32.19
CA GLY E 269 42.44 -50.07 -33.50
C GLY E 269 41.12 -49.59 -34.08
N ARG E 270 40.42 -48.74 -33.33
CA ARG E 270 39.14 -48.23 -33.80
C ARG E 270 39.36 -47.19 -34.89
N GLN E 271 38.60 -47.31 -35.99
CA GLN E 271 38.75 -46.41 -37.12
C GLN E 271 38.10 -45.06 -36.81
N VAL E 272 38.69 -44.00 -37.35
CA VAL E 272 38.23 -42.64 -37.10
C VAL E 272 37.16 -42.26 -38.14
N ASP E 273 36.12 -41.57 -37.66
CA ASP E 273 34.96 -41.25 -38.48
C ASP E 273 34.94 -39.83 -39.03
N GLY E 274 36.00 -39.04 -38.82
CA GLY E 274 36.01 -37.71 -39.40
C GLY E 274 37.05 -36.83 -38.73
N VAL E 275 37.03 -35.55 -39.13
CA VAL E 275 37.89 -34.53 -38.55
C VAL E 275 37.02 -33.30 -38.27
N LEU E 276 37.31 -32.63 -37.15
CA LEU E 276 36.54 -31.47 -36.70
C LEU E 276 37.54 -30.37 -36.38
N VAL E 277 37.78 -29.48 -37.34
CA VAL E 277 38.84 -28.48 -37.25
C VAL E 277 38.28 -27.17 -36.72
N THR E 278 38.86 -26.68 -35.62
CA THR E 278 38.40 -25.49 -34.92
C THR E 278 39.53 -24.47 -34.84
N THR E 279 39.27 -23.39 -34.12
CA THR E 279 40.29 -22.45 -33.68
C THR E 279 40.92 -22.98 -32.39
N ALA E 280 42.06 -22.40 -32.01
CA ALA E 280 42.78 -22.87 -30.82
C ALA E 280 42.01 -22.56 -29.54
N THR E 281 41.37 -21.39 -29.46
CA THR E 281 40.54 -21.04 -28.31
C THR E 281 39.33 -21.95 -28.22
N LEU E 282 38.70 -22.23 -29.36
CA LEU E 282 37.58 -23.17 -29.40
C LEU E 282 38.04 -24.59 -29.08
N LYS E 283 39.27 -24.95 -29.47
CA LYS E 283 39.83 -26.25 -29.10
C LYS E 283 40.00 -26.36 -27.59
N ARG E 284 40.53 -25.32 -26.95
CA ARG E 284 40.70 -25.33 -25.50
C ARG E 284 39.35 -25.39 -24.78
N GLN E 285 38.37 -24.64 -25.28
CA GLN E 285 37.03 -24.64 -24.67
C GLN E 285 36.36 -26.01 -24.83
N LEU E 286 36.53 -26.65 -25.99
CA LEU E 286 35.99 -27.99 -26.18
C LEU E 286 36.73 -29.02 -25.33
N LEU E 287 38.02 -28.80 -25.10
CA LEU E 287 38.84 -29.84 -24.50
C LEU E 287 38.86 -29.78 -22.98
N GLN E 288 38.51 -28.63 -22.39
CA GLN E 288 38.63 -28.49 -20.94
C GLN E 288 37.58 -29.31 -20.20
N GLY E 289 36.31 -29.22 -20.61
CA GLY E 289 35.28 -29.88 -19.84
C GLY E 289 34.10 -30.47 -20.60
N ILE E 290 34.11 -30.37 -21.93
CA ILE E 290 32.94 -30.77 -22.71
C ILE E 290 33.16 -32.16 -23.32
N LEU E 291 34.18 -32.29 -24.15
CA LEU E 291 34.43 -33.53 -24.87
C LEU E 291 35.45 -34.37 -24.13
N GLN E 292 35.30 -35.70 -24.25
CA GLN E 292 36.11 -36.66 -23.51
C GLN E 292 37.20 -37.21 -24.40
N ILE E 293 38.43 -37.25 -23.88
CA ILE E 293 39.55 -37.81 -24.62
C ILE E 293 39.43 -39.32 -24.65
N ASP E 294 39.78 -39.92 -25.79
CA ASP E 294 39.97 -41.35 -25.88
C ASP E 294 41.44 -41.70 -25.98
N ASP E 295 42.19 -40.99 -26.82
CA ASP E 295 43.59 -41.31 -27.02
C ASP E 295 44.39 -40.03 -27.24
N THR E 296 45.69 -40.12 -26.97
CA THR E 296 46.62 -39.03 -27.22
C THR E 296 47.57 -39.32 -28.37
N ALA E 297 47.34 -40.41 -29.11
CA ALA E 297 48.15 -40.75 -30.27
C ALA E 297 47.27 -41.43 -31.30
N ALA E 298 47.74 -41.42 -32.55
CA ALA E 298 46.99 -42.01 -33.65
C ALA E 298 47.93 -42.79 -34.56
N ASP E 299 47.34 -43.73 -35.30
CA ASP E 299 48.04 -44.46 -36.35
C ASP E 299 47.71 -43.80 -37.68
N VAL E 300 48.75 -43.44 -38.43
CA VAL E 300 48.58 -42.60 -39.62
C VAL E 300 49.33 -43.25 -40.79
N PRO E 301 48.70 -43.40 -41.95
CA PRO E 301 49.41 -43.92 -43.12
C PRO E 301 50.45 -42.94 -43.64
N VAL E 302 51.53 -43.50 -44.19
CA VAL E 302 52.64 -42.70 -44.66
C VAL E 302 52.68 -42.58 -46.19
N THR E 303 52.46 -43.66 -46.92
CA THR E 303 52.56 -43.66 -48.38
C THR E 303 51.37 -42.96 -49.02
N TYR E 304 51.51 -42.66 -50.30
CA TYR E 304 50.48 -41.97 -51.08
C TYR E 304 49.63 -42.95 -51.89
N GLY E 305 50.28 -43.75 -52.73
CA GLY E 305 49.57 -44.57 -53.68
C GLY E 305 49.64 -43.97 -55.07
N GLU E 306 50.54 -44.48 -55.90
CA GLU E 306 50.84 -43.88 -57.20
C GLU E 306 50.14 -44.65 -58.32
N MET E 307 49.61 -43.90 -59.28
CA MET E 307 48.95 -44.48 -60.45
C MET E 307 49.50 -43.81 -61.71
N VAL E 308 49.77 -44.63 -62.72
CA VAL E 308 50.27 -44.17 -64.01
C VAL E 308 49.52 -44.90 -65.11
N LEU E 309 49.63 -44.40 -66.33
CA LEU E 309 49.04 -45.03 -67.50
C LEU E 309 50.13 -45.71 -68.31
N GLN E 310 49.94 -46.99 -68.61
CA GLN E 310 50.92 -47.79 -69.35
C GLN E 310 50.18 -48.92 -70.06
N GLY E 311 50.84 -49.48 -71.07
CA GLY E 311 50.29 -50.60 -71.79
C GLY E 311 49.17 -50.23 -72.74
N THR E 312 47.99 -50.84 -72.55
CA THR E 312 46.86 -50.55 -73.42
C THR E 312 46.30 -49.17 -73.15
N ASN E 313 46.46 -48.67 -71.91
CA ASN E 313 45.95 -47.36 -71.55
C ASN E 313 46.71 -46.25 -72.28
N LEU E 314 48.01 -46.44 -72.50
CA LEU E 314 48.82 -45.42 -73.16
C LEU E 314 48.45 -45.29 -74.64
N VAL E 315 48.33 -46.41 -75.34
CA VAL E 315 47.99 -46.37 -76.76
C VAL E 315 46.54 -45.94 -76.93
N THR E 316 45.66 -46.33 -76.00
CA THR E 316 44.26 -45.89 -76.05
C THR E 316 44.15 -44.38 -75.83
N ALA E 317 44.95 -43.82 -74.92
CA ALA E 317 44.94 -42.38 -74.70
C ALA E 317 45.59 -41.61 -75.85
N LEU E 318 46.63 -42.17 -76.47
CA LEU E 318 47.30 -41.47 -77.56
C LEU E 318 46.50 -41.50 -78.85
N VAL E 319 45.86 -42.62 -79.15
CA VAL E 319 45.16 -42.79 -80.43
C VAL E 319 43.75 -42.21 -80.38
N MET E 320 42.97 -42.60 -79.37
CA MET E 320 41.57 -42.19 -79.30
C MET E 320 41.39 -40.89 -78.50
N GLY E 321 42.08 -40.76 -77.37
CA GLY E 321 41.92 -39.63 -76.50
C GLY E 321 41.11 -39.89 -75.25
N LYS E 322 41.03 -41.13 -74.79
CA LYS E 322 40.26 -41.48 -73.60
C LYS E 322 41.08 -42.41 -72.72
N ALA E 323 40.71 -42.48 -71.45
CA ALA E 323 41.41 -43.33 -70.49
C ALA E 323 40.47 -43.70 -69.36
N VAL E 324 40.74 -44.85 -68.73
CA VAL E 324 40.04 -45.28 -67.52
C VAL E 324 41.07 -45.74 -66.51
N ARG E 325 40.62 -45.95 -65.28
CA ARG E 325 41.48 -46.47 -64.23
C ARG E 325 41.48 -47.99 -64.28
N GLY E 326 42.62 -48.58 -64.63
CA GLY E 326 42.72 -50.03 -64.68
C GLY E 326 42.02 -50.64 -65.87
N MET E 327 42.55 -50.38 -67.08
CA MET E 327 42.02 -51.03 -68.28
C MET E 327 42.24 -52.55 -68.24
N ASP E 328 43.34 -52.99 -67.64
CA ASP E 328 43.62 -54.41 -67.54
C ASP E 328 42.59 -55.13 -66.66
N ASP E 329 42.23 -54.52 -65.53
CA ASP E 329 41.24 -55.13 -64.64
C ASP E 329 39.85 -55.16 -65.29
N VAL E 330 39.47 -54.10 -65.99
CA VAL E 330 38.18 -54.04 -66.65
C VAL E 330 38.10 -55.05 -67.78
N ALA E 331 39.18 -55.15 -68.57
CA ALA E 331 39.21 -56.13 -69.67
C ALA E 331 39.21 -57.56 -69.13
N ARG E 332 39.93 -57.81 -68.03
CA ARG E 332 39.95 -59.14 -67.43
C ARG E 332 38.58 -59.51 -66.86
N HIS E 333 37.89 -58.55 -66.24
CA HIS E 333 36.55 -58.83 -65.71
C HIS E 333 35.54 -59.04 -66.84
N LEU E 334 35.68 -58.30 -67.94
CA LEU E 334 34.82 -58.50 -69.11
C LEU E 334 35.04 -59.89 -69.72
N LEU E 335 36.30 -60.32 -69.80
CA LEU E 335 36.60 -61.66 -70.33
C LEU E 335 36.11 -62.75 -69.38
N ASP E 336 36.27 -62.55 -68.07
CA ASP E 336 35.79 -63.53 -67.10
C ASP E 336 34.26 -63.56 -67.01
N ILE E 337 33.59 -62.49 -67.42
CA ILE E 337 32.13 -62.51 -67.46
C ILE E 337 31.58 -63.02 -68.79
N THR E 338 32.36 -62.93 -69.87
CA THR E 338 31.88 -63.33 -71.19
C THR E 338 32.37 -64.70 -71.65
N ASP E 339 33.66 -64.98 -71.51
CA ASP E 339 34.27 -66.19 -72.08
C ASP E 339 33.92 -67.52 -71.39
N PRO E 340 34.16 -67.72 -70.04
CA PRO E 340 34.13 -69.09 -69.53
C PRO E 340 32.74 -69.70 -69.39
N ASN E 341 32.68 -70.91 -68.85
CA ASN E 341 31.47 -71.72 -68.86
C ASN E 341 30.51 -71.28 -67.75
N THR E 342 29.49 -72.10 -67.50
CA THR E 342 28.41 -71.76 -66.58
C THR E 342 28.83 -71.76 -65.11
N LEU E 343 30.02 -72.26 -64.79
CA LEU E 343 30.44 -72.33 -63.39
C LEU E 343 30.86 -70.97 -62.85
N ASN E 344 31.44 -70.11 -63.69
CA ASN E 344 32.07 -68.89 -63.22
C ASN E 344 31.50 -67.61 -63.83
N ILE E 345 30.41 -67.69 -64.58
CA ILE E 345 29.78 -66.47 -65.10
C ILE E 345 28.90 -65.72 -64.09
N PRO E 346 27.94 -66.34 -63.32
CA PRO E 346 26.96 -65.48 -62.63
C PRO E 346 27.46 -65.03 -61.25
N SER E 347 28.60 -64.35 -61.23
CA SER E 347 29.18 -63.81 -60.01
C SER E 347 29.63 -62.37 -60.31
N ILE E 348 28.71 -61.43 -60.13
CA ILE E 348 29.02 -60.01 -60.28
C ILE E 348 28.67 -59.31 -58.97
N PRO E 349 29.55 -59.32 -57.97
CA PRO E 349 29.24 -58.67 -56.70
C PRO E 349 29.63 -57.21 -56.75
N PRO E 350 28.73 -56.30 -56.34
CA PRO E 350 29.14 -54.91 -56.17
C PRO E 350 30.01 -54.77 -54.93
N GLN E 351 31.31 -54.63 -55.14
CA GLN E 351 32.27 -54.71 -54.04
C GLN E 351 33.56 -54.04 -54.50
N SER E 352 34.42 -53.72 -53.53
CA SER E 352 35.74 -53.15 -53.84
C SER E 352 36.59 -54.14 -54.61
N ASN E 353 36.57 -55.42 -54.20
CA ASN E 353 37.23 -56.54 -54.88
C ASN E 353 38.73 -56.34 -55.02
N SER E 354 39.15 -55.82 -56.18
CA SER E 354 40.54 -55.53 -56.53
C SER E 354 41.41 -56.79 -56.45
N ASP E 355 41.08 -57.76 -57.31
CA ASP E 355 41.87 -58.97 -57.41
C ASP E 355 43.23 -58.67 -58.03
N SER E 356 44.22 -59.50 -57.68
CA SER E 356 45.64 -59.35 -58.03
C SER E 356 46.10 -57.99 -57.51
N THR E 357 46.61 -57.10 -58.37
CA THR E 357 47.02 -55.73 -58.02
C THR E 357 48.08 -55.72 -56.91
N THR E 358 49.25 -56.28 -57.24
CA THR E 358 50.33 -56.43 -56.27
C THR E 358 51.01 -55.08 -56.01
N ALA E 359 52.02 -55.13 -55.13
CA ALA E 359 52.89 -54.03 -54.69
C ALA E 359 52.14 -52.93 -53.94
N GLY E 360 52.89 -52.11 -53.21
CA GLY E 360 52.31 -51.05 -52.41
C GLY E 360 53.18 -50.82 -51.17
N LEU E 361 52.52 -50.34 -50.11
CA LEU E 361 53.20 -50.07 -48.84
C LEU E 361 52.19 -50.18 -47.71
N PRO E 362 52.02 -51.37 -47.14
CA PRO E 362 51.09 -51.54 -45.99
C PRO E 362 51.78 -51.26 -44.66
N VAL E 363 52.21 -50.01 -44.48
CA VAL E 363 52.93 -49.59 -43.28
C VAL E 363 52.23 -48.38 -42.67
N ASN E 364 52.17 -48.36 -41.34
CA ASN E 364 51.57 -47.27 -40.58
C ASN E 364 52.65 -46.62 -39.72
N ALA E 365 52.39 -45.37 -39.33
CA ALA E 365 53.29 -44.62 -38.46
C ALA E 365 52.49 -44.01 -37.33
N ARG E 366 53.00 -44.15 -36.11
CA ARG E 366 52.34 -43.59 -34.94
C ARG E 366 52.57 -42.08 -34.90
N VAL E 367 51.50 -41.32 -34.73
CA VAL E 367 51.54 -39.87 -34.83
C VAL E 367 50.86 -39.25 -33.60
N PRO E 368 51.52 -38.32 -32.90
CA PRO E 368 50.89 -37.67 -31.74
C PRO E 368 49.82 -36.67 -32.16
N ALA E 369 48.56 -37.01 -31.88
CA ALA E 369 47.44 -36.13 -32.12
C ALA E 369 46.35 -36.45 -31.11
N ASP E 370 45.45 -35.50 -30.90
CA ASP E 370 44.35 -35.67 -29.95
C ASP E 370 43.09 -36.12 -30.67
N LEU E 371 42.41 -37.11 -30.10
CA LEU E 371 41.25 -37.73 -30.69
C LEU E 371 40.14 -37.79 -29.65
N VAL E 372 39.01 -37.16 -29.95
CA VAL E 372 37.90 -37.08 -29.01
C VAL E 372 36.75 -37.94 -29.53
N ILE E 373 35.76 -38.15 -28.66
CA ILE E 373 34.57 -38.94 -28.98
C ILE E 373 33.36 -38.02 -28.82
N VAL E 374 32.59 -37.88 -29.89
CA VAL E 374 31.32 -37.15 -29.87
C VAL E 374 30.22 -38.06 -30.42
N GLY E 375 29.05 -38.02 -29.79
CA GLY E 375 27.94 -38.89 -30.16
C GLY E 375 28.28 -40.36 -30.04
N ASP E 376 28.43 -41.02 -31.18
CA ASP E 376 28.99 -42.37 -31.26
C ASP E 376 30.15 -42.44 -32.23
N LYS E 377 30.65 -41.29 -32.69
CA LYS E 377 31.68 -41.23 -33.71
C LYS E 377 32.98 -40.72 -33.11
N LEU E 378 34.09 -41.22 -33.64
CA LEU E 378 35.43 -40.83 -33.19
C LEU E 378 36.01 -39.88 -34.23
N VAL E 379 36.42 -38.69 -33.80
CA VAL E 379 36.89 -37.65 -34.71
C VAL E 379 38.23 -37.11 -34.22
N PHE E 380 39.02 -36.58 -35.15
CA PHE E 380 40.14 -35.72 -34.79
C PHE E 380 39.63 -34.35 -34.37
N LEU E 381 40.42 -33.65 -33.56
CA LEU E 381 40.11 -32.27 -33.19
C LEU E 381 41.38 -31.44 -33.41
N GLU E 382 41.59 -31.00 -34.64
CA GLU E 382 42.81 -30.29 -35.00
C GLU E 382 42.55 -28.79 -34.96
N ALA E 383 43.50 -28.05 -34.41
CA ALA E 383 43.45 -26.60 -34.32
C ALA E 383 44.72 -26.01 -34.91
N LEU E 384 45.01 -26.41 -36.15
CA LEU E 384 46.32 -26.20 -36.77
C LEU E 384 46.53 -24.71 -37.04
N GLU E 385 47.11 -24.05 -36.04
CA GLU E 385 47.49 -22.64 -36.11
C GLU E 385 48.93 -22.42 -35.70
N ARG E 386 49.47 -23.19 -34.76
CA ARG E 386 50.87 -23.15 -34.40
C ARG E 386 51.76 -23.93 -35.37
N ARG E 387 51.29 -25.08 -35.87
CA ARG E 387 52.08 -25.85 -36.82
C ARG E 387 52.16 -25.16 -38.17
N VAL E 388 51.02 -24.72 -38.69
CA VAL E 388 50.90 -24.05 -39.97
C VAL E 388 50.11 -22.77 -39.71
N TYR E 389 50.47 -21.70 -40.45
CA TYR E 389 50.01 -20.30 -40.34
C TYR E 389 50.64 -19.56 -39.17
N GLN E 390 51.76 -20.04 -38.63
CA GLN E 390 52.45 -19.34 -37.55
C GLN E 390 53.73 -18.73 -38.11
N ALA E 391 53.93 -17.43 -37.81
CA ALA E 391 55.08 -16.63 -38.26
C ALA E 391 55.18 -16.56 -39.78
N THR E 392 54.04 -16.56 -40.47
CA THR E 392 53.97 -16.33 -41.90
C THR E 392 52.82 -15.38 -42.20
N ARG E 393 52.95 -14.64 -43.29
CA ARG E 393 52.10 -13.47 -43.53
C ARG E 393 50.77 -13.81 -44.19
N VAL E 394 50.28 -15.04 -44.09
CA VAL E 394 48.99 -15.43 -44.65
C VAL E 394 47.96 -15.48 -43.54
N ALA E 395 46.71 -15.15 -43.86
CA ALA E 395 45.65 -15.12 -42.87
C ALA E 395 45.08 -16.51 -42.65
N TYR E 396 44.77 -16.82 -41.39
CA TYR E 396 44.15 -18.08 -41.03
C TYR E 396 42.70 -18.10 -41.49
N PRO E 397 42.24 -19.18 -42.14
CA PRO E 397 40.78 -19.36 -42.32
C PRO E 397 40.04 -19.67 -41.03
N LEU E 398 38.73 -19.92 -41.14
CA LEU E 398 37.78 -20.04 -40.02
C LEU E 398 37.67 -18.75 -39.20
N ILE E 399 38.09 -17.62 -39.77
CA ILE E 399 37.92 -16.31 -39.14
C ILE E 399 37.09 -15.48 -40.12
N GLY E 400 36.17 -16.14 -40.82
CA GLY E 400 35.38 -15.45 -41.84
C GLY E 400 34.41 -14.46 -41.26
N ASN E 401 34.01 -13.51 -42.10
CA ASN E 401 33.14 -12.42 -41.70
C ASN E 401 31.69 -12.69 -42.10
N ILE E 402 30.77 -12.05 -41.39
CA ILE E 402 29.35 -12.06 -41.74
C ILE E 402 28.90 -10.62 -41.96
N ASP E 403 27.81 -10.47 -42.71
CA ASP E 403 27.22 -9.17 -42.99
C ASP E 403 25.77 -9.17 -42.51
N ILE E 404 25.46 -8.25 -41.60
CA ILE E 404 24.11 -8.11 -41.05
C ILE E 404 23.64 -6.68 -41.32
N THR E 405 22.44 -6.54 -41.89
CA THR E 405 21.89 -5.25 -42.23
C THR E 405 20.85 -4.85 -41.18
N PHE E 406 20.85 -3.57 -40.81
CA PHE E 406 19.94 -3.05 -39.80
C PHE E 406 19.02 -2.00 -40.41
N ILE E 407 17.75 -2.06 -40.02
CA ILE E 407 16.70 -1.22 -40.59
C ILE E 407 16.01 -0.45 -39.46
N MET E 408 15.77 0.84 -39.67
CA MET E 408 15.11 1.70 -38.69
C MET E 408 14.22 2.71 -39.39
N PRO E 409 12.98 2.87 -38.95
CA PRO E 409 12.16 3.99 -39.41
C PRO E 409 12.53 5.27 -38.68
N MET E 410 12.31 6.40 -39.34
CA MET E 410 12.78 7.68 -38.84
C MET E 410 11.66 8.64 -38.48
N GLY E 411 10.81 9.01 -39.44
CA GLY E 411 9.82 10.05 -39.20
C GLY E 411 8.41 9.52 -39.09
N VAL E 412 8.27 8.28 -38.62
CA VAL E 412 6.97 7.63 -38.58
C VAL E 412 6.15 8.21 -37.46
N PHE E 413 4.97 8.73 -37.80
CA PHE E 413 4.01 9.23 -36.82
C PHE E 413 2.84 8.26 -36.78
N GLN E 414 2.54 7.73 -35.59
CA GLN E 414 1.45 6.78 -35.41
C GLN E 414 0.13 7.50 -35.57
N ALA E 415 -0.54 7.27 -36.70
CA ALA E 415 -1.68 8.11 -37.08
C ALA E 415 -2.93 7.79 -36.27
N ASN E 416 -3.04 6.56 -35.76
CA ASN E 416 -4.25 6.14 -35.07
C ASN E 416 -4.35 6.79 -33.70
N SER E 417 -5.56 7.24 -33.34
CA SER E 417 -5.77 7.86 -32.04
C SER E 417 -5.76 6.82 -30.92
N MET E 418 -6.05 5.56 -31.26
CA MET E 418 -5.87 4.47 -30.32
C MET E 418 -4.40 4.27 -29.96
N ASP E 419 -3.51 4.41 -30.94
CA ASP E 419 -2.11 4.02 -30.78
C ASP E 419 -1.30 5.02 -29.97
N ARG E 420 -1.80 6.24 -29.80
CA ARG E 420 -1.05 7.29 -29.10
C ARG E 420 -1.49 7.31 -27.64
N TYR E 421 -0.98 6.35 -26.87
CA TYR E 421 -1.35 6.14 -25.48
C TYR E 421 -0.11 6.11 -24.61
N THR E 422 -0.26 6.57 -23.36
CA THR E 422 0.80 6.48 -22.36
C THR E 422 0.44 5.43 -21.32
N ARG E 423 1.44 4.66 -20.90
CA ARG E 423 1.22 3.54 -19.99
C ARG E 423 0.96 4.00 -18.56
N HIS E 424 1.26 5.26 -18.23
CA HIS E 424 0.91 5.83 -16.94
C HIS E 424 0.64 7.31 -17.13
N ALA E 425 0.18 7.96 -16.05
CA ALA E 425 -0.17 9.37 -16.15
C ALA E 425 1.07 10.25 -16.17
N GLY E 426 1.86 10.21 -15.11
CA GLY E 426 3.06 11.03 -15.02
C GLY E 426 4.32 10.32 -15.46
N ASP E 427 4.39 9.96 -16.74
CA ASP E 427 5.57 9.25 -17.24
C ASP E 427 6.73 10.20 -17.49
N PHE E 428 6.56 11.16 -18.41
CA PHE E 428 7.59 12.14 -18.74
C PHE E 428 6.95 13.52 -18.69
N SER E 429 6.89 14.11 -17.49
CA SER E 429 6.35 15.45 -17.35
C SER E 429 7.43 16.49 -17.61
N THR E 430 7.00 17.72 -17.85
CA THR E 430 7.89 18.84 -18.12
C THR E 430 7.39 20.05 -17.36
N VAL E 431 7.99 21.21 -17.65
CA VAL E 431 7.49 22.47 -17.15
C VAL E 431 6.68 23.21 -18.21
N SER E 432 6.75 22.76 -19.46
CA SER E 432 6.02 23.41 -20.55
C SER E 432 4.53 23.14 -20.44
N GLU E 433 3.73 24.10 -20.89
CA GLU E 433 2.28 23.93 -20.86
C GLU E 433 1.81 22.95 -21.94
N GLN E 434 2.63 22.70 -22.94
CA GLN E 434 2.37 21.68 -23.96
C GLN E 434 3.53 20.70 -23.94
N ASP E 435 3.21 19.42 -23.84
CA ASP E 435 4.23 18.37 -23.78
C ASP E 435 4.94 18.27 -25.12
N PRO E 436 6.28 18.32 -25.16
CA PRO E 436 6.98 18.20 -26.45
C PRO E 436 7.21 16.75 -26.85
N ARG E 437 6.17 15.92 -26.74
CA ARG E 437 6.20 14.54 -27.22
C ARG E 437 4.98 14.19 -28.04
N GLN E 438 3.94 15.03 -28.06
CA GLN E 438 2.81 14.83 -28.94
C GLN E 438 3.15 15.18 -30.38
N PHE E 439 4.20 15.98 -30.57
CA PHE E 439 4.63 16.37 -31.90
C PHE E 439 5.21 15.17 -32.64
N PRO E 440 5.10 15.13 -33.97
CA PRO E 440 5.60 13.98 -34.74
C PRO E 440 7.11 13.87 -34.64
N PRO E 441 7.64 12.66 -34.44
CA PRO E 441 9.09 12.49 -34.32
C PRO E 441 9.81 12.75 -35.63
N GLN E 442 11.03 13.28 -35.51
CA GLN E 442 11.84 13.64 -36.66
C GLN E 442 13.20 12.97 -36.69
N GLY E 443 13.60 12.25 -35.64
CA GLY E 443 14.89 11.59 -35.62
C GLY E 443 14.79 10.25 -34.94
N ILE E 444 15.86 9.47 -35.08
CA ILE E 444 15.98 8.16 -34.46
C ILE E 444 17.28 8.11 -33.68
N PHE E 445 17.27 7.42 -32.54
CA PHE E 445 18.42 7.31 -31.66
C PHE E 445 18.80 5.84 -31.54
N PHE E 446 20.03 5.50 -31.93
CA PHE E 446 20.52 4.13 -31.77
C PHE E 446 21.86 4.15 -31.05
N TYR E 447 22.51 2.99 -30.96
CA TYR E 447 23.76 2.87 -30.23
C TYR E 447 24.90 2.57 -31.19
N ASN E 448 26.07 3.10 -30.87
CA ASN E 448 27.26 2.98 -31.70
C ASN E 448 27.89 1.60 -31.50
N LYS E 449 29.06 1.39 -32.11
CA LYS E 449 29.82 0.17 -31.91
C LYS E 449 30.37 0.09 -30.49
N ASP E 450 30.76 1.22 -29.91
CA ASP E 450 31.33 1.28 -28.57
C ASP E 450 30.31 1.69 -27.50
N GLY E 451 29.02 1.68 -27.84
CA GLY E 451 28.00 2.07 -26.89
C GLY E 451 27.70 3.55 -26.84
N ILE E 452 28.29 4.35 -27.73
CA ILE E 452 28.04 5.78 -27.76
C ILE E 452 26.64 6.04 -28.31
N LEU E 453 25.98 7.06 -27.79
CA LEU E 453 24.66 7.45 -28.32
C LEU E 453 24.84 8.31 -29.55
N THR E 454 24.16 7.95 -30.64
CA THR E 454 24.20 8.69 -31.89
C THR E 454 22.79 8.97 -32.36
N GLN E 455 22.64 10.01 -33.17
CA GLN E 455 21.34 10.49 -33.61
C GLN E 455 21.33 10.68 -35.12
N LEU E 456 20.27 10.18 -35.77
CA LEU E 456 20.05 10.39 -37.20
C LEU E 456 18.82 11.30 -37.35
N THR E 457 19.06 12.59 -37.53
CA THR E 457 17.98 13.53 -37.74
C THR E 457 17.60 13.61 -39.21
N LEU E 458 16.53 14.34 -39.50
CA LEU E 458 16.01 14.44 -40.86
C LEU E 458 16.93 15.22 -41.80
N ARG E 459 17.89 15.97 -41.27
CA ARG E 459 18.85 16.69 -42.10
C ARG E 459 19.77 15.74 -42.86
N ASP E 460 19.94 14.51 -42.38
CA ASP E 460 20.80 13.55 -43.07
C ASP E 460 20.18 13.01 -44.35
N ALA E 461 18.85 13.06 -44.48
CA ALA E 461 18.19 12.60 -45.70
C ALA E 461 18.27 13.61 -46.84
N MET E 462 18.88 14.77 -46.59
CA MET E 462 19.09 15.78 -47.61
C MET E 462 20.10 15.32 -48.67
N GLY E 463 20.93 14.33 -48.37
CA GLY E 463 21.79 13.78 -49.39
C GLY E 463 21.08 12.92 -50.42
N THR E 464 19.90 12.41 -50.08
CA THR E 464 19.14 11.52 -50.95
C THR E 464 17.91 12.15 -51.55
N ILE E 465 17.09 12.85 -50.76
CA ILE E 465 15.84 13.38 -51.30
C ILE E 465 16.04 14.71 -52.03
N CYS E 466 17.12 15.43 -51.77
CA CYS E 466 17.36 16.72 -52.39
C CYS E 466 18.27 16.62 -53.60
N HIS E 467 18.16 15.52 -54.34
CA HIS E 467 18.92 15.29 -55.55
C HIS E 467 18.04 15.61 -56.76
N SER E 468 18.65 15.57 -57.96
CA SER E 468 17.90 15.72 -59.19
C SER E 468 17.23 14.43 -59.64
N SER E 469 17.43 13.32 -58.92
CA SER E 469 16.76 12.07 -59.22
C SER E 469 15.35 12.00 -58.68
N LEU E 470 14.92 12.99 -57.91
CA LEU E 470 13.52 13.09 -57.50
C LEU E 470 12.61 13.44 -58.69
N LEU E 471 13.16 14.03 -59.74
CA LEU E 471 12.38 14.49 -60.88
C LEU E 471 12.83 13.76 -62.15
N ASP E 472 12.95 12.44 -62.05
CA ASP E 472 13.42 11.61 -63.16
C ASP E 472 12.26 10.78 -63.68
N VAL E 473 11.11 11.45 -63.86
CA VAL E 473 9.84 10.80 -64.17
C VAL E 473 9.73 10.34 -65.61
N GLU E 474 10.72 10.61 -66.46
CA GLU E 474 10.60 10.36 -67.90
C GLU E 474 10.54 8.87 -68.22
N ALA E 475 11.43 8.09 -67.61
CA ALA E 475 11.43 6.64 -67.86
C ALA E 475 10.17 5.99 -67.28
N THR E 476 9.70 6.50 -66.15
CA THR E 476 8.44 6.04 -65.56
C THR E 476 7.26 6.31 -66.49
N LEU E 477 7.22 7.49 -67.10
CA LEU E 477 6.15 7.82 -68.05
C LEU E 477 6.25 7.00 -69.32
N VAL E 478 7.48 6.73 -69.78
CA VAL E 478 7.65 5.92 -70.99
C VAL E 478 7.18 4.49 -70.74
N ALA E 479 7.54 3.92 -69.59
CA ALA E 479 7.11 2.56 -69.28
C ALA E 479 5.64 2.46 -68.92
N LEU E 480 5.05 3.54 -68.39
CA LEU E 480 3.64 3.51 -68.00
C LEU E 480 2.73 3.62 -69.22
N ARG E 481 3.16 4.34 -70.25
CA ARG E 481 2.35 4.52 -71.44
C ARG E 481 2.31 3.30 -72.35
N GLN E 482 3.12 2.29 -72.06
CA GLN E 482 3.25 1.11 -72.92
C GLN E 482 2.29 -0.01 -72.52
N GLN E 483 1.42 0.25 -71.55
CA GLN E 483 0.46 -0.75 -71.06
C GLN E 483 -0.93 -0.41 -71.57
N HIS E 484 -1.87 -1.33 -71.32
CA HIS E 484 -3.24 -1.18 -71.78
C HIS E 484 -3.97 -0.14 -70.93
N LEU E 485 -4.65 0.79 -71.59
CA LEU E 485 -5.38 1.87 -70.93
C LEU E 485 -6.81 1.89 -71.43
N ASP E 486 -7.76 1.94 -70.50
CA ASP E 486 -9.17 2.05 -70.84
C ASP E 486 -9.58 3.51 -70.93
N ARG E 487 -10.72 3.75 -71.59
CA ARG E 487 -11.22 5.11 -71.76
C ARG E 487 -11.80 5.61 -70.44
N GLN E 488 -11.22 6.69 -69.92
CA GLN E 488 -11.67 7.32 -68.68
C GLN E 488 -12.26 8.68 -69.02
N CYS E 489 -13.17 9.15 -68.18
CA CYS E 489 -13.69 10.50 -68.33
C CYS E 489 -12.60 11.51 -67.97
N TYR E 490 -12.60 12.64 -68.69
CA TYR E 490 -11.53 13.63 -68.58
C TYR E 490 -12.00 14.91 -67.92
N PHE E 491 -12.83 14.80 -66.87
CA PHE E 491 -13.33 16.01 -66.22
C PHE E 491 -12.25 16.69 -65.38
N GLY E 492 -11.49 15.91 -64.62
CA GLY E 492 -10.51 16.45 -63.69
C GLY E 492 -9.10 16.60 -64.23
N VAL E 493 -8.88 16.38 -65.53
CA VAL E 493 -7.53 16.42 -66.09
C VAL E 493 -7.49 17.34 -67.31
N TYR E 494 -8.62 17.96 -67.65
CA TYR E 494 -8.72 18.77 -68.86
C TYR E 494 -8.96 20.23 -68.51
N VAL E 495 -8.29 21.11 -69.24
CA VAL E 495 -8.44 22.56 -69.13
C VAL E 495 -8.98 23.07 -70.44
N ALA E 496 -9.98 23.96 -70.37
CA ALA E 496 -10.57 24.56 -71.57
C ALA E 496 -10.15 26.03 -71.68
N GLU E 497 -10.72 26.72 -72.66
CA GLU E 497 -10.42 28.13 -72.90
C GLU E 497 -11.71 28.92 -72.91
N GLY E 498 -11.61 30.22 -72.66
CA GLY E 498 -12.76 31.08 -72.69
C GLY E 498 -13.31 31.27 -74.10
N THR E 499 -14.63 31.49 -74.16
CA THR E 499 -15.34 31.59 -75.44
C THR E 499 -16.02 32.93 -75.62
N GLU E 500 -15.54 33.97 -74.92
CA GLU E 500 -16.02 35.36 -75.04
C GLU E 500 -17.51 35.47 -74.73
N ASP E 501 -17.86 35.16 -73.48
CA ASP E 501 -19.24 35.23 -73.03
C ASP E 501 -19.26 35.92 -71.67
N THR E 502 -20.43 35.91 -71.01
CA THR E 502 -20.66 36.69 -69.81
C THR E 502 -20.83 35.83 -68.57
N LEU E 503 -20.23 34.64 -68.55
CA LEU E 503 -20.18 33.70 -67.43
C LEU E 503 -21.55 33.14 -67.01
N ASP E 504 -22.61 33.51 -67.73
CA ASP E 504 -23.91 32.88 -67.57
C ASP E 504 -24.11 31.79 -68.61
N VAL E 505 -23.77 32.09 -69.86
CA VAL E 505 -23.88 31.12 -70.95
C VAL E 505 -22.84 30.03 -70.80
N GLN E 506 -21.61 30.41 -70.38
CA GLN E 506 -20.52 29.43 -70.25
C GLN E 506 -20.79 28.45 -69.13
N MET E 507 -21.26 28.95 -67.97
CA MET E 507 -21.57 28.08 -66.85
C MET E 507 -22.76 27.19 -67.15
N GLY E 508 -23.75 27.73 -67.87
CA GLY E 508 -24.89 26.91 -68.27
C GLY E 508 -24.52 25.83 -69.26
N ARG E 509 -23.64 26.15 -70.22
CA ARG E 509 -23.15 25.13 -71.16
C ARG E 509 -22.34 24.07 -70.44
N PHE E 510 -21.53 24.48 -69.46
CA PHE E 510 -20.75 23.51 -68.67
C PHE E 510 -21.66 22.60 -67.86
N MET E 511 -22.73 23.15 -67.26
CA MET E 511 -23.66 22.33 -66.51
C MET E 511 -24.43 21.38 -67.41
N GLU E 512 -24.82 21.84 -68.59
CA GLU E 512 -25.53 20.99 -69.54
C GLU E 512 -24.65 19.87 -70.07
N THR E 513 -23.37 20.14 -70.27
CA THR E 513 -22.44 19.09 -70.69
C THR E 513 -22.14 18.14 -69.53
N TRP E 514 -21.96 18.66 -68.32
CA TRP E 514 -21.60 17.90 -67.15
C TRP E 514 -22.76 17.07 -66.60
N ALA E 515 -24.00 17.34 -67.04
CA ALA E 515 -25.13 16.52 -66.64
C ALA E 515 -24.98 15.09 -67.12
N ASP E 516 -24.41 14.88 -68.31
CA ASP E 516 -24.18 13.54 -68.83
C ASP E 516 -22.73 13.28 -69.19
N MET E 517 -21.80 14.17 -68.84
CA MET E 517 -20.38 13.94 -69.11
C MET E 517 -19.82 12.81 -68.25
N MET E 518 -20.22 12.75 -66.98
CA MET E 518 -19.64 11.80 -66.03
C MET E 518 -20.33 10.46 -66.13
N PRO E 519 -19.63 9.37 -66.47
CA PRO E 519 -20.25 8.05 -66.46
C PRO E 519 -19.99 7.24 -65.20
N HIS E 520 -19.12 7.70 -64.30
CA HIS E 520 -18.76 6.94 -63.12
C HIS E 520 -18.22 7.91 -62.06
N HIS E 521 -17.82 7.35 -60.93
CA HIS E 521 -17.27 8.13 -59.82
C HIS E 521 -15.81 8.44 -60.12
N PRO E 522 -15.41 9.71 -60.07
CA PRO E 522 -14.03 10.06 -60.43
C PRO E 522 -13.02 9.56 -59.40
N HIS E 523 -11.81 9.26 -59.88
CA HIS E 523 -10.81 8.63 -59.02
C HIS E 523 -10.19 9.59 -58.02
N TRP E 524 -10.18 10.90 -58.28
CA TRP E 524 -9.53 11.87 -57.40
C TRP E 524 -10.43 12.38 -56.30
N VAL E 525 -11.69 11.95 -56.27
CA VAL E 525 -12.55 12.27 -55.13
C VAL E 525 -12.29 11.33 -53.95
N ASN E 526 -11.96 10.06 -54.23
CA ASN E 526 -11.88 9.02 -53.21
C ASN E 526 -10.69 9.20 -52.28
N GLU E 527 -10.77 10.21 -51.41
CA GLU E 527 -9.78 10.43 -50.37
C GLU E 527 -10.26 9.99 -49.00
N HIS E 528 -11.50 9.48 -48.88
CA HIS E 528 -12.02 9.02 -47.61
C HIS E 528 -11.51 7.63 -47.22
N LEU E 529 -10.78 6.96 -48.11
CA LEU E 529 -10.21 5.67 -47.79
C LEU E 529 -9.13 5.81 -46.73
N THR E 530 -9.03 4.81 -45.85
CA THR E 530 -7.95 4.76 -44.89
C THR E 530 -6.70 4.20 -45.56
N ILE E 531 -5.63 4.05 -44.77
CA ILE E 531 -4.36 3.56 -45.32
C ILE E 531 -4.48 2.09 -45.72
N LEU E 532 -5.23 1.31 -44.94
CA LEU E 532 -5.36 -0.13 -45.23
C LEU E 532 -6.23 -0.37 -46.46
N GLN E 533 -7.17 0.52 -46.74
CA GLN E 533 -8.01 0.37 -47.93
C GLN E 533 -7.34 0.96 -49.16
N PHE E 534 -6.58 2.05 -49.01
CA PHE E 534 -5.79 2.58 -50.12
C PHE E 534 -4.69 1.61 -50.54
N ILE E 535 -4.09 0.93 -49.57
CA ILE E 535 -2.94 0.08 -49.81
C ILE E 535 -3.35 -1.27 -50.40
N ALA E 536 -4.59 -1.69 -50.16
CA ALA E 536 -5.09 -2.99 -50.60
C ALA E 536 -5.11 -3.09 -52.13
N PRO E 537 -4.86 -4.28 -52.68
CA PRO E 537 -4.63 -4.37 -54.14
C PRO E 537 -5.87 -4.18 -55.00
N SER E 538 -7.06 -4.07 -54.41
CA SER E 538 -8.24 -3.77 -55.19
C SER E 538 -8.37 -2.29 -55.54
N ASN E 539 -7.50 -1.45 -55.01
CA ASN E 539 -7.51 -0.03 -55.32
C ASN E 539 -6.98 0.20 -56.73
N PRO E 540 -7.75 0.83 -57.63
CA PRO E 540 -7.25 1.07 -58.99
C PRO E 540 -6.21 2.17 -59.09
N ARG E 541 -6.14 3.08 -58.12
CA ARG E 541 -5.17 4.17 -58.15
C ARG E 541 -3.85 3.82 -57.48
N LEU E 542 -3.67 2.58 -57.05
CA LEU E 542 -2.42 2.19 -56.39
C LEU E 542 -1.27 2.11 -57.38
N ARG E 543 -1.55 1.71 -58.62
CA ARG E 543 -0.49 1.59 -59.62
C ARG E 543 -0.04 2.94 -60.16
N PHE E 544 -0.76 4.02 -59.89
CA PHE E 544 -0.39 5.35 -60.34
C PHE E 544 0.21 6.20 -59.23
N GLU E 545 0.51 5.61 -58.08
CA GLU E 545 1.14 6.31 -56.97
C GLU E 545 2.56 5.76 -56.85
N LEU E 546 3.50 6.42 -57.52
CA LEU E 546 4.89 5.96 -57.58
C LEU E 546 5.87 6.96 -56.98
N ASN E 547 5.83 8.22 -57.42
CA ASN E 547 6.75 9.25 -56.98
C ASN E 547 6.02 10.17 -56.01
N PRO E 548 6.60 10.48 -54.84
CA PRO E 548 5.90 11.36 -53.88
C PRO E 548 5.66 12.78 -54.37
N ALA E 549 6.44 13.28 -55.32
CA ALA E 549 6.29 14.63 -55.81
C ALA E 549 5.56 14.70 -57.14
N PHE E 550 4.93 13.62 -57.58
CA PHE E 550 4.28 13.57 -58.88
C PHE E 550 2.90 12.94 -58.77
N ASP E 551 1.99 13.40 -59.61
CA ASP E 551 0.65 12.85 -59.74
C ASP E 551 0.51 12.22 -61.13
N PHE E 552 0.17 10.94 -61.18
CA PHE E 552 -0.02 10.23 -62.44
C PHE E 552 -1.52 10.04 -62.67
N PHE E 553 -1.99 10.46 -63.84
CA PHE E 553 -3.39 10.29 -64.21
C PHE E 553 -3.46 9.81 -65.65
N VAL E 554 -4.68 9.70 -66.17
CA VAL E 554 -4.93 9.31 -67.55
C VAL E 554 -5.48 10.53 -68.28
N ALA E 555 -4.83 10.89 -69.38
CA ALA E 555 -5.15 12.08 -70.13
C ALA E 555 -5.23 11.75 -71.62
N PRO E 556 -6.00 12.51 -72.40
CA PRO E 556 -5.98 12.30 -73.85
C PRO E 556 -4.65 12.73 -74.46
N GLY E 557 -4.39 12.25 -75.67
CA GLY E 557 -3.14 12.54 -76.35
C GLY E 557 -3.33 13.52 -77.50
N ASP E 558 -2.32 14.39 -77.67
CA ASP E 558 -2.26 15.43 -78.70
C ASP E 558 -3.48 16.35 -78.63
N VAL E 559 -3.71 16.85 -77.42
CA VAL E 559 -4.99 17.48 -77.07
C VAL E 559 -4.69 18.84 -76.46
N ASP E 560 -3.58 19.46 -76.90
CA ASP E 560 -2.72 20.42 -76.18
C ASP E 560 -3.46 21.34 -75.21
N LEU E 561 -3.00 21.36 -73.96
CA LEU E 561 -3.76 21.60 -72.72
C LEU E 561 -4.73 22.79 -72.66
N PRO E 562 -4.52 23.93 -73.36
CA PRO E 562 -5.63 24.89 -73.49
C PRO E 562 -6.83 24.30 -74.22
N GLY E 563 -6.61 23.73 -75.41
CA GLY E 563 -7.60 22.94 -76.10
C GLY E 563 -8.86 23.67 -76.54
N PRO E 564 -9.79 22.95 -77.15
CA PRO E 564 -11.14 23.49 -77.38
C PRO E 564 -12.02 23.27 -76.17
N GLN E 565 -13.26 23.79 -76.26
CA GLN E 565 -14.23 23.60 -75.19
C GLN E 565 -14.69 22.15 -75.12
N ARG E 566 -15.06 21.58 -76.26
CA ARG E 566 -15.42 20.17 -76.32
C ARG E 566 -14.16 19.33 -76.42
N PRO E 567 -13.99 18.31 -75.59
CA PRO E 567 -12.77 17.51 -75.63
C PRO E 567 -12.77 16.58 -76.83
N PRO E 568 -11.78 16.71 -77.72
CA PRO E 568 -11.74 15.83 -78.89
C PRO E 568 -11.37 14.40 -78.51
N GLU E 569 -11.86 13.46 -79.31
CA GLU E 569 -11.55 12.05 -79.08
C GLU E 569 -10.10 11.76 -79.47
N ALA E 570 -9.46 10.90 -78.69
CA ALA E 570 -8.05 10.58 -78.84
C ALA E 570 -7.75 9.30 -78.07
N MET E 571 -6.54 8.79 -78.27
CA MET E 571 -6.05 7.65 -77.50
C MET E 571 -5.59 8.14 -76.13
N PRO E 572 -6.07 7.56 -75.03
CA PRO E 572 -5.64 8.03 -73.71
C PRO E 572 -4.21 7.61 -73.39
N THR E 573 -3.47 8.53 -72.79
CA THR E 573 -2.08 8.30 -72.39
C THR E 573 -1.88 8.73 -70.94
N VAL E 574 -0.85 8.19 -70.32
CA VAL E 574 -0.52 8.51 -68.94
C VAL E 574 0.32 9.78 -68.93
N ASN E 575 -0.16 10.82 -68.25
CA ASN E 575 0.57 12.06 -68.08
C ASN E 575 0.89 12.28 -66.61
N ALA E 576 2.02 12.92 -66.34
CA ALA E 576 2.43 13.24 -64.99
C ALA E 576 2.44 14.75 -64.80
N THR E 577 2.16 15.18 -63.57
CA THR E 577 2.20 16.57 -63.19
C THR E 577 2.90 16.69 -61.84
N LEU E 578 3.25 17.91 -61.47
CA LEU E 578 3.98 18.16 -60.24
C LEU E 578 3.02 18.37 -59.09
N ARG E 579 3.27 17.68 -57.98
CA ARG E 579 2.61 17.99 -56.71
C ARG E 579 3.41 19.11 -56.08
N ILE E 580 2.96 20.35 -56.32
CA ILE E 580 3.72 21.51 -55.86
C ILE E 580 3.68 21.60 -54.34
N ILE E 581 2.51 21.46 -53.76
CA ILE E 581 2.36 21.52 -52.31
C ILE E 581 2.76 20.17 -51.72
N ASN E 582 3.15 20.16 -50.46
CA ASN E 582 3.30 18.89 -49.76
C ASN E 582 2.03 18.47 -49.04
N GLY E 583 1.00 19.33 -49.04
CA GLY E 583 -0.33 18.97 -48.60
C GLY E 583 -1.19 18.36 -49.67
N ASN E 584 -0.71 18.32 -50.92
CA ASN E 584 -1.43 17.66 -52.01
C ASN E 584 -1.19 16.16 -52.03
N ILE E 585 -0.35 15.65 -51.14
CA ILE E 585 -0.24 14.20 -50.94
C ILE E 585 -1.60 13.67 -50.46
N PRO E 586 -2.10 12.55 -50.99
CA PRO E 586 -3.42 12.06 -50.60
C PRO E 586 -3.51 11.72 -49.12
N VAL E 587 -4.68 11.99 -48.55
CA VAL E 587 -4.99 11.88 -47.12
C VAL E 587 -4.72 10.47 -46.56
N PRO E 588 -4.99 9.36 -47.27
CA PRO E 588 -4.49 8.06 -46.76
C PRO E 588 -2.97 7.96 -46.65
N LEU E 589 -2.21 8.74 -47.42
CA LEU E 589 -0.75 8.70 -47.32
C LEU E 589 -0.21 9.79 -46.40
N CYS E 590 -1.00 10.80 -46.08
CA CYS E 590 -0.63 11.84 -45.13
C CYS E 590 -1.90 12.27 -44.42
N PRO E 591 -2.13 11.80 -43.20
CA PRO E 591 -3.47 11.90 -42.60
C PRO E 591 -3.81 13.29 -42.07
N ILE E 592 -5.02 13.41 -41.53
CA ILE E 592 -5.47 14.68 -40.95
C ILE E 592 -4.93 14.84 -39.54
N SER E 593 -4.80 13.75 -38.79
CA SER E 593 -4.27 13.82 -37.43
C SER E 593 -2.81 14.23 -37.42
N PHE E 594 -2.02 13.74 -38.38
CA PHE E 594 -0.62 14.15 -38.51
C PHE E 594 -0.51 15.62 -38.88
N ARG E 595 -1.37 16.08 -39.79
CA ARG E 595 -1.37 17.49 -40.18
C ARG E 595 -1.76 18.40 -39.02
N ASP E 596 -2.72 17.96 -38.20
CA ASP E 596 -3.14 18.75 -37.06
C ASP E 596 -2.07 18.76 -35.96
N CYS E 597 -1.37 17.64 -35.78
CA CYS E 597 -0.27 17.62 -34.81
C CYS E 597 0.90 18.48 -35.27
N ARG E 598 1.19 18.48 -36.57
CA ARG E 598 2.22 19.36 -37.10
C ARG E 598 1.82 20.83 -36.98
N GLY E 599 0.53 21.12 -37.16
CA GLY E 599 0.05 22.47 -36.95
C GLY E 599 0.12 22.91 -35.50
N THR E 600 -0.12 21.98 -34.58
CA THR E 600 0.07 22.27 -33.15
C THR E 600 1.54 22.51 -32.84
N GLN E 601 2.43 21.79 -33.52
CA GLN E 601 3.87 22.04 -33.36
C GLN E 601 4.26 23.41 -33.91
N LEU E 602 3.64 23.83 -35.01
CA LEU E 602 3.98 25.14 -35.59
C LEU E 602 3.46 26.29 -34.73
N GLY E 603 2.22 26.17 -34.25
CA GLY E 603 1.62 27.24 -33.47
C GLY E 603 1.82 27.07 -31.98
N LEU E 604 3.06 26.84 -31.56
CA LEU E 604 3.34 26.63 -30.15
C LEU E 604 3.33 27.94 -29.37
N GLY E 605 4.25 28.85 -29.72
CA GLY E 605 4.34 30.13 -29.06
C GLY E 605 3.87 31.32 -29.87
N ARG E 606 3.22 31.12 -31.00
CA ARG E 606 2.82 32.22 -31.85
C ARG E 606 1.51 32.83 -31.39
N HIS E 607 1.06 33.86 -32.11
CA HIS E 607 -0.15 34.58 -31.75
C HIS E 607 -1.38 33.73 -32.00
N THR E 608 -2.33 33.78 -31.08
CA THR E 608 -3.59 33.07 -31.18
C THR E 608 -4.74 34.05 -31.04
N MET E 609 -5.90 33.66 -31.58
CA MET E 609 -7.09 34.50 -31.55
C MET E 609 -7.84 34.26 -30.24
N THR E 610 -8.23 35.35 -29.58
CA THR E 610 -9.04 35.26 -28.38
C THR E 610 -10.42 34.72 -28.73
N PRO E 611 -11.04 33.91 -27.84
CA PRO E 611 -12.25 33.18 -28.23
C PRO E 611 -13.49 34.04 -28.50
N ALA E 612 -13.49 35.31 -28.09
CA ALA E 612 -14.62 36.17 -28.42
C ALA E 612 -14.71 36.43 -29.93
N THR E 613 -13.57 36.74 -30.55
CA THR E 613 -13.55 36.94 -32.00
C THR E 613 -13.79 35.65 -32.75
N ILE E 614 -13.31 34.53 -32.20
CA ILE E 614 -13.57 33.21 -32.79
C ILE E 614 -15.06 32.91 -32.79
N LYS E 615 -15.72 33.18 -31.67
CA LYS E 615 -17.16 32.97 -31.56
C LYS E 615 -17.95 33.88 -32.50
N ALA E 616 -17.54 35.16 -32.58
CA ALA E 616 -18.27 36.11 -33.42
C ALA E 616 -18.10 35.79 -34.91
N VAL E 617 -16.88 35.48 -35.33
CA VAL E 617 -16.63 35.17 -36.74
C VAL E 617 -17.26 33.83 -37.12
N LYS E 618 -17.23 32.85 -36.22
CA LYS E 618 -17.91 31.58 -36.48
C LYS E 618 -19.42 31.74 -36.54
N ASP E 619 -19.96 32.67 -35.74
CA ASP E 619 -21.39 32.95 -35.80
C ASP E 619 -21.76 33.64 -37.11
N THR E 620 -20.92 34.57 -37.58
CA THR E 620 -21.28 35.29 -38.79
C THR E 620 -20.98 34.48 -40.05
N PHE E 621 -20.14 33.45 -39.96
CA PHE E 621 -19.90 32.59 -41.13
C PHE E 621 -20.96 31.51 -41.25
N GLU E 622 -21.62 31.15 -40.15
CA GLU E 622 -22.74 30.23 -40.17
C GLU E 622 -24.08 30.94 -40.01
N ASP E 623 -24.09 32.25 -40.21
CA ASP E 623 -25.33 33.02 -40.24
C ASP E 623 -25.93 32.86 -41.63
N ARG E 624 -27.02 32.10 -41.73
CA ARG E 624 -27.68 31.90 -43.01
C ARG E 624 -28.59 33.07 -43.39
N ALA E 625 -28.90 33.95 -42.45
CA ALA E 625 -29.70 35.15 -42.72
C ALA E 625 -28.84 36.39 -42.88
N TYR E 626 -27.66 36.24 -43.48
CA TYR E 626 -26.79 37.37 -43.76
C TYR E 626 -27.44 38.26 -44.82
N PRO E 627 -27.60 39.57 -44.55
CA PRO E 627 -28.33 40.42 -45.49
C PRO E 627 -27.57 40.63 -46.80
N THR E 628 -28.33 40.83 -47.87
CA THR E 628 -27.76 41.07 -49.18
C THR E 628 -27.30 42.50 -49.40
N ILE E 629 -27.59 43.39 -48.44
CA ILE E 629 -27.09 44.76 -48.52
C ILE E 629 -25.57 44.79 -48.43
N PHE E 630 -25.01 43.94 -47.56
CA PHE E 630 -23.56 43.86 -47.40
C PHE E 630 -22.91 43.32 -48.68
N TYR E 631 -23.54 42.32 -49.29
CA TYR E 631 -23.01 41.76 -50.54
C TYR E 631 -23.09 42.78 -51.68
N MET E 632 -24.20 43.51 -51.76
CA MET E 632 -24.35 44.53 -52.81
C MET E 632 -23.37 45.67 -52.63
N LEU E 633 -23.16 46.10 -51.38
CA LEU E 633 -22.22 47.18 -51.11
C LEU E 633 -20.79 46.75 -51.38
N GLU E 634 -20.44 45.50 -51.02
CA GLU E 634 -19.10 45.00 -51.31
C GLU E 634 -18.90 44.78 -52.81
N ALA E 635 -19.97 44.52 -53.54
CA ALA E 635 -19.86 44.40 -54.99
C ALA E 635 -19.67 45.76 -55.66
N VAL E 636 -20.41 46.78 -55.21
CA VAL E 636 -20.36 48.08 -55.87
C VAL E 636 -19.08 48.84 -55.51
N ILE E 637 -18.72 48.83 -54.22
CA ILE E 637 -17.50 49.50 -53.78
C ILE E 637 -16.27 48.83 -54.38
N HIS E 638 -16.30 47.49 -54.45
CA HIS E 638 -15.34 46.62 -55.19
C HIS E 638 -13.89 46.87 -54.80
N GLY E 639 -13.67 47.19 -53.52
CA GLY E 639 -12.33 47.34 -52.99
C GLY E 639 -11.54 48.53 -53.51
N ASN E 640 -12.19 49.68 -53.62
CA ASN E 640 -11.55 50.92 -54.02
C ASN E 640 -11.45 51.84 -52.82
N GLU E 641 -10.26 52.43 -52.61
CA GLU E 641 -10.04 53.30 -51.47
C GLU E 641 -10.87 54.57 -51.56
N ARG E 642 -10.96 55.16 -52.76
CA ARG E 642 -11.71 56.40 -52.97
C ARG E 642 -13.22 56.20 -52.88
N ASN E 643 -13.69 54.95 -52.87
CA ASN E 643 -15.10 54.66 -52.70
C ASN E 643 -15.44 54.36 -51.24
N PHE E 644 -14.63 53.53 -50.59
CA PHE E 644 -14.85 53.21 -49.18
C PHE E 644 -14.64 54.44 -48.30
N CYS E 645 -13.62 55.24 -48.60
CA CYS E 645 -13.39 56.44 -47.81
C CYS E 645 -14.46 57.51 -48.05
N ALA E 646 -15.14 57.45 -49.19
CA ALA E 646 -16.31 58.31 -49.40
C ALA E 646 -17.53 57.79 -48.63
N LEU E 647 -17.68 56.47 -48.53
CA LEU E 647 -18.85 55.86 -47.91
C LEU E 647 -18.67 55.55 -46.43
N LEU E 648 -17.87 56.36 -45.73
CA LEU E 648 -17.48 56.04 -44.36
C LEU E 648 -18.67 56.10 -43.41
N ARG E 649 -19.54 57.10 -43.56
CA ARG E 649 -20.67 57.26 -42.65
C ARG E 649 -21.69 56.14 -42.82
N LEU E 650 -22.04 55.82 -44.07
CA LEU E 650 -22.99 54.75 -44.35
C LEU E 650 -22.43 53.40 -43.93
N LEU E 651 -21.13 53.18 -44.16
CA LEU E 651 -20.50 51.92 -43.75
C LEU E 651 -20.46 51.79 -42.23
N THR E 652 -20.18 52.89 -41.52
CA THR E 652 -20.16 52.87 -40.06
C THR E 652 -21.54 52.58 -39.50
N GLN E 653 -22.58 53.22 -40.06
CA GLN E 653 -23.94 52.99 -39.58
C GLN E 653 -24.39 51.57 -39.88
N CYS E 654 -24.04 51.02 -41.04
CA CYS E 654 -24.42 49.65 -41.39
C CYS E 654 -23.72 48.63 -40.50
N ILE E 655 -22.42 48.82 -40.24
CA ILE E 655 -21.68 47.88 -39.41
C ILE E 655 -22.15 47.94 -37.96
N ARG E 656 -22.41 49.16 -37.45
CA ARG E 656 -22.93 49.30 -36.09
C ARG E 656 -24.34 48.70 -35.96
N GLY E 657 -25.19 48.91 -36.97
CA GLY E 657 -26.53 48.36 -36.93
C GLY E 657 -26.55 46.84 -36.99
N TYR E 658 -25.60 46.26 -37.74
CA TYR E 658 -25.51 44.80 -37.74
C TYR E 658 -24.86 44.27 -36.47
N TRP E 659 -23.98 45.05 -35.84
CA TRP E 659 -23.31 44.54 -34.65
C TRP E 659 -24.22 44.59 -33.43
N GLU E 660 -24.69 45.78 -33.05
CA GLU E 660 -25.51 45.83 -31.83
C GLU E 660 -26.99 45.53 -32.07
N GLN E 661 -27.26 44.46 -32.82
CA GLN E 661 -28.57 43.83 -32.88
C GLN E 661 -28.51 42.31 -32.85
N SER E 662 -27.39 41.70 -33.22
CA SER E 662 -27.22 40.26 -33.12
C SER E 662 -25.83 39.84 -32.66
N HIS E 663 -24.95 40.78 -32.34
CA HIS E 663 -23.57 40.54 -31.84
C HIS E 663 -22.75 39.70 -32.82
N ARG E 664 -22.87 40.00 -34.10
CA ARG E 664 -22.12 39.34 -35.15
C ARG E 664 -21.38 40.38 -35.97
N VAL E 665 -20.15 40.07 -36.36
CA VAL E 665 -19.32 41.01 -37.10
C VAL E 665 -19.71 40.96 -38.57
N ALA E 666 -19.61 42.10 -39.24
CA ALA E 666 -19.95 42.21 -40.66
C ALA E 666 -18.69 42.49 -41.47
N PHE E 667 -18.82 42.31 -42.79
CA PHE E 667 -17.81 42.66 -43.80
C PHE E 667 -16.48 41.94 -43.60
N VAL E 668 -16.48 40.78 -42.94
CA VAL E 668 -15.29 39.92 -42.90
C VAL E 668 -15.13 39.09 -44.16
N ASN E 669 -16.03 39.28 -45.13
CA ASN E 669 -15.97 38.57 -46.39
C ASN E 669 -14.75 38.96 -47.21
N ASN E 670 -14.55 40.27 -47.36
CA ASN E 670 -13.54 40.80 -48.26
C ASN E 670 -12.28 41.20 -47.50
N PHE E 671 -11.14 41.06 -48.17
CA PHE E 671 -9.89 41.52 -47.58
C PHE E 671 -9.79 43.04 -47.64
N HIS E 672 -10.16 43.63 -48.79
CA HIS E 672 -10.28 45.07 -48.93
C HIS E 672 -11.61 45.58 -48.39
N MET E 673 -12.01 45.09 -47.25
CA MET E 673 -12.98 45.66 -46.32
C MET E 673 -12.43 45.66 -44.91
N LEU E 674 -11.74 44.58 -44.51
CA LEU E 674 -11.16 44.55 -43.18
C LEU E 674 -9.88 45.39 -43.11
N MET E 675 -9.07 45.42 -44.17
CA MET E 675 -7.97 46.40 -44.21
C MET E 675 -8.48 47.83 -44.15
N TYR E 676 -9.55 48.12 -44.88
CA TYR E 676 -10.05 49.49 -44.90
C TYR E 676 -10.78 49.84 -43.61
N ILE E 677 -11.25 48.84 -42.87
CA ILE E 677 -11.86 49.12 -41.57
C ILE E 677 -10.79 49.38 -40.51
N THR E 678 -9.76 48.51 -40.45
CA THR E 678 -8.71 48.71 -39.45
C THR E 678 -7.87 49.96 -39.71
N THR E 679 -7.67 50.30 -40.99
CA THR E 679 -6.88 51.50 -41.28
C THR E 679 -7.67 52.78 -41.02
N TYR E 680 -8.94 52.83 -41.42
CA TYR E 680 -9.72 54.05 -41.34
C TYR E 680 -10.68 54.08 -40.16
N LEU E 681 -11.57 53.09 -40.06
CA LEU E 681 -12.59 53.08 -39.00
C LEU E 681 -12.10 52.35 -37.75
N GLY E 682 -10.94 52.74 -37.25
CA GLY E 682 -10.37 52.06 -36.10
C GLY E 682 -9.95 52.99 -34.98
N ASN E 683 -10.25 54.27 -35.13
CA ASN E 683 -9.88 55.27 -34.13
C ASN E 683 -10.98 55.52 -33.11
N GLY E 684 -12.12 54.84 -33.24
CA GLY E 684 -13.20 55.03 -32.28
C GLY E 684 -14.55 55.28 -32.91
N GLU E 685 -14.60 55.24 -34.25
CA GLU E 685 -15.87 55.39 -34.96
C GLU E 685 -16.78 54.21 -34.69
N LEU E 686 -16.24 53.01 -34.70
CA LEU E 686 -16.90 51.78 -34.31
C LEU E 686 -16.78 51.57 -32.80
N PRO E 687 -17.64 50.72 -32.21
CA PRO E 687 -17.45 50.37 -30.80
C PRO E 687 -16.18 49.56 -30.59
N GLU E 688 -15.76 49.49 -29.32
CA GLU E 688 -14.46 48.96 -28.95
C GLU E 688 -14.30 47.47 -29.25
N VAL E 689 -15.38 46.71 -29.26
CA VAL E 689 -15.30 45.27 -29.46
C VAL E 689 -15.12 44.91 -30.94
N CYS E 690 -15.79 45.64 -31.83
CA CYS E 690 -15.73 45.35 -33.26
C CYS E 690 -14.33 45.56 -33.81
N ILE E 691 -13.73 46.71 -33.49
CA ILE E 691 -12.37 47.01 -33.95
C ILE E 691 -11.37 46.07 -33.31
N ASN E 692 -11.65 45.58 -32.10
CA ASN E 692 -10.81 44.56 -31.48
C ASN E 692 -10.88 43.25 -32.26
N ILE E 693 -12.07 42.88 -32.74
CA ILE E 693 -12.24 41.67 -33.55
C ILE E 693 -11.47 41.80 -34.86
N TYR E 694 -11.61 42.94 -35.55
CA TYR E 694 -10.92 43.16 -36.82
C TYR E 694 -9.41 43.20 -36.63
N ARG E 695 -8.93 43.85 -35.56
CA ARG E 695 -7.51 43.91 -35.29
C ARG E 695 -6.95 42.55 -34.90
N ASP E 696 -7.76 41.72 -34.22
CA ASP E 696 -7.33 40.37 -33.90
C ASP E 696 -7.19 39.52 -35.16
N LEU E 697 -8.13 39.65 -36.10
CA LEU E 697 -8.02 38.93 -37.37
C LEU E 697 -6.80 39.37 -38.16
N LEU E 698 -6.54 40.68 -38.22
CA LEU E 698 -5.36 41.18 -38.93
C LEU E 698 -4.06 40.76 -38.25
N GLN E 699 -4.06 40.76 -36.91
CA GLN E 699 -2.89 40.31 -36.16
C GLN E 699 -2.62 38.83 -36.40
N HIS E 700 -3.68 38.02 -36.50
CA HIS E 700 -3.49 36.61 -36.80
C HIS E 700 -2.95 36.39 -38.21
N VAL E 701 -3.42 37.19 -39.18
CA VAL E 701 -2.91 37.09 -40.55
C VAL E 701 -1.42 37.45 -40.60
N ARG E 702 -1.04 38.53 -39.93
CA ARG E 702 0.37 38.92 -39.90
C ARG E 702 1.23 37.94 -39.10
N ALA E 703 0.64 37.28 -38.09
CA ALA E 703 1.36 36.23 -37.38
C ALA E 703 1.59 35.02 -38.27
N LEU E 704 0.63 34.69 -39.13
CA LEU E 704 0.83 33.62 -40.10
C LEU E 704 1.92 33.98 -41.10
N ARG E 705 1.97 35.25 -41.52
CA ARG E 705 3.03 35.71 -42.41
C ARG E 705 4.41 35.60 -41.75
N GLN E 706 4.50 36.02 -40.48
CA GLN E 706 5.76 35.91 -39.75
C GLN E 706 6.14 34.45 -39.50
N THR E 707 5.15 33.57 -39.35
CA THR E 707 5.43 32.14 -39.19
C THR E 707 5.99 31.56 -40.49
N ILE E 708 5.49 32.02 -41.64
CA ILE E 708 6.08 31.64 -42.93
C ILE E 708 7.52 32.13 -43.01
N THR E 709 7.76 33.39 -42.65
CA THR E 709 9.11 33.97 -42.71
C THR E 709 10.08 33.27 -41.76
N ASP E 710 9.57 32.74 -40.64
CA ASP E 710 10.42 32.14 -39.62
C ASP E 710 11.04 30.83 -40.09
N PHE E 711 10.34 30.06 -40.93
CA PHE E 711 10.76 28.71 -41.28
C PHE E 711 11.52 28.62 -42.59
N THR E 712 11.95 29.74 -43.17
CA THR E 712 12.82 29.73 -44.33
C THR E 712 14.20 30.24 -43.94
N ILE E 713 15.15 30.09 -44.85
CA ILE E 713 16.50 30.63 -44.70
C ILE E 713 16.70 31.66 -45.81
N GLN E 714 16.97 32.90 -45.40
CA GLN E 714 17.01 34.00 -46.34
C GLN E 714 18.37 34.06 -47.04
N GLY E 715 18.45 34.89 -48.08
CA GLY E 715 19.66 35.09 -48.82
C GLY E 715 19.94 34.07 -49.90
N GLU E 716 19.02 33.15 -50.17
CA GLU E 716 19.18 32.12 -51.19
C GLU E 716 18.10 32.33 -52.25
N GLY E 717 18.42 33.15 -53.25
CA GLY E 717 17.49 33.43 -54.32
C GLY E 717 18.02 33.06 -55.68
N HIS E 718 17.19 32.41 -56.50
CA HIS E 718 17.58 31.96 -57.82
C HIS E 718 16.64 32.56 -58.87
N ASN E 719 17.23 33.23 -59.86
CA ASN E 719 16.54 33.73 -61.06
C ASN E 719 15.40 34.70 -60.72
N GLY E 720 15.69 35.62 -59.81
CA GLY E 720 14.71 36.63 -59.44
C GLY E 720 13.56 36.11 -58.61
N GLU E 721 13.78 35.00 -57.90
CA GLU E 721 12.78 34.43 -57.00
C GLU E 721 13.33 34.48 -55.59
N THR E 722 12.61 35.14 -54.69
CA THR E 722 13.04 35.21 -53.29
C THR E 722 12.86 33.84 -52.62
N SER E 723 13.52 33.69 -51.46
CA SER E 723 13.44 32.43 -50.73
C SER E 723 12.04 32.18 -50.17
N GLU E 724 11.30 33.26 -49.90
CA GLU E 724 9.89 33.13 -49.52
C GLU E 724 9.08 32.53 -50.65
N ALA E 725 9.31 32.97 -51.88
CA ALA E 725 8.60 32.42 -53.03
C ALA E 725 9.17 31.09 -53.47
N LEU E 726 10.34 30.71 -52.96
CA LEU E 726 10.98 29.44 -53.31
C LEU E 726 10.72 28.36 -52.27
N ASN E 727 10.21 28.72 -51.09
CA ASN E 727 9.83 27.74 -50.07
C ASN E 727 8.31 27.61 -49.96
N ASN E 728 7.60 28.72 -49.79
CA ASN E 728 6.16 28.69 -49.55
C ASN E 728 5.42 29.02 -50.84
N ILE E 729 4.09 28.95 -50.77
CA ILE E 729 3.22 29.23 -51.89
C ILE E 729 2.44 30.53 -51.71
N LEU E 730 2.03 30.82 -50.47
CA LEU E 730 1.34 32.07 -50.17
C LEU E 730 2.26 33.29 -50.28
N THR E 731 3.57 33.08 -50.35
CA THR E 731 4.54 34.13 -50.60
C THR E 731 5.09 34.09 -52.02
N ASP E 732 4.42 33.41 -52.93
CA ASP E 732 4.81 33.34 -54.34
C ASP E 732 3.96 34.32 -55.13
N ASP E 733 4.61 35.23 -55.85
CA ASP E 733 3.89 36.27 -56.57
C ASP E 733 3.21 35.73 -57.82
N THR E 734 3.65 34.57 -58.32
CA THR E 734 3.00 33.95 -59.47
C THR E 734 1.61 33.45 -59.11
N PHE E 735 1.46 32.88 -57.92
CA PHE E 735 0.16 32.44 -57.44
C PHE E 735 -0.71 33.64 -57.13
N ILE E 736 -1.99 33.56 -57.50
CA ILE E 736 -2.89 34.69 -57.41
C ILE E 736 -4.06 34.35 -56.50
N ALA E 737 -4.70 35.39 -55.97
CA ALA E 737 -5.88 35.24 -55.14
C ALA E 737 -7.04 34.70 -55.97
N PRO E 738 -7.98 33.97 -55.34
CA PRO E 738 -9.16 33.49 -56.10
C PRO E 738 -10.06 34.62 -56.57
N ILE E 739 -10.06 35.75 -55.88
CA ILE E 739 -10.87 36.90 -56.25
C ILE E 739 -9.93 38.09 -56.44
N LEU E 740 -10.02 38.75 -57.58
CA LEU E 740 -9.20 39.90 -57.88
C LEU E 740 -10.10 41.14 -58.00
N TRP E 741 -9.78 42.16 -57.21
CA TRP E 741 -10.45 43.44 -57.31
C TRP E 741 -9.67 44.48 -58.09
N ASP E 742 -8.34 44.39 -58.08
CA ASP E 742 -7.46 45.28 -58.82
C ASP E 742 -6.59 44.47 -59.76
N CYS E 743 -5.84 45.18 -60.61
CA CYS E 743 -4.91 44.54 -61.54
C CYS E 743 -3.48 44.56 -61.02
N ASP E 744 -3.26 44.90 -59.74
CA ASP E 744 -1.90 44.95 -59.21
C ASP E 744 -1.31 43.57 -59.04
N ALA E 745 -2.15 42.58 -58.69
CA ALA E 745 -1.66 41.22 -58.50
C ALA E 745 -1.17 40.61 -59.81
N LEU E 746 -1.88 40.87 -60.91
CA LEU E 746 -1.44 40.37 -62.22
C LEU E 746 -0.17 41.08 -62.68
N ILE E 747 -0.02 42.37 -62.31
CA ILE E 747 1.20 43.11 -62.65
C ILE E 747 2.40 42.54 -61.90
N TYR E 748 2.22 42.26 -60.60
CA TYR E 748 3.29 41.67 -59.81
C TYR E 748 3.62 40.25 -60.27
N ARG E 749 2.60 39.50 -60.71
CA ARG E 749 2.82 38.17 -61.26
C ARG E 749 3.60 38.22 -62.57
N ASP E 750 3.27 39.18 -63.44
CA ASP E 750 3.94 39.28 -64.73
C ASP E 750 5.38 39.78 -64.58
N GLU E 751 5.61 40.75 -63.70
CA GLU E 751 6.95 41.26 -63.48
C GLU E 751 7.82 40.34 -62.64
N ALA E 752 7.22 39.51 -61.78
CA ALA E 752 8.02 38.76 -60.80
C ALA E 752 8.51 37.44 -61.36
N ALA E 753 7.70 36.77 -62.19
CA ALA E 753 8.10 35.44 -62.65
C ALA E 753 9.18 35.51 -63.72
N ARG E 754 8.81 36.01 -64.91
CA ARG E 754 9.71 36.49 -65.97
C ARG E 754 10.60 35.41 -66.59
N ASP E 755 10.62 34.21 -66.03
CA ASP E 755 11.43 33.12 -66.55
C ASP E 755 10.63 31.83 -66.75
N ARG E 756 9.70 31.53 -65.85
CA ARG E 756 8.71 30.49 -66.08
C ARG E 756 7.66 31.03 -67.03
N LEU E 757 7.47 30.36 -68.16
CA LEU E 757 6.74 30.84 -69.33
C LEU E 757 5.28 31.15 -69.02
N PRO E 758 4.91 32.43 -68.99
CA PRO E 758 3.57 32.81 -68.55
C PRO E 758 2.58 32.92 -69.71
N ALA E 759 1.30 32.76 -69.35
CA ALA E 759 0.20 32.91 -70.29
C ALA E 759 -1.10 33.21 -69.54
N ILE E 760 -1.71 34.35 -69.83
CA ILE E 760 -2.95 34.77 -69.18
C ILE E 760 -4.05 34.79 -70.23
N ARG E 761 -5.16 34.12 -69.94
CA ARG E 761 -6.31 34.04 -70.84
C ARG E 761 -7.49 34.73 -70.15
N VAL E 762 -7.84 35.92 -70.62
CA VAL E 762 -8.93 36.69 -70.01
C VAL E 762 -10.12 36.75 -70.97
N SER E 763 -11.02 35.77 -70.86
CA SER E 763 -12.30 35.72 -71.57
C SER E 763 -12.13 35.85 -73.09
N GLY E 764 -11.47 34.85 -73.66
CA GLY E 764 -11.15 34.93 -75.07
C GLY E 764 -9.69 35.17 -75.36
N ARG E 765 -9.34 36.42 -75.68
CA ARG E 765 -8.00 36.77 -76.12
C ARG E 765 -6.98 36.60 -75.00
N ASN E 766 -5.73 36.44 -75.40
CA ASN E 766 -4.61 36.30 -74.47
C ASN E 766 -4.16 37.67 -73.99
N GLY E 767 -4.01 37.83 -72.69
CA GLY E 767 -3.53 39.09 -72.15
C GLY E 767 -4.66 40.03 -71.80
N TYR E 768 -4.43 40.83 -70.76
CA TYR E 768 -5.39 41.80 -70.27
C TYR E 768 -5.07 43.18 -70.84
N GLN E 769 -5.97 44.13 -70.59
CA GLN E 769 -5.82 45.49 -71.08
C GLN E 769 -5.68 46.53 -69.98
N ALA E 770 -6.42 46.36 -68.87
CA ALA E 770 -6.34 47.20 -67.67
C ALA E 770 -6.64 48.67 -67.97
N LEU E 771 -7.88 48.93 -68.37
CA LEU E 771 -8.35 50.30 -68.58
C LEU E 771 -9.14 50.71 -67.34
N HIS E 772 -8.71 51.79 -66.70
CA HIS E 772 -9.31 52.26 -65.46
C HIS E 772 -10.36 53.32 -65.74
N PHE E 773 -11.10 53.69 -64.70
CA PHE E 773 -12.05 54.80 -64.67
C PHE E 773 -13.15 54.63 -65.74
N VAL E 774 -14.00 53.65 -65.47
CA VAL E 774 -15.23 53.48 -66.22
C VAL E 774 -16.32 54.20 -65.45
N ASP E 775 -16.86 55.26 -66.05
CA ASP E 775 -17.84 56.13 -65.41
C ASP E 775 -19.24 55.84 -65.93
N MET E 776 -20.18 56.71 -65.59
CA MET E 776 -21.60 56.49 -65.89
C MET E 776 -21.90 56.59 -67.38
N ALA E 777 -21.17 57.46 -68.09
CA ALA E 777 -21.53 57.76 -69.48
C ALA E 777 -21.20 56.59 -70.41
N GLY E 778 -20.04 55.97 -70.22
CA GLY E 778 -19.57 54.94 -71.12
C GLY E 778 -19.38 53.58 -70.47
N HIS E 779 -20.36 53.14 -69.67
CA HIS E 779 -20.16 51.95 -68.84
C HIS E 779 -20.06 50.68 -69.70
N ASN E 780 -20.99 50.48 -70.64
CA ASN E 780 -20.98 49.37 -71.60
C ASN E 780 -20.98 48.01 -70.89
N PHE E 781 -22.12 47.73 -70.25
CA PHE E 781 -22.27 46.52 -69.44
C PHE E 781 -22.09 45.24 -70.25
N GLN E 782 -22.49 45.26 -71.51
CA GLN E 782 -22.35 44.08 -72.39
C GLN E 782 -21.05 44.14 -73.19
N ARG E 783 -19.95 44.40 -72.48
CA ARG E 783 -18.64 44.45 -73.12
C ARG E 783 -18.10 43.06 -73.37
N ARG E 784 -17.54 42.85 -74.55
CA ARG E 784 -17.00 41.57 -74.96
C ARG E 784 -15.49 41.58 -75.13
N ASP E 785 -14.81 42.64 -74.72
CA ASP E 785 -13.36 42.75 -74.87
C ASP E 785 -12.66 42.02 -73.72
N ASN E 786 -11.34 42.16 -73.65
CA ASN E 786 -10.55 41.71 -72.52
C ASN E 786 -10.15 42.85 -71.59
N VAL E 787 -11.01 43.86 -71.49
CA VAL E 787 -10.71 45.07 -70.74
C VAL E 787 -11.10 44.87 -69.28
N LEU E 788 -10.15 45.10 -68.39
CA LEU E 788 -10.37 44.98 -66.95
C LEU E 788 -10.32 46.36 -66.31
N ILE E 789 -11.13 46.58 -65.30
CA ILE E 789 -11.20 47.87 -64.61
C ILE E 789 -10.17 47.84 -63.49
N HIS E 790 -9.27 48.82 -63.48
CA HIS E 790 -8.26 48.89 -62.43
C HIS E 790 -8.73 49.76 -61.26
N GLY E 791 -9.57 50.75 -61.54
CA GLY E 791 -10.03 51.67 -60.52
C GLY E 791 -9.24 52.96 -60.52
N ARG E 792 -9.79 53.95 -59.83
CA ARG E 792 -9.16 55.27 -59.76
C ARG E 792 -7.98 55.23 -58.81
N PRO E 793 -6.77 55.61 -59.25
CA PRO E 793 -5.64 55.65 -58.33
C PRO E 793 -5.76 56.77 -57.32
N VAL E 794 -5.05 56.61 -56.20
CA VAL E 794 -5.12 57.60 -55.12
C VAL E 794 -4.12 58.72 -55.37
N ARG E 795 -2.85 58.37 -55.56
CA ARG E 795 -1.79 59.37 -55.74
C ARG E 795 -1.54 59.63 -57.22
N GLY E 796 -2.45 60.37 -57.84
CA GLY E 796 -2.25 60.77 -59.22
C GLY E 796 -3.57 61.06 -59.91
N ASP E 797 -3.49 61.17 -61.23
CA ASP E 797 -4.64 61.40 -62.08
C ASP E 797 -4.82 60.23 -63.04
N THR E 798 -6.06 60.03 -63.47
CA THR E 798 -6.41 58.90 -64.33
C THR E 798 -5.73 58.99 -65.70
N GLY E 799 -6.09 59.99 -66.49
CA GLY E 799 -5.51 60.15 -67.81
C GLY E 799 -5.93 59.07 -68.79
N GLN E 800 -5.24 59.05 -69.93
CA GLN E 800 -5.43 58.03 -70.94
C GLN E 800 -4.13 57.33 -71.32
N ALA E 801 -3.04 58.08 -71.47
CA ALA E 801 -1.75 57.52 -71.83
C ALA E 801 -0.90 57.13 -70.62
N ILE E 802 -1.35 57.46 -69.42
CA ILE E 802 -0.60 57.11 -68.20
C ILE E 802 -0.74 55.61 -67.96
N PRO E 803 0.36 54.86 -67.83
CA PRO E 803 0.25 53.42 -67.64
C PRO E 803 -0.20 53.07 -66.23
N ILE E 804 -0.61 51.80 -66.08
CA ILE E 804 -1.22 51.36 -64.84
C ILE E 804 -0.15 51.10 -63.79
N THR E 805 -0.30 51.75 -62.62
CA THR E 805 0.55 51.47 -61.50
C THR E 805 -0.17 50.57 -60.50
N PRO E 806 0.55 49.77 -59.71
CA PRO E 806 -0.11 49.01 -58.65
C PRO E 806 -0.62 49.92 -57.55
N HIS E 807 -1.78 49.56 -56.98
CA HIS E 807 -2.37 50.36 -55.91
C HIS E 807 -1.58 50.23 -54.62
N HIS E 808 -1.22 49.01 -54.25
CA HIS E 808 -0.65 48.73 -52.94
C HIS E 808 0.68 48.01 -53.07
N ASP E 809 1.24 47.66 -51.91
CA ASP E 809 2.55 47.06 -51.83
C ASP E 809 2.49 45.59 -52.24
N ARG E 810 3.68 44.97 -52.33
CA ARG E 810 3.77 43.54 -52.60
C ARG E 810 3.26 42.72 -51.41
N GLU E 811 3.35 43.26 -50.21
CA GLU E 811 2.92 42.54 -49.01
C GLU E 811 1.40 42.38 -48.96
N TRP E 812 0.67 43.27 -49.65
CA TRP E 812 -0.79 43.17 -49.71
C TRP E 812 -1.24 41.88 -50.39
N GLY E 813 -0.57 41.52 -51.50
CA GLY E 813 -0.91 40.28 -52.18
C GLY E 813 -0.60 39.05 -51.34
N ILE E 814 0.50 39.10 -50.57
CA ILE E 814 0.87 38.01 -49.69
C ILE E 814 -0.17 37.83 -48.58
N LEU E 815 -0.59 38.95 -47.97
CA LEU E 815 -1.58 38.88 -46.91
C LEU E 815 -2.95 38.48 -47.46
N SER E 816 -3.26 38.88 -48.71
CA SER E 816 -4.51 38.49 -49.34
C SER E 816 -4.56 37.00 -49.61
N LYS E 817 -3.46 36.44 -50.12
CA LYS E 817 -3.39 35.01 -50.35
C LYS E 817 -3.47 34.23 -49.04
N ILE E 818 -2.78 34.73 -48.00
CA ILE E 818 -2.80 34.08 -46.69
C ILE E 818 -4.20 34.07 -46.11
N TYR E 819 -4.89 35.22 -46.18
CA TYR E 819 -6.26 35.33 -45.67
C TYR E 819 -7.22 34.43 -46.42
N TYR E 820 -7.24 34.54 -47.76
CA TYR E 820 -8.21 33.81 -48.57
C TYR E 820 -7.96 32.30 -48.55
N TYR E 821 -6.71 31.86 -48.38
CA TYR E 821 -6.42 30.44 -48.42
C TYR E 821 -6.24 29.81 -47.04
N ILE E 822 -6.29 30.59 -45.95
CA ILE E 822 -6.20 29.98 -44.64
C ILE E 822 -7.40 30.34 -43.78
N VAL E 823 -7.66 31.65 -43.61
CA VAL E 823 -8.63 32.08 -42.60
C VAL E 823 -10.05 31.79 -43.05
N ILE E 824 -10.35 32.02 -44.33
CA ILE E 824 -11.70 31.73 -44.85
C ILE E 824 -12.06 30.24 -44.81
N PRO E 825 -11.21 29.29 -45.25
CA PRO E 825 -11.62 27.88 -45.11
C PRO E 825 -11.53 27.36 -43.68
N ALA E 826 -10.79 28.01 -42.79
CA ALA E 826 -10.74 27.54 -41.41
C ALA E 826 -12.02 27.90 -40.66
N PHE E 827 -12.71 28.96 -41.07
CA PHE E 827 -13.95 29.39 -40.44
C PHE E 827 -15.18 28.87 -41.17
N SER E 828 -15.20 28.94 -42.50
CA SER E 828 -16.38 28.51 -43.24
C SER E 828 -16.46 26.99 -43.32
N ARG E 829 -15.30 26.32 -43.39
CA ARG E 829 -15.16 24.86 -43.48
C ARG E 829 -15.88 24.29 -44.70
N GLY E 830 -15.49 24.79 -45.87
CA GLY E 830 -15.98 24.26 -47.13
C GLY E 830 -17.43 24.56 -47.43
N SER E 831 -18.02 25.55 -46.79
CA SER E 831 -19.40 25.93 -47.06
C SER E 831 -19.51 27.21 -47.88
N CYS E 832 -18.48 28.06 -47.83
CA CYS E 832 -18.49 29.29 -48.63
C CYS E 832 -18.24 28.97 -50.09
N CYS E 833 -18.87 29.74 -50.97
CA CYS E 833 -18.76 29.56 -52.41
C CYS E 833 -18.48 30.89 -53.08
N THR E 834 -17.60 30.86 -54.08
CA THR E 834 -17.25 32.05 -54.85
C THR E 834 -18.16 32.17 -56.07
N MET E 835 -18.74 33.35 -56.28
CA MET E 835 -19.59 33.59 -57.43
C MET E 835 -19.33 34.94 -58.06
N GLY E 836 -19.84 35.09 -59.28
CA GLY E 836 -19.84 36.38 -59.94
C GLY E 836 -21.06 37.21 -59.58
N VAL E 837 -21.13 38.39 -60.18
CA VAL E 837 -22.21 39.34 -59.90
C VAL E 837 -22.84 39.77 -61.22
N ARG E 838 -24.06 40.26 -61.12
CA ARG E 838 -24.85 40.74 -62.28
C ARG E 838 -24.99 42.25 -62.12
N TYR E 839 -24.04 42.99 -62.70
CA TYR E 839 -24.03 44.45 -62.53
C TYR E 839 -25.14 45.12 -63.32
N ASP E 840 -25.57 44.51 -64.42
CA ASP E 840 -26.65 45.09 -65.21
C ASP E 840 -27.99 45.01 -64.51
N ARG E 841 -28.12 44.13 -63.52
CA ARG E 841 -29.30 44.07 -62.67
C ARG E 841 -29.07 44.68 -61.30
N LEU E 842 -27.83 44.96 -60.91
CA LEU E 842 -27.59 45.47 -59.57
C LEU E 842 -27.59 46.99 -59.56
N TYR E 843 -26.96 47.61 -60.55
CA TYR E 843 -26.90 49.07 -60.61
C TYR E 843 -28.26 49.77 -60.79
N PRO E 844 -29.20 49.32 -61.64
CA PRO E 844 -30.52 49.99 -61.64
C PRO E 844 -31.32 49.79 -60.37
N ALA E 845 -31.00 48.78 -59.56
CA ALA E 845 -31.64 48.63 -58.26
C ALA E 845 -31.04 49.54 -57.21
N LEU E 846 -29.97 50.27 -57.54
CA LEU E 846 -29.31 51.19 -56.64
C LEU E 846 -29.68 52.65 -56.91
N GLN E 847 -30.54 52.90 -57.90
CA GLN E 847 -30.92 54.25 -58.30
C GLN E 847 -32.16 54.77 -57.58
N ALA E 848 -32.87 53.93 -56.84
CA ALA E 848 -34.13 54.31 -56.22
C ALA E 848 -33.89 54.56 -54.74
N VAL E 849 -33.49 55.79 -54.41
CA VAL E 849 -33.35 56.24 -53.03
C VAL E 849 -34.37 57.35 -52.80
N ILE E 850 -35.13 57.23 -51.71
CA ILE E 850 -36.34 58.02 -51.51
C ILE E 850 -36.12 58.95 -50.32
N VAL E 851 -34.89 59.46 -50.19
CA VAL E 851 -34.57 60.45 -49.16
C VAL E 851 -35.39 61.71 -49.43
N PRO E 852 -36.23 62.14 -48.50
CA PRO E 852 -37.17 63.23 -48.77
C PRO E 852 -36.49 64.58 -48.63
N GLU E 853 -37.25 65.63 -48.95
CA GLU E 853 -36.78 67.00 -48.79
C GLU E 853 -37.07 67.46 -47.37
N ILE E 854 -36.06 68.03 -46.72
CA ILE E 854 -36.17 68.56 -45.36
C ILE E 854 -35.96 70.06 -45.42
N PRO E 855 -36.82 70.86 -44.80
CA PRO E 855 -36.63 72.33 -44.83
C PRO E 855 -35.40 72.75 -44.06
N ALA E 856 -34.85 73.90 -44.47
CA ALA E 856 -33.64 74.43 -43.86
C ALA E 856 -33.93 74.92 -42.44
N ASP E 857 -32.85 75.04 -41.66
CA ASP E 857 -32.88 75.40 -40.23
C ASP E 857 -33.74 74.44 -39.42
N GLU E 858 -33.70 73.15 -39.78
CA GLU E 858 -34.41 72.11 -39.07
C GLU E 858 -33.49 70.92 -38.85
N GLU E 859 -33.62 70.27 -37.69
CA GLU E 859 -32.74 69.16 -37.36
C GLU E 859 -33.08 67.93 -38.18
N ALA E 860 -32.04 67.18 -38.56
CA ALA E 860 -32.24 65.95 -39.33
C ALA E 860 -32.80 64.86 -38.43
N PRO E 861 -33.72 64.02 -38.92
CA PRO E 861 -34.27 62.96 -38.08
C PRO E 861 -33.25 61.85 -37.84
N THR E 862 -33.26 61.32 -36.61
CA THR E 862 -32.39 60.21 -36.23
C THR E 862 -33.16 58.91 -36.10
N THR E 863 -34.19 58.88 -35.26
CA THR E 863 -35.05 57.71 -35.11
C THR E 863 -35.98 57.61 -36.32
N PRO E 864 -36.38 56.39 -36.71
CA PRO E 864 -37.35 56.23 -37.80
C PRO E 864 -38.80 56.34 -37.39
N GLU E 865 -39.11 56.87 -36.21
CA GLU E 865 -40.50 56.99 -35.78
C GLU E 865 -41.22 58.13 -36.52
N ASP E 866 -40.55 59.27 -36.66
CA ASP E 866 -41.17 60.41 -37.34
C ASP E 866 -41.23 60.17 -38.86
N PRO E 867 -42.21 60.76 -39.54
CA PRO E 867 -42.35 60.50 -40.99
C PRO E 867 -41.25 61.08 -41.86
N ARG E 868 -40.42 61.99 -41.34
CA ARG E 868 -39.36 62.59 -42.15
C ARG E 868 -38.18 61.64 -42.38
N HIS E 869 -38.12 60.53 -41.66
CA HIS E 869 -37.03 59.57 -41.86
C HIS E 869 -37.21 58.84 -43.18
N PRO E 870 -36.11 58.52 -43.87
CA PRO E 870 -36.23 57.73 -45.12
C PRO E 870 -36.74 56.32 -44.89
N LEU E 871 -36.49 55.73 -43.73
CA LEU E 871 -36.89 54.36 -43.44
C LEU E 871 -38.21 54.28 -42.70
N HIS E 872 -38.97 55.38 -42.64
CA HIS E 872 -40.32 55.34 -42.09
C HIS E 872 -41.25 54.58 -43.03
N ALA E 873 -42.37 54.12 -42.48
CA ALA E 873 -43.33 53.33 -43.26
C ALA E 873 -44.00 54.16 -44.36
N HIS E 874 -44.03 55.48 -44.20
CA HIS E 874 -44.54 56.35 -45.26
C HIS E 874 -43.64 56.36 -46.49
N GLN E 875 -42.32 56.31 -46.29
CA GLN E 875 -41.36 56.38 -47.38
C GLN E 875 -40.89 55.00 -47.82
N LEU E 876 -41.59 53.94 -47.43
CA LEU E 876 -41.21 52.58 -47.79
C LEU E 876 -41.99 52.13 -49.03
N VAL E 877 -41.75 52.86 -50.12
CA VAL E 877 -42.30 52.54 -51.42
C VAL E 877 -41.61 51.28 -51.92
N PRO E 878 -42.33 50.34 -52.54
CA PRO E 878 -41.70 49.09 -53.01
C PRO E 878 -40.69 49.33 -54.13
N ASN E 879 -39.75 48.38 -54.24
CA ASN E 879 -38.73 48.33 -55.30
C ASN E 879 -37.83 49.57 -55.24
N SER E 880 -37.27 49.82 -54.06
CA SER E 880 -36.33 50.90 -53.85
C SER E 880 -35.25 50.42 -52.91
N LEU E 881 -34.25 51.27 -52.66
CA LEU E 881 -33.21 50.90 -51.71
C LEU E 881 -33.70 50.95 -50.27
N ASN E 882 -34.81 51.66 -50.03
CA ASN E 882 -35.33 51.81 -48.67
C ASN E 882 -35.91 50.48 -48.16
N VAL E 883 -36.66 49.77 -49.00
CA VAL E 883 -37.16 48.47 -48.60
C VAL E 883 -36.03 47.45 -48.54
N TYR E 884 -34.98 47.65 -49.35
CA TYR E 884 -33.79 46.82 -49.27
C TYR E 884 -33.09 46.95 -47.93
N PHE E 885 -32.99 48.18 -47.40
CA PHE E 885 -32.41 48.38 -46.09
C PHE E 885 -33.34 47.98 -44.96
N HIS E 886 -34.65 48.15 -45.15
CA HIS E 886 -35.61 47.80 -44.11
C HIS E 886 -35.81 46.29 -43.99
N ASN E 887 -35.49 45.53 -45.05
CA ASN E 887 -35.53 44.08 -44.95
C ASN E 887 -34.47 43.54 -44.01
N ALA E 888 -33.35 44.25 -43.88
CA ALA E 888 -32.28 43.85 -42.97
C ALA E 888 -32.43 44.48 -41.59
N HIS E 889 -33.48 45.28 -41.37
CA HIS E 889 -33.78 45.94 -40.10
C HIS E 889 -32.62 46.83 -39.64
N LEU E 890 -32.04 47.57 -40.58
CA LEU E 890 -30.98 48.52 -40.30
C LEU E 890 -31.51 49.94 -40.36
N THR E 891 -30.79 50.85 -39.71
CA THR E 891 -31.14 52.27 -39.67
C THR E 891 -30.02 53.08 -40.28
N VAL E 892 -30.35 53.90 -41.29
CA VAL E 892 -29.39 54.80 -41.92
C VAL E 892 -30.05 56.18 -42.06
N ASP E 893 -29.21 57.20 -42.20
CA ASP E 893 -29.67 58.57 -42.32
C ASP E 893 -29.90 58.92 -43.79
N GLY E 894 -30.10 60.20 -44.07
CA GLY E 894 -30.37 60.65 -45.42
C GLY E 894 -29.12 60.78 -46.29
N ASP E 895 -28.11 61.50 -45.80
CA ASP E 895 -26.89 61.71 -46.56
C ASP E 895 -26.08 60.42 -46.71
N ALA E 896 -26.23 59.50 -45.75
CA ALA E 896 -25.61 58.19 -45.88
C ALA E 896 -26.19 57.43 -47.08
N LEU E 897 -27.49 57.58 -47.33
CA LEU E 897 -28.08 57.03 -48.54
C LEU E 897 -27.76 57.88 -49.76
N LEU E 898 -27.47 59.17 -49.57
CA LEU E 898 -27.16 60.04 -50.70
C LEU E 898 -25.72 59.90 -51.18
N THR E 899 -24.86 59.23 -50.40
CA THR E 899 -23.48 59.02 -50.79
C THR E 899 -23.32 58.05 -51.97
N LEU E 900 -24.39 57.33 -52.32
CA LEU E 900 -24.34 56.39 -53.43
C LEU E 900 -24.12 57.10 -54.76
N GLN E 901 -24.61 58.34 -54.89
CA GLN E 901 -24.41 59.11 -56.10
C GLN E 901 -22.94 59.48 -56.31
N GLU E 902 -22.23 59.77 -55.22
CA GLU E 902 -20.79 60.00 -55.32
C GLU E 902 -20.02 58.70 -55.48
N LEU E 903 -20.56 57.59 -54.97
CA LEU E 903 -19.99 56.27 -55.24
C LEU E 903 -20.06 55.93 -56.72
N MET E 904 -21.10 56.43 -57.40
CA MET E 904 -21.44 56.06 -58.77
C MET E 904 -20.40 56.54 -59.80
N GLY E 905 -19.47 57.42 -59.42
CA GLY E 905 -18.51 57.94 -60.38
C GLY E 905 -17.49 56.91 -60.83
N ASP E 906 -17.28 55.86 -60.05
CA ASP E 906 -16.46 54.73 -60.44
C ASP E 906 -17.38 53.51 -60.48
N MET E 907 -17.43 52.84 -61.63
CA MET E 907 -18.29 51.70 -61.83
C MET E 907 -17.48 50.49 -62.28
N ALA E 908 -18.05 49.31 -62.08
CA ALA E 908 -17.50 48.06 -62.56
C ALA E 908 -18.45 47.48 -63.60
N GLU E 909 -17.88 46.93 -64.68
CA GLU E 909 -18.70 46.49 -65.80
C GLU E 909 -19.30 45.11 -65.55
N ARG E 910 -18.46 44.10 -65.42
CA ARG E 910 -18.90 42.73 -65.29
C ARG E 910 -17.76 41.90 -64.70
N THR E 911 -18.10 40.72 -64.20
CA THR E 911 -17.09 39.78 -63.73
C THR E 911 -16.64 38.87 -64.86
N THR E 912 -15.37 38.51 -64.86
CA THR E 912 -14.79 37.68 -65.90
C THR E 912 -13.90 36.61 -65.27
N ALA E 913 -13.74 35.51 -66.00
CA ALA E 913 -12.95 34.38 -65.53
C ALA E 913 -11.55 34.48 -66.12
N ILE E 914 -10.55 34.49 -65.25
CA ILE E 914 -9.16 34.64 -65.65
C ILE E 914 -8.44 33.32 -65.40
N LEU E 915 -7.82 32.77 -66.44
CA LEU E 915 -7.05 31.54 -66.35
C LEU E 915 -5.60 31.86 -66.69
N VAL E 916 -4.71 31.70 -65.71
CA VAL E 916 -3.30 31.98 -65.90
C VAL E 916 -2.54 30.66 -65.92
N SER E 917 -1.32 30.71 -66.45
CA SER E 917 -0.48 29.52 -66.57
C SER E 917 0.97 29.88 -66.35
N SER E 918 1.73 28.93 -65.83
CA SER E 918 3.15 29.14 -65.59
C SER E 918 3.86 27.79 -65.51
N ALA E 919 5.13 27.80 -65.92
CA ALA E 919 6.00 26.66 -65.71
C ALA E 919 6.36 26.55 -64.22
N PRO E 920 6.79 25.38 -63.75
CA PRO E 920 7.25 25.27 -62.36
C PRO E 920 8.51 26.09 -62.12
N ASP E 921 8.71 26.47 -60.85
CA ASP E 921 9.75 27.42 -60.47
C ASP E 921 11.14 26.82 -60.64
N ALA E 922 12.15 27.70 -60.49
CA ALA E 922 13.53 27.36 -60.80
C ALA E 922 14.12 26.33 -59.85
N GLY E 923 13.51 26.11 -58.69
CA GLY E 923 13.98 25.05 -57.80
C GLY E 923 13.74 23.66 -58.36
N ALA E 924 12.59 23.44 -59.00
CA ALA E 924 12.22 22.15 -59.53
C ALA E 924 12.04 22.17 -61.05
N ALA E 925 12.81 23.02 -61.74
CA ALA E 925 12.73 23.13 -63.19
C ALA E 925 13.86 22.33 -63.82
N THR E 926 13.60 21.08 -64.16
CA THR E 926 14.51 20.25 -64.93
C THR E 926 14.04 20.20 -66.38
N ALA E 927 14.66 19.31 -67.17
CA ALA E 927 14.44 19.30 -68.61
C ALA E 927 13.06 18.82 -68.99
N THR E 928 12.40 18.03 -68.15
CA THR E 928 11.11 17.45 -68.49
C THR E 928 9.93 17.99 -67.69
N THR E 929 10.18 18.54 -66.49
CA THR E 929 9.10 19.06 -65.67
C THR E 929 8.63 20.45 -66.15
N ARG E 930 9.44 21.13 -66.97
CA ARG E 930 9.07 22.44 -67.49
C ARG E 930 7.84 22.36 -68.40
N ASN E 931 7.63 21.23 -69.08
CA ASN E 931 6.44 21.04 -69.89
C ASN E 931 5.18 20.79 -69.06
N MET E 932 5.31 20.60 -67.75
CA MET E 932 4.16 20.37 -66.88
C MET E 932 3.70 21.71 -66.32
N ARG E 933 3.00 22.47 -67.15
CA ARG E 933 2.47 23.75 -66.76
C ARG E 933 1.29 23.58 -65.80
N ILE E 934 1.03 24.61 -65.01
CA ILE E 934 -0.03 24.58 -64.01
C ILE E 934 -1.06 25.66 -64.33
N TYR E 935 -2.33 25.29 -64.29
CA TYR E 935 -3.43 26.17 -64.66
C TYR E 935 -4.35 26.34 -63.44
N ASP E 936 -4.35 27.54 -62.87
CA ASP E 936 -5.28 27.87 -61.79
C ASP E 936 -6.08 29.10 -62.16
N GLY E 937 -7.33 29.14 -61.70
CA GLY E 937 -8.27 30.16 -62.12
C GLY E 937 -8.57 31.16 -61.01
N ALA E 938 -9.14 32.28 -61.44
CA ALA E 938 -9.55 33.34 -60.52
C ALA E 938 -10.72 34.09 -61.13
N LEU E 939 -11.48 34.76 -60.27
CA LEU E 939 -12.64 35.54 -60.70
C LEU E 939 -12.34 37.02 -60.45
N TYR E 940 -12.20 37.77 -61.53
CA TYR E 940 -12.09 39.22 -61.43
C TYR E 940 -13.46 39.80 -61.08
N HIS E 941 -13.49 40.66 -60.05
CA HIS E 941 -14.70 41.33 -59.57
C HIS E 941 -15.79 40.34 -59.13
N GLY E 942 -15.38 39.19 -58.61
CA GLY E 942 -16.32 38.20 -58.11
C GLY E 942 -16.57 38.34 -56.62
N LEU E 943 -17.50 37.53 -56.12
CA LEU E 943 -17.90 37.61 -54.72
C LEU E 943 -17.95 36.22 -54.10
N ILE E 944 -17.65 36.17 -52.80
CA ILE E 944 -17.81 34.98 -51.99
C ILE E 944 -18.97 35.23 -51.04
N MET E 945 -19.91 34.31 -50.95
CA MET E 945 -20.88 34.36 -49.86
C MET E 945 -20.65 33.20 -48.90
N MET E 946 -20.74 33.50 -47.61
CA MET E 946 -20.31 32.57 -46.57
C MET E 946 -21.32 31.44 -46.39
N ALA E 947 -22.62 31.75 -46.46
CA ALA E 947 -23.66 30.76 -46.28
C ALA E 947 -24.83 31.09 -47.20
N TYR E 948 -25.48 30.04 -47.70
CA TYR E 948 -26.55 30.17 -48.69
C TYR E 948 -27.89 29.90 -48.04
N GLN E 949 -28.82 30.85 -48.19
CA GLN E 949 -30.21 30.66 -47.80
C GLN E 949 -31.02 30.34 -49.06
N ALA E 950 -31.51 29.12 -49.15
CA ALA E 950 -32.36 28.71 -50.27
C ALA E 950 -33.83 29.01 -50.01
N TYR E 951 -34.17 29.46 -48.80
CA TYR E 951 -35.57 29.66 -48.41
C TYR E 951 -35.90 31.11 -48.09
N ASP E 952 -35.03 32.06 -48.45
CA ASP E 952 -35.33 33.48 -48.29
C ASP E 952 -36.13 33.90 -49.50
N GLU E 953 -37.43 34.05 -49.33
CA GLU E 953 -38.33 34.21 -50.47
C GLU E 953 -38.58 35.67 -50.82
N THR E 954 -37.97 36.62 -50.11
CA THR E 954 -38.19 38.03 -50.40
C THR E 954 -37.37 38.51 -51.58
N ILE E 955 -36.38 37.73 -52.01
CA ILE E 955 -35.56 38.04 -53.17
C ILE E 955 -35.55 36.83 -54.08
N ALA E 956 -35.85 37.03 -55.37
CA ALA E 956 -35.83 35.94 -56.33
C ALA E 956 -34.41 35.41 -56.49
N THR E 957 -34.29 34.09 -56.60
CA THR E 957 -32.99 33.45 -56.64
C THR E 957 -32.28 33.72 -57.97
N GLY E 958 -30.97 33.93 -57.89
CA GLY E 958 -30.20 34.23 -59.08
C GLY E 958 -30.40 35.62 -59.64
N THR E 959 -30.90 36.56 -58.83
CA THR E 959 -31.12 37.91 -59.32
C THR E 959 -29.80 38.67 -59.49
N PHE E 960 -28.91 38.56 -58.52
CA PHE E 960 -27.65 39.28 -58.53
C PHE E 960 -26.43 38.39 -58.66
N PHE E 961 -26.44 37.22 -58.02
CA PHE E 961 -25.26 36.36 -57.95
C PHE E 961 -25.56 34.99 -58.53
N TYR E 962 -24.63 34.50 -59.36
CA TYR E 962 -24.77 33.20 -60.02
C TYR E 962 -23.52 32.38 -59.76
N PRO E 963 -23.66 31.11 -59.36
CA PRO E 963 -22.52 30.34 -58.82
C PRO E 963 -21.52 29.94 -59.89
N VAL E 964 -20.31 30.49 -59.79
CA VAL E 964 -19.16 30.07 -60.61
C VAL E 964 -18.05 29.67 -59.65
N PRO E 965 -18.04 28.43 -59.16
CA PRO E 965 -17.05 28.04 -58.14
C PRO E 965 -15.72 27.68 -58.78
N VAL E 966 -14.67 28.42 -58.41
CA VAL E 966 -13.33 28.03 -58.81
C VAL E 966 -12.40 27.97 -57.59
N ASN E 967 -12.38 26.78 -56.95
CA ASN E 967 -11.39 26.20 -56.05
C ASN E 967 -11.94 24.85 -55.61
N PRO E 968 -11.09 23.88 -55.25
CA PRO E 968 -11.58 22.76 -54.43
C PRO E 968 -12.06 23.21 -53.07
N LEU E 969 -11.45 24.25 -52.50
CA LEU E 969 -11.89 24.77 -51.20
C LEU E 969 -13.24 25.48 -51.31
N PHE E 970 -13.41 26.30 -52.34
CA PHE E 970 -14.57 27.16 -52.47
C PHE E 970 -15.66 26.57 -53.35
N ALA E 971 -15.63 25.26 -53.58
CA ALA E 971 -16.72 24.60 -54.27
C ALA E 971 -17.96 24.57 -53.39
N CYS E 972 -19.12 24.45 -54.03
CA CYS E 972 -20.39 24.66 -53.35
C CYS E 972 -21.44 23.73 -53.93
N PRO E 973 -21.78 22.64 -53.23
CA PRO E 973 -22.84 21.75 -53.72
C PRO E 973 -24.25 22.29 -53.48
N GLU E 974 -24.41 23.23 -52.56
CA GLU E 974 -25.72 23.77 -52.23
C GLU E 974 -26.01 25.10 -52.91
N HIS E 975 -24.98 25.85 -53.27
CA HIS E 975 -25.17 27.17 -53.89
C HIS E 975 -25.59 27.08 -55.35
N LEU E 976 -25.57 25.89 -55.95
CA LEU E 976 -25.90 25.73 -57.36
C LEU E 976 -27.39 25.84 -57.64
N ALA E 977 -28.23 25.92 -56.60
CA ALA E 977 -29.64 26.20 -56.82
C ALA E 977 -29.86 27.63 -57.31
N SER E 978 -28.91 28.52 -57.04
CA SER E 978 -28.99 29.90 -57.53
C SER E 978 -28.80 29.99 -59.04
N LEU E 979 -28.19 28.99 -59.66
CA LEU E 979 -28.04 28.97 -61.10
C LEU E 979 -29.39 28.73 -61.78
N ARG E 980 -29.52 29.25 -62.99
CA ARG E 980 -30.78 29.14 -63.74
C ARG E 980 -30.92 27.74 -64.32
N GLY E 981 -32.02 27.07 -63.98
CA GLY E 981 -32.29 25.76 -64.51
C GLY E 981 -31.42 24.66 -63.95
N MET E 982 -31.44 24.49 -62.63
CA MET E 982 -30.69 23.43 -61.97
C MET E 982 -31.66 22.34 -61.54
N THR E 983 -31.42 21.11 -61.99
CA THR E 983 -32.29 19.99 -61.72
C THR E 983 -31.75 19.18 -60.54
N ASN E 984 -32.49 18.13 -60.18
CA ASN E 984 -32.11 17.29 -59.05
C ASN E 984 -30.95 16.35 -59.40
N ALA E 985 -30.87 15.93 -60.66
CA ALA E 985 -29.79 15.03 -61.09
C ALA E 985 -28.44 15.72 -61.01
N ARG E 986 -28.36 16.98 -61.44
CA ARG E 986 -27.11 17.74 -61.34
C ARG E 986 -26.79 18.06 -59.88
N ARG E 987 -27.82 18.26 -59.05
CA ARG E 987 -27.61 18.54 -57.63
C ARG E 987 -27.04 17.33 -56.91
N VAL E 988 -27.52 16.13 -57.26
CA VAL E 988 -26.98 14.92 -56.65
C VAL E 988 -25.67 14.50 -57.32
N LEU E 989 -25.39 15.01 -58.52
CA LEU E 989 -24.10 14.78 -59.15
C LEU E 989 -23.01 15.64 -58.52
N ALA E 990 -23.39 16.84 -58.06
CA ALA E 990 -22.43 17.72 -57.42
C ALA E 990 -22.24 17.43 -55.94
N LYS E 991 -23.02 16.50 -55.37
CA LYS E 991 -22.89 16.17 -53.96
C LYS E 991 -21.62 15.38 -53.67
N MET E 992 -21.05 14.72 -54.68
CA MET E 992 -19.82 13.96 -54.52
C MET E 992 -18.65 14.54 -55.31
N VAL E 993 -18.90 15.20 -56.42
CA VAL E 993 -17.86 15.78 -57.26
C VAL E 993 -17.93 17.29 -57.12
N PRO E 994 -16.83 17.96 -56.82
CA PRO E 994 -16.82 19.43 -56.82
C PRO E 994 -16.86 19.99 -58.24
N PRO E 995 -17.89 20.77 -58.57
CA PRO E 995 -18.01 21.27 -59.95
C PRO E 995 -17.03 22.39 -60.26
N ILE E 996 -15.97 22.07 -60.98
CA ILE E 996 -14.97 23.04 -61.41
C ILE E 996 -15.03 23.12 -62.93
N PRO E 997 -15.35 24.27 -63.50
CA PRO E 997 -15.44 24.37 -64.96
C PRO E 997 -14.06 24.25 -65.59
N PRO E 998 -13.98 23.67 -66.79
CA PRO E 998 -12.66 23.43 -67.39
C PRO E 998 -11.97 24.69 -67.91
N PHE E 999 -12.70 25.79 -68.08
CA PHE E 999 -12.06 27.05 -68.47
C PHE E 999 -11.51 27.82 -67.28
N LEU E 1000 -11.66 27.27 -66.09
CA LEU E 1000 -11.04 27.82 -64.89
C LEU E 1000 -10.08 26.82 -64.23
N GLY E 1001 -9.52 25.93 -65.02
CA GLY E 1001 -8.59 24.96 -64.48
C GLY E 1001 -9.23 23.62 -64.21
N ALA E 1002 -8.37 22.62 -64.02
CA ALA E 1002 -8.81 21.34 -63.53
C ALA E 1002 -8.20 21.10 -62.15
N ASN E 1003 -8.56 19.95 -61.56
CA ASN E 1003 -7.93 19.51 -60.30
C ASN E 1003 -6.55 18.92 -60.52
N HIS E 1004 -6.33 18.19 -61.59
CA HIS E 1004 -5.02 17.55 -61.72
C HIS E 1004 -3.99 18.47 -62.36
N HIS E 1005 -4.32 19.74 -62.60
CA HIS E 1005 -3.39 20.70 -63.18
C HIS E 1005 -3.22 21.95 -62.32
N ALA E 1006 -4.13 22.23 -61.40
CA ALA E 1006 -4.02 23.43 -60.59
C ALA E 1006 -3.07 23.21 -59.41
N THR E 1007 -2.94 24.24 -58.58
CA THR E 1007 -2.08 24.17 -57.42
C THR E 1007 -2.83 23.60 -56.21
N ILE E 1008 -3.91 24.27 -55.80
CA ILE E 1008 -4.74 23.79 -54.70
C ILE E 1008 -5.61 22.66 -55.21
N ARG E 1009 -5.51 21.49 -54.58
CA ARG E 1009 -6.13 20.27 -55.08
C ARG E 1009 -7.12 19.70 -54.06
N GLN E 1010 -7.61 18.50 -54.35
CA GLN E 1010 -8.62 17.86 -53.51
C GLN E 1010 -8.18 17.52 -52.09
N PRO E 1011 -6.97 16.98 -51.79
CA PRO E 1011 -6.65 16.63 -50.39
C PRO E 1011 -6.68 17.78 -49.39
N VAL E 1012 -6.30 18.99 -49.79
CA VAL E 1012 -6.37 20.09 -48.84
C VAL E 1012 -7.82 20.54 -48.63
N ALA E 1013 -8.68 20.38 -49.64
CA ALA E 1013 -10.11 20.64 -49.45
C ALA E 1013 -10.74 19.60 -48.53
N TYR E 1014 -10.32 18.34 -48.67
CA TYR E 1014 -10.76 17.30 -47.74
C TYR E 1014 -10.24 17.56 -46.33
N HIS E 1015 -9.05 18.18 -46.23
CA HIS E 1015 -8.51 18.53 -44.92
C HIS E 1015 -9.31 19.65 -44.27
N VAL E 1016 -9.75 20.64 -45.05
CA VAL E 1016 -10.50 21.74 -44.43
C VAL E 1016 -11.95 21.34 -44.19
N THR E 1017 -12.48 20.35 -44.91
CA THR E 1017 -13.89 20.05 -44.75
C THR E 1017 -14.17 18.88 -43.81
N HIS E 1018 -13.17 18.09 -43.45
CA HIS E 1018 -13.39 16.89 -42.65
C HIS E 1018 -12.46 16.83 -41.45
N SER E 1019 -12.08 17.99 -40.91
CA SER E 1019 -11.28 18.07 -39.70
C SER E 1019 -12.07 18.81 -38.63
N LYS E 1020 -12.01 18.29 -37.40
CA LYS E 1020 -12.60 18.97 -36.24
C LYS E 1020 -11.53 18.97 -35.14
N SER E 1021 -10.65 19.96 -35.17
CA SER E 1021 -9.63 20.11 -34.14
C SER E 1021 -9.79 21.41 -33.35
N ASP E 1022 -9.72 22.56 -34.01
CA ASP E 1022 -9.77 23.88 -33.38
C ASP E 1022 -9.89 24.92 -34.50
N PHE E 1023 -9.85 26.19 -34.12
CA PHE E 1023 -9.81 27.29 -35.08
C PHE E 1023 -8.46 27.99 -35.10
N ASN E 1024 -7.56 27.67 -34.18
CA ASN E 1024 -6.18 28.16 -34.20
C ASN E 1024 -5.21 27.11 -34.71
N THR E 1025 -5.38 25.86 -34.28
CA THR E 1025 -4.52 24.78 -34.78
C THR E 1025 -4.83 24.45 -36.24
N LEU E 1026 -6.06 24.71 -36.67
CA LEU E 1026 -6.40 24.49 -38.08
C LEU E 1026 -5.69 25.48 -39.00
N THR E 1027 -5.55 26.73 -38.54
CA THR E 1027 -4.88 27.74 -39.37
C THR E 1027 -3.39 27.43 -39.52
N TYR E 1028 -2.72 27.07 -38.43
CA TYR E 1028 -1.31 26.72 -38.52
C TYR E 1028 -1.10 25.38 -39.21
N SER E 1029 -2.07 24.47 -39.10
CA SER E 1029 -2.02 23.23 -39.86
C SER E 1029 -2.16 23.47 -41.35
N LEU E 1030 -3.00 24.43 -41.73
CA LEU E 1030 -3.15 24.78 -43.14
C LEU E 1030 -1.92 25.50 -43.65
N LEU E 1031 -1.27 26.29 -42.79
CA LEU E 1031 -0.03 26.94 -43.20
C LEU E 1031 1.10 25.93 -43.37
N GLY E 1032 1.22 24.98 -42.44
CA GLY E 1032 2.20 23.92 -42.60
C GLY E 1032 1.87 22.99 -43.75
N GLY E 1033 0.59 22.93 -44.12
CA GLY E 1033 0.23 22.25 -45.35
C GLY E 1033 0.76 22.95 -46.59
N TYR E 1034 0.76 24.28 -46.59
CA TYR E 1034 1.16 25.07 -47.76
C TYR E 1034 2.66 25.32 -47.80
N PHE E 1035 3.42 24.22 -47.88
CA PHE E 1035 4.86 24.28 -48.05
C PHE E 1035 5.24 23.42 -49.24
N LYS E 1036 6.15 23.91 -50.08
CA LYS E 1036 6.46 23.23 -51.32
C LYS E 1036 7.28 21.97 -51.10
N PHE E 1037 7.11 21.01 -52.00
CA PHE E 1037 7.89 19.77 -52.02
C PHE E 1037 9.02 19.83 -53.05
N THR E 1038 9.29 21.02 -53.58
CA THR E 1038 10.46 21.24 -54.43
C THR E 1038 11.72 20.98 -53.61
N PRO E 1039 12.76 20.35 -54.21
CA PRO E 1039 13.98 20.03 -53.44
C PRO E 1039 14.71 21.23 -52.85
N ILE E 1040 14.59 22.43 -53.42
CA ILE E 1040 15.13 23.60 -52.75
C ILE E 1040 14.29 23.94 -51.52
N SER E 1041 12.97 23.86 -51.63
CA SER E 1041 12.11 24.04 -50.47
C SER E 1041 12.29 22.91 -49.47
N LEU E 1042 12.55 21.69 -49.96
CA LEU E 1042 12.87 20.59 -49.05
C LEU E 1042 14.18 20.83 -48.32
N THR E 1043 15.15 21.45 -49.00
CA THR E 1043 16.39 21.86 -48.35
C THR E 1043 16.14 22.87 -47.25
N HIS E 1044 15.29 23.87 -47.53
CA HIS E 1044 14.94 24.87 -46.53
C HIS E 1044 14.24 24.25 -45.32
N GLN E 1045 13.28 23.35 -45.57
CA GLN E 1045 12.53 22.72 -44.49
C GLN E 1045 13.38 21.78 -43.67
N LEU E 1046 14.28 21.02 -44.32
CA LEU E 1046 15.11 20.09 -43.57
C LEU E 1046 16.22 20.81 -42.80
N ARG E 1047 16.68 21.96 -43.32
CA ARG E 1047 17.69 22.71 -42.58
C ARG E 1047 17.08 23.47 -41.41
N THR E 1048 15.87 24.00 -41.58
CA THR E 1048 15.28 24.83 -40.54
C THR E 1048 14.83 24.00 -39.34
N GLY E 1049 14.15 22.88 -39.59
CA GLY E 1049 13.62 22.08 -38.51
C GLY E 1049 12.19 21.62 -38.78
N PHE E 1050 11.69 21.94 -39.97
CA PHE E 1050 10.37 21.52 -40.38
C PHE E 1050 10.33 20.02 -40.62
N HIS E 1051 9.13 19.45 -40.49
CA HIS E 1051 8.90 18.03 -40.78
C HIS E 1051 8.03 17.94 -42.03
N PRO E 1052 8.60 17.64 -43.20
CA PRO E 1052 7.78 17.45 -44.39
C PRO E 1052 6.97 16.17 -44.30
N GLY E 1053 5.94 16.09 -45.13
CA GLY E 1053 5.03 14.96 -45.10
C GLY E 1053 5.59 13.70 -45.71
N ILE E 1054 6.67 13.17 -45.13
CA ILE E 1054 7.33 11.97 -45.64
C ILE E 1054 8.13 11.36 -44.50
N ALA E 1055 8.45 10.08 -44.63
CA ALA E 1055 9.25 9.37 -43.65
C ALA E 1055 10.24 8.48 -44.37
N PHE E 1056 11.30 8.09 -43.65
CA PHE E 1056 12.38 7.33 -44.24
C PHE E 1056 12.65 6.07 -43.43
N THR E 1057 13.04 5.01 -44.12
CA THR E 1057 13.50 3.77 -43.51
C THR E 1057 14.96 3.56 -43.91
N VAL E 1058 15.86 3.76 -42.96
CA VAL E 1058 17.29 3.66 -43.23
C VAL E 1058 17.70 2.20 -43.30
N VAL E 1059 18.73 1.93 -44.10
CA VAL E 1059 19.34 0.61 -44.22
C VAL E 1059 20.83 0.77 -44.04
N ARG E 1060 21.42 -0.01 -43.14
CA ARG E 1060 22.84 0.08 -42.86
C ARG E 1060 23.42 -1.32 -42.74
N GLN E 1061 24.45 -1.61 -43.53
CA GLN E 1061 25.07 -2.92 -43.56
C GLN E 1061 26.32 -2.91 -42.70
N ASP E 1062 26.45 -3.92 -41.84
CA ASP E 1062 27.54 -4.00 -40.88
C ASP E 1062 28.25 -5.34 -40.99
N ARG E 1063 29.57 -5.32 -40.76
CA ARG E 1063 30.41 -6.50 -40.84
C ARG E 1063 30.89 -6.88 -39.45
N PHE E 1064 31.02 -8.19 -39.22
CA PHE E 1064 31.46 -8.72 -37.94
C PHE E 1064 32.41 -9.89 -38.19
N ALA E 1065 33.51 -9.93 -37.42
CA ALA E 1065 34.47 -11.01 -37.51
C ALA E 1065 34.01 -12.16 -36.62
N THR E 1066 33.84 -13.34 -37.20
CA THR E 1066 33.33 -14.51 -36.49
C THR E 1066 34.31 -15.67 -36.60
N GLU E 1067 34.48 -16.40 -35.50
CA GLU E 1067 35.22 -17.64 -35.54
C GLU E 1067 34.29 -18.79 -35.91
N GLN E 1068 34.75 -19.67 -36.78
CA GLN E 1068 33.92 -20.74 -37.32
C GLN E 1068 34.42 -22.09 -36.84
N LEU E 1069 33.64 -23.13 -37.18
CA LEU E 1069 33.93 -24.50 -36.79
C LEU E 1069 33.52 -25.39 -37.95
N LEU E 1070 34.45 -26.20 -38.46
CA LEU E 1070 34.22 -27.02 -39.63
C LEU E 1070 34.38 -28.50 -39.29
N TYR E 1071 33.45 -29.31 -39.79
CA TYR E 1071 33.53 -30.76 -39.72
C TYR E 1071 33.67 -31.31 -41.13
N ALA E 1072 34.48 -32.37 -41.27
CA ALA E 1072 34.66 -33.03 -42.55
C ALA E 1072 34.66 -34.54 -42.34
N GLU E 1073 34.16 -35.27 -43.33
CA GLU E 1073 34.08 -36.72 -43.24
C GLU E 1073 35.43 -37.34 -43.59
N ARG E 1074 35.46 -38.67 -43.71
CA ARG E 1074 36.72 -39.38 -43.95
C ARG E 1074 37.11 -39.34 -45.43
N ALA E 1075 36.32 -39.97 -46.28
CA ALA E 1075 36.61 -39.96 -47.72
C ALA E 1075 35.89 -38.82 -48.41
N SER E 1076 36.06 -37.61 -47.86
CA SER E 1076 35.35 -36.45 -48.37
C SER E 1076 35.91 -35.99 -49.70
N GLU E 1077 37.23 -36.01 -49.86
CA GLU E 1077 37.85 -35.50 -51.07
C GLU E 1077 38.85 -36.50 -51.64
N SER E 1078 38.88 -36.60 -52.96
CA SER E 1078 39.89 -37.35 -53.68
C SER E 1078 40.89 -36.36 -54.25
N TYR E 1079 42.13 -36.40 -53.77
CA TYR E 1079 43.12 -35.40 -54.09
C TYR E 1079 44.19 -36.03 -54.98
N PHE E 1080 44.44 -35.41 -56.13
CA PHE E 1080 45.45 -35.86 -57.07
C PHE E 1080 46.59 -34.85 -57.10
N VAL E 1081 47.82 -35.35 -57.06
CA VAL E 1081 49.01 -34.49 -57.01
C VAL E 1081 49.80 -34.74 -58.29
N GLY E 1082 50.15 -33.65 -58.97
CA GLY E 1082 50.88 -33.71 -60.21
C GLY E 1082 52.38 -33.73 -60.02
N GLN E 1083 53.10 -33.23 -61.02
CA GLN E 1083 54.56 -33.20 -61.01
C GLN E 1083 55.04 -31.76 -61.02
N ILE E 1084 56.08 -31.50 -60.24
CA ILE E 1084 56.57 -30.14 -60.01
C ILE E 1084 57.43 -29.68 -61.19
N GLN E 1085 57.32 -28.41 -61.53
CA GLN E 1085 58.10 -27.82 -62.62
C GLN E 1085 58.64 -26.47 -62.18
N VAL E 1086 59.80 -26.10 -62.72
CA VAL E 1086 60.56 -24.93 -62.31
C VAL E 1086 60.71 -23.99 -63.50
N HIS E 1087 60.36 -22.72 -63.31
CA HIS E 1087 60.48 -21.70 -64.35
C HIS E 1087 61.60 -20.74 -63.98
N HIS E 1088 62.53 -20.53 -64.91
CA HIS E 1088 63.53 -19.47 -64.75
C HIS E 1088 62.90 -18.13 -65.09
N HIS E 1089 63.28 -17.10 -64.33
CA HIS E 1089 62.73 -15.77 -64.52
C HIS E 1089 63.72 -14.75 -63.96
N ASP E 1090 64.19 -13.86 -64.83
CA ASP E 1090 65.15 -12.85 -64.40
C ASP E 1090 64.47 -11.79 -63.52
N ALA E 1091 65.28 -11.13 -62.69
CA ALA E 1091 64.77 -10.20 -61.71
C ALA E 1091 65.57 -8.91 -61.70
N ILE E 1092 65.39 -8.09 -60.66
CA ILE E 1092 66.08 -6.80 -60.59
C ILE E 1092 67.59 -7.01 -60.43
N GLY E 1093 67.99 -7.91 -59.54
CA GLY E 1093 69.40 -8.21 -59.39
C GLY E 1093 69.82 -9.53 -60.00
N GLY E 1094 69.04 -10.58 -59.72
CA GLY E 1094 69.42 -11.92 -60.15
C GLY E 1094 68.31 -12.68 -60.85
N VAL E 1095 68.11 -13.93 -60.43
CA VAL E 1095 67.12 -14.81 -61.07
C VAL E 1095 66.10 -15.24 -60.02
N ASN E 1096 64.85 -15.32 -60.44
CA ASN E 1096 63.75 -15.76 -59.61
C ASN E 1096 63.27 -17.11 -60.11
N PHE E 1097 63.23 -18.10 -59.20
CA PHE E 1097 62.77 -19.44 -59.53
C PHE E 1097 61.34 -19.57 -59.04
N THR E 1098 60.43 -19.94 -59.94
CA THR E 1098 59.04 -20.17 -59.58
C THR E 1098 58.74 -21.66 -59.74
N LEU E 1099 58.28 -22.28 -58.65
CA LEU E 1099 58.01 -23.71 -58.63
C LEU E 1099 56.50 -23.92 -58.58
N THR E 1100 55.97 -24.57 -59.60
CA THR E 1100 54.53 -24.78 -59.75
C THR E 1100 54.22 -26.27 -59.79
N GLN E 1101 53.23 -26.68 -59.01
CA GLN E 1101 52.79 -28.08 -58.98
C GLN E 1101 51.28 -28.10 -59.18
N PRO E 1102 50.78 -28.71 -60.26
CA PRO E 1102 49.33 -28.77 -60.46
C PRO E 1102 48.70 -29.87 -59.63
N ARG E 1103 47.46 -29.62 -59.20
CA ARG E 1103 46.72 -30.60 -58.41
C ARG E 1103 45.23 -30.42 -58.64
N ALA E 1104 44.47 -31.48 -58.36
CA ALA E 1104 43.04 -31.49 -58.60
C ALA E 1104 42.34 -32.20 -57.46
N HIS E 1105 41.05 -31.88 -57.27
CA HIS E 1105 40.27 -32.40 -56.17
C HIS E 1105 38.90 -32.84 -56.65
N VAL E 1106 38.41 -33.94 -56.07
CA VAL E 1106 37.09 -34.50 -56.36
C VAL E 1106 36.36 -34.76 -55.05
N ASP E 1107 35.14 -34.24 -54.92
CA ASP E 1107 34.28 -34.54 -53.79
C ASP E 1107 33.52 -35.82 -54.12
N LEU E 1108 34.02 -36.95 -53.63
CA LEU E 1108 33.43 -38.26 -53.94
C LEU E 1108 32.39 -38.67 -52.89
N GLY E 1109 31.48 -37.78 -52.60
CA GLY E 1109 30.37 -38.08 -51.69
C GLY E 1109 29.05 -37.84 -52.36
N VAL E 1110 28.09 -38.73 -52.08
CA VAL E 1110 26.76 -38.62 -52.68
C VAL E 1110 26.00 -37.44 -52.07
N GLY E 1111 26.00 -37.35 -50.75
CA GLY E 1111 25.29 -36.27 -50.10
C GLY E 1111 26.17 -35.09 -49.77
N TYR E 1112 26.05 -34.55 -48.57
CA TYR E 1112 26.88 -33.46 -48.09
C TYR E 1112 27.85 -34.01 -47.05
N THR E 1113 29.15 -33.87 -47.31
CA THR E 1113 30.17 -34.50 -46.49
C THR E 1113 30.95 -33.50 -45.62
N ALA E 1114 30.54 -32.24 -45.59
CA ALA E 1114 31.19 -31.25 -44.77
C ALA E 1114 30.16 -30.24 -44.27
N VAL E 1115 30.18 -29.99 -42.97
CA VAL E 1115 29.25 -29.05 -42.33
C VAL E 1115 30.06 -28.02 -41.56
N CYS E 1116 29.75 -26.74 -41.75
CA CYS E 1116 30.37 -25.66 -41.00
C CYS E 1116 29.30 -24.79 -40.35
N ALA E 1117 29.68 -24.13 -39.26
CA ALA E 1117 28.77 -23.22 -38.56
C ALA E 1117 29.59 -22.21 -37.78
N THR E 1118 29.12 -20.96 -37.77
CA THR E 1118 29.76 -19.92 -36.97
C THR E 1118 29.51 -20.18 -35.49
N ALA E 1119 30.54 -19.96 -34.68
CA ALA E 1119 30.48 -20.27 -33.26
C ALA E 1119 30.60 -19.02 -32.38
N ALA E 1120 31.66 -18.24 -32.55
CA ALA E 1120 31.92 -17.10 -31.68
C ALA E 1120 31.88 -15.80 -32.47
N LEU E 1121 31.93 -14.69 -31.75
CA LEU E 1121 31.92 -13.36 -32.33
C LEU E 1121 33.13 -12.59 -31.81
N ARG E 1122 33.96 -12.10 -32.72
CA ARG E 1122 35.08 -11.25 -32.38
C ARG E 1122 34.63 -9.78 -32.45
N CYS E 1123 35.58 -8.86 -32.47
CA CYS E 1123 35.26 -7.44 -32.51
C CYS E 1123 34.60 -7.08 -33.84
N PRO E 1124 33.56 -6.25 -33.82
CA PRO E 1124 32.99 -5.75 -35.09
C PRO E 1124 34.00 -4.88 -35.83
N LEU E 1125 34.12 -5.13 -37.13
CA LEU E 1125 35.11 -4.43 -37.93
C LEU E 1125 34.62 -3.08 -38.44
N THR E 1126 33.33 -2.80 -38.35
CA THR E 1126 32.78 -1.58 -38.93
C THR E 1126 32.22 -0.67 -37.84
N ASP E 1127 31.88 0.55 -38.25
CA ASP E 1127 31.32 1.55 -37.37
C ASP E 1127 29.80 1.59 -37.55
N MET E 1128 29.07 1.55 -36.43
CA MET E 1128 27.62 1.69 -36.45
C MET E 1128 27.21 3.16 -36.34
N GLY E 1129 27.78 4.00 -37.20
CA GLY E 1129 27.59 5.44 -37.11
C GLY E 1129 26.48 5.95 -38.01
N ASN E 1130 26.51 7.26 -38.26
CA ASN E 1130 25.54 7.93 -39.11
C ASN E 1130 26.30 8.66 -40.22
N THR E 1131 26.60 7.93 -41.29
CA THR E 1131 27.24 8.48 -42.48
C THR E 1131 26.21 8.38 -43.60
N ALA E 1132 25.49 9.47 -43.82
CA ALA E 1132 24.42 9.49 -44.81
C ALA E 1132 24.98 9.40 -46.22
N GLN E 1133 24.33 8.62 -47.06
CA GLN E 1133 24.80 8.42 -48.43
C GLN E 1133 24.59 9.68 -49.26
N ASN E 1134 25.65 10.12 -49.92
CA ASN E 1134 25.62 11.31 -50.77
C ASN E 1134 25.36 10.86 -52.20
N LEU E 1135 24.24 11.31 -52.77
CA LEU E 1135 23.84 10.90 -54.11
C LEU E 1135 24.46 11.76 -55.20
N PHE E 1136 25.28 12.75 -54.85
CA PHE E 1136 25.90 13.62 -55.84
C PHE E 1136 27.18 13.03 -56.43
N PHE E 1137 27.59 11.84 -55.99
CA PHE E 1137 28.66 11.10 -56.63
C PHE E 1137 28.23 10.52 -57.98
N SER E 1138 26.93 10.36 -58.22
CA SER E 1138 26.42 9.66 -59.38
C SER E 1138 26.22 10.62 -60.54
N ARG E 1139 26.53 10.15 -61.75
CA ARG E 1139 26.31 10.89 -62.98
C ARG E 1139 25.47 10.04 -63.92
N GLY E 1140 24.60 10.69 -64.68
CA GLY E 1140 23.79 9.97 -65.64
C GLY E 1140 22.34 10.42 -65.70
N GLY E 1141 21.80 10.85 -64.56
CA GLY E 1141 20.44 11.35 -64.55
C GLY E 1141 20.34 12.72 -65.21
N VAL E 1142 19.11 13.14 -65.48
CA VAL E 1142 18.88 14.42 -66.13
C VAL E 1142 19.21 15.54 -65.14
N PRO E 1143 19.94 16.57 -65.57
CA PRO E 1143 20.25 17.68 -64.67
C PRO E 1143 19.16 18.73 -64.68
N MET E 1144 19.21 19.59 -63.68
CA MET E 1144 18.31 20.74 -63.63
C MET E 1144 18.72 21.77 -64.68
N LEU E 1145 17.78 22.62 -65.05
CA LEU E 1145 17.98 23.56 -66.15
C LEU E 1145 19.03 24.62 -65.78
N HIS E 1146 18.99 25.11 -64.55
CA HIS E 1146 19.87 26.17 -64.11
C HIS E 1146 21.01 25.58 -63.28
N ASP E 1147 22.25 25.82 -63.73
CA ASP E 1147 23.40 25.16 -63.10
C ASP E 1147 23.74 25.77 -61.75
N ASN E 1148 23.36 27.02 -61.50
CA ASN E 1148 23.59 27.61 -60.19
C ASN E 1148 22.73 26.95 -59.11
N VAL E 1149 21.53 26.51 -59.49
CA VAL E 1149 20.66 25.76 -58.57
C VAL E 1149 21.32 24.45 -58.18
N THR E 1150 21.86 23.73 -59.16
CA THR E 1150 22.54 22.47 -58.89
C THR E 1150 23.79 22.67 -58.05
N GLU E 1151 24.56 23.73 -58.34
CA GLU E 1151 25.78 24.01 -57.59
C GLU E 1151 25.47 24.38 -56.15
N SER E 1152 24.45 25.23 -55.93
CA SER E 1152 24.07 25.60 -54.57
C SER E 1152 23.48 24.43 -53.81
N LEU E 1153 22.73 23.57 -54.51
CA LEU E 1153 22.16 22.37 -53.88
C LEU E 1153 23.25 21.40 -53.45
N ARG E 1154 24.26 21.19 -54.30
CA ARG E 1154 25.38 20.34 -53.95
C ARG E 1154 26.22 20.94 -52.81
N ARG E 1155 26.37 22.28 -52.82
CA ARG E 1155 27.13 22.94 -51.77
C ARG E 1155 26.42 22.86 -50.42
N ILE E 1156 25.09 22.97 -50.42
CA ILE E 1156 24.33 22.83 -49.17
C ILE E 1156 24.36 21.38 -48.70
N THR E 1157 24.20 20.42 -49.62
CA THR E 1157 24.22 19.01 -49.27
C THR E 1157 25.58 18.59 -48.73
N ALA E 1158 26.66 19.18 -49.25
CA ALA E 1158 28.00 18.90 -48.75
C ALA E 1158 28.18 19.42 -47.33
N SER E 1159 27.50 20.51 -46.99
CA SER E 1159 27.51 20.99 -45.61
C SER E 1159 26.73 20.04 -44.71
N GLY E 1160 27.28 19.76 -43.53
CA GLY E 1160 26.65 18.80 -42.64
C GLY E 1160 26.81 17.36 -43.05
N GLY E 1161 27.81 17.05 -43.87
CA GLY E 1161 28.05 15.68 -44.28
C GLY E 1161 29.53 15.36 -44.19
N ARG E 1162 29.80 14.05 -44.10
CA ARG E 1162 31.17 13.58 -43.98
C ARG E 1162 31.83 13.34 -45.33
N LEU E 1163 31.24 12.47 -46.13
CA LEU E 1163 31.77 12.12 -47.45
C LEU E 1163 31.10 12.98 -48.51
N ASN E 1164 31.91 13.64 -49.34
CA ASN E 1164 31.45 14.60 -50.32
C ASN E 1164 32.34 14.52 -51.54
N PRO E 1165 31.83 14.89 -52.72
CA PRO E 1165 32.73 15.08 -53.86
C PRO E 1165 33.65 16.27 -53.65
N THR E 1166 34.82 16.19 -54.26
CA THR E 1166 35.80 17.27 -54.12
C THR E 1166 35.33 18.53 -54.85
N GLU E 1167 35.73 19.68 -54.31
CA GLU E 1167 35.27 20.96 -54.87
C GLU E 1167 35.72 21.31 -56.30
N PRO E 1168 36.85 20.83 -56.86
CA PRO E 1168 37.08 21.15 -58.29
C PRO E 1168 36.22 20.36 -59.27
N LEU E 1169 35.45 19.35 -58.79
CA LEU E 1169 34.58 18.48 -59.58
C LEU E 1169 35.33 17.83 -60.73
N PRO E 1170 36.17 16.81 -60.45
CA PRO E 1170 37.08 16.29 -61.47
C PRO E 1170 36.38 15.52 -62.59
N ILE E 1171 36.29 16.14 -63.76
CA ILE E 1171 35.82 15.44 -64.95
C ILE E 1171 36.88 14.47 -65.42
N PHE E 1172 36.45 13.43 -66.15
CA PHE E 1172 37.28 12.28 -66.54
C PHE E 1172 37.95 11.65 -65.32
N GLY E 1173 37.13 11.24 -64.37
CA GLY E 1173 37.62 10.67 -63.13
C GLY E 1173 36.52 9.92 -62.42
N GLY E 1174 36.86 9.40 -61.25
CA GLY E 1174 35.95 8.58 -60.47
C GLY E 1174 35.14 9.30 -59.40
N LEU E 1175 35.37 10.61 -59.22
CA LEU E 1175 34.74 11.43 -58.18
C LEU E 1175 34.95 10.84 -56.78
N ARG E 1176 36.19 10.48 -56.48
CA ARG E 1176 36.50 9.91 -55.18
C ARG E 1176 36.42 11.00 -54.10
N PRO E 1177 35.90 10.68 -52.92
CA PRO E 1177 35.87 11.66 -51.84
C PRO E 1177 37.26 11.95 -51.31
N ALA E 1178 37.40 13.12 -50.69
CA ALA E 1178 38.71 13.56 -50.18
C ALA E 1178 39.13 12.69 -49.00
N THR E 1179 40.40 12.28 -49.02
CA THR E 1179 40.92 11.48 -47.93
C THR E 1179 41.07 12.33 -46.67
N SER E 1180 40.98 11.66 -45.52
CA SER E 1180 40.97 12.31 -44.22
C SER E 1180 42.14 11.79 -43.39
N ALA E 1181 42.14 12.16 -42.11
CA ALA E 1181 43.13 11.67 -41.16
C ALA E 1181 42.80 10.27 -40.69
N GLY E 1182 43.43 9.83 -39.61
CA GLY E 1182 43.20 8.47 -39.13
C GLY E 1182 41.81 8.29 -38.56
N ILE E 1183 41.32 7.06 -38.67
CA ILE E 1183 40.00 6.69 -38.17
C ILE E 1183 40.16 6.18 -36.74
N ALA E 1184 39.12 6.37 -35.93
CA ALA E 1184 39.21 6.08 -34.50
C ALA E 1184 38.63 4.72 -34.15
N ARG E 1185 37.41 4.42 -34.59
CA ARG E 1185 36.70 3.23 -34.14
C ARG E 1185 36.23 2.35 -35.29
N GLY E 1186 36.91 2.40 -36.42
CA GLY E 1186 36.68 1.45 -37.49
C GLY E 1186 36.15 2.10 -38.75
N GLN E 1187 35.84 1.23 -39.72
CA GLN E 1187 35.34 1.68 -41.02
C GLN E 1187 33.91 2.15 -40.91
N ALA E 1188 33.63 3.34 -41.45
CA ALA E 1188 32.30 3.90 -41.40
C ALA E 1188 31.37 3.16 -42.37
N SER E 1189 30.17 2.85 -41.89
CA SER E 1189 29.16 2.15 -42.68
C SER E 1189 28.08 3.15 -43.09
N VAL E 1190 27.76 3.17 -44.38
CA VAL E 1190 26.83 4.15 -44.91
C VAL E 1190 25.39 3.73 -44.61
N CYS E 1191 24.50 4.72 -44.60
CA CYS E 1191 23.08 4.51 -44.38
C CYS E 1191 22.31 5.08 -45.56
N GLU E 1192 21.52 4.24 -46.22
CA GLU E 1192 20.74 4.63 -47.39
C GLU E 1192 19.29 4.86 -46.98
N PHE E 1193 18.70 5.95 -47.46
CA PHE E 1193 17.37 6.38 -47.05
C PHE E 1193 16.37 6.03 -48.14
N VAL E 1194 15.23 5.44 -47.74
CA VAL E 1194 14.18 5.02 -48.66
C VAL E 1194 12.92 5.81 -48.32
N ALA E 1195 12.38 6.52 -49.30
CA ALA E 1195 11.20 7.36 -49.08
C ALA E 1195 9.95 6.50 -48.91
N MET E 1196 9.05 6.97 -48.04
CA MET E 1196 7.97 6.16 -47.49
C MET E 1196 6.92 7.05 -46.82
N PRO E 1197 5.63 6.68 -46.87
CA PRO E 1197 4.59 7.55 -46.29
C PRO E 1197 4.66 7.61 -44.77
N VAL E 1198 4.08 8.67 -44.22
CA VAL E 1198 4.10 8.88 -42.77
C VAL E 1198 3.21 7.88 -42.06
N SER E 1199 2.01 7.66 -42.57
CA SER E 1199 1.04 6.76 -41.94
C SER E 1199 1.39 5.32 -42.30
N THR E 1200 2.34 4.76 -41.56
CA THR E 1200 2.79 3.39 -41.74
C THR E 1200 2.57 2.62 -40.45
N ASP E 1201 2.00 1.42 -40.57
CA ASP E 1201 1.95 0.46 -39.46
C ASP E 1201 3.35 0.21 -38.91
N LEU E 1202 3.60 0.65 -37.68
CA LEU E 1202 4.92 0.60 -37.10
C LEU E 1202 5.30 -0.82 -36.65
N GLN E 1203 4.32 -1.71 -36.48
CA GLN E 1203 4.58 -3.07 -36.07
C GLN E 1203 5.26 -3.91 -37.16
N TYR E 1204 5.30 -3.42 -38.40
CA TYR E 1204 6.08 -4.07 -39.45
C TYR E 1204 7.58 -4.00 -39.19
N PHE E 1205 8.05 -2.97 -38.47
CA PHE E 1205 9.46 -2.78 -38.20
C PHE E 1205 9.92 -3.39 -36.88
N ARG E 1206 9.04 -4.09 -36.16
CA ARG E 1206 9.40 -4.70 -34.90
C ARG E 1206 9.91 -6.13 -35.06
N THR E 1207 9.92 -6.65 -36.28
CA THR E 1207 10.48 -7.96 -36.58
C THR E 1207 11.41 -7.87 -37.78
N ALA E 1208 11.91 -9.01 -38.25
CA ALA E 1208 12.79 -9.05 -39.41
C ALA E 1208 11.97 -8.76 -40.65
N CYS E 1209 12.09 -7.53 -41.17
CA CYS E 1209 11.27 -7.05 -42.27
C CYS E 1209 12.13 -6.86 -43.51
N ASN E 1210 11.48 -6.36 -44.57
CA ASN E 1210 12.13 -6.11 -45.85
C ASN E 1210 12.06 -4.62 -46.16
N PRO E 1211 13.16 -3.99 -46.55
CA PRO E 1211 13.13 -2.52 -46.81
C PRO E 1211 12.29 -2.11 -48.00
N ARG E 1212 12.02 -3.03 -48.93
CA ARG E 1212 11.22 -2.71 -50.11
C ARG E 1212 9.76 -2.47 -49.77
N GLY E 1213 9.29 -2.96 -48.63
CA GLY E 1213 7.89 -2.89 -48.28
C GLY E 1213 7.07 -4.05 -48.77
N ARG E 1214 7.67 -4.97 -49.51
CA ARG E 1214 6.97 -6.14 -50.02
C ARG E 1214 7.96 -7.29 -50.10
N ALA E 1215 7.59 -8.44 -49.55
CA ALA E 1215 8.46 -9.61 -49.57
C ALA E 1215 8.61 -10.14 -50.98
N SER E 1216 9.83 -10.54 -51.32
CA SER E 1216 10.15 -10.96 -52.68
C SER E 1216 11.08 -12.18 -52.60
N GLY E 1217 11.58 -12.59 -53.75
CA GLY E 1217 12.54 -13.68 -53.81
C GLY E 1217 12.08 -14.87 -54.62
N MET E 1218 13.02 -15.72 -55.01
CA MET E 1218 12.76 -16.96 -55.72
C MET E 1218 12.26 -18.05 -54.80
N LEU E 1219 12.39 -17.84 -53.48
CA LEU E 1219 12.19 -18.89 -52.46
C LEU E 1219 10.78 -19.46 -52.44
N TYR E 1220 9.80 -18.77 -53.02
CA TYR E 1220 8.44 -19.26 -53.15
C TYR E 1220 8.24 -19.65 -54.62
N MET E 1221 8.19 -20.95 -54.90
CA MET E 1221 8.20 -21.45 -56.27
C MET E 1221 7.54 -22.82 -56.24
N GLY E 1222 7.10 -23.28 -57.43
CA GLY E 1222 6.41 -24.55 -57.49
C GLY E 1222 5.34 -24.68 -58.56
N ASP E 1223 5.03 -23.60 -59.27
CA ASP E 1223 4.02 -23.67 -60.33
C ASP E 1223 4.57 -23.37 -61.71
N ARG E 1224 5.37 -22.31 -61.87
CA ARG E 1224 5.91 -21.95 -63.17
C ARG E 1224 7.23 -21.21 -62.97
N ASP E 1225 7.87 -20.86 -64.09
CA ASP E 1225 9.19 -20.26 -64.06
C ASP E 1225 9.14 -18.74 -63.90
N ALA E 1226 8.30 -18.07 -64.69
CA ALA E 1226 8.25 -16.60 -64.70
C ALA E 1226 7.22 -16.06 -63.72
N ASP E 1227 7.30 -16.50 -62.46
CA ASP E 1227 6.45 -15.97 -61.40
C ASP E 1227 7.21 -15.21 -60.33
N ILE E 1228 8.55 -15.12 -60.45
CA ILE E 1228 9.32 -14.30 -59.53
C ILE E 1228 9.02 -12.82 -59.76
N GLU E 1229 8.80 -12.43 -61.01
CA GLU E 1229 8.39 -11.06 -61.31
C GLU E 1229 6.99 -10.79 -60.79
N ALA E 1230 6.11 -11.80 -60.82
CA ALA E 1230 4.78 -11.64 -60.26
C ALA E 1230 4.82 -11.52 -58.74
N ILE E 1231 5.78 -12.19 -58.09
CA ILE E 1231 5.97 -12.01 -56.66
C ILE E 1231 6.50 -10.62 -56.35
N MET E 1232 7.52 -10.20 -57.09
CA MET E 1232 8.27 -8.98 -56.76
C MET E 1232 7.56 -7.70 -57.15
N PHE E 1233 6.84 -7.66 -58.28
CA PHE E 1233 6.36 -6.40 -58.83
C PHE E 1233 4.87 -6.35 -59.12
N ASP E 1234 4.17 -7.47 -59.21
CA ASP E 1234 2.76 -7.44 -59.59
C ASP E 1234 1.90 -7.07 -58.39
N HIS E 1235 1.15 -5.99 -58.52
CA HIS E 1235 0.32 -5.47 -57.44
C HIS E 1235 -1.17 -5.74 -57.65
N THR E 1236 -1.53 -6.53 -58.66
CA THR E 1236 -2.91 -7.00 -58.78
C THR E 1236 -3.26 -7.93 -57.63
N GLN E 1237 -2.34 -8.84 -57.29
CA GLN E 1237 -2.51 -9.76 -56.17
C GLN E 1237 -1.83 -9.22 -54.93
N SER E 1238 -2.10 -9.88 -53.80
CA SER E 1238 -1.63 -9.40 -52.51
C SER E 1238 -0.17 -9.79 -52.28
N ASP E 1239 0.33 -9.39 -51.11
CA ASP E 1239 1.69 -9.74 -50.71
C ASP E 1239 1.77 -11.22 -50.35
N VAL E 1240 2.99 -11.75 -50.41
CA VAL E 1240 3.20 -13.16 -50.10
C VAL E 1240 3.30 -13.38 -48.59
N ALA E 1241 3.99 -12.49 -47.88
CA ALA E 1241 4.18 -12.67 -46.43
C ALA E 1241 2.97 -12.14 -45.66
N TYR E 1242 2.66 -10.87 -45.81
CA TYR E 1242 1.55 -10.23 -45.10
C TYR E 1242 0.36 -10.23 -46.07
N THR E 1243 -0.40 -11.31 -46.04
CA THR E 1243 -1.42 -11.59 -47.06
C THR E 1243 -2.72 -10.84 -46.79
N ASP E 1244 -2.65 -9.52 -46.66
CA ASP E 1244 -3.83 -8.69 -46.51
C ASP E 1244 -3.69 -7.45 -47.39
N ARG E 1245 -2.52 -7.19 -47.93
CA ARG E 1245 -2.23 -5.92 -48.58
C ARG E 1245 -1.24 -6.14 -49.70
N ALA E 1246 -1.03 -5.10 -50.50
CA ALA E 1246 -0.13 -5.21 -51.64
C ALA E 1246 1.30 -4.83 -51.26
N THR E 1247 1.49 -3.68 -50.63
CA THR E 1247 2.82 -3.21 -50.27
C THR E 1247 2.71 -2.30 -49.05
N LEU E 1248 3.80 -2.21 -48.30
CA LEU E 1248 3.82 -1.29 -47.17
C LEU E 1248 3.96 0.16 -47.65
N ASN E 1249 5.07 0.47 -48.31
CA ASN E 1249 5.26 1.76 -48.92
C ASN E 1249 5.04 1.65 -50.42
N PRO E 1250 4.03 2.30 -50.99
CA PRO E 1250 3.83 2.27 -52.45
C PRO E 1250 4.76 3.20 -53.23
N TRP E 1251 5.73 3.83 -52.58
CA TRP E 1251 6.71 4.67 -53.27
C TRP E 1251 8.03 3.95 -53.54
N ALA E 1252 8.17 2.69 -53.11
CA ALA E 1252 9.42 1.98 -53.26
C ALA E 1252 9.22 0.51 -53.61
N SER E 1253 8.13 0.17 -54.28
CA SER E 1253 7.81 -1.24 -54.47
C SER E 1253 7.45 -1.62 -55.91
N GLN E 1254 6.97 -0.66 -56.70
CA GLN E 1254 6.49 -1.00 -58.04
C GLN E 1254 7.66 -1.18 -59.02
N LYS E 1255 7.30 -1.36 -60.29
CA LYS E 1255 8.29 -1.61 -61.34
C LYS E 1255 9.10 -0.36 -61.64
N HIS E 1256 8.48 0.81 -61.58
CA HIS E 1256 9.15 2.07 -61.91
C HIS E 1256 8.81 3.14 -60.88
N SER E 1257 8.80 2.77 -59.60
CA SER E 1257 8.56 3.74 -58.55
C SER E 1257 9.84 4.51 -58.22
N TYR E 1258 9.75 5.37 -57.21
CA TYR E 1258 10.85 6.27 -56.90
C TYR E 1258 12.06 5.52 -56.32
N GLY E 1259 11.82 4.73 -55.28
CA GLY E 1259 12.91 3.97 -54.69
C GLY E 1259 13.44 2.89 -55.62
N ASP E 1260 12.55 2.32 -56.45
CA ASP E 1260 12.98 1.32 -57.42
C ASP E 1260 13.81 1.93 -58.53
N ARG E 1261 13.45 3.13 -58.99
CA ARG E 1261 14.30 3.82 -59.96
C ARG E 1261 15.58 4.34 -59.34
N LEU E 1262 15.61 4.51 -58.01
CA LEU E 1262 16.79 5.07 -57.36
C LEU E 1262 17.80 4.02 -56.93
N TYR E 1263 17.37 2.80 -56.59
CA TYR E 1263 18.29 1.83 -56.00
C TYR E 1263 18.42 0.51 -56.74
N ASN E 1264 17.73 0.32 -57.86
CA ASN E 1264 17.89 -0.93 -58.61
C ASN E 1264 19.22 -0.94 -59.35
N GLY E 1265 19.80 -2.14 -59.47
CA GLY E 1265 21.04 -2.28 -60.22
C GLY E 1265 20.85 -2.49 -61.71
N THR E 1266 19.63 -2.83 -62.14
CA THR E 1266 19.37 -3.03 -63.55
C THR E 1266 19.37 -1.71 -64.32
N TYR E 1267 18.72 -0.68 -63.75
CA TYR E 1267 18.65 0.60 -64.44
C TYR E 1267 19.99 1.34 -64.40
N ASN E 1268 20.82 1.06 -63.39
CA ASN E 1268 22.19 1.57 -63.25
C ASN E 1268 22.22 3.09 -63.21
N LEU E 1269 21.59 3.64 -62.17
CA LEU E 1269 21.57 5.09 -61.97
C LEU E 1269 22.83 5.58 -61.25
N THR E 1270 23.28 4.86 -60.23
CA THR E 1270 24.47 5.23 -59.46
C THR E 1270 25.66 4.35 -59.80
N GLY E 1271 25.82 4.00 -61.08
CA GLY E 1271 26.96 3.18 -61.49
C GLY E 1271 28.28 3.91 -61.35
N ALA E 1272 28.30 5.21 -61.61
CA ALA E 1272 29.51 5.99 -61.46
C ALA E 1272 29.82 6.34 -60.01
N SER E 1273 28.88 6.14 -59.10
CA SER E 1273 29.10 6.42 -57.69
C SER E 1273 29.99 5.33 -57.08
N PRO E 1274 31.11 5.69 -56.44
CA PRO E 1274 32.04 4.67 -55.95
C PRO E 1274 31.67 4.05 -54.62
N ILE E 1275 30.62 4.51 -53.95
CA ILE E 1275 30.31 4.02 -52.61
C ILE E 1275 29.34 2.85 -52.69
N TYR E 1276 29.27 2.10 -51.60
CA TYR E 1276 28.38 0.94 -51.52
C TYR E 1276 26.96 1.38 -51.19
N SER E 1277 26.00 0.69 -51.78
CA SER E 1277 24.59 0.87 -51.46
C SER E 1277 24.10 -0.35 -50.71
N PRO E 1278 23.79 -0.25 -49.42
CA PRO E 1278 23.44 -1.45 -48.64
C PRO E 1278 22.09 -2.05 -48.97
N CYS E 1279 21.22 -1.32 -49.68
CA CYS E 1279 19.94 -1.85 -50.12
C CYS E 1279 19.92 -2.18 -51.61
N PHE E 1280 21.07 -2.44 -52.21
CA PHE E 1280 21.13 -2.87 -53.59
C PHE E 1280 20.70 -4.32 -53.76
N LYS E 1281 21.02 -5.17 -52.78
CA LYS E 1281 20.67 -6.59 -52.84
C LYS E 1281 19.21 -6.85 -52.54
N PHE E 1282 18.47 -5.85 -52.03
CA PHE E 1282 17.05 -6.02 -51.75
C PHE E 1282 16.17 -5.73 -52.96
N PHE E 1283 16.58 -4.81 -53.82
CA PHE E 1283 15.73 -4.36 -54.91
C PHE E 1283 16.04 -5.03 -56.24
N THR E 1284 17.27 -5.45 -56.46
CA THR E 1284 17.68 -6.01 -57.74
C THR E 1284 17.18 -7.45 -57.88
N PRO E 1285 16.47 -7.78 -58.97
CA PRO E 1285 16.08 -9.18 -59.19
C PRO E 1285 17.29 -10.03 -59.53
N ALA E 1286 17.57 -11.03 -58.70
CA ALA E 1286 18.73 -11.87 -58.90
C ALA E 1286 18.53 -12.85 -60.05
N GLU E 1287 19.61 -13.08 -60.79
CA GLU E 1287 19.57 -14.07 -61.86
C GLU E 1287 19.47 -15.47 -61.29
N VAL E 1288 18.69 -16.33 -61.95
CA VAL E 1288 18.36 -17.64 -61.43
C VAL E 1288 18.12 -18.61 -62.57
N ASN E 1289 18.69 -19.81 -62.47
CA ASN E 1289 18.28 -20.96 -63.25
C ASN E 1289 17.30 -21.78 -62.41
N THR E 1290 16.14 -22.10 -62.99
CA THR E 1290 15.10 -22.82 -62.28
C THR E 1290 15.10 -24.32 -62.58
N ASN E 1291 16.19 -24.85 -63.14
CA ASN E 1291 16.28 -26.28 -63.40
C ASN E 1291 16.34 -27.08 -62.10
N CYS E 1292 17.08 -26.60 -61.11
CA CYS E 1292 17.17 -27.26 -59.83
C CYS E 1292 15.97 -26.92 -58.96
N ASN E 1293 15.80 -27.68 -57.88
CA ASN E 1293 14.75 -27.40 -56.92
C ASN E 1293 15.14 -26.23 -56.03
N THR E 1294 14.18 -25.81 -55.19
CA THR E 1294 14.37 -24.60 -54.40
C THR E 1294 15.37 -24.82 -53.27
N LEU E 1295 15.35 -25.99 -52.64
CA LEU E 1295 16.14 -26.20 -51.43
C LEU E 1295 17.63 -26.36 -51.74
N ASP E 1296 17.96 -27.06 -52.84
CA ASP E 1296 19.37 -27.19 -53.22
C ASP E 1296 19.94 -25.86 -53.69
N ARG E 1297 19.13 -25.04 -54.37
CA ARG E 1297 19.55 -23.69 -54.72
C ARG E 1297 19.76 -22.82 -53.48
N LEU E 1298 18.90 -22.99 -52.48
CA LEU E 1298 19.04 -22.25 -51.22
C LEU E 1298 20.31 -22.66 -50.48
N LEU E 1299 20.64 -23.95 -50.52
CA LEU E 1299 21.90 -24.41 -49.92
C LEU E 1299 23.11 -23.96 -50.73
N MET E 1300 22.95 -23.81 -52.05
CA MET E 1300 24.04 -23.31 -52.88
C MET E 1300 24.29 -21.82 -52.62
N GLU E 1301 23.23 -21.06 -52.38
CA GLU E 1301 23.37 -19.64 -52.09
C GLU E 1301 23.89 -19.36 -50.68
N ALA E 1302 23.91 -20.35 -49.81
CA ALA E 1302 24.24 -20.15 -48.41
C ALA E 1302 25.71 -20.39 -48.09
N LYS E 1303 26.54 -20.68 -49.07
CA LYS E 1303 27.94 -20.97 -48.83
C LYS E 1303 28.71 -19.66 -48.63
N ALA E 1304 30.04 -19.76 -48.60
CA ALA E 1304 30.89 -18.58 -48.41
C ALA E 1304 30.90 -17.74 -49.68
N VAL E 1305 29.93 -16.84 -49.82
CA VAL E 1305 29.84 -16.01 -51.01
C VAL E 1305 30.91 -14.93 -50.98
N ALA E 1306 31.18 -14.34 -52.14
CA ALA E 1306 32.22 -13.33 -52.25
C ALA E 1306 31.79 -12.03 -51.58
N SER E 1307 32.77 -11.24 -51.17
CA SER E 1307 32.51 -9.97 -50.52
C SER E 1307 31.97 -8.95 -51.51
N GLN E 1308 31.30 -7.93 -50.99
CA GLN E 1308 30.65 -6.92 -51.81
C GLN E 1308 30.92 -5.53 -51.24
N SER E 1309 32.02 -5.39 -50.50
CA SER E 1309 32.42 -4.12 -49.93
C SER E 1309 33.94 -4.11 -49.83
N SER E 1310 34.48 -3.13 -49.11
CA SER E 1310 35.92 -2.97 -48.96
C SER E 1310 36.29 -2.94 -47.49
N THR E 1311 37.50 -3.42 -47.19
CA THR E 1311 38.00 -3.48 -45.82
C THR E 1311 39.16 -2.52 -45.56
N ASP E 1312 40.02 -2.28 -46.55
CA ASP E 1312 41.17 -1.42 -46.35
C ASP E 1312 40.84 0.07 -46.50
N THR E 1313 39.67 0.41 -47.03
CA THR E 1313 39.29 1.80 -47.20
C THR E 1313 38.70 2.33 -45.88
N GLU E 1314 38.10 3.53 -45.93
CA GLU E 1314 37.51 4.12 -44.74
C GLU E 1314 36.05 4.52 -44.94
N TYR E 1315 35.50 4.34 -46.15
CA TYR E 1315 34.15 4.82 -46.43
C TYR E 1315 33.21 3.74 -46.91
N GLN E 1316 33.62 2.46 -46.89
CA GLN E 1316 32.86 1.32 -47.41
C GLN E 1316 32.50 1.53 -48.89
N PHE E 1317 33.53 1.51 -49.71
CA PHE E 1317 33.38 1.68 -51.15
C PHE E 1317 32.83 0.41 -51.80
N LYS E 1318 32.77 0.41 -53.13
CA LYS E 1318 32.33 -0.76 -53.87
C LYS E 1318 33.42 -1.83 -53.85
N ARG E 1319 33.11 -2.97 -54.47
CA ARG E 1319 34.02 -4.10 -54.49
C ARG E 1319 35.23 -3.79 -55.37
N PRO E 1320 36.45 -3.87 -54.84
CA PRO E 1320 37.64 -3.63 -55.68
C PRO E 1320 37.85 -4.77 -56.65
N PRO E 1321 38.40 -4.49 -57.83
CA PRO E 1321 38.67 -5.58 -58.78
C PRO E 1321 39.81 -6.46 -58.31
N GLY E 1322 39.66 -7.77 -58.51
CA GLY E 1322 40.64 -8.73 -58.09
C GLY E 1322 40.63 -9.09 -56.63
N SER E 1323 39.67 -8.57 -55.86
CA SER E 1323 39.59 -8.83 -54.43
C SER E 1323 38.72 -10.06 -54.20
N THR E 1324 39.33 -11.15 -53.75
CA THR E 1324 38.64 -12.42 -53.51
C THR E 1324 38.62 -12.68 -52.00
N GLU E 1325 37.57 -12.21 -51.35
CA GLU E 1325 37.34 -12.46 -49.93
C GLU E 1325 35.97 -13.09 -49.77
N MET E 1326 35.89 -14.21 -49.06
CA MET E 1326 34.66 -14.95 -48.90
C MET E 1326 34.07 -14.66 -47.53
N THR E 1327 32.92 -13.98 -47.52
CA THR E 1327 32.19 -13.68 -46.30
C THR E 1327 30.82 -14.35 -46.39
N GLN E 1328 30.41 -15.04 -45.33
CA GLN E 1328 29.06 -15.59 -45.26
C GLN E 1328 28.06 -14.44 -45.20
N ASP E 1329 26.93 -14.63 -45.89
CA ASP E 1329 25.94 -13.56 -46.04
C ASP E 1329 24.58 -14.04 -45.55
N PRO E 1330 24.31 -13.90 -44.26
CA PRO E 1330 22.92 -14.06 -43.78
C PRO E 1330 22.09 -12.87 -44.20
N CYS E 1331 20.77 -13.10 -44.22
CA CYS E 1331 19.73 -12.09 -44.54
C CYS E 1331 19.92 -11.46 -45.93
N GLY E 1332 20.63 -12.16 -46.82
CA GLY E 1332 20.77 -11.75 -48.20
C GLY E 1332 20.21 -12.82 -49.11
N LEU E 1333 20.19 -14.05 -48.60
CA LEU E 1333 19.48 -15.15 -49.25
C LEU E 1333 18.04 -15.26 -48.80
N PHE E 1334 17.64 -14.50 -47.78
CA PHE E 1334 16.26 -14.46 -47.32
C PHE E 1334 15.57 -13.15 -47.63
N GLN E 1335 16.32 -12.11 -48.03
CA GLN E 1335 15.83 -10.76 -48.29
C GLN E 1335 15.10 -10.19 -47.07
N GLU E 1336 15.85 -10.05 -45.98
CA GLU E 1336 15.33 -9.54 -44.72
C GLU E 1336 16.37 -8.63 -44.08
N ALA E 1337 15.91 -7.81 -43.14
CA ALA E 1337 16.78 -6.92 -42.39
C ALA E 1337 16.32 -6.87 -40.93
N TYR E 1338 17.28 -6.89 -40.01
CA TYR E 1338 16.98 -7.03 -38.59
C TYR E 1338 16.97 -5.67 -37.92
N PRO E 1339 15.90 -5.28 -37.24
CA PRO E 1339 15.88 -3.97 -36.58
C PRO E 1339 16.69 -4.00 -35.29
N PRO E 1340 17.56 -3.00 -35.07
CA PRO E 1340 18.34 -2.98 -33.83
C PRO E 1340 17.61 -2.28 -32.70
N LEU E 1341 18.25 -2.15 -31.55
CA LEU E 1341 17.68 -1.41 -30.43
C LEU E 1341 17.74 0.09 -30.78
N CYS E 1342 16.58 0.65 -31.12
CA CYS E 1342 16.49 2.03 -31.54
C CYS E 1342 15.28 2.68 -30.89
N SER E 1343 15.32 4.01 -30.81
CA SER E 1343 14.22 4.76 -30.24
C SER E 1343 14.20 6.16 -30.83
N SER E 1344 13.04 6.81 -30.73
CA SER E 1344 12.92 8.19 -31.18
C SER E 1344 13.28 9.20 -30.10
N ASP E 1345 13.55 8.75 -28.89
CA ASP E 1345 13.90 9.64 -27.78
C ASP E 1345 15.00 9.00 -26.95
N ALA E 1346 15.97 9.81 -26.53
CA ALA E 1346 17.02 9.32 -25.65
C ALA E 1346 16.55 9.19 -24.21
N ALA E 1347 15.39 9.77 -23.88
CA ALA E 1347 14.89 9.69 -22.50
C ALA E 1347 14.38 8.30 -22.17
N MET E 1348 13.71 7.65 -23.13
CA MET E 1348 13.16 6.31 -22.90
C MET E 1348 14.12 5.19 -23.26
N LEU E 1349 15.23 5.50 -23.94
CA LEU E 1349 16.20 4.48 -24.31
C LEU E 1349 17.00 3.97 -23.11
N ARG E 1350 17.02 4.72 -22.01
CA ARG E 1350 17.78 4.35 -20.83
C ARG E 1350 16.93 4.58 -19.58
N THR E 1351 16.93 3.61 -18.68
CA THR E 1351 16.13 3.70 -17.46
C THR E 1351 17.03 3.95 -16.26
N ALA E 1352 16.40 4.36 -15.16
CA ALA E 1352 17.12 4.77 -13.94
C ALA E 1352 17.10 3.63 -12.93
N HIS E 1353 17.95 2.63 -13.18
CA HIS E 1353 18.06 1.51 -12.24
C HIS E 1353 19.48 1.00 -12.07
N ALA E 1354 20.49 1.65 -12.69
CA ALA E 1354 21.89 1.21 -12.71
C ALA E 1354 22.01 -0.22 -13.23
N GLY E 1355 21.67 -0.38 -14.51
CA GLY E 1355 21.54 -1.70 -15.07
C GLY E 1355 21.08 -1.71 -16.53
N GLU E 1356 20.05 -2.50 -16.80
CA GLU E 1356 19.57 -2.74 -18.16
C GLU E 1356 18.97 -1.48 -18.77
N THR E 1357 18.68 -1.56 -20.07
CA THR E 1357 18.10 -0.46 -20.83
C THR E 1357 16.58 -0.48 -20.69
N GLY E 1358 15.94 0.61 -21.13
CA GLY E 1358 14.49 0.70 -21.04
C GLY E 1358 13.78 -0.23 -22.01
N ALA E 1359 12.52 -0.51 -21.69
CA ALA E 1359 11.75 -1.48 -22.47
C ALA E 1359 10.32 -1.04 -22.76
N ASP E 1360 9.93 0.19 -22.41
CA ASP E 1360 8.60 0.68 -22.75
C ASP E 1360 8.50 0.90 -24.26
N GLU E 1361 7.31 0.68 -24.80
CA GLU E 1361 7.15 0.65 -26.25
C GLU E 1361 6.88 2.03 -26.85
N VAL E 1362 5.75 2.65 -26.49
CA VAL E 1362 5.40 3.99 -26.96
C VAL E 1362 5.07 4.86 -25.75
N HIS E 1363 5.40 6.15 -25.84
CA HIS E 1363 4.98 7.06 -24.79
C HIS E 1363 3.81 7.96 -25.18
N LEU E 1364 4.00 8.87 -26.13
CA LEU E 1364 2.90 9.62 -26.70
C LEU E 1364 2.86 9.50 -28.22
N ALA E 1365 3.93 9.85 -28.90
CA ALA E 1365 4.11 9.59 -30.31
C ALA E 1365 5.46 9.00 -30.62
N GLN E 1366 6.35 8.92 -29.63
CA GLN E 1366 7.66 8.29 -29.76
C GLN E 1366 7.50 6.77 -29.72
N TYR E 1367 8.60 6.07 -29.95
CA TYR E 1367 8.57 4.62 -30.01
C TYR E 1367 9.96 4.09 -29.66
N LEU E 1368 9.99 2.83 -29.23
CA LEU E 1368 11.25 2.15 -28.89
C LEU E 1368 11.16 0.74 -29.46
N ILE E 1369 11.85 0.52 -30.58
CA ILE E 1369 11.86 -0.80 -31.21
C ILE E 1369 12.89 -1.66 -30.48
N ARG E 1370 12.42 -2.76 -29.88
CA ARG E 1370 13.32 -3.66 -29.17
C ARG E 1370 14.20 -4.42 -30.16
N ASP E 1371 15.30 -4.97 -29.65
CA ASP E 1371 16.28 -5.63 -30.50
C ASP E 1371 15.75 -6.96 -31.00
N ALA E 1372 15.78 -7.14 -32.32
CA ALA E 1372 15.42 -8.41 -32.95
C ALA E 1372 16.56 -8.99 -33.76
N SER E 1373 17.75 -8.38 -33.72
CA SER E 1373 18.90 -8.87 -34.43
C SER E 1373 19.45 -10.12 -33.75
N PRO E 1374 20.29 -10.91 -34.44
CA PRO E 1374 20.98 -12.02 -33.76
C PRO E 1374 21.91 -11.59 -32.63
N LEU E 1375 22.34 -10.32 -32.58
CA LEU E 1375 23.19 -9.83 -31.51
C LEU E 1375 22.31 -9.16 -30.45
N ARG E 1376 21.76 -9.98 -29.55
CA ARG E 1376 20.98 -9.47 -28.44
C ARG E 1376 21.83 -9.28 -27.19
N GLY E 1377 22.59 -10.30 -26.80
CA GLY E 1377 23.46 -10.22 -25.66
C GLY E 1377 24.84 -9.67 -25.93
N CYS E 1378 25.23 -9.54 -27.20
CA CYS E 1378 26.51 -8.98 -27.59
C CYS E 1378 26.35 -7.49 -27.85
N LEU E 1379 27.43 -6.86 -28.36
CA LEU E 1379 27.53 -5.43 -28.69
C LEU E 1379 27.16 -4.58 -27.48
N PRO E 1380 28.07 -4.46 -26.50
CA PRO E 1380 27.69 -3.92 -25.18
C PRO E 1380 27.25 -2.46 -25.22
N LEU E 1381 26.34 -2.13 -24.31
CA LEU E 1381 25.72 -0.81 -24.24
C LEU E 1381 26.50 0.10 -23.30
N THR F 1 79.37 18.74 49.61
CA THR F 1 79.11 18.48 48.19
C THR F 1 80.19 17.60 47.57
N GLU F 2 81.40 18.15 47.44
CA GLU F 2 82.51 17.38 46.91
C GLU F 2 82.94 16.30 47.90
N SER F 3 82.94 16.61 49.19
CA SER F 3 83.27 15.62 50.21
C SER F 3 82.21 14.52 50.26
N ASP F 4 80.95 14.88 50.04
CA ASP F 4 79.89 13.88 49.97
C ASP F 4 80.05 12.98 48.76
N ARG F 5 80.53 13.53 47.64
CA ARG F 5 80.78 12.71 46.46
C ARG F 5 82.00 11.80 46.67
N ILE F 6 83.01 12.28 47.40
CA ILE F 6 84.16 11.45 47.74
C ILE F 6 83.74 10.31 48.66
N ALA F 7 82.87 10.60 49.63
CA ALA F 7 82.39 9.54 50.53
C ALA F 7 81.41 8.61 49.82
N GLY F 8 80.78 9.09 48.75
CA GLY F 8 79.82 8.25 48.03
C GLY F 8 80.46 7.08 47.31
N ILE F 9 81.58 7.32 46.63
CA ILE F 9 82.31 6.25 45.95
C ILE F 9 83.34 5.66 46.90
N PHE F 10 83.51 4.34 46.85
CA PHE F 10 84.48 3.59 47.64
C PHE F 10 84.27 3.82 49.14
N ASN F 11 83.13 3.30 49.62
CA ASN F 11 82.55 3.62 50.94
C ASN F 11 83.54 3.43 52.08
N ILE F 12 83.43 4.32 53.07
CA ILE F 12 84.51 4.52 54.05
C ILE F 12 84.75 3.29 54.93
N PRO F 13 83.68 2.58 55.54
CA PRO F 13 83.98 1.34 56.26
C PRO F 13 84.07 0.12 55.35
N ALA F 14 84.94 0.18 54.34
CA ALA F 14 85.13 -0.94 53.43
C ALA F 14 85.86 -2.07 54.12
N GLY F 15 85.56 -3.29 53.69
CA GLY F 15 86.14 -4.49 54.26
C GLY F 15 87.46 -4.93 53.66
N ILE F 16 88.13 -4.06 52.92
CA ILE F 16 89.39 -4.41 52.28
C ILE F 16 90.49 -4.53 53.34
N ILE F 17 91.50 -5.34 53.03
CA ILE F 17 92.66 -5.51 53.91
C ILE F 17 93.46 -4.21 53.93
N PRO F 18 93.86 -3.71 55.10
CA PRO F 18 94.68 -2.49 55.15
C PRO F 18 96.03 -2.68 54.49
N THR F 19 96.47 -1.63 53.79
CA THR F 19 97.71 -1.66 53.04
C THR F 19 98.92 -1.37 53.92
N GLY F 20 98.86 -0.31 54.71
CA GLY F 20 99.98 0.06 55.57
C GLY F 20 99.49 0.41 56.96
N ASN F 21 100.34 0.12 57.93
CA ASN F 21 100.05 0.40 59.33
C ASN F 21 100.43 1.84 59.65
N VAL F 22 99.54 2.54 60.36
CA VAL F 22 99.74 3.95 60.68
C VAL F 22 100.56 4.04 61.97
N LEU F 23 101.70 4.70 61.90
CA LEU F 23 102.60 4.84 63.05
C LEU F 23 102.37 6.17 63.76
N SER F 24 101.12 6.39 64.19
CA SER F 24 100.76 7.64 64.85
C SER F 24 99.55 7.40 65.73
N THR F 25 99.73 7.50 67.05
CA THR F 25 98.65 7.44 68.02
C THR F 25 98.46 8.85 68.57
N ILE F 26 97.55 9.59 67.95
CA ILE F 26 97.36 11.01 68.23
C ILE F 26 95.88 11.29 68.00
N GLU F 27 95.31 12.18 68.82
CA GLU F 27 93.91 12.59 68.70
C GLU F 27 93.72 13.30 67.37
N VAL F 28 93.05 12.62 66.44
CA VAL F 28 92.93 13.10 65.07
C VAL F 28 91.73 14.02 64.91
N CYS F 29 90.90 14.17 65.95
CA CYS F 29 89.74 15.05 65.87
C CYS F 29 90.15 16.51 65.81
N ALA F 30 91.31 16.86 66.38
CA ALA F 30 91.81 18.22 66.31
C ALA F 30 92.27 18.57 64.89
N HIS F 31 92.79 17.59 64.16
CA HIS F 31 93.20 17.79 62.77
C HIS F 31 92.08 17.43 61.81
N ARG F 32 90.94 18.09 62.00
CA ARG F 32 89.76 17.88 61.17
C ARG F 32 89.78 18.75 59.92
N CYS F 33 90.51 19.87 59.93
CA CYS F 33 90.59 20.79 58.80
C CYS F 33 91.44 20.25 57.65
N ILE F 34 92.05 19.08 57.80
CA ILE F 34 92.73 18.39 56.71
C ILE F 34 91.89 17.16 56.39
N PHE F 35 92.37 16.34 55.44
CA PHE F 35 91.67 15.25 54.77
C PHE F 35 90.53 15.82 53.93
N ASP F 36 89.60 14.96 53.51
CA ASP F 36 88.47 15.43 52.70
C ASP F 36 87.15 15.08 53.37
N PHE F 37 87.09 13.90 53.98
CA PHE F 37 85.88 13.44 54.67
C PHE F 37 86.28 12.92 56.04
N PHE F 38 85.58 13.39 57.07
CA PHE F 38 85.87 13.00 58.44
C PHE F 38 84.58 12.57 59.13
N LYS F 39 84.61 11.42 59.78
CA LYS F 39 83.45 10.90 60.50
C LYS F 39 83.94 10.14 61.72
N GLN F 40 83.54 10.60 62.90
CA GLN F 40 83.95 9.99 64.16
C GLN F 40 82.73 9.38 64.83
N ILE F 41 82.81 8.08 65.14
CA ILE F 41 81.76 7.37 65.86
C ILE F 41 82.26 7.06 67.25
N ARG F 42 81.35 7.03 68.22
CA ARG F 42 81.75 6.88 69.62
C ARG F 42 82.12 5.43 69.92
N SER F 43 81.16 4.52 69.82
CA SER F 43 81.41 3.10 70.04
C SER F 43 81.08 2.24 68.84
N ASP F 44 79.88 2.40 68.28
CA ASP F 44 79.42 1.69 67.10
C ASP F 44 78.23 2.45 66.52
N ASP F 45 78.11 2.39 65.20
CA ASP F 45 77.01 3.04 64.50
C ASP F 45 76.45 2.08 63.46
N ASN F 46 75.19 2.28 63.11
CA ASN F 46 74.55 1.45 62.10
C ASN F 46 74.84 1.90 60.68
N SER F 47 75.57 3.01 60.51
CA SER F 47 75.97 3.45 59.17
C SER F 47 77.06 2.58 58.57
N LEU F 48 77.69 1.71 59.37
CA LEU F 48 78.77 0.85 58.88
C LEU F 48 78.25 -0.37 58.13
N TYR F 49 76.95 -0.61 58.14
CA TYR F 49 76.36 -1.81 57.53
C TYR F 49 75.39 -1.36 56.45
N SER F 50 75.85 -1.39 55.19
CA SER F 50 75.05 -1.02 54.04
C SER F 50 75.59 -1.74 52.81
N ALA F 51 74.69 -2.16 51.91
CA ALA F 51 75.11 -2.83 50.69
C ALA F 51 74.80 -2.03 49.44
N GLN F 52 73.52 -1.78 49.15
CA GLN F 52 72.98 -0.93 48.08
C GLN F 52 73.70 -0.99 46.73
N PHE F 53 73.73 -2.15 46.09
CA PHE F 53 74.46 -2.30 44.84
C PHE F 53 73.52 -2.19 43.65
N ASP F 54 74.10 -1.88 42.50
CA ASP F 54 73.41 -1.95 41.21
C ASP F 54 73.83 -3.22 40.49
N ILE F 55 72.98 -3.67 39.57
CA ILE F 55 73.23 -4.93 38.87
C ILE F 55 72.93 -4.75 37.39
N LEU F 56 73.74 -5.39 36.56
CA LEU F 56 73.52 -5.47 35.12
C LEU F 56 73.08 -6.88 34.79
N LEU F 57 71.92 -7.01 34.15
CA LEU F 57 71.27 -8.31 33.97
C LEU F 57 71.41 -8.84 32.55
N GLY F 58 72.56 -8.61 31.92
CA GLY F 58 72.86 -9.21 30.64
C GLY F 58 72.71 -8.23 29.49
N THR F 59 73.51 -8.44 28.45
CA THR F 59 73.47 -7.67 27.23
C THR F 59 73.03 -8.58 26.09
N TYR F 60 72.09 -8.11 25.28
CA TYR F 60 71.55 -8.88 24.18
C TYR F 60 71.96 -8.27 22.85
N CYS F 61 72.55 -9.08 21.98
CA CYS F 61 73.01 -8.63 20.68
C CYS F 61 72.62 -9.66 19.62
N ASN F 62 72.11 -9.19 18.49
CA ASN F 62 71.70 -10.06 17.40
C ASN F 62 72.76 -10.13 16.33
N THR F 63 72.69 -11.18 15.52
CA THR F 63 73.55 -11.34 14.36
C THR F 63 72.69 -11.31 13.10
N LEU F 64 73.30 -10.89 11.99
CA LEU F 64 72.55 -10.74 10.75
C LEU F 64 72.41 -12.07 10.03
N ASN F 65 71.37 -12.15 9.19
CA ASN F 65 71.13 -13.30 8.34
C ASN F 65 71.57 -12.94 6.92
N PHE F 66 72.62 -13.60 6.45
CA PHE F 66 73.19 -13.30 5.14
C PHE F 66 72.41 -13.98 4.04
N VAL F 67 72.14 -13.24 2.97
CA VAL F 67 71.45 -13.75 1.80
C VAL F 67 72.45 -13.83 0.65
N ARG F 68 72.28 -14.87 -0.17
CA ARG F 68 73.04 -15.01 -1.41
C ARG F 68 72.08 -14.90 -2.58
N PHE F 69 72.55 -14.28 -3.67
CA PHE F 69 71.67 -13.97 -4.79
C PHE F 69 71.23 -15.22 -5.53
N LEU F 70 72.12 -16.21 -5.63
CA LEU F 70 71.80 -17.42 -6.38
C LEU F 70 70.71 -18.24 -5.69
N GLU F 71 70.74 -18.31 -4.35
CA GLU F 71 69.78 -19.13 -3.63
C GLU F 71 68.37 -18.55 -3.65
N LEU F 72 68.22 -17.29 -4.02
CA LEU F 72 66.89 -16.73 -4.25
C LEU F 72 66.30 -17.30 -5.54
N GLY F 73 64.98 -17.26 -5.63
CA GLY F 73 64.30 -17.69 -6.84
C GLY F 73 64.35 -16.66 -7.96
N LEU F 74 64.78 -15.44 -7.67
CA LEU F 74 64.97 -14.44 -8.71
C LEU F 74 66.18 -14.71 -9.58
N SER F 75 67.09 -15.56 -9.12
CA SER F 75 68.31 -15.85 -9.89
C SER F 75 68.04 -16.68 -11.13
N VAL F 76 66.85 -17.28 -11.24
CA VAL F 76 66.52 -18.04 -12.45
C VAL F 76 66.30 -17.12 -13.65
N ALA F 77 66.00 -15.84 -13.43
CA ALA F 77 65.67 -14.92 -14.50
C ALA F 77 66.89 -14.18 -15.05
N CYS F 78 68.09 -14.71 -14.84
CA CYS F 78 69.30 -14.09 -15.35
C CYS F 78 70.38 -15.14 -15.52
N ILE F 79 71.33 -14.88 -16.42
CA ILE F 79 72.48 -15.74 -16.65
C ILE F 79 73.71 -14.93 -16.26
N CYS F 80 74.16 -15.07 -15.03
CA CYS F 80 75.29 -14.31 -14.52
C CYS F 80 76.60 -14.84 -15.09
N THR F 81 77.52 -13.92 -15.35
CA THR F 81 78.87 -14.27 -15.78
C THR F 81 79.83 -13.18 -15.33
N LYS F 82 80.94 -13.59 -14.73
CA LYS F 82 81.96 -12.63 -14.30
C LYS F 82 82.73 -12.10 -15.50
N PHE F 83 83.17 -10.86 -15.38
CA PHE F 83 83.90 -10.20 -16.45
C PHE F 83 84.78 -9.12 -15.86
N PRO F 84 86.06 -9.41 -15.58
CA PRO F 84 86.91 -8.43 -14.88
C PRO F 84 87.22 -7.18 -15.70
N GLU F 85 87.36 -7.31 -17.01
CA GLU F 85 87.65 -6.16 -17.87
C GLU F 85 86.36 -5.54 -18.42
N LEU F 86 85.44 -5.20 -17.53
CA LEU F 86 84.17 -4.61 -17.92
C LEU F 86 84.23 -3.09 -18.02
N ALA F 87 85.10 -2.45 -17.24
CA ALA F 87 85.23 -1.01 -17.30
C ALA F 87 85.91 -0.53 -18.58
N TYR F 88 86.58 -1.41 -19.31
CA TYR F 88 87.23 -1.06 -20.56
C TYR F 88 86.33 -1.24 -21.78
N VAL F 89 85.12 -1.78 -21.61
CA VAL F 89 84.26 -2.08 -22.74
C VAL F 89 83.59 -0.79 -23.20
N ARG F 90 83.81 -0.41 -24.45
CA ARG F 90 83.16 0.78 -24.99
C ARG F 90 81.73 0.49 -25.42
N ASP F 91 81.52 -0.62 -26.13
CA ASP F 91 80.19 -1.01 -26.58
C ASP F 91 80.21 -2.50 -26.90
N GLY F 92 79.32 -3.25 -26.26
CA GLY F 92 79.14 -4.67 -26.55
C GLY F 92 77.85 -4.88 -27.32
N VAL F 93 77.85 -5.86 -28.22
CA VAL F 93 76.71 -6.13 -29.07
C VAL F 93 76.38 -7.62 -29.06
N ILE F 94 75.10 -7.93 -29.22
CA ILE F 94 74.61 -9.28 -29.43
C ILE F 94 73.94 -9.31 -30.80
N GLN F 95 73.84 -10.51 -31.38
CA GLN F 95 73.35 -10.63 -32.75
C GLN F 95 72.33 -11.75 -32.86
N PHE F 96 71.36 -11.56 -33.76
CA PHE F 96 70.32 -12.54 -34.03
C PHE F 96 70.18 -12.74 -35.53
N GLU F 97 69.92 -13.98 -35.93
CA GLU F 97 69.66 -14.35 -37.32
C GLU F 97 68.44 -15.27 -37.33
N VAL F 98 67.26 -14.70 -37.56
CA VAL F 98 65.99 -15.42 -37.44
C VAL F 98 65.36 -15.55 -38.81
N GLN F 99 65.01 -16.77 -39.19
CA GLN F 99 64.34 -17.06 -40.45
C GLN F 99 62.89 -17.43 -40.21
N GLN F 100 62.08 -17.32 -41.25
CA GLN F 100 60.65 -17.55 -41.17
C GLN F 100 60.20 -18.53 -42.25
N PRO F 101 59.13 -19.31 -42.00
CA PRO F 101 58.59 -20.18 -43.05
C PRO F 101 57.73 -19.42 -44.06
N MET F 102 57.16 -20.13 -45.04
CA MET F 102 56.43 -19.48 -46.11
C MET F 102 55.44 -20.48 -46.72
N ILE F 103 54.30 -19.96 -47.15
CA ILE F 103 53.15 -20.75 -47.61
C ILE F 103 53.06 -20.64 -49.14
N ALA F 104 52.93 -21.79 -49.80
CA ALA F 104 52.69 -21.81 -51.24
C ALA F 104 51.19 -21.75 -51.50
N ARG F 105 50.76 -20.77 -52.28
CA ARG F 105 49.36 -20.58 -52.63
C ARG F 105 49.24 -20.29 -54.12
N ASP F 106 48.00 -20.03 -54.56
CA ASP F 106 47.73 -19.67 -55.95
C ASP F 106 46.63 -18.64 -56.04
N GLY F 107 46.24 -18.27 -57.27
CA GLY F 107 45.18 -17.31 -57.48
C GLY F 107 45.72 -15.93 -57.79
N PRO F 108 44.93 -14.88 -57.47
CA PRO F 108 45.35 -13.50 -57.72
C PRO F 108 46.23 -12.92 -56.62
N HIS F 109 47.28 -13.66 -56.26
CA HIS F 109 48.22 -13.26 -55.23
C HIS F 109 49.64 -13.28 -55.78
N PRO F 110 50.49 -12.36 -55.33
CA PRO F 110 51.91 -12.42 -55.73
C PRO F 110 52.58 -13.63 -55.09
N VAL F 111 53.57 -14.18 -55.80
CA VAL F 111 54.35 -15.28 -55.25
C VAL F 111 55.26 -14.76 -54.15
N ASP F 112 55.24 -15.44 -53.01
CA ASP F 112 56.01 -15.00 -51.86
C ASP F 112 57.36 -15.70 -51.81
N GLN F 113 58.31 -15.06 -51.16
CA GLN F 113 59.68 -15.53 -51.00
C GLN F 113 60.01 -15.65 -49.53
N PRO F 114 60.90 -16.57 -49.15
CA PRO F 114 61.30 -16.66 -47.74
C PRO F 114 62.10 -15.44 -47.31
N VAL F 115 61.88 -15.03 -46.06
CA VAL F 115 62.45 -13.80 -45.52
C VAL F 115 63.34 -14.14 -44.34
N HIS F 116 64.50 -13.50 -44.27
CA HIS F 116 65.43 -13.64 -43.16
C HIS F 116 65.53 -12.32 -42.41
N ASN F 117 65.55 -12.40 -41.08
CA ASN F 117 65.63 -11.23 -40.23
C ASN F 117 66.99 -11.16 -39.54
N TYR F 118 67.42 -9.94 -39.25
CA TYR F 118 68.71 -9.71 -38.58
C TYR F 118 68.52 -8.64 -37.52
N MET F 119 68.93 -8.94 -36.29
CA MET F 119 68.75 -8.04 -35.16
C MET F 119 70.07 -7.87 -34.42
N VAL F 120 70.28 -6.65 -33.91
CA VAL F 120 71.44 -6.33 -33.08
C VAL F 120 70.98 -5.56 -31.86
N LYS F 121 71.28 -6.06 -30.67
CA LYS F 121 71.06 -5.35 -29.43
C LYS F 121 72.39 -5.03 -28.79
N ARG F 122 72.39 -4.04 -27.89
CA ARG F 122 73.61 -3.56 -27.26
C ARG F 122 73.46 -3.59 -25.75
N ILE F 123 74.60 -3.64 -25.06
CA ILE F 123 74.60 -3.73 -23.61
C ILE F 123 74.26 -2.37 -22.99
N HIS F 124 73.86 -2.41 -21.72
CA HIS F 124 73.58 -1.21 -20.94
C HIS F 124 74.33 -1.31 -19.62
N LYS F 125 75.07 -0.27 -19.26
CA LYS F 125 75.96 -0.31 -18.11
C LYS F 125 75.29 0.27 -16.87
N ARG F 126 75.46 -0.41 -15.75
CA ARG F 126 74.97 0.05 -14.45
C ARG F 126 76.09 -0.09 -13.43
N SER F 127 75.79 0.25 -12.18
CA SER F 127 76.79 0.21 -11.13
C SER F 127 76.13 -0.14 -9.79
N LEU F 128 76.97 -0.38 -8.79
CA LEU F 128 76.55 -0.57 -7.41
C LEU F 128 77.52 0.19 -6.51
N SER F 129 77.01 0.74 -5.42
CA SER F 129 77.82 1.54 -4.52
C SER F 129 77.38 1.36 -3.08
N ALA F 130 78.35 1.26 -2.17
CA ALA F 130 78.08 1.14 -0.75
C ALA F 130 79.24 1.75 0.02
N ALA F 131 78.91 2.51 1.06
CA ALA F 131 79.91 3.22 1.86
C ALA F 131 80.29 2.42 3.08
N PHE F 132 81.39 2.85 3.71
CA PHE F 132 81.92 2.18 4.90
C PHE F 132 82.79 3.22 5.61
N ALA F 133 82.40 3.60 6.81
CA ALA F 133 83.05 4.68 7.54
C ALA F 133 83.85 4.15 8.72
N ILE F 134 84.84 4.94 9.13
CA ILE F 134 85.64 4.65 10.31
C ILE F 134 85.90 5.97 11.03
N ALA F 135 85.95 5.94 12.36
CA ALA F 135 86.04 7.17 13.13
C ALA F 135 87.49 7.60 13.31
N SER F 136 87.67 8.80 13.87
CA SER F 136 89.01 9.33 14.09
C SER F 136 89.71 8.62 15.24
N GLU F 137 88.95 8.25 16.28
CA GLU F 137 89.52 7.53 17.41
C GLU F 137 90.02 6.15 16.99
N ALA F 138 89.27 5.47 16.11
CA ALA F 138 89.71 4.19 15.60
C ALA F 138 90.96 4.31 14.74
N LEU F 139 91.04 5.38 13.93
CA LEU F 139 92.23 5.60 13.11
C LEU F 139 93.45 5.93 13.98
N SER F 140 93.23 6.63 15.09
CA SER F 140 94.33 6.88 16.02
C SER F 140 94.75 5.60 16.73
N LEU F 141 93.79 4.72 17.01
CA LEU F 141 94.10 3.45 17.67
C LEU F 141 94.72 2.42 16.74
N LEU F 142 94.57 2.57 15.42
CA LEU F 142 95.03 1.56 14.49
C LEU F 142 96.41 1.85 13.91
N SER F 143 96.83 3.11 13.85
CA SER F 143 98.11 3.47 13.24
C SER F 143 99.12 3.70 14.36
N ASN F 144 99.78 2.60 14.77
CA ASN F 144 100.78 2.67 15.84
C ASN F 144 102.12 2.08 15.43
N THR F 145 102.11 0.96 14.70
CA THR F 145 103.30 0.29 14.16
C THR F 145 104.30 -0.10 15.26
N TYR F 146 103.84 -1.02 16.13
CA TYR F 146 104.68 -1.71 17.12
C TYR F 146 105.30 -0.75 18.13
N VAL F 147 104.51 0.21 18.59
CA VAL F 147 104.99 1.19 19.59
C VAL F 147 104.19 1.06 20.88
N ASP F 148 102.87 0.95 20.75
CA ASP F 148 101.96 0.93 21.88
C ASP F 148 101.59 -0.52 22.21
N GLY F 149 100.60 -0.69 23.09
CA GLY F 149 100.24 -2.03 23.51
C GLY F 149 100.01 -2.24 25.00
N THR F 150 99.84 -1.15 25.76
CA THR F 150 99.54 -1.27 27.19
C THR F 150 98.15 -1.89 27.39
N GLU F 151 97.94 -2.40 28.60
CA GLU F 151 96.77 -3.25 28.91
C GLU F 151 95.45 -2.49 29.03
N ILE F 152 95.35 -1.20 28.72
CA ILE F 152 94.06 -0.49 28.76
C ILE F 152 93.77 -0.01 27.34
N ASP F 153 94.83 0.16 26.53
CA ASP F 153 94.67 0.60 25.15
C ASP F 153 94.47 -0.55 24.19
N SER F 154 94.94 -1.76 24.56
CA SER F 154 94.77 -2.91 23.69
C SER F 154 93.31 -3.33 23.58
N SER F 155 92.54 -3.15 24.66
CA SER F 155 91.11 -3.43 24.62
C SER F 155 90.38 -2.48 23.68
N LEU F 156 90.77 -1.19 23.69
CA LEU F 156 90.16 -0.23 22.78
C LEU F 156 90.57 -0.51 21.33
N ARG F 157 91.81 -0.95 21.12
CA ARG F 157 92.25 -1.34 19.77
C ARG F 157 91.46 -2.54 19.27
N ILE F 158 91.23 -3.52 20.14
CA ILE F 158 90.45 -4.71 19.78
C ILE F 158 89.01 -4.33 19.50
N ARG F 159 88.45 -3.39 20.26
CA ARG F 159 87.10 -2.90 20.00
C ARG F 159 87.01 -2.19 18.64
N ALA F 160 88.03 -1.41 18.29
CA ALA F 160 88.05 -0.73 16.99
C ALA F 160 88.14 -1.73 15.84
N ILE F 161 88.99 -2.76 15.98
CA ILE F 161 89.13 -3.79 14.96
C ILE F 161 87.83 -4.58 14.81
N GLN F 162 87.19 -4.90 15.94
CA GLN F 162 85.92 -5.63 15.91
C GLN F 162 84.82 -4.81 15.26
N GLN F 163 84.77 -3.51 15.53
CA GLN F 163 83.79 -2.64 14.89
C GLN F 163 84.04 -2.52 13.39
N MET F 164 85.31 -2.47 12.98
CA MET F 164 85.65 -2.45 11.56
C MET F 164 85.21 -3.74 10.86
N ALA F 165 85.43 -4.89 11.51
CA ALA F 165 85.05 -6.16 10.92
C ALA F 165 83.53 -6.30 10.82
N ARG F 166 82.81 -5.87 11.86
CA ARG F 166 81.36 -5.93 11.84
C ARG F 166 80.75 -4.95 10.84
N ASN F 167 81.44 -3.85 10.56
CA ASN F 167 81.00 -2.95 9.50
C ASN F 167 81.26 -3.53 8.11
N LEU F 168 82.46 -4.08 7.91
CA LEU F 168 82.86 -4.57 6.60
C LEU F 168 82.08 -5.82 6.19
N ARG F 169 81.66 -6.63 7.17
CA ARG F 169 80.85 -7.81 6.88
C ARG F 169 79.50 -7.43 6.26
N THR F 170 78.82 -6.45 6.85
CA THR F 170 77.55 -5.99 6.29
C THR F 170 77.76 -5.23 4.98
N VAL F 171 78.90 -4.53 4.87
CA VAL F 171 79.21 -3.80 3.63
C VAL F 171 79.38 -4.78 2.46
N LEU F 172 80.08 -5.89 2.69
CA LEU F 172 80.24 -6.89 1.64
C LEU F 172 78.95 -7.68 1.41
N ASP F 173 78.11 -7.80 2.45
CA ASP F 173 76.83 -8.49 2.27
C ASP F 173 75.85 -7.65 1.45
N SER F 174 76.02 -6.31 1.47
CA SER F 174 75.07 -5.42 0.80
C SER F 174 75.06 -5.60 -0.72
N PHE F 175 76.17 -6.03 -1.32
CA PHE F 175 76.21 -6.23 -2.77
C PHE F 175 75.36 -7.43 -3.18
N GLU F 176 75.50 -8.56 -2.46
CA GLU F 176 74.66 -9.72 -2.71
C GLU F 176 73.20 -9.43 -2.36
N ARG F 177 72.96 -8.53 -1.41
CA ARG F 177 71.59 -8.16 -1.10
C ARG F 177 70.98 -7.23 -2.14
N GLY F 178 71.77 -6.37 -2.79
CA GLY F 178 71.26 -5.38 -3.71
C GLY F 178 71.30 -5.75 -5.19
N THR F 179 71.98 -6.86 -5.52
CA THR F 179 71.92 -7.38 -6.88
C THR F 179 70.50 -7.79 -7.26
N ALA F 180 69.78 -8.39 -6.32
CA ALA F 180 68.38 -8.73 -6.54
C ALA F 180 67.51 -7.47 -6.69
N ASP F 181 67.86 -6.41 -5.96
CA ASP F 181 67.16 -5.13 -6.11
C ASP F 181 67.34 -4.56 -7.52
N GLN F 182 68.58 -4.58 -8.03
CA GLN F 182 68.83 -4.08 -9.38
C GLN F 182 68.14 -4.95 -10.43
N LEU F 183 68.12 -6.28 -10.22
CA LEU F 183 67.42 -7.16 -11.14
C LEU F 183 65.92 -6.91 -11.14
N LEU F 184 65.33 -6.67 -9.97
CA LEU F 184 63.92 -6.33 -9.89
C LEU F 184 63.62 -5.01 -10.60
N GLY F 185 64.49 -4.02 -10.44
CA GLY F 185 64.28 -2.75 -11.12
C GLY F 185 64.39 -2.86 -12.64
N VAL F 186 65.38 -3.60 -13.12
CA VAL F 186 65.57 -3.70 -14.57
C VAL F 186 64.52 -4.63 -15.19
N LEU F 187 63.97 -5.55 -14.41
CA LEU F 187 62.85 -6.36 -14.91
C LEU F 187 61.54 -5.60 -14.87
N LEU F 188 61.41 -4.64 -13.95
CA LEU F 188 60.22 -3.80 -13.95
C LEU F 188 60.25 -2.75 -15.04
N GLU F 189 61.44 -2.29 -15.44
CA GLU F 189 61.52 -1.33 -16.54
C GLU F 189 61.39 -2.01 -17.91
N LYS F 190 61.39 -3.34 -17.96
CA LYS F 190 61.39 -4.09 -19.21
C LYS F 190 60.04 -4.70 -19.54
N ALA F 191 59.05 -4.57 -18.67
CA ALA F 191 57.80 -5.31 -18.81
C ALA F 191 56.68 -4.42 -19.31
N PRO F 192 56.11 -4.68 -20.48
CA PRO F 192 54.88 -4.00 -20.88
C PRO F 192 53.70 -4.53 -20.09
N PRO F 193 52.62 -3.75 -19.98
CA PRO F 193 51.44 -4.23 -19.26
C PRO F 193 50.77 -5.39 -19.97
N LEU F 194 50.14 -6.26 -19.18
CA LEU F 194 49.42 -7.40 -19.74
C LEU F 194 48.19 -6.95 -20.50
N SER F 195 47.54 -5.87 -20.04
CA SER F 195 46.28 -5.44 -20.65
C SER F 195 46.47 -4.82 -22.04
N LEU F 196 47.67 -4.37 -22.37
CA LEU F 196 47.98 -4.08 -23.77
C LEU F 196 48.56 -5.27 -24.51
N LEU F 197 49.44 -6.04 -23.86
CA LEU F 197 50.21 -7.05 -24.60
C LEU F 197 49.33 -8.23 -25.00
N SER F 198 48.37 -8.61 -24.16
CA SER F 198 47.49 -9.73 -24.50
C SER F 198 46.55 -9.47 -25.69
N PRO F 199 45.83 -8.36 -25.81
CA PRO F 199 45.00 -8.20 -27.03
C PRO F 199 45.78 -7.91 -28.30
N ILE F 200 46.98 -7.31 -28.21
CA ILE F 200 47.80 -7.14 -29.40
C ILE F 200 48.34 -8.49 -29.88
N ASN F 201 48.79 -9.33 -28.95
CA ASN F 201 49.24 -10.68 -29.28
C ASN F 201 48.09 -11.55 -29.81
N LYS F 202 46.90 -11.44 -29.22
CA LYS F 202 45.77 -12.29 -29.57
C LYS F 202 45.06 -11.84 -30.84
N PHE F 203 44.54 -10.61 -30.86
CA PHE F 203 43.70 -10.15 -31.96
C PHE F 203 44.48 -9.84 -33.23
N GLN F 204 45.74 -9.43 -33.10
CA GLN F 204 46.61 -9.25 -34.27
C GLN F 204 47.45 -10.52 -34.42
N PRO F 205 47.25 -11.30 -35.48
CA PRO F 205 48.01 -12.55 -35.63
C PRO F 205 49.49 -12.34 -35.94
N GLU F 206 49.79 -11.55 -36.97
CA GLU F 206 51.15 -11.37 -37.44
C GLU F 206 51.64 -9.94 -37.29
N GLY F 207 50.92 -8.98 -37.88
CA GLY F 207 51.36 -7.60 -37.85
C GLY F 207 51.04 -6.86 -39.14
N HIS F 208 51.35 -5.56 -39.16
CA HIS F 208 51.07 -4.63 -40.26
C HIS F 208 49.59 -4.67 -40.66
N LEU F 209 48.75 -4.32 -39.69
CA LEU F 209 47.32 -4.18 -39.93
C LEU F 209 47.05 -2.85 -40.64
N ASN F 210 45.94 -2.81 -41.37
CA ASN F 210 45.53 -1.57 -42.03
C ASN F 210 44.85 -0.64 -41.03
N ARG F 211 44.26 0.44 -41.55
CA ARG F 211 43.68 1.48 -40.71
C ARG F 211 42.49 0.96 -39.90
N VAL F 212 41.63 0.17 -40.52
CA VAL F 212 40.39 -0.27 -39.89
C VAL F 212 40.68 -1.27 -38.78
N ALA F 213 41.55 -2.24 -39.05
CA ALA F 213 41.91 -3.23 -38.04
C ALA F 213 42.66 -2.58 -36.88
N ARG F 214 43.50 -1.59 -37.18
CA ARG F 214 44.21 -0.87 -36.11
C ARG F 214 43.24 -0.06 -35.26
N ALA F 215 42.23 0.56 -35.88
CA ALA F 215 41.24 1.33 -35.11
C ALA F 215 40.40 0.43 -34.21
N ALA F 216 39.97 -0.73 -34.74
CA ALA F 216 39.22 -1.68 -33.93
C ALA F 216 40.08 -2.24 -32.80
N LEU F 217 41.36 -2.48 -33.09
CA LEU F 217 42.29 -2.95 -32.06
C LEU F 217 42.49 -1.89 -30.97
N LEU F 218 42.56 -0.62 -31.36
CA LEU F 218 42.70 0.46 -30.38
C LEU F 218 41.48 0.56 -29.48
N SER F 219 40.28 0.43 -30.06
CA SER F 219 39.06 0.43 -29.24
C SER F 219 39.03 -0.75 -28.28
N ASP F 220 39.44 -1.93 -28.75
CA ASP F 220 39.47 -3.12 -27.90
C ASP F 220 40.51 -2.96 -26.79
N LEU F 221 41.66 -2.36 -27.09
CA LEU F 221 42.69 -2.09 -26.09
C LEU F 221 42.19 -1.13 -25.02
N LYS F 222 41.47 -0.09 -25.45
CA LYS F 222 40.91 0.89 -24.53
C LYS F 222 39.91 0.24 -23.56
N ARG F 223 39.02 -0.59 -24.12
CA ARG F 223 38.02 -1.27 -23.30
C ARG F 223 38.68 -2.27 -22.34
N ARG F 224 39.70 -2.98 -22.81
CA ARG F 224 40.38 -3.98 -21.97
C ARG F 224 41.16 -3.34 -20.84
N VAL F 225 41.78 -2.17 -21.09
CA VAL F 225 42.49 -1.49 -20.02
C VAL F 225 41.51 -0.87 -19.03
N CYS F 226 40.34 -0.42 -19.50
CA CYS F 226 39.33 0.08 -18.57
C CYS F 226 38.73 -1.05 -17.73
N ALA F 227 38.70 -2.27 -18.27
CA ALA F 227 38.14 -3.39 -17.51
C ALA F 227 39.14 -4.00 -16.53
N ASP F 228 40.22 -4.61 -17.04
CA ASP F 228 41.11 -5.44 -16.23
C ASP F 228 42.25 -4.59 -15.64
N MET F 229 41.87 -3.73 -14.70
CA MET F 229 42.84 -2.88 -14.01
C MET F 229 43.17 -3.37 -12.60
N PHE F 230 42.20 -3.90 -11.88
CA PHE F 230 42.35 -4.26 -10.47
C PHE F 230 41.79 -5.65 -10.21
N PHE F 231 42.27 -6.62 -10.99
CA PHE F 231 41.74 -7.98 -11.06
C PHE F 231 41.90 -8.79 -9.77
N MET F 232 42.41 -8.22 -8.68
CA MET F 232 42.52 -8.96 -7.43
C MET F 232 41.83 -8.30 -6.25
N THR F 233 41.55 -7.00 -6.33
CA THR F 233 40.67 -6.37 -5.35
C THR F 233 39.25 -6.21 -5.86
N ARG F 234 39.00 -6.52 -7.13
CA ARG F 234 37.66 -6.52 -7.71
C ARG F 234 37.10 -7.93 -7.81
N HIS F 235 37.82 -8.82 -8.51
CA HIS F 235 37.42 -10.21 -8.64
C HIS F 235 38.08 -11.08 -7.57
N ALA F 236 37.94 -10.66 -6.30
CA ALA F 236 38.61 -11.36 -5.21
C ALA F 236 37.89 -12.64 -4.81
N ARG F 237 36.56 -12.66 -4.88
CA ARG F 237 35.76 -13.77 -4.39
C ARG F 237 35.60 -14.90 -5.40
N GLU F 238 36.17 -14.76 -6.60
CA GLU F 238 36.08 -15.78 -7.63
C GLU F 238 37.48 -16.34 -7.88
N PRO F 239 37.86 -17.46 -7.25
CA PRO F 239 39.22 -17.98 -7.43
C PRO F 239 39.48 -18.58 -8.80
N ARG F 240 38.45 -18.87 -9.59
CA ARG F 240 38.66 -19.45 -10.91
C ARG F 240 39.19 -18.44 -11.91
N LEU F 241 38.70 -17.19 -11.86
CA LEU F 241 39.13 -16.19 -12.84
C LEU F 241 40.56 -15.73 -12.60
N ILE F 242 41.02 -15.76 -11.34
CA ILE F 242 42.41 -15.42 -11.04
C ILE F 242 43.35 -16.46 -11.64
N SER F 243 43.04 -17.74 -11.47
CA SER F 243 43.83 -18.79 -12.10
C SER F 243 43.63 -18.83 -13.60
N ALA F 244 42.53 -18.28 -14.12
CA ALA F 244 42.33 -18.18 -15.55
C ALA F 244 43.16 -17.08 -16.19
N TYR F 245 43.37 -15.95 -15.50
CA TYR F 245 44.19 -14.90 -16.09
C TYR F 245 45.66 -15.00 -15.74
N LEU F 246 46.01 -15.74 -14.67
CA LEU F 246 47.41 -16.06 -14.41
C LEU F 246 48.00 -16.93 -15.52
N SER F 247 47.21 -17.89 -16.02
CA SER F 247 47.63 -18.70 -17.14
C SER F 247 47.78 -17.90 -18.42
N ASP F 248 46.91 -16.91 -18.65
CA ASP F 248 47.08 -16.01 -19.79
C ASP F 248 48.35 -15.17 -19.65
N MET F 249 48.63 -14.69 -18.43
CA MET F 249 49.84 -13.95 -18.15
C MET F 249 51.09 -14.79 -18.42
N VAL F 250 51.07 -16.06 -18.03
CA VAL F 250 52.24 -16.90 -18.22
C VAL F 250 52.39 -17.31 -19.68
N SER F 251 51.31 -17.77 -20.30
CA SER F 251 51.34 -18.09 -21.73
C SER F 251 50.89 -16.91 -22.58
N CYS F 252 51.43 -15.73 -22.27
CA CYS F 252 51.39 -14.61 -23.21
C CYS F 252 52.75 -14.03 -23.53
N THR F 253 53.83 -14.56 -22.98
CA THR F 253 55.18 -14.07 -23.23
C THR F 253 55.98 -15.13 -24.00
N GLN F 254 56.86 -14.68 -24.89
CA GLN F 254 57.65 -15.58 -25.70
C GLN F 254 58.84 -16.11 -24.91
N PRO F 255 59.28 -17.35 -25.17
CA PRO F 255 60.48 -17.88 -24.50
C PRO F 255 61.77 -17.27 -25.04
N SER F 256 62.91 -17.79 -24.55
CA SER F 256 64.21 -17.19 -24.81
C SER F 256 65.17 -18.24 -25.39
N VAL F 257 66.45 -17.88 -25.42
CA VAL F 257 67.50 -18.67 -26.05
C VAL F 257 67.79 -19.94 -25.26
N MET F 258 68.54 -20.86 -25.88
CA MET F 258 68.73 -22.20 -25.33
C MET F 258 70.23 -22.43 -25.12
N VAL F 259 70.89 -21.50 -24.42
CA VAL F 259 72.26 -21.69 -23.99
C VAL F 259 72.30 -21.71 -22.46
N SER F 260 72.78 -22.82 -21.91
CA SER F 260 72.92 -23.11 -20.48
C SER F 260 73.64 -24.45 -20.35
N ARG F 261 74.20 -24.69 -19.17
CA ARG F 261 74.78 -25.97 -18.82
C ARG F 261 74.01 -26.65 -17.70
N ILE F 262 73.85 -25.97 -16.56
CA ILE F 262 73.05 -26.46 -15.45
C ILE F 262 72.00 -25.39 -15.13
N THR F 263 70.74 -25.80 -15.14
CA THR F 263 69.61 -24.90 -14.93
C THR F 263 68.94 -25.20 -13.60
N HIS F 264 67.90 -24.42 -13.30
CA HIS F 264 67.15 -24.58 -12.06
C HIS F 264 66.09 -25.66 -12.25
N THR F 265 66.21 -26.75 -11.51
CA THR F 265 65.24 -27.83 -11.55
C THR F 265 64.68 -28.04 -10.14
N ASN F 266 63.57 -28.76 -10.06
CA ASN F 266 63.01 -29.16 -8.79
C ASN F 266 63.70 -30.43 -8.28
N THR F 267 63.13 -31.06 -7.25
CA THR F 267 63.72 -32.28 -6.71
C THR F 267 63.63 -33.44 -7.68
N ARG F 268 62.55 -33.51 -8.46
CA ARG F 268 62.38 -34.60 -9.42
C ARG F 268 63.32 -34.44 -10.61
N GLY F 269 63.41 -33.24 -11.17
CA GLY F 269 64.29 -33.00 -12.29
C GLY F 269 63.68 -32.16 -13.39
N ARG F 270 62.43 -31.77 -13.23
CA ARG F 270 61.76 -30.93 -14.21
C ARG F 270 62.30 -29.51 -14.15
N GLN F 271 62.67 -28.97 -15.31
CA GLN F 271 63.21 -27.62 -15.39
C GLN F 271 62.10 -26.60 -15.19
N VAL F 272 62.35 -25.60 -14.36
CA VAL F 272 61.37 -24.54 -14.15
C VAL F 272 61.34 -23.62 -15.37
N ASP F 273 60.26 -22.86 -15.50
CA ASP F 273 60.02 -22.07 -16.71
C ASP F 273 59.76 -20.60 -16.40
N GLY F 274 60.27 -20.10 -15.29
CA GLY F 274 60.15 -18.68 -15.01
C GLY F 274 60.07 -18.41 -13.52
N VAL F 275 59.87 -17.13 -13.21
CA VAL F 275 59.71 -16.66 -11.85
C VAL F 275 58.54 -15.67 -11.83
N LEU F 276 57.73 -15.74 -10.78
CA LEU F 276 56.55 -14.89 -10.64
C LEU F 276 56.71 -14.10 -9.35
N VAL F 277 57.19 -12.86 -9.46
CA VAL F 277 57.50 -12.03 -8.30
C VAL F 277 56.22 -11.35 -7.82
N THR F 278 55.90 -11.56 -6.55
CA THR F 278 54.66 -11.08 -5.95
C THR F 278 54.96 -10.13 -4.79
N THR F 279 53.90 -9.67 -4.14
CA THR F 279 53.96 -9.14 -2.79
C THR F 279 53.64 -10.29 -1.82
N ALA F 280 53.92 -10.07 -0.53
CA ALA F 280 53.66 -11.11 0.46
C ALA F 280 52.17 -11.41 0.60
N THR F 281 51.34 -10.36 0.55
CA THR F 281 49.89 -10.54 0.59
C THR F 281 49.39 -11.28 -0.64
N LEU F 282 49.90 -10.92 -1.82
CA LEU F 282 49.50 -11.59 -3.05
C LEU F 282 50.02 -13.02 -3.09
N LYS F 283 51.21 -13.27 -2.52
CA LYS F 283 51.72 -14.63 -2.44
C LYS F 283 50.86 -15.48 -1.52
N ARG F 284 50.41 -14.92 -0.40
CA ARG F 284 49.52 -15.65 0.50
C ARG F 284 48.18 -15.94 -0.16
N GLN F 285 47.65 -14.96 -0.90
CA GLN F 285 46.38 -15.16 -1.60
C GLN F 285 46.52 -16.19 -2.73
N LEU F 286 47.69 -16.22 -3.38
CA LEU F 286 47.98 -17.25 -4.38
C LEU F 286 48.04 -18.64 -3.74
N LEU F 287 48.71 -18.75 -2.59
CA LEU F 287 49.02 -20.06 -2.05
C LEU F 287 47.88 -20.64 -1.21
N GLN F 288 46.94 -19.80 -0.75
CA GLN F 288 45.94 -20.33 0.18
C GLN F 288 44.85 -21.13 -0.55
N GLY F 289 44.45 -20.72 -1.76
CA GLY F 289 43.34 -21.39 -2.39
C GLY F 289 43.33 -21.52 -3.91
N ILE F 290 44.36 -21.01 -4.58
CA ILE F 290 44.33 -20.86 -6.03
C ILE F 290 45.33 -21.78 -6.72
N LEU F 291 46.61 -21.62 -6.43
CA LEU F 291 47.65 -22.40 -7.09
C LEU F 291 48.05 -23.59 -6.21
N GLN F 292 48.43 -24.68 -6.88
CA GLN F 292 48.79 -25.91 -6.19
C GLN F 292 50.31 -26.06 -6.16
N ILE F 293 50.82 -26.49 -5.00
CA ILE F 293 52.26 -26.62 -4.82
C ILE F 293 52.76 -27.87 -5.56
N ASP F 294 53.80 -27.69 -6.36
CA ASP F 294 54.48 -28.82 -7.00
C ASP F 294 55.58 -29.40 -6.13
N ASP F 295 56.50 -28.57 -5.63
CA ASP F 295 57.58 -29.06 -4.79
C ASP F 295 58.06 -27.90 -3.92
N THR F 296 58.57 -28.26 -2.73
CA THR F 296 59.02 -27.28 -1.76
C THR F 296 60.53 -27.14 -1.70
N ALA F 297 61.24 -27.63 -2.73
CA ALA F 297 62.69 -27.50 -2.81
C ALA F 297 63.07 -27.17 -4.24
N ALA F 298 64.37 -26.98 -4.47
CA ALA F 298 64.87 -26.65 -5.81
C ALA F 298 66.33 -27.06 -5.90
N ASP F 299 66.81 -27.13 -7.14
CA ASP F 299 68.22 -27.39 -7.42
C ASP F 299 68.79 -26.13 -8.08
N VAL F 300 69.65 -25.42 -7.36
CA VAL F 300 70.15 -24.12 -7.76
C VAL F 300 71.64 -24.24 -8.04
N PRO F 301 72.13 -23.82 -9.21
CA PRO F 301 73.58 -23.81 -9.45
C PRO F 301 74.27 -22.76 -8.59
N VAL F 302 75.50 -23.08 -8.17
CA VAL F 302 76.25 -22.22 -7.26
C VAL F 302 77.47 -21.60 -7.92
N THR F 303 77.66 -21.78 -9.22
CA THR F 303 78.79 -21.22 -9.94
C THR F 303 78.31 -20.18 -10.93
N TYR F 304 79.01 -19.04 -10.97
CA TYR F 304 78.67 -17.99 -11.93
C TYR F 304 79.10 -18.39 -13.34
N GLY F 305 80.39 -18.64 -13.53
CA GLY F 305 80.92 -18.98 -14.83
C GLY F 305 81.57 -17.78 -15.47
N GLU F 306 82.89 -17.69 -15.39
CA GLU F 306 83.62 -16.53 -15.85
C GLU F 306 84.25 -16.78 -17.21
N MET F 307 84.64 -15.69 -17.87
CA MET F 307 85.49 -15.75 -19.05
C MET F 307 86.35 -14.50 -19.09
N VAL F 308 87.58 -14.65 -19.60
CA VAL F 308 88.51 -13.55 -19.71
C VAL F 308 89.09 -13.54 -21.12
N LEU F 309 89.58 -12.38 -21.55
CA LEU F 309 90.14 -12.24 -22.88
C LEU F 309 91.65 -12.46 -22.81
N GLN F 310 92.14 -13.33 -23.70
CA GLN F 310 93.55 -13.71 -23.71
C GLN F 310 93.91 -14.28 -25.07
N GLY F 311 95.20 -14.42 -25.33
CA GLY F 311 95.68 -14.94 -26.59
C GLY F 311 95.48 -13.99 -27.73
N THR F 312 94.77 -14.42 -28.78
CA THR F 312 94.51 -13.55 -29.91
C THR F 312 93.45 -12.51 -29.60
N ASN F 313 92.60 -12.77 -28.58
CA ASN F 313 91.60 -11.81 -28.18
C ASN F 313 92.23 -10.55 -27.59
N LEU F 314 93.27 -10.73 -26.77
CA LEU F 314 93.98 -9.59 -26.19
C LEU F 314 94.72 -8.79 -27.26
N VAL F 315 95.32 -9.49 -28.23
CA VAL F 315 96.02 -8.83 -29.33
C VAL F 315 95.04 -8.02 -30.19
N THR F 316 93.88 -8.61 -30.48
CA THR F 316 92.87 -7.92 -31.29
C THR F 316 92.26 -6.75 -30.53
N ALA F 317 92.12 -6.87 -29.21
CA ALA F 317 91.56 -5.78 -28.42
C ALA F 317 92.57 -4.65 -28.22
N LEU F 318 93.86 -4.96 -28.20
CA LEU F 318 94.87 -3.92 -28.01
C LEU F 318 95.30 -3.25 -29.30
N VAL F 319 95.23 -3.96 -30.43
CA VAL F 319 95.67 -3.40 -31.70
C VAL F 319 94.50 -2.85 -32.49
N MET F 320 93.56 -3.74 -32.85
CA MET F 320 92.43 -3.32 -33.67
C MET F 320 91.37 -2.58 -32.87
N GLY F 321 91.19 -2.93 -31.61
CA GLY F 321 90.17 -2.33 -30.78
C GLY F 321 88.85 -3.07 -30.71
N LYS F 322 88.80 -4.32 -31.17
CA LYS F 322 87.61 -5.14 -31.12
C LYS F 322 87.96 -6.52 -30.56
N ALA F 323 86.93 -7.23 -30.12
CA ALA F 323 87.09 -8.60 -29.65
C ALA F 323 85.77 -9.33 -29.85
N VAL F 324 85.84 -10.66 -29.84
CA VAL F 324 84.65 -11.50 -29.85
C VAL F 324 84.80 -12.55 -28.76
N ARG F 325 83.68 -13.12 -28.34
CA ARG F 325 83.69 -14.19 -27.36
C ARG F 325 84.01 -15.51 -28.05
N GLY F 326 85.03 -16.21 -27.55
CA GLY F 326 85.47 -17.44 -28.14
C GLY F 326 86.07 -17.26 -29.52
N MET F 327 87.05 -16.36 -29.64
CA MET F 327 87.72 -16.12 -30.91
C MET F 327 88.48 -17.35 -31.39
N ASP F 328 89.01 -18.14 -30.45
CA ASP F 328 89.71 -19.37 -30.81
C ASP F 328 88.77 -20.36 -31.49
N ASP F 329 87.57 -20.56 -30.93
CA ASP F 329 86.64 -21.52 -31.51
C ASP F 329 86.07 -21.02 -32.83
N VAL F 330 85.88 -19.70 -32.97
CA VAL F 330 85.42 -19.12 -34.22
C VAL F 330 86.48 -19.32 -35.31
N ALA F 331 87.76 -19.11 -34.96
CA ALA F 331 88.84 -19.32 -35.91
C ALA F 331 88.99 -20.79 -36.30
N ARG F 332 88.84 -21.69 -35.32
CA ARG F 332 88.90 -23.13 -35.62
C ARG F 332 87.73 -23.57 -36.50
N HIS F 333 86.54 -23.01 -36.28
CA HIS F 333 85.40 -23.34 -37.11
C HIS F 333 85.55 -22.79 -38.52
N LEU F 334 86.12 -21.59 -38.65
CA LEU F 334 86.40 -21.03 -39.97
C LEU F 334 87.43 -21.86 -40.73
N LEU F 335 88.48 -22.32 -40.02
CA LEU F 335 89.49 -23.15 -40.65
C LEU F 335 88.95 -24.53 -41.01
N ASP F 336 88.09 -25.10 -40.17
CA ASP F 336 87.48 -26.39 -40.48
C ASP F 336 86.42 -26.30 -41.56
N ILE F 337 85.84 -25.11 -41.78
CA ILE F 337 84.89 -24.92 -42.86
C ILE F 337 85.55 -24.48 -44.16
N THR F 338 86.81 -24.03 -44.11
CA THR F 338 87.50 -23.54 -45.30
C THR F 338 88.54 -24.52 -45.85
N ASP F 339 89.40 -25.08 -44.99
CA ASP F 339 90.56 -25.85 -45.43
C ASP F 339 90.26 -27.26 -45.96
N PRO F 340 89.63 -28.20 -45.20
CA PRO F 340 89.69 -29.61 -45.62
C PRO F 340 88.79 -29.96 -46.80
N ASN F 341 88.76 -31.25 -47.15
CA ASN F 341 88.05 -31.73 -48.32
C ASN F 341 86.56 -31.86 -48.04
N THR F 342 85.84 -32.53 -48.94
CA THR F 342 84.38 -32.64 -48.86
C THR F 342 83.90 -33.55 -47.74
N LEU F 343 84.79 -34.27 -47.06
CA LEU F 343 84.39 -35.11 -45.94
C LEU F 343 83.96 -34.30 -44.73
N ASN F 344 84.39 -33.04 -44.61
CA ASN F 344 84.14 -32.26 -43.40
C ASN F 344 83.47 -30.91 -43.62
N ILE F 345 83.63 -30.28 -44.79
CA ILE F 345 83.05 -28.95 -45.01
C ILE F 345 81.51 -28.88 -45.01
N PRO F 346 80.70 -29.75 -45.74
CA PRO F 346 79.29 -29.42 -45.97
C PRO F 346 78.38 -29.90 -44.83
N SER F 347 78.76 -29.59 -43.60
CA SER F 347 77.96 -29.96 -42.42
C SER F 347 78.08 -28.83 -41.40
N ILE F 348 77.17 -27.87 -41.49
CA ILE F 348 77.13 -26.76 -40.54
C ILE F 348 75.75 -26.75 -39.90
N PRO F 349 75.53 -27.50 -38.82
CA PRO F 349 74.23 -27.48 -38.15
C PRO F 349 74.13 -26.31 -37.19
N PRO F 350 73.02 -25.55 -37.22
CA PRO F 350 72.83 -24.51 -36.21
C PRO F 350 72.51 -25.11 -34.85
N GLN F 351 73.48 -25.07 -33.94
CA GLN F 351 73.36 -25.75 -32.66
C GLN F 351 74.18 -24.99 -31.63
N SER F 352 74.11 -25.45 -30.38
CA SER F 352 74.89 -24.82 -29.32
C SER F 352 76.38 -25.13 -29.44
N ASN F 353 76.71 -26.20 -30.17
CA ASN F 353 78.07 -26.64 -30.48
C ASN F 353 78.88 -26.93 -29.22
N SER F 354 79.66 -25.93 -28.77
CA SER F 354 80.55 -26.01 -27.60
C SER F 354 81.55 -27.16 -27.74
N ASP F 355 82.32 -27.10 -28.83
CA ASP F 355 83.38 -28.07 -29.06
C ASP F 355 84.49 -27.89 -28.03
N SER F 356 85.01 -29.03 -27.55
CA SER F 356 85.96 -29.11 -26.44
C SER F 356 85.43 -28.41 -25.21
N THR F 357 85.92 -27.19 -24.96
CA THR F 357 85.46 -26.29 -23.90
C THR F 357 85.57 -26.93 -22.51
N THR F 358 86.81 -27.21 -22.13
CA THR F 358 87.09 -27.86 -20.85
C THR F 358 86.94 -26.86 -19.71
N ALA F 359 87.11 -27.39 -18.48
CA ALA F 359 87.05 -26.71 -17.19
C ALA F 359 85.66 -26.15 -16.86
N GLY F 360 85.41 -25.96 -15.56
CA GLY F 360 84.13 -25.51 -15.05
C GLY F 360 83.70 -26.35 -13.87
N LEU F 361 82.43 -26.23 -13.51
CA LEU F 361 81.88 -26.97 -12.37
C LEU F 361 80.39 -27.18 -12.58
N PRO F 362 80.00 -28.37 -13.05
CA PRO F 362 78.56 -28.71 -13.16
C PRO F 362 78.00 -29.32 -11.88
N VAL F 363 77.83 -28.48 -10.87
CA VAL F 363 77.36 -28.91 -9.55
C VAL F 363 76.14 -28.09 -9.16
N ASN F 364 75.27 -28.70 -8.37
CA ASN F 364 74.03 -28.09 -7.92
C ASN F 364 73.97 -28.12 -6.39
N ALA F 365 72.98 -27.43 -5.84
CA ALA F 365 72.78 -27.39 -4.40
C ALA F 365 71.29 -27.32 -4.10
N ARG F 366 70.92 -27.73 -2.90
CA ARG F 366 69.53 -27.74 -2.48
C ARG F 366 69.12 -26.36 -1.96
N VAL F 367 67.94 -25.92 -2.37
CA VAL F 367 67.41 -24.62 -1.96
C VAL F 367 65.94 -24.79 -1.57
N PRO F 368 65.53 -24.37 -0.38
CA PRO F 368 64.09 -24.39 -0.02
C PRO F 368 63.37 -23.22 -0.65
N ALA F 369 62.54 -23.51 -1.67
CA ALA F 369 61.78 -22.49 -2.36
C ALA F 369 60.40 -23.03 -2.69
N ASP F 370 59.43 -22.13 -2.83
CA ASP F 370 58.06 -22.49 -3.13
C ASP F 370 57.86 -22.50 -4.64
N LEU F 371 57.53 -23.67 -5.19
CA LEU F 371 57.39 -23.87 -6.62
C LEU F 371 55.96 -24.29 -6.93
N VAL F 372 55.27 -23.49 -7.73
CA VAL F 372 53.91 -23.78 -8.14
C VAL F 372 53.89 -23.98 -9.65
N ILE F 373 52.80 -24.57 -10.15
CA ILE F 373 52.60 -24.75 -11.58
C ILE F 373 51.39 -23.95 -12.02
N VAL F 374 51.50 -23.31 -13.17
CA VAL F 374 50.43 -22.52 -13.77
C VAL F 374 50.31 -22.93 -15.24
N GLY F 375 49.10 -23.30 -15.65
CA GLY F 375 48.89 -23.86 -16.97
C GLY F 375 49.66 -25.17 -17.15
N ASP F 376 50.74 -25.11 -17.93
CA ASP F 376 51.65 -26.23 -18.08
C ASP F 376 53.07 -25.90 -17.66
N LYS F 377 53.33 -24.69 -17.19
CA LYS F 377 54.68 -24.23 -16.88
C LYS F 377 54.88 -24.21 -15.36
N LEU F 378 55.93 -24.88 -14.90
CA LEU F 378 56.33 -24.82 -13.50
C LEU F 378 57.16 -23.56 -13.27
N VAL F 379 56.71 -22.71 -12.35
CA VAL F 379 57.34 -21.42 -12.12
C VAL F 379 57.75 -21.31 -10.67
N PHE F 380 58.73 -20.43 -10.41
CA PHE F 380 59.03 -20.04 -9.04
C PHE F 380 57.96 -19.10 -8.52
N LEU F 381 57.85 -19.02 -7.19
CA LEU F 381 56.93 -18.10 -6.53
C LEU F 381 57.70 -17.36 -5.45
N GLU F 382 58.13 -16.15 -5.77
CA GLU F 382 58.94 -15.34 -4.86
C GLU F 382 58.18 -14.10 -4.43
N ALA F 383 58.25 -13.81 -3.13
CA ALA F 383 57.71 -12.60 -2.52
C ALA F 383 58.77 -11.99 -1.62
N LEU F 384 59.94 -11.77 -2.18
CA LEU F 384 61.17 -11.50 -1.42
C LEU F 384 61.06 -10.13 -0.75
N GLU F 385 60.58 -10.14 0.49
CA GLU F 385 60.40 -8.95 1.30
C GLU F 385 60.97 -9.10 2.70
N ARG F 386 61.02 -10.32 3.25
CA ARG F 386 61.66 -10.56 4.53
C ARG F 386 63.13 -10.93 4.41
N ARG F 387 63.49 -11.72 3.38
CA ARG F 387 64.89 -12.05 3.15
C ARG F 387 65.69 -10.81 2.74
N VAL F 388 65.12 -9.99 1.86
CA VAL F 388 65.74 -8.77 1.38
C VAL F 388 64.69 -7.66 1.47
N TYR F 389 65.15 -6.45 1.81
CA TYR F 389 64.41 -5.19 2.09
C TYR F 389 63.81 -5.12 3.48
N GLN F 390 64.13 -6.05 4.38
CA GLN F 390 63.61 -6.01 5.74
C GLN F 390 64.60 -5.27 6.64
N ALA F 391 64.07 -4.29 7.39
CA ALA F 391 64.82 -3.45 8.33
C ALA F 391 65.95 -2.68 7.64
N THR F 392 65.72 -2.25 6.41
CA THR F 392 66.61 -1.31 5.72
C THR F 392 65.77 -0.26 5.02
N ARG F 393 66.34 0.93 4.84
CA ARG F 393 65.58 2.13 4.52
C ARG F 393 65.06 2.16 3.09
N VAL F 394 65.46 1.24 2.23
CA VAL F 394 65.07 1.27 0.83
C VAL F 394 63.62 0.80 0.69
N ALA F 395 62.82 1.55 -0.07
CA ALA F 395 61.45 1.19 -0.34
C ALA F 395 61.39 -0.01 -1.28
N TYR F 396 60.44 -0.91 -1.01
CA TYR F 396 60.23 -2.10 -1.82
C TYR F 396 59.57 -1.72 -3.14
N PRO F 397 60.05 -2.23 -4.29
CA PRO F 397 59.28 -2.10 -5.53
C PRO F 397 58.06 -3.02 -5.55
N LEU F 398 57.37 -3.06 -6.71
CA LEU F 398 56.03 -3.64 -6.89
C LEU F 398 54.99 -2.99 -5.99
N ILE F 399 55.24 -1.76 -5.53
CA ILE F 399 54.27 -0.96 -4.80
C ILE F 399 54.10 0.32 -5.62
N GLY F 400 54.19 0.18 -6.94
CA GLY F 400 54.12 1.33 -7.82
C GLY F 400 52.74 1.97 -7.83
N ASN F 401 52.75 3.27 -8.12
CA ASN F 401 51.56 4.09 -8.09
C ASN F 401 51.05 4.36 -9.49
N ILE F 402 49.75 4.66 -9.60
CA ILE F 402 49.15 5.02 -10.87
C ILE F 402 48.59 6.44 -10.76
N ASP F 403 48.38 7.06 -11.92
CA ASP F 403 47.83 8.41 -12.01
C ASP F 403 46.54 8.35 -12.83
N ILE F 404 45.42 8.63 -12.18
CA ILE F 404 44.11 8.62 -12.82
C ILE F 404 43.51 10.01 -12.69
N THR F 405 43.09 10.59 -13.82
CA THR F 405 42.51 11.92 -13.86
C THR F 405 40.99 11.82 -13.97
N PHE F 406 40.30 12.75 -13.32
CA PHE F 406 38.83 12.78 -13.29
C PHE F 406 38.33 14.09 -13.87
N ILE F 407 37.23 14.01 -14.61
CA ILE F 407 36.68 15.15 -15.34
C ILE F 407 35.21 15.33 -14.94
N MET F 408 34.81 16.59 -14.71
CA MET F 408 33.46 16.89 -14.27
C MET F 408 32.99 18.20 -14.88
N PRO F 409 31.82 18.24 -15.50
CA PRO F 409 31.25 19.52 -15.91
C PRO F 409 30.43 20.14 -14.78
N MET F 410 30.38 21.47 -14.77
CA MET F 410 29.77 22.21 -13.67
C MET F 410 28.52 22.97 -14.06
N GLY F 411 28.62 23.88 -15.03
CA GLY F 411 27.51 24.76 -15.33
C GLY F 411 26.74 24.39 -16.58
N VAL F 412 26.59 23.08 -16.81
CA VAL F 412 25.92 22.62 -18.03
C VAL F 412 24.42 22.80 -17.88
N PHE F 413 23.83 23.53 -18.83
CA PHE F 413 22.38 23.64 -18.94
C PHE F 413 21.92 22.84 -20.15
N GLN F 414 21.01 21.91 -19.93
CA GLN F 414 20.45 21.09 -21.01
C GLN F 414 19.49 21.95 -21.79
N ALA F 415 19.97 22.47 -22.93
CA ALA F 415 19.27 23.53 -23.64
C ALA F 415 18.04 23.03 -24.37
N ASN F 416 18.07 21.79 -24.84
CA ASN F 416 16.92 21.24 -25.57
C ASN F 416 15.77 20.97 -24.60
N SER F 417 14.55 21.26 -25.06
CA SER F 417 13.37 21.15 -24.20
C SER F 417 13.00 19.71 -23.91
N MET F 418 13.43 18.75 -24.74
CA MET F 418 13.09 17.36 -24.50
C MET F 418 13.98 16.70 -23.45
N ASP F 419 15.13 17.28 -23.14
CA ASP F 419 15.99 16.73 -22.10
C ASP F 419 15.64 17.24 -20.70
N ARG F 420 14.77 18.24 -20.59
CA ARG F 420 14.32 18.73 -19.29
C ARG F 420 12.99 18.05 -18.93
N TYR F 421 13.08 16.74 -18.73
CA TYR F 421 11.97 15.89 -18.38
C TYR F 421 12.20 15.30 -16.99
N THR F 422 11.12 14.86 -16.35
CA THR F 422 11.19 14.18 -15.07
C THR F 422 10.62 12.77 -15.18
N ARG F 423 11.21 11.85 -14.42
CA ARG F 423 10.84 10.45 -14.50
C ARG F 423 9.46 10.20 -13.90
N HIS F 424 9.04 11.01 -12.94
CA HIS F 424 7.71 10.92 -12.34
C HIS F 424 7.23 12.32 -12.04
N ALA F 425 6.00 12.42 -11.53
CA ALA F 425 5.42 13.72 -11.24
C ALA F 425 6.03 14.31 -9.97
N GLY F 426 5.79 13.66 -8.83
CA GLY F 426 6.34 14.12 -7.57
C GLY F 426 7.66 13.47 -7.19
N ASP F 427 8.71 13.69 -8.00
CA ASP F 427 10.01 13.12 -7.69
C ASP F 427 10.67 13.85 -6.53
N PHE F 428 10.96 15.14 -6.71
CA PHE F 428 11.50 15.98 -5.64
C PHE F 428 10.59 17.20 -5.53
N SER F 429 9.52 17.06 -4.76
CA SER F 429 8.56 18.14 -4.61
C SER F 429 9.01 19.11 -3.53
N THR F 430 8.48 20.33 -3.60
CA THR F 430 8.82 21.37 -2.64
C THR F 430 7.56 22.05 -2.11
N VAL F 431 7.73 23.15 -1.40
CA VAL F 431 6.60 23.94 -0.90
C VAL F 431 6.44 25.26 -1.65
N SER F 432 7.47 25.72 -2.37
CA SER F 432 7.41 27.00 -3.05
C SER F 432 6.55 26.91 -4.31
N GLU F 433 6.14 28.08 -4.80
CA GLU F 433 5.36 28.15 -6.03
C GLU F 433 6.21 27.92 -7.27
N GLN F 434 7.52 28.10 -7.16
CA GLN F 434 8.45 27.82 -8.24
C GLN F 434 9.41 26.73 -7.77
N ASP F 435 9.53 25.68 -8.57
CA ASP F 435 10.42 24.57 -8.23
C ASP F 435 11.87 25.04 -8.35
N PRO F 436 12.68 24.91 -7.29
CA PRO F 436 14.07 25.38 -7.38
C PRO F 436 15.01 24.36 -8.01
N ARG F 437 14.59 23.77 -9.12
CA ARG F 437 15.43 22.86 -9.89
C ARG F 437 15.35 23.13 -11.38
N GLN F 438 14.41 23.96 -11.85
CA GLN F 438 14.37 24.37 -13.24
C GLN F 438 15.45 25.39 -13.57
N PHE F 439 16.00 26.05 -12.55
CA PHE F 439 17.05 27.05 -12.70
C PHE F 439 18.35 26.39 -13.15
N PRO F 440 19.18 27.11 -13.91
CA PRO F 440 20.45 26.53 -14.37
C PRO F 440 21.39 26.27 -13.21
N PRO F 441 22.05 25.10 -13.20
CA PRO F 441 22.92 24.75 -12.08
C PRO F 441 24.20 25.57 -12.06
N GLN F 442 24.77 25.72 -10.85
CA GLN F 442 25.99 26.47 -10.65
C GLN F 442 27.03 25.71 -9.85
N GLY F 443 26.85 24.41 -9.64
CA GLY F 443 27.79 23.65 -8.83
C GLY F 443 27.72 22.16 -9.14
N ILE F 444 28.78 21.46 -8.75
CA ILE F 444 28.87 20.01 -8.91
C ILE F 444 29.20 19.40 -7.56
N PHE F 445 28.57 18.29 -7.23
CA PHE F 445 28.76 17.59 -5.97
C PHE F 445 29.37 16.23 -6.25
N PHE F 446 30.52 15.95 -5.64
CA PHE F 446 31.18 14.66 -5.81
C PHE F 446 31.57 14.15 -4.43
N TYR F 447 32.34 13.06 -4.41
CA TYR F 447 32.72 12.40 -3.17
C TYR F 447 34.20 12.56 -2.91
N ASN F 448 34.57 12.60 -1.63
CA ASN F 448 35.94 12.82 -1.20
C ASN F 448 36.71 11.50 -1.22
N LYS F 449 37.93 11.52 -0.69
CA LYS F 449 38.71 10.31 -0.54
C LYS F 449 38.09 9.37 0.50
N ASP F 450 37.58 9.94 1.60
CA ASP F 450 36.97 9.16 2.67
C ASP F 450 35.46 9.01 2.51
N GLY F 451 34.88 9.51 1.42
CA GLY F 451 33.46 9.42 1.23
C GLY F 451 32.67 10.65 1.64
N ILE F 452 33.35 11.75 1.99
CA ILE F 452 32.65 12.97 2.36
C ILE F 452 32.11 13.64 1.11
N LEU F 453 31.02 14.39 1.26
CA LEU F 453 30.40 15.11 0.15
C LEU F 453 31.00 16.51 0.07
N THR F 454 31.59 16.82 -1.08
CA THR F 454 32.24 18.11 -1.30
C THR F 454 31.66 18.76 -2.55
N GLN F 455 31.69 20.09 -2.58
CA GLN F 455 31.05 20.88 -3.62
C GLN F 455 32.06 21.79 -4.31
N LEU F 456 32.00 21.85 -5.63
CA LEU F 456 32.74 22.82 -6.44
C LEU F 456 31.73 23.76 -7.09
N THR F 457 31.68 24.99 -6.62
CA THR F 457 30.79 26.00 -7.17
C THR F 457 31.52 26.87 -8.17
N LEU F 458 30.79 27.80 -8.78
CA LEU F 458 31.37 28.70 -9.78
C LEU F 458 32.31 29.71 -9.17
N ARG F 459 32.27 29.92 -7.86
CA ARG F 459 33.17 30.85 -7.19
C ARG F 459 34.62 30.37 -7.23
N ASP F 460 34.85 29.05 -7.39
CA ASP F 460 36.20 28.52 -7.46
C ASP F 460 36.89 28.80 -8.79
N ALA F 461 36.14 29.16 -9.83
CA ALA F 461 36.74 29.49 -11.11
C ALA F 461 37.24 30.94 -11.18
N MET F 462 37.13 31.68 -10.07
CA MET F 462 37.63 33.04 -10.00
C MET F 462 39.16 33.09 -10.04
N GLY F 463 39.83 32.02 -9.63
CA GLY F 463 41.27 31.97 -9.74
C GLY F 463 41.79 31.72 -11.15
N THR F 464 40.91 31.35 -12.08
CA THR F 464 41.28 31.04 -13.45
C THR F 464 40.73 32.01 -14.46
N ILE F 465 39.43 32.30 -14.42
CA ILE F 465 38.82 33.15 -15.45
C ILE F 465 38.97 34.64 -15.16
N CYS F 466 39.28 35.02 -13.92
CA CYS F 466 39.44 36.43 -13.59
C CYS F 466 40.89 36.89 -13.67
N HIS F 467 41.77 36.07 -14.21
CA HIS F 467 43.16 36.47 -14.43
C HIS F 467 43.22 37.45 -15.61
N SER F 468 44.39 38.05 -15.80
CA SER F 468 44.64 38.90 -16.97
C SER F 468 44.87 38.10 -18.24
N SER F 469 44.96 36.77 -18.15
CA SER F 469 45.15 35.93 -19.32
C SER F 469 43.90 35.81 -20.18
N LEU F 470 42.74 36.29 -19.69
CA LEU F 470 41.54 36.33 -20.50
C LEU F 470 41.62 37.36 -21.62
N LEU F 471 42.54 38.33 -21.50
CA LEU F 471 42.68 39.43 -22.45
C LEU F 471 44.09 39.46 -23.01
N ASP F 472 44.57 38.30 -23.45
CA ASP F 472 45.91 38.17 -24.03
C ASP F 472 45.77 37.86 -25.52
N VAL F 473 44.91 38.62 -26.19
CA VAL F 473 44.47 38.32 -27.54
C VAL F 473 45.47 38.74 -28.62
N GLU F 474 46.58 39.39 -28.24
CA GLU F 474 47.50 39.95 -29.24
C GLU F 474 48.22 38.86 -30.02
N ALA F 475 48.70 37.81 -29.33
CA ALA F 475 49.37 36.71 -30.03
C ALA F 475 48.39 35.92 -30.89
N THR F 476 47.14 35.80 -30.41
CA THR F 476 46.09 35.16 -31.21
C THR F 476 45.82 35.94 -32.49
N LEU F 477 45.77 37.28 -32.40
CA LEU F 477 45.55 38.11 -33.58
C LEU F 477 46.73 38.04 -34.54
N VAL F 478 47.96 38.03 -34.00
CA VAL F 478 49.16 37.94 -34.83
C VAL F 478 49.20 36.61 -35.58
N ALA F 479 48.83 35.51 -34.90
CA ALA F 479 48.79 34.22 -35.56
C ALA F 479 47.61 34.12 -36.54
N LEU F 480 46.52 34.82 -36.26
CA LEU F 480 45.36 34.78 -37.15
C LEU F 480 45.58 35.59 -38.43
N ARG F 481 46.41 36.63 -38.35
CA ARG F 481 46.67 37.46 -39.52
C ARG F 481 47.54 36.79 -40.58
N GLN F 482 48.13 35.63 -40.28
CA GLN F 482 49.11 35.01 -41.16
C GLN F 482 48.52 33.86 -41.98
N GLN F 483 47.25 33.96 -42.38
CA GLN F 483 46.68 32.97 -43.29
C GLN F 483 46.07 33.63 -44.51
N HIS F 484 45.38 32.84 -45.34
CA HIS F 484 44.77 33.34 -46.56
C HIS F 484 43.48 34.08 -46.22
N LEU F 485 43.42 35.36 -46.53
CA LEU F 485 42.26 36.19 -46.28
C LEU F 485 41.64 36.65 -47.60
N ASP F 486 40.32 36.55 -47.69
CA ASP F 486 39.58 36.95 -48.87
C ASP F 486 38.91 38.29 -48.66
N ARG F 487 38.72 39.02 -49.76
CA ARG F 487 38.07 40.33 -49.69
C ARG F 487 36.59 40.14 -49.43
N GLN F 488 36.13 40.63 -48.27
CA GLN F 488 34.75 40.47 -47.83
C GLN F 488 34.05 41.82 -47.83
N CYS F 489 32.75 41.78 -47.55
CA CYS F 489 31.99 43.00 -47.34
C CYS F 489 32.37 43.63 -46.01
N TYR F 490 32.31 44.96 -45.96
CA TYR F 490 32.67 45.73 -44.78
C TYR F 490 31.47 46.50 -44.23
N PHE F 491 30.32 45.84 -44.13
CA PHE F 491 29.14 46.53 -43.63
C PHE F 491 29.13 46.59 -42.11
N GLY F 492 29.37 45.45 -41.46
CA GLY F 492 29.27 45.39 -40.02
C GLY F 492 30.52 45.68 -39.24
N VAL F 493 31.63 46.02 -39.91
CA VAL F 493 32.90 46.24 -39.21
C VAL F 493 33.39 47.67 -39.41
N TYR F 494 32.67 48.45 -40.20
CA TYR F 494 33.12 49.79 -40.60
C TYR F 494 32.21 50.85 -39.98
N VAL F 495 32.83 51.85 -39.36
CA VAL F 495 32.14 53.02 -38.81
C VAL F 495 32.65 54.24 -39.55
N ALA F 496 31.73 55.05 -40.07
CA ALA F 496 32.08 56.24 -40.83
C ALA F 496 31.80 57.49 -40.00
N GLU F 497 32.03 58.66 -40.62
CA GLU F 497 31.79 59.94 -39.99
C GLU F 497 30.67 60.67 -40.72
N GLY F 498 30.13 61.69 -40.06
CA GLY F 498 29.08 62.49 -40.67
C GLY F 498 29.61 63.44 -41.72
N THR F 499 28.67 64.05 -42.45
CA THR F 499 29.01 65.00 -43.51
C THR F 499 28.19 66.27 -43.39
N GLU F 500 27.83 66.64 -42.15
CA GLU F 500 27.04 67.83 -41.74
C GLU F 500 25.86 68.13 -42.66
N ASP F 501 25.11 67.08 -43.01
CA ASP F 501 23.90 67.19 -43.79
C ASP F 501 22.69 67.08 -42.90
N THR F 502 21.51 67.13 -43.50
CA THR F 502 20.25 67.21 -42.77
C THR F 502 19.67 65.85 -42.40
N LEU F 503 20.48 64.77 -42.48
CA LEU F 503 20.18 63.40 -42.06
C LEU F 503 19.17 62.70 -42.98
N ASP F 504 18.60 63.43 -43.92
CA ASP F 504 17.74 62.87 -44.96
C ASP F 504 18.60 62.54 -46.18
N VAL F 505 19.53 63.44 -46.50
CA VAL F 505 20.44 63.22 -47.63
C VAL F 505 21.43 62.10 -47.31
N GLN F 506 21.91 62.06 -46.07
CA GLN F 506 22.89 61.03 -45.67
C GLN F 506 22.27 59.64 -45.68
N MET F 507 21.03 59.50 -45.20
CA MET F 507 20.36 58.22 -45.22
C MET F 507 20.05 57.77 -46.65
N GLY F 508 19.71 58.73 -47.52
CA GLY F 508 19.50 58.40 -48.93
C GLY F 508 20.78 57.96 -49.62
N ARG F 509 21.90 58.61 -49.30
CA ARG F 509 23.19 58.20 -49.84
C ARG F 509 23.57 56.82 -49.35
N PHE F 510 23.29 56.51 -48.08
CA PHE F 510 23.56 55.17 -47.55
C PHE F 510 22.68 54.12 -48.21
N MET F 511 21.42 54.46 -48.48
CA MET F 511 20.52 53.51 -49.15
C MET F 511 20.94 53.29 -50.60
N GLU F 512 21.47 54.32 -51.25
CA GLU F 512 21.97 54.15 -52.62
C GLU F 512 23.26 53.34 -52.65
N THR F 513 24.13 53.54 -51.65
CA THR F 513 25.39 52.82 -51.58
C THR F 513 25.16 51.35 -51.22
N TRP F 514 24.23 51.08 -50.32
CA TRP F 514 23.99 49.75 -49.77
C TRP F 514 23.37 48.78 -50.77
N ALA F 515 22.92 49.25 -51.94
CA ALA F 515 22.33 48.37 -52.94
C ALA F 515 23.37 47.44 -53.55
N ASP F 516 24.65 47.81 -53.52
CA ASP F 516 25.71 46.96 -54.01
C ASP F 516 26.90 46.90 -53.04
N MET F 517 26.69 47.33 -51.80
CA MET F 517 27.74 47.23 -50.78
C MET F 517 27.97 45.79 -50.37
N MET F 518 26.92 44.97 -50.39
CA MET F 518 27.02 43.59 -49.95
C MET F 518 27.04 42.66 -51.15
N PRO F 519 28.16 42.01 -51.47
CA PRO F 519 28.14 40.99 -52.53
C PRO F 519 27.66 39.63 -52.05
N HIS F 520 27.49 39.43 -50.74
CA HIS F 520 27.03 38.15 -50.21
C HIS F 520 26.32 38.42 -48.88
N HIS F 521 25.99 37.35 -48.18
CA HIS F 521 25.28 37.36 -46.91
C HIS F 521 26.27 37.50 -45.76
N PRO F 522 26.04 38.42 -44.82
CA PRO F 522 27.00 38.61 -43.72
C PRO F 522 27.02 37.44 -42.76
N HIS F 523 28.18 37.25 -42.13
CA HIS F 523 28.39 36.12 -41.24
C HIS F 523 27.83 36.36 -39.83
N TRP F 524 27.55 37.60 -39.46
CA TRP F 524 27.04 37.89 -38.12
C TRP F 524 25.52 37.90 -38.06
N VAL F 525 24.83 37.76 -39.19
CA VAL F 525 23.38 37.64 -39.18
C VAL F 525 22.93 36.23 -38.81
N ASN F 526 23.68 35.22 -39.25
CA ASN F 526 23.30 33.81 -39.07
C ASN F 526 23.49 33.37 -37.62
N GLU F 527 22.61 33.88 -36.76
CA GLU F 527 22.47 33.40 -35.39
C GLU F 527 21.32 32.43 -35.23
N HIS F 528 20.65 32.09 -36.33
CA HIS F 528 19.58 31.09 -36.31
C HIS F 528 20.12 29.67 -36.31
N LEU F 529 21.43 29.49 -36.44
CA LEU F 529 22.04 28.17 -36.41
C LEU F 529 21.91 27.55 -35.04
N THR F 530 21.61 26.25 -35.01
CA THR F 530 21.62 25.51 -33.76
C THR F 530 23.06 25.15 -33.40
N ILE F 531 23.23 24.47 -32.26
CA ILE F 531 24.57 24.12 -31.78
C ILE F 531 25.19 23.06 -32.69
N LEU F 532 24.38 22.12 -33.18
CA LEU F 532 24.91 21.03 -34.00
C LEU F 532 25.30 21.52 -35.40
N GLN F 533 24.70 22.62 -35.86
CA GLN F 533 25.08 23.18 -37.15
C GLN F 533 26.21 24.20 -37.02
N PHE F 534 26.26 24.92 -35.90
CA PHE F 534 27.38 25.82 -35.64
C PHE F 534 28.67 25.06 -35.43
N ILE F 535 28.58 23.91 -34.75
CA ILE F 535 29.76 23.14 -34.37
C ILE F 535 30.35 22.40 -35.58
N ALA F 536 29.52 22.09 -36.57
CA ALA F 536 29.91 21.30 -37.74
C ALA F 536 31.00 22.02 -38.54
N PRO F 537 31.93 21.26 -39.15
CA PRO F 537 33.11 21.89 -39.76
C PRO F 537 32.84 22.72 -41.02
N SER F 538 31.64 22.62 -41.59
CA SER F 538 31.30 23.45 -42.75
C SER F 538 31.05 24.90 -42.39
N ASN F 539 30.96 25.23 -41.10
CA ASN F 539 30.76 26.60 -40.66
C ASN F 539 32.04 27.40 -40.84
N PRO F 540 32.03 28.51 -41.60
CA PRO F 540 33.25 29.33 -41.71
C PRO F 540 33.52 30.21 -40.51
N ARG F 541 32.52 30.43 -39.64
CA ARG F 541 32.69 31.26 -38.46
C ARG F 541 33.40 30.52 -37.33
N LEU F 542 33.50 29.19 -37.41
CA LEU F 542 34.08 28.40 -36.32
C LEU F 542 35.58 28.68 -36.15
N ARG F 543 36.27 29.08 -37.22
CA ARG F 543 37.68 29.42 -37.11
C ARG F 543 37.91 30.81 -36.52
N PHE F 544 36.85 31.60 -36.34
CA PHE F 544 36.96 32.94 -35.78
C PHE F 544 36.31 33.05 -34.40
N GLU F 545 35.97 31.93 -33.78
CA GLU F 545 35.43 31.92 -32.42
C GLU F 545 36.47 31.20 -31.55
N LEU F 546 37.34 31.98 -30.92
CA LEU F 546 38.41 31.42 -30.09
C LEU F 546 38.28 31.83 -28.63
N ASN F 547 38.21 33.11 -28.33
CA ASN F 547 38.07 33.58 -26.97
C ASN F 547 36.60 33.76 -26.61
N PRO F 548 36.21 33.54 -25.35
CA PRO F 548 34.80 33.77 -24.97
C PRO F 548 34.44 35.22 -24.80
N ALA F 549 35.39 36.14 -24.85
CA ALA F 549 35.14 37.57 -24.65
C ALA F 549 35.73 38.40 -25.77
N PHE F 550 35.79 37.84 -26.98
CA PHE F 550 36.39 38.56 -28.10
C PHE F 550 35.68 38.16 -29.39
N ASP F 551 35.30 39.15 -30.20
CA ASP F 551 34.68 38.92 -31.49
C ASP F 551 35.73 39.14 -32.57
N PHE F 552 36.11 38.07 -33.26
CA PHE F 552 37.06 38.15 -34.36
C PHE F 552 36.31 38.29 -35.68
N PHE F 553 36.70 39.27 -36.48
CA PHE F 553 36.11 39.48 -37.79
C PHE F 553 37.22 39.78 -38.79
N VAL F 554 36.82 40.06 -40.03
CA VAL F 554 37.73 40.47 -41.09
C VAL F 554 37.45 41.94 -41.39
N ALA F 555 38.46 42.77 -41.22
CA ALA F 555 38.34 44.22 -41.34
C ALA F 555 39.43 44.75 -42.25
N PRO F 556 39.20 45.90 -42.91
CA PRO F 556 40.26 46.51 -43.71
C PRO F 556 41.42 46.99 -42.84
N GLY F 557 42.63 46.83 -43.37
CA GLY F 557 43.82 47.24 -42.65
C GLY F 557 44.26 48.65 -43.03
N ASP F 558 45.09 49.22 -42.15
CA ASP F 558 45.63 50.58 -42.28
C ASP F 558 44.53 51.63 -42.43
N VAL F 559 43.44 51.43 -41.69
CA VAL F 559 42.30 52.35 -41.70
C VAL F 559 42.01 52.75 -40.26
N ASP F 560 42.03 54.05 -39.99
CA ASP F 560 41.78 54.58 -38.66
C ASP F 560 40.29 54.87 -38.53
N LEU F 561 39.62 54.13 -37.64
CA LEU F 561 38.20 54.32 -37.42
C LEU F 561 37.96 55.57 -36.57
N PRO F 562 37.00 56.43 -36.95
CA PRO F 562 36.16 56.38 -38.15
C PRO F 562 36.86 56.93 -39.39
N GLY F 563 36.55 56.39 -40.56
CA GLY F 563 37.16 56.83 -41.80
C GLY F 563 36.25 57.72 -42.61
N PRO F 564 36.48 57.78 -43.93
CA PRO F 564 35.62 58.58 -44.80
C PRO F 564 34.26 57.94 -45.05
N GLN F 565 33.46 58.56 -45.92
CA GLN F 565 32.12 58.05 -46.22
C GLN F 565 32.19 56.72 -46.97
N ARG F 566 33.12 56.61 -47.92
CA ARG F 566 33.28 55.35 -48.65
C ARG F 566 34.45 54.58 -48.05
N PRO F 567 34.37 53.26 -47.98
CA PRO F 567 35.50 52.48 -47.45
C PRO F 567 36.65 52.46 -48.44
N PRO F 568 37.84 52.90 -48.02
CA PRO F 568 39.00 52.86 -48.92
C PRO F 568 39.46 51.44 -49.18
N GLU F 569 40.00 51.22 -50.36
CA GLU F 569 40.47 49.89 -50.75
C GLU F 569 41.80 49.58 -50.06
N ALA F 570 41.84 48.46 -49.36
CA ALA F 570 43.03 48.06 -48.62
C ALA F 570 43.00 46.56 -48.43
N MET F 571 44.16 46.01 -48.03
CA MET F 571 44.26 44.59 -47.76
C MET F 571 43.49 44.22 -46.49
N PRO F 572 42.70 43.15 -46.54
CA PRO F 572 41.93 42.76 -45.34
C PRO F 572 42.81 42.10 -44.29
N THR F 573 42.50 42.38 -43.03
CA THR F 573 43.18 41.78 -41.89
C THR F 573 42.15 41.31 -40.89
N VAL F 574 42.62 40.59 -39.87
CA VAL F 574 41.76 40.05 -38.83
C VAL F 574 41.93 40.90 -37.58
N ASN F 575 40.85 41.54 -37.14
CA ASN F 575 40.83 42.33 -35.92
C ASN F 575 40.04 41.61 -34.84
N ALA F 576 40.03 42.21 -33.65
CA ALA F 576 39.24 41.69 -32.54
C ALA F 576 38.62 42.87 -31.81
N THR F 577 37.48 42.60 -31.18
CA THR F 577 36.79 43.59 -30.37
C THR F 577 36.31 42.89 -29.10
N LEU F 578 36.53 43.54 -27.96
CA LEU F 578 36.08 43.01 -26.68
C LEU F 578 34.57 42.91 -26.65
N ARG F 579 34.06 41.70 -26.41
CA ARG F 579 32.63 41.49 -26.18
C ARG F 579 32.30 42.11 -24.83
N ILE F 580 31.57 43.22 -24.85
CA ILE F 580 31.29 43.95 -23.61
C ILE F 580 30.32 43.15 -22.76
N ILE F 581 29.28 42.63 -23.39
CA ILE F 581 28.16 42.00 -22.70
C ILE F 581 28.40 40.50 -22.67
N ASN F 582 27.83 39.81 -21.67
CA ASN F 582 27.78 38.36 -21.71
C ASN F 582 26.54 37.84 -22.42
N GLY F 583 25.69 38.73 -22.92
CA GLY F 583 24.62 38.41 -23.84
C GLY F 583 24.96 38.60 -25.29
N ASN F 584 26.13 39.18 -25.59
CA ASN F 584 26.63 39.31 -26.95
C ASN F 584 27.24 38.02 -27.47
N ILE F 585 27.35 36.99 -26.62
CA ILE F 585 27.75 35.64 -27.05
C ILE F 585 26.74 35.13 -28.09
N PRO F 586 27.19 34.49 -29.17
CA PRO F 586 26.24 34.00 -30.18
C PRO F 586 25.27 32.97 -29.61
N VAL F 587 24.04 33.02 -30.13
CA VAL F 587 22.90 32.23 -29.66
C VAL F 587 23.13 30.72 -29.71
N PRO F 588 23.79 30.11 -30.73
CA PRO F 588 24.11 28.68 -30.59
C PRO F 588 25.05 28.32 -29.46
N LEU F 589 25.83 29.27 -28.94
CA LEU F 589 26.69 29.00 -27.79
C LEU F 589 26.00 29.32 -26.47
N CYS F 590 25.30 30.44 -26.38
CA CYS F 590 24.48 30.79 -25.22
C CYS F 590 23.04 30.90 -25.67
N PRO F 591 22.20 29.91 -25.37
CA PRO F 591 20.88 29.81 -26.03
C PRO F 591 19.84 30.79 -25.51
N ILE F 592 18.64 30.68 -26.06
CA ILE F 592 17.50 31.50 -25.65
C ILE F 592 16.80 30.89 -24.44
N SER F 593 16.68 29.56 -24.43
CA SER F 593 16.03 28.86 -23.32
C SER F 593 16.82 29.02 -22.03
N PHE F 594 18.16 28.98 -22.12
CA PHE F 594 18.99 29.22 -20.95
C PHE F 594 18.85 30.64 -20.43
N ARG F 595 18.76 31.61 -21.35
CA ARG F 595 18.58 33.01 -20.95
C ARG F 595 17.23 33.22 -20.28
N ASP F 596 16.18 32.57 -20.79
CA ASP F 596 14.86 32.71 -20.19
C ASP F 596 14.77 32.00 -18.84
N CYS F 597 15.46 30.87 -18.69
CA CYS F 597 15.49 30.19 -17.39
C CYS F 597 16.29 30.99 -16.36
N ARG F 598 17.37 31.64 -16.81
CA ARG F 598 18.12 32.52 -15.92
C ARG F 598 17.29 33.75 -15.53
N GLY F 599 16.49 34.27 -16.46
CA GLY F 599 15.60 35.37 -16.14
C GLY F 599 14.49 34.97 -15.18
N THR F 600 14.00 33.72 -15.29
CA THR F 600 13.07 33.20 -14.30
C THR F 600 13.73 33.05 -12.94
N GLN F 601 15.02 32.69 -12.94
CA GLN F 601 15.77 32.60 -11.69
C GLN F 601 15.94 33.96 -11.04
N LEU F 602 16.15 35.01 -11.84
CA LEU F 602 16.37 36.35 -11.29
C LEU F 602 15.09 36.93 -10.71
N GLY F 603 13.97 36.79 -11.41
CA GLY F 603 12.72 37.38 -10.98
C GLY F 603 11.89 36.46 -10.12
N LEU F 604 12.45 36.00 -8.99
CA LEU F 604 11.73 35.08 -8.12
C LEU F 604 10.72 35.81 -7.25
N GLY F 605 11.18 36.80 -6.49
CA GLY F 605 10.29 37.52 -5.58
C GLY F 605 10.14 38.99 -5.91
N ARG F 606 10.71 39.41 -7.05
CA ARG F 606 10.68 40.83 -7.42
C ARG F 606 9.31 41.21 -7.96
N HIS F 607 9.15 42.52 -8.18
CA HIS F 607 7.87 43.06 -8.61
C HIS F 607 7.54 42.64 -10.03
N THR F 608 6.29 42.20 -10.24
CA THR F 608 5.80 41.81 -11.54
C THR F 608 4.64 42.73 -11.93
N MET F 609 4.37 42.78 -13.24
CA MET F 609 3.32 43.63 -13.77
C MET F 609 2.00 42.87 -13.81
N THR F 610 0.96 43.48 -13.26
CA THR F 610 -0.37 42.91 -13.30
C THR F 610 -0.87 42.83 -14.75
N PRO F 611 -1.62 41.78 -15.11
CA PRO F 611 -1.92 41.54 -16.53
C PRO F 611 -2.79 42.59 -17.22
N ALA F 612 -3.45 43.47 -16.47
CA ALA F 612 -4.19 44.57 -17.10
C ALA F 612 -3.25 45.52 -17.82
N THR F 613 -2.16 45.92 -17.16
CA THR F 613 -1.18 46.79 -17.79
C THR F 613 -0.44 46.08 -18.91
N ILE F 614 -0.19 44.78 -18.74
CA ILE F 614 0.46 43.98 -19.78
C ILE F 614 -0.41 43.95 -21.04
N LYS F 615 -1.70 43.70 -20.86
CA LYS F 615 -2.63 43.66 -21.99
C LYS F 615 -2.77 45.02 -22.66
N ALA F 616 -2.85 46.09 -21.86
CA ALA F 616 -3.02 47.44 -22.43
C ALA F 616 -1.78 47.90 -23.19
N VAL F 617 -0.59 47.67 -22.62
CA VAL F 617 0.64 48.10 -23.27
C VAL F 617 0.92 47.24 -24.50
N LYS F 618 0.62 45.93 -24.43
CA LYS F 618 0.77 45.08 -25.61
C LYS F 618 -0.22 45.46 -26.71
N ASP F 619 -1.42 45.92 -26.32
CA ASP F 619 -2.39 46.39 -27.30
C ASP F 619 -1.94 47.68 -27.97
N THR F 620 -1.41 48.63 -27.20
CA THR F 620 -1.02 49.90 -27.82
C THR F 620 0.32 49.80 -28.54
N PHE F 621 1.13 48.78 -28.24
CA PHE F 621 2.35 48.55 -28.99
C PHE F 621 2.11 47.82 -30.31
N GLU F 622 1.00 47.11 -30.44
CA GLU F 622 0.64 46.41 -31.67
C GLU F 622 -0.49 47.11 -32.42
N ASP F 623 -0.77 48.37 -32.10
CA ASP F 623 -1.84 49.12 -32.74
C ASP F 623 -1.28 49.86 -33.93
N ARG F 624 -1.77 49.52 -35.12
CA ARG F 624 -1.34 50.18 -36.35
C ARG F 624 -2.15 51.42 -36.67
N ALA F 625 -3.35 51.56 -36.08
CA ALA F 625 -4.16 52.75 -36.23
C ALA F 625 -3.90 53.77 -35.12
N TYR F 626 -2.69 53.76 -34.55
CA TYR F 626 -2.30 54.72 -33.53
C TYR F 626 -2.25 56.11 -34.15
N PRO F 627 -2.91 57.10 -33.55
CA PRO F 627 -2.94 58.44 -34.14
C PRO F 627 -1.57 59.11 -34.16
N THR F 628 -1.32 59.88 -35.21
CA THR F 628 -0.07 60.60 -35.35
C THR F 628 -0.04 61.87 -34.51
N ILE F 629 -1.17 62.26 -33.93
CA ILE F 629 -1.24 63.47 -33.10
C ILE F 629 -0.36 63.33 -31.87
N PHE F 630 -0.30 62.12 -31.31
CA PHE F 630 0.61 61.84 -30.20
C PHE F 630 2.06 61.98 -30.65
N TYR F 631 2.36 61.58 -31.90
CA TYR F 631 3.73 61.67 -32.39
C TYR F 631 4.15 63.13 -32.58
N MET F 632 3.28 63.95 -33.18
CA MET F 632 3.59 65.37 -33.35
C MET F 632 3.66 66.09 -32.00
N LEU F 633 2.78 65.75 -31.06
CA LEU F 633 2.80 66.37 -29.74
C LEU F 633 4.06 65.99 -28.98
N GLU F 634 4.50 64.73 -29.06
CA GLU F 634 5.73 64.32 -28.42
C GLU F 634 6.94 64.91 -29.11
N ALA F 635 6.83 65.21 -30.41
CA ALA F 635 7.93 65.83 -31.12
C ALA F 635 8.10 67.30 -30.74
N VAL F 636 6.99 68.04 -30.60
CA VAL F 636 7.09 69.48 -30.36
C VAL F 636 7.20 69.79 -28.87
N ILE F 637 6.71 68.88 -28.01
CA ILE F 637 6.99 69.01 -26.58
C ILE F 637 8.46 68.67 -26.32
N HIS F 638 8.95 67.61 -26.96
CA HIS F 638 10.36 67.18 -27.00
C HIS F 638 10.98 67.02 -25.61
N GLY F 639 10.17 66.56 -24.67
CA GLY F 639 10.64 66.21 -23.35
C GLY F 639 11.15 67.36 -22.50
N ASN F 640 10.40 68.46 -22.48
CA ASN F 640 10.71 69.60 -21.63
C ASN F 640 9.63 69.71 -20.56
N GLU F 641 10.05 69.99 -19.32
CA GLU F 641 9.11 70.01 -18.20
C GLU F 641 8.17 71.20 -18.28
N ARG F 642 8.68 72.37 -18.67
CA ARG F 642 7.84 73.55 -18.84
C ARG F 642 6.87 73.37 -20.00
N ASN F 643 7.32 72.73 -21.08
CA ASN F 643 6.47 72.49 -22.24
C ASN F 643 5.35 71.50 -21.91
N PHE F 644 5.65 70.49 -21.08
CA PHE F 644 4.61 69.58 -20.65
C PHE F 644 3.63 70.26 -19.70
N CYS F 645 4.15 70.98 -18.70
CA CYS F 645 3.30 71.58 -17.69
C CYS F 645 2.51 72.78 -18.22
N ALA F 646 2.86 73.34 -19.37
CA ALA F 646 2.02 74.33 -20.00
C ALA F 646 0.87 73.72 -20.79
N LEU F 647 0.85 72.39 -20.94
CA LEU F 647 -0.12 71.69 -21.78
C LEU F 647 -0.89 70.61 -21.04
N LEU F 648 -1.15 70.80 -19.74
CA LEU F 648 -1.71 69.73 -18.93
C LEU F 648 -3.14 69.41 -19.32
N ARG F 649 -3.93 70.44 -19.64
CA ARG F 649 -5.34 70.24 -19.97
C ARG F 649 -5.50 69.52 -21.31
N LEU F 650 -4.75 69.97 -22.33
CA LEU F 650 -4.85 69.36 -23.66
C LEU F 650 -4.35 67.92 -23.65
N LEU F 651 -3.26 67.66 -22.94
CA LEU F 651 -2.73 66.30 -22.87
C LEU F 651 -3.64 65.39 -22.07
N THR F 652 -4.28 65.93 -21.01
CA THR F 652 -5.24 65.14 -20.26
C THR F 652 -6.44 64.76 -21.12
N GLN F 653 -6.97 65.73 -21.88
CA GLN F 653 -8.10 65.45 -22.76
C GLN F 653 -7.73 64.47 -23.86
N CYS F 654 -6.51 64.58 -24.39
CA CYS F 654 -6.05 63.66 -25.44
C CYS F 654 -5.88 62.24 -24.90
N ILE F 655 -5.28 62.10 -23.72
CA ILE F 655 -5.07 60.78 -23.12
C ILE F 655 -6.41 60.14 -22.74
N ARG F 656 -7.31 60.93 -22.15
CA ARG F 656 -8.63 60.42 -21.78
C ARG F 656 -9.45 60.04 -23.00
N GLY F 657 -9.37 60.83 -24.08
CA GLY F 657 -10.08 60.50 -25.30
C GLY F 657 -9.56 59.23 -25.95
N TYR F 658 -8.25 59.02 -25.93
CA TYR F 658 -7.72 57.78 -26.46
C TYR F 658 -7.97 56.60 -25.54
N TRP F 659 -8.12 56.83 -24.23
CA TRP F 659 -8.36 55.71 -23.33
C TRP F 659 -9.80 55.26 -23.38
N GLU F 660 -10.75 56.13 -23.05
CA GLU F 660 -12.15 55.68 -23.00
C GLU F 660 -12.86 55.68 -24.36
N GLN F 661 -12.16 55.19 -25.39
CA GLN F 661 -12.78 54.77 -26.64
C GLN F 661 -12.18 53.49 -27.21
N SER F 662 -10.95 53.11 -26.83
CA SER F 662 -10.35 51.87 -27.30
C SER F 662 -9.55 51.14 -26.22
N HIS F 663 -9.51 51.68 -24.99
CA HIS F 663 -8.89 51.05 -23.81
C HIS F 663 -7.40 50.77 -24.02
N ARG F 664 -6.69 51.75 -24.57
CA ARG F 664 -5.26 51.64 -24.83
C ARG F 664 -4.53 52.83 -24.23
N VAL F 665 -3.28 52.60 -23.86
CA VAL F 665 -2.49 53.62 -23.16
C VAL F 665 -1.70 54.43 -24.18
N ALA F 666 -1.84 55.75 -24.12
CA ALA F 666 -1.14 56.66 -25.00
C ALA F 666 0.12 57.21 -24.35
N PHE F 667 0.98 57.80 -25.19
CA PHE F 667 2.23 58.47 -24.78
C PHE F 667 3.16 57.52 -24.03
N VAL F 668 3.30 56.30 -24.53
CA VAL F 668 4.13 55.29 -23.89
C VAL F 668 5.48 55.11 -24.59
N ASN F 669 5.67 55.72 -25.76
CA ASN F 669 6.89 55.49 -26.53
C ASN F 669 8.09 56.21 -25.92
N ASN F 670 7.91 57.45 -25.49
CA ASN F 670 9.02 58.26 -24.98
C ASN F 670 9.07 58.21 -23.46
N PHE F 671 10.28 58.11 -22.92
CA PHE F 671 10.44 58.02 -21.47
C PHE F 671 10.18 59.35 -20.79
N HIS F 672 10.50 60.46 -21.45
CA HIS F 672 10.16 61.78 -20.89
C HIS F 672 8.73 62.19 -21.21
N MET F 673 7.78 61.28 -21.07
CA MET F 673 6.37 61.59 -21.06
C MET F 673 5.65 60.88 -19.93
N LEU F 674 6.00 59.62 -19.65
CA LEU F 674 5.36 58.88 -18.58
C LEU F 674 5.86 59.32 -17.20
N MET F 675 7.10 59.81 -17.11
CA MET F 675 7.57 60.41 -15.87
C MET F 675 6.76 61.64 -15.52
N TYR F 676 6.48 62.49 -16.52
CA TYR F 676 5.68 63.68 -16.29
C TYR F 676 4.21 63.33 -16.07
N ILE F 677 3.76 62.21 -16.64
CA ILE F 677 2.39 61.76 -16.40
C ILE F 677 2.24 61.25 -14.96
N THR F 678 3.22 60.46 -14.50
CA THR F 678 3.15 59.90 -13.15
C THR F 678 3.37 60.96 -12.09
N THR F 679 4.22 61.94 -12.35
CA THR F 679 4.52 62.94 -11.33
C THR F 679 3.45 64.02 -11.27
N TYR F 680 3.04 64.55 -12.42
CA TYR F 680 2.11 65.67 -12.45
C TYR F 680 0.66 65.22 -12.57
N LEU F 681 0.34 64.45 -13.60
CA LEU F 681 -1.03 64.00 -13.82
C LEU F 681 -1.31 62.70 -13.10
N GLY F 682 -0.99 62.63 -11.81
CA GLY F 682 -1.12 61.39 -11.08
C GLY F 682 -1.80 61.54 -9.74
N ASN F 683 -2.35 62.72 -9.48
CA ASN F 683 -3.05 62.97 -8.23
C ASN F 683 -4.54 62.70 -8.32
N GLY F 684 -5.04 62.22 -9.46
CA GLY F 684 -6.43 61.84 -9.57
C GLY F 684 -7.15 62.51 -10.72
N GLU F 685 -6.41 63.22 -11.57
CA GLU F 685 -7.04 64.05 -12.58
C GLU F 685 -7.23 63.26 -13.88
N LEU F 686 -6.37 62.27 -14.11
CA LEU F 686 -6.65 61.15 -15.02
C LEU F 686 -7.56 60.13 -14.34
N PRO F 687 -8.18 59.22 -15.10
CA PRO F 687 -8.96 58.14 -14.47
C PRO F 687 -8.09 57.18 -13.66
N GLU F 688 -8.76 56.38 -12.83
CA GLU F 688 -8.09 55.51 -11.86
C GLU F 688 -7.29 54.40 -12.52
N VAL F 689 -7.71 53.93 -13.69
CA VAL F 689 -7.06 52.77 -14.31
C VAL F 689 -5.83 53.16 -15.10
N CYS F 690 -5.80 54.36 -15.67
CA CYS F 690 -4.67 54.76 -16.52
C CYS F 690 -3.41 55.00 -15.69
N ILE F 691 -3.53 55.78 -14.61
CA ILE F 691 -2.39 56.12 -13.78
C ILE F 691 -1.87 54.89 -13.06
N ASN F 692 -2.74 53.90 -12.81
CA ASN F 692 -2.28 52.62 -12.29
C ASN F 692 -1.36 51.91 -13.28
N ILE F 693 -1.68 51.98 -14.58
CA ILE F 693 -0.84 51.36 -15.59
C ILE F 693 0.50 52.08 -15.70
N TYR F 694 0.48 53.41 -15.70
CA TYR F 694 1.72 54.18 -15.76
C TYR F 694 2.59 53.96 -14.52
N ARG F 695 1.96 53.92 -13.34
CA ARG F 695 2.69 53.69 -12.11
C ARG F 695 3.24 52.26 -12.05
N ASP F 696 2.51 51.30 -12.63
CA ASP F 696 3.00 49.93 -12.68
C ASP F 696 4.21 49.79 -13.59
N LEU F 697 4.20 50.49 -14.72
CA LEU F 697 5.36 50.49 -15.63
C LEU F 697 6.58 51.13 -14.95
N LEU F 698 6.36 52.26 -14.27
CA LEU F 698 7.46 52.92 -13.55
C LEU F 698 7.98 52.07 -12.40
N GLN F 699 7.07 51.38 -11.70
CA GLN F 699 7.47 50.51 -10.60
C GLN F 699 8.25 49.31 -11.11
N HIS F 700 7.89 48.78 -12.28
CA HIS F 700 8.66 47.68 -12.87
C HIS F 700 10.05 48.14 -13.29
N VAL F 701 10.17 49.36 -13.82
CA VAL F 701 11.48 49.90 -14.16
C VAL F 701 12.35 50.06 -12.91
N ARG F 702 11.77 50.58 -11.83
CA ARG F 702 12.53 50.73 -10.59
C ARG F 702 12.85 49.38 -9.94
N ALA F 703 11.99 48.38 -10.13
CA ALA F 703 12.30 47.03 -9.65
C ALA F 703 13.46 46.41 -10.42
N LEU F 704 13.53 46.66 -11.73
CA LEU F 704 14.68 46.23 -12.51
C LEU F 704 15.96 46.94 -12.06
N ARG F 705 15.86 48.23 -11.74
CA ARG F 705 17.02 48.96 -11.22
C ARG F 705 17.49 48.41 -9.88
N GLN F 706 16.54 48.10 -8.98
CA GLN F 706 16.91 47.50 -7.69
C GLN F 706 17.45 46.09 -7.86
N THR F 707 17.03 45.37 -8.90
CA THR F 707 17.58 44.05 -9.16
C THR F 707 19.03 44.15 -9.64
N ILE F 708 19.33 45.16 -10.48
CA ILE F 708 20.71 45.43 -10.87
C ILE F 708 21.56 45.80 -9.66
N THR F 709 21.01 46.64 -8.77
CA THR F 709 21.71 47.02 -7.55
C THR F 709 21.96 45.82 -6.63
N ASP F 710 21.02 44.87 -6.60
CA ASP F 710 21.12 43.73 -5.70
C ASP F 710 22.26 42.81 -6.08
N PHE F 711 22.43 42.53 -7.38
CA PHE F 711 23.39 41.52 -7.82
C PHE F 711 24.81 42.06 -8.02
N THR F 712 25.16 43.16 -7.38
CA THR F 712 26.52 43.67 -7.40
C THR F 712 27.00 43.87 -5.96
N ILE F 713 28.31 44.06 -5.81
CA ILE F 713 28.92 44.24 -4.50
C ILE F 713 29.46 45.66 -4.43
N GLN F 714 29.00 46.42 -3.46
CA GLN F 714 29.35 47.83 -3.34
C GLN F 714 30.71 48.01 -2.68
N GLY F 715 31.20 49.25 -2.69
CA GLY F 715 32.45 49.59 -2.06
C GLY F 715 33.69 49.33 -2.88
N GLU F 716 33.55 48.87 -4.13
CA GLU F 716 34.69 48.58 -4.99
C GLU F 716 34.59 49.51 -6.20
N GLY F 717 35.17 50.70 -6.06
CA GLY F 717 35.19 51.66 -7.15
C GLY F 717 36.59 51.97 -7.62
N HIS F 718 36.86 51.73 -8.90
CA HIS F 718 38.18 51.93 -9.48
C HIS F 718 38.13 53.07 -10.48
N ASN F 719 39.00 54.08 -10.27
CA ASN F 719 39.24 55.19 -11.20
C ASN F 719 37.98 56.00 -11.48
N GLY F 720 37.20 56.27 -10.44
CA GLY F 720 36.02 57.11 -10.59
C GLY F 720 34.83 56.42 -11.22
N GLU F 721 34.85 55.09 -11.29
CA GLU F 721 33.72 54.31 -11.79
C GLU F 721 33.15 53.53 -10.63
N THR F 722 31.85 53.68 -10.38
CA THR F 722 31.20 52.98 -9.28
C THR F 722 31.02 51.51 -9.61
N SER F 723 30.61 50.74 -8.61
CA SER F 723 30.54 49.29 -8.73
C SER F 723 29.45 48.85 -9.71
N GLU F 724 28.32 49.55 -9.70
CA GLU F 724 27.24 49.21 -10.63
C GLU F 724 27.62 49.56 -12.07
N ALA F 725 28.37 50.64 -12.27
CA ALA F 725 28.82 50.99 -13.61
C ALA F 725 29.93 50.07 -14.09
N LEU F 726 30.67 49.47 -13.16
CA LEU F 726 31.73 48.53 -13.50
C LEU F 726 31.23 47.11 -13.64
N ASN F 727 30.02 46.82 -13.14
CA ASN F 727 29.40 45.50 -13.30
C ASN F 727 28.40 45.49 -14.45
N ASN F 728 27.47 46.44 -14.48
CA ASN F 728 26.39 46.46 -15.45
C ASN F 728 26.64 47.55 -16.49
N ILE F 729 25.72 47.67 -17.43
CA ILE F 729 25.78 48.66 -18.49
C ILE F 729 24.67 49.69 -18.38
N LEU F 730 23.47 49.25 -17.96
CA LEU F 730 22.37 50.17 -17.74
C LEU F 730 22.62 51.12 -16.57
N THR F 731 23.59 50.79 -15.71
CA THR F 731 24.10 51.72 -14.71
C THR F 731 25.43 52.35 -15.09
N ASP F 732 25.95 52.04 -16.27
CA ASP F 732 27.18 52.66 -16.76
C ASP F 732 26.84 54.00 -17.39
N ASP F 733 27.51 55.05 -16.93
CA ASP F 733 27.20 56.41 -17.39
C ASP F 733 27.77 56.71 -18.77
N THR F 734 28.72 55.91 -19.25
CA THR F 734 29.28 56.12 -20.58
C THR F 734 28.28 55.77 -21.68
N PHE F 735 27.43 54.77 -21.46
CA PHE F 735 26.43 54.36 -22.42
C PHE F 735 25.25 55.31 -22.36
N ILE F 736 24.72 55.68 -23.52
CA ILE F 736 23.66 56.67 -23.60
C ILE F 736 22.40 56.03 -24.18
N ALA F 737 21.30 56.75 -24.04
CA ALA F 737 20.01 56.32 -24.55
C ALA F 737 20.00 56.31 -26.08
N PRO F 738 19.18 55.46 -26.71
CA PRO F 738 19.07 55.48 -28.17
C PRO F 738 18.56 56.80 -28.74
N ILE F 739 17.67 57.49 -28.03
CA ILE F 739 17.23 58.82 -28.41
C ILE F 739 17.47 59.76 -27.24
N LEU F 740 17.76 61.02 -27.55
CA LEU F 740 18.05 62.03 -26.53
C LEU F 740 17.13 63.23 -26.74
N TRP F 741 16.59 63.73 -25.63
CA TRP F 741 15.79 64.95 -25.64
C TRP F 741 16.52 66.14 -25.03
N ASP F 742 17.35 65.90 -24.02
CA ASP F 742 18.15 66.93 -23.40
C ASP F 742 19.62 66.53 -23.44
N CYS F 743 20.50 67.49 -23.19
CA CYS F 743 21.93 67.29 -23.30
C CYS F 743 22.58 66.85 -21.99
N ASP F 744 21.79 66.48 -20.98
CA ASP F 744 22.36 66.13 -19.69
C ASP F 744 23.05 64.76 -19.71
N ALA F 745 22.59 63.86 -20.58
CA ALA F 745 23.22 62.55 -20.70
C ALA F 745 24.65 62.65 -21.22
N LEU F 746 24.87 63.53 -22.20
CA LEU F 746 26.22 63.75 -22.71
C LEU F 746 27.12 64.39 -21.65
N ILE F 747 26.56 65.30 -20.84
CA ILE F 747 27.31 65.93 -19.75
C ILE F 747 27.74 64.88 -18.72
N TYR F 748 26.80 64.02 -18.32
CA TYR F 748 27.10 62.99 -17.33
C TYR F 748 28.10 61.97 -17.87
N ARG F 749 27.98 61.61 -19.15
CA ARG F 749 28.92 60.67 -19.77
C ARG F 749 30.33 61.27 -19.83
N ASP F 750 30.43 62.53 -20.29
CA ASP F 750 31.75 63.16 -20.44
C ASP F 750 32.40 63.43 -19.09
N GLU F 751 31.59 63.73 -18.07
CA GLU F 751 32.16 63.93 -16.74
C GLU F 751 32.55 62.60 -16.10
N ALA F 752 31.74 61.57 -16.28
CA ALA F 752 31.94 60.33 -15.53
C ALA F 752 33.01 59.44 -16.16
N ALA F 753 33.25 59.56 -17.47
CA ALA F 753 34.24 58.68 -18.05
C ALA F 753 35.66 59.14 -17.71
N ARG F 754 36.09 60.26 -18.29
CA ARG F 754 37.21 61.11 -17.85
C ARG F 754 38.58 60.43 -17.91
N ASP F 755 38.64 59.14 -18.17
CA ASP F 755 39.89 58.39 -18.28
C ASP F 755 39.89 57.56 -19.55
N ARG F 756 38.75 56.95 -19.90
CA ARG F 756 38.59 56.27 -21.17
C ARG F 756 38.36 57.34 -22.24
N LEU F 757 39.27 57.42 -23.21
CA LEU F 757 39.41 58.50 -24.18
C LEU F 757 38.14 58.72 -25.00
N PRO F 758 37.42 59.81 -24.76
CA PRO F 758 36.14 60.02 -25.44
C PRO F 758 36.26 60.80 -26.73
N ALA F 759 35.27 60.62 -27.60
CA ALA F 759 35.19 61.35 -28.85
C ALA F 759 33.73 61.37 -29.30
N ILE F 760 33.16 62.57 -29.38
CA ILE F 760 31.78 62.77 -29.80
C ILE F 760 31.80 63.44 -31.16
N ARG F 761 31.01 62.90 -32.09
CA ARG F 761 30.91 63.45 -33.44
C ARG F 761 29.46 63.85 -33.69
N VAL F 762 29.18 65.15 -33.63
CA VAL F 762 27.82 65.65 -33.78
C VAL F 762 27.68 66.40 -35.10
N SER F 763 27.31 65.68 -36.16
CA SER F 763 27.02 66.22 -37.49
C SER F 763 28.21 67.00 -38.06
N GLY F 764 29.29 66.26 -38.28
CA GLY F 764 30.50 66.89 -38.80
C GLY F 764 31.57 67.09 -37.74
N ARG F 765 31.66 68.29 -37.20
CA ARG F 765 32.71 68.64 -36.26
C ARG F 765 32.53 67.91 -34.93
N ASN F 766 33.62 67.84 -34.17
CA ASN F 766 33.63 67.13 -32.90
C ASN F 766 33.20 68.06 -31.77
N GLY F 767 32.43 67.52 -30.84
CA GLY F 767 31.97 68.28 -29.69
C GLY F 767 30.63 68.96 -29.94
N TYR F 768 29.97 69.32 -28.84
CA TYR F 768 28.67 69.97 -28.87
C TYR F 768 28.80 71.41 -28.37
N GLN F 769 27.71 72.16 -28.49
CA GLN F 769 27.69 73.56 -28.09
C GLN F 769 26.63 73.86 -27.03
N ALA F 770 25.45 73.24 -27.13
CA ALA F 770 24.37 73.31 -26.15
C ALA F 770 23.89 74.76 -25.92
N LEU F 771 23.29 75.31 -26.98
CA LEU F 771 22.67 76.63 -26.92
C LEU F 771 21.16 76.43 -26.79
N HIS F 772 20.61 76.84 -25.65
CA HIS F 772 19.19 76.65 -25.37
C HIS F 772 18.40 77.92 -25.70
N PHE F 773 17.08 77.82 -25.58
CA PHE F 773 16.12 78.91 -25.76
C PHE F 773 16.22 79.54 -27.15
N VAL F 774 15.84 78.74 -28.15
CA VAL F 774 15.63 79.23 -29.50
C VAL F 774 14.13 79.45 -29.70
N ASP F 775 13.78 80.61 -30.23
CA ASP F 775 12.39 81.01 -30.42
C ASP F 775 12.10 81.24 -31.90
N MET F 776 10.94 81.82 -32.18
CA MET F 776 10.50 82.05 -33.56
C MET F 776 11.41 83.02 -34.32
N ALA F 777 12.15 83.87 -33.61
CA ALA F 777 13.01 84.83 -34.29
C ALA F 777 14.23 84.16 -34.92
N GLY F 778 14.85 83.23 -34.20
CA GLY F 778 16.11 82.66 -34.63
C GLY F 778 16.18 81.15 -34.73
N HIS F 779 15.15 80.51 -35.31
CA HIS F 779 15.10 79.05 -35.31
C HIS F 779 16.19 78.44 -36.19
N ASN F 780 16.33 78.93 -37.42
CA ASN F 780 17.32 78.47 -38.41
C ASN F 780 17.22 76.96 -38.65
N PHE F 781 16.11 76.58 -39.29
CA PHE F 781 15.78 75.16 -39.49
C PHE F 781 16.84 74.44 -40.32
N GLN F 782 17.46 75.14 -41.27
CA GLN F 782 18.52 74.54 -42.08
C GLN F 782 19.91 74.81 -41.48
N ARG F 783 20.05 74.55 -40.19
CA ARG F 783 21.32 74.77 -39.51
C ARG F 783 22.26 73.60 -39.77
N ARG F 784 23.51 73.90 -40.12
CA ARG F 784 24.53 72.89 -40.37
C ARG F 784 25.61 72.87 -39.30
N ASP F 785 25.39 73.54 -38.17
CA ASP F 785 26.37 73.59 -37.11
C ASP F 785 26.24 72.36 -36.20
N ASN F 786 27.10 72.28 -35.20
CA ASN F 786 27.03 71.26 -34.15
C ASN F 786 26.38 71.81 -32.89
N VAL F 787 25.44 72.72 -33.05
CA VAL F 787 24.77 73.37 -31.93
C VAL F 787 23.54 72.55 -31.55
N LEU F 788 23.47 72.12 -30.30
CA LEU F 788 22.36 71.34 -29.78
C LEU F 788 21.44 72.23 -28.96
N ILE F 789 20.19 71.80 -28.80
CA ILE F 789 19.20 72.55 -28.05
C ILE F 789 18.94 71.85 -26.73
N HIS F 790 19.03 72.61 -25.63
CA HIS F 790 18.88 72.06 -24.29
C HIS F 790 17.49 72.30 -23.70
N GLY F 791 16.89 73.44 -23.97
CA GLY F 791 15.56 73.74 -23.49
C GLY F 791 15.57 74.73 -22.33
N ARG F 792 14.39 75.25 -22.03
CA ARG F 792 14.26 76.19 -20.92
C ARG F 792 14.38 75.44 -19.59
N PRO F 793 15.26 75.86 -18.69
CA PRO F 793 15.37 75.19 -17.39
C PRO F 793 14.25 75.60 -16.46
N VAL F 794 14.13 74.84 -15.36
CA VAL F 794 13.09 75.11 -14.38
C VAL F 794 13.59 76.10 -13.34
N ARG F 795 14.75 75.83 -12.75
CA ARG F 795 15.29 76.68 -11.70
C ARG F 795 16.38 77.58 -12.27
N GLY F 796 15.99 78.81 -12.58
CA GLY F 796 16.98 79.82 -12.94
C GLY F 796 16.55 80.59 -14.17
N ASP F 797 17.52 81.33 -14.71
CA ASP F 797 17.34 82.14 -15.90
C ASP F 797 18.21 81.57 -17.02
N THR F 798 17.71 81.66 -18.25
CA THR F 798 18.40 81.10 -19.41
C THR F 798 19.74 81.81 -19.68
N GLY F 799 19.68 83.08 -20.04
CA GLY F 799 20.86 83.88 -20.30
C GLY F 799 21.70 83.39 -21.47
N GLN F 800 22.92 83.91 -21.52
CA GLN F 800 23.94 83.44 -22.45
C GLN F 800 25.24 83.06 -21.78
N ALA F 801 25.68 83.83 -20.77
CA ALA F 801 26.92 83.52 -20.07
C ALA F 801 26.74 82.40 -19.05
N ILE F 802 25.50 82.12 -18.66
CA ILE F 802 25.23 81.05 -17.70
C ILE F 802 25.46 79.70 -18.36
N PRO F 803 26.30 78.83 -17.81
CA PRO F 803 26.61 77.56 -18.47
C PRO F 803 25.47 76.55 -18.31
N ILE F 804 25.62 75.43 -19.02
CA ILE F 804 24.55 74.46 -19.11
C ILE F 804 24.60 73.50 -17.92
N THR F 805 23.46 73.38 -17.23
CA THR F 805 23.29 72.48 -16.10
C THR F 805 22.37 71.34 -16.50
N PRO F 806 22.56 70.15 -15.92
CA PRO F 806 21.63 69.05 -16.19
C PRO F 806 20.25 69.34 -15.62
N HIS F 807 19.22 68.97 -16.39
CA HIS F 807 17.84 69.18 -15.95
C HIS F 807 17.48 68.27 -14.79
N HIS F 808 17.85 66.99 -14.88
CA HIS F 808 17.40 65.99 -13.93
C HIS F 808 18.60 65.26 -13.34
N ASP F 809 18.29 64.35 -12.41
CA ASP F 809 19.31 63.65 -11.65
C ASP F 809 20.00 62.59 -12.53
N ARG F 810 21.08 62.01 -11.99
CA ARG F 810 21.80 60.95 -12.68
C ARG F 810 20.98 59.67 -12.76
N GLU F 811 20.04 59.49 -11.82
CA GLU F 811 19.20 58.29 -11.82
C GLU F 811 18.21 58.31 -12.99
N TRP F 812 17.89 59.50 -13.52
CA TRP F 812 17.02 59.60 -14.68
C TRP F 812 17.64 58.93 -15.90
N GLY F 813 18.96 59.10 -16.08
CA GLY F 813 19.64 58.42 -17.17
C GLY F 813 19.62 56.92 -17.03
N ILE F 814 19.77 56.42 -15.79
CA ILE F 814 19.72 54.99 -15.52
C ILE F 814 18.35 54.43 -15.84
N LEU F 815 17.29 55.12 -15.41
CA LEU F 815 15.93 54.66 -15.66
C LEU F 815 15.58 54.75 -17.14
N SER F 816 16.09 55.76 -17.85
CA SER F 816 15.85 55.86 -19.28
C SER F 816 16.54 54.74 -20.04
N LYS F 817 17.78 54.42 -19.66
CA LYS F 817 18.49 53.31 -20.29
C LYS F 817 17.78 51.98 -20.04
N ILE F 818 17.32 51.78 -18.80
CA ILE F 818 16.62 50.54 -18.44
C ILE F 818 15.31 50.43 -19.20
N TYR F 819 14.57 51.53 -19.32
CA TYR F 819 13.31 51.55 -20.06
C TYR F 819 13.53 51.25 -21.53
N TYR F 820 14.35 52.05 -22.20
CA TYR F 820 14.55 51.92 -23.65
C TYR F 820 15.25 50.62 -24.03
N TYR F 821 15.97 49.98 -23.10
CA TYR F 821 16.69 48.77 -23.46
C TYR F 821 16.06 47.50 -22.92
N ILE F 822 15.04 47.60 -22.07
CA ILE F 822 14.38 46.40 -21.56
C ILE F 822 12.88 46.43 -21.87
N VAL F 823 12.19 47.49 -21.45
CA VAL F 823 10.73 47.49 -21.51
C VAL F 823 10.25 47.68 -22.95
N ILE F 824 10.89 48.57 -23.71
CA ILE F 824 10.52 48.77 -25.12
C ILE F 824 10.78 47.53 -25.99
N PRO F 825 11.97 46.87 -25.96
CA PRO F 825 12.13 45.69 -26.83
C PRO F 825 11.41 44.45 -26.35
N ALA F 826 11.01 44.37 -25.08
CA ALA F 826 10.23 43.21 -24.65
C ALA F 826 8.78 43.30 -25.10
N PHE F 827 8.25 44.51 -25.29
CA PHE F 827 6.88 44.71 -25.70
C PHE F 827 6.72 44.77 -27.22
N SER F 828 7.55 45.58 -27.89
CA SER F 828 7.44 45.71 -29.33
C SER F 828 8.00 44.49 -30.05
N ARG F 829 9.07 43.88 -29.50
CA ARG F 829 9.72 42.67 -30.01
C ARG F 829 10.20 42.86 -31.46
N GLY F 830 11.10 43.82 -31.63
CA GLY F 830 11.73 44.04 -32.92
C GLY F 830 10.85 44.67 -33.97
N SER F 831 9.76 45.33 -33.58
CA SER F 831 8.90 46.03 -34.52
C SER F 831 9.03 47.54 -34.45
N CYS F 832 9.42 48.07 -33.30
CA CYS F 832 9.59 49.51 -33.14
C CYS F 832 10.85 49.99 -33.83
N CYS F 833 10.83 51.24 -34.29
CA CYS F 833 11.94 51.83 -35.00
C CYS F 833 12.15 53.27 -34.54
N THR F 834 13.42 53.66 -34.42
CA THR F 834 13.80 55.03 -34.13
C THR F 834 13.84 55.79 -35.43
N MET F 835 13.17 56.94 -35.49
CA MET F 835 13.31 57.82 -36.63
C MET F 835 13.37 59.27 -36.18
N GLY F 836 13.86 60.13 -37.07
CA GLY F 836 13.91 61.55 -36.83
C GLY F 836 12.62 62.24 -37.25
N VAL F 837 12.68 63.57 -37.22
CA VAL F 837 11.52 64.40 -37.49
C VAL F 837 11.89 65.49 -38.49
N ARG F 838 10.86 66.00 -39.18
CA ARG F 838 11.00 67.09 -40.13
C ARG F 838 10.29 68.30 -39.55
N TYR F 839 11.04 69.12 -38.80
CA TYR F 839 10.44 70.24 -38.10
C TYR F 839 10.04 71.37 -39.05
N ASP F 840 10.76 71.50 -40.17
CA ASP F 840 10.43 72.51 -41.16
C ASP F 840 9.13 72.21 -41.89
N ARG F 841 8.64 70.97 -41.81
CA ARG F 841 7.31 70.62 -42.29
C ARG F 841 6.31 70.43 -41.16
N LEU F 842 6.75 70.29 -39.92
CA LEU F 842 5.85 70.02 -38.82
C LEU F 842 5.38 71.30 -38.14
N TYR F 843 6.30 72.23 -37.89
CA TYR F 843 5.93 73.50 -37.26
C TYR F 843 4.99 74.37 -38.08
N PRO F 844 5.15 74.54 -39.41
CA PRO F 844 4.11 75.28 -40.15
C PRO F 844 2.79 74.54 -40.29
N ALA F 845 2.73 73.25 -39.98
CA ALA F 845 1.48 72.52 -39.91
C ALA F 845 0.78 72.69 -38.56
N LEU F 846 1.41 73.39 -37.62
CA LEU F 846 0.86 73.63 -36.29
C LEU F 846 0.36 75.06 -36.11
N GLN F 847 0.48 75.90 -37.14
CA GLN F 847 0.04 77.29 -37.10
C GLN F 847 -1.44 77.47 -37.34
N ALA F 848 -2.14 76.44 -37.80
CA ALA F 848 -3.52 76.58 -38.26
C ALA F 848 -4.47 75.94 -37.25
N VAL F 849 -4.98 76.77 -36.34
CA VAL F 849 -6.09 76.39 -35.48
C VAL F 849 -7.27 77.29 -35.83
N ILE F 850 -8.48 76.73 -35.72
CA ILE F 850 -9.70 77.38 -36.19
C ILE F 850 -10.59 77.60 -34.97
N VAL F 851 -9.98 77.94 -33.84
CA VAL F 851 -10.74 78.24 -32.62
C VAL F 851 -11.57 79.50 -32.85
N PRO F 852 -12.89 79.46 -32.68
CA PRO F 852 -13.74 80.60 -33.02
C PRO F 852 -13.67 81.67 -31.96
N GLU F 853 -14.26 82.83 -32.28
CA GLU F 853 -14.32 83.97 -31.38
C GLU F 853 -15.62 83.87 -30.59
N ILE F 854 -15.54 83.26 -29.42
CA ILE F 854 -16.75 83.09 -28.59
C ILE F 854 -17.10 84.43 -27.94
N PRO F 855 -18.37 84.84 -27.98
CA PRO F 855 -18.74 86.11 -27.35
C PRO F 855 -18.68 86.03 -25.83
N ALA F 856 -18.51 87.21 -25.22
CA ALA F 856 -18.43 87.30 -23.77
C ALA F 856 -19.79 87.04 -23.14
N ASP F 857 -19.76 86.75 -21.83
CA ASP F 857 -20.93 86.38 -21.01
C ASP F 857 -21.65 85.17 -21.61
N GLU F 858 -20.88 84.19 -22.07
CA GLU F 858 -21.39 82.95 -22.62
C GLU F 858 -20.61 81.78 -22.03
N GLU F 859 -21.27 80.63 -21.93
CA GLU F 859 -20.64 79.44 -21.39
C GLU F 859 -19.79 78.75 -22.46
N ALA F 860 -18.69 78.16 -22.03
CA ALA F 860 -17.76 77.54 -22.97
C ALA F 860 -18.36 76.25 -23.52
N PRO F 861 -18.28 76.02 -24.83
CA PRO F 861 -18.84 74.77 -25.40
C PRO F 861 -17.94 73.57 -25.07
N THR F 862 -18.58 72.47 -24.66
CA THR F 862 -17.88 71.24 -24.35
C THR F 862 -18.19 70.14 -25.37
N THR F 863 -19.47 69.88 -25.62
CA THR F 863 -19.86 68.88 -26.59
C THR F 863 -19.65 69.40 -28.01
N PRO F 864 -19.26 68.52 -28.95
CA PRO F 864 -19.01 68.97 -30.32
C PRO F 864 -20.23 69.04 -31.22
N GLU F 865 -21.45 69.02 -30.67
CA GLU F 865 -22.64 69.08 -31.50
C GLU F 865 -23.11 70.50 -31.77
N ASP F 866 -22.78 71.46 -30.90
CA ASP F 866 -23.15 72.84 -31.10
C ASP F 866 -22.22 73.52 -32.14
N PRO F 867 -22.71 74.55 -32.83
CA PRO F 867 -21.86 75.19 -33.86
C PRO F 867 -20.65 75.95 -33.31
N ARG F 868 -20.61 76.25 -32.01
CA ARG F 868 -19.50 77.01 -31.46
C ARG F 868 -18.30 76.16 -31.08
N HIS F 869 -18.39 74.84 -31.20
CA HIS F 869 -17.26 73.99 -30.87
C HIS F 869 -16.20 74.06 -31.97
N PRO F 870 -14.92 74.02 -31.61
CA PRO F 870 -13.87 74.02 -32.65
C PRO F 870 -13.86 72.78 -33.52
N LEU F 871 -14.33 71.64 -33.01
CA LEU F 871 -14.36 70.40 -33.77
C LEU F 871 -15.68 70.19 -34.50
N HIS F 872 -16.59 71.16 -34.45
CA HIS F 872 -17.79 71.11 -35.28
C HIS F 872 -17.41 71.20 -36.75
N ALA F 873 -18.22 70.57 -37.59
CA ALA F 873 -17.90 70.48 -39.02
C ALA F 873 -18.02 71.83 -39.73
N HIS F 874 -18.65 72.82 -39.10
CA HIS F 874 -18.67 74.18 -39.63
C HIS F 874 -17.27 74.79 -39.66
N GLN F 875 -16.52 74.66 -38.56
CA GLN F 875 -15.16 75.17 -38.46
C GLN F 875 -14.13 74.06 -38.60
N LEU F 876 -14.42 73.08 -39.45
CA LEU F 876 -13.53 71.96 -39.74
C LEU F 876 -13.07 72.13 -41.18
N VAL F 877 -12.03 72.96 -41.36
CA VAL F 877 -11.53 73.33 -42.68
C VAL F 877 -10.39 72.37 -42.99
N PRO F 878 -10.13 72.05 -44.26
CA PRO F 878 -8.92 71.29 -44.59
C PRO F 878 -7.65 72.07 -44.29
N ASN F 879 -6.57 71.32 -44.04
CA ASN F 879 -5.22 71.84 -43.76
C ASN F 879 -5.20 72.72 -42.52
N SER F 880 -5.57 72.12 -41.39
CA SER F 880 -5.54 72.78 -40.10
C SER F 880 -5.27 71.72 -39.04
N LEU F 881 -5.15 72.17 -37.78
CA LEU F 881 -5.04 71.20 -36.69
C LEU F 881 -6.39 70.58 -36.34
N ASN F 882 -7.49 71.22 -36.73
CA ASN F 882 -8.82 70.69 -36.41
C ASN F 882 -9.11 69.41 -37.17
N VAL F 883 -8.74 69.36 -38.46
CA VAL F 883 -8.88 68.12 -39.22
C VAL F 883 -7.91 67.06 -38.72
N TYR F 884 -6.74 67.49 -38.20
CA TYR F 884 -5.79 66.55 -37.62
C TYR F 884 -6.36 65.89 -36.36
N PHE F 885 -7.03 66.66 -35.52
CA PHE F 885 -7.67 66.07 -34.34
C PHE F 885 -8.94 65.31 -34.68
N HIS F 886 -9.64 65.72 -35.75
CA HIS F 886 -10.87 65.03 -36.12
C HIS F 886 -10.58 63.69 -36.80
N ASN F 887 -9.40 63.55 -37.42
CA ASN F 887 -9.01 62.27 -37.99
C ASN F 887 -8.80 61.23 -36.90
N ALA F 888 -8.37 61.66 -35.72
CA ALA F 888 -8.09 60.76 -34.60
C ALA F 888 -9.27 60.57 -33.68
N HIS F 889 -10.39 61.25 -33.94
CA HIS F 889 -11.64 61.17 -33.15
C HIS F 889 -11.39 61.53 -31.68
N LEU F 890 -10.54 62.53 -31.45
CA LEU F 890 -10.22 63.00 -30.10
C LEU F 890 -10.80 64.39 -29.91
N THR F 891 -11.62 64.55 -28.88
CA THR F 891 -12.36 65.78 -28.65
C THR F 891 -11.57 66.70 -27.71
N VAL F 892 -11.30 67.92 -28.16
CA VAL F 892 -10.59 68.92 -27.36
C VAL F 892 -11.38 70.21 -27.39
N ASP F 893 -11.14 71.04 -26.37
CA ASP F 893 -11.82 72.32 -26.23
C ASP F 893 -10.96 73.39 -26.94
N GLY F 894 -11.47 74.62 -27.03
CA GLY F 894 -10.79 75.69 -27.73
C GLY F 894 -9.49 76.17 -27.12
N ASP F 895 -9.49 76.41 -25.81
CA ASP F 895 -8.29 76.89 -25.15
C ASP F 895 -7.22 75.80 -25.10
N ALA F 896 -7.63 74.53 -25.05
CA ALA F 896 -6.67 73.43 -25.11
C ALA F 896 -5.96 73.38 -26.46
N LEU F 897 -6.64 73.81 -27.52
CA LEU F 897 -5.96 74.03 -28.79
C LEU F 897 -5.16 75.32 -28.77
N LEU F 898 -5.56 76.29 -27.94
CA LEU F 898 -4.86 77.57 -27.91
C LEU F 898 -3.53 77.51 -27.16
N THR F 899 -3.31 76.49 -26.33
CA THR F 899 -2.01 76.39 -25.65
C THR F 899 -0.84 76.02 -26.57
N LEU F 900 -1.10 75.69 -27.84
CA LEU F 900 0.00 75.35 -28.76
C LEU F 900 0.91 76.55 -29.01
N GLN F 901 0.34 77.74 -29.12
CA GLN F 901 1.17 78.93 -29.29
C GLN F 901 1.83 79.39 -27.98
N GLU F 902 1.39 78.87 -26.84
CA GLU F 902 2.17 79.00 -25.61
C GLU F 902 3.32 78.01 -25.59
N LEU F 903 3.10 76.82 -26.14
CA LEU F 903 4.18 75.83 -26.31
C LEU F 903 5.25 76.32 -27.26
N MET F 904 4.86 77.15 -28.23
CA MET F 904 5.73 77.56 -29.34
C MET F 904 6.85 78.52 -28.89
N GLY F 905 6.90 78.92 -27.61
CA GLY F 905 7.99 79.76 -27.13
C GLY F 905 9.34 79.04 -27.14
N ASP F 906 9.35 77.76 -26.79
CA ASP F 906 10.56 76.94 -26.84
C ASP F 906 10.37 75.90 -27.93
N MET F 907 11.32 75.86 -28.88
CA MET F 907 11.19 75.02 -30.06
C MET F 907 12.47 74.21 -30.26
N ALA F 908 12.38 73.24 -31.17
CA ALA F 908 13.51 72.42 -31.57
C ALA F 908 13.74 72.60 -33.06
N GLU F 909 15.01 72.77 -33.44
CA GLU F 909 15.35 73.11 -34.82
C GLU F 909 15.31 71.89 -35.73
N ARG F 910 16.18 70.92 -35.47
CA ARG F 910 16.30 69.75 -36.33
C ARG F 910 16.89 68.59 -35.53
N THR F 911 16.72 67.39 -36.05
CA THR F 911 17.32 66.21 -35.45
C THR F 911 18.68 65.94 -36.06
N THR F 912 19.61 65.46 -35.21
CA THR F 912 20.97 65.19 -35.64
C THR F 912 21.43 63.85 -35.08
N ALA F 913 22.42 63.27 -35.75
CA ALA F 913 22.94 61.96 -35.40
C ALA F 913 24.22 62.12 -34.59
N ILE F 914 24.26 61.50 -33.42
CA ILE F 914 25.41 61.58 -32.51
C ILE F 914 26.10 60.22 -32.49
N LEU F 915 27.41 60.23 -32.74
CA LEU F 915 28.24 59.04 -32.67
C LEU F 915 29.28 59.25 -31.59
N VAL F 916 29.14 58.55 -30.47
CA VAL F 916 30.08 58.65 -29.35
C VAL F 916 30.99 57.43 -29.38
N SER F 917 32.12 57.56 -28.69
CA SER F 917 33.10 56.48 -28.63
C SER F 917 33.92 56.63 -27.37
N SER F 918 34.43 55.50 -26.88
CA SER F 918 35.26 55.50 -25.68
C SER F 918 36.09 54.23 -25.66
N ALA F 919 37.14 54.26 -24.84
CA ALA F 919 37.90 53.06 -24.53
C ALA F 919 37.08 52.16 -23.62
N PRO F 920 37.39 50.86 -23.55
CA PRO F 920 36.73 50.01 -22.55
C PRO F 920 37.12 50.40 -21.13
N ASP F 921 36.26 50.04 -20.19
CA ASP F 921 36.33 50.52 -18.82
C ASP F 921 37.58 49.99 -18.11
N ALA F 922 37.82 50.52 -16.90
CA ALA F 922 39.06 50.28 -16.18
C ALA F 922 39.19 48.85 -15.69
N GLY F 923 38.10 48.10 -15.64
CA GLY F 923 38.19 46.70 -15.27
C GLY F 923 38.89 45.84 -16.32
N ALA F 924 38.58 46.09 -17.59
CA ALA F 924 39.12 45.29 -18.69
C ALA F 924 40.07 46.06 -19.58
N ALA F 925 40.65 47.15 -19.08
CA ALA F 925 41.58 47.97 -19.87
C ALA F 925 43.00 47.45 -19.61
N THR F 926 43.42 46.51 -20.44
CA THR F 926 44.80 46.03 -20.42
C THR F 926 45.61 46.84 -21.43
N ALA F 927 46.83 46.37 -21.73
CA ALA F 927 47.72 47.14 -22.60
C ALA F 927 47.27 47.12 -24.06
N THR F 928 46.50 46.13 -24.47
CA THR F 928 46.11 45.98 -25.87
C THR F 928 44.65 46.32 -26.15
N THR F 929 43.78 46.35 -25.14
CA THR F 929 42.37 46.64 -25.39
C THR F 929 42.07 48.13 -25.48
N ARG F 930 43.05 48.99 -25.21
CA ARG F 930 42.81 50.42 -25.34
C ARG F 930 42.64 50.84 -26.79
N ASN F 931 43.17 50.06 -27.73
CA ASN F 931 42.94 50.33 -29.15
C ASN F 931 41.54 49.90 -29.59
N MET F 932 40.92 48.97 -28.86
CA MET F 932 39.62 48.42 -29.22
C MET F 932 38.52 49.33 -28.68
N ARG F 933 38.35 50.47 -29.34
CA ARG F 933 37.32 51.41 -28.97
C ARG F 933 35.95 50.90 -29.41
N ILE F 934 34.91 51.41 -28.76
CA ILE F 934 33.54 50.96 -28.99
C ILE F 934 32.71 52.15 -29.47
N TYR F 935 32.07 51.99 -30.63
CA TYR F 935 31.29 53.05 -31.27
C TYR F 935 29.81 52.69 -31.18
N ASP F 936 29.06 53.48 -30.41
CA ASP F 936 27.61 53.33 -30.35
C ASP F 936 26.97 54.67 -30.69
N GLY F 937 25.93 54.62 -31.51
CA GLY F 937 25.28 55.82 -32.00
C GLY F 937 23.96 56.11 -31.29
N ALA F 938 23.48 57.34 -31.49
CA ALA F 938 22.23 57.79 -30.91
C ALA F 938 21.69 58.92 -31.79
N LEU F 939 20.43 59.26 -31.56
CA LEU F 939 19.76 60.34 -32.27
C LEU F 939 19.34 61.41 -31.27
N TYR F 940 19.60 62.66 -31.61
CA TYR F 940 19.12 63.80 -30.82
C TYR F 940 17.81 64.29 -31.40
N HIS F 941 16.84 64.53 -30.52
CA HIS F 941 15.48 64.99 -30.87
C HIS F 941 14.79 64.05 -31.85
N GLY F 942 14.91 62.74 -31.60
CA GLY F 942 14.30 61.73 -32.43
C GLY F 942 13.14 61.02 -31.74
N LEU F 943 12.33 60.36 -32.55
CA LEU F 943 11.12 59.68 -32.08
C LEU F 943 11.21 58.18 -32.31
N ILE F 944 10.31 57.46 -31.66
CA ILE F 944 10.14 56.01 -31.83
C ILE F 944 8.63 55.78 -31.93
N MET F 945 8.19 55.13 -33.03
CA MET F 945 6.84 54.61 -33.04
C MET F 945 6.82 53.14 -32.62
N MET F 946 5.61 52.69 -32.30
CA MET F 946 5.38 51.28 -31.97
C MET F 946 5.21 50.45 -33.24
N ALA F 947 4.22 50.80 -34.05
CA ALA F 947 3.89 50.06 -35.26
C ALA F 947 3.70 51.03 -36.43
N TYR F 948 4.06 50.58 -37.62
CA TYR F 948 4.01 51.40 -38.82
C TYR F 948 2.79 51.03 -39.65
N GLN F 949 2.06 52.03 -40.12
CA GLN F 949 0.88 51.85 -40.95
C GLN F 949 1.25 52.20 -42.40
N ALA F 950 1.06 51.25 -43.30
CA ALA F 950 1.44 51.42 -44.70
C ALA F 950 0.29 51.82 -45.59
N TYR F 951 -0.96 51.62 -45.15
CA TYR F 951 -2.11 51.79 -46.02
C TYR F 951 -3.07 52.86 -45.52
N ASP F 952 -2.61 53.74 -44.63
CA ASP F 952 -3.38 54.89 -44.19
C ASP F 952 -2.99 56.06 -45.08
N GLU F 953 -3.82 56.33 -46.09
CA GLU F 953 -3.49 57.30 -47.13
C GLU F 953 -4.03 58.69 -46.85
N THR F 954 -4.58 58.94 -45.66
CA THR F 954 -5.04 60.28 -45.31
C THR F 954 -3.87 61.21 -44.97
N ILE F 955 -2.70 60.65 -44.71
CA ILE F 955 -1.46 61.40 -44.56
C ILE F 955 -0.45 60.79 -45.51
N ALA F 956 0.22 61.64 -46.30
CA ALA F 956 1.21 61.17 -47.25
C ALA F 956 2.40 60.54 -46.53
N THR F 957 2.96 59.50 -47.13
CA THR F 957 4.02 58.74 -46.47
C THR F 957 5.32 59.55 -46.41
N GLY F 958 5.95 59.50 -45.24
CA GLY F 958 7.17 60.26 -45.02
C GLY F 958 6.97 61.76 -45.02
N THR F 959 5.82 62.24 -44.55
CA THR F 959 5.59 63.69 -44.51
C THR F 959 6.37 64.35 -43.38
N PHE F 960 6.38 63.74 -42.19
CA PHE F 960 7.01 64.32 -41.03
C PHE F 960 8.21 63.54 -40.51
N PHE F 961 8.28 62.24 -40.75
CA PHE F 961 9.31 61.40 -40.19
C PHE F 961 9.99 60.59 -41.28
N TYR F 962 11.31 60.40 -41.15
CA TYR F 962 12.08 59.55 -42.05
C TYR F 962 12.90 58.55 -41.24
N PRO F 963 12.91 57.28 -41.63
CA PRO F 963 13.52 56.24 -40.78
C PRO F 963 15.04 56.30 -40.79
N VAL F 964 15.63 56.59 -39.62
CA VAL F 964 17.08 56.52 -39.45
C VAL F 964 17.24 55.62 -38.22
N PRO F 965 17.43 54.31 -38.42
CA PRO F 965 17.47 53.39 -37.27
C PRO F 965 18.88 53.14 -36.74
N VAL F 966 19.10 53.35 -35.45
CA VAL F 966 20.37 52.96 -34.85
C VAL F 966 20.19 52.14 -33.57
N ASN F 967 20.04 50.81 -33.77
CA ASN F 967 20.28 49.68 -32.85
C ASN F 967 19.97 48.39 -33.59
N PRO F 968 20.57 47.27 -33.20
CA PRO F 968 20.03 45.97 -33.64
C PRO F 968 18.63 45.71 -33.11
N LEU F 969 18.30 46.20 -31.91
CA LEU F 969 16.96 46.03 -31.36
C LEU F 969 15.94 46.87 -32.12
N PHE F 970 16.31 48.11 -32.45
CA PHE F 970 15.39 49.07 -33.06
C PHE F 970 15.45 49.06 -34.58
N ALA F 971 15.90 47.97 -35.17
CA ALA F 971 15.89 47.84 -36.62
C ALA F 971 14.45 47.71 -37.12
N CYS F 972 14.18 48.34 -38.27
CA CYS F 972 12.82 48.42 -38.81
C CYS F 972 12.84 48.02 -40.27
N PRO F 973 12.61 46.75 -40.58
CA PRO F 973 12.58 46.32 -41.99
C PRO F 973 11.35 46.81 -42.74
N GLU F 974 10.29 47.24 -42.04
CA GLU F 974 9.08 47.67 -42.70
C GLU F 974 8.87 49.18 -42.70
N HIS F 975 9.61 49.92 -41.86
CA HIS F 975 9.47 51.38 -41.84
C HIS F 975 10.15 52.05 -43.03
N LEU F 976 10.94 51.31 -43.81
CA LEU F 976 11.71 51.90 -44.90
C LEU F 976 10.85 52.23 -46.12
N ALA F 977 9.56 51.86 -46.13
CA ALA F 977 8.66 52.32 -47.17
C ALA F 977 8.30 53.80 -47.00
N SER F 978 8.57 54.37 -45.83
CA SER F 978 8.39 55.80 -45.59
C SER F 978 9.59 56.64 -46.01
N LEU F 979 10.65 56.00 -46.50
CA LEU F 979 11.84 56.69 -46.97
C LEU F 979 11.69 57.06 -48.44
N ARG F 980 12.27 58.19 -48.82
CA ARG F 980 12.18 58.66 -50.20
C ARG F 980 13.06 57.81 -51.11
N GLY F 981 12.50 57.38 -52.23
CA GLY F 981 13.23 56.56 -53.18
C GLY F 981 13.42 55.13 -52.71
N MET F 982 12.32 54.39 -52.57
CA MET F 982 12.34 53.02 -52.11
C MET F 982 12.00 52.08 -53.26
N THR F 983 12.80 51.03 -53.40
CA THR F 983 12.63 50.04 -54.47
C THR F 983 12.38 48.67 -53.85
N ASN F 984 12.10 47.70 -54.72
CA ASN F 984 11.85 46.34 -54.26
C ASN F 984 13.15 45.65 -53.85
N ALA F 985 14.26 45.98 -54.54
CA ALA F 985 15.54 45.35 -54.25
C ALA F 985 16.06 45.73 -52.87
N ARG F 986 15.95 47.01 -52.51
CA ARG F 986 16.36 47.45 -51.18
C ARG F 986 15.45 46.89 -50.10
N ARG F 987 14.16 46.74 -50.40
CA ARG F 987 13.21 46.18 -49.43
C ARG F 987 13.47 44.71 -49.20
N VAL F 988 13.83 43.97 -50.25
CA VAL F 988 14.09 42.54 -50.07
C VAL F 988 15.51 42.33 -49.55
N LEU F 989 16.39 43.32 -49.67
CA LEU F 989 17.73 43.21 -49.12
C LEU F 989 17.75 43.60 -47.64
N ALA F 990 16.84 44.45 -47.20
CA ALA F 990 16.78 44.86 -45.80
C ALA F 990 15.98 43.90 -44.93
N LYS F 991 15.32 42.90 -45.51
CA LYS F 991 14.55 41.96 -44.73
C LYS F 991 15.43 41.01 -43.92
N MET F 992 16.66 40.76 -44.37
CA MET F 992 17.55 39.82 -43.72
C MET F 992 18.74 40.46 -43.02
N VAL F 993 19.05 41.71 -43.32
CA VAL F 993 20.14 42.45 -42.68
C VAL F 993 19.56 43.72 -42.07
N PRO F 994 19.82 44.01 -40.80
CA PRO F 994 19.34 45.26 -40.20
C PRO F 994 20.09 46.45 -40.76
N PRO F 995 19.39 47.39 -41.40
CA PRO F 995 20.08 48.54 -41.99
C PRO F 995 20.50 49.58 -40.98
N ILE F 996 21.78 49.62 -40.66
CA ILE F 996 22.37 50.60 -39.75
C ILE F 996 23.40 51.39 -40.54
N PRO F 997 23.29 52.71 -40.61
CA PRO F 997 24.25 53.49 -41.39
C PRO F 997 25.60 53.52 -40.71
N PRO F 998 26.69 53.59 -41.48
CA PRO F 998 28.02 53.54 -40.88
C PRO F 998 28.42 54.82 -40.15
N PHE F 999 27.69 55.92 -40.31
CA PHE F 999 27.96 57.11 -39.51
C PHE F 999 27.26 57.07 -38.15
N LEU F 1000 26.58 55.96 -37.84
CA LEU F 1000 25.95 55.76 -36.54
C LEU F 1000 26.45 54.50 -35.85
N GLY F 1001 27.54 53.92 -36.31
CA GLY F 1001 28.11 52.74 -35.68
C GLY F 1001 27.91 51.49 -36.51
N ALA F 1002 28.69 50.47 -36.19
CA ALA F 1002 28.63 49.17 -36.84
C ALA F 1002 28.31 48.09 -35.81
N ASN F 1003 27.90 46.93 -36.31
CA ASN F 1003 27.45 45.85 -35.41
C ASN F 1003 28.61 45.26 -34.62
N HIS F 1004 29.76 45.05 -35.26
CA HIS F 1004 30.88 44.41 -34.60
C HIS F 1004 31.70 45.37 -33.74
N HIS F 1005 31.37 46.66 -33.75
CA HIS F 1005 32.04 47.63 -32.90
C HIS F 1005 31.14 48.22 -31.82
N ALA F 1006 29.83 48.03 -31.90
CA ALA F 1006 28.92 48.58 -30.91
C ALA F 1006 28.88 47.70 -29.67
N THR F 1007 28.08 48.11 -28.69
CA THR F 1007 27.88 47.34 -27.48
C THR F 1007 26.69 46.39 -27.62
N ILE F 1008 25.52 46.93 -27.92
CA ILE F 1008 24.33 46.12 -28.18
C ILE F 1008 24.45 45.56 -29.59
N ARG F 1009 24.46 44.23 -29.71
CA ARG F 1009 24.79 43.57 -30.95
C ARG F 1009 23.62 42.69 -31.43
N GLN F 1010 23.90 41.90 -32.47
CA GLN F 1010 22.89 41.05 -33.09
C GLN F 1010 22.29 39.96 -32.19
N PRO F 1011 23.06 39.20 -31.37
CA PRO F 1011 22.41 38.12 -30.59
C PRO F 1011 21.33 38.56 -29.61
N VAL F 1012 21.46 39.73 -28.97
CA VAL F 1012 20.40 40.17 -28.06
C VAL F 1012 19.16 40.61 -28.86
N ALA F 1013 19.37 41.14 -30.07
CA ALA F 1013 18.23 41.45 -30.94
C ALA F 1013 17.51 40.20 -31.39
N TYR F 1014 18.27 39.15 -31.72
CA TYR F 1014 17.65 37.87 -32.07
C TYR F 1014 16.97 37.23 -30.86
N HIS F 1015 17.47 37.52 -29.66
CA HIS F 1015 16.83 37.02 -28.45
C HIS F 1015 15.49 37.72 -28.20
N VAL F 1016 15.42 39.03 -28.48
CA VAL F 1016 14.15 39.70 -28.25
C VAL F 1016 13.16 39.43 -29.38
N THR F 1017 13.63 39.10 -30.58
CA THR F 1017 12.70 38.92 -31.68
C THR F 1017 12.34 37.46 -31.95
N HIS F 1018 12.94 36.50 -31.25
CA HIS F 1018 12.67 35.09 -31.48
C HIS F 1018 12.51 34.31 -30.17
N SER F 1019 11.96 34.95 -29.15
CA SER F 1019 11.63 34.29 -27.89
C SER F 1019 10.17 34.52 -27.58
N LYS F 1020 9.44 33.46 -27.29
CA LYS F 1020 8.03 33.52 -26.88
C LYS F 1020 7.90 32.77 -25.57
N SER F 1021 8.20 33.46 -24.46
CA SER F 1021 8.02 32.88 -23.13
C SER F 1021 6.98 33.65 -22.32
N ASP F 1022 7.20 34.93 -22.08
CA ASP F 1022 6.34 35.79 -21.27
C ASP F 1022 6.80 37.23 -21.48
N PHE F 1023 6.26 38.16 -20.69
CA PHE F 1023 6.73 39.53 -20.70
C PHE F 1023 7.56 39.89 -19.47
N ASN F 1024 7.17 39.44 -18.28
CA ASN F 1024 8.01 39.64 -17.10
C ASN F 1024 9.29 38.82 -17.20
N THR F 1025 9.16 37.56 -17.64
CA THR F 1025 10.30 36.68 -17.81
C THR F 1025 11.26 37.22 -18.87
N LEU F 1026 10.71 37.81 -19.94
CA LEU F 1026 11.56 38.39 -20.98
C LEU F 1026 12.30 39.63 -20.47
N THR F 1027 11.65 40.44 -19.64
CA THR F 1027 12.33 41.62 -19.09
C THR F 1027 13.45 41.23 -18.14
N TYR F 1028 13.21 40.25 -17.27
CA TYR F 1028 14.26 39.82 -16.35
C TYR F 1028 15.37 39.07 -17.07
N SER F 1029 15.03 38.35 -18.14
CA SER F 1029 16.05 37.70 -18.96
C SER F 1029 16.88 38.71 -19.73
N LEU F 1030 16.26 39.81 -20.16
CA LEU F 1030 17.00 40.88 -20.81
C LEU F 1030 17.91 41.60 -19.83
N LEU F 1031 17.47 41.76 -18.58
CA LEU F 1031 18.34 42.36 -17.58
C LEU F 1031 19.51 41.45 -17.25
N GLY F 1032 19.25 40.15 -17.12
CA GLY F 1032 20.34 39.22 -16.88
C GLY F 1032 21.24 39.05 -18.08
N GLY F 1033 20.73 39.37 -19.27
CA GLY F 1033 21.59 39.47 -20.44
C GLY F 1033 22.58 40.61 -20.31
N TYR F 1034 22.12 41.77 -19.84
CA TYR F 1034 22.94 42.98 -19.81
C TYR F 1034 23.86 43.01 -18.59
N PHE F 1035 24.84 42.12 -18.60
CA PHE F 1035 25.89 42.09 -17.58
C PHE F 1035 27.23 41.96 -18.29
N LYS F 1036 28.24 42.67 -17.78
CA LYS F 1036 29.53 42.69 -18.46
C LYS F 1036 30.28 41.39 -18.26
N PHE F 1037 31.14 41.06 -19.23
CA PHE F 1037 32.05 39.92 -19.15
C PHE F 1037 33.46 40.36 -18.79
N THR F 1038 33.61 41.56 -18.26
CA THR F 1038 34.86 42.05 -17.70
C THR F 1038 35.24 41.17 -16.50
N PRO F 1039 36.54 40.87 -16.32
CA PRO F 1039 36.96 40.08 -15.15
C PRO F 1039 36.60 40.67 -13.79
N ILE F 1040 36.51 41.99 -13.67
CA ILE F 1040 35.98 42.58 -12.44
C ILE F 1040 34.48 42.33 -12.33
N SER F 1041 33.76 42.44 -13.45
CA SER F 1041 32.34 42.11 -13.46
C SER F 1041 32.13 40.63 -13.24
N LEU F 1042 33.04 39.79 -13.76
CA LEU F 1042 32.98 38.36 -13.48
C LEU F 1042 33.23 38.07 -12.01
N THR F 1043 34.12 38.84 -11.38
CA THR F 1043 34.34 38.74 -9.93
C THR F 1043 33.06 39.07 -9.17
N HIS F 1044 32.38 40.15 -9.57
CA HIS F 1044 31.13 40.55 -8.91
C HIS F 1044 30.04 39.48 -9.07
N GLN F 1045 29.89 38.96 -10.29
CA GLN F 1045 28.85 37.97 -10.55
C GLN F 1045 29.15 36.63 -9.88
N LEU F 1046 30.41 36.21 -9.85
CA LEU F 1046 30.74 34.93 -9.24
C LEU F 1046 30.72 35.02 -7.72
N ARG F 1047 31.01 36.18 -7.14
CA ARG F 1047 30.92 36.32 -5.69
C ARG F 1047 29.47 36.46 -5.24
N THR F 1048 28.65 37.18 -6.01
CA THR F 1048 27.28 37.43 -5.56
C THR F 1048 26.41 36.19 -5.68
N GLY F 1049 26.46 35.51 -6.83
CA GLY F 1049 25.63 34.35 -7.03
C GLY F 1049 25.00 34.30 -8.41
N PHE F 1050 25.35 35.28 -9.24
CA PHE F 1050 24.89 35.29 -10.62
C PHE F 1050 25.56 34.17 -11.41
N HIS F 1051 24.88 33.72 -12.46
CA HIS F 1051 25.42 32.69 -13.34
C HIS F 1051 25.79 33.32 -14.68
N PRO F 1052 27.08 33.54 -14.95
CA PRO F 1052 27.47 34.08 -16.26
C PRO F 1052 27.26 33.05 -17.35
N GLY F 1053 27.20 33.53 -18.59
CA GLY F 1053 26.98 32.65 -19.72
C GLY F 1053 28.18 31.83 -20.13
N ILE F 1054 28.63 30.96 -19.23
CA ILE F 1054 29.80 30.12 -19.47
C ILE F 1054 29.71 28.92 -18.54
N ALA F 1055 30.43 27.84 -18.89
CA ALA F 1055 30.47 26.63 -18.09
C ALA F 1055 31.89 26.08 -18.12
N PHE F 1056 32.25 25.38 -17.05
CA PHE F 1056 33.61 24.89 -16.87
C PHE F 1056 33.63 23.37 -16.75
N THR F 1057 34.64 22.75 -17.33
CA THR F 1057 34.96 21.35 -17.11
C THR F 1057 36.26 21.28 -16.31
N VAL F 1058 36.25 20.50 -15.24
CA VAL F 1058 37.41 20.43 -14.35
C VAL F 1058 38.25 19.22 -14.74
N VAL F 1059 39.54 19.31 -14.43
CA VAL F 1059 40.48 18.20 -14.56
C VAL F 1059 41.22 18.07 -13.24
N ARG F 1060 41.29 16.86 -12.70
CA ARG F 1060 41.96 16.65 -11.42
C ARG F 1060 42.63 15.28 -11.45
N GLN F 1061 43.94 15.26 -11.29
CA GLN F 1061 44.73 14.04 -11.39
C GLN F 1061 45.02 13.50 -9.99
N ASP F 1062 44.78 12.20 -9.80
CA ASP F 1062 44.89 11.56 -8.50
C ASP F 1062 45.87 10.40 -8.56
N ARG F 1063 46.53 10.14 -7.42
CA ARG F 1063 47.50 9.07 -7.29
C ARG F 1063 46.94 7.95 -6.43
N PHE F 1064 47.26 6.71 -6.79
CA PHE F 1064 46.76 5.54 -6.08
C PHE F 1064 47.88 4.52 -5.96
N ALA F 1065 48.21 4.14 -4.74
CA ALA F 1065 49.24 3.12 -4.52
C ALA F 1065 48.67 1.75 -4.84
N THR F 1066 49.35 1.01 -5.73
CA THR F 1066 48.90 -0.29 -6.17
C THR F 1066 49.99 -1.33 -5.95
N GLU F 1067 49.57 -2.58 -5.77
CA GLU F 1067 50.49 -3.71 -5.72
C GLU F 1067 50.53 -4.37 -7.08
N GLN F 1068 51.73 -4.69 -7.55
CA GLN F 1068 51.94 -5.20 -8.90
C GLN F 1068 52.23 -6.70 -8.88
N LEU F 1069 52.34 -7.26 -10.09
CA LEU F 1069 52.45 -8.71 -10.26
C LEU F 1069 53.37 -8.95 -11.45
N LEU F 1070 54.63 -9.29 -11.19
CA LEU F 1070 55.65 -9.42 -12.22
C LEU F 1070 55.93 -10.88 -12.54
N TYR F 1071 56.02 -11.18 -13.84
CA TYR F 1071 56.46 -12.48 -14.32
C TYR F 1071 57.62 -12.28 -15.27
N ALA F 1072 58.59 -13.18 -15.24
CA ALA F 1072 59.77 -13.11 -16.10
C ALA F 1072 60.18 -14.52 -16.51
N GLU F 1073 60.63 -14.65 -17.76
CA GLU F 1073 61.02 -15.95 -18.29
C GLU F 1073 62.39 -16.36 -17.75
N ARG F 1074 62.89 -17.50 -18.22
CA ARG F 1074 64.12 -18.06 -17.69
C ARG F 1074 65.34 -17.29 -18.15
N ALA F 1075 65.64 -17.32 -19.45
CA ALA F 1075 66.80 -16.57 -19.96
C ALA F 1075 66.37 -15.15 -20.36
N SER F 1076 65.84 -14.43 -19.37
CA SER F 1076 65.29 -13.11 -19.63
C SER F 1076 66.39 -12.08 -19.84
N GLU F 1077 67.45 -12.13 -19.06
CA GLU F 1077 68.51 -11.13 -19.13
C GLU F 1077 69.87 -11.79 -19.03
N SER F 1078 70.83 -11.28 -19.79
CA SER F 1078 72.21 -11.71 -19.71
C SER F 1078 72.97 -10.71 -18.84
N TYR F 1079 73.39 -11.15 -17.67
CA TYR F 1079 73.92 -10.27 -16.64
C TYR F 1079 75.43 -10.44 -16.53
N PHE F 1080 76.16 -9.33 -16.57
CA PHE F 1080 77.60 -9.31 -16.43
C PHE F 1080 77.98 -8.64 -15.12
N VAL F 1081 79.04 -9.14 -14.48
CA VAL F 1081 79.51 -8.61 -13.21
C VAL F 1081 80.98 -8.25 -13.36
N GLY F 1082 81.32 -7.00 -13.02
CA GLY F 1082 82.69 -6.52 -13.10
C GLY F 1082 83.50 -6.84 -11.88
N GLN F 1083 84.54 -6.04 -11.65
CA GLN F 1083 85.44 -6.21 -10.52
C GLN F 1083 85.29 -5.03 -9.58
N ILE F 1084 85.31 -5.31 -8.27
CA ILE F 1084 85.07 -4.27 -7.28
C ILE F 1084 86.32 -3.40 -7.14
N GLN F 1085 86.12 -2.17 -6.67
CA GLN F 1085 87.21 -1.23 -6.45
C GLN F 1085 86.82 -0.27 -5.35
N VAL F 1086 87.82 0.20 -4.60
CA VAL F 1086 87.62 0.95 -3.37
C VAL F 1086 88.13 2.37 -3.55
N HIS F 1087 87.26 3.34 -3.32
CA HIS F 1087 87.63 4.75 -3.27
C HIS F 1087 87.70 5.16 -1.81
N HIS F 1088 88.84 5.68 -1.37
CA HIS F 1088 88.98 6.22 -0.03
C HIS F 1088 88.77 7.73 -0.11
N HIS F 1089 87.95 8.25 0.80
CA HIS F 1089 87.56 9.65 0.78
C HIS F 1089 87.50 10.16 2.21
N ASP F 1090 87.99 11.38 2.44
CA ASP F 1090 88.12 11.90 3.78
C ASP F 1090 86.75 12.23 4.37
N ALA F 1091 86.70 12.34 5.69
CA ALA F 1091 85.45 12.46 6.43
C ALA F 1091 85.65 13.50 7.52
N ILE F 1092 84.77 13.47 8.53
CA ILE F 1092 84.84 14.44 9.63
C ILE F 1092 86.15 14.27 10.41
N GLY F 1093 86.45 13.04 10.82
CA GLY F 1093 87.72 12.76 11.45
C GLY F 1093 88.47 11.63 10.79
N GLY F 1094 87.73 10.73 10.14
CA GLY F 1094 88.32 9.54 9.54
C GLY F 1094 88.22 9.52 8.03
N VAL F 1095 88.03 8.33 7.46
CA VAL F 1095 87.93 8.16 6.02
C VAL F 1095 86.69 7.33 5.69
N ASN F 1096 86.20 7.50 4.47
CA ASN F 1096 85.02 6.79 3.98
C ASN F 1096 85.44 5.96 2.78
N PHE F 1097 85.35 4.64 2.90
CA PHE F 1097 85.69 3.73 1.81
C PHE F 1097 84.44 3.44 0.99
N THR F 1098 84.33 4.09 -0.17
CA THR F 1098 83.17 3.92 -1.05
C THR F 1098 83.49 2.82 -2.05
N LEU F 1099 82.97 1.62 -1.77
CA LEU F 1099 83.18 0.49 -2.67
C LEU F 1099 82.22 0.57 -3.84
N THR F 1100 82.75 0.36 -5.05
CA THR F 1100 81.95 0.44 -6.27
C THR F 1100 82.23 -0.76 -7.16
N GLN F 1101 81.24 -1.12 -7.97
CA GLN F 1101 81.33 -2.29 -8.82
C GLN F 1101 80.44 -2.10 -10.05
N PRO F 1102 80.99 -2.23 -11.27
CA PRO F 1102 80.18 -2.08 -12.47
C PRO F 1102 79.55 -3.39 -12.93
N ARG F 1103 78.38 -3.26 -13.56
CA ARG F 1103 77.64 -4.41 -14.03
C ARG F 1103 76.79 -4.01 -15.22
N ALA F 1104 76.50 -4.99 -16.08
CA ALA F 1104 75.79 -4.74 -17.33
C ALA F 1104 74.74 -5.81 -17.56
N HIS F 1105 73.71 -5.46 -18.34
CA HIS F 1105 72.58 -6.35 -18.59
C HIS F 1105 72.16 -6.27 -20.06
N VAL F 1106 71.87 -7.44 -20.64
CA VAL F 1106 71.39 -7.54 -22.01
C VAL F 1106 70.12 -8.36 -22.02
N ASP F 1107 69.06 -7.82 -22.64
CA ASP F 1107 67.80 -8.56 -22.80
C ASP F 1107 67.94 -9.45 -24.03
N LEU F 1108 68.28 -10.71 -23.82
CA LEU F 1108 68.49 -11.65 -24.92
C LEU F 1108 67.22 -12.43 -25.28
N GLY F 1109 66.14 -11.69 -25.47
CA GLY F 1109 64.88 -12.27 -25.93
C GLY F 1109 64.44 -11.62 -27.21
N VAL F 1110 63.98 -12.46 -28.15
CA VAL F 1110 63.53 -11.95 -29.44
C VAL F 1110 62.23 -11.17 -29.29
N GLY F 1111 61.27 -11.75 -28.56
CA GLY F 1111 60.01 -11.07 -28.32
C GLY F 1111 60.01 -10.32 -27.01
N TYR F 1112 58.94 -10.49 -26.22
CA TYR F 1112 58.82 -9.88 -24.91
C TYR F 1112 58.94 -10.98 -23.86
N THR F 1113 59.90 -10.85 -22.96
CA THR F 1113 60.25 -11.91 -22.02
C THR F 1113 59.79 -11.62 -20.59
N ALA F 1114 59.07 -10.51 -20.36
CA ALA F 1114 58.60 -10.19 -19.03
C ALA F 1114 57.29 -9.42 -19.14
N VAL F 1115 56.27 -9.88 -18.41
CA VAL F 1115 54.95 -9.28 -18.43
C VAL F 1115 54.55 -8.97 -16.99
N CYS F 1116 54.13 -7.73 -16.75
CA CYS F 1116 53.64 -7.31 -15.43
C CYS F 1116 52.28 -6.64 -15.59
N ALA F 1117 51.49 -6.67 -14.51
CA ALA F 1117 50.21 -5.98 -14.48
C ALA F 1117 49.83 -5.69 -13.04
N THR F 1118 49.19 -4.55 -12.81
CA THR F 1118 48.73 -4.19 -11.48
C THR F 1118 47.60 -5.12 -11.03
N ALA F 1119 47.63 -5.51 -9.76
CA ALA F 1119 46.70 -6.51 -9.23
C ALA F 1119 45.76 -5.93 -8.18
N ALA F 1120 46.31 -5.36 -7.11
CA ALA F 1120 45.51 -4.87 -5.99
C ALA F 1120 45.67 -3.37 -5.84
N LEU F 1121 44.79 -2.79 -5.02
CA LEU F 1121 44.79 -1.35 -4.75
C LEU F 1121 44.97 -1.12 -3.26
N ARG F 1122 46.02 -0.40 -2.89
CA ARG F 1122 46.27 0.01 -1.52
C ARG F 1122 45.54 1.32 -1.26
N CYS F 1123 45.90 2.00 -0.18
CA CYS F 1123 45.25 3.26 0.18
C CYS F 1123 45.58 4.33 -0.86
N PRO F 1124 44.60 5.14 -1.28
CA PRO F 1124 44.92 6.29 -2.14
C PRO F 1124 45.79 7.30 -1.40
N LEU F 1125 46.81 7.79 -2.10
CA LEU F 1125 47.78 8.67 -1.47
C LEU F 1125 47.35 10.12 -1.44
N THR F 1126 46.53 10.56 -2.39
CA THR F 1126 46.18 11.97 -2.52
C THR F 1126 44.75 12.22 -2.05
N ASP F 1127 44.42 13.50 -1.95
CA ASP F 1127 43.11 13.96 -1.52
C ASP F 1127 42.28 14.34 -2.74
N MET F 1128 41.03 13.89 -2.78
CA MET F 1128 40.13 14.26 -3.85
C MET F 1128 39.33 15.51 -3.48
N GLY F 1129 40.03 16.56 -3.06
CA GLY F 1129 39.39 17.75 -2.55
C GLY F 1129 39.06 18.74 -3.65
N ASN F 1130 38.61 19.91 -3.22
CA ASN F 1130 38.28 21.03 -4.10
C ASN F 1130 39.26 22.16 -3.82
N THR F 1131 40.43 22.09 -4.44
CA THR F 1131 41.46 23.13 -4.35
C THR F 1131 41.66 23.68 -5.75
N ALA F 1132 41.08 24.84 -6.01
CA ALA F 1132 41.14 25.45 -7.34
C ALA F 1132 42.53 25.98 -7.64
N GLN F 1133 42.98 25.78 -8.87
CA GLN F 1133 44.28 26.28 -9.29
C GLN F 1133 44.26 27.79 -9.42
N ASN F 1134 45.25 28.45 -8.84
CA ASN F 1134 45.39 29.89 -8.89
C ASN F 1134 46.37 30.26 -10.00
N LEU F 1135 45.92 31.07 -10.95
CA LEU F 1135 46.77 31.50 -12.06
C LEU F 1135 47.61 32.72 -11.73
N PHE F 1136 47.51 33.25 -10.51
CA PHE F 1136 48.31 34.39 -10.10
C PHE F 1136 49.72 34.02 -9.67
N PHE F 1137 50.07 32.74 -9.76
CA PHE F 1137 51.43 32.28 -9.56
C PHE F 1137 52.32 32.49 -10.79
N SER F 1138 51.74 32.88 -11.92
CA SER F 1138 52.45 32.96 -13.18
C SER F 1138 52.67 34.42 -13.57
N ARG F 1139 53.90 34.73 -13.99
CA ARG F 1139 54.27 36.07 -14.44
C ARG F 1139 54.78 35.98 -15.88
N GLY F 1140 54.50 37.01 -16.67
CA GLY F 1140 55.00 37.05 -18.03
C GLY F 1140 54.02 37.58 -19.06
N GLY F 1141 52.73 37.52 -18.76
CA GLY F 1141 51.73 38.01 -19.68
C GLY F 1141 51.63 39.52 -19.66
N VAL F 1142 50.69 40.04 -20.45
CA VAL F 1142 50.47 41.49 -20.50
C VAL F 1142 49.79 41.91 -19.20
N PRO F 1143 50.26 42.98 -18.56
CA PRO F 1143 49.61 43.45 -17.33
C PRO F 1143 48.43 44.35 -17.62
N MET F 1144 47.55 44.47 -16.63
CA MET F 1144 46.50 45.47 -16.70
C MET F 1144 47.11 46.87 -16.48
N LEU F 1145 46.43 47.88 -17.02
CA LEU F 1145 46.99 49.23 -17.01
C LEU F 1145 46.98 49.82 -15.60
N HIS F 1146 45.93 49.53 -14.83
CA HIS F 1146 45.81 50.07 -13.48
C HIS F 1146 46.29 49.01 -12.48
N ASP F 1147 47.28 49.38 -11.68
CA ASP F 1147 47.87 48.41 -10.75
C ASP F 1147 46.95 48.15 -9.57
N ASN F 1148 46.10 49.11 -9.20
CA ASN F 1148 45.14 48.89 -8.12
C ASN F 1148 44.10 47.86 -8.52
N VAL F 1149 43.74 47.83 -9.81
CA VAL F 1149 42.79 46.83 -10.31
C VAL F 1149 43.38 45.43 -10.18
N THR F 1150 44.65 45.26 -10.57
CA THR F 1150 45.32 43.97 -10.46
C THR F 1150 45.49 43.56 -9.00
N GLU F 1151 45.84 44.51 -8.13
CA GLU F 1151 46.02 44.20 -6.71
C GLU F 1151 44.70 43.80 -6.05
N SER F 1152 43.61 44.52 -6.36
CA SER F 1152 42.31 44.18 -5.79
C SER F 1152 41.79 42.86 -6.35
N LEU F 1153 42.09 42.58 -7.62
CA LEU F 1153 41.71 41.31 -8.24
C LEU F 1153 42.44 40.14 -7.58
N ARG F 1154 43.74 40.30 -7.31
CA ARG F 1154 44.49 39.27 -6.61
C ARG F 1154 44.01 39.10 -5.17
N ARG F 1155 43.66 40.21 -4.51
CA ARG F 1155 43.18 40.14 -3.14
C ARG F 1155 41.82 39.44 -3.06
N ILE F 1156 40.94 39.69 -4.02
CA ILE F 1156 39.64 39.02 -4.04
C ILE F 1156 39.81 37.54 -4.38
N THR F 1157 40.68 37.22 -5.35
CA THR F 1157 40.95 35.85 -5.73
C THR F 1157 41.56 35.05 -4.58
N ALA F 1158 42.42 35.69 -3.78
CA ALA F 1158 43.05 35.02 -2.64
C ALA F 1158 42.02 34.64 -1.58
N SER F 1159 40.96 35.43 -1.43
CA SER F 1159 39.88 35.06 -0.53
C SER F 1159 39.07 33.91 -1.12
N GLY F 1160 38.66 32.99 -0.26
CA GLY F 1160 37.96 31.81 -0.72
C GLY F 1160 38.84 30.76 -1.34
N GLY F 1161 40.14 30.78 -1.06
CA GLY F 1161 41.06 29.79 -1.59
C GLY F 1161 42.13 29.47 -0.58
N ARG F 1162 42.83 28.36 -0.84
CA ARG F 1162 43.89 27.87 0.05
C ARG F 1162 45.27 28.30 -0.41
N LEU F 1163 45.66 27.93 -1.62
CA LEU F 1163 46.99 28.21 -2.13
C LEU F 1163 47.00 29.59 -2.78
N ASN F 1164 47.86 30.47 -2.27
CA ASN F 1164 47.95 31.86 -2.66
C ASN F 1164 49.41 32.26 -2.68
N PRO F 1165 49.79 33.25 -3.50
CA PRO F 1165 51.14 33.81 -3.38
C PRO F 1165 51.32 34.52 -2.04
N THR F 1166 52.56 34.50 -1.55
CA THR F 1166 52.83 35.05 -0.23
C THR F 1166 52.74 36.58 -0.23
N GLU F 1167 52.32 37.11 0.91
CA GLU F 1167 52.13 38.56 1.03
C GLU F 1167 53.39 39.44 0.94
N PRO F 1168 54.63 39.01 1.26
CA PRO F 1168 55.77 39.90 0.95
C PRO F 1168 56.02 40.08 -0.54
N LEU F 1169 55.60 39.12 -1.38
CA LEU F 1169 55.79 39.09 -2.84
C LEU F 1169 57.27 39.29 -3.19
N PRO F 1170 58.11 38.27 -2.97
CA PRO F 1170 59.55 38.48 -3.06
C PRO F 1170 60.02 38.66 -4.50
N ILE F 1171 60.74 39.77 -4.73
CA ILE F 1171 61.44 39.94 -6.00
C ILE F 1171 62.59 38.95 -6.06
N PHE F 1172 62.75 38.30 -7.22
CA PHE F 1172 63.64 37.16 -7.44
C PHE F 1172 63.32 36.04 -6.43
N GLY F 1173 62.10 35.51 -6.60
CA GLY F 1173 61.61 34.47 -5.72
C GLY F 1173 60.78 33.46 -6.48
N GLY F 1174 60.59 32.31 -5.85
CA GLY F 1174 59.87 31.21 -6.46
C GLY F 1174 58.36 31.28 -6.40
N LEU F 1175 57.81 32.21 -5.61
CA LEU F 1175 56.38 32.41 -5.39
C LEU F 1175 55.71 31.12 -4.89
N ARG F 1176 56.29 30.56 -3.85
CA ARG F 1176 55.70 29.38 -3.21
C ARG F 1176 54.42 29.77 -2.47
N PRO F 1177 53.45 28.88 -2.37
CA PRO F 1177 52.31 29.14 -1.49
C PRO F 1177 52.72 29.09 -0.04
N ALA F 1178 51.99 29.83 0.79
CA ALA F 1178 52.30 29.88 2.21
C ALA F 1178 52.03 28.55 2.87
N THR F 1179 53.01 28.05 3.63
CA THR F 1179 52.85 26.77 4.30
C THR F 1179 51.86 26.90 5.45
N SER F 1180 51.30 25.75 5.84
CA SER F 1180 50.27 25.70 6.86
C SER F 1180 50.66 24.70 7.93
N ALA F 1181 49.69 24.39 8.79
CA ALA F 1181 49.87 23.38 9.83
C ALA F 1181 49.69 21.98 9.25
N GLY F 1182 49.47 20.99 10.12
CA GLY F 1182 49.40 19.60 9.74
C GLY F 1182 48.36 19.22 8.70
N ILE F 1183 48.60 18.08 8.04
CA ILE F 1183 47.78 17.62 6.91
C ILE F 1183 46.99 16.40 7.37
N ALA F 1184 45.68 16.42 7.13
CA ALA F 1184 44.78 15.42 7.72
C ALA F 1184 44.59 14.19 6.82
N ARG F 1185 44.17 14.38 5.56
CA ARG F 1185 43.74 13.25 4.75
C ARG F 1185 44.55 13.14 3.45
N GLY F 1186 45.73 13.73 3.38
CA GLY F 1186 46.66 13.46 2.31
C GLY F 1186 46.93 14.67 1.46
N GLN F 1187 47.68 14.45 0.38
CA GLN F 1187 48.13 15.52 -0.49
C GLN F 1187 46.96 16.05 -1.31
N ALA F 1188 46.78 17.38 -1.30
CA ALA F 1188 45.68 17.99 -2.01
C ALA F 1188 45.98 18.05 -3.50
N SER F 1189 45.05 17.54 -4.30
CA SER F 1189 45.18 17.52 -5.75
C SER F 1189 44.41 18.71 -6.32
N VAL F 1190 45.08 19.51 -7.14
CA VAL F 1190 44.50 20.74 -7.66
C VAL F 1190 43.51 20.42 -8.77
N CYS F 1191 42.60 21.35 -9.01
CA CYS F 1191 41.62 21.25 -10.08
C CYS F 1191 41.81 22.39 -11.06
N GLU F 1192 41.90 22.07 -12.34
CA GLU F 1192 42.09 23.05 -13.41
C GLU F 1192 40.80 23.19 -14.20
N PHE F 1193 40.38 24.42 -14.44
CA PHE F 1193 39.09 24.72 -15.04
C PHE F 1193 39.27 25.15 -16.49
N VAL F 1194 38.49 24.52 -17.38
CA VAL F 1194 38.56 24.79 -18.81
C VAL F 1194 37.22 25.35 -19.26
N ALA F 1195 37.25 26.52 -19.90
CA ALA F 1195 36.03 27.20 -20.32
C ALA F 1195 35.41 26.51 -21.53
N MET F 1196 34.09 26.60 -21.62
CA MET F 1196 33.30 25.89 -22.62
C MET F 1196 31.90 26.49 -22.63
N PRO F 1197 31.17 26.36 -23.75
CA PRO F 1197 29.81 26.91 -23.82
C PRO F 1197 28.84 26.21 -22.87
N VAL F 1198 27.76 26.91 -22.54
CA VAL F 1198 26.77 26.38 -21.61
C VAL F 1198 26.01 25.22 -22.25
N SER F 1199 25.58 25.39 -23.51
CA SER F 1199 24.83 24.35 -24.21
C SER F 1199 25.79 23.33 -24.81
N THR F 1200 26.43 22.58 -23.93
CA THR F 1200 27.34 21.51 -24.31
C THR F 1200 26.64 20.18 -24.08
N ASP F 1201 26.71 19.30 -25.09
CA ASP F 1201 26.12 17.97 -25.04
C ASP F 1201 26.62 17.17 -23.85
N LEU F 1202 25.70 16.87 -22.92
CA LEU F 1202 26.09 16.25 -21.66
C LEU F 1202 26.39 14.77 -21.80
N GLN F 1203 26.00 14.15 -22.92
CA GLN F 1203 26.32 12.75 -23.16
C GLN F 1203 27.79 12.53 -23.48
N TYR F 1204 28.54 13.59 -23.75
CA TYR F 1204 29.98 13.49 -23.93
C TYR F 1204 30.68 13.12 -22.63
N PHE F 1205 30.18 13.61 -21.50
CA PHE F 1205 30.84 13.44 -20.21
C PHE F 1205 30.38 12.21 -19.45
N ARG F 1206 29.49 11.38 -20.02
CA ARG F 1206 29.04 10.18 -19.35
C ARG F 1206 29.91 8.97 -19.69
N THR F 1207 30.85 9.10 -20.61
CA THR F 1207 31.79 8.03 -20.93
C THR F 1207 33.22 8.54 -20.75
N ALA F 1208 34.20 7.72 -21.12
CA ALA F 1208 35.60 8.13 -21.07
C ALA F 1208 35.84 9.17 -22.15
N CYS F 1209 36.01 10.43 -21.74
CA CYS F 1209 36.08 11.55 -22.67
C CYS F 1209 37.43 12.25 -22.55
N ASN F 1210 37.60 13.28 -23.39
CA ASN F 1210 38.82 14.06 -23.45
C ASN F 1210 38.48 15.51 -23.10
N PRO F 1211 39.24 16.15 -22.21
CA PRO F 1211 38.86 17.50 -21.75
C PRO F 1211 39.05 18.59 -22.79
N ARG F 1212 39.81 18.33 -23.86
CA ARG F 1212 39.99 19.33 -24.90
C ARG F 1212 38.71 19.56 -25.69
N GLY F 1213 37.87 18.53 -25.80
CA GLY F 1213 36.64 18.59 -26.55
C GLY F 1213 36.73 18.00 -27.94
N ARG F 1214 37.92 17.98 -28.52
CA ARG F 1214 38.18 17.27 -29.76
C ARG F 1214 39.16 16.15 -29.46
N ALA F 1215 38.82 14.93 -29.84
CA ALA F 1215 39.70 13.80 -29.61
C ALA F 1215 40.95 13.93 -30.48
N SER F 1216 42.09 13.56 -29.89
CA SER F 1216 43.38 13.71 -30.55
C SER F 1216 44.23 12.51 -30.19
N GLY F 1217 45.54 12.63 -30.46
CA GLY F 1217 46.45 11.60 -30.03
C GLY F 1217 47.47 11.17 -31.07
N MET F 1218 48.49 10.46 -30.59
CA MET F 1218 49.51 9.85 -31.44
C MET F 1218 48.99 8.59 -32.13
N LEU F 1219 47.87 8.05 -31.64
CA LEU F 1219 47.42 6.71 -32.00
C LEU F 1219 46.90 6.60 -33.43
N TYR F 1220 46.38 7.68 -34.01
CA TYR F 1220 45.71 7.63 -35.30
C TYR F 1220 46.66 8.13 -36.39
N MET F 1221 47.03 7.24 -37.31
CA MET F 1221 47.82 7.60 -38.49
C MET F 1221 47.29 6.78 -39.66
N GLY F 1222 48.10 6.68 -40.72
CA GLY F 1222 47.79 5.78 -41.81
C GLY F 1222 48.21 6.24 -43.20
N ASP F 1223 48.45 7.53 -43.38
CA ASP F 1223 48.83 7.98 -44.73
C ASP F 1223 50.12 8.79 -44.77
N ARG F 1224 50.38 9.62 -43.75
CA ARG F 1224 51.53 10.52 -43.79
C ARG F 1224 52.11 10.65 -42.39
N ASP F 1225 53.14 11.49 -42.27
CA ASP F 1225 53.77 11.77 -40.99
C ASP F 1225 53.26 13.06 -40.36
N ALA F 1226 52.77 13.99 -41.16
CA ALA F 1226 52.26 15.26 -40.67
C ALA F 1226 50.74 15.20 -40.47
N ASP F 1227 50.32 14.25 -39.65
CA ASP F 1227 48.92 14.08 -39.31
C ASP F 1227 48.64 14.37 -37.84
N ILE F 1228 49.69 14.55 -37.02
CA ILE F 1228 49.48 14.87 -35.61
C ILE F 1228 48.95 16.29 -35.46
N GLU F 1229 49.45 17.22 -36.27
CA GLU F 1229 48.95 18.59 -36.26
C GLU F 1229 47.69 18.76 -37.10
N ALA F 1230 47.24 17.71 -37.80
CA ALA F 1230 46.00 17.75 -38.55
C ALA F 1230 44.83 17.20 -37.74
N ILE F 1231 45.07 16.19 -36.91
CA ILE F 1231 44.04 15.68 -36.03
C ILE F 1231 43.74 16.68 -34.92
N MET F 1232 44.78 17.22 -34.30
CA MET F 1232 44.63 18.01 -33.09
C MET F 1232 44.14 19.42 -33.36
N PHE F 1233 44.49 20.03 -34.49
CA PHE F 1233 44.28 21.46 -34.67
C PHE F 1233 43.58 21.88 -35.96
N ASP F 1234 43.40 20.98 -36.92
CA ASP F 1234 42.75 21.33 -38.18
C ASP F 1234 41.25 21.04 -38.04
N HIS F 1235 40.44 22.10 -38.10
CA HIS F 1235 39.01 21.99 -37.85
C HIS F 1235 38.18 22.04 -39.13
N THR F 1236 38.81 21.93 -40.29
CA THR F 1236 38.05 21.73 -41.52
C THR F 1236 37.63 20.28 -41.70
N GLN F 1237 38.20 19.36 -40.94
CA GLN F 1237 37.79 17.98 -40.89
C GLN F 1237 37.10 17.70 -39.55
N SER F 1238 36.27 16.66 -39.54
CA SER F 1238 35.49 16.34 -38.35
C SER F 1238 36.37 15.70 -37.27
N ASP F 1239 35.79 15.53 -36.09
CA ASP F 1239 36.46 14.85 -34.99
C ASP F 1239 36.68 13.39 -35.35
N VAL F 1240 37.73 12.81 -34.79
CA VAL F 1240 38.06 11.42 -35.10
C VAL F 1240 37.11 10.46 -34.40
N ALA F 1241 36.84 10.69 -33.11
CA ALA F 1241 36.00 9.77 -32.35
C ALA F 1241 34.53 10.04 -32.58
N TYR F 1242 34.05 11.24 -32.22
CA TYR F 1242 32.65 11.61 -32.42
C TYR F 1242 32.50 12.20 -33.83
N THR F 1243 32.49 11.30 -34.80
CA THR F 1243 32.79 11.64 -36.20
C THR F 1243 31.52 12.13 -36.92
N ASP F 1244 30.93 13.19 -36.35
CA ASP F 1244 29.90 13.95 -37.05
C ASP F 1244 30.02 15.44 -36.76
N ARG F 1245 31.12 15.89 -36.16
CA ARG F 1245 31.27 17.27 -35.73
C ARG F 1245 32.74 17.60 -35.65
N ALA F 1246 33.06 18.89 -35.57
CA ALA F 1246 34.46 19.32 -35.55
C ALA F 1246 35.03 19.27 -34.14
N THR F 1247 34.45 20.04 -33.22
CA THR F 1247 34.91 20.09 -31.84
C THR F 1247 33.74 20.45 -30.94
N LEU F 1248 33.78 19.95 -29.71
CA LEU F 1248 32.68 20.21 -28.78
C LEU F 1248 32.67 21.66 -28.31
N ASN F 1249 33.76 22.09 -27.66
CA ASN F 1249 33.91 23.49 -27.29
C ASN F 1249 34.88 24.17 -28.24
N PRO F 1250 34.45 25.15 -29.03
CA PRO F 1250 35.39 25.90 -29.87
C PRO F 1250 36.19 26.95 -29.14
N TRP F 1251 36.04 27.09 -27.82
CA TRP F 1251 36.80 28.05 -27.05
C TRP F 1251 38.10 27.48 -26.49
N ALA F 1252 38.30 26.15 -26.58
CA ALA F 1252 39.49 25.54 -26.00
C ALA F 1252 40.05 24.41 -26.86
N SER F 1253 39.89 24.49 -28.19
CA SER F 1253 40.33 23.40 -29.05
C SER F 1253 41.07 23.84 -30.31
N GLN F 1254 41.08 25.13 -30.67
CA GLN F 1254 41.75 25.56 -31.88
C GLN F 1254 43.25 25.68 -31.65
N LYS F 1255 43.94 26.24 -32.66
CA LYS F 1255 45.39 26.42 -32.58
C LYS F 1255 45.75 27.50 -31.56
N HIS F 1256 44.92 28.52 -31.44
CA HIS F 1256 45.18 29.65 -30.54
C HIS F 1256 43.91 30.03 -29.78
N SER F 1257 43.16 29.03 -29.32
CA SER F 1257 41.97 29.27 -28.52
C SER F 1257 42.36 29.64 -27.09
N TYR F 1258 41.34 29.94 -26.27
CA TYR F 1258 41.58 30.41 -24.91
C TYR F 1258 42.21 29.33 -24.04
N GLY F 1259 41.64 28.12 -24.07
CA GLY F 1259 42.22 27.01 -23.34
C GLY F 1259 43.57 26.59 -23.88
N ASP F 1260 43.76 26.70 -25.19
CA ASP F 1260 45.06 26.35 -25.77
C ASP F 1260 46.10 27.42 -25.49
N ARG F 1261 45.70 28.69 -25.43
CA ARG F 1261 46.64 29.73 -25.03
C ARG F 1261 46.92 29.70 -23.53
N LEU F 1262 46.05 29.09 -22.74
CA LEU F 1262 46.20 29.08 -21.30
C LEU F 1262 46.89 27.84 -20.76
N TYR F 1263 46.73 26.67 -21.39
CA TYR F 1263 47.19 25.43 -20.80
C TYR F 1263 48.24 24.67 -21.60
N ASN F 1264 48.53 25.08 -22.84
CA ASN F 1264 49.59 24.41 -23.59
C ASN F 1264 50.95 24.84 -23.05
N GLY F 1265 51.84 23.86 -22.90
CA GLY F 1265 53.16 24.12 -22.36
C GLY F 1265 54.16 24.64 -23.37
N THR F 1266 53.79 24.70 -24.65
CA THR F 1266 54.68 25.27 -25.65
C THR F 1266 54.80 26.78 -25.48
N TYR F 1267 53.68 27.47 -25.30
CA TYR F 1267 53.68 28.92 -25.17
C TYR F 1267 54.22 29.40 -23.83
N ASN F 1268 54.17 28.52 -22.81
CA ASN F 1268 54.80 28.74 -21.50
C ASN F 1268 54.24 29.97 -20.78
N LEU F 1269 52.91 30.01 -20.66
CA LEU F 1269 52.29 31.09 -19.88
C LEU F 1269 52.46 30.86 -18.39
N THR F 1270 52.34 29.61 -17.94
CA THR F 1270 52.39 29.27 -16.53
C THR F 1270 53.74 28.70 -16.11
N GLY F 1271 54.82 29.22 -16.69
CA GLY F 1271 56.15 28.71 -16.37
C GLY F 1271 56.60 29.06 -14.96
N ALA F 1272 56.30 30.27 -14.49
CA ALA F 1272 56.72 30.69 -13.17
C ALA F 1272 55.91 30.03 -12.05
N SER F 1273 54.78 29.43 -12.38
CA SER F 1273 53.94 28.79 -11.37
C SER F 1273 54.55 27.45 -10.97
N PRO F 1274 54.75 27.20 -9.67
CA PRO F 1274 55.22 25.90 -9.23
C PRO F 1274 54.11 24.86 -9.05
N ILE F 1275 52.91 25.15 -9.51
CA ILE F 1275 51.76 24.27 -9.31
C ILE F 1275 51.61 23.36 -10.53
N TYR F 1276 51.48 22.06 -10.28
CA TYR F 1276 51.28 21.11 -11.37
C TYR F 1276 49.92 21.30 -12.01
N SER F 1277 49.89 21.25 -13.34
CA SER F 1277 48.65 21.40 -14.09
C SER F 1277 48.20 20.03 -14.60
N PRO F 1278 47.06 19.51 -14.13
CA PRO F 1278 46.67 18.15 -14.52
C PRO F 1278 46.18 18.02 -15.96
N CYS F 1279 45.89 19.12 -16.63
CA CYS F 1279 45.50 19.09 -18.04
C CYS F 1279 46.62 19.60 -18.95
N PHE F 1280 47.86 19.48 -18.51
CA PHE F 1280 49.00 19.79 -19.37
C PHE F 1280 49.24 18.68 -20.38
N LYS F 1281 49.03 17.42 -19.99
CA LYS F 1281 49.29 16.29 -20.87
C LYS F 1281 48.27 16.16 -21.99
N PHE F 1282 47.14 16.85 -21.91
CA PHE F 1282 46.13 16.78 -22.97
C PHE F 1282 46.30 17.89 -23.99
N PHE F 1283 46.75 19.07 -23.58
CA PHE F 1283 46.82 20.23 -24.44
C PHE F 1283 48.17 20.40 -25.13
N THR F 1284 49.14 19.53 -24.84
CA THR F 1284 50.48 19.68 -25.35
C THR F 1284 50.79 18.60 -26.37
N PRO F 1285 51.18 18.96 -27.60
CA PRO F 1285 51.56 17.94 -28.59
C PRO F 1285 52.90 17.32 -28.23
N ALA F 1286 52.90 16.01 -28.03
CA ALA F 1286 54.12 15.29 -27.73
C ALA F 1286 54.99 15.15 -28.97
N GLU F 1287 56.29 14.98 -28.77
CA GLU F 1287 57.21 14.82 -29.87
C GLU F 1287 57.03 13.45 -30.52
N VAL F 1288 57.08 13.41 -31.85
CA VAL F 1288 56.68 12.26 -32.64
C VAL F 1288 57.89 11.64 -33.32
N ASN F 1289 57.98 10.31 -33.26
CA ASN F 1289 58.93 9.54 -34.04
C ASN F 1289 58.14 8.52 -34.85
N THR F 1290 58.26 8.60 -36.18
CA THR F 1290 57.49 7.75 -37.08
C THR F 1290 58.30 6.60 -37.64
N ASN F 1291 59.52 6.35 -37.12
CA ASN F 1291 60.33 5.25 -37.63
C ASN F 1291 59.74 3.90 -37.25
N CYS F 1292 59.17 3.80 -36.06
CA CYS F 1292 58.58 2.56 -35.59
C CYS F 1292 57.06 2.58 -35.81
N ASN F 1293 56.47 1.38 -35.81
CA ASN F 1293 55.03 1.26 -35.99
C ASN F 1293 54.29 1.72 -34.73
N THR F 1294 52.97 1.83 -34.86
CA THR F 1294 52.16 2.46 -33.81
C THR F 1294 52.07 1.59 -32.56
N LEU F 1295 52.05 0.26 -32.72
CA LEU F 1295 51.87 -0.62 -31.57
C LEU F 1295 53.13 -0.69 -30.72
N ASP F 1296 54.31 -0.68 -31.35
CA ASP F 1296 55.55 -0.75 -30.59
C ASP F 1296 55.79 0.51 -29.78
N ARG F 1297 55.51 1.68 -30.35
CA ARG F 1297 55.61 2.93 -29.59
C ARG F 1297 54.46 3.07 -28.59
N LEU F 1298 53.32 2.43 -28.84
CA LEU F 1298 52.26 2.36 -27.85
C LEU F 1298 52.72 1.56 -26.63
N LEU F 1299 53.41 0.45 -26.87
CA LEU F 1299 53.96 -0.33 -25.76
C LEU F 1299 55.15 0.38 -25.11
N MET F 1300 55.88 1.18 -25.88
CA MET F 1300 57.00 1.94 -25.34
C MET F 1300 56.51 3.05 -24.41
N GLU F 1301 55.38 3.66 -24.74
CA GLU F 1301 54.77 4.63 -23.85
C GLU F 1301 53.99 3.98 -22.71
N ALA F 1302 53.85 2.66 -22.71
CA ALA F 1302 53.06 1.95 -21.71
C ALA F 1302 53.89 1.46 -20.53
N LYS F 1303 55.20 1.70 -20.51
CA LYS F 1303 56.05 1.21 -19.43
C LYS F 1303 55.96 2.17 -18.24
N ALA F 1304 56.83 1.96 -17.25
CA ALA F 1304 56.82 2.79 -16.05
C ALA F 1304 57.43 4.15 -16.36
N VAL F 1305 56.58 5.11 -16.77
CA VAL F 1305 57.06 6.44 -17.09
C VAL F 1305 57.38 7.21 -15.81
N ALA F 1306 58.26 8.20 -15.93
CA ALA F 1306 58.61 9.03 -14.79
C ALA F 1306 57.42 9.89 -14.36
N SER F 1307 57.28 10.08 -13.05
CA SER F 1307 56.17 10.85 -12.51
C SER F 1307 56.33 12.34 -12.83
N GLN F 1308 55.20 13.02 -12.98
CA GLN F 1308 55.17 14.45 -13.27
C GLN F 1308 54.65 15.27 -12.11
N SER F 1309 54.47 14.64 -10.95
CA SER F 1309 54.05 15.36 -9.74
C SER F 1309 55.04 15.07 -8.62
N SER F 1310 54.72 15.51 -7.41
CA SER F 1310 55.58 15.30 -6.25
C SER F 1310 54.81 14.56 -5.16
N THR F 1311 55.53 13.73 -4.42
CA THR F 1311 54.92 12.82 -3.45
C THR F 1311 55.03 13.29 -2.01
N ASP F 1312 56.10 14.01 -1.65
CA ASP F 1312 56.34 14.41 -0.27
C ASP F 1312 55.80 15.79 0.06
N THR F 1313 55.22 16.50 -0.91
CA THR F 1313 54.83 17.88 -0.70
C THR F 1313 53.40 17.99 -0.17
N GLU F 1314 52.84 19.20 -0.22
CA GLU F 1314 51.50 19.46 0.30
C GLU F 1314 50.48 19.79 -0.78
N TYR F 1315 50.86 20.52 -1.84
CA TYR F 1315 49.90 21.09 -2.78
C TYR F 1315 50.01 20.50 -4.18
N GLN F 1316 50.68 19.36 -4.33
CA GLN F 1316 50.94 18.69 -5.61
C GLN F 1316 51.67 19.63 -6.58
N PHE F 1317 52.92 19.94 -6.22
CA PHE F 1317 53.72 20.84 -7.01
C PHE F 1317 54.21 20.16 -8.29
N LYS F 1318 54.99 20.91 -9.07
CA LYS F 1318 55.65 20.36 -10.24
C LYS F 1318 56.76 19.40 -9.80
N ARG F 1319 57.25 18.62 -10.77
CA ARG F 1319 58.24 17.60 -10.47
C ARG F 1319 59.57 18.24 -10.09
N PRO F 1320 60.10 17.95 -8.89
CA PRO F 1320 61.36 18.58 -8.49
C PRO F 1320 62.53 17.99 -9.26
N PRO F 1321 63.62 18.73 -9.42
CA PRO F 1321 64.82 18.16 -10.05
C PRO F 1321 65.44 17.08 -9.17
N GLY F 1322 65.98 16.06 -9.83
CA GLY F 1322 66.59 14.94 -9.13
C GLY F 1322 65.63 13.90 -8.61
N SER F 1323 64.33 14.04 -8.87
CA SER F 1323 63.34 13.08 -8.41
C SER F 1323 63.14 12.01 -9.47
N THR F 1324 63.47 10.77 -9.13
CA THR F 1324 63.36 9.63 -10.04
C THR F 1324 62.36 8.64 -9.45
N GLU F 1325 61.07 8.84 -9.76
CA GLU F 1325 60.00 7.96 -9.33
C GLU F 1325 59.26 7.45 -10.54
N MET F 1326 59.08 6.13 -10.62
CA MET F 1326 58.44 5.49 -11.77
C MET F 1326 57.00 5.16 -11.42
N THR F 1327 56.06 5.77 -12.14
CA THR F 1327 54.63 5.51 -11.95
C THR F 1327 54.03 5.08 -13.29
N GLN F 1328 53.28 3.98 -13.28
CA GLN F 1328 52.51 3.60 -14.44
C GLN F 1328 51.39 4.61 -14.66
N ASP F 1329 51.23 5.04 -15.91
CA ASP F 1329 50.31 6.14 -16.25
C ASP F 1329 49.29 5.68 -17.28
N PRO F 1330 48.17 5.11 -16.84
CA PRO F 1330 47.03 4.94 -17.74
C PRO F 1330 46.35 6.27 -18.00
N CYS F 1331 45.56 6.31 -19.07
CA CYS F 1331 44.75 7.47 -19.51
C CYS F 1331 45.61 8.69 -19.83
N GLY F 1332 46.92 8.49 -20.05
CA GLY F 1332 47.80 9.54 -20.49
C GLY F 1332 48.41 9.17 -21.82
N LEU F 1333 48.42 7.87 -22.11
CA LEU F 1333 48.82 7.35 -23.41
C LEU F 1333 47.64 7.15 -24.35
N PHE F 1334 46.41 7.16 -23.81
CA PHE F 1334 45.20 7.14 -24.62
C PHE F 1334 44.53 8.50 -24.73
N GLN F 1335 44.98 9.48 -23.94
CA GLN F 1335 44.45 10.84 -23.89
C GLN F 1335 42.95 10.85 -23.58
N GLU F 1336 42.61 10.35 -22.40
CA GLU F 1336 41.23 10.31 -21.95
C GLU F 1336 41.18 10.57 -20.44
N ALA F 1337 39.99 10.91 -19.97
CA ALA F 1337 39.77 11.17 -18.55
C ALA F 1337 38.44 10.55 -18.13
N TYR F 1338 38.48 9.79 -17.04
CA TYR F 1338 37.31 9.04 -16.59
C TYR F 1338 36.43 9.93 -15.70
N PRO F 1339 35.13 10.01 -15.96
CA PRO F 1339 34.25 10.78 -15.08
C PRO F 1339 33.91 10.01 -13.82
N PRO F 1340 33.99 10.65 -12.65
CA PRO F 1340 33.65 9.95 -11.40
C PRO F 1340 32.18 10.06 -11.08
N LEU F 1341 31.76 9.51 -9.94
CA LEU F 1341 30.37 9.66 -9.48
C LEU F 1341 30.18 11.10 -9.03
N CYS F 1342 29.44 11.86 -9.83
CA CYS F 1342 29.23 13.27 -9.55
C CYS F 1342 27.79 13.64 -9.90
N SER F 1343 27.31 14.72 -9.30
CA SER F 1343 25.96 15.20 -9.55
C SER F 1343 25.92 16.70 -9.29
N SER F 1344 24.92 17.35 -9.87
CA SER F 1344 24.68 18.77 -9.62
C SER F 1344 23.80 18.99 -8.39
N ASP F 1345 23.33 17.92 -7.76
CA ASP F 1345 22.47 18.03 -6.58
C ASP F 1345 22.88 16.94 -5.59
N ALA F 1346 22.97 17.32 -4.32
CA ALA F 1346 23.24 16.34 -3.27
C ALA F 1346 22.01 15.50 -2.94
N ALA F 1347 20.83 15.88 -3.42
CA ALA F 1347 19.63 15.09 -3.16
C ALA F 1347 19.61 13.81 -3.98
N MET F 1348 20.00 13.89 -5.26
CA MET F 1348 20.00 12.72 -6.11
C MET F 1348 21.19 11.80 -5.89
N LEU F 1349 22.22 12.27 -5.19
CA LEU F 1349 23.42 11.46 -4.98
C LEU F 1349 23.20 10.33 -3.97
N ARG F 1350 22.11 10.37 -3.20
CA ARG F 1350 21.82 9.36 -2.20
C ARG F 1350 20.34 9.02 -2.25
N THR F 1351 20.02 7.75 -2.13
CA THR F 1351 18.63 7.28 -2.14
C THR F 1351 18.21 6.83 -0.76
N ALA F 1352 16.90 6.71 -0.56
CA ALA F 1352 16.33 6.39 0.74
C ALA F 1352 16.00 4.90 0.84
N HIS F 1353 17.05 4.09 0.97
CA HIS F 1353 16.85 2.67 1.21
C HIS F 1353 17.87 2.07 2.17
N ALA F 1354 18.70 2.90 2.82
CA ALA F 1354 19.75 2.48 3.77
C ALA F 1354 20.71 1.48 3.13
N GLY F 1355 21.45 1.97 2.14
CA GLY F 1355 22.23 1.09 1.29
C GLY F 1355 22.95 1.79 0.16
N GLU F 1356 22.75 1.29 -1.05
CA GLU F 1356 23.43 1.78 -2.25
C GLU F 1356 23.07 3.24 -2.56
N THR F 1357 23.85 3.83 -3.45
CA THR F 1357 23.69 5.22 -3.83
C THR F 1357 22.61 5.38 -4.89
N GLY F 1358 22.38 6.62 -5.31
CA GLY F 1358 21.35 6.89 -6.31
C GLY F 1358 21.82 6.55 -7.71
N ALA F 1359 20.84 6.40 -8.60
CA ALA F 1359 21.13 6.07 -9.99
C ALA F 1359 20.27 6.82 -11.00
N ASP F 1360 19.38 7.71 -10.57
CA ASP F 1360 18.62 8.51 -11.51
C ASP F 1360 19.52 9.55 -12.15
N GLU F 1361 19.35 9.76 -13.46
CA GLU F 1361 20.33 10.52 -14.22
C GLU F 1361 20.05 12.02 -14.20
N VAL F 1362 18.92 12.44 -14.78
CA VAL F 1362 18.52 13.84 -14.78
C VAL F 1362 17.15 13.96 -14.11
N HIS F 1363 16.98 14.98 -13.26
CA HIS F 1363 15.69 15.12 -12.61
C HIS F 1363 14.79 16.15 -13.29
N LEU F 1364 15.16 17.42 -13.26
CA LEU F 1364 14.40 18.41 -14.03
C LEU F 1364 15.33 19.22 -14.93
N ALA F 1365 16.39 19.77 -14.34
CA ALA F 1365 17.47 20.38 -15.10
C ALA F 1365 18.83 20.05 -14.52
N GLN F 1366 18.89 19.28 -13.44
CA GLN F 1366 20.14 18.83 -12.85
C GLN F 1366 20.60 17.55 -13.57
N TYR F 1367 21.70 16.97 -13.10
CA TYR F 1367 22.23 15.77 -13.74
C TYR F 1367 22.99 14.96 -12.72
N LEU F 1368 23.17 13.69 -13.01
CA LEU F 1368 23.97 12.78 -12.19
C LEU F 1368 24.77 11.89 -13.14
N ILE F 1369 26.05 12.20 -13.29
CA ILE F 1369 26.92 11.41 -14.15
C ILE F 1369 27.40 10.19 -13.36
N ARG F 1370 27.05 9.00 -13.83
CA ARG F 1370 27.43 7.77 -13.14
C ARG F 1370 28.92 7.51 -13.27
N ASP F 1371 29.42 6.63 -12.41
CA ASP F 1371 30.85 6.34 -12.36
C ASP F 1371 31.25 5.49 -13.55
N ALA F 1372 32.26 5.95 -14.30
CA ALA F 1372 32.87 5.18 -15.37
C ALA F 1372 34.35 4.94 -15.14
N SER F 1373 34.87 5.33 -13.97
CA SER F 1373 36.26 5.10 -13.62
C SER F 1373 36.49 3.62 -13.31
N PRO F 1374 37.74 3.16 -13.32
CA PRO F 1374 38.01 1.79 -12.84
C PRO F 1374 37.71 1.57 -11.37
N LEU F 1375 37.57 2.63 -10.56
CA LEU F 1375 37.30 2.50 -9.13
C LEU F 1375 35.80 2.38 -8.88
N ARG F 1376 35.25 1.24 -9.31
CA ARG F 1376 33.84 0.95 -9.08
C ARG F 1376 33.62 0.17 -7.79
N GLY F 1377 34.40 -0.89 -7.57
CA GLY F 1377 34.26 -1.71 -6.39
C GLY F 1377 35.12 -1.25 -5.23
N CYS F 1378 35.72 -0.08 -5.37
CA CYS F 1378 36.57 0.51 -4.34
C CYS F 1378 36.06 1.91 -4.00
N LEU F 1379 36.86 2.68 -3.23
CA LEU F 1379 36.59 4.05 -2.82
C LEU F 1379 35.24 4.18 -2.12
N PRO F 1380 35.15 3.77 -0.86
CA PRO F 1380 33.83 3.62 -0.20
C PRO F 1380 33.09 4.95 -0.04
N LEU F 1381 31.77 4.85 -0.09
CA LEU F 1381 30.90 6.02 -0.06
C LEU F 1381 30.25 6.21 1.30
N SER G 1 -39.24 67.75 -71.14
CA SER G 1 -40.56 67.22 -70.84
C SER G 1 -41.48 67.35 -72.06
N ASN G 2 -41.76 68.59 -72.45
CA ASN G 2 -42.62 68.88 -73.58
C ASN G 2 -41.90 69.75 -74.59
N PRO G 3 -41.98 69.42 -75.89
CA PRO G 3 -42.69 68.28 -76.49
C PRO G 3 -41.78 67.08 -76.68
N THR G 4 -41.05 66.69 -75.63
CA THR G 4 -40.02 65.66 -75.74
C THR G 4 -40.50 64.27 -75.39
N THR G 5 -41.78 63.95 -75.67
CA THR G 5 -42.32 62.59 -75.65
C THR G 5 -42.19 61.90 -74.30
N PHE G 6 -43.04 62.30 -73.34
CA PHE G 6 -43.07 61.76 -71.97
C PHE G 6 -43.03 60.23 -71.93
N SER G 7 -42.38 59.70 -70.89
CA SER G 7 -42.08 58.28 -70.84
C SER G 7 -43.32 57.45 -70.57
N VAL G 8 -43.64 56.58 -71.53
CA VAL G 8 -44.74 55.63 -71.41
C VAL G 8 -44.14 54.23 -71.60
N GLU G 9 -42.81 54.21 -71.78
CA GLU G 9 -41.98 53.00 -71.87
C GLU G 9 -42.41 52.09 -73.02
N ALA G 10 -42.49 52.69 -74.21
CA ALA G 10 -42.50 51.91 -75.44
C ALA G 10 -41.28 52.26 -76.28
N ILE G 11 -41.16 53.54 -76.65
CA ILE G 11 -40.01 54.06 -77.37
C ILE G 11 -39.52 55.37 -76.77
N ALA G 12 -40.27 55.94 -75.83
CA ALA G 12 -40.03 57.29 -75.32
C ALA G 12 -38.95 57.34 -74.24
N ALA G 13 -38.12 56.30 -74.16
CA ALA G 13 -36.95 56.33 -73.29
C ALA G 13 -35.93 57.32 -73.83
N TYR G 14 -35.39 58.14 -72.94
CA TYR G 14 -34.50 59.23 -73.32
C TYR G 14 -33.65 59.62 -72.13
N THR G 15 -32.46 60.17 -72.37
CA THR G 15 -31.52 60.49 -71.29
C THR G 15 -31.98 61.61 -70.34
N PRO G 16 -32.50 62.80 -70.79
CA PRO G 16 -32.85 63.83 -69.79
C PRO G 16 -34.18 63.59 -69.09
N VAL G 17 -34.25 62.59 -68.21
CA VAL G 17 -35.41 62.39 -67.34
C VAL G 17 -35.26 63.30 -66.13
N ALA G 18 -36.34 64.02 -65.79
CA ALA G 18 -36.34 64.92 -64.64
C ALA G 18 -37.54 64.57 -63.75
N LEU G 19 -37.34 63.57 -62.89
CA LEU G 19 -38.32 63.12 -61.91
C LEU G 19 -37.60 62.58 -60.69
N ILE G 20 -38.33 62.48 -59.58
CA ILE G 20 -37.78 61.91 -58.35
C ILE G 20 -38.94 61.27 -57.59
N ARG G 21 -38.63 60.15 -56.91
CA ARG G 21 -39.59 59.32 -56.18
C ARG G 21 -40.75 58.88 -57.08
N LEU G 22 -40.41 58.52 -58.32
CA LEU G 22 -41.40 58.21 -59.34
C LEU G 22 -41.99 56.83 -59.05
N LEU G 23 -43.29 56.80 -58.75
CA LEU G 23 -44.02 55.55 -58.66
C LEU G 23 -44.67 55.26 -59.99
N ASN G 24 -43.87 55.26 -61.06
CA ASN G 24 -44.38 55.10 -62.41
C ASN G 24 -44.04 53.71 -62.93
N ALA G 25 -42.78 53.32 -62.82
CA ALA G 25 -42.36 51.98 -63.23
C ALA G 25 -42.86 50.92 -62.26
N SER G 26 -43.08 51.31 -60.99
CA SER G 26 -43.46 50.36 -59.95
C SER G 26 -44.97 50.25 -59.79
N GLY G 27 -45.66 49.74 -60.80
CA GLY G 27 -47.06 49.39 -60.67
C GLY G 27 -48.01 50.05 -61.67
N PRO G 28 -47.88 51.37 -61.90
CA PRO G 28 -48.58 51.98 -63.05
C PRO G 28 -47.77 51.88 -64.33
N LEU G 29 -47.30 50.67 -64.63
CA LEU G 29 -46.40 50.40 -65.74
C LEU G 29 -46.86 49.16 -66.50
N GLN G 30 -48.12 49.18 -66.95
CA GLN G 30 -48.76 48.14 -67.77
C GLN G 30 -47.84 47.64 -68.87
N PRO G 31 -47.87 46.29 -69.14
CA PRO G 31 -46.66 45.60 -69.66
C PRO G 31 -46.17 46.05 -71.03
N GLY G 32 -44.93 45.64 -71.35
CA GLY G 32 -44.20 46.24 -72.45
C GLY G 32 -44.82 45.91 -73.80
N HIS G 33 -44.70 46.86 -74.73
CA HIS G 33 -45.39 46.78 -76.02
C HIS G 33 -44.60 45.91 -76.99
N ARG G 34 -45.02 45.91 -78.26
CA ARG G 34 -44.36 45.11 -79.28
C ARG G 34 -43.32 45.97 -80.02
N VAL G 35 -42.27 46.32 -79.27
CA VAL G 35 -41.18 47.17 -79.76
C VAL G 35 -39.86 46.52 -79.38
N ASP G 36 -38.91 46.48 -80.33
CA ASP G 36 -37.64 45.79 -80.14
C ASP G 36 -36.77 46.44 -79.07
N ILE G 37 -36.31 47.67 -79.35
CA ILE G 37 -35.39 48.56 -78.63
C ILE G 37 -34.86 48.04 -77.28
N ALA G 38 -33.72 47.36 -77.31
CA ALA G 38 -33.17 46.69 -76.13
C ALA G 38 -32.44 47.63 -75.18
N ASP G 39 -31.80 48.69 -75.70
CA ASP G 39 -30.91 49.53 -74.91
C ASP G 39 -31.65 50.56 -74.05
N ALA G 40 -32.98 50.45 -73.98
CA ALA G 40 -33.76 51.30 -73.09
C ALA G 40 -33.44 51.07 -71.63
N ARG G 41 -32.93 49.89 -71.27
CA ARG G 41 -32.50 49.64 -69.89
C ARG G 41 -31.29 50.51 -69.52
N SER G 42 -30.29 50.55 -70.41
CA SER G 42 -29.13 51.40 -70.16
C SER G 42 -29.48 52.88 -70.25
N ILE G 43 -30.41 53.23 -71.15
CA ILE G 43 -30.90 54.60 -71.24
C ILE G 43 -31.60 55.00 -69.94
N TYR G 44 -32.41 54.11 -69.39
CA TYR G 44 -33.08 54.33 -68.12
C TYR G 44 -32.08 54.45 -66.97
N THR G 45 -31.02 53.65 -67.00
CA THR G 45 -30.02 53.68 -65.95
C THR G 45 -29.28 55.02 -65.93
N VAL G 46 -28.84 55.48 -67.11
CA VAL G 46 -28.17 56.77 -67.21
C VAL G 46 -29.12 57.91 -66.85
N GLY G 47 -30.37 57.82 -67.33
CA GLY G 47 -31.35 58.85 -67.03
C GLY G 47 -31.74 58.90 -65.56
N ALA G 48 -31.76 57.75 -64.90
CA ALA G 48 -32.10 57.69 -63.49
C ALA G 48 -30.96 58.22 -62.63
N ALA G 49 -29.71 57.91 -63.02
CA ALA G 49 -28.56 58.48 -62.33
C ALA G 49 -28.51 60.00 -62.49
N ALA G 50 -28.76 60.49 -63.71
CA ALA G 50 -28.79 61.93 -63.95
C ALA G 50 -29.97 62.60 -63.23
N SER G 51 -31.11 61.92 -63.17
CA SER G 51 -32.27 62.42 -62.47
C SER G 51 -32.06 62.49 -60.97
N ALA G 52 -31.42 61.49 -60.36
CA ALA G 52 -31.06 61.54 -58.95
C ALA G 52 -30.03 62.61 -58.64
N ALA G 53 -29.03 62.78 -59.50
CA ALA G 53 -28.03 63.83 -59.29
C ALA G 53 -28.64 65.22 -59.43
N ARG G 54 -29.56 65.39 -60.39
CA ARG G 54 -30.27 66.67 -60.53
C ARG G 54 -31.28 66.86 -59.41
N ALA G 55 -31.84 65.76 -58.90
CA ALA G 55 -32.84 65.83 -57.84
C ALA G 55 -32.20 65.97 -56.47
N ARG G 56 -30.87 65.89 -56.39
CA ARG G 56 -30.20 66.43 -55.22
C ARG G 56 -30.52 67.92 -55.15
N ALA G 57 -30.04 68.70 -56.13
CA ALA G 57 -30.29 70.13 -56.31
C ALA G 57 -30.07 70.94 -55.04
N ASN G 58 -31.02 70.81 -54.11
CA ASN G 58 -30.84 71.27 -52.74
C ASN G 58 -29.99 70.28 -51.96
N HIS G 59 -29.99 70.43 -50.63
CA HIS G 59 -29.14 69.74 -49.64
C HIS G 59 -27.67 70.15 -49.76
N ASN G 60 -27.33 70.98 -50.75
CA ASN G 60 -26.01 71.58 -50.85
C ASN G 60 -25.96 72.98 -50.25
N ALA G 61 -27.12 73.55 -49.95
CA ALA G 61 -27.23 74.69 -49.07
C ALA G 61 -27.36 74.26 -47.61
N ASN G 62 -27.34 72.96 -47.36
CA ASN G 62 -27.38 72.37 -46.02
C ASN G 62 -26.11 71.63 -45.67
N THR G 63 -25.67 70.68 -46.49
CA THR G 63 -24.39 70.03 -46.24
C THR G 63 -23.24 70.92 -46.68
N ILE G 64 -22.13 70.82 -45.96
CA ILE G 64 -20.92 71.53 -46.33
C ILE G 64 -20.33 70.89 -47.60
N ARG G 65 -19.59 71.69 -48.36
CA ARG G 65 -18.99 71.26 -49.61
C ARG G 65 -17.97 70.15 -49.37
N ARG G 66 -17.80 69.31 -50.38
CA ARG G 66 -16.89 68.18 -50.32
C ARG G 66 -15.45 68.67 -50.31
N THR G 67 -14.57 67.89 -49.69
CA THR G 67 -13.20 68.30 -49.42
C THR G 67 -12.27 67.34 -50.13
N ALA G 68 -10.96 67.47 -49.85
CA ALA G 68 -9.95 66.72 -50.58
C ALA G 68 -9.94 65.23 -50.23
N MET G 69 -10.58 64.84 -49.11
CA MET G 69 -10.72 63.46 -48.64
C MET G 69 -9.38 62.79 -48.36
N PHE G 70 -8.59 62.54 -49.41
CA PHE G 70 -7.25 62.01 -49.25
C PHE G 70 -6.23 63.14 -49.18
N ALA G 71 -4.94 62.80 -49.28
CA ALA G 71 -3.89 63.81 -49.13
C ALA G 71 -3.05 63.81 -50.41
N GLU G 72 -3.45 64.61 -51.37
CA GLU G 72 -2.75 64.73 -52.64
C GLU G 72 -1.90 66.01 -52.64
N THR G 73 -1.15 66.19 -53.72
CA THR G 73 -0.30 67.37 -53.88
C THR G 73 -1.08 68.47 -54.59
N ASP G 74 -1.52 69.46 -53.81
CA ASP G 74 -2.18 70.69 -54.19
C ASP G 74 -1.13 71.66 -54.76
N PRO G 75 -1.54 72.77 -55.49
CA PRO G 75 -0.52 73.56 -56.22
C PRO G 75 0.61 74.20 -55.41
N MET G 76 0.40 74.57 -54.15
CA MET G 76 1.56 75.10 -53.41
C MET G 76 2.44 74.01 -52.85
N THR G 77 1.93 73.32 -51.81
CA THR G 77 2.58 72.32 -50.94
C THR G 77 4.04 72.63 -50.62
N TRP G 78 4.41 73.91 -50.43
CA TRP G 78 5.80 74.23 -50.08
C TRP G 78 5.91 75.02 -48.79
N LEU G 79 4.80 75.26 -48.10
CA LEU G 79 4.89 75.86 -46.77
C LEU G 79 3.91 75.24 -45.79
N ARG G 80 3.16 74.22 -46.21
CA ARG G 80 2.27 73.47 -45.33
C ARG G 80 1.93 72.10 -45.92
N PRO G 81 1.99 71.04 -45.11
CA PRO G 81 1.58 69.72 -45.60
C PRO G 81 0.06 69.62 -45.72
N THR G 82 -0.37 68.57 -46.42
CA THR G 82 -1.77 68.37 -46.75
C THR G 82 -2.29 67.07 -46.15
N VAL G 83 -3.46 67.16 -45.51
CA VAL G 83 -4.27 66.00 -45.15
C VAL G 83 -5.71 66.27 -45.61
N GLY G 84 -6.50 65.22 -45.72
CA GLY G 84 -7.89 65.36 -46.08
C GLY G 84 -8.85 64.92 -45.00
N LEU G 85 -10.07 65.46 -45.01
CA LEU G 85 -11.10 65.05 -44.09
C LEU G 85 -11.56 63.64 -44.40
N ARG G 86 -11.61 62.79 -43.37
CA ARG G 86 -12.32 61.52 -43.51
C ARG G 86 -13.79 61.76 -43.18
N ARG G 87 -14.66 61.38 -44.11
CA ARG G 87 -16.06 61.81 -44.07
C ARG G 87 -16.84 60.96 -43.07
N THR G 88 -16.63 61.28 -41.79
CA THR G 88 -17.33 60.60 -40.70
C THR G 88 -18.10 61.58 -39.82
N PHE G 89 -18.24 62.84 -40.24
CA PHE G 89 -18.97 63.84 -39.49
C PHE G 89 -20.40 63.94 -40.02
N ASN G 90 -21.16 64.87 -39.46
CA ASN G 90 -22.56 65.06 -39.83
C ASN G 90 -22.73 66.39 -40.53
N PRO G 91 -22.72 66.45 -41.85
CA PRO G 91 -22.90 67.74 -42.54
C PRO G 91 -24.36 68.14 -42.61
N ARG G 92 -24.77 69.10 -41.77
CA ARG G 92 -26.12 69.64 -41.84
C ARG G 92 -26.21 71.15 -41.69
N ILE G 93 -25.22 71.80 -41.05
CA ILE G 93 -25.03 73.25 -40.83
C ILE G 93 -26.16 73.94 -40.07
N ILE G 94 -27.38 73.39 -40.08
CA ILE G 94 -28.59 73.94 -39.47
C ILE G 94 -28.85 75.40 -39.85
N ALA H 1 54.22 -9.33 83.53
CA ALA H 1 54.68 -10.21 82.46
C ALA H 1 53.51 -10.96 81.83
N MET H 2 52.35 -10.86 82.45
CA MET H 2 51.14 -11.51 81.98
C MET H 2 49.99 -10.50 81.95
N PRO H 3 49.03 -10.68 81.04
CA PRO H 3 47.82 -9.85 81.09
C PRO H 3 47.01 -10.12 82.34
N PHE H 4 46.33 -9.08 82.83
CA PHE H 4 45.54 -9.18 84.06
C PHE H 4 44.12 -9.61 83.67
N GLU H 5 43.94 -10.92 83.58
CA GLU H 5 42.64 -11.47 83.20
C GLU H 5 41.72 -11.51 84.42
N ILE H 6 40.52 -10.97 84.26
CA ILE H 6 39.50 -10.99 85.30
C ILE H 6 38.37 -11.90 84.84
N GLU H 7 38.01 -12.88 85.66
CA GLU H 7 37.04 -13.90 85.32
C GLU H 7 35.78 -13.67 86.15
N VAL H 8 34.88 -12.83 85.62
CA VAL H 8 33.60 -12.59 86.27
C VAL H 8 32.67 -13.76 85.97
N LEU H 9 32.14 -14.38 87.01
CA LEU H 9 31.26 -15.54 86.86
C LEU H 9 29.83 -15.07 86.71
N LEU H 10 29.21 -15.38 85.57
CA LEU H 10 27.80 -15.14 85.41
C LEU H 10 27.01 -16.07 86.33
N PRO H 11 25.91 -15.60 86.94
CA PRO H 11 25.21 -16.42 87.94
C PRO H 11 24.52 -17.66 87.37
N GLY H 12 24.30 -17.72 86.06
CA GLY H 12 23.71 -18.89 85.46
C GLY H 12 22.20 -18.94 85.50
N GLU H 13 21.54 -17.98 86.15
CA GLU H 13 20.10 -17.92 86.21
C GLU H 13 19.52 -16.87 85.26
N LEU H 14 20.33 -16.36 84.33
CA LEU H 14 19.86 -15.37 83.38
C LEU H 14 18.98 -16.02 82.31
N SER H 15 18.13 -15.21 81.70
CA SER H 15 17.26 -15.70 80.65
C SER H 15 18.05 -16.00 79.38
N PRO H 16 17.56 -16.91 78.54
CA PRO H 16 18.21 -17.14 77.23
C PRO H 16 18.18 -15.92 76.32
N ALA H 17 17.21 -15.02 76.50
CA ALA H 17 17.15 -13.78 75.72
C ALA H 17 17.99 -12.66 76.31
N GLU H 18 18.71 -12.93 77.41
CA GLU H 18 19.54 -11.93 78.06
C GLU H 18 21.03 -12.24 77.96
N THR H 19 21.39 -13.52 77.84
CA THR H 19 22.79 -13.88 77.61
C THR H 19 23.25 -13.40 76.24
N SER H 20 22.36 -13.37 75.25
CA SER H 20 22.70 -12.80 73.95
C SER H 20 22.91 -11.29 74.05
N ALA H 21 22.12 -10.61 74.91
CA ALA H 21 22.30 -9.18 75.11
C ALA H 21 23.61 -8.89 75.82
N LEU H 22 24.02 -9.77 76.74
CA LEU H 22 25.34 -9.65 77.35
C LEU H 22 26.44 -9.96 76.35
N GLN H 23 26.16 -10.86 75.41
CA GLN H 23 27.12 -11.16 74.34
C GLN H 23 27.28 -10.00 73.37
N LYS H 24 26.24 -9.17 73.24
CA LYS H 24 26.34 -7.99 72.40
C LYS H 24 27.35 -6.98 72.94
N CYS H 25 27.43 -6.86 74.27
CA CYS H 25 28.38 -5.93 74.90
C CYS H 25 29.72 -6.64 75.12
N GLU H 26 30.39 -6.92 74.00
CA GLU H 26 31.63 -7.66 74.00
C GLU H 26 32.86 -6.76 73.85
N GLY H 27 32.68 -5.45 73.79
CA GLY H 27 33.80 -4.55 73.65
C GLY H 27 33.67 -3.29 74.47
N LYS H 28 32.78 -3.30 75.46
CA LYS H 28 32.55 -2.13 76.28
C LYS H 28 33.38 -2.18 77.55
N ILE H 29 33.35 -1.09 78.32
CA ILE H 29 34.26 -0.86 79.43
C ILE H 29 33.50 -1.05 80.73
N ILE H 30 34.04 -1.88 81.62
CA ILE H 30 33.53 -2.06 82.97
C ILE H 30 34.60 -1.64 83.96
N THR H 31 34.19 -0.97 85.03
CA THR H 31 35.12 -0.41 86.01
C THR H 31 35.07 -1.19 87.30
N PHE H 32 36.25 -1.54 87.82
CA PHE H 32 36.41 -2.30 89.04
C PHE H 32 36.90 -1.40 90.16
N SER H 33 36.83 -1.90 91.39
CA SER H 33 37.22 -1.15 92.57
C SER H 33 38.59 -1.55 93.11
N THR H 34 38.87 -2.84 93.24
CA THR H 34 40.12 -3.31 93.81
C THR H 34 40.72 -4.41 92.93
N LEU H 35 40.47 -4.34 91.62
CA LEU H 35 40.92 -5.29 90.60
C LEU H 35 40.52 -6.73 90.91
N ARG H 36 41.51 -7.54 91.31
CA ARG H 36 41.43 -8.95 91.69
C ARG H 36 41.11 -9.86 90.51
N HIS H 37 41.68 -11.08 90.53
CA HIS H 37 41.50 -12.00 89.41
C HIS H 37 40.07 -12.55 89.37
N ARG H 38 39.54 -12.93 90.53
CA ARG H 38 38.19 -13.46 90.63
C ARG H 38 37.27 -12.38 91.19
N ALA H 39 36.21 -12.07 90.45
CA ALA H 39 35.27 -11.03 90.86
C ALA H 39 33.86 -11.47 90.50
N SER H 40 32.89 -10.79 91.10
CA SER H 40 31.48 -11.10 90.91
C SER H 40 30.82 -10.04 90.03
N LEU H 41 29.59 -10.32 89.61
CA LEU H 41 28.85 -9.41 88.75
C LEU H 41 28.31 -8.20 89.50
N VAL H 42 28.25 -8.26 90.83
CA VAL H 42 27.71 -7.15 91.60
C VAL H 42 28.70 -5.98 91.62
N ASP H 43 30.00 -6.28 91.61
CA ASP H 43 31.02 -5.25 91.80
C ASP H 43 31.17 -4.31 90.60
N ILE H 44 30.59 -4.65 89.46
CA ILE H 44 30.70 -3.82 88.27
C ILE H 44 29.39 -3.10 87.92
N ALA H 45 28.30 -3.42 88.62
CA ALA H 45 27.00 -2.86 88.28
C ALA H 45 26.81 -1.49 88.94
N LEU H 46 25.57 -0.98 88.89
CA LEU H 46 25.24 0.30 89.48
C LEU H 46 25.13 0.27 90.99
N SER H 47 25.15 -0.93 91.60
CA SER H 47 25.05 -1.02 93.05
C SER H 47 26.32 -0.53 93.73
N SER H 48 27.47 -0.69 93.07
CA SER H 48 28.73 -0.24 93.65
C SER H 48 28.95 1.26 93.47
N TYR H 49 28.18 1.91 92.61
CA TYR H 49 28.32 3.36 92.40
C TYR H 49 27.51 4.18 93.39
N TYR H 50 26.80 3.54 94.31
CA TYR H 50 25.92 4.26 95.23
C TYR H 50 26.75 5.00 96.27
N ILE H 51 26.47 6.29 96.45
CA ILE H 51 27.17 7.12 97.40
C ILE H 51 26.41 7.27 98.71
N ASN H 52 25.11 7.55 98.64
CA ASN H 52 24.28 7.79 99.82
C ASN H 52 23.04 6.92 99.79
N GLY H 53 23.12 5.75 99.15
CA GLY H 53 21.95 4.94 98.90
C GLY H 53 21.08 5.42 97.77
N ALA H 54 21.57 6.36 96.98
CA ALA H 54 20.86 6.99 95.87
C ALA H 54 21.70 6.84 94.61
N PRO H 55 21.08 6.86 93.44
CA PRO H 55 21.84 6.85 92.17
C PRO H 55 22.74 8.07 92.07
N PRO H 56 23.94 7.91 91.51
CA PRO H 56 24.92 9.00 91.56
C PRO H 56 24.58 10.14 90.61
N ASP H 57 25.04 11.33 90.97
CA ASP H 57 24.92 12.51 90.13
C ASP H 57 26.09 12.53 89.13
N THR H 58 26.25 13.64 88.43
CA THR H 58 27.31 13.73 87.43
C THR H 58 28.68 13.89 88.08
N LEU H 59 28.79 14.73 89.13
CA LEU H 59 30.08 14.94 89.77
C LEU H 59 30.53 13.70 90.53
N SER H 60 29.58 12.97 91.13
CA SER H 60 29.91 11.74 91.84
C SER H 60 30.33 10.65 90.87
N LEU H 61 29.72 10.62 89.68
CA LEU H 61 30.11 9.62 88.69
C LEU H 61 31.45 9.96 88.07
N LEU H 62 31.75 11.26 87.90
CA LEU H 62 33.10 11.67 87.48
C LEU H 62 34.14 11.30 88.51
N GLU H 63 33.85 11.51 89.80
CA GLU H 63 34.78 11.15 90.85
C GLU H 63 34.96 9.63 90.95
N ALA H 64 33.88 8.88 90.71
CA ALA H 64 33.97 7.43 90.70
C ALA H 64 34.79 6.93 89.53
N TYR H 65 34.63 7.55 88.35
CA TYR H 65 35.44 7.15 87.20
C TYR H 65 36.89 7.53 87.37
N ARG H 66 37.18 8.62 88.09
CA ARG H 66 38.56 8.98 88.38
C ARG H 66 39.17 8.07 89.43
N MET H 67 38.40 7.61 90.41
CA MET H 67 38.93 6.82 91.50
C MET H 67 39.02 5.34 91.19
N ARG H 68 38.09 4.79 90.41
CA ARG H 68 38.02 3.36 90.15
C ARG H 68 38.81 2.99 88.91
N PHE H 69 39.22 1.73 88.86
CA PHE H 69 40.09 1.23 87.79
C PHE H 69 39.27 0.64 86.66
N ALA H 70 39.66 0.94 85.43
CA ALA H 70 38.91 0.52 84.26
C ALA H 70 39.34 -0.86 83.78
N ALA H 71 38.48 -1.48 82.97
CA ALA H 71 38.76 -2.75 82.33
C ALA H 71 37.93 -2.84 81.06
N VAL H 72 38.34 -3.74 80.16
CA VAL H 72 37.69 -3.92 78.88
C VAL H 72 37.26 -5.38 78.75
N ILE H 73 35.98 -5.60 78.45
CA ILE H 73 35.46 -6.94 78.19
C ILE H 73 36.02 -7.44 76.86
N THR H 74 36.55 -8.66 76.86
CA THR H 74 37.15 -9.22 75.66
C THR H 74 36.35 -10.41 75.12
N ARG H 75 36.13 -11.44 75.93
CA ARG H 75 35.44 -12.64 75.47
C ARG H 75 34.28 -12.95 76.41
N VAL H 76 33.11 -13.18 75.84
CA VAL H 76 31.92 -13.57 76.60
C VAL H 76 31.53 -14.97 76.14
N ILE H 77 32.07 -15.98 76.83
CA ILE H 77 31.66 -17.36 76.62
C ILE H 77 30.37 -17.57 77.41
N PRO H 78 29.53 -18.54 77.08
CA PRO H 78 28.32 -18.78 77.87
C PRO H 78 28.64 -19.27 79.27
N GLY H 79 28.31 -18.45 80.26
CA GLY H 79 28.50 -18.79 81.66
C GLY H 79 29.64 -18.06 82.34
N LYS H 80 30.55 -17.43 81.59
CA LYS H 80 31.69 -16.74 82.17
C LYS H 80 31.94 -15.43 81.42
N LEU H 81 32.45 -14.44 82.14
CA LEU H 81 32.80 -13.15 81.56
C LEU H 81 34.29 -12.91 81.75
N LEU H 82 34.97 -12.52 80.68
CA LEU H 82 36.41 -12.27 80.70
C LEU H 82 36.67 -10.79 80.49
N ALA H 83 37.63 -10.25 81.25
CA ALA H 83 37.99 -8.85 81.17
C ALA H 83 39.49 -8.69 81.32
N HIS H 84 40.03 -7.61 80.74
CA HIS H 84 41.44 -7.29 80.81
C HIS H 84 41.61 -5.88 81.34
N ALA H 85 42.62 -5.70 82.20
CA ALA H 85 42.84 -4.41 82.84
C ALA H 85 43.38 -3.38 81.85
N ILE H 86 43.12 -2.11 82.16
CA ILE H 86 43.48 -0.99 81.29
C ILE H 86 44.29 0.01 82.11
N GLY H 87 45.48 0.36 81.61
CA GLY H 87 46.28 1.40 82.21
C GLY H 87 47.09 0.98 83.43
N VAL H 88 46.99 -0.28 83.85
CA VAL H 88 47.78 -0.74 84.99
C VAL H 88 49.25 -0.82 84.62
N GLY H 89 49.56 -1.40 83.46
CA GLY H 89 50.93 -1.57 83.02
C GLY H 89 51.15 -2.94 82.41
N THR H 90 50.21 -3.84 82.66
CA THR H 90 50.28 -5.18 82.09
C THR H 90 49.98 -5.12 80.59
N PRO H 91 50.70 -5.87 79.76
CA PRO H 91 50.39 -5.88 78.33
C PRO H 91 49.13 -6.68 78.05
N THR H 92 48.43 -6.29 77.00
CA THR H 92 47.17 -6.92 76.61
C THR H 92 47.23 -7.31 75.14
N PRO H 93 47.26 -8.61 74.82
CA PRO H 93 47.35 -9.02 73.41
C PRO H 93 46.01 -8.88 72.70
N GLY H 94 45.97 -8.01 71.70
CA GLY H 94 44.80 -7.85 70.86
C GLY H 94 43.61 -7.20 71.55
N LEU H 95 43.76 -5.95 71.98
CA LEU H 95 42.64 -5.21 72.55
C LEU H 95 41.69 -4.77 71.44
N PHE H 96 40.42 -4.58 71.83
CA PHE H 96 39.44 -3.98 70.94
C PHE H 96 38.34 -3.36 71.79
N ILE H 97 37.83 -2.22 71.34
CA ILE H 97 36.75 -1.53 72.02
C ILE H 97 35.60 -1.35 71.03
N GLN H 98 34.41 -1.11 71.59
CA GLN H 98 33.22 -0.77 70.82
C GLN H 98 32.78 0.61 71.28
N ASN H 99 32.92 1.60 70.41
CA ASN H 99 32.65 2.98 70.81
C ASN H 99 31.15 3.21 70.95
N THR H 100 30.77 3.95 71.99
CA THR H 100 29.38 4.20 72.32
C THR H 100 28.96 5.65 72.13
N SER H 101 29.90 6.53 71.77
CA SER H 101 29.58 7.91 71.51
C SER H 101 28.78 8.04 70.20
N PRO H 102 27.96 9.07 70.07
CA PRO H 102 27.24 9.28 68.81
C PRO H 102 28.09 9.83 67.67
N VAL H 103 29.38 10.06 67.88
CA VAL H 103 30.26 10.61 66.85
C VAL H 103 31.18 9.53 66.34
N ASP H 104 31.72 9.76 65.14
CA ASP H 104 32.65 8.83 64.53
C ASP H 104 34.03 8.92 65.18
N LEU H 105 34.81 7.86 65.01
CA LEU H 105 36.19 7.80 65.48
C LEU H 105 37.10 7.55 64.29
N CYS H 106 38.14 8.37 64.15
CA CYS H 106 39.10 8.20 63.07
C CYS H 106 40.35 7.49 63.58
N ASN H 107 41.28 7.27 62.67
CA ASN H 107 42.55 6.63 63.02
C ASN H 107 43.43 7.62 63.79
N GLY H 108 44.10 7.11 64.83
CA GLY H 108 45.03 7.91 65.59
C GLY H 108 44.41 8.79 66.67
N ASP H 109 43.10 8.68 66.90
CA ASP H 109 42.47 9.46 67.95
C ASP H 109 42.83 8.91 69.32
N TYR H 110 42.76 9.78 70.33
CA TYR H 110 42.94 9.38 71.71
C TYR H 110 41.57 9.33 72.40
N ILE H 111 41.46 8.50 73.42
CA ILE H 111 40.18 8.13 74.00
C ILE H 111 40.10 8.67 75.42
N CYS H 112 39.02 9.41 75.70
CA CYS H 112 38.73 9.90 77.03
C CYS H 112 37.35 9.40 77.44
N LEU H 113 37.21 8.99 78.70
CA LEU H 113 35.99 8.39 79.21
C LEU H 113 35.23 9.39 80.07
N LEU H 114 33.96 9.61 79.75
CA LEU H 114 33.05 10.40 80.56
C LEU H 114 31.73 9.65 80.64
N PRO H 115 31.00 9.79 81.74
CA PRO H 115 29.72 9.07 81.90
C PRO H 115 28.67 9.58 80.92
N PRO H 116 27.68 8.76 80.56
CA PRO H 116 26.73 9.16 79.50
C PRO H 116 25.86 10.32 79.91
N VAL H 117 25.79 11.33 79.04
CA VAL H 117 25.07 12.56 79.30
C VAL H 117 23.91 12.66 78.31
N TYR H 118 23.59 11.54 77.66
CA TYR H 118 22.51 11.49 76.69
C TYR H 118 21.32 10.69 77.20
N GLY H 119 21.13 10.65 78.51
CA GLY H 119 20.00 9.98 79.11
C GLY H 119 20.20 8.51 79.43
N SER H 120 21.45 8.04 79.53
CA SER H 120 21.80 6.65 79.83
C SER H 120 21.19 5.69 78.82
N ALA H 121 21.67 5.81 77.57
CA ALA H 121 21.03 5.14 76.44
C ALA H 121 21.20 3.62 76.50
N ASP H 122 22.43 3.14 76.74
CA ASP H 122 22.70 1.71 76.73
C ASP H 122 21.98 0.97 77.85
N SER H 123 22.41 1.21 79.10
CA SER H 123 21.73 0.84 80.35
C SER H 123 21.24 -0.61 80.36
N ILE H 124 22.20 -1.54 80.31
CA ILE H 124 21.86 -2.96 80.24
C ILE H 124 21.24 -3.39 81.57
N ARG H 125 19.95 -3.69 81.54
CA ARG H 125 19.18 -4.00 82.74
C ARG H 125 19.21 -5.51 82.99
N LEU H 126 19.78 -5.89 84.14
CA LEU H 126 19.83 -7.29 84.55
C LEU H 126 18.67 -7.53 85.52
N ASP H 127 17.48 -7.69 84.94
CA ASP H 127 16.27 -7.84 85.74
C ASP H 127 16.14 -9.21 86.38
N SER H 128 16.86 -10.20 85.86
CA SER H 128 16.81 -11.55 86.43
C SER H 128 17.46 -11.58 87.81
N VAL H 129 18.60 -10.89 87.97
CA VAL H 129 19.27 -10.82 89.26
C VAL H 129 18.80 -9.61 90.06
N GLY H 130 18.65 -8.46 89.41
CA GLY H 130 18.27 -7.24 90.09
C GLY H 130 19.36 -6.19 90.04
N LEU H 131 20.15 -6.21 88.98
CA LEU H 131 21.25 -5.27 88.80
C LEU H 131 21.04 -4.47 87.53
N GLU H 132 21.83 -3.40 87.39
CA GLU H 132 21.86 -2.59 86.19
C GLU H 132 23.30 -2.18 85.91
N ILE H 133 23.72 -2.32 84.67
CA ILE H 133 25.09 -2.01 84.26
C ILE H 133 25.03 -0.87 83.25
N VAL H 134 25.73 0.23 83.55
CA VAL H 134 25.84 1.36 82.65
C VAL H 134 27.28 1.41 82.14
N PHE H 135 27.45 1.83 80.89
CA PHE H 135 28.76 1.81 80.28
C PHE H 135 29.24 3.22 79.97
N PRO H 136 30.54 3.50 80.17
CA PRO H 136 31.05 4.86 79.90
C PRO H 136 31.02 5.20 78.42
N LEU H 137 30.93 6.50 78.14
CA LEU H 137 30.89 7.00 76.78
C LEU H 137 32.31 7.17 76.26
N THR H 138 32.60 6.55 75.12
CA THR H 138 33.94 6.55 74.54
C THR H 138 34.05 7.72 73.57
N ILE H 139 34.46 8.87 74.08
CA ILE H 139 34.52 10.10 73.30
C ILE H 139 35.96 10.26 72.82
N PRO H 140 36.20 10.87 71.65
CA PRO H 140 37.58 11.16 71.26
C PRO H 140 38.16 12.34 72.01
N GLN H 141 39.49 12.42 71.98
CA GLN H 141 40.19 13.59 72.49
C GLN H 141 39.95 14.78 71.55
N THR H 142 40.13 15.99 72.09
CA THR H 142 39.82 17.29 71.51
C THR H 142 38.33 17.47 71.24
N LEU H 143 37.48 16.64 71.85
CA LEU H 143 36.04 16.82 71.84
C LEU H 143 35.44 16.85 73.23
N MET H 144 36.21 16.48 74.26
CA MET H 144 35.68 16.37 75.61
C MET H 144 35.38 17.74 76.20
N ARG H 145 36.27 18.72 75.97
CA ARG H 145 36.07 20.06 76.49
C ARG H 145 34.84 20.72 75.87
N GLU H 146 34.68 20.58 74.55
CA GLU H 146 33.53 21.17 73.88
C GLU H 146 32.23 20.52 74.32
N ILE H 147 32.22 19.18 74.45
CA ILE H 147 30.98 18.50 74.81
C ILE H 147 30.61 18.78 76.27
N ILE H 148 31.61 18.92 77.16
CA ILE H 148 31.28 19.16 78.55
C ILE H 148 30.90 20.63 78.76
N ALA H 149 31.48 21.54 77.96
CA ALA H 149 31.08 22.94 78.03
C ALA H 149 29.67 23.13 77.50
N LYS H 150 29.31 22.42 76.42
CA LYS H 150 27.97 22.53 75.88
C LYS H 150 26.94 21.86 76.79
N VAL H 151 27.33 20.78 77.48
CA VAL H 151 26.43 20.14 78.44
C VAL H 151 26.17 21.07 79.63
N VAL H 152 27.22 21.71 80.16
CA VAL H 152 27.05 22.65 81.27
C VAL H 152 26.24 23.87 80.81
N ALA H 153 26.48 24.32 79.57
CA ALA H 153 25.73 25.46 79.02
C ALA H 153 24.25 25.15 78.86
N ARG H 154 23.93 23.95 78.36
CA ARG H 154 22.53 23.56 78.21
C ARG H 154 21.85 23.36 79.57
N ALA H 155 22.60 22.84 80.55
CA ALA H 155 22.05 22.66 81.89
C ALA H 155 21.79 24.01 82.56
N VAL H 156 22.65 25.00 82.32
CA VAL H 156 22.43 26.33 82.86
C VAL H 156 21.26 27.02 82.15
N GLU H 157 21.18 26.89 80.82
CA GLU H 157 20.14 27.57 80.06
C GLU H 157 18.76 26.97 80.30
N ASP H 158 18.71 25.65 80.54
CA ASP H 158 17.41 24.99 80.71
C ASP H 158 16.75 25.35 82.04
N LEU H 159 17.53 25.80 83.02
CA LEU H 159 16.98 26.19 84.32
C LEU H 159 16.42 27.61 84.28
N ASN H 160 17.68 15.48 83.93
CA ASN H 160 18.54 16.57 84.37
C ASN H 160 18.94 16.39 85.82
N LEU H 161 19.81 15.43 86.08
CA LEU H 161 20.32 15.16 87.42
C LEU H 161 21.66 15.82 87.69
N MET H 162 22.09 16.72 86.81
CA MET H 162 23.38 17.39 86.89
C MET H 162 23.33 18.74 87.61
N PHE H 163 22.35 18.91 88.51
CA PHE H 163 22.16 20.17 89.24
C PHE H 163 23.35 20.48 90.15
N SER H 164 24.05 19.46 90.65
CA SER H 164 25.16 19.70 91.57
C SER H 164 26.37 20.28 90.84
N ILE H 165 26.58 19.87 89.57
CA ILE H 165 27.65 20.45 88.76
C ILE H 165 27.40 21.93 88.53
N ASN H 166 26.15 22.29 88.19
CA ASN H 166 25.78 23.68 87.99
C ASN H 166 25.91 24.48 89.29
N GLU H 167 25.48 23.90 90.41
CA GLU H 167 25.57 24.58 91.70
C GLU H 167 27.03 24.82 92.10
N GLY H 168 27.89 23.83 91.87
CA GLY H 168 29.31 24.01 92.15
C GLY H 168 29.95 25.06 91.27
N CYS H 169 29.62 25.06 89.97
CA CYS H 169 30.16 26.06 89.06
C CYS H 169 29.72 27.47 89.44
N LEU H 170 28.44 27.63 89.80
CA LEU H 170 27.93 28.94 90.23
C LEU H 170 28.60 29.39 91.53
N LEU H 171 28.71 28.49 92.51
CA LEU H 171 29.26 28.87 93.81
C LEU H 171 30.75 29.20 93.71
N ILE H 172 31.48 28.51 92.84
CA ILE H 172 32.91 28.78 92.73
C ILE H 172 33.16 30.04 91.89
N LEU H 173 32.36 30.27 90.85
CA LEU H 173 32.70 31.34 89.91
C LEU H 173 32.02 32.67 90.23
N ALA H 174 30.88 32.69 90.92
CA ALA H 174 30.13 33.93 91.11
C ALA H 174 30.16 34.44 92.55
N LEU H 175 29.83 33.60 93.53
CA LEU H 175 29.60 34.09 94.89
C LEU H 175 30.90 34.50 95.57
N ILE H 176 31.94 33.68 95.45
CA ILE H 176 33.22 33.98 96.09
C ILE H 176 33.97 35.09 95.34
N PRO H 177 34.16 35.07 93.98
CA PRO H 177 34.86 36.21 93.36
C PRO H 177 33.89 37.31 92.97
N ARG H 178 34.19 38.54 93.37
CA ARG H 178 33.25 39.65 93.31
C ARG H 178 33.48 40.58 92.12
N LEU H 179 33.95 40.04 90.99
CA LEU H 179 34.22 40.75 89.73
C LEU H 179 35.24 41.89 89.87
N LEU H 180 36.01 41.92 90.96
CA LEU H 180 36.99 42.97 91.22
C LEU H 180 38.27 42.36 91.76
N ALA H 181 38.64 41.20 91.23
CA ALA H 181 39.73 40.36 91.71
C ALA H 181 39.60 40.08 93.21
N LEU H 182 38.52 39.36 93.53
CA LEU H 182 38.09 38.95 94.88
C LEU H 182 37.72 40.12 95.78
N LEU H 183 37.57 41.34 95.22
CA LEU H 183 37.23 42.57 95.94
C LEU H 183 38.20 42.87 97.09
N ILE H 184 39.47 42.49 96.90
CA ILE H 184 40.48 42.62 97.94
C ILE H 184 41.86 42.67 97.30
N PRO H 185 42.17 41.73 96.40
CA PRO H 185 43.49 41.75 95.75
C PRO H 185 43.70 42.92 94.81
N ARG H 186 42.63 43.56 94.34
CA ARG H 186 42.79 44.78 93.56
C ARG H 186 43.31 45.92 94.42
N LEU H 187 42.79 46.06 95.64
CA LEU H 187 43.27 47.09 96.55
C LEU H 187 44.61 46.69 97.18
N LEU H 188 44.83 45.39 97.38
CA LEU H 188 46.04 44.94 98.05
C LEU H 188 47.27 45.07 97.16
N ALA H 189 47.12 44.81 95.86
CA ALA H 189 48.25 44.87 94.95
C ALA H 189 48.58 46.29 94.50
N LEU H 190 47.70 47.26 94.76
CA LEU H 190 47.96 48.64 94.38
C LEU H 190 48.71 49.37 95.48
N VAL H 191 44.87 40.03 78.04
CA VAL H 191 43.96 41.15 78.28
C VAL H 191 44.27 41.81 79.62
N THR H 192 45.47 42.39 79.72
CA THR H 192 45.92 43.04 80.95
C THR H 192 45.30 44.43 81.01
N ARG H 193 44.06 44.49 81.52
CA ARG H 193 43.36 45.75 81.71
C ARG H 193 42.64 45.73 83.04
N GLU H 194 42.52 46.91 83.65
CA GLU H 194 41.86 47.05 84.93
C GLU H 194 40.53 47.79 84.86
N ALA H 195 40.30 48.56 83.80
CA ALA H 195 39.07 49.32 83.64
C ALA H 195 38.01 48.46 82.95
N ALA H 196 36.93 49.11 82.50
CA ALA H 196 35.84 48.54 81.71
C ALA H 196 35.09 47.42 82.43
N GLN H 197 35.76 46.29 82.67
CA GLN H 197 35.13 45.18 83.38
C GLN H 197 34.85 45.55 84.84
N LEU H 198 35.76 46.31 85.47
CA LEU H 198 35.54 46.73 86.84
C LEU H 198 34.49 47.83 86.94
N ILE H 199 34.26 48.57 85.85
CA ILE H 199 33.24 49.61 85.84
C ILE H 199 31.85 48.98 85.88
N HIS H 200 31.63 47.95 85.05
CA HIS H 200 30.38 47.20 85.03
C HIS H 200 30.21 46.38 86.30
N PRO H 201 31.32 46.00 86.95
CA PRO H 201 31.22 45.21 88.18
C PRO H 201 30.51 45.91 89.33
N GLU H 202 30.64 47.25 89.42
CA GLU H 202 29.97 47.98 90.48
C GLU H 202 28.46 48.01 90.28
N ALA H 203 28.02 48.13 89.02
CA ALA H 203 26.59 48.06 88.71
C ALA H 203 26.01 46.68 88.98
N PRO H 204 26.61 45.58 88.52
CA PRO H 204 26.03 44.24 88.78
C PRO H 204 26.41 43.74 90.16
N MET H 205 25.42 43.72 91.06
CA MET H 205 25.63 43.19 92.41
C MET H 205 24.27 42.72 92.93
N LEU H 206 24.03 41.42 92.89
CA LEU H 206 22.77 40.85 93.36
C LEU H 206 22.69 40.75 94.87
N MET H 207 23.81 40.85 95.57
CA MET H 207 23.83 40.75 97.03
C MET H 207 24.99 41.53 97.62
N LEU H 208 40.58 39.37 107.61
CA LEU H 208 40.34 38.07 108.22
C LEU H 208 39.36 37.14 107.46
N PRO H 209 38.25 37.63 106.88
CA PRO H 209 37.50 36.76 105.96
C PRO H 209 38.18 36.55 104.63
N ILE H 210 39.15 37.40 104.27
CA ILE H 210 39.82 37.29 102.98
C ILE H 210 40.69 36.04 102.92
N TYR H 211 41.34 35.70 104.03
CA TYR H 211 42.12 34.46 104.13
C TYR H 211 41.25 33.23 103.89
N GLU H 212 40.10 33.17 104.57
CA GLU H 212 39.20 32.03 104.45
C GLU H 212 38.60 31.95 103.06
N THR H 213 38.24 33.10 102.46
CA THR H 213 37.61 33.05 101.15
C THR H 213 38.63 32.75 100.05
N ILE H 214 39.89 33.14 100.23
CA ILE H 214 40.93 32.79 99.27
C ILE H 214 41.24 31.30 99.33
N SER H 215 41.35 30.76 100.55
CA SER H 215 41.58 29.32 100.71
C SER H 215 40.42 28.50 100.16
N SER H 216 39.18 28.94 100.43
CA SER H 216 38.00 28.23 99.93
C SER H 216 37.93 28.28 98.41
N TRP H 217 38.23 29.44 97.80
CA TRP H 217 38.19 29.53 96.34
C TRP H 217 39.26 28.68 95.70
N ILE H 218 40.49 28.68 96.23
CA ILE H 218 41.57 27.89 95.65
C ILE H 218 41.25 26.41 95.77
N SER H 219 40.79 25.96 96.95
CA SER H 219 40.49 24.55 97.15
C SER H 219 39.34 24.07 96.27
N THR H 220 38.24 24.84 96.22
CA THR H 220 37.07 24.41 95.46
C THR H 220 37.33 24.48 93.95
N SER H 221 37.99 25.54 93.48
CA SER H 221 38.28 25.67 92.05
C SER H 221 39.28 24.61 91.60
N SER H 222 40.30 24.31 92.41
CA SER H 222 41.27 23.30 92.02
C SER H 222 40.66 21.91 92.06
N ARG H 223 39.75 21.65 93.01
CA ARG H 223 39.09 20.35 93.04
C ARG H 223 38.14 20.18 91.86
N LEU H 224 37.44 21.25 91.46
CA LEU H 224 36.56 21.17 90.29
C LEU H 224 37.38 20.99 89.01
N GLY H 225 38.54 21.65 88.92
CA GLY H 225 39.41 21.44 87.78
C GLY H 225 40.02 20.04 87.76
N ASP H 226 40.28 19.47 88.93
CA ASP H 226 40.88 18.14 89.00
C ASP H 226 39.86 17.06 88.65
N THR H 227 38.60 17.22 89.08
CA THR H 227 37.62 16.16 88.80
C THR H 227 37.18 16.18 87.34
N LEU H 228 37.16 17.34 86.69
CA LEU H 228 36.91 17.41 85.25
C LEU H 228 38.22 17.45 84.46
N GLY H 229 39.11 16.50 84.75
CA GLY H 229 40.43 16.51 84.17
C GLY H 229 40.99 15.14 83.85
N THR H 230 40.11 14.20 83.50
CA THR H 230 40.57 12.85 83.16
C THR H 230 41.36 12.86 81.86
N ARG H 231 42.46 12.12 81.84
CA ARG H 231 43.39 12.13 80.73
C ARG H 231 43.03 11.04 79.74
N ALA H 232 43.82 10.95 78.66
CA ALA H 232 43.61 9.91 77.66
C ALA H 232 44.04 8.56 78.21
N ILE H 233 43.21 7.55 77.96
CA ILE H 233 43.49 6.21 78.46
C ILE H 233 43.66 5.18 77.36
N LEU H 234 43.25 5.47 76.12
CA LEU H 234 43.39 4.56 75.00
C LEU H 234 43.65 5.36 73.73
N ARG H 235 44.20 4.69 72.72
CA ARG H 235 44.42 5.28 71.42
C ARG H 235 44.00 4.27 70.36
N VAL H 236 43.06 4.66 69.50
CA VAL H 236 42.62 3.78 68.43
C VAL H 236 43.68 3.74 67.33
N CYS H 237 44.13 2.52 66.99
CA CYS H 237 45.17 2.31 65.99
C CYS H 237 44.71 1.19 65.07
N VAL H 238 44.15 1.56 63.93
CA VAL H 238 43.65 0.59 62.96
C VAL H 238 44.76 0.30 61.95
N PHE H 239 45.08 -0.99 61.79
CA PHE H 239 46.10 -1.43 60.86
C PHE H 239 45.44 -2.38 59.88
N ASP H 240 45.40 -1.99 58.61
CA ASP H 240 44.74 -2.73 57.52
C ASP H 240 43.26 -2.97 57.83
N GLY H 241 42.52 -1.87 57.95
CA GLY H 241 41.11 -1.91 58.24
C GLY H 241 40.43 -0.61 57.86
N PRO H 242 39.19 -0.43 58.30
CA PRO H 242 38.48 0.82 58.02
C PRO H 242 39.10 1.99 58.79
N SER H 243 39.23 3.13 58.10
CA SER H 243 39.82 4.31 58.73
C SER H 243 38.87 4.93 59.74
N THR H 244 37.60 5.03 59.40
CA THR H 244 36.60 5.60 60.30
C THR H 244 35.89 4.49 61.09
N VAL H 245 35.51 4.82 62.32
CA VAL H 245 34.85 3.89 63.22
C VAL H 245 33.47 4.47 63.52
N HIS H 246 32.44 3.83 62.97
CA HIS H 246 31.08 4.27 63.19
C HIS H 246 30.63 3.89 64.61
N PRO H 247 29.59 4.55 65.15
CA PRO H 247 29.04 4.12 66.44
C PRO H 247 28.48 2.71 66.38
N GLY H 248 28.73 1.95 67.45
CA GLY H 248 28.33 0.56 67.51
C GLY H 248 29.28 -0.40 66.82
N ASP H 249 30.37 0.07 66.24
CA ASP H 249 31.31 -0.77 65.53
C ASP H 249 32.56 -1.02 66.39
N ARG H 250 33.26 -2.11 66.07
CA ARG H 250 34.44 -2.51 66.81
C ARG H 250 35.71 -2.01 66.14
N THR H 251 36.69 -1.66 66.96
CA THR H 251 37.97 -1.16 66.46
C THR H 251 39.07 -1.56 67.43
N ALA H 252 40.30 -1.60 66.91
CA ALA H 252 41.45 -1.98 67.71
C ALA H 252 42.08 -0.77 68.38
N VAL H 253 42.59 -0.98 69.60
CA VAL H 253 43.22 0.08 70.38
C VAL H 253 44.55 -0.41 70.94
N ILE H 254 45.40 0.55 71.29
CA ILE H 254 46.65 0.29 72.00
C ILE H 254 46.68 1.19 73.23
N GLN H 255 47.26 0.68 74.32
CA GLN H 255 47.31 1.43 75.57
C GLN H 255 48.29 2.59 75.47
N VAL H 256 47.96 3.68 76.16
CA VAL H 256 48.82 4.86 76.18
C VAL H 256 49.02 5.33 77.62
N ALA I 1 62.38 0.16 76.23
CA ALA I 1 61.62 -0.90 76.90
C ALA I 1 62.30 -1.35 78.18
N MET I 2 63.26 -0.53 78.64
CA MET I 2 63.99 -0.78 79.87
C MET I 2 63.80 0.41 80.81
N PRO I 3 63.60 0.17 82.10
CA PRO I 3 63.45 1.29 83.05
C PRO I 3 64.73 2.10 83.16
N PHE I 4 64.56 3.42 83.34
CA PHE I 4 65.67 4.35 83.40
C PHE I 4 66.35 4.22 84.77
N GLU I 5 67.34 3.34 84.81
CA GLU I 5 68.11 3.15 86.04
C GLU I 5 68.98 4.37 86.31
N ILE I 6 68.90 4.89 87.52
CA ILE I 6 69.75 5.98 87.98
C ILE I 6 70.52 5.47 89.18
N GLU I 7 71.83 5.31 89.02
CA GLU I 7 72.69 4.82 90.09
C GLU I 7 73.60 5.96 90.56
N VAL I 8 73.56 6.25 91.86
CA VAL I 8 74.45 7.20 92.48
C VAL I 8 75.55 6.42 93.17
N LEU I 9 76.68 7.08 93.40
CA LEU I 9 77.86 6.42 93.97
C LEU I 9 78.07 6.90 95.40
N LEU I 10 77.84 6.02 96.35
CA LEU I 10 78.14 6.34 97.75
C LEU I 10 79.65 6.35 97.96
N PRO I 11 80.19 7.36 98.64
CA PRO I 11 81.63 7.36 98.94
C PRO I 11 81.97 6.27 99.95
N GLY I 12 83.22 5.83 99.91
CA GLY I 12 83.69 4.74 100.73
C GLY I 12 84.02 5.07 102.17
N GLU I 13 83.85 6.33 102.57
CA GLU I 13 84.14 6.76 103.93
C GLU I 13 82.89 6.87 104.79
N ILE I 14 81.78 6.27 104.36
CA ILE I 14 80.53 6.31 105.11
C ILE I 14 80.56 5.24 106.20
N SER I 15 80.16 5.63 107.41
CA SER I 15 80.07 4.71 108.52
C SER I 15 78.98 3.66 108.25
N PRO I 16 79.16 2.44 108.77
CA PRO I 16 78.15 1.38 108.52
C PRO I 16 76.78 1.67 109.13
N ALA I 17 76.72 2.45 110.20
CA ALA I 17 75.42 2.84 110.76
C ALA I 17 74.65 3.72 109.79
N GLU I 18 75.33 4.66 109.13
CA GLU I 18 74.66 5.50 108.14
C GLU I 18 74.24 4.70 106.91
N THR I 19 75.04 3.70 106.53
CA THR I 19 74.67 2.83 105.41
C THR I 19 73.45 1.97 105.75
N SER I 20 73.39 1.46 106.99
CA SER I 20 72.22 0.68 107.40
C SER I 20 70.99 1.56 107.54
N ALA I 21 71.17 2.82 107.95
CA ALA I 21 70.05 3.75 108.00
C ALA I 21 69.57 4.13 106.60
N LEU I 22 70.49 4.21 105.64
CA LEU I 22 70.12 4.47 104.26
C LEU I 22 69.35 3.29 103.67
N GLN I 23 69.79 2.06 103.97
CA GLN I 23 69.08 0.90 103.46
C GLN I 23 67.77 0.67 104.22
N LYS I 24 67.65 1.22 105.43
CA LYS I 24 66.38 1.18 106.13
C LYS I 24 65.40 2.21 105.57
N CYS I 25 65.91 3.30 105.01
CA CYS I 25 65.10 4.34 104.39
C CYS I 25 64.86 4.09 102.91
N GLU I 26 65.11 2.88 102.44
CA GLU I 26 64.94 2.54 101.04
C GLU I 26 63.46 2.43 100.70
N GLY I 27 63.10 2.92 99.51
CA GLY I 27 61.72 2.94 99.06
C GLY I 27 61.10 4.32 99.01
N LYS I 28 61.82 5.36 99.43
CA LYS I 28 61.30 6.71 99.40
C LYS I 28 61.58 7.35 98.05
N ILE I 29 61.38 8.66 97.96
CA ILE I 29 61.48 9.41 96.72
C ILE I 29 62.58 10.45 96.85
N ILE I 30 63.46 10.51 95.84
CA ILE I 30 64.47 11.56 95.75
C ILE I 30 64.31 12.25 94.41
N THR I 31 64.67 13.53 94.37
CA THR I 31 64.49 14.36 93.18
C THR I 31 65.83 14.67 92.54
N PHE I 32 65.92 14.44 91.23
CA PHE I 32 67.12 14.73 90.46
C PHE I 32 66.87 15.91 89.52
N SER I 33 67.96 16.63 89.22
CA SER I 33 67.99 17.63 88.18
C SER I 33 69.07 17.23 87.19
N THR I 34 68.77 17.39 85.89
CA THR I 34 69.64 17.00 84.77
C THR I 34 70.00 15.51 84.86
N LEU I 35 68.97 14.69 84.59
CA LEU I 35 69.05 13.23 84.65
C LEU I 35 70.20 12.65 83.84
N ARG I 36 71.13 12.01 84.54
CA ARG I 36 72.22 11.26 83.94
C ARG I 36 72.24 9.88 84.57
N HIS I 37 72.94 8.96 83.91
CA HIS I 37 72.96 7.57 84.36
C HIS I 37 73.77 7.39 85.64
N ARG I 38 74.77 8.24 85.89
CA ARG I 38 75.61 8.14 87.08
C ARG I 38 75.70 9.52 87.73
N ALA I 39 74.85 9.74 88.74
CA ALA I 39 74.87 10.97 89.50
C ALA I 39 75.75 10.80 90.74
N SER I 40 75.69 11.77 91.66
CA SER I 40 76.47 11.73 92.88
C SER I 40 75.56 11.94 94.08
N LEU I 41 76.15 11.76 95.27
CA LEU I 41 75.37 11.89 96.51
C LEU I 41 75.03 13.35 96.81
N VAL I 42 75.85 14.29 96.35
CA VAL I 42 75.59 15.70 96.62
C VAL I 42 74.47 16.24 95.73
N ASP I 43 74.08 15.50 94.70
CA ASP I 43 73.02 15.97 93.81
C ASP I 43 71.64 15.78 94.46
N ILE I 44 71.50 14.77 95.31
CA ILE I 44 70.20 14.46 95.91
C ILE I 44 70.02 15.05 97.30
N ALA I 45 71.08 15.58 97.91
CA ALA I 45 70.99 16.06 99.28
C ALA I 45 70.37 17.45 99.34
N LEU I 46 70.40 18.05 100.53
CA LEU I 46 69.84 19.38 100.70
C LEU I 46 70.71 20.46 100.08
N SER I 47 71.99 20.15 99.82
CA SER I 47 72.91 21.14 99.24
C SER I 47 72.49 21.54 97.83
N SER I 48 71.84 20.65 97.10
CA SER I 48 71.32 21.00 95.78
C SER I 48 70.01 21.75 95.83
N TYR I 49 69.28 21.67 96.95
CA TYR I 49 68.04 22.42 97.09
C TYR I 49 68.27 23.90 97.40
N TYR I 50 69.50 24.27 97.76
CA TYR I 50 69.80 25.60 98.28
C TYR I 50 69.55 26.70 97.26
N ILE I 51 68.68 27.64 97.63
CA ILE I 51 68.65 28.96 97.03
C ILE I 51 69.77 29.77 97.68
N ASN I 52 70.02 30.97 97.15
CA ASN I 52 71.18 31.80 97.49
C ASN I 52 71.34 32.07 98.99
N GLY I 53 72.38 31.48 99.58
CA GLY I 53 72.67 31.64 100.99
C GLY I 53 71.92 30.72 101.91
N ALA I 54 70.63 31.00 102.13
CA ALA I 54 69.82 30.37 103.17
C ALA I 54 69.29 29.02 102.71
N PRO I 55 68.99 28.13 103.67
CA PRO I 55 68.20 26.94 103.34
C PRO I 55 66.82 27.33 102.86
N PRO I 56 66.21 26.53 101.98
CA PRO I 56 65.01 26.99 101.28
C PRO I 56 63.78 27.04 102.17
N ASP I 57 62.84 27.91 101.79
CA ASP I 57 61.55 27.99 102.44
C ASP I 57 60.60 26.95 101.83
N THR I 58 59.32 27.03 102.22
CA THR I 58 58.36 26.06 101.72
C THR I 58 57.95 26.36 100.28
N LEU I 59 57.87 27.65 99.92
CA LEU I 59 57.52 28.00 98.54
C LEU I 59 58.67 27.69 97.59
N SER I 60 59.91 27.88 98.05
CA SER I 60 61.07 27.52 97.24
C SER I 60 61.14 26.02 97.02
N LEU I 61 60.82 25.23 98.04
CA LEU I 61 60.81 23.78 97.87
C LEU I 61 59.65 23.33 96.99
N LEU I 62 58.52 24.04 97.06
CA LEU I 62 57.39 23.73 96.18
C LEU I 62 57.73 24.05 94.73
N GLU I 63 58.50 25.12 94.50
CA GLU I 63 58.96 25.41 93.14
C GLU I 63 60.00 24.40 92.67
N ALA I 64 60.86 23.96 93.59
CA ALA I 64 61.91 22.99 93.22
C ALA I 64 61.32 21.62 92.92
N TYR I 65 60.23 21.26 93.58
CA TYR I 65 59.60 19.96 93.33
C TYR I 65 58.90 19.90 91.98
N ARG I 66 58.62 21.05 91.37
CA ARG I 66 58.16 21.07 89.98
C ARG I 66 59.29 21.32 88.99
N MET I 67 60.36 21.99 89.41
CA MET I 67 61.50 22.24 88.53
C MET I 67 62.26 20.96 88.21
N ARG I 68 62.40 20.06 89.17
CA ARG I 68 63.24 18.88 89.06
C ARG I 68 62.42 17.64 88.77
N PHE I 69 63.11 16.59 88.34
CA PHE I 69 62.49 15.30 88.04
C PHE I 69 62.54 14.43 89.30
N ALA I 70 61.46 13.71 89.56
CA ALA I 70 61.43 12.80 90.70
C ALA I 70 62.01 11.44 90.34
N ALA I 71 62.36 10.68 91.37
CA ALA I 71 62.88 9.33 91.21
C ALA I 71 62.58 8.54 92.48
N VAL I 72 62.46 7.23 92.34
CA VAL I 72 62.07 6.35 93.44
C VAL I 72 63.21 5.38 93.70
N ILE I 73 63.70 5.34 94.94
CA ILE I 73 64.74 4.39 95.32
C ILE I 73 64.13 2.99 95.42
N THR I 74 64.78 2.02 94.79
CA THR I 74 64.29 0.65 94.80
C THR I 74 65.27 -0.37 95.35
N ARG I 75 66.57 -0.08 95.41
CA ARG I 75 67.53 -1.04 95.91
C ARG I 75 68.72 -0.31 96.49
N VAL I 76 69.22 -0.79 97.64
CA VAL I 76 70.42 -0.26 98.27
C VAL I 76 71.39 -1.44 98.41
N ILE I 77 72.29 -1.57 97.44
CA ILE I 77 73.40 -2.52 97.51
C ILE I 77 74.53 -1.78 98.23
N PRO I 78 75.54 -2.47 98.79
CA PRO I 78 76.68 -1.74 99.39
C PRO I 78 77.48 -0.93 98.40
N GLY I 79 77.39 0.41 98.51
CA GLY I 79 78.14 1.31 97.69
C GLY I 79 77.33 2.09 96.67
N LYS I 80 76.15 1.61 96.30
CA LYS I 80 75.34 2.26 95.28
C LYS I 80 73.87 2.25 95.68
N LEU I 81 73.15 3.27 95.21
CA LEU I 81 71.70 3.33 95.34
C LEU I 81 71.09 3.27 93.95
N LEU I 82 70.15 2.35 93.75
CA LEU I 82 69.48 2.18 92.46
C LEU I 82 68.14 2.91 92.51
N ALA I 83 67.90 3.76 91.52
CA ALA I 83 66.68 4.55 91.47
C ALA I 83 66.07 4.49 90.08
N HIS I 84 64.75 4.53 90.02
CA HIS I 84 63.99 4.52 88.78
C HIS I 84 63.32 5.88 88.60
N ALA I 85 63.53 6.50 87.44
CA ALA I 85 62.87 7.75 87.13
C ALA I 85 61.39 7.51 86.84
N ILE I 86 60.54 8.42 87.32
CA ILE I 86 59.11 8.27 87.19
C ILE I 86 58.47 9.37 86.35
N GLY I 87 59.09 10.55 86.26
CA GLY I 87 58.53 11.62 85.45
C GLY I 87 58.59 11.33 83.96
N VAL I 88 59.69 10.72 83.51
CA VAL I 88 59.88 10.41 82.09
C VAL I 88 59.01 9.22 81.70
N GLY I 89 58.91 8.98 80.39
CA GLY I 89 58.03 7.96 79.86
C GLY I 89 58.55 6.54 79.86
N THR I 90 59.72 6.29 80.46
CA THR I 90 60.25 4.93 80.51
C THR I 90 59.42 4.10 81.49
N PRO I 91 58.95 2.93 81.08
CA PRO I 91 58.07 2.13 81.97
C PRO I 91 58.85 1.47 83.10
N THR I 92 58.16 1.27 84.21
CA THR I 92 58.68 0.55 85.36
C THR I 92 57.73 -0.60 85.66
N PRO I 93 58.18 -1.86 85.60
CA PRO I 93 57.27 -3.00 85.78
C PRO I 93 56.70 -3.11 87.19
N GLY I 94 57.56 -3.14 88.19
CA GLY I 94 57.12 -3.16 89.57
C GLY I 94 57.68 -2.00 90.38
N LEU I 95 56.80 -1.08 90.77
CA LEU I 95 57.19 0.07 91.57
C LEU I 95 56.54 -0.03 92.95
N PHE I 96 57.23 0.53 93.94
CA PHE I 96 56.72 0.52 95.30
C PHE I 96 57.31 1.68 96.08
N ILE I 97 56.46 2.36 96.83
CA ILE I 97 56.86 3.45 97.73
C ILE I 97 56.43 3.07 99.13
N GLN I 98 56.91 3.85 100.10
CA GLN I 98 56.46 3.75 101.48
C GLN I 98 55.84 5.07 101.91
N ASN I 99 54.87 5.01 102.81
CA ASN I 99 54.06 6.17 103.17
C ASN I 99 54.88 7.10 104.06
N THR I 100 55.45 8.14 103.45
CA THR I 100 56.16 9.18 104.21
C THR I 100 55.21 10.36 104.43
N SER I 101 54.14 10.07 105.19
CA SER I 101 53.12 11.05 105.54
C SER I 101 52.29 10.51 106.70
N PRO I 102 51.64 11.37 107.49
CA PRO I 102 50.75 10.86 108.55
C PRO I 102 49.33 10.62 108.07
N VAL I 103 49.12 10.56 106.76
CA VAL I 103 47.81 10.45 106.15
C VAL I 103 47.71 9.10 105.45
N ASP I 104 46.66 8.35 105.73
CA ASP I 104 46.42 7.07 105.08
C ASP I 104 46.09 7.26 103.61
N LEU I 105 46.57 6.34 102.78
CA LEU I 105 46.33 6.37 101.33
C LEU I 105 45.23 5.37 100.98
N CYS I 106 44.19 5.87 100.30
CA CYS I 106 43.15 4.99 99.77
C CYS I 106 43.61 4.41 98.44
N ASN I 107 43.07 3.23 98.12
CA ASN I 107 43.47 2.52 96.92
C ASN I 107 42.91 3.18 95.66
N GLY I 108 43.71 4.05 95.05
CA GLY I 108 43.27 4.75 93.85
C GLY I 108 43.56 6.24 93.91
N ASP I 109 44.07 6.70 95.05
CA ASP I 109 44.39 8.11 95.21
C ASP I 109 45.61 8.50 94.37
N TYR I 110 45.57 9.69 93.81
CA TYR I 110 46.74 10.29 93.17
C TYR I 110 47.58 10.94 94.26
N ILE I 111 48.88 10.71 94.24
CA ILE I 111 49.76 11.24 95.27
C ILE I 111 50.55 12.42 94.72
N CYS I 112 50.96 13.31 95.62
CA CYS I 112 51.71 14.50 95.25
C CYS I 112 52.85 14.68 96.24
N LEU I 113 53.86 15.44 95.81
CA LEU I 113 55.03 15.73 96.63
C LEU I 113 54.97 17.16 97.14
N LEU I 114 55.19 17.33 98.43
CA LEU I 114 55.27 18.64 99.07
C LEU I 114 56.36 18.61 100.11
N PRO I 115 56.94 19.78 100.45
CA PRO I 115 57.93 19.81 101.53
C PRO I 115 57.29 19.48 102.85
N PRO I 116 58.07 18.92 103.80
CA PRO I 116 57.50 18.53 105.10
C PRO I 116 57.07 19.73 105.93
N VAL I 117 55.76 19.90 106.08
CA VAL I 117 55.21 21.05 106.78
C VAL I 117 54.35 20.67 107.98
N PHE I 118 54.05 19.38 108.17
CA PHE I 118 53.20 18.98 109.30
C PHE I 118 53.95 19.06 110.62
N GLY I 119 55.27 18.87 110.60
CA GLY I 119 56.06 18.87 111.81
C GLY I 119 57.28 17.97 111.70
N SER I 120 58.39 18.41 112.28
CA SER I 120 59.69 17.74 112.27
C SER I 120 60.21 17.49 110.86
N ALA I 121 61.19 16.60 110.72
CA ALA I 121 61.78 16.29 109.41
C ALA I 121 62.40 14.91 109.49
N ASP I 122 61.84 13.96 108.74
CA ASP I 122 62.41 12.62 108.64
C ASP I 122 63.58 12.69 107.67
N GLU I 123 64.76 12.99 108.19
CA GLU I 123 65.95 13.18 107.38
C GLU I 123 67.09 12.31 107.92
N ILE I 124 67.99 11.94 107.03
CA ILE I 124 69.17 11.15 107.37
C ILE I 124 70.37 12.08 107.31
N ARG I 125 71.00 12.31 108.44
CA ARG I 125 72.15 13.20 108.54
C ARG I 125 73.42 12.37 108.38
N LEU I 126 74.04 12.45 107.21
CA LEU I 126 75.30 11.75 106.94
C LEU I 126 76.44 12.63 107.48
N ASP I 127 76.77 12.41 108.75
CA ASP I 127 77.81 13.20 109.40
C ASP I 127 79.22 12.76 109.01
N SER I 128 79.36 11.64 108.29
CA SER I 128 80.67 11.25 107.77
C SER I 128 81.14 12.21 106.68
N VAL I 129 80.21 12.73 105.89
CA VAL I 129 80.52 13.69 104.84
C VAL I 129 79.88 15.04 105.08
N GLY I 130 79.10 15.20 106.15
CA GLY I 130 78.49 16.47 106.46
C GLY I 130 77.32 16.86 105.58
N LEU I 131 76.57 15.88 105.09
CA LEU I 131 75.41 16.13 104.24
C LEU I 131 74.15 15.60 104.91
N GLU I 132 73.03 16.28 104.69
CA GLU I 132 71.73 15.83 105.16
C GLU I 132 70.78 15.71 103.97
N ILE I 133 70.01 14.63 103.97
CA ILE I 133 69.09 14.33 102.87
C ILE I 133 67.67 14.37 103.42
N VAL I 134 66.85 15.24 102.84
CA VAL I 134 65.43 15.32 103.19
C VAL I 134 64.64 14.57 102.13
N PHE I 135 63.49 14.04 102.53
CA PHE I 135 62.64 13.29 101.62
C PHE I 135 61.31 14.00 101.49
N PRO I 136 60.81 14.17 100.26
CA PRO I 136 59.50 14.83 100.08
C PRO I 136 58.36 14.03 100.68
N LEU I 137 57.34 14.75 101.11
CA LEU I 137 56.18 14.16 101.78
C LEU I 137 55.17 13.75 100.72
N THR I 138 54.82 12.47 100.68
CA THR I 138 53.88 11.94 99.71
C THR I 138 52.46 12.04 100.26
N ILE I 139 51.71 13.03 99.81
CA ILE I 139 50.37 13.30 100.33
C ILE I 139 49.39 12.99 99.21
N PRO I 140 48.16 12.56 99.51
CA PRO I 140 47.20 12.30 98.42
C PRO I 140 46.70 13.58 97.78
N GLN I 141 46.15 13.43 96.57
CA GLN I 141 45.40 14.52 95.98
C GLN I 141 44.08 14.69 96.72
N THR I 142 43.47 15.88 96.56
CA THR I 142 42.35 16.46 97.31
C THR I 142 42.68 16.74 98.78
N LEU I 143 43.91 16.47 99.22
CA LEU I 143 44.50 17.00 100.44
C LEU I 143 45.63 17.95 100.14
N MET I 144 46.33 17.73 99.03
CA MET I 144 47.38 18.65 98.57
C MET I 144 46.81 20.01 98.22
N ARG I 145 45.60 20.03 97.65
CA ARG I 145 45.01 21.29 97.20
C ARG I 145 44.59 22.15 98.39
N GLU I 146 44.13 21.52 99.48
CA GLU I 146 43.81 22.27 100.70
C GLU I 146 45.07 22.88 101.32
N ILE I 147 46.17 22.13 101.33
CA ILE I 147 47.44 22.64 101.86
C ILE I 147 47.95 23.79 101.00
N ILE I 148 47.82 23.66 99.68
CA ILE I 148 48.20 24.73 98.75
C ILE I 148 47.37 25.98 98.99
N ALA I 149 46.06 25.79 99.21
CA ALA I 149 45.17 26.92 99.49
C ALA I 149 45.55 27.63 100.78
N LYS I 150 45.82 26.86 101.84
CA LYS I 150 46.20 27.47 103.12
C LYS I 150 47.54 28.19 103.02
N VAL I 151 48.51 27.60 102.32
CA VAL I 151 49.83 28.21 102.21
C VAL I 151 49.78 29.49 101.37
N VAL I 152 49.06 29.46 100.24
CA VAL I 152 48.94 30.63 99.39
C VAL I 152 48.17 31.75 100.10
N ALA I 153 47.10 31.38 100.82
CA ALA I 153 46.33 32.38 101.56
C ALA I 153 47.15 33.01 102.69
N ARG I 154 47.93 32.20 103.41
CA ARG I 154 48.77 32.73 104.49
C ARG I 154 49.88 33.61 103.93
N ALA I 155 50.44 33.25 102.78
CA ALA I 155 51.45 34.09 102.13
C ALA I 155 50.84 35.41 101.68
N VAL I 156 49.61 35.37 101.18
CA VAL I 156 48.91 36.61 100.78
C VAL I 156 48.67 37.50 101.98
N GLU I 157 48.23 36.92 103.11
CA GLU I 157 47.99 37.72 104.31
C GLU I 157 49.28 38.27 104.91
N ARG I 158 50.38 37.53 104.77
CA ARG I 158 51.65 38.02 105.28
C ARG I 158 52.21 39.14 104.40
N THR I 159 52.09 39.00 103.08
CA THR I 159 52.57 40.02 102.15
C THR I 159 51.75 41.30 102.21
N ALA I 160 50.42 41.20 102.17
CA ALA I 160 49.57 42.39 102.18
C ALA I 160 49.60 43.12 103.51
N ALA I 161 49.90 42.42 104.60
CA ALA I 161 49.99 43.05 105.92
C ALA I 161 51.04 42.37 106.78
N ASP I 162 46.50 27.53 111.90
CA ASP I 162 46.49 26.70 110.70
C ASP I 162 46.26 25.23 111.05
N VAL I 163 45.01 24.79 110.94
CA VAL I 163 44.64 23.41 111.22
C VAL I 163 43.81 22.88 110.06
N ILE I 164 44.14 21.66 109.61
CA ILE I 164 43.46 21.01 108.50
C ILE I 164 42.88 19.70 108.98
N CYS I 165 41.60 19.49 108.73
CA CYS I 165 40.90 18.28 109.14
C CYS I 165 40.73 17.35 107.94
N TYR I 166 40.92 16.04 108.16
CA TYR I 166 40.79 15.04 107.12
C TYR I 166 40.46 13.72 107.82
N ASN I 167 39.18 13.32 107.78
CA ASN I 167 38.63 12.20 108.57
C ASN I 167 38.94 12.38 110.06
N GLY I 168 38.73 13.59 110.56
CA GLY I 168 39.13 13.92 111.92
C GLY I 168 40.64 14.10 111.99
N ARG I 169 41.14 14.10 113.23
CA ARG I 169 42.57 14.12 113.55
C ARG I 169 43.27 15.34 112.95
N ARG I 170 42.90 16.51 113.49
CA ARG I 170 43.41 17.78 113.00
C ARG I 170 44.93 17.87 113.14
N TYR I 171 45.60 18.28 112.07
CA TYR I 171 47.04 18.45 112.05
C TYR I 171 47.37 19.94 111.98
N GLU I 172 48.46 20.31 112.64
CA GLU I 172 48.88 21.71 112.72
C GLU I 172 49.98 21.96 111.71
N LEU I 173 49.77 22.94 110.83
CA LEU I 173 50.77 23.32 109.85
C LEU I 173 51.89 24.12 110.51
N GLU I 174 53.09 23.96 109.98
CA GLU I 174 54.30 24.64 110.45
C GLU I 174 55.05 25.24 109.27
N THR I 175 54.32 25.98 108.42
CA THR I 175 54.90 26.55 107.21
C THR I 175 55.93 27.63 107.54
N ASN I 176 57.04 27.61 106.80
CA ASN I 176 58.16 28.51 107.04
C ASN I 176 58.23 29.52 105.90
N LEU I 177 57.54 30.64 106.08
CA LEU I 177 57.56 31.74 105.11
C LEU I 177 58.55 32.77 105.60
N GLN I 178 59.79 32.71 105.09
CA GLN I 178 60.87 33.57 105.57
C GLN I 178 61.57 34.24 104.40
N HIS I 179 60.79 34.65 103.40
CA HIS I 179 61.30 35.43 102.27
C HIS I 179 60.13 36.16 101.63
N ARG I 180 60.42 37.31 101.02
CA ARG I 180 59.45 38.01 100.18
C ARG I 180 60.16 38.32 98.86
N ASP I 181 60.20 37.32 97.98
CA ASP I 181 60.66 37.48 96.62
C ASP I 181 59.73 36.83 95.61
N GLY I 182 59.14 35.68 95.95
CA GLY I 182 58.28 34.95 95.04
C GLY I 182 56.81 35.07 95.38
N SER I 183 56.49 35.84 96.41
CA SER I 183 55.09 36.09 96.74
C SER I 183 54.43 36.98 95.69
N ASP I 184 55.21 37.88 95.08
CA ASP I 184 54.70 38.67 93.97
C ASP I 184 54.42 37.79 92.76
N ALA I 185 55.22 36.74 92.57
CA ALA I 185 54.95 35.77 91.50
C ALA I 185 53.67 35.00 91.78
N ALA I 186 53.40 34.67 93.04
CA ALA I 186 52.16 34.01 93.41
C ALA I 186 50.96 34.93 93.19
N ILE I 187 51.11 36.22 93.50
CA ILE I 187 50.07 37.21 93.23
C ILE I 187 49.81 37.32 91.73
N ARG I 188 50.89 37.33 90.94
CA ARG I 188 50.77 37.45 89.49
C ARG I 188 50.07 36.24 88.88
N THR I 189 50.43 35.03 89.31
CA THR I 189 49.81 33.84 88.72
C THR I 189 48.37 33.67 89.22
N LEU I 190 48.07 34.15 90.43
CA LEU I 190 46.70 34.10 90.94
C LEU I 190 45.80 35.06 90.16
N VAL I 191 46.26 36.28 89.94
CA VAL I 191 45.45 37.24 89.20
C VAL I 191 45.40 36.87 87.71
N LEU I 192 46.42 36.16 87.21
CA LEU I 192 46.38 35.67 85.84
C LEU I 192 45.36 34.54 85.69
N ASN I 193 45.28 33.66 86.69
CA ASN I 193 44.28 32.59 86.64
C ASN I 193 42.88 33.14 86.84
N LEU I 194 42.75 34.28 87.52
CA LEU I 194 41.44 34.91 87.67
C LEU I 194 41.00 35.59 86.38
N MET I 195 41.78 36.58 85.91
CA MET I 195 41.29 37.55 84.94
C MET I 195 41.11 36.97 83.53
N PHE I 196 41.54 35.73 83.30
CA PHE I 196 41.24 35.09 82.03
C PHE I 196 39.83 34.51 81.96
N SER I 197 39.10 34.52 83.07
CA SER I 197 37.73 33.99 83.10
C SER I 197 36.74 34.94 83.76
N ILE I 198 37.21 35.77 84.71
CA ILE I 198 36.35 36.41 85.72
C ILE I 198 35.24 37.23 85.10
N ASN I 199 35.58 38.10 84.14
CA ASN I 199 34.62 39.09 83.63
C ASN I 199 33.44 38.42 82.93
N GLU I 200 33.70 37.55 81.95
CA GLU I 200 32.64 36.92 81.17
C GLU I 200 31.85 35.93 82.04
N GLY I 201 32.57 35.05 82.76
CA GLY I 201 31.89 34.02 83.52
C GLY I 201 31.05 34.59 84.65
N THR I 202 31.62 35.54 85.41
CA THR I 202 30.90 36.08 86.56
C THR I 202 29.77 37.00 86.12
N THR I 203 29.93 37.76 85.03
CA THR I 203 28.82 38.60 84.57
C THR I 203 27.65 37.76 84.07
N LEU I 204 27.94 36.73 83.25
CA LEU I 204 26.87 35.93 82.67
C LEU I 204 26.14 35.11 83.74
N ILE I 205 26.89 34.43 84.61
CA ILE I 205 26.19 33.63 85.61
C ILE I 205 25.72 34.48 86.80
N LEU I 206 26.18 35.73 86.91
CA LEU I 206 25.59 36.64 87.89
C LEU I 206 24.22 37.12 87.42
N THR I 207 24.10 37.37 86.10
CA THR I 207 22.78 37.60 85.53
C THR I 207 21.88 36.37 85.70
N LEU I 208 22.45 35.18 85.54
CA LEU I 208 21.69 33.94 85.73
C LEU I 208 21.20 33.78 87.17
N ILE I 209 22.05 34.06 88.16
CA ILE I 209 21.60 33.89 89.54
C ILE I 209 20.72 35.05 89.98
N THR I 210 20.85 36.22 89.36
CA THR I 210 19.91 37.30 89.64
C THR I 210 18.52 36.96 89.09
N ARG I 211 18.47 36.23 87.98
CA ARG I 211 17.22 35.62 87.56
C ARG I 211 16.77 34.56 88.55
N LEU I 212 17.72 33.79 89.11
CA LEU I 212 17.38 32.72 90.04
C LEU I 212 16.98 33.26 91.41
N LEU I 213 17.60 34.36 91.85
CA LEU I 213 17.31 34.93 93.16
C LEU I 213 15.93 35.57 93.22
N ARG I 214 33.82 35.50 70.62
CA ARG I 214 33.62 34.44 71.59
C ARG I 214 32.13 34.23 71.86
N PHE I 215 31.69 32.98 71.80
CA PHE I 215 30.31 32.65 72.08
C PHE I 215 30.01 32.89 73.56
N PRO I 216 28.85 33.45 73.91
CA PRO I 216 28.46 33.53 75.31
C PRO I 216 28.19 32.16 75.90
N ILE I 217 28.45 32.04 77.21
CA ILE I 217 28.21 30.87 78.07
C ILE I 217 29.14 29.70 77.74
N TYR I 218 29.31 29.39 76.45
CA TYR I 218 30.09 28.23 76.02
C TYR I 218 31.58 28.41 76.22
N GLU I 219 32.15 29.52 75.72
CA GLU I 219 33.59 29.70 75.75
C GLU I 219 34.10 29.98 77.15
N ALA I 220 33.28 30.61 77.99
CA ALA I 220 33.68 30.93 79.35
C ALA I 220 33.90 29.67 80.18
N ILE I 221 33.08 28.63 79.95
CA ILE I 221 33.23 27.37 80.68
C ILE I 221 34.53 26.67 80.31
N SER I 222 34.86 26.64 79.01
CA SER I 222 36.09 26.01 78.55
C SER I 222 37.32 26.76 79.05
N SER I 223 37.27 28.10 79.00
CA SER I 223 38.37 28.90 79.53
C SER I 223 38.50 28.71 81.03
N TRP I 224 37.37 28.57 81.73
CA TRP I 224 37.39 28.40 83.18
C TRP I 224 38.00 27.06 83.57
N ILE I 225 37.63 25.98 82.87
CA ILE I 225 38.16 24.67 83.23
C ILE I 225 39.63 24.56 82.85
N SER I 226 40.04 25.21 81.74
CA SER I 226 41.45 25.24 81.38
C SER I 226 42.27 26.02 82.41
N THR I 227 41.78 27.17 82.86
CA THR I 227 42.50 27.95 83.86
C THR I 227 42.51 27.25 85.22
N SER I 228 41.44 26.50 85.56
CA SER I 228 41.43 25.77 86.82
C SER I 228 42.42 24.61 86.80
N SER I 229 42.51 23.90 85.67
CA SER I 229 43.53 22.85 85.53
C SER I 229 44.93 23.43 85.59
N ARG I 230 45.15 24.59 84.96
CA ARG I 230 46.45 25.25 85.01
C ARG I 230 46.79 25.70 86.43
N LEU I 231 45.78 26.21 87.16
CA LEU I 231 45.98 26.60 88.56
C LEU I 231 46.35 25.41 89.43
N GLY I 232 45.64 24.29 89.25
CA GLY I 232 45.93 23.10 90.04
C GLY I 232 47.29 22.51 89.75
N ASP I 233 47.71 22.55 88.49
CA ASP I 233 49.03 22.03 88.14
C ASP I 233 50.15 23.04 88.38
N THR I 234 49.83 24.32 88.57
CA THR I 234 50.85 25.36 88.74
C THR I 234 51.15 25.63 90.21
N LEU I 235 50.12 25.85 91.03
CA LEU I 235 50.38 26.19 92.43
C LEU I 235 50.82 25.00 93.25
N GLY I 236 50.48 23.78 92.83
CA GLY I 236 50.81 22.60 93.63
C GLY I 236 51.84 21.68 93.01
N THR I 237 51.42 20.47 92.66
CA THR I 237 52.32 19.47 92.08
C THR I 237 51.52 18.73 91.01
N ARG I 238 52.23 18.14 90.05
CA ARG I 238 51.63 17.53 88.87
C ARG I 238 50.90 16.21 89.16
N ALA I 239 50.94 15.72 90.40
CA ALA I 239 50.36 14.43 90.82
C ALA I 239 50.94 13.28 90.01
N ILE I 240 52.23 13.04 90.28
CA ILE I 240 53.07 12.20 89.43
C ILE I 240 52.60 10.75 89.43
N LEU I 241 52.26 10.20 90.60
CA LEU I 241 52.05 8.77 90.75
C LEU I 241 50.61 8.48 91.15
N ARG I 242 50.31 7.20 91.29
CA ARG I 242 48.99 6.74 91.71
C ARG I 242 49.14 5.39 92.38
N VAL I 243 48.59 5.26 93.59
CA VAL I 243 48.72 4.00 94.33
C VAL I 243 47.71 3.00 93.81
N CYS I 244 48.19 1.79 93.49
CA CYS I 244 47.31 0.74 92.97
C CYS I 244 47.88 -0.60 93.44
N VAL I 245 47.20 -1.24 94.38
CA VAL I 245 47.62 -2.53 94.93
C VAL I 245 46.58 -3.58 94.54
N PHE I 246 47.05 -4.68 93.96
CA PHE I 246 46.14 -5.72 93.47
C PHE I 246 45.63 -6.59 94.60
N ASP I 247 46.54 -7.29 95.28
CA ASP I 247 46.21 -8.14 96.41
C ASP I 247 46.89 -7.57 97.65
N GLY I 248 46.08 -7.06 98.58
CA GLY I 248 46.60 -6.47 99.79
C GLY I 248 45.56 -5.59 100.46
N PRO I 249 45.98 -4.80 101.45
CA PRO I 249 45.04 -3.91 102.12
C PRO I 249 44.58 -2.78 101.20
N SER I 250 43.32 -2.37 101.38
CA SER I 250 42.78 -1.27 100.58
C SER I 250 43.34 0.07 101.05
N THR I 251 43.39 0.28 102.36
CA THR I 251 43.96 1.48 102.95
C THR I 251 45.25 1.12 103.67
N VAL I 252 46.28 1.95 103.51
CA VAL I 252 47.60 1.69 104.08
C VAL I 252 47.82 2.66 105.23
N HIS I 253 48.53 2.19 106.25
CA HIS I 253 48.96 3.03 107.36
C HIS I 253 50.32 3.65 107.04
N PRO I 254 50.70 4.72 107.75
CA PRO I 254 52.06 5.26 107.60
C PRO I 254 53.13 4.24 107.95
N GLY I 255 54.22 4.26 107.19
CA GLY I 255 55.29 3.30 107.35
C GLY I 255 55.10 2.00 106.61
N ASP I 256 54.09 1.89 105.76
CA ASP I 256 53.80 0.66 105.04
C ASP I 256 54.18 0.81 103.56
N ARG I 257 54.61 -0.30 102.97
CA ARG I 257 55.04 -0.34 101.58
C ARG I 257 53.85 -0.64 100.68
N THR I 258 53.57 0.26 99.75
CA THR I 258 52.40 0.16 98.87
C THR I 258 52.86 -0.02 97.42
N ALA I 259 52.00 -0.62 96.61
CA ALA I 259 52.26 -0.74 95.18
C ALA I 259 51.74 0.50 94.47
N VAL I 260 52.52 1.02 93.52
CA VAL I 260 52.25 2.30 92.88
C VAL I 260 52.47 2.16 91.38
N ILE I 261 51.52 2.67 90.58
CA ILE I 261 51.67 2.73 89.14
C ILE I 261 51.84 4.19 88.73
N GLN I 262 52.36 4.39 87.52
CA GLN I 262 52.62 5.74 87.02
C GLN I 262 51.41 6.30 86.28
N VAL I 263 51.32 7.64 86.29
CA VAL I 263 50.29 8.36 85.55
C VAL I 263 50.85 9.75 85.17
N SER J 1 82.90 -17.17 65.47
CA SER J 1 84.19 -17.83 65.66
C SER J 1 85.33 -16.98 65.11
N ILE J 2 85.79 -16.03 65.93
CA ILE J 2 86.82 -15.08 65.51
C ILE J 2 87.97 -15.21 66.52
N GLN J 3 88.17 -16.43 67.03
CA GLN J 3 89.20 -16.67 68.03
C GLN J 3 90.61 -16.78 67.44
N VAL J 4 91.03 -15.77 66.69
CA VAL J 4 92.37 -15.79 66.09
C VAL J 4 93.21 -14.61 66.58
N THR J 5 92.84 -13.38 66.26
CA THR J 5 93.61 -12.21 66.71
C THR J 5 93.28 -11.82 68.16
N PRO J 6 91.93 -11.67 68.61
CA PRO J 6 91.69 -11.27 70.00
C PRO J 6 91.57 -12.45 70.97
N ARG J 7 92.61 -13.30 70.97
CA ARG J 7 92.73 -14.49 71.83
C ARG J 7 91.57 -15.44 71.53
N SER J 8 90.68 -15.71 72.49
CA SER J 8 89.59 -16.66 72.30
C SER J 8 88.25 -16.00 72.64
N ILE J 9 87.47 -15.67 71.62
CA ILE J 9 86.15 -15.10 71.79
C ILE J 9 85.18 -15.79 70.82
N VAL J 10 83.94 -15.96 71.26
CA VAL J 10 82.93 -16.67 70.48
C VAL J 10 81.62 -15.87 70.47
N ILE J 11 80.82 -16.09 69.44
CA ILE J 11 79.48 -15.53 69.32
C ILE J 11 78.48 -16.68 69.26
N ASN J 12 77.29 -16.46 69.81
CA ASN J 12 76.25 -17.49 69.85
C ASN J 12 74.91 -16.84 69.51
N ARG J 13 74.02 -17.64 68.93
CA ARG J 13 72.77 -17.16 68.33
C ARG J 13 71.76 -16.64 69.35
N MET J 14 71.88 -17.02 70.62
CA MET J 14 71.03 -16.47 71.67
C MET J 14 71.64 -15.23 72.33
N ASN J 15 72.78 -14.77 71.81
CA ASN J 15 73.57 -13.60 72.22
C ASN J 15 74.19 -13.74 73.60
N ASN J 16 74.18 -14.94 74.19
CA ASN J 16 75.03 -15.21 75.35
C ASN J 16 76.46 -15.50 74.91
N ILE J 17 77.17 -14.41 74.58
CA ILE J 17 78.55 -14.52 74.11
C ILE J 17 79.48 -14.72 75.30
N GLN J 18 80.60 -15.39 75.05
CA GLN J 18 81.59 -15.69 76.07
C GLN J 18 82.91 -15.05 75.67
N ILE J 19 83.45 -14.21 76.55
CA ILE J 19 84.69 -13.47 76.32
C ILE J 19 85.77 -14.05 77.24
N ASN J 20 86.82 -14.60 76.64
CA ASN J 20 87.97 -15.12 77.38
C ASN J 20 89.26 -14.65 76.70
N PRO J 21 89.65 -13.37 76.89
CA PRO J 21 90.93 -12.92 76.34
C PRO J 21 92.10 -13.14 77.30
N THR J 22 93.10 -13.90 76.87
CA THR J 22 94.30 -14.18 77.66
C THR J 22 95.50 -13.80 76.80
N SER J 23 95.89 -12.53 76.85
CA SER J 23 96.93 -12.00 75.97
C SER J 23 98.30 -12.20 76.62
N ILE J 24 99.05 -13.17 76.11
CA ILE J 24 100.46 -13.44 76.43
C ILE J 24 100.66 -13.76 77.91
N GLY J 25 100.49 -12.76 78.77
CA GLY J 25 100.68 -12.93 80.19
C GLY J 25 99.36 -13.16 80.90
N ASN J 26 99.26 -14.30 81.57
CA ASN J 26 98.04 -14.62 82.33
C ASN J 26 97.78 -13.68 83.51
N PRO J 27 98.76 -13.31 84.40
CA PRO J 27 98.42 -12.32 85.42
C PRO J 27 98.22 -10.91 84.86
N ASN J 28 96.97 -10.45 84.87
CA ASN J 28 96.64 -9.12 84.37
C ASN J 28 95.44 -8.58 85.13
N ASN J 29 95.42 -7.28 85.35
CA ASN J 29 94.27 -6.64 85.98
C ASN J 29 93.10 -6.60 85.02
N GLY J 30 91.89 -6.82 85.55
CA GLY J 30 90.72 -6.87 84.71
C GLY J 30 90.66 -8.12 83.85
N LEU J 31 90.46 -9.28 84.49
CA LEU J 31 90.49 -10.55 83.80
C LEU J 31 89.20 -10.77 83.00
N HIS J 32 89.07 -11.98 82.47
CA HIS J 32 87.95 -12.32 81.60
C HIS J 32 86.64 -12.41 82.40
N MET J 33 85.58 -11.85 81.84
CA MET J 33 84.24 -11.92 82.43
C MET J 33 83.22 -12.14 81.33
N THR J 34 82.32 -13.10 81.56
CA THR J 34 81.27 -13.40 80.58
C THR J 34 80.22 -12.30 80.56
N TYR J 35 79.41 -12.31 79.51
CA TYR J 35 78.41 -11.29 79.25
C TYR J 35 77.00 -11.83 79.49
N ASN J 36 76.03 -10.93 79.58
CA ASN J 36 74.64 -11.33 79.82
C ASN J 36 73.77 -11.08 78.58
N ASN J 37 73.75 -9.82 78.11
CA ASN J 37 73.07 -9.38 76.88
C ASN J 37 71.57 -9.69 76.85
N ALA J 38 70.95 -9.44 75.69
CA ALA J 38 69.54 -9.69 75.40
C ALA J 38 68.61 -9.01 76.40
N ALA J 39 67.58 -9.73 76.84
CA ALA J 39 66.64 -9.27 77.85
C ALA J 39 66.85 -10.10 79.12
N ALA J 40 66.01 -9.88 80.14
CA ALA J 40 66.15 -10.59 81.40
C ALA J 40 64.77 -10.97 81.93
N ALA J 41 64.36 -12.21 81.70
CA ALA J 41 63.10 -12.73 82.21
C ALA J 41 63.14 -14.24 82.33
N ALA J 42 62.64 -14.78 83.43
CA ALA J 42 62.65 -16.22 83.66
C ALA J 42 61.52 -16.59 84.60
N ALA J 43 60.87 -17.72 84.29
CA ALA J 43 59.80 -18.24 85.13
C ALA J 43 59.86 -19.77 85.23
N ALA J 44 61.03 -20.35 84.98
CA ALA J 44 61.23 -21.80 85.01
C ALA J 44 62.31 -22.10 86.06
N ALA J 45 61.87 -22.30 87.29
CA ALA J 45 62.75 -22.56 88.43
C ALA J 45 62.42 -23.90 89.08
N ALA J 46 62.28 -24.94 88.27
CA ALA J 46 61.95 -26.27 88.80
C ALA J 46 63.10 -26.83 89.62
N ALA J 47 64.32 -26.83 89.06
CA ALA J 47 65.56 -27.31 89.68
C ALA J 47 65.44 -28.74 90.17
N ALA J 48 65.16 -28.91 91.47
CA ALA J 48 64.97 -30.23 92.06
C ALA J 48 63.54 -30.71 91.80
N ALA J 49 63.12 -31.74 92.53
CA ALA J 49 61.76 -32.25 92.41
C ALA J 49 60.76 -31.22 92.93
N ALA J 50 59.70 -31.01 92.17
CA ALA J 50 58.71 -29.98 92.49
C ALA J 50 57.68 -30.52 93.47
N ALA J 51 56.64 -29.74 93.73
CA ALA J 51 55.60 -30.12 94.66
C ALA J 51 54.53 -30.94 93.95
N ALA J 52 53.41 -31.18 94.62
CA ALA J 52 52.33 -31.98 94.07
C ALA J 52 51.35 -31.09 93.30
N ALA J 53 50.81 -31.63 92.21
CA ALA J 53 49.81 -30.95 91.41
C ALA J 53 48.38 -31.23 91.89
N ALA J 54 48.22 -32.05 92.92
CA ALA J 54 46.92 -32.41 93.47
C ALA J 54 46.85 -31.99 94.93
N ALA J 55 47.21 -30.74 95.21
CA ALA J 55 47.53 -30.18 96.53
C ALA J 55 46.58 -30.51 97.68
N ALA J 56 45.32 -30.85 97.38
CA ALA J 56 44.41 -31.31 98.41
C ALA J 56 44.77 -32.70 98.93
N ALA J 57 45.58 -33.45 98.20
CA ALA J 57 45.99 -34.80 98.59
C ALA J 57 47.39 -35.05 98.06
N ALA J 58 47.78 -36.32 97.98
CA ALA J 58 49.07 -36.70 97.41
C ALA J 58 48.88 -37.01 95.94
N ALA J 59 49.62 -36.29 95.09
CA ALA J 59 49.52 -36.49 93.65
C ALA J 59 50.21 -37.77 93.23
N ALA J 60 49.52 -38.57 92.41
CA ALA J 60 50.09 -39.83 91.91
C ALA J 60 49.83 -40.05 90.43
N ALA J 61 49.45 -39.01 89.69
CA ALA J 61 49.11 -39.14 88.28
C ALA J 61 50.25 -38.60 87.41
N ALA J 62 50.56 -39.34 86.35
CA ALA J 62 51.57 -38.93 85.38
C ALA J 62 50.90 -38.64 84.05
N ALA J 63 51.17 -37.46 83.50
CA ALA J 63 50.58 -37.03 82.25
C ALA J 63 51.62 -37.08 81.14
N ALA J 64 51.32 -37.84 80.09
CA ALA J 64 52.21 -37.96 78.94
C ALA J 64 52.16 -36.70 78.09
N ALA J 65 53.31 -36.32 77.55
CA ALA J 65 53.38 -35.10 76.75
C ALA J 65 52.77 -35.32 75.37
N ALA J 66 53.36 -36.23 74.58
CA ALA J 66 53.03 -36.53 73.19
C ALA J 66 53.02 -35.26 72.34
N ALA J 67 51.82 -34.83 71.94
CA ALA J 67 51.57 -33.54 71.28
C ALA J 67 52.36 -33.40 69.97
N ALA J 68 52.03 -34.25 69.01
CA ALA J 68 52.65 -34.18 67.68
C ALA J 68 52.16 -32.94 66.96
N ALA J 69 53.02 -31.94 66.82
CA ALA J 69 52.73 -30.75 66.06
C ALA J 69 53.35 -30.78 64.68
N SER J 70 53.91 -31.92 64.28
CA SER J 70 54.55 -32.10 62.98
C SER J 70 53.62 -32.90 62.09
N ILE J 71 53.10 -32.27 61.03
CA ILE J 71 51.98 -32.80 60.26
C ILE J 71 52.51 -33.05 58.84
N GLN J 72 53.74 -33.53 58.71
CA GLN J 72 54.36 -33.71 57.40
C GLN J 72 53.91 -35.01 56.72
N VAL J 73 52.60 -35.11 56.44
CA VAL J 73 52.15 -36.23 55.61
C VAL J 73 51.39 -35.74 54.36
N THR J 74 50.20 -35.16 54.53
CA THR J 74 49.49 -34.58 53.40
C THR J 74 49.93 -33.15 53.07
N PRO J 75 49.90 -32.10 54.06
CA PRO J 75 50.15 -30.71 53.67
C PRO J 75 51.63 -30.36 53.56
N ARG J 76 52.34 -31.03 52.65
CA ARG J 76 53.79 -30.91 52.41
C ARG J 76 54.52 -31.17 53.74
N SER J 77 55.45 -30.33 54.15
CA SER J 77 56.18 -30.50 55.40
C SER J 77 55.99 -29.27 56.28
N ILE J 78 55.62 -29.50 57.54
CA ILE J 78 55.45 -28.43 58.51
C ILE J 78 55.84 -28.95 59.88
N VAL J 79 56.77 -28.25 60.54
CA VAL J 79 57.20 -28.59 61.89
C VAL J 79 56.88 -27.42 62.80
N ILE J 80 56.21 -27.70 63.91
CA ILE J 80 55.71 -26.68 64.81
C ILE J 80 56.22 -26.97 66.22
N ASN J 81 56.75 -25.93 66.86
CA ASN J 81 57.33 -26.01 68.20
C ASN J 81 56.49 -25.20 69.20
N ARG J 82 56.87 -25.29 70.47
CA ARG J 82 56.08 -24.73 71.56
C ARG J 82 56.31 -23.24 71.79
N MET J 83 57.42 -22.68 71.32
CA MET J 83 57.64 -21.24 71.45
C MET J 83 57.15 -20.45 70.24
N ASN J 84 56.27 -21.05 69.42
CA ASN J 84 55.51 -20.46 68.32
C ASN J 84 56.38 -20.03 67.13
N ASN J 85 57.69 -20.21 67.19
CA ASN J 85 58.58 -19.93 66.05
C ASN J 85 58.59 -21.13 65.10
N ILE J 86 57.48 -21.31 64.38
CA ILE J 86 57.29 -22.50 63.57
C ILE J 86 58.16 -22.41 62.32
N GLN J 87 58.39 -23.55 61.69
CA GLN J 87 59.19 -23.64 60.47
C GLN J 87 58.40 -24.40 59.42
N ILE J 88 58.32 -23.84 58.22
CA ILE J 88 57.64 -24.46 57.09
C ILE J 88 58.68 -24.65 56.00
N ASN J 89 58.96 -25.91 55.66
CA ASN J 89 59.95 -26.23 54.63
C ASN J 89 59.29 -27.14 53.59
N PRO J 90 58.52 -26.55 52.66
CA PRO J 90 57.81 -27.39 51.68
C PRO J 90 58.73 -27.88 50.58
N THR J 91 59.12 -29.16 50.67
CA THR J 91 59.93 -29.82 49.65
C THR J 91 59.35 -31.23 49.50
N SER J 92 58.36 -31.36 48.62
CA SER J 92 57.70 -32.64 48.39
C SER J 92 57.12 -32.63 46.99
N ILE J 93 57.24 -33.77 46.30
CA ILE J 93 56.80 -34.00 44.92
C ILE J 93 57.48 -33.03 43.96
N GLY J 94 57.09 -31.76 44.01
CA GLY J 94 57.75 -30.73 43.22
C GLY J 94 58.53 -29.76 44.09
N ASN J 95 59.85 -29.84 44.02
CA ASN J 95 60.70 -28.90 44.77
C ASN J 95 60.56 -27.44 44.33
N PRO J 96 60.70 -27.04 43.02
CA PRO J 96 60.69 -25.60 42.72
C PRO J 96 59.28 -25.02 42.71
N GLN J 97 58.97 -24.23 43.74
CA GLN J 97 57.71 -23.51 43.82
C GLN J 97 58.00 -22.06 44.20
N VAL J 98 56.95 -21.25 44.20
CA VAL J 98 57.02 -19.87 44.69
C VAL J 98 56.98 -19.97 46.22
N THR J 99 57.31 -18.87 46.91
CA THR J 99 57.23 -18.73 48.37
C THR J 99 58.14 -19.74 49.07
N ILE J 100 59.44 -19.49 48.92
CA ILE J 100 60.53 -20.26 49.53
C ILE J 100 60.37 -20.31 51.05
N ARG J 101 60.97 -21.33 51.67
CA ARG J 101 60.70 -21.72 53.06
C ARG J 101 60.94 -20.59 54.06
N LEU J 102 60.01 -20.46 54.99
CA LEU J 102 59.96 -19.32 55.90
C LEU J 102 59.80 -19.79 57.34
N PRO J 103 60.35 -19.02 58.30
CA PRO J 103 59.98 -19.21 59.70
C PRO J 103 58.87 -18.26 60.13
N LEU J 104 58.44 -18.35 61.39
CA LEU J 104 57.48 -17.40 61.94
C LEU J 104 58.00 -16.77 63.23
N ASN J 105 57.11 -16.09 63.95
CA ASN J 105 57.49 -15.20 65.04
C ASN J 105 56.39 -15.24 66.10
N ASN J 106 56.33 -14.17 66.91
CA ASN J 106 55.39 -13.88 68.01
C ASN J 106 55.82 -14.61 69.28
N PHE J 107 55.97 -13.88 70.40
CA PHE J 107 55.58 -12.47 70.50
C PHE J 107 56.69 -11.53 70.95
N LYS J 108 56.71 -10.35 70.34
CA LYS J 108 57.57 -9.24 70.74
C LYS J 108 56.78 -7.94 70.53
N SER J 109 57.18 -6.90 71.26
CA SER J 109 56.50 -5.61 71.18
C SER J 109 57.37 -4.53 70.56
N THR J 110 58.53 -4.24 71.15
CA THR J 110 59.56 -3.31 70.66
C THR J 110 59.00 -1.91 70.36
N THR J 111 58.65 -1.67 69.10
CA THR J 111 58.18 -0.38 68.64
C THR J 111 56.78 -0.53 68.03
N GLN J 112 55.94 0.48 68.24
CA GLN J 112 54.58 0.49 67.74
C GLN J 112 54.51 1.35 66.49
N LEU J 113 54.06 0.76 65.39
CA LEU J 113 53.95 1.43 64.10
C LEU J 113 52.51 1.86 63.86
N ILE J 114 52.31 2.62 62.78
CA ILE J 114 50.98 3.09 62.41
C ILE J 114 50.98 3.35 60.91
N GLN J 115 49.79 3.37 60.29
CA GLN J 115 49.68 3.69 58.88
C GLN J 115 48.31 4.32 58.62
N GLN J 116 48.23 5.09 57.53
CA GLN J 116 46.99 5.72 57.12
C GLN J 116 47.04 5.98 55.62
N VAL J 117 45.87 5.96 54.99
CA VAL J 117 45.75 6.17 53.55
C VAL J 117 45.21 7.58 53.34
N SER J 118 45.94 8.39 52.56
CA SER J 118 45.58 9.78 52.36
C SER J 118 45.87 10.16 50.92
N LEU J 119 45.77 11.45 50.62
CA LEU J 119 46.00 11.99 49.29
C LEU J 119 47.32 12.73 49.23
N THR J 120 47.83 12.90 48.00
CA THR J 120 49.06 13.63 47.75
C THR J 120 48.82 15.10 47.42
N ASP J 121 47.69 15.67 47.84
CA ASP J 121 47.46 17.10 47.65
C ASP J 121 48.45 17.92 48.46
N PHE J 122 48.65 17.55 49.72
CA PHE J 122 49.77 18.01 50.52
C PHE J 122 50.63 16.81 50.89
N PHE J 123 51.96 16.99 50.82
CA PHE J 123 53.01 16.04 51.17
C PHE J 123 53.10 14.87 50.19
N ARG J 124 54.31 14.57 49.73
CA ARG J 124 54.52 13.46 48.82
C ARG J 124 55.66 12.60 49.35
N PRO J 125 55.47 11.28 49.47
CA PRO J 125 56.44 10.47 50.23
C PRO J 125 57.76 10.24 49.52
N ASP J 126 57.76 10.12 48.19
CA ASP J 126 58.99 9.79 47.47
C ASP J 126 59.95 10.98 47.45
N ILE J 127 59.42 12.20 47.39
CA ILE J 127 60.26 13.39 47.43
C ILE J 127 60.85 13.58 48.82
N GLU J 128 60.05 13.37 49.86
CA GLU J 128 60.50 13.57 51.23
C GLU J 128 61.49 12.48 51.65
N HIS J 129 62.19 12.75 52.75
CA HIS J 129 63.21 11.83 53.24
C HIS J 129 62.56 10.64 53.96
N ALA J 130 63.40 9.69 54.34
CA ALA J 130 62.90 8.50 55.03
C ALA J 130 62.48 8.81 56.46
N GLY J 131 63.18 9.72 57.12
CA GLY J 131 62.83 10.09 58.48
C GLY J 131 62.49 11.57 58.64
N SER J 132 61.23 11.84 58.92
CA SER J 132 60.75 13.21 59.14
C SER J 132 59.80 13.17 60.33
N THR J 133 59.06 14.26 60.52
CA THR J 133 57.91 14.28 61.43
C THR J 133 56.68 14.62 60.60
N VAL J 134 55.71 13.71 60.61
CA VAL J 134 54.50 13.84 59.80
C VAL J 134 53.35 14.29 60.68
N LEU J 135 52.59 15.27 60.22
CA LEU J 135 51.45 15.80 60.94
C LEU J 135 50.17 15.49 60.17
N ILE J 136 49.09 15.25 60.90
CA ILE J 136 47.80 14.88 60.32
C ILE J 136 46.78 15.97 60.65
N LEU J 137 46.09 16.46 59.61
CA LEU J 137 45.07 17.49 59.75
C LEU J 137 43.72 16.80 59.94
N ARG J 138 43.38 16.50 61.18
CA ARG J 138 42.06 16.00 61.53
C ARG J 138 41.31 17.18 62.15
N HIS J 139 40.46 17.81 61.35
CA HIS J 139 39.58 18.85 61.87
C HIS J 139 38.32 18.22 62.42
N PRO J 140 37.93 18.49 63.67
CA PRO J 140 36.76 17.83 64.25
C PRO J 140 35.41 18.30 63.70
N THR J 141 35.39 19.14 62.66
CA THR J 141 34.15 19.57 62.04
C THR J 141 33.51 18.49 61.17
N ASP J 142 34.21 17.38 60.92
CA ASP J 142 33.69 16.30 60.08
C ASP J 142 32.91 15.25 60.86
N LEU J 143 32.41 15.59 62.06
CA LEU J 143 31.62 14.67 62.87
C LEU J 143 30.30 15.33 63.30
N PRO J 144 29.36 15.57 62.34
CA PRO J 144 28.06 16.14 62.69
C PRO J 144 26.99 15.08 62.95
N ALA J 145 27.31 14.12 63.80
CA ALA J 145 26.45 12.95 64.01
C ALA J 145 25.86 12.89 65.42
N LEU J 146 26.04 13.92 66.23
CA LEU J 146 25.51 13.95 67.58
C LEU J 146 24.26 14.83 67.65
N ALA J 147 23.56 14.73 68.79
CA ALA J 147 22.28 15.41 68.95
C ALA J 147 22.42 16.89 69.27
N ARG J 148 23.62 17.37 69.62
CA ARG J 148 23.82 18.77 69.98
C ARG J 148 24.17 19.65 68.79
N HIS J 149 24.28 19.08 67.59
CA HIS J 149 24.56 19.79 66.34
C HIS J 149 25.87 20.56 66.41
N ARG J 150 26.96 19.82 66.56
CA ARG J 150 28.30 20.40 66.65
C ARG J 150 28.98 20.31 65.30
N ALA J 151 29.00 21.43 64.58
CA ALA J 151 29.87 21.61 63.42
C ALA J 151 30.21 23.09 63.27
N PRO J 152 30.93 23.70 64.21
CA PRO J 152 31.08 25.15 64.21
C PRO J 152 32.25 25.59 63.33
N PRO J 153 31.99 26.40 62.29
CA PRO J 153 33.10 26.96 61.52
C PRO J 153 33.87 28.03 62.28
N GLY J 154 33.23 28.71 63.22
CA GLY J 154 33.86 29.73 64.02
C GLY J 154 32.95 30.94 64.13
N ARG J 155 33.53 32.05 64.59
CA ARG J 155 32.85 33.33 64.68
C ARG J 155 33.53 34.31 63.73
N GLN J 156 32.70 35.06 62.98
CA GLN J 156 33.15 35.89 61.85
C GLN J 156 33.98 35.07 60.86
N THR J 157 33.50 33.85 60.60
CA THR J 157 34.25 32.83 59.89
C THR J 157 33.98 32.82 58.39
N GLU J 158 33.59 33.96 57.80
CA GLU J 158 33.35 34.01 56.37
C GLU J 158 34.64 33.84 55.58
N ARG J 159 35.70 34.55 55.98
CA ARG J 159 37.00 34.40 55.35
C ARG J 159 37.60 33.03 55.63
N LEU J 160 37.39 32.51 56.84
CA LEU J 160 37.89 31.19 57.21
C LEU J 160 37.25 30.09 56.38
N ALA J 161 35.91 30.11 56.29
CA ALA J 161 35.19 29.10 55.52
C ALA J 161 35.49 29.24 54.02
N GLU J 162 35.60 30.48 53.53
CA GLU J 162 35.92 30.69 52.13
C GLU J 162 37.31 30.18 51.78
N ALA J 163 38.29 30.44 52.65
CA ALA J 163 39.66 29.98 52.41
C ALA J 163 39.77 28.46 52.50
N TRP J 164 39.11 27.86 53.50
CA TRP J 164 39.14 26.40 53.62
C TRP J 164 38.43 25.72 52.46
N GLY J 165 37.31 26.31 52.01
CA GLY J 165 36.60 25.75 50.87
C GLY J 165 37.39 25.85 49.57
N GLN J 166 38.03 27.01 49.35
CA GLN J 166 38.86 27.17 48.15
C GLN J 166 40.07 26.25 48.19
N LEU J 167 40.66 26.05 49.37
CA LEU J 167 41.79 25.14 49.51
C LEU J 167 41.36 23.69 49.29
N LEU J 168 40.18 23.32 49.76
CA LEU J 168 39.72 21.93 49.59
C LEU J 168 39.30 21.65 48.16
N GLU J 169 38.65 22.60 47.49
CA GLU J 169 38.21 22.36 46.11
C GLU J 169 39.38 22.48 45.14
N ALA J 170 40.36 23.34 45.44
CA ALA J 170 41.52 23.47 44.56
C ALA J 170 42.43 22.26 44.64
N SER J 171 42.52 21.64 45.81
CA SER J 171 43.38 20.47 46.00
C SER J 171 42.78 19.24 45.33
N ARG J 172 37.56 13.06 55.15
CA ARG J 172 38.84 12.41 55.38
C ARG J 172 39.88 13.40 55.87
N ALA J 173 41.06 12.90 56.21
CA ALA J 173 42.14 13.71 56.76
C ALA J 173 43.41 13.52 55.94
N TYR J 174 44.01 14.62 55.51
CA TYR J 174 45.28 14.58 54.81
C TYR J 174 46.43 14.66 55.81
N VAL J 175 47.64 14.40 55.31
CA VAL J 175 48.85 14.49 56.11
C VAL J 175 49.85 15.41 55.43
N THR J 176 50.59 16.19 56.23
CA THR J 176 51.74 16.96 55.78
C THR J 176 52.95 16.61 56.63
N SER J 177 54.13 16.61 56.02
CA SER J 177 55.36 16.52 56.79
C SER J 177 55.72 17.89 57.36
N LEU J 178 56.86 17.96 58.02
CA LEU J 178 57.35 19.25 58.52
C LEU J 178 58.24 19.94 57.49
N SER J 179 57.72 20.05 56.27
CA SER J 179 58.35 20.85 55.23
C SER J 179 57.35 21.68 54.44
N PHE J 180 56.08 21.26 54.37
CA PHE J 180 55.05 22.08 53.74
C PHE J 180 54.65 23.25 54.62
N ILE J 181 54.52 23.01 55.93
CA ILE J 181 54.14 24.07 56.86
C ILE J 181 55.27 25.10 57.00
N ALA J 182 56.52 24.62 57.01
CA ALA J 182 57.66 25.52 57.13
C ALA J 182 57.85 26.36 55.88
N ALA J 183 57.65 25.76 54.70
CA ALA J 183 57.82 26.51 53.46
C ALA J 183 56.63 27.44 53.20
N CYS J 184 55.45 27.09 53.73
CA CYS J 184 54.28 27.94 53.56
C CYS J 184 54.43 29.25 54.31
N ARG J 185 55.08 29.23 55.47
CA ARG J 185 55.24 30.39 56.34
C ARG J 185 56.71 30.70 56.54
N ALA J 186 57.48 30.67 55.45
CA ALA J 186 58.93 30.79 55.52
C ALA J 186 59.41 32.24 55.61
N GLU J 187 58.51 33.22 55.52
CA GLU J 187 58.91 34.62 55.58
C GLU J 187 59.01 35.16 56.99
N GLU J 188 58.74 34.33 58.01
CA GLU J 188 58.74 34.78 59.39
C GLU J 188 59.83 34.14 60.25
N TYR J 189 60.53 33.13 59.75
CA TYR J 189 61.58 32.49 60.53
C TYR J 189 62.82 33.37 60.59
N THR J 190 63.63 33.17 61.64
CA THR J 190 64.83 33.97 61.83
C THR J 190 65.89 33.65 60.78
N ASP J 191 66.12 32.37 60.51
CA ASP J 191 67.11 31.94 59.52
C ASP J 191 66.48 32.08 58.14
N LYS J 192 66.84 33.16 57.43
CA LYS J 192 66.23 33.43 56.13
C LYS J 192 66.79 32.55 55.02
N GLN J 193 68.07 32.16 55.13
CA GLN J 193 68.70 31.37 54.07
C GLN J 193 68.10 29.97 53.98
N ALA J 194 67.97 29.30 55.13
CA ALA J 194 67.38 27.96 55.14
C ALA J 194 65.90 28.00 54.80
N ALA J 195 65.19 29.05 55.20
CA ALA J 195 63.78 29.20 54.84
C ALA J 195 63.61 29.38 53.33
N GLU J 196 64.47 30.19 52.72
CA GLU J 196 64.42 30.38 51.27
C GLU J 196 64.76 29.09 50.53
N ALA J 197 65.78 28.36 51.02
CA ALA J 197 66.15 27.10 50.40
C ALA J 197 65.05 26.05 50.53
N ASN J 198 64.41 25.97 51.70
CA ASN J 198 63.33 25.02 51.92
C ASN J 198 62.11 25.36 51.07
N ARG J 199 61.77 26.65 50.96
CA ARG J 199 60.64 27.05 50.13
C ARG J 199 60.92 26.80 48.66
N THR J 200 62.15 27.05 48.21
CA THR J 200 62.53 26.76 46.83
C THR J 200 62.47 25.26 46.53
N ALA J 201 62.94 24.44 47.47
CA ALA J 201 62.90 22.99 47.28
C ALA J 201 61.47 22.47 47.27
N ILE J 202 60.61 23.02 48.13
CA ILE J 202 59.21 22.59 48.17
C ILE J 202 58.49 23.00 46.88
N VAL J 203 58.73 24.21 46.39
CA VAL J 203 58.07 24.66 45.16
C VAL J 203 58.59 23.89 43.95
N SER J 204 59.90 23.65 43.88
CA SER J 204 60.47 23.03 42.69
C SER J 204 60.24 21.52 42.64
N ALA J 205 60.51 20.82 43.75
CA ALA J 205 60.51 19.36 43.73
C ALA J 205 59.09 18.80 43.64
N TYR J 206 58.17 19.38 44.40
CA TYR J 206 56.77 18.98 44.31
C TYR J 206 56.16 19.49 43.01
N GLY J 207 55.08 18.83 42.58
CA GLY J 207 54.16 19.30 41.56
C GLY J 207 54.69 19.77 40.21
N CYS J 208 53.87 20.52 39.47
CA CYS J 208 54.31 21.15 38.23
C CYS J 208 54.26 22.67 38.29
N SER J 209 53.09 23.27 38.58
CA SER J 209 52.98 24.72 38.55
C SER J 209 52.19 25.31 39.72
N ARG J 210 51.26 24.56 40.31
CA ARG J 210 50.27 25.09 41.23
C ARG J 210 50.75 25.23 42.68
N MET J 211 52.06 25.25 42.90
CA MET J 211 52.59 25.23 44.26
C MET J 211 52.44 26.60 44.93
N GLY J 212 52.66 27.66 44.16
CA GLY J 212 52.58 29.01 44.73
C GLY J 212 51.17 29.38 45.16
N ALA J 213 50.17 29.05 44.31
CA ALA J 213 48.79 29.31 44.66
C ALA J 213 48.36 28.51 45.88
N ARG J 214 48.80 27.26 45.97
CA ARG J 214 48.51 26.43 47.13
C ARG J 214 49.15 26.98 48.40
N LEU J 215 50.38 27.48 48.29
CA LEU J 215 51.07 28.01 49.45
C LEU J 215 50.45 29.33 49.93
N ILE J 216 50.08 30.22 49.00
CA ILE J 216 49.41 31.46 49.39
C ILE J 216 48.02 31.17 49.95
N ARG J 217 47.31 30.19 49.39
CA ARG J 217 46.01 29.81 49.93
C ARG J 217 46.12 29.21 51.33
N PHE J 218 47.14 28.38 51.56
CA PHE J 218 47.36 27.80 52.88
C PHE J 218 47.74 28.86 53.90
N SER J 219 48.60 29.81 53.51
CA SER J 219 48.99 30.90 54.40
C SER J 219 47.82 31.81 54.72
N GLU J 220 46.98 32.11 53.72
CA GLU J 220 45.81 32.95 53.94
C GLU J 220 44.78 32.25 54.82
N CYS J 221 44.64 30.94 54.66
CA CYS J 221 43.72 30.19 55.51
C CYS J 221 44.24 30.12 56.94
N LEU J 222 45.57 30.00 57.11
CA LEU J 222 46.14 30.04 58.46
C LEU J 222 45.96 31.42 59.09
N ARG J 223 46.09 32.47 58.27
CA ARG J 223 45.81 33.83 58.73
C ARG J 223 44.37 33.99 59.17
N ALA J 224 43.44 33.41 58.41
CA ALA J 224 42.02 33.49 58.75
C ALA J 224 41.70 32.68 60.00
N MET J 225 42.41 31.57 60.20
CA MET J 225 42.25 30.79 61.44
C MET J 225 42.74 31.59 62.65
N VAL J 226 43.93 32.17 62.56
CA VAL J 226 44.49 32.84 63.73
C VAL J 226 43.78 34.18 63.99
N GLN J 227 43.20 34.79 62.94
CA GLN J 227 42.52 36.07 63.13
C GLN J 227 41.14 35.88 63.76
N CYS J 228 40.44 34.80 63.40
CA CYS J 228 39.08 34.56 63.87
C CYS J 228 39.03 33.77 65.17
N HIS J 229 40.17 33.63 65.86
CA HIS J 229 40.29 32.97 67.17
C HIS J 229 39.86 31.50 67.12
N VAL J 230 40.03 30.86 65.96
CA VAL J 230 39.95 29.41 65.85
C VAL J 230 41.35 28.93 65.50
N PHE J 231 42.12 28.56 66.51
CA PHE J 231 43.57 28.49 66.39
C PHE J 231 44.01 27.32 65.51
N PRO J 232 45.20 27.42 64.90
CA PRO J 232 45.75 26.26 64.16
C PRO J 232 45.97 25.03 65.01
N HIS J 233 46.31 25.17 66.29
CA HIS J 233 46.30 24.01 67.17
C HIS J 233 44.85 23.63 67.48
N ARG J 234 44.66 22.36 67.88
CA ARG J 234 43.46 21.53 67.90
C ARG J 234 43.12 21.05 66.47
N PHE J 235 43.82 21.57 65.49
CA PHE J 235 44.08 20.93 64.21
C PHE J 235 45.57 20.59 64.17
N ILE J 236 45.96 19.82 63.15
CA ILE J 236 47.36 19.47 62.87
C ILE J 236 48.02 18.78 64.06
N SER J 237 47.72 17.51 64.26
CA SER J 237 48.28 16.74 65.35
C SER J 237 49.45 15.89 64.84
N PHE J 238 50.31 15.48 65.75
CA PHE J 238 51.46 14.67 65.38
C PHE J 238 51.03 13.25 65.05
N PHE J 239 51.60 12.70 63.97
CA PHE J 239 51.21 11.39 63.46
C PHE J 239 52.32 10.36 63.63
N GLY J 240 53.51 10.62 63.09
CA GLY J 240 54.58 9.64 63.19
C GLY J 240 55.85 10.12 62.53
N SER J 241 56.75 9.18 62.27
CA SER J 241 58.11 9.50 61.85
C SER J 241 58.47 9.02 60.44
N LEU J 242 57.51 8.44 59.70
CA LEU J 242 57.59 8.04 58.29
C LEU J 242 58.50 6.83 58.06
N LEU J 243 58.07 5.93 57.18
CA LEU J 243 58.80 4.72 56.83
C LEU J 243 58.48 4.38 55.37
N GLU J 244 58.69 3.10 55.03
CA GLU J 244 58.76 2.53 53.68
C GLU J 244 57.79 3.02 52.61
N TYR J 245 56.52 3.27 52.98
CA TYR J 245 55.39 3.67 52.12
C TYR J 245 55.16 2.79 50.88
N THR J 246 54.09 3.07 50.13
CA THR J 246 53.88 2.40 48.85
C THR J 246 53.78 3.36 47.67
N ILE J 247 52.84 4.33 47.74
CA ILE J 247 52.35 5.25 46.71
C ILE J 247 51.89 4.58 45.42
N GLN J 248 50.78 5.06 44.88
CA GLN J 248 50.24 4.61 43.61
C GLN J 248 49.26 5.66 43.10
N ASP J 249 49.49 6.13 41.87
CA ASP J 249 48.73 7.21 41.21
C ASP J 249 48.83 8.44 42.11
N ASN J 250 47.73 9.11 42.45
CA ASN J 250 47.75 10.18 43.43
C ASN J 250 47.33 9.71 44.82
N LEU J 251 47.02 8.41 44.98
CA LEU J 251 46.73 7.85 46.28
C LEU J 251 48.02 7.61 47.05
N CYS J 252 47.96 7.82 48.36
CA CYS J 252 49.13 7.76 49.21
C CYS J 252 48.87 6.85 50.41
N ASN J 253 49.86 5.99 50.71
CA ASN J 253 49.81 5.12 51.88
C ASN J 253 51.19 5.15 52.52
N ILE J 254 51.28 5.80 53.68
CA ILE J 254 52.53 5.90 54.43
C ILE J 254 52.43 5.02 55.67
N THR J 255 53.57 4.52 56.11
CA THR J 255 53.71 3.84 57.39
C THR J 255 54.62 4.70 58.27
N ALA J 256 54.23 4.92 59.51
CA ALA J 256 54.95 5.84 60.37
C ALA J 256 55.17 5.22 61.75
N VAL J 257 56.26 5.65 62.39
CA VAL J 257 56.59 5.22 63.74
C VAL J 257 55.86 6.16 64.68
N ALA J 258 54.77 5.66 65.29
CA ALA J 258 53.93 6.53 66.11
C ALA J 258 54.45 6.65 67.54
N LYS J 259 54.87 5.53 68.13
CA LYS J 259 55.32 5.54 69.51
C LYS J 259 56.38 4.46 69.69
N GLY J 260 57.44 4.81 70.41
CA GLY J 260 58.55 3.92 70.63
C GLY J 260 59.86 4.55 70.24
N PRO J 261 60.97 3.86 70.49
CA PRO J 261 62.29 4.41 70.15
C PRO J 261 62.52 4.42 68.65
N GLN J 262 63.37 5.35 68.22
CA GLN J 262 63.94 5.30 66.89
C GLN J 262 65.16 4.37 66.94
N GLU J 263 65.79 4.14 65.79
CA GLU J 263 66.85 3.12 65.61
C GLU J 263 66.37 1.72 66.00
N ALA J 264 65.07 1.48 65.85
CA ALA J 264 64.48 0.18 66.16
C ALA J 264 63.51 -0.31 65.10
N ALA J 265 63.12 0.52 64.14
CA ALA J 265 62.33 0.07 63.02
C ALA J 265 63.22 -0.63 61.99
N ARG J 266 62.63 -1.04 60.87
CA ARG J 266 63.40 -1.73 59.84
C ARG J 266 62.77 -1.42 58.49
N THR J 267 63.47 -0.65 57.68
CA THR J 267 63.06 -0.34 56.32
C THR J 267 63.94 -1.12 55.34
N ASP J 268 63.32 -1.85 54.43
CA ASP J 268 64.09 -2.59 53.44
C ASP J 268 64.64 -1.69 52.35
N LYS J 269 63.93 -0.62 52.01
CA LYS J 269 64.37 0.33 50.98
C LYS J 269 65.15 1.49 51.58
N THR J 270 66.16 1.16 52.38
CA THR J 270 67.01 2.13 53.05
C THR J 270 68.41 1.53 53.08
N SER J 271 69.43 2.40 52.92
CA SER J 271 70.79 1.94 52.73
C SER J 271 71.32 1.16 53.94
N THR J 272 71.18 1.74 55.12
CA THR J 272 71.64 1.08 56.35
C THR J 272 70.55 0.25 57.01
N ARG J 273 69.37 0.14 56.38
CA ARG J 273 68.18 -0.57 56.86
C ARG J 273 67.64 -0.02 58.18
N ARG J 274 68.07 1.17 58.59
CA ARG J 274 67.57 1.83 59.79
C ARG J 274 67.41 3.31 59.47
N VAL J 275 66.57 3.98 60.24
CA VAL J 275 66.20 5.36 59.95
C VAL J 275 66.45 6.22 61.17
N THR J 276 66.84 7.47 60.92
CA THR J 276 67.01 8.49 61.96
C THR J 276 66.29 9.76 61.53
N ALA J 277 65.64 10.41 62.49
CA ALA J 277 64.78 11.54 62.19
C ALA J 277 65.59 12.78 61.86
N ASN J 278 65.04 13.63 61.01
CA ASN J 278 65.65 14.91 60.67
C ASN J 278 64.56 15.96 60.47
N ILE J 279 64.92 17.21 60.72
CA ILE J 279 64.02 18.35 60.50
C ILE J 279 64.78 19.43 59.75
N PRO J 280 64.07 20.29 59.03
CA PRO J 280 64.71 21.49 58.48
C PRO J 280 65.19 22.42 59.59
N ALA J 281 66.20 23.22 59.27
CA ALA J 281 66.88 24.04 60.28
C ALA J 281 66.01 25.16 60.82
N CYS J 282 65.00 25.60 60.06
CA CYS J 282 64.14 26.69 60.53
C CYS J 282 63.15 26.21 61.57
N VAL J 283 62.86 24.91 61.61
CA VAL J 283 61.86 24.38 62.53
C VAL J 283 62.53 23.95 63.82
N PHE J 284 63.82 24.21 63.96
CA PHE J 284 64.57 23.83 65.14
C PHE J 284 64.68 25.01 66.11
N TRP J 285 64.72 24.68 67.40
CA TRP J 285 64.80 25.70 68.45
C TRP J 285 65.43 25.05 69.67
N ASP J 286 66.66 25.44 69.99
CA ASP J 286 67.36 24.95 71.17
C ASP J 286 67.23 26.04 72.24
N VAL J 287 66.22 25.88 73.10
CA VAL J 287 65.93 26.92 74.08
C VAL J 287 66.77 26.80 75.34
N ASP J 288 67.49 25.69 75.53
CA ASP J 288 68.33 25.56 76.72
C ASP J 288 69.60 26.40 76.59
N LYS J 289 70.20 26.43 75.40
CA LYS J 289 71.33 27.33 75.19
C LYS J 289 70.89 28.77 75.01
N ASP J 290 69.61 29.00 74.69
CA ASP J 290 69.08 30.36 74.64
C ASP J 290 68.78 30.89 76.04
N LEU J 291 68.38 30.01 76.95
CA LEU J 291 68.12 30.37 78.35
C LEU J 291 69.34 30.26 79.23
N HIS J 292 70.48 29.83 78.66
CA HIS J 292 71.74 29.62 79.38
C HIS J 292 71.58 28.66 80.56
N LEU J 293 70.88 27.56 80.30
CA LEU J 293 70.54 26.58 81.34
C LEU J 293 71.02 25.22 80.87
N SER J 294 72.29 24.90 81.17
CA SER J 294 72.91 23.59 81.02
C SER J 294 72.99 23.08 79.58
N ALA J 295 73.63 21.92 79.40
CA ALA J 295 73.69 21.27 78.09
C ALA J 295 73.44 19.77 78.13
N ASP J 296 73.63 19.10 79.26
CA ASP J 296 73.53 17.65 79.34
C ASP J 296 72.21 17.23 79.99
N GLY J 297 71.95 15.93 79.94
CA GLY J 297 70.79 15.34 80.58
C GLY J 297 69.72 14.97 79.57
N LEU J 298 68.60 14.50 80.11
CA LEU J 298 67.46 14.12 79.28
C LEU J 298 66.76 15.38 78.81
N LYS J 299 66.63 15.54 77.49
CA LYS J 299 66.03 16.72 76.89
C LYS J 299 64.73 16.32 76.20
N HIS J 300 63.61 16.85 76.69
CA HIS J 300 62.32 16.60 76.05
C HIS J 300 62.22 17.34 74.73
N VAL J 301 61.47 16.77 73.81
CA VAL J 301 61.19 17.36 72.51
C VAL J 301 59.78 17.94 72.56
N PHE J 302 59.62 19.16 72.05
CA PHE J 302 58.34 19.85 72.08
C PHE J 302 58.00 20.35 70.68
N LEU J 303 56.71 20.35 70.37
CA LEU J 303 56.20 20.92 69.13
C LEU J 303 55.50 22.23 69.48
N VAL J 304 56.12 23.35 69.15
CA VAL J 304 55.70 24.66 69.62
C VAL J 304 55.08 25.42 68.46
N PHE J 305 53.84 25.85 68.64
CA PHE J 305 53.20 26.83 67.76
C PHE J 305 53.37 28.21 68.38
N VAL J 306 53.76 29.18 67.57
CA VAL J 306 54.03 30.53 68.02
C VAL J 306 53.04 31.46 67.35
N TYR J 307 52.27 32.19 68.15
CA TYR J 307 51.23 33.08 67.64
C TYR J 307 51.64 34.53 67.82
N THR J 308 51.38 35.34 66.80
CA THR J 308 51.67 36.78 66.81
C THR J 308 50.38 37.51 66.42
N GLN J 309 49.61 37.92 67.41
CA GLN J 309 48.42 38.73 67.16
C GLN J 309 48.82 40.14 66.74
N ARG J 310 48.09 40.67 65.75
CA ARG J 310 48.40 41.93 65.06
C ARG J 310 49.83 41.94 64.54
N ARG J 311 50.63 42.91 65.00
CA ARG J 311 52.07 43.01 64.73
C ARG J 311 52.35 43.08 63.23
N GLN J 312 51.86 44.17 62.62
CA GLN J 312 51.97 44.44 61.18
C GLN J 312 51.36 43.31 60.35
N ARG J 313 50.26 42.76 60.86
CA ARG J 313 49.53 41.62 60.28
C ARG J 313 50.45 40.41 60.07
N GLU J 314 51.00 39.90 61.15
CA GLU J 314 51.77 38.66 61.14
C GLU J 314 50.91 37.50 61.65
N GLY J 315 51.41 36.29 61.45
CA GLY J 315 50.63 35.11 61.77
C GLY J 315 51.33 34.11 62.67
N VAL J 316 51.36 32.85 62.24
CA VAL J 316 51.83 31.76 63.08
C VAL J 316 53.12 31.21 62.52
N ARG J 317 53.86 30.49 63.39
CA ARG J 317 55.02 29.70 62.98
C ARG J 317 54.96 28.35 63.69
N LEU J 318 55.81 27.43 63.23
CA LEU J 318 55.94 26.12 63.85
C LEU J 318 57.40 25.89 64.22
N HIS J 319 57.62 25.33 65.40
CA HIS J 319 58.96 25.04 65.88
C HIS J 319 58.97 23.68 66.56
N LEU J 320 60.07 22.95 66.39
CA LEU J 320 60.31 21.69 67.09
C LEU J 320 61.39 21.98 68.13
N ALA J 321 60.97 22.27 69.35
CA ALA J 321 61.86 22.78 70.39
C ALA J 321 62.35 21.65 71.28
N LEU J 322 63.64 21.71 71.61
CA LEU J 322 64.27 20.76 72.53
C LEU J 322 64.55 21.49 73.84
N SER J 323 63.99 20.98 74.94
CA SER J 323 64.17 21.58 76.25
C SER J 323 64.33 20.49 77.29
N GLN J 324 65.08 20.81 78.35
CA GLN J 324 65.19 19.89 79.48
C GLN J 324 64.15 20.16 80.55
N LEU J 325 63.28 21.16 80.36
CA LEU J 325 62.25 21.46 81.33
C LEU J 325 61.11 20.45 81.28
N ASN J 326 60.28 20.47 82.32
CA ASN J 326 59.17 19.53 82.40
C ASN J 326 58.04 19.93 81.46
N GLU J 327 57.08 19.02 81.30
CA GLU J 327 55.92 19.30 80.48
C GLU J 327 55.03 20.35 81.12
N GLN J 328 54.88 20.29 82.46
CA GLN J 328 54.16 21.33 83.18
C GLN J 328 54.94 22.63 83.16
N CYS J 329 56.27 22.54 83.12
CA CYS J 329 57.13 23.69 82.90
C CYS J 329 57.20 24.03 81.41
N PHE J 330 58.17 24.86 81.04
CA PHE J 330 58.51 25.31 79.67
C PHE J 330 57.47 26.32 79.17
N GLY J 331 56.37 26.49 79.90
CA GLY J 331 55.51 27.64 79.66
C GLY J 331 56.12 28.92 80.18
N ARG J 332 56.92 28.81 81.26
CA ARG J 332 57.71 29.94 81.71
C ARG J 332 58.90 30.21 80.79
N GLY J 333 59.40 29.17 80.12
CA GLY J 333 60.46 29.37 79.14
C GLY J 333 59.95 29.92 77.83
N ILE J 334 58.63 29.98 77.65
CA ILE J 334 58.03 30.56 76.48
C ILE J 334 57.42 31.94 76.80
N GLY J 335 56.96 32.14 78.04
CA GLY J 335 56.61 33.48 78.49
C GLY J 335 57.82 34.38 78.59
N PHE J 336 58.95 33.84 79.07
CA PHE J 336 60.23 34.50 78.93
C PHE J 336 60.72 34.26 77.49
N LEU J 337 61.85 34.87 77.12
CA LEU J 337 62.54 34.69 75.84
C LEU J 337 61.67 35.15 74.67
N LEU J 338 60.61 34.41 74.37
CA LEU J 338 59.69 34.80 73.32
C LEU J 338 58.92 36.06 73.69
N GLY J 339 58.41 36.14 74.92
CA GLY J 339 57.66 37.30 75.34
C GLY J 339 58.51 38.50 75.71
N ALA J 340 59.81 38.29 75.95
CA ALA J 340 60.68 39.40 76.31
C ALA J 340 61.03 40.27 75.11
N ARG J 341 61.03 39.70 73.91
CA ARG J 341 61.40 40.44 72.70
C ARG J 341 60.12 40.95 72.05
N ILE J 342 59.45 41.87 72.75
CA ILE J 342 58.20 42.44 72.27
C ILE J 342 58.28 43.95 72.26
N CYS J 343 48.78 37.45 75.74
CA CYS J 343 47.65 36.52 75.81
C CYS J 343 47.52 35.72 74.52
N MET J 344 47.19 34.43 74.69
CA MET J 344 47.09 33.38 73.65
C MET J 344 48.20 33.51 72.60
N TYR J 345 49.43 33.51 73.08
CA TYR J 345 50.60 33.75 72.24
C TYR J 345 51.30 32.48 71.78
N ALA J 346 51.04 31.34 72.41
CA ALA J 346 51.71 30.10 72.03
C ALA J 346 50.87 28.90 72.45
N ALA J 347 51.20 27.75 71.86
CA ALA J 347 50.54 26.50 72.18
C ALA J 347 51.51 25.37 71.87
N TYR J 348 51.96 24.65 72.91
CA TYR J 348 52.98 23.63 72.78
C TYR J 348 52.49 22.30 73.33
N THR J 349 53.05 21.22 72.81
CA THR J 349 52.76 19.87 73.28
C THR J 349 54.05 19.06 73.32
N LEU J 350 54.05 18.02 74.14
CA LEU J 350 55.19 17.12 74.24
C LEU J 350 55.06 16.02 73.19
N ILE J 351 56.14 15.78 72.46
CA ILE J 351 56.13 14.80 71.38
C ILE J 351 57.06 13.62 71.65
N GLY J 352 58.23 13.83 72.23
CA GLY J 352 59.15 12.74 72.51
C GLY J 352 60.24 13.19 73.45
N THR J 353 61.07 12.22 73.84
CA THR J 353 62.20 12.47 74.73
C THR J 353 63.47 11.92 74.09
N ILE J 354 64.60 12.54 74.43
CA ILE J 354 65.91 12.06 74.02
C ILE J 354 66.69 11.70 75.28
N PRO J 355 66.75 10.42 75.66
CA PRO J 355 67.32 10.05 76.97
C PRO J 355 68.83 9.88 76.97
N SER J 356 69.52 10.38 75.95
CA SER J 356 70.96 10.22 75.88
C SER J 356 71.67 11.10 76.90
N GLU J 357 72.96 10.81 77.10
CA GLU J 357 73.78 11.59 78.03
C GLU J 357 73.96 13.02 77.53
N SER J 358 74.24 13.18 76.24
CA SER J 358 74.31 14.48 75.61
C SER J 358 73.79 14.35 74.19
N VAL J 359 72.94 15.29 73.77
CA VAL J 359 72.34 15.21 72.45
C VAL J 359 73.37 15.58 71.38
N ARG J 360 73.24 14.96 70.21
CA ARG J 360 74.13 15.20 69.10
C ARG J 360 73.34 15.59 67.87
N TYR J 361 73.81 16.60 67.15
CA TYR J 361 73.22 17.03 65.90
C TYR J 361 74.19 16.81 64.75
N THR J 362 73.68 16.92 63.53
CA THR J 362 74.51 16.84 62.33
C THR J 362 73.89 17.78 61.30
N ARG J 363 74.45 18.99 61.19
CA ARG J 363 73.89 20.05 60.37
C ARG J 363 74.35 19.98 58.91
N ARG J 364 74.75 18.81 58.43
CA ARG J 364 75.16 18.66 57.03
C ARG J 364 73.98 18.82 56.09
N MET J 365 74.24 19.42 54.94
CA MET J 365 73.20 19.64 53.95
C MET J 365 72.78 18.33 53.29
N GLU J 366 71.49 18.19 53.04
CA GLU J 366 70.93 16.99 52.43
C GLU J 366 70.19 17.36 51.15
N ARG J 367 70.38 16.55 50.11
CA ARG J 367 69.74 16.79 48.83
C ARG J 367 68.25 16.46 48.95
N PHE J 368 67.41 17.49 48.85
CA PHE J 368 65.96 17.28 48.96
C PHE J 368 65.38 16.86 47.62
N GLY J 369 65.44 17.75 46.63
CA GLY J 369 64.92 17.47 45.32
C GLY J 369 65.84 17.98 44.23
N GLY J 370 67.13 18.01 44.51
CA GLY J 370 68.10 18.71 43.69
C GLY J 370 68.57 20.02 44.29
N TYR J 371 67.92 20.49 45.35
CA TYR J 371 68.33 21.68 46.08
C TYR J 371 68.77 21.28 47.48
N ASN J 372 69.63 22.09 48.08
CA ASN J 372 70.24 21.75 49.36
C ASN J 372 69.45 22.37 50.51
N VAL J 373 68.99 21.53 51.43
CA VAL J 373 68.25 21.94 52.61
C VAL J 373 69.04 21.50 53.85
N PRO J 374 69.34 22.40 54.79
CA PRO J 374 70.19 22.02 55.92
C PRO J 374 69.45 21.28 57.02
N THR J 375 69.35 19.96 56.88
CA THR J 375 68.70 19.14 57.90
C THR J 375 69.56 19.05 59.17
N ILE J 376 68.93 18.64 60.26
CA ILE J 376 69.54 18.70 61.59
C ILE J 376 69.99 17.30 62.03
N TRP J 377 69.26 16.27 61.60
CA TRP J 377 69.59 14.85 61.82
C TRP J 377 69.71 14.51 63.31
N LEU J 378 68.58 14.60 64.01
CA LEU J 378 68.53 14.23 65.42
C LEU J 378 68.79 12.73 65.60
N GLU J 379 69.46 12.40 66.70
CA GLU J 379 69.89 11.03 66.96
C GLU J 379 69.37 10.56 68.31
N GLY J 380 68.93 9.31 68.36
CA GLY J 380 68.47 8.70 69.60
C GLY J 380 67.21 9.29 70.20
N VAL J 381 66.24 9.64 69.36
CA VAL J 381 64.99 10.20 69.81
C VAL J 381 64.00 9.07 70.10
N VAL J 382 63.33 9.16 71.24
CA VAL J 382 62.30 8.19 71.63
C VAL J 382 60.97 8.91 71.61
N TRP J 383 60.09 8.51 70.70
CA TRP J 383 58.80 9.18 70.57
C TRP J 383 57.87 8.81 71.72
N GLY J 384 56.85 9.63 71.91
CA GLY J 384 55.88 9.41 72.97
C GLY J 384 54.79 10.47 72.98
N GLY J 385 54.44 10.94 74.17
CA GLY J 385 53.45 11.99 74.31
C GLY J 385 52.02 11.48 74.21
N THR J 386 51.09 12.31 74.68
CA THR J 386 49.68 11.98 74.66
C THR J 386 48.84 13.01 73.89
N ASN J 387 49.49 13.89 73.12
CA ASN J 387 48.86 14.91 72.29
C ASN J 387 47.96 15.85 73.11
N THR J 388 48.58 16.49 74.10
CA THR J 388 47.91 17.47 74.96
C THR J 388 48.45 18.84 74.64
N TRP J 389 47.65 19.65 73.95
CA TRP J 389 48.06 21.00 73.54
C TRP J 389 47.91 21.94 74.73
N ASN J 390 49.02 22.19 75.42
CA ASN J 390 49.03 23.13 76.53
C ASN J 390 49.03 24.55 75.98
N GLU J 391 47.89 25.22 76.07
CA GLU J 391 47.75 26.60 75.60
C GLU J 391 48.33 27.52 76.67
N CYS J 392 49.35 28.28 76.30
CA CYS J 392 49.97 29.22 77.22
C CYS J 392 49.59 30.66 76.88
N ALA K 1 -47.46 -87.72 -12.32
CA ALA K 1 -46.11 -88.02 -11.88
C ALA K 1 -45.07 -87.39 -12.81
N MET K 2 -45.43 -87.27 -14.08
CA MET K 2 -44.56 -86.70 -15.10
C MET K 2 -45.28 -85.53 -15.78
N PRO K 3 -44.52 -84.53 -16.22
CA PRO K 3 -45.15 -83.43 -16.98
C PRO K 3 -45.66 -83.91 -18.33
N PHE K 4 -46.72 -83.25 -18.81
CA PHE K 4 -47.36 -83.65 -20.06
C PHE K 4 -46.70 -82.87 -21.20
N GLU K 5 -45.65 -83.46 -21.76
CA GLU K 5 -44.91 -82.82 -22.84
C GLU K 5 -45.61 -83.03 -24.17
N ILE K 6 -45.86 -81.94 -24.89
CA ILE K 6 -46.46 -81.96 -26.21
C ILE K 6 -45.43 -81.50 -27.22
N GLU K 7 -45.17 -82.32 -28.23
CA GLU K 7 -44.14 -82.06 -29.22
C GLU K 7 -44.82 -81.75 -30.56
N VAL K 8 -45.07 -80.47 -30.81
CA VAL K 8 -45.66 -80.04 -32.07
C VAL K 8 -44.56 -80.01 -33.12
N LEU K 9 -44.70 -80.84 -34.15
CA LEU K 9 -43.69 -80.96 -35.19
C LEU K 9 -43.76 -79.75 -36.13
N LEU K 10 -42.66 -79.03 -36.25
CA LEU K 10 -42.57 -77.96 -37.22
C LEU K 10 -42.54 -78.55 -38.63
N PRO K 11 -43.23 -77.94 -39.59
CA PRO K 11 -43.27 -78.51 -40.95
C PRO K 11 -41.96 -78.43 -41.70
N GLY K 12 -41.05 -77.54 -41.30
CA GLY K 12 -39.75 -77.44 -41.92
C GLY K 12 -39.71 -76.62 -43.19
N GLU K 13 -40.85 -76.11 -43.65
CA GLU K 13 -40.92 -75.28 -44.85
C GLU K 13 -41.11 -73.80 -44.53
N LEU K 14 -40.69 -73.37 -43.33
CA LEU K 14 -40.80 -71.97 -42.94
C LEU K 14 -39.54 -71.20 -43.35
N SER K 15 -39.72 -69.92 -43.63
CA SER K 15 -38.61 -69.06 -44.01
C SER K 15 -37.72 -68.77 -42.80
N PRO K 16 -36.42 -68.49 -43.02
CA PRO K 16 -35.53 -68.17 -41.89
C PRO K 16 -35.92 -66.94 -41.08
N ALA K 17 -36.56 -65.94 -41.72
CA ALA K 17 -36.99 -64.75 -40.99
C ALA K 17 -38.27 -64.99 -40.20
N GLU K 18 -38.89 -66.16 -40.33
CA GLU K 18 -40.12 -66.55 -39.66
C GLU K 18 -39.87 -67.46 -38.47
N THR K 19 -38.83 -68.30 -38.57
CA THR K 19 -38.46 -69.19 -37.47
C THR K 19 -37.98 -68.39 -36.25
N SER K 20 -37.23 -67.31 -36.49
CA SER K 20 -36.80 -66.45 -35.38
C SER K 20 -37.98 -65.71 -34.75
N ALA K 21 -38.96 -65.33 -35.56
CA ALA K 21 -40.17 -64.70 -35.03
C ALA K 21 -40.98 -65.67 -34.19
N LEU K 22 -41.01 -66.95 -34.59
CA LEU K 22 -41.60 -67.98 -33.75
C LEU K 22 -40.76 -68.24 -32.51
N GLN K 23 -39.43 -68.07 -32.61
CA GLN K 23 -38.55 -68.21 -31.46
C GLN K 23 -38.79 -67.12 -30.44
N LYS K 24 -39.21 -65.93 -30.89
CA LYS K 24 -39.56 -64.85 -29.96
C LYS K 24 -40.77 -65.23 -29.10
N CYS K 25 -41.75 -65.90 -29.70
CA CYS K 25 -42.92 -66.38 -28.96
C CYS K 25 -42.59 -67.74 -28.32
N GLU K 26 -41.77 -67.67 -27.28
CA GLU K 26 -41.26 -68.86 -26.62
C GLU K 26 -42.02 -69.23 -25.35
N GLY K 27 -42.65 -68.27 -24.68
CA GLY K 27 -43.33 -68.56 -23.44
C GLY K 27 -44.80 -68.20 -23.44
N LYS K 28 -45.40 -68.09 -24.61
CA LYS K 28 -46.79 -67.71 -24.72
C LYS K 28 -47.71 -68.93 -24.55
N ILE K 29 -49.00 -68.73 -24.74
CA ILE K 29 -50.02 -69.72 -24.41
C ILE K 29 -50.69 -70.18 -25.71
N ILE K 30 -50.79 -71.49 -25.89
CA ILE K 30 -51.52 -72.08 -27.01
C ILE K 30 -52.58 -73.03 -26.44
N THR K 31 -53.62 -73.27 -27.22
CA THR K 31 -54.72 -74.12 -26.81
C THR K 31 -54.79 -75.38 -27.67
N PHE K 32 -55.38 -76.42 -27.09
CA PHE K 32 -55.50 -77.71 -27.74
C PHE K 32 -56.94 -78.21 -27.61
N SER K 33 -57.30 -79.16 -28.48
CA SER K 33 -58.65 -79.71 -28.46
C SER K 33 -58.73 -80.99 -27.62
N THR K 34 -57.98 -82.02 -27.99
CA THR K 34 -57.99 -83.30 -27.28
C THR K 34 -56.61 -83.68 -26.78
N LEU K 35 -55.80 -82.68 -26.43
CA LEU K 35 -54.44 -82.82 -25.90
C LEU K 35 -53.53 -83.61 -26.84
N ARG K 36 -53.21 -84.85 -26.43
CA ARG K 36 -52.36 -85.83 -27.11
C ARG K 36 -50.89 -85.41 -27.17
N HIS K 37 -50.00 -86.40 -27.17
CA HIS K 37 -48.57 -86.13 -27.10
C HIS K 37 -48.05 -85.56 -28.42
N ARG K 38 -48.23 -86.30 -29.51
CA ARG K 38 -47.80 -85.85 -30.83
C ARG K 38 -48.95 -85.10 -31.49
N ALA K 39 -48.74 -83.82 -31.77
CA ALA K 39 -49.76 -82.97 -32.37
C ALA K 39 -49.14 -82.17 -33.51
N SER K 40 -50.00 -81.72 -34.42
CA SER K 40 -49.59 -80.94 -35.57
C SER K 40 -49.81 -79.45 -35.31
N LEU K 41 -49.25 -78.63 -36.20
CA LEU K 41 -49.38 -77.18 -36.08
C LEU K 41 -50.77 -76.69 -36.48
N VAL K 42 -51.53 -77.52 -37.20
CA VAL K 42 -52.86 -77.12 -37.66
C VAL K 42 -53.83 -77.01 -36.48
N ASP K 43 -53.73 -77.94 -35.53
CA ASP K 43 -54.70 -78.05 -34.44
C ASP K 43 -54.61 -76.92 -33.41
N ILE K 44 -53.56 -76.10 -33.44
CA ILE K 44 -53.39 -75.02 -32.47
C ILE K 44 -53.63 -73.65 -33.07
N ALA K 45 -53.76 -73.53 -34.39
CA ALA K 45 -53.84 -72.22 -35.02
C ALA K 45 -55.29 -71.74 -35.09
N LEU K 46 -55.49 -70.64 -35.82
CA LEU K 46 -56.82 -70.05 -35.97
C LEU K 46 -57.73 -70.86 -36.86
N SER K 47 -57.18 -71.77 -37.67
CA SER K 47 -58.01 -72.56 -38.58
C SER K 47 -58.84 -73.60 -37.84
N SER K 48 -58.43 -73.96 -36.62
CA SER K 48 -59.21 -74.91 -35.83
C SER K 48 -60.35 -74.25 -35.07
N TYR K 49 -60.39 -72.91 -35.00
CA TYR K 49 -61.43 -72.20 -34.29
C TYR K 49 -62.68 -71.96 -35.12
N TYR K 50 -62.69 -72.40 -36.38
CA TYR K 50 -63.77 -72.05 -37.31
C TYR K 50 -65.06 -72.76 -36.91
N ILE K 51 -66.14 -71.97 -36.81
CA ILE K 51 -67.44 -72.47 -36.39
C ILE K 51 -68.41 -72.56 -37.57
N ASN K 52 -68.50 -71.52 -38.38
CA ASN K 52 -69.42 -71.48 -39.52
C ASN K 52 -68.66 -71.18 -40.81
N GLY K 53 -67.40 -71.60 -40.89
CA GLY K 53 -66.56 -71.24 -42.01
C GLY K 53 -66.05 -69.83 -41.98
N ALA K 54 -66.20 -69.13 -40.86
CA ALA K 54 -65.83 -67.74 -40.68
C ALA K 54 -65.01 -67.61 -39.40
N PRO K 55 -64.20 -66.56 -39.29
CA PRO K 55 -63.52 -66.28 -38.01
C PRO K 55 -64.52 -66.03 -36.90
N PRO K 56 -64.23 -66.50 -35.68
CA PRO K 56 -65.23 -66.43 -34.61
C PRO K 56 -65.42 -65.01 -34.08
N ASP K 57 -66.59 -64.80 -33.49
CA ASP K 57 -66.89 -63.56 -32.79
C ASP K 57 -66.33 -63.64 -31.36
N THR K 58 -66.69 -62.68 -30.52
CA THR K 58 -66.15 -62.65 -29.16
C THR K 58 -66.82 -63.72 -28.29
N LEU K 59 -68.13 -63.91 -28.44
CA LEU K 59 -68.86 -64.90 -27.65
C LEU K 59 -68.40 -66.32 -27.97
N SER K 60 -68.23 -66.62 -29.26
CA SER K 60 -67.78 -67.96 -29.65
C SER K 60 -66.33 -68.20 -29.25
N LEU K 61 -65.51 -67.16 -29.24
CA LEU K 61 -64.11 -67.34 -28.84
C LEU K 61 -63.99 -67.49 -27.32
N LEU K 62 -64.84 -66.80 -26.56
CA LEU K 62 -64.91 -67.05 -25.11
C LEU K 62 -65.39 -68.46 -24.81
N GLU K 63 -66.39 -68.94 -25.56
CA GLU K 63 -66.87 -70.31 -25.40
C GLU K 63 -65.80 -71.33 -25.76
N ALA K 64 -65.02 -71.04 -26.80
CA ALA K 64 -63.93 -71.93 -27.20
C ALA K 64 -62.83 -71.95 -26.15
N TYR K 65 -62.53 -70.79 -25.55
CA TYR K 65 -61.50 -70.75 -24.52
C TYR K 65 -61.96 -71.41 -23.23
N ARG K 66 -63.28 -71.39 -22.97
CA ARG K 66 -63.82 -72.13 -21.85
C ARG K 66 -63.87 -73.63 -22.10
N MET K 67 -64.02 -74.04 -23.36
CA MET K 67 -64.17 -75.45 -23.68
C MET K 67 -62.84 -76.15 -23.95
N ARG K 68 -61.90 -75.49 -24.61
CA ARG K 68 -60.65 -76.11 -25.00
C ARG K 68 -59.60 -75.98 -23.90
N PHE K 69 -58.58 -76.82 -24.00
CA PHE K 69 -57.56 -76.97 -22.97
C PHE K 69 -56.34 -76.13 -23.32
N ALA K 70 -55.83 -75.40 -22.33
CA ALA K 70 -54.70 -74.50 -22.55
C ALA K 70 -53.38 -75.25 -22.41
N ALA K 71 -52.32 -74.61 -22.91
CA ALA K 71 -50.97 -75.13 -22.80
C ALA K 71 -50.00 -73.95 -22.87
N VAL K 72 -48.78 -74.17 -22.37
CA VAL K 72 -47.75 -73.14 -22.33
C VAL K 72 -46.53 -73.65 -23.07
N ILE K 73 -46.06 -72.86 -24.04
CA ILE K 73 -44.83 -73.17 -24.75
C ILE K 73 -43.64 -72.96 -23.82
N THR K 74 -42.71 -73.91 -23.81
CA THR K 74 -41.53 -73.83 -22.97
C THR K 74 -40.24 -73.69 -23.79
N ARG K 75 -39.97 -74.62 -24.68
CA ARG K 75 -38.76 -74.60 -25.50
C ARG K 75 -39.15 -74.51 -26.96
N VAL K 76 -38.47 -73.65 -27.71
CA VAL K 76 -38.64 -73.57 -29.16
C VAL K 76 -37.25 -73.86 -29.73
N ILE K 77 -37.14 -75.00 -30.42
CA ILE K 77 -35.88 -75.43 -31.02
C ILE K 77 -36.10 -75.47 -32.52
N PRO K 78 -35.05 -75.37 -33.34
CA PRO K 78 -35.26 -75.46 -34.81
C PRO K 78 -35.70 -76.85 -35.22
N GLY K 79 -36.96 -76.94 -35.64
CA GLY K 79 -37.54 -78.18 -36.10
C GLY K 79 -38.63 -78.75 -35.22
N LYS K 80 -38.77 -78.26 -33.99
CA LYS K 80 -39.74 -78.83 -33.05
C LYS K 80 -40.27 -77.74 -32.13
N LEU K 81 -41.55 -77.84 -31.80
CA LEU K 81 -42.21 -76.96 -30.85
C LEU K 81 -42.60 -77.76 -29.62
N LEU K 82 -42.17 -77.30 -28.45
CA LEU K 82 -42.42 -77.99 -27.19
C LEU K 82 -43.45 -77.22 -26.37
N ALA K 83 -44.40 -77.94 -25.78
CA ALA K 83 -45.44 -77.33 -24.96
C ALA K 83 -45.73 -78.21 -23.76
N HIS K 84 -46.22 -77.59 -22.69
CA HIS K 84 -46.60 -78.28 -21.47
C HIS K 84 -48.06 -77.99 -21.17
N ALA K 85 -48.80 -79.02 -20.77
CA ALA K 85 -50.22 -78.90 -20.48
C ALA K 85 -50.44 -78.17 -19.16
N ILE K 86 -51.46 -77.32 -19.11
CA ILE K 86 -51.76 -76.49 -17.95
C ILE K 86 -53.21 -76.72 -17.55
N GLY K 87 -53.43 -76.98 -16.27
CA GLY K 87 -54.76 -77.15 -15.73
C GLY K 87 -55.20 -78.59 -15.57
N VAL K 88 -54.47 -79.54 -16.15
CA VAL K 88 -54.79 -80.95 -15.96
C VAL K 88 -54.46 -81.38 -14.53
N GLY K 89 -53.31 -80.95 -14.02
CA GLY K 89 -52.87 -81.32 -12.68
C GLY K 89 -51.53 -82.02 -12.64
N THR K 90 -50.91 -82.28 -13.78
CA THR K 90 -49.60 -82.91 -13.81
C THR K 90 -48.53 -81.94 -13.33
N PRO K 91 -47.55 -82.39 -12.55
CA PRO K 91 -46.51 -81.47 -12.09
C PRO K 91 -45.51 -81.15 -13.19
N THR K 92 -45.33 -79.86 -13.45
CA THR K 92 -44.43 -79.37 -14.49
C THR K 92 -43.30 -78.59 -13.83
N PRO K 93 -42.04 -78.91 -14.14
CA PRO K 93 -40.92 -78.19 -13.50
C PRO K 93 -40.55 -76.93 -14.28
N GLY K 94 -40.44 -75.81 -13.57
CA GLY K 94 -39.94 -74.57 -14.13
C GLY K 94 -40.83 -73.91 -15.17
N LEU K 95 -42.04 -73.55 -14.79
CA LEU K 95 -42.91 -72.81 -15.69
C LEU K 95 -42.45 -71.36 -15.83
N PHE K 96 -42.74 -70.79 -17.00
CA PHE K 96 -42.52 -69.38 -17.23
C PHE K 96 -43.46 -68.92 -18.35
N ILE K 97 -44.02 -67.72 -18.20
CA ILE K 97 -44.86 -67.13 -19.24
C ILE K 97 -44.37 -65.72 -19.52
N GLN K 98 -44.74 -65.22 -20.69
CA GLN K 98 -44.49 -63.84 -21.08
C GLN K 98 -45.83 -63.15 -21.23
N ASN K 99 -46.02 -62.06 -20.50
CA ASN K 99 -47.32 -61.39 -20.49
C ASN K 99 -47.53 -60.60 -21.77
N THR K 100 -48.70 -60.75 -22.37
CA THR K 100 -49.05 -60.06 -23.60
C THR K 100 -49.98 -58.87 -23.38
N SER K 101 -50.46 -58.67 -22.16
CA SER K 101 -51.30 -57.53 -21.85
C SER K 101 -50.48 -56.25 -21.85
N PRO K 102 -51.11 -55.10 -22.14
CA PRO K 102 -50.39 -53.83 -22.02
C PRO K 102 -50.09 -53.41 -20.59
N VAL K 103 -50.76 -53.99 -19.59
CA VAL K 103 -50.58 -53.60 -18.20
C VAL K 103 -49.47 -54.43 -17.57
N ASP K 104 -48.91 -53.90 -16.49
CA ASP K 104 -47.83 -54.58 -15.79
C ASP K 104 -48.35 -55.73 -14.95
N LEU K 105 -47.44 -56.59 -14.51
CA LEU K 105 -47.74 -57.70 -13.63
C LEU K 105 -46.84 -57.62 -12.41
N CYS K 106 -47.45 -57.65 -11.22
CA CYS K 106 -46.73 -57.60 -9.97
C CYS K 106 -46.67 -59.01 -9.36
N ASN K 107 -45.91 -59.13 -8.27
CA ASN K 107 -45.75 -60.42 -7.61
C ASN K 107 -47.06 -60.83 -6.92
N GLY K 108 -47.42 -62.10 -7.07
CA GLY K 108 -48.58 -62.66 -6.41
C GLY K 108 -49.90 -62.46 -7.13
N ASP K 109 -49.90 -61.87 -8.31
CA ASP K 109 -51.14 -61.67 -9.06
C ASP K 109 -51.64 -62.99 -9.65
N TYR K 110 -52.96 -63.15 -9.64
CA TYR K 110 -53.59 -64.28 -10.30
C TYR K 110 -53.90 -63.92 -11.75
N ILE K 111 -53.92 -64.94 -12.61
CA ILE K 111 -53.96 -64.76 -14.06
C ILE K 111 -55.26 -65.29 -14.61
N CYS K 112 -55.96 -64.47 -15.40
CA CYS K 112 -57.15 -64.86 -16.14
C CYS K 112 -56.92 -64.59 -17.62
N LEU K 113 -57.40 -65.50 -18.47
CA LEU K 113 -57.17 -65.43 -19.91
C LEU K 113 -58.44 -65.08 -20.65
N LEU K 114 -58.36 -64.11 -21.54
CA LEU K 114 -59.42 -63.74 -22.47
C LEU K 114 -58.78 -63.51 -23.83
N PRO K 115 -59.54 -63.64 -24.92
CA PRO K 115 -58.97 -63.37 -26.25
C PRO K 115 -58.66 -61.89 -26.43
N PRO K 116 -57.72 -61.54 -27.31
CA PRO K 116 -57.39 -60.13 -27.52
C PRO K 116 -58.53 -59.38 -28.20
N VAL K 117 -58.90 -58.25 -27.61
CA VAL K 117 -59.99 -57.42 -28.12
C VAL K 117 -59.45 -56.04 -28.42
N TYR K 118 -58.13 -55.94 -28.59
CA TYR K 118 -57.45 -54.68 -28.86
C TYR K 118 -56.99 -54.58 -30.32
N GLY K 119 -57.65 -55.31 -31.21
CA GLY K 119 -57.34 -55.28 -32.61
C GLY K 119 -56.46 -56.41 -33.13
N SER K 120 -56.21 -57.44 -32.31
CA SER K 120 -55.37 -58.59 -32.64
C SER K 120 -53.96 -58.14 -33.04
N ALA K 121 -53.26 -57.54 -32.07
CA ALA K 121 -52.00 -56.88 -32.34
C ALA K 121 -50.87 -57.87 -32.58
N ASP K 122 -50.82 -58.96 -31.81
CA ASP K 122 -49.74 -59.93 -31.90
C ASP K 122 -49.75 -60.63 -33.26
N SER K 123 -50.76 -61.47 -33.49
CA SER K 123 -51.13 -62.04 -34.79
C SER K 123 -49.95 -62.67 -35.54
N ILE K 124 -49.41 -63.73 -34.97
CA ILE K 124 -48.31 -64.44 -35.61
C ILE K 124 -48.84 -65.15 -36.84
N ARG K 125 -48.40 -64.69 -38.02
CA ARG K 125 -48.92 -65.19 -39.29
C ARG K 125 -47.88 -66.11 -39.93
N LEU K 126 -48.34 -67.28 -40.36
CA LEU K 126 -47.49 -68.26 -41.04
C LEU K 126 -47.91 -68.26 -42.51
N ASP K 127 -47.33 -67.34 -43.28
CA ASP K 127 -47.67 -67.22 -44.69
C ASP K 127 -46.97 -68.25 -45.56
N SER K 128 -45.95 -68.93 -45.02
CA SER K 128 -45.24 -69.94 -45.81
C SER K 128 -46.09 -71.18 -46.02
N VAL K 129 -46.87 -71.58 -45.02
CA VAL K 129 -47.70 -72.77 -45.12
C VAL K 129 -49.13 -72.33 -45.38
N GLY K 130 -49.56 -71.27 -44.71
CA GLY K 130 -50.88 -70.72 -44.90
C GLY K 130 -51.77 -70.68 -43.68
N LEU K 131 -51.22 -70.51 -42.49
CA LEU K 131 -52.02 -70.42 -41.27
C LEU K 131 -51.68 -69.14 -40.52
N GLU K 132 -52.41 -68.93 -39.43
CA GLU K 132 -52.21 -67.79 -38.53
C GLU K 132 -52.45 -68.26 -37.10
N ILE K 133 -51.57 -67.85 -36.18
CA ILE K 133 -51.65 -68.26 -34.78
C ILE K 133 -52.00 -67.04 -33.94
N VAL K 134 -53.10 -67.15 -33.19
CA VAL K 134 -53.52 -66.11 -32.26
C VAL K 134 -53.06 -66.50 -30.86
N PHE K 135 -52.91 -65.51 -29.99
CA PHE K 135 -52.42 -65.72 -28.63
C PHE K 135 -53.36 -65.06 -27.63
N PRO K 136 -53.75 -65.75 -26.56
CA PRO K 136 -54.65 -65.14 -25.56
C PRO K 136 -53.98 -64.01 -24.80
N LEU K 137 -54.79 -63.06 -24.36
CA LEU K 137 -54.30 -61.95 -23.56
C LEU K 137 -54.18 -62.39 -22.10
N THR K 138 -53.02 -62.11 -21.51
CA THR K 138 -52.68 -62.58 -20.16
C THR K 138 -52.72 -61.36 -19.24
N ILE K 139 -53.87 -61.13 -18.61
CA ILE K 139 -54.04 -59.96 -17.74
C ILE K 139 -54.07 -60.45 -16.30
N PRO K 140 -53.76 -59.61 -15.30
CA PRO K 140 -53.91 -60.03 -13.91
C PRO K 140 -55.37 -60.10 -13.49
N GLN K 141 -55.59 -60.72 -12.33
CA GLN K 141 -56.88 -60.72 -11.68
C GLN K 141 -57.17 -59.33 -11.10
N THR K 142 -58.44 -59.10 -10.72
CA THR K 142 -59.06 -57.85 -10.28
C THR K 142 -59.03 -56.77 -11.36
N LEU K 143 -58.76 -57.15 -12.62
CA LEU K 143 -58.89 -56.26 -13.76
C LEU K 143 -59.76 -56.83 -14.87
N MET K 144 -60.14 -58.12 -14.78
CA MET K 144 -60.91 -58.75 -15.84
C MET K 144 -62.31 -58.18 -15.94
N ARG K 145 -62.93 -57.91 -14.78
CA ARG K 145 -64.26 -57.31 -14.77
C ARG K 145 -64.23 -55.90 -15.36
N GLU K 146 -63.21 -55.12 -15.00
CA GLU K 146 -63.06 -53.77 -15.55
C GLU K 146 -62.77 -53.80 -17.05
N ILE K 147 -61.92 -54.72 -17.49
CA ILE K 147 -61.60 -54.87 -18.91
C ILE K 147 -62.85 -55.22 -19.70
N ILE K 148 -63.62 -56.22 -19.24
CA ILE K 148 -64.80 -56.67 -19.95
C ILE K 148 -65.88 -55.60 -19.95
N ALA K 149 -66.08 -54.94 -18.80
CA ALA K 149 -67.11 -53.91 -18.67
C ALA K 149 -66.81 -52.70 -19.54
N LYS K 150 -65.56 -52.23 -19.55
CA LYS K 150 -65.25 -51.06 -20.37
C LYS K 150 -65.18 -51.40 -21.86
N VAL K 151 -64.79 -52.63 -22.21
CA VAL K 151 -64.81 -53.04 -23.61
C VAL K 151 -66.24 -53.09 -24.13
N VAL K 152 -67.16 -53.68 -23.36
CA VAL K 152 -68.54 -53.75 -23.83
C VAL K 152 -69.22 -52.38 -23.72
N ALA K 153 -68.75 -51.53 -22.81
CA ALA K 153 -69.30 -50.18 -22.71
C ALA K 153 -68.90 -49.33 -23.91
N ARG K 154 -67.63 -49.42 -24.34
CA ARG K 154 -67.22 -48.71 -25.54
C ARG K 154 -67.84 -49.33 -26.79
N ALA K 155 -68.14 -50.63 -26.77
CA ALA K 155 -68.86 -51.24 -27.87
C ALA K 155 -70.29 -50.71 -27.97
N VAL K 156 -70.95 -50.53 -26.83
CA VAL K 156 -72.31 -49.97 -26.82
C VAL K 156 -72.28 -48.50 -27.23
N GLU K 157 -71.30 -47.75 -26.73
CA GLU K 157 -71.21 -46.31 -27.03
C GLU K 157 -70.83 -46.07 -28.48
N ASP K 158 -70.08 -46.99 -29.09
CA ASP K 158 -69.68 -46.82 -30.49
C ASP K 158 -70.85 -46.99 -31.44
N LEU K 159 -71.86 -47.76 -31.05
CA LEU K 159 -73.04 -47.95 -31.89
C LEU K 159 -73.96 -46.73 -31.83
N ASN K 160 -64.43 -53.96 -33.96
CA ASN K 160 -65.82 -53.88 -33.50
C ASN K 160 -66.64 -55.03 -34.06
N LEU K 161 -66.12 -56.25 -33.90
CA LEU K 161 -66.79 -57.47 -34.33
C LEU K 161 -67.50 -58.17 -33.19
N MET K 162 -67.68 -57.49 -32.06
CA MET K 162 -68.29 -58.05 -30.86
C MET K 162 -69.81 -57.82 -30.78
N PHE K 163 -70.46 -57.73 -31.95
CA PHE K 163 -71.90 -57.44 -32.02
C PHE K 163 -72.75 -58.54 -31.38
N SER K 164 -72.25 -59.77 -31.32
CA SER K 164 -73.01 -60.85 -30.69
C SER K 164 -73.12 -60.65 -29.19
N ILE K 165 -72.03 -60.20 -28.54
CA ILE K 165 -72.04 -59.90 -27.11
C ILE K 165 -73.01 -58.78 -26.80
N ASN K 166 -72.96 -57.71 -27.62
CA ASN K 166 -73.87 -56.57 -27.44
C ASN K 166 -75.32 -56.99 -27.64
N GLU K 167 -75.60 -57.79 -28.68
CA GLU K 167 -76.96 -58.22 -28.96
C GLU K 167 -77.52 -59.11 -27.86
N GLY K 168 -76.69 -60.04 -27.37
CA GLY K 168 -77.13 -60.91 -26.28
C GLY K 168 -77.37 -60.15 -24.99
N CYS K 169 -76.46 -59.23 -24.65
CA CYS K 169 -76.63 -58.42 -23.44
C CYS K 169 -77.86 -57.53 -23.52
N LEU K 170 -78.08 -56.89 -24.67
CA LEU K 170 -79.23 -56.01 -24.85
C LEU K 170 -80.54 -56.79 -24.76
N LEU K 171 -80.63 -57.93 -25.47
CA LEU K 171 -81.86 -58.72 -25.46
C LEU K 171 -82.16 -59.27 -24.07
N ILE K 172 -81.15 -59.87 -23.41
CA ILE K 172 -81.35 -60.51 -22.12
C ILE K 172 -81.67 -59.47 -21.05
N LEU K 173 -81.04 -58.29 -21.10
CA LEU K 173 -81.16 -57.36 -20.01
C LEU K 173 -82.32 -56.38 -20.20
N ALA K 174 -82.75 -56.11 -21.44
CA ALA K 174 -83.83 -55.14 -21.67
C ALA K 174 -85.07 -55.73 -22.32
N LEU K 175 -84.91 -56.68 -23.25
CA LEU K 175 -86.06 -57.15 -24.02
C LEU K 175 -87.00 -57.99 -23.17
N ILE K 176 -86.45 -58.87 -22.34
CA ILE K 176 -87.26 -59.70 -21.45
C ILE K 176 -87.67 -58.97 -20.18
N PRO K 177 -86.79 -58.30 -19.41
CA PRO K 177 -87.31 -57.62 -18.21
C PRO K 177 -87.95 -56.28 -18.58
N ARG K 178 -89.19 -56.08 -18.12
CA ARG K 178 -89.95 -54.88 -18.42
C ARG K 178 -89.88 -53.84 -17.32
N LEU K 179 -88.78 -53.81 -16.55
CA LEU K 179 -88.48 -52.84 -15.49
C LEU K 179 -89.50 -52.85 -14.35
N LEU K 180 -90.28 -53.93 -14.23
CA LEU K 180 -91.31 -54.06 -13.20
C LEU K 180 -91.28 -55.45 -12.58
N ALA K 181 -90.07 -55.96 -12.35
CA ALA K 181 -89.80 -57.34 -11.93
C ALA K 181 -90.48 -58.33 -12.87
N LEU K 182 -90.10 -58.24 -14.15
CA LEU K 182 -90.62 -58.99 -15.30
C LEU K 182 -92.09 -58.73 -15.59
N LEU K 183 -92.68 -57.68 -14.98
CA LEU K 183 -94.06 -57.24 -15.22
C LEU K 183 -95.10 -58.34 -14.97
N ILE K 184 -94.80 -59.21 -14.01
CA ILE K 184 -95.67 -60.35 -13.72
C ILE K 184 -95.45 -60.80 -12.28
N PRO K 185 -94.20 -61.00 -11.86
CA PRO K 185 -93.95 -61.41 -10.47
C PRO K 185 -94.34 -60.37 -9.44
N ARG K 186 -94.32 -59.08 -9.80
CA ARG K 186 -94.75 -58.02 -8.89
C ARG K 186 -96.24 -58.12 -8.60
N LEU K 187 -97.05 -58.41 -9.63
CA LEU K 187 -98.47 -58.60 -9.42
C LEU K 187 -98.77 -59.97 -8.79
N LEU K 188 -97.95 -60.97 -9.08
CA LEU K 188 -98.21 -62.31 -8.55
C LEU K 188 -97.87 -62.41 -7.07
N ALA K 189 -96.80 -61.74 -6.64
CA ALA K 189 -96.38 -61.81 -5.24
C ALA K 189 -97.16 -60.88 -4.32
N LEU K 190 -97.96 -59.97 -4.88
CA LEU K 190 -98.75 -59.05 -4.07
C LEU K 190 -100.03 -59.72 -3.57
N VAL K 191 -80.91 -53.01 -1.52
CA VAL K 191 -81.81 -51.99 -2.05
C VAL K 191 -83.25 -52.49 -2.06
N THR K 192 -83.97 -52.22 -0.97
CA THR K 192 -85.36 -52.65 -0.85
C THR K 192 -86.25 -51.46 -1.20
N ARG K 193 -86.50 -51.30 -2.51
CA ARG K 193 -87.33 -50.21 -3.01
C ARG K 193 -88.34 -50.77 -4.00
N GLU K 194 -89.59 -50.34 -3.85
CA GLU K 194 -90.68 -50.77 -4.73
C GLU K 194 -91.25 -49.62 -5.56
N ALA K 195 -91.36 -48.43 -4.98
CA ALA K 195 -91.86 -47.27 -5.71
C ALA K 195 -90.70 -46.62 -6.47
N ALA K 196 -90.94 -45.40 -6.98
CA ALA K 196 -89.98 -44.54 -7.67
C ALA K 196 -89.43 -45.17 -8.95
N GLN K 197 -88.70 -46.28 -8.82
CA GLN K 197 -88.21 -46.99 -10.00
C GLN K 197 -89.36 -47.59 -10.81
N LEU K 198 -90.44 -48.01 -10.14
CA LEU K 198 -91.60 -48.51 -10.84
C LEU K 198 -92.38 -47.39 -11.52
N ILE K 199 -92.33 -46.18 -10.95
CA ILE K 199 -93.01 -45.03 -11.56
C ILE K 199 -92.28 -44.60 -12.82
N HIS K 200 -90.95 -44.56 -12.78
CA HIS K 200 -90.17 -44.31 -13.98
C HIS K 200 -90.29 -45.44 -14.99
N PRO K 201 -90.57 -46.69 -14.60
CA PRO K 201 -90.68 -47.78 -15.58
C PRO K 201 -91.90 -47.65 -16.48
N GLU K 202 -92.97 -47.03 -16.00
CA GLU K 202 -94.19 -46.90 -16.82
C GLU K 202 -93.98 -45.90 -17.96
N ALA K 203 -93.23 -44.82 -17.69
CA ALA K 203 -92.93 -43.85 -18.74
C ALA K 203 -92.05 -44.43 -19.84
N PRO K 204 -90.95 -45.11 -19.54
CA PRO K 204 -90.09 -45.66 -20.61
C PRO K 204 -90.65 -46.96 -21.15
N MET K 205 -91.21 -46.91 -22.35
CA MET K 205 -91.73 -48.10 -23.02
C MET K 205 -91.56 -47.89 -24.53
N LEU K 206 -90.45 -48.38 -25.08
CA LEU K 206 -90.18 -48.27 -26.50
C LEU K 206 -90.68 -49.47 -27.30
N MET K 207 -91.10 -50.53 -26.64
CA MET K 207 -91.58 -51.73 -27.33
C MET K 207 -92.57 -52.50 -26.45
N LEU K 208 -99.15 -68.47 -19.34
CA LEU K 208 -98.43 -69.32 -20.28
C LEU K 208 -97.25 -68.64 -21.04
N PRO K 209 -97.36 -67.37 -21.48
CA PRO K 209 -96.14 -66.69 -21.93
C PRO K 209 -95.17 -66.39 -20.80
N ILE K 210 -95.66 -66.25 -19.57
CA ILE K 210 -94.80 -65.87 -18.45
C ILE K 210 -93.85 -67.01 -18.08
N TYR K 211 -94.34 -68.26 -18.14
CA TYR K 211 -93.52 -69.44 -17.90
C TYR K 211 -92.36 -69.53 -18.88
N GLU K 212 -92.67 -69.40 -20.17
CA GLU K 212 -91.66 -69.49 -21.22
C GLU K 212 -90.66 -68.34 -21.14
N THR K 213 -91.15 -67.12 -20.86
CA THR K 213 -90.24 -65.99 -20.84
C THR K 213 -89.37 -65.99 -19.58
N ILE K 214 -89.87 -66.53 -18.46
CA ILE K 214 -89.06 -66.64 -17.26
C ILE K 214 -87.96 -67.69 -17.46
N SER K 215 -88.34 -68.85 -18.02
CA SER K 215 -87.36 -69.91 -18.26
C SER K 215 -86.30 -69.48 -19.27
N SER K 216 -86.73 -68.82 -20.36
CA SER K 216 -85.79 -68.34 -21.36
C SER K 216 -84.87 -67.27 -20.81
N TRP K 217 -85.40 -66.37 -19.97
CA TRP K 217 -84.57 -65.32 -19.38
C TRP K 217 -83.50 -65.89 -18.47
N ILE K 218 -83.89 -66.79 -17.55
CA ILE K 218 -82.92 -67.30 -16.59
C ILE K 218 -81.90 -68.20 -17.29
N SER K 219 -82.33 -68.96 -18.30
CA SER K 219 -81.41 -69.81 -19.04
C SER K 219 -80.38 -68.99 -19.82
N THR K 220 -80.85 -67.99 -20.59
CA THR K 220 -79.94 -67.20 -21.41
C THR K 220 -79.06 -66.30 -20.54
N SER K 221 -79.61 -65.74 -19.46
CA SER K 221 -78.82 -64.88 -18.57
C SER K 221 -77.73 -65.67 -17.86
N SER K 222 -78.05 -66.86 -17.37
CA SER K 222 -77.03 -67.63 -16.69
C SER K 222 -76.04 -68.24 -17.68
N ARG K 223 -76.46 -68.47 -18.93
CA ARG K 223 -75.51 -68.89 -19.97
C ARG K 223 -74.50 -67.79 -20.27
N LEU K 224 -74.99 -66.54 -20.43
CA LEU K 224 -74.08 -65.43 -20.68
C LEU K 224 -73.20 -65.13 -19.46
N GLY K 225 -73.71 -65.37 -18.26
CA GLY K 225 -72.86 -65.24 -17.08
C GLY K 225 -71.80 -66.32 -17.00
N ASP K 226 -72.15 -67.54 -17.42
CA ASP K 226 -71.22 -68.66 -17.29
C ASP K 226 -70.13 -68.61 -18.35
N THR K 227 -70.44 -68.14 -19.56
CA THR K 227 -69.45 -68.20 -20.64
C THR K 227 -68.38 -67.13 -20.47
N LEU K 228 -68.66 -66.09 -19.71
CA LEU K 228 -67.68 -65.04 -19.43
C LEU K 228 -67.14 -65.14 -18.02
N GLY K 229 -67.36 -66.31 -17.42
CA GLY K 229 -66.95 -66.56 -16.05
C GLY K 229 -65.76 -67.48 -15.93
N THR K 230 -64.75 -67.26 -16.76
CA THR K 230 -63.51 -68.03 -16.66
C THR K 230 -62.75 -67.64 -15.39
N ARG K 231 -62.10 -68.63 -14.79
CA ARG K 231 -61.45 -68.46 -13.50
C ARG K 231 -59.94 -68.42 -13.63
N ALA K 232 -59.28 -68.24 -12.49
CA ALA K 232 -57.82 -68.16 -12.46
C ALA K 232 -57.21 -69.52 -12.74
N ILE K 233 -56.14 -69.52 -13.54
CA ILE K 233 -55.48 -70.75 -13.94
C ILE K 233 -54.00 -70.66 -13.53
N LEU K 234 -53.48 -69.44 -13.39
CA LEU K 234 -52.07 -69.22 -13.07
C LEU K 234 -51.91 -68.17 -11.98
N ARG K 235 -50.72 -68.14 -11.40
CA ARG K 235 -50.34 -67.10 -10.45
C ARG K 235 -48.85 -66.85 -10.60
N VAL K 236 -48.48 -65.58 -10.79
CA VAL K 236 -47.08 -65.23 -10.94
C VAL K 236 -46.40 -65.19 -9.57
N CYS K 237 -45.33 -65.98 -9.43
CA CYS K 237 -44.57 -66.07 -8.17
C CYS K 237 -43.10 -65.84 -8.52
N VAL K 238 -42.60 -64.64 -8.23
CA VAL K 238 -41.22 -64.31 -8.53
C VAL K 238 -40.38 -64.49 -7.28
N PHE K 239 -39.34 -65.32 -7.38
CA PHE K 239 -38.40 -65.56 -6.29
C PHE K 239 -37.02 -65.19 -6.80
N ASP K 240 -36.39 -64.20 -6.15
CA ASP K 240 -35.09 -63.64 -6.52
C ASP K 240 -35.09 -63.11 -7.96
N GLY K 241 -35.94 -62.11 -8.19
CA GLY K 241 -36.07 -61.49 -9.48
C GLY K 241 -36.79 -60.16 -9.42
N PRO K 242 -37.17 -59.63 -10.59
CA PRO K 242 -37.89 -58.34 -10.61
C PRO K 242 -39.31 -58.48 -10.09
N SER K 243 -39.70 -57.54 -9.24
CA SER K 243 -41.04 -57.57 -8.64
C SER K 243 -42.11 -57.25 -9.67
N THR K 244 -41.86 -56.27 -10.53
CA THR K 244 -42.81 -55.87 -11.56
C THR K 244 -42.40 -56.46 -12.91
N VAL K 245 -43.40 -56.95 -13.64
CA VAL K 245 -43.18 -57.63 -14.92
C VAL K 245 -43.76 -56.73 -16.00
N HIS K 246 -42.89 -56.15 -16.81
CA HIS K 246 -43.32 -55.32 -17.93
C HIS K 246 -43.87 -56.21 -19.05
N PRO K 247 -44.70 -55.65 -19.94
CA PRO K 247 -45.14 -56.43 -21.11
C PRO K 247 -43.98 -56.83 -22.01
N GLY K 248 -44.04 -58.06 -22.50
CA GLY K 248 -42.96 -58.62 -23.29
C GLY K 248 -41.84 -59.24 -22.48
N ASP K 249 -41.91 -59.19 -21.15
CA ASP K 249 -40.88 -59.74 -20.29
C ASP K 249 -41.37 -61.04 -19.66
N ARG K 250 -40.49 -62.05 -19.64
CA ARG K 250 -40.83 -63.34 -19.10
C ARG K 250 -40.80 -63.31 -17.57
N THR K 251 -41.60 -64.18 -16.95
CA THR K 251 -41.67 -64.28 -15.50
C THR K 251 -42.10 -65.70 -15.13
N ALA K 252 -41.74 -66.10 -13.91
CA ALA K 252 -42.08 -67.42 -13.41
C ALA K 252 -43.51 -67.46 -12.86
N VAL K 253 -44.14 -68.63 -12.97
CA VAL K 253 -45.51 -68.82 -12.55
C VAL K 253 -45.64 -70.18 -11.87
N ILE K 254 -46.81 -70.42 -11.30
CA ILE K 254 -47.12 -71.70 -10.68
C ILE K 254 -48.45 -72.20 -11.24
N GLN K 255 -48.81 -73.42 -10.84
CA GLN K 255 -50.15 -73.94 -11.12
C GLN K 255 -51.06 -73.79 -9.91
N VAL K 256 -52.24 -73.21 -10.15
CA VAL K 256 -53.25 -73.07 -9.10
C VAL K 256 -54.54 -73.75 -9.54
N ALA L 1 -50.22 -83.58 0.07
CA ALA L 1 -49.81 -84.09 -1.23
C ALA L 1 -50.42 -85.45 -1.49
N MET L 2 -51.52 -85.75 -0.79
CA MET L 2 -52.24 -87.00 -0.92
C MET L 2 -53.73 -86.72 -1.06
N PRO L 3 -54.46 -87.57 -1.78
CA PRO L 3 -55.92 -87.41 -1.85
C PRO L 3 -56.57 -87.69 -0.50
N PHE L 4 -57.69 -87.02 -0.26
CA PHE L 4 -58.44 -87.21 0.99
C PHE L 4 -59.19 -88.52 0.88
N GLU L 5 -58.57 -89.58 1.37
CA GLU L 5 -59.16 -90.91 1.29
C GLU L 5 -60.30 -91.05 2.30
N ILE L 6 -61.48 -91.40 1.80
CA ILE L 6 -62.66 -91.59 2.63
C ILE L 6 -63.05 -93.05 2.54
N GLU L 7 -63.07 -93.73 3.68
CA GLU L 7 -63.49 -95.13 3.77
C GLU L 7 -64.75 -95.22 4.60
N VAL L 8 -65.71 -96.01 4.13
CA VAL L 8 -66.94 -96.29 4.86
C VAL L 8 -66.95 -97.77 5.22
N LEU L 9 -67.73 -98.13 6.23
CA LEU L 9 -67.77 -99.49 6.73
C LEU L 9 -69.07 -100.17 6.32
N LEU L 10 -68.95 -101.28 5.61
CA LEU L 10 -70.10 -102.11 5.27
C LEU L 10 -70.37 -103.10 6.39
N PRO L 11 -71.60 -103.16 6.91
CA PRO L 11 -71.92 -104.16 7.93
C PRO L 11 -71.85 -105.58 7.38
N GLY L 12 -71.60 -106.53 8.28
CA GLY L 12 -71.34 -107.90 7.89
C GLY L 12 -72.57 -108.71 7.52
N GLU L 13 -73.77 -108.14 7.64
CA GLU L 13 -75.00 -108.85 7.31
C GLU L 13 -75.47 -108.58 5.90
N ILE L 14 -74.65 -107.93 5.08
CA ILE L 14 -75.02 -107.64 3.69
C ILE L 14 -74.86 -108.90 2.85
N SER L 15 -75.86 -109.17 2.02
CA SER L 15 -75.83 -110.33 1.14
C SER L 15 -74.73 -110.19 0.09
N PRO L 16 -74.17 -111.30 -0.39
CA PRO L 16 -73.15 -111.23 -1.45
C PRO L 16 -73.64 -110.62 -2.76
N ALA L 17 -74.92 -110.80 -3.08
CA ALA L 17 -75.48 -110.16 -4.28
C ALA L 17 -75.49 -108.65 -4.15
N GLU L 18 -75.75 -108.14 -2.95
CA GLU L 18 -75.76 -106.69 -2.75
C GLU L 18 -74.34 -106.12 -2.80
N THR L 19 -73.35 -106.87 -2.31
CA THR L 19 -71.96 -106.43 -2.43
C THR L 19 -71.51 -106.47 -3.89
N SER L 20 -71.97 -107.46 -4.65
CA SER L 20 -71.66 -107.51 -6.08
C SER L 20 -72.33 -106.36 -6.83
N ALA L 21 -73.53 -105.97 -6.40
CA ALA L 21 -74.20 -104.83 -7.01
C ALA L 21 -73.50 -103.53 -6.65
N LEU L 22 -72.96 -103.43 -5.43
CA LEU L 22 -72.17 -102.26 -5.05
C LEU L 22 -70.87 -102.19 -5.84
N GLN L 23 -70.26 -103.35 -6.12
CA GLN L 23 -69.08 -103.38 -6.97
C GLN L 23 -69.44 -103.04 -8.42
N LYS L 24 -70.65 -103.40 -8.84
CA LYS L 24 -71.08 -103.10 -10.21
C LYS L 24 -71.38 -101.61 -10.38
N CYS L 25 -71.83 -100.94 -9.32
CA CYS L 25 -72.09 -99.51 -9.34
C CYS L 25 -70.88 -98.68 -8.94
N GLU L 26 -69.68 -99.23 -9.11
CA GLU L 26 -68.45 -98.50 -8.82
C GLU L 26 -68.24 -97.39 -9.83
N GLY L 27 -67.71 -96.26 -9.35
CA GLY L 27 -67.42 -95.12 -10.18
C GLY L 27 -68.41 -93.98 -10.10
N LYS L 28 -69.47 -94.12 -9.31
CA LYS L 28 -70.46 -93.06 -9.18
C LYS L 28 -70.06 -92.12 -8.04
N ILE L 29 -70.96 -91.21 -7.66
CA ILE L 29 -70.68 -90.16 -6.71
C ILE L 29 -71.58 -90.33 -5.50
N ILE L 30 -70.99 -90.31 -4.30
CA ILE L 30 -71.73 -90.31 -3.05
C ILE L 30 -71.44 -89.00 -2.33
N THR L 31 -72.50 -88.35 -1.85
CA THR L 31 -72.39 -87.03 -1.24
C THR L 31 -72.26 -87.17 0.28
N PHE L 32 -71.25 -86.53 0.84
CA PHE L 32 -71.00 -86.54 2.27
C PHE L 32 -71.30 -85.18 2.90
N SER L 33 -71.63 -85.21 4.18
CA SER L 33 -71.72 -84.01 5.01
C SER L 33 -70.90 -84.24 6.27
N THR L 34 -70.09 -83.24 6.64
CA THR L 34 -69.19 -83.29 7.81
C THR L 34 -68.22 -84.47 7.70
N LEU L 35 -67.29 -84.33 6.75
CA LEU L 35 -66.38 -85.41 6.36
C LEU L 35 -65.55 -85.93 7.53
N ARG L 36 -65.46 -87.25 7.61
CA ARG L 36 -64.53 -87.95 8.48
C ARG L 36 -63.70 -88.91 7.63
N HIS L 37 -62.60 -89.38 8.23
CA HIS L 37 -61.84 -90.45 7.57
C HIS L 37 -62.62 -91.74 7.53
N ARG L 38 -63.36 -92.05 8.60
CA ARG L 38 -64.20 -93.24 8.68
C ARG L 38 -65.65 -92.80 8.88
N ALA L 39 -66.46 -92.93 7.83
CA ALA L 39 -67.87 -92.62 7.89
C ALA L 39 -68.67 -93.93 7.95
N SER L 40 -69.99 -93.81 7.87
CA SER L 40 -70.88 -94.96 7.92
C SER L 40 -71.75 -95.01 6.69
N LEU L 41 -72.38 -96.17 6.47
CA LEU L 41 -73.23 -96.36 5.30
C LEU L 41 -74.54 -95.57 5.41
N VAL L 42 -74.97 -95.28 6.65
CA VAL L 42 -76.18 -94.49 6.87
C VAL L 42 -76.02 -93.06 6.38
N ASP L 43 -74.82 -92.49 6.53
CA ASP L 43 -74.58 -91.07 6.22
C ASP L 43 -74.64 -90.78 4.72
N ILE L 44 -74.55 -91.80 3.87
CA ILE L 44 -74.58 -91.58 2.42
C ILE L 44 -75.87 -92.06 1.78
N ALA L 45 -76.76 -92.71 2.53
CA ALA L 45 -77.98 -93.26 1.96
C ALA L 45 -79.05 -92.16 1.82
N LEU L 46 -80.27 -92.60 1.50
CA LEU L 46 -81.38 -91.68 1.34
C LEU L 46 -81.85 -91.10 2.67
N SER L 47 -81.57 -91.78 3.79
CA SER L 47 -82.04 -91.33 5.09
C SER L 47 -81.34 -90.06 5.55
N SER L 48 -80.12 -89.80 5.05
CA SER L 48 -79.41 -88.58 5.43
C SER L 48 -79.95 -87.36 4.71
N TYR L 49 -80.64 -87.53 3.59
CA TYR L 49 -81.23 -86.41 2.85
C TYR L 49 -82.57 -85.98 3.41
N TYR L 50 -83.10 -86.68 4.40
CA TYR L 50 -84.50 -86.52 4.80
C TYR L 50 -84.76 -85.18 5.48
N ILE L 51 -85.65 -84.40 4.87
CA ILE L 51 -86.34 -83.35 5.61
C ILE L 51 -87.38 -84.01 6.52
N ASN L 52 -87.89 -83.24 7.49
CA ASN L 52 -88.68 -83.77 8.60
C ASN L 52 -89.94 -84.51 8.16
N GLY L 53 -89.94 -85.83 8.37
CA GLY L 53 -91.03 -86.67 7.95
C GLY L 53 -90.94 -87.15 6.52
N ALA L 54 -91.17 -86.24 5.57
CA ALA L 54 -91.35 -86.58 4.16
C ALA L 54 -90.01 -86.88 3.48
N PRO L 55 -90.03 -87.73 2.46
CA PRO L 55 -88.87 -87.83 1.57
C PRO L 55 -88.66 -86.53 0.81
N PRO L 56 -87.42 -86.21 0.43
CA PRO L 56 -87.15 -84.89 -0.17
C PRO L 56 -87.71 -84.76 -1.58
N ASP L 57 -88.00 -83.51 -1.94
CA ASP L 57 -88.45 -83.18 -3.28
C ASP L 57 -87.25 -82.81 -4.14
N THR L 58 -87.52 -82.34 -5.36
CA THR L 58 -86.43 -82.00 -6.27
C THR L 58 -85.73 -80.71 -5.86
N LEU L 59 -86.47 -79.74 -5.30
CA LEU L 59 -85.85 -78.52 -4.81
C LEU L 59 -85.01 -78.78 -3.56
N SER L 60 -85.51 -79.65 -2.69
CA SER L 60 -84.75 -80.03 -1.49
C SER L 60 -83.48 -80.79 -1.86
N LEU L 61 -83.57 -81.68 -2.84
CA LEU L 61 -82.38 -82.41 -3.29
C LEU L 61 -81.40 -81.49 -4.00
N LEU L 62 -81.91 -80.50 -4.74
CA LEU L 62 -81.05 -79.52 -5.38
C LEU L 62 -80.34 -78.64 -4.36
N GLU L 63 -81.03 -78.31 -3.26
CA GLU L 63 -80.40 -77.58 -2.17
C GLU L 63 -79.35 -78.44 -1.46
N ALA L 64 -79.64 -79.72 -1.27
CA ALA L 64 -78.72 -80.61 -0.57
C ALA L 64 -77.49 -80.90 -1.40
N TYR L 65 -77.62 -80.89 -2.73
CA TYR L 65 -76.47 -81.16 -3.58
C TYR L 65 -75.47 -80.01 -3.63
N ARG L 66 -75.82 -78.83 -3.13
CA ARG L 66 -74.85 -77.75 -2.95
C ARG L 66 -74.53 -77.48 -1.49
N MET L 67 -75.40 -77.88 -0.55
CA MET L 67 -75.09 -77.73 0.86
C MET L 67 -74.04 -78.73 1.35
N ARG L 68 -73.93 -79.89 0.71
CA ARG L 68 -73.05 -80.96 1.15
C ARG L 68 -71.81 -81.03 0.25
N PHE L 69 -70.98 -82.03 0.50
CA PHE L 69 -69.74 -82.26 -0.22
C PHE L 69 -69.84 -83.54 -1.03
N ALA L 70 -69.37 -83.51 -2.27
CA ALA L 70 -69.41 -84.68 -3.12
C ALA L 70 -68.14 -85.53 -2.97
N ALA L 71 -68.25 -86.81 -3.29
CA ALA L 71 -67.14 -87.73 -3.24
C ALA L 71 -67.35 -88.84 -4.25
N VAL L 72 -66.30 -89.21 -4.97
CA VAL L 72 -66.36 -90.18 -6.05
C VAL L 72 -65.79 -91.50 -5.55
N ILE L 73 -66.54 -92.58 -5.74
CA ILE L 73 -66.08 -93.91 -5.34
C ILE L 73 -64.93 -94.34 -6.22
N THR L 74 -63.84 -94.80 -5.59
CA THR L 74 -62.65 -95.21 -6.32
C THR L 74 -62.29 -96.68 -6.19
N ARG L 75 -62.87 -97.41 -5.23
CA ARG L 75 -62.57 -98.82 -5.04
C ARG L 75 -63.67 -99.45 -4.19
N VAL L 76 -63.98 -100.71 -4.50
CA VAL L 76 -64.90 -101.52 -3.70
C VAL L 76 -64.15 -102.80 -3.36
N ILE L 77 -63.73 -102.93 -2.11
CA ILE L 77 -63.11 -104.15 -1.60
C ILE L 77 -64.17 -104.85 -0.76
N PRO L 78 -64.03 -106.17 -0.48
CA PRO L 78 -64.97 -106.80 0.45
C PRO L 78 -64.81 -106.28 1.87
N GLY L 79 -65.80 -105.51 2.33
CA GLY L 79 -65.80 -104.93 3.67
C GLY L 79 -65.87 -103.41 3.68
N LYS L 80 -65.20 -102.74 2.74
CA LYS L 80 -65.11 -101.28 2.74
C LYS L 80 -65.31 -100.75 1.33
N LEU L 81 -65.78 -99.50 1.26
CA LEU L 81 -65.80 -98.72 0.03
C LEU L 81 -64.85 -97.54 0.19
N LEU L 82 -64.21 -97.16 -0.90
CA LEU L 82 -63.21 -96.09 -0.88
C LEU L 82 -63.68 -94.94 -1.74
N ALA L 83 -63.59 -93.72 -1.20
CA ALA L 83 -64.03 -92.53 -1.92
C ALA L 83 -62.99 -91.42 -1.73
N HIS L 84 -62.94 -90.52 -2.71
CA HIS L 84 -62.05 -89.36 -2.67
C HIS L 84 -62.88 -88.08 -2.72
N ALA L 85 -62.57 -87.14 -1.85
CA ALA L 85 -63.26 -85.85 -1.86
C ALA L 85 -62.80 -85.02 -3.06
N ILE L 86 -63.75 -84.31 -3.67
CA ILE L 86 -63.46 -83.51 -4.85
C ILE L 86 -63.74 -82.03 -4.63
N GLY L 87 -64.60 -81.67 -3.67
CA GLY L 87 -64.87 -80.26 -3.42
C GLY L 87 -63.68 -79.53 -2.83
N VAL L 88 -62.96 -80.18 -1.93
CA VAL L 88 -61.81 -79.57 -1.26
C VAL L 88 -60.63 -79.51 -2.22
N GLY L 89 -59.58 -78.77 -1.83
CA GLY L 89 -58.44 -78.53 -2.67
C GLY L 89 -57.39 -79.63 -2.69
N THR L 90 -57.65 -80.78 -2.10
CA THR L 90 -56.70 -81.88 -2.13
C THR L 90 -56.67 -82.50 -3.53
N PRO L 91 -55.49 -82.64 -4.15
CA PRO L 91 -55.44 -83.16 -5.52
C PRO L 91 -55.67 -84.66 -5.57
N THR L 92 -56.15 -85.12 -6.73
CA THR L 92 -56.36 -86.54 -6.99
C THR L 92 -55.68 -86.87 -8.31
N PRO L 93 -54.69 -87.78 -8.33
CA PRO L 93 -53.99 -88.10 -9.58
C PRO L 93 -54.87 -88.82 -10.60
N GLY L 94 -55.51 -89.91 -10.17
CA GLY L 94 -56.37 -90.66 -11.07
C GLY L 94 -57.82 -90.66 -10.64
N LEU L 95 -58.67 -89.95 -11.38
CA LEU L 95 -60.09 -89.88 -11.11
C LEU L 95 -60.88 -90.42 -12.30
N PHE L 96 -61.98 -91.09 -12.00
CA PHE L 96 -62.84 -91.62 -13.06
C PHE L 96 -64.27 -91.67 -12.55
N ILE L 97 -65.21 -91.20 -13.39
CA ILE L 97 -66.63 -91.31 -13.14
C ILE L 97 -67.27 -91.97 -14.35
N GLN L 98 -68.49 -92.46 -14.16
CA GLN L 98 -69.25 -93.06 -15.25
C GLN L 98 -70.53 -92.26 -15.48
N ASN L 99 -71.05 -92.33 -16.70
CA ASN L 99 -72.17 -91.52 -17.14
C ASN L 99 -73.46 -92.08 -16.55
N THR L 100 -73.91 -91.50 -15.44
CA THR L 100 -75.20 -91.83 -14.86
C THR L 100 -76.23 -90.79 -15.31
N SER L 101 -76.44 -90.74 -16.60
CA SER L 101 -77.35 -89.79 -17.24
C SER L 101 -77.65 -90.30 -18.66
N PRO L 102 -78.81 -89.95 -19.21
CA PRO L 102 -79.11 -90.31 -20.61
C PRO L 102 -78.57 -89.35 -21.65
N VAL L 103 -77.63 -88.48 -21.31
CA VAL L 103 -77.10 -87.46 -22.22
C VAL L 103 -75.60 -87.66 -22.33
N ASP L 104 -75.10 -87.70 -23.57
CA ASP L 104 -73.68 -87.89 -23.82
C ASP L 104 -72.86 -86.69 -23.34
N LEU L 105 -71.63 -86.98 -22.90
CA LEU L 105 -70.69 -85.96 -22.48
C LEU L 105 -69.61 -85.82 -23.55
N CYS L 106 -69.41 -84.60 -24.04
CA CYS L 106 -68.31 -84.33 -24.95
C CYS L 106 -67.06 -83.97 -24.16
N ASN L 107 -65.91 -84.05 -24.82
CA ASN L 107 -64.62 -83.82 -24.18
C ASN L 107 -64.45 -82.34 -23.90
N GLY L 108 -64.68 -81.93 -22.65
CA GLY L 108 -64.50 -80.54 -22.27
C GLY L 108 -65.66 -79.95 -21.50
N ASP L 109 -66.75 -80.71 -21.37
CA ASP L 109 -67.92 -80.23 -20.66
C ASP L 109 -67.67 -80.18 -19.15
N TYR L 110 -68.33 -79.24 -18.49
CA TYR L 110 -68.33 -79.18 -17.04
C TYR L 110 -69.46 -80.03 -16.50
N ILE L 111 -69.13 -81.01 -15.67
CA ILE L 111 -70.09 -81.98 -15.16
C ILE L 111 -70.61 -81.51 -13.81
N CYS L 112 -71.93 -81.49 -13.67
CA CYS L 112 -72.59 -81.05 -12.44
C CYS L 112 -73.52 -82.15 -11.95
N LEU L 113 -74.06 -81.94 -10.75
CA LEU L 113 -74.90 -82.93 -10.08
C LEU L 113 -76.34 -82.44 -10.04
N LEU L 114 -77.26 -83.33 -10.40
CA LEU L 114 -78.70 -83.07 -10.36
C LEU L 114 -79.42 -84.25 -9.73
N PRO L 115 -80.57 -84.01 -9.10
CA PRO L 115 -81.42 -85.13 -8.70
C PRO L 115 -82.00 -85.81 -9.92
N PRO L 116 -82.37 -87.10 -9.82
CA PRO L 116 -82.90 -87.82 -10.98
C PRO L 116 -84.28 -87.34 -11.39
N VAL L 117 -84.35 -86.57 -12.48
CA VAL L 117 -85.61 -86.00 -12.95
C VAL L 117 -85.99 -86.46 -14.35
N PHE L 118 -85.10 -87.08 -15.12
CA PHE L 118 -85.43 -87.46 -16.49
C PHE L 118 -86.27 -88.74 -16.56
N GLY L 119 -86.36 -89.48 -15.46
CA GLY L 119 -87.14 -90.70 -15.44
C GLY L 119 -86.48 -91.78 -14.62
N SER L 120 -87.25 -92.38 -13.70
CA SER L 120 -86.82 -93.40 -12.75
C SER L 120 -85.63 -92.93 -11.91
N ALA L 121 -84.88 -93.89 -11.35
CA ALA L 121 -83.70 -93.57 -10.55
C ALA L 121 -82.79 -94.78 -10.55
N ASP L 122 -81.56 -94.60 -11.02
CA ASP L 122 -80.58 -95.69 -10.98
C ASP L 122 -80.08 -95.84 -9.55
N GLU L 123 -80.74 -96.69 -8.77
CA GLU L 123 -80.50 -96.78 -7.34
C GLU L 123 -80.23 -98.22 -6.94
N ILE L 124 -79.59 -98.37 -5.78
CA ILE L 124 -79.29 -99.68 -5.19
C ILE L 124 -80.06 -99.79 -3.89
N ARG L 125 -80.86 -100.84 -3.77
CA ARG L 125 -81.70 -101.08 -2.59
C ARG L 125 -81.06 -102.17 -1.76
N LEU L 126 -80.48 -101.79 -0.63
CA LEU L 126 -79.86 -102.73 0.31
C LEU L 126 -80.93 -103.17 1.30
N ASP L 127 -81.58 -104.30 1.01
CA ASP L 127 -82.66 -104.80 1.85
C ASP L 127 -82.16 -105.52 3.09
N SER L 128 -80.85 -105.75 3.21
CA SER L 128 -80.32 -106.37 4.42
C SER L 128 -80.41 -105.42 5.61
N VAL L 129 -80.19 -104.13 5.37
CA VAL L 129 -80.26 -103.11 6.41
C VAL L 129 -81.44 -102.16 6.21
N GLY L 130 -82.24 -102.39 5.17
CA GLY L 130 -83.39 -101.53 4.91
C GLY L 130 -83.04 -100.16 4.37
N LEU L 131 -81.87 -100.00 3.78
CA LEU L 131 -81.42 -98.72 3.25
C LEU L 131 -81.37 -98.75 1.74
N GLU L 132 -81.52 -97.58 1.13
CA GLU L 132 -81.36 -97.44 -0.32
C GLU L 132 -80.47 -96.24 -0.59
N ILE L 133 -79.74 -96.31 -1.70
CA ILE L 133 -78.77 -95.29 -2.08
C ILE L 133 -79.18 -94.71 -3.43
N VAL L 134 -79.35 -93.39 -3.48
CA VAL L 134 -79.70 -92.68 -4.70
C VAL L 134 -78.45 -92.01 -5.23
N PHE L 135 -78.20 -92.15 -6.53
CA PHE L 135 -77.00 -91.55 -7.11
C PHE L 135 -77.36 -90.32 -7.93
N PRO L 136 -76.55 -89.26 -7.85
CA PRO L 136 -76.87 -88.03 -8.57
C PRO L 136 -76.71 -88.18 -10.06
N LEU L 137 -77.40 -87.30 -10.79
CA LEU L 137 -77.40 -87.30 -12.25
C LEU L 137 -76.25 -86.43 -12.74
N THR L 138 -75.31 -87.04 -13.44
CA THR L 138 -74.14 -86.32 -13.97
C THR L 138 -74.51 -85.73 -15.32
N ILE L 139 -75.03 -84.50 -15.29
CA ILE L 139 -75.52 -83.85 -16.52
C ILE L 139 -74.45 -82.85 -16.95
N PRO L 140 -74.28 -82.59 -18.24
CA PRO L 140 -73.31 -81.57 -18.67
C PRO L 140 -73.80 -80.16 -18.32
N GLN L 141 -72.84 -79.22 -18.30
CA GLN L 141 -73.22 -77.82 -18.26
C GLN L 141 -73.75 -77.41 -19.63
N THR L 142 -74.43 -76.25 -19.65
CA THR L 142 -75.28 -75.70 -20.72
C THR L 142 -76.50 -76.57 -21.01
N LEU L 143 -76.77 -77.59 -20.20
CA LEU L 143 -78.02 -78.34 -20.18
C LEU L 143 -78.67 -78.31 -18.81
N MET L 144 -77.87 -78.25 -17.75
CA MET L 144 -78.38 -78.01 -16.40
C MET L 144 -79.10 -76.66 -16.33
N ARG L 145 -78.63 -75.67 -17.10
CA ARG L 145 -79.24 -74.35 -17.12
C ARG L 145 -80.69 -74.43 -17.59
N GLU L 146 -80.95 -75.21 -18.63
CA GLU L 146 -82.30 -75.34 -19.17
C GLU L 146 -83.21 -76.12 -18.21
N ILE L 147 -82.68 -77.18 -17.58
CA ILE L 147 -83.48 -77.97 -16.64
C ILE L 147 -83.82 -77.14 -15.40
N ILE L 148 -82.86 -76.37 -14.91
CA ILE L 148 -83.09 -75.45 -13.79
C ILE L 148 -84.10 -74.39 -14.18
N ALA L 149 -84.03 -73.91 -15.43
CA ALA L 149 -85.00 -72.94 -15.93
C ALA L 149 -86.42 -73.50 -15.92
N LYS L 150 -86.59 -74.72 -16.44
CA LYS L 150 -87.91 -75.35 -16.47
C LYS L 150 -88.43 -75.64 -15.07
N VAL L 151 -87.55 -76.09 -14.17
CA VAL L 151 -87.96 -76.45 -12.80
C VAL L 151 -88.38 -75.20 -12.03
N VAL L 152 -87.58 -74.13 -12.12
CA VAL L 152 -87.89 -72.90 -11.39
C VAL L 152 -89.14 -72.23 -11.95
N ALA L 153 -89.28 -72.21 -13.29
CA ALA L 153 -90.46 -71.61 -13.89
C ALA L 153 -91.72 -72.41 -13.58
N ARG L 154 -91.62 -73.75 -13.56
CA ARG L 154 -92.76 -74.59 -13.18
C ARG L 154 -93.13 -74.39 -11.72
N ALA L 155 -92.13 -74.24 -10.84
CA ALA L 155 -92.41 -73.96 -9.43
C ALA L 155 -93.09 -72.61 -9.24
N VAL L 156 -92.65 -71.59 -9.99
CA VAL L 156 -93.27 -70.26 -9.90
C VAL L 156 -94.71 -70.30 -10.40
N GLU L 157 -94.96 -71.00 -11.51
CA GLU L 157 -96.32 -71.09 -12.03
C GLU L 157 -97.21 -71.95 -11.13
N ARG L 158 -96.63 -72.91 -10.43
CA ARG L 158 -97.41 -73.72 -9.49
C ARG L 158 -97.75 -72.92 -8.24
N THR L 159 -96.81 -72.11 -7.75
CA THR L 159 -97.02 -71.29 -6.56
C THR L 159 -97.96 -70.11 -6.83
N ALA L 160 -97.95 -69.56 -8.04
CA ALA L 160 -98.71 -68.34 -8.33
C ALA L 160 -100.22 -68.58 -8.30
N ALA L 161 -100.66 -69.81 -8.56
CA ALA L 161 -102.07 -70.14 -8.47
C ALA L 161 -102.28 -71.50 -7.82
N ASP L 162 -93.59 -80.83 -19.68
CA ASP L 162 -92.19 -80.41 -19.71
C ASP L 162 -91.37 -81.28 -20.66
N VAL L 163 -90.78 -80.64 -21.67
CA VAL L 163 -89.92 -81.32 -22.63
C VAL L 163 -88.61 -80.55 -22.74
N ILE L 164 -87.56 -81.25 -23.14
CA ILE L 164 -86.24 -80.65 -23.31
C ILE L 164 -85.61 -81.21 -24.58
N CYS L 165 -84.83 -80.39 -25.27
CA CYS L 165 -84.14 -80.78 -26.49
C CYS L 165 -82.65 -80.58 -26.33
N TYR L 166 -81.88 -81.62 -26.65
CA TYR L 166 -80.42 -81.54 -26.57
C TYR L 166 -79.85 -82.48 -27.64
N ASN L 167 -79.48 -81.90 -28.79
CA ASN L 167 -79.00 -82.63 -29.97
C ASN L 167 -79.99 -83.70 -30.42
N GLY L 168 -81.26 -83.30 -30.50
CA GLY L 168 -82.32 -84.25 -30.79
C GLY L 168 -82.64 -85.10 -29.56
N ARG L 169 -83.48 -86.11 -29.80
CA ARG L 169 -83.87 -87.13 -28.81
C ARG L 169 -84.48 -86.48 -27.57
N ARG L 170 -85.67 -85.89 -27.79
CA ARG L 170 -86.34 -85.11 -26.76
C ARG L 170 -86.71 -85.95 -25.55
N TYR L 171 -86.39 -85.42 -24.36
CA TYR L 171 -86.65 -86.09 -23.09
C TYR L 171 -87.76 -85.36 -22.35
N GLU L 172 -88.49 -86.11 -21.53
CA GLU L 172 -89.59 -85.57 -20.74
C GLU L 172 -89.17 -85.49 -19.28
N LEU L 173 -89.32 -84.31 -18.69
CA LEU L 173 -89.00 -84.11 -17.29
C LEU L 173 -90.06 -84.74 -16.39
N GLU L 174 -89.63 -85.17 -15.22
CA GLU L 174 -90.49 -85.84 -14.23
C GLU L 174 -90.25 -85.23 -12.85
N THR L 175 -90.30 -83.90 -12.79
CA THR L 175 -90.06 -83.19 -11.54
C THR L 175 -91.17 -83.46 -10.52
N ASN L 176 -90.78 -83.70 -9.27
CA ASN L 176 -91.71 -84.02 -8.20
C ASN L 176 -91.86 -82.81 -7.29
N LEU L 177 -92.78 -81.94 -7.65
CA LEU L 177 -93.10 -80.76 -6.85
C LEU L 177 -94.30 -81.09 -5.98
N GLN L 178 -94.04 -81.44 -4.72
CA GLN L 178 -95.08 -81.81 -3.77
C GLN L 178 -94.83 -81.13 -2.43
N HIS L 179 -94.29 -79.91 -2.47
CA HIS L 179 -94.00 -79.16 -1.25
C HIS L 179 -94.06 -77.67 -1.57
N ARG L 180 -94.47 -76.89 -0.58
CA ARG L 180 -94.39 -75.42 -0.65
C ARG L 180 -93.75 -74.95 0.66
N ASP L 181 -92.44 -75.02 0.73
CA ASP L 181 -91.66 -74.40 1.79
C ASP L 181 -90.48 -73.60 1.27
N GLY L 182 -89.82 -74.07 0.22
CA GLY L 182 -88.68 -73.40 -0.37
C GLY L 182 -88.97 -72.67 -1.66
N SER L 183 -90.22 -72.65 -2.11
CA SER L 183 -90.58 -71.89 -3.30
C SER L 183 -90.42 -70.39 -3.07
N ASP L 184 -90.85 -69.92 -1.89
CA ASP L 184 -90.78 -68.50 -1.56
C ASP L 184 -89.33 -68.02 -1.52
N ALA L 185 -88.41 -68.89 -1.09
CA ALA L 185 -86.99 -68.58 -1.16
C ALA L 185 -86.52 -68.46 -2.61
N ALA L 186 -87.12 -69.26 -3.51
CA ALA L 186 -86.73 -69.20 -4.92
C ALA L 186 -87.20 -67.90 -5.58
N ILE L 187 -88.45 -67.48 -5.29
CA ILE L 187 -88.90 -66.19 -5.82
C ILE L 187 -88.12 -65.04 -5.18
N ARG L 188 -87.78 -65.16 -3.90
CA ARG L 188 -86.98 -64.13 -3.23
C ARG L 188 -85.59 -64.00 -3.85
N THR L 189 -84.96 -65.13 -4.15
CA THR L 189 -83.64 -65.12 -4.78
C THR L 189 -83.71 -64.58 -6.20
N LEU L 190 -84.76 -64.93 -6.95
CA LEU L 190 -84.91 -64.44 -8.33
C LEU L 190 -85.13 -62.92 -8.35
N VAL L 191 -86.01 -62.42 -7.47
CA VAL L 191 -86.27 -60.99 -7.40
C VAL L 191 -85.04 -60.23 -6.90
N LEU L 192 -84.32 -60.80 -5.93
CA LEU L 192 -83.12 -60.16 -5.40
C LEU L 192 -82.01 -60.11 -6.43
N ASN L 193 -81.90 -61.14 -7.28
CA ASN L 193 -80.96 -61.08 -8.39
C ASN L 193 -81.39 -60.05 -9.42
N LEU L 194 -82.71 -59.87 -9.59
CA LEU L 194 -83.19 -58.93 -10.60
C LEU L 194 -82.92 -57.48 -10.20
N MET L 195 -83.25 -57.10 -8.95
CA MET L 195 -83.33 -55.68 -8.59
C MET L 195 -81.96 -55.02 -8.51
N PHE L 196 -80.88 -55.79 -8.39
CA PHE L 196 -79.55 -55.20 -8.32
C PHE L 196 -79.04 -54.76 -9.68
N SER L 197 -79.74 -55.09 -10.75
CA SER L 197 -79.39 -54.66 -12.09
C SER L 197 -80.47 -53.83 -12.77
N ILE L 198 -81.75 -54.24 -12.62
CA ILE L 198 -82.89 -53.85 -13.46
C ILE L 198 -82.97 -52.34 -13.70
N ASN L 199 -82.93 -51.55 -12.63
CA ASN L 199 -83.19 -50.11 -12.70
C ASN L 199 -82.18 -49.39 -13.59
N GLU L 200 -80.92 -49.37 -13.17
CA GLU L 200 -79.88 -48.64 -13.90
C GLU L 200 -79.62 -49.25 -15.27
N GLY L 201 -79.42 -50.59 -15.30
CA GLY L 201 -79.07 -51.23 -16.56
C GLY L 201 -80.16 -51.13 -17.60
N THR L 202 -81.40 -51.45 -17.20
CA THR L 202 -82.50 -51.47 -18.15
C THR L 202 -82.90 -50.07 -18.57
N THR L 203 -82.79 -49.07 -17.68
CA THR L 203 -83.08 -47.69 -18.11
C THR L 203 -82.04 -47.19 -19.11
N LEU L 204 -80.76 -47.43 -18.84
CA LEU L 204 -79.71 -46.93 -19.73
C LEU L 204 -79.74 -47.63 -21.09
N ILE L 205 -79.80 -48.97 -21.10
CA ILE L 205 -79.81 -49.63 -22.39
C ILE L 205 -81.20 -49.64 -23.02
N LEU L 206 -82.25 -49.26 -22.28
CA LEU L 206 -83.54 -49.02 -22.91
C LEU L 206 -83.54 -47.69 -23.64
N THR L 207 -82.85 -46.69 -23.09
CA THR L 207 -82.58 -45.46 -23.85
C THR L 207 -81.74 -45.76 -25.08
N LEU L 208 -80.76 -46.67 -24.94
CA LEU L 208 -79.93 -47.06 -26.08
C LEU L 208 -80.74 -47.75 -27.17
N ILE L 209 -81.63 -48.68 -26.81
CA ILE L 209 -82.41 -49.35 -27.85
C ILE L 209 -83.54 -48.47 -28.37
N THR L 210 -83.99 -47.48 -27.58
CA THR L 210 -84.92 -46.50 -28.10
C THR L 210 -84.25 -45.61 -29.15
N ARG L 211 -82.98 -45.30 -28.94
CA ARG L 211 -82.19 -44.68 -30.00
C ARG L 211 -82.04 -45.64 -31.19
N LEU L 212 -81.88 -46.93 -30.91
CA LEU L 212 -81.75 -47.92 -31.98
C LEU L 212 -83.07 -48.13 -32.72
N LEU L 213 -84.19 -48.10 -32.00
CA LEU L 213 -85.50 -48.33 -32.60
C LEU L 213 -85.94 -47.14 -33.46
N ARG L 214 -72.87 -43.94 -8.73
CA ARG L 214 -72.36 -45.02 -9.57
C ARG L 214 -72.15 -44.55 -11.00
N PHE L 215 -71.15 -45.11 -11.66
CA PHE L 215 -70.88 -44.77 -13.05
C PHE L 215 -71.93 -45.38 -13.96
N PRO L 216 -72.61 -44.60 -14.80
CA PRO L 216 -73.50 -45.19 -15.81
C PRO L 216 -72.72 -45.95 -16.85
N ILE L 217 -73.39 -46.94 -17.46
CA ILE L 217 -72.94 -47.79 -18.57
C ILE L 217 -71.83 -48.76 -18.16
N TYR L 218 -70.84 -48.30 -17.39
CA TYR L 218 -69.71 -49.13 -17.00
C TYR L 218 -70.02 -50.01 -15.79
N GLU L 219 -70.49 -49.41 -14.69
CA GLU L 219 -70.65 -50.16 -13.45
C GLU L 219 -71.86 -51.09 -13.49
N ALA L 220 -72.88 -50.73 -14.28
CA ALA L 220 -74.09 -51.54 -14.38
C ALA L 220 -73.81 -52.90 -14.99
N ILE L 221 -72.91 -52.96 -15.98
CA ILE L 221 -72.56 -54.23 -16.61
C ILE L 221 -71.77 -55.11 -15.65
N SER L 222 -70.87 -54.51 -14.85
CA SER L 222 -70.12 -55.28 -13.86
C SER L 222 -71.04 -55.86 -12.78
N SER L 223 -71.99 -55.04 -12.31
CA SER L 223 -73.00 -55.54 -11.38
C SER L 223 -73.86 -56.62 -12.02
N TRP L 224 -74.17 -56.47 -13.32
CA TRP L 224 -74.98 -57.46 -14.03
C TRP L 224 -74.26 -58.79 -14.17
N ILE L 225 -72.95 -58.76 -14.47
CA ILE L 225 -72.26 -60.03 -14.68
C ILE L 225 -71.95 -60.71 -13.36
N SER L 226 -71.72 -59.93 -12.28
CA SER L 226 -71.62 -60.52 -10.95
C SER L 226 -72.95 -61.12 -10.52
N THR L 227 -74.05 -60.44 -10.85
CA THR L 227 -75.40 -60.95 -10.61
C THR L 227 -75.66 -62.24 -11.39
N SER L 228 -75.22 -62.30 -12.65
CA SER L 228 -75.44 -63.50 -13.47
C SER L 228 -74.61 -64.68 -12.96
N SER L 229 -73.37 -64.41 -12.51
CA SER L 229 -72.56 -65.48 -11.92
C SER L 229 -73.19 -66.01 -10.64
N ARG L 230 -73.69 -65.11 -9.79
CA ARG L 230 -74.36 -65.53 -8.56
C ARG L 230 -75.67 -66.25 -8.87
N LEU L 231 -76.38 -65.83 -9.92
CA LEU L 231 -77.62 -66.47 -10.32
C LEU L 231 -77.38 -67.87 -10.83
N GLY L 232 -76.27 -68.08 -11.55
CA GLY L 232 -75.90 -69.42 -11.95
C GLY L 232 -75.47 -70.28 -10.78
N ASP L 233 -74.74 -69.70 -9.82
CA ASP L 233 -74.21 -70.50 -8.73
C ASP L 233 -75.27 -70.85 -7.67
N THR L 234 -76.27 -70.00 -7.49
CA THR L 234 -77.21 -70.18 -6.37
C THR L 234 -78.22 -71.29 -6.64
N LEU L 235 -79.04 -71.12 -7.68
CA LEU L 235 -80.12 -72.07 -7.92
C LEU L 235 -79.65 -73.37 -8.56
N GLY L 236 -78.42 -73.42 -9.07
CA GLY L 236 -77.92 -74.62 -9.73
C GLY L 236 -76.86 -75.35 -8.95
N THR L 237 -75.75 -75.67 -9.62
CA THR L 237 -74.67 -76.44 -9.04
C THR L 237 -73.35 -75.79 -9.45
N ARG L 238 -72.35 -75.90 -8.57
CA ARG L 238 -71.06 -75.21 -8.64
C ARG L 238 -70.18 -75.68 -9.81
N ALA L 239 -70.59 -76.74 -10.54
CA ALA L 239 -69.84 -77.35 -11.65
C ALA L 239 -68.46 -77.83 -11.18
N ILE L 240 -68.53 -78.87 -10.34
CA ILE L 240 -67.35 -79.35 -9.62
C ILE L 240 -66.33 -79.98 -10.56
N LEU L 241 -66.78 -80.71 -11.58
CA LEU L 241 -65.89 -81.53 -12.38
C LEU L 241 -65.76 -81.00 -13.81
N ARG L 242 -64.81 -81.58 -14.53
CA ARG L 242 -64.58 -81.28 -15.95
C ARG L 242 -63.99 -82.52 -16.60
N VAL L 243 -64.67 -83.06 -17.60
CA VAL L 243 -64.23 -84.30 -18.24
C VAL L 243 -63.06 -84.00 -19.17
N CYS L 244 -61.98 -84.76 -19.01
CA CYS L 244 -60.79 -84.60 -19.84
C CYS L 244 -60.15 -85.97 -20.02
N VAL L 245 -60.31 -86.56 -21.20
CA VAL L 245 -59.76 -87.86 -21.53
C VAL L 245 -58.61 -87.67 -22.52
N PHE L 246 -57.45 -88.24 -22.19
CA PHE L 246 -56.27 -88.06 -23.02
C PHE L 246 -56.31 -88.97 -24.24
N ASP L 247 -56.33 -90.28 -24.02
CA ASP L 247 -56.37 -91.27 -25.10
C ASP L 247 -57.70 -92.02 -25.02
N GLY L 248 -58.62 -91.67 -25.90
CA GLY L 248 -59.93 -92.27 -25.92
C GLY L 248 -60.89 -91.53 -26.81
N PRO L 249 -62.17 -91.92 -26.77
CA PRO L 249 -63.18 -91.23 -27.60
C PRO L 249 -63.45 -89.82 -27.08
N SER L 250 -63.84 -88.95 -28.01
CA SER L 250 -64.18 -87.58 -27.63
C SER L 250 -65.52 -87.53 -26.90
N THR L 251 -66.49 -88.32 -27.34
CA THR L 251 -67.80 -88.40 -26.72
C THR L 251 -67.98 -89.76 -26.07
N VAL L 252 -68.76 -89.79 -24.99
CA VAL L 252 -68.96 -91.00 -24.20
C VAL L 252 -70.46 -91.29 -24.12
N HIS L 253 -70.82 -92.55 -24.33
CA HIS L 253 -72.17 -93.07 -24.21
C HIS L 253 -72.48 -93.38 -22.74
N PRO L 254 -73.76 -93.38 -22.37
CA PRO L 254 -74.12 -93.77 -21.00
C PRO L 254 -73.73 -95.21 -20.68
N GLY L 255 -73.29 -95.42 -19.44
CA GLY L 255 -72.79 -96.71 -19.02
C GLY L 255 -71.29 -96.90 -19.15
N ASP L 256 -70.58 -95.94 -19.73
CA ASP L 256 -69.14 -96.02 -19.92
C ASP L 256 -68.44 -95.03 -19.00
N ARG L 257 -67.10 -95.17 -18.92
CA ARG L 257 -66.29 -94.45 -17.95
C ARG L 257 -65.35 -93.48 -18.65
N THR L 258 -65.12 -92.34 -18.00
CA THR L 258 -64.20 -91.32 -18.48
C THR L 258 -63.34 -90.81 -17.34
N ALA L 259 -62.19 -90.24 -17.70
CA ALA L 259 -61.32 -89.59 -16.74
C ALA L 259 -61.71 -88.12 -16.61
N VAL L 260 -61.72 -87.62 -15.38
CA VAL L 260 -62.17 -86.27 -15.08
C VAL L 260 -61.10 -85.56 -14.26
N ILE L 261 -61.11 -84.23 -14.34
CA ILE L 261 -60.26 -83.38 -13.52
C ILE L 261 -61.16 -82.46 -12.69
N GLN L 262 -60.60 -81.92 -11.62
CA GLN L 262 -61.36 -81.07 -10.70
C GLN L 262 -61.19 -79.61 -11.08
N VAL L 263 -62.31 -78.88 -11.08
CA VAL L 263 -62.30 -77.45 -11.35
C VAL L 263 -63.05 -76.72 -10.24
N SER M 1 -31.67 -98.75 16.54
CA SER M 1 -30.76 -99.44 17.45
C SER M 1 -31.20 -99.29 18.90
N ILE M 2 -32.51 -99.36 19.12
CA ILE M 2 -33.10 -99.20 20.45
C ILE M 2 -33.80 -100.52 20.74
N GLN M 3 -33.20 -101.62 20.30
CA GLN M 3 -33.79 -102.96 20.45
C GLN M 3 -33.48 -103.54 21.83
N VAL M 4 -33.87 -102.82 22.88
CA VAL M 4 -33.62 -103.28 24.24
C VAL M 4 -34.94 -103.38 24.99
N THR M 5 -35.62 -102.24 25.19
CA THR M 5 -36.85 -102.25 25.98
C THR M 5 -38.09 -102.67 25.16
N PRO M 6 -38.39 -102.11 23.89
CA PRO M 6 -39.58 -102.57 23.16
C PRO M 6 -39.31 -103.76 22.25
N ARG M 7 -38.76 -104.83 22.84
CA ARG M 7 -38.33 -106.07 22.15
C ARG M 7 -37.31 -105.68 21.09
N SER M 8 -37.52 -105.95 19.82
CA SER M 8 -36.58 -105.61 18.76
C SER M 8 -37.26 -104.65 17.78
N ILE M 9 -36.72 -103.43 17.68
CA ILE M 9 -37.21 -102.43 16.74
C ILE M 9 -36.01 -101.83 16.02
N VAL M 10 -36.14 -101.63 14.71
CA VAL M 10 -35.09 -101.00 13.92
C VAL M 10 -35.68 -99.77 13.23
N ILE M 11 -34.81 -98.80 12.94
CA ILE M 11 -35.18 -97.61 12.17
C ILE M 11 -34.25 -97.52 10.97
N ASN M 12 -34.84 -97.26 9.80
CA ASN M 12 -34.09 -97.18 8.56
C ASN M 12 -34.18 -95.77 8.00
N ARG M 13 -33.12 -95.35 7.30
CA ARG M 13 -33.10 -94.03 6.68
C ARG M 13 -33.87 -93.96 5.37
N MET M 14 -34.34 -95.10 4.86
CA MET M 14 -35.32 -95.12 3.78
C MET M 14 -36.75 -95.01 4.29
N ASN M 15 -36.93 -94.89 5.61
CA ASN M 15 -38.20 -94.82 6.34
C ASN M 15 -39.06 -96.07 6.19
N ASN M 16 -38.49 -97.17 5.70
CA ASN M 16 -39.17 -98.46 5.66
C ASN M 16 -38.70 -99.31 6.84
N ILE M 17 -39.13 -98.89 8.03
CA ILE M 17 -38.67 -99.52 9.27
C ILE M 17 -39.34 -100.88 9.45
N GLN M 18 -38.71 -101.73 10.25
CA GLN M 18 -39.20 -103.07 10.54
C GLN M 18 -39.40 -103.19 12.05
N ILE M 19 -40.62 -103.54 12.46
CA ILE M 19 -40.97 -103.64 13.87
C ILE M 19 -41.34 -105.09 14.15
N ASN M 20 -40.61 -105.73 15.07
CA ASN M 20 -40.84 -107.12 15.44
C ASN M 20 -40.92 -107.25 16.96
N PRO M 21 -42.08 -106.88 17.56
CA PRO M 21 -42.23 -107.07 19.00
C PRO M 21 -42.82 -108.43 19.37
N THR M 22 -42.12 -109.18 20.22
CA THR M 22 -42.63 -110.43 20.79
C THR M 22 -42.39 -110.34 22.30
N SER M 23 -43.35 -109.76 23.01
CA SER M 23 -43.21 -109.51 24.44
C SER M 23 -43.50 -110.80 25.20
N ILE M 24 -42.43 -111.37 25.79
CA ILE M 24 -42.47 -112.53 26.69
C ILE M 24 -43.04 -113.77 26.01
N GLY M 25 -44.33 -113.78 25.72
CA GLY M 25 -44.98 -114.93 25.13
C GLY M 25 -45.18 -114.74 23.63
N ASN M 26 -44.78 -115.76 22.86
CA ASN M 26 -44.97 -115.74 21.42
C ASN M 26 -46.45 -115.73 21.00
N PRO M 27 -47.38 -116.57 21.57
CA PRO M 27 -48.79 -116.40 21.18
C PRO M 27 -49.42 -115.15 21.79
N ASN M 28 -49.67 -114.15 20.94
CA ASN M 28 -50.30 -112.92 21.37
C ASN M 28 -51.14 -112.37 20.23
N ASN M 29 -52.29 -111.80 20.58
CA ASN M 29 -53.13 -111.13 19.57
C ASN M 29 -52.45 -109.85 19.11
N GLY M 30 -52.56 -109.57 17.80
CA GLY M 30 -51.86 -108.44 17.23
C GLY M 30 -50.37 -108.68 17.13
N LEU M 31 -49.97 -109.57 16.24
CA LEU M 31 -48.58 -109.98 16.12
C LEU M 31 -47.75 -108.89 15.43
N HIS M 32 -46.50 -109.23 15.13
CA HIS M 32 -45.55 -108.29 14.54
C HIS M 32 -45.92 -107.93 13.10
N MET M 33 -46.32 -106.67 12.89
CA MET M 33 -46.64 -106.17 11.57
C MET M 33 -45.59 -105.13 11.17
N THR M 34 -45.10 -105.24 9.93
CA THR M 34 -44.06 -104.35 9.44
C THR M 34 -44.64 -102.97 9.10
N TYR M 35 -43.76 -102.06 8.73
CA TYR M 35 -44.16 -100.66 8.56
C TYR M 35 -43.59 -100.03 7.29
N ASN M 36 -44.31 -99.05 6.75
CA ASN M 36 -43.83 -98.19 5.67
C ASN M 36 -44.59 -96.87 5.72
N ASN M 37 -43.92 -95.76 5.39
CA ASN M 37 -44.57 -94.45 5.48
C ASN M 37 -44.25 -93.57 4.28
N ALA M 38 -43.36 -94.03 3.39
CA ALA M 38 -42.94 -93.18 2.29
C ALA M 38 -43.00 -93.88 0.93
N ALA M 39 -42.80 -95.19 0.92
CA ALA M 39 -42.63 -95.93 -0.33
C ALA M 39 -43.95 -96.13 -1.05
N ALA M 40 -44.17 -95.33 -2.10
CA ALA M 40 -45.38 -95.45 -2.91
C ALA M 40 -45.05 -95.75 -4.38
N ALA M 41 -44.19 -94.94 -4.98
CA ALA M 41 -43.94 -95.00 -6.42
C ALA M 41 -43.10 -96.21 -6.81
N ALA M 42 -43.62 -97.03 -7.73
CA ALA M 42 -42.92 -98.20 -8.28
C ALA M 42 -43.12 -98.21 -9.78
N ALA M 43 -42.22 -97.54 -10.51
CA ALA M 43 -42.26 -97.50 -11.96
C ALA M 43 -41.26 -98.46 -12.60
N ALA M 44 -40.54 -99.23 -11.79
CA ALA M 44 -39.54 -100.19 -12.27
C ALA M 44 -40.06 -101.59 -11.95
N ALA M 45 -40.80 -102.16 -12.90
CA ALA M 45 -41.40 -103.49 -12.76
C ALA M 45 -40.83 -104.44 -13.80
N ALA M 46 -39.51 -104.43 -13.96
CA ALA M 46 -38.87 -105.28 -14.97
C ALA M 46 -38.96 -106.75 -14.59
N ALA M 47 -38.61 -107.09 -13.34
CA ALA M 47 -38.65 -108.43 -12.76
C ALA M 47 -37.89 -109.46 -13.59
N ALA M 48 -38.60 -110.21 -14.42
CA ALA M 48 -37.99 -111.22 -15.28
C ALA M 48 -37.43 -110.56 -16.54
N ALA M 49 -37.07 -111.38 -17.53
CA ALA M 49 -36.52 -110.85 -18.77
C ALA M 49 -37.60 -110.16 -19.58
N ALA M 50 -37.28 -108.96 -20.08
CA ALA M 50 -38.22 -108.14 -20.83
C ALA M 50 -38.18 -108.53 -22.30
N ALA M 51 -38.87 -107.75 -23.13
CA ALA M 51 -38.96 -108.03 -24.56
C ALA M 51 -37.81 -107.33 -25.30
N ALA M 52 -37.89 -107.33 -26.63
CA ALA M 52 -36.85 -106.73 -27.46
C ALA M 52 -37.06 -105.23 -27.58
N ALA M 53 -35.95 -104.49 -27.57
CA ALA M 53 -35.98 -103.04 -27.71
C ALA M 53 -35.93 -102.60 -29.18
N ALA M 54 -35.95 -103.54 -30.12
CA ALA M 54 -35.93 -103.24 -31.54
C ALA M 54 -37.17 -103.82 -32.19
N ALA M 55 -38.35 -103.50 -31.63
CA ALA M 55 -39.65 -104.14 -31.83
C ALA M 55 -40.04 -104.48 -33.26
N ALA M 56 -39.53 -103.72 -34.24
CA ALA M 56 -39.75 -104.08 -35.64
C ALA M 56 -38.97 -105.33 -36.05
N ALA M 57 -38.00 -105.76 -35.26
CA ALA M 57 -37.20 -106.95 -35.54
C ALA M 57 -36.82 -107.59 -34.21
N ALA M 58 -35.80 -108.43 -34.23
CA ALA M 58 -35.27 -109.04 -33.02
C ALA M 58 -34.02 -108.30 -32.57
N ALA M 59 -34.03 -107.83 -31.32
CA ALA M 59 -32.90 -107.06 -30.80
C ALA M 59 -31.75 -107.97 -30.41
N ALA M 60 -30.54 -107.56 -30.79
CA ALA M 60 -29.35 -108.31 -30.44
C ALA M 60 -28.17 -107.42 -30.01
N ALA M 61 -28.36 -106.11 -29.94
CA ALA M 61 -27.30 -105.20 -29.52
C ALA M 61 -27.35 -104.98 -28.01
N ALA M 62 -26.17 -104.92 -27.41
CA ALA M 62 -26.04 -104.72 -25.97
C ALA M 62 -25.71 -103.26 -25.68
N ALA M 63 -26.37 -102.70 -24.67
CA ALA M 63 -26.19 -101.31 -24.28
C ALA M 63 -25.26 -101.25 -23.07
N ALA M 64 -24.17 -100.49 -23.22
CA ALA M 64 -23.20 -100.29 -22.15
C ALA M 64 -23.50 -98.97 -21.45
N ALA M 65 -23.52 -99.00 -20.12
CA ALA M 65 -23.87 -97.81 -19.36
C ALA M 65 -22.72 -96.80 -19.35
N ALA M 66 -21.57 -97.22 -18.82
CA ALA M 66 -20.39 -96.38 -18.59
C ALA M 66 -20.75 -95.13 -17.80
N ALA M 67 -20.54 -93.96 -18.41
CA ALA M 67 -20.97 -92.65 -17.91
C ALA M 67 -20.38 -92.37 -16.51
N ALA M 68 -19.05 -92.22 -16.50
CA ALA M 68 -18.33 -91.91 -15.28
C ALA M 68 -18.75 -90.56 -14.72
N ALA M 69 -19.46 -90.59 -13.60
CA ALA M 69 -19.95 -89.40 -12.95
C ALA M 69 -19.10 -89.00 -11.74
N SER M 70 -17.89 -89.53 -11.67
CA SER M 70 -16.94 -89.24 -10.59
C SER M 70 -15.79 -88.41 -11.17
N ILE M 71 -15.66 -87.18 -10.68
CA ILE M 71 -14.78 -86.19 -11.30
C ILE M 71 -13.75 -85.75 -10.26
N GLN M 72 -13.26 -86.69 -9.46
CA GLN M 72 -12.32 -86.33 -8.39
C GLN M 72 -10.88 -86.13 -8.87
N VAL M 73 -10.69 -85.26 -9.87
CA VAL M 73 -9.34 -84.90 -10.29
C VAL M 73 -9.12 -83.38 -10.29
N THR M 74 -9.76 -82.65 -11.21
CA THR M 74 -9.56 -81.21 -11.27
C THR M 74 -10.42 -80.44 -10.25
N PRO M 75 -11.82 -80.70 -10.09
CA PRO M 75 -12.59 -79.98 -9.06
C PRO M 75 -12.50 -80.60 -7.67
N ARG M 76 -11.26 -80.76 -7.17
CA ARG M 76 -10.94 -81.49 -5.94
C ARG M 76 -11.53 -82.89 -5.99
N SER M 77 -12.63 -83.11 -5.26
CA SER M 77 -13.35 -84.38 -5.29
C SER M 77 -14.85 -84.10 -5.40
N ILE M 78 -15.45 -84.53 -6.52
CA ILE M 78 -16.88 -84.37 -6.77
C ILE M 78 -17.40 -85.66 -7.39
N VAL M 79 -18.47 -86.22 -6.81
CA VAL M 79 -19.13 -87.40 -7.35
C VAL M 79 -20.59 -87.08 -7.61
N ILE M 80 -21.15 -87.68 -8.66
CA ILE M 80 -22.53 -87.46 -9.09
C ILE M 80 -23.24 -88.81 -9.06
N ASN M 81 -24.46 -88.82 -8.52
CA ASN M 81 -25.23 -90.05 -8.42
C ASN M 81 -26.42 -90.01 -9.37
N ARG M 82 -27.02 -91.19 -9.56
CA ARG M 82 -28.18 -91.33 -10.44
C ARG M 82 -29.42 -90.67 -9.85
N MET M 83 -29.56 -90.68 -8.53
CA MET M 83 -30.74 -90.19 -7.84
C MET M 83 -30.74 -88.68 -7.63
N ASN M 84 -29.80 -87.97 -8.26
CA ASN M 84 -29.55 -86.53 -8.13
C ASN M 84 -29.22 -86.10 -6.71
N ASN M 85 -28.79 -87.04 -5.85
CA ASN M 85 -28.24 -86.71 -4.54
C ASN M 85 -26.72 -86.71 -4.64
N ILE M 86 -26.22 -85.70 -5.36
CA ILE M 86 -24.79 -85.59 -5.63
C ILE M 86 -24.05 -85.23 -4.36
N GLN M 87 -22.77 -85.60 -4.31
CA GLN M 87 -21.93 -85.41 -3.14
C GLN M 87 -20.66 -84.67 -3.55
N ILE M 88 -20.39 -83.56 -2.88
CA ILE M 88 -19.17 -82.78 -3.10
C ILE M 88 -18.38 -82.79 -1.80
N ASN M 89 -17.20 -83.40 -1.84
CA ASN M 89 -16.35 -83.55 -0.65
C ASN M 89 -14.97 -83.03 -0.99
N PRO M 90 -14.76 -81.71 -0.99
CA PRO M 90 -13.44 -81.18 -1.34
C PRO M 90 -12.44 -81.36 -0.21
N THR M 91 -11.56 -82.37 -0.34
CA THR M 91 -10.47 -82.61 0.60
C THR M 91 -9.25 -83.01 -0.24
N SER M 92 -8.48 -82.00 -0.67
CA SER M 92 -7.28 -82.23 -1.45
C SER M 92 -6.40 -80.99 -1.33
N ILE M 93 -5.09 -81.21 -1.44
CA ILE M 93 -4.03 -80.19 -1.38
C ILE M 93 -4.08 -79.45 -0.05
N GLY M 94 -5.08 -78.58 0.12
CA GLY M 94 -5.30 -77.92 1.39
C GLY M 94 -6.56 -78.42 2.07
N ASN M 95 -6.43 -78.90 3.31
CA ASN M 95 -7.57 -79.39 4.07
C ASN M 95 -8.46 -78.28 4.63
N PRO M 96 -7.96 -77.23 5.37
CA PRO M 96 -8.91 -76.28 5.95
C PRO M 96 -9.31 -75.14 5.02
N GLN M 97 -10.61 -74.92 4.90
CA GLN M 97 -11.16 -73.83 4.10
C GLN M 97 -12.60 -73.56 4.52
N VAL M 98 -13.15 -72.48 3.99
CA VAL M 98 -14.58 -72.20 4.13
C VAL M 98 -15.35 -73.20 3.27
N THR M 99 -16.67 -73.31 3.53
CA THR M 99 -17.62 -74.13 2.77
C THR M 99 -17.25 -75.62 2.84
N ILE M 100 -17.42 -76.16 4.04
CA ILE M 100 -17.28 -77.58 4.36
C ILE M 100 -18.24 -78.40 3.49
N ARG M 101 -17.91 -79.69 3.29
CA ARG M 101 -18.58 -80.56 2.33
C ARG M 101 -20.07 -80.71 2.62
N LEU M 102 -20.88 -80.70 1.56
CA LEU M 102 -22.32 -80.59 1.68
C LEU M 102 -22.98 -81.39 0.57
N PRO M 103 -24.17 -81.97 0.82
CA PRO M 103 -24.91 -82.65 -0.24
C PRO M 103 -25.89 -81.73 -0.97
N LEU M 104 -26.66 -82.30 -1.91
CA LEU M 104 -27.68 -81.56 -2.63
C LEU M 104 -29.04 -82.24 -2.56
N ASN M 105 -29.96 -81.83 -3.42
CA ASN M 105 -31.37 -82.21 -3.34
C ASN M 105 -31.91 -82.36 -4.76
N ASN M 106 -33.24 -82.25 -4.91
CA ASN M 106 -34.05 -82.32 -6.13
C ASN M 106 -34.23 -83.78 -6.55
N PHE M 107 -35.46 -84.23 -6.76
CA PHE M 107 -36.65 -83.37 -6.77
C PHE M 107 -37.62 -83.62 -5.63
N LYS M 108 -37.97 -82.55 -4.91
CA LYS M 108 -38.99 -82.58 -3.88
C LYS M 108 -39.76 -81.28 -3.94
N SER M 109 -41.07 -81.36 -3.65
CA SER M 109 -41.92 -80.18 -3.72
C SER M 109 -42.43 -79.74 -2.35
N THR M 110 -43.14 -80.62 -1.63
CA THR M 110 -43.75 -80.35 -0.32
C THR M 110 -44.65 -79.12 -0.33
N THR M 111 -44.16 -77.95 0.09
CA THR M 111 -44.98 -76.74 0.18
C THR M 111 -44.35 -75.68 -0.73
N GLN M 112 -45.11 -74.62 -1.02
CA GLN M 112 -44.63 -73.51 -1.84
C GLN M 112 -44.46 -72.17 -1.11
N LEU M 113 -43.33 -71.50 -1.36
CA LEU M 113 -42.92 -70.28 -0.68
C LEU M 113 -42.96 -69.08 -1.62
N ILE M 114 -42.78 -67.90 -1.05
CA ILE M 114 -42.95 -66.64 -1.76
C ILE M 114 -42.19 -65.60 -0.96
N GLN M 115 -41.80 -64.53 -1.63
CA GLN M 115 -41.15 -63.43 -0.94
C GLN M 115 -41.38 -62.14 -1.72
N GLN M 116 -41.27 -61.02 -1.01
CA GLN M 116 -41.38 -59.70 -1.62
C GLN M 116 -40.69 -58.69 -0.73
N VAL M 117 -39.83 -57.88 -1.34
CA VAL M 117 -39.19 -56.77 -0.65
C VAL M 117 -40.21 -55.65 -0.46
N SER M 118 -40.22 -55.07 0.73
CA SER M 118 -41.20 -54.04 1.08
C SER M 118 -40.56 -53.10 2.08
N LEU M 119 -41.38 -52.20 2.63
CA LEU M 119 -40.95 -51.21 3.61
C LEU M 119 -41.62 -51.47 4.95
N THR M 120 -40.95 -51.02 6.02
CA THR M 120 -41.46 -51.19 7.38
C THR M 120 -42.33 -50.03 7.84
N ASP M 121 -42.94 -49.29 6.92
CA ASP M 121 -43.92 -48.28 7.30
C ASP M 121 -45.14 -48.94 7.94
N PHE M 122 -45.61 -50.04 7.37
CA PHE M 122 -46.54 -50.95 8.01
C PHE M 122 -45.85 -52.31 8.15
N PHE M 123 -46.14 -53.00 9.25
CA PHE M 123 -45.64 -54.33 9.62
C PHE M 123 -44.15 -54.35 9.90
N ARG M 124 -43.77 -54.86 11.08
CA ARG M 124 -42.36 -55.01 11.44
C ARG M 124 -42.09 -56.47 11.78
N PRO M 125 -41.14 -57.12 11.10
CA PRO M 125 -40.99 -58.58 11.26
C PRO M 125 -40.38 -59.01 12.59
N ASP M 126 -39.55 -58.16 13.21
CA ASP M 126 -38.93 -58.55 14.47
C ASP M 126 -39.94 -58.58 15.61
N ILE M 127 -40.84 -57.60 15.65
CA ILE M 127 -41.88 -57.59 16.68
C ILE M 127 -42.93 -58.66 16.42
N GLU M 128 -43.30 -58.86 15.16
CA GLU M 128 -44.34 -59.82 14.82
C GLU M 128 -43.83 -61.25 14.97
N HIS M 129 -44.73 -62.14 15.40
CA HIS M 129 -44.42 -63.54 15.57
C HIS M 129 -44.14 -64.21 14.23
N ALA M 130 -43.52 -65.39 14.30
CA ALA M 130 -43.14 -66.12 13.09
C ALA M 130 -44.37 -66.62 12.34
N GLY M 131 -45.40 -67.06 13.06
CA GLY M 131 -46.63 -67.50 12.44
C GLY M 131 -47.73 -66.46 12.50
N SER M 132 -48.09 -65.89 11.37
CA SER M 132 -49.15 -64.89 11.30
C SER M 132 -49.89 -65.10 9.98
N THR M 133 -50.70 -64.11 9.59
CA THR M 133 -51.24 -64.02 8.24
C THR M 133 -50.92 -62.62 7.72
N VAL M 134 -50.22 -62.56 6.60
CA VAL M 134 -49.72 -61.30 6.05
C VAL M 134 -50.60 -60.89 4.88
N LEU M 135 -51.01 -59.63 4.86
CA LEU M 135 -51.81 -59.06 3.78
C LEU M 135 -51.00 -57.98 3.07
N ILE M 136 -51.24 -57.85 1.77
CA ILE M 136 -50.49 -56.92 0.92
C ILE M 136 -51.45 -55.88 0.34
N LEU M 137 -51.12 -54.61 0.53
CA LEU M 137 -51.90 -53.50 -0.01
C LEU M 137 -51.45 -53.27 -1.45
N ARG M 138 -52.18 -53.86 -2.39
CA ARG M 138 -51.94 -53.62 -3.82
C ARG M 138 -53.18 -52.87 -4.36
N HIS M 139 -52.96 -51.63 -4.75
CA HIS M 139 -54.00 -50.88 -5.41
C HIS M 139 -53.76 -50.91 -6.92
N PRO M 140 -54.76 -51.32 -7.72
CA PRO M 140 -54.53 -51.50 -9.16
C PRO M 140 -54.38 -50.22 -9.98
N THR M 141 -54.36 -49.07 -9.31
CA THR M 141 -54.15 -47.79 -9.99
C THR M 141 -52.70 -47.59 -10.44
N ASP M 142 -51.77 -48.46 -10.02
CA ASP M 142 -50.36 -48.30 -10.33
C ASP M 142 -49.95 -48.99 -11.64
N LEU M 143 -50.90 -49.22 -12.55
CA LEU M 143 -50.61 -49.84 -13.84
C LEU M 143 -51.16 -48.98 -14.97
N PRO M 144 -50.55 -47.77 -15.21
CA PRO M 144 -51.07 -46.85 -16.23
C PRO M 144 -50.43 -47.04 -17.60
N ALA M 145 -50.44 -48.28 -18.09
CA ALA M 145 -49.80 -48.60 -19.36
C ALA M 145 -50.77 -49.19 -20.38
N LEU M 146 -52.07 -49.03 -20.17
CA LEU M 146 -53.08 -49.51 -21.08
C LEU M 146 -53.59 -48.38 -21.96
N ALA M 147 -54.31 -48.76 -23.03
CA ALA M 147 -54.79 -47.80 -24.01
C ALA M 147 -56.14 -47.19 -23.66
N ARG M 148 -56.82 -47.70 -22.63
CA ARG M 148 -58.11 -47.17 -22.23
C ARG M 148 -58.02 -46.13 -21.11
N HIS M 149 -56.81 -45.83 -20.64
CA HIS M 149 -56.51 -44.77 -19.67
C HIS M 149 -57.28 -44.98 -18.36
N ARG M 150 -56.97 -46.10 -17.69
CA ARG M 150 -57.64 -46.45 -16.43
C ARG M 150 -56.80 -45.95 -15.26
N ALA M 151 -57.29 -44.89 -14.62
CA ALA M 151 -56.86 -44.54 -13.26
C ALA M 151 -57.97 -43.83 -12.50
N PRO M 152 -59.12 -44.47 -12.22
CA PRO M 152 -60.20 -43.78 -11.51
C PRO M 152 -60.06 -43.90 -10.01
N PRO M 153 -59.90 -42.78 -9.29
CA PRO M 153 -59.85 -42.87 -7.82
C PRO M 153 -61.21 -43.19 -7.20
N GLY M 154 -62.30 -42.88 -7.90
CA GLY M 154 -63.63 -43.17 -7.40
C GLY M 154 -64.59 -42.06 -7.76
N ARG M 155 -65.72 -42.06 -7.06
CA ARG M 155 -66.75 -41.04 -7.22
C ARG M 155 -66.88 -40.27 -5.91
N GLN M 156 -66.87 -38.93 -6.00
CA GLN M 156 -66.72 -38.02 -4.86
C GLN M 156 -65.48 -38.39 -4.05
N THR M 157 -64.40 -38.69 -4.76
CA THR M 157 -63.20 -39.31 -4.21
C THR M 157 -62.16 -38.29 -3.73
N GLU M 158 -62.57 -37.06 -3.43
CA GLU M 158 -61.63 -36.07 -2.90
C GLU M 158 -61.11 -36.48 -1.53
N ARG M 159 -62.00 -36.99 -0.68
CA ARG M 159 -61.60 -37.47 0.65
C ARG M 159 -60.67 -38.68 0.53
N LEU M 160 -60.99 -39.61 -0.38
CA LEU M 160 -60.17 -40.81 -0.58
C LEU M 160 -58.78 -40.44 -1.09
N ALA M 161 -58.73 -39.55 -2.09
CA ALA M 161 -57.46 -39.14 -2.67
C ALA M 161 -56.61 -38.38 -1.66
N GLU M 162 -57.23 -37.45 -0.92
CA GLU M 162 -56.50 -36.68 0.08
C GLU M 162 -55.98 -37.58 1.21
N ALA M 163 -56.80 -38.54 1.65
CA ALA M 163 -56.41 -39.41 2.75
C ALA M 163 -55.30 -40.38 2.33
N TRP M 164 -55.40 -40.97 1.13
CA TRP M 164 -54.36 -41.87 0.67
C TRP M 164 -53.06 -41.12 0.38
N GLY M 165 -53.16 -39.89 -0.15
CA GLY M 165 -51.97 -39.10 -0.37
C GLY M 165 -51.28 -38.69 0.93
N GLN M 166 -52.07 -38.32 1.94
CA GLN M 166 -51.51 -37.98 3.25
C GLN M 166 -50.89 -39.20 3.91
N LEU M 167 -51.51 -40.37 3.75
CA LEU M 167 -50.95 -41.60 4.30
C LEU M 167 -49.65 -41.98 3.61
N LEU M 168 -49.59 -41.82 2.29
CA LEU M 168 -48.38 -42.19 1.56
C LEU M 168 -47.24 -41.21 1.82
N GLU M 169 -47.55 -39.91 1.92
CA GLU M 169 -46.49 -38.93 2.18
C GLU M 169 -46.06 -38.94 3.64
N ALA M 170 -46.94 -39.34 4.55
CA ALA M 170 -46.56 -39.40 5.97
C ALA M 170 -45.87 -40.72 6.30
N SER M 171 -45.91 -41.70 5.39
CA SER M 171 -45.30 -43.00 5.63
C SER M 171 -43.77 -42.91 5.51
N ARG M 172 -44.97 -49.04 -5.79
CA ARG M 172 -44.77 -50.35 -5.17
C ARG M 172 -45.91 -50.70 -4.23
N ALA M 173 -45.77 -51.80 -3.49
CA ALA M 173 -46.80 -52.27 -2.58
C ALA M 173 -46.18 -52.62 -1.24
N TYR M 174 -46.91 -52.29 -0.17
CA TYR M 174 -46.50 -52.62 1.19
C TYR M 174 -47.20 -53.89 1.65
N VAL M 175 -46.73 -54.42 2.78
CA VAL M 175 -47.34 -55.58 3.42
C VAL M 175 -47.77 -55.21 4.83
N THR M 176 -48.96 -55.65 5.22
CA THR M 176 -49.48 -55.47 6.56
C THR M 176 -49.84 -56.82 7.15
N SER M 177 -49.38 -57.08 8.37
CA SER M 177 -49.80 -58.30 9.04
C SER M 177 -51.21 -58.15 9.60
N LEU M 178 -51.73 -59.22 10.20
CA LEU M 178 -53.04 -59.15 10.82
C LEU M 178 -52.95 -58.75 12.29
N SER M 179 -52.25 -57.65 12.54
CA SER M 179 -52.27 -56.95 13.81
C SER M 179 -52.33 -55.44 13.66
N PHE M 180 -51.85 -54.89 12.55
CA PHE M 180 -51.99 -53.46 12.28
C PHE M 180 -53.40 -53.12 11.83
N ILE M 181 -54.03 -53.99 11.03
CA ILE M 181 -55.40 -53.76 10.58
C ILE M 181 -56.36 -53.88 11.75
N ALA M 182 -56.12 -54.83 12.65
CA ALA M 182 -56.97 -54.99 13.82
C ALA M 182 -56.81 -53.83 14.80
N ALA M 183 -55.58 -53.31 14.94
CA ALA M 183 -55.37 -52.16 15.81
C ALA M 183 -55.87 -50.87 15.19
N CYS M 184 -55.99 -50.83 13.87
CA CYS M 184 -56.59 -49.68 13.21
C CYS M 184 -58.09 -49.58 13.52
N ARG M 185 -58.74 -50.72 13.68
CA ARG M 185 -60.18 -50.80 13.93
C ARG M 185 -60.46 -51.55 15.22
N ALA M 186 -59.68 -51.25 16.26
CA ALA M 186 -59.85 -51.87 17.57
C ALA M 186 -61.04 -51.31 18.34
N GLU M 187 -61.65 -50.23 17.88
CA GLU M 187 -62.79 -49.64 18.57
C GLU M 187 -64.13 -50.25 18.16
N GLU M 188 -64.13 -51.24 17.28
CA GLU M 188 -65.36 -51.82 16.78
C GLU M 188 -65.52 -53.31 17.05
N TYR M 189 -64.49 -53.98 17.57
CA TYR M 189 -64.60 -55.42 17.81
C TYR M 189 -65.46 -55.68 19.04
N THR M 190 -65.99 -56.91 19.11
CA THR M 190 -66.85 -57.30 20.22
C THR M 190 -66.05 -57.45 21.51
N ASP M 191 -64.92 -58.15 21.45
CA ASP M 191 -64.08 -58.37 22.63
C ASP M 191 -63.22 -57.12 22.84
N LYS M 192 -63.63 -56.28 23.79
CA LYS M 192 -62.97 -54.99 23.99
C LYS M 192 -61.65 -55.14 24.72
N GLN M 193 -61.49 -56.17 25.56
CA GLN M 193 -60.26 -56.32 26.34
C GLN M 193 -59.08 -56.68 25.47
N ALA M 194 -59.26 -57.67 24.58
CA ALA M 194 -58.19 -58.05 23.66
C ALA M 194 -57.92 -56.96 22.63
N ALA M 195 -58.96 -56.21 22.24
CA ALA M 195 -58.78 -55.09 21.32
C ALA M 195 -57.95 -53.99 21.95
N GLU M 196 -58.24 -53.66 23.22
CA GLU M 196 -57.46 -52.65 23.93
C GLU M 196 -56.02 -53.11 24.14
N ALA M 197 -55.83 -54.39 24.49
CA ALA M 197 -54.49 -54.93 24.69
C ALA M 197 -53.68 -54.92 23.38
N ASN M 198 -54.31 -55.32 22.28
CA ASN M 198 -53.63 -55.34 20.98
C ASN M 198 -53.31 -53.93 20.50
N ARG M 199 -54.24 -52.99 20.70
CA ARG M 199 -53.98 -51.61 20.32
C ARG M 199 -52.86 -51.00 21.14
N THR M 200 -52.83 -51.28 22.45
CA THR M 200 -51.75 -50.80 23.31
C THR M 200 -50.41 -51.39 22.89
N ALA M 201 -50.39 -52.70 22.58
CA ALA M 201 -49.17 -53.35 22.15
C ALA M 201 -48.67 -52.80 20.81
N ILE M 202 -49.60 -52.46 19.91
CA ILE M 202 -49.20 -51.89 18.63
C ILE M 202 -48.67 -50.47 18.80
N VAL M 203 -49.35 -49.63 19.58
CA VAL M 203 -48.90 -48.26 19.72
C VAL M 203 -47.68 -48.13 20.62
N SER M 204 -47.33 -49.17 21.37
CA SER M 204 -46.10 -49.13 22.16
C SER M 204 -44.93 -49.77 21.40
N ALA M 205 -45.14 -50.98 20.88
CA ALA M 205 -44.05 -51.73 20.25
C ALA M 205 -43.67 -51.15 18.90
N TYR M 206 -44.65 -50.88 18.04
CA TYR M 206 -44.36 -50.30 16.74
C TYR M 206 -44.02 -48.82 16.90
N GLY M 207 -42.91 -48.40 16.30
CA GLY M 207 -42.49 -47.02 16.29
C GLY M 207 -42.15 -46.48 17.67
N CYS M 208 -42.13 -45.16 17.77
CA CYS M 208 -41.95 -44.49 19.05
C CYS M 208 -43.17 -43.68 19.46
N SER M 209 -43.61 -42.73 18.63
CA SER M 209 -44.77 -41.90 18.98
C SER M 209 -45.68 -41.66 17.79
N ARG M 210 -45.15 -41.80 16.57
CA ARG M 210 -45.88 -41.44 15.37
C ARG M 210 -46.89 -42.50 14.95
N MET M 211 -46.86 -43.68 15.57
CA MET M 211 -47.76 -44.75 15.16
C MET M 211 -49.22 -44.46 15.48
N GLY M 212 -49.48 -43.63 16.50
CA GLY M 212 -50.84 -43.21 16.76
C GLY M 212 -51.41 -42.34 15.66
N ALA M 213 -50.61 -41.38 15.18
CA ALA M 213 -51.03 -40.52 14.08
C ALA M 213 -51.16 -41.30 12.78
N ARG M 214 -50.28 -42.28 12.56
CA ARG M 214 -50.38 -43.13 11.38
C ARG M 214 -51.63 -44.00 11.44
N LEU M 215 -51.98 -44.50 12.63
CA LEU M 215 -53.21 -45.28 12.79
C LEU M 215 -54.44 -44.41 12.56
N ILE M 216 -54.41 -43.16 13.02
CA ILE M 216 -55.53 -42.24 12.79
C ILE M 216 -55.66 -41.93 11.31
N ARG M 217 -54.54 -41.72 10.61
CA ARG M 217 -54.58 -41.42 9.18
C ARG M 217 -55.07 -42.61 8.37
N PHE M 218 -54.61 -43.82 8.70
CA PHE M 218 -55.09 -45.02 8.03
C PHE M 218 -56.56 -45.29 8.35
N SER M 219 -56.98 -44.93 9.56
CA SER M 219 -58.39 -45.04 9.94
C SER M 219 -59.26 -44.14 9.08
N GLU M 220 -58.89 -42.86 8.97
CA GLU M 220 -59.65 -41.91 8.16
C GLU M 220 -59.59 -42.28 6.69
N CYS M 221 -58.49 -42.90 6.26
CA CYS M 221 -58.40 -43.37 4.88
C CYS M 221 -59.34 -44.54 4.63
N LEU M 222 -59.49 -45.42 5.62
CA LEU M 222 -60.45 -46.52 5.50
C LEU M 222 -61.89 -46.01 5.41
N ARG M 223 -62.25 -45.04 6.26
CA ARG M 223 -63.59 -44.46 6.18
C ARG M 223 -63.78 -43.68 4.87
N ALA M 224 -62.71 -43.08 4.36
CA ALA M 224 -62.79 -42.39 3.07
C ALA M 224 -63.02 -43.37 1.93
N MET M 225 -62.39 -44.55 2.00
CA MET M 225 -62.67 -45.58 1.00
C MET M 225 -64.10 -46.09 1.09
N VAL M 226 -64.60 -46.33 2.31
CA VAL M 226 -65.95 -46.87 2.45
C VAL M 226 -67.01 -45.85 2.02
N GLN M 227 -66.79 -44.57 2.33
CA GLN M 227 -67.80 -43.56 2.03
C GLN M 227 -67.85 -43.20 0.54
N CYS M 228 -66.81 -43.55 -0.22
CA CYS M 228 -66.80 -43.28 -1.66
C CYS M 228 -67.29 -44.46 -2.48
N HIS M 229 -67.82 -45.50 -1.84
CA HIS M 229 -68.26 -46.75 -2.47
C HIS M 229 -67.14 -47.44 -3.25
N VAL M 230 -65.90 -47.24 -2.81
CA VAL M 230 -64.75 -47.99 -3.31
C VAL M 230 -64.21 -48.81 -2.14
N PHE M 231 -64.67 -50.05 -2.03
CA PHE M 231 -64.51 -50.84 -0.83
C PHE M 231 -63.05 -51.21 -0.58
N PRO M 232 -62.67 -51.42 0.69
CA PRO M 232 -61.30 -51.90 0.95
C PRO M 232 -61.03 -53.30 0.47
N HIS M 233 -62.06 -54.13 0.23
CA HIS M 233 -61.83 -55.31 -0.58
C HIS M 233 -61.84 -54.90 -2.05
N ARG M 234 -61.13 -55.69 -2.86
CA ARG M 234 -60.50 -55.59 -4.20
C ARG M 234 -59.16 -54.89 -4.02
N PHE M 235 -58.89 -54.41 -2.80
CA PHE M 235 -57.55 -54.19 -2.27
C PHE M 235 -57.31 -55.26 -1.21
N ILE M 236 -56.10 -55.22 -0.62
CA ILE M 236 -55.70 -56.02 0.54
C ILE M 236 -55.87 -57.51 0.27
N SER M 237 -54.90 -58.10 -0.40
CA SER M 237 -54.96 -59.51 -0.77
C SER M 237 -54.14 -60.34 0.21
N PHE M 238 -54.45 -61.63 0.29
CA PHE M 238 -53.70 -62.54 1.13
C PHE M 238 -52.34 -62.82 0.51
N PHE M 239 -51.29 -62.76 1.33
CA PHE M 239 -49.92 -62.92 0.86
C PHE M 239 -49.27 -64.20 1.36
N GLY M 240 -49.34 -64.48 2.65
CA GLY M 240 -48.70 -65.66 3.17
C GLY M 240 -48.77 -65.72 4.68
N SER M 241 -47.88 -66.52 5.27
CA SER M 241 -47.94 -66.81 6.69
C SER M 241 -46.71 -66.39 7.48
N LEU M 242 -45.75 -65.70 6.84
CA LEU M 242 -44.52 -65.10 7.40
C LEU M 242 -43.52 -66.18 7.79
N LEU M 243 -42.24 -65.93 7.52
CA LEU M 243 -41.17 -66.89 7.81
C LEU M 243 -39.92 -66.08 8.17
N GLU M 244 -38.75 -66.71 8.01
CA GLU M 244 -37.46 -66.30 8.58
C GLU M 244 -37.05 -64.85 8.38
N TYR M 245 -37.39 -64.25 7.23
CA TYR M 245 -37.08 -62.88 6.79
C TYR M 245 -35.61 -62.47 6.90
N THR M 246 -35.30 -61.23 6.49
CA THR M 246 -33.95 -60.70 6.66
C THR M 246 -33.91 -59.46 7.55
N ILE M 247 -34.63 -58.41 7.15
CA ILE M 247 -34.60 -57.02 7.64
C ILE M 247 -33.20 -56.38 7.60
N GLN M 248 -33.16 -55.13 7.15
CA GLN M 248 -31.96 -54.29 7.16
C GLN M 248 -32.39 -52.86 6.90
N ASP M 249 -31.94 -51.93 7.76
CA ASP M 249 -32.22 -50.49 7.68
C ASP M 249 -33.74 -50.31 7.75
N ASN M 250 -34.37 -49.66 6.77
CA ASN M 250 -35.80 -49.36 6.85
C ASN M 250 -36.68 -50.28 6.02
N LEU M 251 -36.11 -51.12 5.15
CA LEU M 251 -36.95 -51.96 4.29
C LEU M 251 -37.13 -53.33 4.93
N CYS M 252 -38.10 -54.08 4.41
CA CYS M 252 -38.40 -55.43 4.88
C CYS M 252 -38.36 -56.41 3.72
N ASN M 253 -37.65 -57.53 3.91
CA ASN M 253 -37.64 -58.64 2.97
C ASN M 253 -38.28 -59.84 3.66
N ILE M 254 -39.57 -60.05 3.40
CA ILE M 254 -40.38 -61.02 4.12
C ILE M 254 -40.61 -62.23 3.23
N THR M 255 -40.29 -63.42 3.75
CA THR M 255 -40.63 -64.68 3.12
C THR M 255 -41.83 -65.28 3.83
N ALA M 256 -42.68 -65.99 3.08
CA ALA M 256 -43.92 -66.47 3.64
C ALA M 256 -44.34 -67.76 2.94
N VAL M 257 -45.22 -68.51 3.60
CA VAL M 257 -45.78 -69.74 3.05
C VAL M 257 -47.10 -69.36 2.39
N ALA M 258 -47.10 -69.29 1.06
CA ALA M 258 -48.29 -68.83 0.34
C ALA M 258 -49.30 -69.95 0.14
N LYS M 259 -48.85 -71.10 -0.35
CA LYS M 259 -49.73 -72.20 -0.70
C LYS M 259 -49.13 -73.48 -0.15
N GLY M 260 -49.99 -74.35 0.38
CA GLY M 260 -49.55 -75.59 0.95
C GLY M 260 -49.88 -75.68 2.42
N PRO M 261 -49.58 -76.83 3.04
CA PRO M 261 -49.88 -76.99 4.46
C PRO M 261 -48.91 -76.22 5.34
N GLN M 262 -49.31 -76.04 6.59
CA GLN M 262 -48.39 -75.64 7.65
C GLN M 262 -47.69 -76.89 8.17
N GLU M 263 -46.96 -76.73 9.29
CA GLU M 263 -46.11 -77.73 9.97
C GLU M 263 -45.23 -78.55 9.01
N ALA M 264 -44.83 -77.95 7.89
CA ALA M 264 -44.01 -78.62 6.89
C ALA M 264 -42.92 -77.72 6.32
N ALA M 265 -42.84 -76.45 6.70
CA ALA M 265 -41.75 -75.59 6.29
C ALA M 265 -40.53 -75.83 7.18
N ARG M 266 -39.49 -75.03 6.99
CA ARG M 266 -38.27 -75.18 7.80
C ARG M 266 -37.68 -73.80 8.04
N THR M 267 -37.70 -73.37 9.30
CA THR M 267 -37.08 -72.12 9.72
C THR M 267 -36.00 -72.43 10.74
N ASP M 268 -34.81 -71.87 10.55
CA ASP M 268 -33.70 -72.15 11.45
C ASP M 268 -33.69 -71.23 12.67
N LYS M 269 -34.24 -70.03 12.56
CA LYS M 269 -34.21 -69.08 13.68
C LYS M 269 -35.45 -69.18 14.56
N THR M 270 -35.76 -70.41 14.99
CA THR M 270 -36.82 -70.64 15.96
C THR M 270 -36.46 -71.91 16.74
N SER M 271 -37.09 -72.06 17.90
CA SER M 271 -36.67 -73.10 18.85
C SER M 271 -37.01 -74.50 18.34
N THR M 272 -38.25 -74.70 17.88
CA THR M 272 -38.71 -76.02 17.46
C THR M 272 -38.48 -76.28 15.98
N ARG M 273 -37.87 -75.34 15.26
CA ARG M 273 -37.54 -75.40 13.82
C ARG M 273 -38.77 -75.52 12.94
N ARG M 274 -39.98 -75.30 13.46
CA ARG M 274 -41.21 -75.36 12.70
C ARG M 274 -42.12 -74.23 13.19
N VAL M 275 -43.13 -73.92 12.39
CA VAL M 275 -44.02 -72.80 12.68
C VAL M 275 -45.46 -73.26 12.57
N THR M 276 -46.34 -72.58 13.31
CA THR M 276 -47.78 -72.78 13.22
C THR M 276 -48.46 -71.41 13.27
N ALA M 277 -49.60 -71.31 12.60
CA ALA M 277 -50.27 -70.03 12.43
C ALA M 277 -51.00 -69.62 13.71
N ASN M 278 -51.11 -68.32 13.92
CA ASN M 278 -51.88 -67.77 15.04
C ASN M 278 -52.42 -66.41 14.65
N ILE M 279 -53.58 -66.08 15.22
CA ILE M 279 -54.20 -64.76 15.02
C ILE M 279 -54.61 -64.21 16.37
N PRO M 280 -54.73 -62.87 16.47
CA PRO M 280 -55.33 -62.30 17.68
C PRO M 280 -56.79 -62.70 17.82
N ALA M 281 -57.26 -62.73 19.07
CA ALA M 281 -58.59 -63.24 19.38
C ALA M 281 -59.71 -62.33 18.88
N CYS M 282 -59.42 -61.07 18.59
CA CYS M 282 -60.45 -60.19 18.07
C CYS M 282 -60.78 -60.49 16.62
N VAL M 283 -59.82 -61.03 15.87
CA VAL M 283 -60.01 -61.34 14.47
C VAL M 283 -60.53 -62.77 14.26
N PHE M 284 -60.88 -63.46 15.34
CA PHE M 284 -61.37 -64.83 15.27
C PHE M 284 -62.89 -64.84 15.30
N TRP M 285 -63.47 -65.84 14.62
CA TRP M 285 -64.92 -65.96 14.51
C TRP M 285 -65.25 -67.41 14.25
N ASP M 286 -66.00 -68.03 15.16
CA ASP M 286 -66.43 -69.41 15.02
C ASP M 286 -67.94 -69.38 14.79
N VAL M 287 -68.35 -69.39 13.52
CA VAL M 287 -69.76 -69.22 13.20
C VAL M 287 -70.54 -70.52 13.27
N ASP M 288 -69.87 -71.68 13.36
CA ASP M 288 -70.59 -72.94 13.46
C ASP M 288 -71.18 -73.14 14.85
N LYS M 289 -70.46 -72.74 15.90
CA LYS M 289 -71.04 -72.76 17.24
C LYS M 289 -72.02 -71.60 17.42
N ASP M 290 -71.85 -70.52 16.66
CA ASP M 290 -72.80 -69.42 16.71
C ASP M 290 -74.11 -69.79 16.03
N LEU M 291 -74.04 -70.52 14.92
CA LEU M 291 -75.24 -71.00 14.24
C LEU M 291 -75.76 -72.31 14.82
N HIS M 292 -75.04 -72.89 15.78
CA HIS M 292 -75.35 -74.18 16.42
C HIS M 292 -75.49 -75.29 15.37
N LEU M 293 -74.54 -75.32 14.44
CA LEU M 293 -74.54 -76.29 13.33
C LEU M 293 -73.26 -77.13 13.46
N SER M 294 -73.42 -78.31 14.09
CA SER M 294 -72.40 -79.34 14.29
C SER M 294 -71.17 -78.86 15.06
N ALA M 295 -70.19 -79.75 15.26
CA ALA M 295 -68.97 -79.40 15.96
C ALA M 295 -67.73 -79.90 15.24
N ASP M 296 -67.85 -80.99 14.49
CA ASP M 296 -66.72 -81.66 13.88
C ASP M 296 -66.76 -81.55 12.36
N GLY M 297 -65.77 -82.14 11.73
CA GLY M 297 -65.63 -82.15 10.29
C GLY M 297 -64.53 -81.22 9.82
N LEU M 298 -64.30 -81.26 8.51
CA LEU M 298 -63.31 -80.38 7.89
C LEU M 298 -63.91 -78.98 7.82
N LYS M 299 -63.16 -78.00 8.29
CA LYS M 299 -63.64 -76.63 8.38
C LYS M 299 -62.82 -75.74 7.45
N HIS M 300 -63.51 -75.02 6.57
CA HIS M 300 -62.85 -74.03 5.73
C HIS M 300 -62.49 -72.80 6.55
N VAL M 301 -61.48 -72.06 6.09
CA VAL M 301 -61.03 -70.84 6.74
C VAL M 301 -61.32 -69.69 5.80
N PHE M 302 -62.09 -68.71 6.28
CA PHE M 302 -62.55 -67.60 5.46
C PHE M 302 -62.05 -66.28 6.03
N LEU M 303 -61.53 -65.43 5.16
CA LEU M 303 -61.15 -64.06 5.51
C LEU M 303 -62.33 -63.16 5.16
N VAL M 304 -62.98 -62.59 6.17
CA VAL M 304 -64.25 -61.90 6.02
C VAL M 304 -64.07 -60.43 6.33
N PHE M 305 -64.44 -59.58 5.37
CA PHE M 305 -64.62 -58.16 5.59
C PHE M 305 -66.09 -57.90 5.85
N VAL M 306 -66.38 -57.18 6.94
CA VAL M 306 -67.75 -56.83 7.31
C VAL M 306 -67.89 -55.31 7.27
N TYR M 307 -68.94 -54.83 6.61
CA TYR M 307 -69.14 -53.42 6.36
C TYR M 307 -70.35 -52.92 7.14
N THR M 308 -70.26 -51.68 7.61
CA THR M 308 -71.33 -51.03 8.38
C THR M 308 -71.67 -49.72 7.69
N GLN M 309 -72.65 -49.75 6.79
CA GLN M 309 -73.14 -48.52 6.17
C GLN M 309 -73.92 -47.71 7.19
N ARG M 310 -73.58 -46.41 7.29
CA ARG M 310 -74.09 -45.48 8.29
C ARG M 310 -73.88 -46.04 9.70
N ARG M 311 -74.99 -46.31 10.40
CA ARG M 311 -75.02 -46.90 11.75
C ARG M 311 -74.21 -46.04 12.74
N GLN M 312 -74.72 -44.81 12.92
CA GLN M 312 -74.09 -43.76 13.74
C GLN M 312 -72.66 -43.46 13.26
N ARG M 313 -72.45 -43.54 11.94
CA ARG M 313 -71.17 -43.33 11.27
C ARG M 313 -70.07 -44.25 11.83
N GLU M 314 -70.27 -45.56 11.62
CA GLU M 314 -69.26 -46.53 11.96
C GLU M 314 -68.38 -46.81 10.74
N GLY M 315 -67.44 -47.74 10.89
CA GLY M 315 -66.49 -48.04 9.85
C GLY M 315 -66.50 -49.49 9.39
N VAL M 316 -65.36 -50.18 9.56
CA VAL M 316 -65.18 -51.53 9.06
C VAL M 316 -64.60 -52.40 10.18
N ARG M 317 -64.75 -53.72 10.02
CA ARG M 317 -64.01 -54.70 10.80
C ARG M 317 -63.54 -55.80 9.85
N LEU M 318 -62.55 -56.56 10.31
CA LEU M 318 -62.08 -57.75 9.62
C LEU M 318 -62.20 -58.93 10.56
N HIS M 319 -62.56 -60.09 10.00
CA HIS M 319 -62.71 -61.30 10.78
C HIS M 319 -62.20 -62.49 9.99
N LEU M 320 -61.53 -63.41 10.69
CA LEU M 320 -61.06 -64.67 10.11
C LEU M 320 -61.99 -65.76 10.61
N ALA M 321 -62.93 -66.17 9.78
CA ALA M 321 -64.00 -67.06 10.16
C ALA M 321 -63.66 -68.51 9.84
N LEU M 322 -64.05 -69.42 10.74
CA LEU M 322 -63.92 -70.85 10.55
C LEU M 322 -65.30 -71.46 10.43
N SER M 323 -65.54 -72.17 9.33
CA SER M 323 -66.84 -72.77 9.07
C SER M 323 -66.67 -74.00 8.21
N GLN M 324 -67.62 -74.92 8.30
CA GLN M 324 -67.66 -76.09 7.44
C GLN M 324 -68.57 -75.90 6.24
N LEU M 325 -69.14 -74.72 6.06
CA LEU M 325 -69.97 -74.44 4.90
C LEU M 325 -69.12 -74.29 3.65
N ASN M 326 -69.74 -74.51 2.50
CA ASN M 326 -69.04 -74.46 1.23
C ASN M 326 -68.71 -73.02 0.83
N GLU M 327 -67.90 -72.89 -0.23
CA GLU M 327 -67.52 -71.57 -0.71
C GLU M 327 -68.69 -70.85 -1.37
N GLN M 328 -69.49 -71.58 -2.16
CA GLN M 328 -70.69 -71.00 -2.75
C GLN M 328 -71.73 -70.73 -1.66
N CYS M 329 -71.71 -71.53 -0.59
CA CYS M 329 -72.50 -71.26 0.61
C CYS M 329 -71.75 -70.23 1.47
N PHE M 330 -72.18 -70.10 2.73
CA PHE M 330 -71.60 -69.28 3.80
C PHE M 330 -71.85 -67.78 3.57
N GLY M 331 -72.34 -67.40 2.39
CA GLY M 331 -72.94 -66.09 2.24
C GLY M 331 -74.24 -65.99 3.00
N ARG M 332 -75.01 -67.08 3.02
CA ARG M 332 -76.17 -67.17 3.91
C ARG M 332 -75.76 -67.20 5.37
N GLY M 333 -74.56 -67.71 5.67
CA GLY M 333 -74.09 -67.72 7.04
C GLY M 333 -73.74 -66.33 7.54
N ILE M 334 -73.43 -65.41 6.63
CA ILE M 334 -73.19 -64.02 7.01
C ILE M 334 -74.49 -63.22 6.93
N GLY M 335 -75.39 -63.61 6.02
CA GLY M 335 -76.70 -62.98 5.96
C GLY M 335 -77.54 -63.26 7.20
N PHE M 336 -77.44 -64.49 7.72
CA PHE M 336 -77.98 -64.82 9.02
C PHE M 336 -77.05 -64.25 10.10
N LEU M 337 -77.57 -64.17 11.33
CA LEU M 337 -76.86 -63.74 12.53
C LEU M 337 -76.42 -62.27 12.45
N LEU M 338 -75.48 -61.97 11.54
CA LEU M 338 -75.05 -60.57 11.38
C LEU M 338 -76.16 -59.71 10.78
N GLY M 339 -76.83 -60.21 9.74
CA GLY M 339 -77.96 -59.48 9.18
C GLY M 339 -79.22 -59.54 10.00
N ALA M 340 -79.35 -60.55 10.87
CA ALA M 340 -80.50 -60.64 11.75
C ALA M 340 -80.42 -59.64 12.89
N ARG M 341 -79.23 -59.38 13.42
CA ARG M 341 -79.03 -58.42 14.50
C ARG M 341 -78.83 -57.05 13.86
N ILE M 342 -79.92 -56.32 13.68
CA ILE M 342 -79.87 -55.00 13.06
C ILE M 342 -81.00 -54.14 13.59
N CYS M 343 -76.95 -52.81 0.62
CA CYS M 343 -76.23 -53.43 -0.48
C CYS M 343 -74.74 -53.53 -0.18
N MET M 344 -74.18 -54.72 -0.43
CA MET M 344 -72.77 -55.05 -0.22
C MET M 344 -72.34 -54.80 1.23
N TYR M 345 -72.99 -55.54 2.13
CA TYR M 345 -72.74 -55.42 3.57
C TYR M 345 -71.53 -56.21 4.03
N ALA M 346 -71.01 -57.13 3.21
CA ALA M 346 -69.90 -57.98 3.63
C ALA M 346 -69.18 -58.49 2.40
N ALA M 347 -67.97 -59.01 2.63
CA ALA M 347 -67.17 -59.61 1.56
C ALA M 347 -66.25 -60.65 2.18
N TYR M 348 -66.27 -61.87 1.64
CA TYR M 348 -65.52 -62.98 2.17
C TYR M 348 -64.79 -63.72 1.07
N THR M 349 -63.63 -64.28 1.40
CA THR M 349 -62.84 -65.07 0.47
C THR M 349 -62.35 -66.33 1.17
N LEU M 350 -62.11 -67.38 0.39
CA LEU M 350 -61.55 -68.60 0.93
C LEU M 350 -60.04 -68.47 1.03
N ILE M 351 -59.49 -68.90 2.16
CA ILE M 351 -58.05 -68.77 2.41
C ILE M 351 -57.37 -70.09 2.73
N GLY M 352 -58.11 -71.14 3.06
CA GLY M 352 -57.49 -72.43 3.36
C GLY M 352 -58.48 -73.34 4.04
N THR M 353 -58.06 -74.61 4.17
CA THR M 353 -58.88 -75.64 4.80
C THR M 353 -58.10 -76.29 5.92
N ILE M 354 -58.82 -76.82 6.90
CA ILE M 354 -58.25 -77.57 8.01
C ILE M 354 -58.79 -79.00 7.94
N PRO M 355 -57.99 -79.95 7.43
CA PRO M 355 -58.48 -81.32 7.25
C PRO M 355 -58.42 -82.20 8.48
N SER M 356 -58.27 -81.63 9.68
CA SER M 356 -58.20 -82.42 10.89
C SER M 356 -59.57 -82.98 11.25
N GLU M 357 -59.57 -84.00 12.11
CA GLU M 357 -60.82 -84.59 12.59
C GLU M 357 -61.58 -83.60 13.47
N SER M 358 -60.88 -82.93 14.38
CA SER M 358 -61.45 -81.89 15.22
C SER M 358 -60.38 -80.82 15.45
N VAL M 359 -60.76 -79.57 15.29
CA VAL M 359 -59.78 -78.48 15.43
C VAL M 359 -59.53 -78.18 16.90
N ARG M 360 -58.32 -77.72 17.19
CA ARG M 360 -57.88 -77.43 18.54
C ARG M 360 -57.27 -76.03 18.58
N TYR M 361 -57.54 -75.30 19.65
CA TYR M 361 -57.02 -73.95 19.84
C TYR M 361 -56.18 -73.90 21.11
N THR M 362 -55.45 -72.79 21.26
CA THR M 362 -54.65 -72.56 22.46
C THR M 362 -54.65 -71.06 22.72
N ARG M 363 -55.38 -70.63 23.74
CA ARG M 363 -55.57 -69.22 24.03
C ARG M 363 -54.46 -68.64 24.91
N ARG M 364 -53.27 -69.22 24.90
CA ARG M 364 -52.16 -68.73 25.71
C ARG M 364 -51.70 -67.36 25.23
N MET M 365 -51.45 -66.47 26.17
CA MET M 365 -51.01 -65.12 25.85
C MET M 365 -49.55 -65.14 25.38
N GLU M 366 -49.25 -64.31 24.39
CA GLU M 366 -47.94 -64.29 23.76
C GLU M 366 -47.23 -62.97 24.06
N ARG M 367 -45.93 -63.05 24.26
CA ARG M 367 -45.09 -61.87 24.52
C ARG M 367 -44.88 -61.16 23.20
N PHE M 368 -45.75 -60.20 22.89
CA PHE M 368 -45.73 -59.57 21.56
C PHE M 368 -44.66 -58.48 21.48
N GLY M 369 -44.84 -57.40 22.23
CA GLY M 369 -43.89 -56.30 22.22
C GLY M 369 -43.69 -55.66 23.58
N GLY M 370 -43.94 -56.42 24.64
CA GLY M 370 -43.97 -55.90 25.99
C GLY M 370 -45.35 -55.82 26.60
N TYR M 371 -46.37 -56.33 25.91
CA TYR M 371 -47.73 -56.39 26.41
C TYR M 371 -48.32 -57.74 26.05
N ASN M 372 -49.47 -58.05 26.65
CA ASN M 372 -50.10 -59.35 26.46
C ASN M 372 -51.09 -59.29 25.29
N VAL M 373 -50.96 -60.26 24.39
CA VAL M 373 -51.87 -60.39 23.25
C VAL M 373 -52.45 -61.80 23.24
N PRO M 374 -53.77 -61.95 23.30
CA PRO M 374 -54.36 -63.30 23.36
C PRO M 374 -54.44 -63.98 22.00
N THR M 375 -53.37 -64.65 21.58
CA THR M 375 -53.38 -65.34 20.30
C THR M 375 -54.20 -66.63 20.38
N ILE M 376 -54.51 -67.19 19.21
CA ILE M 376 -55.39 -68.34 19.10
C ILE M 376 -54.62 -69.66 18.86
N TRP M 377 -53.50 -69.60 18.14
CA TRP M 377 -52.60 -70.75 17.86
C TRP M 377 -53.34 -71.88 17.14
N LEU M 378 -53.74 -71.57 15.91
CA LEU M 378 -54.33 -72.58 15.03
C LEU M 378 -53.31 -73.67 14.71
N GLU M 379 -53.77 -74.91 14.68
CA GLU M 379 -52.90 -76.06 14.48
C GLU M 379 -53.35 -76.85 13.25
N GLY M 380 -52.41 -77.07 12.32
CA GLY M 380 -52.68 -77.89 11.15
C GLY M 380 -53.62 -77.27 10.14
N VAL M 381 -53.23 -76.12 9.59
CA VAL M 381 -54.02 -75.42 8.58
C VAL M 381 -53.30 -75.53 7.24
N VAL M 382 -54.05 -75.86 6.19
CA VAL M 382 -53.51 -76.02 4.84
C VAL M 382 -53.99 -74.84 4.01
N TRP M 383 -53.08 -73.95 3.66
CA TRP M 383 -53.45 -72.77 2.89
C TRP M 383 -53.72 -73.13 1.43
N GLY M 384 -54.49 -72.28 0.77
CA GLY M 384 -54.86 -72.49 -0.62
C GLY M 384 -55.73 -71.37 -1.15
N GLY M 385 -56.79 -71.71 -1.86
CA GLY M 385 -57.73 -70.73 -2.37
C GLY M 385 -57.27 -70.11 -3.67
N THR M 386 -58.19 -69.39 -4.31
CA THR M 386 -57.94 -68.75 -5.59
C THR M 386 -58.10 -67.23 -5.51
N ASN M 387 -58.29 -66.68 -4.30
CA ASN M 387 -58.41 -65.23 -4.05
C ASN M 387 -59.55 -64.61 -4.84
N THR M 388 -60.73 -65.22 -4.76
CA THR M 388 -61.94 -64.66 -5.34
C THR M 388 -62.77 -64.07 -4.19
N TRP M 389 -63.27 -62.86 -4.41
CA TRP M 389 -64.00 -62.13 -3.37
C TRP M 389 -65.50 -62.29 -3.63
N ASN M 390 -66.12 -63.22 -2.91
CA ASN M 390 -67.56 -63.44 -3.03
C ASN M 390 -68.28 -62.33 -2.30
N GLU M 391 -68.76 -61.34 -3.06
CA GLU M 391 -69.36 -60.15 -2.49
C GLU M 391 -70.83 -60.40 -2.18
N CYS M 392 -71.22 -60.16 -0.93
CA CYS M 392 -72.60 -60.39 -0.51
C CYS M 392 -73.02 -59.39 0.56
N SER N 1 -1.14 96.26 -44.02
CA SER N 1 -1.95 95.81 -45.15
C SER N 1 -1.67 96.64 -46.40
N ASN N 2 -1.91 97.95 -46.30
CA ASN N 2 -1.70 98.88 -47.39
C ASN N 2 -0.84 100.05 -46.91
N PRO N 3 0.13 100.49 -47.73
CA PRO N 3 0.51 99.98 -49.06
C PRO N 3 1.63 98.95 -48.96
N THR N 4 1.50 97.97 -48.07
CA THR N 4 2.56 97.01 -47.81
C THR N 4 2.39 95.70 -48.58
N THR N 5 1.82 95.75 -49.79
CA THR N 5 1.86 94.65 -50.76
C THR N 5 1.22 93.35 -50.24
N PHE N 6 -0.11 93.31 -50.20
CA PHE N 6 -0.91 92.17 -49.76
C PHE N 6 -0.44 90.85 -50.38
N SER N 7 -0.58 89.77 -49.60
CA SER N 7 0.05 88.50 -49.93
C SER N 7 -0.63 87.84 -51.11
N VAL N 8 0.17 87.50 -52.14
CA VAL N 8 -0.31 86.86 -53.35
C VAL N 8 0.60 85.68 -53.66
N GLU N 9 1.60 85.47 -52.79
CA GLU N 9 2.53 84.33 -52.81
C GLU N 9 3.37 84.29 -54.09
N ALA N 10 3.89 85.47 -54.45
CA ALA N 10 4.97 85.51 -55.44
C ALA N 10 6.22 86.14 -54.85
N ILE N 11 6.07 87.36 -54.33
CA ILE N 11 7.14 88.08 -53.66
C ILE N 11 6.69 88.65 -52.33
N ALA N 12 5.39 88.85 -52.15
CA ALA N 12 4.82 89.71 -51.11
C ALA N 12 4.75 89.08 -49.73
N ALA N 13 5.55 88.04 -49.49
CA ALA N 13 5.68 87.48 -48.15
C ALA N 13 6.34 88.49 -47.23
N TYR N 14 5.69 88.73 -46.08
CA TYR N 14 6.17 89.73 -45.13
C TYR N 14 5.74 89.35 -43.72
N THR N 15 6.58 89.67 -42.73
CA THR N 15 6.34 89.27 -41.34
C THR N 15 5.07 89.83 -40.70
N PRO N 16 4.72 91.15 -40.80
CA PRO N 16 3.49 91.58 -40.10
C PRO N 16 2.19 91.30 -40.85
N VAL N 17 1.85 90.03 -41.07
CA VAL N 17 0.54 89.66 -41.60
C VAL N 17 -0.48 89.74 -40.47
N ALA N 18 -1.69 90.17 -40.80
CA ALA N 18 -2.78 90.29 -39.82
C ALA N 18 -4.02 89.63 -40.40
N LEU N 19 -4.12 88.31 -40.24
CA LEU N 19 -5.28 87.52 -40.67
C LEU N 19 -5.46 86.36 -39.71
N ILE N 20 -6.66 85.78 -39.72
CA ILE N 20 -6.96 84.62 -38.89
C ILE N 20 -7.97 83.75 -39.64
N ARG N 21 -7.79 82.43 -39.54
CA ARG N 21 -8.63 81.42 -40.19
C ARG N 21 -8.68 81.64 -41.71
N LEU N 22 -7.52 81.97 -42.28
CA LEU N 22 -7.43 82.36 -43.68
C LEU N 22 -7.61 81.14 -44.56
N LEU N 23 -8.66 81.15 -45.38
CA LEU N 23 -8.81 80.18 -46.45
C LEU N 23 -8.22 80.75 -47.74
N ASN N 24 -6.99 81.25 -47.66
CA ASN N 24 -6.30 81.85 -48.79
C ASN N 24 -5.25 80.86 -49.30
N ALA N 25 -4.49 80.28 -48.39
CA ALA N 25 -3.53 79.25 -48.75
C ALA N 25 -4.23 77.96 -49.19
N SER N 26 -5.30 77.60 -48.50
CA SER N 26 -5.96 76.31 -48.73
C SER N 26 -6.94 76.36 -49.89
N GLY N 27 -6.43 76.55 -51.11
CA GLY N 27 -7.24 76.38 -52.30
C GLY N 27 -7.33 77.55 -53.27
N PRO N 28 -7.58 78.79 -52.77
CA PRO N 28 -7.52 79.95 -53.67
C PRO N 28 -6.12 80.51 -53.84
N LEU N 29 -5.15 79.63 -54.09
CA LEU N 29 -3.75 80.02 -54.17
C LEU N 29 -3.06 79.31 -55.33
N GLN N 30 -3.57 79.50 -56.54
CA GLN N 30 -3.04 79.01 -57.82
C GLN N 30 -1.51 79.15 -57.89
N PRO N 31 -0.80 78.20 -58.58
CA PRO N 31 0.55 77.81 -58.13
C PRO N 31 1.64 78.87 -58.26
N GLY N 32 2.79 78.55 -57.67
CA GLY N 32 3.83 79.55 -57.44
C GLY N 32 4.44 80.05 -58.74
N HIS N 33 4.87 81.31 -58.74
CA HIS N 33 5.34 81.97 -59.94
C HIS N 33 6.81 81.66 -60.19
N ARG N 34 7.41 82.39 -61.13
CA ARG N 34 8.79 82.13 -61.54
C ARG N 34 9.73 83.05 -60.75
N VAL N 35 9.62 82.95 -59.43
CA VAL N 35 10.43 83.72 -58.49
C VAL N 35 11.23 82.73 -57.65
N ASP N 36 12.53 82.99 -57.51
CA ASP N 36 13.46 82.11 -56.83
C ASP N 36 13.14 81.91 -55.35
N ILE N 37 12.93 83.02 -54.62
CA ILE N 37 13.10 83.17 -53.17
C ILE N 37 12.55 82.02 -52.33
N ALA N 38 13.41 81.41 -51.53
CA ALA N 38 13.11 80.14 -50.89
C ALA N 38 12.78 80.29 -49.41
N ASP N 39 13.16 81.41 -48.79
CA ASP N 39 12.99 81.58 -47.36
C ASP N 39 11.59 82.06 -47.00
N ALA N 40 10.74 82.25 -48.03
CA ALA N 40 9.35 82.65 -47.84
C ALA N 40 8.56 81.68 -46.97
N ARG N 41 8.98 80.41 -46.91
CA ARG N 41 8.45 79.48 -45.92
C ARG N 41 8.77 79.96 -44.49
N SER N 42 9.99 80.45 -44.28
CA SER N 42 10.37 80.90 -42.94
C SER N 42 9.69 82.21 -42.56
N ILE N 43 9.60 83.15 -43.50
CA ILE N 43 8.81 84.36 -43.25
C ILE N 43 7.33 84.03 -43.04
N TYR N 44 6.81 83.03 -43.76
CA TYR N 44 5.43 82.58 -43.54
C TYR N 44 5.25 82.00 -42.14
N THR N 45 6.21 81.20 -41.69
CA THR N 45 6.13 80.57 -40.37
C THR N 45 6.16 81.61 -39.26
N VAL N 46 7.10 82.56 -39.36
CA VAL N 46 7.22 83.62 -38.35
C VAL N 46 5.98 84.51 -38.36
N GLY N 47 5.51 84.89 -39.55
CA GLY N 47 4.34 85.72 -39.67
C GLY N 47 3.07 85.02 -39.21
N ALA N 48 2.97 83.72 -39.44
CA ALA N 48 1.79 82.97 -39.02
C ALA N 48 1.75 82.81 -37.51
N ALA N 49 2.92 82.59 -36.88
CA ALA N 49 2.99 82.57 -35.42
C ALA N 49 2.61 83.92 -34.83
N ALA N 50 3.14 85.00 -35.42
CA ALA N 50 2.82 86.35 -34.94
C ALA N 50 1.36 86.69 -35.17
N SER N 51 0.81 86.26 -36.30
CA SER N 51 -0.60 86.48 -36.63
C SER N 51 -1.54 85.71 -35.72
N ALA N 52 -1.23 84.47 -35.36
CA ALA N 52 -1.99 83.73 -34.36
C ALA N 52 -1.91 84.36 -32.98
N ALA N 53 -0.72 84.81 -32.58
CA ALA N 53 -0.56 85.45 -31.27
C ALA N 53 -1.32 86.78 -31.20
N ARG N 54 -1.31 87.54 -32.29
CA ARG N 54 -2.12 88.76 -32.36
C ARG N 54 -3.60 88.42 -32.44
N ALA N 55 -3.96 87.36 -33.15
CA ALA N 55 -5.35 86.97 -33.35
C ALA N 55 -5.96 86.33 -32.12
N ARG N 56 -5.14 86.03 -31.10
CA ARG N 56 -5.70 85.82 -29.78
C ARG N 56 -6.44 87.10 -29.37
N ALA N 57 -5.70 88.20 -29.21
CA ALA N 57 -6.20 89.54 -28.86
C ALA N 57 -7.11 89.52 -27.65
N ASN N 58 -8.35 89.10 -27.86
CA ASN N 58 -9.26 88.77 -26.77
C ASN N 58 -8.95 87.36 -26.26
N HIS N 59 -9.88 86.77 -25.51
CA HIS N 59 -9.76 85.53 -24.72
C HIS N 59 -8.78 85.73 -23.56
N ASN N 60 -8.30 86.95 -23.35
CA ASN N 60 -7.53 87.33 -22.18
C ASN N 60 -8.34 88.18 -21.22
N ALA N 61 -9.43 88.77 -21.70
CA ALA N 61 -10.49 89.27 -20.85
C ALA N 61 -11.47 88.16 -20.46
N ASN N 62 -11.26 86.95 -20.96
CA ASN N 62 -12.05 85.78 -20.64
C ASN N 62 -11.26 84.74 -19.84
N THR N 63 -9.95 84.64 -20.06
CA THR N 63 -9.18 83.70 -19.28
C THR N 63 -8.52 84.38 -18.08
N ILE N 64 -8.37 83.61 -17.01
CA ILE N 64 -7.48 84.00 -15.91
C ILE N 64 -6.04 84.06 -16.42
N ARG N 65 -5.33 85.11 -16.00
CA ARG N 65 -3.95 85.40 -16.40
C ARG N 65 -3.01 84.25 -16.04
N ARG N 66 -1.93 84.15 -16.80
CA ARG N 66 -0.94 83.09 -16.60
C ARG N 66 -0.19 83.33 -15.30
N THR N 67 0.26 82.24 -14.68
CA THR N 67 0.76 82.30 -13.31
C THR N 67 2.18 81.73 -13.28
N ALA N 68 2.70 81.51 -12.08
CA ALA N 68 4.10 81.12 -11.91
C ALA N 68 4.38 79.70 -12.37
N MET N 69 3.36 78.83 -12.42
CA MET N 69 3.43 77.44 -12.86
C MET N 69 4.36 76.59 -12.00
N PHE N 70 5.66 76.87 -12.08
CA PHE N 70 6.64 76.18 -11.23
C PHE N 70 6.89 76.97 -9.96
N ALA N 71 7.92 76.58 -9.21
CA ALA N 71 8.19 77.22 -7.91
C ALA N 71 9.60 77.81 -7.97
N GLU N 72 9.70 79.03 -8.49
CA GLU N 72 10.95 79.74 -8.56
C GLU N 72 11.09 80.69 -7.37
N THR N 73 12.25 81.33 -7.28
CA THR N 73 12.52 82.27 -6.20
C THR N 73 11.95 83.62 -6.61
N ASP N 74 10.82 83.96 -6.03
CA ASP N 74 10.08 85.20 -6.02
C ASP N 74 10.88 86.24 -5.24
N PRO N 75 10.72 87.55 -5.51
CA PRO N 75 11.49 88.51 -4.69
C PRO N 75 11.15 88.60 -3.21
N MET N 76 10.10 87.94 -2.71
CA MET N 76 10.04 87.79 -1.27
C MET N 76 10.78 86.55 -0.76
N THR N 77 10.12 85.39 -0.83
CA THR N 77 10.54 84.10 -0.25
C THR N 77 11.23 84.20 1.11
N TRP N 78 10.79 85.08 2.01
CA TRP N 78 11.33 85.11 3.36
C TRP N 78 10.24 85.23 4.41
N LEU N 79 8.98 85.28 3.99
CA LEU N 79 7.87 85.22 4.93
C LEU N 79 6.76 84.31 4.39
N ARG N 80 6.99 83.71 3.22
CA ARG N 80 6.11 82.71 2.61
C ARG N 80 6.87 81.93 1.54
N PRO N 81 6.70 80.61 1.49
CA PRO N 81 7.33 79.83 0.41
C PRO N 81 6.55 79.96 -0.89
N THR N 82 7.20 79.58 -1.97
CA THR N 82 6.65 79.70 -3.32
C THR N 82 6.25 78.34 -3.87
N VAL N 83 5.00 78.22 -4.32
CA VAL N 83 4.52 77.09 -5.10
C VAL N 83 3.78 77.63 -6.33
N GLY N 84 3.61 76.79 -7.33
CA GLY N 84 2.98 77.22 -8.57
C GLY N 84 1.70 76.50 -8.94
N LEU N 85 0.98 77.03 -9.93
CA LEU N 85 -0.25 76.43 -10.43
C LEU N 85 0.04 75.36 -11.47
N ARG N 86 -0.50 74.16 -11.28
CA ARG N 86 -0.59 73.19 -12.35
C ARG N 86 -1.83 73.50 -13.18
N ARG N 87 -1.65 73.86 -14.44
CA ARG N 87 -2.72 74.39 -15.28
C ARG N 87 -3.62 73.25 -15.75
N THR N 88 -4.45 72.78 -14.83
CA THR N 88 -5.45 71.75 -15.10
C THR N 88 -6.87 72.27 -14.96
N PHE N 89 -7.04 73.56 -14.66
CA PHE N 89 -8.36 74.14 -14.45
C PHE N 89 -8.88 74.74 -15.75
N ASN N 90 -10.11 75.26 -15.69
CA ASN N 90 -10.78 75.83 -16.85
C ASN N 90 -10.87 77.34 -16.72
N PRO N 91 -10.01 78.11 -17.37
CA PRO N 91 -10.12 79.57 -17.28
C PRO N 91 -11.18 80.14 -18.21
N ARG N 92 -12.34 80.51 -17.66
CA ARG N 92 -13.42 81.04 -18.48
C ARG N 92 -14.13 82.26 -17.91
N ILE N 93 -14.04 82.53 -16.60
CA ILE N 93 -14.55 83.65 -15.79
C ILE N 93 -16.06 83.92 -15.89
N ILE N 94 -16.68 83.55 -17.03
CA ILE N 94 -18.10 83.75 -17.34
C ILE N 94 -18.55 85.20 -17.16
N SER O 1 -4.42 101.73 10.63
CA SER O 1 -4.06 101.98 9.24
C SER O 1 -3.39 103.34 9.09
N ASN O 2 -4.14 104.41 9.36
CA ASN O 2 -3.62 105.76 9.33
C ASN O 2 -3.70 106.37 10.72
N PRO O 3 -2.63 107.05 11.17
CA PRO O 3 -1.33 107.24 10.49
C PRO O 3 -0.32 106.20 10.93
N THR O 4 -0.69 104.92 10.90
CA THR O 4 0.10 103.86 11.50
C THR O 4 0.99 103.12 10.51
N THR O 5 1.53 103.82 9.50
CA THR O 5 2.62 103.34 8.65
C THR O 5 2.29 102.06 7.89
N PHE O 6 1.43 102.18 6.86
CA PHE O 6 1.02 101.06 6.01
C PHE O 6 2.21 100.25 5.50
N SER O 7 1.96 98.95 5.30
CA SER O 7 3.05 98.00 5.04
C SER O 7 3.65 98.20 3.66
N VAL O 8 4.93 98.58 3.63
CA VAL O 8 5.67 98.80 2.40
C VAL O 8 6.85 97.82 2.39
N GLU O 9 6.81 96.87 3.33
CA GLU O 9 7.72 95.73 3.46
C GLU O 9 9.19 96.18 3.58
N ALA O 10 9.40 97.25 4.33
CA ALA O 10 10.77 97.59 4.71
C ALA O 10 10.95 97.55 6.23
N ILE O 11 10.18 98.38 6.94
CA ILE O 11 10.16 98.42 8.39
C ILE O 11 8.75 98.34 8.94
N ALA O 12 7.75 98.67 8.12
CA ALA O 12 6.38 98.94 8.55
C ALA O 12 5.58 97.69 8.89
N ALA O 13 6.23 96.55 9.09
CA ALA O 13 5.56 95.36 9.60
C ALA O 13 5.11 95.60 11.03
N TYR O 14 3.83 95.32 11.27
CA TYR O 14 3.21 95.57 12.57
C TYR O 14 2.07 94.59 12.79
N THR O 15 1.81 94.24 14.06
CA THR O 15 0.81 93.21 14.38
C THR O 15 -0.63 93.56 14.01
N PRO O 16 -1.19 94.78 14.28
CA PRO O 16 -2.59 94.99 13.89
C PRO O 16 -2.80 95.32 12.42
N VAL O 17 -2.51 94.39 11.51
CA VAL O 17 -2.88 94.54 10.10
C VAL O 17 -4.34 94.08 9.94
N ALA O 18 -5.07 94.76 9.06
CA ALA O 18 -6.47 94.44 8.78
C ALA O 18 -6.66 94.36 7.26
N LEU O 19 -6.36 93.18 6.70
CA LEU O 19 -6.54 92.89 5.29
C LEU O 19 -6.94 91.43 5.13
N ILE O 20 -7.53 91.10 3.98
CA ILE O 20 -7.90 89.73 3.68
C ILE O 20 -7.77 89.53 2.18
N ARG O 21 -7.30 88.34 1.79
CA ARG O 21 -7.02 87.96 0.40
C ARG O 21 -6.06 88.96 -0.26
N LEU O 22 -5.02 89.33 0.48
CA LEU O 22 -4.11 90.39 0.05
C LEU O 22 -3.20 89.86 -1.05
N LEU O 23 -3.31 90.45 -2.24
CA LEU O 23 -2.37 90.19 -3.31
C LEU O 23 -1.28 91.24 -3.29
N ASN O 24 -0.64 91.43 -2.14
CA ASN O 24 0.39 92.45 -1.98
C ASN O 24 1.77 91.81 -1.94
N ALA O 25 1.93 90.80 -1.09
CA ALA O 25 3.20 90.08 -1.02
C ALA O 25 3.41 89.20 -2.24
N SER O 26 2.33 88.75 -2.86
CA SER O 26 2.42 87.82 -3.98
C SER O 26 2.48 88.52 -5.32
N GLY O 27 3.56 89.26 -5.58
CA GLY O 27 3.80 89.82 -6.89
C GLY O 27 4.00 91.33 -6.95
N PRO O 28 3.14 92.11 -6.26
CA PRO O 28 3.45 93.54 -6.07
C PRO O 28 4.32 93.77 -4.84
N LEU O 29 5.42 93.04 -4.76
CA LEU O 29 6.30 93.03 -3.60
C LEU O 29 7.75 93.14 -4.03
N GLN O 30 8.07 94.17 -4.84
CA GLN O 30 9.42 94.53 -5.27
C GLN O 30 10.42 94.43 -4.12
N PRO O 31 11.65 93.91 -4.39
CA PRO O 31 12.38 93.15 -3.36
C PRO O 31 12.86 93.94 -2.16
N GLY O 32 13.34 93.21 -1.15
CA GLY O 32 13.52 93.79 0.18
C GLY O 32 14.62 94.84 0.21
N HIS O 33 14.43 95.84 1.07
CA HIS O 33 15.33 97.00 1.10
C HIS O 33 16.58 96.71 1.90
N ARG O 34 17.36 97.75 2.18
CA ARG O 34 18.63 97.61 2.90
C ARG O 34 18.38 97.82 4.39
N VAL O 35 17.55 96.95 4.94
CA VAL O 35 17.10 97.02 6.32
C VAL O 35 17.38 95.67 6.97
N ASP O 36 18.03 95.68 8.14
CA ASP O 36 18.43 94.49 8.86
C ASP O 36 17.26 93.60 9.27
N ILE O 37 16.24 94.20 9.89
CA ILE O 37 15.26 93.59 10.81
C ILE O 37 14.70 92.26 10.31
N ALA O 38 14.86 91.21 11.14
CA ALA O 38 14.51 89.86 10.74
C ALA O 38 13.33 89.32 11.53
N ASP O 39 12.82 90.12 12.46
CA ASP O 39 11.70 89.69 13.30
C ASP O 39 10.39 89.90 12.56
N ALA O 40 10.47 90.57 11.41
CA ALA O 40 9.30 90.89 10.60
C ALA O 40 8.59 89.64 10.08
N ARG O 41 9.28 88.51 9.96
CA ARG O 41 8.63 87.26 9.60
C ARG O 41 7.64 86.82 10.68
N SER O 42 8.08 86.85 11.95
CA SER O 42 7.19 86.48 13.05
C SER O 42 6.10 87.53 13.26
N ILE O 43 6.44 88.81 13.04
CA ILE O 43 5.44 89.87 13.12
C ILE O 43 4.37 89.68 12.06
N TYR O 44 4.78 89.32 10.84
CA TYR O 44 3.84 89.04 9.77
C TYR O 44 3.00 87.80 10.07
N THR O 45 3.61 86.80 10.72
CA THR O 45 2.89 85.59 11.10
C THR O 45 1.75 85.90 12.08
N VAL O 46 2.08 86.62 13.16
CA VAL O 46 1.07 87.00 14.16
C VAL O 46 0.03 87.92 13.53
N GLY O 47 0.49 88.86 12.70
CA GLY O 47 -0.43 89.81 12.07
C GLY O 47 -1.37 89.14 11.08
N ALA O 48 -0.86 88.16 10.32
CA ALA O 48 -1.70 87.46 9.35
C ALA O 48 -2.70 86.56 10.05
N ALA O 49 -2.29 85.92 11.15
CA ALA O 49 -3.23 85.12 11.94
C ALA O 49 -4.33 85.99 12.54
N ALA O 50 -3.96 87.14 13.10
CA ALA O 50 -4.94 88.05 13.68
C ALA O 50 -5.83 88.66 12.62
N SER O 51 -5.26 88.97 11.45
CA SER O 51 -6.01 89.51 10.32
C SER O 51 -7.01 88.52 9.76
N ALA O 52 -6.64 87.24 9.62
CA ALA O 52 -7.58 86.21 9.21
C ALA O 52 -8.67 85.95 10.24
N ALA O 53 -8.32 85.94 11.54
CA ALA O 53 -9.32 85.75 12.58
C ALA O 53 -10.30 86.92 12.63
N ARG O 54 -9.81 88.15 12.48
CA ARG O 54 -10.68 89.31 12.39
C ARG O 54 -11.46 89.31 11.08
N ALA O 55 -10.86 88.80 10.01
CA ALA O 55 -11.50 88.75 8.71
C ALA O 55 -12.51 87.63 8.61
N ARG O 56 -12.61 86.77 9.62
CA ARG O 56 -13.82 85.98 9.77
C ARG O 56 -14.99 86.95 9.94
N ALA O 57 -15.00 87.70 11.04
CA ALA O 57 -16.01 88.72 11.37
C ALA O 57 -17.44 88.20 11.25
N ASN O 58 -17.93 88.09 10.02
CA ASN O 58 -19.14 87.32 9.75
C ASN O 58 -18.78 85.84 9.61
N HIS O 59 -19.70 85.04 9.05
CA HIS O 59 -19.73 83.57 9.04
C HIS O 59 -20.01 83.02 10.44
N ASN O 60 -20.25 83.91 11.41
CA ASN O 60 -20.70 83.55 12.75
C ASN O 60 -22.16 83.91 12.98
N ALA O 61 -22.72 84.75 12.11
CA ALA O 61 -24.17 84.90 11.98
C ALA O 61 -24.76 83.83 11.06
N ASN O 62 -23.92 82.96 10.51
CA ASN O 62 -24.32 81.85 9.66
C ASN O 62 -23.99 80.49 10.26
N THR O 63 -22.81 80.31 10.83
CA THR O 63 -22.50 79.05 11.49
C THR O 63 -23.15 79.01 12.87
N ILE O 64 -23.45 77.79 13.33
CA ILE O 64 -23.90 77.64 14.71
C ILE O 64 -22.71 77.83 15.64
N ARG O 65 -23.02 78.10 16.91
CA ARG O 65 -21.98 78.34 17.89
C ARG O 65 -21.22 77.06 18.21
N ARG O 66 -19.93 77.21 18.51
CA ARG O 66 -19.05 76.10 18.82
C ARG O 66 -19.42 75.52 20.17
N THR O 67 -19.23 74.21 20.33
CA THR O 67 -19.80 73.48 21.45
C THR O 67 -18.66 72.88 22.27
N ALA O 68 -19.03 72.04 23.25
CA ALA O 68 -18.06 71.52 24.20
C ALA O 68 -17.14 70.47 23.59
N MET O 69 -17.48 69.94 22.41
CA MET O 69 -16.69 68.97 21.64
C MET O 69 -16.46 67.67 22.39
N PHE O 70 -15.66 67.72 23.45
CA PHE O 70 -15.42 66.57 24.30
C PHE O 70 -16.38 66.57 25.50
N ALA O 71 -16.14 65.69 26.47
CA ALA O 71 -17.06 65.57 27.61
C ALA O 71 -16.27 65.87 28.89
N GLU O 72 -16.34 67.12 29.32
CA GLU O 72 -15.71 67.55 30.57
C GLU O 72 -16.74 67.67 31.67
N THR O 73 -16.27 68.02 32.87
CA THR O 73 -17.15 68.19 34.02
C THR O 73 -17.69 69.61 34.02
N ASP O 74 -18.84 69.80 33.39
CA ASP O 74 -19.64 71.01 33.36
C ASP O 74 -20.14 71.31 34.77
N PRO O 75 -20.43 72.60 35.13
CA PRO O 75 -20.66 72.93 36.55
C PRO O 75 -21.85 72.27 37.24
N MET O 76 -22.81 71.72 36.50
CA MET O 76 -23.80 70.91 37.21
C MET O 76 -23.30 69.48 37.45
N THR O 77 -23.30 68.66 36.39
CA THR O 77 -22.99 67.22 36.40
C THR O 77 -23.60 66.44 37.58
N TRP O 78 -24.77 66.83 38.08
CA TRP O 78 -25.39 66.04 39.15
C TRP O 78 -26.85 65.72 38.85
N LEU O 79 -27.36 66.11 37.69
CA LEU O 79 -28.69 65.65 37.29
C LEU O 79 -28.74 65.31 35.80
N ARG O 80 -27.59 65.41 35.10
CA ARG O 80 -27.48 65.01 33.70
C ARG O 80 -26.01 64.81 33.33
N PRO O 81 -25.69 63.73 32.60
CA PRO O 81 -24.32 63.55 32.11
C PRO O 81 -24.03 64.51 30.96
N THR O 82 -22.73 64.68 30.68
CA THR O 82 -22.27 65.54 29.61
C THR O 82 -21.65 64.72 28.49
N VAL O 83 -22.09 65.00 27.26
CA VAL O 83 -21.49 64.42 26.06
C VAL O 83 -21.36 65.52 25.02
N GLY O 84 -20.15 65.69 24.48
CA GLY O 84 -19.88 66.74 23.53
C GLY O 84 -20.18 66.37 22.09
N LEU O 85 -20.02 67.34 21.19
CA LEU O 85 -20.35 67.14 19.78
C LEU O 85 -19.10 66.88 18.95
N ARG O 86 -19.15 65.80 18.16
CA ARG O 86 -18.18 65.60 17.10
C ARG O 86 -18.57 66.48 15.91
N ARG O 87 -17.73 67.45 15.57
CA ARG O 87 -18.06 68.45 14.56
C ARG O 87 -17.96 67.83 13.17
N THR O 88 -19.03 67.11 12.80
CA THR O 88 -19.13 66.49 11.48
C THR O 88 -20.37 66.95 10.72
N PHE O 89 -21.14 67.88 11.27
CA PHE O 89 -22.33 68.40 10.60
C PHE O 89 -21.96 69.59 9.74
N ASN O 90 -22.99 70.23 9.16
CA ASN O 90 -22.79 71.35 8.25
C ASN O 90 -23.39 72.59 8.88
N PRO O 91 -22.60 73.45 9.54
CA PRO O 91 -23.16 74.66 10.14
C PRO O 91 -23.41 75.76 9.12
N ARG O 92 -24.66 75.96 8.72
CA ARG O 92 -24.99 77.04 7.79
C ARG O 92 -26.27 77.81 8.12
N ILE O 93 -27.21 77.23 8.88
CA ILE O 93 -28.54 77.68 9.32
C ILE O 93 -29.47 78.23 8.24
N ILE O 94 -28.92 78.73 7.12
CA ILE O 94 -29.65 79.32 5.98
C ILE O 94 -30.55 80.48 6.42
N SER P 1 -46.03 78.27 38.27
CA SER P 1 -44.95 79.17 37.86
C SER P 1 -44.78 80.32 38.85
N ASN P 2 -45.82 81.14 38.99
CA ASN P 2 -45.82 82.27 39.89
C ASN P 2 -46.97 82.15 40.87
N PRO P 3 -46.72 82.37 42.17
CA PRO P 3 -45.43 82.70 42.81
C PRO P 3 -44.73 81.44 43.33
N THR P 4 -44.58 80.42 42.49
CA THR P 4 -44.14 79.10 42.93
C THR P 4 -42.64 78.87 42.77
N THR P 5 -41.82 79.91 42.95
CA THR P 5 -40.36 79.82 43.10
C THR P 5 -39.67 79.16 41.91
N PHE P 6 -39.57 79.92 40.80
CA PHE P 6 -38.88 79.49 39.57
C PHE P 6 -37.50 78.89 39.86
N SER P 7 -37.13 77.90 39.05
CA SER P 7 -35.97 77.06 39.35
C SER P 7 -34.67 77.81 39.08
N VAL P 8 -33.80 77.84 40.10
CA VAL P 8 -32.51 78.50 40.01
C VAL P 8 -31.46 77.52 40.55
N GLU P 9 -31.89 76.27 40.77
CA GLU P 9 -31.06 75.13 41.16
C GLU P 9 -30.35 75.37 42.49
N ALA P 10 -31.09 75.93 43.44
CA ALA P 10 -30.61 75.93 44.82
C ALA P 10 -31.57 75.15 45.74
N ILE P 11 -32.81 75.61 45.81
CA ILE P 11 -33.87 74.95 46.57
C ILE P 11 -35.17 74.84 45.79
N ALA P 12 -35.25 75.49 44.63
CA ALA P 12 -36.51 75.67 43.91
C ALA P 12 -36.88 74.49 43.03
N ALA P 13 -36.32 73.32 43.31
CA ALA P 13 -36.69 72.10 42.60
C ALA P 13 -38.10 71.69 42.99
N TYR P 14 -38.94 71.49 41.98
CA TYR P 14 -40.36 71.20 42.20
C TYR P 14 -40.93 70.42 41.03
N THR P 15 -41.77 69.42 41.33
CA THR P 15 -42.33 68.53 40.31
C THR P 15 -43.25 69.21 39.28
N PRO P 16 -44.20 70.14 39.64
CA PRO P 16 -45.01 70.75 38.57
C PRO P 16 -44.27 71.79 37.74
N VAL P 17 -43.21 71.41 37.05
CA VAL P 17 -42.46 72.32 36.18
C VAL P 17 -43.04 72.20 34.77
N ALA P 18 -43.01 73.31 34.03
CA ALA P 18 -43.57 73.36 32.68
C ALA P 18 -42.60 74.10 31.75
N LEU P 19 -41.66 73.36 31.17
CA LEU P 19 -40.73 73.85 30.18
C LEU P 19 -40.40 72.72 29.21
N ILE P 20 -39.92 73.10 28.02
CA ILE P 20 -39.50 72.13 27.01
C ILE P 20 -38.34 72.73 26.23
N ARG P 21 -37.36 71.88 25.90
CA ARG P 21 -36.11 72.27 25.22
C ARG P 21 -35.38 73.35 26.02
N LEU P 22 -35.34 73.17 27.34
CA LEU P 22 -34.79 74.18 28.25
C LEU P 22 -33.27 74.17 28.13
N LEU P 23 -32.72 75.32 27.72
CA LEU P 23 -31.28 75.53 27.75
C LEU P 23 -30.91 76.24 29.04
N ASN P 24 -31.34 75.67 30.18
CA ASN P 24 -31.10 76.29 31.47
C ASN P 24 -29.99 75.57 32.22
N ALA P 25 -30.13 74.25 32.36
CA ALA P 25 -29.12 73.45 33.02
C ALA P 25 -27.84 73.36 32.18
N SER P 26 -27.98 73.42 30.87
CA SER P 26 -26.85 73.23 29.97
C SER P 26 -26.12 74.53 29.65
N GLY P 27 -25.50 75.15 30.66
CA GLY P 27 -24.63 76.28 30.43
C GLY P 27 -24.97 77.56 31.17
N PRO P 28 -26.25 77.97 31.20
CA PRO P 28 -26.64 79.05 32.13
C PRO P 28 -27.01 78.52 33.51
N LEU P 29 -26.13 77.70 34.07
CA LEU P 29 -26.38 76.98 35.31
C LEU P 29 -25.17 77.06 36.24
N GLN P 30 -24.72 78.28 36.53
CA GLN P 30 -23.63 78.60 37.46
C GLN P 30 -23.75 77.78 38.75
N PRO P 31 -22.60 77.30 39.31
CA PRO P 31 -22.61 76.06 40.12
C PRO P 31 -23.39 76.13 41.42
N GLY P 32 -23.65 74.95 41.99
CA GLY P 32 -24.61 74.84 43.08
C GLY P 32 -24.14 75.52 44.34
N HIS P 33 -25.09 76.01 45.14
CA HIS P 33 -24.80 76.81 46.31
C HIS P 33 -24.46 75.93 47.49
N ARG P 34 -24.38 76.52 48.69
CA ARG P 34 -24.11 75.76 49.90
C ARG P 34 -25.42 75.31 50.54
N VAL P 35 -26.11 74.43 49.81
CA VAL P 35 -27.42 73.92 50.21
C VAL P 35 -27.36 72.40 50.04
N ASP P 36 -27.77 71.68 51.10
CA ASP P 36 -27.58 70.23 51.20
C ASP P 36 -28.32 69.40 50.17
N ILE P 37 -29.60 69.72 49.91
CA ILE P 37 -30.67 68.83 49.46
C ILE P 37 -30.27 67.85 48.35
N ALA P 38 -30.59 66.57 48.56
CA ALA P 38 -30.01 65.48 47.77
C ALA P 38 -31.01 64.88 46.80
N ASP P 39 -32.29 64.86 47.17
CA ASP P 39 -33.30 64.22 46.32
C ASP P 39 -33.87 65.17 45.27
N ALA P 40 -33.19 66.30 45.03
CA ALA P 40 -33.57 67.18 43.94
C ALA P 40 -33.32 66.55 42.57
N ARG P 41 -32.40 65.58 42.49
CA ARG P 41 -32.21 64.83 41.25
C ARG P 41 -33.44 64.01 40.91
N SER P 42 -34.06 63.40 41.92
CA SER P 42 -35.27 62.62 41.70
C SER P 42 -36.47 63.52 41.46
N ILE P 43 -36.44 64.74 42.03
CA ILE P 43 -37.52 65.69 41.81
C ILE P 43 -37.50 66.20 40.37
N TYR P 44 -36.29 66.49 39.87
CA TYR P 44 -36.12 66.94 38.50
C TYR P 44 -36.49 65.85 37.50
N THR P 45 -36.15 64.60 37.82
CA THR P 45 -36.38 63.48 36.90
C THR P 45 -37.87 63.24 36.68
N VAL P 46 -38.65 63.23 37.77
CA VAL P 46 -40.10 63.17 37.65
C VAL P 46 -40.62 64.46 37.02
N GLY P 47 -39.99 65.58 37.37
CA GLY P 47 -40.42 66.87 36.82
C GLY P 47 -40.18 66.99 35.32
N ALA P 48 -39.02 66.54 34.85
CA ALA P 48 -38.73 66.61 33.41
C ALA P 48 -39.56 65.60 32.63
N ALA P 49 -39.84 64.45 33.23
CA ALA P 49 -40.73 63.47 32.61
C ALA P 49 -42.15 64.00 32.53
N ALA P 50 -42.59 64.71 33.57
CA ALA P 50 -43.91 65.34 33.53
C ALA P 50 -43.92 66.53 32.56
N SER P 51 -42.81 67.27 32.49
CA SER P 51 -42.74 68.42 31.61
C SER P 51 -42.39 68.05 30.18
N ALA P 52 -42.28 66.76 29.86
CA ALA P 52 -42.17 66.29 28.49
C ALA P 52 -43.46 65.66 27.98
N ALA P 53 -44.18 64.94 28.83
CA ALA P 53 -45.49 64.42 28.46
C ALA P 53 -46.53 65.55 28.37
N ARG P 54 -46.43 66.54 29.27
CA ARG P 54 -47.23 67.74 29.12
C ARG P 54 -46.75 68.57 27.92
N ALA P 55 -45.46 68.49 27.60
CA ALA P 55 -44.95 69.15 26.41
C ALA P 55 -45.43 68.48 25.12
N ARG P 56 -45.91 67.24 25.18
CA ARG P 56 -46.59 66.67 24.03
C ARG P 56 -47.85 67.49 23.78
N ALA P 57 -48.83 67.40 24.70
CA ALA P 57 -50.12 68.10 24.67
C ALA P 57 -50.80 68.02 23.30
N ASN P 58 -50.29 68.78 22.33
CA ASN P 58 -50.61 68.56 20.92
C ASN P 58 -49.75 67.42 20.36
N HIS P 59 -49.65 67.35 19.03
CA HIS P 59 -49.12 66.25 18.22
C HIS P 59 -50.04 65.03 18.27
N ASN P 60 -51.14 65.11 19.02
CA ASN P 60 -52.15 64.07 19.10
C ASN P 60 -53.39 64.42 18.29
N ALA P 61 -53.46 65.65 17.78
CA ALA P 61 -54.37 66.00 16.70
C ALA P 61 -53.81 65.62 15.34
N ASN P 62 -52.58 65.14 15.31
CA ASN P 62 -51.90 64.62 14.12
C ASN P 62 -51.64 63.12 14.22
N THR P 63 -51.13 62.64 15.34
CA THR P 63 -50.88 61.21 15.50
C THR P 63 -52.17 60.52 15.97
N ILE P 64 -52.51 59.41 15.30
CA ILE P 64 -53.70 58.65 15.66
C ILE P 64 -53.55 58.02 17.04
N ARG P 65 -54.68 57.67 17.64
CA ARG P 65 -54.73 57.18 19.01
C ARG P 65 -54.05 55.82 19.12
N ARG P 66 -53.50 55.57 20.32
CA ARG P 66 -52.84 54.31 20.61
C ARG P 66 -53.88 53.18 20.66
N THR P 67 -53.42 51.97 20.35
CA THR P 67 -54.33 50.86 20.11
C THR P 67 -53.94 49.71 21.04
N ALA P 68 -54.55 48.54 20.79
CA ALA P 68 -54.41 47.42 21.71
C ALA P 68 -53.03 46.78 21.69
N MET P 69 -52.26 46.98 20.61
CA MET P 69 -50.90 46.47 20.42
C MET P 69 -50.83 44.95 20.49
N PHE P 70 -51.05 44.39 21.66
CA PHE P 70 -51.11 42.94 21.84
C PHE P 70 -52.53 42.43 21.64
N ALA P 71 -52.78 41.17 21.98
CA ALA P 71 -54.10 40.59 21.79
C ALA P 71 -54.61 40.11 23.16
N GLU P 72 -55.34 40.99 23.84
CA GLU P 72 -55.93 40.69 25.13
C GLU P 72 -57.40 40.34 24.96
N THR P 73 -58.02 39.93 26.07
CA THR P 73 -59.43 39.55 26.07
C THR P 73 -60.27 40.81 26.25
N ASP P 74 -60.71 41.39 25.13
CA ASP P 74 -61.59 42.54 25.03
C ASP P 74 -62.97 42.17 25.58
N PRO P 75 -63.79 43.19 26.03
CA PRO P 75 -65.03 42.87 26.77
C PRO P 75 -66.06 41.99 26.07
N MET P 76 -66.14 42.01 24.74
CA MET P 76 -66.95 40.97 24.11
C MET P 76 -66.19 39.65 23.96
N THR P 77 -65.21 39.62 23.04
CA THR P 77 -64.43 38.46 22.59
C THR P 77 -65.27 37.18 22.36
N TRP P 78 -66.56 37.31 22.04
CA TRP P 78 -67.41 36.15 21.80
C TRP P 78 -68.09 36.22 20.43
N LEU P 79 -67.84 37.27 19.66
CA LEU P 79 -68.36 37.32 18.30
C LEU P 79 -67.30 37.79 17.31
N ARG P 80 -66.10 38.11 17.83
CA ARG P 80 -64.94 38.44 17.00
C ARG P 80 -63.67 38.28 17.82
N PRO P 81 -62.61 37.72 17.24
CA PRO P 81 -61.32 37.66 17.96
C PRO P 81 -60.66 39.02 18.04
N THR P 82 -59.61 39.08 18.86
CA THR P 82 -58.88 40.31 19.10
C THR P 82 -57.47 40.19 18.53
N VAL P 83 -57.07 41.19 17.74
CA VAL P 83 -55.73 41.26 17.15
C VAL P 83 -55.25 42.69 17.26
N GLY P 84 -54.04 42.87 17.81
CA GLY P 84 -53.50 44.19 18.02
C GLY P 84 -52.56 44.67 16.95
N LEU P 85 -52.45 45.99 16.80
CA LEU P 85 -51.58 46.61 15.79
C LEU P 85 -50.14 46.57 16.26
N ARG P 86 -49.25 46.08 15.41
CA ARG P 86 -47.82 46.27 15.63
C ARG P 86 -47.44 47.65 15.10
N ARG P 87 -46.96 48.52 15.99
CA ARG P 87 -46.76 49.93 15.68
C ARG P 87 -45.52 50.09 14.80
N THR P 88 -45.71 49.82 13.50
CA THR P 88 -44.67 50.00 12.50
C THR P 88 -45.06 50.98 11.42
N PHE P 89 -46.26 51.57 11.50
CA PHE P 89 -46.76 52.50 10.50
C PHE P 89 -46.27 53.91 10.83
N ASN P 90 -46.71 54.88 10.04
CA ASN P 90 -46.34 56.28 10.21
C ASN P 90 -47.57 57.08 10.62
N PRO P 91 -47.78 57.33 11.92
CA PRO P 91 -48.95 58.12 12.32
C PRO P 91 -48.74 59.63 12.14
N ARG P 92 -49.32 60.19 11.08
CA ARG P 92 -49.27 61.64 10.88
C ARG P 92 -50.59 62.26 10.44
N ILE P 93 -51.49 61.51 9.80
CA ILE P 93 -52.84 61.87 9.35
C ILE P 93 -52.93 63.04 8.35
N ILE P 94 -51.91 63.92 8.32
CA ILE P 94 -51.80 65.08 7.43
C ILE P 94 -53.03 66.00 7.48
N SER Q 1 -83.85 49.65 11.28
CA SER Q 1 -83.34 50.70 12.15
C SER Q 1 -84.37 51.06 13.23
N ASN Q 2 -85.44 51.73 12.82
CA ASN Q 2 -86.50 52.14 13.72
C ASN Q 2 -87.84 51.70 13.16
N PRO Q 3 -88.71 51.09 13.99
CA PRO Q 3 -88.54 50.78 15.42
C PRO Q 3 -88.01 49.36 15.63
N THR Q 4 -86.95 48.98 14.92
CA THR Q 4 -86.48 47.61 14.91
C THR Q 4 -85.38 47.34 15.93
N THR Q 5 -85.36 48.08 17.06
CA THR Q 5 -84.53 47.78 18.24
C THR Q 5 -83.03 47.75 17.93
N PHE Q 6 -82.45 48.94 17.73
CA PHE Q 6 -81.02 49.12 17.43
C PHE Q 6 -80.12 48.31 18.35
N SER Q 7 -78.98 47.86 17.80
CA SER Q 7 -78.15 46.88 18.48
C SER Q 7 -77.45 47.48 19.70
N VAL Q 8 -77.83 46.99 20.87
CA VAL Q 8 -77.28 47.44 22.15
C VAL Q 8 -76.56 46.25 22.78
N GLU Q 9 -76.48 45.16 22.01
CA GLU Q 9 -75.71 43.94 22.32
C GLU Q 9 -76.20 43.27 23.61
N ALA Q 10 -77.53 43.25 23.78
CA ALA Q 10 -78.10 42.42 24.82
C ALA Q 10 -78.99 41.33 24.24
N ILE Q 11 -80.04 41.75 23.52
CA ILE Q 11 -80.93 40.85 22.80
C ILE Q 11 -81.24 41.36 21.40
N ALA Q 12 -80.75 42.54 21.05
CA ALA Q 12 -81.17 43.25 19.84
C ALA Q 12 -80.37 42.84 18.61
N ALA Q 13 -79.80 41.64 18.62
CA ALA Q 13 -79.13 41.11 17.45
C ALA Q 13 -80.18 40.66 16.43
N TYR Q 14 -80.06 41.20 15.22
CA TYR Q 14 -81.03 40.93 14.16
C TYR Q 14 -80.34 40.96 12.80
N THR Q 15 -80.80 40.09 11.89
CA THR Q 15 -80.17 39.93 10.57
C THR Q 15 -80.17 41.17 9.68
N PRO Q 16 -81.29 41.94 9.48
CA PRO Q 16 -81.17 43.09 8.57
C PRO Q 16 -80.50 44.31 9.19
N VAL Q 17 -79.22 44.19 9.53
CA VAL Q 17 -78.42 45.32 9.99
C VAL Q 17 -77.86 46.02 8.76
N ALA Q 18 -77.83 47.36 8.81
CA ALA Q 18 -77.33 48.17 7.70
C ALA Q 18 -76.31 49.17 8.24
N LEU Q 19 -75.05 48.72 8.36
CA LEU Q 19 -73.94 49.55 8.78
C LEU Q 19 -72.68 49.08 8.05
N ILE Q 20 -71.68 49.97 8.00
CA ILE Q 20 -70.38 49.63 7.42
C ILE Q 20 -69.31 50.37 8.21
N ARG Q 21 -68.16 49.70 8.37
CA ARG Q 21 -67.02 50.19 9.17
C ARG Q 21 -67.44 50.52 10.59
N LEU Q 22 -68.25 49.64 11.18
CA LEU Q 22 -68.82 49.87 12.49
C LEU Q 22 -67.74 49.67 13.55
N LEU Q 23 -67.35 50.76 14.20
CA LEU Q 23 -66.48 50.67 15.38
C LEU Q 23 -67.35 50.69 16.63
N ASN Q 24 -68.33 49.78 16.68
CA ASN Q 24 -69.23 49.68 17.82
C ASN Q 24 -68.79 48.54 18.71
N ALA Q 25 -68.56 47.37 18.11
CA ALA Q 25 -68.10 46.20 18.86
C ALA Q 25 -66.64 46.33 19.29
N SER Q 26 -65.89 47.22 18.63
CA SER Q 26 -64.47 47.35 18.91
C SER Q 26 -64.16 48.56 19.80
N GLY Q 27 -64.61 48.52 21.06
CA GLY Q 27 -64.21 49.51 22.03
C GLY Q 27 -65.35 50.25 22.71
N PRO Q 28 -66.35 50.73 21.94
CA PRO Q 28 -67.61 51.18 22.57
C PRO Q 28 -68.57 50.02 22.79
N LEU Q 29 -68.08 48.99 23.48
CA LEU Q 29 -68.73 47.69 23.56
C LEU Q 29 -68.75 47.17 24.98
N GLN Q 30 -69.26 47.97 25.92
CA GLN Q 30 -69.45 47.63 27.33
C GLN Q 30 -70.04 46.24 27.48
N PRO Q 31 -69.56 45.44 28.47
CA PRO Q 31 -69.64 43.98 28.37
C PRO Q 31 -71.04 43.38 28.37
N GLY Q 32 -71.13 42.12 27.93
CA GLY Q 32 -72.41 41.52 27.60
C GLY Q 32 -73.30 41.36 28.81
N HIS Q 33 -74.61 41.54 28.60
CA HIS Q 33 -75.56 41.60 29.70
C HIS Q 33 -75.91 40.22 30.22
N ARG Q 34 -76.88 40.16 31.15
CA ARG Q 34 -77.23 38.91 31.82
C ARG Q 34 -78.39 38.25 31.08
N VAL Q 35 -78.15 37.99 29.80
CA VAL Q 35 -79.11 37.36 28.90
C VAL Q 35 -78.47 36.09 28.37
N ASP Q 36 -79.24 34.99 28.36
CA ASP Q 36 -78.77 33.67 27.98
C ASP Q 36 -78.27 33.59 26.55
N ILE Q 37 -79.04 34.16 25.61
CA ILE Q 37 -79.11 33.83 24.18
C ILE Q 37 -77.74 33.69 23.52
N ALA Q 38 -77.50 32.52 22.92
CA ALA Q 38 -76.16 32.13 22.47
C ALA Q 38 -75.99 32.21 20.96
N ASP Q 39 -77.08 32.09 20.21
CA ASP Q 39 -76.99 32.06 18.74
C ASP Q 39 -76.99 33.46 18.12
N ALA Q 40 -76.73 34.48 18.94
CA ALA Q 40 -76.53 35.83 18.40
C ALA Q 40 -75.23 35.95 17.64
N ARG Q 41 -74.26 35.05 17.90
CA ARG Q 41 -73.04 35.01 17.09
C ARG Q 41 -73.36 34.61 15.65
N SER Q 42 -74.26 33.64 15.48
CA SER Q 42 -74.67 33.24 14.13
C SER Q 42 -75.54 34.30 13.48
N ILE Q 43 -76.31 35.04 14.28
CA ILE Q 43 -77.13 36.13 13.75
C ILE Q 43 -76.25 37.28 13.26
N TYR Q 44 -75.20 37.58 14.03
CA TYR Q 44 -74.26 38.64 13.67
C TYR Q 44 -73.47 38.29 12.40
N THR Q 45 -73.11 37.01 12.26
CA THR Q 45 -72.29 36.58 11.13
C THR Q 45 -73.05 36.68 9.81
N VAL Q 46 -74.30 36.23 9.81
CA VAL Q 46 -75.15 36.40 8.62
C VAL Q 46 -75.48 37.88 8.42
N GLY Q 47 -75.68 38.61 9.52
CA GLY Q 47 -76.01 40.02 9.42
C GLY Q 47 -74.87 40.87 8.88
N ALA Q 48 -73.64 40.57 9.29
CA ALA Q 48 -72.49 41.36 8.86
C ALA Q 48 -72.18 41.15 7.39
N ALA Q 49 -72.35 39.92 6.91
CA ALA Q 49 -72.18 39.64 5.48
C ALA Q 49 -73.27 40.30 4.66
N ALA Q 50 -74.49 40.33 5.21
CA ALA Q 50 -75.57 41.07 4.56
C ALA Q 50 -75.31 42.57 4.64
N SER Q 51 -74.67 43.02 5.72
CA SER Q 51 -74.33 44.44 5.85
C SER Q 51 -73.03 44.80 5.15
N ALA Q 52 -72.35 43.85 4.52
CA ALA Q 52 -71.18 44.12 3.70
C ALA Q 52 -71.47 44.01 2.21
N ALA Q 53 -72.32 43.06 1.81
CA ALA Q 53 -72.73 42.99 0.42
C ALA Q 53 -73.65 44.14 0.05
N ARG Q 54 -74.51 44.56 0.99
CA ARG Q 54 -75.29 45.77 0.78
C ARG Q 54 -74.40 47.01 0.85
N ALA Q 55 -73.33 46.94 1.64
CA ALA Q 55 -72.40 48.06 1.73
C ALA Q 55 -71.56 48.23 0.48
N ARG Q 56 -71.54 47.25 -0.42
CA ARG Q 56 -70.99 47.48 -1.75
C ARG Q 56 -71.84 48.54 -2.43
N ALA Q 57 -73.11 48.21 -2.74
CA ALA Q 57 -74.11 49.09 -3.35
C ALA Q 57 -73.59 49.77 -4.62
N ASN Q 58 -72.68 50.73 -4.44
CA ASN Q 58 -71.79 51.21 -5.50
C ASN Q 58 -70.65 50.22 -5.68
N HIS Q 59 -69.58 50.65 -6.37
CA HIS Q 59 -68.43 49.84 -6.81
C HIS Q 59 -68.84 48.81 -7.86
N ASN Q 60 -70.09 48.84 -8.31
CA ASN Q 60 -70.55 48.08 -9.46
C ASN Q 60 -70.87 48.98 -10.63
N ALA Q 61 -70.90 50.29 -10.42
CA ALA Q 61 -70.85 51.28 -11.49
C ALA Q 61 -69.43 51.65 -11.85
N ASN Q 62 -68.44 51.05 -11.20
CA ASN Q 62 -67.03 51.27 -11.49
C ASN Q 62 -66.34 50.02 -12.03
N THR Q 63 -66.40 48.90 -11.31
CA THR Q 63 -65.83 47.67 -11.84
C THR Q 63 -66.76 47.05 -12.88
N ILE Q 64 -66.19 46.22 -13.75
CA ILE Q 64 -66.98 45.57 -14.78
C ILE Q 64 -67.81 44.45 -14.15
N ARG Q 65 -68.79 43.96 -14.90
CA ARG Q 65 -69.65 42.91 -14.40
C ARG Q 65 -68.90 41.58 -14.35
N ARG Q 66 -69.38 40.69 -13.48
CA ARG Q 66 -68.81 39.35 -13.35
C ARG Q 66 -69.12 38.53 -14.59
N THR Q 67 -68.24 37.59 -14.91
CA THR Q 67 -68.32 36.83 -16.14
C THR Q 67 -68.35 35.35 -15.79
N ALA Q 68 -68.23 34.50 -16.82
CA ALA Q 68 -68.44 33.08 -16.65
C ALA Q 68 -67.29 32.37 -15.94
N MET Q 69 -66.15 33.05 -15.77
CA MET Q 69 -64.93 32.55 -15.13
C MET Q 69 -64.38 31.31 -15.82
N PHE Q 70 -65.07 30.17 -15.67
CA PHE Q 70 -64.66 28.94 -16.33
C PHE Q 70 -65.46 28.74 -17.61
N ALA Q 71 -65.33 27.56 -18.23
CA ALA Q 71 -65.98 27.30 -19.51
C ALA Q 71 -67.11 26.28 -19.28
N GLU Q 72 -68.34 26.76 -19.37
CA GLU Q 72 -69.52 25.91 -19.29
C GLU Q 72 -70.27 25.93 -20.61
N THR Q 73 -71.30 25.09 -20.70
CA THR Q 73 -72.12 25.01 -21.90
C THR Q 73 -73.27 26.02 -21.80
N ASP Q 74 -73.00 27.25 -22.22
CA ASP Q 74 -73.97 28.33 -22.35
C ASP Q 74 -74.97 27.99 -23.47
N PRO Q 75 -76.21 28.61 -23.49
CA PRO Q 75 -77.29 28.05 -24.34
C PRO Q 75 -77.05 28.00 -25.85
N MET Q 76 -76.26 28.91 -26.43
CA MET Q 76 -75.97 28.77 -27.85
C MET Q 76 -75.11 27.55 -28.15
N THR Q 77 -73.79 27.67 -27.88
CA THR Q 77 -72.75 26.63 -27.89
C THR Q 77 -72.73 25.73 -29.13
N TRP Q 78 -73.38 26.08 -30.25
CA TRP Q 78 -73.22 25.30 -31.48
C TRP Q 78 -72.69 26.13 -32.63
N LEU Q 79 -72.33 27.40 -32.40
CA LEU Q 79 -71.71 28.18 -33.45
C LEU Q 79 -70.50 28.95 -32.95
N ARG Q 80 -70.17 28.79 -31.67
CA ARG Q 80 -68.96 29.38 -31.07
C ARG Q 80 -68.61 28.68 -29.77
N PRO Q 81 -67.33 28.37 -29.54
CA PRO Q 81 -66.92 27.80 -28.26
C PRO Q 81 -66.96 28.82 -27.14
N THR Q 82 -66.90 28.32 -25.91
CA THR Q 82 -67.01 29.14 -24.71
C THR Q 82 -65.70 29.13 -23.94
N VAL Q 83 -65.19 30.33 -23.63
CA VAL Q 83 -63.99 30.50 -22.82
C VAL Q 83 -64.24 31.63 -21.83
N GLY Q 84 -63.99 31.36 -20.55
CA GLY Q 84 -64.25 32.33 -19.52
C GLY Q 84 -63.05 33.17 -19.15
N LEU Q 85 -63.30 34.38 -18.63
CA LEU Q 85 -62.23 35.27 -18.18
C LEU Q 85 -61.56 34.72 -16.92
N ARG Q 86 -60.23 34.77 -16.89
CA ARG Q 86 -59.51 34.61 -15.64
C ARG Q 86 -59.35 35.98 -15.00
N ARG Q 87 -59.92 36.15 -13.80
CA ARG Q 87 -60.05 37.46 -13.17
C ARG Q 87 -58.71 37.90 -12.60
N THR Q 88 -57.82 38.31 -13.51
CA THR Q 88 -56.52 38.88 -13.14
C THR Q 88 -56.35 40.30 -13.63
N PHE Q 89 -57.37 40.87 -14.28
CA PHE Q 89 -57.34 42.24 -14.76
C PHE Q 89 -57.74 43.19 -13.64
N ASN Q 90 -57.62 44.49 -13.90
CA ASN Q 90 -57.98 45.50 -12.92
C ASN Q 90 -59.30 46.15 -13.31
N PRO Q 91 -60.42 45.78 -12.72
CA PRO Q 91 -61.70 46.37 -13.12
C PRO Q 91 -61.95 47.72 -12.47
N ARG Q 92 -61.78 48.80 -13.24
CA ARG Q 92 -62.03 50.15 -12.72
C ARG Q 92 -62.83 51.04 -13.65
N ILE Q 93 -62.75 50.86 -14.98
CA ILE Q 93 -63.41 51.59 -16.08
C ILE Q 93 -63.13 53.11 -16.12
N ILE Q 94 -62.79 53.72 -14.98
CA ILE Q 94 -62.51 55.16 -14.82
C ILE Q 94 -63.63 56.05 -15.36
N SER R 1 -80.88 44.49 -43.63
CA SER R 1 -81.50 44.69 -42.32
C SER R 1 -83.01 44.55 -42.41
N ASN R 2 -83.66 45.50 -43.06
CA ASN R 2 -85.11 45.52 -43.21
C ASN R 2 -85.48 45.50 -44.68
N PRO R 3 -86.47 44.68 -45.07
CA PRO R 3 -87.24 43.73 -44.25
C PRO R 3 -86.63 42.34 -44.30
N THR R 4 -85.31 42.23 -44.09
CA THR R 4 -84.57 41.00 -44.34
C THR R 4 -84.43 40.12 -43.11
N THR R 5 -85.40 40.14 -42.19
CA THR R 5 -85.55 39.16 -41.10
C THR R 5 -84.34 39.10 -40.17
N PHE R 6 -84.19 40.12 -39.31
CA PHE R 6 -83.09 40.23 -38.34
C PHE R 6 -82.88 38.95 -37.55
N SER R 7 -81.62 38.70 -37.19
CA SER R 7 -81.22 37.40 -36.66
C SER R 7 -81.71 37.20 -35.23
N VAL R 8 -82.41 36.10 -35.02
CA VAL R 8 -82.95 35.73 -33.70
C VAL R 8 -82.58 34.27 -33.44
N GLU R 9 -81.82 33.69 -34.37
CA GLU R 9 -81.24 32.34 -34.30
C GLU R 9 -82.32 31.26 -34.19
N ALA R 10 -83.31 31.37 -35.09
CA ALA R 10 -84.19 30.23 -35.34
C ALA R 10 -84.07 29.76 -36.78
N ILE R 11 -84.37 30.67 -37.72
CA ILE R 11 -84.20 30.44 -39.15
C ILE R 11 -83.44 31.57 -39.82
N ALA R 12 -83.47 32.76 -39.24
CA ALA R 12 -83.11 34.02 -39.89
C ALA R 12 -81.62 34.25 -40.05
N ALA R 13 -80.81 33.20 -39.93
CA ALA R 13 -79.41 33.28 -40.27
C ALA R 13 -79.24 33.53 -41.77
N TYR R 14 -78.45 34.54 -42.10
CA TYR R 14 -78.27 34.96 -43.49
C TYR R 14 -76.90 35.57 -43.69
N THR R 15 -76.33 35.41 -44.88
CA THR R 15 -74.96 35.86 -45.17
C THR R 15 -74.71 37.36 -45.07
N PRO R 16 -75.56 38.29 -45.62
CA PRO R 16 -75.21 39.71 -45.47
C PRO R 16 -75.59 40.31 -44.12
N VAL R 17 -74.96 39.87 -43.03
CA VAL R 17 -75.08 40.53 -41.74
C VAL R 17 -74.08 41.68 -41.70
N ALA R 18 -74.47 42.78 -41.06
CA ALA R 18 -73.62 43.94 -40.90
C ALA R 18 -73.65 44.39 -39.45
N LEU R 19 -72.80 43.77 -38.62
CA LEU R 19 -72.66 44.09 -37.21
C LEU R 19 -71.21 43.90 -36.79
N ILE R 20 -70.83 44.52 -35.68
CA ILE R 20 -69.49 44.40 -35.13
C ILE R 20 -69.61 44.57 -33.63
N ARG R 21 -68.76 43.83 -32.89
CA ARG R 21 -68.77 43.77 -31.42
C ARG R 21 -70.14 43.36 -30.89
N LEU R 22 -70.72 42.35 -31.53
CA LEU R 22 -72.08 41.91 -31.21
C LEU R 22 -72.07 41.13 -29.90
N LEU R 23 -72.71 41.69 -28.88
CA LEU R 23 -72.99 40.96 -27.65
C LEU R 23 -74.39 40.38 -27.74
N ASN R 24 -74.67 39.68 -28.83
CA ASN R 24 -76.01 39.13 -29.08
C ASN R 24 -76.00 37.64 -28.83
N ALA R 25 -75.05 36.93 -29.46
CA ALA R 25 -74.92 35.49 -29.25
C ALA R 25 -74.40 35.17 -27.85
N SER R 26 -73.60 36.08 -27.29
CA SER R 26 -72.96 35.84 -25.99
C SER R 26 -73.82 36.29 -24.82
N GLY R 27 -74.97 35.66 -24.62
CA GLY R 27 -75.76 35.89 -23.42
C GLY R 27 -77.20 36.33 -23.64
N PRO R 28 -77.46 37.29 -24.53
CA PRO R 28 -78.84 37.56 -24.94
C PRO R 28 -79.30 36.67 -26.08
N LEU R 29 -79.06 35.37 -25.94
CA LEU R 29 -79.29 34.40 -27.00
C LEU R 29 -79.96 33.15 -26.44
N GLN R 30 -81.09 33.34 -25.76
CA GLN R 30 -81.95 32.29 -25.20
C GLN R 30 -82.15 31.15 -26.19
N PRO R 31 -82.18 29.88 -25.71
CA PRO R 31 -81.70 28.76 -26.52
C PRO R 31 -82.51 28.42 -27.76
N GLY R 32 -81.92 27.58 -28.62
CA GLY R 32 -82.42 27.43 -29.99
C GLY R 32 -83.78 26.76 -30.03
N HIS R 33 -84.56 27.10 -31.05
CA HIS R 33 -85.94 26.66 -31.16
C HIS R 33 -86.01 25.26 -31.77
N ARG R 34 -87.22 24.81 -32.10
CA ARG R 34 -87.44 23.44 -32.53
C ARG R 34 -87.42 23.37 -34.06
N VAL R 35 -86.30 23.83 -34.62
CA VAL R 35 -86.10 23.89 -36.07
C VAL R 35 -84.88 23.06 -36.41
N ASP R 36 -84.96 22.28 -37.49
CA ASP R 36 -83.88 21.39 -37.90
C ASP R 36 -82.62 22.14 -38.31
N ILE R 37 -82.71 22.90 -39.42
CA ILE R 37 -81.71 23.66 -40.19
C ILE R 37 -80.29 23.64 -39.62
N ALA R 38 -79.51 22.64 -40.00
CA ALA R 38 -78.18 22.41 -39.43
C ALA R 38 -77.12 23.35 -39.97
N ASP R 39 -77.29 23.82 -41.21
CA ASP R 39 -76.23 24.56 -41.89
C ASP R 39 -76.16 26.05 -41.54
N ALA R 40 -76.83 26.46 -40.46
CA ALA R 40 -76.74 27.85 -40.02
C ALA R 40 -75.37 28.17 -39.41
N ARG R 41 -74.63 27.16 -38.97
CA ARG R 41 -73.27 27.37 -38.49
C ARG R 41 -72.36 27.81 -39.65
N SER R 42 -72.54 27.22 -40.82
CA SER R 42 -71.72 27.57 -41.96
C SER R 42 -72.11 28.93 -42.53
N ILE R 43 -73.40 29.29 -42.42
CA ILE R 43 -73.85 30.60 -42.88
C ILE R 43 -73.29 31.70 -41.99
N TYR R 44 -73.24 31.45 -40.68
CA TYR R 44 -72.73 32.43 -39.73
C TYR R 44 -71.24 32.67 -39.92
N THR R 45 -70.48 31.61 -40.21
CA THR R 45 -69.02 31.72 -40.36
C THR R 45 -68.66 32.56 -41.58
N VAL R 46 -69.35 32.33 -42.70
CA VAL R 46 -69.21 33.22 -43.86
C VAL R 46 -69.79 34.59 -43.53
N GLY R 47 -70.86 34.62 -42.74
CA GLY R 47 -71.46 35.89 -42.36
C GLY R 47 -70.59 36.73 -41.45
N ALA R 48 -69.96 36.10 -40.45
CA ALA R 48 -69.19 36.84 -39.47
C ALA R 48 -67.91 37.40 -40.07
N ALA R 49 -67.27 36.63 -40.96
CA ALA R 49 -66.07 37.13 -41.64
C ALA R 49 -66.41 38.24 -42.62
N ALA R 50 -67.58 38.14 -43.27
CA ALA R 50 -68.05 39.23 -44.11
C ALA R 50 -68.46 40.43 -43.27
N SER R 51 -68.95 40.18 -42.05
CA SER R 51 -69.31 41.28 -41.15
C SER R 51 -68.13 41.75 -40.32
N ALA R 52 -66.94 41.18 -40.53
CA ALA R 52 -65.71 41.70 -39.94
C ALA R 52 -64.83 42.42 -40.96
N ALA R 53 -64.81 41.92 -42.20
CA ALA R 53 -64.09 42.62 -43.27
C ALA R 53 -64.80 43.91 -43.64
N ARG R 54 -66.14 43.89 -43.66
CA ARG R 54 -66.89 45.14 -43.84
C ARG R 54 -66.80 46.00 -42.58
N ALA R 55 -66.61 45.39 -41.42
CA ALA R 55 -66.42 46.15 -40.19
C ALA R 55 -65.08 46.86 -40.14
N ARG R 56 -64.13 46.47 -40.99
CA ARG R 56 -62.92 47.26 -41.17
C ARG R 56 -63.33 48.62 -41.74
N ALA R 57 -63.82 48.63 -43.00
CA ALA R 57 -64.30 49.81 -43.72
C ALA R 57 -63.33 50.97 -43.68
N ASN R 58 -63.24 51.61 -42.51
CA ASN R 58 -62.14 52.51 -42.16
C ASN R 58 -60.93 51.67 -41.73
N HIS R 59 -59.97 52.32 -41.04
CA HIS R 59 -58.66 51.80 -40.66
C HIS R 59 -57.74 51.60 -41.87
N ASN R 60 -58.23 51.89 -43.08
CA ASN R 60 -57.43 51.87 -44.29
C ASN R 60 -57.08 53.27 -44.77
N ALA R 61 -57.69 54.29 -44.18
CA ALA R 61 -57.22 55.67 -44.31
C ALA R 61 -56.10 55.97 -43.34
N ASN R 62 -55.76 55.02 -42.47
CA ASN R 62 -54.65 55.10 -41.54
C ASN R 62 -53.56 54.08 -41.84
N THR R 63 -53.92 52.85 -42.17
CA THR R 63 -52.92 51.84 -42.51
C THR R 63 -52.48 52.03 -43.96
N ILE R 64 -51.16 51.95 -44.18
CA ILE R 64 -50.63 51.99 -45.54
C ILE R 64 -51.12 50.76 -46.32
N ARG R 65 -51.29 50.95 -47.63
CA ARG R 65 -51.85 49.92 -48.50
C ARG R 65 -50.94 48.69 -48.56
N ARG R 66 -51.56 47.54 -48.80
CA ARG R 66 -50.83 46.28 -48.85
C ARG R 66 -49.95 46.22 -50.09
N THR R 67 -48.86 45.49 -49.99
CA THR R 67 -47.80 45.54 -50.99
C THR R 67 -47.55 44.14 -51.52
N ALA R 68 -46.48 43.99 -52.30
CA ALA R 68 -46.21 42.74 -52.99
C ALA R 68 -45.76 41.62 -52.06
N MET R 69 -45.24 41.97 -50.87
CA MET R 69 -44.81 41.04 -49.83
C MET R 69 -43.68 40.13 -50.30
N PHE R 70 -43.97 39.24 -51.23
CA PHE R 70 -42.94 38.42 -51.88
C PHE R 70 -42.38 39.16 -53.08
N ALA R 71 -41.57 38.47 -53.90
CA ALA R 71 -40.93 39.15 -55.02
C ALA R 71 -41.31 38.41 -56.31
N GLU R 72 -42.49 38.71 -56.82
CA GLU R 72 -42.99 38.08 -58.02
C GLU R 72 -42.53 38.85 -59.25
N THR R 73 -42.88 38.32 -60.42
CA THR R 73 -42.56 38.96 -61.68
C THR R 73 -43.73 39.87 -62.08
N ASP R 74 -43.57 41.17 -61.83
CA ASP R 74 -44.50 42.23 -62.19
C ASP R 74 -44.44 42.47 -63.70
N PRO R 75 -45.31 43.36 -64.27
CA PRO R 75 -45.21 43.67 -65.70
C PRO R 75 -43.86 44.15 -66.24
N MET R 76 -43.08 44.94 -65.50
CA MET R 76 -41.81 45.35 -66.10
C MET R 76 -40.74 44.27 -66.01
N THR R 77 -40.10 44.14 -64.83
CA THR R 77 -39.00 43.21 -64.54
C THR R 77 -37.86 43.22 -65.57
N TRP R 78 -37.68 44.27 -66.36
CA TRP R 78 -36.57 44.30 -67.30
C TRP R 78 -35.71 45.55 -67.14
N LEU R 79 -36.00 46.39 -66.15
CA LEU R 79 -35.13 47.52 -65.87
C LEU R 79 -34.95 47.73 -64.37
N ARG R 80 -35.58 46.87 -63.56
CA ARG R 80 -35.40 46.91 -62.10
C ARG R 80 -35.80 45.56 -61.50
N PRO R 81 -35.02 45.03 -60.56
CA PRO R 81 -35.42 43.81 -59.86
C PRO R 81 -36.55 44.06 -58.88
N THR R 82 -37.17 42.98 -58.44
CA THR R 82 -38.33 43.03 -57.57
C THR R 82 -37.98 42.46 -56.20
N VAL R 83 -38.31 43.21 -55.15
CA VAL R 83 -38.37 42.69 -53.77
C VAL R 83 -39.67 43.16 -53.16
N GLY R 84 -40.08 42.49 -52.08
CA GLY R 84 -41.30 42.85 -51.39
C GLY R 84 -41.07 43.31 -49.96
N LEU R 85 -42.00 44.10 -49.44
CA LEU R 85 -41.94 44.54 -48.05
C LEU R 85 -42.23 43.38 -47.11
N ARG R 86 -41.38 43.20 -46.11
CA ARG R 86 -41.73 42.30 -45.00
C ARG R 86 -42.52 43.10 -43.98
N ARG R 87 -43.76 42.70 -43.75
CA ARG R 87 -44.73 43.49 -42.99
C ARG R 87 -44.39 43.42 -41.50
N THR R 88 -43.34 44.15 -41.12
CA THR R 88 -42.90 44.25 -39.73
C THR R 88 -42.91 45.68 -39.23
N PHE R 89 -43.16 46.65 -40.10
CA PHE R 89 -43.26 48.06 -39.74
C PHE R 89 -44.63 48.31 -39.10
N ASN R 90 -44.80 49.52 -38.57
CA ASN R 90 -46.06 49.89 -37.93
C ASN R 90 -46.83 50.84 -38.83
N PRO R 91 -47.80 50.37 -39.60
CA PRO R 91 -48.55 51.27 -40.49
C PRO R 91 -49.65 52.03 -39.77
N ARG R 92 -49.43 53.31 -39.51
CA ARG R 92 -50.43 54.14 -38.83
C ARG R 92 -50.63 55.52 -39.43
N ILE R 93 -49.68 56.05 -40.21
CA ILE R 93 -49.65 57.31 -40.99
C ILE R 93 -49.87 58.58 -40.15
N ILE R 94 -50.54 58.47 -38.99
CA ILE R 94 -50.86 59.56 -38.06
C ILE R 94 -51.56 60.73 -38.74
#